data_9P7E
#
_entry.id   9P7E
#
loop_
_entity.id
_entity.type
_entity.pdbx_description
1 polymer 'SERPINE1 mRNA-binding protein 1'
2 polymer 'Transcription factor BTF3'
3 polymer '28S rRNA'
4 polymer '5S rRNA'
5 polymer '5.8S rRNA'
6 polymer '60S ribosomal protein L8'
7 polymer 'Large ribosomal subunit protein uL3'
8 polymer '60S ribosomal protein L4'
9 polymer 'Large ribosomal subunit protein uL18'
10 polymer 'Large ribosomal subunit protein eL6'
11 polymer '60S ribosomal protein L7'
12 polymer '60S ribosomal protein L7a'
13 polymer '60S ribosomal protein L9'
14 polymer 'Ribosomal protein uL16-like'
15 polymer '60S ribosomal protein L11'
16 polymer 'Large ribosomal subunit protein eL13'
17 polymer '60S ribosomal protein L14'
18 polymer '60S ribosomal protein L15'
19 polymer '60S ribosomal protein L13a'
20 polymer '60S ribosomal protein L17'
21 polymer '60S ribosomal protein L18'
22 polymer '60S ribosomal protein L19'
23 polymer '60S ribosomal protein L18a'
24 polymer '60S ribosomal protein L21'
25 polymer 'Heparin-binding protein HBp15'
26 polymer '60S ribosomal protein L23'
27 polymer 'Ribosomal protein L24'
28 polymer '60S ribosomal protein L23a'
29 polymer '60S ribosomal protein L26'
30 polymer '60S ribosomal protein L27'
31 polymer '60S ribosomal protein L27a'
32 polymer 'Large ribosomal subunit protein eL29'
33 polymer '60S ribosomal protein L30'
34 polymer '60S ribosomal protein L31'
35 polymer '60S ribosomal protein L32'
36 polymer '60S ribosomal protein L35a'
37 polymer '60S ribosomal protein L34'
38 polymer '60S ribosomal protein L35'
39 polymer '60S ribosomal protein L36'
40 polymer '60S ribosomal protein L37'
41 polymer '60S ribosomal protein L38'
42 polymer '60S ribosomal protein L39'
43 polymer 'Large ribosomal subunit protein eL40'
44 polymer '60S ribosomal protein L41'
45 polymer '60S ribosomal protein L36a'
46 polymer '60S ribosomal protein L37a'
47 polymer '60S ribosomal protein L28'
48 polymer '60S acidic ribosomal protein P0'
49 polymer 'Large ribosomal subunit protein uL11'
50 polymer '40S ribosomal protein SA'
51 polymer '40S ribosomal protein S3a'
52 polymer '40S ribosomal protein S2'
53 polymer 'Small ribosomal subunit protein eS4, X isoform'
54 polymer '40S ribosomal protein S6'
55 polymer 'Small ribosomal subunit protein eS7'
56 polymer '40S ribosomal protein S8'
57 polymer '40S ribosomal protein S9'
58 polymer '40S ribosomal protein S11'
59 polymer '40S ribosomal protein S13'
60 polymer 'Small ribosomal subunit protein uS11'
61 polymer 'Small ribosomal subunit protein eS21'
62 polymer '40S ribosomal protein S15a'
63 polymer '40S ribosomal protein S23'
64 polymer '40S ribosomal protein S24'
65 polymer '40S ribosomal protein S26'
66 polymer 'Small ribosomal subunit protein eS27'
67 polymer 'Small ribosomal subunit protein eS30'
68 polymer '18S rRNA'
69 polymer 'Small ribosomal subunit protein eS17'
70 polymer 'Small ribosomal subunit protein uS3'
71 polymer '40S ribosomal protein S5'
72 polymer '40S ribosomal protein S10'
73 polymer 'Small ribosomal subunit protein eS12'
74 polymer 'Small ribosomal subunit protein uS19'
75 polymer 'Small ribosomal subunit protein uS9'
76 polymer '40S ribosomal protein S18'
77 polymer '40S ribosomal protein S19'
78 polymer '40S ribosomal protein S20'
79 polymer 'Small ribosomal subunit protein eS25'
80 polymer '40S ribosomal protein S28'
81 polymer '40S ribosomal protein S29'
82 polymer 'Ubiquitin-40S ribosomal protein S27a'
83 polymer 'Receptor of activated protein C kinase 1'
84 polymer 'E site tRNA'
85 polymer 'Elongation factor 2'
86 polymer 'Proliferation-associated protein 2G4'
87 non-polymer 'MAGNESIUM ION'
88 non-polymer SPERMINE
89 non-polymer SPERMIDINE
90 non-polymer 'ZINC ION'
#
loop_
_entity_poly.entity_id
_entity_poly.type
_entity_poly.pdbx_seq_one_letter_code
_entity_poly.pdbx_strand_id
1 'polypeptide(L)'
;MPGHLQEGFGCVVTNRFDQLFDDESDPFEVLKAAENKKKEAGGGGVGGPGAKSAAQAAAQTNSNAAGKQLRKESQKDRKN
PLPPSVGVVDKKEETQPPVALKKEGIRRVGRRPDQQLQGEGKIIDRRPERRPPRERRFEKPLEEKGEGGEFSVDRPIIDR
PIRGRGGLGRGRGGRGRGMGRGDGFDSRGKREFDRHSGSDRSSFSHYSGLKHEDKRGGSGSHNWGTVKDELTESPKYIQK
QISYNYSDLDQSNVTEETPEGEEHHPVADTENKENEVEEVKEEGPKEMTLDEWKAIQNKDRAKVEFNIRKPNEGADGQWK
KGFVLHKSKSEEAHAEDSVMDHHFRKPANDITSQLEINFGDLGRPGRGGRGGRGGRGRGGRPNRGSRTDKSSASAPDVDD
PEAFPALA
;
CD
2 'polypeptide(L)'
;MRRTGAPAQADSRGRGRARGGCPGGEATLSQPPPRGGTRGQEPQMKETIMNQEKLAKLQAQVRIGGKGTARRKKKVVHRT
ATADDKKLQFSLKKLGVNNISGIEEVNMFTNQGTVIHFNNPKVQASLAANTFTITGHAETKQLTEMLPSILNQLGADSLT
SLRRLAEALPKQSVDGKAPLATGEDDDDEVPDLVENFDEASKNEAN
;
CI
3 'polyribonucleotide'
;CGCGACCUCAGAUCAGACGUGGCGACCCGCUGAAUUUAAGCAUAUUAGUCAGCGGAGGAGAAGAAACUAACCAGGAUUCC
CUCAGUAACGGCGAGUGAACAGGGAAGAGCCCAGCGCCGAAUCCCCGCCCCGCGGCGGGGCGCGGGACAUGUGGCGUACG
GAAGACCCGCUCCCCGGCGCCGCUCGUGGGGGGCCCAAGUCCUUCUGAUCGAGGCCCAGCCCGUGGACGGUGUGAGGCCG
GUAGCGGCCCCCGGCGCGCCGGGCCCGGGUCUUCCCGGAGUCGGGUUGCUUGGGAAUGCAGCCCAAAGCGGGUGGUAAAC
UCCAUCUAAGGCUAAAUACCGGCACGAGACCGAUAGUCAACAAGUACCGUAAGGGAAAGUUGAAAAGAACUUUGAAG
(A2M)G(A2M)GAGUUCAAGAGGGCGUGAAACCGUUAAGAGGUAAACGGGUGGGGUCCGCGCAGUCCGCCCGGAGGAUUC
AACCCGGCGGCGGGUCCGGCCGUGUCGGCGGCCCGGCGGAUCUUUCCCGCCCCCCGUUCCUCCCGACCCCUCCACCCGCC
CUCCCUUCCCCCGCCGCCCCUCCUCCUCCUCCCCGGAGGGGGCGGGCUCCGGCGGGUGCGGGGGUGGGCGGGCGGGGCCG
GGGGUGGGGUCGGCGGGGGACCGUCCCCCGACCGGCGACCGGCCGCCGCCGGGCGCAUUUCCACCGCGGCGGUGCGCCGC
GACCGGCUCCGGGACGGCUGGGAAGGCCCGGCGGGGAAGGUGGCUCGGGGGGCCCCGUCCGUCCGUCCGUCCGUCCUCCU
CCUCCCCCGUCUCCGCCCCCCGGCCCCGCGUCCUCCCUCGGGAGGGCGCGCGGGUCGGGGCGGCGGCGGCGGCGGCGGUG
GCGGCGGCGGCGGCGGCGGCGGGACCGAAACCCCCCCCGAGUGUUACAGCCCCCCCGGCAGCAGCACUCGCCGAAUCCCG
GGGCCGAGGGAGCGAGACCCGUCGCCGCGCUCUCCCCCCUCCCGGCGCCCACCCCCGCGGGGAAUCCCCCGCGAGGGGGG
UCUCCCCCGCGGGGGCGCGCCGGCGUCUCCUCGUGGGGGGGCCGGGCCACCCCUCCCACGGCGCGACCGCUCUCCCACCC
CUCCUCCCCGCGCCCCCGCCCCGGCGACGGGGGGGGUGCCGCGCGCGGGUCGGGGGGCGGGGCGGACUGUCCCCAGUGCG
CCCCGGGCGGGUCGCGCCGUCGGGCCCGGGGGAGGUUCUCUCGGGGCCACGCGCGCGUCCCCCGAAGAGGGGGACGGCGG
AGCGAGCGCACGGGGUCGGCGGCGACGUCGGCUACCCACCCGACCC(OMG)UCUUG(1MA)(A2M)AC(A2M)CGGACCA
AGGAGU(OMC)UAACACGUGCGCGAGUCGGGGGCUCGCACGAAAGCCGCCGUGGCGCAAUGAAGGUGAAGGCCGGCGCGC
UCGCCGGCCGAGGUGGGAUCCCGAGGCCUCUCCAGUCCGCCGAGGGCGCACCACCGGCCCGUCUCGCCCGCCGCGCCGGG
GAGGUGGAGCACGAGCGCACGUGUUAGGACCC(OMG)A(A2M)AGAUGGUGA(A2M)C(PSU)AUGCCUGGGCAGGGCGA
AGCCAGAGGAAACUCUGGUGGAGGUCCG(PSU)AGCGGUCCUGACGUGCAAAUCGGUCGUCCGACCUGGGUAUAG(OMG)
GGCGAAAGACUAAUCGAACCAUCUAGUAGCUGGUUCCCUCCGAAGUUUCCC(PSU)CAGGA(PSU)AGCUGGCGCUCUCG
CAGACCCGACGCACCCCCGCCACGCAGUUUUAUCCGGUAAAGCGAA(PSU)GAUUAGAGGUCUUGGGGCCGAAACGAUCU
CAACCUA(PSU)(PSU)CUCAAACUU(PSU)AAAUGGGUAAGAAGCCCGGCUCGCUGGCGUGGAGCCGGGCGUGGAAUGC
GAGUGCCUAGUGGGCCAC(PSU)U(PSU)UGGUAAGC(A2M)GAACUGGCGCUGCGGGAUGAACCGAACGCCGGGUUAAG
GCGCCCGAUGCCGACGCUCAUCAGACCCCAGAAAAGGUGUUGGUUGAUAUAGACAGCAGGACGGUGGCCAUGGAAGUCGG
AAUCCGCUAAGGAGUGUGUAACAACUCACCUGCCGAAUCAACUAGCCCUGAAAAUGGAUGGCGCUGGAGCGUCGGGCCCA
UACCCGGCCGUCGCCGGCAGUCGAGAGUGGACGGGAGCGGCGGGGGCGGCGCGCGCGCGCGCGCGUGUGGUGUGCGUCGG
AGGGCGGCGGCGGCGGCGGCGGCGGGGGUGUGGGGUCCUUCCCCCGCCCCCCCCCCCACGCCUCCUCCCCUCCUCCCGCC
CACGCCCCGCUCCCCGCCCCCGGAGCCCCGCGGACGCUACGCCGCGACGAGUAGGAGGGCCGCUGCGGUGAGCCUUGAAG
CCUAGGGCGCGGGCCCGGGUGGAGCCGCCGCAGGUGCAGAU(OMC)UUGGUGGUAGU(A2M)(OMG)(OMC)AAAUAUUC
AAACGAGAACUUUGAAGGCCGAAGUGG(A2M)GAAGGGUUCCAUGUGAACAG(OMC)A(OMG)UUGAACAUGGGUCAGUC
GGUCCUGAGAGAUGGGCGAGCGCCGUUCCGAAGGGACGGGCGAUGGCCUCCGUUGCCCUCGGCCGAUCGAAAGGGAGUCG
GGUUCAGAUCCCCGAAUCCGGAGUGGCGGAGAUGGGCGCCGCGAGGCGUCCAGUGCGGUAACGCGACCGAUCCCGGAGAA
GCCGGCGGGAGCCCCGGGGAGAGUUCUCUU(PSU)UCUUUGUGAAGGGCAGGGCGCCCUGGAAUGGGUUCGCCCCGAGAG
AGGGGCCCGUGCCUUGGAAAGCGUCGCGGUUCCGGCGGCGUCCGGUGAGCUCUCGCUGGCCCUUGAAAAUCCGGGGGAGA
GGGUGUAAAUCUCGCGCCGGGCCGUACCC(A2M)UAUCCGCAGCAGGUCU(OMC)CAAGGUGAAC(A2M)GCCUCUGG
(OMC)AUGUUGGAACAA(OMU)G(PSU)AGGUAAGGGAAGUCGGCAAGC(OMC)GGAUCCGUAACUUC(OMG)GGAUAAG
GAUUGGCUCUAAGGGCUGGGUCGGUCGGGCUGGGGCGCGAAGCGGGGCUGGGCGCGCGCCGCGGCUGGACGAGGCGCCGC
CGCCCCCCCCACGCCCGGGGCACCCCCCUCGCGGCCCUCCCCCGCCCCACCCCGCGCGCGCCGCUCGCUCCCUCCCCGCC
CCGCGCCCUCUCUCUCUCUCUCUCCCCCGCUCCCCGUCCUCCCCCCUCCCCGGGGGAGCGCCGCGUGGGGGCGGCGGCGG
GGGGAGAAGGGUCGGGGCGGCAGGGGCCGGCGGCGGCCCGCCGCGGGGCCCCGGCGGCGGGGGCACGGUCCCCCGCGAGG
GGGGCCCGGGCACCCGGGGGGCCGGCGGCGGCGGCGACUCUGGACGCGAGCCGGGCCCUUCCCGUGGAUCGCCCCAGCUG
CGGCGGGCGUCGCGGCCGCCCCCGGGGAGCCCGGCGGGCGCCGGCGCGCCCCCCCCCCCACCCCACGUCUCGUCGCGCGC
GCGUCCGCUGGGGGCGGGGAGCGGUCGGGCGGCGGCGGUCGGCGGGCGGCGGGGCGGGGCGGUUCGUCCCCCCGCCCUAC
CCCCCCGGCCCCGUCCGCCCCCCGUUCCCCCCUCCUCCUCGGCGCGCGGCGGCGGCGGCGGCAGGCGGCGGAGGGGCCGC
GGGCCGGUCCCCCCCGCCGGGUCCGCCCCCGGGGCCGCGGUUCCGCGCGGCGCCUCGCCUCGGCCGGCGCCUAGCAGCCG
ACUUAGAACUGGUGCGGACCAGG(OMG)GAAUCCGAC(PSU)G(PSU)UUAAUUAAAACAAAGCAUCGCGAAGGCCCGCG
GCGGGUGUUGACGCGAUGUGAUU(PSU)CUGCC(OMC)AGUGCUCUGAAUGUCA(A2M)AGUGAAGAAAUUCAAUGAAGC
GCGG(OMG)UAAACGGCGGGAGUAACUAUGACUCUCUUAAGGUAGC(5MC)AA(A2M)UGCCUC(OMG)UCAUCUAAUUA
GUGA(OMC)GCGCAUGAA(UY1)GGA(PSU)GA(A2M)CGAG(A2M)UUCCCACUGU(OMC)CC(PSU)ACCUAC(PSU)
A(PSU)CCAGCGAAACCAC(A2M)G(OMC)CAAGGGAACGGGCU(PSU)GG(OMC)GGAAUCAGCGG(OMG)GAAAGAAG
ACCCUGUUGAGC(PSU)UGAC(OMU)CUAGUCUGGCACGGUGAAGAGACAUGAGAGGUGUAGAAUAAGUGGGAGGCCCCC
GGCGCCCCCCCGGUGUCCCCGCGAGGGGCCCGGGGCGGGGUCCGCCGGCCCUGCGGGCCGCCGGUGAAAUACCACUACUC
UGAUCGUUUUUUCACUGACCCGGUGAGGCGGGGGGGCGAGCCCCGAGGGGCUCUCGCUUCUGGCGCCAAGCGCCCGGCCG
CGCGCCGGCCGGGCGCGACCCGCUCCGGGGACAGUGCCAGGUGGGGAGUUUGACUG(OMG)GGCGGUACACCUGUCAAAC
GGUA(6MZ)CGCAGG(OMU)(OMG)UCCUAAGGCGAGCUCAGGGAGGACAGAAACCUCCCGUGGAGCAGAAGGGCAAAAG
CUCGCUUGA(PSU)CU(PSU)GA(PSU)UUUCAG(OMU)ACGAA(PSU)ACAGACCGUGAAAGCGGGGCCUCACGAUCCU
UCUGACCUU(PSU)UGGGUUU(PSU)AAGCAGGA(OMG)GUGUCAGAAAAGUUACCACAG(OMG)GAUAACUGGC(PSU)
UGUGGCGGCCAAGCGUUCAUAGCGACG(PSU)CGCUUUUUGA(PSU)CCUU(5MC)GAUGUCGG(OMC)(PSU)CUUCCU
AUCAUUG(PSU)GAAGCAGAAUUCACCAAGCGU(PSU)(OMG)GAU(OMU)(OMG)(PSU)UCACCCACUAAUAGGGAAC
G(PSU)G(A2M)GCUGGG(UR3)U(PSU)AGA(OMC)CGUCGUGAGACAGGU(PSU)AGUUUUACCCUACUGAUG(A2M)
UGUG(PSU)UG(PSU)UGCCAUGGUA(A2M)UCCUGCUCAGUACGAGAGGAACCGCAG(OMG)U(OMU)CA(OMG)ACAU
(PSU)UGGUGUA(PSU)(OMG)UGCUUGGCUGAGGAGCCAAUGGGGCGAAGCUACCA(PSU)CUGUGGGAUUAUGAC
(PSU)GAACGCCUCUAAGUCAGAAUCCCGCCCAGGCGGAACGAUACGGCAGCGCCGCGGAGCCUCGGUUGGCCUCGGAUA
GCCGGUCCCCCGCCUGUCCCCGCCGGCGGGCCGCCCCCCCCCUCCACGCGCCCCGCGCGCGCGGGAGGGCGCGUGCCCCG
CCGCGCGCCGGGACCGGGGUCCGGUGCGGAGUGCCCUUCGUCCUGGGAAACGGGGCGCGGCCGGAGAGGCGGCCGCCCCC
UCGCCCGUCACGCACCGCACGUUCGUGGGGAACCUGGCGCUAAACCA(PSU)(PSU)CGUAGACGACCUGCUUCUGGGUC
GGGG(PSU)UUCGUACG(PSU)AGCAGAGCAGCUCCCUCGCUGCGAUCUAUUGAAAGUCAGCCCUCGACACAAGGGUUUG
UC
;
L5
4 'polyribonucleotide'
;GUCUACGGCCAUACCACCCUGAACGCGCCCGAUCUCGUCUGAUCUCGGAAGCUAAGCAGGGUCGGGCCUGGUUAGUACUU
GGAUGGGAGACCGCCUGGGAAUACCGGGUGCUGUAGGCUU
;
L7
5 'polyribonucleotide'
;CGACUCUUAGCGGUGGAUCACUCGGCUCGUGCGUCGAUGAAGAACGCAGCUAGC(PSU)GCGAGAAUUAAUG(PSU)GAA
UU(OMG)CAGGACACAUUGAUCAUCGACACUUCGAACGCACUUGCGGCCCCGGGUUCCUCCCGGGGCUACGCCUGUCUGA
GCGUCGCU
;
L8
6 'polypeptide(L)'
;GRVIRGQRKGAGSVFRAHVKHRKGAARLRAVDFAERHGYIKGIVKDIIHDPGRGAPLAKVVFRDPYRFKKRTELFIAAEG
IHTGQFVYCGKKAQLNIGNVLPVGTMPEGTIVCCLEEKPGDRGKLARASGNYATVISHNPETKKTRVKLPSGSKKVISSA
NRAVVGVVAGGGRIDKPILKAGRAYHKYKAKRNCWPRVRGVAMNPVEHPFGGGNHQHIGKPSTIRRDAPAGRKVGLIAAR
RTGRLRGT
;
LA
7 'polypeptide(L)'
;SHRKFSAPRHGSLGFLPRKRSSRHRGKVKSFPKDDPSKPVHLTAFLGYKAGMTHIVREVDRPGSKVNKKEVVEAVTIVET
PPMVVVGIVGYVETPRGLRTFKTVFAEHISDECKRRFYKNWHKSKKKAFTKYCKKWQDEDGKKQLEKDFSSMKKYCQVIR
VIAHTQMRLLPLRQKKAHLMEIQVNGGTVAEKLDWARERLEQQVPVNQVFGQDEMIDVIGVTKGKGYKGVTSRWHTKKLP
RKTHRGLRKVACIGAWHPARVAFSVARAGQKGYHHRTEINKKIYKIGQGYLIKDGKLIKNNASTDYDLSDKSINPLGGFV
HYGEVTNDFVMLKGCVVGTKKRVLTLRKSLLVQTKRRALEKIDLKFIDTTSKFGHGRFQTMEEKKAFMGPLKKDRIAKEE
GA
;
LB
8 'polypeptide(L)'
;MACARPLISVYSEKGESSGKNVTLPAVFKAPIRPDIVNFVHTNLRKNNRQPYAVSELAGHQTSAESWGTGRAVARIPRVR
GGGTHRSGQGAFGNMCRGGRMFAPTKTWRRWHRRVNTTQKRYAICSALAASALPALVMSKGHRIEEVPELPLVVEDKVEG
YKKTKEAVLLLKKLKAWNDIKKVYASQRMRAGKGKMRNRRRIQRRGPCIIYNEDNGIIKAFRNIPGITLLNVSKLNILKL
APGGHVGRFCIWTESAFRKLDELYGTWRKAASLKSNYNLPMHKMINTDLSRILKSPEIQRALRAPRKKIHRRVLKKNPLK
NLRIMLKLNPYAKTMRRNTILRQARNHKLRVDKAAAAAAALQAKSDEK
;
LC
9 'polypeptide(L)'
;GFVKVVKNKAYFKRYQVKFRRRREGKTDYYARKRLVIQDKNKYNTPKYRMIVRVTNRDIICQIAYARIEGDMIVCAAYAH
ELPKYGVKVGLTNYAAAYCTGLLLARRLLNRFGMDKIYEGQVEVTGDEYNVESIDGQPGAFTCYLDAGLARTTTGNKVFG
ALKGAVDGGLSIPHSTKRFPGYDSESKEFNAEVHRKHIMGQNVADYMRYLMEEDEDAYKKQFSQYIKNSVTPDMMEEMYK
KAHAAIRENPVYEKKPKKEVKKKRWNRPKMSLAQKKDRVAQKKASFLRAQERA
;
LD
10 'polypeptide(L)'
;KGKPHCSRNPVLVRGIGRYSRSAMYSRKAMYKRKYSAAKSKVEKKKKEKVLATVTKPVGGDKNGGTRVVKLRKMPRYYPT
EDVPRKLLSHGKKPFSQHVRKLRASITPGTILIILTGRHRGKRVVFLKQLASGLLLVTGPLVLNRVPLRRTHQKFVIATS
TKIDISNVKIPKHLTDAYFKKKKLRKPRHQEGEIFDTEKEKYEITEQRKIDQKAVDSQILPKIKAIPQLQGYLRSVFALT
NGIYPHKLVF
;
LE
11 'polypeptide(L)'
;NFAELKIKRLRKKFAQKMLRKARRKLIYEKAKHYHKEYRQMYRTEIRMARMARKAGNFYVPAEPKLAFVIRIRGINGVSP
KVRKVLQLLRLRQIFNGTFVKLNKASINMLRIVEPYIAWGYPNLKSVNELIYKRGYGKINKKRIALTDNALIARSLGKYG
IICMEDLIHEIYTVGKRFKEANNFLWPFKLSSPRGGMKKKTTHFVEGGDAGNREDQINRLIRRMN
;
LF
12 'polypeptide(L)'
;KVVNPLFEKRPKNFGIGQDIQPKRDLTRFVKWPRYIRLQRQRAILYKRLKVPPAINQFTQALDRQTATQLLKLAHKYRPE
TKQEKKQRLLARAEKKAAGKGDVPTKRPPVLRAGVNTVTTLVENKKAQLVVIAHDVDPIELVVFLPALCRKMGVPYCIIK
GKARLGRLVHRKTCTTVAFTQVNSEDKGALAKLVEAIRTNYNDRYDEIRRHWGGNVLGPKSVARIAKLEKAKAKELATKL
G
;
LG
13 'polypeptide(L)'
;MKTILSNQTVDIPENVDITLKGRTVIVKGPRGTLRRDFNHINVELSLLGKKKKRLRVDKWWGNRKELATVRTICSHVQNM
IKGVTLGFRYKMRSVYAHFPINVVIQENGSLVEIRNFLGEKYIRRVRMRPGVACSVSQAQKDELILEGNDIELVSNSAAL
IQQATTVKNKDIRKFLDGIYVSEKGTVQQA
;
LH
14 'polypeptide(L)'
;GRRPARCYRYCKNKPYPKSRFCRGVPDAKIRIFDLGRKKAKVDEFPLGGHMVSDEYEQLSSEALEAARICANKYMVKSCG
RDGFHMRVRLHPFHVIRINKMLSCAGADRLQTGMRGAFGKPQGTVARVHIGQVIMSIRTKLQNEEHVIEALRRAKFKFPG
RQKIHISKKWGFTKFNADEFEDMVAKKCLIPDGCGVKYVPSHGPLDKWRVLHS
;
LI
15 'polypeptide(L)'
;QDQGEKENPMRELRIRKLCLNICVGESGDRLTRAAKVLEQLTGQTPVFSKARYTVRSFGIRRNEKIAVHCTVRGAKAEEI
LEKGLKVREYELRKNNFSDTGNFGFGIQEHIDLGIKYDPSIGIYGLDFYVVLGRPGFSIADKKRRTGCIGAKHRISKEEA
MRWFQQKYDGIILPGK
;
LJ
16 'polypeptide(L)'
;APSRNGMVLKPHFHKDWQRRVATWFNQPARKIRRRKARQAKARRIAPRPASGPIRPIVRCPTVRYHTKVRAGRGFSLEEL
RVAGIHKKVARTIGISVDPRRRNKSTESLQANVQRLKEYRSKLILFPRKPSAPKKGDSSAEELKLATQLTGPVMPVRNVY
KKEKARVITEEEKNFKAFASLRMARANARLFGIRAKRAKEAAEQDVEKKK
;
LL
17 'polypeptide(L)'
;VFRRFVEVGRVAYVSFGPHAGKLVAIVDVIDQNRALVDGPCTQVRRQAMPFKCMQLTDFILKFPHSAHQKYVRQAWQKAD
INTKWAATRWAKKIEARERKAKMTDFDRFKVMKAKKMRNRIIKNEVKKLQKAALLKASP
;
LM
18 'polypeptide(L)'
;GAYKYIQELWRKKQSDVMRFLLRVRCWQYRQLSALHRAPRPTRPDKARRLGYKAKQGYVIYRIRVRRGGRKRPVPKGATY
GKPVHHGVNQLKFARSLQSVAEERAGRHCGALRVLNSYWVGEDSTYKFFEVILIDPFHKAIRRNPDTQWITKPVHKHREM
RGLTSAGRKSRGLGKGHKFHHTIGGSRRAAWRRRNTLQLHRYR
;
LN
19 'polypeptide(L)'
;EVQVLVLDGRGHLLGRLAAIVAKQVLLGRKVVVVRCEGINISGNFYRNKLKYLAFLRKRMNTNPSRGPYHFRAPSRIFWR
TVRGMLPHKTKRGQAALDRLKVFDGIPPPYDKKKRMVVPAALKVVRLKPTRKFAYLGRLAHEVGWKYQAVTATLEEKRKE
KAKIHYRKKKQLMRLRKQAEKNVEKKIDKYTEVLKTHGLLV
;
LO
20 'polypeptide(L)'
;VRYSLDPENPTKSCKSRGSNLRVHFKNTRETAQAIKGMHIRKATKYLKDVTLQKQCVPFRRYNGGVGRCAQAKQWGWTQG
RWPKKSAEFLLHMLKNAESNAELKGLDVDSLVIEHIQVNKAPKMRRRTYRAHGRINPYMSSPCHIEMILTEKE
;
LP
21 'polypeptide(L)'
;GVDIRHNKDRKVRRKEPKSQDIYLRLLVKLYRFLARRTNSTFNQVVLKRLFMSRTNRPPLSLSRMIRKMKLPGRENKTAV
VVGTITDDVRVQEVPKLKVCALRVTSRARSRILRAGGKILTFDQLALDSPKGCGTVLLSGPRKGREVYRHFGKAPGTPHS
HTKPYVRSKGRKFERARGRRASRGYKN
;
LQ
22 'polypeptide(L)'
;SMLRLQKRLASSVLRCGKKKVWLDPNETNEIANANSRQQIRKLIKDGLIIRKPVTVHSRARCRKNTLARRKGRHMGIGKR
KGTANARMPEKVTWMRRMRILRRLLRRYRESKKIDRHMYHSLYLKVKGNVFKNKRILMEHIHKLKADKARKKLLADQAEA
RRSKTKEARKRREERLQAKKEEIIKTL
;
LR
23 'polypeptide(L)'
;KASGTLREYKVVGRCLPTPKCHTPPLYRMRIFAPNHVVAKSRFWYFVSQLKKMKKSSGEIVYCGQVFEKSPLRVKNFGIW
LRYDSRSGTHNMYREYRDLTTAGAVTQCYRDMGARHRARAHSIQIMKVEEIAASKCRRPAVKQFHDSKIKFPLPHRVLRR
QHKPRFTTKRPNTFF
;
LS
24 'polypeptide(L)'
;TNTKGKRRGTRYMFSRPFRKHGVVPLATYMRIYKKGDIVDIKGMGTVQKGMPHKCYHGKTGRVYNVTQHAVGIVVNKQVK
GKILAKRINVRIEHIKHSKSRDSFLKRVKENDQKKKEAKEKGTWVQLKRQPAPPREAHFVRTNGKEPELLEPIPYEFMA
;
LT
25 'polypeptide(L)'
;QVLKFTLDCTHPVEDGIMDAANFEQFLQERIKVNGKAGNLGGGVVTIERSKSKITVTSEVPFSKRYLKYLTKKYLKKNNL
RDWLRVVANSKESYELRYFQI
;
LU
26 'polypeptide(L)'
;SGAKFRISLGLPVGAVINCADNTGAKNLYIISVKGIKGRLNRLPAAGVGDMVMATVKKGKPELRKKVHPAVVIRQRKSYR
RKDGVFLYFEDNAGVIVNNKGEMKGSAITGPVAKECADLWPRIASNAGSIA
;
LV
27 'polypeptide(L)'
;MKVELCSFSGYKIYPGHGRRYARTDGKVFQFLNAKCESAFLSKRNPRQINWTVLYRRKHKKGQSEEIQKKRTRRAVKFQR
AITGASLADIMAKRNQKPEVRKAQREQAIRAAKEAKKAKQASKK
;
LW
28 'polypeptide(L)'
;KKKIRTSPTFRRPKTLRLRRQPKYPRKSAPRRNKLDHYAIIKFPLTTESAMKKIEDNNTLVFIVDVKANKHQIKQAVKKL
YDIDVAKVNTLIRPDGEKKAYVRLAPDYDALDVANKIGII
;
LX
29 'polypeptide(L)'
;MKFNPFVTSDRSKNRKRHFNAPSHIRRKIMSSPLSKELRQKYNVRSMPIRKDDEVQVVRGHYKGQQIGKVVQVYRKKYVI
YIERVQREKANGTTVHVGIHPSKVVITRLKLDKDRKKILERKAKSRQVGKEKGK
;
LY
30 'polypeptide(L)'
;GKFMKPGKVVLVLAGRYSGRKAVIVKNIDDGTSDRPYSHALVAGIDRYPRKVTAAMGKKKIAKRSKIKSFVKVYNYNHLM
PTRYSVDIPLDKTVVNKDVFRDPALKRKARREAKVKFEERYKTGKNKWFFQKLRF
;
LZ
31 'polypeptide(L)'
;PSRLRKTRKLRGHVSHGHGRIGKHRKHPGGRGNAGGLHHHRINFDKYHPGYFGKVGMKHYHLKRNQSFCPTVNLDKLWTL
VSEQTRVNAAKNKTGAAPIIDVVRSGYYKVLGKGKLPKQPVIVKAKFFSRRAEEKIKSVGGACVLVA
;
La
32 'polypeptide(L)'
;AKSKNHTTHNQSRKWHRNGIKKPRSQRYESLKGVDPKFLRNMRFAKKHNKKGLKKMQANNAKAMSARAEAIKALVKPKEV
KPKIPKGVSRKLDRLAYIAHPKLGKRARARIAKGLRLCRPK
;
Lb
33 'polypeptide(L)'
;KSLESINSRLQLVMKSGKYVLGYKQTLKMIRQGKAKLVILANNCPALRKSEIEYYAMLAKTGVHHYSGNNIELGTACGKY
YRVCTLAIIDPGDSDIIR
;
Lc
34 'polypeptide(L)'
;NEVVTREYTINIHKRIHGVGFKKRAPRALKEIRKFAMKEMGTPDVRIDTRLNKAVWAKGIRNVPYRIRVRLSRKRNEDED
SPNKLYTLVTYVPVTTFKNLQTVNVDE
;
Ld
35 'polypeptide(L)'
;AALRPLVKPKIVKKRTKKFIRHQSDRYVKIKRNWRKPRGIDNRVRRRFKGQILMPNIGYGSNKKTKHMLPSGFRKFLVHN
VKELEVLLMCNKSYCAEIAHNVSSKNRKAIVERAAQLAIRVTNPNARL
;
Le
36 'polypeptide(L)'
;SGRLWSKAIFAGYKRGLRNQREHTALLKIEGVYARDETEFYLGKRCAYVYKAKNNTVTPGGKPNKTRVIWGKVTRAHGNS
GMVRAKFRSNLPAKAIGHRIRVMLYPSRI
;
Lf
37 'polypeptide(L)'
;VQRLTYRRRLSYNTASNKTRLSRTPGNRIVYLYTKKVGKAPKSACGVCPGRLRGVRAVRPKVLMRLSKTKKHVSRAYGGS
MCAKCVRDRIKRAFLIEEQKIVVKVLKAQAQSQK
;
Lg
38 'polypeptide(L)'
;AKIKARDLRGKKKEELLKQLDDLKVELSQLRVAKVTGGAASKLSKIRVVRKSIARVLTVINQTQKENLRKFYKGKKYKPL
DLRPKKTRAMRRRLNKHEENLKTKKQQRKERLYPLRKYAVKA
;
Lh
39 'polypeptide(L)'
;ALRYPMAVGLNKGHKVTKNVSKPRHSRRRGRLTKHTKFVRDMIREVCGFAPYERRAMELLKVSKDKRALKFIKKRVGTHI
RAKRKREELSNVLAAMRKAAAK
;
Li
40 'polypeptide(L)'
;TKGTSSFGKRRNKTHTLCRRCGSKAYHLQKSTCGKCGYPAKRKRKYNWSAKAKRRNTTGTGRMRHLKIVYRRFRHGFREG
TTPKPK
;
Lj
41 'polypeptide(L)' PRKIEEIKDFLLTARRKDAKSVKIKKNKDNVKFKVRCSRYLYTLVITDKEKAEKLKQSLPPGLAVKELK Lk
42 'polypeptide(L)' SSHKTFRIKRFLAKKQKQNRPIPQWIRMKTGNKIRYNSKRRHWRRTKLGL Ll
43 'polypeptide(L)' IIEPSLRQLAQKYNCDKMICRKCYARLHPRAVNCRKKKCGHTNNLRPKKKVK Lm
44 'polypeptide(L)' MRAKWRKKRMRRLKRKRRKMRQRS Ln
45 'polypeptide(L)'
;VNVPKTRRTFCKKCGKHQPHKVTQYKKGKDSLYAQGKRRYDRKQSGYGGQTKPIFRKKAKTTKKIVLRLECVEPNCRSKR
MLAIKRCKHFELGGDKKRKGQVIQF
;
Lo
46 'polypeptide(L)'
;AKRTKKVGIVGKYGTRYGASLRKMVKKIEISQHAKYTCSFCGKTKMKRRAVGIWHCGSCMKTVAGGAWTYNTTSAVTVKS
AIRRLKELKDQ
;
Lp
47 'polypeptide(L)'
;SAHLQWMVVRNCSSFLIKRNKQTYSTEPNNLKARNSFRYNGLIHRKTVGVEPAADGKGVVVVIKRRSGQRKPATSYVRTT
INKNARATLSSIRHMIRKNKYRPDLRMAAIRRASAILRSQKPVMV
;
Lr
48 'polypeptide(L)'
;DRATWKSNYFLKIIQLLDDYPKCFIVGADNVGSKQMQQIRMSLRGKAVVLMGKNTMMRKAIRGHLENNPALEKLLPHIRG
NVGFVFTKEDLTEIRDMLLANKVPAAARAGAIAPCEVTVPAQNTGLGPEKTSFFQALGITTKISRGTIEILSDVQLIKTG
DKVGASEATLLNMLNISPFSFGLVIQQVFDNGSIYN
;
Ls
49 'polypeptide(L)'
;PNEIKVVYLRCTGGEVGATSALAPKIGPLGLSPKKVGDDIAKATGDWKGLRITVKLTIQNRQAQIEVVPSASALIIKALK
EPPRDRKKQKNIKHSGNITFDEIVNIARQMRHRSLARELSGTIKEILGTAQSVGCNVDGRHPHDIIDDINSGAVECP
;
Lt
50 'polypeptide(L)'
;GALDVLQMKEEDVLKFLAAGTHLGGTNLDFQMEQYIYKRKSDGIYIINLKRTWEKLLLAARAIVAIENPADVSVISSRNT
GQRAVLKFAAATGATPIAGRFTPGTFTNQIQAAFREPRLLVVTDPRADHQPLTEASYVNLPTIALCNTDSPLRYVDIAIP
CNNKGAHSVGLMWWMLAREVLRMRGTISREHPWEVMPDLYFYRDPEEIEKEEQAAAEKAVT
;
SA
51 'polypeptide(L)'
;VVDPFSKKDWYDVKAPAMFNIRNIGKTLVTRTQGTKIASDGLKGRVFEVSLADLQNDEVAFRKFKLITEDVQGKNCLTNF
HGMDLTRDKMCSMVKKWQTMIEAHVDVKTTDGYLLRLFCVGFTKKRNNQIRKTSYAQHQQVRQIRKKMMEIMTREVQTND
LKEVVNKLIPDSIGKDIEKACQSIYPLHDVFVRKVKMLKKPKFELGKLMELHGE
;
SB
52 'polypeptide(L)'
;EWMPVTKLGRLVKDMKIKSLEEIYLFSLPIKESEIIDFFLGASLKDEVLKIMPVQKQTRAGQRTRFKAFVAIGDYNGHVG
LGVKCSKEVATAIRGAIILAKLSIVPVRRGYWGNKIGKPHTVPCKVTGRCGSVLVRLIPAPRGTGIVSAPVPKKLLMMAG
IDDCYTSARGCTATLGNFAKATFDAISKTYSYLTPDLWKETVFTKSPYQEFTDHLVKTHTRV
;
SC
53 'polypeptide(L)'
;ARGPKKHLKRVAAPKHWMLDKLTGVFAPRPSTGPHKLRECLPLIIFLRNRLKYALTGDEVKKICMQRFIKIDGKVRTDIT
YPAGFMDVISIDKTGENFRLIYDTKGRFAVHRITPEEAKYKLCKVRKIFVGTKGIPHLVTHDARTIRYPDPLIKVNDTIQ
IDLETGKITDFIKFDTGNLCMVTGGANLGRIGVITNRERHPGSFDVVHVKDANGNSFATRLSNIFVIGKGNKPWISLPRG
KGIRLTIAEERDKRLAAKQSSG
;
SE
54 'polypeptide(L)'
;MKLNISFPATGCQKLIEVDDERKLRTFYEKRMATEVAADALGEEWKGYVVRISGGNDKQGFPMKQGVLTHGRVRLLLSKG
HSCYRPRRTGERKRKSVRGCIVDANLSVLNLVIVKKGEKDIPGLTDTTVPRRLGPKRASRIRKLFNLSKEDDVRQYVVRK
PLNKEGKKPRTKAPKIQRLVTPRVLQHKRRRIALKKQRTKKNKEEAAEYAKLLAKRMKEAKEKRQEQIAKRRRLSSL
;
SG
55 'polypeptide(L)'
;SAKIVKPNGEKPDEFESGISQALLELEMNSDLKAQLRELNITAAKEIEVGGGRKAIIIFVPVPQLKSFQKIQVRLVRELE
KKFSGKHVVFIAQRRILPKPTRKSRTKNKQKRPRSRTLTAVHDAILEDLVFPSEIVGKRIRVKLDGSRLIKVHLDKAQQN
NVEHKVETFSGVYKKLTGKDVNFEFPEFQ
;
SH
56 'polypeptide(L)'
;GISRDNWHKRRKTGGKRKPYHKKRKYELGRPAANTKIGPRRIHTVRVRGGNKKYRALRLDVGNFSWGSECCTRKTRIIDV
VYNASNNELVRTKTLVKNCIVLIDSTPYRQWYESHYALPLGRKKGAKLTPEEEEILNKKRSKKIQKKYDERKKNAKISSL
LEEQFQQGKLLACIASRPGQCGRADGYVLEGKELEFYLRKIKARKG
;
SI
57 'polypeptide(L)'
;PVARSWVCRKTYVTPRRPFEKSRLDQELKLIGEYGLRNKREVWRVKFTLAKIRKAARELLTLDEKDPRRLFEGNALLRRL
VRIGVLDEGKMKLDYILGLKIEDFLERRLQTQVFKLGLAKSIHHARVLIRQRHIRVRKQVVNIPSFIVRLDSQKHIDFSL
RSPYGGGRPGRVKRKNAKKGQGGAG
;
SJ
58 'polypeptide(L)'
;ADIQTERAYQKQPTIFQNKKRVLLGETGKEKLPRYYKNIGLGFKTPKEAIEGTYIDKKCPFTGNVSIRGRILSGVVTKMK
MQRTIVIRRDYLHYIRKYNRFEKRHKNMSVHLSPCFRDVQIGDIVTVGECRPLSKTVRFNVLKVTKAAGTKKQ
;
SL
59 'polypeptide(L)'
;GRMHAPGKGLSQSALPYRRSVPTWLKLTSDDVKEQIYKLAKKGLTPSQIGVILRDSHGVAQVRFVTGNKILRILKSKGLA
PDLPEDLYHLIKKAVAVRKHLERNRKDKDAKFRLILIESRIHRLARYYKTKRVLPPNWKYESSTASALVA
;
SN
60 'polypeptide(L)'
;EQVISLGPQVAEGENVFGVCHIFASFNDTFVHVTDLSGKETICRVTGGMKVKADRDESSPYAAMLAAQDVAQRCKELGIT
ALHIKLRATGGNRTKTPGPGAQSALRALARSGMKIGRIEDVTPIPSDSTRRKGGRRGRRL
;
SO
61 'polypeptide(L)'
;MQNDAGEFVDLYVPRKCSASNRIIGAKDHASIQMNVAEVDKVTGRFNGQFKTYAICGAIRRMGESDDSILRLAKADGIVS
KNF
;
SV
62 'polypeptide(L)'
;VRMNVLADALKSINNAEKRGKRQVLIRPCSKVIVRFLTVMMKHGYIGEFEIIDDHRAGKIVVNLTGRLNKCGVISPRFDV
QLKDLEKWQNNLLPSRQFGFIVLTTSAGIMDHEEARRKHTGGKILGFFF
;
SW
63 'polypeptide(L)'
;GKCRGLRTARKLRSHRRDQKWHDKQYKKAHLGTALKANPFGGASHAKGIVLEKVGVEAKQPNSAIRKCVRVQLIKNGKKI
TAFVPNDGCLNFIEENDEVLVAGFGRKGHAVGDIPGVRFKVVKVANVSLLALYKGKKERPR
;
SX
64 'polypeptide(L)'
;NDTVTIRTRKFMTNRLLQRKQMVIDVLHPGKATVPKTEIREKLAKMYKTTPDVIFVFGFRTHFGGGKTTGFGMIYDSLDY
AKKNEPKHRLARHGLYEKKKTSRKQRKERKNRMKKVRGTAKANVGAGKKPK
;
SY
65 'polypeptide(L)'
;TKKRRNNGRAKKGRGHVQPIRCTNCARCVPKDKAIKKFVIRNIVEAAAVRDISEASVFDAYVLPKLYVKLHYCVSCAIHS
KVVRNRSREARKDRTPPPRFRP
;
Sa
66 'polypeptide(L)'
;PLAKDLLHPSPEEEKRKHKKKRLVQSPNSYFMDVKCPGCYKITTVFSHAQTVVLCVGCSTVLCQPTGGKARLTEGCSFRR
KQH
;
Sb
67 'polypeptide(L)' VHGSLARAGKVRGQTPKVAKQEKKKKKTGRAKRRMQYNRRFVNVVPTFGKKKGPNANS Se
68 'polyribonucleotide'
;UACCUGGUUGAUCCUGCCAGUAGCAU(A2M)UGCUUGUCUCAAAGAUUAAGCCAUGCAUGUCUAAGUACGCACGGCCGGU
ACAGUGAAACUGCGAA(PSU)GGCUC(A2M)UUAAA(PSU)CAG(PSU)UAUGGU(OMU)CCUU(OMU)GGUCGCUCGCU
CCUCUCCCACUUGGAUAACUGUGGUA(A2M)UUCUAG(A2M)GCUAA(OMU)A(OMC)AUGCCGACGGGCGCUGACCCCC
UUCGCGGGGGGGAUGCGUGCAUUUAUCAGUGGUGACUCUAGAUAACCUCGGGCCGAUCGCACGCCCCCCGUGGCGGCGAC
GACCCAUUCGAACGUC(OMU)GCCCUAUCAACUUUCGAUGGUAGUCGCCGUGCCUACCAUGGUGACCACGGG(PSU)GAC
GGGGAAUCAGGGUUCGAU(OMU)CCGGAGA(OMG)GGAGCCUGAGAAACGGCUACCACAU(OMC)CAAGG(A2M)AGGCA
GCAGGCGCGC(A2M)AAUUACCCACUCCCGACCCGGGGA(OMG)GUAGUGA(OMC)GAAAAAUAACAAUACAGGACUCUU
UCGAGGCCCUGUAAUUGGAAUGAGUCCACUUUAA(A2M)UCCUUUAACGAGGAUCCAUUGGAG(OMG)GCAAGUCUGGUG
CCAGCAGCCGCGG(OMU)AAUUCCAGCUCCAAUA(OMG)CGUA(PSU)A(PSU)UAAAGUUGCUGCAGUU(A2M)AAAAG
CUCGUAG(PSU)U(OMG)GA(PSU)CUUGGGAGCGGGCGUCCCCGCCCUCUCGGCCGGGGCCCGAAGCG(OMU)U(PSU)
ACUUUGAAAAAA(PSU)UAGAGUGUUCAAAGCAGGCCCGAGCCGCCUGGAUACCGCAGCUAGGAA(PSU)AA(PSU)
(OMG)GAAUAGGACCGCGGUUCUAUUUUGUUGGUUUUCGGAACUGAGGCCAUGAUUAAGAGGGACGGCCGGGGGCAUUCG
UAUUGCGCCGCUAGAGGUGAAAU(PSU)CUUGGACCGGCGCAAGACGGACCAGAGCGAAAGCAUU(PSU)GCCAAGAAUG
UUUUCAUUAAUCAAGA(A2M)CGAAAGUCGGAGG(PSU)(PSU)CGAAGACGA(PSU)CAGAUACCGUCGUAGUUCCGAC
CA(PSU)AAACGAUGCCGACCGGCGAUGCGGCGGCGUUAUUCCCAUGACCCGCCGGGCAGCUUCCGGGAAACCAAAGUCU
UUGGGUUCCGGGGGGAGUA(PSU)GG(PSU)UGCAAAGCUGAAACUUAAAGGAAUUGACGGAAGGGCACCACCAGGAGUG
GAGCC(PSU)GCGGCUUAAUU(PSU)GAC(B8N)CAACACGGGAAACCUCACCCGGC(OMC)CGGACACGGACAGGA
(OMU)UGACAGAUUGAUAGCUCUUUCUCGAUUCCGUGGGUGG(OMU)G(OMG)UGCAUGGC(4AC)GUUCUUAGUUGGUG
GAGCGAUUUGUCUGG(PSU)UAAUUCCGAUAACGA(A2M)CGAGACU(OMC)UGGCAUGCUAACUAGUUACGCGACCCCC
GAGCGGUCGGCGUCCCCCAACU(OMU)CUUAGAGGGACAAGUGGCGUUCAGCCACCCGAGAUUGAGCAAUAACA(OMG)G
UCUGUGAUGCCCUUAGAUGUCCGGGGCUGCACGCGCGCUACACUGACUGGCUCAGCGUGUGCCUACCCUACGCCGGCAGG
CGCGGGUAACCCGUUGAACCCCAUUCGUGAUGGGGAUCGGGGAUUGCAAUUAUUCCCCAUGAACGAG(G7M)AAUUCCCA
GUAAGUGCGGGUCAUAAGCUUGCGUUGAUUAAGUCCCUGCCCUUUGUACACACCG(OMC)CCGUCGCUACUACCGAUUGG
AUGGUUUAGUGAGGCCCUCGGAUCGGCCCCGCCGGGGUCGGCCCACGGCCCUGGCGGAGCGCUGAGAAGACGGUCGAACU
UGACUAUCUAGAGGAAGUAAAAGUCGUA(6MZ)CAAGGUUUC(4AC)GUAGGUG(MA6)(MA6)CCUGCGGAAGGAUCAU
UA
;
S2
69 'polypeptide(L)'
;MGRVRTKTVKKAARVIIEKYYTRLGNDFHTNKRVCEEIAIIPSKKLRNKIAGYVTHLMKRIQRGPVRGISIKLQEEERER
RDNYVPEVSALDQEIIEVDPDTKEMLKLLDFGSLSNLQVTQPTVGMNFKTPRGPV
;
SR
70 'polypeptide(L)'
;MAVQISKKRKFVADGIFKAELNEFLTRELAEDGYSGVEVRVTPTRTEIIILATRTQNVLGEKGRRIRELTAVVQKRFGFP
EGSVELYAEKVATRGLCAIAQAESLRYKLLGGLAVRRACYGVLRFIMESGAKGCEVVVSGKLRGQRAKSMKFVDGLMIHS
GDPVNYYVDTAVRHVLLRQGVLGIKVKIMLPWDPTGKIGPKKPLPDHVSIVEPKDEILPTTPISEQK
;
SD
71 'polypeptide(L)'
;DIKLFGKWSTDDVQINDISLQDYIAVKEKYAKYLPHSAGRYAAKRFRKAQCPIVERLTNSMMMHGRNNGKKLMTVRIVKH
AFEIIHLLTGENPLQVLVNAIINSGPREDSTRIGRAGTVRRQAVDVSPLRRVNQAIWLLCTGAREAAFRNIKTIAECLAD
ELINAAKGSSNSYAIKKKDELERVAKSNR
;
SF
72 'polypeptide(L)'
;MLMPKKNRIAIYELLFKEGVMVAKKDVHMPKHPELADKNVPNLHVMKAMQSLKSRGYVKEQFAWRHFYWYLTNEGIQYLR
DYLHLPPEIVPATLRRSR
;
SK
73 'polypeptide(L)'
;VMDVNTALQEVLKTALIHDGLARGIREAAKALDKRQAHLCVLASNCDEPMYVKLVEALCAEHQINLIKVDDNKKLGEWVG
LCKIDREGKPRKVVGCSCVVVKDYGKESQAKDVIEEYFKCKK
;
SM
74 'polypeptide(L)'
;TYRGVDLDQLLDMSYEQLMQLYSARQRRRLNRGLRRKQHSLLKRLRKAKKEAPPMEKPEVVKTHLRDMIILPEMVGSMVG
VYNGKTFNQVEIKPEMIGHYLGEFSITYKPVKHGRPGIGAT
;
SP
75 'polypeptide(L)'
;SKGPLQSVQVFGRKKTATAVAHCKRGNGLIKVNGRPLEMIEPRTLQYKLLEPVLLLGKERFAGVDIRVRVKGGGHVAQIY
AIRQSISKALVAYYQKYVDEASKKEIKDILIQYDRTLLVADPRRCESKKFGGPGARARYQKSYR
;
SQ
76 'polypeptide(L)'
;MSLVIPEKFQHILRVLNTNIDGRRKIAFAITAIKGVGRRYAHVVLRKADIDLTKRAGELTEDEVERVITIMQNPRQYKIP
DWFLNRQKDVKDGKYSQVLANGLDNKLREDLERLKKIRAHRGLRHFWGLRVRGQHTKTTGRRGRT
;
SS
77 'polypeptide(L)'
;PGVTVKDVNQQEFVRALAAFLKKSGKLKVPEWVDTVKLAKHKELAPYDENWFYTRAASTARHLYLRGGAGVGSMTKIYGG
RQRNGVMPSHFSRGSKSVARRVLQALEGLKMVEKDQDGGRKLTPQGQRDLDRIAGQVAAANKK
;
ST
78 'polypeptide(L)'
;AIHRIRITLTSRNVKSLEKVCADLIRGAKEKNLKVKGPVRMPTKTLRITTRKTPCGEGSKTWDRFQMRIHKRLIDLHSPS
EIVKQITSISIEPGVEVEVTIADA
;
SU
79 'polypeptide(L)' RDKLNNLVLFDKATYDKLCKEVPNYKLITPAVVSERLKIRGSLARAALQELLSKGLIKLVSKHRAQVIYTRNTKG SZ
80 'polypeptide(L)' RVQPIKLARVTKVLGRTGSQGQCTQVRVEFMDDTSRSIIRNVKGPVREGDVLTLLESEREARRL Sc
81 'polypeptide(L)' GHQQLYWSHPRKFGQGSRSCRVCSNRHGLIRKYGLNMCRQCFRQYAKDIGFIKLD Sd
82 'polypeptide(L)' YTTPKKNKHKRKKVKLAVLKYYKVDENGKISRLRRECPSDECGAGVFMASHFDRHYCGKCCLTYCFN Sf
83 'polypeptide(L)'
;TEQMTLRGTLKGHNGWVTQIATTPQFPDMILSASRDKTIIMWKLTRDETNYGIPQRALRGHSHFVSDVVISSDGQFALSG
SWDGTLRLWDLTTGTTTRRFVGHTKDVLSVAFSSDNRQIVSGSRDKTIKLWNTLGVCKYTVQDESHSEWVSCVRFSPNSS
NPIIVSCGWDKLVKVWNLANCKLKTNHIGHTGYLNTVTVSPDGSLCASGGKDGQAMLWDLNEGKHLYTLDGGDIINALCF
SPNRYWLCAATGPSIKIWDLEGKIIVDELKQEVISTSSKAEPPQCTSLAWSADGQTLFAGYTDNLVRVWQVTI
;
Sg
84 'polyribonucleotide' GCCCGGAUAGCUCAGCUGUAGAGCAUCAGACUUUUAAUCUGAGGGUCCAGGGUUCAAGUCCCUGUUCGGGCGCCA Et
85 'polypeptide(L)'
;NFTVDQIRAIMDKKANIRNMSVIAHVDHGKSTLTDSLVCKAGIIASARAGETRFTDTRKDEQERCITIKSTAISLFYELS
ENDLNFIKQSKDGAGFLINLIDSPGHVDFSSEVTAALRVTDGALVVVDCVSGVCVQTETVLRQAIAERIKPVLMMNKMDR
ALLELQLEPEELYQTFQRIVENVNVIISTYGEGESGPMGNIMIDPVLGTVGFGSGLHGWAFTLKQFAEMYVAKFAAKGEG
QLGPAERAKKVEDMMKKLWGDRYFDPANGKFSKSATSPEGKKLPRTFCQLILDPIFKVFDAIMNFKKEETAKLIEKLDIK
LDSEDKDKEGKPLLKAVMRRWLPAGDALLQMITIHLPSPVTAQKYRCELLYEGPPDDEAAMGIKSCDPKGPLMMYISKMV
PTSDKGRFYAFGRVFSGLVSTGLKVRIMGPNYTPGKKEDLYLKPIQRTILMMGRYVEPIEDVPCGNIVGLVGVDQFLVKT
GTITTFEHAHNMRVMKFSVSPVVRVAVEAKNPADLPKLVEGLKRLAKSDPMVQCIIEESGEHIIAGAGELHLEICLKDLE
EDHACIPIKKSDPVVSYRETVSEESNVLCLSKSPNKHNRLYMKARPFPDGLAEDIDKGEVSARQELKQRARYLAEKYEWD
VAEARKIWCFGPDGTGPNILTDITKGVQYLNEIKDSVVAGFQWATKEGALCEENMRGVRFDVHDVTLHADAIHRGGGQII
PTARRCLYASVLTAQPRLMEPIYLVEIQCPEQVVGGIYGVLNRKRGHVFEESQVAGTPMFVVKAYLPVNESFGFTADLRS
NTGGQAFPQCVFDHWQILPGDPFDNSSRPSQVVAETRKRKGLKEGIPALDNFLDKL
;
CB
86 'polypeptide(L)'
;QQEQTIAEDLVVTKYKMGGDIANRVLRSLVEASSSGVSVLSLCEKGDAMIMEETGKIFKKEKEMKKGIAFPTSISVNNCV
CHFSPLKSDQDYILKEGDLVKIDLGVHVDGFIANVAHTFVVDVAQGTQVTGRKADVIKAAHLCAEAALRLVKPGNQNTQV
TEAWNKVAHSFNCTPIEGMLSHQLKQHVIDGEKTIIQNPTDQQKKDHEKAEFEVHEVYAVDVLVSSGEGKAKDAGQRTTI
YKRDPSKQYGLKMKTSRAFFSEVERRFDAMPFTLRAFEDEKKARMGVVECAKHELLQPFNVLYEKEGEFVAQFKFTVLLM
PNGPMRITSGPFEPDLYKSEMEVQDAELKALLQSSA
;
CA
#
# COMPACT_ATOMS: atom_id res chain seq x y z
N ASP A 183 -45.80 21.13 -1.69
CA ASP A 183 -44.77 22.12 -2.00
C ASP A 183 -45.15 22.92 -3.23
N GLY A 184 -46.29 22.59 -3.83
CA GLY A 184 -46.75 23.34 -4.96
C GLY A 184 -47.45 24.62 -4.63
N PHE A 185 -47.61 24.94 -3.35
CA PHE A 185 -48.29 26.13 -2.89
C PHE A 185 -47.31 27.04 -2.14
N ASP A 186 -47.65 28.32 -2.08
CA ASP A 186 -46.88 29.28 -1.31
C ASP A 186 -47.30 29.20 0.16
N SER A 187 -46.87 30.17 0.95
CA SER A 187 -47.17 30.17 2.38
C SER A 187 -48.67 30.27 2.65
N ARG A 188 -49.36 31.15 1.92
CA ARG A 188 -50.79 31.30 2.12
C ARG A 188 -51.54 30.04 1.72
N GLY A 189 -51.15 29.42 0.63
CA GLY A 189 -51.81 28.23 0.15
C GLY A 189 -52.19 28.29 -1.31
N LYS A 190 -51.95 29.41 -1.97
CA LYS A 190 -52.21 29.49 -3.40
C LYS A 190 -51.08 28.83 -4.17
N ARG A 191 -51.44 28.10 -5.22
CA ARG A 191 -50.45 27.35 -5.97
C ARG A 191 -49.61 28.28 -6.84
N GLU A 192 -48.33 27.94 -6.94
CA GLU A 192 -47.40 28.77 -7.69
C GLU A 192 -47.39 28.46 -9.18
N PHE A 193 -48.04 27.39 -9.61
CA PHE A 193 -48.15 27.02 -11.02
C PHE A 193 -49.59 26.64 -11.28
N ASP A 194 -50.38 27.59 -11.77
CA ASP A 194 -51.80 27.36 -11.94
C ASP A 194 -52.10 26.42 -13.10
N ARG A 195 -51.26 26.44 -14.15
CA ARG A 195 -51.50 25.55 -15.27
C ARG A 195 -51.15 24.11 -14.94
N HIS A 196 -50.19 23.88 -14.07
CA HIS A 196 -49.75 22.52 -13.75
C HIS A 196 -50.84 21.83 -12.95
N SER A 197 -51.63 20.99 -13.62
CA SER A 197 -52.77 20.35 -12.99
C SER A 197 -52.32 19.40 -11.89
N GLY A 198 -53.04 19.42 -10.78
CA GLY A 198 -52.74 18.56 -9.66
C GLY A 198 -53.53 17.28 -9.60
N SER A 199 -54.40 17.03 -10.56
CA SER A 199 -55.22 15.82 -10.58
C SER A 199 -54.70 14.87 -11.64
N ASP A 200 -54.55 13.60 -11.27
CA ASP A 200 -54.12 12.59 -12.23
C ASP A 200 -55.23 12.20 -13.19
N ARG A 201 -56.49 12.41 -12.83
CA ARG A 201 -57.58 12.03 -13.71
C ARG A 201 -57.74 12.98 -14.88
N SER A 208 -57.54 14.28 -14.67
CA SER A 208 -57.81 15.26 -15.71
C SER A 208 -56.81 16.40 -15.60
N GLY A 209 -56.71 17.17 -16.67
CA GLY A 209 -55.82 18.31 -16.71
C GLY A 209 -56.49 19.58 -17.18
N LEU A 210 -55.70 20.50 -17.74
CA LEU A 210 -56.24 21.76 -18.24
C LEU A 210 -57.21 21.52 -19.39
N LYS A 211 -56.77 20.79 -20.40
CA LYS A 211 -57.61 20.50 -21.54
C LYS A 211 -58.66 19.47 -21.15
N HIS A 212 -59.82 19.58 -21.78
CA HIS A 212 -60.88 18.59 -21.61
C HIS A 212 -60.66 17.48 -22.63
N GLU A 213 -60.18 16.33 -22.18
CA GLU A 213 -60.15 15.13 -23.01
C GLU A 213 -61.50 14.46 -22.95
N ASP A 214 -62.00 14.05 -24.11
CA ASP A 214 -63.34 13.48 -24.20
C ASP A 214 -63.28 11.96 -24.06
N LYS A 215 -64.17 11.42 -23.22
CA LYS A 215 -64.21 9.99 -22.99
C LYS A 215 -64.80 9.28 -24.21
N ARG A 216 -64.04 8.36 -24.79
CA ARG A 216 -64.47 7.57 -25.94
C ARG A 216 -64.90 8.44 -27.11
N GLY A 217 -64.26 9.59 -27.26
CA GLY A 217 -64.61 10.51 -28.33
C GLY A 217 -66.02 11.04 -28.25
N GLY A 218 -66.56 11.16 -27.04
CA GLY A 218 -67.93 11.58 -26.87
C GLY A 218 -68.92 10.55 -27.38
N SER A 219 -68.89 9.35 -26.81
CA SER A 219 -69.78 8.27 -27.20
C SER A 219 -70.46 7.71 -25.96
N GLY A 220 -71.59 7.06 -26.18
CA GLY A 220 -72.43 6.61 -25.08
C GLY A 220 -73.58 7.56 -24.83
N SER A 221 -74.45 7.15 -23.93
CA SER A 221 -75.68 7.91 -23.69
C SER A 221 -75.38 9.23 -22.98
N HIS A 222 -74.88 9.16 -21.75
CA HIS A 222 -74.68 10.35 -20.95
C HIS A 222 -73.29 10.93 -21.25
N ASN A 223 -73.19 11.54 -22.42
CA ASN A 223 -71.92 12.06 -22.90
C ASN A 223 -72.19 13.13 -23.94
N TRP A 224 -71.15 13.92 -24.23
CA TRP A 224 -71.23 14.83 -25.37
C TRP A 224 -71.31 14.01 -26.65
N GLY A 225 -71.87 14.61 -27.69
CA GLY A 225 -72.11 13.91 -28.92
C GLY A 225 -70.88 13.72 -29.78
N THR A 226 -71.09 13.07 -30.92
CA THR A 226 -70.05 12.92 -31.93
C THR A 226 -70.59 13.31 -33.30
N VAL A 227 -69.81 13.08 -34.36
CA VAL A 227 -70.22 13.48 -35.71
C VAL A 227 -71.47 12.72 -36.13
N LYS A 228 -71.52 11.41 -35.83
CA LYS A 228 -72.71 10.62 -36.14
C LYS A 228 -73.93 11.18 -35.43
N ASP A 229 -73.75 11.61 -34.18
CA ASP A 229 -74.82 12.24 -33.44
C ASP A 229 -75.26 13.54 -34.09
N GLU A 230 -74.30 14.33 -34.60
CA GLU A 230 -74.66 15.58 -35.25
C GLU A 230 -75.48 15.33 -36.51
N LEU A 231 -75.11 14.34 -37.31
CA LEU A 231 -75.82 14.10 -38.56
C LEU A 231 -77.05 13.23 -38.32
N THR A 289 -118.46 16.14 2.43
CA THR A 289 -117.50 17.13 2.92
C THR A 289 -117.39 17.04 4.45
N LEU A 290 -116.19 17.32 4.96
CA LEU A 290 -115.90 17.13 6.38
C LEU A 290 -116.77 18.01 7.27
N ASP A 291 -117.02 19.26 6.85
CA ASP A 291 -117.77 20.17 7.71
C ASP A 291 -119.21 19.69 7.91
N GLU A 292 -119.89 19.30 6.84
CA GLU A 292 -121.26 18.81 6.98
C GLU A 292 -121.31 17.44 7.63
N TRP A 293 -120.29 16.60 7.38
CA TRP A 293 -120.24 15.32 8.09
C TRP A 293 -120.09 15.53 9.59
N LYS A 294 -119.26 16.48 10.01
CA LYS A 294 -119.15 16.82 11.42
C LYS A 294 -120.47 17.38 11.95
N ALA A 295 -121.14 18.21 11.14
CA ALA A 295 -122.40 18.81 11.56
C ALA A 295 -123.46 17.74 11.80
N ILE A 296 -123.42 16.63 11.06
CA ILE A 296 -124.34 15.53 11.35
C ILE A 296 -123.79 14.58 12.40
N GLN A 297 -122.48 14.56 12.62
CA GLN A 297 -121.92 13.70 13.66
C GLN A 297 -122.24 14.22 15.06
N ASN A 298 -122.09 15.52 15.27
CA ASN A 298 -122.43 16.09 16.57
C ASN A 298 -123.93 16.34 16.73
N LYS A 299 -124.71 16.12 15.66
CA LYS A 299 -126.15 16.27 15.76
C LYS A 299 -126.75 15.29 16.75
N ASP A 300 -126.30 14.04 16.72
CA ASP A 300 -126.82 13.01 17.60
C ASP A 300 -125.73 12.35 18.44
N ILE B 49 90.10 -61.04 -44.75
CA ILE B 49 88.86 -60.71 -45.45
C ILE B 49 87.67 -60.94 -44.51
N MET B 50 86.51 -60.41 -44.89
CA MET B 50 85.30 -60.53 -44.09
C MET B 50 84.89 -62.00 -43.98
N ASN B 51 85.00 -62.57 -42.78
CA ASN B 51 84.71 -63.97 -42.56
C ASN B 51 83.42 -64.13 -41.76
N GLN B 52 83.09 -65.39 -41.44
CA GLN B 52 81.82 -65.68 -40.79
C GLN B 52 81.77 -65.16 -39.35
N GLU B 53 82.86 -65.29 -38.60
CA GLU B 53 82.89 -64.75 -37.25
C GLU B 53 82.79 -63.23 -37.27
N LYS B 54 83.46 -62.58 -38.23
CA LYS B 54 83.35 -61.14 -38.35
C LYS B 54 81.92 -60.72 -38.74
N LEU B 55 81.23 -61.52 -39.56
CA LEU B 55 79.83 -61.24 -39.83
C LEU B 55 78.98 -61.35 -38.58
N ALA B 56 79.23 -62.39 -37.78
CA ALA B 56 78.45 -62.59 -36.55
C ALA B 56 78.66 -61.43 -35.58
N LYS B 57 79.89 -60.93 -35.45
CA LYS B 57 80.12 -59.81 -34.54
C LYS B 57 79.68 -58.48 -35.13
N LEU B 58 79.75 -58.31 -36.46
CA LEU B 58 79.26 -57.09 -37.09
C LEU B 58 77.75 -56.98 -36.97
N GLN B 59 77.05 -58.12 -36.93
CA GLN B 59 75.62 -58.11 -36.66
C GLN B 59 75.31 -57.40 -35.35
N ALA B 60 76.07 -57.67 -34.29
CA ALA B 60 75.87 -56.98 -33.02
C ALA B 60 76.39 -55.55 -33.06
N GLN B 61 77.47 -55.29 -33.80
CA GLN B 61 78.05 -53.96 -33.81
C GLN B 61 77.18 -52.94 -34.55
N VAL B 62 76.53 -53.35 -35.64
CA VAL B 62 75.87 -52.39 -36.50
C VAL B 62 74.53 -51.94 -35.92
N ARG B 63 73.88 -52.77 -35.09
CA ARG B 63 72.58 -52.43 -34.53
C ARG B 63 72.77 -51.57 -33.30
N ILE B 64 72.36 -50.31 -33.37
CA ILE B 64 72.43 -49.40 -32.24
C ILE B 64 71.04 -49.06 -31.72
N GLY B 65 70.05 -49.89 -32.03
CA GLY B 65 68.70 -49.62 -31.63
C GLY B 65 67.76 -50.68 -32.14
N GLY B 66 66.47 -50.43 -32.00
CA GLY B 66 65.45 -51.38 -32.39
C GLY B 66 64.99 -51.18 -33.82
N LYS B 67 63.81 -51.75 -34.11
CA LYS B 67 63.21 -51.59 -35.43
C LYS B 67 62.86 -50.14 -35.69
N GLY B 68 63.12 -49.68 -36.91
CA GLY B 68 62.91 -48.30 -37.26
C GLY B 68 64.05 -47.37 -36.92
N THR B 69 65.15 -47.90 -36.38
CA THR B 69 66.32 -47.12 -36.05
C THR B 69 67.41 -47.35 -37.08
N ALA B 70 68.08 -46.28 -37.48
CA ALA B 70 69.11 -46.38 -38.51
C ALA B 70 70.32 -47.15 -38.00
N ARG B 71 70.87 -48.00 -38.87
CA ARG B 71 72.04 -48.78 -38.52
C ARG B 71 73.27 -47.91 -38.43
N ARG B 72 74.26 -48.39 -37.69
CA ARG B 72 75.55 -47.72 -37.60
C ARG B 72 76.28 -47.81 -38.93
N LYS B 73 76.91 -46.72 -39.33
CA LYS B 73 77.63 -46.67 -40.60
C LYS B 73 79.11 -46.97 -40.47
N LYS B 74 79.77 -46.47 -39.42
CA LYS B 74 81.20 -46.66 -39.27
C LYS B 74 81.58 -46.48 -37.81
N LYS B 75 82.78 -46.95 -37.49
CA LYS B 75 83.37 -46.74 -36.16
C LYS B 75 84.89 -46.78 -36.34
N VAL B 76 85.50 -45.61 -36.31
CA VAL B 76 86.92 -45.44 -36.64
C VAL B 76 87.65 -44.89 -35.43
N VAL B 77 88.82 -45.47 -35.13
CA VAL B 77 89.72 -44.93 -34.12
C VAL B 77 91.01 -44.52 -34.81
N HIS B 78 91.41 -43.25 -34.63
CA HIS B 78 92.54 -42.67 -35.33
C HIS B 78 93.25 -41.70 -34.40
N ARG B 79 94.58 -41.65 -34.51
CA ARG B 79 95.38 -40.78 -33.66
C ARG B 79 96.34 -39.92 -34.49
N GLY F 1 33.66 17.41 4.20
CA GLY F 1 35.00 17.78 4.61
C GLY F 1 36.01 17.60 3.51
N ARG F 2 35.53 17.26 2.32
CA ARG F 2 36.37 16.99 1.17
C ARG F 2 36.09 18.00 0.07
N VAL F 3 37.15 18.43 -0.61
CA VAL F 3 37.01 19.37 -1.71
C VAL F 3 36.20 18.73 -2.83
N ILE F 4 35.18 19.44 -3.29
CA ILE F 4 34.24 18.87 -4.23
C ILE F 4 34.74 19.03 -5.66
N ARG F 5 34.15 18.24 -6.55
CA ARG F 5 34.40 18.44 -7.97
C ARG F 5 33.83 19.78 -8.39
N GLY F 6 34.50 20.44 -9.31
CA GLY F 6 34.16 21.82 -9.60
C GLY F 6 35.06 22.74 -8.82
N GLN F 7 35.19 22.48 -7.52
CA GLN F 7 36.28 23.09 -6.78
C GLN F 7 37.62 22.56 -7.28
N ARG F 8 37.69 21.26 -7.57
CA ARG F 8 38.94 20.71 -8.06
C ARG F 8 39.26 21.14 -9.49
N LYS F 9 38.31 21.72 -10.20
CA LYS F 9 38.51 22.03 -11.61
C LYS F 9 39.39 23.25 -11.83
N GLY F 10 39.41 24.18 -10.88
CA GLY F 10 40.26 25.35 -11.04
C GLY F 10 41.73 25.07 -10.83
N ALA F 11 42.06 23.98 -10.14
CA ALA F 11 43.46 23.61 -9.97
C ALA F 11 44.10 23.20 -11.28
N GLY F 12 43.31 22.80 -12.25
CA GLY F 12 43.79 22.60 -13.60
C GLY F 12 44.27 21.24 -13.98
N SER F 13 44.96 20.56 -13.05
CA SER F 13 45.80 19.40 -13.36
C SER F 13 45.17 18.41 -14.32
N VAL F 14 44.06 17.79 -13.92
CA VAL F 14 43.45 16.75 -14.74
C VAL F 14 42.30 17.30 -15.56
N PHE F 15 42.01 18.60 -15.43
CA PHE F 15 40.87 19.23 -16.10
C PHE F 15 41.30 20.28 -17.11
N ARG F 16 42.55 20.27 -17.54
CA ARG F 16 42.98 21.20 -18.56
C ARG F 16 42.42 20.79 -19.93
N ALA F 17 42.33 21.75 -20.82
CA ALA F 17 41.87 21.47 -22.17
C ALA F 17 42.88 20.60 -22.91
N HIS F 18 42.36 19.71 -23.75
CA HIS F 18 43.21 18.84 -24.56
C HIS F 18 43.53 19.58 -25.85
N VAL F 19 44.66 20.27 -25.85
CA VAL F 19 45.03 21.13 -26.96
C VAL F 19 46.18 20.56 -27.77
N LYS F 20 46.38 19.24 -27.72
CA LYS F 20 47.53 18.66 -28.39
C LYS F 20 47.41 18.76 -29.90
N HIS F 21 46.24 18.46 -30.45
CA HIS F 21 46.04 18.43 -31.88
C HIS F 21 45.27 19.63 -32.39
N ARG F 22 45.08 20.66 -31.58
CA ARG F 22 44.43 21.87 -32.06
C ARG F 22 45.37 22.60 -33.00
N LYS F 23 44.78 23.27 -33.98
CA LYS F 23 45.50 23.82 -35.12
C LYS F 23 46.01 25.22 -34.89
N GLY F 24 45.75 25.81 -33.72
CA GLY F 24 46.12 27.18 -33.45
C GLY F 24 44.92 27.99 -33.01
N ALA F 25 45.21 29.20 -32.54
CA ALA F 25 44.17 30.12 -32.13
C ALA F 25 43.57 30.77 -33.37
N ALA F 26 42.25 30.70 -33.48
CA ALA F 26 41.54 31.27 -34.61
C ALA F 26 41.30 32.75 -34.38
N ARG F 27 41.92 33.60 -35.19
CA ARG F 27 41.92 35.02 -34.95
C ARG F 27 41.92 35.77 -36.28
N LEU F 28 41.33 36.96 -36.27
CA LEU F 28 41.50 37.87 -37.40
C LEU F 28 42.93 38.36 -37.43
N ARG F 29 43.36 38.84 -38.60
CA ARG F 29 44.71 39.38 -38.67
C ARG F 29 44.80 40.69 -37.90
N ALA F 30 45.98 40.96 -37.36
CA ALA F 30 46.16 42.13 -36.52
C ALA F 30 45.98 43.40 -37.32
N VAL F 31 45.34 44.40 -36.71
CA VAL F 31 45.00 45.62 -37.42
C VAL F 31 46.27 46.40 -37.72
N ASP F 32 46.39 46.87 -38.95
CA ASP F 32 47.59 47.56 -39.40
C ASP F 32 47.15 48.69 -40.34
N PHE F 33 48.12 49.30 -41.01
CA PHE F 33 47.82 50.44 -41.88
C PHE F 33 46.90 50.05 -43.02
N ALA F 34 47.16 48.91 -43.66
CA ALA F 34 46.32 48.48 -44.78
C ALA F 34 44.89 48.24 -44.33
N GLU F 35 44.72 47.53 -43.24
CA GLU F 35 43.39 47.23 -42.73
C GLU F 35 42.73 48.43 -42.09
N ARG F 36 43.47 49.49 -41.83
CA ARG F 36 42.94 50.70 -41.21
C ARG F 36 42.57 51.78 -42.21
N HIS F 37 43.23 51.82 -43.36
CA HIS F 37 42.97 52.85 -44.35
C HIS F 37 42.48 52.34 -45.69
N GLY F 38 42.71 51.08 -46.04
CA GLY F 38 42.27 50.55 -47.32
C GLY F 38 41.80 49.12 -47.15
N TYR F 39 42.26 48.22 -48.00
CA TYR F 39 42.01 46.80 -47.82
C TYR F 39 43.25 46.02 -48.23
N ILE F 40 43.32 44.79 -47.77
CA ILE F 40 44.37 43.86 -48.16
C ILE F 40 43.69 42.57 -48.59
N LYS F 41 44.15 42.01 -49.71
CA LYS F 41 43.58 40.79 -50.26
C LYS F 41 44.37 39.58 -49.80
N GLY F 42 43.67 38.60 -49.24
CA GLY F 42 44.23 37.31 -48.96
C GLY F 42 43.47 36.25 -49.73
N ILE F 43 44.05 35.05 -49.77
CA ILE F 43 43.45 33.94 -50.49
C ILE F 43 43.26 32.77 -49.53
N VAL F 44 42.09 32.14 -49.58
CA VAL F 44 41.83 30.98 -48.76
C VAL F 44 42.54 29.78 -49.37
N LYS F 45 43.46 29.20 -48.62
CA LYS F 45 44.22 28.05 -49.08
C LYS F 45 43.61 26.72 -48.67
N ASP F 46 43.09 26.63 -47.45
CA ASP F 46 42.53 25.38 -46.97
C ASP F 46 41.46 25.67 -45.94
N ILE F 47 40.56 24.71 -45.78
CA ILE F 47 39.55 24.74 -44.73
C ILE F 47 39.69 23.44 -43.96
N ILE F 48 39.96 23.54 -42.66
CA ILE F 48 40.39 22.40 -41.88
C ILE F 48 39.51 22.26 -40.64
N HIS F 49 39.53 21.07 -40.07
CA HIS F 49 38.77 20.75 -38.88
C HIS F 49 39.66 20.96 -37.65
N ASP F 50 39.18 21.76 -36.71
CA ASP F 50 39.89 21.97 -35.47
C ASP F 50 39.32 21.04 -34.41
N PRO F 51 40.11 20.15 -33.83
CA PRO F 51 39.58 19.26 -32.79
C PRO F 51 39.04 20.03 -31.61
N GLY F 52 37.93 19.56 -31.06
CA GLY F 52 37.29 20.22 -29.95
C GLY F 52 36.46 21.41 -30.32
N ARG F 53 36.37 21.74 -31.61
CA ARG F 53 35.63 22.89 -32.09
C ARG F 53 34.73 22.44 -33.22
N GLY F 54 33.49 22.91 -33.21
CA GLY F 54 32.55 22.55 -34.25
C GLY F 54 32.64 23.38 -35.51
N ALA F 55 33.35 24.50 -35.47
CA ALA F 55 33.45 25.35 -36.64
C ALA F 55 34.69 25.02 -37.44
N PRO F 56 34.61 25.03 -38.76
CA PRO F 56 35.82 24.90 -39.57
C PRO F 56 36.69 26.14 -39.47
N LEU F 57 37.98 25.94 -39.67
CA LEU F 57 38.94 27.02 -39.67
C LEU F 57 39.47 27.22 -41.08
N ALA F 58 39.56 28.48 -41.51
CA ALA F 58 40.06 28.81 -42.83
C ALA F 58 41.49 29.32 -42.72
N LYS F 59 42.40 28.63 -43.39
CA LYS F 59 43.78 29.07 -43.52
C LYS F 59 43.82 30.09 -44.66
N VAL F 60 44.19 31.33 -44.35
CA VAL F 60 44.14 32.43 -45.30
C VAL F 60 45.55 33.00 -45.42
N VAL F 61 45.99 33.23 -46.65
CA VAL F 61 47.35 33.72 -46.90
C VAL F 61 47.28 35.13 -47.46
N PHE F 62 47.97 36.05 -46.78
CA PHE F 62 48.11 37.44 -47.17
C PHE F 62 49.56 37.73 -47.54
N ARG F 63 49.78 38.94 -48.02
CA ARG F 63 51.12 39.45 -48.28
C ARG F 63 51.50 40.41 -47.17
N ASP F 64 52.74 40.31 -46.72
CA ASP F 64 53.24 41.28 -45.76
C ASP F 64 53.50 42.59 -46.49
N PRO F 65 52.89 43.70 -46.08
CA PRO F 65 53.08 44.95 -46.82
C PRO F 65 54.45 45.59 -46.63
N TYR F 66 55.25 45.10 -45.69
CA TYR F 66 56.51 45.76 -45.37
C TYR F 66 57.74 44.94 -45.71
N ARG F 67 57.62 43.63 -45.78
CA ARG F 67 58.75 42.79 -46.16
C ARG F 67 58.26 41.68 -47.06
N PHE F 68 59.16 41.17 -47.88
CA PHE F 68 58.83 40.09 -48.80
C PHE F 68 58.62 38.82 -48.00
N LYS F 69 57.36 38.41 -47.85
CA LYS F 69 57.00 37.22 -47.10
C LYS F 69 55.50 37.01 -47.28
N LYS F 70 55.06 35.79 -47.01
CA LYS F 70 53.64 35.46 -47.02
C LYS F 70 53.19 35.22 -45.58
N ARG F 71 52.07 35.80 -45.21
CA ARG F 71 51.52 35.68 -43.86
C ARG F 71 50.37 34.71 -43.88
N THR F 72 50.32 33.83 -42.89
CA THR F 72 49.27 32.84 -42.79
C THR F 72 48.43 33.12 -41.56
N GLU F 73 47.14 33.34 -41.76
CA GLU F 73 46.17 33.54 -40.70
C GLU F 73 45.24 32.34 -40.64
N LEU F 74 44.54 32.23 -39.51
CA LEU F 74 43.73 31.08 -39.15
C LEU F 74 42.31 31.49 -38.85
N PHE F 75 41.69 32.17 -39.81
CA PHE F 75 40.36 32.74 -39.60
C PHE F 75 39.34 31.68 -39.21
N ILE F 76 38.24 32.12 -38.63
CA ILE F 76 37.08 31.27 -38.44
C ILE F 76 36.26 31.30 -39.72
N ALA F 77 35.99 30.12 -40.27
CA ALA F 77 35.41 30.05 -41.60
C ALA F 77 33.93 30.43 -41.55
N ALA F 78 33.57 31.51 -42.23
CA ALA F 78 32.17 31.82 -42.44
C ALA F 78 31.60 30.90 -43.51
N GLU F 79 30.34 30.53 -43.33
CA GLU F 79 29.71 29.56 -44.21
C GLU F 79 29.58 30.13 -45.61
N GLY F 80 30.08 29.39 -46.60
CA GLY F 80 30.04 29.79 -47.99
C GLY F 80 31.41 29.94 -48.62
N ILE F 81 32.43 30.26 -47.81
CA ILE F 81 33.75 30.49 -48.37
C ILE F 81 34.35 29.16 -48.80
N HIS F 82 35.19 29.23 -49.84
CA HIS F 82 35.80 28.05 -50.40
C HIS F 82 37.27 28.32 -50.67
N THR F 83 38.01 27.27 -50.96
CA THR F 83 39.42 27.42 -51.27
C THR F 83 39.59 28.08 -52.62
N GLY F 84 40.65 28.86 -52.76
CA GLY F 84 40.85 29.64 -53.95
C GLY F 84 40.07 30.92 -54.00
N GLN F 85 39.35 31.26 -52.94
CA GLN F 85 38.56 32.48 -52.89
C GLN F 85 39.39 33.61 -52.29
N PHE F 86 39.24 34.79 -52.87
CA PHE F 86 39.88 35.97 -52.32
C PHE F 86 38.99 36.61 -51.28
N VAL F 87 39.55 36.88 -50.11
CA VAL F 87 38.87 37.66 -49.08
C VAL F 87 39.63 38.95 -48.90
N TYR F 88 38.93 39.98 -48.46
CA TYR F 88 39.49 41.32 -48.35
C TYR F 88 39.24 41.84 -46.96
N CYS F 89 40.30 42.29 -46.30
CA CYS F 89 40.22 42.80 -44.95
C CYS F 89 40.60 44.27 -44.95
N GLY F 90 39.74 45.11 -44.43
CA GLY F 90 40.08 46.51 -44.28
C GLY F 90 38.85 47.38 -44.30
N LYS F 91 39.09 48.68 -44.13
CA LYS F 91 38.01 49.65 -44.08
C LYS F 91 37.29 49.74 -45.43
N LYS F 92 38.05 49.65 -46.52
CA LYS F 92 37.48 49.81 -47.86
C LYS F 92 37.00 48.51 -48.46
N ALA F 93 37.02 47.41 -47.70
CA ALA F 93 36.52 46.15 -48.21
C ALA F 93 35.02 46.21 -48.44
N GLN F 94 34.54 45.34 -49.31
CA GLN F 94 33.14 45.33 -49.73
C GLN F 94 32.34 44.32 -48.91
N LEU F 95 31.02 44.38 -49.07
CA LEU F 95 30.11 43.55 -48.30
C LEU F 95 29.93 42.20 -48.98
N ASN F 96 30.85 41.30 -48.71
CA ASN F 96 30.76 39.94 -49.20
C ASN F 96 31.04 38.99 -48.05
N ILE F 97 30.50 37.78 -48.17
CA ILE F 97 30.76 36.76 -47.17
C ILE F 97 32.25 36.48 -47.13
N GLY F 98 32.81 36.51 -45.93
CA GLY F 98 34.21 36.22 -45.73
C GLY F 98 35.09 37.45 -45.60
N ASN F 99 34.63 38.61 -46.07
CA ASN F 99 35.41 39.82 -45.93
C ASN F 99 35.37 40.31 -44.49
N VAL F 100 36.40 41.05 -44.10
CA VAL F 100 36.53 41.60 -42.77
C VAL F 100 36.57 43.11 -42.89
N LEU F 101 35.71 43.80 -42.17
CA LEU F 101 35.62 45.25 -42.22
C LEU F 101 34.98 45.76 -40.94
N PRO F 102 35.20 47.02 -40.59
CA PRO F 102 34.67 47.53 -39.31
C PRO F 102 33.17 47.58 -39.32
N VAL F 103 32.60 47.47 -38.11
CA VAL F 103 31.14 47.52 -37.97
C VAL F 103 30.61 48.88 -38.38
N GLY F 104 31.36 49.94 -38.12
CA GLY F 104 30.88 51.29 -38.41
C GLY F 104 30.66 51.57 -39.88
N THR F 105 31.30 50.80 -40.76
CA THR F 105 31.14 50.98 -42.19
C THR F 105 30.05 50.09 -42.77
N MET F 106 29.33 49.38 -41.95
CA MET F 106 28.37 48.39 -42.38
C MET F 106 26.95 48.92 -42.23
N PRO F 107 26.01 48.45 -43.03
CA PRO F 107 24.62 48.90 -42.89
C PRO F 107 23.98 48.44 -41.60
N GLU F 108 22.73 48.84 -41.36
CA GLU F 108 22.10 48.64 -40.06
C GLU F 108 21.38 47.30 -39.95
N GLY F 109 21.66 46.35 -40.82
CA GLY F 109 21.01 45.05 -40.67
C GLY F 109 21.93 43.90 -40.94
N THR F 110 23.17 44.21 -41.33
CA THR F 110 24.12 43.18 -41.70
C THR F 110 24.47 42.30 -40.51
N ILE F 111 24.63 41.03 -40.77
CA ILE F 111 25.03 40.12 -39.71
C ILE F 111 26.50 39.81 -39.90
N VAL F 112 27.16 39.48 -38.80
CA VAL F 112 28.61 39.34 -38.76
C VAL F 112 28.97 38.08 -38.01
N CYS F 113 30.21 37.64 -38.22
CA CYS F 113 30.66 36.34 -37.77
C CYS F 113 31.64 36.41 -36.62
N CYS F 114 32.82 36.99 -36.80
CA CYS F 114 33.85 36.92 -35.78
C CYS F 114 34.12 38.34 -35.31
N LEU F 115 33.29 38.80 -34.40
CA LEU F 115 33.22 40.19 -34.01
C LEU F 115 34.21 40.51 -32.91
N GLU F 116 34.86 41.67 -33.01
CA GLU F 116 35.78 42.10 -31.97
C GLU F 116 35.02 42.64 -30.78
N GLU F 117 35.47 42.28 -29.58
CA GLU F 117 34.89 42.83 -28.37
C GLU F 117 35.38 44.25 -28.13
N LYS F 118 36.67 44.48 -28.35
CA LYS F 118 37.33 45.76 -28.20
C LYS F 118 38.02 46.12 -29.51
N PRO F 119 38.16 47.39 -29.81
CA PRO F 119 38.73 47.76 -31.12
C PRO F 119 40.22 47.52 -31.19
N GLY F 120 40.61 46.34 -31.66
CA GLY F 120 42.01 46.06 -31.85
C GLY F 120 42.40 44.64 -31.50
N ASP F 121 41.66 44.01 -30.61
CA ASP F 121 41.91 42.59 -30.39
C ASP F 121 41.46 41.83 -31.63
N ARG F 122 41.66 40.53 -31.62
CA ARG F 122 41.13 39.75 -32.72
C ARG F 122 39.68 39.42 -32.40
N GLY F 123 39.07 38.52 -33.15
CA GLY F 123 37.66 38.24 -32.93
C GLY F 123 37.42 37.62 -31.57
N LYS F 124 36.32 38.01 -30.94
CA LYS F 124 35.94 37.48 -29.65
C LYS F 124 34.48 37.04 -29.55
N LEU F 125 33.60 37.50 -30.43
CA LEU F 125 32.18 37.25 -30.29
C LEU F 125 31.65 36.48 -31.49
N ALA F 126 30.61 35.68 -31.23
CA ALA F 126 29.88 34.94 -32.27
C ALA F 126 30.76 33.96 -33.02
N ARG F 127 31.66 33.28 -32.31
CA ARG F 127 32.64 32.41 -32.93
C ARG F 127 32.22 30.95 -33.02
N ALA F 128 31.32 30.49 -32.16
CA ALA F 128 30.87 29.10 -32.20
C ALA F 128 30.01 28.85 -33.43
N SER F 129 30.02 27.61 -33.89
CA SER F 129 29.45 27.27 -35.20
C SER F 129 27.98 27.64 -35.29
N GLY F 130 27.61 28.22 -36.43
CA GLY F 130 26.25 28.62 -36.70
C GLY F 130 25.83 29.93 -36.10
N ASN F 131 26.70 30.58 -35.33
CA ASN F 131 26.33 31.79 -34.62
C ASN F 131 26.68 33.03 -35.42
N TYR F 132 26.04 34.14 -35.07
CA TYR F 132 26.25 35.39 -35.76
C TYR F 132 25.70 36.50 -34.89
N ALA F 133 26.35 37.65 -34.96
CA ALA F 133 25.82 38.86 -34.36
C ALA F 133 25.15 39.68 -35.46
N THR F 134 24.41 40.69 -35.03
CA THR F 134 23.71 41.56 -35.97
C THR F 134 24.06 43.01 -35.65
N VAL F 135 24.37 43.79 -36.67
CA VAL F 135 24.58 45.21 -36.49
C VAL F 135 23.21 45.88 -36.44
N ILE F 136 22.89 46.50 -35.30
CA ILE F 136 21.59 47.15 -35.12
C ILE F 136 21.69 48.61 -35.54
N SER F 137 22.53 49.38 -34.85
CA SER F 137 22.46 50.82 -35.06
C SER F 137 23.83 51.45 -34.93
N HIS F 138 23.93 52.69 -35.41
CA HIS F 138 25.18 53.44 -35.40
C HIS F 138 24.99 54.78 -34.71
N ASN F 139 26.08 55.26 -34.10
CA ASN F 139 26.19 56.60 -33.55
C ASN F 139 27.49 57.15 -34.11
N PRO F 140 27.42 57.92 -35.21
CA PRO F 140 28.65 58.47 -35.78
C PRO F 140 29.40 59.37 -34.82
N GLU F 141 28.70 60.21 -34.07
CA GLU F 141 29.30 60.85 -32.92
C GLU F 141 29.50 59.81 -31.83
N THR F 142 30.59 59.96 -31.09
CA THR F 142 31.11 59.04 -30.08
C THR F 142 31.54 57.71 -30.69
N LYS F 143 31.34 57.56 -32.00
CA LYS F 143 31.80 56.43 -32.80
C LYS F 143 31.45 55.10 -32.14
N LYS F 144 30.14 54.85 -32.05
CA LYS F 144 29.65 53.66 -31.37
C LYS F 144 28.70 52.90 -32.28
N THR F 145 28.58 51.60 -32.05
CA THR F 145 27.70 50.74 -32.80
C THR F 145 27.00 49.79 -31.84
N ARG F 146 25.69 49.73 -31.92
CA ARG F 146 24.90 48.79 -31.14
C ARG F 146 24.71 47.53 -31.97
N VAL F 147 25.00 46.37 -31.36
CA VAL F 147 24.91 45.08 -32.01
C VAL F 147 24.14 44.12 -31.10
N LYS F 148 23.65 43.04 -31.70
CA LYS F 148 22.90 42.01 -31.01
C LYS F 148 23.70 40.72 -31.06
N LEU F 149 23.95 40.13 -29.92
CA LEU F 149 24.77 38.95 -29.77
C LEU F 149 23.96 37.68 -29.92
N PRO F 150 24.60 36.53 -30.12
CA PRO F 150 23.83 35.28 -30.24
C PRO F 150 22.97 34.96 -29.04
N SER F 151 23.26 35.49 -27.86
CA SER F 151 22.41 35.27 -26.71
C SER F 151 21.19 36.17 -26.70
N GLY F 152 21.07 37.09 -27.64
CA GLY F 152 19.97 38.03 -27.65
C GLY F 152 20.23 39.32 -26.92
N SER F 153 21.40 39.49 -26.32
CA SER F 153 21.72 40.70 -25.59
C SER F 153 22.27 41.76 -26.53
N LYS F 154 21.92 43.01 -26.26
CA LYS F 154 22.43 44.15 -27.00
C LYS F 154 23.71 44.65 -26.36
N LYS F 155 24.62 45.13 -27.20
CA LYS F 155 25.93 45.57 -26.75
C LYS F 155 26.38 46.76 -27.57
N VAL F 156 26.93 47.77 -26.90
CA VAL F 156 27.50 48.92 -27.56
C VAL F 156 29.01 48.73 -27.64
N ILE F 157 29.54 48.81 -28.85
CA ILE F 157 30.95 48.59 -29.11
C ILE F 157 31.46 49.75 -29.95
N SER F 158 32.77 49.84 -30.09
CA SER F 158 33.33 50.87 -30.93
C SER F 158 33.03 50.56 -32.39
N SER F 159 32.93 51.63 -33.20
CA SER F 159 32.67 51.44 -34.62
C SER F 159 33.88 50.92 -35.38
N ALA F 160 35.04 50.85 -34.74
CA ALA F 160 36.23 50.32 -35.39
C ALA F 160 36.41 48.83 -35.17
N ASN F 161 35.52 48.19 -34.42
CA ASN F 161 35.63 46.76 -34.19
C ASN F 161 35.37 46.01 -35.48
N ARG F 162 36.29 45.13 -35.85
CA ARG F 162 36.19 44.40 -37.10
C ARG F 162 35.40 43.12 -36.92
N ALA F 163 34.85 42.62 -38.02
CA ALA F 163 34.13 41.37 -38.01
C ALA F 163 34.08 40.80 -39.42
N VAL F 164 33.90 39.51 -39.50
CA VAL F 164 33.67 38.83 -40.77
C VAL F 164 32.21 38.98 -41.13
N VAL F 165 31.88 38.87 -42.41
CA VAL F 165 30.50 39.00 -42.87
C VAL F 165 29.93 37.59 -43.06
N GLY F 166 28.77 37.34 -42.47
CA GLY F 166 28.06 36.09 -42.63
C GLY F 166 27.99 35.31 -41.33
N VAL F 167 27.37 34.14 -41.42
CA VAL F 167 27.31 33.21 -40.29
C VAL F 167 28.56 32.36 -40.32
N VAL F 168 28.93 31.82 -39.18
CA VAL F 168 30.05 30.90 -39.10
C VAL F 168 29.59 29.50 -39.50
N ALA F 169 30.42 28.81 -40.26
CA ALA F 169 30.08 27.51 -40.79
C ALA F 169 29.94 26.49 -39.67
N GLY F 170 29.51 25.30 -40.03
CA GLY F 170 29.26 24.27 -39.06
C GLY F 170 27.81 24.07 -38.70
N GLY F 171 26.91 24.86 -39.27
CA GLY F 171 25.47 24.68 -39.34
C GLY F 171 24.84 24.31 -38.02
N GLY F 172 23.75 23.55 -38.10
CA GLY F 172 23.02 23.14 -36.93
C GLY F 172 23.57 21.86 -36.31
N ARG F 173 24.81 21.92 -35.84
CA ARG F 173 25.48 20.74 -35.33
C ARG F 173 24.73 20.13 -34.15
N ILE F 174 24.04 20.94 -33.35
CA ILE F 174 23.34 20.40 -32.19
C ILE F 174 22.00 19.78 -32.54
N ASP F 175 21.61 19.76 -33.81
CA ASP F 175 20.34 19.14 -34.18
C ASP F 175 20.39 17.62 -34.04
N LYS F 176 21.52 17.02 -34.40
CA LYS F 176 21.62 15.56 -34.40
C LYS F 176 21.69 15.04 -32.98
N PRO F 177 20.81 14.12 -32.59
CA PRO F 177 20.98 13.48 -31.28
C PRO F 177 22.27 12.70 -31.23
N ILE F 178 22.95 12.78 -30.09
CA ILE F 178 24.23 12.10 -29.94
C ILE F 178 24.03 10.59 -29.93
N LEU F 179 22.95 10.13 -29.30
CA LEU F 179 22.44 8.77 -29.32
C LEU F 179 23.27 7.78 -28.52
N LYS F 180 24.48 8.14 -28.13
CA LYS F 180 25.38 7.13 -27.63
C LYS F 180 26.34 7.73 -26.62
N ALA F 181 26.45 7.06 -25.48
CA ALA F 181 27.45 7.42 -24.50
C ALA F 181 28.84 7.38 -25.12
N GLY F 182 29.06 6.49 -26.08
CA GLY F 182 30.34 6.46 -26.74
C GLY F 182 30.62 7.68 -27.58
N ARG F 183 29.60 8.17 -28.29
CA ARG F 183 29.77 9.37 -29.08
C ARG F 183 30.00 10.58 -28.21
N ALA F 184 29.32 10.66 -27.06
CA ALA F 184 29.65 11.70 -26.09
C ALA F 184 31.06 11.57 -25.56
N TYR F 185 31.51 10.34 -25.32
CA TYR F 185 32.88 10.11 -24.86
C TYR F 185 33.89 10.64 -25.86
N HIS F 186 33.70 10.32 -27.13
CA HIS F 186 34.61 10.81 -28.16
C HIS F 186 34.51 12.31 -28.33
N LYS F 187 33.31 12.88 -28.16
CA LYS F 187 33.16 14.32 -28.28
C LYS F 187 33.94 15.06 -27.21
N TYR F 188 33.87 14.58 -25.98
CA TYR F 188 34.54 15.31 -24.90
C TYR F 188 35.99 14.90 -24.72
N LYS F 189 36.42 13.78 -25.29
CA LYS F 189 37.83 13.42 -25.27
C LYS F 189 38.67 14.38 -26.09
N ALA F 190 38.08 15.07 -27.06
CA ALA F 190 38.78 16.09 -27.81
C ALA F 190 38.71 17.45 -27.15
N LYS F 191 37.93 17.61 -26.08
CA LYS F 191 37.76 18.91 -25.46
C LYS F 191 38.42 18.98 -24.09
N ARG F 192 37.98 18.19 -23.12
CA ARG F 192 38.49 18.28 -21.76
C ARG F 192 37.83 17.20 -20.93
N ASN F 193 38.37 16.99 -19.74
CA ASN F 193 37.88 15.93 -18.85
C ASN F 193 36.69 16.47 -18.06
N CYS F 194 35.52 16.37 -18.66
CA CYS F 194 34.31 16.82 -17.98
C CYS F 194 33.14 15.86 -18.11
N TRP F 195 33.25 14.79 -18.90
CA TRP F 195 32.01 14.29 -19.44
C TRP F 195 31.19 13.41 -18.50
N PRO F 196 31.66 12.24 -18.03
CA PRO F 196 30.76 11.42 -17.24
C PRO F 196 30.46 12.14 -15.94
N ARG F 197 29.23 12.60 -15.81
CA ARG F 197 28.84 13.55 -14.78
C ARG F 197 28.03 12.83 -13.72
N VAL F 198 28.61 12.65 -12.55
CA VAL F 198 27.91 12.04 -11.44
C VAL F 198 27.06 13.09 -10.75
N ARG F 199 25.80 12.75 -10.49
CA ARG F 199 24.92 13.65 -9.78
C ARG F 199 25.35 13.81 -8.33
N GLY F 200 25.13 15.00 -7.80
CA GLY F 200 25.51 15.27 -6.42
C GLY F 200 24.73 14.46 -5.42
N VAL F 201 23.46 14.20 -5.70
CA VAL F 201 22.62 13.43 -4.79
C VAL F 201 23.10 11.99 -4.70
N ALA F 202 23.84 11.52 -5.69
CA ALA F 202 24.40 10.17 -5.69
C ALA F 202 25.72 10.09 -4.95
N MET F 203 26.22 11.20 -4.43
CA MET F 203 27.47 11.23 -3.71
C MET F 203 27.22 11.15 -2.21
N ASN F 204 28.27 11.17 -1.45
CA ASN F 204 28.23 11.19 -0.01
C ASN F 204 28.33 12.62 0.49
N PRO F 205 27.90 12.90 1.71
CA PRO F 205 27.93 14.29 2.20
C PRO F 205 29.32 14.88 2.27
N VAL F 206 30.36 14.05 2.28
CA VAL F 206 31.71 14.58 2.40
C VAL F 206 32.14 15.27 1.11
N GLU F 207 31.68 14.82 -0.05
CA GLU F 207 32.12 15.43 -1.30
C GLU F 207 31.05 16.23 -2.00
N HIS F 208 29.88 16.45 -1.39
CA HIS F 208 28.91 17.31 -2.06
C HIS F 208 27.91 17.84 -1.05
N PRO F 209 27.44 19.07 -1.22
CA PRO F 209 26.34 19.57 -0.38
C PRO F 209 25.05 18.79 -0.52
N PHE F 210 24.84 18.15 -1.67
CA PHE F 210 23.60 17.42 -1.91
C PHE F 210 23.70 15.96 -1.53
N GLY F 211 24.90 15.47 -1.19
CA GLY F 211 25.08 14.06 -0.96
C GLY F 211 24.51 13.59 0.36
N GLY F 212 24.29 12.29 0.44
CA GLY F 212 23.81 11.66 1.66
C GLY F 212 22.30 11.50 1.67
N GLY F 213 21.84 10.79 2.68
CA GLY F 213 20.44 10.51 2.86
C GLY F 213 20.09 9.08 2.48
N ASN F 214 19.02 8.58 3.09
CA ASN F 214 18.55 7.24 2.77
C ASN F 214 17.74 7.21 1.48
N HIS F 215 17.29 8.37 1.01
CA HIS F 215 16.75 8.52 -0.33
C HIS F 215 17.57 9.57 -1.06
N GLN F 216 17.57 9.50 -2.39
CA GLN F 216 18.33 10.45 -3.19
C GLN F 216 17.51 11.71 -3.38
N HIS F 217 17.53 12.54 -2.35
CA HIS F 217 16.86 13.83 -2.35
C HIS F 217 17.88 14.89 -2.04
N ILE F 218 17.60 16.12 -2.48
CA ILE F 218 18.53 17.21 -2.23
C ILE F 218 18.53 17.60 -0.76
N GLY F 219 17.36 17.72 -0.16
CA GLY F 219 17.25 18.03 1.26
C GLY F 219 17.34 19.50 1.59
N LYS F 220 17.62 20.35 0.62
CA LYS F 220 17.71 21.79 0.81
C LYS F 220 17.41 22.45 -0.52
N PRO F 221 17.02 23.72 -0.53
CA PRO F 221 16.73 24.38 -1.81
C PRO F 221 17.92 24.35 -2.74
N SER F 222 17.70 23.85 -3.95
CA SER F 222 18.77 23.74 -4.93
C SER F 222 19.20 25.10 -5.45
N THR F 223 18.33 26.10 -5.39
CA THR F 223 18.75 27.46 -5.68
C THR F 223 19.65 27.97 -4.56
N ILE F 224 20.79 28.55 -4.94
CA ILE F 224 21.79 28.98 -3.99
C ILE F 224 22.11 30.45 -4.28
N ARG F 225 22.52 31.17 -3.24
CA ARG F 225 22.81 32.58 -3.39
C ARG F 225 24.06 32.80 -4.22
N ARG F 226 24.16 34.00 -4.80
CA ARG F 226 25.35 34.33 -5.59
C ARG F 226 26.60 34.39 -4.74
N ASP F 227 26.51 34.94 -3.54
CA ASP F 227 27.66 35.09 -2.67
C ASP F 227 27.98 33.85 -1.85
N ALA F 228 27.45 32.69 -2.22
CA ALA F 228 27.81 31.47 -1.52
C ALA F 228 29.28 31.16 -1.75
N PRO F 229 29.98 30.60 -0.76
CA PRO F 229 31.39 30.28 -0.96
C PRO F 229 31.57 29.11 -1.91
N ALA F 230 32.78 29.02 -2.47
CA ALA F 230 33.13 27.87 -3.28
C ALA F 230 33.08 26.61 -2.44
N GLY F 231 32.56 25.54 -3.03
CA GLY F 231 32.24 24.35 -2.30
C GLY F 231 30.82 24.30 -1.79
N ARG F 232 30.10 25.41 -1.88
CA ARG F 232 28.70 25.45 -1.49
C ARG F 232 27.77 25.82 -2.63
N LYS F 233 28.17 26.71 -3.54
CA LYS F 233 27.25 27.09 -4.60
C LYS F 233 27.25 25.98 -5.65
N VAL F 234 26.29 25.07 -5.49
CA VAL F 234 25.98 24.03 -6.45
C VAL F 234 24.48 24.07 -6.63
N GLY F 235 24.01 23.49 -7.72
CA GLY F 235 22.62 23.60 -8.05
C GLY F 235 22.37 24.77 -8.96
N LEU F 236 21.32 25.53 -8.71
CA LEU F 236 20.93 26.64 -9.57
C LEU F 236 21.44 27.93 -8.94
N ILE F 237 22.47 28.51 -9.54
CA ILE F 237 23.21 29.59 -8.92
C ILE F 237 22.51 30.91 -9.21
N ALA F 238 22.05 31.57 -8.15
CA ALA F 238 21.44 32.90 -8.23
C ALA F 238 20.30 32.93 -9.23
N ALA F 239 19.48 31.89 -9.21
CA ALA F 239 18.41 31.74 -10.19
C ALA F 239 17.33 32.78 -9.97
N ARG F 240 17.08 33.60 -10.98
CA ARG F 240 15.98 34.56 -10.87
C ARG F 240 14.63 33.87 -10.84
N ARG F 241 14.54 32.68 -11.42
CA ARG F 241 13.33 31.89 -11.42
C ARG F 241 13.72 30.45 -11.66
N THR F 242 12.75 29.55 -11.48
CA THR F 242 12.93 28.14 -11.74
C THR F 242 11.65 27.63 -12.38
N GLY F 243 11.69 26.40 -12.87
CA GLY F 243 10.46 25.79 -13.32
C GLY F 243 10.44 25.35 -14.76
N ARG F 244 9.40 25.73 -15.49
CA ARG F 244 9.15 25.17 -16.80
C ARG F 244 9.31 26.17 -17.93
N LEU F 245 9.27 27.48 -17.66
CA LEU F 245 9.38 28.53 -18.66
C LEU F 245 8.24 28.44 -19.69
N ARG F 246 7.04 28.68 -19.19
CA ARG F 246 5.86 28.85 -20.02
C ARG F 246 5.60 30.34 -20.16
N GLY F 247 5.88 30.91 -21.34
CA GLY F 247 5.59 32.31 -21.56
C GLY F 247 6.59 33.08 -22.39
N THR F 248 7.84 32.63 -22.43
CA THR F 248 8.87 33.38 -23.15
C THR F 248 10.03 32.49 -23.56
N SER G 1 15.21 -29.91 23.23
CA SER G 1 13.81 -30.18 22.92
C SER G 1 13.67 -31.50 22.18
N HIS G 2 12.43 -31.96 22.06
CA HIS G 2 12.18 -33.23 21.41
C HIS G 2 12.51 -33.18 19.92
N ARG G 3 12.82 -34.32 19.35
CA ARG G 3 13.00 -34.39 17.92
C ARG G 3 11.66 -34.18 17.23
N LYS G 4 11.70 -33.51 16.07
CA LYS G 4 10.48 -32.99 15.46
C LYS G 4 9.52 -34.13 15.09
N PHE G 5 10.04 -35.17 14.47
CA PHE G 5 9.24 -36.32 14.08
C PHE G 5 9.86 -37.58 14.64
N SER G 6 9.01 -38.56 14.93
CA SER G 6 9.47 -39.83 15.45
C SER G 6 10.09 -40.66 14.34
N ALA G 7 11.10 -41.44 14.70
CA ALA G 7 11.70 -42.38 13.78
C ALA G 7 12.36 -43.45 14.63
N PRO G 8 12.20 -44.72 14.27
CA PRO G 8 12.87 -45.78 15.01
C PRO G 8 14.38 -45.70 14.88
N ARG G 9 15.08 -46.14 15.92
CA ARG G 9 16.53 -46.08 15.92
C ARG G 9 17.11 -47.06 14.92
N HIS G 10 18.29 -46.73 14.40
CA HIS G 10 18.98 -47.55 13.42
C HIS G 10 19.78 -48.63 14.13
N GLY G 11 19.59 -49.87 13.72
CA GLY G 11 20.34 -50.97 14.26
C GLY G 11 19.78 -51.44 15.59
N SER G 12 20.28 -52.58 16.03
CA SER G 12 19.85 -53.20 17.27
C SER G 12 20.98 -53.13 18.27
N LEU G 13 20.67 -52.77 19.50
CA LEU G 13 21.64 -52.81 20.57
C LEU G 13 21.81 -54.21 21.15
N GLY G 14 21.06 -55.18 20.66
CA GLY G 14 21.23 -56.56 21.08
C GLY G 14 22.45 -57.24 20.54
N PHE G 15 22.99 -56.76 19.43
CA PHE G 15 24.23 -57.26 18.86
C PHE G 15 25.36 -56.27 19.05
N LEU G 16 25.37 -55.60 20.20
CA LEU G 16 26.01 -54.29 20.28
C LEU G 16 27.52 -54.28 20.07
N PRO G 17 28.33 -55.15 20.70
CA PRO G 17 29.77 -55.06 20.44
C PRO G 17 30.09 -55.57 19.04
N ARG G 18 30.03 -54.67 18.07
CA ARG G 18 30.27 -55.02 16.67
C ARG G 18 31.77 -55.14 16.42
N LYS G 19 32.35 -56.13 17.07
CA LYS G 19 33.76 -56.44 16.96
C LYS G 19 33.93 -57.69 16.13
N ARG G 20 35.14 -57.91 15.65
CA ARG G 20 35.46 -59.18 15.03
C ARG G 20 35.25 -60.29 16.05
N SER G 21 34.62 -61.37 15.59
CA SER G 21 34.37 -62.50 16.47
C SER G 21 35.68 -63.05 16.99
N SER G 22 35.70 -63.39 18.28
CA SER G 22 36.90 -63.96 18.88
C SER G 22 37.15 -65.39 18.43
N ARG G 23 36.20 -66.01 17.73
CA ARG G 23 36.34 -67.36 17.24
C ARG G 23 36.00 -67.40 15.77
N HIS G 24 36.51 -68.42 15.08
CA HIS G 24 36.16 -68.63 13.70
C HIS G 24 35.11 -69.72 13.52
N ARG G 25 35.06 -70.69 14.44
CA ARG G 25 34.20 -71.85 14.25
C ARG G 25 32.73 -71.52 14.48
N GLY G 26 32.43 -70.73 15.48
CA GLY G 26 31.04 -70.49 15.82
C GLY G 26 30.59 -71.45 16.88
N LYS G 27 30.38 -70.98 18.10
CA LYS G 27 30.10 -71.86 19.22
C LYS G 27 28.61 -71.90 19.52
N VAL G 28 28.18 -73.01 20.11
CA VAL G 28 26.75 -73.30 20.24
C VAL G 28 26.09 -72.36 21.22
N LYS G 29 26.67 -72.23 22.42
CA LYS G 29 26.25 -71.32 23.50
C LYS G 29 24.97 -71.73 24.19
N SER G 30 24.19 -72.64 23.60
CA SER G 30 23.02 -73.22 24.26
C SER G 30 22.65 -74.49 23.52
N PHE G 31 22.83 -75.62 24.15
CA PHE G 31 22.36 -76.86 23.59
C PHE G 31 20.89 -77.05 23.97
N PRO G 32 20.15 -77.87 23.23
CA PRO G 32 18.75 -78.11 23.57
C PRO G 32 18.63 -78.67 24.97
N LYS G 33 17.55 -78.28 25.64
CA LYS G 33 17.32 -78.74 27.00
C LYS G 33 17.19 -80.25 27.01
N ASP G 34 17.89 -80.88 27.94
CA ASP G 34 17.99 -82.33 27.99
C ASP G 34 16.83 -82.88 28.81
N ASP G 35 16.07 -83.80 28.22
CA ASP G 35 15.12 -84.58 28.97
C ASP G 35 15.45 -86.06 28.81
N PRO G 36 15.57 -86.81 29.90
CA PRO G 36 16.05 -88.19 29.81
C PRO G 36 15.04 -89.17 29.25
N SER G 37 13.82 -88.75 28.94
CA SER G 37 12.84 -89.67 28.41
C SER G 37 13.11 -90.05 26.97
N LYS G 38 13.76 -89.17 26.22
CA LYS G 38 14.04 -89.39 24.81
C LYS G 38 15.18 -90.39 24.62
N PRO G 39 15.34 -90.93 23.43
CA PRO G 39 16.51 -91.78 23.15
C PRO G 39 17.77 -90.95 23.13
N VAL G 40 18.91 -91.65 23.23
CA VAL G 40 20.20 -90.97 23.25
C VAL G 40 20.51 -90.44 21.86
N HIS G 41 20.87 -89.17 21.78
CA HIS G 41 21.14 -88.54 20.49
C HIS G 41 22.14 -87.42 20.63
N LEU G 42 22.77 -87.07 19.51
CA LEU G 42 23.67 -85.94 19.42
C LEU G 42 22.88 -84.67 19.08
N THR G 43 23.33 -83.54 19.61
CA THR G 43 22.57 -82.31 19.42
C THR G 43 23.12 -81.34 18.38
N ALA G 44 24.25 -81.64 17.73
CA ALA G 44 24.85 -80.67 16.82
C ALA G 44 25.71 -81.37 15.78
N PHE G 45 26.25 -80.58 14.87
CA PHE G 45 27.06 -81.08 13.77
C PHE G 45 27.86 -79.92 13.18
N LEU G 46 28.86 -80.25 12.37
CA LEU G 46 29.68 -79.26 11.70
C LEU G 46 29.66 -79.49 10.20
N GLY G 47 29.42 -78.42 9.43
CA GLY G 47 29.40 -78.50 7.99
C GLY G 47 30.15 -77.33 7.39
N TYR G 48 30.23 -77.32 6.06
CA TYR G 48 30.96 -76.30 5.35
C TYR G 48 30.09 -75.73 4.25
N LYS G 49 29.97 -74.41 4.21
CA LYS G 49 29.07 -73.76 3.26
C LYS G 49 29.61 -73.93 1.84
N ALA G 50 29.03 -74.84 1.07
CA ALA G 50 29.50 -75.09 -0.28
C ALA G 50 29.07 -73.97 -1.23
N GLY G 51 27.81 -73.57 -1.15
CA GLY G 51 27.30 -72.58 -2.08
C GLY G 51 25.80 -72.53 -1.99
N MET G 52 25.20 -71.95 -3.02
CA MET G 52 23.75 -71.78 -3.08
C MET G 52 23.24 -72.21 -4.45
N THR G 53 21.97 -72.61 -4.48
CA THR G 53 21.27 -72.87 -5.72
C THR G 53 19.79 -72.62 -5.47
N HIS G 54 18.93 -73.04 -6.39
CA HIS G 54 17.50 -72.94 -6.15
C HIS G 54 16.82 -74.22 -6.62
N ILE G 55 15.67 -74.48 -6.02
CA ILE G 55 14.91 -75.70 -6.27
C ILE G 55 13.52 -75.32 -6.74
N VAL G 56 12.82 -76.30 -7.28
CA VAL G 56 11.40 -76.20 -7.60
C VAL G 56 10.69 -77.25 -6.79
N ARG G 57 9.58 -76.87 -6.16
CA ARG G 57 8.84 -77.83 -5.37
C ARG G 57 7.36 -77.47 -5.33
N GLU G 58 6.55 -78.49 -5.06
CA GLU G 58 5.14 -78.29 -4.77
C GLU G 58 4.96 -77.81 -3.35
N VAL G 59 3.93 -77.01 -3.13
CA VAL G 59 3.59 -76.50 -1.82
C VAL G 59 2.29 -77.15 -1.36
N ASP G 60 2.26 -77.57 -0.10
CA ASP G 60 1.09 -78.21 0.48
C ASP G 60 0.55 -77.36 1.63
N ARG G 61 0.34 -76.08 1.36
CA ARG G 61 -0.08 -75.13 2.38
C ARG G 61 -1.53 -74.74 2.13
N PRO G 62 -2.50 -75.34 2.82
CA PRO G 62 -3.90 -75.04 2.54
C PRO G 62 -4.27 -73.62 2.91
N GLY G 63 -5.20 -73.06 2.14
CA GLY G 63 -5.61 -71.69 2.35
C GLY G 63 -4.64 -70.66 1.83
N SER G 64 -3.65 -71.07 1.04
CA SER G 64 -2.64 -70.18 0.50
C SER G 64 -2.79 -70.10 -1.02
N LYS G 65 -2.38 -68.96 -1.58
CA LYS G 65 -2.41 -68.81 -3.03
C LYS G 65 -1.47 -69.77 -3.72
N VAL G 66 -0.40 -70.18 -3.08
CA VAL G 66 0.54 -71.11 -3.65
C VAL G 66 0.24 -72.55 -3.23
N ASN G 67 -0.96 -72.81 -2.76
CA ASN G 67 -1.34 -74.18 -2.45
C ASN G 67 -1.42 -74.98 -3.74
N LYS G 68 -0.71 -76.11 -3.77
CA LYS G 68 -0.63 -76.99 -4.94
C LYS G 68 -0.09 -76.27 -6.16
N LYS G 69 0.78 -75.29 -5.94
CA LYS G 69 1.42 -74.55 -7.02
C LYS G 69 2.93 -74.68 -6.87
N GLU G 70 3.61 -74.77 -8.01
CA GLU G 70 5.06 -74.87 -8.00
C GLU G 70 5.68 -73.55 -7.55
N VAL G 71 6.74 -73.65 -6.75
CA VAL G 71 7.53 -72.48 -6.38
C VAL G 71 8.99 -72.83 -6.57
N VAL G 72 9.80 -71.80 -6.80
CA VAL G 72 11.25 -71.94 -6.76
C VAL G 72 11.72 -71.26 -5.48
N GLU G 73 12.75 -71.84 -4.87
CA GLU G 73 13.21 -71.40 -3.58
C GLU G 73 14.72 -71.53 -3.49
N ALA G 74 15.37 -70.49 -3.03
CA ALA G 74 16.82 -70.52 -2.85
C ALA G 74 17.20 -71.42 -1.69
N VAL G 75 18.26 -72.20 -1.89
CA VAL G 75 18.76 -73.13 -0.88
C VAL G 75 20.27 -72.99 -0.79
N THR G 76 20.79 -73.31 0.38
CA THR G 76 22.22 -73.33 0.65
C THR G 76 22.66 -74.76 0.85
N ILE G 77 23.71 -75.16 0.14
CA ILE G 77 24.29 -76.49 0.30
C ILE G 77 25.37 -76.41 1.36
N VAL G 78 25.30 -77.29 2.34
CA VAL G 78 26.28 -77.35 3.41
C VAL G 78 26.87 -78.76 3.37
N GLU G 79 28.08 -78.89 2.85
CA GLU G 79 28.73 -80.20 2.80
C GLU G 79 29.04 -80.68 4.20
N THR G 80 28.58 -81.88 4.52
CA THR G 80 28.71 -82.46 5.86
C THR G 80 29.24 -83.88 5.75
N PRO G 81 30.55 -84.05 5.61
CA PRO G 81 31.14 -85.37 5.76
C PRO G 81 31.02 -85.83 7.20
N PRO G 82 31.10 -87.13 7.47
CA PRO G 82 30.88 -87.62 8.83
C PRO G 82 31.91 -87.06 9.81
N MET G 83 31.46 -86.85 11.04
CA MET G 83 32.38 -86.47 12.09
C MET G 83 33.05 -87.72 12.67
N VAL G 84 34.10 -87.51 13.44
CA VAL G 84 34.76 -88.59 14.17
C VAL G 84 34.76 -88.24 15.65
N VAL G 85 34.33 -89.18 16.48
CA VAL G 85 34.31 -88.96 17.92
C VAL G 85 35.66 -89.34 18.51
N VAL G 86 36.27 -88.43 19.27
CA VAL G 86 37.61 -88.66 19.79
C VAL G 86 37.71 -88.38 21.28
N GLY G 87 36.60 -88.07 21.93
CA GLY G 87 36.69 -87.79 23.35
C GLY G 87 35.31 -87.63 23.97
N ILE G 88 35.30 -87.65 25.29
CA ILE G 88 34.11 -87.43 26.10
C ILE G 88 34.46 -86.45 27.20
N VAL G 89 33.62 -85.44 27.38
CA VAL G 89 33.76 -84.46 28.45
C VAL G 89 32.57 -84.59 29.38
N GLY G 90 32.84 -84.61 30.68
CA GLY G 90 31.79 -84.59 31.68
C GLY G 90 31.72 -83.21 32.31
N TYR G 91 30.52 -82.80 32.68
CA TYR G 91 30.31 -81.54 33.36
C TYR G 91 29.52 -81.78 34.64
N VAL G 92 29.82 -81.00 35.67
CA VAL G 92 29.08 -81.06 36.91
C VAL G 92 28.52 -79.67 37.20
N GLU G 93 27.27 -79.63 37.65
CA GLU G 93 26.58 -78.38 37.95
C GLU G 93 26.96 -77.92 39.35
N THR G 94 27.49 -76.71 39.45
CA THR G 94 27.90 -76.11 40.70
C THR G 94 27.09 -74.83 40.89
N PRO G 95 27.03 -74.30 42.10
CA PRO G 95 26.39 -72.99 42.29
C PRO G 95 27.13 -71.84 41.64
N ARG G 96 28.18 -72.13 40.89
CA ARG G 96 28.85 -71.15 40.05
C ARG G 96 28.68 -71.44 38.57
N GLY G 97 28.00 -72.51 38.20
CA GLY G 97 27.77 -72.86 36.81
C GLY G 97 28.20 -74.29 36.50
N LEU G 98 28.12 -74.62 35.22
CA LEU G 98 28.68 -75.88 34.79
C LEU G 98 30.20 -75.80 34.86
N ARG G 99 30.84 -76.86 35.36
CA ARG G 99 32.28 -76.90 35.27
C ARG G 99 32.74 -78.24 34.76
N THR G 100 33.85 -78.22 34.05
CA THR G 100 34.39 -79.41 33.45
C THR G 100 34.90 -80.34 34.54
N PHE G 101 34.36 -81.54 34.58
CA PHE G 101 34.76 -82.52 35.58
C PHE G 101 35.95 -83.33 35.10
N LYS G 102 35.80 -83.99 33.95
CA LYS G 102 36.84 -84.87 33.46
C LYS G 102 36.69 -85.04 31.96
N THR G 103 37.83 -85.07 31.27
CA THR G 103 37.87 -85.32 29.83
C THR G 103 38.66 -86.59 29.58
N VAL G 104 38.09 -87.50 28.79
CA VAL G 104 38.76 -88.73 28.40
C VAL G 104 38.83 -88.78 26.89
N PHE G 105 40.03 -88.87 26.35
CA PHE G 105 40.23 -88.96 24.91
C PHE G 105 40.43 -90.41 24.51
N ALA G 106 40.20 -90.67 23.22
CA ALA G 106 40.32 -92.03 22.72
C ALA G 106 41.77 -92.31 22.33
N GLU G 107 42.06 -93.59 22.15
CA GLU G 107 43.29 -93.98 21.51
C GLU G 107 43.18 -93.74 20.01
N HIS G 108 44.33 -93.61 19.35
CA HIS G 108 44.40 -93.46 17.90
C HIS G 108 43.62 -92.24 17.44
N ILE G 109 44.11 -91.07 17.84
CA ILE G 109 43.59 -89.82 17.33
C ILE G 109 44.25 -89.52 16.00
N SER G 110 43.44 -89.11 15.02
CA SER G 110 43.92 -88.90 13.66
C SER G 110 44.86 -87.70 13.58
N ASP G 111 45.70 -87.70 12.55
CA ASP G 111 46.62 -86.59 12.34
C ASP G 111 45.89 -85.30 12.05
N GLU G 112 44.79 -85.36 11.28
CA GLU G 112 44.04 -84.15 10.98
C GLU G 112 43.47 -83.53 12.25
N CYS G 113 43.04 -84.35 13.20
CA CYS G 113 42.61 -83.84 14.49
C CYS G 113 43.78 -83.30 15.29
N LYS G 114 44.90 -84.03 15.27
CA LYS G 114 46.07 -83.59 16.03
C LYS G 114 46.65 -82.29 15.51
N ARG G 115 46.37 -81.95 14.25
CA ARG G 115 46.84 -80.67 13.73
C ARG G 115 46.20 -79.50 14.45
N ARG G 116 44.98 -79.68 14.97
CA ARG G 116 44.29 -78.60 15.67
C ARG G 116 45.07 -78.16 16.90
N PHE G 117 45.86 -79.06 17.48
CA PHE G 117 46.62 -78.76 18.68
C PHE G 117 47.92 -78.02 18.41
N TYR G 118 48.21 -77.68 17.15
CA TYR G 118 49.47 -77.05 16.79
C TYR G 118 49.23 -75.79 15.99
N LYS G 119 50.03 -74.77 16.28
CA LYS G 119 50.05 -73.57 15.46
C LYS G 119 50.96 -73.74 14.25
N ASN G 120 52.01 -74.55 14.36
CA ASN G 120 52.93 -74.84 13.27
C ASN G 120 53.16 -76.34 13.23
N TRP G 121 52.29 -77.04 12.51
CA TRP G 121 52.41 -78.48 12.36
C TRP G 121 53.64 -78.87 11.55
N HIS G 122 54.12 -77.96 10.70
CA HIS G 122 55.30 -78.26 9.89
C HIS G 122 56.52 -78.49 10.77
N LYS G 123 56.82 -77.54 11.65
CA LYS G 123 57.98 -77.65 12.53
C LYS G 123 57.72 -78.52 13.75
N SER G 124 56.47 -78.88 14.00
CA SER G 124 56.12 -79.72 15.13
C SER G 124 56.69 -81.12 14.95
N LYS G 125 56.91 -81.80 16.06
CA LYS G 125 57.33 -83.19 16.05
C LYS G 125 56.19 -84.14 16.37
N LYS G 126 54.96 -83.63 16.41
CA LYS G 126 53.75 -84.46 16.42
C LYS G 126 53.68 -85.33 17.67
N LYS G 127 54.07 -84.76 18.80
CA LYS G 127 54.09 -85.49 20.05
C LYS G 127 52.77 -85.48 20.79
N ALA G 128 51.74 -84.83 20.23
CA ALA G 128 50.48 -84.67 20.94
C ALA G 128 49.82 -86.01 21.21
N PHE G 129 49.46 -86.24 22.47
CA PHE G 129 48.79 -87.42 22.99
C PHE G 129 49.61 -88.70 22.86
N THR G 130 50.89 -88.62 22.55
CA THR G 130 51.69 -89.83 22.40
C THR G 130 52.00 -90.49 23.73
N LYS G 131 51.96 -89.74 24.83
CA LYS G 131 52.07 -90.34 26.15
C LYS G 131 50.73 -90.61 26.79
N TYR G 132 49.67 -89.97 26.32
CA TYR G 132 48.33 -90.27 26.81
C TYR G 132 47.81 -91.56 26.20
N CYS G 133 48.15 -91.84 24.95
CA CYS G 133 47.61 -93.01 24.27
C CYS G 133 48.12 -94.31 24.85
N LYS G 134 49.25 -94.30 25.55
CA LYS G 134 49.78 -95.52 26.16
C LYS G 134 48.94 -95.98 27.34
N LYS G 135 48.17 -95.09 27.94
CA LYS G 135 47.34 -95.45 29.07
C LYS G 135 46.09 -96.21 28.67
N TRP G 136 45.76 -96.27 27.38
CA TRP G 136 44.72 -97.16 26.92
C TRP G 136 45.18 -98.60 26.83
N GLN G 137 46.47 -98.85 27.00
CA GLN G 137 47.01 -100.19 26.83
C GLN G 137 47.71 -100.72 28.07
N ASP G 138 48.38 -99.88 28.84
CA ASP G 138 48.95 -100.42 30.06
C ASP G 138 47.86 -100.66 31.10
N GLU G 139 48.14 -101.56 32.04
CA GLU G 139 47.14 -102.03 32.98
C GLU G 139 46.72 -100.92 33.95
N ASP G 140 47.69 -100.20 34.50
CA ASP G 140 47.38 -99.12 35.43
C ASP G 140 46.59 -98.01 34.76
N GLY G 141 46.95 -97.67 33.52
CA GLY G 141 46.19 -96.67 32.79
C GLY G 141 44.78 -97.11 32.47
N LYS G 142 44.60 -98.39 32.16
CA LYS G 142 43.25 -98.91 31.92
C LYS G 142 42.40 -98.81 33.18
N LYS G 143 43.00 -99.14 34.33
CA LYS G 143 42.28 -98.98 35.59
C LYS G 143 41.91 -97.52 35.82
N GLN G 144 42.83 -96.60 35.54
CA GLN G 144 42.56 -95.19 35.73
C GLN G 144 41.46 -94.71 34.80
N LEU G 145 41.44 -95.18 33.56
CA LEU G 145 40.38 -94.81 32.63
C LEU G 145 39.03 -95.31 33.10
N GLU G 146 38.99 -96.53 33.63
CA GLU G 146 37.74 -97.06 34.16
C GLU G 146 37.26 -96.23 35.34
N LYS G 147 38.19 -95.80 36.20
CA LYS G 147 37.79 -94.94 37.31
C LYS G 147 37.29 -93.59 36.83
N ASP G 148 37.90 -93.04 35.78
CA ASP G 148 37.41 -91.78 35.21
C ASP G 148 35.99 -91.93 34.70
N PHE G 149 35.72 -93.01 33.97
CA PHE G 149 34.36 -93.22 33.46
C PHE G 149 33.35 -93.42 34.59
N SER G 150 33.74 -94.18 35.62
CA SER G 150 32.84 -94.41 36.74
C SER G 150 32.54 -93.12 37.49
N SER G 151 33.57 -92.28 37.70
CA SER G 151 33.34 -91.03 38.38
C SER G 151 32.50 -90.07 37.54
N MET G 152 32.67 -90.11 36.21
CA MET G 152 31.80 -89.31 35.34
C MET G 152 30.36 -89.76 35.45
N LYS G 153 30.13 -91.08 35.51
CA LYS G 153 28.77 -91.59 35.73
C LYS G 153 28.20 -91.10 37.06
N LYS G 154 29.02 -91.15 38.11
CA LYS G 154 28.53 -90.84 39.44
C LYS G 154 28.33 -89.35 39.68
N TYR G 155 29.09 -88.48 39.01
CA TYR G 155 29.10 -87.08 39.37
C TYR G 155 28.71 -86.11 38.27
N CYS G 156 28.62 -86.54 37.02
CA CYS G 156 28.34 -85.61 35.94
C CYS G 156 26.86 -85.63 35.59
N GLN G 157 26.33 -84.46 35.26
CA GLN G 157 24.94 -84.31 34.87
C GLN G 157 24.76 -84.23 33.37
N VAL G 158 25.71 -83.64 32.66
CA VAL G 158 25.65 -83.47 31.22
C VAL G 158 26.97 -83.93 30.63
N ILE G 159 26.91 -84.73 29.57
CA ILE G 159 28.14 -85.12 28.90
C ILE G 159 28.07 -84.68 27.45
N ARG G 160 29.25 -84.40 26.91
CA ARG G 160 29.42 -84.03 25.52
C ARG G 160 30.51 -84.91 24.94
N VAL G 161 30.46 -85.09 23.63
CA VAL G 161 31.50 -85.80 22.90
C VAL G 161 32.31 -84.76 22.15
N ILE G 162 33.62 -84.92 22.16
CA ILE G 162 34.47 -84.11 21.32
C ILE G 162 34.54 -84.81 19.97
N ALA G 163 34.14 -84.12 18.92
CA ALA G 163 34.14 -84.67 17.58
C ALA G 163 34.83 -83.70 16.64
N HIS G 164 35.50 -84.25 15.63
CA HIS G 164 36.20 -83.42 14.67
C HIS G 164 35.75 -83.76 13.26
N THR G 165 35.83 -82.76 12.39
CA THR G 165 35.54 -82.94 10.99
C THR G 165 36.70 -83.63 10.29
N GLN G 166 36.45 -84.09 9.07
CA GLN G 166 37.46 -84.78 8.27
C GLN G 166 37.85 -83.88 7.11
N MET G 167 39.04 -83.31 7.21
CA MET G 167 39.48 -82.29 6.25
C MET G 167 39.85 -82.89 4.92
N ARG G 168 40.39 -84.10 4.91
CA ARG G 168 40.89 -84.69 3.67
C ARG G 168 39.77 -84.99 2.68
N LEU G 169 38.53 -85.04 3.14
CA LEU G 169 37.41 -85.29 2.26
C LEU G 169 36.86 -84.03 1.61
N LEU G 170 37.32 -82.88 2.02
CA LEU G 170 36.89 -81.60 1.50
C LEU G 170 37.82 -81.14 0.38
N PRO G 171 37.35 -80.26 -0.50
CA PRO G 171 38.23 -79.74 -1.55
C PRO G 171 39.02 -78.52 -1.13
N LEU G 172 39.09 -78.25 0.17
CA LEU G 172 39.69 -77.02 0.66
C LEU G 172 41.19 -77.16 0.82
N ARG G 173 41.85 -76.02 0.99
CA ARG G 173 43.27 -75.98 1.25
C ARG G 173 43.60 -76.46 2.66
N GLN G 174 42.71 -76.24 3.60
CA GLN G 174 42.96 -76.54 5.00
C GLN G 174 42.99 -78.04 5.25
N LYS G 175 43.99 -78.49 6.01
CA LYS G 175 44.08 -79.86 6.46
C LYS G 175 43.83 -80.00 7.95
N LYS G 176 43.68 -78.89 8.66
CA LYS G 176 43.52 -78.89 10.11
C LYS G 176 42.04 -79.08 10.44
N ALA G 177 41.73 -80.12 11.18
CA ALA G 177 40.34 -80.44 11.46
C ALA G 177 39.74 -79.45 12.44
N HIS G 178 38.42 -79.37 12.42
CA HIS G 178 37.66 -78.56 13.37
C HIS G 178 37.13 -79.48 14.47
N LEU G 179 37.37 -79.10 15.71
CA LEU G 179 36.92 -79.83 16.88
C LEU G 179 35.77 -79.09 17.54
N MET G 180 34.80 -79.84 18.06
CA MET G 180 33.76 -79.21 18.84
C MET G 180 33.17 -80.22 19.80
N GLU G 181 32.61 -79.71 20.89
CA GLU G 181 31.87 -80.52 21.84
C GLU G 181 30.41 -80.52 21.43
N ILE G 182 29.84 -81.72 21.32
CA ILE G 182 28.45 -81.91 20.93
C ILE G 182 27.75 -82.60 22.09
N GLN G 183 26.69 -81.98 22.59
CA GLN G 183 26.03 -82.50 23.76
C GLN G 183 25.28 -83.78 23.42
N VAL G 184 25.29 -84.71 24.37
CA VAL G 184 24.57 -85.97 24.26
C VAL G 184 23.31 -85.83 25.08
N ASN G 185 22.15 -85.84 24.43
CA ASN G 185 20.88 -85.67 25.10
C ASN G 185 20.11 -86.98 25.11
N GLY G 186 19.08 -87.02 25.94
CA GLY G 186 18.11 -88.09 25.91
C GLY G 186 18.47 -89.38 26.61
N GLY G 187 18.56 -89.35 27.92
CA GLY G 187 18.73 -90.57 28.67
C GLY G 187 19.42 -90.27 29.98
N THR G 188 19.69 -91.34 30.73
CA THR G 188 20.45 -91.17 31.94
C THR G 188 21.91 -90.92 31.60
N VAL G 189 22.65 -90.45 32.60
CA VAL G 189 24.08 -90.19 32.40
C VAL G 189 24.81 -91.48 32.09
N ALA G 190 24.44 -92.57 32.75
CA ALA G 190 25.06 -93.85 32.46
C ALA G 190 24.79 -94.28 31.03
N GLU G 191 23.54 -94.11 30.57
CA GLU G 191 23.19 -94.48 29.21
C GLU G 191 23.96 -93.67 28.18
N LYS G 192 24.05 -92.35 28.39
CA LYS G 192 24.77 -91.55 27.42
C LYS G 192 26.28 -91.77 27.49
N LEU G 193 26.84 -92.10 28.64
CA LEU G 193 28.25 -92.50 28.67
C LEU G 193 28.49 -93.82 27.97
N ASP G 194 27.60 -94.80 28.11
CA ASP G 194 27.77 -96.04 27.35
C ASP G 194 27.69 -95.78 25.85
N TRP G 195 26.74 -94.94 25.45
CA TRP G 195 26.59 -94.58 24.04
C TRP G 195 27.85 -93.91 23.51
N ALA G 196 28.37 -92.92 24.23
CA ALA G 196 29.58 -92.24 23.81
C ALA G 196 30.80 -93.15 23.80
N ARG G 197 30.92 -94.03 24.79
CA ARG G 197 32.04 -94.96 24.84
C ARG G 197 32.03 -95.88 23.64
N GLU G 198 30.87 -96.42 23.29
CA GLU G 198 30.83 -97.28 22.11
C GLU G 198 30.98 -96.49 20.82
N ARG G 199 30.72 -95.17 20.85
CA ARG G 199 30.94 -94.35 19.67
C ARG G 199 32.34 -93.77 19.59
N LEU G 200 33.20 -94.00 20.58
CA LEU G 200 34.56 -93.50 20.53
C LEU G 200 35.30 -94.07 19.32
N GLU G 201 36.10 -93.23 18.68
CA GLU G 201 36.87 -93.49 17.47
C GLU G 201 36.00 -93.75 16.24
N GLN G 202 34.68 -93.63 16.36
CA GLN G 202 33.79 -93.99 15.27
C GLN G 202 33.35 -92.74 14.51
N GLN G 203 32.78 -93.00 13.34
CA GLN G 203 32.25 -91.95 12.47
C GLN G 203 30.75 -91.78 12.70
N VAL G 204 30.32 -90.53 12.81
CA VAL G 204 28.93 -90.18 12.95
C VAL G 204 28.49 -89.45 11.69
N PRO G 205 27.67 -90.06 10.84
CA PRO G 205 27.15 -89.36 9.68
C PRO G 205 26.04 -88.38 10.06
N VAL G 206 25.76 -87.46 9.15
CA VAL G 206 24.83 -86.39 9.45
C VAL G 206 23.38 -86.88 9.49
N ASN G 207 23.08 -88.00 8.85
CA ASN G 207 21.71 -88.51 8.87
C ASN G 207 21.36 -89.14 10.20
N GLN G 208 22.35 -89.42 11.04
CA GLN G 208 22.09 -89.88 12.39
C GLN G 208 21.88 -88.74 13.37
N VAL G 209 22.08 -87.51 12.96
CA VAL G 209 21.88 -86.34 13.80
C VAL G 209 20.66 -85.54 13.34
N PHE G 210 20.55 -85.26 12.06
CA PHE G 210 19.46 -84.46 11.53
C PHE G 210 18.64 -85.27 10.54
N GLY G 211 17.35 -84.94 10.44
CA GLY G 211 16.45 -85.64 9.57
C GLY G 211 15.84 -84.72 8.52
N GLN G 212 15.06 -85.35 7.64
CA GLN G 212 14.39 -84.63 6.57
C GLN G 212 13.35 -83.67 7.14
N ASP G 213 13.12 -82.58 6.40
CA ASP G 213 12.15 -81.51 6.71
C ASP G 213 12.10 -81.18 8.20
N GLU G 214 13.26 -80.81 8.71
CA GLU G 214 13.45 -80.46 10.11
C GLU G 214 13.97 -79.03 10.22
N MET G 215 13.43 -78.29 11.18
CA MET G 215 13.89 -76.94 11.45
C MET G 215 15.09 -77.01 12.38
N ILE G 216 16.23 -76.48 11.93
CA ILE G 216 17.44 -76.46 12.71
C ILE G 216 17.94 -75.03 12.84
N ASP G 217 19.03 -74.86 13.55
CA ASP G 217 19.67 -73.56 13.75
C ASP G 217 21.07 -73.60 13.15
N VAL G 218 21.49 -72.50 12.57
CA VAL G 218 22.80 -72.40 11.96
C VAL G 218 23.59 -71.33 12.67
N ILE G 219 24.77 -71.70 13.16
CA ILE G 219 25.64 -70.82 13.93
C ILE G 219 26.94 -70.65 13.17
N GLY G 220 27.35 -69.41 12.98
CA GLY G 220 28.61 -69.18 12.32
C GLY G 220 28.95 -67.71 12.31
N VAL G 221 30.12 -67.43 11.84
CA VAL G 221 30.61 -66.07 11.68
C VAL G 221 30.19 -65.57 10.31
N THR G 222 29.89 -64.29 10.21
CA THR G 222 29.42 -63.73 8.95
C THR G 222 30.59 -63.26 8.11
N LYS G 223 30.30 -62.83 6.89
CA LYS G 223 31.34 -62.31 6.01
C LYS G 223 31.85 -60.99 6.55
N GLY G 224 33.16 -60.86 6.65
CA GLY G 224 33.74 -59.62 7.10
C GLY G 224 33.80 -58.59 5.99
N LYS G 225 33.47 -57.35 6.35
CA LYS G 225 33.54 -56.24 5.42
C LYS G 225 34.63 -55.24 5.76
N GLY G 226 35.34 -55.43 6.85
CA GLY G 226 36.36 -54.49 7.24
C GLY G 226 35.78 -53.27 7.90
N TYR G 227 36.63 -52.25 8.04
CA TYR G 227 36.22 -51.02 8.68
C TYR G 227 35.20 -50.33 7.80
N LYS G 228 34.12 -49.83 8.39
CA LYS G 228 33.02 -49.27 7.63
C LYS G 228 32.46 -48.06 8.34
N GLY G 229 31.96 -47.11 7.55
CA GLY G 229 31.37 -45.92 8.11
C GLY G 229 30.00 -46.18 8.67
N VAL G 230 29.39 -45.13 9.21
CA VAL G 230 28.09 -45.28 9.82
C VAL G 230 27.02 -45.58 8.77
N THR G 231 27.18 -45.08 7.56
CA THR G 231 26.15 -45.27 6.54
C THR G 231 26.06 -46.73 6.11
N SER G 232 27.19 -47.42 6.04
CA SER G 232 27.17 -48.83 5.70
C SER G 232 26.98 -49.71 6.93
N ARG G 233 27.55 -49.31 8.06
CA ARG G 233 27.52 -50.13 9.25
C ARG G 233 26.16 -50.10 9.93
N TRP G 234 25.56 -48.92 10.05
CA TRP G 234 24.32 -48.74 10.78
C TRP G 234 23.17 -48.27 9.91
N HIS G 235 23.42 -48.04 8.63
CA HIS G 235 22.37 -47.66 7.67
C HIS G 235 21.65 -46.39 8.08
N THR G 236 22.42 -45.40 8.50
CA THR G 236 21.87 -44.09 8.80
C THR G 236 21.59 -43.34 7.50
N LYS G 237 20.83 -42.25 7.63
CA LYS G 237 20.48 -41.44 6.47
C LYS G 237 21.69 -40.65 5.99
N LYS G 238 21.93 -40.68 4.69
CA LYS G 238 23.00 -39.88 4.11
C LYS G 238 22.65 -38.40 4.18
N LEU G 239 23.63 -37.59 4.56
CA LEU G 239 23.43 -36.17 4.65
C LEU G 239 23.35 -35.57 3.24
N PRO G 240 22.78 -34.37 3.10
CA PRO G 240 22.63 -33.78 1.77
C PRO G 240 23.95 -33.52 1.08
N ARG G 241 23.87 -33.36 -0.24
CA ARG G 241 25.05 -33.15 -1.06
C ARG G 241 25.81 -31.89 -0.68
N LYS G 242 25.14 -30.91 -0.06
CA LYS G 242 25.76 -29.65 0.30
C LYS G 242 26.59 -29.70 1.57
N THR G 243 26.66 -30.84 2.23
CA THR G 243 27.39 -30.92 3.51
C THR G 243 28.88 -30.74 3.28
N HIS G 244 29.50 -29.93 4.14
CA HIS G 244 30.86 -29.48 3.92
C HIS G 244 31.87 -30.58 4.16
N ARG G 245 31.92 -31.09 5.38
CA ARG G 245 32.99 -31.99 5.78
C ARG G 245 32.67 -33.45 5.50
N GLY G 246 31.62 -33.73 4.74
CA GLY G 246 31.28 -35.10 4.45
C GLY G 246 29.87 -35.46 4.82
N LEU G 247 29.23 -36.28 3.99
CA LEU G 247 27.83 -36.60 4.14
C LEU G 247 27.56 -38.03 4.60
N ARG G 248 28.56 -38.91 4.58
CA ARG G 248 28.36 -40.27 5.04
C ARG G 248 28.68 -40.38 6.53
N LYS G 249 27.97 -39.56 7.30
CA LYS G 249 28.22 -39.39 8.72
C LYS G 249 26.91 -39.29 9.46
N VAL G 250 26.98 -39.39 10.78
CA VAL G 250 25.89 -39.03 11.68
C VAL G 250 26.11 -37.60 12.12
N ALA G 251 25.12 -36.74 11.90
CA ALA G 251 25.32 -35.31 12.12
C ALA G 251 25.50 -34.98 13.60
N CYS G 252 24.61 -35.48 14.45
CA CYS G 252 24.68 -35.21 15.88
C CYS G 252 24.96 -36.52 16.61
N ILE G 253 26.06 -36.57 17.35
CA ILE G 253 26.41 -37.75 18.12
C ILE G 253 26.05 -37.59 19.59
N GLY G 254 25.19 -36.65 19.92
CA GLY G 254 24.71 -36.50 21.27
C GLY G 254 24.41 -35.05 21.59
N ALA G 255 23.58 -34.88 22.61
CA ALA G 255 23.27 -33.54 23.09
C ALA G 255 24.43 -33.01 23.92
N TRP G 256 24.33 -31.73 24.32
CA TRP G 256 25.35 -31.15 25.17
C TRP G 256 25.47 -31.92 26.47
N HIS G 257 24.35 -32.26 27.08
CA HIS G 257 24.38 -33.14 28.22
C HIS G 257 23.61 -34.41 27.89
N PRO G 258 24.07 -35.58 28.33
CA PRO G 258 25.06 -35.92 29.36
C PRO G 258 26.56 -35.69 29.12
N ALA G 259 27.02 -34.84 28.20
CA ALA G 259 28.42 -34.42 28.10
C ALA G 259 29.37 -35.57 27.81
N ARG G 260 28.85 -36.65 27.22
CA ARG G 260 29.62 -37.77 26.77
C ARG G 260 28.94 -38.32 25.54
N VAL G 261 29.66 -39.11 24.77
CA VAL G 261 29.06 -39.86 23.67
C VAL G 261 28.51 -41.16 24.23
N ALA G 262 27.27 -41.45 23.93
CA ALA G 262 26.62 -42.63 24.47
C ALA G 262 26.97 -43.87 23.65
N PHE G 263 26.86 -45.02 24.30
CA PHE G 263 27.09 -46.30 23.65
C PHE G 263 26.06 -46.61 22.57
N SER G 264 24.95 -45.87 22.53
CA SER G 264 23.86 -46.13 21.62
C SER G 264 23.92 -45.31 20.34
N VAL G 265 24.96 -44.52 20.15
CA VAL G 265 25.11 -43.65 18.99
C VAL G 265 25.89 -44.40 17.92
N ALA G 266 25.41 -44.32 16.68
CA ALA G 266 26.04 -45.04 15.58
C ALA G 266 27.42 -44.47 15.27
N ARG G 267 28.43 -45.33 15.22
CA ARG G 267 29.78 -44.90 14.96
C ARG G 267 30.48 -45.91 14.06
N ALA G 268 31.50 -45.43 13.35
CA ALA G 268 32.21 -46.23 12.36
C ALA G 268 33.17 -47.21 13.02
N GLY G 269 33.33 -48.37 12.40
CA GLY G 269 34.22 -49.38 12.92
C GLY G 269 34.09 -50.66 12.14
N GLN G 270 34.37 -51.77 12.82
CA GLN G 270 34.33 -53.08 12.17
C GLN G 270 32.92 -53.44 11.75
N LYS G 271 32.77 -53.88 10.50
CA LYS G 271 31.51 -54.42 10.02
C LYS G 271 31.75 -55.82 9.49
N GLY G 272 30.83 -56.72 9.80
CA GLY G 272 30.98 -58.10 9.39
C GLY G 272 31.89 -58.88 10.31
N TYR G 273 32.03 -60.16 9.99
CA TYR G 273 32.77 -61.12 10.82
C TYR G 273 32.25 -61.13 12.25
N HIS G 274 30.93 -61.02 12.39
CA HIS G 274 30.28 -61.12 13.67
C HIS G 274 29.74 -62.54 13.85
N HIS G 275 29.76 -63.01 15.08
CA HIS G 275 29.20 -64.31 15.40
C HIS G 275 27.68 -64.21 15.45
N ARG G 276 27.00 -65.02 14.66
CA ARG G 276 25.55 -64.98 14.59
C ARG G 276 24.98 -66.39 14.67
N THR G 277 23.71 -66.46 15.03
CA THR G 277 22.94 -67.70 14.98
C THR G 277 21.56 -67.40 14.44
N GLU G 278 21.14 -68.18 13.45
CA GLU G 278 19.87 -68.02 12.79
C GLU G 278 19.06 -69.29 13.05
N ILE G 279 17.85 -69.12 13.55
CA ILE G 279 17.03 -70.25 13.92
C ILE G 279 16.03 -70.53 12.81
N ASN G 280 15.46 -71.74 12.83
CA ASN G 280 14.37 -72.14 11.95
C ASN G 280 14.77 -72.13 10.49
N LYS G 281 15.88 -72.79 10.19
CA LYS G 281 16.27 -73.09 8.82
C LYS G 281 15.83 -74.51 8.53
N LYS G 282 14.98 -74.69 7.52
CA LYS G 282 14.43 -75.99 7.25
C LYS G 282 15.36 -76.82 6.38
N ILE G 283 15.47 -78.10 6.68
CA ILE G 283 16.25 -79.03 5.88
C ILE G 283 15.38 -79.51 4.74
N TYR G 284 15.78 -79.23 3.51
CA TYR G 284 15.02 -79.65 2.35
C TYR G 284 15.47 -80.99 1.80
N LYS G 285 16.71 -81.39 2.07
CA LYS G 285 17.25 -82.64 1.59
C LYS G 285 18.54 -82.93 2.32
N ILE G 286 18.79 -84.21 2.58
CA ILE G 286 20.11 -84.67 3.02
C ILE G 286 20.63 -85.59 1.93
N GLY G 287 21.67 -85.14 1.24
CA GLY G 287 22.22 -85.91 0.15
C GLY G 287 23.05 -87.08 0.63
N GLN G 288 23.44 -87.92 -0.32
CA GLN G 288 24.05 -89.20 0.02
C GLN G 288 25.55 -89.26 -0.22
N GLY G 289 26.14 -88.30 -0.92
CA GLY G 289 27.56 -88.36 -1.18
C GLY G 289 27.91 -89.41 -2.21
N TYR G 290 29.10 -89.31 -2.80
CA TYR G 290 29.48 -90.23 -3.85
C TYR G 290 29.78 -91.60 -3.27
N LEU G 291 29.18 -92.63 -3.84
CA LEU G 291 29.45 -94.00 -3.44
C LEU G 291 29.86 -94.82 -4.64
N ILE G 292 30.86 -95.68 -4.46
CA ILE G 292 31.25 -96.66 -5.45
C ILE G 292 30.94 -98.03 -4.89
N LYS G 293 30.05 -98.76 -5.56
CA LYS G 293 29.85 -100.17 -5.28
C LYS G 293 30.20 -101.01 -6.50
N ASP G 294 29.71 -100.63 -7.68
CA ASP G 294 30.22 -101.10 -8.95
C ASP G 294 30.82 -99.97 -9.76
N GLY G 295 30.04 -98.92 -9.99
CA GLY G 295 30.55 -97.70 -10.59
C GLY G 295 30.20 -96.51 -9.72
N LYS G 296 30.81 -95.38 -10.04
CA LYS G 296 30.63 -94.18 -9.25
C LYS G 296 29.19 -93.68 -9.36
N LEU G 297 28.49 -93.58 -8.24
CA LEU G 297 27.11 -93.12 -8.20
C LEU G 297 27.09 -91.66 -7.76
N ILE G 298 26.62 -90.78 -8.65
CA ILE G 298 26.57 -89.36 -8.36
C ILE G 298 25.17 -88.78 -8.44
N LYS G 299 24.19 -89.54 -8.92
CA LYS G 299 22.85 -88.99 -9.09
C LYS G 299 22.23 -88.62 -7.75
N ASN G 300 22.57 -89.36 -6.71
CA ASN G 300 22.00 -89.33 -5.36
C ASN G 300 22.04 -87.98 -4.74
N ASN G 301 22.75 -87.03 -5.31
CA ASN G 301 22.79 -85.68 -4.79
C ASN G 301 21.68 -84.80 -5.37
N ALA G 302 21.40 -84.89 -6.67
CA ALA G 302 20.49 -83.92 -7.26
C ALA G 302 19.47 -84.58 -8.18
N SER G 303 19.20 -85.85 -8.02
CA SER G 303 18.11 -86.52 -8.72
C SER G 303 16.91 -86.58 -7.79
N THR G 304 15.76 -86.19 -8.31
CA THR G 304 14.52 -86.20 -7.55
C THR G 304 13.62 -87.33 -8.06
N ASP G 305 12.43 -87.41 -7.50
CA ASP G 305 11.45 -88.37 -8.00
C ASP G 305 10.93 -88.02 -9.39
N TYR G 306 11.11 -86.78 -9.83
CA TYR G 306 10.57 -86.32 -11.10
C TYR G 306 11.63 -85.94 -12.10
N ASP G 307 12.84 -85.61 -11.66
CA ASP G 307 13.91 -85.27 -12.59
C ASP G 307 14.51 -86.52 -13.21
N LEU G 308 14.86 -87.50 -12.38
CA LEU G 308 15.35 -88.81 -12.83
C LEU G 308 16.61 -88.67 -13.68
N SER G 309 17.39 -87.62 -13.43
CA SER G 309 18.59 -87.34 -14.18
C SER G 309 19.80 -87.76 -13.37
N ASP G 310 20.78 -88.36 -14.03
CA ASP G 310 22.00 -88.80 -13.37
C ASP G 310 22.95 -87.61 -13.24
N LYS G 311 22.62 -86.73 -12.30
CA LYS G 311 23.43 -85.55 -12.06
C LYS G 311 23.59 -85.35 -10.56
N SER G 312 24.69 -84.72 -10.17
CA SER G 312 24.99 -84.43 -8.78
C SER G 312 24.61 -83.00 -8.46
N ILE G 313 24.70 -82.68 -7.16
CA ILE G 313 24.41 -81.33 -6.68
C ILE G 313 25.39 -80.31 -7.21
N ASN G 314 26.52 -80.74 -7.74
CA ASN G 314 27.54 -79.83 -8.21
C ASN G 314 27.06 -79.07 -9.44
N PRO G 315 27.15 -77.75 -9.46
CA PRO G 315 26.76 -77.01 -10.66
C PRO G 315 27.71 -77.31 -11.79
N LEU G 316 27.29 -76.91 -12.99
CA LEU G 316 28.13 -77.07 -14.15
C LEU G 316 29.36 -76.19 -14.02
N GLY G 317 30.54 -76.79 -14.01
CA GLY G 317 31.75 -76.07 -13.71
C GLY G 317 32.11 -76.00 -12.25
N GLY G 318 31.38 -76.68 -11.38
CA GLY G 318 31.70 -76.73 -9.98
C GLY G 318 31.17 -75.53 -9.20
N PHE G 319 31.16 -75.69 -7.88
CA PHE G 319 30.75 -74.59 -7.01
C PHE G 319 31.79 -73.49 -7.07
N VAL G 320 31.34 -72.25 -7.25
CA VAL G 320 32.26 -71.14 -7.40
C VAL G 320 32.93 -70.86 -6.07
N HIS G 321 34.26 -70.77 -6.10
CA HIS G 321 35.12 -70.46 -4.96
C HIS G 321 35.09 -71.54 -3.89
N TYR G 322 34.47 -72.69 -4.14
CA TYR G 322 34.47 -73.77 -3.16
C TYR G 322 35.17 -75.02 -3.67
N GLY G 323 34.69 -75.62 -4.75
CA GLY G 323 35.22 -76.90 -5.17
C GLY G 323 34.13 -77.89 -5.51
N GLU G 324 34.38 -79.17 -5.28
CA GLU G 324 33.44 -80.23 -5.59
C GLU G 324 32.89 -80.84 -4.30
N VAL G 325 31.56 -80.93 -4.21
CA VAL G 325 30.91 -81.51 -3.06
C VAL G 325 30.77 -83.00 -3.32
N THR G 326 31.65 -83.78 -2.70
CA THR G 326 31.70 -85.22 -2.87
C THR G 326 31.09 -85.99 -1.72
N ASN G 327 31.17 -85.47 -0.50
CA ASN G 327 30.61 -86.15 0.66
C ASN G 327 29.12 -85.85 0.78
N ASP G 328 28.53 -86.20 1.91
CA ASP G 328 27.14 -85.89 2.17
C ASP G 328 26.95 -84.39 2.28
N PHE G 329 25.70 -83.97 2.28
CA PHE G 329 25.40 -82.55 2.39
C PHE G 329 23.99 -82.37 2.91
N VAL G 330 23.74 -81.19 3.45
CA VAL G 330 22.41 -80.79 3.90
C VAL G 330 22.02 -79.55 3.10
N MET G 331 20.88 -79.63 2.44
CA MET G 331 20.35 -78.50 1.68
C MET G 331 19.34 -77.77 2.55
N LEU G 332 19.58 -76.50 2.83
CA LEU G 332 18.77 -75.72 3.74
C LEU G 332 18.02 -74.64 3.00
N LYS G 333 16.79 -74.39 3.41
CA LYS G 333 16.00 -73.31 2.82
C LYS G 333 16.61 -71.96 3.16
N GLY G 334 16.81 -71.13 2.14
CA GLY G 334 17.23 -69.76 2.35
C GLY G 334 18.73 -69.60 2.45
N CYS G 335 19.13 -68.43 2.90
CA CYS G 335 20.53 -68.06 3.02
C CYS G 335 21.07 -68.44 4.40
N VAL G 336 22.40 -68.47 4.50
CA VAL G 336 23.11 -68.86 5.70
C VAL G 336 24.31 -67.93 5.85
N VAL G 337 24.63 -67.58 7.10
CA VAL G 337 25.75 -66.67 7.36
C VAL G 337 27.06 -67.28 6.88
N GLY G 338 28.02 -66.40 6.60
CA GLY G 338 29.38 -66.81 6.32
C GLY G 338 29.68 -66.84 4.83
N THR G 339 30.97 -66.81 4.52
CA THR G 339 31.43 -66.89 3.15
C THR G 339 31.29 -68.32 2.63
N LYS G 340 31.78 -68.54 1.42
CA LYS G 340 31.96 -69.90 0.95
C LYS G 340 33.05 -70.57 1.76
N LYS G 341 33.00 -71.89 1.80
CA LYS G 341 33.88 -72.76 2.61
C LYS G 341 34.05 -72.26 4.04
N ARG G 342 33.03 -71.63 4.59
CA ARG G 342 33.02 -71.24 5.99
C ARG G 342 32.36 -72.33 6.80
N VAL G 343 32.92 -72.62 7.96
CA VAL G 343 32.42 -73.71 8.79
C VAL G 343 31.19 -73.25 9.56
N LEU G 344 30.19 -74.11 9.61
CA LEU G 344 28.89 -73.79 10.19
C LEU G 344 28.54 -74.86 11.21
N THR G 345 28.02 -74.44 12.36
CA THR G 345 27.51 -75.35 13.35
C THR G 345 26.01 -75.51 13.13
N LEU G 346 25.58 -76.73 12.92
CA LEU G 346 24.16 -77.04 12.77
C LEU G 346 23.68 -77.58 14.10
N ARG G 347 22.69 -76.93 14.71
CA ARG G 347 22.21 -77.29 16.01
C ARG G 347 20.73 -77.65 15.93
N LYS G 348 20.30 -78.60 16.74
CA LYS G 348 18.87 -78.87 16.84
C LYS G 348 18.16 -77.68 17.45
N SER G 349 16.88 -77.54 17.13
CA SER G 349 16.14 -76.38 17.59
C SER G 349 15.92 -76.42 19.09
N LEU G 350 16.06 -75.26 19.74
CA LEU G 350 15.73 -75.13 21.14
C LEU G 350 14.24 -74.98 21.39
N LEU G 351 13.45 -74.81 20.34
CA LEU G 351 12.01 -74.59 20.43
C LEU G 351 11.26 -75.84 19.98
N VAL G 352 10.00 -75.89 20.36
CA VAL G 352 9.10 -76.95 19.90
C VAL G 352 8.44 -76.49 18.60
N GLN G 353 8.60 -77.28 17.55
CA GLN G 353 8.11 -76.91 16.22
C GLN G 353 6.68 -77.41 16.07
N THR G 354 5.72 -76.48 16.11
CA THR G 354 4.31 -76.83 15.99
C THR G 354 3.57 -76.07 14.91
N LYS G 355 4.16 -75.05 14.30
CA LYS G 355 3.47 -74.31 13.26
C LYS G 355 3.30 -75.17 12.01
N ARG G 356 2.45 -74.70 11.10
CA ARG G 356 2.26 -75.42 9.85
C ARG G 356 3.43 -75.21 8.90
N ARG G 357 4.14 -74.08 9.02
CA ARG G 357 5.34 -73.87 8.21
C ARG G 357 6.41 -74.89 8.55
N ALA G 358 6.61 -75.15 9.84
CA ALA G 358 7.39 -76.31 10.24
C ALA G 358 6.52 -77.55 10.11
N LEU G 359 7.14 -78.71 10.34
CA LEU G 359 6.49 -80.03 10.22
C LEU G 359 5.71 -80.16 8.91
N GLU G 360 6.17 -79.50 7.86
CA GLU G 360 5.65 -79.66 6.52
C GLU G 360 6.63 -80.50 5.71
N LYS G 361 6.13 -81.57 5.10
CA LYS G 361 7.00 -82.42 4.29
C LYS G 361 7.44 -81.68 3.04
N ILE G 362 8.74 -81.68 2.78
CA ILE G 362 9.31 -81.02 1.62
C ILE G 362 9.60 -82.08 0.56
N ASP G 363 9.04 -81.89 -0.62
CA ASP G 363 9.18 -82.84 -1.72
C ASP G 363 9.70 -82.08 -2.94
N LEU G 364 11.01 -82.16 -3.17
CA LEU G 364 11.60 -81.45 -4.29
C LEU G 364 11.19 -82.06 -5.60
N LYS G 365 10.88 -81.20 -6.58
CA LYS G 365 10.65 -81.62 -7.95
C LYS G 365 11.87 -81.44 -8.83
N PHE G 366 12.62 -80.37 -8.62
CA PHE G 366 13.73 -80.05 -9.50
C PHE G 366 14.81 -79.36 -8.69
N ILE G 367 16.06 -79.70 -8.97
CA ILE G 367 17.21 -79.06 -8.35
C ILE G 367 18.04 -78.45 -9.47
N ASP G 368 18.24 -77.14 -9.40
CA ASP G 368 18.96 -76.43 -10.45
C ASP G 368 20.45 -76.70 -10.34
N THR G 369 21.07 -77.07 -11.46
CA THR G 369 22.51 -77.32 -11.47
C THR G 369 23.16 -76.61 -12.65
N THR G 370 22.60 -75.50 -13.09
CA THR G 370 23.27 -74.69 -14.09
C THR G 370 24.51 -74.05 -13.50
N SER G 371 25.39 -73.57 -14.37
CA SER G 371 26.61 -72.94 -13.90
C SER G 371 26.31 -71.66 -13.15
N LYS G 372 26.96 -71.49 -12.02
CA LYS G 372 26.88 -70.25 -11.25
C LYS G 372 28.02 -69.31 -11.56
N PHE G 373 28.95 -69.72 -12.41
CA PHE G 373 30.09 -68.89 -12.82
C PHE G 373 29.75 -68.09 -14.07
N GLY G 374 28.61 -67.41 -14.03
CA GLY G 374 28.03 -66.73 -15.15
C GLY G 374 26.56 -67.05 -15.25
N HIS G 375 25.96 -66.72 -16.39
CA HIS G 375 24.56 -67.04 -16.63
C HIS G 375 24.50 -68.45 -17.22
N GLY G 376 24.61 -69.44 -16.34
CA GLY G 376 24.52 -70.81 -16.78
C GLY G 376 23.14 -71.10 -17.34
N ARG G 377 23.09 -71.92 -18.39
CA ARG G 377 21.83 -72.23 -19.04
C ARG G 377 21.69 -73.71 -19.38
N PHE G 378 22.60 -74.56 -18.91
CA PHE G 378 22.54 -75.99 -19.16
C PHE G 378 22.65 -76.73 -17.84
N GLN G 379 21.77 -77.70 -17.64
CA GLN G 379 21.78 -78.45 -16.40
C GLN G 379 22.96 -79.41 -16.33
N THR G 380 23.32 -80.03 -17.47
CA THR G 380 24.33 -81.07 -17.48
C THR G 380 25.20 -80.96 -18.73
N MET G 381 26.40 -81.56 -18.61
CA MET G 381 27.28 -81.70 -19.77
C MET G 381 26.58 -82.41 -20.91
N GLU G 382 25.79 -83.44 -20.58
CA GLU G 382 25.18 -84.26 -21.61
C GLU G 382 24.17 -83.46 -22.42
N GLU G 383 23.32 -82.70 -21.74
CA GLU G 383 22.35 -81.90 -22.49
C GLU G 383 23.02 -80.74 -23.18
N LYS G 384 24.12 -80.22 -22.63
CA LYS G 384 24.85 -79.18 -23.34
C LYS G 384 25.44 -79.70 -24.64
N LYS G 385 26.06 -80.88 -24.60
CA LYS G 385 26.61 -81.47 -25.82
C LYS G 385 25.51 -81.83 -26.80
N ALA G 386 24.37 -82.30 -26.31
CA ALA G 386 23.25 -82.61 -27.19
C ALA G 386 22.75 -81.36 -27.90
N PHE G 387 22.66 -80.24 -27.17
CA PHE G 387 22.13 -79.03 -27.77
C PHE G 387 23.13 -78.41 -28.74
N MET G 388 24.41 -78.34 -28.35
CA MET G 388 25.39 -77.68 -29.19
C MET G 388 25.76 -78.51 -30.40
N GLY G 389 25.85 -79.82 -30.26
CA GLY G 389 26.41 -80.64 -31.30
C GLY G 389 27.92 -80.61 -31.23
N PRO G 390 28.59 -81.15 -32.26
CA PRO G 390 30.06 -81.16 -32.25
C PRO G 390 30.62 -79.78 -32.50
N LEU G 391 31.68 -79.46 -31.76
CA LEU G 391 32.37 -78.19 -31.90
C LEU G 391 33.70 -78.42 -32.61
N LYS G 392 34.49 -77.34 -32.74
CA LYS G 392 35.75 -77.45 -33.48
C LYS G 392 36.77 -78.29 -32.72
N LYS G 393 36.87 -78.10 -31.41
CA LYS G 393 37.82 -78.90 -30.64
C LYS G 393 37.42 -80.37 -30.62
N ASP G 394 36.13 -80.66 -30.49
CA ASP G 394 35.67 -82.04 -30.59
C ASP G 394 35.96 -82.61 -31.97
N ARG G 395 35.78 -81.79 -33.01
CA ARG G 395 36.03 -82.25 -34.37
C ARG G 395 37.49 -82.60 -34.58
N ILE G 396 38.41 -81.76 -34.13
CA ILE G 396 39.83 -82.05 -34.33
C ILE G 396 40.26 -83.24 -33.47
N ALA G 397 39.71 -83.35 -32.25
CA ALA G 397 40.05 -84.48 -31.39
C ALA G 397 39.57 -85.78 -32.00
N LYS G 398 38.35 -85.79 -32.56
CA LYS G 398 37.84 -86.99 -33.22
C LYS G 398 38.63 -87.31 -34.49
N GLU G 399 39.03 -86.28 -35.23
CA GLU G 399 39.82 -86.50 -36.44
C GLU G 399 41.16 -87.13 -36.11
N GLU G 400 41.79 -86.69 -35.02
CA GLU G 400 43.07 -87.28 -34.63
C GLU G 400 42.87 -88.67 -34.03
N GLY G 401 41.78 -88.88 -33.27
CA GLY G 401 41.54 -90.18 -32.68
C GLY G 401 41.21 -91.26 -33.71
N ALA G 402 40.48 -90.89 -34.76
CA ALA G 402 40.08 -91.80 -35.83
C ALA G 402 39.36 -93.04 -35.31
N MET H 1 87.80 17.73 86.79
CA MET H 1 88.75 17.28 85.79
C MET H 1 88.88 18.30 84.66
N ALA H 2 87.76 18.94 84.33
CA ALA H 2 87.78 19.95 83.27
C ALA H 2 88.63 21.14 83.66
N CYS H 3 88.56 21.57 84.92
CA CYS H 3 89.40 22.66 85.39
C CYS H 3 90.86 22.27 85.49
N ALA H 4 91.16 20.98 85.59
CA ALA H 4 92.54 20.52 85.62
C ALA H 4 93.19 20.76 84.27
N ARG H 5 94.42 21.24 84.28
CA ARG H 5 95.14 21.58 83.06
C ARG H 5 96.61 21.27 83.26
N PRO H 6 97.03 20.04 82.95
CA PRO H 6 98.39 19.62 83.28
C PRO H 6 99.43 20.25 82.37
N LEU H 7 100.68 19.95 82.68
CA LEU H 7 101.80 20.35 81.83
C LEU H 7 102.23 19.16 81.00
N ILE H 8 102.27 19.33 79.68
CA ILE H 8 102.68 18.30 78.75
C ILE H 8 104.10 18.61 78.30
N SER H 9 104.99 17.65 78.50
CA SER H 9 106.38 17.86 78.11
C SER H 9 106.53 17.84 76.60
N VAL H 10 107.43 18.68 76.12
CA VAL H 10 107.82 18.69 74.71
C VAL H 10 109.02 17.77 74.55
N TYR H 11 108.92 16.85 73.61
CA TYR H 11 109.97 15.86 73.39
C TYR H 11 110.87 16.30 72.26
N SER H 12 112.15 15.97 72.39
CA SER H 12 113.12 16.28 71.37
C SER H 12 113.01 15.29 70.21
N GLU H 13 113.79 15.54 69.16
CA GLU H 13 113.78 14.65 68.02
C GLU H 13 114.34 13.28 68.35
N LYS H 14 115.07 13.16 69.46
CA LYS H 14 115.56 11.89 69.93
C LYS H 14 114.57 11.15 70.80
N GLY H 15 113.38 11.70 71.00
CA GLY H 15 112.32 11.04 71.73
C GLY H 15 112.37 11.22 73.23
N GLU H 16 113.21 12.10 73.74
CA GLU H 16 113.38 12.31 75.17
C GLU H 16 112.89 13.70 75.53
N SER H 17 112.41 13.85 76.76
CA SER H 17 111.91 15.14 77.22
C SER H 17 113.01 16.19 77.17
N SER H 18 112.68 17.35 76.61
CA SER H 18 113.64 18.43 76.48
C SER H 18 113.59 19.41 77.65
N GLY H 19 112.75 19.15 78.65
CA GLY H 19 112.63 20.02 79.79
C GLY H 19 111.64 21.15 79.61
N LYS H 20 111.09 21.31 78.41
CA LYS H 20 110.07 22.32 78.16
C LYS H 20 108.69 21.72 78.35
N ASN H 21 107.77 22.53 78.85
CA ASN H 21 106.41 22.10 79.09
C ASN H 21 105.44 23.10 78.49
N VAL H 22 104.33 22.60 77.99
CA VAL H 22 103.24 23.42 77.50
C VAL H 22 102.00 23.06 78.30
N THR H 23 101.31 24.07 78.82
CA THR H 23 100.07 23.82 79.51
C THR H 23 99.06 23.28 78.51
N LEU H 24 98.28 22.28 78.92
CA LEU H 24 97.33 21.64 78.01
C LEU H 24 96.36 22.67 77.46
N PRO H 25 96.22 22.78 76.15
CA PRO H 25 95.20 23.68 75.62
C PRO H 25 93.81 23.29 76.11
N ALA H 26 92.98 24.30 76.34
CA ALA H 26 91.67 24.06 76.93
C ALA H 26 90.77 23.25 76.00
N VAL H 27 91.10 23.20 74.71
CA VAL H 27 90.29 22.45 73.76
C VAL H 27 90.33 20.96 74.05
N PHE H 28 91.38 20.47 74.70
CA PHE H 28 91.46 19.05 75.03
C PHE H 28 90.57 18.67 76.19
N LYS H 29 89.91 19.64 76.82
CA LYS H 29 88.90 19.38 77.83
C LYS H 29 87.50 19.70 77.34
N ALA H 30 87.33 19.94 76.04
CA ALA H 30 86.03 20.20 75.47
C ALA H 30 85.18 18.93 75.52
N PRO H 31 83.86 19.04 75.42
CA PRO H 31 83.02 17.84 75.42
C PRO H 31 83.35 16.95 74.24
N ILE H 32 83.30 15.64 74.48
CA ILE H 32 83.48 14.64 73.43
C ILE H 32 82.10 14.16 73.03
N ARG H 33 81.72 14.44 71.79
CA ARG H 33 80.37 14.16 71.30
C ARG H 33 80.49 13.33 70.04
N PRO H 34 80.56 12.00 70.17
CA PRO H 34 80.62 11.15 68.98
C PRO H 34 79.44 11.30 68.06
N ASP H 35 78.25 11.59 68.58
CA ASP H 35 77.10 11.80 67.70
C ASP H 35 77.24 13.06 66.87
N ILE H 36 77.73 14.15 67.46
CA ILE H 36 77.95 15.37 66.69
C ILE H 36 79.07 15.18 65.68
N VAL H 37 80.15 14.52 66.09
CA VAL H 37 81.26 14.27 65.17
C VAL H 37 80.80 13.40 64.01
N ASN H 38 79.98 12.39 64.30
CA ASN H 38 79.45 11.56 63.24
C ASN H 38 78.54 12.34 62.31
N PHE H 39 77.70 13.21 62.85
CA PHE H 39 76.82 14.02 62.01
C PHE H 39 77.62 14.92 61.09
N VAL H 40 78.61 15.62 61.65
CA VAL H 40 79.41 16.54 60.84
C VAL H 40 80.21 15.78 59.80
N HIS H 41 80.78 14.63 60.18
CA HIS H 41 81.54 13.83 59.22
C HIS H 41 80.65 13.30 58.10
N THR H 42 79.46 12.82 58.45
CA THR H 42 78.54 12.30 57.45
C THR H 42 78.14 13.39 56.46
N ASN H 43 77.84 14.57 56.96
CA ASN H 43 77.39 15.62 56.07
C ASN H 43 78.52 16.36 55.37
N LEU H 44 79.76 16.19 55.81
CA LEU H 44 80.87 16.84 55.13
C LEU H 44 81.58 15.93 54.14
N ARG H 45 81.54 14.61 54.30
CA ARG H 45 82.03 13.75 53.23
C ARG H 45 81.18 13.79 51.98
N LYS H 46 79.97 14.30 52.05
CA LYS H 46 79.19 14.40 50.82
C LYS H 46 79.66 15.53 49.93
N ASN H 47 80.51 16.43 50.41
CA ASN H 47 80.81 17.67 49.71
C ASN H 47 81.94 17.55 48.72
N ASN H 48 82.76 16.50 48.77
CA ASN H 48 83.76 16.28 47.75
C ASN H 48 83.26 15.37 46.65
N ARG H 49 82.01 14.93 46.74
CA ARG H 49 81.47 14.00 45.78
C ARG H 49 81.34 14.65 44.42
N GLN H 50 81.42 13.84 43.40
CA GLN H 50 81.35 14.22 42.00
C GLN H 50 80.09 13.64 41.39
N PRO H 51 79.32 14.42 40.65
CA PRO H 51 78.00 13.96 40.21
C PRO H 51 78.08 12.79 39.25
N TYR H 52 77.07 11.93 39.34
CA TYR H 52 76.86 10.89 38.34
C TYR H 52 75.40 10.89 37.93
N ALA H 53 75.17 10.60 36.66
CA ALA H 53 73.83 10.47 36.13
C ALA H 53 73.92 9.57 34.93
N VAL H 54 72.77 9.07 34.47
CA VAL H 54 72.74 8.36 33.21
C VAL H 54 72.44 9.37 32.12
N SER H 55 72.65 8.97 30.88
CA SER H 55 72.33 9.83 29.75
C SER H 55 70.83 10.10 29.72
N GLU H 56 70.47 11.35 29.51
CA GLU H 56 69.06 11.70 29.39
C GLU H 56 68.44 11.14 28.12
N LEU H 57 69.25 10.73 27.16
CA LEU H 57 68.77 10.14 25.92
C LEU H 57 68.63 8.63 26.00
N ALA H 58 69.08 8.01 27.08
CA ALA H 58 69.23 6.56 27.11
C ALA H 58 67.86 5.89 27.07
N GLY H 59 67.73 4.93 26.15
CA GLY H 59 66.51 4.18 26.02
C GLY H 59 65.37 4.91 25.36
N HIS H 60 65.59 6.10 24.81
CA HIS H 60 64.50 6.90 24.29
C HIS H 60 64.80 7.43 22.90
N GLN H 61 65.56 6.69 22.11
CA GLN H 61 65.86 7.11 20.76
C GLN H 61 65.51 5.98 19.80
N THR H 62 64.25 5.53 19.89
CA THR H 62 63.78 4.31 19.26
C THR H 62 62.59 4.51 18.32
N SER H 63 61.82 5.59 18.47
CA SER H 63 60.60 5.84 17.71
C SER H 63 59.57 4.72 17.85
N ALA H 64 59.69 3.90 18.88
CA ALA H 64 58.81 2.76 19.07
C ALA H 64 57.43 3.21 19.49
N GLU H 65 56.42 2.44 19.09
CA GLU H 65 55.05 2.71 19.50
C GLU H 65 54.36 1.39 19.83
N SER H 66 53.30 1.49 20.63
CA SER H 66 52.56 0.31 21.02
C SER H 66 51.81 -0.29 19.83
N TRP H 67 51.71 -1.62 19.84
CA TRP H 67 51.05 -2.32 18.74
C TRP H 67 49.55 -2.28 18.82
N GLY H 68 48.99 -1.82 19.93
CA GLY H 68 47.56 -1.91 20.11
C GLY H 68 47.23 -3.07 21.01
N THR H 69 46.05 -3.66 20.86
CA THR H 69 45.64 -4.69 21.77
C THR H 69 45.05 -5.94 21.11
N GLY H 70 44.89 -5.95 19.80
CA GLY H 70 44.27 -7.09 19.17
C GLY H 70 45.25 -8.06 18.55
N ARG H 71 46.52 -8.00 18.98
CA ARG H 71 47.58 -8.75 18.34
C ARG H 71 48.23 -9.78 19.26
N ALA H 72 47.60 -10.09 20.39
CA ALA H 72 48.01 -11.16 21.30
C ALA H 72 49.40 -10.93 21.89
N VAL H 73 49.79 -9.68 22.08
CA VAL H 73 51.05 -9.35 22.71
C VAL H 73 50.79 -8.27 23.76
N ALA H 74 51.73 -8.11 24.67
CA ALA H 74 51.60 -7.07 25.69
C ALA H 74 51.65 -5.69 25.04
N ARG H 75 51.02 -4.73 25.70
CA ARG H 75 50.83 -3.40 25.12
C ARG H 75 52.02 -2.48 25.31
N ILE H 76 53.21 -3.01 25.54
CA ILE H 76 54.43 -2.22 25.64
C ILE H 76 54.73 -1.66 24.25
N PRO H 77 55.36 -0.49 24.14
CA PRO H 77 55.82 -0.04 22.82
C PRO H 77 56.82 -1.01 22.20
N ARG H 78 56.74 -1.15 20.89
CA ARG H 78 57.60 -2.04 20.13
C ARG H 78 58.33 -1.26 19.06
N VAL H 79 59.59 -1.65 18.82
CA VAL H 79 60.38 -1.05 17.75
C VAL H 79 59.71 -1.32 16.41
N ARG H 80 59.75 -0.33 15.54
CA ARG H 80 59.06 -0.38 14.25
C ARG H 80 59.92 -1.06 13.19
N GLY H 81 59.35 -1.23 12.01
CA GLY H 81 60.09 -1.74 10.89
C GLY H 81 60.30 -3.24 10.96
N GLY H 82 61.23 -3.70 10.12
CA GLY H 82 61.54 -5.11 10.08
C GLY H 82 62.97 -5.39 9.68
N GLY H 83 63.28 -6.66 9.44
CA GLY H 83 64.57 -7.06 8.92
C GLY H 83 65.68 -7.15 9.93
N THR H 84 65.41 -6.89 11.20
CA THR H 84 66.44 -6.93 12.21
C THR H 84 65.83 -7.55 13.46
N HIS H 85 66.70 -8.06 14.34
CA HIS H 85 66.22 -8.64 15.58
C HIS H 85 65.47 -7.61 16.40
N ARG H 86 65.89 -6.35 16.32
CA ARG H 86 65.31 -5.29 17.13
C ARG H 86 63.84 -5.06 16.82
N SER H 87 63.38 -5.42 15.63
CA SER H 87 62.01 -5.09 15.23
C SER H 87 60.99 -5.86 16.03
N GLY H 88 60.00 -5.14 16.56
CA GLY H 88 58.96 -5.74 17.34
C GLY H 88 59.31 -6.03 18.77
N GLN H 89 60.42 -5.47 19.25
CA GLN H 89 60.87 -5.70 20.61
C GLN H 89 60.46 -4.55 21.51
N GLY H 90 60.22 -4.86 22.78
CA GLY H 90 59.75 -3.85 23.71
C GLY H 90 60.76 -2.73 23.90
N ALA H 91 60.25 -1.53 24.13
CA ALA H 91 61.10 -0.35 24.23
C ALA H 91 60.54 0.62 25.26
N PHE H 92 61.40 1.54 25.69
CA PHE H 92 61.09 2.68 26.54
C PHE H 92 60.80 2.32 27.99
N GLY H 93 60.62 1.05 28.30
CA GLY H 93 60.15 0.65 29.62
C GLY H 93 61.30 0.25 30.52
N ASN H 94 61.12 0.47 31.82
CA ASN H 94 62.12 0.00 32.76
C ASN H 94 62.19 -1.51 32.80
N MET H 95 61.14 -2.20 32.39
CA MET H 95 61.11 -3.64 32.33
C MET H 95 61.62 -4.19 31.01
N CYS H 96 61.94 -3.34 30.05
CA CYS H 96 62.35 -3.77 28.73
C CYS H 96 63.87 -3.75 28.63
N ARG H 97 64.42 -4.76 27.99
CA ARG H 97 65.85 -4.77 27.72
C ARG H 97 66.17 -3.71 26.69
N GLY H 98 67.16 -2.86 26.98
CA GLY H 98 67.46 -1.76 26.12
C GLY H 98 66.60 -0.54 26.33
N GLY H 99 65.70 -0.57 27.31
CA GLY H 99 64.84 0.54 27.59
C GLY H 99 65.46 1.51 28.57
N ARG H 100 64.64 2.46 29.01
CA ARG H 100 65.07 3.48 29.95
C ARG H 100 64.86 3.00 31.37
N MET H 101 65.82 3.29 32.24
CA MET H 101 65.69 2.88 33.63
C MET H 101 64.60 3.69 34.31
N PHE H 102 64.06 3.14 35.39
CA PHE H 102 63.04 3.85 36.13
C PHE H 102 63.66 5.04 36.85
N ALA H 103 63.05 6.21 36.67
CA ALA H 103 63.49 7.44 37.30
C ALA H 103 64.97 7.64 37.08
N PRO H 104 65.40 7.98 35.86
CA PRO H 104 66.83 8.06 35.58
C PRO H 104 67.53 9.03 36.51
N THR H 105 68.72 8.64 36.93
CA THR H 105 69.51 9.48 37.82
C THR H 105 69.84 10.78 37.14
N LYS H 106 69.79 11.87 37.90
CA LYS H 106 70.00 13.19 37.33
C LYS H 106 71.09 13.91 38.10
N THR H 107 71.77 14.83 37.41
CA THR H 107 72.93 15.47 37.99
C THR H 107 72.57 16.44 39.11
N TRP H 108 71.32 16.85 39.20
CA TRP H 108 70.92 17.76 40.29
C TRP H 108 70.29 16.97 41.44
N ARG H 109 71.12 16.14 42.07
CA ARG H 109 70.71 15.28 43.16
C ARG H 109 70.93 15.90 44.53
N ARG H 110 71.42 17.14 44.60
CA ARG H 110 71.81 17.74 45.88
C ARG H 110 72.87 16.86 46.56
N TRP H 111 74.04 16.84 45.94
CA TRP H 111 75.13 16.04 46.45
C TRP H 111 75.74 16.64 47.71
N HIS H 112 75.62 17.95 47.87
CA HIS H 112 76.33 18.67 48.93
C HIS H 112 75.40 19.00 50.07
N ARG H 113 75.98 19.07 51.26
CA ARG H 113 75.28 19.48 52.47
C ARG H 113 76.04 20.62 53.10
N ARG H 114 75.33 21.52 53.73
CA ARG H 114 75.95 22.60 54.48
C ARG H 114 75.72 22.37 55.97
N VAL H 115 76.79 22.48 56.74
CA VAL H 115 76.77 22.27 58.18
C VAL H 115 77.05 23.61 58.84
N ASN H 116 76.40 23.87 59.96
CA ASN H 116 76.64 25.13 60.66
C ASN H 116 78.08 25.22 61.11
N THR H 117 78.64 26.41 61.02
CA THR H 117 80.03 26.63 61.42
C THR H 117 80.22 26.28 62.89
N THR H 118 79.22 26.58 63.72
CA THR H 118 79.33 26.25 65.13
C THR H 118 79.35 24.74 65.32
N GLN H 119 78.55 24.01 64.54
CA GLN H 119 78.58 22.54 64.57
C GLN H 119 79.95 22.01 64.17
N LYS H 120 80.52 22.55 63.09
CA LYS H 120 81.80 22.06 62.60
C LYS H 120 82.92 22.33 63.60
N ARG H 121 82.91 23.52 64.20
CA ARG H 121 83.88 23.83 65.25
C ARG H 121 83.70 22.92 66.45
N TYR H 122 82.44 22.64 66.81
CA TYR H 122 82.15 21.71 67.89
C TYR H 122 82.78 20.35 67.61
N ALA H 123 82.61 19.86 66.38
CA ALA H 123 83.14 18.55 66.02
C ALA H 123 84.66 18.54 66.08
N ILE H 124 85.30 19.62 65.62
CA ILE H 124 86.75 19.71 65.71
C ILE H 124 87.20 19.66 67.16
N CYS H 125 86.51 20.39 68.04
CA CYS H 125 86.87 20.39 69.45
C CYS H 125 86.70 19.01 70.06
N SER H 126 85.62 18.31 69.71
CA SER H 126 85.40 16.96 70.23
C SER H 126 86.48 16.00 69.76
N ALA H 127 86.85 16.08 68.48
CA ALA H 127 87.88 15.20 67.96
C ALA H 127 89.23 15.47 68.61
N LEU H 128 89.57 16.74 68.81
CA LEU H 128 90.81 17.07 69.50
C LEU H 128 90.81 16.57 70.93
N ALA H 129 89.68 16.74 71.64
CA ALA H 129 89.61 16.29 73.02
C ALA H 129 89.73 14.78 73.10
N ALA H 130 89.13 14.06 72.17
CA ALA H 130 89.21 12.62 72.16
C ALA H 130 90.57 12.10 71.73
N SER H 131 91.35 12.90 71.00
CA SER H 131 92.68 12.47 70.61
C SER H 131 93.68 12.50 71.75
N ALA H 132 93.30 13.00 72.93
CA ALA H 132 94.19 13.04 74.08
C ALA H 132 93.84 12.00 75.13
N LEU H 133 92.92 11.09 74.85
CA LEU H 133 92.56 10.03 75.78
C LEU H 133 93.07 8.71 75.25
N PRO H 134 94.00 8.05 75.96
CA PRO H 134 94.60 6.82 75.41
C PRO H 134 93.61 5.71 75.14
N ALA H 135 92.51 5.62 75.89
CA ALA H 135 91.54 4.58 75.63
C ALA H 135 90.90 4.76 74.25
N LEU H 136 90.59 5.99 73.88
CA LEU H 136 89.94 6.24 72.60
C LEU H 136 90.88 6.06 71.44
N VAL H 137 92.14 6.48 71.59
CA VAL H 137 93.12 6.28 70.51
C VAL H 137 93.43 4.81 70.35
N MET H 138 93.58 4.08 71.47
CA MET H 138 93.80 2.66 71.38
C MET H 138 92.60 1.96 70.75
N SER H 139 91.39 2.46 71.02
CA SER H 139 90.20 1.89 70.43
C SER H 139 90.03 2.23 68.96
N LYS H 140 90.65 3.32 68.49
CA LYS H 140 90.83 3.49 67.06
C LYS H 140 91.94 2.62 66.52
N GLY H 141 92.78 2.07 67.39
CA GLY H 141 93.72 1.03 66.99
C GLY H 141 95.02 1.59 66.49
N HIS H 142 95.66 2.44 67.28
CA HIS H 142 96.79 3.23 66.81
C HIS H 142 98.11 2.88 67.48
N ARG H 143 98.18 1.76 68.19
CA ARG H 143 99.44 1.21 68.70
C ARG H 143 100.21 2.22 69.54
N ILE H 144 99.50 2.95 70.39
CA ILE H 144 100.13 3.93 71.28
C ILE H 144 100.44 3.19 72.57
N GLU H 145 101.48 2.38 72.53
CA GLU H 145 101.83 1.64 73.73
C GLU H 145 103.16 2.06 74.32
N GLU H 146 104.15 2.38 73.48
CA GLU H 146 105.38 2.95 73.96
C GLU H 146 105.45 4.46 73.74
N VAL H 147 104.36 5.07 73.31
CA VAL H 147 104.34 6.52 73.16
C VAL H 147 104.46 7.15 74.54
N PRO H 148 105.44 8.03 74.76
CA PRO H 148 105.68 8.52 76.13
C PRO H 148 104.55 9.36 76.70
N GLU H 149 103.72 9.97 75.86
CA GLU H 149 102.67 10.87 76.32
C GLU H 149 101.68 11.04 75.19
N LEU H 150 100.40 10.81 75.46
CA LEU H 150 99.44 10.77 74.36
C LEU H 150 99.27 12.11 73.66
N PRO H 151 99.10 13.25 74.37
CA PRO H 151 99.29 14.52 73.66
C PRO H 151 100.77 14.68 73.36
N LEU H 152 101.21 14.05 72.28
CA LEU H 152 102.61 13.92 71.95
C LEU H 152 103.08 15.15 71.20
N VAL H 153 103.96 15.92 71.82
CA VAL H 153 104.43 17.18 71.30
C VAL H 153 105.93 17.08 71.07
N VAL H 154 106.37 17.49 69.88
CA VAL H 154 107.78 17.48 69.54
C VAL H 154 108.25 18.89 69.26
N GLU H 155 109.56 19.07 69.29
CA GLU H 155 110.14 20.39 69.14
C GLU H 155 109.95 20.91 67.72
N ASP H 156 110.14 22.22 67.56
CA ASP H 156 109.85 22.90 66.31
C ASP H 156 110.79 22.48 65.18
N LYS H 157 111.95 21.92 65.51
CA LYS H 157 112.93 21.61 64.46
C LYS H 157 112.43 20.53 63.52
N VAL H 158 111.38 19.81 63.90
CA VAL H 158 110.77 18.82 63.02
C VAL H 158 110.20 19.50 61.78
N GLU H 159 109.72 20.74 61.92
CA GLU H 159 109.11 21.44 60.81
C GLU H 159 110.09 21.71 59.67
N GLY H 160 111.39 21.66 59.94
CA GLY H 160 112.37 21.95 58.92
C GLY H 160 113.05 20.72 58.35
N TYR H 161 112.48 19.55 58.59
CA TYR H 161 113.03 18.33 58.04
C TYR H 161 112.95 18.34 56.52
N LYS H 162 113.89 17.69 55.88
CA LYS H 162 113.92 17.65 54.43
C LYS H 162 113.88 16.26 53.83
N LYS H 163 114.55 15.30 54.45
CA LYS H 163 114.63 13.95 53.94
C LYS H 163 113.61 13.07 54.62
N THR H 164 113.21 12.00 53.94
CA THR H 164 112.31 11.02 54.53
C THR H 164 113.01 10.16 55.57
N LYS H 165 114.33 10.03 55.47
CA LYS H 165 115.07 9.24 56.43
C LYS H 165 114.93 9.79 57.84
N GLU H 166 115.05 11.11 57.99
CA GLU H 166 114.92 11.69 59.31
C GLU H 166 113.49 11.70 59.82
N ALA H 167 112.50 11.75 58.93
CA ALA H 167 111.11 11.55 59.37
C ALA H 167 110.90 10.15 59.91
N VAL H 168 111.43 9.15 59.21
CA VAL H 168 111.33 7.77 59.70
C VAL H 168 112.04 7.63 61.02
N LEU H 169 113.22 8.22 61.15
CA LEU H 169 113.98 8.15 62.40
C LEU H 169 113.23 8.82 63.54
N LEU H 170 112.60 9.96 63.27
CA LEU H 170 111.81 10.63 64.30
C LEU H 170 110.65 9.77 64.76
N LEU H 171 109.93 9.15 63.82
CA LEU H 171 108.84 8.26 64.22
C LEU H 171 109.35 7.08 65.03
N LYS H 172 110.48 6.49 64.62
CA LYS H 172 111.05 5.39 65.36
C LYS H 172 111.41 5.78 66.78
N LYS H 173 112.00 6.97 66.94
CA LYS H 173 112.40 7.40 68.28
C LYS H 173 111.25 7.91 69.11
N LEU H 174 110.15 8.31 68.49
CA LEU H 174 108.94 8.66 69.22
C LEU H 174 108.07 7.46 69.50
N LYS H 175 108.47 6.28 69.03
CA LYS H 175 107.73 5.04 69.24
C LYS H 175 106.41 5.04 68.49
N ALA H 176 106.27 5.91 67.50
CA ALA H 176 105.13 5.93 66.62
C ALA H 176 105.34 5.09 65.38
N TRP H 177 106.44 4.35 65.31
CA TRP H 177 106.74 3.58 64.12
C TRP H 177 105.89 2.32 64.01
N ASN H 178 105.42 1.79 65.14
CA ASN H 178 104.62 0.58 65.09
C ASN H 178 103.28 0.82 64.41
N ASP H 179 102.74 2.04 64.52
CA ASP H 179 101.55 2.37 63.76
C ASP H 179 101.80 2.36 62.26
N ILE H 180 102.96 2.85 61.83
CA ILE H 180 103.31 2.78 60.41
C ILE H 180 103.47 1.34 59.97
N LYS H 181 104.06 0.51 60.82
CA LYS H 181 104.17 -0.91 60.51
C LYS H 181 102.80 -1.55 60.37
N LYS H 182 101.84 -1.13 61.21
CA LYS H 182 100.48 -1.62 61.07
C LYS H 182 99.86 -1.18 59.75
N VAL H 183 100.14 0.04 59.30
CA VAL H 183 99.64 0.46 57.99
C VAL H 183 100.23 -0.41 56.88
N TYR H 184 101.52 -0.69 56.98
CA TYR H 184 102.17 -1.58 56.02
C TYR H 184 101.51 -2.95 56.01
N ALA H 185 101.22 -3.49 57.20
CA ALA H 185 100.53 -4.77 57.29
C ALA H 185 99.12 -4.69 56.73
N SER H 186 98.49 -3.53 56.77
CA SER H 186 97.12 -3.38 56.32
C SER H 186 97.00 -3.04 54.85
N GLN H 187 98.10 -2.84 54.13
CA GLN H 187 98.00 -2.62 52.69
C GLN H 187 97.53 -3.90 52.00
N ARG H 188 96.37 -3.84 51.36
CA ARG H 188 95.86 -4.96 50.59
C ARG H 188 94.92 -4.43 49.50
N MET H 189 94.41 -5.35 48.68
CA MET H 189 93.53 -4.98 47.58
C MET H 189 92.09 -4.85 48.05
N ARG H 190 91.42 -3.82 47.55
CA ARG H 190 90.02 -3.60 47.84
C ARG H 190 89.15 -4.65 47.14
N ALA H 191 88.02 -4.97 47.75
CA ALA H 191 87.07 -5.90 47.17
C ALA H 191 85.98 -5.15 46.41
N GLY H 192 85.74 -5.55 45.18
CA GLY H 192 84.63 -5.04 44.42
C GLY H 192 85.05 -4.25 43.19
N LYS H 193 84.16 -3.34 42.77
CA LYS H 193 84.35 -2.57 41.56
C LYS H 193 85.27 -1.36 41.75
N GLY H 194 85.67 -1.06 42.97
CA GLY H 194 86.63 0.02 43.17
C GLY H 194 87.93 -0.24 42.43
N LYS H 195 88.30 -1.51 42.30
CA LYS H 195 89.47 -1.86 41.52
C LYS H 195 89.32 -1.42 40.07
N MET H 196 88.13 -1.59 39.51
CA MET H 196 87.85 -1.05 38.19
C MET H 196 87.77 0.46 38.18
N ARG H 197 87.54 1.10 39.33
CA ARG H 197 87.31 2.53 39.34
C ARG H 197 88.38 3.29 40.12
N ASN H 198 89.62 2.81 40.08
CA ASN H 198 90.84 3.50 40.48
C ASN H 198 91.06 3.52 41.99
N ARG H 199 90.17 2.93 42.77
CA ARG H 199 90.41 2.74 44.19
C ARG H 199 90.88 1.30 44.43
N ARG H 200 91.97 0.95 43.77
CA ARG H 200 92.41 -0.44 43.74
C ARG H 200 93.03 -0.89 45.06
N ARG H 201 93.85 -0.04 45.67
CA ARG H 201 94.55 -0.38 46.90
C ARG H 201 93.97 0.36 48.09
N ILE H 202 93.93 -0.32 49.24
CA ILE H 202 93.45 0.27 50.47
C ILE H 202 94.45 0.02 51.58
N GLN H 203 94.40 0.86 52.60
CA GLN H 203 95.26 0.74 53.76
C GLN H 203 94.60 1.51 54.90
N ARG H 204 95.08 1.27 56.11
CA ARG H 204 94.55 1.97 57.25
C ARG H 204 95.27 3.31 57.44
N ARG H 205 94.83 4.07 58.43
CA ARG H 205 95.33 5.42 58.66
C ARG H 205 96.39 5.41 59.75
N GLY H 206 97.48 6.11 59.50
CA GLY H 206 98.53 6.25 60.48
C GLY H 206 98.36 7.51 61.29
N PRO H 207 99.42 7.93 61.99
CA PRO H 207 99.32 9.14 62.80
C PRO H 207 99.18 10.38 61.94
N CYS H 208 98.55 11.39 62.53
CA CYS H 208 98.36 12.70 61.89
C CYS H 208 99.40 13.65 62.46
N ILE H 209 100.26 14.18 61.60
CA ILE H 209 101.27 15.14 62.03
C ILE H 209 100.69 16.54 61.86
N ILE H 210 100.50 17.24 62.97
CA ILE H 210 99.91 18.57 62.94
C ILE H 210 101.02 19.59 63.15
N TYR H 211 101.20 20.46 62.17
CA TYR H 211 102.29 21.41 62.15
C TYR H 211 101.75 22.82 62.09
N ASN H 212 102.63 23.78 62.39
CA ASN H 212 102.30 25.20 62.28
C ASN H 212 102.86 25.83 61.02
N GLU H 213 104.11 25.57 60.70
CA GLU H 213 104.76 26.08 59.50
C GLU H 213 105.36 24.93 58.72
N ASP H 214 105.24 24.99 57.40
CA ASP H 214 105.82 23.99 56.51
C ASP H 214 107.16 24.52 56.02
N ASN H 215 108.23 24.13 56.69
CA ASN H 215 109.58 24.43 56.25
C ASN H 215 110.26 23.19 55.66
N GLY H 216 109.45 22.29 55.13
CA GLY H 216 109.95 21.04 54.58
C GLY H 216 109.35 19.81 55.21
N ILE H 217 108.56 19.95 56.27
CA ILE H 217 108.02 18.79 56.97
C ILE H 217 107.08 18.00 56.07
N ILE H 218 106.32 18.70 55.22
CA ILE H 218 105.39 18.03 54.32
C ILE H 218 106.14 17.11 53.37
N LYS H 219 107.24 17.58 52.81
CA LYS H 219 108.01 16.75 51.90
C LYS H 219 108.79 15.68 52.63
N ALA H 220 109.26 15.95 53.84
CA ALA H 220 109.96 14.93 54.60
C ALA H 220 109.05 13.76 54.91
N PHE H 221 107.84 14.03 55.37
CA PHE H 221 106.79 13.03 55.47
C PHE H 221 106.15 12.91 54.10
N ARG H 222 104.96 12.35 54.02
CA ARG H 222 104.11 12.19 52.84
C ARG H 222 104.57 11.06 51.92
N ASN H 223 105.74 10.49 52.12
CA ASN H 223 106.04 9.21 51.51
C ASN H 223 105.89 8.05 52.49
N ILE H 224 105.65 8.34 53.76
CA ILE H 224 105.31 7.33 54.74
C ILE H 224 103.83 7.01 54.56
N PRO H 225 103.47 5.76 54.29
CA PRO H 225 102.04 5.43 54.19
C PRO H 225 101.33 5.65 55.52
N GLY H 226 100.10 6.13 55.43
CA GLY H 226 99.28 6.38 56.60
C GLY H 226 99.42 7.77 57.18
N ILE H 227 100.56 8.40 57.00
CA ILE H 227 100.82 9.73 57.54
C ILE H 227 100.03 10.76 56.75
N THR H 228 99.27 11.59 57.45
CA THR H 228 98.68 12.79 56.87
C THR H 228 99.16 13.98 57.68
N LEU H 229 99.51 15.06 56.99
CA LEU H 229 99.99 16.26 57.63
C LEU H 229 98.93 17.34 57.57
N LEU H 230 98.68 17.98 58.69
CA LEU H 230 97.59 18.91 58.85
C LEU H 230 98.10 20.21 59.47
N ASN H 231 97.74 21.33 58.85
CA ASN H 231 98.05 22.63 59.42
C ASN H 231 97.14 22.90 60.60
N VAL H 232 97.70 23.43 61.68
CA VAL H 232 96.90 23.68 62.88
C VAL H 232 95.81 24.70 62.59
N SER H 233 96.10 25.71 61.77
CA SER H 233 95.11 26.73 61.47
C SER H 233 94.02 26.25 60.54
N LYS H 234 94.15 25.07 59.94
CA LYS H 234 93.21 24.56 58.95
C LYS H 234 92.80 23.14 59.30
N LEU H 235 92.40 22.93 60.55
CA LEU H 235 92.09 21.58 61.02
C LEU H 235 90.87 21.02 60.31
N ASN H 236 90.94 19.76 59.92
CA ASN H 236 89.93 19.09 59.13
C ASN H 236 89.33 17.94 59.92
N ILE H 237 88.01 17.93 60.07
CA ILE H 237 87.36 16.82 60.75
C ILE H 237 87.50 15.53 59.95
N LEU H 238 87.56 15.60 58.62
CA LEU H 238 87.69 14.41 57.81
C LEU H 238 89.03 13.72 58.04
N LYS H 239 90.03 14.45 58.52
CA LYS H 239 91.32 13.85 58.85
C LYS H 239 91.47 13.59 60.34
N LEU H 240 90.83 14.38 61.18
CA LEU H 240 90.94 14.17 62.63
C LEU H 240 90.09 13.02 63.11
N ALA H 241 88.94 12.77 62.48
CA ALA H 241 88.09 11.63 62.81
C ALA H 241 87.87 10.89 61.51
N PRO H 242 88.82 10.05 61.11
CA PRO H 242 88.84 9.56 59.73
C PRO H 242 87.59 8.85 59.28
N GLY H 243 86.98 8.02 60.12
CA GLY H 243 85.81 7.31 59.66
C GLY H 243 84.55 7.80 60.30
N GLY H 244 84.61 9.00 60.87
CA GLY H 244 83.56 9.47 61.75
C GLY H 244 83.74 9.03 63.17
N HIS H 245 84.82 8.31 63.48
CA HIS H 245 85.13 7.87 64.83
C HIS H 245 86.26 8.72 65.39
N VAL H 246 86.10 9.15 66.60
CA VAL H 246 87.08 10.00 67.25
C VAL H 246 88.22 9.15 67.79
N GLY H 247 89.40 9.73 67.85
CA GLY H 247 90.51 9.06 68.48
C GLY H 247 91.67 8.74 67.57
N ARG H 248 91.91 9.56 66.56
CA ARG H 248 93.09 9.37 65.73
C ARG H 248 94.34 9.81 66.48
N PHE H 249 95.39 9.02 66.36
CA PHE H 249 96.68 9.39 66.92
C PHE H 249 97.20 10.65 66.23
N CYS H 250 97.54 11.65 67.04
CA CYS H 250 98.00 12.94 66.53
C CYS H 250 99.32 13.30 67.19
N ILE H 251 100.28 13.72 66.37
CA ILE H 251 101.57 14.21 66.84
C ILE H 251 101.62 15.70 66.56
N TRP H 252 101.84 16.50 67.60
CA TRP H 252 101.82 17.94 67.50
C TRP H 252 103.22 18.50 67.49
N THR H 253 103.44 19.49 66.63
CA THR H 253 104.60 20.35 66.77
C THR H 253 104.32 21.34 67.89
N GLU H 254 105.39 21.80 68.55
CA GLU H 254 105.23 22.69 69.70
C GLU H 254 104.54 23.98 69.32
N SER H 255 104.89 24.55 68.15
CA SER H 255 104.25 25.79 67.72
C SER H 255 102.76 25.60 67.50
N ALA H 256 102.37 24.48 66.89
CA ALA H 256 100.95 24.20 66.70
C ALA H 256 100.25 24.01 68.03
N PHE H 257 100.89 23.30 68.95
CA PHE H 257 100.30 23.06 70.26
C PHE H 257 100.09 24.38 71.00
N ARG H 258 101.02 25.32 70.85
CA ARG H 258 100.86 26.62 71.49
C ARG H 258 99.81 27.47 70.81
N LYS H 259 99.72 27.43 69.49
CA LYS H 259 98.71 28.20 68.77
C LYS H 259 97.30 27.67 69.01
N LEU H 260 97.20 26.41 69.43
CA LEU H 260 95.89 25.80 69.63
C LEU H 260 95.06 26.55 70.66
N ASP H 261 95.70 27.15 71.66
CA ASP H 261 94.94 27.78 72.73
C ASP H 261 94.35 29.12 72.29
N GLU H 262 95.05 29.85 71.42
CA GLU H 262 94.49 31.07 70.84
C GLU H 262 93.69 30.81 69.60
N LEU H 263 93.65 29.58 69.13
CA LEU H 263 92.88 29.27 67.92
C LEU H 263 91.44 28.91 68.23
N TYR H 264 91.20 28.10 69.26
CA TYR H 264 89.85 27.75 69.67
C TYR H 264 89.44 28.40 70.98
N GLY H 265 90.38 28.99 71.70
CA GLY H 265 90.06 29.75 72.88
C GLY H 265 90.07 28.92 74.15
N THR H 266 90.10 29.64 75.26
CA THR H 266 89.96 29.12 76.61
C THR H 266 88.51 29.29 77.00
N TRP H 267 88.10 28.65 78.10
CA TRP H 267 86.75 28.95 78.58
C TRP H 267 86.64 30.32 79.22
N ARG H 268 87.75 30.94 79.59
CA ARG H 268 87.72 32.27 80.17
C ARG H 268 88.30 33.34 79.26
N LYS H 269 88.63 33.00 78.02
CA LYS H 269 88.87 34.00 77.00
C LYS H 269 88.51 33.43 75.64
N ALA H 270 87.87 34.25 74.82
CA ALA H 270 87.44 33.80 73.50
C ALA H 270 88.64 33.58 72.60
N ALA H 271 88.40 32.86 71.51
CA ALA H 271 89.44 32.64 70.52
C ALA H 271 89.87 33.95 69.91
N SER H 272 91.17 34.16 69.81
CA SER H 272 91.69 35.37 69.20
C SER H 272 91.86 35.26 67.69
N LEU H 273 91.68 34.07 67.12
CA LEU H 273 91.83 33.87 65.69
C LEU H 273 90.56 33.34 65.04
N LYS H 274 89.41 33.50 65.69
CA LYS H 274 88.15 33.14 65.07
C LYS H 274 87.05 34.18 65.26
N SER H 275 87.27 35.22 66.05
CA SER H 275 86.52 36.47 66.07
C SER H 275 85.12 36.37 66.68
N ASN H 276 84.60 35.18 66.86
CA ASN H 276 83.38 35.04 67.62
C ASN H 276 83.30 33.74 68.40
N TYR H 277 84.32 32.90 68.38
CA TYR H 277 84.18 31.55 68.88
C TYR H 277 84.65 31.45 70.33
N ASN H 278 83.93 30.65 71.10
CA ASN H 278 84.36 30.25 72.42
C ASN H 278 84.10 28.76 72.55
N LEU H 279 84.85 28.13 73.45
CA LEU H 279 84.74 26.69 73.62
C LEU H 279 83.33 26.33 74.09
N PRO H 280 82.77 25.22 73.62
CA PRO H 280 81.44 24.82 74.06
C PRO H 280 81.43 24.35 75.51
N MET H 281 80.26 24.46 76.12
CA MET H 281 80.08 24.21 77.55
C MET H 281 79.59 22.79 77.80
N HIS H 282 79.96 22.27 78.96
CA HIS H 282 79.51 20.96 79.40
C HIS H 282 78.13 21.06 80.04
N LYS H 283 77.28 20.08 79.74
CA LYS H 283 76.04 19.94 80.50
C LYS H 283 76.21 18.99 81.67
N MET H 284 77.41 18.47 81.88
CA MET H 284 77.70 17.58 83.00
C MET H 284 79.16 17.81 83.37
N ILE H 285 79.40 18.52 84.47
CA ILE H 285 80.76 18.88 84.85
C ILE H 285 81.54 17.64 85.25
N ASN H 286 80.98 16.83 86.14
CA ASN H 286 81.66 15.65 86.67
C ASN H 286 80.97 14.43 86.06
N THR H 287 81.63 13.79 85.11
CA THR H 287 81.08 12.62 84.44
C THR H 287 81.45 11.32 85.13
N ASP H 288 82.07 11.39 86.31
CA ASP H 288 82.46 10.20 87.07
C ASP H 288 81.25 9.68 87.83
N LEU H 289 80.46 8.87 87.13
CA LEU H 289 79.23 8.33 87.72
C LEU H 289 79.54 7.49 88.95
N SER H 290 80.64 6.75 88.93
CA SER H 290 81.00 5.93 90.08
C SER H 290 81.28 6.78 91.31
N ARG H 291 82.09 7.83 91.17
CA ARG H 291 82.36 8.70 92.31
C ARG H 291 81.10 9.37 92.80
N ILE H 292 80.24 9.85 91.88
CA ILE H 292 79.02 10.53 92.29
C ILE H 292 78.14 9.58 93.08
N LEU H 293 77.99 8.34 92.63
CA LEU H 293 77.14 7.40 93.34
C LEU H 293 77.76 7.00 94.68
N LYS H 294 79.08 6.80 94.72
CA LYS H 294 79.72 6.41 95.98
C LYS H 294 79.80 7.56 96.98
N SER H 295 79.51 8.79 96.56
CA SER H 295 79.63 9.94 97.44
C SER H 295 78.71 9.80 98.65
N PRO H 296 79.14 10.26 99.82
CA PRO H 296 78.31 10.12 101.02
C PRO H 296 76.99 10.84 100.95
N GLU H 297 76.93 11.99 100.27
CA GLU H 297 75.69 12.76 100.22
C GLU H 297 74.61 12.02 99.43
N ILE H 298 74.97 11.34 98.35
CA ILE H 298 73.99 10.53 97.64
C ILE H 298 73.58 9.34 98.48
N GLN H 299 74.54 8.68 99.12
CA GLN H 299 74.25 7.45 99.85
C GLN H 299 73.39 7.72 101.07
N ARG H 300 73.50 8.90 101.67
CA ARG H 300 72.67 9.23 102.83
C ARG H 300 71.20 9.32 102.46
N ALA H 301 70.89 9.67 101.22
CA ALA H 301 69.52 9.91 100.80
C ALA H 301 68.80 8.67 100.29
N LEU H 302 69.50 7.55 100.16
CA LEU H 302 68.92 6.37 99.54
C LEU H 302 68.17 5.52 100.55
N ARG H 303 67.20 4.77 100.04
CA ARG H 303 66.64 3.66 100.78
C ARG H 303 67.50 2.42 100.57
N ALA H 304 67.33 1.44 101.45
CA ALA H 304 68.16 0.26 101.39
C ALA H 304 67.81 -0.58 100.17
N PRO H 305 68.78 -1.30 99.59
CA PRO H 305 68.49 -2.12 98.42
C PRO H 305 67.57 -3.28 98.75
N ARG H 306 66.78 -3.67 97.76
CA ARG H 306 65.91 -4.83 97.85
C ARG H 306 66.52 -5.89 96.95
N LYS H 307 67.43 -6.68 97.52
CA LYS H 307 68.22 -7.61 96.74
C LYS H 307 67.73 -9.05 96.84
N LYS H 308 66.60 -9.29 97.50
CA LYS H 308 66.05 -10.63 97.59
C LYS H 308 65.12 -10.89 96.42
N ILE H 309 65.27 -12.04 95.78
CA ILE H 309 64.46 -12.42 94.65
C ILE H 309 63.23 -13.18 95.16
N HIS H 310 62.05 -12.76 94.71
CA HIS H 310 60.81 -13.45 95.06
C HIS H 310 60.29 -14.13 93.81
N ARG H 311 60.52 -15.43 93.71
CA ARG H 311 60.09 -16.20 92.55
C ARG H 311 58.66 -16.68 92.73
N ARG H 312 58.11 -17.23 91.65
CA ARG H 312 56.74 -17.69 91.65
C ARG H 312 56.55 -18.79 92.68
N VAL H 313 55.50 -18.67 93.48
CA VAL H 313 55.16 -19.69 94.45
C VAL H 313 54.19 -20.67 93.81
N LEU H 314 54.55 -21.94 93.79
CA LEU H 314 53.65 -22.96 93.28
C LEU H 314 52.47 -23.08 94.21
N LYS H 315 51.28 -22.75 93.72
CA LYS H 315 50.08 -22.79 94.54
C LYS H 315 49.74 -24.23 94.87
N LYS H 316 50.01 -24.64 96.11
CA LYS H 316 49.61 -25.94 96.58
C LYS H 316 48.19 -25.86 97.11
N ASN H 317 47.39 -26.86 96.77
CA ASN H 317 45.99 -26.83 97.13
C ASN H 317 45.81 -27.16 98.60
N PRO H 318 45.25 -26.27 99.41
CA PRO H 318 44.68 -26.71 100.68
C PRO H 318 43.46 -27.56 100.38
N LEU H 319 42.89 -28.14 101.44
CA LEU H 319 41.82 -29.14 101.34
C LEU H 319 42.39 -30.45 100.81
N LYS H 320 43.64 -30.45 100.41
CA LYS H 320 44.42 -31.62 100.03
C LYS H 320 45.77 -31.65 100.73
N ASN H 321 46.38 -30.50 100.97
CA ASN H 321 47.67 -30.39 101.63
C ASN H 321 47.44 -29.83 103.02
N LEU H 322 47.66 -30.68 104.03
CA LEU H 322 47.29 -30.34 105.39
C LEU H 322 48.08 -29.14 105.91
N ARG H 323 49.40 -29.15 105.71
CA ARG H 323 50.20 -28.06 106.24
C ARG H 323 49.96 -26.76 105.50
N ILE H 324 49.67 -26.83 104.20
CA ILE H 324 49.30 -25.64 103.47
C ILE H 324 48.00 -25.06 104.00
N MET H 325 47.04 -25.94 104.33
CA MET H 325 45.82 -25.46 104.97
C MET H 325 46.12 -24.82 106.32
N LEU H 326 47.01 -25.43 107.10
CA LEU H 326 47.34 -24.92 108.42
C LEU H 326 48.07 -23.59 108.37
N LYS H 327 48.84 -23.34 107.31
CA LYS H 327 49.50 -22.05 107.19
C LYS H 327 48.52 -20.91 106.96
N LEU H 328 47.33 -21.21 106.47
CA LEU H 328 46.31 -20.18 106.23
C LEU H 328 45.25 -20.15 107.31
N ASN H 329 44.98 -21.28 107.95
CA ASN H 329 43.92 -21.40 108.93
C ASN H 329 44.35 -22.42 109.97
N PRO H 330 45.09 -21.97 111.00
CA PRO H 330 45.61 -22.92 111.98
C PRO H 330 44.54 -23.65 112.76
N TYR H 331 43.34 -23.09 112.85
CA TYR H 331 42.25 -23.77 113.55
C TYR H 331 41.77 -25.01 112.85
N ALA H 332 42.11 -25.17 111.57
CA ALA H 332 41.69 -26.35 110.82
C ALA H 332 42.25 -27.63 111.41
N LYS H 333 43.43 -27.59 112.00
CA LYS H 333 43.98 -28.80 112.61
C LYS H 333 43.13 -29.27 113.79
N THR H 334 42.74 -28.35 114.66
CA THR H 334 41.91 -28.76 115.78
C THR H 334 40.52 -29.15 115.34
N MET H 335 39.97 -28.46 114.34
CA MET H 335 38.66 -28.84 113.83
C MET H 335 38.70 -30.24 113.26
N ARG H 336 39.75 -30.58 112.50
CA ARG H 336 39.86 -31.90 111.92
C ARG H 336 40.16 -32.97 112.96
N ARG H 337 40.96 -32.64 113.98
CA ARG H 337 41.20 -33.60 115.05
C ARG H 337 39.91 -33.90 115.80
N ASN H 338 39.12 -32.86 116.08
CA ASN H 338 37.82 -33.08 116.71
C ASN H 338 36.93 -33.93 115.82
N THR H 339 36.92 -33.68 114.52
CA THR H 339 36.09 -34.46 113.63
C THR H 339 36.51 -35.92 113.60
N ILE H 340 37.82 -36.18 113.54
CA ILE H 340 38.30 -37.56 113.50
C ILE H 340 37.96 -38.28 114.79
N LEU H 341 38.18 -37.62 115.92
CA LEU H 341 37.84 -38.24 117.21
C LEU H 341 36.35 -38.51 117.32
N ARG H 342 35.52 -37.56 116.90
CA ARG H 342 34.07 -37.72 117.00
C ARG H 342 33.58 -38.83 116.08
N GLN H 343 34.12 -38.92 114.86
CA GLN H 343 33.72 -39.98 113.96
C GLN H 343 34.12 -41.35 114.51
N ALA H 344 35.32 -41.45 115.09
CA ALA H 344 35.71 -42.71 115.70
C ALA H 344 34.82 -43.08 116.87
N ARG H 345 34.48 -42.11 117.72
CA ARG H 345 33.61 -42.38 118.86
C ARG H 345 32.25 -42.86 118.40
N ASN H 346 31.66 -42.16 117.44
CA ASN H 346 30.34 -42.54 116.95
C ASN H 346 30.36 -43.90 116.28
N HIS H 347 31.43 -44.20 115.53
CA HIS H 347 31.55 -45.51 114.90
C HIS H 347 31.63 -46.61 115.93
N LYS H 348 32.41 -46.40 117.00
CA LYS H 348 32.51 -47.42 118.03
C LYS H 348 31.18 -47.60 118.77
N LEU H 349 30.47 -46.51 119.06
CA LEU H 349 29.15 -46.63 119.67
C LEU H 349 28.20 -47.42 118.79
N ARG H 350 28.15 -47.10 117.50
CA ARG H 350 27.24 -47.83 116.62
C ARG H 350 27.62 -49.30 116.51
N VAL H 351 28.92 -49.59 116.46
CA VAL H 351 29.36 -50.97 116.34
C VAL H 351 28.97 -51.78 117.58
N ASP H 352 29.28 -51.27 118.76
CA ASP H 352 28.94 -52.06 119.93
C ASP H 352 27.44 -52.06 120.23
N LYS H 353 26.70 -51.04 119.80
CA LYS H 353 25.25 -51.07 119.93
C LYS H 353 24.63 -52.13 119.04
N ALA H 354 25.10 -52.24 117.79
CA ALA H 354 24.62 -53.30 116.92
C ALA H 354 24.98 -54.67 117.46
N ALA H 355 26.21 -54.82 117.97
CA ALA H 355 26.63 -56.11 118.51
C ALA H 355 25.79 -56.49 119.73
N ALA H 356 25.53 -55.52 120.62
CA ALA H 356 24.72 -55.79 121.80
C ALA H 356 23.29 -56.13 121.42
N ALA H 357 22.73 -55.45 120.41
CA ALA H 357 21.37 -55.76 119.96
C ALA H 357 21.30 -57.16 119.36
N ALA H 358 22.30 -57.54 118.57
CA ALA H 358 22.32 -58.89 118.01
C ALA H 358 22.42 -59.95 119.12
N ALA H 359 23.29 -59.69 120.11
CA ALA H 359 23.40 -60.63 121.21
C ALA H 359 22.12 -60.72 122.03
N ALA H 360 21.43 -59.60 122.23
CA ALA H 360 20.17 -59.61 122.95
C ALA H 360 19.10 -60.38 122.19
N LEU H 361 19.05 -60.21 120.87
CA LEU H 361 18.14 -60.99 120.04
C LEU H 361 18.43 -62.48 120.17
N GLN H 362 19.72 -62.85 120.14
CA GLN H 362 20.07 -64.27 120.27
C GLN H 362 19.69 -64.81 121.65
N ALA H 363 19.92 -64.02 122.71
CA ALA H 363 19.57 -64.47 124.04
C ALA H 363 18.07 -64.67 124.19
N LYS H 364 17.27 -63.72 123.69
CA LYS H 364 15.82 -63.84 123.82
C LYS H 364 15.26 -64.91 122.88
N SER H 365 15.95 -65.23 121.80
CA SER H 365 15.47 -66.28 120.89
C SER H 365 15.88 -67.66 121.36
N ASP H 366 17.00 -67.79 122.08
CA ASP H 366 17.49 -69.06 122.57
C ASP H 366 17.58 -69.07 124.08
N GLU H 367 16.60 -68.43 124.74
CA GLU H 367 16.54 -68.41 126.20
C GLU H 367 16.35 -69.80 126.79
N LYS H 368 15.74 -70.72 126.03
CA LYS H 368 15.52 -72.11 126.45
C LYS H 368 14.83 -72.23 127.80
N GLY I 1 -39.75 14.93 67.84
CA GLY I 1 -38.61 15.72 67.45
C GLY I 1 -38.30 15.61 65.98
N PHE I 2 -37.61 16.62 65.43
CA PHE I 2 -37.26 16.63 64.02
C PHE I 2 -35.85 17.14 63.75
N VAL I 3 -35.18 17.76 64.72
CA VAL I 3 -33.85 18.30 64.51
C VAL I 3 -32.86 17.57 65.40
N LYS I 4 -31.61 17.55 64.98
CA LYS I 4 -30.55 16.93 65.79
C LYS I 4 -30.38 17.72 67.07
N VAL I 5 -30.31 17.00 68.20
CA VAL I 5 -30.01 17.65 69.46
C VAL I 5 -28.53 18.00 69.45
N VAL I 6 -28.21 19.28 69.41
CA VAL I 6 -26.81 19.71 69.40
C VAL I 6 -26.15 19.37 70.72
N LYS I 7 -26.81 19.68 71.82
CA LYS I 7 -26.25 19.44 73.15
C LYS I 7 -26.60 18.01 73.59
N ASN I 8 -26.04 17.06 72.86
CA ASN I 8 -26.20 15.65 73.15
C ASN I 8 -25.09 15.19 74.09
N LYS I 9 -24.92 13.88 74.24
CA LYS I 9 -23.91 13.36 75.14
C LYS I 9 -22.50 13.70 74.67
N ALA I 10 -22.23 13.57 73.38
CA ALA I 10 -20.91 13.82 72.85
C ALA I 10 -20.51 15.29 72.96
N TYR I 11 -21.50 16.18 72.84
CA TYR I 11 -21.21 17.61 73.00
C TYR I 11 -20.62 17.89 74.37
N PHE I 12 -21.21 17.31 75.41
CA PHE I 12 -20.68 17.50 76.75
C PHE I 12 -19.41 16.71 76.98
N LYS I 13 -19.26 15.56 76.31
CA LYS I 13 -18.04 14.80 76.48
C LYS I 13 -16.83 15.55 75.96
N ARG I 14 -17.00 16.31 74.88
CA ARG I 14 -15.90 17.09 74.35
C ARG I 14 -15.88 18.55 74.79
N TYR I 15 -16.91 19.01 75.48
CA TYR I 15 -16.97 20.41 75.86
C TYR I 15 -15.86 20.76 76.84
N GLN I 16 -15.15 21.84 76.58
CA GLN I 16 -14.13 22.35 77.49
C GLN I 16 -14.61 23.66 78.08
N VAL I 17 -14.73 23.72 79.40
CA VAL I 17 -15.16 24.95 80.04
C VAL I 17 -14.03 25.97 79.98
N LYS I 18 -14.41 27.24 80.06
CA LYS I 18 -13.43 28.31 80.17
C LYS I 18 -13.00 28.46 81.62
N PHE I 19 -12.12 29.42 81.88
CA PHE I 19 -11.71 29.68 83.25
C PHE I 19 -12.89 30.16 84.06
N ARG I 20 -12.85 29.92 85.37
CA ARG I 20 -14.03 30.19 86.19
C ARG I 20 -14.41 31.65 86.14
N ARG I 21 -13.43 32.55 86.24
CA ARG I 21 -13.76 33.96 86.20
C ARG I 21 -14.08 34.45 84.81
N ARG I 22 -13.61 33.77 83.76
CA ARG I 22 -14.11 34.07 82.43
C ARG I 22 -15.57 33.69 82.29
N ARG I 23 -15.96 32.53 82.81
CA ARG I 23 -17.36 32.13 82.77
C ARG I 23 -18.21 33.09 83.58
N GLU I 24 -17.73 33.50 84.75
CA GLU I 24 -18.43 34.50 85.53
C GLU I 24 -18.42 35.86 84.86
N GLY I 25 -17.57 36.07 83.87
CA GLY I 25 -17.49 37.34 83.19
C GLY I 25 -16.91 38.44 84.05
N LYS I 26 -15.90 38.12 84.84
CA LYS I 26 -15.28 39.08 85.73
C LYS I 26 -13.86 39.44 85.35
N THR I 27 -13.19 38.62 84.53
CA THR I 27 -11.78 38.81 84.21
C THR I 27 -11.56 38.72 82.72
N ASP I 28 -10.87 39.71 82.16
CA ASP I 28 -10.32 39.62 80.81
C ASP I 28 -8.91 39.08 80.94
N TYR I 29 -8.72 37.79 80.65
CA TYR I 29 -7.42 37.18 80.83
C TYR I 29 -6.41 37.66 79.80
N TYR I 30 -6.88 38.09 78.63
CA TYR I 30 -5.98 38.68 77.64
C TYR I 30 -5.30 39.92 78.20
N ALA I 31 -6.06 40.80 78.85
CA ALA I 31 -5.46 41.97 79.47
C ALA I 31 -4.72 41.62 80.74
N ARG I 32 -5.21 40.67 81.51
CA ARG I 32 -4.57 40.31 82.76
C ARG I 32 -3.16 39.78 82.53
N LYS I 33 -2.98 38.97 81.49
CA LYS I 33 -1.65 38.47 81.19
C LYS I 33 -0.68 39.59 80.87
N ARG I 34 -1.11 40.56 80.07
CA ARG I 34 -0.24 41.67 79.75
C ARG I 34 -0.05 42.63 80.91
N LEU I 35 -0.91 42.56 81.92
CA LEU I 35 -0.93 43.62 82.92
C LEU I 35 -0.40 43.21 84.28
N VAL I 36 -0.37 41.91 84.60
CA VAL I 36 0.10 41.48 85.92
C VAL I 36 1.41 40.72 85.87
N ILE I 37 1.89 40.37 84.70
CA ILE I 37 3.06 39.51 84.58
C ILE I 37 4.32 40.37 84.54
N GLN I 38 5.28 40.03 85.39
CA GLN I 38 6.54 40.75 85.48
C GLN I 38 7.56 40.14 84.51
N ASP I 39 8.50 40.99 84.08
CA ASP I 39 9.63 40.51 83.29
C ASP I 39 10.41 39.46 84.08
N LYS I 40 10.99 38.51 83.35
CA LYS I 40 11.67 37.41 84.02
C LYS I 40 13.01 37.84 84.58
N ASN I 41 13.68 38.81 83.97
CA ASN I 41 14.93 39.31 84.52
C ASN I 41 14.71 40.32 85.62
N LYS I 42 13.48 40.48 86.10
CA LYS I 42 13.20 41.24 87.30
C LYS I 42 12.85 40.37 88.49
N TYR I 43 12.65 39.07 88.27
CA TYR I 43 12.58 38.04 89.31
C TYR I 43 11.41 38.35 90.25
N ASN I 44 11.62 38.40 91.56
CA ASN I 44 10.53 38.54 92.50
C ASN I 44 10.17 39.98 92.79
N THR I 45 10.50 40.89 91.89
CA THR I 45 10.05 42.26 92.03
C THR I 45 8.54 42.32 91.85
N PRO I 46 7.79 42.84 92.82
CA PRO I 46 6.34 42.91 92.67
C PRO I 46 5.94 43.95 91.63
N LYS I 47 5.00 43.57 90.77
CA LYS I 47 4.41 44.48 89.80
C LYS I 47 3.08 44.94 90.35
N TYR I 48 2.95 46.23 90.62
CA TYR I 48 1.79 46.75 91.32
C TYR I 48 0.77 47.32 90.34
N ARG I 49 -0.50 47.04 90.61
CA ARG I 49 -1.55 47.64 89.81
C ARG I 49 -2.64 48.15 90.73
N MET I 50 -3.32 49.18 90.26
CA MET I 50 -4.44 49.80 90.94
C MET I 50 -5.71 49.32 90.26
N ILE I 51 -6.37 48.36 90.89
CA ILE I 51 -7.66 47.85 90.43
C ILE I 51 -8.72 48.87 90.77
N VAL I 52 -9.48 49.31 89.77
CA VAL I 52 -10.60 50.23 90.02
C VAL I 52 -11.86 49.57 89.49
N ARG I 53 -12.80 49.29 90.38
CA ARG I 53 -14.04 48.63 90.04
C ARG I 53 -15.21 49.50 90.49
N VAL I 54 -16.05 49.91 89.56
CA VAL I 54 -17.21 50.71 89.89
C VAL I 54 -18.42 49.79 89.95
N THR I 55 -19.12 49.85 91.08
CA THR I 55 -20.28 49.05 91.38
C THR I 55 -21.52 49.95 91.31
N ASN I 56 -22.70 49.32 91.27
CA ASN I 56 -23.96 50.05 91.26
C ASN I 56 -24.07 51.05 92.40
N ARG I 57 -23.54 50.70 93.57
CA ARG I 57 -23.65 51.57 94.73
C ARG I 57 -22.31 51.82 95.43
N ASP I 58 -21.19 51.50 94.80
CA ASP I 58 -19.91 51.58 95.48
C ASP I 58 -18.82 51.79 94.45
N ILE I 59 -17.65 52.20 94.96
CA ILE I 59 -16.41 52.21 94.18
C ILE I 59 -15.36 51.50 95.00
N ILE I 60 -14.65 50.57 94.38
CA ILE I 60 -13.61 49.80 95.05
C ILE I 60 -12.30 50.11 94.36
N CYS I 61 -11.33 50.59 95.13
CA CYS I 61 -9.98 50.86 94.64
C CYS I 61 -9.01 50.03 95.45
N GLN I 62 -8.22 49.22 94.77
CA GLN I 62 -7.27 48.33 95.43
C GLN I 62 -5.92 48.44 94.77
N ILE I 63 -4.87 48.10 95.50
CA ILE I 63 -3.55 47.95 94.92
C ILE I 63 -3.10 46.52 95.17
N ALA I 64 -2.74 45.82 94.11
CA ALA I 64 -2.42 44.41 94.21
C ALA I 64 -1.23 44.07 93.33
N TYR I 65 -0.55 43.00 93.71
CA TYR I 65 0.49 42.40 92.88
C TYR I 65 0.25 40.91 92.83
N ALA I 66 0.54 40.32 91.67
CA ALA I 66 0.19 38.93 91.43
C ALA I 66 1.18 37.98 92.09
N ARG I 67 0.66 36.87 92.59
CA ARG I 67 1.47 35.78 93.11
C ARG I 67 0.91 34.47 92.57
N ILE I 68 1.70 33.42 92.64
CA ILE I 68 1.27 32.13 92.12
C ILE I 68 0.05 31.63 92.90
N GLU I 69 0.08 31.78 94.22
CA GLU I 69 -1.03 31.38 95.06
C GLU I 69 -2.26 32.26 94.89
N GLY I 70 -2.12 33.40 94.24
CA GLY I 70 -3.22 34.33 94.09
C GLY I 70 -2.77 35.75 94.36
N ASP I 71 -3.59 36.72 93.97
CA ASP I 71 -3.20 38.12 94.08
C ASP I 71 -3.14 38.55 95.53
N MET I 72 -2.25 39.51 95.80
CA MET I 72 -2.06 40.03 97.15
C MET I 72 -2.43 41.50 97.16
N ILE I 73 -3.47 41.85 97.88
CA ILE I 73 -3.91 43.23 98.02
C ILE I 73 -3.18 43.86 99.20
N VAL I 74 -2.44 44.94 98.93
CA VAL I 74 -1.67 45.61 99.96
C VAL I 74 -2.37 46.83 100.52
N CYS I 75 -3.39 47.34 99.85
CA CYS I 75 -4.13 48.49 100.31
C CYS I 75 -5.43 48.57 99.54
N ALA I 76 -6.52 48.79 100.25
CA ALA I 76 -7.83 48.90 99.63
C ALA I 76 -8.56 50.09 100.23
N ALA I 77 -9.31 50.79 99.40
CA ALA I 77 -10.15 51.89 99.82
C ALA I 77 -11.50 51.76 99.15
N TYR I 78 -12.55 52.13 99.88
CA TYR I 78 -13.91 51.97 99.41
C TYR I 78 -14.62 53.32 99.43
N ALA I 79 -15.62 53.44 98.57
CA ALA I 79 -16.43 54.66 98.59
C ALA I 79 -17.49 54.62 99.67
N HIS I 80 -17.77 53.45 100.26
CA HIS I 80 -18.76 53.39 101.31
C HIS I 80 -18.22 53.84 102.66
N GLU I 81 -16.91 53.96 102.80
CA GLU I 81 -16.33 54.55 104.00
C GLU I 81 -16.06 56.03 103.82
N LEU I 82 -16.42 56.60 102.68
CA LEU I 82 -16.39 58.06 102.53
C LEU I 82 -17.25 58.79 103.55
N PRO I 83 -18.46 58.34 103.96
CA PRO I 83 -19.24 59.11 104.94
C PRO I 83 -18.55 59.39 106.26
N LYS I 84 -17.43 58.72 106.53
CA LYS I 84 -16.67 59.01 107.75
C LYS I 84 -16.25 60.47 107.80
N TYR I 85 -15.91 61.04 106.66
CA TYR I 85 -15.50 62.44 106.57
C TYR I 85 -16.24 63.11 105.43
N GLY I 86 -16.74 64.32 105.68
CA GLY I 86 -17.27 65.14 104.61
C GLY I 86 -18.41 64.52 103.81
N VAL I 87 -18.08 64.09 102.60
CA VAL I 87 -19.04 63.55 101.63
C VAL I 87 -19.83 62.43 102.28
N LYS I 88 -21.16 62.52 102.15
CA LYS I 88 -22.08 61.63 102.83
C LYS I 88 -23.06 60.96 101.88
N VAL I 89 -23.41 61.63 100.78
CA VAL I 89 -24.37 61.14 99.81
C VAL I 89 -23.75 61.28 98.43
N GLY I 90 -24.39 60.69 97.43
CA GLY I 90 -23.91 60.79 96.07
C GLY I 90 -22.58 60.10 95.84
N LEU I 91 -22.41 58.90 96.38
CA LEU I 91 -21.24 58.11 96.07
C LEU I 91 -21.33 57.61 94.64
N THR I 92 -20.38 56.76 94.27
CA THR I 92 -20.23 56.14 92.93
C THR I 92 -20.33 57.16 91.80
N ASN I 93 -20.05 58.44 92.05
CA ASN I 93 -19.94 59.43 91.00
C ASN I 93 -18.48 59.81 90.83
N TYR I 94 -18.22 60.76 89.92
CA TYR I 94 -16.83 61.09 89.59
C TYR I 94 -16.10 61.72 90.76
N ALA I 95 -16.78 62.57 91.52
CA ALA I 95 -16.15 63.18 92.67
C ALA I 95 -15.80 62.15 93.72
N ALA I 96 -16.71 61.20 93.97
CA ALA I 96 -16.40 60.14 94.92
C ALA I 96 -15.31 59.23 94.40
N ALA I 97 -15.22 59.03 93.09
CA ALA I 97 -14.12 58.27 92.52
C ALA I 97 -12.79 58.95 92.80
N TYR I 98 -12.73 60.26 92.61
CA TYR I 98 -11.53 61.00 92.95
C TYR I 98 -11.21 60.87 94.43
N CYS I 99 -12.23 60.99 95.28
CA CYS I 99 -12.01 60.91 96.72
C CYS I 99 -11.47 59.56 97.14
N THR I 100 -12.03 58.48 96.59
CA THR I 100 -11.57 57.15 96.98
C THR I 100 -10.21 56.82 96.38
N GLY I 101 -9.88 57.34 95.19
CA GLY I 101 -8.53 57.17 94.69
C GLY I 101 -7.51 57.91 95.53
N LEU I 102 -7.83 59.15 95.91
CA LEU I 102 -6.95 59.92 96.79
C LEU I 102 -6.81 59.23 98.14
N LEU I 103 -7.89 58.68 98.67
CA LEU I 103 -7.83 57.97 99.93
C LEU I 103 -6.96 56.73 99.83
N LEU I 104 -7.07 55.98 98.74
CA LEU I 104 -6.23 54.80 98.58
C LEU I 104 -4.76 55.20 98.50
N ALA I 105 -4.45 56.25 97.74
CA ALA I 105 -3.07 56.70 97.65
C ALA I 105 -2.54 57.15 99.00
N ARG I 106 -3.33 57.91 99.75
CA ARG I 106 -2.87 58.39 101.06
C ARG I 106 -2.70 57.23 102.02
N ARG I 107 -3.61 56.26 102.00
CA ARG I 107 -3.52 55.11 102.89
C ARG I 107 -2.28 54.29 102.63
N LEU I 108 -2.02 53.99 101.35
CA LEU I 108 -0.82 53.23 101.00
C LEU I 108 0.46 53.98 101.34
N LEU I 109 0.50 55.28 101.02
CA LEU I 109 1.70 56.06 101.31
C LEU I 109 1.94 56.15 102.80
N ASN I 110 0.88 56.29 103.60
CA ASN I 110 1.03 56.32 105.04
C ASN I 110 1.53 54.99 105.57
N ARG I 111 1.03 53.88 105.01
CA ARG I 111 1.51 52.57 105.44
C ARG I 111 3.01 52.42 105.16
N PHE I 112 3.45 52.88 103.99
CA PHE I 112 4.88 52.77 103.67
C PHE I 112 5.71 53.80 104.43
N GLY I 113 5.10 54.86 104.93
CA GLY I 113 5.85 55.89 105.62
C GLY I 113 6.32 57.02 104.74
N MET I 114 5.78 57.17 103.54
CA MET I 114 6.16 58.24 102.62
C MET I 114 4.98 59.20 102.49
N ASP I 115 4.89 60.13 103.42
CA ASP I 115 3.86 61.15 103.37
C ASP I 115 4.44 62.55 103.36
N LYS I 116 5.46 62.79 104.17
CA LYS I 116 6.14 64.08 104.14
C LYS I 116 6.85 64.27 102.81
N ILE I 117 7.48 63.22 102.33
CA ILE I 117 7.86 63.14 100.93
C ILE I 117 6.67 62.61 100.16
N TYR I 118 6.52 63.08 98.91
CA TYR I 118 5.40 62.74 98.05
C TYR I 118 4.07 63.13 98.69
N GLU I 119 3.91 64.44 98.88
CA GLU I 119 2.65 65.02 99.30
C GLU I 119 1.65 65.13 98.16
N GLY I 120 2.06 64.85 96.93
CA GLY I 120 1.16 64.95 95.81
C GLY I 120 0.79 66.40 95.51
N GLN I 121 -0.39 66.56 94.92
CA GLN I 121 -0.92 67.87 94.59
C GLN I 121 -2.11 68.15 95.49
N VAL I 122 -1.92 69.02 96.48
CA VAL I 122 -2.97 69.31 97.45
C VAL I 122 -4.04 70.23 96.85
N GLU I 123 -3.62 71.35 96.25
CA GLU I 123 -4.58 72.24 95.60
C GLU I 123 -5.06 71.60 94.32
N VAL I 124 -6.33 71.22 94.28
CA VAL I 124 -6.83 70.38 93.20
C VAL I 124 -7.08 71.25 91.97
N THR I 125 -6.31 71.00 90.92
CA THR I 125 -6.59 71.52 89.60
C THR I 125 -6.51 70.36 88.61
N GLY I 126 -7.33 70.44 87.56
CA GLY I 126 -7.47 69.30 86.69
C GLY I 126 -6.30 69.04 85.75
N ASP I 127 -5.33 69.94 85.72
CA ASP I 127 -4.19 69.80 84.82
C ASP I 127 -3.36 68.57 85.18
N GLU I 128 -2.62 68.06 84.21
CA GLU I 128 -1.84 66.85 84.42
C GLU I 128 -0.75 67.09 85.45
N TYR I 129 -0.61 66.15 86.38
CA TYR I 129 0.41 66.17 87.40
C TYR I 129 1.02 64.78 87.49
N ASN I 130 2.35 64.73 87.50
CA ASN I 130 3.06 63.47 87.66
C ASN I 130 4.09 63.64 88.75
N VAL I 131 4.01 62.81 89.77
CA VAL I 131 4.97 62.87 90.87
C VAL I 131 6.29 62.29 90.39
N GLU I 132 7.38 62.97 90.72
CA GLU I 132 8.71 62.49 90.41
C GLU I 132 9.45 62.14 91.70
N SER I 133 10.30 61.14 91.62
CA SER I 133 11.04 60.68 92.79
C SER I 133 12.04 61.73 93.24
N ILE I 134 12.25 61.81 94.55
CA ILE I 134 13.17 62.76 95.15
C ILE I 134 14.47 62.05 95.45
N ASP I 135 15.58 62.66 95.07
CA ASP I 135 16.89 62.08 95.33
C ASP I 135 17.17 61.99 96.82
N GLY I 136 17.76 60.87 97.25
CA GLY I 136 18.03 60.65 98.64
C GLY I 136 16.86 60.13 99.45
N GLN I 137 15.71 59.96 98.82
CA GLN I 137 14.49 59.49 99.46
C GLN I 137 14.03 58.21 98.76
N PRO I 138 13.22 57.39 99.42
CA PRO I 138 12.67 56.21 98.74
C PRO I 138 11.88 56.62 97.51
N GLY I 139 11.98 55.82 96.47
CA GLY I 139 11.36 56.18 95.20
C GLY I 139 9.86 56.22 95.27
N ALA I 140 9.27 56.93 94.32
CA ALA I 140 7.83 57.05 94.25
C ALA I 140 7.19 55.71 93.91
N PHE I 141 6.06 55.43 94.53
CA PHE I 141 5.36 54.17 94.30
C PHE I 141 4.77 54.16 92.90
N THR I 142 5.10 53.14 92.12
CA THR I 142 4.66 53.04 90.73
C THR I 142 3.71 51.86 90.59
N CYS I 143 2.52 52.13 90.09
CA CYS I 143 1.53 51.09 89.83
C CYS I 143 0.78 51.45 88.56
N TYR I 144 0.19 50.43 87.94
CA TYR I 144 -0.49 50.59 86.66
C TYR I 144 -1.98 50.40 86.83
N LEU I 145 -2.77 51.18 86.11
CA LEU I 145 -4.22 51.12 86.27
C LEU I 145 -4.78 49.83 85.69
N ASP I 146 -5.69 49.20 86.41
CA ASP I 146 -6.44 48.04 85.95
C ASP I 146 -7.91 48.45 85.93
N ALA I 147 -8.42 48.70 84.72
CA ALA I 147 -9.81 49.09 84.53
C ALA I 147 -10.72 47.89 84.38
N GLY I 148 -10.19 46.74 84.02
CA GLY I 148 -11.02 45.56 83.87
C GLY I 148 -11.79 45.60 82.59
N LEU I 149 -13.08 45.30 82.66
CA LEU I 149 -13.94 45.25 81.50
C LEU I 149 -14.63 46.58 81.20
N ALA I 150 -14.27 47.64 81.93
CA ALA I 150 -14.87 48.94 81.69
C ALA I 150 -14.40 49.51 80.35
N ARG I 151 -15.33 50.11 79.62
CA ARG I 151 -14.99 50.78 78.36
C ARG I 151 -14.32 52.11 78.70
N THR I 152 -13.04 52.22 78.34
CA THR I 152 -12.23 53.37 78.75
C THR I 152 -12.38 54.51 77.75
N THR I 153 -13.56 55.12 77.78
CA THR I 153 -13.81 56.33 77.02
C THR I 153 -13.55 57.55 77.90
N THR I 154 -13.63 58.72 77.29
CA THR I 154 -13.34 59.96 78.01
C THR I 154 -14.40 60.20 79.07
N GLY I 155 -13.96 60.29 80.33
CA GLY I 155 -14.87 60.56 81.43
C GLY I 155 -15.23 59.36 82.28
N ASN I 156 -14.68 58.19 81.99
CA ASN I 156 -14.95 57.03 82.83
C ASN I 156 -14.39 57.25 84.22
N LYS I 157 -15.13 56.78 85.23
CA LYS I 157 -14.77 57.03 86.62
C LYS I 157 -13.49 56.35 87.05
N VAL I 158 -13.02 55.34 86.32
CA VAL I 158 -11.71 54.76 86.63
C VAL I 158 -10.63 55.81 86.49
N PHE I 159 -10.79 56.75 85.56
CA PHE I 159 -9.82 57.81 85.41
C PHE I 159 -9.95 58.89 86.48
N GLY I 160 -11.14 59.08 87.05
CA GLY I 160 -11.24 59.90 88.23
C GLY I 160 -10.52 59.27 89.42
N ALA I 161 -10.66 57.96 89.57
CA ALA I 161 -9.90 57.27 90.61
C ALA I 161 -8.41 57.39 90.37
N LEU I 162 -7.97 57.26 89.13
CA LEU I 162 -6.57 57.43 88.79
C LEU I 162 -6.09 58.84 89.10
N LYS I 163 -6.91 59.84 88.77
CA LYS I 163 -6.54 61.22 89.06
C LYS I 163 -6.39 61.43 90.56
N GLY I 164 -7.31 60.86 91.34
CA GLY I 164 -7.17 60.93 92.78
C GLY I 164 -5.90 60.29 93.28
N ALA I 165 -5.54 59.14 92.72
CA ALA I 165 -4.33 58.45 93.15
C ALA I 165 -3.07 59.25 92.81
N VAL I 166 -3.00 59.79 91.59
CA VAL I 166 -1.81 60.52 91.20
C VAL I 166 -1.71 61.83 91.95
N ASP I 167 -2.83 62.42 92.35
CA ASP I 167 -2.75 63.59 93.22
C ASP I 167 -2.43 63.20 94.65
N GLY I 168 -2.74 61.97 95.05
CA GLY I 168 -2.32 61.49 96.34
C GLY I 168 -0.86 61.15 96.43
N GLY I 169 -0.21 60.93 95.30
CA GLY I 169 1.23 60.78 95.31
C GLY I 169 1.72 59.48 94.71
N LEU I 170 0.85 58.82 93.99
CA LEU I 170 1.18 57.56 93.34
C LEU I 170 1.55 57.82 91.90
N SER I 171 2.70 57.30 91.48
CA SER I 171 3.17 57.45 90.11
C SER I 171 2.48 56.42 89.25
N ILE I 172 1.44 56.84 88.52
CA ILE I 172 0.72 55.98 87.61
C ILE I 172 0.83 56.58 86.21
N PRO I 173 1.40 55.86 85.25
CA PRO I 173 1.50 56.40 83.89
C PRO I 173 0.12 56.60 83.28
N HIS I 174 -0.09 57.78 82.70
CA HIS I 174 -1.37 58.10 82.10
C HIS I 174 -1.20 59.30 81.20
N SER I 175 -2.21 59.55 80.39
CA SER I 175 -2.34 60.77 79.63
C SER I 175 -3.67 61.42 79.98
N THR I 176 -3.84 62.67 79.55
CA THR I 176 -5.06 63.41 79.84
C THR I 176 -6.16 63.18 78.82
N LYS I 177 -5.93 62.28 77.86
CA LYS I 177 -6.90 62.11 76.77
C LYS I 177 -8.23 61.57 77.30
N ARG I 178 -8.21 60.87 78.41
CA ARG I 178 -9.42 60.22 78.93
C ARG I 178 -10.00 60.94 80.14
N PHE I 179 -9.55 62.09 80.44
CA PHE I 179 -10.19 62.85 81.50
C PHE I 179 -11.37 63.64 80.95
N PRO I 180 -12.36 63.95 81.79
CA PRO I 180 -13.55 64.66 81.29
C PRO I 180 -13.25 66.01 80.66
N GLY I 181 -12.12 66.62 80.95
CA GLY I 181 -11.82 67.89 80.33
C GLY I 181 -11.43 67.83 78.87
N TYR I 182 -11.11 66.64 78.36
CA TYR I 182 -10.55 66.51 77.03
C TYR I 182 -11.61 66.71 75.97
N ASP I 183 -11.30 67.50 74.96
CA ASP I 183 -12.17 67.73 73.83
C ASP I 183 -11.65 66.95 72.63
N SER I 184 -12.46 66.03 72.12
CA SER I 184 -11.99 65.16 71.05
C SER I 184 -11.86 65.89 69.72
N GLU I 185 -12.72 66.89 69.48
CA GLU I 185 -12.67 67.62 68.23
C GLU I 185 -11.39 68.43 68.10
N SER I 186 -11.04 69.19 69.14
CA SER I 186 -9.88 70.06 69.10
C SER I 186 -8.61 69.39 69.60
N LYS I 187 -8.71 68.17 70.15
CA LYS I 187 -7.58 67.45 70.74
C LYS I 187 -6.90 68.26 71.83
N GLU I 188 -7.68 69.00 72.62
CA GLU I 188 -7.15 69.86 73.66
C GLU I 188 -7.73 69.45 75.01
N PHE I 189 -6.96 69.66 76.07
CA PHE I 189 -7.39 69.36 77.42
C PHE I 189 -7.73 70.68 78.12
N ASN I 190 -8.99 70.82 78.53
CA ASN I 190 -9.42 72.07 79.14
C ASN I 190 -8.83 72.24 80.53
N ALA I 191 -8.83 71.18 81.33
CA ALA I 191 -8.31 71.11 82.70
C ALA I 191 -9.10 71.94 83.69
N GLU I 192 -10.14 72.65 83.27
CA GLU I 192 -11.02 73.38 84.18
C GLU I 192 -12.37 72.72 84.33
N VAL I 193 -12.97 72.26 83.23
CA VAL I 193 -14.17 71.43 83.34
C VAL I 193 -13.83 70.11 84.01
N HIS I 194 -12.59 69.64 83.87
CA HIS I 194 -12.17 68.46 84.61
C HIS I 194 -12.15 68.73 86.10
N ARG I 195 -11.63 69.90 86.51
CA ARG I 195 -11.67 70.26 87.92
C ARG I 195 -13.11 70.40 88.40
N LYS I 196 -13.99 70.93 87.56
CA LYS I 196 -15.40 70.99 87.92
C LYS I 196 -15.96 69.60 88.16
N HIS I 197 -15.62 68.64 87.29
CA HIS I 197 -16.07 67.26 87.50
C HIS I 197 -15.53 66.69 88.79
N ILE I 198 -14.27 67.01 89.12
CA ILE I 198 -13.68 66.52 90.35
C ILE I 198 -14.42 67.07 91.56
N MET I 199 -14.80 68.34 91.51
CA MET I 199 -15.57 68.93 92.61
C MET I 199 -17.06 68.69 92.48
N GLY I 200 -17.49 67.92 91.48
CA GLY I 200 -18.88 67.56 91.34
C GLY I 200 -19.80 68.70 90.96
N GLN I 201 -19.34 69.60 90.10
CA GLN I 201 -20.16 70.72 89.69
C GLN I 201 -21.13 70.36 88.58
N ASN I 202 -20.90 69.25 87.87
CA ASN I 202 -21.91 68.74 86.97
C ASN I 202 -23.14 68.24 87.73
N VAL I 203 -22.94 67.60 88.88
CA VAL I 203 -24.07 67.16 89.69
C VAL I 203 -24.81 68.35 90.29
N ALA I 204 -24.07 69.34 90.79
CA ALA I 204 -24.71 70.54 91.33
C ALA I 204 -25.45 71.30 90.24
N ASP I 205 -24.87 71.36 89.04
CA ASP I 205 -25.55 71.97 87.92
C ASP I 205 -26.83 71.23 87.58
N TYR I 206 -26.80 69.89 87.64
CA TYR I 206 -28.01 69.12 87.40
C TYR I 206 -29.08 69.43 88.44
N MET I 207 -28.67 69.51 89.71
CA MET I 207 -29.63 69.81 90.78
C MET I 207 -30.29 71.16 90.55
N ARG I 208 -29.48 72.20 90.33
CA ARG I 208 -30.06 73.52 90.16
C ARG I 208 -30.79 73.66 88.83
N TYR I 209 -30.48 72.81 87.85
CA TYR I 209 -31.24 72.82 86.60
C TYR I 209 -32.61 72.20 86.79
N LEU I 210 -32.68 71.11 87.55
CA LEU I 210 -33.96 70.50 87.84
C LEU I 210 -34.82 71.40 88.72
N MET I 211 -34.19 72.18 89.60
CA MET I 211 -34.96 73.16 90.36
C MET I 211 -35.65 74.19 89.48
N GLU I 212 -35.12 74.45 88.29
CA GLU I 212 -35.83 75.32 87.35
C GLU I 212 -36.84 74.55 86.50
N GLU I 213 -36.46 73.36 86.03
CA GLU I 213 -37.30 72.65 85.08
C GLU I 213 -38.47 71.93 85.76
N ASP I 214 -38.18 71.00 86.65
CA ASP I 214 -39.20 70.13 87.23
C ASP I 214 -38.87 69.87 88.69
N GLU I 215 -39.73 70.36 89.59
CA GLU I 215 -39.47 70.21 91.02
C GLU I 215 -39.68 68.78 91.48
N ASP I 216 -40.74 68.12 91.01
CA ASP I 216 -40.97 66.74 91.40
C ASP I 216 -39.91 65.81 90.85
N ALA I 217 -39.44 66.06 89.62
CA ALA I 217 -38.32 65.30 89.10
C ALA I 217 -37.05 65.56 89.91
N TYR I 218 -36.86 66.80 90.37
CA TYR I 218 -35.73 67.08 91.25
C TYR I 218 -35.79 66.27 92.52
N LYS I 219 -36.98 66.20 93.14
CA LYS I 219 -37.11 65.40 94.35
C LYS I 219 -36.87 63.93 94.08
N LYS I 220 -37.46 63.39 93.00
CA LYS I 220 -37.32 61.98 92.68
C LYS I 220 -35.87 61.63 92.38
N GLN I 221 -35.15 62.52 91.69
CA GLN I 221 -33.76 62.26 91.37
C GLN I 221 -32.89 62.35 92.61
N PHE I 222 -32.85 63.52 93.24
CA PHE I 222 -31.95 63.72 94.38
C PHE I 222 -32.70 63.60 95.71
N SER I 223 -33.46 62.53 95.86
CA SER I 223 -34.25 62.36 97.08
C SER I 223 -33.38 62.28 98.32
N GLN I 224 -32.25 61.58 98.24
CA GLN I 224 -31.34 61.47 99.37
C GLN I 224 -30.42 62.67 99.49
N TYR I 225 -30.46 63.59 98.54
CA TYR I 225 -29.73 64.85 98.68
C TYR I 225 -30.51 65.85 99.52
N ILE I 226 -31.85 65.81 99.47
CA ILE I 226 -32.65 66.57 100.42
C ILE I 226 -32.41 66.07 101.83
N LYS I 227 -32.38 64.76 102.02
CA LYS I 227 -31.82 64.24 103.26
C LYS I 227 -30.32 64.50 103.29
N ASN I 228 -29.76 64.43 104.49
CA ASN I 228 -28.34 64.73 104.74
C ASN I 228 -28.01 66.18 104.44
N SER I 229 -29.01 66.96 104.03
CA SER I 229 -28.91 68.39 103.76
C SER I 229 -27.67 68.74 102.94
N VAL I 230 -27.63 68.20 101.73
CA VAL I 230 -26.55 68.47 100.78
C VAL I 230 -27.13 69.32 99.66
N THR I 231 -26.54 70.49 99.44
CA THR I 231 -27.03 71.46 98.49
C THR I 231 -25.94 71.84 97.48
N PRO I 232 -26.33 72.28 96.28
CA PRO I 232 -25.33 72.60 95.25
C PRO I 232 -24.36 73.70 95.67
N ASP I 233 -24.76 74.58 96.58
CA ASP I 233 -23.83 75.60 97.05
C ASP I 233 -22.72 75.00 97.90
N MET I 234 -23.06 74.11 98.82
CA MET I 234 -22.08 73.54 99.72
C MET I 234 -21.38 72.33 99.14
N MET I 235 -21.74 71.91 97.92
CA MET I 235 -21.18 70.69 97.37
C MET I 235 -19.66 70.77 97.21
N GLU I 236 -19.15 71.86 96.64
CA GLU I 236 -17.72 71.98 96.41
C GLU I 236 -16.95 72.02 97.72
N GLU I 237 -17.45 72.77 98.70
CA GLU I 237 -16.78 72.85 99.99
C GLU I 237 -16.81 71.52 100.71
N MET I 238 -17.91 70.78 100.58
CA MET I 238 -17.96 69.43 101.15
C MET I 238 -16.88 68.55 100.57
N TYR I 239 -16.71 68.59 99.24
CA TYR I 239 -15.68 67.75 98.63
C TYR I 239 -14.28 68.21 99.02
N LYS I 240 -14.07 69.53 99.14
CA LYS I 240 -12.76 70.03 99.55
C LYS I 240 -12.42 69.59 100.97
N LYS I 241 -13.38 69.71 101.89
CA LYS I 241 -13.14 69.27 103.26
C LYS I 241 -12.92 67.76 103.31
N ALA I 242 -13.61 67.01 102.47
CA ALA I 242 -13.37 65.57 102.40
C ALA I 242 -11.95 65.29 101.94
N HIS I 243 -11.46 66.06 100.97
CA HIS I 243 -10.07 65.90 100.54
C HIS I 243 -9.11 66.17 101.68
N ALA I 244 -9.31 67.27 102.39
CA ALA I 244 -8.42 67.59 103.52
C ALA I 244 -8.45 66.52 104.60
N ALA I 245 -9.65 66.04 104.94
CA ALA I 245 -9.77 65.04 105.99
C ALA I 245 -9.21 63.70 105.56
N ILE I 246 -9.28 63.39 104.26
CA ILE I 246 -8.55 62.25 103.74
C ILE I 246 -7.05 62.45 103.96
N ARG I 247 -6.57 63.67 103.71
CA ARG I 247 -5.15 63.95 103.86
C ARG I 247 -4.68 63.71 105.29
N GLU I 248 -5.44 64.20 106.29
CA GLU I 248 -4.92 64.12 107.65
C GLU I 248 -4.90 62.68 108.17
N ASN I 249 -6.03 61.99 108.14
CA ASN I 249 -6.15 60.67 108.75
C ASN I 249 -6.68 59.65 107.75
N PRO I 250 -5.81 59.04 106.97
CA PRO I 250 -6.24 58.00 106.03
C PRO I 250 -6.14 56.58 106.56
N VAL I 251 -5.81 56.38 107.83
CA VAL I 251 -5.58 55.04 108.36
C VAL I 251 -6.91 54.35 108.59
N TYR I 252 -7.02 53.11 108.12
CA TYR I 252 -8.27 52.36 108.22
C TYR I 252 -8.34 51.64 109.55
N GLU I 253 -9.45 51.83 110.26
CA GLU I 253 -9.71 51.16 111.53
C GLU I 253 -10.77 50.11 111.30
N LYS I 254 -10.38 48.84 111.30
CA LYS I 254 -11.32 47.75 111.10
C LYS I 254 -12.30 47.70 112.26
N LYS I 255 -13.59 47.62 111.94
CA LYS I 255 -14.60 47.50 112.96
C LYS I 255 -14.44 46.18 113.71
N PRO I 256 -14.56 46.17 115.04
CA PRO I 256 -14.31 44.93 115.79
C PRO I 256 -15.31 43.85 115.44
N LYS I 257 -14.84 42.61 115.47
CA LYS I 257 -15.69 41.46 115.16
C LYS I 257 -16.77 41.29 116.22
N LYS I 258 -17.90 40.74 115.80
CA LYS I 258 -19.07 40.59 116.65
C LYS I 258 -19.20 39.14 117.12
N GLU I 259 -19.76 38.98 118.32
CA GLU I 259 -20.14 37.66 118.78
C GLU I 259 -21.42 37.24 118.06
N VAL I 260 -21.38 36.08 117.40
CA VAL I 260 -22.46 35.66 116.51
C VAL I 260 -22.73 34.19 116.72
N LYS I 261 -24.00 33.84 116.89
CA LYS I 261 -24.38 32.44 117.00
C LYS I 261 -24.13 31.71 115.70
N LYS I 262 -23.80 30.41 115.79
CA LYS I 262 -23.52 29.61 114.62
C LYS I 262 -24.83 29.11 114.00
N LYS I 263 -25.51 30.04 113.32
CA LYS I 263 -26.74 29.71 112.62
C LYS I 263 -26.45 29.46 111.15
N ARG I 264 -26.95 28.34 110.64
CA ARG I 264 -26.76 27.94 109.26
C ARG I 264 -27.96 28.38 108.43
N TRP I 265 -27.72 29.27 107.47
CA TRP I 265 -28.77 29.77 106.62
C TRP I 265 -28.90 29.00 105.32
N ASN I 266 -28.01 28.06 105.06
CA ASN I 266 -27.99 27.29 103.83
C ASN I 266 -28.31 25.84 104.14
N ARG I 267 -29.14 25.24 103.30
CA ARG I 267 -29.43 23.82 103.44
C ARG I 267 -28.19 23.00 103.11
N PRO I 268 -27.81 22.03 103.93
CA PRO I 268 -26.64 21.21 103.64
C PRO I 268 -26.96 20.14 102.60
N LYS I 269 -25.91 19.46 102.16
CA LYS I 269 -26.09 18.37 101.21
C LYS I 269 -26.80 17.19 101.85
N MET I 270 -27.70 16.57 101.10
CA MET I 270 -28.28 15.31 101.50
C MET I 270 -27.22 14.22 101.42
N SER I 271 -27.24 13.32 102.39
CA SER I 271 -26.29 12.21 102.40
C SER I 271 -26.69 11.15 101.39
N LEU I 272 -25.74 10.25 101.11
CA LEU I 272 -25.99 9.17 100.18
C LEU I 272 -27.11 8.26 100.67
N ALA I 273 -27.13 7.98 101.98
CA ALA I 273 -28.21 7.19 102.54
C ALA I 273 -29.56 7.88 102.37
N GLN I 274 -29.59 9.21 102.57
CA GLN I 274 -30.84 9.95 102.39
C GLN I 274 -31.31 9.88 100.95
N LYS I 275 -30.39 10.03 99.99
CA LYS I 275 -30.79 9.96 98.59
C LYS I 275 -31.31 8.58 98.22
N LYS I 276 -30.64 7.53 98.68
CA LYS I 276 -31.10 6.17 98.40
C LYS I 276 -32.46 5.92 99.02
N ASP I 277 -32.67 6.38 100.25
CA ASP I 277 -33.95 6.21 100.90
C ASP I 277 -35.06 6.97 100.19
N ARG I 278 -34.74 8.16 99.69
CA ARG I 278 -35.72 8.92 98.93
C ARG I 278 -36.13 8.19 97.66
N VAL I 279 -35.15 7.58 96.98
CA VAL I 279 -35.47 6.80 95.80
C VAL I 279 -36.35 5.61 96.15
N ALA I 280 -36.02 4.92 97.24
CA ALA I 280 -36.83 3.77 97.67
C ALA I 280 -38.26 4.20 97.99
N GLN I 281 -38.42 5.31 98.70
CA GLN I 281 -39.76 5.78 99.04
C GLN I 281 -40.54 6.17 97.80
N LYS I 282 -39.89 6.83 96.84
CA LYS I 282 -40.60 7.21 95.63
C LYS I 282 -41.06 5.99 94.85
N LYS I 283 -40.21 4.97 94.76
CA LYS I 283 -40.61 3.73 94.09
C LYS I 283 -41.77 3.07 94.82
N ALA I 284 -41.71 3.03 96.15
CA ALA I 284 -42.77 2.40 96.93
C ALA I 284 -44.09 3.15 96.75
N SER I 285 -44.03 4.48 96.74
CA SER I 285 -45.25 5.25 96.54
C SER I 285 -45.83 5.02 95.15
N PHE I 286 -44.99 4.94 94.13
CA PHE I 286 -45.50 4.65 92.79
C PHE I 286 -46.17 3.29 92.74
N LEU I 287 -45.54 2.28 93.33
CA LEU I 287 -46.13 0.94 93.32
C LEU I 287 -47.43 0.91 94.09
N ARG I 288 -47.48 1.58 95.24
CA ARG I 288 -48.69 1.61 96.05
C ARG I 288 -49.82 2.31 95.32
N ALA I 289 -49.53 3.41 94.64
CA ALA I 289 -50.56 4.09 93.85
C ALA I 289 -51.05 3.20 92.71
N GLN I 290 -50.14 2.47 92.07
CA GLN I 290 -50.54 1.54 91.01
C GLN I 290 -51.46 0.44 91.56
N GLU I 291 -51.14 -0.08 92.76
CA GLU I 291 -52.02 -1.06 93.37
C GLU I 291 -53.36 -0.48 93.77
N ARG I 292 -53.39 0.78 94.19
CA ARG I 292 -54.67 1.45 94.45
C ARG I 292 -55.48 1.56 93.18
N ALA I 293 -54.82 1.85 92.06
CA ALA I 293 -55.46 2.01 90.75
C ALA I 293 -56.54 3.08 90.79
N LYS J 1 71.78 -34.00 131.03
CA LYS J 1 71.15 -34.81 129.99
C LYS J 1 70.16 -35.79 130.59
N GLY J 2 68.99 -35.91 129.97
CA GLY J 2 68.01 -36.89 130.37
C GLY J 2 67.80 -37.94 129.31
N LYS J 3 67.31 -39.10 129.71
CA LYS J 3 67.02 -40.15 128.74
C LYS J 3 65.82 -39.78 127.88
N PRO J 4 65.82 -40.15 126.60
CA PRO J 4 64.69 -39.79 125.74
C PRO J 4 63.42 -40.51 126.16
N HIS J 5 62.29 -39.89 125.85
CA HIS J 5 60.97 -40.43 126.13
C HIS J 5 60.25 -40.71 124.81
N CYS J 6 59.18 -41.49 124.89
CA CYS J 6 58.34 -41.71 123.73
C CYS J 6 57.59 -40.43 123.38
N SER J 7 56.84 -40.48 122.29
CA SER J 7 56.29 -39.26 121.70
C SER J 7 55.27 -38.59 122.60
N ARG J 8 54.60 -39.34 123.47
CA ARG J 8 53.56 -38.83 124.36
C ARG J 8 52.39 -38.18 123.63
N ASN J 9 52.34 -38.30 122.31
CA ASN J 9 51.24 -37.75 121.52
C ASN J 9 50.98 -38.76 120.40
N PRO J 10 50.04 -39.68 120.61
CA PRO J 10 49.79 -40.72 119.61
C PRO J 10 49.29 -40.12 118.30
N VAL J 11 49.67 -40.76 117.21
CA VAL J 11 49.30 -40.30 115.88
C VAL J 11 48.00 -40.98 115.50
N LEU J 12 46.90 -40.22 115.51
CA LEU J 12 45.64 -40.78 115.08
C LEU J 12 45.45 -40.68 113.57
N VAL J 13 45.91 -39.59 112.97
CA VAL J 13 46.03 -39.44 111.53
C VAL J 13 47.38 -38.79 111.28
N ARG J 14 48.02 -39.16 110.17
CA ARG J 14 49.33 -38.62 109.84
C ARG J 14 49.29 -37.09 109.83
N GLY J 15 50.21 -36.48 110.56
CA GLY J 15 50.27 -35.04 110.68
C GLY J 15 49.38 -34.44 111.74
N ILE J 16 48.57 -35.24 112.43
CA ILE J 16 47.70 -34.76 113.49
C ILE J 16 47.89 -35.68 114.69
N GLY J 17 48.25 -35.10 115.82
CA GLY J 17 48.34 -35.87 117.04
C GLY J 17 46.99 -35.95 117.74
N ARG J 18 46.90 -36.91 118.66
CA ARG J 18 45.65 -37.11 119.39
C ARG J 18 45.35 -35.93 120.30
N TYR J 19 46.36 -35.34 120.91
CA TYR J 19 46.16 -34.32 121.93
C TYR J 19 46.50 -32.93 121.42
N SER J 20 45.79 -31.95 121.96
CA SER J 20 45.91 -30.57 121.52
C SER J 20 47.14 -29.93 122.13
N ARG J 21 47.30 -28.63 121.91
CA ARG J 21 48.46 -27.92 122.44
C ARG J 21 48.45 -27.89 123.96
N SER J 22 47.32 -27.55 124.56
CA SER J 22 47.25 -27.45 126.02
C SER J 22 47.33 -28.82 126.67
N ALA J 23 46.66 -29.81 126.08
CA ALA J 23 46.74 -31.17 126.59
C ALA J 23 48.16 -31.69 126.54
N MET J 24 48.86 -31.43 125.45
CA MET J 24 50.26 -31.85 125.36
C MET J 24 51.14 -31.07 126.32
N TYR J 25 50.83 -29.81 126.55
CA TYR J 25 51.55 -29.02 127.55
C TYR J 25 51.46 -29.67 128.92
N SER J 26 50.25 -30.01 129.34
CA SER J 26 50.09 -30.66 130.64
C SER J 26 50.74 -32.04 130.67
N ARG J 27 50.62 -32.82 129.58
CA ARG J 27 51.23 -34.13 129.55
C ARG J 27 52.74 -34.07 129.61
N LYS J 28 53.34 -33.02 129.06
CA LYS J 28 54.78 -32.82 129.13
C LYS J 28 55.21 -32.15 130.43
N ALA J 29 54.25 -31.63 131.21
CA ALA J 29 54.55 -30.90 132.44
C ALA J 29 55.45 -29.71 132.17
N MET J 30 55.11 -28.96 131.13
CA MET J 30 55.88 -27.78 130.78
C MET J 30 55.70 -26.65 131.77
N TYR J 31 54.79 -26.77 132.73
CA TYR J 31 54.61 -25.75 133.74
C TYR J 31 55.80 -25.68 134.69
N LYS J 32 56.48 -26.80 134.91
CA LYS J 32 57.64 -26.80 135.79
C LYS J 32 58.96 -26.93 135.06
N ARG J 33 58.94 -27.22 133.76
CA ARG J 33 60.17 -27.24 132.97
C ARG J 33 60.33 -25.93 132.21
N LYS J 34 60.69 -24.89 132.96
CA LYS J 34 60.85 -23.55 132.42
C LYS J 34 62.29 -23.09 132.58
N TYR J 35 62.84 -22.50 131.54
CA TYR J 35 64.25 -22.12 131.50
C TYR J 35 64.37 -20.68 131.04
N SER J 36 65.10 -19.88 131.82
CA SER J 36 65.26 -18.47 131.52
C SER J 36 66.55 -18.19 130.74
N ALA J 37 67.69 -18.51 131.34
CA ALA J 37 68.98 -18.26 130.72
C ALA J 37 69.96 -19.34 131.19
N ALA J 38 71.24 -19.10 131.00
CA ALA J 38 72.27 -20.06 131.39
C ALA J 38 72.33 -20.25 132.90
N LYS J 49 87.26 -25.53 117.50
CA LYS J 49 86.55 -26.81 117.51
C LYS J 49 87.36 -27.88 116.79
N VAL J 50 87.29 -27.87 115.47
CA VAL J 50 88.08 -28.76 114.63
C VAL J 50 89.32 -27.99 114.19
N LEU J 51 90.49 -28.52 114.52
CA LEU J 51 91.74 -27.82 114.27
C LEU J 51 91.99 -27.68 112.77
N ALA J 52 92.05 -26.43 112.31
CA ALA J 52 92.34 -26.18 110.90
C ALA J 52 93.81 -26.42 110.57
N THR J 53 94.70 -25.96 111.45
CA THR J 53 96.14 -26.07 111.25
C THR J 53 96.75 -26.84 112.41
N VAL J 54 97.77 -27.62 112.11
CA VAL J 54 98.53 -28.34 113.12
C VAL J 54 99.97 -27.87 113.07
N THR J 55 100.58 -27.74 114.23
CA THR J 55 101.99 -27.35 114.33
C THR J 55 102.86 -28.59 114.34
N LYS J 56 103.92 -28.57 113.53
CA LYS J 56 104.77 -29.75 113.40
C LYS J 56 106.24 -29.37 113.49
N PRO J 57 107.04 -30.09 114.27
CA PRO J 57 108.47 -29.81 114.29
C PRO J 57 109.17 -30.23 113.01
N VAL J 58 109.53 -29.26 112.18
CA VAL J 58 110.08 -29.58 110.86
C VAL J 58 111.47 -30.21 111.00
N GLY J 59 112.26 -29.75 111.96
CA GLY J 59 113.55 -30.38 112.20
C GLY J 59 114.62 -29.92 111.25
N GLY J 60 115.87 -29.96 111.70
CA GLY J 60 116.97 -29.41 110.95
C GLY J 60 117.57 -28.22 111.66
N ASP J 61 118.90 -28.18 111.74
CA ASP J 61 119.58 -27.06 112.36
C ASP J 61 119.34 -25.78 111.58
N LYS J 62 119.13 -24.68 112.32
CA LYS J 62 118.71 -23.37 111.82
C LYS J 62 117.66 -23.46 110.73
N ASN J 63 116.73 -24.42 110.86
CA ASN J 63 115.61 -24.58 109.95
C ASN J 63 114.32 -24.02 110.55
N GLY J 64 114.43 -23.27 111.64
CA GLY J 64 113.25 -22.79 112.31
C GLY J 64 112.71 -23.85 113.23
N GLY J 65 111.95 -23.44 114.25
CA GLY J 65 111.45 -24.39 115.22
C GLY J 65 110.45 -25.36 114.64
N THR J 66 109.29 -24.85 114.24
CA THR J 66 108.20 -25.68 113.75
C THR J 66 107.62 -25.04 112.50
N ARG J 67 106.58 -25.66 111.98
CA ARG J 67 105.81 -25.15 110.84
C ARG J 67 104.34 -25.27 111.17
N VAL J 68 103.59 -24.21 110.88
CA VAL J 68 102.14 -24.21 111.08
C VAL J 68 101.54 -24.75 109.78
N VAL J 69 101.45 -26.06 109.67
CA VAL J 69 100.92 -26.69 108.46
C VAL J 69 99.41 -26.62 108.51
N LYS J 70 98.81 -26.07 107.47
CA LYS J 70 97.36 -25.99 107.39
C LYS J 70 96.82 -27.21 106.65
N LEU J 71 95.84 -27.86 107.27
CA LEU J 71 95.09 -28.87 106.55
C LEU J 71 94.17 -28.19 105.55
N ARG J 72 93.66 -28.98 104.60
CA ARG J 72 92.62 -28.51 103.68
C ARG J 72 93.12 -27.32 102.86
N LYS J 73 94.12 -27.60 102.03
CA LYS J 73 94.78 -26.56 101.25
C LYS J 73 93.85 -25.99 100.18
N MET J 74 94.22 -24.81 99.68
CA MET J 74 93.44 -24.14 98.67
C MET J 74 93.60 -24.81 97.31
N PRO J 75 92.63 -24.64 96.42
CA PRO J 75 92.72 -25.28 95.11
C PRO J 75 93.93 -24.80 94.30
N ARG J 76 94.50 -25.72 93.53
CA ARG J 76 95.58 -25.41 92.63
C ARG J 76 95.10 -24.88 91.28
N TYR J 77 93.88 -25.17 90.90
CA TYR J 77 93.37 -24.80 89.59
C TYR J 77 91.89 -24.50 89.71
N TYR J 78 91.45 -23.50 88.96
CA TYR J 78 90.06 -23.11 88.96
C TYR J 78 89.52 -23.26 87.54
N PRO J 79 88.36 -23.88 87.36
CA PRO J 79 87.77 -23.94 86.02
C PRO J 79 87.39 -22.54 85.54
N THR J 80 87.25 -22.41 84.22
CA THR J 80 86.93 -21.10 83.67
C THR J 80 85.55 -20.64 84.08
N GLU J 81 84.66 -21.57 84.39
CA GLU J 81 83.31 -21.21 84.81
C GLU J 81 82.74 -22.32 85.68
N ASP J 82 81.74 -21.96 86.48
CA ASP J 82 81.15 -22.88 87.44
C ASP J 82 79.64 -22.90 87.29
N VAL J 83 79.00 -23.71 88.12
CA VAL J 83 77.56 -23.90 88.09
C VAL J 83 77.01 -23.41 89.43
N PRO J 84 75.97 -22.58 89.44
CA PRO J 84 75.39 -22.14 90.72
C PRO J 84 74.79 -23.32 91.47
N ARG J 85 74.80 -23.21 92.79
CA ARG J 85 74.25 -24.27 93.60
C ARG J 85 72.73 -24.27 93.51
N LYS J 86 72.14 -25.44 93.78
CA LYS J 86 70.71 -25.60 93.69
C LYS J 86 70.02 -25.00 94.91
N LEU J 87 68.73 -24.72 94.76
CA LEU J 87 67.92 -24.31 95.89
C LEU J 87 67.59 -25.52 96.76
N LEU J 88 67.04 -25.26 97.94
CA LEU J 88 66.75 -26.31 98.91
C LEU J 88 65.30 -26.78 98.79
N SER J 89 65.09 -28.09 98.89
CA SER J 89 63.86 -28.70 98.40
C SER J 89 62.98 -29.35 99.45
N HIS J 90 63.42 -29.47 100.69
CA HIS J 90 62.62 -29.88 101.84
C HIS J 90 61.92 -31.23 101.74
N GLY J 91 62.27 -32.03 100.76
CA GLY J 91 61.75 -33.39 100.68
C GLY J 91 62.83 -34.29 100.14
N LYS J 92 62.41 -35.25 99.32
CA LYS J 92 63.30 -35.93 98.39
C LYS J 92 64.42 -36.68 99.14
N LYS J 93 63.99 -37.62 99.97
CA LYS J 93 64.91 -38.45 100.72
C LYS J 93 65.63 -39.40 99.79
N PRO J 94 66.77 -39.94 100.21
CA PRO J 94 67.43 -40.97 99.41
C PRO J 94 66.67 -42.28 99.44
N PHE J 95 67.00 -43.14 98.46
CA PHE J 95 66.29 -44.40 98.30
C PHE J 95 66.44 -45.29 99.51
N SER J 96 67.59 -45.26 100.16
CA SER J 96 67.78 -46.07 101.36
C SER J 96 66.86 -45.62 102.49
N GLN J 97 66.42 -44.37 102.47
CA GLN J 97 65.54 -43.84 103.50
C GLN J 97 64.08 -43.81 103.08
N HIS J 98 63.77 -44.17 101.84
CA HIS J 98 62.38 -44.29 101.43
C HIS J 98 61.65 -45.33 102.26
N VAL J 99 60.34 -45.12 102.43
CA VAL J 99 59.50 -46.11 103.09
C VAL J 99 59.16 -47.22 102.10
N ARG J 100 59.00 -48.44 102.60
CA ARG J 100 58.80 -49.61 101.76
C ARG J 100 57.37 -50.10 101.95
N LYS J 101 56.63 -50.16 100.86
CA LYS J 101 55.22 -50.57 100.87
C LYS J 101 55.11 -51.94 100.23
N LEU J 102 54.38 -52.84 100.89
CA LEU J 102 54.15 -54.19 100.40
C LEU J 102 52.65 -54.40 100.23
N ARG J 103 52.27 -55.05 99.13
CA ARG J 103 50.86 -55.28 98.87
C ARG J 103 50.26 -56.19 99.91
N ALA J 104 48.98 -55.98 100.21
CA ALA J 104 48.33 -56.73 101.27
C ALA J 104 48.22 -58.21 100.92
N SER J 105 48.04 -58.51 99.63
CA SER J 105 47.93 -59.90 99.21
C SER J 105 49.22 -60.66 99.35
N ILE J 106 50.35 -59.98 99.50
CA ILE J 106 51.65 -60.61 99.63
C ILE J 106 51.98 -60.69 101.11
N THR J 107 51.93 -61.89 101.65
CA THR J 107 52.26 -62.21 103.03
C THR J 107 53.23 -63.39 103.00
N PRO J 108 54.02 -63.58 104.05
CA PRO J 108 54.97 -64.70 104.04
C PRO J 108 54.26 -66.03 103.86
N GLY J 109 54.84 -66.87 103.00
CA GLY J 109 54.26 -68.14 102.65
C GLY J 109 53.39 -68.13 101.42
N THR J 110 53.08 -66.96 100.88
CA THR J 110 52.20 -66.87 99.72
C THR J 110 52.90 -67.38 98.47
N ILE J 111 52.16 -68.09 97.64
CA ILE J 111 52.67 -68.51 96.33
C ILE J 111 52.56 -67.33 95.37
N LEU J 112 53.64 -67.05 94.66
CA LEU J 112 53.70 -65.96 93.71
C LEU J 112 54.01 -66.50 92.32
N ILE J 113 53.53 -65.80 91.31
CA ILE J 113 53.80 -66.13 89.92
C ILE J 113 54.77 -65.10 89.38
N ILE J 114 56.00 -65.54 89.06
CA ILE J 114 56.97 -64.63 88.46
C ILE J 114 56.51 -64.26 87.07
N LEU J 115 56.64 -62.98 86.72
CA LEU J 115 56.17 -62.52 85.43
C LEU J 115 57.26 -62.13 84.47
N THR J 116 58.48 -61.88 84.94
CA THR J 116 59.59 -61.45 84.11
C THR J 116 60.84 -62.23 84.47
N GLY J 117 61.81 -62.19 83.57
CA GLY J 117 63.06 -62.87 83.80
C GLY J 117 63.07 -64.27 83.25
N ARG J 118 64.17 -64.98 83.53
CA ARG J 118 64.30 -66.35 83.04
C ARG J 118 63.37 -67.31 83.77
N HIS J 119 62.87 -66.92 84.95
CA HIS J 119 61.92 -67.72 85.70
C HIS J 119 60.51 -67.24 85.45
N ARG J 120 60.28 -66.76 84.24
CA ARG J 120 58.99 -66.29 83.80
C ARG J 120 57.96 -67.42 83.88
N GLY J 121 56.85 -67.14 84.56
CA GLY J 121 55.77 -68.09 84.69
C GLY J 121 55.87 -69.04 85.84
N LYS J 122 57.02 -69.12 86.51
CA LYS J 122 57.18 -70.10 87.58
C LYS J 122 56.46 -69.64 88.84
N ARG J 123 56.01 -70.61 89.62
CA ARG J 123 55.30 -70.37 90.87
C ARG J 123 56.24 -70.66 92.03
N VAL J 124 56.51 -69.64 92.84
CA VAL J 124 57.51 -69.70 93.89
C VAL J 124 56.86 -69.34 95.22
N VAL J 125 57.61 -69.51 96.30
CA VAL J 125 57.13 -69.26 97.64
C VAL J 125 57.78 -67.98 98.15
N PHE J 126 56.97 -67.09 98.71
CA PHE J 126 57.46 -65.81 99.23
C PHE J 126 57.89 -66.00 100.68
N LEU J 127 59.05 -65.43 101.02
CA LEU J 127 59.61 -65.58 102.36
C LEU J 127 59.49 -64.31 103.18
N LYS J 128 60.03 -63.20 102.67
CA LYS J 128 60.09 -61.96 103.43
C LYS J 128 60.38 -60.83 102.46
N GLN J 129 60.13 -59.61 102.91
CA GLN J 129 60.51 -58.42 102.18
C GLN J 129 61.83 -57.92 102.73
N LEU J 130 62.76 -57.63 101.83
CA LEU J 130 64.09 -57.18 102.22
C LEU J 130 64.09 -55.68 102.50
N ALA J 131 65.24 -55.16 102.90
CA ALA J 131 65.34 -53.76 103.28
C ALA J 131 65.12 -52.81 102.12
N SER J 132 65.37 -53.24 100.89
CA SER J 132 65.15 -52.42 99.72
C SER J 132 63.75 -52.57 99.15
N GLY J 133 62.89 -53.34 99.80
CA GLY J 133 61.55 -53.56 99.31
C GLY J 133 61.44 -54.70 98.32
N LEU J 134 62.56 -55.27 97.89
CA LEU J 134 62.51 -56.44 97.04
C LEU J 134 62.06 -57.65 97.85
N LEU J 135 61.29 -58.51 97.20
CA LEU J 135 60.84 -59.73 97.83
C LEU J 135 61.92 -60.80 97.75
N LEU J 136 62.03 -61.57 98.80
CA LEU J 136 62.89 -62.76 98.82
C LEU J 136 62.01 -63.98 98.59
N VAL J 137 62.28 -64.72 97.53
CA VAL J 137 61.46 -65.86 97.17
C VAL J 137 62.35 -67.07 97.01
N THR J 138 61.77 -68.24 97.25
CA THR J 138 62.41 -69.49 96.84
C THR J 138 61.30 -70.53 96.60
N GLY J 139 60.87 -70.65 95.36
CA GLY J 139 60.18 -71.84 94.96
C GLY J 139 61.25 -72.90 94.97
N PRO J 140 61.17 -73.85 95.92
CA PRO J 140 62.36 -74.64 96.28
C PRO J 140 63.10 -75.21 95.08
N LEU J 141 64.43 -75.19 95.13
CA LEU J 141 65.22 -75.45 93.94
C LEU J 141 64.95 -76.83 93.36
N VAL J 142 64.53 -77.78 94.20
CA VAL J 142 64.21 -79.11 93.70
C VAL J 142 62.88 -79.18 92.97
N LEU J 143 62.05 -78.16 93.10
CA LEU J 143 60.72 -78.16 92.49
C LEU J 143 60.70 -77.47 91.13
N ASN J 144 61.23 -76.25 91.06
CA ASN J 144 61.15 -75.49 89.82
C ASN J 144 62.43 -74.78 89.46
N ARG J 145 63.56 -75.13 90.09
CA ARG J 145 64.87 -74.56 89.77
C ARG J 145 64.92 -73.05 90.01
N VAL J 146 64.24 -72.59 91.06
CA VAL J 146 64.33 -71.19 91.48
C VAL J 146 65.09 -71.15 92.80
N PRO J 147 66.25 -70.55 92.86
CA PRO J 147 66.99 -70.51 94.11
C PRO J 147 66.45 -69.45 95.06
N LEU J 148 67.16 -69.21 96.17
CA LEU J 148 66.87 -68.04 96.98
C LEU J 148 67.17 -66.81 96.13
N ARG J 149 66.14 -66.08 95.74
CA ARG J 149 66.31 -65.04 94.74
C ARG J 149 65.50 -63.83 95.15
N ARG J 150 65.92 -62.67 94.66
CA ARG J 150 65.13 -61.47 94.82
C ARG J 150 64.16 -61.32 93.66
N THR J 151 63.10 -60.57 93.91
CA THR J 151 62.14 -60.27 92.85
C THR J 151 61.41 -58.99 93.23
N HIS J 152 60.77 -58.38 92.25
CA HIS J 152 60.06 -57.13 92.48
C HIS J 152 58.57 -57.38 92.55
N GLN J 153 57.93 -56.86 93.59
CA GLN J 153 56.52 -57.15 93.81
C GLN J 153 55.63 -56.59 92.72
N LYS J 154 56.11 -55.60 91.97
CA LYS J 154 55.34 -55.10 90.84
C LYS J 154 55.20 -56.16 89.76
N PHE J 155 56.21 -57.03 89.63
CA PHE J 155 56.27 -58.02 88.56
C PHE J 155 55.98 -59.43 89.05
N VAL J 156 55.15 -59.57 90.08
CA VAL J 156 54.68 -60.86 90.53
C VAL J 156 53.17 -60.78 90.71
N ILE J 157 52.50 -61.91 90.59
CA ILE J 157 51.08 -62.03 90.88
C ILE J 157 50.93 -62.81 92.17
N ALA J 158 50.26 -62.21 93.15
CA ALA J 158 50.04 -62.85 94.44
C ALA J 158 48.81 -63.73 94.33
N THR J 159 49.01 -65.05 94.43
CA THR J 159 47.90 -65.98 94.40
C THR J 159 47.29 -66.14 95.78
N SER J 160 46.09 -66.69 95.83
CA SER J 160 45.38 -66.84 97.09
C SER J 160 45.82 -68.06 97.88
N THR J 161 46.63 -68.94 97.30
CA THR J 161 47.12 -70.12 98.01
C THR J 161 48.39 -69.77 98.78
N LYS J 162 48.41 -70.14 100.06
CA LYS J 162 49.50 -69.81 100.95
C LYS J 162 49.82 -71.03 101.82
N ILE J 163 51.02 -71.02 102.40
CA ILE J 163 51.41 -72.01 103.38
C ILE J 163 51.89 -71.29 104.62
N ASP J 164 51.76 -71.94 105.76
CA ASP J 164 52.15 -71.35 107.04
C ASP J 164 53.64 -71.55 107.24
N ILE J 165 54.42 -70.58 106.79
CA ILE J 165 55.87 -70.65 106.95
C ILE J 165 56.27 -69.93 108.22
N SER J 166 55.30 -69.65 109.08
CA SER J 166 55.66 -69.18 110.42
C SER J 166 56.45 -70.27 111.12
N ASN J 167 57.44 -69.84 111.90
CA ASN J 167 58.42 -70.60 112.69
C ASN J 167 59.55 -71.20 111.86
N VAL J 168 59.67 -70.85 110.58
CA VAL J 168 60.88 -71.20 109.86
C VAL J 168 61.84 -70.02 110.02
N LYS J 169 63.13 -70.32 110.07
CA LYS J 169 64.13 -69.31 110.35
C LYS J 169 64.87 -68.98 109.07
N ILE J 170 64.60 -67.80 108.53
CA ILE J 170 65.43 -67.26 107.46
C ILE J 170 66.74 -66.77 108.06
N PRO J 171 67.89 -67.18 107.54
CA PRO J 171 69.17 -66.70 108.08
C PRO J 171 69.26 -65.18 108.01
N LYS J 172 69.85 -64.59 109.06
CA LYS J 172 69.87 -63.14 109.18
C LYS J 172 70.72 -62.49 108.09
N HIS J 173 71.71 -63.20 107.55
CA HIS J 173 72.62 -62.63 106.59
C HIS J 173 72.06 -62.61 105.17
N LEU J 174 70.83 -63.07 104.97
CA LEU J 174 70.18 -63.01 103.67
C LEU J 174 69.62 -61.61 103.50
N THR J 175 70.46 -60.71 103.01
CA THR J 175 70.12 -59.31 102.86
C THR J 175 70.36 -58.86 101.42
N ASP J 176 70.05 -57.58 101.18
CA ASP J 176 70.29 -57.01 99.86
C ASP J 176 71.77 -57.00 99.54
N ALA J 177 72.62 -56.73 100.53
CA ALA J 177 74.05 -56.83 100.33
C ALA J 177 74.46 -58.25 99.98
N TYR J 178 73.78 -59.24 100.55
CA TYR J 178 74.04 -60.62 100.19
C TYR J 178 73.70 -60.89 98.74
N PHE J 179 72.56 -60.39 98.27
CA PHE J 179 72.09 -60.75 96.94
C PHE J 179 72.55 -59.80 95.84
N LYS J 180 73.25 -58.73 96.17
CA LYS J 180 73.70 -57.79 95.15
C LYS J 180 74.70 -58.45 94.22
N LYS J 181 74.62 -58.10 92.94
CA LYS J 181 75.48 -58.71 91.93
C LYS J 181 76.93 -58.32 92.14
N LYS J 182 77.84 -59.17 91.67
CA LYS J 182 79.27 -58.95 91.76
C LYS J 182 79.86 -58.83 90.37
N LYS J 183 80.77 -57.86 90.20
CA LYS J 183 81.48 -57.70 88.94
C LYS J 183 82.79 -57.00 89.19
N LEU J 184 83.75 -57.21 88.27
CA LEU J 184 85.05 -56.57 88.35
C LEU J 184 85.68 -56.58 86.96
N ARG J 185 85.72 -55.42 86.31
CA ARG J 185 86.31 -55.33 84.98
C ARG J 185 87.18 -54.08 84.86
N LYS J 186 88.16 -54.17 83.97
CA LYS J 186 89.06 -53.10 83.53
C LYS J 186 89.65 -52.26 84.66
N PRO J 187 90.16 -52.85 85.77
CA PRO J 187 90.83 -52.01 86.77
C PRO J 187 92.17 -51.51 86.25
N ARG J 188 92.99 -52.44 85.77
CA ARG J 188 94.29 -52.17 85.17
C ARG J 188 94.25 -52.23 83.64
N HIS J 189 93.09 -52.51 83.06
CA HIS J 189 92.93 -52.73 81.63
C HIS J 189 92.27 -51.49 81.03
N GLN J 190 92.93 -50.88 80.04
CA GLN J 190 92.48 -49.62 79.46
C GLN J 190 92.02 -49.77 78.02
N GLU J 191 92.88 -50.26 77.13
CA GLU J 191 92.52 -50.47 75.74
C GLU J 191 92.05 -51.90 75.56
N GLY J 192 90.83 -52.07 75.07
CA GLY J 192 90.30 -53.42 74.91
C GLY J 192 90.64 -54.03 73.57
N GLU J 193 91.73 -54.78 73.55
CA GLU J 193 92.14 -55.65 72.45
C GLU J 193 92.43 -57.06 72.94
N ILE J 194 93.03 -57.20 74.10
CA ILE J 194 93.09 -58.49 74.80
C ILE J 194 91.76 -58.68 75.51
N PHE J 195 91.11 -59.80 75.24
CA PHE J 195 89.74 -60.00 75.70
C PHE J 195 89.67 -60.13 77.21
N ASP J 196 88.69 -59.45 77.81
CA ASP J 196 88.35 -59.59 79.22
C ASP J 196 87.13 -60.47 79.42
N THR J 197 86.68 -61.18 78.39
CA THR J 197 85.47 -61.98 78.39
C THR J 197 85.56 -63.23 79.26
N GLU J 198 86.65 -63.42 80.01
CA GLU J 198 86.67 -64.42 81.05
C GLU J 198 85.82 -63.97 82.22
N LYS J 199 85.72 -64.85 83.23
CA LYS J 199 84.97 -64.71 84.49
C LYS J 199 83.49 -64.39 84.27
N GLU J 200 83.03 -64.41 83.02
CA GLU J 200 81.62 -64.15 82.73
C GLU J 200 80.74 -65.25 83.27
N LYS J 201 81.30 -66.43 83.53
CA LYS J 201 80.56 -67.52 84.15
C LYS J 201 80.44 -67.23 85.64
N TYR J 202 79.27 -66.74 86.05
CA TYR J 202 78.95 -66.63 87.46
C TYR J 202 78.97 -68.01 88.10
N GLU J 203 79.59 -68.10 89.27
CA GLU J 203 79.74 -69.36 89.97
C GLU J 203 78.84 -69.38 91.20
N ILE J 204 78.13 -70.49 91.40
CA ILE J 204 77.29 -70.63 92.59
C ILE J 204 78.21 -70.85 93.78
N THR J 205 78.18 -69.91 94.73
CA THR J 205 79.00 -70.04 95.92
C THR J 205 78.47 -71.17 96.81
N GLU J 206 79.41 -71.91 97.41
CA GLU J 206 79.02 -72.94 98.35
C GLU J 206 78.24 -72.36 99.53
N GLN J 207 78.45 -71.10 99.88
CA GLN J 207 77.63 -70.46 100.88
C GLN J 207 76.18 -70.37 100.43
N ARG J 208 75.97 -70.01 99.16
CA ARG J 208 74.61 -69.99 98.62
C ARG J 208 73.99 -71.37 98.61
N LYS J 209 74.78 -72.40 98.28
CA LYS J 209 74.24 -73.76 98.35
C LYS J 209 73.84 -74.14 99.78
N ILE J 210 74.66 -73.76 100.76
CA ILE J 210 74.36 -74.06 102.15
C ILE J 210 73.05 -73.39 102.57
N ASP J 211 72.88 -72.12 102.22
CA ASP J 211 71.66 -71.41 102.59
C ASP J 211 70.44 -71.95 101.88
N GLN J 212 70.60 -72.31 100.60
CA GLN J 212 69.49 -72.92 99.87
C GLN J 212 69.03 -74.21 100.54
N LYS J 213 69.99 -75.08 100.91
CA LYS J 213 69.61 -76.31 101.59
C LYS J 213 68.98 -76.03 102.94
N ALA J 214 69.49 -75.03 103.68
CA ALA J 214 68.94 -74.72 104.99
C ALA J 214 67.49 -74.26 104.90
N VAL J 215 67.18 -73.40 103.94
CA VAL J 215 65.81 -72.91 103.80
C VAL J 215 64.89 -74.00 103.26
N ASP J 216 65.37 -74.77 102.26
CA ASP J 216 64.52 -75.78 101.66
C ASP J 216 64.20 -76.91 102.63
N SER J 217 65.15 -77.28 103.50
CA SER J 217 64.93 -78.37 104.42
C SER J 217 63.79 -78.11 105.40
N GLN J 218 63.37 -76.86 105.57
CA GLN J 218 62.22 -76.55 106.40
C GLN J 218 61.05 -75.97 105.62
N ILE J 219 61.23 -75.62 104.36
CA ILE J 219 60.11 -75.24 103.51
C ILE J 219 59.43 -76.45 102.88
N LEU J 220 60.21 -77.38 102.34
CA LEU J 220 59.64 -78.55 101.68
C LEU J 220 58.74 -79.41 102.55
N PRO J 221 59.05 -79.71 103.82
CA PRO J 221 58.11 -80.51 104.62
C PRO J 221 56.74 -79.86 104.74
N LYS J 222 56.68 -78.54 104.79
CA LYS J 222 55.39 -77.86 104.85
C LYS J 222 54.68 -77.88 103.50
N ILE J 223 55.43 -77.91 102.41
CA ILE J 223 54.81 -78.00 101.08
C ILE J 223 54.21 -79.38 100.87
N LYS J 224 54.91 -80.43 101.29
CA LYS J 224 54.35 -81.77 101.15
C LYS J 224 53.16 -82.03 102.05
N ALA J 225 52.88 -81.13 103.01
CA ALA J 225 51.77 -81.36 103.93
C ALA J 225 50.44 -81.36 103.21
N ILE J 226 50.23 -80.44 102.28
CA ILE J 226 48.94 -80.32 101.61
C ILE J 226 49.03 -80.97 100.23
N PRO J 227 47.99 -81.66 99.78
CA PRO J 227 48.12 -82.48 98.58
C PRO J 227 48.34 -81.68 97.31
N GLN J 228 49.11 -82.29 96.42
CA GLN J 228 49.47 -81.79 95.08
C GLN J 228 49.74 -80.29 95.06
N LEU J 229 50.50 -79.83 96.05
CA LEU J 229 51.05 -78.49 95.97
C LEU J 229 52.40 -78.49 95.28
N GLN J 230 53.18 -79.55 95.47
CA GLN J 230 54.49 -79.63 94.83
C GLN J 230 54.37 -79.68 93.32
N GLY J 231 53.40 -80.42 92.79
CA GLY J 231 53.19 -80.41 91.35
C GLY J 231 52.70 -79.07 90.84
N TYR J 232 51.90 -78.38 91.65
CA TYR J 232 51.47 -77.03 91.30
C TYR J 232 52.65 -76.09 91.23
N LEU J 233 53.60 -76.21 92.16
CA LEU J 233 54.80 -75.40 92.11
C LEU J 233 55.73 -75.81 90.97
N ARG J 234 55.72 -77.08 90.58
CA ARG J 234 56.50 -77.54 89.44
C ARG J 234 55.97 -77.02 88.12
N SER J 235 54.67 -76.84 87.99
CA SER J 235 54.09 -76.33 86.75
C SER J 235 54.23 -74.82 86.65
N VAL J 236 54.09 -74.32 85.42
CA VAL J 236 54.22 -72.90 85.13
C VAL J 236 52.86 -72.33 84.74
N PHE J 237 52.73 -71.02 84.87
CA PHE J 237 51.49 -70.32 84.56
C PHE J 237 51.48 -69.89 83.10
N ALA J 238 50.33 -70.05 82.46
CA ALA J 238 50.18 -69.72 81.06
C ALA J 238 48.77 -69.21 80.82
N LEU J 239 48.61 -68.46 79.75
CA LEU J 239 47.30 -67.95 79.34
C LEU J 239 46.77 -68.83 78.22
N THR J 240 45.70 -69.56 78.50
CA THR J 240 44.96 -70.31 77.50
C THR J 240 44.11 -69.36 76.67
N ASN J 241 43.85 -69.73 75.41
CA ASN J 241 43.20 -68.80 74.49
C ASN J 241 41.78 -68.44 74.93
N GLY J 242 41.20 -69.19 75.86
CA GLY J 242 39.87 -68.85 76.32
C GLY J 242 39.84 -68.03 77.60
N ILE J 243 40.91 -68.06 78.38
CA ILE J 243 40.90 -67.48 79.72
C ILE J 243 41.45 -66.07 79.68
N TYR J 244 40.98 -65.23 80.59
CA TYR J 244 41.32 -63.82 80.62
C TYR J 244 41.72 -63.41 82.04
N PRO J 245 42.84 -62.72 82.20
CA PRO J 245 43.32 -62.40 83.54
C PRO J 245 42.40 -61.52 84.34
N HIS J 246 41.60 -60.67 83.69
CA HIS J 246 40.67 -59.85 84.45
C HIS J 246 39.53 -60.65 85.03
N LYS J 247 39.21 -61.81 84.44
CA LYS J 247 38.22 -62.71 84.98
C LYS J 247 38.82 -63.73 85.94
N LEU J 248 40.12 -63.98 85.86
CA LEU J 248 40.74 -64.98 86.72
C LEU J 248 40.76 -64.52 88.17
N VAL J 249 40.45 -65.45 89.07
CA VAL J 249 40.75 -65.30 90.49
C VAL J 249 42.04 -66.03 90.76
N PHE J 250 43.06 -65.31 91.22
CA PHE J 250 44.35 -65.92 91.44
C PHE J 250 44.48 -66.41 92.87
N ASN K 1 81.62 -3.13 120.45
CA ASN K 1 80.24 -2.81 120.14
C ASN K 1 79.54 -3.98 119.46
N PHE K 2 80.33 -5.01 119.12
CA PHE K 2 79.78 -6.18 118.44
C PHE K 2 78.75 -6.89 119.30
N ALA K 3 79.05 -7.03 120.60
CA ALA K 3 78.09 -7.65 121.51
C ALA K 3 76.83 -6.81 121.64
N GLU K 4 76.96 -5.49 121.67
CA GLU K 4 75.79 -4.62 121.79
C GLU K 4 74.90 -4.74 120.57
N LEU K 5 75.48 -4.69 119.37
CA LEU K 5 74.66 -4.80 118.17
C LEU K 5 74.09 -6.21 118.02
N LYS K 6 74.81 -7.22 118.49
CA LYS K 6 74.27 -8.58 118.49
C LYS K 6 73.05 -8.68 119.39
N ILE K 7 73.14 -8.12 120.60
CA ILE K 7 71.99 -8.15 121.52
C ILE K 7 70.84 -7.36 120.93
N LYS K 8 71.13 -6.23 120.28
CA LYS K 8 70.08 -5.43 119.65
C LYS K 8 69.37 -6.22 118.56
N ARG K 9 70.12 -6.93 117.72
CA ARG K 9 69.51 -7.73 116.67
C ARG K 9 68.70 -8.88 117.25
N LEU K 10 69.20 -9.51 118.32
CA LEU K 10 68.45 -10.58 118.96
C LEU K 10 67.16 -10.09 119.57
N ARG K 11 67.17 -8.91 120.20
CA ARG K 11 65.95 -8.35 120.75
C ARG K 11 64.95 -8.02 119.65
N LYS K 12 65.43 -7.47 118.53
CA LYS K 12 64.54 -7.17 117.42
C LYS K 12 63.90 -8.43 116.86
N LYS K 13 64.69 -9.50 116.68
CA LYS K 13 64.13 -10.73 116.15
C LYS K 13 63.18 -11.39 117.13
N PHE K 14 63.47 -11.33 118.42
CA PHE K 14 62.54 -11.86 119.41
C PHE K 14 61.24 -11.09 119.41
N ALA K 15 61.30 -9.76 119.28
CA ALA K 15 60.08 -8.98 119.21
C ALA K 15 59.26 -9.33 117.97
N GLN K 16 59.94 -9.54 116.84
CA GLN K 16 59.25 -9.99 115.64
C GLN K 16 58.55 -11.31 115.88
N LYS K 17 59.24 -12.25 116.53
CA LYS K 17 58.64 -13.56 116.78
C LYS K 17 57.43 -13.46 117.69
N MET K 18 57.51 -12.61 118.71
CA MET K 18 56.38 -12.45 119.62
C MET K 18 55.18 -11.86 118.89
N LEU K 19 55.41 -10.86 118.05
CA LEU K 19 54.32 -10.29 117.28
C LEU K 19 53.70 -11.33 116.34
N ARG K 20 54.52 -12.16 115.71
CA ARG K 20 54.00 -13.18 114.83
C ARG K 20 53.17 -14.21 115.58
N LYS K 21 53.63 -14.61 116.77
CA LYS K 21 52.83 -15.53 117.57
C LYS K 21 51.52 -14.92 118.00
N ALA K 22 51.51 -13.64 118.39
CA ALA K 22 50.27 -13.00 118.77
C ALA K 22 49.30 -12.95 117.59
N ARG K 23 49.81 -12.64 116.40
CA ARG K 23 48.95 -12.61 115.22
C ARG K 23 48.42 -13.99 114.88
N ARG K 24 49.25 -15.03 115.01
CA ARG K 24 48.78 -16.39 114.76
C ARG K 24 47.69 -16.79 115.73
N LYS K 25 47.86 -16.44 117.02
CA LYS K 25 46.83 -16.75 117.99
C LYS K 25 45.54 -16.02 117.69
N LEU K 26 45.64 -14.77 117.27
CA LEU K 26 44.45 -14.02 116.88
C LEU K 26 43.72 -14.69 115.72
N ILE K 27 44.48 -15.11 114.71
CA ILE K 27 43.87 -15.77 113.55
C ILE K 27 43.17 -17.04 113.98
N TYR K 28 43.82 -17.84 114.83
CA TYR K 28 43.24 -19.08 115.33
C TYR K 28 41.92 -18.82 116.05
N GLU K 29 41.91 -17.85 116.95
CA GLU K 29 40.70 -17.60 117.72
C GLU K 29 39.59 -16.98 116.89
N LYS K 30 39.93 -16.14 115.92
CA LYS K 30 38.91 -15.62 115.02
C LYS K 30 38.27 -16.76 114.24
N ALA K 31 39.07 -17.72 113.78
CA ALA K 31 38.50 -18.85 113.07
C ALA K 31 37.57 -19.68 113.96
N LYS K 32 37.97 -19.89 115.21
CA LYS K 32 37.11 -20.64 116.13
C LYS K 32 35.80 -19.91 116.37
N HIS K 33 35.86 -18.60 116.56
CA HIS K 33 34.65 -17.80 116.75
C HIS K 33 33.75 -17.85 115.53
N TYR K 34 34.35 -17.81 114.33
CA TYR K 34 33.55 -17.90 113.10
C TYR K 34 32.86 -19.25 112.99
N HIS K 35 33.55 -20.32 113.39
CA HIS K 35 32.91 -21.63 113.40
C HIS K 35 31.68 -21.63 114.30
N LYS K 36 31.82 -21.05 115.49
CA LYS K 36 30.67 -20.92 116.38
C LYS K 36 29.53 -20.14 115.74
N GLU K 37 29.85 -19.02 115.08
CA GLU K 37 28.81 -18.22 114.46
C GLU K 37 28.11 -18.96 113.33
N TYR K 38 28.87 -19.69 112.50
CA TYR K 38 28.27 -20.43 111.41
C TYR K 38 27.31 -21.49 111.91
N ARG K 39 27.71 -22.26 112.93
CA ARG K 39 26.79 -23.27 113.41
C ARG K 39 25.59 -22.64 114.09
N GLN K 40 25.76 -21.48 114.72
CA GLN K 40 24.60 -20.81 115.31
C GLN K 40 23.60 -20.40 114.26
N MET K 41 24.07 -19.84 113.13
CA MET K 41 23.13 -19.48 112.07
C MET K 41 22.44 -20.70 111.49
N TYR K 42 23.20 -21.77 111.24
CA TYR K 42 22.64 -22.98 110.66
C TYR K 42 21.57 -23.58 111.58
N ARG K 43 21.83 -23.60 112.88
CA ARG K 43 20.83 -24.14 113.80
C ARG K 43 19.65 -23.20 113.99
N THR K 44 19.88 -21.89 113.92
CA THR K 44 18.79 -20.94 114.14
C THR K 44 17.74 -21.04 113.04
N GLU K 45 18.17 -21.22 111.79
CA GLU K 45 17.18 -21.38 110.73
C GLU K 45 16.29 -22.60 110.98
N ILE K 46 16.90 -23.72 111.36
CA ILE K 46 16.15 -24.95 111.64
C ILE K 46 15.20 -24.74 112.81
N ARG K 47 15.67 -24.07 113.87
CA ARG K 47 14.82 -23.85 115.03
C ARG K 47 13.63 -22.96 114.72
N MET K 48 13.85 -21.90 113.93
CA MET K 48 12.75 -21.03 113.56
C MET K 48 11.71 -21.79 112.75
N ALA K 49 12.16 -22.58 111.78
CA ALA K 49 11.21 -23.38 111.01
C ALA K 49 10.45 -24.36 111.89
N ARG K 50 11.15 -24.95 112.86
CA ARG K 50 10.50 -25.91 113.76
C ARG K 50 9.42 -25.26 114.59
N MET K 51 9.69 -24.08 115.15
CA MET K 51 8.68 -23.45 115.98
C MET K 51 7.50 -22.95 115.14
N ALA K 52 7.76 -22.49 113.92
CA ALA K 52 6.63 -22.13 113.05
C ALA K 52 5.76 -23.34 112.77
N ARG K 53 6.38 -24.48 112.44
CA ARG K 53 5.57 -25.67 112.18
C ARG K 53 4.85 -26.16 113.42
N LYS K 54 5.45 -25.98 114.59
CA LYS K 54 4.77 -26.36 115.82
C LYS K 54 3.53 -25.51 116.05
N ALA K 55 3.63 -24.22 115.79
CA ALA K 55 2.46 -23.36 115.89
C ALA K 55 1.46 -23.57 114.76
N GLY K 56 1.86 -24.23 113.68
CA GLY K 56 0.97 -24.40 112.56
C GLY K 56 1.07 -23.30 111.53
N ASN K 57 2.10 -22.49 111.61
CA ASN K 57 2.36 -21.38 110.72
C ASN K 57 3.51 -21.73 109.79
N PHE K 58 3.94 -20.75 109.01
CA PHE K 58 5.05 -20.90 108.10
C PHE K 58 6.16 -19.95 108.47
N TYR K 59 7.39 -20.45 108.47
CA TYR K 59 8.57 -19.60 108.61
C TYR K 59 9.16 -19.37 107.23
N VAL K 60 9.13 -18.12 106.77
CA VAL K 60 9.71 -17.75 105.49
C VAL K 60 11.13 -17.27 105.76
N PRO K 61 12.15 -17.98 105.29
CA PRO K 61 13.53 -17.54 105.54
C PRO K 61 13.82 -16.25 104.79
N ALA K 62 14.83 -15.54 105.28
CA ALA K 62 15.25 -14.31 104.64
C ALA K 62 15.69 -14.59 103.21
N GLU K 63 15.35 -13.67 102.32
CA GLU K 63 15.83 -13.77 100.95
C GLU K 63 17.34 -13.76 100.95
N PRO K 64 17.99 -14.62 100.17
CA PRO K 64 19.45 -14.72 100.22
C PRO K 64 20.12 -13.42 99.82
N LYS K 65 21.20 -13.09 100.52
CA LYS K 65 21.92 -11.85 100.27
C LYS K 65 23.16 -12.04 99.42
N LEU K 66 23.54 -13.27 99.11
CA LEU K 66 24.75 -13.56 98.37
C LEU K 66 24.44 -14.49 97.22
N ALA K 67 25.03 -14.22 96.06
CA ALA K 67 24.88 -15.09 94.91
C ALA K 67 26.25 -15.40 94.32
N PHE K 68 26.36 -16.56 93.73
CA PHE K 68 27.51 -16.90 92.90
C PHE K 68 27.02 -16.98 91.47
N VAL K 69 27.72 -16.28 90.57
CA VAL K 69 27.33 -16.13 89.18
C VAL K 69 28.45 -16.67 88.32
N ILE K 70 28.11 -17.57 87.39
CA ILE K 70 29.06 -18.13 86.44
C ILE K 70 28.60 -17.72 85.05
N ARG K 71 29.51 -17.19 84.26
CA ARG K 71 29.20 -16.94 82.86
C ARG K 71 29.28 -18.26 82.11
N ILE K 72 28.20 -18.65 81.44
CA ILE K 72 28.15 -19.95 80.79
C ILE K 72 28.24 -19.87 79.28
N ARG K 73 28.09 -18.70 78.68
CA ARG K 73 28.22 -18.56 77.23
C ARG K 73 29.49 -17.79 76.88
N GLY K 74 29.95 -17.99 75.65
CA GLY K 74 31.19 -17.39 75.20
C GLY K 74 31.02 -15.94 74.78
N ILE K 75 32.05 -15.43 74.13
CA ILE K 75 32.19 -14.00 73.89
C ILE K 75 31.84 -13.62 72.46
N ASN K 76 31.21 -14.52 71.70
CA ASN K 76 30.94 -14.27 70.30
C ASN K 76 29.49 -13.83 70.10
N GLY K 77 29.31 -12.72 69.42
CA GLY K 77 27.99 -12.23 69.08
C GLY K 77 27.13 -11.83 70.25
N VAL K 78 27.69 -11.06 71.17
CA VAL K 78 26.99 -10.63 72.37
C VAL K 78 26.48 -9.21 72.17
N SER K 79 25.22 -8.97 72.52
CA SER K 79 24.64 -7.65 72.36
C SER K 79 25.30 -6.66 73.32
N PRO K 80 25.31 -5.37 72.98
CA PRO K 80 26.09 -4.41 73.77
C PRO K 80 25.67 -4.27 75.22
N LYS K 81 24.37 -4.30 75.53
CA LYS K 81 23.95 -4.16 76.91
C LYS K 81 24.36 -5.37 77.75
N VAL K 82 24.20 -6.56 77.20
CA VAL K 82 24.65 -7.77 77.89
C VAL K 82 26.16 -7.74 78.07
N ARG K 83 26.89 -7.29 77.05
CA ARG K 83 28.33 -7.17 77.14
C ARG K 83 28.74 -6.24 78.27
N LYS K 84 28.08 -5.08 78.36
CA LYS K 84 28.42 -4.11 79.40
C LYS K 84 28.12 -4.66 80.79
N VAL K 85 26.98 -5.32 80.97
CA VAL K 85 26.65 -5.85 82.28
C VAL K 85 27.61 -6.96 82.67
N LEU K 86 28.00 -7.81 81.72
CA LEU K 86 28.97 -8.85 82.04
C LEU K 86 30.32 -8.26 82.42
N GLN K 87 30.75 -7.20 81.74
CA GLN K 87 31.98 -6.54 82.14
C GLN K 87 31.86 -5.94 83.53
N LEU K 88 30.68 -5.41 83.87
CA LEU K 88 30.48 -4.87 85.22
C LEU K 88 30.44 -5.97 86.28
N LEU K 89 30.03 -7.17 85.90
CA LEU K 89 30.08 -8.31 86.80
C LEU K 89 31.44 -8.98 86.81
N ARG K 90 32.36 -8.53 85.96
CA ARG K 90 33.71 -9.06 85.87
C ARG K 90 33.73 -10.48 85.35
N LEU K 91 32.77 -10.81 84.48
CA LEU K 91 32.73 -12.09 83.81
C LEU K 91 33.01 -11.84 82.33
N ARG K 92 34.29 -11.78 82.00
CA ARG K 92 34.73 -11.51 80.65
C ARG K 92 35.17 -12.77 79.91
N GLN K 93 34.96 -13.93 80.52
CA GLN K 93 35.37 -15.19 79.94
C GLN K 93 34.32 -16.22 80.30
N ILE K 94 34.26 -17.29 79.51
CA ILE K 94 33.33 -18.36 79.82
C ILE K 94 33.86 -19.13 81.02
N PHE K 95 32.94 -19.63 81.85
CA PHE K 95 33.21 -20.32 83.10
C PHE K 95 34.01 -19.47 84.08
N ASN K 96 33.82 -18.17 84.00
CA ASN K 96 34.29 -17.26 85.03
C ASN K 96 33.18 -17.06 86.04
N GLY K 97 33.54 -17.15 87.31
CA GLY K 97 32.58 -17.00 88.38
C GLY K 97 32.93 -15.80 89.24
N THR K 98 31.91 -15.28 89.91
CA THR K 98 32.13 -14.17 90.84
C THR K 98 31.00 -14.17 91.85
N PHE K 99 31.24 -13.53 92.98
CA PHE K 99 30.21 -13.34 93.99
C PHE K 99 29.52 -12.01 93.74
N VAL K 100 28.22 -11.99 93.94
CA VAL K 100 27.41 -10.80 93.74
C VAL K 100 26.55 -10.59 94.98
N LYS K 101 26.68 -9.43 95.59
CA LYS K 101 25.80 -9.06 96.69
C LYS K 101 24.43 -8.74 96.13
N LEU K 102 23.42 -9.44 96.63
CA LEU K 102 22.09 -9.39 96.04
C LEU K 102 21.29 -8.24 96.63
N ASN K 103 20.77 -7.39 95.75
CA ASN K 103 19.80 -6.36 96.10
C ASN K 103 19.02 -6.06 94.82
N LYS K 104 18.18 -5.03 94.87
CA LYS K 104 17.39 -4.70 93.68
C LYS K 104 18.27 -4.32 92.51
N ALA K 105 19.30 -3.50 92.76
CA ALA K 105 20.17 -3.03 91.70
C ALA K 105 20.93 -4.17 91.04
N SER K 106 21.45 -5.10 91.83
CA SER K 106 22.21 -6.20 91.24
C SER K 106 21.31 -7.24 90.60
N ILE K 107 20.12 -7.47 91.17
CA ILE K 107 19.22 -8.46 90.61
C ILE K 107 18.71 -8.01 89.25
N ASN K 108 18.40 -6.73 89.10
CA ASN K 108 17.95 -6.26 87.80
C ASN K 108 19.07 -6.26 86.78
N MET K 109 20.33 -6.25 87.21
CA MET K 109 21.44 -6.49 86.30
C MET K 109 21.55 -7.95 85.92
N LEU K 110 21.30 -8.86 86.86
CA LEU K 110 21.34 -10.28 86.55
C LEU K 110 20.24 -10.68 85.58
N ARG K 111 19.07 -10.04 85.67
CA ARG K 111 17.99 -10.33 84.74
C ARG K 111 18.36 -9.99 83.30
N ILE K 112 19.19 -8.96 83.10
CA ILE K 112 19.61 -8.59 81.75
C ILE K 112 20.47 -9.69 81.14
N VAL K 113 21.42 -10.22 81.92
CA VAL K 113 22.38 -11.19 81.42
C VAL K 113 21.93 -12.61 81.70
N GLU K 114 20.65 -12.80 82.02
CA GLU K 114 20.15 -14.14 82.33
C GLU K 114 20.47 -15.20 81.29
N PRO K 115 20.32 -14.99 79.98
CA PRO K 115 20.69 -16.06 79.04
C PRO K 115 22.16 -16.42 79.07
N TYR K 116 23.03 -15.56 79.59
CA TYR K 116 24.46 -15.77 79.53
C TYR K 116 25.07 -16.29 80.81
N ILE K 117 24.32 -16.38 81.89
CA ILE K 117 24.87 -16.75 83.18
C ILE K 117 24.02 -17.85 83.81
N ALA K 118 24.66 -18.62 84.67
CA ALA K 118 23.99 -19.50 85.62
C ALA K 118 24.39 -19.04 87.01
N TRP K 119 23.41 -18.75 87.84
CA TRP K 119 23.73 -18.20 89.14
C TRP K 119 22.82 -18.81 90.20
N GLY K 120 23.23 -18.62 91.45
CA GLY K 120 22.46 -19.14 92.55
C GLY K 120 22.99 -18.72 93.90
N TYR K 121 22.63 -19.46 94.95
CA TYR K 121 22.96 -19.08 96.31
C TYR K 121 24.00 -20.04 96.86
N PRO K 122 25.27 -19.65 96.89
CA PRO K 122 26.30 -20.56 97.40
C PRO K 122 26.15 -20.79 98.88
N ASN K 123 26.54 -21.98 99.31
CA ASN K 123 26.55 -22.30 100.72
C ASN K 123 27.96 -22.18 101.26
N LEU K 124 28.12 -22.47 102.55
CA LEU K 124 29.39 -22.25 103.22
C LEU K 124 30.49 -23.11 102.61
N LYS K 125 30.18 -24.36 102.28
CA LYS K 125 31.17 -25.23 101.68
C LYS K 125 31.59 -24.71 100.31
N SER K 126 30.65 -24.20 99.52
CA SER K 126 30.99 -23.63 98.23
C SER K 126 31.91 -22.43 98.37
N VAL K 127 31.60 -21.54 99.31
CA VAL K 127 32.46 -20.38 99.54
C VAL K 127 33.85 -20.81 99.97
N ASN K 128 33.92 -21.79 100.87
CA ASN K 128 35.21 -22.30 101.34
C ASN K 128 36.02 -22.85 100.19
N GLU K 129 35.44 -23.72 99.38
CA GLU K 129 36.21 -24.36 98.34
C GLU K 129 36.59 -23.39 97.23
N LEU K 130 35.72 -22.44 96.90
CA LEU K 130 36.07 -21.44 95.91
C LEU K 130 37.24 -20.58 96.38
N ILE K 131 37.22 -20.15 97.64
CA ILE K 131 38.31 -19.31 98.12
C ILE K 131 39.60 -20.12 98.25
N TYR K 132 39.50 -21.34 98.77
CA TYR K 132 40.70 -22.09 99.09
C TYR K 132 41.37 -22.69 97.86
N LYS K 133 40.59 -23.22 96.93
CA LYS K 133 41.22 -23.87 95.78
C LYS K 133 41.54 -22.89 94.67
N ARG K 134 40.67 -21.91 94.43
CA ARG K 134 40.82 -21.04 93.27
C ARG K 134 40.86 -19.56 93.64
N GLY K 135 41.10 -19.25 94.91
CA GLY K 135 41.12 -17.86 95.33
C GLY K 135 42.42 -17.16 95.00
N TYR K 136 42.32 -16.10 94.21
CA TYR K 136 43.45 -15.26 93.85
C TYR K 136 43.11 -13.82 94.21
N GLY K 137 44.12 -13.05 94.55
CA GLY K 137 43.94 -11.67 94.93
C GLY K 137 44.37 -10.72 93.84
N LYS K 138 43.69 -9.59 93.74
CA LYS K 138 44.08 -8.51 92.85
C LYS K 138 45.00 -7.59 93.64
N ILE K 139 46.28 -7.92 93.66
CA ILE K 139 47.27 -7.21 94.44
C ILE K 139 48.18 -6.46 93.48
N ASN K 140 48.16 -5.14 93.58
CA ASN K 140 48.94 -4.28 92.69
C ASN K 140 48.63 -4.57 91.23
N LYS K 141 47.34 -4.72 90.93
CA LYS K 141 46.82 -5.01 89.60
C LYS K 141 47.25 -6.36 89.06
N LYS K 142 47.80 -7.23 89.91
CA LYS K 142 48.28 -8.54 89.50
C LYS K 142 47.42 -9.63 90.12
N ARG K 143 47.38 -10.77 89.45
CA ARG K 143 46.64 -11.94 89.95
C ARG K 143 47.61 -12.79 90.75
N ILE K 144 47.56 -12.67 92.06
CA ILE K 144 48.50 -13.32 92.96
C ILE K 144 47.75 -14.36 93.77
N ALA K 145 48.23 -15.59 93.75
CA ALA K 145 47.59 -16.67 94.49
C ALA K 145 47.66 -16.41 95.98
N LEU K 146 46.59 -16.76 96.69
CA LEU K 146 46.49 -16.50 98.12
C LEU K 146 47.16 -17.63 98.89
N THR K 147 48.49 -17.63 98.82
CA THR K 147 49.30 -18.67 99.44
C THR K 147 49.72 -18.33 100.86
N ASP K 148 49.49 -17.10 101.31
CA ASP K 148 49.89 -16.65 102.63
C ASP K 148 48.87 -15.65 103.13
N ASN K 149 48.61 -15.67 104.44
CA ASN K 149 47.71 -14.69 105.03
C ASN K 149 48.25 -13.27 104.92
N ALA K 150 49.56 -13.12 104.75
CA ALA K 150 50.15 -11.79 104.62
C ALA K 150 49.65 -11.09 103.37
N LEU K 151 49.37 -11.84 102.31
CA LEU K 151 48.83 -11.25 101.10
C LEU K 151 47.46 -10.63 101.35
N ILE K 152 46.62 -11.30 102.14
CA ILE K 152 45.32 -10.73 102.48
C ILE K 152 45.49 -9.57 103.44
N ALA K 153 46.40 -9.70 104.40
CA ALA K 153 46.52 -8.68 105.44
C ALA K 153 47.11 -7.38 104.90
N ARG K 154 47.99 -7.45 103.91
CA ARG K 154 48.54 -6.23 103.33
C ARG K 154 47.48 -5.40 102.62
N SER K 155 46.55 -6.05 101.92
CA SER K 155 45.59 -5.32 101.11
C SER K 155 44.30 -5.01 101.84
N LEU K 156 43.82 -5.92 102.68
CA LEU K 156 42.54 -5.76 103.35
C LEU K 156 42.67 -5.68 104.87
N GLY K 157 43.88 -5.51 105.39
CA GLY K 157 44.03 -5.42 106.84
C GLY K 157 43.36 -4.21 107.43
N LYS K 158 43.27 -3.12 106.66
CA LYS K 158 42.64 -1.90 107.16
C LYS K 158 41.15 -2.06 107.35
N TYR K 159 40.56 -3.14 106.84
CA TYR K 159 39.16 -3.43 107.04
C TYR K 159 38.93 -4.52 108.09
N GLY K 160 39.99 -4.94 108.79
CA GLY K 160 39.89 -6.01 109.74
C GLY K 160 40.04 -7.40 109.17
N ILE K 161 40.18 -7.53 107.85
CA ILE K 161 40.30 -8.82 107.18
C ILE K 161 41.77 -9.14 107.04
N ILE K 162 42.25 -10.13 107.80
CA ILE K 162 43.68 -10.40 107.85
C ILE K 162 43.98 -11.87 107.64
N CYS K 163 42.99 -12.64 107.20
CA CYS K 163 43.21 -14.06 106.96
C CYS K 163 42.14 -14.59 106.02
N MET K 164 42.38 -15.80 105.53
CA MET K 164 41.41 -16.47 104.66
C MET K 164 40.09 -16.66 105.38
N GLU K 165 40.13 -16.91 106.69
CA GLU K 165 38.90 -17.04 107.44
C GLU K 165 38.12 -15.74 107.46
N ASP K 166 38.82 -14.62 107.66
CA ASP K 166 38.16 -13.32 107.61
C ASP K 166 37.55 -13.07 106.24
N LEU K 167 38.28 -13.40 105.18
CA LEU K 167 37.77 -13.22 103.83
C LEU K 167 36.53 -14.06 103.59
N ILE K 168 36.57 -15.33 104.00
CA ILE K 168 35.45 -16.23 103.81
C ILE K 168 34.24 -15.74 104.60
N HIS K 169 34.47 -15.28 105.82
CA HIS K 169 33.38 -14.72 106.61
C HIS K 169 32.77 -13.50 105.94
N GLU K 170 33.61 -12.59 105.47
CA GLU K 170 33.12 -11.36 104.85
C GLU K 170 32.39 -11.62 103.55
N ILE K 171 32.68 -12.74 102.89
CA ILE K 171 31.93 -13.10 101.70
C ILE K 171 30.62 -13.80 102.07
N TYR K 172 30.69 -14.82 102.93
CA TYR K 172 29.51 -15.62 103.24
C TYR K 172 28.45 -14.80 103.95
N THR K 173 28.83 -14.14 105.04
CA THR K 173 27.99 -13.10 105.60
C THR K 173 28.44 -11.83 104.92
N VAL K 174 27.50 -11.13 104.26
CA VAL K 174 27.90 -10.08 103.34
C VAL K 174 28.68 -9.00 104.06
N GLY K 175 28.18 -8.57 105.21
CA GLY K 175 29.00 -7.71 106.03
C GLY K 175 29.13 -6.31 105.45
N LYS K 176 30.05 -5.54 106.05
CA LYS K 176 30.19 -4.14 105.69
C LYS K 176 31.23 -3.90 104.62
N ARG K 177 32.22 -4.78 104.50
CA ARG K 177 33.31 -4.59 103.56
C ARG K 177 33.27 -5.65 102.46
N PHE K 178 32.06 -6.06 102.09
CA PHE K 178 31.92 -7.03 101.01
C PHE K 178 32.45 -6.48 99.71
N LYS K 179 32.18 -5.21 99.42
CA LYS K 179 32.64 -4.64 98.15
C LYS K 179 34.16 -4.72 98.06
N GLU K 180 34.85 -4.35 99.12
CA GLU K 180 36.31 -4.37 99.10
C GLU K 180 36.86 -5.78 99.03
N ALA K 181 36.34 -6.69 99.86
CA ALA K 181 36.85 -8.06 99.84
C ALA K 181 36.56 -8.76 98.52
N ASN K 182 35.34 -8.58 97.99
CA ASN K 182 34.96 -9.21 96.74
C ASN K 182 35.76 -8.65 95.58
N ASN K 183 35.95 -7.34 95.52
CA ASN K 183 36.72 -6.78 94.41
C ASN K 183 38.20 -7.13 94.57
N PHE K 184 38.65 -7.35 95.81
CA PHE K 184 39.99 -7.89 96.00
C PHE K 184 40.12 -9.28 95.42
N LEU K 185 39.08 -10.09 95.52
CA LEU K 185 39.10 -11.41 94.89
C LEU K 185 39.12 -11.26 93.38
N TRP K 186 40.16 -11.77 92.74
CA TRP K 186 40.15 -11.91 91.29
C TRP K 186 39.00 -12.84 90.90
N PRO K 187 38.31 -12.58 89.79
CA PRO K 187 37.21 -13.47 89.39
C PRO K 187 37.69 -14.90 89.20
N PHE K 188 36.89 -15.84 89.68
CA PHE K 188 37.31 -17.24 89.71
C PHE K 188 37.30 -17.81 88.31
N LYS K 189 38.36 -18.53 87.98
CA LYS K 189 38.51 -19.16 86.66
C LYS K 189 38.19 -20.63 86.84
N LEU K 190 36.90 -20.98 86.73
CA LEU K 190 36.53 -22.37 86.95
C LEU K 190 36.78 -23.18 85.70
N SER K 191 36.80 -24.49 85.88
CA SER K 191 36.95 -25.41 84.76
C SER K 191 35.59 -25.65 84.11
N SER K 192 35.62 -26.36 82.98
CA SER K 192 34.38 -26.83 82.39
C SER K 192 33.70 -27.80 83.35
N PRO K 193 32.37 -27.84 83.37
CA PRO K 193 31.68 -28.75 84.29
C PRO K 193 31.96 -30.20 83.94
N ARG K 194 32.39 -30.95 84.94
CA ARG K 194 32.65 -32.38 84.76
C ARG K 194 31.32 -33.11 84.81
N GLY K 195 31.00 -33.85 83.77
CA GLY K 195 29.70 -34.44 83.59
C GLY K 195 28.82 -33.71 82.61
N GLY K 196 29.21 -32.51 82.19
CA GLY K 196 28.49 -31.80 81.15
C GLY K 196 27.41 -30.91 81.68
N MET K 197 26.84 -30.14 80.76
CA MET K 197 25.69 -29.30 81.00
C MET K 197 24.46 -29.95 80.37
N LYS K 198 23.29 -29.60 80.88
CA LYS K 198 22.06 -30.10 80.26
C LYS K 198 21.83 -29.43 78.92
N LYS K 199 21.66 -28.11 78.93
CA LYS K 199 21.46 -27.34 77.70
C LYS K 199 21.78 -25.89 78.03
N LYS K 200 22.88 -25.38 77.50
CA LYS K 200 23.29 -24.04 77.93
C LYS K 200 22.47 -22.94 77.29
N THR K 201 21.65 -23.25 76.29
CA THR K 201 20.92 -22.23 75.57
C THR K 201 19.53 -21.97 76.12
N THR K 202 19.09 -22.71 77.12
CA THR K 202 17.77 -22.52 77.69
C THR K 202 17.88 -22.33 79.20
N HIS K 203 16.80 -21.82 79.78
CA HIS K 203 16.76 -21.54 81.20
C HIS K 203 16.73 -22.83 82.00
N PHE K 204 17.15 -22.74 83.26
CA PHE K 204 17.23 -23.92 84.12
C PHE K 204 15.86 -24.54 84.34
N VAL K 205 14.82 -23.72 84.51
CA VAL K 205 13.51 -24.25 84.81
C VAL K 205 12.84 -24.89 83.60
N GLU K 206 13.40 -24.72 82.40
CA GLU K 206 12.91 -25.44 81.24
C GLU K 206 13.91 -26.50 80.78
N GLY K 207 14.70 -27.04 81.70
CA GLY K 207 15.61 -28.12 81.40
C GLY K 207 17.00 -27.72 80.98
N GLY K 208 17.34 -26.44 81.04
CA GLY K 208 18.61 -25.93 80.59
C GLY K 208 19.55 -25.59 81.72
N ASP K 209 20.36 -24.56 81.51
CA ASP K 209 21.38 -24.16 82.49
C ASP K 209 21.36 -22.69 82.83
N ALA K 210 20.83 -21.83 81.98
CA ALA K 210 20.88 -20.40 82.25
C ALA K 210 19.96 -20.03 83.41
N GLY K 211 20.15 -18.83 83.91
CA GLY K 211 19.25 -18.29 84.91
C GLY K 211 19.53 -18.74 86.32
N ASN K 212 18.56 -18.45 87.18
CA ASN K 212 18.69 -18.67 88.61
C ASN K 212 18.23 -20.08 88.95
N ARG K 213 19.17 -20.91 89.36
CA ARG K 213 18.89 -22.12 90.12
C ARG K 213 19.20 -21.79 91.57
N GLU K 214 18.22 -21.97 92.45
CA GLU K 214 18.36 -21.43 93.80
C GLU K 214 19.55 -22.02 94.53
N ASP K 215 19.50 -23.30 94.88
CA ASP K 215 20.58 -23.92 95.62
C ASP K 215 21.25 -25.06 94.85
N GLN K 216 20.95 -25.20 93.57
CA GLN K 216 21.65 -26.16 92.73
C GLN K 216 22.93 -25.59 92.15
N ILE K 217 23.20 -24.30 92.41
CA ILE K 217 24.48 -23.74 92.03
C ILE K 217 25.60 -24.42 92.78
N ASN K 218 25.32 -25.01 93.93
CA ASN K 218 26.35 -25.75 94.65
C ASN K 218 26.71 -27.04 93.95
N ARG K 219 25.70 -27.75 93.43
CA ARG K 219 25.97 -28.91 92.60
C ARG K 219 26.78 -28.52 91.38
N LEU K 220 26.48 -27.37 90.79
CA LEU K 220 27.27 -26.91 89.65
C LEU K 220 28.71 -26.60 90.06
N ILE K 221 28.89 -25.99 91.24
CA ILE K 221 30.22 -25.59 91.67
C ILE K 221 31.10 -26.80 91.95
N ARG K 222 30.52 -27.84 92.57
CA ARG K 222 31.30 -29.03 92.87
C ARG K 222 31.94 -29.63 91.64
N ARG K 223 31.27 -29.54 90.50
CA ARG K 223 31.80 -30.07 89.26
C ARG K 223 32.66 -29.06 88.53
N MET K 224 32.42 -27.77 88.70
CA MET K 224 33.22 -26.78 88.01
C MET K 224 34.52 -26.43 88.72
N ASN K 225 34.72 -26.85 89.95
CA ASN K 225 36.07 -26.79 90.51
C ASN K 225 36.46 -28.06 91.25
N LYS L 1 70.03 62.06 -76.17
CA LYS L 1 70.36 62.01 -77.60
C LYS L 1 71.28 60.82 -77.90
N VAL L 2 72.22 60.57 -76.98
CA VAL L 2 73.13 59.43 -77.09
C VAL L 2 72.87 58.42 -75.97
N VAL L 3 71.81 58.62 -75.17
CA VAL L 3 71.51 57.73 -74.08
C VAL L 3 71.13 56.36 -74.61
N ASN L 4 71.51 55.32 -73.88
CA ASN L 4 71.18 53.96 -74.26
C ASN L 4 69.67 53.77 -74.25
N PRO L 5 69.08 53.27 -75.35
CA PRO L 5 67.62 53.08 -75.36
C PRO L 5 67.13 52.04 -74.37
N LEU L 6 68.01 51.17 -73.88
CA LEU L 6 67.60 50.15 -72.93
C LEU L 6 67.28 50.71 -71.56
N PHE L 7 67.71 51.95 -71.27
CA PHE L 7 67.46 52.53 -69.96
C PHE L 7 66.03 53.08 -69.91
N GLU L 8 65.28 52.67 -68.90
CA GLU L 8 63.95 53.23 -68.71
C GLU L 8 63.66 53.31 -67.23
N LYS L 9 62.73 54.21 -66.90
CA LYS L 9 62.29 54.34 -65.51
C LYS L 9 61.48 53.12 -65.13
N ARG L 10 61.61 52.69 -63.87
CA ARG L 10 60.84 51.58 -63.33
C ARG L 10 60.21 52.04 -62.02
N PRO L 11 59.25 52.96 -62.10
CA PRO L 11 58.71 53.54 -60.87
C PRO L 11 57.83 52.54 -60.15
N LYS L 12 58.00 52.47 -58.84
CA LYS L 12 57.17 51.64 -57.99
C LYS L 12 56.26 52.52 -57.17
N ASN L 13 55.00 52.15 -57.06
CA ASN L 13 54.03 52.91 -56.30
C ASN L 13 53.76 52.21 -54.98
N PHE L 14 53.73 52.99 -53.90
CA PHE L 14 53.60 52.45 -52.56
C PHE L 14 52.20 52.61 -52.01
N GLY L 15 51.20 52.44 -52.86
CA GLY L 15 49.84 52.38 -52.39
C GLY L 15 49.59 51.12 -51.60
N ILE L 16 48.41 51.06 -50.99
CA ILE L 16 48.06 49.91 -50.17
C ILE L 16 47.90 48.69 -51.06
N GLY L 17 48.51 47.58 -50.65
CA GLY L 17 48.40 46.34 -51.38
C GLY L 17 49.28 46.24 -52.61
N GLN L 18 49.95 47.31 -52.99
CA GLN L 18 50.86 47.34 -54.12
C GLN L 18 52.27 47.05 -53.63
N ASP L 19 53.28 47.40 -54.43
CA ASP L 19 54.68 47.20 -54.09
C ASP L 19 54.97 47.52 -52.63
N ILE L 20 55.78 46.67 -51.99
CA ILE L 20 55.91 46.72 -50.54
C ILE L 20 56.58 48.02 -50.12
N GLN L 21 56.33 48.41 -48.88
CA GLN L 21 56.71 49.72 -48.39
C GLN L 21 58.23 49.87 -48.35
N PRO L 22 58.75 51.06 -48.61
CA PRO L 22 60.19 51.27 -48.52
C PRO L 22 60.63 51.32 -47.07
N LYS L 23 61.94 51.21 -46.87
CA LYS L 23 62.50 51.28 -45.53
C LYS L 23 62.55 52.76 -45.13
N ARG L 24 61.54 53.21 -44.41
CA ARG L 24 61.43 54.59 -44.01
C ARG L 24 61.75 54.74 -42.53
N ASP L 25 61.84 56.00 -42.09
CA ASP L 25 62.18 56.30 -40.71
C ASP L 25 61.04 55.90 -39.79
N LEU L 26 61.34 55.05 -38.80
CA LEU L 26 60.33 54.58 -37.86
C LEU L 26 60.67 54.96 -36.43
N THR L 27 61.46 56.02 -36.23
CA THR L 27 61.91 56.36 -34.88
C THR L 27 60.73 56.65 -33.97
N ARG L 28 59.68 57.25 -34.50
CA ARG L 28 58.54 57.59 -33.67
C ARG L 28 57.80 56.36 -33.18
N PHE L 29 57.96 55.23 -33.87
CA PHE L 29 57.24 54.00 -33.56
C PHE L 29 58.20 52.89 -33.14
N VAL L 30 59.22 53.21 -32.37
CA VAL L 30 60.21 52.24 -31.92
C VAL L 30 59.85 51.79 -30.51
N LYS L 31 59.89 50.49 -30.27
CA LYS L 31 59.84 49.95 -28.92
C LYS L 31 61.16 50.29 -28.25
N TRP L 32 61.19 51.40 -27.53
CA TRP L 32 62.40 51.86 -26.89
C TRP L 32 62.68 51.07 -25.62
N PRO L 33 63.93 51.05 -25.16
CA PRO L 33 64.21 50.46 -23.85
C PRO L 33 63.50 51.20 -22.74
N ARG L 34 63.36 50.50 -21.61
CA ARG L 34 62.59 51.02 -20.50
C ARG L 34 63.19 52.31 -19.94
N TYR L 35 64.53 52.42 -19.90
CA TYR L 35 65.11 53.64 -19.36
C TYR L 35 64.90 54.83 -20.28
N ILE L 36 64.98 54.63 -21.59
CA ILE L 36 64.70 55.70 -22.53
C ILE L 36 63.25 56.15 -22.42
N ARG L 37 62.33 55.18 -22.35
CA ARG L 37 60.93 55.52 -22.16
C ARG L 37 60.71 56.27 -20.85
N LEU L 38 61.41 55.85 -19.79
CA LEU L 38 61.21 56.46 -18.49
C LEU L 38 61.69 57.90 -18.45
N GLN L 39 62.86 58.18 -19.01
CA GLN L 39 63.32 59.56 -18.99
C GLN L 39 62.47 60.45 -19.91
N ARG L 40 62.02 59.92 -21.05
CA ARG L 40 61.14 60.73 -21.89
C ARG L 40 59.79 60.99 -21.21
N GLN L 41 59.24 59.98 -20.56
CA GLN L 41 57.97 60.16 -19.86
C GLN L 41 58.11 61.12 -18.70
N ARG L 42 59.27 61.13 -18.04
CA ARG L 42 59.50 62.12 -16.99
C ARG L 42 59.55 63.53 -17.56
N ALA L 43 60.21 63.69 -18.72
CA ALA L 43 60.22 64.99 -19.37
C ALA L 43 58.80 65.44 -19.71
N ILE L 44 57.94 64.50 -20.11
CA ILE L 44 56.55 64.84 -20.41
C ILE L 44 55.78 65.18 -19.14
N LEU L 45 56.03 64.45 -18.05
CA LEU L 45 55.33 64.71 -16.80
C LEU L 45 55.64 66.08 -16.25
N TYR L 46 56.88 66.53 -16.41
CA TYR L 46 57.23 67.87 -15.96
C TYR L 46 56.57 68.95 -16.79
N LYS L 47 55.94 68.60 -17.90
CA LYS L 47 55.11 69.54 -18.65
C LYS L 47 53.63 69.38 -18.36
N ARG L 48 53.18 68.17 -18.05
CA ARG L 48 51.77 67.98 -17.71
C ARG L 48 51.45 68.59 -16.36
N LEU L 49 52.21 68.23 -15.33
CA LEU L 49 51.81 68.56 -13.98
C LEU L 49 52.01 70.04 -13.71
N LYS L 50 51.26 70.54 -12.73
CA LYS L 50 51.45 71.91 -12.26
C LYS L 50 52.71 71.95 -11.42
N VAL L 51 53.77 72.52 -11.97
CA VAL L 51 55.05 72.61 -11.27
C VAL L 51 55.00 73.78 -10.31
N PRO L 52 55.35 73.59 -9.03
CA PRO L 52 55.35 74.71 -8.10
C PRO L 52 56.37 75.74 -8.51
N PRO L 53 56.16 77.01 -8.14
CA PRO L 53 57.10 78.05 -8.55
C PRO L 53 58.52 77.83 -8.07
N ALA L 54 58.72 77.23 -6.90
CA ALA L 54 60.06 77.01 -6.38
C ALA L 54 60.87 76.05 -7.24
N ILE L 55 60.22 75.20 -8.03
CA ILE L 55 60.91 74.29 -8.94
C ILE L 55 60.90 74.87 -10.34
N ASN L 56 59.82 75.59 -10.65
CA ASN L 56 59.67 76.15 -11.99
C ASN L 56 60.60 77.32 -12.23
N GLN L 57 61.08 77.98 -11.18
CA GLN L 57 61.94 79.13 -11.37
C GLN L 57 63.27 78.77 -11.99
N PHE L 58 63.66 77.50 -11.93
CA PHE L 58 64.93 77.09 -12.52
C PHE L 58 64.85 76.87 -14.03
N THR L 59 63.65 76.85 -14.60
CA THR L 59 63.54 76.80 -16.06
C THR L 59 63.80 78.15 -16.71
N GLN L 60 63.76 79.23 -15.95
CA GLN L 60 64.17 80.55 -16.44
C GLN L 60 65.65 80.69 -16.18
N ALA L 61 66.45 80.67 -17.24
CA ALA L 61 67.88 80.81 -17.11
C ALA L 61 68.39 81.95 -17.97
N LEU L 62 69.70 82.14 -17.95
CA LEU L 62 70.32 83.18 -18.73
C LEU L 62 70.27 82.86 -20.21
N ASP L 63 70.15 83.90 -21.02
CA ASP L 63 70.22 83.72 -22.47
C ASP L 63 71.68 83.53 -22.89
N ARG L 64 71.87 83.34 -24.20
CA ARG L 64 73.19 83.00 -24.72
C ARG L 64 74.22 84.08 -24.42
N GLN L 65 73.88 85.33 -24.72
CA GLN L 65 74.85 86.42 -24.56
C GLN L 65 75.29 86.56 -23.11
N THR L 66 74.33 86.66 -22.20
CA THR L 66 74.66 86.88 -20.79
C THR L 66 75.37 85.68 -20.21
N ALA L 67 74.90 84.46 -20.53
CA ALA L 67 75.56 83.27 -20.00
C ALA L 67 77.00 83.17 -20.51
N THR L 68 77.22 83.43 -21.79
CA THR L 68 78.57 83.35 -22.33
C THR L 68 79.47 84.42 -21.75
N GLN L 69 78.96 85.63 -21.58
CA GLN L 69 79.80 86.70 -21.03
C GLN L 69 80.10 86.47 -19.56
N LEU L 70 79.13 85.92 -18.81
CA LEU L 70 79.38 85.54 -17.43
C LEU L 70 80.41 84.44 -17.31
N LEU L 71 80.31 83.42 -18.16
CA LEU L 71 81.31 82.34 -18.12
C LEU L 71 82.68 82.86 -18.55
N LYS L 72 82.71 83.82 -19.47
CA LYS L 72 83.97 84.41 -19.87
C LYS L 72 84.61 85.17 -18.71
N LEU L 73 83.81 85.89 -17.94
CA LEU L 73 84.34 86.52 -16.74
C LEU L 73 84.84 85.49 -15.74
N ALA L 74 84.06 84.43 -15.53
CA ALA L 74 84.40 83.43 -14.53
C ALA L 74 85.58 82.56 -14.94
N HIS L 75 85.92 82.52 -16.22
CA HIS L 75 87.11 81.77 -16.65
C HIS L 75 88.39 82.38 -16.11
N LYS L 76 88.40 83.67 -15.79
CA LYS L 76 89.57 84.30 -15.22
C LYS L 76 89.74 84.01 -13.74
N TYR L 77 88.81 83.28 -13.12
CA TYR L 77 88.87 83.01 -11.70
C TYR L 77 88.69 81.53 -11.40
N ARG L 78 89.07 80.67 -12.32
CA ARG L 78 89.00 79.24 -12.07
C ARG L 78 89.93 78.87 -10.92
N PRO L 79 89.53 77.94 -10.06
CA PRO L 79 90.46 77.45 -9.04
C PRO L 79 91.67 76.80 -9.67
N GLU L 80 92.80 76.90 -8.99
CA GLU L 80 94.02 76.33 -9.50
C GLU L 80 93.93 74.80 -9.53
N THR L 81 94.49 74.20 -10.57
CA THR L 81 94.45 72.75 -10.69
C THR L 81 95.45 72.13 -9.72
N LYS L 82 95.46 70.80 -9.67
CA LYS L 82 96.40 70.11 -8.80
C LYS L 82 97.84 70.34 -9.25
N GLN L 83 98.09 70.36 -10.55
CA GLN L 83 99.43 70.63 -11.06
C GLN L 83 99.88 72.04 -10.69
N GLU L 84 99.00 73.03 -10.88
CA GLU L 84 99.36 74.39 -10.53
C GLU L 84 99.61 74.54 -9.04
N LYS L 85 98.78 73.89 -8.22
CA LYS L 85 99.00 73.97 -6.78
C LYS L 85 100.32 73.34 -6.38
N LYS L 86 100.65 72.17 -6.95
CA LYS L 86 101.89 71.52 -6.58
C LYS L 86 103.09 72.34 -7.04
N GLN L 87 102.99 72.99 -8.20
CA GLN L 87 104.14 73.75 -8.66
C GLN L 87 104.32 75.03 -7.86
N ARG L 88 103.22 75.71 -7.47
CA ARG L 88 103.39 76.90 -6.65
C ARG L 88 103.83 76.52 -5.25
N LEU L 89 103.48 75.32 -4.78
CA LEU L 89 103.99 74.88 -3.49
C LEU L 89 105.48 74.58 -3.55
N LEU L 90 105.95 73.99 -4.65
CA LEU L 90 107.38 73.78 -4.81
C LEU L 90 108.14 75.11 -4.88
N ALA L 91 107.61 76.07 -5.65
CA ALA L 91 108.23 77.38 -5.74
C ALA L 91 108.23 78.07 -4.38
N ARG L 92 107.13 77.96 -3.64
CA ARG L 92 107.05 78.54 -2.31
C ARG L 92 108.06 77.91 -1.36
N ALA L 93 108.21 76.60 -1.42
CA ALA L 93 109.19 75.93 -0.56
C ALA L 93 110.59 76.41 -0.86
N GLU L 94 110.96 76.47 -2.13
CA GLU L 94 112.31 76.91 -2.50
C GLU L 94 112.54 78.36 -2.08
N LYS L 95 111.58 79.24 -2.35
CA LYS L 95 111.76 80.65 -2.04
C LYS L 95 111.71 80.92 -0.55
N LYS L 96 110.90 80.14 0.19
CA LYS L 96 110.88 80.24 1.64
C LYS L 96 112.21 79.82 2.24
N ALA L 97 112.81 78.75 1.72
CA ALA L 97 114.16 78.40 2.13
C ALA L 97 115.15 79.49 1.75
N ALA L 98 114.91 80.19 0.63
CA ALA L 98 115.77 81.30 0.24
C ALA L 98 115.68 82.45 1.25
N GLY L 99 114.49 82.71 1.77
CA GLY L 99 114.34 83.82 2.71
C GLY L 99 113.08 84.65 2.52
N LYS L 100 112.19 84.18 1.66
CA LYS L 100 110.96 84.92 1.37
C LYS L 100 110.07 85.05 2.60
N GLY L 101 110.13 84.10 3.53
CA GLY L 101 109.29 84.16 4.70
C GLY L 101 107.86 83.73 4.42
N ASP L 102 106.94 84.13 5.30
CA ASP L 102 105.53 83.83 5.09
C ASP L 102 105.01 84.49 3.82
N VAL L 103 104.94 85.83 3.84
CA VAL L 103 104.60 86.65 2.67
C VAL L 103 103.31 86.16 2.02
N PRO L 104 102.14 86.46 2.57
CA PRO L 104 100.89 85.98 1.96
C PRO L 104 100.71 86.41 0.51
N THR L 105 101.30 87.54 0.13
CA THR L 105 101.38 88.02 -1.26
C THR L 105 100.02 88.07 -1.94
N LYS L 106 98.99 88.42 -1.16
CA LYS L 106 97.67 88.75 -1.70
C LYS L 106 97.09 87.57 -2.48
N ARG L 107 96.73 86.52 -1.72
CA ARG L 107 96.03 85.34 -2.23
C ARG L 107 94.96 85.75 -3.23
N PRO L 108 95.08 85.32 -4.49
CA PRO L 108 94.29 85.94 -5.55
C PRO L 108 92.83 85.61 -5.40
N PRO L 109 91.94 86.51 -5.84
CA PRO L 109 90.51 86.20 -5.84
C PRO L 109 90.22 84.99 -6.72
N VAL L 110 89.33 84.13 -6.22
CA VAL L 110 89.06 82.84 -6.83
C VAL L 110 87.55 82.61 -6.81
N LEU L 111 87.11 81.65 -7.59
CA LEU L 111 85.70 81.30 -7.67
C LEU L 111 85.40 80.24 -6.62
N ARG L 112 84.48 80.53 -5.70
CA ARG L 112 84.07 79.58 -4.69
C ARG L 112 83.00 78.67 -5.26
N ALA L 113 83.11 77.38 -4.98
CA ALA L 113 82.24 76.38 -5.58
C ALA L 113 81.61 75.52 -4.48
N GLY L 114 80.46 74.97 -4.78
CA GLY L 114 79.84 74.06 -3.85
C GLY L 114 78.68 74.72 -3.12
N VAL L 115 77.62 73.96 -2.89
CA VAL L 115 76.41 74.57 -2.36
C VAL L 115 76.59 74.99 -0.92
N ASN L 116 77.28 74.21 -0.11
CA ASN L 116 77.48 74.56 1.29
C ASN L 116 78.36 75.80 1.43
N THR L 117 79.46 75.83 0.69
CA THR L 117 80.32 77.01 0.68
C THR L 117 79.56 78.24 0.22
N VAL L 118 78.80 78.10 -0.86
CA VAL L 118 78.10 79.25 -1.44
C VAL L 118 77.02 79.74 -0.50
N THR L 119 76.27 78.83 0.13
CA THR L 119 75.21 79.27 1.02
C THR L 119 75.75 79.90 2.29
N THR L 120 76.91 79.45 2.78
CA THR L 120 77.51 80.17 3.90
C THR L 120 77.96 81.57 3.49
N LEU L 121 78.54 81.71 2.29
CA LEU L 121 78.94 83.03 1.81
C LEU L 121 77.73 83.94 1.66
N VAL L 122 76.63 83.40 1.13
CA VAL L 122 75.41 84.19 0.97
C VAL L 122 74.88 84.63 2.32
N GLU L 123 74.88 83.73 3.30
CA GLU L 123 74.41 84.08 4.63
C GLU L 123 75.28 85.16 5.26
N ASN L 124 76.58 85.11 5.04
CA ASN L 124 77.45 86.14 5.58
C ASN L 124 77.50 87.39 4.71
N LYS L 125 76.79 87.40 3.58
CA LYS L 125 76.78 88.51 2.63
C LYS L 125 78.16 88.80 2.08
N LYS L 126 78.98 87.75 1.96
CA LYS L 126 80.31 87.86 1.40
C LYS L 126 80.35 87.49 -0.07
N ALA L 127 79.20 87.34 -0.70
CA ALA L 127 79.10 86.97 -2.11
C ALA L 127 78.60 88.17 -2.91
N GLN L 128 79.17 88.34 -4.10
CA GLN L 128 78.80 89.45 -4.96
C GLN L 128 77.95 89.02 -6.13
N LEU L 129 77.97 87.75 -6.49
CA LEU L 129 77.14 87.22 -7.56
C LEU L 129 77.11 85.71 -7.43
N VAL L 130 75.91 85.13 -7.42
CA VAL L 130 75.75 83.67 -7.30
C VAL L 130 75.22 83.15 -8.62
N VAL L 131 75.83 82.07 -9.11
CA VAL L 131 75.38 81.40 -10.31
C VAL L 131 74.94 79.99 -9.93
N ILE L 132 73.71 79.64 -10.26
CA ILE L 132 73.11 78.36 -9.88
C ILE L 132 72.81 77.57 -11.13
N ALA L 133 73.22 76.32 -11.16
CA ALA L 133 72.87 75.44 -12.26
C ALA L 133 71.38 75.17 -12.27
N HIS L 134 70.82 75.01 -13.46
CA HIS L 134 69.39 74.79 -13.56
C HIS L 134 68.98 73.34 -13.45
N ASP L 135 69.91 72.38 -13.46
CA ASP L 135 69.56 70.97 -13.64
C ASP L 135 70.17 70.10 -12.56
N VAL L 136 70.07 70.52 -11.30
CA VAL L 136 70.49 69.68 -10.17
C VAL L 136 69.42 68.63 -9.94
N ASP L 137 69.81 67.35 -9.98
CA ASP L 137 68.83 66.28 -10.12
C ASP L 137 68.09 65.99 -8.81
N PRO L 138 68.76 65.84 -7.65
CA PRO L 138 68.01 65.97 -6.40
C PRO L 138 67.80 67.44 -6.10
N ILE L 139 66.76 68.04 -6.65
CA ILE L 139 66.62 69.49 -6.55
C ILE L 139 65.96 69.83 -5.23
N GLU L 140 66.76 69.75 -4.19
CA GLU L 140 66.55 70.38 -2.89
C GLU L 140 67.83 71.03 -2.46
N LEU L 141 68.93 70.73 -3.13
CA LEU L 141 70.19 71.40 -2.93
C LEU L 141 70.12 72.87 -3.29
N VAL L 142 69.14 73.28 -4.09
CA VAL L 142 69.14 74.62 -4.65
C VAL L 142 67.83 75.37 -4.51
N VAL L 143 66.72 74.72 -4.14
CA VAL L 143 65.42 75.40 -4.21
C VAL L 143 65.37 76.58 -3.26
N PHE L 144 66.14 76.53 -2.17
CA PHE L 144 66.19 77.63 -1.23
C PHE L 144 67.13 78.75 -1.66
N LEU L 145 68.04 78.47 -2.59
CA LEU L 145 69.05 79.48 -2.94
C LEU L 145 68.49 80.76 -3.55
N PRO L 146 67.55 80.74 -4.50
CA PRO L 146 67.03 82.02 -4.98
C PRO L 146 66.38 82.86 -3.89
N ALA L 147 65.57 82.24 -3.03
CA ALA L 147 64.93 83.00 -1.97
C ALA L 147 65.94 83.50 -0.96
N LEU L 148 66.93 82.67 -0.62
CA LEU L 148 67.96 83.07 0.32
C LEU L 148 68.78 84.23 -0.23
N CYS L 149 69.15 84.16 -1.51
CA CYS L 149 69.91 85.23 -2.12
C CYS L 149 69.09 86.52 -2.20
N ARG L 150 67.81 86.41 -2.50
CA ARG L 150 66.95 87.60 -2.49
C ARG L 150 66.91 88.22 -1.10
N LYS L 151 66.72 87.39 -0.08
CA LYS L 151 66.61 87.92 1.28
C LYS L 151 67.92 88.57 1.72
N MET L 152 69.05 87.97 1.38
CA MET L 152 70.33 88.53 1.76
C MET L 152 70.77 89.68 0.87
N GLY L 153 70.11 89.89 -0.27
CA GLY L 153 70.45 90.99 -1.14
C GLY L 153 71.53 90.71 -2.15
N VAL L 154 72.10 89.51 -2.15
CA VAL L 154 73.14 89.14 -3.10
C VAL L 154 72.49 88.78 -4.44
N PRO L 155 72.95 89.39 -5.54
CA PRO L 155 72.36 89.05 -6.84
C PRO L 155 72.67 87.61 -7.25
N TYR L 156 71.68 86.95 -7.84
CA TYR L 156 71.80 85.57 -8.23
C TYR L 156 71.25 85.40 -9.63
N CYS L 157 71.77 84.39 -10.33
CA CYS L 157 71.30 84.04 -11.66
C CYS L 157 71.28 82.52 -11.78
N ILE L 158 70.54 82.04 -12.77
CA ILE L 158 70.45 80.62 -13.07
C ILE L 158 71.01 80.40 -14.45
N ILE L 159 71.92 79.43 -14.57
CA ILE L 159 72.61 79.16 -15.83
C ILE L 159 72.33 77.72 -16.25
N LYS L 160 72.41 77.50 -17.55
CA LYS L 160 72.18 76.18 -18.12
C LYS L 160 73.47 75.38 -18.04
N GLY L 161 73.48 74.37 -17.19
CA GLY L 161 74.57 73.43 -17.13
C GLY L 161 75.40 73.35 -15.86
N LYS L 162 75.04 72.38 -15.02
CA LYS L 162 75.94 71.97 -13.96
C LYS L 162 77.22 71.40 -14.53
N ALA L 163 77.17 70.82 -15.73
CA ALA L 163 78.39 70.43 -16.41
C ALA L 163 79.26 71.61 -16.79
N ARG L 164 78.65 72.71 -17.22
CA ARG L 164 79.44 73.91 -17.53
C ARG L 164 80.10 74.46 -16.28
N LEU L 165 79.36 74.52 -15.17
CA LEU L 165 79.99 74.96 -13.92
C LEU L 165 81.06 73.98 -13.45
N GLY L 166 80.85 72.69 -13.68
CA GLY L 166 81.89 71.72 -13.34
C GLY L 166 83.16 71.93 -14.14
N ARG L 167 83.03 72.12 -15.45
CA ARG L 167 84.20 72.45 -16.26
C ARG L 167 84.85 73.73 -15.80
N LEU L 168 84.07 74.66 -15.28
CA LEU L 168 84.65 75.87 -14.72
C LEU L 168 85.51 75.58 -13.50
N VAL L 169 85.12 74.62 -12.68
CA VAL L 169 85.88 74.29 -11.47
C VAL L 169 86.67 72.99 -11.63
N HIS L 170 86.97 72.58 -12.87
CA HIS L 170 87.80 71.41 -13.15
C HIS L 170 87.22 70.12 -12.54
N ARG L 171 85.91 69.98 -12.61
CA ARG L 171 85.24 68.77 -12.15
C ARG L 171 84.15 68.43 -13.15
N LYS L 172 83.42 67.35 -12.86
CA LYS L 172 82.37 66.93 -13.79
C LYS L 172 81.16 67.85 -13.69
N THR L 173 80.77 68.21 -12.47
CA THR L 173 79.51 68.86 -12.21
C THR L 173 79.67 69.74 -10.98
N CYS L 174 79.27 71.01 -11.09
CA CYS L 174 79.19 71.89 -9.94
C CYS L 174 77.77 72.41 -9.83
N THR L 175 77.23 72.36 -8.62
CA THR L 175 75.87 72.83 -8.39
C THR L 175 75.78 74.35 -8.51
N THR L 176 76.70 75.07 -7.89
CA THR L 176 76.62 76.52 -7.85
C THR L 176 78.00 77.09 -7.59
N VAL L 177 78.22 78.30 -8.11
CA VAL L 177 79.46 79.02 -7.88
C VAL L 177 79.14 80.43 -7.42
N ALA L 178 80.09 81.05 -6.75
CA ALA L 178 79.91 82.39 -6.23
C ALA L 178 81.13 83.24 -6.53
N PHE L 179 80.89 84.52 -6.72
CA PHE L 179 81.95 85.50 -6.93
C PHE L 179 82.19 86.22 -5.61
N THR L 180 83.35 86.00 -5.01
CA THR L 180 83.80 86.82 -3.90
C THR L 180 84.42 88.06 -4.55
N GLN L 181 85.22 88.83 -3.81
CA GLN L 181 85.90 89.99 -4.38
C GLN L 181 86.54 89.68 -5.72
N VAL L 182 86.63 90.70 -6.58
CA VAL L 182 87.06 90.53 -7.95
C VAL L 182 88.18 91.53 -8.20
N ASN L 183 88.97 91.27 -9.24
CA ASN L 183 90.09 92.15 -9.55
C ASN L 183 89.61 93.50 -10.07
N SER L 184 90.49 94.49 -9.96
CA SER L 184 90.14 95.86 -10.33
C SER L 184 89.81 95.96 -11.82
N GLU L 185 90.56 95.27 -12.66
CA GLU L 185 90.28 95.32 -14.08
C GLU L 185 88.97 94.65 -14.44
N ASP L 186 88.46 93.78 -13.59
CA ASP L 186 87.21 93.06 -13.85
C ASP L 186 86.04 93.60 -13.04
N LYS L 187 86.26 94.63 -12.23
CA LYS L 187 85.16 95.22 -11.47
C LYS L 187 84.07 95.75 -12.39
N GLY L 188 84.45 96.39 -13.48
CA GLY L 188 83.45 96.90 -14.41
C GLY L 188 82.63 95.81 -15.06
N ALA L 189 83.29 94.72 -15.48
CA ALA L 189 82.57 93.61 -16.07
C ALA L 189 81.63 92.98 -15.06
N LEU L 190 82.08 92.81 -13.82
CA LEU L 190 81.22 92.23 -12.79
C LEU L 190 80.01 93.13 -12.51
N ALA L 191 80.21 94.44 -12.45
CA ALA L 191 79.08 95.34 -12.22
C ALA L 191 78.11 95.31 -13.40
N LYS L 192 78.63 95.26 -14.62
CA LYS L 192 77.78 95.19 -15.80
C LYS L 192 76.94 93.92 -15.79
N LEU L 193 77.54 92.80 -15.38
CA LEU L 193 76.75 91.59 -15.22
C LEU L 193 75.71 91.74 -14.12
N VAL L 194 76.13 92.24 -12.96
CA VAL L 194 75.30 92.26 -11.77
C VAL L 194 74.05 93.09 -11.99
N GLU L 195 74.16 94.18 -12.75
CA GLU L 195 72.97 95.01 -12.95
C GLU L 195 71.89 94.27 -13.74
N ALA L 196 72.26 93.65 -14.86
CA ALA L 196 71.27 92.89 -15.63
C ALA L 196 70.76 91.69 -14.85
N ILE L 197 71.65 91.00 -14.13
CA ILE L 197 71.23 89.88 -13.30
C ILE L 197 70.23 90.34 -12.25
N ARG L 198 70.50 91.49 -11.64
CA ARG L 198 69.64 92.03 -10.60
C ARG L 198 68.26 92.37 -11.15
N THR L 199 68.21 92.98 -12.34
CA THR L 199 66.92 93.31 -12.92
C THR L 199 66.13 92.05 -13.27
N ASN L 200 66.81 91.02 -13.80
CA ASN L 200 66.09 89.86 -14.29
C ASN L 200 65.71 88.87 -13.22
N TYR L 201 66.41 88.85 -12.08
CA TYR L 201 66.13 87.83 -11.06
C TYR L 201 65.65 88.42 -9.74
N ASN L 202 66.42 89.30 -9.11
CA ASN L 202 66.07 89.74 -7.76
C ASN L 202 64.94 90.75 -7.77
N ASP L 203 64.84 91.55 -8.83
CA ASP L 203 63.79 92.58 -8.87
C ASP L 203 62.41 91.95 -9.02
N ARG L 204 62.26 90.99 -9.93
CA ARG L 204 60.99 90.35 -10.18
C ARG L 204 60.79 89.08 -9.37
N TYR L 205 61.41 89.01 -8.19
CA TYR L 205 61.27 87.87 -7.30
C TYR L 205 59.83 87.65 -6.88
N ASP L 206 59.03 88.71 -6.76
CA ASP L 206 57.64 88.54 -6.35
C ASP L 206 56.83 87.76 -7.37
N GLU L 207 56.99 88.03 -8.66
CA GLU L 207 56.27 87.24 -9.65
C GLU L 207 56.95 85.91 -9.95
N ILE L 208 58.26 85.80 -9.69
CA ILE L 208 58.88 84.48 -9.72
C ILE L 208 58.25 83.58 -8.66
N ARG L 209 57.93 84.15 -7.50
CA ARG L 209 57.32 83.38 -6.42
C ARG L 209 55.96 82.80 -6.82
N ARG L 210 55.29 83.41 -7.80
CA ARG L 210 53.94 83.04 -8.13
C ARG L 210 53.82 82.36 -9.48
N HIS L 211 54.88 82.35 -10.28
CA HIS L 211 54.81 81.80 -11.63
C HIS L 211 54.85 80.27 -11.57
N TRP L 212 53.67 79.65 -11.60
CA TRP L 212 53.58 78.21 -11.67
C TRP L 212 53.91 77.73 -13.07
N GLY L 213 54.44 76.51 -13.16
CA GLY L 213 54.85 75.94 -14.41
C GLY L 213 54.02 74.75 -14.82
N GLY L 214 54.38 74.18 -15.97
CA GLY L 214 53.68 73.03 -16.49
C GLY L 214 52.25 73.38 -16.85
N ASN L 215 51.37 72.39 -16.64
CA ASN L 215 49.94 72.51 -16.94
C ASN L 215 49.69 72.82 -18.42
N VAL L 216 50.40 72.12 -19.30
CA VAL L 216 50.17 72.21 -20.73
C VAL L 216 49.93 70.81 -21.27
N LEU L 217 48.86 70.65 -22.05
CA LEU L 217 48.50 69.34 -22.55
C LEU L 217 49.33 68.98 -23.77
N GLY L 218 49.18 67.74 -24.21
CA GLY L 218 49.90 67.25 -25.36
C GLY L 218 49.39 67.86 -26.63
N PRO L 219 50.19 67.78 -27.69
CA PRO L 219 49.78 68.33 -28.98
C PRO L 219 48.49 67.74 -29.52
N LYS L 220 48.26 66.44 -29.32
CA LYS L 220 47.02 65.83 -29.79
C LYS L 220 45.81 66.39 -29.05
N SER L 221 45.90 66.49 -27.72
CA SER L 221 44.80 67.03 -26.94
C SER L 221 44.54 68.48 -27.29
N VAL L 222 45.60 69.27 -27.44
CA VAL L 222 45.46 70.67 -27.81
C VAL L 222 44.80 70.80 -29.17
N ALA L 223 45.21 69.96 -30.12
CA ALA L 223 44.65 70.03 -31.46
C ALA L 223 43.17 69.66 -31.48
N ARG L 224 42.79 68.61 -30.75
CA ARG L 224 41.38 68.24 -30.79
C ARG L 224 40.51 69.23 -30.03
N ILE L 225 41.02 69.80 -28.94
CA ILE L 225 40.30 70.88 -28.28
C ILE L 225 40.15 72.08 -29.21
N ALA L 226 41.21 72.39 -29.95
CA ALA L 226 41.15 73.51 -30.89
C ALA L 226 40.13 73.27 -31.99
N LYS L 227 40.05 72.03 -32.49
CA LYS L 227 39.10 71.77 -33.57
C LYS L 227 37.66 71.77 -33.05
N LEU L 228 37.43 71.33 -31.81
CA LEU L 228 36.10 71.47 -31.23
C LEU L 228 35.72 72.94 -31.08
N GLU L 229 36.68 73.75 -30.61
CA GLU L 229 36.44 75.18 -30.46
C GLU L 229 36.14 75.82 -31.82
N LYS L 230 36.88 75.42 -32.85
CA LYS L 230 36.66 75.99 -34.17
C LYS L 230 35.32 75.58 -34.75
N ALA L 231 34.88 74.34 -34.49
CA ALA L 231 33.57 73.92 -34.95
C ALA L 231 32.47 74.75 -34.29
N LYS L 232 32.52 74.90 -32.98
CA LYS L 232 31.50 75.70 -32.32
C LYS L 232 31.59 77.18 -32.71
N ALA L 233 32.81 77.67 -32.96
CA ALA L 233 32.98 79.06 -33.39
C ALA L 233 32.41 79.29 -34.78
N LYS L 234 32.60 78.34 -35.70
CA LYS L 234 32.10 78.56 -37.05
C LYS L 234 30.58 78.43 -37.11
N GLU L 235 30.00 77.51 -36.33
CA GLU L 235 28.54 77.49 -36.30
C GLU L 235 27.97 78.73 -35.63
N LEU L 236 28.64 79.24 -34.58
CA LEU L 236 28.20 80.50 -33.99
C LEU L 236 28.33 81.66 -34.97
N ALA L 237 29.39 81.66 -35.77
CA ALA L 237 29.59 82.73 -36.74
C ALA L 237 28.52 82.70 -37.82
N THR L 238 28.14 81.50 -38.28
CA THR L 238 27.04 81.44 -39.24
C THR L 238 25.72 81.83 -38.60
N LYS L 239 25.55 81.55 -37.30
CA LYS L 239 24.35 82.01 -36.60
C LYS L 239 24.29 83.53 -36.53
N LEU L 240 25.41 84.18 -36.21
CA LEU L 240 25.44 85.62 -36.01
C LEU L 240 25.70 86.35 -37.32
N GLY L 241 25.49 87.66 -37.28
CA GLY L 241 25.70 88.50 -38.46
C GLY L 241 24.44 88.69 -39.28
N MET M 1 -4.34 -50.60 72.88
CA MET M 1 -4.57 -51.44 74.05
C MET M 1 -4.23 -52.89 73.74
N LYS M 2 -3.57 -53.55 74.69
CA LYS M 2 -3.28 -54.98 74.59
C LYS M 2 -4.20 -55.72 75.55
N THR M 3 -5.13 -56.49 74.99
CA THR M 3 -6.01 -57.32 75.79
C THR M 3 -5.21 -58.44 76.43
N ILE M 4 -5.46 -58.70 77.72
CA ILE M 4 -4.70 -59.71 78.44
C ILE M 4 -4.92 -61.08 77.82
N LEU M 5 -6.17 -61.48 77.65
CA LEU M 5 -6.49 -62.80 77.14
C LEU M 5 -7.73 -62.73 76.26
N SER M 6 -7.65 -63.36 75.09
CA SER M 6 -8.81 -63.55 74.23
C SER M 6 -8.81 -65.00 73.78
N ASN M 7 -9.84 -65.74 74.13
CA ASN M 7 -9.88 -67.14 73.78
C ASN M 7 -11.25 -67.50 73.21
N GLN M 8 -11.25 -68.52 72.37
CA GLN M 8 -12.47 -69.07 71.83
C GLN M 8 -12.36 -70.59 71.78
N THR M 9 -13.48 -71.26 71.99
CA THR M 9 -13.50 -72.71 72.04
C THR M 9 -14.44 -73.25 70.96
N VAL M 10 -14.02 -74.34 70.32
CA VAL M 10 -14.87 -75.07 69.40
C VAL M 10 -15.07 -76.48 69.93
N ASP M 11 -16.21 -77.06 69.61
CA ASP M 11 -16.57 -78.39 70.06
C ASP M 11 -16.39 -79.36 68.91
N ILE M 12 -15.81 -80.52 69.20
CA ILE M 12 -15.50 -81.52 68.19
C ILE M 12 -16.51 -82.66 68.33
N PRO M 13 -17.20 -83.05 67.28
CA PRO M 13 -18.14 -84.17 67.36
C PRO M 13 -17.44 -85.47 67.73
N GLU M 14 -18.26 -86.45 68.10
CA GLU M 14 -17.74 -87.74 68.57
C GLU M 14 -17.05 -88.51 67.45
N ASN M 15 -17.60 -88.47 66.24
CA ASN M 15 -17.09 -89.30 65.15
C ASN M 15 -15.83 -88.73 64.51
N VAL M 16 -15.38 -87.55 64.91
CA VAL M 16 -14.22 -86.91 64.34
C VAL M 16 -13.22 -86.63 65.47
N ASP M 17 -11.94 -86.87 65.20
CA ASP M 17 -10.91 -86.62 66.20
C ASP M 17 -9.88 -85.63 65.66
N ILE M 18 -9.38 -84.77 66.56
CA ILE M 18 -8.47 -83.70 66.20
C ILE M 18 -7.16 -83.93 66.93
N THR M 19 -6.05 -83.82 66.21
CA THR M 19 -4.72 -83.99 66.75
C THR M 19 -3.94 -82.70 66.52
N LEU M 20 -3.19 -82.27 67.53
CA LEU M 20 -2.41 -81.05 67.47
C LEU M 20 -0.93 -81.40 67.41
N LYS M 21 -0.22 -80.78 66.46
CA LYS M 21 1.24 -80.83 66.40
C LYS M 21 1.71 -79.38 66.37
N GLY M 22 1.86 -78.79 67.55
CA GLY M 22 2.11 -77.38 67.64
C GLY M 22 0.90 -76.59 67.17
N ARG M 23 1.08 -75.82 66.10
CA ARG M 23 -0.02 -75.06 65.51
C ARG M 23 -0.56 -75.74 64.25
N THR M 24 -0.21 -77.00 64.03
CA THR M 24 -0.73 -77.78 62.92
C THR M 24 -1.90 -78.61 63.43
N VAL M 25 -3.06 -78.44 62.82
CA VAL M 25 -4.26 -79.17 63.19
C VAL M 25 -4.50 -80.28 62.18
N ILE M 26 -4.70 -81.50 62.68
CA ILE M 26 -5.05 -82.65 61.87
C ILE M 26 -6.45 -83.07 62.29
N VAL M 27 -7.41 -82.96 61.38
CA VAL M 27 -8.80 -83.31 61.66
C VAL M 27 -9.13 -84.55 60.86
N LYS M 28 -9.43 -85.65 61.54
CA LYS M 28 -9.74 -86.90 60.88
C LYS M 28 -11.19 -87.29 61.18
N GLY M 29 -11.97 -87.50 60.12
CA GLY M 29 -13.34 -87.92 60.26
C GLY M 29 -13.66 -89.06 59.30
N PRO M 30 -14.93 -89.43 59.23
CA PRO M 30 -15.32 -90.53 58.33
C PRO M 30 -15.03 -90.28 56.86
N ARG M 31 -15.03 -89.03 56.41
CA ARG M 31 -14.84 -88.72 55.00
C ARG M 31 -13.38 -88.56 54.60
N GLY M 32 -12.46 -88.66 55.53
CA GLY M 32 -11.06 -88.48 55.22
C GLY M 32 -10.39 -87.65 56.29
N THR M 33 -9.20 -87.16 55.97
CA THR M 33 -8.42 -86.37 56.92
C THR M 33 -8.01 -85.05 56.28
N LEU M 34 -7.77 -84.06 57.14
CA LEU M 34 -7.42 -82.72 56.71
C LEU M 34 -6.28 -82.18 57.56
N ARG M 35 -5.30 -81.58 56.89
CA ARG M 35 -4.15 -80.96 57.55
C ARG M 35 -4.24 -79.46 57.32
N ARG M 36 -3.97 -78.67 58.35
CA ARG M 36 -3.79 -77.24 58.14
C ARG M 36 -2.94 -76.67 59.25
N ASP M 37 -1.86 -76.01 58.90
CA ASP M 37 -1.01 -75.37 59.90
C ASP M 37 -1.33 -73.89 59.99
N PHE M 38 -1.20 -73.36 61.20
CA PHE M 38 -1.45 -71.97 61.49
C PHE M 38 -0.20 -71.33 62.08
N ASN M 39 0.97 -71.71 61.56
CA ASN M 39 2.22 -71.16 62.06
C ASN M 39 2.37 -69.68 61.75
N HIS M 40 1.52 -69.12 60.90
CA HIS M 40 1.54 -67.69 60.65
C HIS M 40 0.82 -66.90 61.72
N ILE M 41 0.16 -67.56 62.66
CA ILE M 41 -0.57 -66.89 63.73
C ILE M 41 -0.01 -67.36 65.07
N ASN M 42 0.32 -66.41 65.93
CA ASN M 42 0.91 -66.71 67.23
C ASN M 42 -0.21 -66.86 68.25
N VAL M 43 -0.75 -68.07 68.35
CA VAL M 43 -1.75 -68.41 69.34
C VAL M 43 -1.33 -69.73 69.97
N GLU M 44 -1.98 -70.07 71.08
CA GLU M 44 -1.81 -71.38 71.66
C GLU M 44 -3.10 -72.17 71.47
N LEU M 45 -2.96 -73.41 71.06
CA LEU M 45 -4.09 -74.32 70.86
C LEU M 45 -4.00 -75.43 71.87
N SER M 46 -5.13 -75.74 72.49
CA SER M 46 -5.15 -76.81 73.48
C SER M 46 -6.37 -77.69 73.28
N LEU M 47 -6.19 -78.99 73.51
CA LEU M 47 -7.27 -79.95 73.51
C LEU M 47 -7.65 -80.23 74.96
N LEU M 48 -8.91 -80.04 75.30
CA LEU M 48 -9.32 -80.02 76.69
C LEU M 48 -10.10 -81.26 77.11
N GLY M 49 -10.98 -81.77 76.26
CA GLY M 49 -11.87 -82.84 76.64
C GLY M 49 -11.41 -84.20 76.15
N LYS M 50 -11.47 -85.18 77.04
CA LYS M 50 -11.38 -86.58 76.69
C LYS M 50 -12.76 -87.20 76.47
N LYS M 51 -13.78 -86.43 76.67
CA LYS M 51 -15.19 -86.78 76.74
C LYS M 51 -16.05 -85.98 75.78
N LYS M 52 -15.77 -84.68 75.65
CA LYS M 52 -16.51 -83.81 74.75
C LYS M 52 -15.62 -83.10 73.75
N LYS M 53 -14.30 -83.24 73.84
CA LYS M 53 -13.36 -82.85 72.79
C LYS M 53 -13.50 -81.37 72.44
N ARG M 54 -13.10 -80.52 73.36
CA ARG M 54 -13.06 -79.09 73.08
C ARG M 54 -11.67 -78.70 72.64
N LEU M 55 -11.60 -77.83 71.63
CA LEU M 55 -10.35 -77.22 71.20
C LEU M 55 -10.41 -75.73 71.50
N ARG M 56 -9.42 -75.23 72.23
CA ARG M 56 -9.40 -73.84 72.63
C ARG M 56 -8.23 -73.11 71.99
N VAL M 57 -8.51 -71.93 71.47
CA VAL M 57 -7.52 -71.02 70.90
C VAL M 57 -7.38 -69.84 71.86
N ASP M 58 -6.17 -69.62 72.37
CA ASP M 58 -5.89 -68.51 73.25
C ASP M 58 -4.88 -67.57 72.59
N LYS M 59 -5.12 -66.27 72.76
CA LYS M 59 -4.18 -65.24 72.35
C LYS M 59 -3.97 -64.31 73.53
N TRP M 60 -2.71 -64.15 73.93
CA TRP M 60 -2.34 -63.35 75.08
C TRP M 60 -1.68 -62.06 74.60
N TRP M 61 -2.04 -60.94 75.22
CA TRP M 61 -1.43 -59.64 74.95
C TRP M 61 -1.55 -59.26 73.48
N GLY M 62 -2.71 -59.52 72.89
CA GLY M 62 -2.93 -59.19 71.50
C GLY M 62 -3.54 -57.82 71.32
N ASN M 63 -3.15 -57.15 70.26
CA ASN M 63 -3.80 -55.90 69.89
C ASN M 63 -4.97 -56.21 68.97
N ARG M 64 -5.54 -55.17 68.36
CA ARG M 64 -6.78 -55.32 67.59
C ARG M 64 -6.61 -56.31 66.44
N LYS M 65 -5.58 -56.12 65.62
CA LYS M 65 -5.42 -56.91 64.41
C LYS M 65 -5.20 -58.37 64.72
N GLU M 66 -4.44 -58.68 65.78
CA GLU M 66 -4.15 -60.07 66.08
C GLU M 66 -5.15 -60.68 67.05
N LEU M 67 -6.05 -59.90 67.62
CA LEU M 67 -7.24 -60.51 68.20
C LEU M 67 -8.24 -60.88 67.12
N ALA M 68 -8.14 -60.24 65.95
CA ALA M 68 -9.02 -60.64 64.85
C ALA M 68 -8.72 -62.02 64.30
N THR M 69 -7.65 -62.69 64.74
CA THR M 69 -7.29 -63.98 64.18
C THR M 69 -7.83 -65.16 64.97
N VAL M 70 -8.31 -64.94 66.19
CA VAL M 70 -8.79 -66.03 67.03
C VAL M 70 -10.01 -66.68 66.41
N ARG M 71 -11.02 -65.88 66.07
CA ARG M 71 -12.21 -66.44 65.44
C ARG M 71 -11.93 -66.93 64.03
N THR M 72 -10.94 -66.34 63.34
CA THR M 72 -10.54 -66.87 62.04
C THR M 72 -10.05 -68.30 62.15
N ILE M 73 -9.18 -68.58 63.12
CA ILE M 73 -8.70 -69.94 63.32
C ILE M 73 -9.86 -70.85 63.71
N CYS M 74 -10.71 -70.39 64.63
CA CYS M 74 -11.81 -71.23 65.06
C CYS M 74 -12.74 -71.59 63.91
N SER M 75 -13.03 -70.62 63.03
CA SER M 75 -13.89 -70.88 61.90
C SER M 75 -13.22 -71.79 60.89
N HIS M 76 -11.91 -71.66 60.70
CA HIS M 76 -11.20 -72.59 59.80
C HIS M 76 -11.27 -74.00 60.34
N VAL M 77 -11.11 -74.18 61.64
CA VAL M 77 -11.17 -75.52 62.22
C VAL M 77 -12.58 -76.08 62.13
N GLN M 78 -13.58 -75.22 62.33
CA GLN M 78 -14.96 -75.68 62.17
C GLN M 78 -15.26 -76.09 60.73
N ASN M 79 -14.70 -75.37 59.76
CA ASN M 79 -14.83 -75.78 58.36
C ASN M 79 -14.14 -77.11 58.12
N MET M 80 -13.00 -77.33 58.77
CA MET M 80 -12.32 -78.62 58.63
C MET M 80 -13.17 -79.75 59.18
N ILE M 81 -13.78 -79.54 60.34
CA ILE M 81 -14.66 -80.54 60.94
C ILE M 81 -15.84 -80.82 60.03
N LYS M 82 -16.44 -79.75 59.51
CA LYS M 82 -17.56 -79.87 58.58
C LYS M 82 -17.17 -80.63 57.32
N GLY M 83 -15.97 -80.38 56.81
CA GLY M 83 -15.53 -81.07 55.61
C GLY M 83 -15.28 -82.55 55.84
N VAL M 84 -14.71 -82.91 56.99
CA VAL M 84 -14.43 -84.33 57.22
C VAL M 84 -15.64 -85.10 57.70
N THR M 85 -16.70 -84.44 58.16
CA THR M 85 -17.91 -85.16 58.53
C THR M 85 -18.96 -85.15 57.43
N LEU M 86 -19.28 -83.98 56.86
CA LEU M 86 -20.30 -83.86 55.84
C LEU M 86 -19.77 -83.53 54.46
N GLY M 87 -18.59 -82.92 54.36
CA GLY M 87 -18.07 -82.52 53.07
C GLY M 87 -18.69 -81.24 52.59
N PHE M 88 -18.19 -80.76 51.46
CA PHE M 88 -18.65 -79.52 50.86
C PHE M 88 -19.09 -79.80 49.43
N ARG M 89 -20.20 -79.18 49.03
CA ARG M 89 -20.79 -79.37 47.71
C ARG M 89 -21.25 -78.02 47.20
N TYR M 90 -20.63 -77.56 46.14
CA TYR M 90 -21.00 -76.30 45.49
C TYR M 90 -21.71 -76.63 44.19
N LYS M 91 -22.92 -76.13 44.05
CA LYS M 91 -23.65 -76.28 42.80
C LYS M 91 -23.40 -75.07 41.93
N MET M 92 -23.29 -75.29 40.62
CA MET M 92 -23.05 -74.22 39.68
C MET M 92 -24.04 -74.35 38.54
N ARG M 93 -24.86 -73.32 38.33
CA ARG M 93 -25.77 -73.30 37.20
C ARG M 93 -25.13 -72.55 36.05
N SER M 94 -25.18 -73.12 34.86
CA SER M 94 -24.70 -72.43 33.67
C SER M 94 -25.89 -71.73 33.02
N VAL M 95 -25.81 -70.41 32.91
CA VAL M 95 -26.90 -69.61 32.38
C VAL M 95 -26.46 -69.03 31.04
N TYR M 96 -27.41 -68.94 30.11
CA TYR M 96 -27.08 -68.46 28.78
C TYR M 96 -28.35 -67.97 28.11
N ALA M 97 -28.18 -67.03 27.19
CA ALA M 97 -29.29 -66.51 26.43
C ALA M 97 -29.53 -67.35 25.17
N HIS M 98 -28.49 -67.52 24.35
CA HIS M 98 -28.64 -68.20 23.07
C HIS M 98 -27.81 -69.47 23.00
N PHE M 99 -26.51 -69.40 23.18
CA PHE M 99 -25.64 -70.55 22.96
C PHE M 99 -25.59 -71.41 24.21
N PRO M 100 -26.00 -72.67 24.15
CA PRO M 100 -25.88 -73.54 25.32
C PRO M 100 -24.41 -73.80 25.63
N ILE M 101 -24.08 -73.70 26.91
CA ILE M 101 -22.71 -73.93 27.38
C ILE M 101 -22.54 -75.42 27.60
N ASN M 102 -21.68 -76.05 26.80
CA ASN M 102 -21.49 -77.49 26.83
C ASN M 102 -20.29 -77.80 27.71
N VAL M 103 -20.55 -78.40 28.86
CA VAL M 103 -19.52 -78.77 29.81
C VAL M 103 -19.38 -80.28 29.78
N VAL M 104 -18.18 -80.76 29.49
CA VAL M 104 -17.88 -82.18 29.56
C VAL M 104 -16.81 -82.38 30.62
N ILE M 105 -16.91 -83.49 31.34
CA ILE M 105 -16.06 -83.76 32.49
C ILE M 105 -15.06 -84.83 32.11
N GLN M 106 -13.78 -84.51 32.18
CA GLN M 106 -12.71 -85.41 31.83
C GLN M 106 -12.31 -86.22 33.06
N GLU M 107 -11.15 -86.86 33.00
CA GLU M 107 -10.70 -87.92 33.90
C GLU M 107 -11.02 -87.66 35.36
N ASN M 108 -11.81 -88.57 35.93
CA ASN M 108 -12.11 -88.62 37.37
C ASN M 108 -12.69 -87.31 37.90
N GLY M 109 -13.25 -86.48 37.04
CA GLY M 109 -13.84 -85.24 37.48
C GLY M 109 -12.89 -84.11 37.78
N SER M 110 -11.61 -84.26 37.46
CA SER M 110 -10.63 -83.24 37.79
C SER M 110 -10.39 -82.26 36.65
N LEU M 111 -10.98 -82.47 35.48
CA LEU M 111 -10.82 -81.55 34.37
C LEU M 111 -12.19 -81.22 33.80
N VAL M 112 -12.41 -79.95 33.50
CA VAL M 112 -13.69 -79.45 33.01
C VAL M 112 -13.45 -78.78 31.66
N GLU M 113 -14.26 -79.14 30.67
CA GLU M 113 -14.16 -78.59 29.33
C GLU M 113 -15.42 -77.81 29.03
N ILE M 114 -15.30 -76.50 28.88
CA ILE M 114 -16.39 -75.65 28.45
C ILE M 114 -16.20 -75.38 26.96
N ARG M 115 -17.20 -75.72 26.16
CA ARG M 115 -17.07 -75.71 24.71
C ARG M 115 -17.66 -74.47 24.06
N ASN M 116 -18.94 -74.22 24.27
CA ASN M 116 -19.70 -73.30 23.44
C ASN M 116 -20.03 -72.00 24.16
N PHE M 117 -19.16 -71.55 25.06
CA PHE M 117 -19.47 -70.37 25.84
C PHE M 117 -19.57 -69.16 24.94
N LEU M 118 -20.78 -68.61 24.83
CA LEU M 118 -21.08 -67.47 23.98
C LEU M 118 -20.77 -67.72 22.51
N GLY M 119 -20.81 -68.98 22.09
CA GLY M 119 -20.59 -69.31 20.70
C GLY M 119 -19.15 -69.29 20.25
N GLU M 120 -18.20 -69.23 21.17
CA GLU M 120 -16.80 -69.19 20.82
C GLU M 120 -16.31 -70.58 20.41
N LYS M 121 -15.31 -70.60 19.55
CA LYS M 121 -14.66 -71.84 19.15
C LYS M 121 -13.50 -72.21 20.05
N TYR M 122 -13.15 -71.35 21.01
CA TYR M 122 -12.09 -71.66 21.95
C TYR M 122 -12.63 -72.57 23.04
N ILE M 123 -11.86 -73.59 23.39
CA ILE M 123 -12.26 -74.57 24.38
C ILE M 123 -11.57 -74.22 25.69
N ARG M 124 -12.36 -73.98 26.73
CA ARG M 124 -11.81 -73.67 28.04
C ARG M 124 -11.57 -74.97 28.80
N ARG M 125 -10.35 -75.14 29.30
CA ARG M 125 -9.97 -76.30 30.09
C ARG M 125 -9.61 -75.83 31.48
N VAL M 126 -10.41 -76.20 32.47
CA VAL M 126 -10.19 -75.79 33.85
C VAL M 126 -9.88 -77.03 34.67
N ARG M 127 -8.74 -77.02 35.35
CA ARG M 127 -8.35 -78.14 36.19
C ARG M 127 -8.71 -77.86 37.63
N MET M 128 -9.46 -78.78 38.24
CA MET M 128 -9.86 -78.63 39.62
C MET M 128 -8.66 -78.81 40.54
N ARG M 129 -8.76 -78.22 41.72
CA ARG M 129 -7.74 -78.41 42.72
C ARG M 129 -7.74 -79.87 43.18
N PRO M 130 -6.58 -80.39 43.61
CA PRO M 130 -6.54 -81.78 44.05
C PRO M 130 -7.45 -82.02 45.24
N GLY M 131 -8.12 -83.17 45.23
CA GLY M 131 -9.11 -83.47 46.24
C GLY M 131 -10.49 -82.91 45.96
N VAL M 132 -10.70 -82.30 44.78
CA VAL M 132 -11.99 -81.75 44.39
C VAL M 132 -12.48 -82.53 43.18
N ALA M 133 -13.73 -82.96 43.20
CA ALA M 133 -14.31 -83.73 42.11
C ALA M 133 -15.49 -82.97 41.54
N CYS M 134 -15.47 -82.76 40.23
CA CYS M 134 -16.57 -82.11 39.52
C CYS M 134 -17.37 -83.14 38.76
N SER M 135 -18.66 -82.86 38.61
CA SER M 135 -19.55 -83.76 37.88
C SER M 135 -20.72 -82.96 37.35
N VAL M 136 -21.44 -83.54 36.41
CA VAL M 136 -22.64 -82.93 35.84
C VAL M 136 -23.84 -83.58 36.52
N SER M 137 -24.71 -82.76 37.09
CA SER M 137 -25.80 -83.30 37.89
C SER M 137 -26.83 -83.99 37.00
N GLN M 138 -27.60 -84.89 37.60
CA GLN M 138 -28.72 -85.52 36.92
C GLN M 138 -30.06 -84.88 37.27
N ALA M 139 -30.16 -84.22 38.42
CA ALA M 139 -31.44 -83.67 38.84
C ALA M 139 -31.79 -82.39 38.08
N GLN M 140 -30.80 -81.56 37.77
CA GLN M 140 -31.02 -80.33 37.04
C GLN M 140 -30.30 -80.40 35.70
N LYS M 141 -30.75 -79.58 34.75
CA LYS M 141 -30.22 -79.67 33.40
C LYS M 141 -28.84 -79.06 33.28
N ASP M 142 -28.72 -77.75 33.51
CA ASP M 142 -27.47 -77.04 33.32
C ASP M 142 -26.80 -76.80 34.67
N GLU M 143 -26.42 -77.90 35.33
CA GLU M 143 -25.92 -77.81 36.69
C GLU M 143 -24.70 -78.70 36.87
N LEU M 144 -23.65 -78.12 37.44
CA LEU M 144 -22.43 -78.80 37.84
C LEU M 144 -22.41 -78.96 39.35
N ILE M 145 -21.82 -80.05 39.82
CA ILE M 145 -21.64 -80.31 41.24
C ILE M 145 -20.15 -80.43 41.49
N LEU M 146 -19.63 -79.62 42.40
CA LEU M 146 -18.26 -79.73 42.86
C LEU M 146 -18.28 -80.22 44.29
N GLU M 147 -17.57 -81.30 44.56
CA GLU M 147 -17.61 -81.92 45.87
C GLU M 147 -16.20 -82.14 46.38
N GLY M 148 -16.03 -81.99 47.69
CA GLY M 148 -14.73 -82.18 48.27
C GLY M 148 -14.80 -82.10 49.77
N ASN M 149 -13.62 -82.10 50.38
CA ASN M 149 -13.50 -81.98 51.82
C ASN M 149 -12.99 -80.62 52.25
N ASP M 150 -12.07 -80.04 51.50
CA ASP M 150 -11.51 -78.74 51.82
C ASP M 150 -12.35 -77.66 51.17
N ILE M 151 -12.98 -76.82 52.00
CA ILE M 151 -13.81 -75.75 51.47
C ILE M 151 -12.96 -74.78 50.66
N GLU M 152 -11.73 -74.53 51.11
CA GLU M 152 -10.80 -73.68 50.37
C GLU M 152 -10.64 -74.16 48.94
N LEU M 153 -10.32 -75.43 48.76
CA LEU M 153 -10.10 -75.98 47.44
C LEU M 153 -11.37 -76.05 46.61
N VAL M 154 -12.48 -76.44 47.24
CA VAL M 154 -13.74 -76.58 46.51
C VAL M 154 -14.20 -75.23 45.97
N SER M 155 -14.21 -74.21 46.82
CA SER M 155 -14.65 -72.90 46.37
C SER M 155 -13.65 -72.24 45.46
N ASN M 156 -12.35 -72.53 45.61
CA ASN M 156 -11.38 -72.03 44.64
C ASN M 156 -11.61 -72.64 43.26
N SER M 157 -11.95 -73.93 43.20
CA SER M 157 -12.26 -74.54 41.91
C SER M 157 -13.53 -73.95 41.31
N ALA M 158 -14.54 -73.73 42.14
CA ALA M 158 -15.75 -73.08 41.65
C ALA M 158 -15.46 -71.68 41.10
N ALA M 159 -14.61 -70.92 41.78
CA ALA M 159 -14.20 -69.61 41.28
C ALA M 159 -13.41 -69.72 39.98
N LEU M 160 -12.60 -70.77 39.85
CA LEU M 160 -11.88 -70.99 38.60
C LEU M 160 -12.84 -71.16 37.43
N ILE M 161 -13.88 -71.97 37.61
CA ILE M 161 -14.86 -72.17 36.54
C ILE M 161 -15.61 -70.86 36.26
N GLN M 162 -16.06 -70.19 37.31
CA GLN M 162 -16.85 -68.98 37.14
C GLN M 162 -16.06 -67.89 36.43
N GLN M 163 -14.78 -67.73 36.77
CA GLN M 163 -13.96 -66.74 36.10
C GLN M 163 -13.46 -67.20 34.75
N ALA M 164 -13.44 -68.50 34.48
CA ALA M 164 -13.18 -68.96 33.13
C ALA M 164 -14.29 -68.55 32.19
N THR M 165 -15.54 -68.59 32.65
CA THR M 165 -16.65 -68.14 31.81
C THR M 165 -16.93 -66.66 32.05
N THR M 166 -16.09 -65.81 31.46
CA THR M 166 -16.20 -64.37 31.62
C THR M 166 -16.32 -63.68 30.27
N VAL M 167 -17.30 -62.80 30.15
CA VAL M 167 -17.56 -62.08 28.91
C VAL M 167 -16.57 -60.93 28.77
N LYS M 168 -16.06 -60.74 27.56
CA LYS M 168 -15.06 -59.71 27.27
C LYS M 168 -15.62 -58.71 26.26
N ASN M 169 -15.33 -57.43 26.48
CA ASN M 169 -15.67 -56.35 25.57
C ASN M 169 -17.17 -56.20 25.33
N LYS M 170 -17.99 -56.61 26.28
CA LYS M 170 -19.43 -56.49 26.16
C LYS M 170 -20.01 -55.93 27.45
N ASP M 171 -21.20 -55.39 27.35
CA ASP M 171 -21.94 -54.95 28.54
C ASP M 171 -22.36 -56.17 29.33
N ILE M 172 -21.70 -56.42 30.46
CA ILE M 172 -21.98 -57.60 31.25
C ILE M 172 -23.30 -57.53 31.98
N ARG M 173 -23.93 -56.36 32.06
CA ARG M 173 -25.27 -56.29 32.60
C ARG M 173 -26.30 -56.82 31.61
N LYS M 174 -25.93 -56.90 30.34
CA LYS M 174 -26.80 -57.44 29.29
C LYS M 174 -26.42 -58.86 28.92
N PHE M 175 -25.13 -59.10 28.64
CA PHE M 175 -24.64 -60.43 28.31
C PHE M 175 -24.32 -61.13 29.63
N LEU M 176 -25.28 -61.90 30.12
CA LEU M 176 -25.21 -62.50 31.44
C LEU M 176 -24.73 -63.94 31.40
N ASP M 177 -24.16 -64.39 30.28
CA ASP M 177 -23.78 -65.78 30.15
C ASP M 177 -22.60 -66.10 31.06
N GLY M 178 -22.56 -67.36 31.50
CA GLY M 178 -21.50 -67.83 32.36
C GLY M 178 -22.01 -68.94 33.23
N ILE M 179 -21.10 -69.43 34.07
CA ILE M 179 -21.41 -70.45 35.06
C ILE M 179 -21.21 -69.82 36.43
N TYR M 180 -22.25 -69.83 37.25
CA TYR M 180 -22.23 -69.14 38.52
C TYR M 180 -22.57 -70.11 39.63
N VAL M 181 -21.97 -69.88 40.81
CA VAL M 181 -22.27 -70.70 41.97
C VAL M 181 -23.67 -70.39 42.45
N SER M 182 -24.52 -71.42 42.49
CA SER M 182 -25.91 -71.24 42.89
C SER M 182 -26.15 -71.61 44.35
N GLU M 183 -25.48 -72.63 44.85
CA GLU M 183 -25.70 -73.09 46.21
C GLU M 183 -24.39 -73.58 46.79
N LYS M 184 -24.14 -73.25 48.05
CA LYS M 184 -22.99 -73.75 48.79
C LYS M 184 -23.54 -74.56 49.96
N GLY M 185 -23.62 -75.88 49.79
CA GLY M 185 -24.09 -76.73 50.85
C GLY M 185 -23.11 -77.83 51.18
N THR M 186 -23.58 -78.89 51.82
CA THR M 186 -22.74 -80.02 52.17
C THR M 186 -23.17 -81.25 51.40
N VAL M 187 -22.47 -82.34 51.65
CA VAL M 187 -22.91 -83.65 51.24
C VAL M 187 -23.48 -84.32 52.48
N GLN M 188 -24.27 -85.37 52.27
CA GLN M 188 -24.82 -86.23 53.31
C GLN M 188 -25.93 -85.56 54.12
N GLN M 189 -26.12 -84.25 53.95
CA GLN M 189 -27.26 -83.50 54.47
C GLN M 189 -27.60 -83.85 55.91
N ALA M 190 -26.58 -83.76 56.77
CA ALA M 190 -26.78 -84.12 58.16
C ALA M 190 -26.35 -82.99 59.09
N GLY N 1 -9.94 -13.28 35.12
CA GLY N 1 -9.51 -11.90 35.26
C GLY N 1 -9.03 -11.57 36.66
N ARG N 2 -9.53 -12.30 37.63
CA ARG N 2 -9.14 -12.11 39.02
C ARG N 2 -8.02 -13.06 39.38
N ARG N 3 -7.08 -12.59 40.19
CA ARG N 3 -5.98 -13.40 40.64
C ARG N 3 -6.48 -14.49 41.59
N PRO N 4 -5.73 -15.58 41.74
CA PRO N 4 -6.05 -16.55 42.80
C PRO N 4 -5.95 -15.90 44.17
N ALA N 5 -6.83 -16.34 45.07
CA ALA N 5 -6.87 -15.75 46.39
C ALA N 5 -5.65 -16.08 47.24
N ARG N 6 -4.85 -17.08 46.82
CA ARG N 6 -3.61 -17.37 47.52
C ARG N 6 -2.62 -16.22 47.41
N CYS N 7 -2.82 -15.32 46.47
CA CYS N 7 -1.97 -14.15 46.32
C CYS N 7 -2.31 -13.07 47.33
N TYR N 8 -3.46 -13.14 47.97
CA TYR N 8 -3.91 -12.16 48.93
C TYR N 8 -4.43 -12.84 50.19
N ARG N 9 -3.94 -14.03 50.47
CA ARG N 9 -4.39 -14.76 51.64
C ARG N 9 -3.96 -14.13 52.96
N TYR N 10 -2.79 -13.51 53.02
CA TYR N 10 -2.19 -13.13 54.29
C TYR N 10 -2.23 -11.63 54.50
N CYS N 11 -2.31 -11.22 55.77
CA CYS N 11 -2.36 -9.82 56.14
C CYS N 11 -0.94 -9.26 56.14
N LYS N 12 -0.43 -9.00 54.94
CA LYS N 12 0.94 -8.55 54.80
C LYS N 12 1.08 -7.03 54.90
N ASN N 13 0.12 -6.28 54.39
CA ASN N 13 0.20 -4.83 54.39
C ASN N 13 -0.57 -4.27 55.59
N LYS N 14 -0.37 -3.00 55.85
CA LYS N 14 -1.19 -2.30 56.82
C LYS N 14 -2.59 -2.11 56.24
N PRO N 15 -3.60 -1.92 57.09
CA PRO N 15 -4.96 -1.73 56.58
C PRO N 15 -5.05 -0.57 55.61
N TYR N 16 -5.72 -0.80 54.50
CA TYR N 16 -5.74 0.11 53.36
C TYR N 16 -7.18 0.42 53.00
N PRO N 17 -7.87 1.18 53.84
CA PRO N 17 -9.30 1.39 53.63
C PRO N 17 -9.56 2.27 52.43
N LYS N 18 -10.76 2.12 51.87
CA LYS N 18 -11.25 3.06 50.89
C LYS N 18 -11.45 4.41 51.58
N SER N 19 -10.73 5.42 51.13
CA SER N 19 -10.75 6.70 51.80
C SER N 19 -10.57 7.79 50.75
N ARG N 20 -10.24 9.00 51.19
CA ARG N 20 -9.96 10.08 50.27
C ARG N 20 -8.58 9.94 49.65
N PHE N 21 -7.72 9.10 50.22
CA PHE N 21 -6.42 8.81 49.62
C PHE N 21 -6.48 7.62 48.67
N CYS N 22 -7.35 6.67 48.94
CA CYS N 22 -7.55 5.49 48.09
C CYS N 22 -8.87 5.68 47.36
N ARG N 23 -8.81 6.24 46.17
CA ARG N 23 -9.99 6.51 45.37
C ARG N 23 -10.07 5.53 44.20
N GLY N 24 -11.24 5.46 43.60
CA GLY N 24 -11.46 4.53 42.49
C GLY N 24 -11.41 3.08 42.89
N VAL N 25 -12.02 2.72 44.01
CA VAL N 25 -12.07 1.35 44.48
C VAL N 25 -13.34 0.70 43.93
N PRO N 26 -13.24 -0.41 43.21
CA PRO N 26 -14.45 -1.12 42.78
C PRO N 26 -15.24 -1.61 43.98
N ASP N 27 -16.55 -1.65 43.83
CA ASP N 27 -17.41 -2.04 44.94
C ASP N 27 -17.24 -3.52 45.26
N ALA N 28 -17.36 -3.83 46.55
CA ALA N 28 -17.20 -5.19 47.01
C ALA N 28 -18.30 -6.09 46.46
N LYS N 29 -17.99 -7.36 46.32
CA LYS N 29 -18.95 -8.31 45.78
C LYS N 29 -20.15 -8.48 46.72
N ILE N 30 -19.91 -8.48 48.01
CA ILE N 30 -20.99 -8.68 48.99
C ILE N 30 -21.58 -7.32 49.35
N ARG N 31 -22.87 -7.18 49.14
CA ARG N 31 -23.59 -5.97 49.52
C ARG N 31 -24.70 -6.23 50.52
N ILE N 32 -25.05 -7.50 50.74
CA ILE N 32 -26.10 -7.89 51.67
C ILE N 32 -25.45 -8.68 52.79
N PHE N 33 -25.70 -8.28 54.03
CA PHE N 33 -25.10 -8.94 55.17
C PHE N 33 -26.12 -9.60 56.08
N ASP N 34 -27.40 -9.28 55.97
CA ASP N 34 -28.43 -9.93 56.77
C ASP N 34 -29.47 -10.55 55.86
N LEU N 35 -29.80 -11.81 56.11
CA LEU N 35 -30.77 -12.55 55.31
C LEU N 35 -31.68 -13.32 56.24
N GLY N 36 -32.74 -13.89 55.66
CA GLY N 36 -33.72 -14.57 56.46
C GLY N 36 -34.68 -13.56 57.04
N ARG N 37 -35.34 -13.96 58.11
CA ARG N 37 -36.29 -13.08 58.80
C ARG N 37 -35.50 -12.13 59.68
N LYS N 38 -35.04 -11.03 59.08
CA LYS N 38 -34.32 -10.03 59.86
C LYS N 38 -35.24 -9.32 60.84
N LYS N 39 -36.53 -9.27 60.54
CA LYS N 39 -37.50 -8.57 61.38
C LYS N 39 -37.98 -9.41 62.55
N ALA N 40 -37.51 -10.65 62.68
CA ALA N 40 -37.95 -11.52 63.75
C ALA N 40 -37.56 -10.95 65.11
N LYS N 41 -38.43 -11.15 66.08
CA LYS N 41 -38.19 -10.63 67.42
C LYS N 41 -37.08 -11.45 68.10
N VAL N 42 -36.62 -10.94 69.23
CA VAL N 42 -35.48 -11.54 69.91
C VAL N 42 -35.84 -12.91 70.47
N ASP N 43 -37.08 -13.07 70.94
CA ASP N 43 -37.49 -14.31 71.59
C ASP N 43 -37.80 -15.41 70.60
N GLU N 44 -37.87 -15.12 69.31
CA GLU N 44 -38.24 -16.13 68.33
C GLU N 44 -37.09 -17.08 68.03
N PHE N 45 -35.87 -16.56 67.97
CA PHE N 45 -34.70 -17.31 67.54
C PHE N 45 -33.67 -17.30 68.67
N PRO N 46 -33.78 -18.20 69.63
CA PRO N 46 -32.85 -18.18 70.76
C PRO N 46 -31.54 -18.92 70.52
N LEU N 47 -31.44 -19.71 69.46
CA LEU N 47 -30.24 -20.50 69.20
C LEU N 47 -29.33 -19.76 68.23
N GLY N 48 -28.07 -19.58 68.61
CA GLY N 48 -27.10 -18.94 67.75
C GLY N 48 -25.91 -19.83 67.45
N GLY N 49 -25.51 -19.87 66.19
CA GLY N 49 -24.34 -20.64 65.78
C GLY N 49 -23.41 -19.76 64.97
N HIS N 50 -22.12 -19.87 65.26
CA HIS N 50 -21.09 -19.04 64.67
C HIS N 50 -20.09 -19.87 63.88
N MET N 51 -19.57 -19.27 62.82
CA MET N 51 -18.36 -19.75 62.18
C MET N 51 -17.23 -18.87 62.68
N VAL N 52 -16.18 -19.48 63.22
CA VAL N 52 -15.08 -18.77 63.85
C VAL N 52 -13.80 -19.16 63.15
N SER N 53 -13.01 -18.18 62.73
CA SER N 53 -11.77 -18.50 62.03
C SER N 53 -10.68 -18.86 63.03
N ASP N 54 -9.82 -19.79 62.62
CA ASP N 54 -8.62 -20.14 63.36
C ASP N 54 -7.37 -19.54 62.73
N GLU N 55 -7.53 -18.69 61.74
CA GLU N 55 -6.44 -18.14 60.98
C GLU N 55 -6.47 -16.62 61.09
N TYR N 56 -5.29 -16.02 61.14
CA TYR N 56 -5.16 -14.58 60.96
C TYR N 56 -4.88 -14.36 59.48
N GLU N 57 -5.93 -14.07 58.72
CA GLU N 57 -5.82 -14.05 57.26
C GLU N 57 -6.82 -13.06 56.70
N GLN N 58 -6.88 -13.00 55.37
CA GLN N 58 -7.80 -12.14 54.65
C GLN N 58 -8.77 -12.99 53.85
N LEU N 59 -10.05 -12.70 53.99
CA LEU N 59 -11.10 -13.36 53.22
C LEU N 59 -11.63 -12.36 52.20
N SER N 60 -11.67 -12.75 50.94
CA SER N 60 -12.14 -11.85 49.90
C SER N 60 -13.64 -11.65 50.01
N SER N 61 -14.10 -10.49 49.55
CA SER N 61 -15.53 -10.21 49.50
C SER N 61 -16.26 -11.20 48.61
N GLU N 62 -15.60 -11.70 47.56
CA GLU N 62 -16.18 -12.74 46.73
C GLU N 62 -16.43 -14.02 47.52
N ALA N 63 -15.47 -14.42 48.36
CA ALA N 63 -15.65 -15.60 49.18
C ALA N 63 -16.74 -15.39 50.22
N LEU N 64 -16.80 -14.19 50.81
CA LEU N 64 -17.87 -13.90 51.75
C LEU N 64 -19.23 -14.01 51.09
N GLU N 65 -19.36 -13.48 49.87
CA GLU N 65 -20.60 -13.58 49.13
C GLU N 65 -20.95 -15.03 48.82
N ALA N 66 -19.96 -15.82 48.40
CA ALA N 66 -20.22 -17.22 48.07
C ALA N 66 -20.69 -18.00 49.29
N ALA N 67 -20.02 -17.80 50.42
CA ALA N 67 -20.41 -18.50 51.64
C ALA N 67 -21.78 -18.06 52.12
N ARG N 68 -22.08 -16.77 52.00
CA ARG N 68 -23.40 -16.26 52.34
C ARG N 68 -24.48 -16.93 51.49
N ILE N 69 -24.26 -17.01 50.18
CA ILE N 69 -25.26 -17.62 49.30
C ILE N 69 -25.45 -19.10 49.63
N CYS N 70 -24.35 -19.82 49.87
CA CYS N 70 -24.45 -21.25 50.15
C CYS N 70 -25.20 -21.51 51.45
N ALA N 71 -24.83 -20.79 52.51
CA ALA N 71 -25.50 -20.97 53.79
C ALA N 71 -26.97 -20.59 53.69
N ASN N 72 -27.27 -19.52 52.97
CA ASN N 72 -28.67 -19.12 52.80
C ASN N 72 -29.47 -20.19 52.08
N LYS N 73 -28.90 -20.76 51.02
CA LYS N 73 -29.61 -21.79 50.27
C LYS N 73 -29.89 -23.01 51.15
N TYR N 74 -28.90 -23.45 51.91
CA TYR N 74 -29.14 -24.62 52.75
C TYR N 74 -30.14 -24.31 53.86
N MET N 75 -30.07 -23.13 54.46
CA MET N 75 -31.01 -22.78 55.51
C MET N 75 -32.42 -22.67 54.98
N VAL N 76 -32.60 -22.16 53.77
CA VAL N 76 -33.93 -22.11 53.19
C VAL N 76 -34.43 -23.51 52.89
N LYS N 77 -33.54 -24.39 52.41
CA LYS N 77 -33.95 -25.75 52.10
C LYS N 77 -34.36 -26.53 53.35
N SER N 78 -33.69 -26.29 54.47
CA SER N 78 -33.92 -27.11 55.66
C SER N 78 -34.89 -26.50 56.65
N CYS N 79 -34.89 -25.18 56.83
CA CYS N 79 -35.70 -24.52 57.85
C CYS N 79 -36.77 -23.61 57.28
N GLY N 80 -36.91 -23.53 55.96
CA GLY N 80 -37.88 -22.66 55.35
C GLY N 80 -37.34 -21.25 55.16
N ARG N 81 -38.12 -20.45 54.43
CA ARG N 81 -37.69 -19.10 54.10
C ARG N 81 -37.69 -18.19 55.30
N ASP N 82 -38.62 -18.38 56.24
CA ASP N 82 -38.76 -17.49 57.39
C ASP N 82 -38.34 -18.16 58.69
N GLY N 83 -37.52 -19.19 58.63
CA GLY N 83 -37.16 -19.95 59.80
C GLY N 83 -35.80 -19.66 60.39
N PHE N 84 -35.11 -18.63 59.93
CA PHE N 84 -33.76 -18.38 60.37
C PHE N 84 -33.41 -16.92 60.08
N HIS N 85 -32.35 -16.44 60.72
CA HIS N 85 -31.78 -15.14 60.41
C HIS N 85 -30.28 -15.29 60.36
N MET N 86 -29.66 -14.87 59.27
CA MET N 86 -28.22 -14.95 59.10
C MET N 86 -27.60 -13.56 59.03
N ARG N 87 -26.47 -13.42 59.68
CA ARG N 87 -25.71 -12.17 59.69
C ARG N 87 -24.25 -12.47 59.40
N VAL N 88 -23.76 -11.95 58.30
CA VAL N 88 -22.33 -12.00 58.00
C VAL N 88 -21.66 -10.86 58.74
N ARG N 89 -20.71 -11.18 59.61
CA ARG N 89 -20.12 -10.21 60.50
C ARG N 89 -18.69 -9.86 60.11
N LEU N 90 -18.40 -9.90 58.82
CA LEU N 90 -17.13 -9.45 58.28
C LEU N 90 -17.41 -8.51 57.13
N HIS N 91 -16.87 -7.31 57.19
CA HIS N 91 -17.05 -6.37 56.11
C HIS N 91 -15.74 -6.15 55.40
N PRO N 92 -15.70 -6.21 54.09
CA PRO N 92 -14.43 -6.09 53.35
C PRO N 92 -13.93 -4.66 53.23
N PHE N 93 -13.25 -4.21 54.28
CA PHE N 93 -12.77 -2.84 54.37
C PHE N 93 -11.33 -2.67 53.93
N HIS N 94 -10.60 -3.74 53.67
CA HIS N 94 -9.21 -3.64 53.25
C HIS N 94 -9.16 -3.74 51.74
N VAL N 95 -8.37 -2.89 51.11
CA VAL N 95 -8.28 -2.86 49.66
C VAL N 95 -6.98 -3.51 49.22
N ILE N 96 -7.08 -4.51 48.37
CA ILE N 96 -5.92 -5.17 47.82
C ILE N 96 -5.67 -4.60 46.42
N ARG N 97 -4.39 -4.37 46.12
CA ARG N 97 -3.95 -3.71 44.91
C ARG N 97 -3.37 -4.71 43.93
N ILE N 98 -3.20 -4.26 42.69
CA ILE N 98 -2.53 -5.03 41.65
C ILE N 98 -1.64 -4.11 40.84
N ASN N 99 -0.41 -4.56 40.60
CA ASN N 99 0.52 -3.85 39.72
C ASN N 99 0.50 -4.59 38.40
N LYS N 100 -0.39 -4.15 37.51
CA LYS N 100 -0.60 -4.88 36.25
C LYS N 100 0.62 -4.74 35.35
N MET N 101 1.05 -5.86 34.79
CA MET N 101 2.22 -5.88 33.92
C MET N 101 1.81 -6.15 32.48
N GLN N 111 6.44 2.16 34.34
CA GLN N 111 6.72 1.95 32.92
C GLN N 111 6.88 0.46 32.61
N THR N 112 8.09 -0.05 32.80
CA THR N 112 8.38 -1.46 32.57
C THR N 112 9.11 -2.01 33.77
N GLY N 113 8.63 -3.12 34.30
CA GLY N 113 9.27 -3.76 35.42
C GLY N 113 8.73 -3.31 36.76
N MET N 114 9.61 -3.12 37.73
CA MET N 114 9.23 -2.69 39.05
C MET N 114 9.41 -1.18 39.24
N ARG N 115 9.63 -0.44 38.17
CA ARG N 115 9.66 1.01 38.28
C ARG N 115 8.25 1.53 38.50
N GLY N 116 8.07 2.35 39.54
CA GLY N 116 6.76 2.87 39.87
C GLY N 116 5.77 1.77 40.13
N ALA N 117 6.12 0.84 41.01
CA ALA N 117 5.42 -0.44 41.12
C ALA N 117 4.16 -0.38 41.94
N PHE N 118 3.83 0.74 42.57
CA PHE N 118 2.63 0.82 43.40
C PHE N 118 1.39 0.54 42.57
N GLY N 119 0.52 -0.33 43.08
CA GLY N 119 -0.58 -0.82 42.30
C GLY N 119 -1.84 0.00 42.46
N LYS N 120 -2.78 -0.29 41.63
CA LYS N 120 -4.13 0.23 41.56
C LYS N 120 -5.07 -0.67 42.35
N PRO N 121 -6.15 -0.12 42.89
CA PRO N 121 -7.07 -0.96 43.68
C PRO N 121 -7.70 -2.05 42.82
N GLN N 122 -7.44 -3.29 43.20
CA GLN N 122 -8.05 -4.44 42.56
C GLN N 122 -9.34 -4.89 43.23
N GLY N 123 -9.32 -5.08 44.53
CA GLY N 123 -10.49 -5.60 45.19
C GLY N 123 -10.50 -5.27 46.65
N THR N 124 -11.44 -5.88 47.36
CA THR N 124 -11.53 -5.71 48.80
C THR N 124 -11.54 -7.06 49.49
N VAL N 125 -10.98 -7.09 50.69
CA VAL N 125 -10.97 -8.25 51.56
C VAL N 125 -11.35 -7.81 52.96
N ALA N 126 -11.83 -8.76 53.73
CA ALA N 126 -12.07 -8.59 55.16
C ALA N 126 -10.90 -9.20 55.91
N ARG N 127 -10.37 -8.46 56.86
CA ARG N 127 -9.24 -8.92 57.65
C ARG N 127 -9.77 -9.58 58.93
N VAL N 128 -9.48 -10.87 59.10
CA VAL N 128 -10.07 -11.65 60.17
C VAL N 128 -8.96 -12.16 61.09
N HIS N 129 -9.25 -12.19 62.39
CA HIS N 129 -8.31 -12.62 63.41
C HIS N 129 -8.67 -13.98 63.94
N ILE N 130 -7.74 -14.59 64.66
CA ILE N 130 -8.01 -15.89 65.29
C ILE N 130 -9.05 -15.70 66.38
N GLY N 131 -10.09 -16.51 66.33
CA GLY N 131 -11.17 -16.40 67.28
C GLY N 131 -12.25 -15.42 66.90
N GLN N 132 -12.23 -14.90 65.68
CA GLN N 132 -13.21 -13.92 65.25
C GLN N 132 -14.36 -14.61 64.52
N VAL N 133 -15.55 -14.04 64.68
CA VAL N 133 -16.75 -14.60 64.07
C VAL N 133 -16.87 -14.10 62.64
N ILE N 134 -17.10 -15.03 61.72
CA ILE N 134 -17.30 -14.70 60.31
C ILE N 134 -18.78 -14.61 59.98
N MET N 135 -19.57 -15.59 60.41
CA MET N 135 -20.97 -15.66 60.06
C MET N 135 -21.75 -16.20 61.26
N SER N 136 -22.97 -15.73 61.41
CA SER N 136 -23.83 -16.15 62.51
C SER N 136 -25.21 -16.50 61.97
N ILE N 137 -25.80 -17.55 62.52
CA ILE N 137 -27.17 -17.94 62.20
C ILE N 137 -27.93 -18.12 63.49
N ARG N 138 -29.07 -17.46 63.60
CA ARG N 138 -29.96 -17.65 64.74
C ARG N 138 -31.27 -18.25 64.28
N THR N 139 -31.81 -19.14 65.10
CA THR N 139 -32.96 -19.96 64.73
C THR N 139 -33.52 -20.61 65.99
N LYS N 140 -34.56 -21.40 65.80
CA LYS N 140 -35.18 -22.14 66.89
C LYS N 140 -34.24 -23.22 67.43
N LEU N 141 -34.59 -23.78 68.59
CA LEU N 141 -33.77 -24.82 69.19
C LEU N 141 -33.70 -26.09 68.36
N GLN N 142 -34.74 -26.40 67.61
CA GLN N 142 -34.80 -27.68 66.91
C GLN N 142 -34.06 -27.67 65.59
N ASN N 143 -33.41 -26.57 65.23
CA ASN N 143 -32.68 -26.47 63.97
C ASN N 143 -31.17 -26.40 64.20
N GLU N 144 -30.69 -26.93 65.32
CA GLU N 144 -29.27 -26.91 65.62
C GLU N 144 -28.48 -27.70 64.59
N GLU N 145 -28.98 -28.87 64.20
CA GLU N 145 -28.28 -29.68 63.21
C GLU N 145 -28.22 -28.97 61.87
N HIS N 146 -29.32 -28.33 61.47
CA HIS N 146 -29.33 -27.61 60.21
C HIS N 146 -28.39 -26.41 60.23
N VAL N 147 -28.31 -25.71 61.35
CA VAL N 147 -27.37 -24.60 61.45
C VAL N 147 -25.94 -25.10 61.35
N ILE N 148 -25.61 -26.17 62.06
CA ILE N 148 -24.26 -26.70 62.03
C ILE N 148 -23.91 -27.14 60.62
N GLU N 149 -24.84 -27.81 59.93
CA GLU N 149 -24.55 -28.26 58.58
C GLU N 149 -24.44 -27.11 57.60
N ALA N 150 -25.26 -26.07 57.74
CA ALA N 150 -25.14 -24.93 56.84
C ALA N 150 -23.82 -24.21 57.01
N LEU N 151 -23.39 -24.01 58.26
CA LEU N 151 -22.09 -23.40 58.49
C LEU N 151 -20.96 -24.30 58.00
N ARG N 152 -21.09 -25.61 58.19
CA ARG N 152 -20.09 -26.55 57.71
C ARG N 152 -19.96 -26.50 56.20
N ARG N 153 -21.07 -26.39 55.48
CA ARG N 153 -21.03 -26.22 54.04
C ARG N 153 -20.42 -24.89 53.64
N ALA N 154 -20.73 -23.82 54.36
CA ALA N 154 -20.16 -22.52 54.04
C ALA N 154 -18.66 -22.49 54.28
N LYS N 155 -18.15 -23.36 55.15
CA LYS N 155 -16.71 -23.43 55.41
C LYS N 155 -15.90 -23.75 54.16
N PHE N 156 -16.49 -24.41 53.17
CA PHE N 156 -15.73 -24.82 51.99
C PHE N 156 -15.45 -23.67 51.04
N LYS N 157 -15.98 -22.48 51.31
CA LYS N 157 -15.74 -21.32 50.47
C LYS N 157 -14.63 -20.43 50.99
N PHE N 158 -13.91 -20.87 52.01
CA PHE N 158 -12.93 -20.04 52.68
C PHE N 158 -11.58 -20.73 52.70
N PRO N 159 -10.49 -19.95 52.69
CA PRO N 159 -9.16 -20.55 52.54
C PRO N 159 -8.70 -21.35 53.74
N GLY N 160 -8.81 -20.78 54.92
CA GLY N 160 -8.14 -21.34 56.08
C GLY N 160 -8.93 -22.42 56.79
N ARG N 161 -8.80 -22.44 58.11
CA ARG N 161 -9.49 -23.39 58.96
C ARG N 161 -10.51 -22.63 59.81
N GLN N 162 -11.70 -23.19 59.94
CA GLN N 162 -12.76 -22.57 60.71
C GLN N 162 -13.42 -23.61 61.61
N LYS N 163 -13.97 -23.14 62.71
CA LYS N 163 -14.69 -23.97 63.66
C LYS N 163 -16.14 -23.53 63.73
N ILE N 164 -17.04 -24.48 63.92
CA ILE N 164 -18.44 -24.19 64.11
C ILE N 164 -18.73 -24.25 65.60
N HIS N 165 -19.27 -23.17 66.15
CA HIS N 165 -19.46 -23.06 67.58
C HIS N 165 -20.90 -22.68 67.87
N ILE N 166 -21.57 -23.46 68.71
CA ILE N 166 -22.90 -23.08 69.18
C ILE N 166 -22.71 -22.12 70.35
N SER N 167 -23.17 -20.89 70.17
CA SER N 167 -22.94 -19.86 71.16
C SER N 167 -23.74 -20.14 72.42
N LYS N 168 -23.23 -19.61 73.53
CA LYS N 168 -23.93 -19.66 74.80
C LYS N 168 -24.88 -18.49 74.99
N LYS N 169 -24.79 -17.46 74.16
CA LYS N 169 -25.69 -16.32 74.25
C LYS N 169 -27.03 -16.65 73.62
N TRP N 170 -28.03 -15.83 73.98
CA TRP N 170 -29.38 -15.97 73.44
C TRP N 170 -29.46 -15.20 72.13
N GLY N 171 -29.54 -15.92 71.02
CA GLY N 171 -29.71 -15.25 69.74
C GLY N 171 -28.49 -14.43 69.38
N PHE N 172 -28.74 -13.20 68.94
CA PHE N 172 -27.66 -12.29 68.54
C PHE N 172 -27.28 -11.32 69.65
N THR N 173 -27.81 -11.49 70.86
CA THR N 173 -27.53 -10.57 71.94
C THR N 173 -26.19 -10.92 72.58
N LYS N 174 -25.79 -10.12 73.57
CA LYS N 174 -24.58 -10.37 74.34
C LYS N 174 -24.89 -10.90 75.73
N PHE N 175 -26.08 -11.43 75.93
CA PHE N 175 -26.51 -11.93 77.23
C PHE N 175 -26.71 -13.44 77.16
N ASN N 176 -26.34 -14.12 78.23
CA ASN N 176 -26.35 -15.57 78.25
C ASN N 176 -27.77 -16.11 78.15
N ALA N 177 -27.91 -17.25 77.46
CA ALA N 177 -29.21 -17.78 77.13
C ALA N 177 -29.95 -18.33 78.34
N ASP N 178 -29.26 -18.59 79.44
CA ASP N 178 -29.95 -19.11 80.62
C ASP N 178 -30.45 -18.00 81.54
N GLU N 179 -29.90 -16.80 81.42
CA GLU N 179 -30.31 -15.65 82.22
C GLU N 179 -31.12 -14.66 81.43
N PHE N 180 -31.22 -14.85 80.12
CA PHE N 180 -31.97 -13.92 79.28
C PHE N 180 -33.42 -13.80 79.72
N GLU N 181 -34.06 -14.94 79.98
CA GLU N 181 -35.50 -14.94 80.23
C GLU N 181 -35.83 -14.25 81.54
N ASP N 182 -35.10 -14.54 82.61
CA ASP N 182 -35.43 -13.87 83.85
C ASP N 182 -34.94 -12.44 83.90
N MET N 183 -33.96 -12.06 83.06
CA MET N 183 -33.69 -10.64 82.93
C MET N 183 -34.83 -9.91 82.23
N VAL N 184 -35.40 -10.53 81.19
CA VAL N 184 -36.59 -9.95 80.57
C VAL N 184 -37.73 -9.89 81.58
N ALA N 185 -37.85 -10.90 82.43
CA ALA N 185 -38.89 -10.87 83.47
C ALA N 185 -38.68 -9.72 84.44
N LYS N 186 -37.44 -9.51 84.88
CA LYS N 186 -37.11 -8.43 85.80
C LYS N 186 -37.02 -7.08 85.11
N LYS N 187 -37.27 -7.02 83.80
CA LYS N 187 -37.28 -5.80 83.01
C LYS N 187 -35.89 -5.18 82.89
N CYS N 188 -34.85 -5.96 83.18
CA CYS N 188 -33.50 -5.53 82.85
C CYS N 188 -33.27 -5.51 81.35
N LEU N 189 -34.10 -6.21 80.58
CA LEU N 189 -34.00 -6.24 79.12
C LEU N 189 -35.36 -5.94 78.53
N ILE N 190 -35.39 -5.06 77.53
CA ILE N 190 -36.61 -4.72 76.82
C ILE N 190 -36.41 -5.04 75.34
N PRO N 191 -37.25 -5.88 74.74
CA PRO N 191 -37.06 -6.19 73.31
C PRO N 191 -37.24 -4.97 72.44
N ASP N 192 -36.43 -4.90 71.37
CA ASP N 192 -36.59 -3.85 70.36
C ASP N 192 -36.12 -4.43 69.03
N GLY N 193 -37.06 -4.94 68.26
CA GLY N 193 -36.71 -5.59 67.01
C GLY N 193 -36.03 -6.91 67.27
N CYS N 194 -34.93 -7.14 66.56
CA CYS N 194 -34.21 -8.41 66.67
C CYS N 194 -33.25 -8.45 67.84
N GLY N 195 -33.15 -7.37 68.61
CA GLY N 195 -32.26 -7.35 69.75
C GLY N 195 -32.97 -6.97 71.04
N VAL N 196 -32.21 -6.69 72.08
CA VAL N 196 -32.74 -6.23 73.35
C VAL N 196 -31.98 -4.99 73.79
N LYS N 197 -32.64 -4.18 74.59
CA LYS N 197 -32.06 -2.98 75.18
C LYS N 197 -31.88 -3.22 76.67
N TYR N 198 -30.67 -3.00 77.15
CA TYR N 198 -30.35 -3.17 78.55
C TYR N 198 -30.77 -1.93 79.33
N VAL N 199 -31.51 -2.13 80.41
CA VAL N 199 -32.01 -1.03 81.22
C VAL N 199 -31.29 -1.06 82.56
N PRO N 200 -30.28 -0.22 82.75
CA PRO N 200 -29.59 -0.18 84.04
C PRO N 200 -30.44 0.50 85.09
N SER N 201 -30.12 0.22 86.35
CA SER N 201 -30.82 0.83 87.47
C SER N 201 -30.20 2.18 87.82
N HIS N 202 -30.05 3.04 86.81
CA HIS N 202 -29.66 4.41 87.04
C HIS N 202 -30.19 5.25 85.89
N GLY N 203 -30.30 6.56 86.13
CA GLY N 203 -30.98 7.46 85.23
C GLY N 203 -32.14 8.11 85.93
N PRO N 204 -32.97 8.85 85.19
CA PRO N 204 -34.15 9.44 85.82
C PRO N 204 -35.15 8.37 86.24
N LEU N 205 -35.88 8.65 87.32
CA LEU N 205 -36.93 7.74 87.77
C LEU N 205 -38.14 7.77 86.87
N ASP N 206 -38.28 8.78 86.01
CA ASP N 206 -39.41 8.79 85.09
C ASP N 206 -39.33 7.63 84.12
N LYS N 207 -38.12 7.30 83.67
CA LYS N 207 -37.94 6.14 82.80
C LYS N 207 -38.33 4.86 83.51
N TRP N 208 -38.00 4.76 84.80
CA TRP N 208 -38.40 3.60 85.58
C TRP N 208 -39.91 3.55 85.77
N ARG N 209 -40.54 4.72 85.92
CA ARG N 209 -42.00 4.77 86.06
C ARG N 209 -42.70 4.42 84.76
N VAL N 210 -42.07 4.67 83.61
CA VAL N 210 -42.65 4.22 82.36
C VAL N 210 -42.70 2.70 82.32
N LEU N 211 -41.63 2.04 82.75
CA LEU N 211 -41.73 0.62 83.07
C LEU N 211 -42.56 0.44 84.34
N HIS N 212 -42.85 -0.81 84.67
CA HIS N 212 -43.65 -1.15 85.84
C HIS N 212 -45.02 -0.49 85.83
N SER N 213 -45.51 -0.10 84.66
CA SER N 213 -46.79 0.57 84.55
C SER N 213 -47.49 0.19 83.24
N LYS O 6 -49.98 39.31 94.00
CA LYS O 6 -49.48 37.95 93.89
C LYS O 6 -48.29 37.89 92.95
N GLU O 7 -48.51 38.28 91.71
CA GLU O 7 -47.43 38.30 90.72
C GLU O 7 -46.42 39.39 91.08
N ASN O 8 -45.15 39.05 90.94
CA ASN O 8 -44.09 40.01 91.24
C ASN O 8 -44.11 41.13 90.21
N PRO O 9 -44.04 42.40 90.64
CA PRO O 9 -44.05 43.51 89.67
C PRO O 9 -42.91 43.48 88.69
N MET O 10 -41.85 42.73 88.98
CA MET O 10 -40.70 42.63 88.10
C MET O 10 -40.90 41.60 86.99
N ARG O 11 -42.04 40.91 86.98
CA ARG O 11 -42.36 39.96 85.93
C ARG O 11 -43.27 40.53 84.87
N GLU O 12 -43.65 41.81 84.97
CA GLU O 12 -44.59 42.38 84.01
C GLU O 12 -43.97 42.48 82.63
N LEU O 13 -44.74 42.11 81.62
CA LEU O 13 -44.25 42.16 80.25
C LEU O 13 -44.17 43.61 79.76
N ARG O 14 -43.20 43.85 78.89
CA ARG O 14 -42.96 45.16 78.33
C ARG O 14 -42.47 44.99 76.91
N ILE O 15 -42.44 46.09 76.17
CA ILE O 15 -41.94 46.07 74.80
C ILE O 15 -40.47 46.46 74.81
N ARG O 16 -39.62 45.56 74.34
CA ARG O 16 -38.20 45.86 74.25
C ARG O 16 -37.91 46.77 73.06
N LYS O 17 -38.33 46.36 71.87
CA LYS O 17 -38.08 47.13 70.67
C LYS O 17 -39.08 46.75 69.59
N LEU O 18 -39.13 47.54 68.53
CA LEU O 18 -40.13 47.32 67.49
C LEU O 18 -39.55 46.81 66.17
N CYS O 19 -38.38 47.28 65.77
CA CYS O 19 -37.63 46.70 64.64
C CYS O 19 -38.43 46.76 63.33
N LEU O 20 -38.61 47.98 62.84
CA LEU O 20 -39.22 48.21 61.54
C LEU O 20 -38.26 47.86 60.41
N ASN O 21 -38.77 47.17 59.39
CA ASN O 21 -37.93 46.75 58.27
C ASN O 21 -38.63 46.99 56.93
N ILE O 22 -37.88 47.45 55.93
CA ILE O 22 -38.35 47.60 54.55
C ILE O 22 -37.26 47.09 53.63
N CYS O 23 -37.48 45.95 52.99
CA CYS O 23 -36.50 45.36 52.09
C CYS O 23 -36.87 45.72 50.66
N VAL O 24 -36.10 46.61 50.04
CA VAL O 24 -36.32 46.97 48.65
C VAL O 24 -35.53 46.00 47.79
N GLY O 25 -35.96 45.78 46.56
CA GLY O 25 -35.27 44.84 45.69
C GLY O 25 -33.86 45.27 45.32
N GLU O 26 -33.66 46.58 45.11
CA GLU O 26 -32.41 47.07 44.56
C GLU O 26 -31.95 48.26 45.41
N SER O 27 -30.94 48.96 44.91
CA SER O 27 -30.41 50.16 45.55
C SER O 27 -31.07 51.38 44.94
N GLY O 28 -30.52 52.55 45.24
CA GLY O 28 -30.86 53.76 44.54
C GLY O 28 -32.00 54.53 45.17
N ASP O 29 -32.75 55.18 44.28
CA ASP O 29 -33.80 56.08 44.74
C ASP O 29 -34.91 55.33 45.48
N ARG O 30 -35.22 54.10 45.10
CA ARG O 30 -36.25 53.36 45.81
C ARG O 30 -35.86 53.15 47.26
N LEU O 31 -34.61 52.80 47.51
CA LEU O 31 -34.14 52.65 48.88
C LEU O 31 -34.07 53.99 49.59
N THR O 32 -33.71 55.06 48.89
CA THR O 32 -33.69 56.37 49.53
C THR O 32 -35.11 56.80 49.94
N ARG O 33 -36.09 56.58 49.08
CA ARG O 33 -37.47 56.88 49.42
C ARG O 33 -37.94 56.06 50.62
N ALA O 34 -37.57 54.77 50.66
CA ALA O 34 -37.93 53.95 51.81
C ALA O 34 -37.30 54.48 53.10
N ALA O 35 -36.04 54.92 53.01
CA ALA O 35 -35.39 55.53 54.16
C ALA O 35 -36.14 56.77 54.61
N LYS O 36 -36.63 57.56 53.66
CA LYS O 36 -37.44 58.73 54.02
C LYS O 36 -38.74 58.34 54.68
N VAL O 37 -39.35 57.23 54.24
CA VAL O 37 -40.57 56.72 54.89
C VAL O 37 -40.29 56.42 56.35
N LEU O 38 -39.19 55.71 56.61
CA LEU O 38 -38.85 55.38 58.00
C LEU O 38 -38.52 56.63 58.80
N GLU O 39 -37.83 57.59 58.19
CA GLU O 39 -37.55 58.86 58.85
C GLU O 39 -38.84 59.56 59.26
N GLN O 40 -39.83 59.61 58.36
CA GLN O 40 -41.09 60.25 58.70
C GLN O 40 -41.82 59.50 59.81
N LEU O 41 -41.79 58.16 59.76
CA LEU O 41 -42.57 57.39 60.71
C LEU O 41 -41.97 57.42 62.12
N THR O 42 -40.64 57.38 62.23
CA THR O 42 -40.00 57.19 63.53
C THR O 42 -39.29 58.42 64.05
N GLY O 43 -38.97 59.39 63.20
CA GLY O 43 -38.12 60.50 63.64
C GLY O 43 -36.73 60.04 64.01
N GLN O 44 -36.25 58.98 63.36
CA GLN O 44 -34.92 58.44 63.60
C GLN O 44 -34.27 58.16 62.26
N THR O 45 -32.98 58.35 62.19
CA THR O 45 -32.25 58.05 60.97
C THR O 45 -32.17 56.53 60.80
N PRO O 46 -32.67 55.96 59.72
CA PRO O 46 -32.61 54.51 59.55
C PRO O 46 -31.24 54.08 59.04
N VAL O 47 -31.02 52.77 59.04
CA VAL O 47 -29.75 52.18 58.66
C VAL O 47 -29.99 51.16 57.56
N PHE O 48 -29.08 51.13 56.58
CA PHE O 48 -29.23 50.27 55.42
C PHE O 48 -28.60 48.90 55.67
N SER O 49 -29.16 47.90 55.01
CA SER O 49 -28.70 46.52 55.09
C SER O 49 -28.24 46.07 53.72
N LYS O 50 -27.00 45.59 53.65
CA LYS O 50 -26.40 45.10 52.42
C LYS O 50 -26.67 43.61 52.25
N ALA O 51 -26.59 43.16 51.01
CA ALA O 51 -26.91 41.78 50.68
C ALA O 51 -25.78 40.86 51.14
N ARG O 52 -26.15 39.74 51.77
CA ARG O 52 -25.16 38.80 52.27
C ARG O 52 -24.42 38.12 51.13
N TYR O 53 -25.15 37.66 50.11
CA TYR O 53 -24.54 36.97 48.98
C TYR O 53 -25.18 37.48 47.70
N THR O 54 -24.64 37.02 46.58
CA THR O 54 -25.17 37.39 45.27
C THR O 54 -26.20 36.35 44.85
N VAL O 55 -27.39 36.82 44.52
CA VAL O 55 -28.45 35.96 44.00
C VAL O 55 -28.79 36.44 42.60
N ARG O 56 -28.58 35.55 41.62
CA ARG O 56 -28.85 35.89 40.23
C ARG O 56 -30.35 36.06 39.99
N SER O 57 -31.17 35.20 40.63
CA SER O 57 -32.61 35.25 40.40
C SER O 57 -33.21 36.55 40.90
N PHE O 58 -32.76 37.04 42.06
CA PHE O 58 -33.30 38.28 42.58
C PHE O 58 -32.60 39.51 42.00
N GLY O 59 -31.56 39.32 41.20
CA GLY O 59 -30.85 40.44 40.62
C GLY O 59 -30.16 41.32 41.64
N ILE O 60 -29.65 40.72 42.72
CA ILE O 60 -28.94 41.46 43.76
C ILE O 60 -27.52 40.93 43.83
N ARG O 61 -26.62 41.80 44.27
CA ARG O 61 -25.20 41.47 44.37
C ARG O 61 -24.73 41.65 45.80
N ARG O 62 -23.63 40.98 46.14
CA ARG O 62 -23.09 41.07 47.49
C ARG O 62 -22.64 42.48 47.80
N ASN O 63 -22.81 42.87 49.08
CA ASN O 63 -22.40 44.19 49.58
C ASN O 63 -23.18 45.32 48.93
N GLU O 64 -24.38 45.03 48.43
CA GLU O 64 -25.21 46.03 47.76
C GLU O 64 -26.35 46.42 48.69
N LYS O 65 -26.58 47.72 48.83
CA LYS O 65 -27.64 48.22 49.69
C LYS O 65 -29.00 47.71 49.21
N ILE O 66 -29.64 46.90 50.04
CA ILE O 66 -30.87 46.21 49.68
C ILE O 66 -32.03 46.62 50.58
N ALA O 67 -31.80 46.74 51.87
CA ALA O 67 -32.91 47.01 52.77
C ALA O 67 -32.62 48.23 53.62
N VAL O 68 -33.64 48.66 54.34
CA VAL O 68 -33.52 49.75 55.30
C VAL O 68 -34.31 49.35 56.53
N HIS O 69 -33.79 49.69 57.71
CA HIS O 69 -34.45 49.25 58.92
C HIS O 69 -34.07 50.18 60.07
N CYS O 70 -34.87 50.10 61.13
CA CYS O 70 -34.56 50.83 62.34
C CYS O 70 -35.36 50.26 63.50
N THR O 71 -34.75 50.25 64.67
CA THR O 71 -35.39 49.77 65.88
C THR O 71 -35.78 50.94 66.78
N VAL O 72 -36.96 50.83 67.36
CA VAL O 72 -37.56 51.88 68.18
C VAL O 72 -37.86 51.29 69.54
N ARG O 73 -37.57 52.06 70.60
CA ARG O 73 -37.79 51.63 71.97
C ARG O 73 -38.54 52.71 72.74
N GLY O 74 -39.35 52.27 73.69
CA GLY O 74 -40.03 53.18 74.58
C GLY O 74 -41.42 53.59 74.16
N ALA O 75 -41.82 54.79 74.57
CA ALA O 75 -43.15 55.28 74.25
C ALA O 75 -43.34 55.48 72.76
N LYS O 76 -42.28 55.83 72.03
CA LYS O 76 -42.39 55.95 70.58
C LYS O 76 -42.71 54.60 69.95
N ALA O 77 -42.04 53.54 70.41
CA ALA O 77 -42.36 52.20 69.91
C ALA O 77 -43.78 51.81 70.27
N GLU O 78 -44.22 52.15 71.47
CA GLU O 78 -45.60 51.83 71.86
C GLU O 78 -46.60 52.55 70.97
N GLU O 79 -46.35 53.81 70.64
CA GLU O 79 -47.23 54.57 69.77
C GLU O 79 -47.25 53.99 68.36
N ILE O 80 -46.08 53.66 67.80
CA ILE O 80 -46.03 53.12 66.46
C ILE O 80 -46.72 51.76 66.40
N LEU O 81 -46.57 50.96 67.46
CA LEU O 81 -47.28 49.69 67.53
C LEU O 81 -48.78 49.91 67.56
N GLU O 82 -49.23 50.92 68.30
CA GLU O 82 -50.65 51.24 68.29
C GLU O 82 -51.14 51.57 66.89
N LYS O 83 -50.37 52.37 66.15
CA LYS O 83 -50.73 52.71 64.78
C LYS O 83 -50.81 51.46 63.90
N GLY O 84 -49.80 50.60 63.98
CA GLY O 84 -49.78 49.42 63.13
C GLY O 84 -50.89 48.44 63.48
N LEU O 85 -51.18 48.26 64.76
CA LEU O 85 -52.27 47.40 65.15
C LEU O 85 -53.61 47.99 64.77
N LYS O 86 -53.74 49.32 64.72
CA LYS O 86 -54.94 49.92 64.16
C LYS O 86 -55.09 49.55 62.70
N VAL O 87 -53.99 49.59 61.94
CA VAL O 87 -54.05 49.20 60.53
C VAL O 87 -54.46 47.73 60.40
N ARG O 88 -53.88 46.86 61.22
CA ARG O 88 -54.29 45.45 61.21
C ARG O 88 -55.66 45.23 61.81
N GLU O 89 -56.26 46.25 62.41
CA GLU O 89 -57.60 46.20 62.99
C GLU O 89 -57.66 45.26 64.19
N TYR O 90 -56.52 45.13 64.89
CA TYR O 90 -56.41 44.48 66.19
C TYR O 90 -56.66 42.98 66.15
N GLU O 91 -56.49 42.33 65.01
CA GLU O 91 -56.53 40.88 64.95
C GLU O 91 -55.21 40.36 64.40
N LEU O 92 -54.66 39.35 65.06
CA LEU O 92 -53.38 38.78 64.71
C LEU O 92 -53.53 37.28 64.50
N ARG O 93 -52.75 36.74 63.58
CA ARG O 93 -52.81 35.31 63.31
C ARG O 93 -52.03 34.53 64.36
N LYS O 94 -52.49 33.30 64.59
CA LYS O 94 -51.88 32.44 65.61
C LYS O 94 -50.42 32.18 65.32
N ASN O 95 -50.08 31.95 64.05
CA ASN O 95 -48.69 31.70 63.69
C ASN O 95 -47.83 32.96 63.75
N ASN O 96 -48.43 34.13 63.93
CA ASN O 96 -47.64 35.36 63.97
C ASN O 96 -46.79 35.47 65.22
N PHE O 97 -47.10 34.69 66.25
CA PHE O 97 -46.32 34.70 67.47
C PHE O 97 -45.27 33.60 67.41
N SER O 98 -44.01 33.95 67.68
CA SER O 98 -42.94 32.99 67.63
C SER O 98 -42.80 32.27 68.97
N ASP O 99 -42.04 31.18 68.96
CA ASP O 99 -41.91 30.36 70.16
C ASP O 99 -41.02 30.99 71.23
N THR O 100 -40.32 32.07 70.91
CA THR O 100 -39.49 32.75 71.90
C THR O 100 -40.25 33.85 72.63
N GLY O 101 -41.53 34.03 72.34
CA GLY O 101 -42.34 34.96 73.10
C GLY O 101 -42.44 36.35 72.53
N ASN O 102 -42.02 36.58 71.30
CA ASN O 102 -42.18 37.86 70.66
C ASN O 102 -42.80 37.65 69.29
N PHE O 103 -43.50 38.65 68.79
CA PHE O 103 -44.34 38.44 67.62
C PHE O 103 -44.02 39.48 66.55
N GLY O 104 -44.78 39.43 65.47
CA GLY O 104 -44.59 40.38 64.40
C GLY O 104 -45.68 40.25 63.37
N PHE O 105 -45.81 41.31 62.58
CA PHE O 105 -46.75 41.33 61.48
C PHE O 105 -46.19 42.27 60.41
N GLY O 106 -46.95 42.48 59.35
CA GLY O 106 -46.52 43.34 58.29
C GLY O 106 -47.69 44.04 57.66
N ILE O 107 -47.40 45.17 57.02
CA ILE O 107 -48.39 45.91 56.25
C ILE O 107 -47.78 46.17 54.88
N GLN O 108 -48.64 46.34 53.89
CA GLN O 108 -48.20 46.52 52.52
C GLN O 108 -48.37 47.95 52.02
N GLU O 109 -49.08 48.78 52.78
CA GLU O 109 -49.26 50.20 52.45
C GLU O 109 -48.91 51.00 53.69
N HIS O 110 -48.10 52.04 53.52
CA HIS O 110 -47.68 52.84 54.65
C HIS O 110 -48.41 54.16 54.74
N ILE O 111 -49.12 54.56 53.68
CA ILE O 111 -49.80 55.85 53.67
C ILE O 111 -50.93 55.92 54.69
N ASP O 112 -51.49 54.78 55.09
CA ASP O 112 -52.57 54.77 56.07
C ASP O 112 -52.05 54.51 57.47
N LEU O 113 -50.74 54.42 57.65
CA LEU O 113 -50.17 54.33 58.99
C LEU O 113 -50.38 55.61 59.79
N GLY O 114 -50.65 56.72 59.12
CA GLY O 114 -50.70 58.01 59.78
C GLY O 114 -49.76 58.99 59.13
N ILE O 115 -49.44 58.76 57.86
CA ILE O 115 -48.54 59.62 57.11
C ILE O 115 -49.29 60.15 55.89
N LYS O 116 -48.83 61.27 55.38
CA LYS O 116 -49.43 61.87 54.19
C LYS O 116 -48.74 61.36 52.95
N TYR O 117 -49.53 61.13 51.90
CA TYR O 117 -48.94 60.70 50.65
C TYR O 117 -48.09 61.80 50.05
N ASP O 118 -46.98 61.40 49.44
CA ASP O 118 -46.09 62.30 48.72
C ASP O 118 -45.79 61.62 47.38
N PRO O 119 -46.06 62.28 46.25
CA PRO O 119 -45.86 61.62 44.95
C PRO O 119 -44.43 61.15 44.71
N SER O 120 -43.43 61.89 45.21
CA SER O 120 -42.05 61.44 45.06
C SER O 120 -41.79 60.19 45.89
N ILE O 121 -42.50 60.04 47.01
CA ILE O 121 -42.36 58.87 47.85
C ILE O 121 -43.26 57.75 47.33
N GLY O 122 -42.76 56.53 47.35
CA GLY O 122 -43.53 55.41 46.83
C GLY O 122 -44.66 54.97 47.74
N ILE O 123 -44.98 53.68 47.70
CA ILE O 123 -46.09 53.12 48.47
C ILE O 123 -45.56 51.96 49.30
N TYR O 124 -44.31 52.07 49.75
CA TYR O 124 -43.61 50.95 50.38
C TYR O 124 -44.37 50.41 51.59
N GLY O 125 -44.52 49.10 51.64
CA GLY O 125 -44.95 48.44 52.85
C GLY O 125 -43.77 48.18 53.76
N LEU O 126 -44.05 47.64 54.93
CA LEU O 126 -43.01 47.42 55.92
C LEU O 126 -43.42 46.33 56.90
N ASP O 127 -42.45 45.89 57.69
CA ASP O 127 -42.60 44.80 58.64
C ASP O 127 -42.37 45.34 60.04
N PHE O 128 -43.29 45.02 60.96
CA PHE O 128 -43.12 45.32 62.37
C PHE O 128 -42.79 44.01 63.06
N TYR O 129 -41.79 44.01 63.95
CA TYR O 129 -41.52 42.83 64.75
C TYR O 129 -41.36 43.23 66.20
N VAL O 130 -42.43 43.08 66.97
CA VAL O 130 -42.41 43.45 68.37
C VAL O 130 -41.62 42.41 69.15
N VAL O 131 -40.59 42.86 69.86
CA VAL O 131 -39.78 42.00 70.71
C VAL O 131 -40.21 42.24 72.15
N LEU O 132 -40.77 41.22 72.79
CA LEU O 132 -41.27 41.36 74.14
C LEU O 132 -40.17 41.02 75.15
N GLY O 133 -40.26 41.64 76.33
CA GLY O 133 -39.27 41.42 77.36
C GLY O 133 -39.85 41.65 78.74
N ARG O 134 -39.09 41.25 79.74
CA ARG O 134 -39.37 41.53 81.12
C ARG O 134 -38.25 42.37 81.71
N PRO O 135 -38.48 43.04 82.83
CA PRO O 135 -37.37 43.71 83.52
C PRO O 135 -36.32 42.69 83.95
N GLY O 136 -35.09 42.93 83.51
CA GLY O 136 -34.00 42.02 83.78
C GLY O 136 -33.49 41.28 82.57
N PHE O 137 -34.07 41.49 81.40
CA PHE O 137 -33.60 40.81 80.20
C PHE O 137 -32.27 41.35 79.70
N SER O 138 -31.82 42.48 80.20
CA SER O 138 -30.62 43.12 79.67
C SER O 138 -29.33 42.47 80.18
N ILE O 139 -29.41 41.52 81.10
CA ILE O 139 -28.20 40.86 81.56
C ILE O 139 -27.59 40.04 80.44
N ALA O 140 -28.39 39.62 79.46
CA ALA O 140 -27.84 38.92 78.31
C ALA O 140 -27.05 39.85 77.40
N ASP O 141 -27.27 41.16 77.51
CA ASP O 141 -26.57 42.14 76.69
C ASP O 141 -25.52 42.91 77.47
N LYS O 142 -25.50 42.75 78.79
CA LYS O 142 -24.52 43.41 79.65
C LYS O 142 -23.11 42.98 79.30
N LYS O 143 -22.15 43.89 79.48
CA LYS O 143 -20.76 43.58 79.16
C LYS O 143 -20.09 42.75 80.25
N ARG O 144 -20.27 43.16 81.50
CA ARG O 144 -19.63 42.51 82.63
C ARG O 144 -20.63 41.61 83.34
N ARG O 145 -20.20 40.38 83.64
CA ARG O 145 -21.01 39.38 84.33
C ARG O 145 -22.31 39.12 83.59
N THR O 146 -22.23 39.02 82.27
CA THR O 146 -23.41 38.72 81.47
C THR O 146 -23.91 37.32 81.78
N GLY O 147 -25.22 37.13 81.68
CA GLY O 147 -25.81 35.86 82.01
C GLY O 147 -26.98 35.47 81.14
N CYS O 148 -27.70 34.43 81.54
CA CYS O 148 -28.91 33.99 80.85
C CYS O 148 -30.09 34.16 81.79
N ILE O 149 -31.26 34.41 81.22
CA ILE O 149 -32.37 34.91 82.03
C ILE O 149 -33.09 33.84 82.86
N GLY O 150 -32.75 32.57 82.70
CA GLY O 150 -33.41 31.58 83.53
C GLY O 150 -34.76 31.18 82.96
N ALA O 151 -35.22 29.99 83.32
CA ALA O 151 -36.37 29.40 82.62
C ALA O 151 -37.67 30.13 82.96
N LYS O 152 -37.91 30.38 84.25
CA LYS O 152 -39.19 30.96 84.64
C LYS O 152 -39.36 32.38 84.10
N HIS O 153 -38.26 33.10 83.91
CA HIS O 153 -38.32 34.48 83.47
C HIS O 153 -38.52 34.60 81.96
N ARG O 154 -38.38 33.52 81.21
CA ARG O 154 -38.56 33.56 79.78
C ARG O 154 -40.03 33.80 79.44
N ILE O 155 -40.27 34.25 78.20
CA ILE O 155 -41.60 34.50 77.70
C ILE O 155 -41.94 33.42 76.68
N SER O 156 -43.09 32.79 76.85
CA SER O 156 -43.54 31.78 75.91
C SER O 156 -44.58 32.37 74.98
N LYS O 157 -44.91 31.61 73.93
CA LYS O 157 -45.87 32.05 72.94
C LYS O 157 -47.24 32.29 73.55
N GLU O 158 -47.65 31.42 74.47
CA GLU O 158 -48.94 31.58 75.12
C GLU O 158 -48.98 32.86 75.95
N GLU O 159 -47.91 33.16 76.68
CA GLU O 159 -47.87 34.41 77.43
C GLU O 159 -47.84 35.63 76.52
N ALA O 160 -47.19 35.52 75.36
CA ALA O 160 -47.20 36.64 74.41
C ALA O 160 -48.62 36.90 73.90
N MET O 161 -49.34 35.83 73.54
CA MET O 161 -50.71 36.01 73.08
C MET O 161 -51.61 36.53 74.19
N ARG O 162 -51.40 36.06 75.42
CA ARG O 162 -52.17 36.56 76.55
C ARG O 162 -51.93 38.04 76.76
N TRP O 163 -50.67 38.47 76.64
CA TRP O 163 -50.36 39.89 76.78
C TRP O 163 -51.00 40.72 75.67
N PHE O 164 -50.98 40.21 74.45
CA PHE O 164 -51.63 40.92 73.34
C PHE O 164 -53.11 41.10 73.61
N GLN O 165 -53.79 40.03 74.03
CA GLN O 165 -55.22 40.12 74.31
C GLN O 165 -55.51 41.04 75.49
N GLN O 166 -54.69 40.96 76.54
CA GLN O 166 -54.96 41.70 77.77
C GLN O 166 -54.42 43.11 77.73
N LYS O 167 -53.76 43.50 76.66
CA LYS O 167 -53.39 44.90 76.49
C LYS O 167 -54.19 45.60 75.40
N TYR O 168 -54.18 45.05 74.17
CA TYR O 168 -54.81 45.73 73.05
C TYR O 168 -56.18 45.18 72.72
N ASP O 169 -56.79 44.42 73.63
CA ASP O 169 -58.02 43.65 73.43
C ASP O 169 -58.07 43.01 72.05
N GLY O 170 -56.93 42.47 71.62
CA GLY O 170 -56.83 41.89 70.30
C GLY O 170 -57.45 40.52 70.20
N ILE O 171 -57.57 40.05 68.97
CA ILE O 171 -58.20 38.76 68.67
C ILE O 171 -57.16 37.90 67.96
N ILE O 172 -56.96 36.69 68.47
CA ILE O 172 -56.06 35.73 67.85
C ILE O 172 -56.88 34.86 66.92
N LEU O 173 -56.75 35.09 65.62
CA LEU O 173 -57.47 34.27 64.65
C LEU O 173 -56.76 32.93 64.50
N PRO O 174 -57.44 31.81 64.71
CA PRO O 174 -56.80 30.49 64.53
C PRO O 174 -56.69 30.13 63.05
N GLY O 175 -55.61 30.61 62.42
CA GLY O 175 -55.37 30.35 61.03
C GLY O 175 -54.05 29.64 60.77
N ALA P 1 45.00 16.76 45.12
CA ALA P 1 43.88 17.07 45.97
C ALA P 1 44.36 17.54 47.33
N PRO P 2 43.70 18.55 47.89
CA PRO P 2 44.08 19.02 49.22
C PRO P 2 43.81 17.96 50.27
N SER P 3 44.64 17.94 51.30
CA SER P 3 44.55 16.94 52.36
C SER P 3 44.61 17.67 53.69
N ARG P 4 43.46 17.82 54.33
CA ARG P 4 43.33 18.42 55.66
C ARG P 4 43.88 19.84 55.60
N ASN P 5 44.43 20.32 56.71
CA ASN P 5 45.03 21.64 56.75
C ASN P 5 46.34 21.67 55.99
N GLY P 6 46.64 22.82 55.42
CA GLY P 6 47.84 22.96 54.64
C GLY P 6 47.94 24.37 54.11
N MET P 7 48.91 24.57 53.23
CA MET P 7 49.13 25.85 52.59
C MET P 7 48.81 25.69 51.11
N VAL P 8 48.05 26.62 50.55
CA VAL P 8 47.75 26.58 49.12
C VAL P 8 49.05 26.89 48.38
N LEU P 9 49.58 25.89 47.70
CA LEU P 9 50.90 25.99 47.08
C LEU P 9 50.75 26.17 45.58
N LYS P 10 51.61 27.01 45.01
CA LYS P 10 51.60 27.30 43.57
C LYS P 10 53.00 27.12 43.03
N PRO P 11 53.42 25.87 42.80
CA PRO P 11 54.75 25.64 42.23
C PRO P 11 54.79 26.06 40.77
N HIS P 12 55.90 26.67 40.37
CA HIS P 12 56.07 27.13 39.00
C HIS P 12 56.85 26.10 38.20
N PHE P 13 56.23 24.94 38.03
CA PHE P 13 56.83 23.82 37.33
C PHE P 13 55.88 23.28 36.28
N HIS P 14 55.29 24.17 35.50
CA HIS P 14 54.38 23.77 34.44
C HIS P 14 54.96 24.04 33.06
N LYS P 15 56.27 24.28 32.96
CA LYS P 15 56.81 24.93 31.79
C LYS P 15 58.09 24.28 31.29
N ASP P 16 58.22 22.97 31.42
CA ASP P 16 59.39 22.22 30.92
C ASP P 16 60.69 22.76 31.51
N TRP P 17 60.69 22.94 32.83
CA TRP P 17 61.84 23.50 33.52
C TRP P 17 63.06 22.61 33.46
N GLN P 18 62.90 21.32 33.18
CA GLN P 18 64.04 20.41 33.25
C GLN P 18 65.02 20.61 32.12
N ARG P 19 64.62 21.31 31.06
CA ARG P 19 65.58 21.62 30.00
C ARG P 19 66.45 22.81 30.35
N ARG P 20 65.98 23.69 31.23
CA ARG P 20 66.75 24.84 31.67
C ARG P 20 66.98 24.72 33.16
N VAL P 21 68.01 23.96 33.52
CA VAL P 21 68.47 23.86 34.90
C VAL P 21 69.94 24.23 34.92
N ALA P 22 70.30 25.19 35.76
CA ALA P 22 71.67 25.65 35.89
C ALA P 22 72.28 24.99 37.11
N THR P 23 73.06 23.93 36.89
CA THR P 23 73.83 23.37 37.98
C THR P 23 75.03 24.26 38.27
N TRP P 24 75.64 24.03 39.43
CA TRP P 24 76.71 24.91 39.89
C TRP P 24 77.97 24.12 40.19
N PHE P 25 78.20 23.01 39.49
CA PHE P 25 79.38 22.21 39.75
C PHE P 25 80.65 22.89 39.29
N ASN P 26 80.54 23.93 38.47
CA ASN P 26 81.69 24.72 38.06
C ASN P 26 81.89 25.95 38.93
N GLN P 27 81.19 26.05 40.05
CA GLN P 27 81.40 27.19 40.95
C GLN P 27 82.80 27.23 41.56
N PRO P 28 83.34 26.14 42.13
CA PRO P 28 84.72 26.21 42.61
C PRO P 28 85.73 26.51 41.52
N ALA P 29 85.51 25.97 40.32
CA ALA P 29 86.38 26.28 39.21
C ALA P 29 86.29 27.75 38.83
N ARG P 30 85.08 28.32 38.86
CA ARG P 30 84.93 29.73 38.56
C ARG P 30 85.61 30.60 39.60
N LYS P 31 85.52 30.22 40.87
CA LYS P 31 86.22 30.97 41.90
C LYS P 31 87.73 30.93 41.68
N ILE P 32 88.26 29.76 41.32
CA ILE P 32 89.68 29.65 41.01
C ILE P 32 90.05 30.51 39.82
N ARG P 33 89.23 30.47 38.77
CA ARG P 33 89.53 31.22 37.55
C ARG P 33 89.54 32.72 37.81
N ARG P 34 88.53 33.22 38.54
CA ARG P 34 88.48 34.64 38.86
C ARG P 34 89.64 35.04 39.75
N ARG P 35 89.99 34.20 40.72
CA ARG P 35 91.11 34.51 41.60
C ARG P 35 92.41 34.58 40.82
N LYS P 36 92.62 33.64 39.90
CA LYS P 36 93.82 33.67 39.09
C LYS P 36 93.86 34.89 38.18
N ALA P 37 92.71 35.27 37.62
CA ALA P 37 92.67 36.46 36.79
C ALA P 37 92.96 37.72 37.60
N ARG P 38 92.46 37.79 38.83
CA ARG P 38 92.77 38.90 39.70
C ARG P 38 94.25 38.98 39.99
N GLN P 39 94.87 37.85 40.29
CA GLN P 39 96.30 37.82 40.55
C GLN P 39 97.09 38.26 39.34
N ALA P 40 96.69 37.78 38.16
CA ALA P 40 97.39 38.17 36.93
C ALA P 40 97.23 39.65 36.65
N LYS P 41 96.03 40.20 36.87
CA LYS P 41 95.84 41.63 36.64
C LYS P 41 96.67 42.45 37.62
N ALA P 42 96.71 42.03 38.88
CA ALA P 42 97.52 42.74 39.86
C ALA P 42 98.99 42.70 39.50
N ARG P 43 99.46 41.56 38.99
CA ARG P 43 100.83 41.49 38.50
C ARG P 43 101.05 42.40 37.30
N ARG P 44 100.05 42.49 36.43
CA ARG P 44 100.18 43.27 35.21
C ARG P 44 100.31 44.76 35.52
N ILE P 45 99.44 45.28 36.38
CA ILE P 45 99.55 46.68 36.83
C ILE P 45 100.38 46.64 38.11
N ALA P 46 101.70 46.65 37.92
CA ALA P 46 102.59 46.17 38.98
C ALA P 46 102.56 47.03 40.24
N PRO P 47 102.81 48.35 40.20
CA PRO P 47 102.72 49.12 41.44
C PRO P 47 101.36 49.78 41.65
N ARG P 48 100.53 49.80 40.61
CA ARG P 48 99.23 50.44 40.71
C ARG P 48 98.32 49.62 41.62
N PRO P 49 97.37 50.26 42.29
CA PRO P 49 96.51 49.53 43.23
C PRO P 49 95.75 48.40 42.54
N ALA P 50 95.64 47.28 43.24
CA ALA P 50 95.07 46.08 42.64
C ALA P 50 93.57 46.25 42.37
N SER P 51 92.84 46.82 43.32
CA SER P 51 91.40 46.91 43.17
C SER P 51 90.99 47.88 42.07
N GLY P 52 91.78 48.91 41.82
CA GLY P 52 91.53 49.77 40.70
C GLY P 52 91.52 51.24 41.08
N PRO P 53 90.75 52.03 40.35
CA PRO P 53 90.68 53.46 40.64
C PRO P 53 89.99 53.75 41.96
N ILE P 54 90.32 54.90 42.53
CA ILE P 54 89.64 55.38 43.72
C ILE P 54 88.24 55.81 43.35
N ARG P 55 87.27 55.37 44.12
CA ARG P 55 85.88 55.71 43.89
C ARG P 55 85.44 56.81 44.86
N PRO P 56 84.43 57.59 44.50
CA PRO P 56 84.00 58.68 45.39
C PRO P 56 83.10 58.16 46.51
N ILE P 57 82.85 59.06 47.44
CA ILE P 57 81.86 58.85 48.49
C ILE P 57 80.49 59.20 47.94
N VAL P 58 79.54 58.29 48.11
CA VAL P 58 78.21 58.42 47.51
C VAL P 58 77.18 57.96 48.53
N ARG P 59 76.08 58.70 48.63
CA ARG P 59 75.00 58.34 49.53
C ARG P 59 73.95 57.53 48.78
N CYS P 60 73.48 56.46 49.42
CA CYS P 60 72.54 55.56 48.76
C CYS P 60 71.19 56.26 48.57
N PRO P 61 70.51 56.01 47.47
CA PRO P 61 69.38 56.86 47.08
C PRO P 61 68.16 56.88 48.00
N THR P 62 67.49 55.76 48.22
CA THR P 62 66.10 55.84 48.66
C THR P 62 66.00 56.13 50.16
N VAL P 63 64.78 56.12 50.69
CA VAL P 63 64.61 56.48 52.09
C VAL P 63 65.01 55.34 53.00
N ARG P 64 65.22 54.15 52.45
CA ARG P 64 65.63 53.00 53.24
C ARG P 64 67.13 52.98 53.48
N TYR P 65 67.92 53.48 52.54
CA TYR P 65 69.37 53.38 52.63
C TYR P 65 70.08 54.72 52.69
N HIS P 66 69.37 55.84 52.78
CA HIS P 66 70.05 57.11 52.68
C HIS P 66 70.83 57.47 53.94
N THR P 67 70.73 56.69 55.00
CA THR P 67 71.60 56.86 56.15
C THR P 67 72.95 56.21 55.95
N LYS P 68 73.16 55.54 54.82
CA LYS P 68 74.35 54.75 54.55
C LYS P 68 75.12 55.37 53.40
N VAL P 69 76.43 55.17 53.41
CA VAL P 69 77.34 55.72 52.40
C VAL P 69 78.15 54.59 51.79
N ARG P 70 78.26 54.60 50.47
CA ARG P 70 79.00 53.57 49.75
C ARG P 70 79.91 54.24 48.72
N ALA P 71 80.58 53.43 47.91
CA ALA P 71 81.44 53.94 46.86
C ALA P 71 80.66 54.14 45.58
N GLY P 72 80.94 55.23 44.89
CA GLY P 72 80.24 55.58 43.66
C GLY P 72 80.96 55.10 42.43
N ARG P 73 80.40 55.47 41.27
CA ARG P 73 81.02 55.12 40.01
C ARG P 73 82.27 55.96 39.74
N GLY P 74 82.20 57.26 40.00
CA GLY P 74 83.33 58.10 39.69
C GLY P 74 83.11 59.49 40.21
N PHE P 75 84.21 60.24 40.28
CA PHE P 75 84.15 61.61 40.77
C PHE P 75 83.49 62.52 39.73
N SER P 76 82.67 63.43 40.20
CA SER P 76 81.96 64.32 39.29
C SER P 76 82.90 65.36 38.70
N LEU P 77 82.46 65.95 37.60
CA LEU P 77 83.23 66.99 36.94
C LEU P 77 83.36 68.22 37.80
N GLU P 78 82.32 68.57 38.56
CA GLU P 78 82.42 69.70 39.48
C GLU P 78 83.44 69.42 40.57
N GLU P 79 83.45 68.18 41.10
CA GLU P 79 84.43 67.80 42.10
C GLU P 79 85.85 67.93 41.56
N LEU P 80 86.07 67.41 40.35
CA LEU P 80 87.40 67.51 39.75
C LEU P 80 87.77 68.96 39.45
N ARG P 81 86.80 69.77 39.05
CA ARG P 81 87.07 71.18 38.76
C ARG P 81 87.52 71.91 40.00
N VAL P 82 86.81 71.75 41.11
CA VAL P 82 87.18 72.50 42.31
C VAL P 82 88.29 71.82 43.09
N ALA P 83 88.69 70.61 42.69
CA ALA P 83 89.91 70.02 43.21
C ALA P 83 91.13 70.33 42.35
N GLY P 84 90.93 70.81 41.13
CA GLY P 84 92.05 71.20 40.30
C GLY P 84 92.70 70.09 39.51
N ILE P 85 91.96 69.08 39.12
CA ILE P 85 92.47 67.97 38.32
C ILE P 85 91.72 67.96 37.00
N HIS P 86 92.46 67.88 35.89
CA HIS P 86 91.82 67.82 34.59
C HIS P 86 91.08 66.51 34.43
N LYS P 87 89.92 66.57 33.77
CA LYS P 87 89.06 65.40 33.68
C LYS P 87 89.66 64.34 32.78
N LYS P 88 90.52 64.73 31.85
CA LYS P 88 91.19 63.76 31.00
C LYS P 88 92.52 63.30 31.57
N VAL P 89 93.02 63.97 32.60
CA VAL P 89 94.25 63.58 33.25
C VAL P 89 93.99 62.68 34.44
N ALA P 90 92.82 62.81 35.07
CA ALA P 90 92.52 62.01 36.25
C ALA P 90 92.51 60.52 35.94
N ARG P 91 91.95 60.14 34.80
CA ARG P 91 91.85 58.73 34.47
C ARG P 91 93.20 58.08 34.21
N THR P 92 94.24 58.86 33.98
CA THR P 92 95.58 58.30 33.82
C THR P 92 96.30 58.12 35.14
N ILE P 93 96.01 58.95 36.13
CA ILE P 93 96.59 58.79 37.46
C ILE P 93 95.66 57.98 38.36
N GLY P 94 94.60 57.42 37.82
CA GLY P 94 93.84 56.42 38.55
C GLY P 94 92.67 56.95 39.33
N ILE P 95 92.13 58.09 38.93
CA ILE P 95 90.93 58.64 39.52
C ILE P 95 89.77 58.34 38.59
N SER P 96 88.79 57.59 39.07
CA SER P 96 87.59 57.36 38.28
C SER P 96 86.77 58.64 38.21
N VAL P 97 86.14 58.87 37.07
CA VAL P 97 85.36 60.08 36.87
C VAL P 97 84.03 59.72 36.20
N ASP P 98 82.95 60.23 36.76
CA ASP P 98 81.58 60.03 36.28
C ASP P 98 81.07 61.34 35.71
N PRO P 99 81.04 61.49 34.39
CA PRO P 99 80.60 62.76 33.81
C PRO P 99 79.11 63.02 33.94
N ARG P 100 78.31 62.01 34.26
CA ARG P 100 76.87 62.20 34.30
C ARG P 100 76.32 62.43 35.70
N ARG P 101 77.16 62.40 36.73
CA ARG P 101 76.71 62.64 38.10
C ARG P 101 76.86 64.10 38.46
N ARG P 102 75.77 64.71 38.93
CA ARG P 102 75.81 66.09 39.41
C ARG P 102 75.89 66.10 40.93
N ASN P 103 76.17 67.28 41.47
CA ASN P 103 76.24 67.48 42.91
C ASN P 103 75.10 68.41 43.33
N LYS P 104 74.19 67.89 44.14
CA LYS P 104 73.04 68.68 44.54
C LYS P 104 73.30 69.52 45.79
N SER P 105 74.28 69.14 46.61
CA SER P 105 74.59 69.89 47.81
C SER P 105 76.09 70.07 47.91
N THR P 106 76.49 70.96 48.82
CA THR P 106 77.90 71.28 48.98
C THR P 106 78.63 70.37 49.95
N GLU P 107 77.92 69.71 50.87
CA GLU P 107 78.60 68.84 51.81
C GLU P 107 79.19 67.61 51.12
N SER P 108 78.41 66.98 50.23
CA SER P 108 78.95 65.85 49.47
C SER P 108 80.07 66.29 48.56
N LEU P 109 79.91 67.47 47.94
CA LEU P 109 80.96 68.03 47.09
C LEU P 109 82.25 68.24 47.88
N GLN P 110 82.16 68.83 49.06
CA GLN P 110 83.35 69.10 49.85
C GLN P 110 83.98 67.82 50.38
N ALA P 111 83.16 66.86 50.80
CA ALA P 111 83.72 65.57 51.22
C ALA P 111 84.48 64.90 50.10
N ASN P 112 83.96 64.94 48.89
CA ASN P 112 84.64 64.30 47.79
C ASN P 112 85.87 65.08 47.31
N VAL P 113 85.89 66.41 47.44
CA VAL P 113 87.12 67.09 47.09
C VAL P 113 88.18 66.87 48.16
N GLN P 114 87.80 66.74 49.42
CA GLN P 114 88.79 66.37 50.43
C GLN P 114 89.33 64.98 50.17
N ARG P 115 88.47 64.06 49.73
CA ARG P 115 88.91 62.74 49.33
C ARG P 115 89.91 62.81 48.18
N LEU P 116 89.61 63.62 47.16
CA LEU P 116 90.52 63.76 46.03
C LEU P 116 91.84 64.36 46.44
N LYS P 117 91.83 65.37 47.30
CA LYS P 117 93.07 65.98 47.75
C LYS P 117 93.91 65.02 48.57
N GLU P 118 93.27 64.24 49.44
CA GLU P 118 94.01 63.26 50.23
C GLU P 118 94.62 62.18 49.35
N TYR P 119 93.86 61.71 48.36
CA TYR P 119 94.42 60.74 47.42
C TYR P 119 95.59 61.33 46.65
N ARG P 120 95.46 62.57 46.20
CA ARG P 120 96.52 63.22 45.44
C ARG P 120 97.78 63.39 46.29
N SER P 121 97.61 63.63 47.59
CA SER P 121 98.76 63.65 48.47
C SER P 121 99.36 62.27 48.66
N LYS P 122 98.53 61.23 48.68
CA LYS P 122 99.02 59.86 48.86
C LYS P 122 99.61 59.25 47.60
N LEU P 123 99.46 59.90 46.45
CA LEU P 123 99.93 59.33 45.19
C LEU P 123 101.45 59.41 45.06
N ILE P 124 102.04 58.35 44.51
CA ILE P 124 103.43 58.32 44.10
C ILE P 124 103.46 58.19 42.59
N LEU P 125 103.80 59.27 41.89
CA LEU P 125 103.78 59.30 40.44
C LEU P 125 105.17 58.99 39.90
N PHE P 126 105.31 57.86 39.25
CA PHE P 126 106.57 57.50 38.64
C PHE P 126 106.84 58.38 37.42
N PRO P 127 108.08 58.75 37.16
CA PRO P 127 108.39 59.48 35.93
C PRO P 127 108.12 58.63 34.70
N ARG P 128 107.77 59.29 33.61
CA ARG P 128 107.46 58.57 32.37
C ARG P 128 108.69 57.82 31.86
N LYS P 129 109.85 58.47 31.86
CA LYS P 129 111.11 57.83 31.56
C LYS P 129 111.89 57.72 32.86
N PRO P 130 112.21 56.52 33.36
CA PRO P 130 112.80 56.40 34.70
C PRO P 130 114.13 57.12 34.85
N SER P 131 114.92 57.22 33.78
CA SER P 131 116.19 57.94 33.87
C SER P 131 115.97 59.42 34.14
N ALA P 132 114.99 60.03 33.49
CA ALA P 132 114.78 61.47 33.58
C ALA P 132 113.46 61.77 34.26
N PRO P 133 113.47 62.22 35.51
CA PRO P 133 112.22 62.67 36.14
C PRO P 133 111.90 64.11 35.81
N LYS P 134 110.76 64.35 35.16
CA LYS P 134 110.40 65.71 34.82
C LYS P 134 109.70 66.40 36.00
N LYS P 135 108.52 65.91 36.37
CA LYS P 135 107.81 66.46 37.52
C LYS P 135 107.09 65.39 38.34
N GLY P 136 107.48 64.12 38.20
CA GLY P 136 106.74 63.05 38.85
C GLY P 136 106.91 63.00 40.35
N ASP P 137 108.07 62.55 40.81
CA ASP P 137 108.31 62.37 42.24
C ASP P 137 109.79 62.16 42.50
N SER P 138 110.15 62.19 43.78
CA SER P 138 111.53 61.97 44.18
C SER P 138 111.83 60.49 44.17
N SER P 139 112.97 60.14 43.57
CA SER P 139 113.39 58.74 43.51
C SER P 139 113.62 58.16 44.89
N ALA P 140 113.99 58.99 45.86
CA ALA P 140 114.23 58.51 47.22
C ALA P 140 112.98 57.87 47.80
N GLU P 141 111.83 58.52 47.64
CA GLU P 141 110.60 57.93 48.16
C GLU P 141 109.95 56.94 47.20
N GLU P 142 110.13 57.11 45.89
CA GLU P 142 109.48 56.17 44.98
C GLU P 142 110.24 54.85 44.87
N LEU P 143 111.50 54.80 45.31
CA LEU P 143 112.23 53.54 45.23
C LEU P 143 111.77 52.58 46.30
N LYS P 144 111.50 53.09 47.50
CA LYS P 144 111.14 52.23 48.62
C LYS P 144 109.64 52.22 48.87
N LEU P 145 109.00 53.39 48.89
CA LEU P 145 107.64 53.51 49.35
C LEU P 145 106.61 53.03 48.34
N ALA P 146 107.04 52.66 47.13
CA ALA P 146 106.11 52.25 46.09
C ALA P 146 105.84 50.76 46.24
N THR P 147 104.62 50.42 46.65
CA THR P 147 104.17 49.04 46.72
C THR P 147 102.72 48.98 46.31
N GLN P 148 102.26 47.80 45.93
CA GLN P 148 100.92 47.64 45.40
C GLN P 148 99.92 47.57 46.55
N LEU P 149 99.03 48.55 46.62
CA LEU P 149 98.01 48.55 47.66
C LEU P 149 96.96 47.49 47.36
N THR P 150 96.60 46.72 48.38
CA THR P 150 95.57 45.71 48.26
C THR P 150 94.28 46.22 48.87
N GLY P 151 93.16 45.81 48.30
CA GLY P 151 91.87 46.27 48.75
C GLY P 151 91.51 47.57 48.09
N PRO P 152 90.30 48.06 48.33
CA PRO P 152 89.89 49.34 47.75
C PRO P 152 90.75 50.48 48.26
N VAL P 153 90.93 51.49 47.40
CA VAL P 153 91.76 52.64 47.71
C VAL P 153 90.97 53.55 48.63
N MET P 154 91.46 53.72 49.87
CA MET P 154 90.81 54.51 50.90
C MET P 154 89.36 54.06 51.04
N PRO P 155 89.12 52.88 51.60
CA PRO P 155 87.77 52.31 51.57
C PRO P 155 86.75 53.21 52.27
N VAL P 156 85.57 53.29 51.65
CA VAL P 156 84.51 54.16 52.15
C VAL P 156 83.94 53.58 53.44
N ARG P 157 83.98 54.37 54.51
CA ARG P 157 83.50 53.94 55.81
C ARG P 157 82.33 54.82 56.21
N ASN P 158 81.40 54.24 56.96
CA ASN P 158 80.27 54.99 57.50
C ASN P 158 80.68 55.57 58.85
N VAL P 159 80.67 56.89 58.94
CA VAL P 159 81.10 57.62 60.13
C VAL P 159 79.87 58.00 60.93
N TYR P 160 79.92 57.78 62.23
CA TYR P 160 78.85 58.14 63.15
C TYR P 160 79.37 59.15 64.15
N LYS P 161 78.76 60.32 64.19
CA LYS P 161 79.16 61.34 65.15
C LYS P 161 78.75 60.90 66.55
N LYS P 162 79.68 60.97 67.48
CA LYS P 162 79.40 60.55 68.85
C LYS P 162 78.66 61.65 69.58
N GLU P 163 77.53 61.29 70.18
CA GLU P 163 76.67 62.24 70.89
C GLU P 163 76.95 62.14 72.39
N LYS P 164 77.56 63.17 72.93
CA LYS P 164 77.85 63.23 74.36
C LYS P 164 76.59 63.51 75.15
N ALA P 165 76.46 62.85 76.31
CA ALA P 165 75.29 63.04 77.17
C ALA P 165 75.23 64.48 77.67
N ARG P 166 74.03 65.06 77.62
CA ARG P 166 73.84 66.45 77.99
C ARG P 166 72.59 66.58 78.84
N VAL P 167 72.50 67.70 79.56
CA VAL P 167 71.35 67.97 80.40
C VAL P 167 70.16 68.34 79.53
N ILE P 168 69.02 67.71 79.78
CA ILE P 168 67.82 67.95 78.99
C ILE P 168 67.23 69.29 79.40
N THR P 169 67.00 70.15 78.43
CA THR P 169 66.42 71.46 78.71
C THR P 169 64.90 71.39 78.72
N GLU P 170 64.30 72.43 79.29
CA GLU P 170 62.85 72.46 79.44
C GLU P 170 62.15 72.57 78.10
N GLU P 171 62.76 73.23 77.12
CA GLU P 171 62.18 73.27 75.78
C GLU P 171 62.10 71.87 75.19
N GLU P 172 63.17 71.08 75.35
CA GLU P 172 63.14 69.71 74.87
C GLU P 172 62.09 68.90 75.60
N LYS P 173 61.96 69.10 76.92
CA LYS P 173 60.96 68.35 77.66
C LYS P 173 59.54 68.76 77.27
N ASN P 174 59.35 70.00 76.84
CA ASN P 174 58.02 70.47 76.48
C ASN P 174 57.68 70.23 75.02
N PHE P 175 58.64 69.84 74.19
CA PHE P 175 58.35 69.54 72.79
C PHE P 175 57.45 68.31 72.69
N LYS P 176 56.41 68.40 71.86
CA LYS P 176 55.44 67.32 71.68
C LYS P 176 55.69 66.66 70.33
N ALA P 177 56.42 65.55 70.36
CA ALA P 177 56.86 64.92 69.11
C ALA P 177 55.69 64.33 68.33
N PHE P 178 54.81 63.60 69.01
CA PHE P 178 53.70 62.97 68.31
C PHE P 178 52.74 64.00 67.75
N ALA P 179 52.42 65.02 68.53
CA ALA P 179 51.53 66.07 68.05
C ALA P 179 52.16 66.84 66.89
N SER P 180 53.46 67.09 66.96
CA SER P 180 54.15 67.74 65.85
C SER P 180 54.06 66.91 64.59
N LEU P 181 54.26 65.59 64.69
CA LEU P 181 54.17 64.75 63.52
C LEU P 181 52.75 64.72 62.94
N ARG P 182 51.74 64.60 63.81
CA ARG P 182 50.37 64.55 63.33
C ARG P 182 49.96 65.87 62.68
N MET P 183 50.34 66.99 63.28
CA MET P 183 49.99 68.28 62.71
C MET P 183 50.76 68.54 61.42
N ALA P 184 52.01 68.08 61.33
CA ALA P 184 52.75 68.22 60.08
C ALA P 184 52.10 67.43 58.96
N ARG P 185 51.68 66.20 59.26
CA ARG P 185 51.00 65.40 58.26
C ARG P 185 49.72 66.07 57.80
N ALA P 186 48.95 66.61 58.75
CA ALA P 186 47.72 67.30 58.38
C ALA P 186 47.99 68.54 57.54
N ASN P 187 49.01 69.30 57.90
CA ASN P 187 49.32 70.52 57.15
C ASN P 187 49.75 70.20 55.72
N ALA P 188 50.59 69.18 55.55
CA ALA P 188 50.99 68.80 54.21
C ALA P 188 49.81 68.25 53.42
N ARG P 189 48.87 67.59 54.09
CA ARG P 189 47.73 67.04 53.38
C ARG P 189 46.76 68.14 52.95
N LEU P 190 46.57 69.15 53.78
CA LEU P 190 45.56 70.17 53.55
C LEU P 190 46.13 71.48 53.04
N PHE P 191 47.40 71.52 52.64
CA PHE P 191 47.99 72.77 52.19
C PHE P 191 47.30 73.31 50.94
N GLY P 192 47.05 72.45 49.95
CA GLY P 192 46.50 72.93 48.69
C GLY P 192 45.06 73.37 48.79
N ILE P 193 44.22 72.58 49.46
CA ILE P 193 42.81 72.92 49.57
C ILE P 193 42.61 74.18 50.42
N ARG P 194 43.49 74.39 51.41
CA ARG P 194 43.42 75.63 52.19
C ARG P 194 43.72 76.83 51.32
N ALA P 195 44.72 76.71 50.43
CA ALA P 195 45.04 77.81 49.52
C ALA P 195 43.89 78.09 48.58
N LYS P 196 43.25 77.03 48.06
CA LYS P 196 42.11 77.24 47.17
C LYS P 196 40.95 77.92 47.90
N ARG P 197 40.68 77.51 49.13
CA ARG P 197 39.60 78.15 49.88
C ARG P 197 39.95 79.59 50.23
N ALA P 198 41.23 79.89 50.46
CA ALA P 198 41.63 81.28 50.69
C ALA P 198 41.44 82.12 49.44
N LYS P 199 41.78 81.58 48.26
CA LYS P 199 41.55 82.31 47.02
C LYS P 199 40.06 82.56 46.81
N GLU P 200 39.24 81.55 47.06
CA GLU P 200 37.79 81.74 46.90
C GLU P 200 37.26 82.75 47.91
N ALA P 201 37.81 82.78 49.13
CA ALA P 201 37.41 83.79 50.09
C ALA P 201 37.83 85.18 49.65
N ALA P 202 38.98 85.31 48.98
CA ALA P 202 39.35 86.60 48.41
C ALA P 202 38.36 87.05 47.36
N GLU P 203 37.94 86.13 46.48
CA GLU P 203 36.93 86.48 45.50
C GLU P 203 35.61 86.87 46.16
N GLN P 204 35.22 86.15 47.21
CA GLN P 204 34.01 86.50 47.94
C GLN P 204 34.12 87.87 48.60
N ASP P 205 35.30 88.18 49.15
CA ASP P 205 35.50 89.47 49.79
C ASP P 205 35.37 90.62 48.78
N VAL P 206 35.99 90.47 47.61
CA VAL P 206 35.93 91.55 46.64
C VAL P 206 34.50 91.69 46.08
N GLU P 207 33.81 90.57 45.84
CA GLU P 207 32.45 90.69 45.31
C GLU P 207 31.49 91.22 46.36
N LYS P 208 31.76 90.97 47.65
CA LYS P 208 30.91 91.50 48.70
C LYS P 208 31.11 93.00 48.86
N LYS P 209 32.35 93.46 48.85
CA LYS P 209 32.59 94.89 49.01
C LYS P 209 32.13 95.68 47.79
N LYS P 210 32.34 95.14 46.59
CA LYS P 210 31.95 95.84 45.37
C LYS P 210 30.44 95.98 45.26
N VAL Q 1 0.24 -74.37 75.74
CA VAL Q 1 1.66 -74.63 75.60
C VAL Q 1 2.40 -74.06 76.81
N PHE Q 2 1.85 -73.00 77.39
CA PHE Q 2 2.48 -72.33 78.51
C PHE Q 2 2.26 -73.10 79.80
N ARG Q 3 3.30 -73.18 80.61
CA ARG Q 3 3.23 -73.89 81.89
C ARG Q 3 3.48 -73.00 83.09
N ARG Q 4 4.04 -71.81 82.91
CA ARG Q 4 4.30 -70.88 83.99
C ARG Q 4 3.61 -69.57 83.69
N PHE Q 5 2.90 -69.04 84.68
CA PHE Q 5 2.12 -67.82 84.50
C PHE Q 5 2.47 -66.82 85.58
N VAL Q 6 2.36 -65.55 85.23
CA VAL Q 6 2.42 -64.48 86.22
C VAL Q 6 1.09 -64.47 86.95
N GLU Q 7 1.12 -64.74 88.25
CA GLU Q 7 -0.09 -64.78 89.05
C GLU Q 7 0.28 -64.48 90.49
N VAL Q 8 -0.73 -64.16 91.29
CA VAL Q 8 -0.49 -63.86 92.69
C VAL Q 8 0.02 -65.11 93.38
N GLY Q 9 1.21 -65.01 93.96
CA GLY Q 9 1.86 -66.13 94.60
C GLY Q 9 2.99 -66.74 93.81
N ARG Q 10 3.09 -66.44 92.52
CA ARG Q 10 4.14 -67.04 91.70
C ARG Q 10 5.49 -66.55 92.17
N VAL Q 11 6.41 -67.47 92.41
CA VAL Q 11 7.76 -67.13 92.81
C VAL Q 11 8.59 -66.91 91.56
N ALA Q 12 9.31 -65.80 91.53
CA ALA Q 12 10.13 -65.42 90.39
C ALA Q 12 11.56 -65.23 90.83
N TYR Q 13 12.49 -65.71 90.01
CA TYR Q 13 13.91 -65.48 90.22
C TYR Q 13 14.32 -64.21 89.50
N VAL Q 14 14.91 -63.27 90.24
CA VAL Q 14 15.31 -62.00 89.67
C VAL Q 14 16.66 -62.19 88.99
N SER Q 15 16.72 -61.93 87.70
CA SER Q 15 17.92 -62.24 86.94
C SER Q 15 18.90 -61.08 86.86
N PHE Q 16 18.42 -59.85 86.82
CA PHE Q 16 19.32 -58.71 86.84
C PHE Q 16 18.63 -57.56 87.58
N GLY Q 17 19.40 -56.49 87.79
CA GLY Q 17 18.92 -55.37 88.55
C GLY Q 17 19.54 -55.33 89.93
N PRO Q 18 19.05 -54.43 90.78
CA PRO Q 18 19.60 -54.34 92.13
C PRO Q 18 19.43 -55.60 92.95
N HIS Q 19 18.37 -56.36 92.72
CA HIS Q 19 18.10 -57.57 93.49
C HIS Q 19 18.38 -58.83 92.68
N ALA Q 20 19.40 -58.80 91.84
CA ALA Q 20 19.73 -59.95 91.01
C ALA Q 20 20.17 -61.12 91.87
N GLY Q 21 19.76 -62.32 91.47
CA GLY Q 21 20.11 -63.53 92.17
C GLY Q 21 19.18 -63.94 93.29
N LYS Q 22 18.13 -63.18 93.55
CA LYS Q 22 17.24 -63.49 94.65
C LYS Q 22 15.90 -64.01 94.15
N LEU Q 23 15.12 -64.54 95.08
CA LEU Q 23 13.78 -65.01 94.79
C LEU Q 23 12.78 -64.03 95.38
N VAL Q 24 11.67 -63.83 94.68
CA VAL Q 24 10.60 -62.97 95.13
C VAL Q 24 9.29 -63.67 94.86
N ALA Q 25 8.21 -63.14 95.44
CA ALA Q 25 6.88 -63.61 95.16
C ALA Q 25 6.07 -62.45 94.59
N ILE Q 26 5.25 -62.75 93.58
CA ILE Q 26 4.43 -61.73 92.96
C ILE Q 26 3.18 -61.53 93.80
N VAL Q 27 2.95 -60.28 94.22
CA VAL Q 27 1.85 -59.95 95.11
C VAL Q 27 0.69 -59.32 94.35
N ASP Q 28 0.98 -58.49 93.36
CA ASP Q 28 -0.04 -57.87 92.54
C ASP Q 28 0.55 -57.56 91.19
N VAL Q 29 -0.31 -57.18 90.26
CA VAL Q 29 0.09 -56.83 88.90
C VAL Q 29 -0.35 -55.41 88.62
N ILE Q 30 0.54 -54.65 88.00
CA ILE Q 30 0.23 -53.33 87.48
C ILE Q 30 0.65 -53.26 86.01
N ASP Q 31 -0.19 -52.61 85.20
CA ASP Q 31 0.08 -52.07 83.87
C ASP Q 31 0.89 -52.95 82.92
N GLN Q 32 0.81 -54.27 83.06
CA GLN Q 32 1.33 -55.30 82.14
C GLN Q 32 2.85 -55.30 82.05
N ASN Q 33 3.52 -54.33 82.65
CA ASN Q 33 4.97 -54.26 82.61
C ASN Q 33 5.61 -54.48 83.97
N ARG Q 34 4.87 -54.25 85.05
CA ARG Q 34 5.44 -54.30 86.38
C ARG Q 34 4.55 -55.13 87.29
N ALA Q 35 5.11 -55.54 88.41
CA ALA Q 35 4.36 -56.26 89.43
C ALA Q 35 4.77 -55.73 90.79
N LEU Q 36 3.80 -55.72 91.71
CA LEU Q 36 4.15 -55.59 93.12
C LEU Q 36 4.82 -56.88 93.57
N VAL Q 37 5.96 -56.75 94.22
CA VAL Q 37 6.88 -57.84 94.46
C VAL Q 37 7.36 -57.77 95.89
N ASP Q 38 7.42 -58.91 96.55
CA ASP Q 38 7.80 -58.96 97.95
C ASP Q 38 8.50 -60.29 98.24
N GLY Q 39 9.79 -60.24 98.50
CA GLY Q 39 10.45 -61.38 99.07
C GLY Q 39 10.79 -61.12 100.52
N PRO Q 40 9.96 -61.63 101.43
CA PRO Q 40 10.18 -61.35 102.86
C PRO Q 40 11.21 -62.25 103.50
N CYS Q 41 11.47 -63.42 102.93
CA CYS Q 41 12.49 -64.32 103.45
C CYS Q 41 13.75 -64.31 102.61
N THR Q 42 13.78 -63.54 101.53
CA THR Q 42 14.95 -63.47 100.65
C THR Q 42 15.53 -62.07 100.62
N GLN Q 43 15.13 -61.22 101.57
CA GLN Q 43 15.65 -59.87 101.71
C GLN Q 43 15.37 -59.03 100.46
N VAL Q 44 14.09 -58.90 100.14
CA VAL Q 44 13.60 -57.99 99.11
C VAL Q 44 12.33 -57.35 99.66
N ARG Q 45 12.41 -56.10 100.04
CA ARG Q 45 11.22 -55.45 100.56
C ARG Q 45 10.24 -55.20 99.41
N ARG Q 46 8.99 -54.96 99.78
CA ARG Q 46 7.94 -54.81 98.79
C ARG Q 46 8.20 -53.61 97.89
N GLN Q 47 8.07 -53.81 96.59
CA GLN Q 47 8.34 -52.76 95.61
C GLN Q 47 7.86 -53.20 94.24
N ALA Q 48 7.76 -52.24 93.34
CA ALA Q 48 7.45 -52.55 91.95
C ALA Q 48 8.66 -53.15 91.26
N MET Q 49 8.40 -54.07 90.33
CA MET Q 49 9.48 -54.70 89.62
C MET Q 49 9.05 -55.05 88.21
N PRO Q 50 9.81 -54.67 87.20
CA PRO Q 50 9.44 -55.02 85.82
C PRO Q 50 9.51 -56.52 85.59
N PHE Q 51 8.63 -57.00 84.70
CA PHE Q 51 8.64 -58.41 84.35
C PHE Q 51 9.86 -58.80 83.55
N LYS Q 52 10.59 -57.82 83.01
CA LYS Q 52 11.73 -58.13 82.16
C LYS Q 52 12.87 -58.74 82.95
N CYS Q 53 13.02 -58.39 84.22
CA CYS Q 53 14.08 -58.93 85.05
C CYS Q 53 13.63 -60.15 85.85
N MET Q 54 12.42 -60.65 85.61
CA MET Q 54 11.93 -61.83 86.31
C MET Q 54 12.06 -63.06 85.44
N GLN Q 55 12.29 -64.19 86.09
CA GLN Q 55 12.26 -65.50 85.44
C GLN Q 55 11.39 -66.39 86.32
N LEU Q 56 10.20 -66.73 85.84
CA LEU Q 56 9.23 -67.45 86.66
C LEU Q 56 9.74 -68.84 87.00
N THR Q 57 9.59 -69.22 88.27
CA THR Q 57 9.93 -70.55 88.72
C THR Q 57 8.68 -71.42 88.72
N ASP Q 58 8.78 -72.61 89.30
CA ASP Q 58 7.67 -73.53 89.33
C ASP Q 58 6.86 -73.46 90.62
N PHE Q 59 7.24 -72.61 91.56
CA PHE Q 59 6.58 -72.53 92.85
C PHE Q 59 5.48 -71.47 92.83
N ILE Q 60 4.33 -71.80 93.43
CA ILE Q 60 3.23 -70.87 93.58
C ILE Q 60 2.78 -70.92 95.03
N LEU Q 61 2.82 -69.77 95.70
CA LEU Q 61 2.30 -69.65 97.04
C LEU Q 61 0.81 -69.36 96.99
N LYS Q 62 0.16 -69.47 98.14
CA LYS Q 62 -1.27 -69.21 98.27
C LYS Q 62 -1.47 -68.06 99.24
N PHE Q 63 -1.73 -66.88 98.72
CA PHE Q 63 -2.19 -65.75 99.52
C PHE Q 63 -2.99 -64.83 98.61
N PRO Q 64 -3.92 -64.05 99.17
CA PRO Q 64 -4.67 -63.10 98.35
C PRO Q 64 -3.80 -61.96 97.88
N HIS Q 65 -4.26 -61.28 96.82
CA HIS Q 65 -3.47 -60.21 96.24
C HIS Q 65 -3.41 -59.02 97.18
N SER Q 66 -2.23 -58.38 97.24
CA SER Q 66 -1.95 -57.24 98.11
C SER Q 66 -2.19 -57.56 99.57
N ALA Q 67 -2.04 -58.83 99.95
CA ALA Q 67 -1.99 -59.16 101.37
C ALA Q 67 -0.69 -58.65 101.96
N HIS Q 68 -0.68 -58.51 103.28
CA HIS Q 68 0.48 -57.92 103.93
C HIS Q 68 1.67 -58.88 103.92
N GLN Q 69 2.84 -58.30 104.19
CA GLN Q 69 4.09 -59.04 104.18
C GLN Q 69 4.10 -60.15 105.22
N LYS Q 70 3.37 -59.97 106.32
CA LYS Q 70 3.27 -61.03 107.32
C LYS Q 70 2.66 -62.28 106.71
N TYR Q 71 1.58 -62.14 105.95
CA TYR Q 71 0.95 -63.29 105.33
C TYR Q 71 1.77 -63.84 104.18
N VAL Q 72 2.44 -62.97 103.41
CA VAL Q 72 3.32 -63.47 102.37
C VAL Q 72 4.46 -64.29 102.98
N ARG Q 73 5.01 -63.83 104.10
CA ARG Q 73 6.09 -64.54 104.76
C ARG Q 73 5.62 -65.85 105.37
N GLN Q 74 4.40 -65.86 105.92
CA GLN Q 74 3.86 -67.12 106.44
C GLN Q 74 3.69 -68.13 105.31
N ALA Q 75 3.17 -67.69 104.17
CA ALA Q 75 3.03 -68.58 103.03
C ALA Q 75 4.38 -69.02 102.49
N TRP Q 76 5.40 -68.17 102.62
CA TRP Q 76 6.73 -68.57 102.16
C TRP Q 76 7.35 -69.61 103.08
N GLN Q 77 7.20 -69.43 104.39
CA GLN Q 77 7.81 -70.35 105.34
C GLN Q 77 7.08 -71.68 105.38
N LYS Q 78 5.76 -71.65 105.42
CA LYS Q 78 4.99 -72.87 105.22
C LYS Q 78 5.22 -73.35 103.80
N ALA Q 79 5.58 -74.61 103.64
CA ALA Q 79 6.11 -75.13 102.38
C ALA Q 79 7.29 -74.28 101.92
N ASP Q 80 8.36 -74.38 102.71
CA ASP Q 80 9.47 -73.44 102.63
C ASP Q 80 10.13 -73.41 101.26
N ILE Q 81 9.97 -72.27 100.58
CA ILE Q 81 10.50 -72.09 99.24
C ILE Q 81 12.02 -72.06 99.23
N ASN Q 82 12.66 -71.70 100.34
CA ASN Q 82 14.12 -71.65 100.35
C ASN Q 82 14.73 -73.02 100.12
N THR Q 83 14.30 -74.02 100.89
CA THR Q 83 14.83 -75.37 100.75
C THR Q 83 14.39 -76.02 99.44
N LYS Q 84 13.12 -75.88 99.08
CA LYS Q 84 12.64 -76.43 97.81
C LYS Q 84 13.43 -75.85 96.66
N TRP Q 85 13.68 -74.55 96.68
CA TRP Q 85 14.44 -73.90 95.61
C TRP Q 85 15.86 -74.41 95.58
N ALA Q 86 16.52 -74.50 96.74
CA ALA Q 86 17.89 -74.99 96.76
C ALA Q 86 17.99 -76.41 96.21
N ALA Q 87 16.92 -77.19 96.33
CA ALA Q 87 16.95 -78.56 95.81
C ALA Q 87 16.79 -78.66 94.31
N THR Q 88 16.36 -77.60 93.61
CA THR Q 88 16.08 -77.71 92.19
C THR Q 88 17.36 -77.70 91.36
N ARG Q 89 17.26 -78.25 90.15
CA ARG Q 89 18.39 -78.26 89.23
C ARG Q 89 18.82 -76.85 88.85
N TRP Q 90 17.86 -75.93 88.80
CA TRP Q 90 18.15 -74.53 88.48
C TRP Q 90 19.12 -73.93 89.50
N ALA Q 91 18.81 -74.09 90.79
CA ALA Q 91 19.62 -73.47 91.82
C ALA Q 91 21.02 -74.05 91.87
N LYS Q 92 21.16 -75.36 91.68
CA LYS Q 92 22.50 -75.91 91.72
C LYS Q 92 23.29 -75.64 90.46
N LYS Q 93 22.63 -75.39 89.32
CA LYS Q 93 23.37 -74.86 88.18
C LYS Q 93 23.90 -73.46 88.49
N ILE Q 94 23.09 -72.64 89.15
CA ILE Q 94 23.55 -71.31 89.57
C ILE Q 94 24.73 -71.43 90.53
N GLU Q 95 24.63 -72.33 91.50
CA GLU Q 95 25.68 -72.56 92.47
C GLU Q 95 26.96 -73.06 91.81
N ALA Q 96 26.85 -73.97 90.85
CA ALA Q 96 28.02 -74.44 90.12
C ALA Q 96 28.68 -73.31 89.36
N ARG Q 97 27.89 -72.46 88.72
CA ARG Q 97 28.47 -71.30 88.03
C ARG Q 97 29.22 -70.41 89.00
N GLU Q 98 28.64 -70.15 90.17
CA GLU Q 98 29.29 -69.26 91.13
C GLU Q 98 30.60 -69.83 91.64
N ARG Q 99 30.60 -71.12 92.01
CA ARG Q 99 31.81 -71.69 92.55
C ARG Q 99 32.84 -72.01 91.48
N LYS Q 100 32.44 -72.07 90.21
CA LYS Q 100 33.42 -72.10 89.14
C LYS Q 100 34.03 -70.73 88.91
N ALA Q 101 33.24 -69.67 89.05
CA ALA Q 101 33.78 -68.33 88.92
C ALA Q 101 34.78 -68.01 90.02
N LYS Q 102 34.53 -68.44 91.24
CA LYS Q 102 35.46 -68.16 92.32
C LYS Q 102 36.60 -69.17 92.42
N MET Q 103 36.86 -69.93 91.35
CA MET Q 103 37.95 -70.90 91.36
C MET Q 103 39.29 -70.19 91.31
N THR Q 104 40.24 -70.66 92.14
CA THR Q 104 41.56 -70.06 92.20
C THR Q 104 42.51 -70.75 91.24
N ASP Q 105 43.75 -70.28 91.20
CA ASP Q 105 44.75 -70.88 90.33
C ASP Q 105 45.08 -72.30 90.75
N PHE Q 106 45.25 -72.53 92.05
CA PHE Q 106 45.52 -73.86 92.55
C PHE Q 106 44.35 -74.80 92.29
N ASP Q 107 43.12 -74.31 92.51
CA ASP Q 107 41.95 -75.12 92.23
C ASP Q 107 41.83 -75.43 90.75
N ARG Q 108 42.18 -74.47 89.89
CA ARG Q 108 42.19 -74.72 88.45
C ARG Q 108 43.20 -75.81 88.09
N PHE Q 109 44.37 -75.78 88.72
CA PHE Q 109 45.37 -76.81 88.47
C PHE Q 109 44.88 -78.19 88.90
N LYS Q 110 44.28 -78.27 90.09
CA LYS Q 110 43.77 -79.55 90.58
C LYS Q 110 42.63 -80.06 89.73
N VAL Q 111 41.76 -79.15 89.27
CA VAL Q 111 40.68 -79.52 88.37
C VAL Q 111 41.24 -80.05 87.06
N MET Q 112 42.29 -79.42 86.55
CA MET Q 112 42.91 -79.90 85.32
C MET Q 112 43.45 -81.31 85.49
N LYS Q 113 44.11 -81.59 86.60
CA LYS Q 113 44.62 -82.94 86.84
C LYS Q 113 43.49 -83.96 86.96
N ALA Q 114 42.46 -83.64 87.74
CA ALA Q 114 41.36 -84.57 87.93
C ALA Q 114 40.61 -84.82 86.63
N LYS Q 115 40.38 -83.78 85.84
CA LYS Q 115 39.73 -83.92 84.55
C LYS Q 115 40.57 -84.75 83.60
N LYS Q 116 41.89 -84.56 83.62
CA LYS Q 116 42.79 -85.37 82.82
C LYS Q 116 42.59 -86.85 83.12
N MET Q 117 42.66 -87.23 84.40
CA MET Q 117 42.53 -88.63 84.73
C MET Q 117 41.14 -89.17 84.41
N ARG Q 118 40.11 -88.40 84.73
CA ARG Q 118 38.73 -88.82 84.48
C ARG Q 118 38.50 -89.05 83.00
N ASN Q 119 38.96 -88.14 82.15
CA ASN Q 119 38.75 -88.28 80.72
C ASN Q 119 39.52 -89.45 80.15
N ARG Q 120 40.74 -89.70 80.64
CA ARG Q 120 41.48 -90.85 80.13
C ARG Q 120 40.78 -92.15 80.48
N ILE Q 121 40.28 -92.27 81.71
CA ILE Q 121 39.56 -93.48 82.08
C ILE Q 121 38.29 -93.65 81.26
N ILE Q 122 37.53 -92.56 81.09
CA ILE Q 122 36.27 -92.65 80.36
C ILE Q 122 36.51 -93.03 78.91
N LYS Q 123 37.53 -92.43 78.27
CA LYS Q 123 37.78 -92.77 76.88
C LYS Q 123 38.36 -94.17 76.72
N ASN Q 124 39.09 -94.67 77.72
CA ASN Q 124 39.51 -96.08 77.66
C ASN Q 124 38.30 -97.00 77.71
N GLU Q 125 37.35 -96.72 78.59
CA GLU Q 125 36.15 -97.54 78.64
C GLU Q 125 35.32 -97.39 77.36
N VAL Q 126 35.32 -96.21 76.76
CA VAL Q 126 34.62 -96.02 75.49
C VAL Q 126 35.23 -96.87 74.39
N LYS Q 127 36.57 -96.89 74.32
CA LYS Q 127 37.22 -97.76 73.35
C LYS Q 127 36.92 -99.22 73.61
N LYS Q 128 36.87 -99.62 74.88
CA LYS Q 128 36.50 -100.99 75.20
C LYS Q 128 35.10 -101.32 74.70
N LEU Q 129 34.15 -100.40 74.93
CA LEU Q 129 32.78 -100.66 74.49
C LEU Q 129 32.68 -100.72 72.97
N GLN Q 130 33.40 -99.84 72.27
CA GLN Q 130 33.37 -99.88 70.81
C GLN Q 130 33.95 -101.19 70.28
N LYS Q 131 35.08 -101.62 70.84
CA LYS Q 131 35.68 -102.87 70.39
C LYS Q 131 34.78 -104.05 70.69
N ALA Q 132 34.13 -104.05 71.86
CA ALA Q 132 33.22 -105.15 72.19
C ALA Q 132 32.02 -105.17 71.26
N ALA Q 133 31.46 -104.00 70.94
CA ALA Q 133 30.32 -103.92 70.05
C ALA Q 133 30.69 -104.18 68.60
N LEU Q 134 31.97 -104.15 68.25
CA LEU Q 134 32.38 -104.46 66.89
C LEU Q 134 32.45 -105.95 66.59
N LEU Q 135 32.39 -106.81 67.60
CA LEU Q 135 32.34 -108.26 67.37
C LEU Q 135 30.92 -108.67 67.03
N LYS Q 136 30.54 -108.39 65.78
CA LYS Q 136 29.23 -108.74 65.24
C LYS Q 136 29.42 -109.69 64.07
N ALA Q 137 29.00 -110.94 64.24
CA ALA Q 137 28.94 -111.94 63.18
C ALA Q 137 27.56 -112.59 63.25
N SER Q 138 26.57 -111.96 62.61
CA SER Q 138 25.18 -112.40 62.70
C SER Q 138 24.52 -112.30 61.33
N PRO Q 139 23.56 -113.19 61.03
CA PRO Q 139 22.78 -113.11 59.79
C PRO Q 139 21.84 -111.92 59.78
N GLY R 1 76.37 75.44 4.72
CA GLY R 1 75.21 75.40 5.60
C GLY R 1 73.96 74.95 4.90
N ALA R 2 74.12 74.32 3.73
CA ALA R 2 72.96 73.95 2.93
C ALA R 2 72.27 72.71 3.48
N TYR R 3 72.98 71.88 4.25
CA TYR R 3 72.35 70.69 4.80
C TYR R 3 71.27 71.04 5.80
N LYS R 4 71.45 72.11 6.57
CA LYS R 4 70.41 72.55 7.48
C LYS R 4 69.14 72.91 6.71
N TYR R 5 69.28 73.62 5.60
CA TYR R 5 68.13 73.95 4.76
C TYR R 5 67.50 72.70 4.18
N ILE R 6 68.31 71.75 3.73
CA ILE R 6 67.74 70.56 3.12
C ILE R 6 66.97 69.73 4.14
N GLN R 7 67.47 69.62 5.38
CA GLN R 7 66.69 68.86 6.35
C GLN R 7 65.44 69.61 6.80
N GLU R 8 65.52 70.93 6.94
CA GLU R 8 64.29 71.68 7.26
C GLU R 8 63.29 71.57 6.13
N LEU R 9 63.77 71.46 4.89
CA LEU R 9 62.90 71.33 3.75
C LEU R 9 62.23 69.97 3.72
N TRP R 10 63.01 68.92 3.96
CA TRP R 10 62.43 67.58 3.97
C TRP R 10 61.54 67.34 5.18
N ARG R 11 61.57 68.22 6.17
CA ARG R 11 60.58 68.18 7.24
C ARG R 11 59.27 68.86 6.86
N LYS R 12 59.07 69.15 5.57
CA LYS R 12 57.87 69.85 5.10
C LYS R 12 57.19 69.03 4.01
N LYS R 13 56.96 67.75 4.27
CA LYS R 13 56.54 66.83 3.22
C LYS R 13 55.15 67.13 2.67
N GLN R 14 54.37 67.98 3.32
CA GLN R 14 53.07 68.36 2.79
C GLN R 14 53.07 69.71 2.11
N SER R 15 54.22 70.34 1.94
CA SER R 15 54.30 71.54 1.15
C SER R 15 54.08 71.22 -0.32
N ASP R 16 53.82 72.26 -1.11
CA ASP R 16 53.55 72.04 -2.52
C ASP R 16 54.78 71.52 -3.24
N VAL R 17 55.94 72.13 -2.99
CA VAL R 17 57.17 71.71 -3.65
C VAL R 17 57.53 70.27 -3.28
N MET R 18 57.44 69.94 -1.99
CA MET R 18 57.79 68.60 -1.56
C MET R 18 56.79 67.57 -2.03
N ARG R 19 55.51 67.91 -2.07
CA ARG R 19 54.51 66.98 -2.59
C ARG R 19 54.74 66.71 -4.06
N PHE R 20 55.04 67.75 -4.84
CA PHE R 20 55.35 67.55 -6.25
C PHE R 20 56.54 66.63 -6.42
N LEU R 21 57.62 66.90 -5.69
CA LEU R 21 58.82 66.09 -5.82
C LEU R 21 58.56 64.65 -5.41
N LEU R 22 57.85 64.44 -4.32
CA LEU R 22 57.59 63.09 -3.85
C LEU R 22 56.74 62.32 -4.85
N ARG R 23 55.73 62.97 -5.42
CA ARG R 23 54.87 62.29 -6.39
C ARG R 23 55.64 61.90 -7.64
N VAL R 24 56.44 62.83 -8.18
CA VAL R 24 57.18 62.53 -9.40
C VAL R 24 58.20 61.42 -9.15
N ARG R 25 58.92 61.49 -8.03
CA ARG R 25 59.91 60.47 -7.76
C ARG R 25 59.27 59.13 -7.45
N CYS R 26 58.10 59.12 -6.83
CA CYS R 26 57.40 57.86 -6.60
C CYS R 26 56.98 57.23 -7.91
N TRP R 27 56.52 58.04 -8.87
CA TRP R 27 56.21 57.49 -10.19
C TRP R 27 57.47 56.90 -10.84
N GLN R 28 58.57 57.64 -10.78
CA GLN R 28 59.79 57.15 -11.41
C GLN R 28 60.28 55.86 -10.78
N TYR R 29 60.25 55.77 -9.46
CA TYR R 29 60.67 54.54 -8.80
C TYR R 29 59.72 53.39 -9.08
N ARG R 30 58.43 53.69 -9.22
CA ARG R 30 57.47 52.66 -9.59
C ARG R 30 57.79 52.08 -10.96
N GLN R 31 58.37 52.88 -11.83
CA GLN R 31 58.73 52.36 -13.15
C GLN R 31 59.94 51.43 -13.16
N LEU R 32 60.70 51.36 -12.07
CA LEU R 32 61.93 50.57 -12.04
C LEU R 32 61.71 49.25 -11.33
N SER R 33 62.79 48.49 -11.17
CA SER R 33 62.73 47.17 -10.55
C SER R 33 62.61 47.29 -9.04
N ALA R 34 62.26 46.18 -8.40
CA ALA R 34 62.09 46.17 -6.96
C ALA R 34 63.41 46.36 -6.23
N LEU R 35 64.52 45.98 -6.85
CA LEU R 35 65.84 46.18 -6.28
C LEU R 35 66.69 46.84 -7.33
N HIS R 36 67.13 48.07 -7.07
CA HIS R 36 67.78 48.86 -8.09
C HIS R 36 68.98 49.57 -7.47
N ARG R 37 70.02 49.80 -8.24
CA ARG R 37 71.16 50.51 -7.71
C ARG R 37 71.04 52.00 -7.99
N ALA R 38 71.01 52.79 -6.95
CA ALA R 38 70.98 54.23 -7.16
C ALA R 38 72.38 54.74 -7.45
N PRO R 39 72.54 55.62 -8.44
CA PRO R 39 73.86 56.18 -8.71
C PRO R 39 74.41 57.02 -7.57
N ARG R 40 73.52 57.63 -6.79
CA ARG R 40 73.91 58.53 -5.71
C ARG R 40 72.77 58.59 -4.72
N PRO R 41 73.02 59.05 -3.49
CA PRO R 41 71.92 59.19 -2.53
C PRO R 41 70.94 60.27 -2.97
N THR R 42 69.65 59.92 -2.94
CA THR R 42 68.61 60.89 -3.25
C THR R 42 68.56 61.99 -2.21
N ARG R 43 68.69 61.64 -0.94
CA ARG R 43 68.77 62.60 0.15
C ARG R 43 70.18 62.55 0.72
N PRO R 44 71.12 63.32 0.16
CA PRO R 44 72.50 63.26 0.65
C PRO R 44 72.66 63.68 2.09
N ASP R 45 71.88 64.66 2.55
CA ASP R 45 71.97 65.09 3.95
C ASP R 45 71.54 63.97 4.89
N LYS R 46 70.43 63.30 4.58
CA LYS R 46 69.98 62.21 5.42
C LYS R 46 70.94 61.03 5.36
N ALA R 47 71.52 60.77 4.19
CA ALA R 47 72.47 59.68 4.05
C ALA R 47 73.70 59.92 4.92
N ARG R 48 74.27 61.12 4.84
CA ARG R 48 75.46 61.38 5.64
C ARG R 48 75.13 61.47 7.12
N ARG R 49 73.90 61.88 7.45
CA ARG R 49 73.44 61.81 8.83
C ARG R 49 73.38 60.38 9.32
N LEU R 50 73.06 59.43 8.45
CA LEU R 50 73.00 58.02 8.78
C LEU R 50 74.34 57.32 8.59
N GLY R 51 75.37 58.03 8.16
CA GLY R 51 76.72 57.50 8.18
C GLY R 51 77.38 57.34 6.84
N TYR R 52 76.72 57.76 5.77
CA TYR R 52 77.28 57.68 4.42
C TYR R 52 78.35 58.73 4.24
N LYS R 53 79.41 58.37 3.54
CA LYS R 53 80.43 59.32 3.11
C LYS R 53 80.63 59.14 1.61
N ALA R 54 80.89 60.23 0.93
CA ALA R 54 81.03 60.21 -0.53
C ALA R 54 82.45 59.82 -0.91
N LYS R 55 82.76 58.55 -0.71
CA LYS R 55 84.03 57.98 -1.10
C LYS R 55 83.77 56.61 -1.69
N GLN R 56 84.77 56.11 -2.41
CA GLN R 56 84.64 54.81 -3.04
C GLN R 56 84.48 53.72 -1.99
N GLY R 57 83.50 52.85 -2.19
CA GLY R 57 83.16 51.83 -1.23
C GLY R 57 81.80 52.01 -0.61
N TYR R 58 81.16 53.16 -0.79
CA TYR R 58 79.80 53.39 -0.32
C TYR R 58 78.88 53.34 -1.53
N VAL R 59 77.85 52.50 -1.47
CA VAL R 59 76.90 52.39 -2.56
C VAL R 59 75.50 52.52 -1.99
N ILE R 60 74.56 52.87 -2.86
CA ILE R 60 73.17 53.12 -2.47
C ILE R 60 72.27 52.21 -3.29
N TYR R 61 71.31 51.59 -2.61
CA TYR R 61 70.34 50.72 -3.27
C TYR R 61 68.94 51.19 -2.96
N ARG R 62 68.16 51.44 -3.99
CA ARG R 62 66.74 51.66 -3.81
C ARG R 62 66.03 50.32 -3.76
N ILE R 63 65.19 50.15 -2.74
CA ILE R 63 64.42 48.94 -2.51
C ILE R 63 62.96 49.31 -2.46
N ARG R 64 62.14 48.53 -3.15
CA ARG R 64 60.69 48.70 -3.16
C ARG R 64 60.05 47.51 -2.47
N VAL R 65 59.21 47.79 -1.48
CA VAL R 65 58.54 46.74 -0.74
C VAL R 65 57.05 46.98 -0.78
N ARG R 66 56.29 45.91 -0.66
CA ARG R 66 54.84 46.00 -0.66
C ARG R 66 54.33 46.35 0.73
N ARG R 67 53.40 47.28 0.79
CA ARG R 67 52.87 47.78 2.04
C ARG R 67 51.82 46.84 2.59
N GLY R 68 51.44 47.07 3.84
CA GLY R 68 50.38 46.31 4.47
C GLY R 68 50.90 45.31 5.48
N GLY R 69 49.95 44.60 6.07
CA GLY R 69 50.24 43.61 7.10
C GLY R 69 50.62 42.28 6.51
N ARG R 70 50.71 41.29 7.39
CA ARG R 70 51.20 39.96 7.04
C ARG R 70 50.05 38.98 7.11
N LYS R 71 49.53 38.59 5.95
CA LYS R 71 48.50 37.56 5.91
C LYS R 71 49.12 36.22 6.29
N ARG R 72 48.46 35.49 7.17
CA ARG R 72 48.97 34.20 7.58
C ARG R 72 48.93 33.24 6.40
N PRO R 73 50.04 32.61 6.05
CA PRO R 73 50.11 31.84 4.80
C PRO R 73 49.64 30.40 4.97
N VAL R 74 48.34 30.25 5.23
CA VAL R 74 47.76 28.92 5.46
C VAL R 74 46.77 28.64 4.34
N PRO R 75 46.64 27.40 3.90
CA PRO R 75 45.73 27.10 2.79
C PRO R 75 44.28 27.32 3.19
N LYS R 76 43.59 28.14 2.41
CA LYS R 76 42.16 28.42 2.58
C LYS R 76 41.83 29.03 3.93
N GLY R 77 42.79 29.70 4.57
CA GLY R 77 42.53 30.36 5.82
C GLY R 77 42.34 29.43 6.99
N ALA R 78 42.63 28.14 6.83
CA ALA R 78 42.44 27.16 7.90
C ALA R 78 43.69 27.13 8.77
N THR R 79 43.57 27.64 9.98
CA THR R 79 44.62 27.57 10.99
C THR R 79 44.11 26.61 12.06
N TYR R 80 44.37 25.32 11.82
CA TYR R 80 43.75 24.25 12.61
C TYR R 80 44.17 24.32 14.06
N GLY R 81 43.25 24.74 14.93
CA GLY R 81 43.58 24.90 16.33
C GLY R 81 42.51 25.69 17.03
N LYS R 82 42.87 26.19 18.21
CA LYS R 82 41.94 26.88 19.06
C LYS R 82 41.54 28.22 18.45
N PRO R 83 40.37 28.73 18.79
CA PRO R 83 39.90 29.96 18.14
C PRO R 83 40.78 31.16 18.33
N VAL R 84 41.61 31.20 19.37
CA VAL R 84 42.48 32.34 19.58
C VAL R 84 43.54 32.44 18.50
N HIS R 85 43.78 31.37 17.76
CA HIS R 85 44.75 31.36 16.68
C HIS R 85 44.10 31.30 15.31
N HIS R 86 42.80 31.56 15.22
CA HIS R 86 42.10 31.52 13.95
C HIS R 86 42.39 32.73 13.07
N GLY R 87 43.10 33.73 13.59
CA GLY R 87 43.36 34.93 12.83
C GLY R 87 44.14 34.69 11.56
N VAL R 88 43.68 35.28 10.46
CA VAL R 88 44.38 35.22 9.19
C VAL R 88 44.70 36.62 8.68
N ASN R 89 43.69 37.47 8.58
CA ASN R 89 43.88 38.86 8.22
C ASN R 89 44.08 39.68 9.47
N GLN R 90 44.32 40.97 9.30
CA GLN R 90 44.59 41.91 10.39
C GLN R 90 45.78 41.49 11.24
N LEU R 91 46.66 40.65 10.72
CA LEU R 91 47.87 40.24 11.40
C LEU R 91 49.03 41.11 10.96
N LYS R 92 50.02 41.24 11.83
CA LYS R 92 51.12 42.17 11.61
C LYS R 92 52.45 41.49 11.81
N PHE R 93 53.42 41.90 11.00
CA PHE R 93 54.78 41.40 11.08
C PHE R 93 55.55 42.12 12.17
N ALA R 94 56.37 41.38 12.91
CA ALA R 94 57.06 41.97 14.05
C ALA R 94 58.08 43.02 13.62
N ARG R 95 58.63 42.90 12.43
CA ARG R 95 59.63 43.84 11.95
C ARG R 95 59.02 44.78 10.93
N SER R 96 59.65 45.94 10.78
CA SER R 96 59.10 46.98 9.94
C SER R 96 59.47 46.77 8.48
N LEU R 97 58.76 47.48 7.61
CA LEU R 97 59.02 47.39 6.18
C LEU R 97 60.41 47.92 5.84
N GLN R 98 60.90 48.90 6.60
CA GLN R 98 62.27 49.36 6.38
C GLN R 98 63.27 48.26 6.68
N SER R 99 63.03 47.49 7.74
CA SER R 99 63.89 46.36 8.05
C SER R 99 63.82 45.31 6.95
N VAL R 100 62.63 45.07 6.41
CA VAL R 100 62.51 44.12 5.31
C VAL R 100 63.27 44.60 4.08
N ALA R 101 63.21 45.88 3.78
CA ALA R 101 63.94 46.43 2.64
C ALA R 101 65.44 46.27 2.83
N GLU R 102 65.94 46.57 4.04
CA GLU R 102 67.35 46.38 4.32
C GLU R 102 67.77 44.93 4.18
N GLU R 103 66.92 44.01 4.64
CA GLU R 103 67.21 42.59 4.52
C GLU R 103 67.29 42.17 3.06
N ARG R 104 66.40 42.68 2.22
CA ARG R 104 66.45 42.32 0.82
C ARG R 104 67.71 42.85 0.14
N ALA R 105 68.09 44.09 0.47
CA ALA R 105 69.33 44.63 -0.07
C ALA R 105 70.53 43.80 0.35
N GLY R 106 70.59 43.41 1.62
CA GLY R 106 71.72 42.63 2.10
C GLY R 106 71.77 41.24 1.50
N ARG R 107 70.61 40.60 1.36
CA ARG R 107 70.58 39.27 0.79
C ARG R 107 71.02 39.29 -0.66
N HIS R 108 70.61 40.32 -1.42
CA HIS R 108 71.12 40.42 -2.78
C HIS R 108 72.62 40.64 -2.79
N CYS R 109 73.10 41.64 -2.05
CA CYS R 109 74.53 41.90 -1.98
C CYS R 109 75.09 41.40 -0.66
N GLY R 110 75.21 40.09 -0.55
CA GLY R 110 75.89 39.45 0.56
C GLY R 110 77.38 39.72 0.64
N ALA R 111 77.97 40.32 -0.39
CA ALA R 111 79.37 40.72 -0.35
C ALA R 111 79.56 42.12 0.23
N LEU R 112 78.48 42.82 0.56
CA LEU R 112 78.53 44.15 1.14
C LEU R 112 77.87 44.12 2.51
N ARG R 113 78.08 45.19 3.27
CA ARG R 113 77.53 45.31 4.61
C ARG R 113 76.51 46.44 4.63
N VAL R 114 75.31 46.14 5.07
CA VAL R 114 74.28 47.16 5.23
C VAL R 114 74.67 48.06 6.39
N LEU R 115 74.75 49.37 6.14
CA LEU R 115 75.04 50.33 7.18
C LEU R 115 73.77 50.90 7.79
N ASN R 116 72.94 51.54 6.97
CA ASN R 116 71.67 52.10 7.41
C ASN R 116 70.77 52.22 6.19
N SER R 117 69.63 52.89 6.36
CA SER R 117 68.71 53.11 5.25
C SER R 117 67.78 54.25 5.62
N TYR R 118 67.13 54.81 4.61
CA TYR R 118 66.20 55.90 4.85
C TYR R 118 65.04 55.83 3.87
N TRP R 119 63.99 56.57 4.20
CA TRP R 119 62.75 56.59 3.45
C TRP R 119 62.85 57.63 2.34
N VAL R 120 62.51 57.25 1.11
CA VAL R 120 62.56 58.17 -0.02
C VAL R 120 61.21 58.36 -0.71
N GLY R 121 60.18 57.63 -0.33
CA GLY R 121 58.87 57.85 -0.91
C GLY R 121 57.96 56.70 -0.54
N GLU R 122 56.67 56.92 -0.80
CA GLU R 122 55.72 55.85 -0.58
C GLU R 122 54.50 56.07 -1.47
N ASP R 123 53.76 54.99 -1.66
CA ASP R 123 52.62 54.88 -2.54
C ASP R 123 51.55 54.15 -1.75
N SER R 124 50.40 53.88 -2.36
CA SER R 124 49.40 53.10 -1.67
C SER R 124 49.85 51.67 -1.48
N THR R 125 50.60 51.13 -2.44
CA THR R 125 51.00 49.74 -2.39
C THR R 125 52.50 49.52 -2.18
N TYR R 126 53.32 50.54 -2.36
CA TYR R 126 54.76 50.38 -2.24
C TYR R 126 55.33 51.41 -1.28
N LYS R 127 56.44 51.04 -0.63
CA LYS R 127 57.27 51.97 0.11
C LYS R 127 58.66 51.88 -0.48
N PHE R 128 59.35 53.02 -0.53
CA PHE R 128 60.65 53.09 -1.16
C PHE R 128 61.67 53.55 -0.13
N PHE R 129 62.73 52.77 0.02
CA PHE R 129 63.83 53.10 0.90
C PHE R 129 65.12 53.03 0.10
N GLU R 130 66.11 53.77 0.55
CA GLU R 130 67.45 53.68 0.01
C GLU R 130 68.37 53.19 1.11
N VAL R 131 69.11 52.13 0.82
CA VAL R 131 69.94 51.43 1.79
C VAL R 131 71.39 51.74 1.48
N ILE R 132 72.12 52.20 2.48
CA ILE R 132 73.55 52.46 2.36
C ILE R 132 74.28 51.15 2.57
N LEU R 133 75.14 50.79 1.63
CA LEU R 133 75.95 49.59 1.72
C LEU R 133 77.41 50.00 1.74
N ILE R 134 78.25 49.17 2.33
CA ILE R 134 79.69 49.40 2.37
C ILE R 134 80.39 48.16 1.85
N ASP R 135 81.33 48.35 0.95
CA ASP R 135 82.19 47.27 0.50
C ASP R 135 83.29 47.07 1.55
N PRO R 136 83.23 46.00 2.33
CA PRO R 136 84.19 45.86 3.43
C PRO R 136 85.61 45.63 2.97
N PHE R 137 85.84 45.25 1.72
CA PHE R 137 87.18 44.93 1.26
C PHE R 137 87.79 46.01 0.39
N HIS R 138 87.09 47.10 0.13
CA HIS R 138 87.70 48.21 -0.56
C HIS R 138 88.77 48.84 0.32
N LYS R 139 89.84 49.32 -0.30
CA LYS R 139 90.96 49.85 0.46
C LYS R 139 90.60 51.16 1.14
N ALA R 140 89.73 51.96 0.54
CA ALA R 140 89.29 53.19 1.17
C ALA R 140 88.53 52.94 2.47
N ILE R 141 87.96 51.75 2.64
CA ILE R 141 87.31 51.37 3.87
C ILE R 141 88.26 50.65 4.81
N ARG R 142 89.11 49.78 4.27
CA ARG R 142 90.02 49.00 5.09
C ARG R 142 91.06 49.90 5.77
N ARG R 143 91.59 50.87 5.04
CA ARG R 143 92.68 51.69 5.55
C ARG R 143 92.20 52.86 6.41
N ASN R 144 90.91 53.10 6.48
CA ASN R 144 90.40 54.21 7.26
C ASN R 144 89.92 53.69 8.60
N PRO R 145 90.50 54.12 9.72
CA PRO R 145 89.89 53.80 11.01
C PRO R 145 88.57 54.55 11.15
N ASP R 146 87.76 54.08 12.09
CA ASP R 146 86.39 54.47 12.37
C ASP R 146 85.43 53.92 11.32
N THR R 147 85.93 53.29 10.26
CA THR R 147 85.13 52.44 9.40
C THR R 147 85.66 51.02 9.36
N GLN R 148 86.74 50.73 10.06
CA GLN R 148 87.27 49.38 10.08
C GLN R 148 86.39 48.42 10.86
N TRP R 149 85.49 48.94 11.69
CA TRP R 149 84.61 48.06 12.45
C TRP R 149 83.72 47.26 11.53
N ILE R 150 83.22 47.89 10.46
CA ILE R 150 82.28 47.23 9.57
C ILE R 150 82.94 46.07 8.84
N THR R 151 84.27 46.03 8.80
CA THR R 151 84.98 44.98 8.11
C THR R 151 85.21 43.74 8.95
N LYS R 152 84.95 43.80 10.25
CA LYS R 152 85.15 42.65 11.11
C LYS R 152 84.08 41.60 10.85
N PRO R 153 84.40 40.32 11.05
CA PRO R 153 83.43 39.26 10.73
C PRO R 153 82.18 39.28 11.60
N VAL R 154 82.21 39.94 12.75
CA VAL R 154 81.07 39.90 13.65
C VAL R 154 80.00 40.84 13.12
N HIS R 155 80.32 41.57 12.05
CA HIS R 155 79.40 42.56 11.50
C HIS R 155 78.89 42.17 10.12
N LYS R 156 79.01 40.92 9.72
CA LYS R 156 78.45 40.50 8.44
C LYS R 156 76.97 40.20 8.63
N HIS R 157 76.15 40.74 7.74
CA HIS R 157 74.70 40.56 7.75
C HIS R 157 74.10 41.08 9.06
N ARG R 158 74.37 42.35 9.37
CA ARG R 158 73.75 42.98 10.52
C ARG R 158 72.24 43.05 10.37
N GLU R 159 71.77 43.34 9.16
CA GLU R 159 70.35 43.47 8.90
C GLU R 159 69.60 42.17 9.05
N MET R 160 70.28 41.03 9.03
CA MET R 160 69.63 39.75 9.23
C MET R 160 69.64 39.30 10.68
N ARG R 161 70.33 40.02 11.55
CA ARG R 161 70.29 39.79 12.99
C ARG R 161 69.74 41.00 13.72
N GLY R 162 69.20 41.97 12.99
CA GLY R 162 68.57 43.10 13.63
C GLY R 162 69.54 44.00 14.37
N LEU R 163 70.70 44.25 13.79
CA LEU R 163 71.70 45.12 14.39
C LEU R 163 71.75 46.49 13.77
N THR R 164 71.02 46.73 12.68
CA THR R 164 70.88 48.07 12.14
C THR R 164 69.90 48.86 12.98
N SER R 165 69.71 50.13 12.62
CA SER R 165 68.75 50.95 13.35
C SER R 165 67.32 50.46 13.14
N ALA R 166 66.94 50.24 11.89
CA ALA R 166 65.59 49.79 11.58
C ALA R 166 65.31 48.42 12.19
N GLY R 167 66.27 47.50 12.07
CA GLY R 167 66.10 46.20 12.68
C GLY R 167 66.09 46.24 14.19
N ARG R 168 66.88 47.13 14.78
CA ARG R 168 66.97 47.22 16.23
C ARG R 168 65.70 47.80 16.82
N LYS R 169 64.99 48.64 16.07
CA LYS R 169 63.79 49.26 16.60
C LYS R 169 62.72 48.25 16.98
N SER R 170 62.74 47.04 16.40
CA SER R 170 61.69 46.06 16.63
C SER R 170 61.99 45.11 17.77
N ARG R 171 63.15 45.24 18.42
CA ARG R 171 63.55 44.27 19.42
C ARG R 171 63.16 44.66 20.84
N GLY R 172 62.61 45.86 21.04
CA GLY R 172 62.26 46.27 22.38
C GLY R 172 63.40 46.66 23.26
N LEU R 173 64.56 46.96 22.68
CA LEU R 173 65.70 47.39 23.46
C LEU R 173 65.53 48.82 23.93
N GLY R 174 66.24 49.15 24.99
CA GLY R 174 66.17 50.48 25.55
C GLY R 174 66.47 50.43 27.02
N LYS R 175 66.45 51.60 27.64
CA LYS R 175 66.72 51.74 29.06
C LYS R 175 65.48 52.21 29.78
N GLY R 176 65.18 51.57 30.90
CA GLY R 176 64.20 52.09 31.82
C GLY R 176 63.02 51.17 31.97
N HIS R 177 61.95 51.72 32.54
CA HIS R 177 60.81 50.90 32.94
C HIS R 177 60.00 50.42 31.75
N LYS R 178 60.13 51.07 30.60
CA LYS R 178 59.34 50.64 29.45
C LYS R 178 59.93 49.43 28.75
N PHE R 179 61.14 49.02 29.08
CA PHE R 179 61.86 48.01 28.30
C PHE R 179 62.43 46.94 29.21
N HIS R 180 61.61 46.43 30.11
CA HIS R 180 62.07 45.36 30.98
C HIS R 180 62.08 44.01 30.29
N HIS R 181 61.43 43.88 29.14
CA HIS R 181 61.39 42.60 28.44
C HIS R 181 62.74 42.18 27.91
N THR R 182 63.68 43.11 27.80
CA THR R 182 64.94 42.86 27.13
C THR R 182 66.15 43.09 28.03
N ILE R 183 65.98 42.97 29.35
CA ILE R 183 67.14 43.03 30.23
C ILE R 183 67.97 41.79 30.01
N GLY R 184 69.23 41.97 29.66
CA GLY R 184 70.08 40.88 29.25
C GLY R 184 70.48 40.92 27.80
N GLY R 185 69.96 41.87 27.02
CA GLY R 185 70.33 42.05 25.65
C GLY R 185 69.27 41.69 24.64
N SER R 186 68.33 40.82 24.99
CA SER R 186 67.27 40.46 24.08
C SER R 186 66.12 39.86 24.88
N ARG R 187 64.97 39.74 24.21
CA ARG R 187 63.82 39.10 24.84
C ARG R 187 64.12 37.66 25.19
N ARG R 188 64.78 36.94 24.29
CA ARG R 188 65.08 35.54 24.53
C ARG R 188 66.11 35.39 25.65
N ALA R 189 67.07 36.30 25.72
CA ALA R 189 68.04 36.27 26.83
C ALA R 189 67.36 36.52 28.16
N ALA R 190 66.48 37.52 28.21
CA ALA R 190 65.73 37.78 29.44
C ALA R 190 64.86 36.59 29.81
N TRP R 191 64.21 35.97 28.82
CA TRP R 191 63.35 34.84 29.08
C TRP R 191 64.14 33.66 29.64
N ARG R 192 65.31 33.39 29.07
CA ARG R 192 66.13 32.31 29.58
C ARG R 192 66.55 32.58 31.02
N ARG R 193 67.01 33.80 31.30
CA ARG R 193 67.44 34.10 32.65
C ARG R 193 66.31 33.98 33.66
N ARG R 194 65.11 34.40 33.27
CA ARG R 194 63.97 34.32 34.18
C ARG R 194 63.37 32.94 34.28
N ASN R 195 63.62 32.06 33.32
CA ASN R 195 63.02 30.73 33.32
C ASN R 195 64.03 29.62 33.54
N THR R 196 65.26 29.96 33.91
CA THR R 196 66.25 28.98 34.32
C THR R 196 66.18 28.78 35.82
N LEU R 197 66.17 27.52 36.24
CA LEU R 197 66.15 27.17 37.66
C LEU R 197 67.59 27.05 38.15
N GLN R 198 68.01 28.00 38.99
CA GLN R 198 69.36 27.99 39.53
C GLN R 198 69.42 26.98 40.66
N LEU R 199 70.02 25.83 40.38
CA LEU R 199 70.17 24.77 41.36
C LEU R 199 71.60 24.81 41.85
N HIS R 200 71.82 25.51 42.96
CA HIS R 200 73.16 25.70 43.48
C HIS R 200 73.72 24.39 43.99
N ARG R 201 74.97 24.43 44.42
CA ARG R 201 75.55 23.22 44.99
C ARG R 201 75.02 22.97 46.38
N TYR R 202 74.87 24.03 47.17
CA TYR R 202 74.28 23.95 48.50
C TYR R 202 72.92 24.63 48.47
N ARG R 203 71.87 23.84 48.65
CA ARG R 203 70.51 24.37 48.63
C ARG R 203 69.99 24.58 50.05
N GLU S 1 39.73 -62.28 66.84
CA GLU S 1 40.62 -63.34 67.29
C GLU S 1 41.53 -63.81 66.15
N VAL S 2 42.19 -64.95 66.35
CA VAL S 2 43.18 -65.45 65.38
C VAL S 2 42.61 -66.51 64.45
N GLN S 3 41.48 -67.12 64.78
CA GLN S 3 40.88 -68.11 63.92
C GLN S 3 39.89 -67.45 62.95
N VAL S 4 39.46 -68.22 61.95
CA VAL S 4 38.46 -67.76 61.01
C VAL S 4 37.08 -67.88 61.64
N LEU S 5 36.34 -66.79 61.62
CA LEU S 5 34.99 -66.75 62.18
C LEU S 5 34.01 -67.12 61.08
N VAL S 6 33.44 -68.31 61.18
CA VAL S 6 32.46 -68.79 60.20
C VAL S 6 31.07 -68.57 60.77
N LEU S 7 30.26 -67.82 60.04
CA LEU S 7 28.90 -67.49 60.43
C LEU S 7 27.92 -68.15 59.47
N ASP S 8 26.80 -68.61 60.00
CA ASP S 8 25.74 -69.19 59.21
C ASP S 8 24.70 -68.11 58.94
N GLY S 9 24.49 -67.79 57.67
CA GLY S 9 23.66 -66.68 57.32
C GLY S 9 22.18 -66.89 57.42
N ARG S 10 21.73 -68.11 57.70
CA ARG S 10 20.31 -68.39 57.76
C ARG S 10 19.68 -67.72 58.97
N GLY S 11 18.55 -67.05 58.77
CA GLY S 11 17.83 -66.43 59.85
C GLY S 11 18.39 -65.11 60.32
N HIS S 12 19.38 -64.57 59.64
CA HIS S 12 20.00 -63.31 60.04
C HIS S 12 19.48 -62.19 59.16
N LEU S 13 19.38 -61.00 59.73
CA LEU S 13 18.96 -59.82 58.99
C LEU S 13 20.15 -59.19 58.28
N LEU S 14 19.90 -58.74 57.05
CA LEU S 14 20.98 -58.37 56.14
C LEU S 14 21.88 -57.28 56.72
N GLY S 15 21.30 -56.12 57.01
CA GLY S 15 22.09 -55.00 57.50
C GLY S 15 22.69 -55.18 58.87
N ARG S 16 21.97 -55.83 59.78
CA ARG S 16 22.53 -56.11 61.10
C ARG S 16 23.76 -56.99 61.00
N LEU S 17 23.63 -58.11 60.27
CA LEU S 17 24.77 -59.00 60.08
C LEU S 17 25.89 -58.31 59.35
N ALA S 18 25.57 -57.46 58.38
CA ALA S 18 26.61 -56.76 57.63
C ALA S 18 27.37 -55.77 58.51
N ALA S 19 26.68 -55.08 59.41
CA ALA S 19 27.38 -54.18 60.33
C ALA S 19 28.33 -54.94 61.23
N ILE S 20 27.86 -56.06 61.79
CA ILE S 20 28.73 -56.85 62.66
C ILE S 20 29.95 -57.36 61.88
N VAL S 21 29.72 -57.88 60.68
CA VAL S 21 30.80 -58.44 59.88
C VAL S 21 31.79 -57.35 59.47
N ALA S 22 31.29 -56.18 59.11
CA ALA S 22 32.17 -55.09 58.71
C ALA S 22 33.07 -54.66 59.86
N LYS S 23 32.53 -54.54 61.06
CA LYS S 23 33.40 -54.19 62.18
C LYS S 23 34.42 -55.29 62.46
N GLN S 24 34.01 -56.55 62.34
CA GLN S 24 34.95 -57.64 62.57
C GLN S 24 36.10 -57.59 61.57
N VAL S 25 35.81 -57.43 60.29
CA VAL S 25 36.89 -57.44 59.31
C VAL S 25 37.72 -56.17 59.37
N LEU S 26 37.16 -55.07 59.88
CA LEU S 26 38.00 -53.91 60.10
C LEU S 26 38.92 -54.08 61.30
N LEU S 27 38.54 -54.94 62.24
CA LEU S 27 39.42 -55.26 63.36
C LEU S 27 40.43 -56.35 63.03
N GLY S 28 40.68 -56.60 61.75
CA GLY S 28 41.70 -57.55 61.35
C GLY S 28 41.30 -59.00 61.40
N ARG S 29 40.02 -59.31 61.56
CA ARG S 29 39.54 -60.67 61.70
C ARG S 29 39.10 -61.21 60.35
N LYS S 30 39.33 -62.51 60.14
CA LYS S 30 38.90 -63.17 58.92
C LYS S 30 37.52 -63.77 59.13
N VAL S 31 36.56 -63.36 58.32
CA VAL S 31 35.16 -63.73 58.49
C VAL S 31 34.70 -64.44 57.24
N VAL S 32 34.04 -65.57 57.41
CA VAL S 32 33.43 -66.33 56.33
C VAL S 32 31.96 -66.45 56.64
N VAL S 33 31.12 -65.97 55.73
CA VAL S 33 29.67 -66.07 55.86
C VAL S 33 29.19 -67.11 54.86
N VAL S 34 28.48 -68.12 55.34
CA VAL S 34 27.95 -69.16 54.46
C VAL S 34 26.44 -69.09 54.46
N ARG S 35 25.84 -69.74 53.47
CA ARG S 35 24.40 -69.75 53.27
C ARG S 35 23.83 -68.33 53.22
N CYS S 36 24.29 -67.57 52.23
CA CYS S 36 23.78 -66.23 52.06
C CYS S 36 22.37 -66.20 51.49
N GLU S 37 21.88 -67.33 50.98
CA GLU S 37 20.50 -67.38 50.50
C GLU S 37 19.50 -67.49 51.65
N GLY S 38 19.96 -67.86 52.84
CA GLY S 38 19.12 -67.91 54.00
C GLY S 38 18.99 -66.61 54.75
N ILE S 39 19.71 -65.57 54.31
CA ILE S 39 19.62 -64.26 54.94
C ILE S 39 18.24 -63.68 54.70
N ASN S 40 17.72 -62.98 55.71
CA ASN S 40 16.42 -62.34 55.63
C ASN S 40 16.57 -60.83 55.58
N ILE S 41 15.57 -60.16 55.02
CA ILE S 41 15.45 -58.71 55.07
C ILE S 41 14.08 -58.37 55.60
N SER S 42 14.00 -57.43 56.52
CA SER S 42 12.72 -57.05 57.09
C SER S 42 11.88 -56.29 56.07
N GLY S 43 10.58 -56.36 56.24
CA GLY S 43 9.67 -55.83 55.24
C GLY S 43 9.25 -56.90 54.26
N ASN S 44 8.08 -56.72 53.67
CA ASN S 44 7.54 -57.80 52.86
C ASN S 44 8.29 -57.91 51.53
N PHE S 45 8.07 -59.04 50.87
CA PHE S 45 8.90 -59.42 49.74
C PHE S 45 8.73 -58.45 48.59
N TYR S 46 7.50 -58.00 48.33
CA TYR S 46 7.30 -57.09 47.20
C TYR S 46 8.06 -55.80 47.42
N ARG S 47 8.04 -55.28 48.64
CA ARG S 47 8.77 -54.06 48.94
C ARG S 47 10.27 -54.24 48.75
N ASN S 48 10.83 -55.35 49.22
CA ASN S 48 12.26 -55.53 49.06
C ASN S 48 12.64 -55.77 47.59
N LYS S 49 11.79 -56.49 46.85
CA LYS S 49 12.03 -56.66 45.43
C LYS S 49 11.98 -55.33 44.70
N LEU S 50 11.07 -54.45 45.10
CA LEU S 50 11.05 -53.11 44.52
C LEU S 50 12.32 -52.35 44.81
N LYS S 51 12.86 -52.49 46.02
CA LYS S 51 14.16 -51.88 46.32
C LYS S 51 15.22 -52.39 45.37
N TYR S 52 15.27 -53.69 45.14
CA TYR S 52 16.29 -54.20 44.24
C TYR S 52 16.06 -53.76 42.80
N LEU S 53 14.80 -53.69 42.36
CA LEU S 53 14.54 -53.25 40.99
C LEU S 53 14.94 -51.79 40.80
N ALA S 54 14.71 -50.97 41.82
CA ALA S 54 15.20 -49.60 41.77
C ALA S 54 16.72 -49.55 41.73
N PHE S 55 17.39 -50.48 42.42
CA PHE S 55 18.84 -50.58 42.28
C PHE S 55 19.24 -50.96 40.86
N LEU S 56 18.50 -51.88 40.24
CA LEU S 56 18.76 -52.28 38.86
C LEU S 56 18.60 -51.12 37.90
N ARG S 57 17.68 -50.21 38.19
CA ARG S 57 17.45 -49.09 37.29
C ARG S 57 18.65 -48.14 37.24
N LYS S 58 19.45 -48.08 38.30
CA LYS S 58 20.57 -47.14 38.35
C LYS S 58 21.72 -47.70 37.53
N ARG S 59 21.89 -47.19 36.32
CA ARG S 59 23.01 -47.56 35.47
C ARG S 59 23.48 -46.32 34.74
N MET S 60 24.74 -46.33 34.33
CA MET S 60 25.29 -45.20 33.61
C MET S 60 24.60 -45.07 32.27
N ASN S 61 23.99 -43.91 32.04
CA ASN S 61 23.23 -43.70 30.81
C ASN S 61 24.14 -43.75 29.59
N THR S 62 25.36 -43.24 29.73
CA THR S 62 26.31 -43.23 28.62
C THR S 62 26.90 -44.62 28.35
N ASN S 63 27.29 -45.35 29.38
CA ASN S 63 27.86 -46.69 29.21
C ASN S 63 27.49 -47.56 30.41
N PRO S 64 26.45 -48.37 30.27
CA PRO S 64 26.08 -49.26 31.38
C PRO S 64 27.15 -50.25 31.75
N SER S 65 28.05 -50.58 30.82
CA SER S 65 29.17 -51.45 31.16
C SER S 65 30.12 -50.81 32.15
N ARG S 66 30.24 -49.50 32.15
CA ARG S 66 30.97 -48.80 33.20
C ARG S 66 30.12 -48.55 34.43
N GLY S 67 28.80 -48.51 34.26
CA GLY S 67 27.91 -48.16 35.35
C GLY S 67 27.94 -49.14 36.51
N PRO S 68 27.04 -48.95 37.47
CA PRO S 68 27.04 -49.82 38.64
C PRO S 68 26.82 -51.27 38.25
N TYR S 69 27.49 -52.17 38.95
CA TYR S 69 27.36 -53.59 38.70
C TYR S 69 26.41 -54.15 39.73
N HIS S 70 25.30 -54.70 39.26
CA HIS S 70 24.30 -55.29 40.12
C HIS S 70 24.55 -56.78 40.15
N PHE S 71 25.07 -57.27 41.27
CA PHE S 71 25.36 -58.67 41.43
C PHE S 71 24.12 -59.40 41.95
N ARG S 72 23.80 -60.52 41.34
CA ARG S 72 22.53 -61.19 41.58
C ARG S 72 22.62 -62.36 42.54
N ALA S 73 23.81 -62.90 42.80
CA ALA S 73 23.92 -63.95 43.78
C ALA S 73 23.67 -63.39 45.17
N PRO S 74 23.04 -64.16 46.07
CA PRO S 74 22.85 -63.65 47.44
C PRO S 74 24.17 -63.37 48.14
N SER S 75 25.19 -64.18 47.89
CA SER S 75 26.49 -63.95 48.50
C SER S 75 27.07 -62.63 48.03
N ARG S 76 26.96 -62.34 46.75
CA ARG S 76 27.47 -61.07 46.23
C ARG S 76 26.63 -59.89 46.69
N ILE S 77 25.32 -60.08 46.86
CA ILE S 77 24.48 -59.03 47.40
C ILE S 77 24.91 -58.69 48.82
N PHE S 78 25.12 -59.70 49.65
CA PHE S 78 25.57 -59.45 51.01
C PHE S 78 26.96 -58.85 51.04
N TRP S 79 27.83 -59.32 50.15
CA TRP S 79 29.18 -58.76 50.05
C TRP S 79 29.13 -57.27 49.73
N ARG S 80 28.24 -56.88 48.81
CA ARG S 80 28.10 -55.48 48.48
C ARG S 80 27.50 -54.68 49.63
N THR S 81 26.60 -55.27 50.40
CA THR S 81 26.11 -54.61 51.59
C THR S 81 27.22 -54.34 52.59
N VAL S 82 28.11 -55.31 52.79
CA VAL S 82 29.24 -55.11 53.69
C VAL S 82 30.19 -54.06 53.12
N ARG S 83 30.40 -54.08 51.81
CA ARG S 83 31.26 -53.07 51.19
C ARG S 83 30.70 -51.67 51.36
N GLY S 84 29.38 -51.54 51.43
CA GLY S 84 28.80 -50.25 51.73
C GLY S 84 29.12 -49.73 53.11
N MET S 85 29.38 -50.63 54.06
CA MET S 85 29.74 -50.25 55.42
C MET S 85 31.24 -50.20 55.62
N LEU S 86 32.02 -50.64 54.65
CA LEU S 86 33.46 -50.51 54.77
C LEU S 86 33.96 -49.28 54.01
N PRO S 87 35.10 -48.71 54.41
CA PRO S 87 35.73 -47.65 53.60
C PRO S 87 36.55 -48.23 52.46
N HIS S 88 35.86 -48.75 51.45
CA HIS S 88 36.49 -49.63 50.48
C HIS S 88 37.39 -48.90 49.50
N LYS S 89 37.46 -47.58 49.53
CA LYS S 89 38.33 -46.86 48.61
C LYS S 89 39.67 -46.51 49.22
N THR S 90 39.96 -47.00 50.42
CA THR S 90 41.28 -46.90 51.02
C THR S 90 41.92 -48.27 51.09
N LYS S 91 43.24 -48.30 51.28
CA LYS S 91 43.94 -49.56 51.37
C LYS S 91 43.51 -50.35 52.59
N ARG S 92 43.26 -49.67 53.72
CA ARG S 92 42.78 -50.34 54.92
C ARG S 92 41.41 -50.98 54.69
N GLY S 93 40.49 -50.24 54.07
CA GLY S 93 39.18 -50.79 53.77
C GLY S 93 39.24 -51.92 52.79
N GLN S 94 40.15 -51.86 51.82
CA GLN S 94 40.27 -52.94 50.86
C GLN S 94 40.84 -54.19 51.50
N ALA S 95 41.79 -54.05 52.42
CA ALA S 95 42.27 -55.20 53.17
C ALA S 95 41.16 -55.81 54.00
N ALA S 96 40.35 -54.97 54.64
CA ALA S 96 39.21 -55.46 55.39
C ALA S 96 38.25 -56.23 54.48
N LEU S 97 37.98 -55.70 53.30
CA LEU S 97 37.11 -56.36 52.35
C LEU S 97 37.70 -57.66 51.83
N ASP S 98 39.03 -57.74 51.73
CA ASP S 98 39.68 -58.99 51.35
C ASP S 98 39.61 -60.04 52.43
N ARG S 99 39.49 -59.65 53.70
CA ARG S 99 39.36 -60.60 54.78
C ARG S 99 37.97 -61.22 54.88
N LEU S 100 37.09 -60.98 53.91
CA LEU S 100 35.73 -61.48 53.94
C LEU S 100 35.48 -62.44 52.79
N LYS S 101 34.88 -63.59 53.09
CA LYS S 101 34.50 -64.56 52.07
C LYS S 101 33.05 -64.93 52.27
N VAL S 102 32.28 -64.90 51.19
CA VAL S 102 30.84 -65.16 51.24
C VAL S 102 30.50 -66.25 50.26
N PHE S 103 29.58 -67.13 50.64
CA PHE S 103 29.22 -68.27 49.83
C PHE S 103 27.71 -68.44 49.83
N ASP S 104 27.19 -69.01 48.74
CA ASP S 104 25.81 -69.43 48.64
C ASP S 104 25.78 -70.92 48.90
N GLY S 105 25.08 -71.34 49.93
CA GLY S 105 25.26 -72.69 50.40
C GLY S 105 26.53 -72.79 51.20
N ILE S 106 26.90 -74.00 51.55
CA ILE S 106 28.06 -74.25 52.40
C ILE S 106 29.02 -75.17 51.66
N PRO S 107 30.10 -74.62 51.10
CA PRO S 107 31.04 -75.41 50.33
C PRO S 107 31.85 -76.34 51.21
N PRO S 108 32.55 -77.30 50.62
CA PRO S 108 33.21 -78.37 51.40
C PRO S 108 34.25 -77.90 52.40
N PRO S 109 34.92 -76.75 52.21
CA PRO S 109 35.82 -76.31 53.30
C PRO S 109 35.11 -76.10 54.62
N TYR S 110 33.90 -75.53 54.59
CA TYR S 110 33.24 -75.09 55.82
C TYR S 110 32.02 -75.92 56.18
N ASP S 111 31.63 -76.88 55.36
CA ASP S 111 30.51 -77.73 55.71
C ASP S 111 30.86 -78.76 56.76
N LYS S 112 32.14 -78.96 57.04
CA LYS S 112 32.60 -79.85 58.09
C LYS S 112 32.96 -79.12 59.36
N LYS S 113 32.68 -77.82 59.44
CA LYS S 113 33.05 -77.01 60.59
C LYS S 113 31.80 -76.53 61.31
N LYS S 114 31.99 -76.13 62.56
CA LYS S 114 30.90 -75.56 63.35
C LYS S 114 30.65 -74.12 62.92
N ARG S 115 29.38 -73.76 62.80
CA ARG S 115 28.97 -72.45 62.31
C ARG S 115 28.46 -71.60 63.47
N MET S 116 28.94 -70.36 63.53
CA MET S 116 28.51 -69.43 64.55
C MET S 116 27.23 -68.72 64.15
N VAL S 117 26.68 -67.99 65.10
CA VAL S 117 25.42 -67.28 64.96
C VAL S 117 25.58 -65.95 65.69
N VAL S 118 25.04 -64.89 65.10
CA VAL S 118 25.09 -63.56 65.72
C VAL S 118 23.72 -63.21 66.24
N PRO S 119 23.46 -63.35 67.55
CA PRO S 119 22.12 -63.09 68.07
C PRO S 119 21.64 -61.67 67.84
N ALA S 120 22.52 -60.68 67.89
CA ALA S 120 22.11 -59.31 67.68
C ALA S 120 21.65 -59.05 66.25
N ALA S 121 21.86 -59.99 65.34
CA ALA S 121 21.41 -59.87 63.97
C ALA S 121 20.34 -60.88 63.61
N LEU S 122 19.91 -61.70 64.55
CA LEU S 122 18.95 -62.75 64.25
C LEU S 122 17.54 -62.19 64.13
N LYS S 123 16.81 -62.69 63.13
CA LYS S 123 15.44 -62.26 62.90
C LYS S 123 14.54 -62.57 64.07
N VAL S 124 14.76 -63.69 64.76
CA VAL S 124 13.86 -64.12 65.82
C VAL S 124 13.86 -63.13 66.97
N VAL S 125 15.00 -62.52 67.27
CA VAL S 125 15.06 -61.62 68.41
C VAL S 125 14.95 -60.17 67.94
N ARG S 126 15.33 -59.90 66.70
CA ARG S 126 15.37 -58.52 66.25
C ARG S 126 14.08 -58.06 65.62
N LEU S 127 13.20 -58.96 65.23
CA LEU S 127 12.03 -58.60 64.46
C LEU S 127 10.79 -59.10 65.17
N LYS S 128 9.77 -58.26 65.25
CA LYS S 128 8.51 -58.68 65.86
C LYS S 128 7.93 -59.84 65.05
N PRO S 129 7.36 -60.85 65.72
CA PRO S 129 6.85 -62.01 64.97
C PRO S 129 5.71 -61.68 64.03
N THR S 130 5.03 -60.56 64.22
CA THR S 130 3.93 -60.16 63.36
C THR S 130 4.39 -59.40 62.13
N ARG S 131 5.69 -59.14 61.99
CA ARG S 131 6.22 -58.42 60.85
C ARG S 131 6.57 -59.39 59.73
N LYS S 132 6.54 -58.89 58.51
CA LYS S 132 6.87 -59.69 57.35
C LYS S 132 8.33 -59.52 56.98
N PHE S 133 8.85 -60.49 56.24
CA PHE S 133 10.25 -60.45 55.84
C PHE S 133 10.39 -61.16 54.50
N ALA S 134 11.53 -60.91 53.85
CA ALA S 134 11.83 -61.50 52.56
C ALA S 134 13.05 -62.40 52.69
N TYR S 135 13.07 -63.46 51.88
CA TYR S 135 14.23 -64.33 51.79
C TYR S 135 15.17 -63.82 50.71
N LEU S 136 16.45 -63.71 51.06
CA LEU S 136 17.45 -63.25 50.11
C LEU S 136 17.58 -64.20 48.93
N GLY S 137 17.43 -65.51 49.17
CA GLY S 137 17.48 -66.44 48.07
C GLY S 137 16.37 -66.23 47.06
N ARG S 138 15.14 -66.07 47.54
CA ARG S 138 14.02 -65.81 46.64
C ARG S 138 14.16 -64.48 45.92
N LEU S 139 14.59 -63.45 46.64
CA LEU S 139 14.76 -62.14 46.02
C LEU S 139 15.81 -62.18 44.93
N ALA S 140 16.94 -62.84 45.21
CA ALA S 140 17.99 -62.99 44.22
C ALA S 140 17.50 -63.80 43.02
N HIS S 141 16.78 -64.89 43.28
CA HIS S 141 16.30 -65.73 42.19
C HIS S 141 15.37 -64.95 41.27
N GLU S 142 14.55 -64.07 41.84
CA GLU S 142 13.61 -63.33 41.03
C GLU S 142 14.18 -62.05 40.46
N VAL S 143 15.38 -61.63 40.87
CA VAL S 143 16.05 -60.54 40.18
C VAL S 143 17.16 -61.03 39.27
N GLY S 144 17.38 -62.34 39.18
CA GLY S 144 18.24 -62.80 38.10
C GLY S 144 19.25 -63.88 38.42
N TRP S 145 19.30 -64.30 39.68
CA TRP S 145 20.18 -65.40 40.07
C TRP S 145 19.74 -66.68 39.38
N LYS S 146 20.72 -67.47 38.94
CA LYS S 146 20.44 -68.63 38.12
C LYS S 146 20.59 -69.95 38.84
N TYR S 147 21.15 -69.97 40.04
CA TYR S 147 21.54 -71.21 40.68
C TYR S 147 20.80 -71.45 41.99
N GLN S 148 19.53 -71.06 42.06
CA GLN S 148 18.75 -71.34 43.24
C GLN S 148 18.41 -72.83 43.33
N ALA S 149 18.15 -73.46 42.19
CA ALA S 149 17.74 -74.86 42.19
C ALA S 149 18.90 -75.78 42.54
N VAL S 150 20.05 -75.57 41.88
CA VAL S 150 21.19 -76.45 42.11
C VAL S 150 21.73 -76.28 43.51
N THR S 151 21.72 -75.06 44.04
CA THR S 151 22.14 -74.85 45.41
C THR S 151 21.18 -75.52 46.39
N ALA S 152 19.88 -75.53 46.08
CA ALA S 152 18.94 -76.24 46.92
C ALA S 152 19.20 -77.74 46.93
N THR S 153 19.45 -78.33 45.76
CA THR S 153 19.72 -79.76 45.73
C THR S 153 21.03 -80.10 46.43
N LEU S 154 22.06 -79.29 46.24
CA LEU S 154 23.32 -79.55 46.92
C LEU S 154 23.18 -79.36 48.42
N GLU S 155 22.36 -78.41 48.86
CA GLU S 155 22.13 -78.21 50.28
C GLU S 155 21.39 -79.37 50.90
N GLU S 156 20.40 -79.94 50.20
CA GLU S 156 19.73 -81.11 50.75
C GLU S 156 20.64 -82.32 50.81
N LYS S 157 21.50 -82.49 49.81
CA LYS S 157 22.50 -83.55 49.85
C LYS S 157 23.43 -83.37 51.05
N ARG S 158 23.89 -82.14 51.28
CA ARG S 158 24.73 -81.84 52.42
C ARG S 158 24.01 -82.11 53.73
N LYS S 159 22.71 -81.79 53.79
CA LYS S 159 21.96 -82.03 55.00
C LYS S 159 21.79 -83.51 55.29
N GLU S 160 21.65 -84.33 54.25
CA GLU S 160 21.61 -85.78 54.47
C GLU S 160 22.91 -86.29 55.06
N LYS S 161 24.04 -85.83 54.49
CA LYS S 161 25.32 -86.25 55.06
C LYS S 161 25.49 -85.76 56.51
N ALA S 162 25.03 -84.54 56.80
CA ALA S 162 25.12 -84.01 58.16
C ALA S 162 24.24 -84.79 59.12
N LYS S 163 23.07 -85.24 58.67
CA LYS S 163 22.22 -86.05 59.53
C LYS S 163 22.89 -87.37 59.89
N ILE S 164 23.56 -87.98 58.90
CA ILE S 164 24.31 -89.21 59.21
C ILE S 164 25.40 -88.95 60.23
N HIS S 165 26.13 -87.85 60.05
CA HIS S 165 27.18 -87.49 61.01
C HIS S 165 26.61 -87.28 62.40
N TYR S 166 25.45 -86.63 62.49
CA TYR S 166 24.84 -86.37 63.79
C TYR S 166 24.39 -87.66 64.45
N ARG S 167 23.87 -88.61 63.67
CA ARG S 167 23.50 -89.90 64.25
C ARG S 167 24.71 -90.60 64.83
N LYS S 168 25.84 -90.55 64.12
CA LYS S 168 27.06 -91.13 64.68
C LYS S 168 27.48 -90.43 65.96
N LYS S 169 27.37 -89.09 65.99
CA LYS S 169 27.77 -88.35 67.18
C LYS S 169 26.88 -88.67 68.37
N LYS S 170 25.58 -88.81 68.14
CA LYS S 170 24.66 -89.21 69.20
C LYS S 170 24.96 -90.62 69.69
N GLN S 171 25.31 -91.53 68.78
CA GLN S 171 25.70 -92.87 69.20
C GLN S 171 26.93 -92.82 70.10
N LEU S 172 27.91 -92.00 69.72
CA LEU S 172 29.12 -91.89 70.54
C LEU S 172 28.81 -91.29 71.91
N MET S 173 27.89 -90.32 71.97
CA MET S 173 27.58 -89.71 73.25
C MET S 173 26.80 -90.66 74.15
N ARG S 174 25.89 -91.45 73.57
CA ARG S 174 25.23 -92.49 74.34
C ARG S 174 26.23 -93.48 74.89
N LEU S 175 27.20 -93.87 74.06
CA LEU S 175 28.21 -94.82 74.51
C LEU S 175 29.10 -94.20 75.59
N ARG S 176 29.37 -92.91 75.50
CA ARG S 176 30.15 -92.24 76.55
C ARG S 176 29.39 -92.19 77.86
N LYS S 177 28.09 -91.92 77.82
CA LYS S 177 27.30 -91.93 79.04
C LYS S 177 27.26 -93.33 79.65
N GLN S 178 27.14 -94.36 78.82
CA GLN S 178 27.19 -95.72 79.32
C GLN S 178 28.54 -96.03 79.95
N ALA S 179 29.62 -95.58 79.32
CA ALA S 179 30.95 -95.77 79.89
C ALA S 179 31.11 -95.05 81.21
N GLU S 180 30.54 -93.85 81.31
CA GLU S 180 30.62 -93.09 82.55
C GLU S 180 29.91 -93.82 83.69
N LYS S 181 28.73 -94.38 83.40
CA LYS S 181 28.08 -95.14 84.46
C LYS S 181 28.72 -96.51 84.67
N ASN S 182 29.55 -96.97 83.72
CA ASN S 182 30.23 -98.25 83.90
C ASN S 182 31.43 -98.11 84.81
N VAL S 183 32.41 -97.30 84.42
CA VAL S 183 33.59 -97.06 85.26
C VAL S 183 33.24 -95.89 86.17
N GLU S 184 32.69 -96.21 87.33
CA GLU S 184 32.23 -95.21 88.28
C GLU S 184 32.95 -95.26 89.62
N LYS S 185 33.29 -96.45 90.10
CA LYS S 185 34.06 -96.56 91.32
C LYS S 185 35.45 -95.95 91.15
N LYS S 186 36.04 -96.12 89.97
CA LYS S 186 37.35 -95.56 89.70
C LYS S 186 37.30 -94.14 89.17
N ILE S 187 36.11 -93.54 89.13
CA ILE S 187 35.95 -92.20 88.59
C ILE S 187 35.38 -91.22 89.61
N ASP S 188 34.63 -91.69 90.61
CA ASP S 188 33.96 -90.80 91.56
C ASP S 188 34.93 -89.93 92.36
N LYS S 189 36.20 -90.31 92.44
CA LYS S 189 37.17 -89.49 93.14
C LYS S 189 37.43 -88.19 92.41
N TYR S 190 37.56 -88.24 91.08
CA TYR S 190 37.77 -87.03 90.30
C TYR S 190 36.45 -86.31 90.00
N THR S 191 35.36 -87.07 89.88
CA THR S 191 34.04 -86.47 89.77
C THR S 191 33.76 -85.58 90.96
N GLU S 192 34.19 -86.00 92.15
CA GLU S 192 33.95 -85.19 93.34
C GLU S 192 34.71 -83.88 93.27
N VAL S 193 35.93 -83.90 92.75
CA VAL S 193 36.70 -82.67 92.60
C VAL S 193 36.02 -81.72 91.63
N LEU S 194 35.57 -82.26 90.49
CA LEU S 194 34.87 -81.41 89.52
C LEU S 194 33.60 -80.82 90.09
N LYS S 195 32.81 -81.64 90.80
CA LYS S 195 31.58 -81.14 91.42
C LYS S 195 31.88 -80.09 92.48
N THR S 196 32.96 -80.30 93.25
CA THR S 196 33.34 -79.32 94.27
C THR S 196 33.70 -77.98 93.65
N HIS S 197 34.32 -78.00 92.48
CA HIS S 197 34.72 -76.74 91.85
C HIS S 197 33.77 -76.30 90.75
N GLY S 198 32.59 -76.87 90.68
CA GLY S 198 31.53 -76.26 89.89
C GLY S 198 31.44 -76.71 88.46
N LEU S 199 32.39 -77.48 87.98
CA LEU S 199 32.19 -78.20 86.73
C LEU S 199 31.32 -79.40 87.05
N LEU S 200 30.56 -79.85 86.06
CA LEU S 200 29.87 -81.13 86.16
C LEU S 200 28.91 -81.17 87.36
N VAL S 201 27.84 -80.39 87.24
CA VAL S 201 26.73 -80.41 88.21
C VAL S 201 26.30 -81.83 88.55
N VAL T 1 88.59 -38.90 26.19
CA VAL T 1 87.52 -37.97 26.55
C VAL T 1 86.71 -38.60 27.68
N ARG T 2 85.82 -37.81 28.28
CA ARG T 2 85.03 -38.24 29.41
C ARG T 2 83.77 -38.95 28.91
N TYR T 3 83.74 -40.27 29.07
CA TYR T 3 82.51 -41.03 28.90
C TYR T 3 81.75 -41.02 30.22
N SER T 4 80.44 -41.14 30.13
CA SER T 4 79.74 -41.55 31.34
C SER T 4 79.90 -43.05 31.48
N LEU T 5 79.81 -43.54 32.72
CA LEU T 5 79.93 -44.96 33.01
C LEU T 5 81.28 -45.51 32.53
N ASP T 6 82.34 -45.11 33.21
CA ASP T 6 83.63 -45.71 32.94
C ASP T 6 83.57 -47.22 33.21
N PRO T 7 84.28 -48.01 32.42
CA PRO T 7 84.20 -49.47 32.57
C PRO T 7 84.79 -49.93 33.88
N GLU T 8 84.45 -51.18 34.24
CA GLU T 8 84.91 -51.73 35.50
C GLU T 8 86.43 -51.78 35.56
N ASN T 9 87.07 -52.15 34.45
CA ASN T 9 88.49 -51.96 34.30
C ASN T 9 88.72 -51.77 32.81
N PRO T 10 89.45 -50.74 32.43
CA PRO T 10 89.61 -50.43 31.00
C PRO T 10 90.73 -51.19 30.34
N THR T 11 90.86 -52.47 30.67
CA THR T 11 91.82 -53.36 30.03
C THR T 11 91.15 -54.34 29.10
N LYS T 12 89.95 -54.80 29.46
CA LYS T 12 89.14 -55.67 28.62
C LYS T 12 87.98 -54.92 27.99
N SER T 13 88.11 -53.60 27.83
CA SER T 13 87.05 -52.78 27.28
C SER T 13 87.57 -51.91 26.15
N CYS T 14 86.66 -51.53 25.26
CA CYS T 14 86.98 -50.59 24.19
C CYS T 14 85.82 -49.61 24.04
N LYS T 15 86.14 -48.43 23.52
CA LYS T 15 85.19 -47.33 23.47
C LYS T 15 85.04 -46.83 22.04
N SER T 16 83.85 -46.33 21.73
CA SER T 16 83.60 -45.65 20.46
C SER T 16 82.67 -44.49 20.70
N ARG T 17 82.83 -43.45 19.89
CA ARG T 17 82.14 -42.19 20.13
C ARG T 17 81.87 -41.51 18.80
N GLY T 18 80.79 -40.74 18.76
CA GLY T 18 80.48 -39.92 17.61
C GLY T 18 79.70 -38.70 18.05
N SER T 19 79.94 -37.55 17.43
CA SER T 19 79.31 -36.31 17.84
C SER T 19 78.66 -35.63 16.65
N ASN T 20 77.51 -35.00 16.90
CA ASN T 20 76.78 -34.24 15.89
C ASN T 20 76.44 -35.08 14.67
N LEU T 21 76.09 -36.33 14.92
CA LEU T 21 75.69 -37.24 13.84
C LEU T 21 74.28 -36.89 13.38
N ARG T 22 74.09 -36.81 12.06
CA ARG T 22 72.80 -36.42 11.50
C ARG T 22 71.86 -37.62 11.37
N VAL T 23 71.45 -38.14 12.52
CA VAL T 23 70.37 -39.09 12.60
C VAL T 23 69.38 -38.59 13.64
N HIS T 24 68.14 -39.07 13.54
CA HIS T 24 67.12 -38.66 14.48
C HIS T 24 67.43 -39.23 15.85
N PHE T 25 67.40 -38.35 16.85
CA PHE T 25 67.76 -38.77 18.20
C PHE T 25 66.80 -39.82 18.74
N LYS T 26 65.51 -39.65 18.48
CA LYS T 26 64.53 -40.59 19.02
C LYS T 26 64.69 -41.97 18.41
N ASN T 27 64.84 -42.03 17.08
CA ASN T 27 65.06 -43.32 16.42
C ASN T 27 66.34 -43.97 16.91
N THR T 28 67.41 -43.19 17.05
CA THR T 28 68.67 -43.75 17.48
C THR T 28 68.61 -44.23 18.93
N ARG T 29 67.90 -43.51 19.79
CA ARG T 29 67.75 -43.95 21.16
C ARG T 29 67.04 -45.28 21.23
N GLU T 30 65.98 -45.45 20.43
CA GLU T 30 65.28 -46.73 20.43
C GLU T 30 66.17 -47.84 19.90
N THR T 31 66.93 -47.57 18.83
CA THR T 31 67.81 -48.61 18.29
C THR T 31 68.91 -49.00 19.29
N ALA T 32 69.47 -48.01 19.98
CA ALA T 32 70.50 -48.28 20.97
C ALA T 32 69.96 -49.08 22.14
N GLN T 33 68.74 -48.77 22.60
CA GLN T 33 68.13 -49.59 23.64
C GLN T 33 67.87 -51.01 23.14
N ALA T 34 67.58 -51.18 21.85
CA ALA T 34 67.42 -52.52 21.32
C ALA T 34 68.73 -53.31 21.38
N ILE T 35 69.84 -52.70 20.97
CA ILE T 35 71.09 -53.46 20.90
C ILE T 35 71.88 -53.45 22.19
N LYS T 36 71.41 -52.76 23.22
CA LYS T 36 72.18 -52.70 24.47
C LYS T 36 72.21 -54.07 25.13
N GLY T 37 73.41 -54.49 25.51
CA GLY T 37 73.60 -55.79 26.15
C GLY T 37 73.82 -56.94 25.20
N MET T 38 73.77 -56.71 23.89
CA MET T 38 73.98 -57.77 22.94
C MET T 38 75.47 -58.09 22.78
N HIS T 39 75.74 -59.34 22.42
CA HIS T 39 77.05 -59.69 21.90
C HIS T 39 77.27 -58.95 20.58
N ILE T 40 78.53 -58.69 20.24
CA ILE T 40 78.80 -57.80 19.12
C ILE T 40 78.36 -58.43 17.80
N ARG T 41 78.59 -59.73 17.63
CA ARG T 41 78.18 -60.40 16.40
C ARG T 41 76.66 -60.44 16.27
N LYS T 42 75.98 -60.71 17.38
CA LYS T 42 74.52 -60.69 17.37
C LYS T 42 73.99 -59.31 17.06
N ALA T 43 74.63 -58.28 17.61
CA ALA T 43 74.19 -56.91 17.36
C ALA T 43 74.41 -56.52 15.90
N THR T 44 75.51 -56.94 15.31
CA THR T 44 75.74 -56.66 13.89
C THR T 44 74.69 -57.35 13.03
N LYS T 45 74.41 -58.62 13.32
CA LYS T 45 73.37 -59.33 12.56
C LYS T 45 72.02 -58.66 12.74
N TYR T 46 71.72 -58.23 13.96
CA TYR T 46 70.44 -57.59 14.23
C TYR T 46 70.31 -56.27 13.50
N LEU T 47 71.37 -55.46 13.47
CA LEU T 47 71.29 -54.19 12.76
C LEU T 47 71.16 -54.40 11.26
N LYS T 48 71.84 -55.40 10.71
CA LYS T 48 71.64 -55.71 9.30
C LYS T 48 70.22 -56.18 9.02
N ASP T 49 69.65 -56.99 9.91
CA ASP T 49 68.27 -57.39 9.74
C ASP T 49 67.31 -56.21 9.84
N VAL T 50 67.60 -55.25 10.71
CA VAL T 50 66.76 -54.05 10.78
C VAL T 50 66.81 -53.30 9.46
N THR T 51 68.00 -53.19 8.87
CA THR T 51 68.10 -52.57 7.56
C THR T 51 67.33 -53.35 6.50
N LEU T 52 67.27 -54.67 6.62
CA LEU T 52 66.53 -55.50 5.67
C LEU T 52 65.05 -55.64 6.01
N GLN T 53 64.61 -55.05 7.12
CA GLN T 53 63.24 -55.17 7.61
C GLN T 53 62.85 -56.62 7.88
N LYS T 54 63.80 -57.38 8.44
CA LYS T 54 63.53 -58.72 8.94
C LYS T 54 63.42 -58.77 10.45
N GLN T 55 64.02 -57.83 11.15
CA GLN T 55 63.84 -57.63 12.58
C GLN T 55 63.59 -56.15 12.82
N CYS T 56 62.79 -55.84 13.81
CA CYS T 56 62.44 -54.46 14.07
C CYS T 56 63.02 -54.02 15.40
N VAL T 57 63.14 -52.72 15.60
CA VAL T 57 63.44 -52.16 16.91
C VAL T 57 62.11 -51.76 17.54
N PRO T 58 61.89 -52.05 18.81
CA PRO T 58 60.63 -51.66 19.45
C PRO T 58 60.73 -50.22 19.94
N PHE T 59 59.72 -49.44 19.61
CA PHE T 59 59.66 -48.03 19.98
C PHE T 59 58.89 -47.95 21.29
N ARG T 60 59.61 -47.82 22.40
CA ARG T 60 58.99 -47.94 23.72
C ARG T 60 58.67 -46.60 24.35
N ARG T 61 59.58 -45.63 24.26
CA ARG T 61 59.32 -44.31 24.83
C ARG T 61 58.83 -43.32 23.80
N TYR T 62 59.47 -43.26 22.64
CA TYR T 62 59.09 -42.32 21.59
C TYR T 62 58.21 -43.03 20.57
N ASN T 63 57.00 -43.36 21.01
CA ASN T 63 56.10 -44.21 20.26
C ASN T 63 54.81 -43.52 19.84
N GLY T 64 54.74 -42.21 19.92
CA GLY T 64 53.53 -41.51 19.53
C GLY T 64 53.26 -41.57 18.05
N GLY T 65 52.25 -42.32 17.65
CA GLY T 65 51.92 -42.50 16.26
C GLY T 65 52.66 -43.59 15.55
N VAL T 66 53.55 -44.31 16.22
CA VAL T 66 54.30 -45.39 15.60
C VAL T 66 53.40 -46.58 15.39
N GLY T 67 53.48 -47.18 14.21
CA GLY T 67 52.60 -48.28 13.87
C GLY T 67 52.98 -49.58 14.53
N ARG T 68 52.10 -50.55 14.39
CA ARG T 68 52.28 -51.88 14.93
C ARG T 68 52.88 -52.81 13.89
N CYS T 69 53.58 -53.83 14.36
CA CYS T 69 54.17 -54.81 13.45
C CYS T 69 54.25 -56.15 14.15
N ALA T 70 54.30 -57.21 13.35
CA ALA T 70 54.39 -58.55 13.91
C ALA T 70 55.73 -58.80 14.58
N GLN T 71 56.77 -58.13 14.12
CA GLN T 71 58.11 -58.37 14.64
C GLN T 71 58.37 -57.70 15.97
N ALA T 72 57.47 -56.84 16.44
CA ALA T 72 57.61 -56.31 17.78
C ALA T 72 57.30 -57.34 18.84
N LYS T 73 56.64 -58.44 18.46
CA LYS T 73 56.28 -59.49 19.41
C LYS T 73 57.49 -60.24 19.93
N GLN T 74 58.63 -60.18 19.23
CA GLN T 74 59.85 -60.75 19.77
C GLN T 74 60.23 -60.06 21.06
N TRP T 75 60.11 -58.76 21.08
CA TRP T 75 60.16 -57.97 22.29
C TRP T 75 58.80 -58.03 22.95
N GLY T 76 58.70 -57.52 24.17
CA GLY T 76 57.42 -57.60 24.83
C GLY T 76 56.52 -56.44 24.46
N TRP T 77 56.46 -56.09 23.19
CA TRP T 77 55.94 -54.82 22.76
C TRP T 77 55.02 -55.01 21.55
N THR T 78 54.44 -53.90 21.13
CA THR T 78 53.49 -53.88 20.03
C THR T 78 53.94 -52.98 18.90
N GLN T 79 54.61 -51.87 19.22
CA GLN T 79 55.01 -50.88 18.24
C GLN T 79 56.49 -51.03 17.91
N GLY T 80 56.78 -51.23 16.63
CA GLY T 80 58.15 -51.33 16.20
C GLY T 80 58.35 -50.70 14.84
N ARG T 81 59.61 -50.44 14.52
CA ARG T 81 59.96 -49.84 13.24
C ARG T 81 61.32 -50.35 12.81
N TRP T 82 61.80 -49.83 11.69
CA TRP T 82 63.05 -50.28 11.08
C TRP T 82 63.89 -49.08 10.70
N PRO T 83 64.49 -48.39 11.66
CA PRO T 83 65.26 -47.19 11.33
C PRO T 83 66.55 -47.51 10.59
N LYS T 84 66.54 -47.29 9.28
CA LYS T 84 67.68 -47.66 8.45
C LYS T 84 68.88 -46.77 8.74
N LYS T 85 68.67 -45.46 8.86
CA LYS T 85 69.78 -44.56 9.10
C LYS T 85 70.40 -44.80 10.47
N SER T 86 69.56 -45.01 11.48
CA SER T 86 70.08 -45.32 12.82
C SER T 86 70.85 -46.63 12.82
N ALA T 87 70.32 -47.64 12.13
CA ALA T 87 71.02 -48.92 12.06
C ALA T 87 72.37 -48.77 11.38
N GLU T 88 72.44 -47.97 10.31
CA GLU T 88 73.70 -47.80 9.61
C GLU T 88 74.71 -47.01 10.43
N PHE T 89 74.26 -45.94 11.09
CA PHE T 89 75.17 -45.18 11.94
C PHE T 89 75.70 -46.03 13.08
N LEU T 90 74.84 -46.83 13.71
CA LEU T 90 75.28 -47.68 14.80
C LEU T 90 76.17 -48.81 14.30
N LEU T 91 75.93 -49.32 13.09
CA LEU T 91 76.82 -50.32 12.52
C LEU T 91 78.20 -49.73 12.28
N HIS T 92 78.27 -48.51 11.79
CA HIS T 92 79.56 -47.86 11.59
C HIS T 92 80.29 -47.66 12.91
N MET T 93 79.56 -47.21 13.94
CA MET T 93 80.18 -47.04 15.25
C MET T 93 80.63 -48.37 15.83
N LEU T 94 79.87 -49.44 15.60
CA LEU T 94 80.27 -50.76 16.06
C LEU T 94 81.53 -51.23 15.37
N LYS T 95 81.65 -50.98 14.06
CA LYS T 95 82.88 -51.36 13.36
C LYS T 95 84.07 -50.55 13.87
N ASN T 96 83.86 -49.28 14.17
CA ASN T 96 84.93 -48.48 14.76
C ASN T 96 85.35 -49.02 16.10
N ALA T 97 84.39 -49.40 16.94
CA ALA T 97 84.73 -49.98 18.24
C ALA T 97 85.45 -51.31 18.09
N GLU T 98 85.07 -52.12 17.11
CA GLU T 98 85.76 -53.38 16.91
C GLU T 98 87.20 -53.16 16.44
N SER T 99 87.42 -52.16 15.58
CA SER T 99 88.78 -51.83 15.21
C SER T 99 89.58 -51.31 16.40
N ASN T 100 88.94 -50.56 17.30
CA ASN T 100 89.62 -50.15 18.52
C ASN T 100 89.98 -51.33 19.39
N ALA T 101 89.11 -52.33 19.47
CA ALA T 101 89.44 -53.56 20.18
C ALA T 101 90.60 -54.29 19.54
N GLU T 102 90.64 -54.34 18.21
CA GLU T 102 91.78 -54.92 17.51
C GLU T 102 93.07 -54.19 17.87
N LEU T 103 93.01 -52.87 17.93
CA LEU T 103 94.19 -52.08 18.27
C LEU T 103 94.63 -52.33 19.71
N LYS T 104 93.68 -52.43 20.64
CA LYS T 104 94.00 -52.77 22.02
C LYS T 104 94.39 -54.22 22.20
N GLY T 105 94.24 -55.06 21.18
CA GLY T 105 94.72 -56.42 21.28
C GLY T 105 93.81 -57.34 22.05
N LEU T 106 92.59 -56.93 22.33
CA LEU T 106 91.64 -57.73 23.06
C LEU T 106 90.66 -58.37 22.06
N ASP T 107 90.40 -59.67 22.23
CA ASP T 107 89.73 -60.43 21.19
C ASP T 107 88.28 -59.98 21.04
N VAL T 108 87.83 -59.95 19.78
CA VAL T 108 86.54 -59.37 19.45
C VAL T 108 85.40 -60.38 19.38
N ASP T 109 85.72 -61.67 19.45
CA ASP T 109 84.66 -62.68 19.44
C ASP T 109 83.98 -62.82 20.78
N SER T 110 84.37 -62.04 21.78
CA SER T 110 83.75 -62.08 23.09
C SER T 110 83.23 -60.72 23.52
N LEU T 111 83.21 -59.74 22.63
CA LEU T 111 82.79 -58.40 22.99
C LEU T 111 81.29 -58.32 23.18
N VAL T 112 80.87 -57.60 24.21
CA VAL T 112 79.47 -57.41 24.53
C VAL T 112 79.24 -55.92 24.78
N ILE T 113 78.16 -55.38 24.21
CA ILE T 113 77.86 -53.97 24.37
C ILE T 113 77.39 -53.71 25.80
N GLU T 114 78.29 -53.26 26.67
CA GLU T 114 77.90 -53.05 28.05
C GLU T 114 77.35 -51.66 28.30
N HIS T 115 77.71 -50.68 27.49
CA HIS T 115 77.19 -49.34 27.68
C HIS T 115 76.91 -48.75 26.32
N ILE T 116 75.76 -48.12 26.16
CA ILE T 116 75.50 -47.34 24.95
C ILE T 116 74.54 -46.23 25.32
N GLN T 117 74.87 -45.02 24.87
CA GLN T 117 74.13 -43.83 25.26
C GLN T 117 74.00 -42.90 24.07
N VAL T 118 72.79 -42.37 23.89
CA VAL T 118 72.48 -41.42 22.83
C VAL T 118 72.06 -40.13 23.50
N ASN T 119 72.80 -39.06 23.26
CA ASN T 119 72.52 -37.73 23.76
C ASN T 119 72.04 -36.84 22.62
N LYS T 120 71.29 -35.81 22.96
CA LYS T 120 70.87 -34.83 21.97
C LYS T 120 72.03 -33.89 21.64
N ALA T 121 72.31 -33.71 20.36
CA ALA T 121 73.29 -32.77 19.88
C ALA T 121 72.64 -31.41 19.66
N PRO T 122 73.43 -30.35 19.51
CA PRO T 122 72.83 -29.04 19.20
C PRO T 122 72.04 -29.08 17.90
N LYS T 123 70.89 -28.43 17.91
CA LYS T 123 69.98 -28.50 16.78
C LYS T 123 70.45 -27.59 15.65
N MET T 124 70.07 -27.96 14.43
CA MET T 124 70.44 -27.24 13.23
C MET T 124 69.20 -26.56 12.65
N ARG T 125 69.37 -25.30 12.26
CA ARG T 125 68.27 -24.42 11.92
C ARG T 125 68.03 -24.43 10.41
N ARG T 126 66.79 -24.74 10.03
CA ARG T 126 66.33 -24.56 8.66
C ARG T 126 64.95 -23.93 8.73
N ARG T 127 64.38 -23.65 7.58
CA ARG T 127 63.22 -22.79 7.53
C ARG T 127 62.12 -23.44 6.70
N THR T 128 60.87 -23.24 7.12
CA THR T 128 59.72 -23.66 6.34
C THR T 128 58.74 -22.50 6.23
N TYR T 129 57.97 -22.50 5.15
CA TYR T 129 57.12 -21.39 4.77
C TYR T 129 55.66 -21.80 4.91
N ARG T 130 54.89 -21.01 5.66
CA ARG T 130 53.54 -21.37 6.04
C ARG T 130 52.53 -20.41 5.41
N ALA T 131 51.27 -20.56 5.81
CA ALA T 131 50.16 -20.14 4.97
C ALA T 131 50.08 -18.63 4.80
N HIS T 132 50.20 -17.87 5.88
CA HIS T 132 49.83 -16.47 5.74
C HIS T 132 51.03 -15.56 5.86
N GLY T 133 52.10 -15.89 5.14
CA GLY T 133 53.31 -15.11 5.21
C GLY T 133 54.15 -15.40 6.42
N ARG T 134 54.07 -16.60 6.95
CA ARG T 134 54.72 -16.95 8.21
C ARG T 134 55.89 -17.89 7.98
N ILE T 135 56.82 -17.84 8.91
CA ILE T 135 58.05 -18.63 8.89
C ILE T 135 58.02 -19.54 10.10
N ASN T 136 58.28 -20.82 9.89
CA ASN T 136 58.41 -21.71 11.03
C ASN T 136 59.73 -22.45 10.99
N PRO T 137 60.21 -22.92 12.13
CA PRO T 137 61.46 -23.68 12.15
C PRO T 137 61.33 -25.02 11.45
N TYR T 138 62.46 -25.53 11.00
CA TYR T 138 62.59 -26.84 10.40
C TYR T 138 63.82 -27.53 10.95
N MET T 139 63.89 -27.59 12.27
CA MET T 139 65.10 -28.02 12.96
C MET T 139 65.45 -29.47 12.66
N SER T 140 66.73 -29.74 12.59
CA SER T 140 67.24 -31.09 12.68
C SER T 140 67.52 -31.42 14.14
N SER T 141 67.47 -32.71 14.46
CA SER T 141 67.68 -33.17 15.84
C SER T 141 68.79 -34.20 15.88
N PRO T 142 70.05 -33.76 15.74
CA PRO T 142 71.15 -34.73 15.70
C PRO T 142 71.48 -35.28 17.07
N CYS T 143 72.44 -36.19 17.14
CA CYS T 143 72.70 -36.85 18.40
C CYS T 143 74.17 -37.21 18.52
N HIS T 144 74.67 -37.17 19.75
CA HIS T 144 75.93 -37.80 20.11
C HIS T 144 75.66 -39.23 20.52
N ILE T 145 76.58 -40.13 20.18
CA ILE T 145 76.48 -41.52 20.59
C ILE T 145 77.79 -41.94 21.21
N GLU T 146 77.71 -42.71 22.28
CA GLU T 146 78.91 -43.32 22.84
C GLU T 146 78.60 -44.76 23.21
N MET T 147 79.60 -45.63 23.09
CA MET T 147 79.42 -47.03 23.44
C MET T 147 80.70 -47.59 24.02
N ILE T 148 80.52 -48.51 24.96
CA ILE T 148 81.59 -49.23 25.62
C ILE T 148 81.30 -50.71 25.49
N LEU T 149 82.21 -51.45 24.87
CA LEU T 149 82.15 -52.89 24.74
C LEU T 149 83.12 -53.51 25.73
N THR T 150 82.80 -54.71 26.19
CA THR T 150 83.61 -55.39 27.19
C THR T 150 83.66 -56.88 26.89
N GLU T 151 84.83 -57.47 27.07
CA GLU T 151 84.96 -58.91 26.99
C GLU T 151 84.21 -59.58 28.13
N LYS T 152 83.43 -60.61 27.78
CA LYS T 152 82.85 -61.48 28.80
C LYS T 152 82.45 -62.78 28.12
N GLU T 153 83.05 -63.88 28.55
CA GLU T 153 82.69 -65.20 28.04
C GLU T 153 83.01 -66.27 29.07
N GLY U 1 38.31 -17.49 74.80
CA GLY U 1 38.87 -16.16 74.71
C GLY U 1 38.27 -15.23 75.73
N VAL U 2 38.96 -14.12 75.97
CA VAL U 2 38.49 -13.10 76.91
C VAL U 2 37.93 -11.94 76.11
N ASP U 3 37.04 -11.19 76.74
CA ASP U 3 36.39 -10.05 76.11
C ASP U 3 37.05 -8.77 76.61
N ILE U 4 38.17 -8.43 75.97
CA ILE U 4 38.91 -7.20 76.25
C ILE U 4 39.37 -6.60 74.94
N ARG U 5 39.72 -5.32 75.00
CA ARG U 5 40.24 -4.60 73.85
C ARG U 5 41.72 -4.31 74.06
N HIS U 6 42.51 -4.47 73.00
CA HIS U 6 43.96 -4.38 73.09
C HIS U 6 44.51 -3.12 72.43
N ASN U 7 43.66 -2.17 72.10
CA ASN U 7 44.15 -0.98 71.41
C ASN U 7 44.73 0.06 72.33
N LYS U 8 44.61 -0.13 73.64
CA LYS U 8 45.21 0.76 74.62
C LYS U 8 46.21 0.04 75.53
N ASP U 9 46.63 -1.17 75.16
CA ASP U 9 47.54 -1.93 76.01
C ASP U 9 48.88 -1.23 76.13
N ARG U 10 49.46 -0.84 74.99
CA ARG U 10 50.77 -0.23 74.98
C ARG U 10 50.65 1.26 75.26
N LYS U 11 51.17 1.70 76.39
CA LYS U 11 51.18 3.12 76.73
C LYS U 11 52.29 3.82 75.97
N VAL U 12 51.95 4.92 75.31
CA VAL U 12 52.89 5.66 74.47
C VAL U 12 53.52 6.73 75.33
N ARG U 13 54.80 6.57 75.64
CA ARG U 13 55.52 7.51 76.47
C ARG U 13 57.01 7.24 76.32
N ARG U 14 57.80 8.27 76.61
CA ARG U 14 59.25 8.14 76.54
C ARG U 14 59.73 7.32 77.73
N LYS U 15 60.40 6.21 77.46
CA LYS U 15 61.09 5.43 78.48
C LYS U 15 62.58 5.70 78.50
N GLU U 16 63.06 6.54 77.59
CA GLU U 16 64.46 6.91 77.46
C GLU U 16 64.53 8.08 76.50
N PRO U 17 65.63 8.84 76.52
CA PRO U 17 65.77 9.90 75.52
C PRO U 17 66.00 9.31 74.13
N LYS U 18 65.37 9.91 73.14
CA LYS U 18 65.66 9.57 71.75
C LYS U 18 67.04 10.07 71.36
N SER U 19 67.60 11.00 72.12
CA SER U 19 68.93 11.52 71.86
C SER U 19 70.00 10.48 72.13
N GLN U 20 71.07 10.53 71.34
CA GLN U 20 72.24 9.70 71.53
C GLN U 20 73.36 10.43 72.27
N ASP U 21 73.07 11.61 72.81
CA ASP U 21 74.07 12.40 73.51
C ASP U 21 74.54 11.68 74.76
N ILE U 22 75.85 11.44 74.83
CA ILE U 22 76.38 10.61 75.91
C ILE U 22 76.36 11.30 77.26
N TYR U 23 76.56 12.62 77.31
CA TYR U 23 76.45 13.32 78.59
C TYR U 23 75.03 13.31 79.11
N LEU U 24 74.06 13.50 78.22
CA LEU U 24 72.67 13.39 78.61
C LEU U 24 72.35 11.98 79.09
N ARG U 25 72.87 10.95 78.42
CA ARG U 25 72.62 9.59 78.85
C ARG U 25 73.29 9.28 80.17
N LEU U 26 74.46 9.89 80.44
CA LEU U 26 75.10 9.70 81.72
C LEU U 26 74.28 10.30 82.86
N LEU U 27 73.83 11.52 82.69
CA LEU U 27 73.02 12.06 83.77
C LEU U 27 71.62 11.45 83.82
N VAL U 28 71.16 10.85 82.73
CA VAL U 28 69.97 10.00 82.79
C VAL U 28 70.24 8.77 83.64
N LYS U 29 71.41 8.15 83.51
CA LYS U 29 71.76 7.04 84.39
C LYS U 29 71.75 7.47 85.84
N LEU U 30 72.35 8.64 86.11
CA LEU U 30 72.41 9.15 87.47
C LEU U 30 71.02 9.36 88.05
N TYR U 31 70.15 10.05 87.33
CA TYR U 31 68.83 10.33 87.87
C TYR U 31 67.89 9.15 87.80
N ARG U 32 68.16 8.16 86.95
CA ARG U 32 67.45 6.89 87.01
C ARG U 32 67.73 6.18 88.31
N PHE U 33 69.01 6.12 88.70
CA PHE U 33 69.34 5.54 90.00
C PHE U 33 68.72 6.33 91.13
N LEU U 34 68.78 7.67 91.06
CA LEU U 34 68.21 8.49 92.13
C LEU U 34 66.71 8.27 92.25
N ALA U 35 65.99 8.24 91.13
CA ALA U 35 64.56 8.03 91.17
C ALA U 35 64.21 6.66 91.72
N ARG U 36 64.97 5.64 91.34
CA ARG U 36 64.68 4.29 91.82
C ARG U 36 64.94 4.18 93.32
N ARG U 37 66.05 4.72 93.80
CA ARG U 37 66.51 4.44 95.14
C ARG U 37 66.16 5.52 96.15
N THR U 38 65.46 6.57 95.76
CA THR U 38 64.92 7.51 96.72
C THR U 38 63.41 7.59 96.56
N ASN U 39 62.74 8.04 97.62
CA ASN U 39 61.29 8.22 97.58
C ASN U 39 60.88 9.57 97.02
N SER U 40 61.84 10.40 96.65
CA SER U 40 61.52 11.73 96.17
C SER U 40 60.81 11.67 94.83
N THR U 41 59.76 12.46 94.69
CA THR U 41 59.06 12.58 93.42
C THR U 41 59.68 13.65 92.53
N PHE U 42 60.49 14.53 93.11
CA PHE U 42 61.26 15.48 92.33
C PHE U 42 62.19 14.76 91.37
N ASN U 43 62.85 13.70 91.83
CA ASN U 43 63.75 12.94 90.97
C ASN U 43 63.00 12.29 89.83
N GLN U 44 61.80 11.77 90.09
CA GLN U 44 61.01 11.16 89.03
C GLN U 44 60.59 12.18 87.99
N VAL U 45 60.18 13.38 88.44
CA VAL U 45 59.81 14.42 87.49
C VAL U 45 61.01 14.84 86.65
N VAL U 46 62.16 15.00 87.28
CA VAL U 46 63.37 15.40 86.56
C VAL U 46 63.77 14.34 85.55
N LEU U 47 63.67 13.06 85.92
CA LEU U 47 64.02 12.00 84.99
C LEU U 47 63.09 11.97 83.79
N LYS U 48 61.78 12.07 84.03
CA LYS U 48 60.86 12.05 82.90
C LYS U 48 61.05 13.28 82.02
N ARG U 49 61.48 14.40 82.60
CA ARG U 49 61.78 15.57 81.77
C ARG U 49 63.04 15.38 80.97
N LEU U 50 64.05 14.70 81.54
CA LEU U 50 65.26 14.40 80.78
C LEU U 50 64.95 13.52 79.59
N PHE U 51 63.96 12.64 79.70
CA PHE U 51 63.59 11.84 78.54
C PHE U 51 63.01 12.68 77.41
N MET U 52 62.41 13.83 77.73
CA MET U 52 61.54 14.52 76.79
C MET U 52 62.30 15.09 75.61
N SER U 53 61.54 15.48 74.60
CA SER U 53 62.06 16.07 73.38
C SER U 53 62.26 17.57 73.56
N ARG U 54 62.82 18.21 72.54
CA ARG U 54 63.16 19.62 72.66
C ARG U 54 61.92 20.50 72.70
N THR U 55 60.89 20.15 71.95
CA THR U 55 59.67 20.93 71.99
C THR U 55 58.95 20.76 73.32
N ASN U 56 59.18 19.64 73.99
CA ASN U 56 58.66 19.41 75.33
C ASN U 56 59.59 19.95 76.40
N ARG U 57 60.71 20.53 76.02
CA ARG U 57 61.62 21.20 76.95
C ARG U 57 61.85 22.60 76.41
N PRO U 58 60.84 23.47 76.48
CA PRO U 58 60.99 24.81 75.92
C PRO U 58 61.99 25.62 76.72
N PRO U 59 62.64 26.60 76.11
CA PRO U 59 63.58 27.42 76.85
C PRO U 59 62.88 28.29 77.88
N LEU U 60 63.59 28.58 78.95
CA LEU U 60 63.09 29.42 80.03
C LEU U 60 63.88 30.71 80.03
N SER U 61 63.18 31.83 79.96
CA SER U 61 63.87 33.11 79.91
C SER U 61 64.27 33.57 81.30
N LEU U 62 65.26 34.46 81.32
CA LEU U 62 65.75 35.01 82.58
C LEU U 62 64.66 35.78 83.30
N SER U 63 63.84 36.53 82.55
CA SER U 63 62.78 37.31 83.16
C SER U 63 61.74 36.41 83.82
N ARG U 64 61.31 35.36 83.13
CA ARG U 64 60.34 34.44 83.69
C ARG U 64 60.91 33.74 84.92
N MET U 65 62.18 33.34 84.86
CA MET U 65 62.80 32.70 86.02
C MET U 65 62.89 33.66 87.20
N ILE U 66 63.26 34.92 86.96
CA ILE U 66 63.33 35.90 88.04
C ILE U 66 61.97 36.13 88.64
N ARG U 67 60.94 36.24 87.79
CA ARG U 67 59.59 36.48 88.28
C ARG U 67 59.11 35.31 89.14
N LYS U 68 59.40 34.08 88.72
CA LYS U 68 58.97 32.94 89.51
C LYS U 68 59.78 32.76 90.78
N MET U 69 61.03 33.23 90.79
CA MET U 69 61.85 33.12 91.98
C MET U 69 61.65 34.28 92.95
N LYS U 70 61.00 35.36 92.51
CA LYS U 70 60.69 36.47 93.40
C LYS U 70 59.47 36.21 94.28
N LEU U 71 58.73 35.13 94.04
CA LEU U 71 57.53 34.86 94.79
C LEU U 71 57.88 34.60 96.25
N PRO U 72 56.96 34.89 97.17
CA PRO U 72 57.29 34.81 98.60
C PRO U 72 57.68 33.40 99.02
N GLY U 73 58.66 33.32 99.91
CA GLY U 73 59.08 32.05 100.47
C GLY U 73 60.02 31.25 99.60
N ARG U 74 60.40 31.75 98.44
CA ARG U 74 61.32 31.05 97.55
C ARG U 74 62.73 31.60 97.65
N GLU U 75 63.02 32.40 98.67
CA GLU U 75 64.37 32.91 98.85
C GLU U 75 65.34 31.79 99.16
N ASN U 76 66.55 31.88 98.59
CA ASN U 76 67.62 30.92 98.81
C ASN U 76 67.23 29.51 98.35
N LYS U 77 66.38 29.43 97.34
CA LYS U 77 66.03 28.16 96.72
C LYS U 77 66.70 28.03 95.37
N THR U 78 66.95 26.81 94.95
CA THR U 78 67.61 26.57 93.67
C THR U 78 66.57 26.44 92.57
N ALA U 79 66.67 27.29 91.55
CA ALA U 79 65.76 27.21 90.42
C ALA U 79 66.27 26.14 89.46
N VAL U 80 65.47 25.10 89.25
CA VAL U 80 65.85 23.97 88.44
C VAL U 80 65.00 23.97 87.18
N VAL U 81 65.65 23.99 86.01
CA VAL U 81 64.94 23.85 84.74
C VAL U 81 65.63 22.74 83.96
N VAL U 82 64.83 21.84 83.40
CA VAL U 82 65.37 20.78 82.53
C VAL U 82 65.31 21.33 81.12
N GLY U 83 66.32 22.13 80.79
CA GLY U 83 66.34 22.79 79.50
C GLY U 83 67.32 23.94 79.50
N THR U 84 67.16 24.82 78.52
CA THR U 84 68.06 25.93 78.31
C THR U 84 67.55 27.18 79.01
N ILE U 85 68.44 27.89 79.67
CA ILE U 85 68.12 29.20 80.23
C ILE U 85 68.60 30.27 79.27
N THR U 86 67.71 31.20 78.97
CA THR U 86 67.90 32.17 77.91
C THR U 86 67.99 33.56 78.51
N ASP U 87 68.91 34.37 78.00
CA ASP U 87 68.98 35.75 78.40
C ASP U 87 67.77 36.54 77.90
N ASP U 88 67.24 37.39 78.76
CA ASP U 88 66.15 38.29 78.39
C ASP U 88 66.69 39.71 78.47
N VAL U 89 66.83 40.36 77.31
CA VAL U 89 67.37 41.71 77.27
C VAL U 89 66.36 42.77 77.66
N ARG U 90 65.12 42.37 77.96
CA ARG U 90 64.12 43.32 78.39
C ARG U 90 64.20 43.62 79.88
N VAL U 91 65.03 42.91 80.63
CA VAL U 91 65.21 43.18 82.04
C VAL U 91 66.56 43.84 82.24
N GLN U 92 66.65 44.65 83.29
CA GLN U 92 67.84 45.42 83.59
C GLN U 92 68.51 45.02 84.89
N GLU U 93 67.75 44.59 85.88
CA GLU U 93 68.28 44.19 87.18
C GLU U 93 68.18 42.68 87.29
N VAL U 94 69.31 42.02 87.51
CA VAL U 94 69.37 40.58 87.72
C VAL U 94 69.73 40.35 89.19
N PRO U 95 68.87 39.71 89.97
CA PRO U 95 69.17 39.44 91.37
C PRO U 95 70.15 38.26 91.47
N LYS U 96 70.57 37.98 92.70
CA LYS U 96 71.41 36.84 92.96
C LYS U 96 70.57 35.57 92.91
N LEU U 97 70.88 34.69 91.97
CA LEU U 97 70.11 33.48 91.74
C LEU U 97 71.01 32.25 91.82
N LYS U 98 70.53 31.23 92.51
CA LYS U 98 71.10 29.89 92.43
C LYS U 98 70.29 29.10 91.42
N VAL U 99 70.96 28.55 90.42
CA VAL U 99 70.31 28.06 89.22
C VAL U 99 70.93 26.74 88.82
N CYS U 100 70.10 25.78 88.41
CA CYS U 100 70.56 24.54 87.81
C CYS U 100 69.84 24.36 86.50
N ALA U 101 70.59 24.21 85.41
CA ALA U 101 70.00 24.11 84.09
C ALA U 101 70.76 23.11 83.26
N LEU U 102 70.07 22.55 82.27
CA LEU U 102 70.71 21.66 81.32
C LEU U 102 71.64 22.43 80.40
N ARG U 103 71.24 23.64 80.02
CA ARG U 103 72.05 24.50 79.18
C ARG U 103 71.82 25.94 79.64
N VAL U 104 72.84 26.78 79.47
CA VAL U 104 72.70 28.21 79.74
C VAL U 104 73.34 28.96 78.58
N THR U 105 72.61 29.93 78.03
CA THR U 105 73.15 30.81 77.01
C THR U 105 74.33 31.58 77.57
N SER U 106 75.30 31.90 76.71
CA SER U 106 76.51 32.56 77.17
C SER U 106 76.21 33.90 77.82
N ARG U 107 75.32 34.69 77.22
CA ARG U 107 74.99 35.98 77.81
C ARG U 107 74.21 35.84 79.10
N ALA U 108 73.29 34.87 79.15
CA ALA U 108 72.56 34.62 80.40
C ALA U 108 73.51 34.20 81.50
N ARG U 109 74.48 33.35 81.17
CA ARG U 109 75.46 32.90 82.16
C ARG U 109 76.30 34.06 82.65
N SER U 110 76.75 34.93 81.75
CA SER U 110 77.56 36.07 82.18
C SER U 110 76.76 37.00 83.07
N ARG U 111 75.49 37.24 82.73
CA ARG U 111 74.67 38.11 83.56
C ARG U 111 74.44 37.52 84.93
N ILE U 112 74.10 36.22 84.99
CA ILE U 112 73.84 35.57 86.27
C ILE U 112 75.08 35.59 87.14
N LEU U 113 76.24 35.31 86.56
CA LEU U 113 77.46 35.23 87.36
C LEU U 113 77.93 36.60 87.81
N ARG U 114 77.77 37.63 86.98
CA ARG U 114 78.17 38.96 87.43
C ARG U 114 77.18 39.51 88.45
N ALA U 115 75.96 38.99 88.45
CA ALA U 115 75.05 39.37 89.52
C ALA U 115 75.34 38.64 90.80
N GLY U 116 76.41 37.86 90.88
CA GLY U 116 76.75 37.11 92.07
C GLY U 116 76.10 35.75 92.18
N GLY U 117 75.40 35.30 91.16
CA GLY U 117 74.69 34.04 91.22
C GLY U 117 75.58 32.84 91.03
N LYS U 118 74.94 31.67 91.07
CA LYS U 118 75.62 30.40 90.95
C LYS U 118 74.91 29.52 89.95
N ILE U 119 75.68 28.82 89.13
CA ILE U 119 75.14 27.95 88.08
C ILE U 119 75.65 26.53 88.34
N LEU U 120 74.73 25.57 88.29
CA LEU U 120 75.04 24.16 88.49
C LEU U 120 74.54 23.34 87.32
N THR U 121 75.25 22.26 87.04
CA THR U 121 74.73 21.22 86.17
C THR U 121 73.91 20.24 87.00
N PHE U 122 73.35 19.23 86.35
CA PHE U 122 72.46 18.34 87.07
C PHE U 122 73.20 17.34 87.94
N ASP U 123 74.43 16.97 87.59
CA ASP U 123 75.24 16.17 88.50
C ASP U 123 75.60 16.95 89.76
N GLN U 124 75.92 18.24 89.60
CA GLN U 124 76.14 19.09 90.77
C GLN U 124 74.87 19.25 91.58
N LEU U 125 73.72 19.32 90.93
CA LEU U 125 72.47 19.38 91.67
C LEU U 125 72.21 18.08 92.44
N ALA U 126 72.55 16.94 91.86
CA ALA U 126 72.42 15.69 92.59
C ALA U 126 73.33 15.66 93.80
N LEU U 127 74.56 16.18 93.67
CA LEU U 127 75.45 16.21 94.83
C LEU U 127 74.99 17.24 95.87
N ASP U 128 74.35 18.31 95.44
CA ASP U 128 73.94 19.36 96.36
C ASP U 128 72.66 18.98 97.10
N SER U 129 71.59 18.70 96.36
CA SER U 129 70.34 18.20 96.94
C SER U 129 69.96 16.91 96.22
N PRO U 130 70.36 15.76 96.78
CA PRO U 130 70.04 14.48 96.12
C PRO U 130 68.55 14.19 96.04
N LYS U 131 67.74 14.76 96.92
CA LYS U 131 66.31 14.57 96.90
C LYS U 131 65.57 15.75 96.28
N GLY U 132 66.27 16.78 95.84
CA GLY U 132 65.62 17.96 95.34
C GLY U 132 65.03 18.86 96.38
N CYS U 133 65.52 18.80 97.61
CA CYS U 133 65.03 19.67 98.66
C CYS U 133 65.48 21.10 98.42
N GLY U 134 64.60 22.05 98.71
CA GLY U 134 64.91 23.46 98.54
C GLY U 134 65.06 23.90 97.10
N THR U 135 64.27 23.33 96.20
CA THR U 135 64.31 23.68 94.80
C THR U 135 62.96 24.21 94.35
N VAL U 136 63.00 25.00 93.29
CA VAL U 136 61.81 25.46 92.59
C VAL U 136 61.95 24.90 91.18
N LEU U 137 61.10 23.94 90.84
CA LEU U 137 61.16 23.28 89.54
C LEU U 137 60.36 24.10 88.55
N LEU U 138 61.05 24.78 87.64
CA LEU U 138 60.43 25.67 86.68
C LEU U 138 60.40 25.03 85.31
N SER U 139 59.61 25.63 84.43
CA SER U 139 59.47 25.17 83.06
C SER U 139 59.21 26.36 82.18
N GLY U 140 59.76 26.34 80.98
CA GLY U 140 59.47 27.38 80.01
C GLY U 140 58.08 27.20 79.46
N PRO U 141 57.58 28.18 78.76
CA PRO U 141 56.22 28.08 78.22
C PRO U 141 56.08 26.99 77.18
N ARG U 142 55.32 25.95 77.50
CA ARG U 142 55.21 24.81 76.61
C ARG U 142 54.45 25.14 75.33
N LYS U 143 53.47 26.03 75.42
CA LYS U 143 52.67 26.41 74.27
C LYS U 143 53.13 27.70 73.63
N GLY U 144 54.32 28.18 74.00
CA GLY U 144 54.87 29.36 73.36
C GLY U 144 55.59 29.02 72.08
N ARG U 145 54.85 28.51 71.10
CA ARG U 145 55.42 28.15 69.81
C ARG U 145 54.44 28.55 68.72
N GLU U 146 54.97 28.73 67.52
CA GLU U 146 54.15 29.22 66.43
C GLU U 146 53.10 28.20 66.00
N VAL U 147 53.40 26.91 66.16
CA VAL U 147 52.48 25.86 65.71
C VAL U 147 51.17 25.91 66.49
N TYR U 148 51.22 26.37 67.73
CA TYR U 148 50.00 26.42 68.53
C TYR U 148 49.07 27.54 68.09
N ARG U 149 49.54 28.43 67.24
CA ARG U 149 48.64 29.40 66.63
C ARG U 149 47.80 28.78 65.53
N HIS U 150 48.34 27.80 64.84
CA HIS U 150 47.60 27.09 63.81
C HIS U 150 46.80 25.93 64.35
N PHE U 151 47.12 25.45 65.54
CA PHE U 151 46.38 24.34 66.12
C PHE U 151 45.04 24.82 66.66
N GLY U 152 44.04 23.93 66.61
CA GLY U 152 42.72 24.22 67.13
C GLY U 152 41.66 23.97 66.08
N LYS U 153 40.52 24.66 66.25
CA LYS U 153 39.47 24.60 65.25
C LYS U 153 39.95 25.22 63.95
N ALA U 154 39.36 24.78 62.85
CA ALA U 154 39.80 25.25 61.55
C ALA U 154 39.52 26.74 61.40
N PRO U 155 40.36 27.46 60.65
CA PRO U 155 40.16 28.92 60.53
C PRO U 155 38.82 29.31 59.93
N GLY U 156 38.20 28.43 59.15
CA GLY U 156 36.97 28.77 58.46
C GLY U 156 35.73 28.30 59.18
N THR U 157 35.83 28.15 60.49
CA THR U 157 34.66 27.82 61.30
C THR U 157 34.34 28.99 62.22
N PRO U 158 33.08 29.14 62.61
CA PRO U 158 32.71 30.26 63.48
C PRO U 158 33.41 30.19 64.82
N HIS U 159 33.77 31.37 65.33
CA HIS U 159 34.39 31.55 66.64
C HIS U 159 35.74 30.85 66.75
N SER U 160 36.45 30.71 65.63
CA SER U 160 37.81 30.21 65.65
C SER U 160 38.74 31.37 65.37
N HIS U 161 39.79 31.48 66.16
CA HIS U 161 40.78 32.51 65.98
C HIS U 161 42.15 31.89 65.75
N THR U 162 42.18 30.85 64.93
CA THR U 162 43.41 30.16 64.62
C THR U 162 44.01 30.68 63.33
N LYS U 163 45.32 30.82 63.32
CA LYS U 163 46.02 31.32 62.15
C LYS U 163 45.89 30.33 61.00
N PRO U 164 45.66 30.81 59.80
CA PRO U 164 45.75 29.92 58.63
C PRO U 164 47.17 29.87 58.09
N TYR U 165 47.40 28.87 57.25
CA TYR U 165 48.69 28.71 56.57
C TYR U 165 48.63 29.48 55.26
N VAL U 166 49.35 30.59 55.19
CA VAL U 166 49.43 31.40 53.98
C VAL U 166 50.90 31.63 53.68
N ARG U 167 51.26 31.53 52.39
CA ARG U 167 52.65 31.76 52.02
C ARG U 167 53.04 33.22 52.21
N SER U 168 52.08 34.13 52.14
CA SER U 168 52.35 35.54 52.29
C SER U 168 51.19 36.19 53.04
N LYS U 169 51.47 37.33 53.65
CA LYS U 169 50.43 38.10 54.32
C LYS U 169 50.24 39.42 53.58
N GLY U 170 49.01 39.71 53.21
CA GLY U 170 48.70 40.91 52.47
C GLY U 170 47.23 40.94 52.15
N ARG U 171 46.81 42.04 51.52
CA ARG U 171 45.39 42.24 51.28
C ARG U 171 44.84 41.30 50.21
N LYS U 172 45.71 40.60 49.48
CA LYS U 172 45.29 39.68 48.44
C LYS U 172 45.32 38.23 48.87
N PHE U 173 45.72 37.95 50.11
CA PHE U 173 45.98 36.58 50.55
C PHE U 173 44.97 36.21 51.63
N GLU U 174 43.90 35.56 51.21
CA GLU U 174 42.90 34.97 52.10
C GLU U 174 42.22 36.03 52.96
N ARG U 175 41.60 36.99 52.29
CA ARG U 175 40.89 38.05 52.99
C ARG U 175 39.52 38.35 52.41
N ALA U 176 39.11 37.72 51.32
CA ALA U 176 37.85 38.15 50.73
C ALA U 176 36.63 37.32 51.10
N ARG U 177 36.50 36.09 50.61
CA ARG U 177 35.22 35.39 50.68
C ARG U 177 35.24 34.37 51.80
N GLY U 178 34.44 34.61 52.83
CA GLY U 178 34.57 33.90 54.07
C GLY U 178 35.27 34.69 55.14
N ARG U 179 35.64 35.93 54.85
CA ARG U 179 36.32 36.78 55.80
C ARG U 179 35.61 38.10 56.04
N ARG U 180 34.64 38.46 55.21
CA ARG U 180 33.90 39.69 55.40
C ARG U 180 32.51 39.52 54.82
N ALA U 181 31.53 40.19 55.44
CA ALA U 181 30.14 40.03 55.02
C ALA U 181 29.91 40.53 53.61
N SER U 182 30.74 41.47 53.15
CA SER U 182 30.58 42.00 51.81
C SER U 182 30.91 40.95 50.75
N ARG U 183 31.87 40.06 51.02
CA ARG U 183 32.23 39.00 50.10
C ARG U 183 31.63 37.68 50.59
N GLY U 184 30.33 37.53 50.37
CA GLY U 184 29.67 36.29 50.68
C GLY U 184 29.25 36.11 52.13
N TYR U 185 30.21 35.84 53.00
CA TYR U 185 29.92 35.60 54.40
C TYR U 185 31.19 35.86 55.19
N LYS U 186 31.08 35.87 56.51
CA LYS U 186 32.26 36.07 57.35
C LYS U 186 32.50 34.95 58.33
N ASN U 187 31.47 34.47 59.01
CA ASN U 187 31.56 33.58 60.19
C ASN U 187 32.70 33.89 61.16
N SER V 1 82.15 -40.18 -18.16
CA SER V 1 81.46 -40.11 -16.87
C SER V 1 80.18 -39.28 -16.99
N MET V 2 80.36 -37.96 -17.08
CA MET V 2 79.25 -37.01 -17.23
C MET V 2 79.48 -36.26 -18.54
N LEU V 3 78.53 -36.37 -19.47
CA LEU V 3 78.73 -35.93 -20.85
C LEU V 3 77.76 -34.85 -21.26
N ARG V 4 77.33 -34.02 -20.30
CA ARG V 4 76.40 -32.94 -20.61
C ARG V 4 77.04 -31.91 -21.53
N LEU V 5 78.29 -31.54 -21.26
CA LEU V 5 79.01 -30.59 -22.11
C LEU V 5 79.18 -31.14 -23.51
N GLN V 6 79.55 -32.41 -23.63
CA GLN V 6 79.79 -32.99 -24.94
C GLN V 6 78.49 -33.08 -25.74
N LYS V 7 77.39 -33.42 -25.08
CA LYS V 7 76.12 -33.45 -25.80
C LYS V 7 75.73 -32.07 -26.29
N ARG V 8 75.92 -31.04 -25.45
CA ARG V 8 75.61 -29.68 -25.88
C ARG V 8 76.47 -29.27 -27.07
N LEU V 9 77.77 -29.57 -27.01
CA LEU V 9 78.67 -29.19 -28.10
C LEU V 9 78.33 -29.94 -29.37
N ALA V 10 78.01 -31.22 -29.27
CA ALA V 10 77.66 -31.98 -30.46
C ALA V 10 76.37 -31.51 -31.08
N SER V 11 75.39 -31.13 -30.25
CA SER V 11 74.17 -30.56 -30.78
C SER V 11 74.44 -29.26 -31.52
N SER V 12 75.29 -28.42 -30.96
CA SER V 12 75.64 -27.18 -31.64
C SER V 12 76.39 -27.43 -32.96
N VAL V 13 77.34 -28.36 -32.96
CA VAL V 13 78.15 -28.60 -34.15
C VAL V 13 77.32 -29.26 -35.25
N LEU V 14 76.52 -30.26 -34.90
CA LEU V 14 75.67 -30.93 -35.87
C LEU V 14 74.46 -30.08 -36.26
N ARG V 15 74.20 -28.99 -35.55
CA ARG V 15 73.09 -28.08 -35.87
C ARG V 15 71.76 -28.80 -35.80
N CYS V 16 71.62 -29.68 -34.81
CA CYS V 16 70.38 -30.35 -34.52
C CYS V 16 70.02 -30.08 -33.07
N GLY V 17 69.01 -30.76 -32.55
CA GLY V 17 68.75 -30.70 -31.14
C GLY V 17 69.52 -31.77 -30.40
N LYS V 18 69.49 -31.67 -29.08
CA LYS V 18 70.06 -32.74 -28.27
C LYS V 18 69.27 -34.02 -28.38
N LYS V 19 68.04 -33.95 -28.89
CA LYS V 19 67.26 -35.15 -29.16
C LYS V 19 67.99 -36.06 -30.13
N LYS V 20 68.64 -35.47 -31.12
CA LYS V 20 69.22 -36.20 -32.23
C LYS V 20 70.68 -36.56 -32.04
N VAL V 21 71.30 -36.13 -30.95
CA VAL V 21 72.72 -36.44 -30.74
C VAL V 21 72.82 -37.83 -30.12
N TRP V 22 73.59 -38.69 -30.76
CA TRP V 22 73.82 -40.05 -30.26
C TRP V 22 75.28 -40.16 -29.90
N LEU V 23 75.57 -40.27 -28.60
CA LEU V 23 76.92 -40.54 -28.13
C LEU V 23 77.06 -42.03 -27.93
N ASP V 24 78.17 -42.59 -28.38
CA ASP V 24 78.37 -44.02 -28.28
C ASP V 24 78.40 -44.45 -26.82
N PRO V 25 77.49 -45.32 -26.39
CA PRO V 25 77.47 -45.72 -24.97
C PRO V 25 78.72 -46.46 -24.54
N ASN V 26 79.47 -47.02 -25.47
CA ASN V 26 80.68 -47.77 -25.14
C ASN V 26 81.93 -46.91 -25.14
N GLU V 27 81.99 -45.89 -25.98
CA GLU V 27 83.16 -45.01 -26.03
C GLU V 27 82.96 -43.79 -25.14
N THR V 28 82.53 -44.04 -23.91
CA THR V 28 82.26 -42.95 -22.98
C THR V 28 83.56 -42.27 -22.55
N ASN V 29 84.59 -43.05 -22.24
CA ASN V 29 85.87 -42.48 -21.86
C ASN V 29 86.49 -41.69 -22.99
N GLU V 30 86.31 -42.13 -24.23
CA GLU V 30 86.86 -41.38 -25.35
C GLU V 30 86.10 -40.08 -25.57
N ILE V 31 84.77 -40.12 -25.47
CA ILE V 31 83.99 -38.90 -25.68
C ILE V 31 84.26 -37.90 -24.56
N ALA V 32 84.46 -38.39 -23.34
CA ALA V 32 84.64 -37.49 -22.19
C ALA V 32 85.89 -36.64 -22.31
N ASN V 33 86.86 -37.04 -23.11
CA ASN V 33 88.04 -36.23 -23.32
C ASN V 33 87.82 -35.06 -24.25
N ALA V 34 86.71 -35.06 -25.00
CA ALA V 34 86.46 -34.04 -26.01
C ALA V 34 85.89 -32.81 -25.33
N ASN V 35 86.74 -31.85 -24.99
CA ASN V 35 86.29 -30.62 -24.36
C ASN V 35 86.20 -29.46 -25.33
N SER V 36 86.34 -29.71 -26.63
CA SER V 36 86.31 -28.66 -27.62
C SER V 36 85.46 -29.08 -28.81
N ARG V 37 84.97 -28.07 -29.54
CA ARG V 37 84.14 -28.33 -30.70
C ARG V 37 84.92 -29.00 -31.81
N GLN V 38 86.23 -28.76 -31.89
CA GLN V 38 87.03 -29.45 -32.90
C GLN V 38 87.19 -30.92 -32.55
N GLN V 39 87.34 -31.25 -31.26
CA GLN V 39 87.33 -32.64 -30.86
C GLN V 39 85.98 -33.28 -31.11
N ILE V 40 84.90 -32.53 -30.91
CA ILE V 40 83.57 -33.03 -31.24
C ILE V 40 83.48 -33.34 -32.74
N ARG V 41 84.02 -32.46 -33.57
CA ARG V 41 84.02 -32.70 -35.01
C ARG V 41 84.81 -33.96 -35.36
N LYS V 42 85.95 -34.15 -34.69
CA LYS V 42 86.74 -35.36 -34.93
C LYS V 42 85.97 -36.60 -34.55
N LEU V 43 85.26 -36.58 -33.42
CA LEU V 43 84.45 -37.72 -33.03
C LEU V 43 83.30 -37.95 -34.01
N ILE V 44 82.73 -36.89 -34.54
CA ILE V 44 81.67 -37.03 -35.54
C ILE V 44 82.19 -37.71 -36.79
N LYS V 45 83.37 -37.31 -37.26
CA LYS V 45 83.97 -37.99 -38.40
C LYS V 45 84.28 -39.44 -38.08
N ASP V 46 84.75 -39.71 -36.87
CA ASP V 46 85.08 -41.07 -36.48
C ASP V 46 83.86 -41.93 -36.20
N GLY V 47 82.67 -41.33 -36.15
CA GLY V 47 81.46 -42.12 -35.98
C GLY V 47 81.10 -42.41 -34.55
N LEU V 48 81.85 -41.89 -33.58
CA LEU V 48 81.48 -42.03 -32.19
C LEU V 48 80.33 -41.10 -31.81
N ILE V 49 80.09 -40.06 -32.59
CA ILE V 49 78.97 -39.16 -32.41
C ILE V 49 78.19 -39.15 -33.70
N ILE V 50 76.90 -39.46 -33.63
CA ILE V 50 76.07 -39.69 -34.79
C ILE V 50 74.81 -38.86 -34.66
N ARG V 51 74.39 -38.20 -35.74
CA ARG V 51 73.13 -37.48 -35.77
C ARG V 51 72.01 -38.44 -36.16
N LYS V 52 71.07 -38.64 -35.24
CA LYS V 52 69.97 -39.56 -35.47
C LYS V 52 69.00 -39.00 -36.49
N PRO V 53 68.34 -39.86 -37.26
CA PRO V 53 67.38 -39.38 -38.26
C PRO V 53 66.12 -38.83 -37.62
N VAL V 54 65.43 -38.00 -38.39
CA VAL V 54 64.17 -37.42 -37.94
C VAL V 54 63.15 -38.53 -37.70
N THR V 55 62.44 -38.43 -36.59
CA THR V 55 61.34 -39.36 -36.31
C THR V 55 60.30 -39.26 -37.42
N VAL V 56 59.87 -40.41 -37.92
CA VAL V 56 59.06 -40.44 -39.14
C VAL V 56 57.67 -39.92 -38.84
N HIS V 57 57.22 -38.95 -39.63
CA HIS V 57 55.83 -38.51 -39.66
C HIS V 57 55.39 -38.59 -41.11
N SER V 58 54.66 -39.64 -41.45
CA SER V 58 54.27 -39.91 -42.82
C SER V 58 52.96 -39.23 -43.15
N ARG V 59 52.87 -38.69 -44.36
CA ARG V 59 51.65 -38.10 -44.87
C ARG V 59 50.91 -39.03 -45.82
N ALA V 60 51.29 -40.31 -45.85
CA ALA V 60 50.64 -41.25 -46.75
C ALA V 60 49.18 -41.44 -46.41
N ARG V 61 48.87 -41.53 -45.12
CA ARG V 61 47.49 -41.63 -44.69
C ARG V 61 46.67 -40.43 -45.13
N CYS V 62 47.24 -39.23 -44.96
CA CYS V 62 46.57 -38.02 -45.42
C CYS V 62 46.38 -38.02 -46.92
N ARG V 63 47.39 -38.47 -47.68
CA ARG V 63 47.26 -38.46 -49.13
C ARG V 63 46.16 -39.42 -49.58
N LYS V 64 46.08 -40.59 -48.96
CA LYS V 64 45.03 -41.55 -49.30
C LYS V 64 43.66 -40.98 -48.96
N ASN V 65 43.51 -40.36 -47.79
CA ASN V 65 42.24 -39.76 -47.44
C ASN V 65 41.90 -38.59 -48.35
N THR V 66 42.91 -37.86 -48.82
CA THR V 66 42.66 -36.74 -49.72
C THR V 66 42.20 -37.24 -51.10
N LEU V 67 42.76 -38.35 -51.56
CA LEU V 67 42.27 -38.94 -52.80
C LEU V 67 40.82 -39.39 -52.66
N ALA V 68 40.49 -40.01 -51.52
CA ALA V 68 39.11 -40.38 -51.27
C ALA V 68 38.20 -39.15 -51.27
N ARG V 69 38.65 -38.07 -50.64
CA ARG V 69 37.84 -36.86 -50.57
C ARG V 69 37.66 -36.23 -51.94
N ARG V 70 38.67 -36.32 -52.80
CA ARG V 70 38.48 -35.88 -54.18
C ARG V 70 37.43 -36.71 -54.88
N LYS V 71 37.45 -38.03 -54.68
CA LYS V 71 36.37 -38.85 -55.21
C LYS V 71 35.02 -38.53 -54.59
N GLY V 72 34.99 -37.90 -53.42
CA GLY V 72 33.75 -37.49 -52.79
C GLY V 72 33.48 -38.13 -51.45
N ARG V 73 34.35 -39.02 -50.99
CA ARG V 73 34.12 -39.69 -49.72
C ARG V 73 34.35 -38.75 -48.55
N HIS V 74 33.73 -39.10 -47.42
CA HIS V 74 33.88 -38.38 -46.15
C HIS V 74 33.42 -36.93 -46.26
N MET V 75 32.53 -36.62 -47.20
CA MET V 75 31.94 -35.29 -47.28
C MET V 75 30.55 -35.26 -46.69
N GLY V 76 29.63 -36.05 -47.25
CA GLY V 76 28.34 -36.34 -46.66
C GLY V 76 27.56 -35.18 -46.07
N ILE V 77 26.70 -35.48 -45.10
CA ILE V 77 26.06 -34.48 -44.29
C ILE V 77 26.56 -34.50 -42.86
N GLY V 78 26.85 -35.67 -42.33
CA GLY V 78 27.40 -35.83 -41.00
C GLY V 78 28.91 -35.70 -40.92
N LYS V 79 29.55 -35.15 -41.94
CA LYS V 79 30.96 -34.83 -41.86
C LYS V 79 31.21 -33.34 -41.98
N ARG V 80 30.17 -32.53 -41.89
CA ARG V 80 30.30 -31.08 -42.03
C ARG V 80 30.05 -30.41 -40.71
N LYS V 81 30.99 -29.55 -40.31
CA LYS V 81 30.86 -28.80 -39.07
C LYS V 81 30.72 -27.31 -39.30
N GLY V 82 31.08 -26.81 -40.47
CA GLY V 82 30.91 -25.41 -40.78
C GLY V 82 29.70 -25.20 -41.64
N THR V 83 29.16 -23.99 -41.61
CA THR V 83 28.05 -23.66 -42.47
C THR V 83 28.47 -23.72 -43.92
N ALA V 84 27.49 -23.65 -44.82
CA ALA V 84 27.79 -23.66 -46.23
C ALA V 84 28.66 -22.48 -46.62
N ASN V 85 28.36 -21.30 -46.06
CA ASN V 85 29.16 -20.11 -46.34
C ASN V 85 30.56 -20.25 -45.78
N ALA V 86 30.71 -20.83 -44.59
CA ALA V 86 32.04 -21.01 -44.02
C ALA V 86 32.85 -21.98 -44.85
N ARG V 87 32.23 -23.05 -45.35
CA ARG V 87 32.95 -24.06 -46.11
C ARG V 87 33.29 -23.56 -47.50
N MET V 88 32.42 -22.75 -48.10
CA MET V 88 32.65 -22.23 -49.45
C MET V 88 31.89 -20.92 -49.56
N PRO V 89 32.58 -19.79 -49.37
CA PRO V 89 31.88 -18.51 -49.24
C PRO V 89 31.12 -18.11 -50.49
N GLU V 90 29.93 -17.56 -50.28
CA GLU V 90 29.11 -17.10 -51.39
C GLU V 90 29.74 -15.91 -52.08
N LYS V 91 30.47 -15.07 -51.34
CA LYS V 91 31.16 -13.96 -51.98
C LYS V 91 32.25 -14.47 -52.92
N VAL V 92 32.98 -15.49 -52.51
CA VAL V 92 34.01 -16.05 -53.38
C VAL V 92 33.38 -16.73 -54.59
N THR V 93 32.26 -17.43 -54.39
CA THR V 93 31.57 -18.04 -55.51
C THR V 93 31.11 -17.00 -56.51
N TRP V 94 30.53 -15.90 -56.02
CA TRP V 94 30.08 -14.81 -56.88
C TRP V 94 31.24 -14.14 -57.58
N MET V 95 32.36 -13.95 -56.88
CA MET V 95 33.53 -13.33 -57.48
C MET V 95 34.06 -14.17 -58.62
N ARG V 96 34.18 -15.48 -58.42
CA ARG V 96 34.62 -16.36 -59.49
C ARG V 96 33.65 -16.31 -60.66
N ARG V 97 32.35 -16.33 -60.38
CA ARG V 97 31.36 -16.31 -61.45
C ARG V 97 31.45 -15.03 -62.27
N MET V 98 31.54 -13.89 -61.60
CA MET V 98 31.63 -12.62 -62.30
C MET V 98 32.89 -12.53 -63.12
N ARG V 99 34.01 -12.99 -62.58
CA ARG V 99 35.25 -12.96 -63.35
C ARG V 99 35.15 -13.83 -64.59
N ILE V 100 34.61 -15.04 -64.43
CA ILE V 100 34.51 -15.96 -65.56
C ILE V 100 33.61 -15.38 -66.64
N LEU V 101 32.44 -14.89 -66.25
CA LEU V 101 31.48 -14.43 -67.24
C LEU V 101 31.93 -13.13 -67.91
N ARG V 102 32.55 -12.22 -67.15
CA ARG V 102 33.06 -11.01 -67.76
C ARG V 102 34.22 -11.30 -68.69
N ARG V 103 35.06 -12.26 -68.36
CA ARG V 103 36.11 -12.67 -69.28
C ARG V 103 35.52 -13.21 -70.57
N LEU V 104 34.48 -14.03 -70.46
CA LEU V 104 33.83 -14.56 -71.66
C LEU V 104 33.24 -13.46 -72.51
N LEU V 105 32.55 -12.50 -71.88
CA LEU V 105 31.94 -11.41 -72.64
C LEU V 105 33.00 -10.55 -73.30
N ARG V 106 34.10 -10.26 -72.59
CA ARG V 106 35.17 -9.49 -73.19
C ARG V 106 35.75 -10.20 -74.39
N ARG V 107 35.97 -11.51 -74.28
CA ARG V 107 36.54 -12.25 -75.40
C ARG V 107 35.60 -12.29 -76.60
N TYR V 108 34.30 -12.42 -76.36
CA TYR V 108 33.36 -12.38 -77.48
C TYR V 108 33.35 -11.02 -78.16
N ARG V 109 33.41 -9.94 -77.37
CA ARG V 109 33.45 -8.62 -77.97
C ARG V 109 34.73 -8.40 -78.75
N GLU V 110 35.86 -8.94 -78.27
CA GLU V 110 37.09 -8.77 -79.03
C GLU V 110 37.11 -9.60 -80.30
N SER V 111 36.49 -10.79 -80.28
CA SER V 111 36.44 -11.63 -81.46
C SER V 111 35.24 -11.31 -82.35
N LYS V 112 34.51 -10.23 -82.04
CA LYS V 112 33.46 -9.70 -82.89
C LYS V 112 32.25 -10.61 -82.97
N LYS V 113 32.15 -11.58 -82.07
CA LYS V 113 30.94 -12.40 -82.02
C LYS V 113 29.75 -11.57 -81.57
N ILE V 114 29.99 -10.62 -80.66
CA ILE V 114 28.97 -9.68 -80.23
C ILE V 114 29.54 -8.28 -80.37
N ASP V 115 28.63 -7.31 -80.52
CA ASP V 115 29.03 -5.92 -80.64
C ASP V 115 28.98 -5.23 -79.28
N ARG V 116 29.31 -3.94 -79.26
CA ARG V 116 29.39 -3.22 -77.99
C ARG V 116 28.04 -3.15 -77.29
N HIS V 117 26.98 -2.97 -78.06
CA HIS V 117 25.66 -2.80 -77.46
C HIS V 117 25.17 -4.10 -76.84
N MET V 118 25.32 -5.21 -77.56
CA MET V 118 25.00 -6.51 -77.00
C MET V 118 25.88 -6.81 -75.80
N TYR V 119 27.16 -6.43 -75.88
CA TYR V 119 28.07 -6.65 -74.78
C TYR V 119 27.61 -5.91 -73.54
N HIS V 120 27.21 -4.66 -73.68
CA HIS V 120 26.81 -3.87 -72.52
C HIS V 120 25.53 -4.41 -71.90
N SER V 121 24.56 -4.77 -72.75
CA SER V 121 23.32 -5.34 -72.20
C SER V 121 23.59 -6.64 -71.47
N LEU V 122 24.40 -7.53 -72.05
CA LEU V 122 24.73 -8.78 -71.39
C LEU V 122 25.58 -8.56 -70.16
N TYR V 123 26.42 -7.54 -70.15
CA TYR V 123 27.21 -7.21 -68.96
C TYR V 123 26.30 -6.84 -67.81
N LEU V 124 25.31 -5.99 -68.08
CA LEU V 124 24.39 -5.62 -67.02
C LEU V 124 23.55 -6.81 -66.57
N LYS V 125 23.17 -7.70 -67.49
CA LYS V 125 22.43 -8.90 -67.09
C LYS V 125 23.28 -9.85 -66.26
N VAL V 126 24.56 -10.02 -66.61
CA VAL V 126 25.45 -10.86 -65.81
C VAL V 126 25.59 -10.29 -64.41
N LYS V 127 25.77 -8.97 -64.30
CA LYS V 127 25.78 -8.35 -63.00
C LYS V 127 24.44 -8.52 -62.28
N GLY V 128 23.36 -8.59 -63.02
CA GLY V 128 22.05 -8.82 -62.46
C GLY V 128 21.71 -10.25 -62.14
N ASN V 129 22.63 -11.17 -62.42
CA ASN V 129 22.51 -12.57 -62.02
C ASN V 129 21.34 -13.26 -62.72
N VAL V 130 21.43 -13.32 -64.04
CA VAL V 130 20.50 -14.13 -64.82
C VAL V 130 21.18 -15.32 -65.49
N PHE V 131 22.51 -15.31 -65.63
CA PHE V 131 23.26 -16.43 -66.14
C PHE V 131 24.16 -16.95 -65.03
N LYS V 132 24.12 -18.26 -64.79
CA LYS V 132 24.92 -18.86 -63.74
C LYS V 132 26.14 -19.59 -64.26
N ASN V 133 26.22 -19.88 -65.54
CA ASN V 133 27.35 -20.64 -66.09
C ASN V 133 27.81 -20.00 -67.39
N LYS V 134 29.05 -20.32 -67.75
CA LYS V 134 29.52 -20.07 -69.11
C LYS V 134 28.60 -20.71 -70.13
N ARG V 135 28.12 -21.92 -69.86
CA ARG V 135 27.26 -22.61 -70.80
C ARG V 135 25.94 -21.87 -70.97
N ILE V 136 25.34 -21.42 -69.87
CA ILE V 136 24.08 -20.70 -69.96
C ILE V 136 24.26 -19.40 -70.72
N LEU V 137 25.35 -18.68 -70.43
CA LEU V 137 25.60 -17.44 -71.14
C LEU V 137 25.81 -17.69 -72.63
N MET V 138 26.58 -18.72 -72.98
CA MET V 138 26.83 -19.01 -74.38
C MET V 138 25.55 -19.40 -75.11
N GLU V 139 24.71 -20.22 -74.47
CA GLU V 139 23.47 -20.61 -75.11
C GLU V 139 22.56 -19.41 -75.33
N HIS V 140 22.49 -18.52 -74.35
CA HIS V 140 21.69 -17.32 -74.53
C HIS V 140 22.24 -16.44 -75.64
N ILE V 141 23.57 -16.33 -75.74
CA ILE V 141 24.17 -15.53 -76.80
C ILE V 141 23.84 -16.14 -78.16
N HIS V 142 23.93 -17.46 -78.28
CA HIS V 142 23.60 -18.12 -79.53
C HIS V 142 22.14 -17.90 -79.91
N LYS V 143 21.24 -17.98 -78.93
CA LYS V 143 19.83 -17.75 -79.23
C LYS V 143 19.58 -16.31 -79.66
N LEU V 144 20.26 -15.35 -79.02
CA LEU V 144 20.14 -13.96 -79.42
C LEU V 144 20.64 -13.76 -80.85
N LYS V 145 21.78 -14.37 -81.18
CA LYS V 145 22.32 -14.20 -82.53
C LYS V 145 21.46 -14.89 -83.57
N ALA V 146 20.86 -16.04 -83.22
CA ALA V 146 19.95 -16.70 -84.13
C ALA V 146 18.70 -15.87 -84.37
N ASP V 147 18.17 -15.24 -83.32
CA ASP V 147 17.02 -14.36 -83.50
C ASP V 147 17.38 -13.14 -84.35
N LYS V 148 18.57 -12.58 -84.14
CA LYS V 148 19.03 -11.47 -84.97
C LYS V 148 19.16 -11.87 -86.43
N ALA V 149 19.73 -13.05 -86.69
CA ALA V 149 19.82 -13.55 -88.05
C ALA V 149 18.45 -13.82 -88.66
N ARG V 150 17.51 -14.35 -87.88
CA ARG V 150 16.18 -14.61 -88.41
C ARG V 150 15.45 -13.33 -88.77
N LYS V 151 15.49 -12.34 -87.87
CA LYS V 151 14.82 -11.09 -88.19
C LYS V 151 15.46 -10.41 -89.40
N LYS V 152 16.80 -10.49 -89.51
CA LYS V 152 17.44 -9.95 -90.70
C LYS V 152 17.04 -10.69 -91.96
N LEU V 153 16.94 -12.02 -91.88
CA LEU V 153 16.53 -12.81 -93.04
C LEU V 153 15.12 -12.46 -93.49
N LEU V 154 14.19 -12.38 -92.54
CA LEU V 154 12.81 -12.06 -92.90
C LEU V 154 12.67 -10.64 -93.42
N ALA V 155 13.40 -9.69 -92.83
CA ALA V 155 13.37 -8.33 -93.35
C ALA V 155 13.93 -8.28 -94.77
N ASP V 156 15.00 -9.02 -95.03
CA ASP V 156 15.57 -9.07 -96.37
C ASP V 156 14.59 -9.68 -97.36
N GLN V 157 13.90 -10.74 -96.95
CA GLN V 157 12.93 -11.36 -97.85
C GLN V 157 11.75 -10.44 -98.14
N ALA V 158 11.26 -9.73 -97.11
CA ALA V 158 10.16 -8.81 -97.33
C ALA V 158 10.57 -7.68 -98.27
N GLU V 159 11.75 -7.11 -98.05
CA GLU V 159 12.25 -6.07 -98.94
C GLU V 159 12.45 -6.62 -100.35
N ALA V 160 12.95 -7.83 -100.48
CA ALA V 160 13.18 -8.41 -101.79
C ALA V 160 11.87 -8.66 -102.52
N ARG V 161 10.84 -9.14 -101.82
CA ARG V 161 9.56 -9.36 -102.46
C ARG V 161 8.92 -8.05 -102.90
N ARG V 162 8.95 -7.03 -102.04
CA ARG V 162 8.32 -5.77 -102.43
C ARG V 162 9.13 -5.09 -103.53
N SER V 163 10.45 -5.26 -103.54
CA SER V 163 11.25 -4.72 -104.61
C SER V 163 11.02 -5.47 -105.92
N LYS V 164 10.76 -6.78 -105.84
CA LYS V 164 10.45 -7.54 -107.04
C LYS V 164 9.12 -7.11 -107.64
N THR V 165 8.10 -6.95 -106.79
CA THR V 165 6.82 -6.46 -107.29
C THR V 165 6.95 -5.04 -107.83
N LYS V 166 7.76 -4.21 -107.16
CA LYS V 166 8.01 -2.87 -107.64
C LYS V 166 8.74 -2.88 -108.99
N GLU V 167 9.67 -3.81 -109.18
CA GLU V 167 10.33 -3.96 -110.48
C GLU V 167 9.32 -4.32 -111.55
N ALA V 168 8.53 -5.36 -111.30
CA ALA V 168 7.57 -5.85 -112.27
C ALA V 168 6.50 -4.81 -112.59
N ARG V 169 6.23 -3.90 -111.67
CA ARG V 169 5.30 -2.81 -111.92
C ARG V 169 5.96 -1.61 -112.58
N LYS V 170 7.17 -1.26 -112.15
CA LYS V 170 7.84 -0.08 -112.68
C LYS V 170 8.25 -0.28 -114.13
N ARG V 171 8.71 -1.48 -114.49
CA ARG V 171 9.02 -1.70 -115.90
C ARG V 171 7.76 -1.87 -116.73
N ARG V 172 6.68 -2.36 -116.13
CA ARG V 172 5.39 -2.40 -116.81
C ARG V 172 4.95 -0.99 -117.19
N GLU V 173 4.93 -0.08 -116.22
CA GLU V 173 4.56 1.29 -116.53
C GLU V 173 5.61 2.01 -117.35
N GLU V 174 6.87 1.59 -117.30
CA GLU V 174 7.90 2.16 -118.15
C GLU V 174 7.63 1.85 -119.62
N ARG V 175 7.39 0.58 -119.92
CA ARG V 175 7.05 0.25 -121.30
C ARG V 175 5.67 0.76 -121.69
N LEU V 176 4.75 0.93 -120.74
CA LEU V 176 3.46 1.51 -121.05
C LEU V 176 3.58 2.99 -121.42
N GLN V 177 4.36 3.75 -120.63
CA GLN V 177 4.57 5.15 -120.97
C GLN V 177 5.42 5.30 -122.22
N ALA V 178 6.30 4.34 -122.51
CA ALA V 178 7.00 4.33 -123.78
C ALA V 178 6.03 4.11 -124.94
N LYS V 179 5.05 3.21 -124.75
CA LYS V 179 4.01 3.03 -125.75
C LYS V 179 3.22 4.32 -125.96
N LYS V 180 2.86 5.00 -124.87
CA LYS V 180 2.12 6.25 -125.00
C LYS V 180 2.96 7.31 -125.71
N GLU V 181 4.24 7.40 -125.38
CA GLU V 181 5.10 8.41 -125.97
C GLU V 181 5.35 8.12 -127.45
N GLU V 182 5.49 6.85 -127.83
CA GLU V 182 5.65 6.56 -129.26
C GLU V 182 4.34 6.82 -130.00
N ILE V 183 3.20 6.56 -129.36
CA ILE V 183 1.91 6.87 -129.98
C ILE V 183 1.81 8.37 -130.23
N ILE V 184 2.19 9.19 -129.25
CA ILE V 184 2.01 10.63 -129.40
C ILE V 184 3.10 11.30 -130.22
N LYS V 185 4.28 10.69 -130.36
CA LYS V 185 5.24 11.22 -131.31
C LYS V 185 4.85 10.86 -132.74
N THR V 186 4.24 9.69 -132.93
CA THR V 186 3.65 9.40 -134.24
C THR V 186 2.43 10.28 -134.51
N LEU V 187 1.78 10.79 -133.47
CA LEU V 187 0.69 11.75 -133.64
C LEU V 187 1.20 13.06 -134.20
N LYS W 1 9.09 -26.61 80.47
CA LYS W 1 9.35 -27.61 81.49
C LYS W 1 9.75 -28.94 80.88
N ALA W 2 10.88 -29.47 81.30
CA ALA W 2 11.31 -30.79 80.89
C ALA W 2 10.84 -31.80 81.95
N SER W 3 11.46 -32.98 82.00
CA SER W 3 10.99 -34.02 82.88
C SER W 3 12.19 -34.83 83.38
N GLY W 4 11.94 -36.07 83.80
CA GLY W 4 12.83 -36.87 84.60
C GLY W 4 11.94 -37.94 85.21
N THR W 5 11.94 -38.09 86.53
CA THR W 5 10.81 -38.65 87.22
C THR W 5 10.23 -37.56 88.12
N LEU W 6 8.96 -37.28 87.95
CA LEU W 6 8.38 -36.11 88.61
C LEU W 6 8.19 -36.37 90.09
N ARG W 7 8.15 -35.28 90.86
CA ARG W 7 7.79 -35.33 92.25
C ARG W 7 6.66 -34.34 92.49
N GLU W 8 5.87 -34.61 93.51
CA GLU W 8 4.80 -33.72 93.91
C GLU W 8 5.31 -32.73 94.95
N TYR W 9 4.90 -31.48 94.80
CA TYR W 9 5.29 -30.41 95.69
C TYR W 9 4.04 -29.68 96.12
N LYS W 10 3.92 -29.45 97.42
CA LYS W 10 2.92 -28.56 97.98
C LYS W 10 3.58 -27.20 98.05
N VAL W 11 3.05 -26.26 97.28
CA VAL W 11 3.58 -24.90 97.23
C VAL W 11 2.53 -23.96 97.76
N VAL W 12 2.87 -23.20 98.79
CA VAL W 12 1.98 -22.24 99.40
C VAL W 12 2.59 -20.85 99.21
N GLY W 13 1.79 -19.93 98.69
CA GLY W 13 2.25 -18.59 98.44
C GLY W 13 1.19 -17.57 98.80
N ARG W 14 1.57 -16.29 98.67
CA ARG W 14 0.65 -15.20 98.95
C ARG W 14 1.19 -13.93 98.31
N CYS W 15 0.36 -12.90 98.29
CA CYS W 15 0.81 -11.58 97.90
C CYS W 15 1.57 -10.93 99.03
N LEU W 16 2.45 -9.99 98.69
CA LEU W 16 3.17 -9.27 99.72
C LEU W 16 2.21 -8.38 100.50
N PRO W 17 2.35 -8.30 101.81
CA PRO W 17 1.49 -7.41 102.59
C PRO W 17 1.68 -5.96 102.16
N THR W 18 0.56 -5.28 102.01
CA THR W 18 0.49 -3.91 101.52
C THR W 18 -0.37 -3.10 102.46
N PRO W 19 -0.29 -1.76 102.43
CA PRO W 19 -1.20 -0.97 103.26
C PRO W 19 -2.59 -0.84 102.65
N LYS W 20 -3.10 -1.96 102.14
CA LYS W 20 -4.48 -2.12 101.70
C LYS W 20 -5.13 -3.31 102.38
N CYS W 21 -4.48 -4.47 102.32
CA CYS W 21 -4.82 -5.62 103.14
C CYS W 21 -3.52 -6.11 103.79
N HIS W 22 -3.48 -6.09 105.11
CA HIS W 22 -2.27 -6.48 105.80
C HIS W 22 -2.02 -7.98 105.71
N THR W 23 -3.10 -8.77 105.81
CA THR W 23 -2.98 -10.22 105.76
C THR W 23 -3.67 -10.74 104.50
N PRO W 24 -2.95 -10.97 103.43
CA PRO W 24 -3.57 -11.50 102.22
C PRO W 24 -3.81 -13.00 102.35
N PRO W 25 -4.70 -13.56 101.55
CA PRO W 25 -4.97 -15.00 101.62
C PRO W 25 -3.76 -15.82 101.20
N LEU W 26 -3.68 -17.02 101.75
CA LEU W 26 -2.64 -17.98 101.40
C LEU W 26 -3.23 -18.99 100.43
N TYR W 27 -2.50 -19.25 99.34
CA TYR W 27 -2.95 -20.15 98.30
C TYR W 27 -2.02 -21.34 98.20
N ARG W 28 -2.60 -22.53 98.09
CA ARG W 28 -1.86 -23.78 98.07
C ARG W 28 -2.08 -24.47 96.74
N MET W 29 -1.02 -25.05 96.19
CA MET W 29 -1.09 -25.75 94.92
C MET W 29 -0.30 -27.06 94.98
N ARG W 30 -0.75 -28.01 94.17
CA ARG W 30 -0.05 -29.26 93.93
C ARG W 30 0.69 -29.14 92.61
N ILE W 31 2.01 -29.22 92.64
CA ILE W 31 2.83 -29.01 91.46
C ILE W 31 3.66 -30.28 91.23
N PHE W 32 3.62 -30.80 90.02
CA PHE W 32 4.38 -31.98 89.67
C PHE W 32 5.56 -31.53 88.83
N ALA W 33 6.76 -31.63 89.40
CA ALA W 33 7.92 -30.98 88.81
C ALA W 33 9.15 -31.84 89.08
N PRO W 34 10.20 -31.68 88.28
CA PRO W 34 11.45 -32.38 88.58
C PRO W 34 12.12 -31.93 89.87
N ASN W 35 12.05 -30.64 90.19
CA ASN W 35 12.71 -30.12 91.38
C ASN W 35 11.95 -28.90 91.86
N HIS W 36 12.35 -28.40 93.04
CA HIS W 36 11.61 -27.33 93.68
C HIS W 36 11.77 -25.99 92.97
N VAL W 37 12.87 -25.79 92.25
CA VAL W 37 13.00 -24.60 91.42
C VAL W 37 11.92 -24.56 90.37
N VAL W 38 11.76 -25.66 89.63
CA VAL W 38 10.71 -25.75 88.64
C VAL W 38 9.34 -25.68 89.31
N ALA W 39 9.23 -26.23 90.51
CA ALA W 39 7.95 -26.20 91.22
C ALA W 39 7.53 -24.78 91.55
N LYS W 40 8.46 -23.96 92.05
CA LYS W 40 8.15 -22.56 92.32
C LYS W 40 7.79 -21.82 91.04
N SER W 41 8.53 -22.07 89.97
CA SER W 41 8.22 -21.41 88.70
C SER W 41 6.82 -21.76 88.22
N ARG W 42 6.45 -23.04 88.27
CA ARG W 42 5.13 -23.44 87.82
C ARG W 42 4.04 -22.93 88.74
N PHE W 43 4.32 -22.82 90.03
CA PHE W 43 3.35 -22.22 90.94
C PHE W 43 3.04 -20.79 90.55
N TRP W 44 4.08 -20.01 90.25
CA TRP W 44 3.83 -18.64 89.82
C TRP W 44 3.09 -18.60 88.50
N TYR W 45 3.42 -19.50 87.58
CA TYR W 45 2.70 -19.57 86.31
C TYR W 45 1.21 -19.79 86.53
N PHE W 46 0.86 -20.67 87.46
CA PHE W 46 -0.56 -20.98 87.65
C PHE W 46 -1.29 -19.91 88.43
N VAL W 47 -0.68 -19.35 89.47
CA VAL W 47 -1.38 -18.35 90.23
C VAL W 47 -1.47 -17.04 89.48
N SER W 48 -0.57 -16.77 88.54
CA SER W 48 -0.75 -15.61 87.68
C SER W 48 -1.96 -15.75 86.79
N GLN W 49 -2.26 -16.96 86.34
CA GLN W 49 -3.47 -17.18 85.55
C GLN W 49 -4.72 -17.11 86.41
N LEU W 50 -4.68 -17.70 87.60
CA LEU W 50 -5.88 -17.77 88.42
C LEU W 50 -6.17 -16.45 89.10
N LYS W 51 -5.26 -16.00 89.96
CA LYS W 51 -5.40 -14.72 90.63
C LYS W 51 -4.54 -13.68 89.92
N LYS W 52 -4.62 -12.44 90.39
CA LYS W 52 -3.77 -11.39 89.84
C LYS W 52 -2.54 -11.24 90.73
N MET W 53 -1.71 -12.27 90.67
CA MET W 53 -0.49 -12.34 91.46
C MET W 53 0.72 -12.41 90.55
N LYS W 54 1.88 -12.09 91.10
CA LYS W 54 3.12 -12.13 90.36
C LYS W 54 4.24 -12.55 91.30
N LYS W 55 5.35 -13.01 90.71
CA LYS W 55 6.51 -13.35 91.52
C LYS W 55 7.06 -12.13 92.24
N SER W 56 7.04 -10.97 91.59
CA SER W 56 7.56 -9.77 92.21
C SER W 56 6.64 -9.23 93.29
N SER W 57 5.34 -9.31 93.08
CA SER W 57 4.38 -8.79 94.03
C SER W 57 3.97 -9.81 95.09
N GLY W 58 4.54 -11.01 95.06
CA GLY W 58 4.17 -12.05 96.01
C GLY W 58 5.39 -12.77 96.52
N GLU W 59 5.15 -13.66 97.49
CA GLU W 59 6.20 -14.50 98.03
C GLU W 59 5.67 -15.91 98.23
N ILE W 60 6.59 -16.87 98.18
CA ILE W 60 6.27 -18.26 98.41
C ILE W 60 6.68 -18.58 99.85
N VAL W 61 5.69 -18.90 100.68
CA VAL W 61 5.92 -19.17 102.09
C VAL W 61 6.21 -20.63 102.37
N TYR W 62 5.91 -21.53 101.43
CA TYR W 62 6.27 -22.92 101.65
C TYR W 62 6.42 -23.63 100.31
N CYS W 63 7.35 -24.56 100.23
CA CYS W 63 7.46 -25.43 99.08
C CYS W 63 8.10 -26.73 99.56
N GLY W 64 7.33 -27.79 99.65
CA GLY W 64 7.83 -29.03 100.20
C GLY W 64 7.33 -30.21 99.41
N GLN W 65 8.20 -31.21 99.26
CA GLN W 65 7.81 -32.41 98.53
C GLN W 65 6.77 -33.19 99.33
N VAL W 66 5.72 -33.60 98.65
CA VAL W 66 4.67 -34.41 99.26
C VAL W 66 4.99 -35.87 98.97
N PHE W 67 5.37 -36.60 100.01
CA PHE W 67 5.63 -38.02 99.85
C PHE W 67 4.32 -38.77 99.69
N GLU W 68 4.37 -39.85 98.91
CA GLU W 68 3.19 -40.68 98.73
C GLU W 68 2.82 -41.35 100.05
N LYS W 69 1.54 -41.30 100.40
CA LYS W 69 1.12 -41.84 101.67
C LYS W 69 1.13 -43.35 101.69
N SER W 70 0.85 -43.98 100.55
CA SER W 70 0.81 -45.45 100.45
C SER W 70 1.60 -45.88 99.23
N PRO W 71 2.93 -45.80 99.30
CA PRO W 71 3.75 -46.20 98.14
C PRO W 71 3.85 -47.70 97.97
N LEU W 72 3.19 -48.49 98.81
CA LEU W 72 3.19 -49.94 98.67
C LEU W 72 1.83 -50.48 98.27
N ARG W 73 0.87 -49.61 97.96
CA ARG W 73 -0.46 -50.03 97.57
C ARG W 73 -0.70 -49.68 96.11
N VAL W 74 -1.03 -50.68 95.32
CA VAL W 74 -1.45 -50.47 93.94
C VAL W 74 -2.74 -49.67 93.93
N LYS W 75 -2.81 -48.66 93.08
CA LYS W 75 -4.07 -47.93 92.98
C LYS W 75 -4.24 -47.34 91.59
N ASN W 76 -5.47 -46.91 91.33
CA ASN W 76 -5.87 -46.31 90.07
C ASN W 76 -5.94 -44.80 90.24
N PHE W 77 -5.36 -44.09 89.30
CA PHE W 77 -5.32 -42.63 89.31
C PHE W 77 -6.09 -42.11 88.11
N GLY W 78 -6.99 -41.17 88.36
CA GLY W 78 -7.64 -40.42 87.30
C GLY W 78 -7.08 -39.02 87.27
N ILE W 79 -6.69 -38.60 86.08
CA ILE W 79 -6.05 -37.30 85.87
C ILE W 79 -6.89 -36.50 84.90
N TRP W 80 -7.34 -35.34 85.35
CA TRP W 80 -7.97 -34.35 84.48
C TRP W 80 -6.94 -33.32 84.09
N LEU W 81 -6.84 -33.05 82.80
CA LEU W 81 -5.81 -32.15 82.29
C LEU W 81 -6.35 -31.38 81.10
N ARG W 82 -5.63 -30.36 80.70
CA ARG W 82 -5.89 -29.66 79.46
C ARG W 82 -4.58 -29.43 78.74
N TYR W 83 -4.59 -29.56 77.41
CA TYR W 83 -3.36 -29.42 76.66
C TYR W 83 -3.64 -28.74 75.33
N ASP W 84 -2.59 -28.12 74.79
CA ASP W 84 -2.65 -27.46 73.50
C ASP W 84 -2.21 -28.44 72.42
N SER W 85 -3.10 -28.71 71.48
CA SER W 85 -2.75 -29.46 70.29
C SER W 85 -2.21 -28.49 69.25
N ARG W 86 -2.02 -28.95 68.03
CA ARG W 86 -1.57 -28.05 66.97
C ARG W 86 -2.68 -27.16 66.47
N SER W 87 -3.93 -27.47 66.79
CA SER W 87 -5.06 -26.75 66.20
C SER W 87 -6.14 -26.41 67.22
N GLY W 88 -5.88 -26.57 68.50
CA GLY W 88 -6.88 -26.24 69.48
C GLY W 88 -6.41 -26.58 70.88
N THR W 89 -7.33 -26.46 71.82
CA THR W 89 -7.11 -26.80 73.22
C THR W 89 -8.19 -27.76 73.67
N HIS W 90 -7.80 -28.81 74.38
CA HIS W 90 -8.73 -29.85 74.74
C HIS W 90 -8.57 -30.22 76.20
N ASN W 91 -9.66 -30.69 76.79
CA ASN W 91 -9.66 -31.27 78.11
C ASN W 91 -9.68 -32.78 77.99
N MET W 92 -8.88 -33.44 78.80
CA MET W 92 -8.75 -34.89 78.76
C MET W 92 -8.91 -35.45 80.16
N TYR W 93 -9.51 -36.63 80.24
CA TYR W 93 -9.49 -37.46 81.42
C TYR W 93 -8.75 -38.74 81.08
N ARG W 94 -7.72 -39.05 81.86
CA ARG W 94 -6.89 -40.22 81.62
C ARG W 94 -6.80 -41.04 82.90
N GLU W 95 -6.51 -42.32 82.74
CA GLU W 95 -6.42 -43.23 83.88
C GLU W 95 -5.14 -44.03 83.82
N TYR W 96 -4.51 -44.18 84.98
CA TYR W 96 -3.26 -44.93 85.09
C TYR W 96 -3.28 -45.77 86.35
N ARG W 97 -2.41 -46.76 86.40
CA ARG W 97 -2.25 -47.59 87.59
C ARG W 97 -0.84 -47.40 88.10
N ASP W 98 -0.71 -47.09 89.40
CA ASP W 98 0.62 -46.92 89.94
C ASP W 98 0.57 -47.02 91.46
N LEU W 99 1.77 -46.93 92.05
CA LEU W 99 1.93 -46.88 93.49
C LEU W 99 2.13 -45.47 94.00
N THR W 100 2.50 -44.53 93.15
CA THR W 100 2.72 -43.15 93.56
C THR W 100 1.98 -42.19 92.64
N THR W 101 1.49 -41.11 93.24
CA THR W 101 0.82 -40.07 92.47
C THR W 101 1.76 -39.44 91.46
N ALA W 102 2.98 -39.12 91.90
CA ALA W 102 3.97 -38.55 90.99
C ALA W 102 4.37 -39.54 89.90
N GLY W 103 4.42 -40.82 90.21
CA GLY W 103 4.68 -41.81 89.18
C GLY W 103 3.57 -41.86 88.15
N ALA W 104 2.33 -41.80 88.59
CA ALA W 104 1.23 -41.77 87.64
C ALA W 104 1.26 -40.52 86.78
N VAL W 105 1.61 -39.37 87.37
CA VAL W 105 1.68 -38.15 86.58
C VAL W 105 2.82 -38.22 85.57
N THR W 106 3.94 -38.85 85.96
CA THR W 106 5.01 -39.10 85.00
C THR W 106 4.54 -39.98 83.87
N GLN W 107 3.78 -41.04 84.19
CA GLN W 107 3.15 -41.86 83.18
C GLN W 107 2.29 -41.02 82.25
N CYS W 108 1.54 -40.07 82.82
CA CYS W 108 0.67 -39.23 82.01
C CYS W 108 1.48 -38.36 81.05
N TYR W 109 2.59 -37.80 81.52
CA TYR W 109 3.41 -36.98 80.63
C TYR W 109 4.02 -37.81 79.51
N ARG W 110 4.55 -38.99 79.85
CA ARG W 110 5.07 -39.88 78.81
C ARG W 110 3.99 -40.28 77.83
N ASP W 111 2.78 -40.57 78.32
CA ASP W 111 1.70 -41.02 77.46
C ASP W 111 1.18 -39.91 76.56
N MET W 112 1.05 -38.70 77.09
CA MET W 112 0.65 -37.58 76.27
C MET W 112 1.68 -37.31 75.17
N GLY W 113 2.96 -37.40 75.51
CA GLY W 113 3.98 -37.27 74.48
C GLY W 113 3.90 -38.38 73.45
N ALA W 114 3.60 -39.60 73.88
CA ALA W 114 3.62 -40.74 72.97
C ALA W 114 2.43 -40.70 72.02
N ARG W 115 1.24 -40.40 72.53
CA ARG W 115 0.03 -40.53 71.75
C ARG W 115 -0.40 -39.23 71.08
N HIS W 116 -0.10 -38.08 71.66
CA HIS W 116 -0.59 -36.83 71.12
C HIS W 116 0.51 -35.88 70.72
N ARG W 117 1.77 -36.29 70.84
CA ARG W 117 2.91 -35.44 70.53
C ARG W 117 2.85 -34.14 71.30
N ALA W 118 2.35 -34.20 72.52
CA ALA W 118 2.17 -33.03 73.36
C ALA W 118 3.38 -32.89 74.27
N ARG W 119 3.93 -31.70 74.33
CA ARG W 119 5.07 -31.43 75.19
C ARG W 119 4.60 -30.94 76.54
N ALA W 120 5.51 -30.99 77.50
CA ALA W 120 5.16 -30.67 78.88
C ALA W 120 4.74 -29.21 79.05
N HIS W 121 5.22 -28.33 78.18
CA HIS W 121 4.75 -26.96 78.25
C HIS W 121 3.33 -26.81 77.73
N SER W 122 2.89 -27.68 76.83
CA SER W 122 1.50 -27.69 76.41
C SER W 122 0.58 -28.31 77.44
N ILE W 123 1.04 -29.37 78.11
CA ILE W 123 0.20 -30.08 79.07
C ILE W 123 0.04 -29.22 80.33
N GLN W 124 -1.13 -29.33 80.97
CA GLN W 124 -1.47 -28.52 82.13
C GLN W 124 -2.35 -29.38 83.04
N ILE W 125 -1.74 -30.03 84.02
CA ILE W 125 -2.46 -30.94 84.91
C ILE W 125 -3.33 -30.14 85.86
N MET W 126 -4.59 -30.51 85.98
CA MET W 126 -5.47 -29.77 86.86
C MET W 126 -6.17 -30.61 87.91
N LYS W 127 -6.14 -31.94 87.82
CA LYS W 127 -6.68 -32.75 88.90
C LYS W 127 -6.09 -34.15 88.86
N VAL W 128 -5.67 -34.64 90.01
CA VAL W 128 -5.24 -36.03 90.15
C VAL W 128 -5.96 -36.63 91.35
N GLU W 129 -6.70 -37.69 91.13
CA GLU W 129 -7.47 -38.32 92.19
C GLU W 129 -7.28 -39.82 92.16
N GLU W 130 -7.06 -40.43 93.32
CA GLU W 130 -7.11 -41.88 93.41
C GLU W 130 -8.56 -42.33 93.34
N ILE W 131 -8.89 -43.08 92.31
CA ILE W 131 -10.25 -43.51 92.09
C ILE W 131 -10.38 -44.98 92.44
N ALA W 132 -11.61 -45.44 92.57
CA ALA W 132 -11.87 -46.84 92.84
C ALA W 132 -11.94 -47.62 91.55
N ALA W 133 -11.70 -48.93 91.67
CA ALA W 133 -11.73 -49.79 90.49
C ALA W 133 -13.12 -49.81 89.88
N SER W 134 -14.16 -49.79 90.71
CA SER W 134 -15.52 -49.73 90.21
C SER W 134 -15.82 -48.39 89.54
N LYS W 135 -15.06 -47.35 89.84
CA LYS W 135 -15.23 -46.04 89.24
C LYS W 135 -14.34 -45.82 88.02
N CYS W 136 -13.41 -46.73 87.75
CA CYS W 136 -12.57 -46.63 86.57
C CYS W 136 -13.39 -46.77 85.30
N ARG W 137 -12.92 -46.13 84.23
CA ARG W 137 -13.61 -46.12 82.95
C ARG W 137 -12.78 -46.64 81.78
N ARG W 138 -11.45 -46.57 81.87
CA ARG W 138 -10.63 -46.96 80.74
C ARG W 138 -10.43 -48.47 80.74
N PRO W 139 -10.74 -49.18 79.64
CA PRO W 139 -10.61 -50.64 79.65
C PRO W 139 -9.21 -51.14 79.91
N ALA W 140 -8.18 -50.39 79.48
CA ALA W 140 -6.81 -50.82 79.73
C ALA W 140 -6.52 -50.90 81.21
N VAL W 141 -7.04 -49.95 81.99
CA VAL W 141 -6.92 -50.03 83.44
C VAL W 141 -7.83 -51.11 83.99
N LYS W 142 -9.07 -51.17 83.51
CA LYS W 142 -10.06 -52.06 84.09
C LYS W 142 -9.74 -53.53 83.90
N GLN W 143 -8.95 -53.88 82.90
CA GLN W 143 -8.63 -55.29 82.70
C GLN W 143 -7.70 -55.85 83.75
N PHE W 144 -7.13 -55.01 84.61
CA PHE W 144 -6.28 -55.47 85.71
C PHE W 144 -7.03 -55.58 87.02
N HIS W 145 -8.33 -55.29 87.03
CA HIS W 145 -9.16 -55.50 88.21
C HIS W 145 -9.70 -56.93 88.18
N ASP W 146 -8.78 -57.87 88.40
CA ASP W 146 -9.08 -59.29 88.40
C ASP W 146 -8.36 -59.90 89.59
N SER W 147 -9.12 -60.42 90.55
CA SER W 147 -8.51 -60.99 91.74
C SER W 147 -7.67 -62.22 91.42
N LYS W 148 -8.01 -62.92 90.35
CA LYS W 148 -7.31 -64.12 89.92
C LYS W 148 -6.62 -63.89 88.58
N ILE W 149 -6.00 -62.72 88.43
CA ILE W 149 -5.33 -62.39 87.18
C ILE W 149 -4.18 -63.36 86.95
N LYS W 150 -4.00 -63.74 85.68
CA LYS W 150 -3.05 -64.78 85.32
C LYS W 150 -2.75 -64.65 83.84
N PHE W 151 -1.47 -64.54 83.50
CA PHE W 151 -1.06 -64.45 82.10
C PHE W 151 0.38 -64.90 81.99
N PRO W 152 0.77 -65.54 80.90
CA PRO W 152 2.17 -65.90 80.70
C PRO W 152 2.97 -64.74 80.13
N LEU W 153 4.23 -65.03 79.85
CA LEU W 153 5.12 -64.08 79.17
C LEU W 153 5.53 -64.76 77.87
N PRO W 154 4.77 -64.55 76.79
CA PRO W 154 4.85 -65.46 75.64
C PRO W 154 6.17 -65.47 74.89
N HIS W 155 6.60 -64.33 74.39
CA HIS W 155 7.69 -64.26 73.42
C HIS W 155 8.83 -63.47 74.07
N ARG W 156 9.65 -64.15 74.85
CA ARG W 156 10.74 -63.49 75.56
C ARG W 156 11.84 -63.16 74.59
N VAL W 157 12.16 -61.88 74.48
CA VAL W 157 13.18 -61.43 73.55
C VAL W 157 14.53 -61.47 74.25
N LEU W 158 15.52 -62.03 73.57
CA LEU W 158 16.88 -62.06 74.11
C LEU W 158 17.41 -60.63 74.21
N ARG W 159 17.80 -60.23 75.41
CA ARG W 159 18.28 -58.87 75.60
C ARG W 159 19.79 -58.76 75.69
N ARG W 160 20.48 -59.82 76.14
CA ARG W 160 21.93 -59.84 76.09
C ARG W 160 22.40 -60.35 74.73
N GLN W 161 22.09 -59.57 73.71
CA GLN W 161 22.44 -59.93 72.35
C GLN W 161 23.92 -59.79 72.06
N HIS W 162 24.67 -59.13 72.93
CA HIS W 162 26.10 -58.94 72.71
C HIS W 162 26.95 -59.59 73.77
N LYS W 163 26.35 -60.37 74.67
CA LYS W 163 27.08 -61.16 75.66
C LYS W 163 26.55 -62.58 75.62
N PRO W 164 27.10 -63.44 74.77
CA PRO W 164 28.18 -63.21 73.80
C PRO W 164 27.66 -62.67 72.48
N ARG W 165 28.53 -62.00 71.73
CA ARG W 165 28.13 -61.49 70.41
C ARG W 165 28.09 -62.58 69.36
N PHE W 166 28.98 -63.57 69.46
CA PHE W 166 28.99 -64.72 68.57
C PHE W 166 28.86 -65.98 69.40
N THR W 167 28.01 -66.89 68.96
CA THR W 167 27.74 -68.11 69.71
C THR W 167 27.24 -69.17 68.76
N THR W 168 27.44 -70.43 69.13
CA THR W 168 26.94 -71.51 68.29
C THR W 168 25.42 -71.62 68.36
N LYS W 169 24.86 -71.47 69.55
CA LYS W 169 23.46 -71.79 69.79
C LYS W 169 22.57 -70.60 69.46
N ARG W 170 21.50 -70.85 68.72
CA ARG W 170 20.48 -69.84 68.52
C ARG W 170 19.63 -69.73 69.78
N PRO W 171 19.19 -68.53 70.13
CA PRO W 171 18.52 -68.34 71.41
C PRO W 171 17.15 -69.00 71.45
N ASN W 172 16.70 -69.24 72.67
CA ASN W 172 15.38 -69.77 72.93
C ASN W 172 14.46 -68.63 73.34
N THR W 173 13.22 -68.71 72.88
CA THR W 173 12.20 -67.72 73.22
C THR W 173 11.19 -68.23 74.23
N PHE W 174 10.76 -69.47 74.13
CA PHE W 174 9.81 -70.03 75.07
C PHE W 174 10.47 -70.29 76.41
N PHE W 175 9.85 -69.83 77.47
CA PHE W 175 10.35 -70.10 78.81
C PHE W 175 9.21 -70.48 79.76
N THR X 1 14.88 13.05 50.88
CA THR X 1 13.69 12.26 51.08
C THR X 1 12.71 12.93 52.02
N ASN X 2 13.04 12.91 53.30
CA ASN X 2 12.29 13.69 54.27
C ASN X 2 12.63 15.16 54.09
N THR X 3 11.64 16.01 54.28
CA THR X 3 11.89 17.43 54.28
C THR X 3 12.67 17.82 55.53
N LYS X 4 13.22 19.02 55.52
CA LYS X 4 13.94 19.56 56.68
C LYS X 4 13.14 20.63 57.40
N GLY X 5 11.82 20.56 57.31
CA GLY X 5 10.99 21.59 57.91
C GLY X 5 11.11 21.59 59.42
N LYS X 6 11.06 22.79 60.00
CA LYS X 6 11.33 22.93 61.42
C LYS X 6 10.26 22.27 62.28
N ARG X 7 9.07 22.04 61.76
CA ARG X 7 8.00 21.44 62.53
C ARG X 7 7.49 20.15 61.89
N ARG X 8 8.34 19.48 61.13
CA ARG X 8 7.93 18.22 60.52
C ARG X 8 7.83 17.14 61.58
N GLY X 9 6.69 16.46 61.62
CA GLY X 9 6.48 15.38 62.57
C GLY X 9 6.02 15.80 63.95
N THR X 10 5.72 17.07 64.16
CA THR X 10 5.29 17.56 65.45
C THR X 10 3.78 17.66 65.57
N ARG X 11 3.06 16.88 64.76
CA ARG X 11 1.61 16.99 64.67
C ARG X 11 0.95 16.75 66.01
N TYR X 12 1.40 15.73 66.74
CA TYR X 12 0.95 15.52 68.10
C TYR X 12 1.88 16.12 69.12
N MET X 13 3.15 16.26 68.79
CA MET X 13 4.13 16.72 69.77
C MET X 13 3.81 18.13 70.25
N PHE X 14 3.43 19.02 69.34
CA PHE X 14 3.15 20.39 69.73
C PHE X 14 1.66 20.66 69.91
N SER X 15 0.81 19.65 69.72
CA SER X 15 -0.60 19.84 69.93
C SER X 15 -0.91 19.92 71.43
N ARG X 16 -2.05 20.43 71.74
CA ARG X 16 -2.52 20.56 73.10
C ARG X 16 -3.15 19.26 73.58
N PRO X 17 -3.16 19.00 74.87
CA PRO X 17 -3.89 17.85 75.39
C PRO X 17 -5.39 18.02 75.22
N PHE X 18 -6.11 16.91 75.37
CA PHE X 18 -7.55 16.92 75.17
C PHE X 18 -8.23 17.80 76.22
N ARG X 19 -9.09 18.69 75.73
CA ARG X 19 -9.83 19.63 76.58
C ARG X 19 -8.89 20.46 77.44
N LYS X 20 -7.74 20.82 76.89
CA LYS X 20 -6.79 21.70 77.55
C LYS X 20 -6.28 22.74 76.57
N HIS X 21 -7.16 23.20 75.69
CA HIS X 21 -6.84 24.26 74.75
C HIS X 21 -7.13 25.61 75.39
N GLY X 22 -6.98 26.68 74.60
CA GLY X 22 -7.41 27.99 75.04
C GLY X 22 -6.37 28.85 75.71
N VAL X 23 -6.79 29.61 76.71
CA VAL X 23 -5.91 30.58 77.36
C VAL X 23 -4.86 29.84 78.17
N VAL X 24 -3.63 30.33 78.10
CA VAL X 24 -2.55 29.77 78.91
C VAL X 24 -2.73 30.21 80.35
N PRO X 25 -2.72 29.29 81.32
CA PRO X 25 -2.79 29.69 82.73
C PRO X 25 -1.59 30.56 83.13
N LEU X 26 -1.83 31.51 84.01
CA LEU X 26 -0.87 32.57 84.28
C LEU X 26 0.18 32.21 85.32
N ALA X 27 0.02 31.11 86.06
CA ALA X 27 1.09 30.68 86.93
C ALA X 27 2.34 30.32 86.15
N THR X 28 2.18 29.84 84.92
CA THR X 28 3.34 29.56 84.08
C THR X 28 4.15 30.81 83.80
N TYR X 29 3.48 31.94 83.61
CA TYR X 29 4.17 33.21 83.50
C TYR X 29 4.65 33.74 84.84
N MET X 30 4.10 33.24 85.94
CA MET X 30 4.53 33.69 87.25
C MET X 30 5.69 32.91 87.84
N ARG X 31 6.10 31.80 87.23
CA ARG X 31 7.25 31.05 87.75
C ARG X 31 8.53 31.86 87.65
N ILE X 32 9.40 31.72 88.64
CA ILE X 32 10.66 32.46 88.69
C ILE X 32 11.80 31.53 88.30
N TYR X 33 12.56 31.90 87.28
CA TYR X 33 13.67 31.10 86.80
C TYR X 33 14.97 31.88 87.03
N LYS X 34 15.85 31.33 87.86
CA LYS X 34 17.15 31.91 88.11
C LYS X 34 18.21 31.21 87.25
N LYS X 35 19.42 31.75 87.28
CA LYS X 35 20.52 31.09 86.62
C LYS X 35 20.97 29.90 87.43
N GLY X 36 21.10 28.76 86.76
CA GLY X 36 21.59 27.56 87.39
C GLY X 36 20.55 26.54 87.76
N ASP X 37 19.28 26.81 87.51
CA ASP X 37 18.26 25.82 87.85
C ASP X 37 17.91 24.98 86.63
N ILE X 38 17.33 23.82 86.91
CA ILE X 38 17.12 22.78 85.92
C ILE X 38 15.68 22.84 85.45
N VAL X 39 15.48 22.89 84.14
CA VAL X 39 14.17 23.04 83.54
C VAL X 39 13.96 21.99 82.47
N ASP X 40 12.76 21.46 82.39
CA ASP X 40 12.37 20.58 81.31
C ASP X 40 11.73 21.39 80.19
N ILE X 41 12.20 21.19 78.96
CA ILE X 41 11.66 21.90 77.81
C ILE X 41 10.48 21.07 77.30
N LYS X 42 9.27 21.56 77.57
CA LYS X 42 8.08 20.92 77.02
C LYS X 42 7.81 21.39 75.59
N GLY X 43 7.48 22.65 75.40
CA GLY X 43 7.20 23.10 74.05
C GLY X 43 5.73 23.09 73.65
N MET X 44 4.90 23.86 74.36
CA MET X 44 3.49 23.93 74.03
C MET X 44 3.25 24.70 72.74
N GLY X 45 2.16 24.36 72.05
CA GLY X 45 1.92 24.86 70.72
C GLY X 45 0.95 26.02 70.61
N THR X 46 0.35 26.41 71.72
CA THR X 46 -0.49 27.61 71.72
C THR X 46 0.34 28.85 71.41
N VAL X 47 1.53 28.94 71.98
CA VAL X 47 2.44 30.05 71.74
C VAL X 47 3.45 29.62 70.69
N GLN X 48 3.55 30.38 69.60
CA GLN X 48 4.46 30.03 68.53
C GLN X 48 5.80 30.75 68.61
N LYS X 49 5.85 31.91 69.26
CA LYS X 49 7.09 32.63 69.43
C LYS X 49 7.97 31.93 70.46
N GLY X 50 9.28 31.95 70.24
CA GLY X 50 10.22 31.38 71.18
C GLY X 50 10.12 29.89 71.34
N MET X 51 9.52 29.20 70.38
CA MET X 51 9.29 27.77 70.50
C MET X 51 10.59 27.01 70.28
N PRO X 52 10.85 25.99 71.10
CA PRO X 52 12.04 25.16 70.88
C PRO X 52 11.88 24.24 69.68
N HIS X 53 13.02 23.76 69.20
CA HIS X 53 12.99 22.77 68.14
C HIS X 53 12.57 21.42 68.70
N LYS X 54 12.10 20.55 67.80
CA LYS X 54 11.54 19.28 68.21
C LYS X 54 12.56 18.35 68.86
N CYS X 55 13.84 18.57 68.62
CA CYS X 55 14.86 17.74 69.26
C CYS X 55 15.05 18.08 70.72
N TYR X 56 14.49 19.18 71.20
CA TYR X 56 14.62 19.59 72.58
C TYR X 56 13.38 19.32 73.40
N HIS X 57 12.27 18.95 72.75
CA HIS X 57 11.10 18.51 73.48
C HIS X 57 11.43 17.27 74.29
N GLY X 58 11.12 17.32 75.58
CA GLY X 58 11.43 16.22 76.46
C GLY X 58 12.84 16.19 76.98
N LYS X 59 13.63 17.22 76.72
CA LYS X 59 14.99 17.30 77.22
C LYS X 59 15.05 18.29 78.37
N THR X 60 16.04 18.07 79.24
CA THR X 60 16.22 18.87 80.44
C THR X 60 17.55 19.60 80.37
N GLY X 61 17.54 20.85 80.79
CA GLY X 61 18.75 21.65 80.74
C GLY X 61 18.90 22.58 81.92
N ARG X 62 19.96 23.37 81.92
CA ARG X 62 20.24 24.32 82.99
C ARG X 62 20.17 25.73 82.46
N VAL X 63 19.47 26.61 83.19
CA VAL X 63 19.33 27.99 82.76
C VAL X 63 20.65 28.73 82.95
N TYR X 64 21.05 29.51 81.96
CA TYR X 64 22.22 30.35 82.06
C TYR X 64 21.96 31.82 81.79
N ASN X 65 20.79 32.17 81.24
CA ASN X 65 20.50 33.54 80.89
C ASN X 65 19.02 33.78 81.09
N VAL X 66 18.65 34.97 81.56
CA VAL X 66 17.26 35.34 81.77
C VAL X 66 17.00 36.66 81.07
N THR X 67 15.96 36.70 80.24
CA THR X 67 15.52 37.90 79.55
C THR X 67 14.09 38.22 80.00
N GLN X 68 13.45 39.13 79.27
CA GLN X 68 12.10 39.56 79.66
C GLN X 68 11.10 38.43 79.57
N HIS X 69 11.12 37.67 78.48
CA HIS X 69 10.13 36.63 78.25
C HIS X 69 10.71 35.24 78.11
N ALA X 70 12.02 35.10 77.98
CA ALA X 70 12.62 33.84 77.66
C ALA X 70 13.77 33.57 78.62
N VAL X 71 14.34 32.38 78.51
CA VAL X 71 15.55 32.00 79.21
C VAL X 71 16.48 31.33 78.20
N GLY X 72 17.77 31.39 78.50
CA GLY X 72 18.78 30.64 77.77
C GLY X 72 19.08 29.36 78.52
N ILE X 73 19.05 28.25 77.81
CA ILE X 73 19.18 26.93 78.40
C ILE X 73 20.36 26.22 77.75
N VAL X 74 21.24 25.67 78.58
CA VAL X 74 22.31 24.80 78.11
C VAL X 74 21.81 23.37 78.20
N VAL X 75 21.50 22.78 77.06
CA VAL X 75 20.87 21.47 76.99
C VAL X 75 21.72 20.57 76.11
N ASN X 76 21.94 19.33 76.54
CA ASN X 76 22.77 18.42 75.77
C ASN X 76 22.00 17.87 74.58
N LYS X 77 22.66 17.84 73.44
CA LYS X 77 22.11 17.24 72.23
C LYS X 77 23.13 16.23 71.70
N GLN X 78 22.64 15.06 71.30
CA GLN X 78 23.52 14.04 70.75
C GLN X 78 23.47 14.10 69.23
N VAL X 79 24.62 14.31 68.63
CA VAL X 79 24.76 14.37 67.18
C VAL X 79 25.70 13.24 66.80
N LYS X 80 25.14 12.12 66.36
CA LYS X 80 25.91 10.95 65.94
C LYS X 80 26.75 10.48 67.11
N GLY X 81 28.08 10.55 67.04
CA GLY X 81 28.92 9.97 68.08
C GLY X 81 29.47 10.96 69.07
N LYS X 82 28.85 12.12 69.18
CA LYS X 82 29.26 13.14 70.13
C LYS X 82 28.04 13.77 70.76
N ILE X 83 28.14 14.07 72.05
CA ILE X 83 27.15 14.85 72.76
C ILE X 83 27.74 16.23 72.94
N LEU X 84 26.98 17.25 72.59
CA LEU X 84 27.46 18.61 72.71
C LEU X 84 26.37 19.51 73.27
N ALA X 85 26.77 20.52 74.03
CA ALA X 85 25.87 21.31 74.85
C ALA X 85 25.42 22.52 74.05
N LYS X 86 24.17 22.49 73.59
CA LYS X 86 23.58 23.59 72.85
C LYS X 86 23.04 24.64 73.79
N ARG X 87 23.03 25.88 73.32
CA ARG X 87 22.44 27.00 74.04
C ARG X 87 21.24 27.48 73.25
N ILE X 88 20.05 27.38 73.84
CA ILE X 88 18.82 27.72 73.14
C ILE X 88 18.03 28.75 73.93
N ASN X 89 17.43 29.70 73.23
CA ASN X 89 16.55 30.70 73.82
C ASN X 89 15.12 30.21 73.72
N VAL X 90 14.46 30.05 74.86
CA VAL X 90 13.13 29.47 74.91
C VAL X 90 12.24 30.36 75.77
N ARG X 91 11.07 30.71 75.25
CA ARG X 91 10.12 31.46 76.04
C ARG X 91 9.57 30.60 77.18
N ILE X 92 9.21 31.25 78.28
CA ILE X 92 8.89 30.56 79.52
C ILE X 92 7.64 29.71 79.44
N GLU X 93 6.84 29.86 78.39
CA GLU X 93 5.68 28.99 78.23
C GLU X 93 6.09 27.55 77.94
N HIS X 94 7.27 27.35 77.36
CA HIS X 94 7.69 26.04 76.90
C HIS X 94 8.62 25.34 77.87
N ILE X 95 8.74 25.82 79.11
CA ILE X 95 9.60 25.20 80.10
C ILE X 95 8.86 25.13 81.43
N LYS X 96 9.38 24.29 82.32
CA LYS X 96 8.92 24.25 83.70
C LYS X 96 10.05 23.71 84.55
N HIS X 97 9.99 23.99 85.85
CA HIS X 97 11.03 23.55 86.76
C HIS X 97 11.07 22.03 86.84
N SER X 98 12.27 21.46 86.78
CA SER X 98 12.43 20.03 86.93
C SER X 98 12.39 19.66 88.41
N LYS X 99 11.55 18.69 88.75
CA LYS X 99 11.37 18.33 90.15
C LYS X 99 12.43 17.36 90.67
N SER X 100 13.24 16.77 89.81
CA SER X 100 14.34 15.95 90.29
C SER X 100 15.32 16.77 91.11
N ARG X 101 15.65 17.96 90.62
CA ARG X 101 16.52 18.86 91.37
C ARG X 101 15.86 19.32 92.66
N ASP X 102 14.55 19.54 92.64
CA ASP X 102 13.84 19.89 93.87
C ASP X 102 13.95 18.78 94.91
N SER X 103 13.72 17.54 94.50
CA SER X 103 13.81 16.42 95.43
C SER X 103 15.23 16.26 95.95
N PHE X 104 16.23 16.44 95.09
CA PHE X 104 17.61 16.32 95.54
C PHE X 104 17.97 17.41 96.54
N LEU X 105 17.52 18.65 96.30
CA LEU X 105 17.79 19.72 97.24
C LEU X 105 17.11 19.46 98.58
N LYS X 106 15.88 18.94 98.54
CA LYS X 106 15.22 18.54 99.77
C LYS X 106 16.03 17.49 100.52
N ARG X 107 16.55 16.50 99.80
CA ARG X 107 17.32 15.45 100.46
C ARG X 107 18.62 15.97 101.03
N VAL X 108 19.28 16.91 100.32
CA VAL X 108 20.51 17.50 100.84
C VAL X 108 20.23 18.27 102.11
N LYS X 109 19.16 19.06 102.12
CA LYS X 109 18.81 19.81 103.31
C LYS X 109 18.48 18.88 104.47
N GLU X 110 17.74 17.82 104.19
CA GLU X 110 17.45 16.81 105.21
C GLU X 110 18.73 16.18 105.75
N ASN X 111 19.66 15.84 104.85
CA ASN X 111 20.91 15.21 105.27
C ASN X 111 21.73 16.13 106.14
N ASP X 112 21.82 17.40 105.75
CA ASP X 112 22.61 18.35 106.53
C ASP X 112 22.01 18.56 107.91
N GLN X 113 20.69 18.74 107.98
CA GLN X 113 20.05 18.89 109.27
C GLN X 113 20.22 17.64 110.14
N LYS X 114 20.06 16.46 109.54
CA LYS X 114 20.17 15.24 110.31
C LYS X 114 21.59 15.00 110.79
N LYS X 115 22.60 15.37 109.99
CA LYS X 115 23.98 15.23 110.42
C LYS X 115 24.29 16.18 111.58
N LYS X 116 23.85 17.44 111.46
CA LYS X 116 24.06 18.39 112.54
C LYS X 116 23.34 17.97 113.81
N GLU X 117 22.13 17.43 113.70
CA GLU X 117 21.41 16.97 114.86
C GLU X 117 22.00 15.69 115.44
N ALA X 118 22.53 14.81 114.58
CA ALA X 118 23.04 13.53 115.02
C ALA X 118 24.36 13.69 115.76
N LYS X 119 25.19 14.64 115.34
CA LYS X 119 26.41 14.90 116.09
C LYS X 119 26.08 15.38 117.51
N GLU X 120 25.00 16.16 117.65
CA GLU X 120 24.63 16.65 118.97
C GLU X 120 24.01 15.54 119.82
N LYS X 121 23.13 14.72 119.23
CA LYS X 121 22.51 13.67 120.03
C LYS X 121 23.49 12.55 120.36
N GLY X 122 24.53 12.38 119.56
CA GLY X 122 25.60 11.47 119.91
C GLY X 122 25.76 10.25 119.04
N THR X 123 24.67 9.60 118.67
CA THR X 123 24.75 8.35 117.95
C THR X 123 24.89 8.59 116.45
N TRP X 124 25.09 7.50 115.71
CA TRP X 124 25.33 7.54 114.27
C TRP X 124 24.08 7.10 113.52
N VAL X 125 23.83 7.72 112.38
CA VAL X 125 22.66 7.44 111.56
C VAL X 125 23.13 7.24 110.12
N GLN X 126 22.31 6.55 109.33
CA GLN X 126 22.64 6.26 107.94
C GLN X 126 22.09 7.36 107.03
N LEU X 127 22.97 7.92 106.19
CA LEU X 127 22.61 9.00 105.30
C LEU X 127 22.52 8.59 103.84
N LYS X 128 23.35 7.66 103.39
CA LYS X 128 23.27 7.19 102.01
C LYS X 128 22.00 6.37 101.81
N ARG X 129 21.39 6.53 100.64
CA ARG X 129 20.36 5.59 100.24
C ARG X 129 21.00 4.24 99.93
N GLN X 130 20.20 3.19 100.03
CA GLN X 130 20.65 1.86 99.67
C GLN X 130 19.62 1.22 98.76
N PRO X 131 20.05 0.34 97.86
CA PRO X 131 19.08 -0.38 97.04
C PRO X 131 18.24 -1.30 97.89
N ALA X 132 17.04 -1.61 97.40
CA ALA X 132 16.08 -2.42 98.12
C ALA X 132 16.72 -3.74 98.54
N PRO X 133 16.88 -4.00 99.83
CA PRO X 133 17.59 -5.18 100.28
C PRO X 133 16.75 -6.42 100.09
N PRO X 134 17.36 -7.61 100.20
CA PRO X 134 16.56 -8.84 100.24
C PRO X 134 15.61 -8.81 101.42
N ARG X 135 14.44 -9.42 101.24
CA ARG X 135 13.43 -9.40 102.27
C ARG X 135 13.90 -10.14 103.51
N GLU X 136 13.47 -9.67 104.67
CA GLU X 136 13.86 -10.24 105.94
C GLU X 136 13.13 -11.56 106.18
N ALA X 137 13.60 -12.30 107.18
CA ALA X 137 12.93 -13.51 107.59
C ALA X 137 11.74 -13.17 108.48
N HIS X 138 10.58 -13.76 108.18
CA HIS X 138 9.37 -13.45 108.92
C HIS X 138 8.52 -14.69 109.03
N PHE X 139 7.47 -14.59 109.83
CA PHE X 139 6.51 -15.66 110.04
C PHE X 139 5.19 -15.30 109.37
N VAL X 140 4.49 -16.31 108.89
CA VAL X 140 3.21 -16.15 108.24
C VAL X 140 2.21 -16.99 109.02
N ARG X 141 1.30 -16.33 109.73
CA ARG X 141 0.25 -17.02 110.44
C ARG X 141 -0.79 -17.56 109.48
N THR X 142 -1.33 -18.73 109.79
CA THR X 142 -2.47 -19.24 109.06
C THR X 142 -3.80 -18.87 109.73
N ASN X 143 -3.77 -18.52 111.00
CA ASN X 143 -4.95 -18.12 111.76
C ASN X 143 -6.01 -19.21 111.76
N GLY X 144 -5.57 -20.46 111.85
CA GLY X 144 -6.47 -21.59 111.92
C GLY X 144 -7.29 -21.82 110.66
N LYS X 145 -6.87 -21.18 109.57
CA LYS X 145 -7.58 -21.26 108.30
C LYS X 145 -6.66 -21.91 107.27
N GLU X 146 -7.11 -23.03 106.72
CA GLU X 146 -6.28 -23.75 105.77
C GLU X 146 -6.13 -22.95 104.48
N PRO X 147 -4.92 -22.87 103.91
CA PRO X 147 -4.75 -22.15 102.65
C PRO X 147 -5.59 -22.76 101.54
N GLU X 148 -6.17 -21.89 100.72
CA GLU X 148 -7.13 -22.32 99.71
C GLU X 148 -6.44 -23.02 98.57
N LEU X 149 -6.94 -24.20 98.21
CA LEU X 149 -6.37 -24.96 97.11
C LEU X 149 -6.77 -24.34 95.78
N LEU X 150 -5.79 -24.12 94.92
CA LEU X 150 -6.02 -23.53 93.60
C LEU X 150 -5.79 -24.59 92.53
N GLU X 151 -6.75 -24.71 91.62
CA GLU X 151 -6.72 -25.68 90.55
C GLU X 151 -6.91 -24.97 89.22
N PRO X 152 -6.08 -25.22 88.22
CA PRO X 152 -6.31 -24.63 86.89
C PRO X 152 -7.65 -25.06 86.31
N ILE X 153 -8.30 -24.12 85.65
CA ILE X 153 -9.67 -24.32 85.14
C ILE X 153 -9.63 -25.06 83.81
N PRO X 154 -10.69 -25.78 83.45
CA PRO X 154 -10.76 -26.38 82.11
C PRO X 154 -10.90 -25.32 81.04
N TYR X 155 -10.54 -25.72 79.83
CA TYR X 155 -10.68 -24.85 78.68
C TYR X 155 -12.12 -24.87 78.18
N GLU X 156 -12.66 -23.70 77.89
CA GLU X 156 -13.96 -23.60 77.23
C GLU X 156 -13.87 -22.49 76.19
N PHE X 157 -14.49 -22.74 75.04
CA PHE X 157 -14.44 -21.78 73.95
C PHE X 157 -15.39 -20.63 74.23
N MET X 158 -14.83 -19.45 74.51
CA MET X 158 -15.63 -18.31 74.92
C MET X 158 -16.59 -17.89 73.81
N ALA X 159 -16.04 -17.50 72.66
CA ALA X 159 -16.86 -17.10 71.53
C ALA X 159 -16.11 -17.32 70.22
N GLN Y 1 68.68 -42.05 -75.32
CA GLN Y 1 67.47 -42.79 -75.00
C GLN Y 1 67.78 -44.13 -74.35
N VAL Y 2 69.02 -44.27 -73.87
CA VAL Y 2 69.47 -45.46 -73.17
C VAL Y 2 69.81 -45.07 -71.75
N LEU Y 3 69.17 -45.73 -70.78
CA LEU Y 3 69.42 -45.37 -69.38
C LEU Y 3 70.69 -46.03 -68.86
N LYS Y 4 70.71 -47.36 -68.84
CA LYS Y 4 71.91 -48.16 -68.56
C LYS Y 4 72.49 -47.85 -67.17
N PHE Y 5 71.74 -48.27 -66.15
CA PHE Y 5 72.27 -48.32 -64.80
C PHE Y 5 72.94 -49.67 -64.57
N THR Y 6 73.79 -49.74 -63.55
CA THR Y 6 74.51 -50.97 -63.27
C THR Y 6 74.66 -51.20 -61.78
N LEU Y 7 74.43 -52.44 -61.38
CA LEU Y 7 74.60 -52.90 -60.01
C LEU Y 7 75.90 -53.68 -59.90
N ASP Y 8 76.72 -53.35 -58.91
CA ASP Y 8 78.04 -53.94 -58.75
C ASP Y 8 78.05 -54.79 -57.49
N CYS Y 9 78.13 -56.10 -57.70
CA CYS Y 9 78.06 -57.12 -56.66
C CYS Y 9 79.38 -57.88 -56.68
N THR Y 10 80.39 -57.36 -56.00
CA THR Y 10 81.70 -57.98 -56.03
C THR Y 10 82.19 -58.40 -54.65
N HIS Y 11 82.14 -57.48 -53.70
CA HIS Y 11 82.54 -57.82 -52.33
C HIS Y 11 81.74 -58.96 -51.71
N PRO Y 12 80.41 -59.05 -51.83
CA PRO Y 12 79.72 -60.19 -51.23
C PRO Y 12 79.91 -61.48 -52.01
N VAL Y 13 80.05 -61.38 -53.34
CA VAL Y 13 80.23 -62.59 -54.12
C VAL Y 13 81.63 -63.16 -53.97
N GLU Y 14 82.62 -62.33 -53.62
CA GLU Y 14 83.96 -62.86 -53.36
C GLU Y 14 84.10 -63.38 -51.95
N ASP Y 15 83.05 -63.27 -51.13
CA ASP Y 15 82.99 -63.95 -49.85
C ASP Y 15 81.93 -65.04 -49.82
N GLY Y 16 81.17 -65.20 -50.89
CA GLY Y 16 80.28 -66.33 -51.03
C GLY Y 16 78.98 -66.22 -50.26
N ILE Y 17 78.59 -65.03 -49.84
CA ILE Y 17 77.34 -64.87 -49.11
C ILE Y 17 76.15 -64.64 -50.05
N MET Y 18 76.39 -64.30 -51.31
CA MET Y 18 75.32 -64.12 -52.27
C MET Y 18 75.86 -64.41 -53.66
N ASP Y 19 74.95 -64.60 -54.60
CA ASP Y 19 75.32 -64.89 -55.98
C ASP Y 19 74.55 -64.02 -56.96
N ALA Y 20 75.31 -63.44 -57.89
CA ALA Y 20 74.74 -62.53 -58.88
C ALA Y 20 73.73 -63.24 -59.77
N ALA Y 21 73.86 -64.55 -59.96
CA ALA Y 21 72.89 -65.27 -60.76
C ALA Y 21 71.50 -65.22 -60.13
N ASN Y 22 71.41 -65.53 -58.84
CA ASN Y 22 70.12 -65.45 -58.16
C ASN Y 22 69.64 -64.01 -58.04
N PHE Y 23 70.58 -63.06 -57.86
CA PHE Y 23 70.15 -61.66 -57.80
C PHE Y 23 69.52 -61.22 -59.11
N GLU Y 24 70.14 -61.55 -60.23
CA GLU Y 24 69.57 -61.22 -61.53
C GLU Y 24 68.25 -61.95 -61.74
N GLN Y 25 68.18 -63.21 -61.30
CA GLN Y 25 66.96 -63.99 -61.38
C GLN Y 25 65.82 -63.31 -60.67
N PHE Y 26 66.04 -62.83 -59.46
CA PHE Y 26 65.07 -62.04 -58.73
C PHE Y 26 64.73 -60.76 -59.46
N LEU Y 27 65.74 -60.12 -60.07
CA LEU Y 27 65.56 -58.79 -60.62
C LEU Y 27 64.64 -58.81 -61.84
N GLN Y 28 64.84 -59.79 -62.74
CA GLN Y 28 64.03 -59.74 -63.96
C GLN Y 28 62.58 -60.11 -63.65
N GLU Y 29 62.34 -60.90 -62.61
CA GLU Y 29 60.99 -61.28 -62.26
C GLU Y 29 60.34 -60.30 -61.31
N ARG Y 30 61.08 -59.31 -60.82
CA ARG Y 30 60.49 -58.32 -59.94
C ARG Y 30 60.38 -56.92 -60.53
N ILE Y 31 61.16 -56.57 -61.56
CA ILE Y 31 61.13 -55.20 -62.06
C ILE Y 31 59.78 -54.92 -62.74
N LYS Y 32 59.14 -53.82 -62.34
CA LYS Y 32 57.86 -53.42 -62.91
C LYS Y 32 58.06 -52.34 -63.97
N VAL Y 33 57.24 -52.39 -65.02
CA VAL Y 33 57.17 -51.33 -66.01
C VAL Y 33 55.70 -50.98 -66.22
N ASN Y 34 55.38 -49.69 -66.13
CA ASN Y 34 54.02 -49.18 -66.31
C ASN Y 34 53.02 -49.80 -65.33
N GLY Y 35 53.50 -50.21 -64.17
CA GLY Y 35 52.65 -50.76 -63.13
C GLY Y 35 52.52 -52.27 -63.13
N LYS Y 36 53.10 -52.96 -64.10
CA LYS Y 36 52.97 -54.40 -64.21
C LYS Y 36 54.34 -55.05 -64.16
N ALA Y 37 54.49 -56.03 -63.28
CA ALA Y 37 55.73 -56.78 -63.13
C ALA Y 37 55.75 -57.98 -64.08
N GLY Y 38 56.89 -58.63 -64.15
CA GLY Y 38 57.06 -59.77 -65.03
C GLY Y 38 57.33 -59.35 -66.45
N ASN Y 39 58.08 -60.18 -67.19
CA ASN Y 39 58.42 -60.05 -68.60
C ASN Y 39 59.04 -58.70 -68.96
N LEU Y 40 59.51 -57.94 -67.98
CA LEU Y 40 60.29 -56.71 -68.20
C LEU Y 40 59.57 -55.73 -69.12
N GLY Y 41 58.27 -55.58 -68.91
CA GLY Y 41 57.48 -54.62 -69.66
C GLY Y 41 57.43 -54.88 -71.14
N GLY Y 42 57.28 -56.14 -71.53
CA GLY Y 42 57.40 -56.51 -72.93
C GLY Y 42 58.81 -56.55 -73.43
N GLY Y 43 59.77 -56.84 -72.55
CA GLY Y 43 61.15 -56.84 -72.94
C GLY Y 43 61.74 -55.48 -73.20
N VAL Y 44 61.11 -54.41 -72.71
CA VAL Y 44 61.61 -53.08 -72.99
C VAL Y 44 62.74 -52.70 -72.06
N VAL Y 45 62.99 -53.50 -71.03
CA VAL Y 45 64.09 -53.28 -70.11
C VAL Y 45 64.96 -54.54 -70.13
N THR Y 46 66.23 -54.38 -70.47
CA THR Y 46 67.13 -55.50 -70.63
C THR Y 46 68.02 -55.61 -69.40
N ILE Y 47 68.12 -56.81 -68.86
CA ILE Y 47 68.94 -57.07 -67.69
C ILE Y 47 70.02 -58.06 -68.11
N GLU Y 48 71.27 -57.64 -68.10
CA GLU Y 48 72.37 -58.46 -68.58
C GLU Y 48 73.44 -58.53 -67.50
N ARG Y 49 73.73 -59.74 -67.03
CA ARG Y 49 74.81 -59.94 -66.09
C ARG Y 49 76.12 -60.13 -66.82
N SER Y 50 77.20 -59.69 -66.19
CA SER Y 50 78.53 -59.86 -66.76
C SER Y 50 79.55 -59.81 -65.64
N LYS Y 51 80.19 -60.95 -65.38
CA LYS Y 51 81.28 -61.05 -64.40
C LYS Y 51 80.84 -60.56 -63.02
N SER Y 52 79.66 -61.02 -62.60
CA SER Y 52 79.06 -60.65 -61.31
C SER Y 52 78.86 -59.15 -61.21
N LYS Y 53 78.33 -58.55 -62.27
CA LYS Y 53 77.99 -57.13 -62.28
C LYS Y 53 76.81 -56.97 -63.23
N ILE Y 54 75.64 -56.68 -62.68
CA ILE Y 54 74.42 -56.66 -63.47
C ILE Y 54 74.27 -55.28 -64.10
N THR Y 55 73.69 -55.24 -65.31
CA THR Y 55 73.43 -53.97 -65.97
C THR Y 55 71.99 -53.97 -66.46
N VAL Y 56 71.24 -52.95 -66.08
CA VAL Y 56 69.85 -52.76 -66.48
C VAL Y 56 69.80 -51.60 -67.45
N THR Y 57 69.46 -51.89 -68.70
CA THR Y 57 69.35 -50.87 -69.75
C THR Y 57 67.88 -50.69 -70.10
N SER Y 58 67.43 -49.44 -70.10
CA SER Y 58 66.04 -49.12 -70.36
C SER Y 58 65.93 -48.10 -71.47
N GLU Y 59 64.85 -48.22 -72.25
CA GLU Y 59 64.49 -47.24 -73.25
C GLU Y 59 63.27 -46.42 -72.83
N VAL Y 60 62.77 -46.63 -71.62
CA VAL Y 60 61.62 -45.89 -71.10
C VAL Y 60 62.10 -45.13 -69.88
N PRO Y 61 61.35 -44.10 -69.46
CA PRO Y 61 61.68 -43.41 -68.20
C PRO Y 61 61.82 -44.36 -67.02
N PHE Y 62 63.02 -44.43 -66.48
CA PHE Y 62 63.38 -45.37 -65.43
C PHE Y 62 64.03 -44.64 -64.28
N SER Y 63 64.01 -45.25 -63.10
CA SER Y 63 64.55 -44.65 -61.90
C SER Y 63 65.67 -45.52 -61.34
N LYS Y 64 66.80 -44.90 -61.02
CA LYS Y 64 67.91 -45.61 -60.39
C LYS Y 64 67.55 -45.98 -58.96
N ARG Y 65 66.81 -45.11 -58.28
CA ARG Y 65 66.38 -45.40 -56.93
C ARG Y 65 65.45 -46.60 -56.87
N TYR Y 66 64.76 -46.90 -57.98
CA TYR Y 66 64.01 -48.15 -58.05
C TYR Y 66 64.93 -49.35 -57.95
N LEU Y 67 66.07 -49.30 -58.63
CA LEU Y 67 67.04 -50.38 -58.52
C LEU Y 67 67.56 -50.48 -57.10
N LYS Y 68 67.80 -49.35 -56.45
CA LYS Y 68 68.25 -49.40 -55.06
C LYS Y 68 67.19 -50.04 -54.17
N TYR Y 69 65.92 -49.70 -54.40
CA TYR Y 69 64.83 -50.27 -53.62
C TYR Y 69 64.74 -51.77 -53.81
N LEU Y 70 64.87 -52.24 -55.05
CA LEU Y 70 64.83 -53.68 -55.31
C LEU Y 70 66.03 -54.38 -54.70
N THR Y 71 67.21 -53.77 -54.77
CA THR Y 71 68.40 -54.39 -54.21
C THR Y 71 68.28 -54.52 -52.70
N LYS Y 72 67.77 -53.47 -52.04
CA LYS Y 72 67.56 -53.54 -50.60
C LYS Y 72 66.51 -54.59 -50.26
N LYS Y 73 65.47 -54.71 -51.07
CA LYS Y 73 64.47 -55.74 -50.83
C LYS Y 73 65.08 -57.13 -50.94
N TYR Y 74 65.92 -57.35 -51.95
CA TYR Y 74 66.60 -58.63 -52.11
C TYR Y 74 67.52 -58.93 -50.93
N LEU Y 75 68.27 -57.92 -50.48
CA LEU Y 75 69.16 -58.13 -49.34
C LEU Y 75 68.38 -58.50 -48.10
N LYS Y 76 67.28 -57.80 -47.84
CA LYS Y 76 66.44 -58.13 -46.69
C LYS Y 76 65.89 -59.54 -46.82
N LYS Y 77 65.51 -59.94 -48.02
CA LYS Y 77 64.99 -61.28 -48.24
C LYS Y 77 66.03 -62.34 -47.90
N ASN Y 78 67.27 -62.11 -48.32
CA ASN Y 78 68.34 -63.08 -48.09
C ASN Y 78 69.05 -62.88 -46.76
N ASN Y 79 68.55 -61.98 -45.91
CA ASN Y 79 69.10 -61.73 -44.58
C ASN Y 79 70.54 -61.24 -44.68
N LEU Y 80 70.73 -60.27 -45.56
CA LEU Y 80 72.03 -59.65 -45.78
C LEU Y 80 72.02 -58.16 -45.49
N ARG Y 81 70.86 -57.59 -45.16
CA ARG Y 81 70.76 -56.16 -44.92
C ARG Y 81 71.59 -55.70 -43.73
N ASP Y 82 71.87 -56.60 -42.78
CA ASP Y 82 72.59 -56.24 -41.58
C ASP Y 82 74.09 -56.13 -41.79
N TRP Y 83 74.62 -56.68 -42.88
CA TRP Y 83 76.05 -56.59 -43.18
C TRP Y 83 76.35 -55.76 -44.42
N LEU Y 84 75.45 -55.76 -45.39
CA LEU Y 84 75.68 -55.16 -46.69
C LEU Y 84 74.93 -53.85 -46.80
N ARG Y 85 75.33 -53.05 -47.78
CA ARG Y 85 74.85 -51.68 -47.89
C ARG Y 85 75.02 -51.22 -49.32
N VAL Y 86 73.95 -50.74 -49.93
CA VAL Y 86 73.98 -50.28 -51.32
C VAL Y 86 74.43 -48.83 -51.34
N VAL Y 87 75.52 -48.54 -52.04
CA VAL Y 87 76.08 -47.21 -52.08
C VAL Y 87 76.25 -46.80 -53.53
N ALA Y 88 75.81 -45.58 -53.85
CA ALA Y 88 75.98 -45.04 -55.20
C ALA Y 88 77.43 -44.62 -55.35
N ASN Y 89 78.24 -45.45 -56.00
CA ASN Y 89 79.65 -45.16 -56.16
C ASN Y 89 79.94 -44.21 -57.32
N SER Y 90 78.99 -43.97 -58.20
CA SER Y 90 79.10 -42.94 -59.23
C SER Y 90 77.71 -42.72 -59.82
N LYS Y 91 77.65 -41.96 -60.90
CA LYS Y 91 76.43 -41.90 -61.68
C LYS Y 91 76.11 -43.27 -62.25
N GLU Y 92 74.83 -43.48 -62.56
CA GLU Y 92 74.29 -44.68 -63.20
C GLU Y 92 74.80 -46.00 -62.63
N SER Y 93 75.21 -46.02 -61.36
CA SER Y 93 75.78 -47.23 -60.82
C SER Y 93 75.58 -47.27 -59.31
N TYR Y 94 75.08 -48.40 -58.83
CA TYR Y 94 75.13 -48.75 -57.43
C TYR Y 94 76.17 -49.84 -57.25
N GLU Y 95 76.76 -49.89 -56.06
CA GLU Y 95 77.76 -50.88 -55.74
C GLU Y 95 77.52 -51.22 -54.28
N LEU Y 96 77.44 -52.50 -53.95
CA LEU Y 96 77.11 -52.82 -52.57
C LEU Y 96 78.34 -53.30 -51.82
N ARG Y 97 78.54 -52.73 -50.64
CA ARG Y 97 79.74 -52.96 -49.83
C ARG Y 97 79.36 -53.32 -48.40
N TYR Y 98 80.36 -53.41 -47.53
CA TYR Y 98 80.16 -53.87 -46.16
C TYR Y 98 80.05 -52.70 -45.21
N PHE Y 99 79.37 -52.92 -44.08
CA PHE Y 99 79.50 -51.99 -42.98
C PHE Y 99 80.89 -52.11 -42.37
N GLN Y 100 81.54 -50.97 -42.15
CA GLN Y 100 82.94 -50.95 -41.75
C GLN Y 100 83.10 -50.51 -40.30
N ILE Y 101 84.06 -51.12 -39.61
CA ILE Y 101 84.44 -50.70 -38.28
C ILE Y 101 85.89 -50.22 -38.28
N SER Z 1 -8.67 -69.07 1.27
CA SER Z 1 -8.60 -67.79 0.59
C SER Z 1 -7.20 -67.54 0.03
N GLY Z 2 -6.48 -66.61 0.66
CA GLY Z 2 -5.13 -66.29 0.23
C GLY Z 2 -4.93 -64.81 0.01
N ALA Z 3 -3.95 -64.23 0.71
CA ALA Z 3 -3.63 -62.83 0.56
C ALA Z 3 -2.52 -62.64 -0.46
N LYS Z 4 -2.46 -61.45 -1.03
CA LYS Z 4 -1.43 -61.14 -2.01
C LYS Z 4 -0.05 -61.16 -1.37
N PHE Z 5 0.91 -61.71 -2.10
CA PHE Z 5 2.28 -61.71 -1.62
C PHE Z 5 2.92 -60.36 -1.90
N ARG Z 6 4.01 -60.09 -1.18
CA ARG Z 6 4.72 -58.83 -1.40
C ARG Z 6 5.41 -58.83 -2.75
N ILE Z 7 5.35 -57.69 -3.42
CA ILE Z 7 5.97 -57.49 -4.72
C ILE Z 7 6.74 -56.18 -4.69
N SER Z 8 7.62 -56.00 -5.66
CA SER Z 8 8.33 -54.73 -5.81
C SER Z 8 7.34 -53.63 -6.15
N LEU Z 9 7.48 -52.48 -5.50
CA LEU Z 9 6.47 -51.43 -5.64
C LEU Z 9 6.70 -50.58 -6.88
N GLY Z 10 7.79 -49.81 -6.90
CA GLY Z 10 8.17 -49.11 -8.11
C GLY Z 10 7.43 -47.82 -8.40
N LEU Z 11 6.22 -47.61 -7.89
CA LEU Z 11 5.45 -46.41 -8.20
C LEU Z 11 5.27 -45.56 -6.95
N PRO Z 12 6.19 -44.66 -6.65
CA PRO Z 12 6.04 -43.84 -5.45
C PRO Z 12 5.00 -42.74 -5.64
N VAL Z 13 4.76 -41.97 -4.58
CA VAL Z 13 3.84 -40.84 -4.67
C VAL Z 13 4.44 -39.79 -5.59
N GLY Z 14 3.64 -39.31 -6.54
CA GLY Z 14 4.10 -38.40 -7.55
C GLY Z 14 4.27 -39.00 -8.91
N ALA Z 15 4.08 -40.31 -9.03
CA ALA Z 15 4.19 -40.96 -10.33
C ALA Z 15 2.92 -40.72 -11.14
N VAL Z 16 3.09 -40.43 -12.42
CA VAL Z 16 1.99 -40.26 -13.34
C VAL Z 16 1.95 -41.48 -14.23
N ILE Z 17 0.88 -42.28 -14.10
CA ILE Z 17 0.72 -43.50 -14.86
C ILE Z 17 -0.43 -43.30 -15.84
N ASN Z 18 -0.58 -44.27 -16.73
CA ASN Z 18 -1.67 -44.22 -17.69
C ASN Z 18 -2.98 -44.64 -17.06
N CYS Z 19 -4.07 -44.18 -17.65
CA CYS Z 19 -5.41 -44.56 -17.22
C CYS Z 19 -5.96 -45.52 -18.26
N ALA Z 20 -6.05 -46.80 -17.90
CA ALA Z 20 -6.33 -47.83 -18.88
C ALA Z 20 -7.81 -47.97 -19.21
N ASP Z 21 -8.70 -47.33 -18.48
CA ASP Z 21 -10.12 -47.47 -18.72
C ASP Z 21 -10.64 -46.35 -19.60
N ASN Z 22 -11.89 -46.49 -20.01
CA ASN Z 22 -12.53 -45.56 -20.91
C ASN Z 22 -13.30 -44.45 -20.19
N THR Z 23 -12.88 -44.09 -18.98
CA THR Z 23 -13.56 -43.04 -18.24
C THR Z 23 -13.40 -41.67 -18.88
N GLY Z 24 -12.42 -41.50 -19.75
CA GLY Z 24 -12.09 -40.21 -20.33
C GLY Z 24 -10.82 -39.61 -19.78
N ALA Z 25 -10.30 -40.14 -18.68
CA ALA Z 25 -9.03 -39.71 -18.15
C ALA Z 25 -7.89 -40.32 -18.94
N LYS Z 26 -6.84 -39.54 -19.17
CA LYS Z 26 -5.70 -40.01 -19.93
C LYS Z 26 -4.53 -40.41 -19.06
N ASN Z 27 -4.40 -39.85 -17.86
CA ASN Z 27 -3.37 -40.29 -16.94
C ASN Z 27 -3.86 -40.08 -15.52
N LEU Z 28 -3.17 -40.73 -14.59
CA LEU Z 28 -3.49 -40.67 -13.17
C LEU Z 28 -2.21 -40.30 -12.42
N TYR Z 29 -2.29 -39.30 -11.58
CA TYR Z 29 -1.15 -38.82 -10.79
C TYR Z 29 -1.32 -39.31 -9.37
N ILE Z 30 -0.51 -40.28 -8.98
CA ILE Z 30 -0.66 -40.92 -7.68
C ILE Z 30 -0.26 -39.94 -6.59
N ILE Z 31 -1.14 -39.73 -5.63
CA ILE Z 31 -0.86 -38.83 -4.51
C ILE Z 31 -0.70 -39.57 -3.20
N SER Z 32 -1.14 -40.81 -3.09
CA SER Z 32 -1.00 -41.60 -1.88
C SER Z 32 -1.40 -43.03 -2.17
N VAL Z 33 -1.08 -43.91 -1.24
CA VAL Z 33 -1.32 -45.35 -1.37
C VAL Z 33 -2.08 -45.82 -0.15
N LYS Z 34 -3.12 -46.63 -0.37
CA LYS Z 34 -3.90 -47.15 0.74
C LYS Z 34 -3.08 -48.16 1.54
N GLY Z 35 -3.25 -48.12 2.86
CA GLY Z 35 -2.62 -49.06 3.73
C GLY Z 35 -1.19 -48.74 4.11
N ILE Z 36 -0.67 -47.61 3.66
CA ILE Z 36 0.71 -47.25 3.94
C ILE Z 36 0.76 -46.52 5.29
N LYS Z 37 1.35 -47.18 6.28
CA LYS Z 37 1.59 -46.52 7.56
C LYS Z 37 2.86 -45.69 7.50
N GLY Z 38 3.85 -46.16 6.75
CA GLY Z 38 4.96 -45.33 6.38
C GLY Z 38 6.07 -45.26 7.41
N ARG Z 39 7.00 -44.37 7.10
CA ARG Z 39 8.23 -44.20 7.86
C ARG Z 39 8.74 -42.81 7.54
N LEU Z 40 9.63 -42.30 8.39
CA LEU Z 40 10.18 -40.98 8.16
C LEU Z 40 10.95 -40.95 6.85
N ASN Z 41 10.66 -39.94 6.03
CA ASN Z 41 11.25 -39.64 4.74
C ASN Z 41 10.91 -40.64 3.65
N ARG Z 42 10.21 -41.73 3.95
CA ARG Z 42 9.93 -42.75 2.96
C ARG Z 42 8.69 -42.38 2.15
N LEU Z 43 8.81 -42.43 0.83
CA LEU Z 43 7.68 -42.17 -0.04
C LEU Z 43 6.75 -43.38 -0.06
N PRO Z 44 5.44 -43.19 0.07
CA PRO Z 44 4.50 -44.30 -0.09
C PRO Z 44 4.48 -44.79 -1.53
N ALA Z 45 4.91 -46.02 -1.75
CA ALA Z 45 4.99 -46.59 -3.09
C ALA Z 45 3.96 -47.68 -3.26
N ALA Z 46 3.59 -47.93 -4.52
CA ALA Z 46 2.51 -48.85 -4.83
C ALA Z 46 2.91 -49.76 -5.98
N GLY Z 47 2.43 -51.00 -5.92
CA GLY Z 47 2.62 -51.94 -7.00
C GLY Z 47 1.30 -52.35 -7.61
N VAL Z 48 1.28 -53.40 -8.43
CA VAL Z 48 0.04 -53.82 -9.05
C VAL Z 48 -0.87 -54.45 -8.00
N GLY Z 49 -2.17 -54.27 -8.18
CA GLY Z 49 -3.14 -54.69 -7.20
C GLY Z 49 -3.35 -53.71 -6.06
N ASP Z 50 -2.69 -52.57 -6.08
CA ASP Z 50 -2.75 -51.61 -5.00
C ASP Z 50 -3.79 -50.54 -5.32
N MET Z 51 -4.59 -50.20 -4.32
CA MET Z 51 -5.48 -49.06 -4.42
C MET Z 51 -4.74 -47.81 -3.97
N VAL Z 52 -4.78 -46.78 -4.79
CA VAL Z 52 -4.10 -45.52 -4.57
C VAL Z 52 -5.14 -44.41 -4.68
N MET Z 53 -4.78 -43.24 -4.21
CA MET Z 53 -5.55 -42.04 -4.45
C MET Z 53 -4.84 -41.24 -5.52
N ALA Z 54 -5.58 -40.80 -6.53
CA ALA Z 54 -4.98 -40.19 -7.69
C ALA Z 54 -5.80 -38.98 -8.12
N THR Z 55 -5.16 -38.10 -8.86
CA THR Z 55 -5.83 -37.01 -9.55
C THR Z 55 -5.46 -37.11 -11.02
N VAL Z 56 -6.42 -36.95 -11.91
CA VAL Z 56 -6.11 -37.03 -13.32
C VAL Z 56 -5.60 -35.67 -13.78
N LYS Z 57 -4.44 -35.66 -14.44
CA LYS Z 57 -3.83 -34.41 -14.85
C LYS Z 57 -4.31 -33.95 -16.20
N LYS Z 58 -4.52 -34.90 -17.12
CA LYS Z 58 -5.18 -34.60 -18.39
C LYS Z 58 -6.30 -35.61 -18.59
N GLY Z 59 -7.34 -35.16 -19.24
CA GLY Z 59 -8.51 -35.97 -19.43
C GLY Z 59 -9.74 -35.08 -19.48
N LYS Z 60 -10.72 -35.45 -18.79
CA LYS Z 60 -11.89 -34.62 -18.87
C LYS Z 60 -11.95 -33.63 -17.72
N PRO Z 61 -12.47 -32.43 -17.99
CA PRO Z 61 -12.63 -31.44 -16.90
C PRO Z 61 -13.52 -31.93 -15.79
N GLU Z 62 -14.50 -32.78 -16.08
CA GLU Z 62 -15.33 -33.38 -15.05
C GLU Z 62 -14.52 -34.21 -14.06
N LEU Z 63 -13.41 -34.77 -14.51
CA LEU Z 63 -12.59 -35.65 -13.69
C LEU Z 63 -11.36 -34.97 -13.14
N ARG Z 64 -10.97 -33.82 -13.68
CA ARG Z 64 -9.61 -33.33 -13.46
C ARG Z 64 -9.35 -32.89 -12.02
N LYS Z 65 -10.09 -31.91 -11.52
CA LYS Z 65 -9.70 -31.32 -10.23
C LYS Z 65 -10.33 -32.04 -9.05
N LYS Z 66 -10.12 -33.36 -8.99
CA LYS Z 66 -10.74 -34.21 -7.99
C LYS Z 66 -9.74 -35.27 -7.55
N VAL Z 67 -10.10 -36.00 -6.49
CA VAL Z 67 -9.32 -37.13 -6.01
C VAL Z 67 -10.17 -38.39 -6.17
N HIS Z 68 -9.67 -39.33 -6.96
CA HIS Z 68 -10.33 -40.59 -7.24
C HIS Z 68 -9.55 -41.75 -6.66
N PRO Z 69 -10.21 -42.77 -6.14
CA PRO Z 69 -9.52 -44.04 -5.89
C PRO Z 69 -9.19 -44.70 -7.22
N ALA Z 70 -8.06 -45.39 -7.24
CA ALA Z 70 -7.59 -46.05 -8.44
C ALA Z 70 -6.89 -47.33 -8.04
N VAL Z 71 -6.74 -48.24 -8.98
CA VAL Z 71 -6.05 -49.50 -8.74
C VAL Z 71 -5.00 -49.69 -9.83
N VAL Z 72 -3.78 -49.98 -9.42
CA VAL Z 72 -2.69 -50.18 -10.36
C VAL Z 72 -2.81 -51.57 -10.98
N ILE Z 73 -2.79 -51.62 -12.31
CA ILE Z 73 -2.98 -52.87 -13.02
C ILE Z 73 -1.75 -53.29 -13.81
N ARG Z 74 -0.85 -52.36 -14.14
CA ARG Z 74 0.38 -52.70 -14.83
C ARG Z 74 1.49 -51.84 -14.27
N GLN Z 75 2.69 -52.41 -14.16
CA GLN Z 75 3.84 -51.66 -13.68
C GLN Z 75 5.06 -52.05 -14.49
N ARG Z 76 5.98 -51.10 -14.67
CA ARG Z 76 7.19 -51.35 -15.44
C ARG Z 76 8.29 -51.96 -14.60
N LYS Z 77 8.19 -51.89 -13.28
CA LYS Z 77 9.19 -52.48 -12.40
C LYS Z 77 8.97 -53.99 -12.34
N SER Z 78 10.04 -54.76 -12.53
CA SER Z 78 9.92 -56.20 -12.45
C SER Z 78 9.63 -56.64 -11.03
N TYR Z 79 8.75 -57.62 -10.89
CA TYR Z 79 8.47 -58.21 -9.60
C TYR Z 79 8.51 -59.72 -9.72
N ARG Z 80 8.95 -60.37 -8.65
CA ARG Z 80 8.98 -61.82 -8.58
C ARG Z 80 7.60 -62.36 -8.26
N ARG Z 81 7.22 -63.44 -8.93
CA ARG Z 81 5.85 -63.94 -8.85
C ARG Z 81 5.77 -65.27 -8.10
N LYS Z 82 6.55 -65.43 -7.03
CA LYS Z 82 6.55 -66.58 -6.14
C LYS Z 82 6.85 -67.89 -6.85
N ASP Z 83 7.28 -67.84 -8.11
CA ASP Z 83 7.64 -69.03 -8.86
C ASP Z 83 8.85 -68.76 -9.75
N GLY Z 84 9.64 -67.76 -9.40
CA GLY Z 84 10.83 -67.42 -10.13
C GLY Z 84 10.60 -66.60 -11.36
N VAL Z 85 9.34 -66.29 -11.69
CA VAL Z 85 9.03 -65.47 -12.84
C VAL Z 85 9.16 -64.02 -12.42
N PHE Z 86 10.15 -63.33 -12.96
CA PHE Z 86 10.27 -61.89 -12.80
C PHE Z 86 9.53 -61.25 -13.96
N LEU Z 87 8.40 -60.64 -13.67
CA LEU Z 87 7.53 -60.10 -14.71
C LEU Z 87 7.49 -58.59 -14.62
N TYR Z 88 7.48 -57.93 -15.79
CA TYR Z 88 7.27 -56.49 -15.87
C TYR Z 88 6.51 -56.17 -17.14
N PHE Z 89 5.86 -55.02 -17.13
CA PHE Z 89 5.00 -54.60 -18.22
C PHE Z 89 5.63 -53.45 -18.99
N GLU Z 90 5.07 -53.18 -20.16
CA GLU Z 90 5.59 -52.11 -21.01
C GLU Z 90 5.32 -50.73 -20.45
N ASP Z 91 4.30 -50.57 -19.61
CA ASP Z 91 3.95 -49.26 -19.09
C ASP Z 91 3.27 -49.42 -17.74
N ASN Z 92 3.31 -48.34 -16.95
CA ASN Z 92 2.55 -48.27 -15.72
C ASN Z 92 1.14 -47.81 -16.06
N ALA Z 93 0.14 -48.50 -15.53
CA ALA Z 93 -1.23 -48.17 -15.83
C ALA Z 93 -2.13 -48.60 -14.68
N GLY Z 94 -3.19 -47.83 -14.48
CA GLY Z 94 -4.20 -48.16 -13.48
C GLY Z 94 -5.55 -47.70 -13.97
N VAL Z 95 -6.57 -48.05 -13.19
CA VAL Z 95 -7.95 -47.72 -13.53
C VAL Z 95 -8.60 -47.00 -12.36
N ILE Z 96 -9.62 -46.21 -12.65
CA ILE Z 96 -10.36 -45.46 -11.63
C ILE Z 96 -11.45 -46.35 -11.08
N VAL Z 97 -11.53 -46.42 -9.75
CA VAL Z 97 -12.52 -47.24 -9.05
C VAL Z 97 -13.16 -46.38 -7.97
N ASN Z 98 -14.06 -46.98 -7.20
CA ASN Z 98 -14.59 -46.37 -5.99
C ASN Z 98 -14.03 -47.10 -4.77
N ASN Z 99 -14.50 -46.72 -3.59
CA ASN Z 99 -14.01 -47.34 -2.36
C ASN Z 99 -14.29 -48.83 -2.32
N LYS Z 100 -15.38 -49.27 -2.94
CA LYS Z 100 -15.73 -50.68 -2.92
C LYS Z 100 -14.85 -51.52 -3.84
N GLY Z 101 -14.35 -50.93 -4.93
CA GLY Z 101 -13.59 -51.66 -5.91
C GLY Z 101 -14.27 -51.82 -7.25
N GLU Z 102 -15.44 -51.23 -7.45
CA GLU Z 102 -16.12 -51.26 -8.73
C GLU Z 102 -15.56 -50.17 -9.64
N MET Z 103 -15.30 -50.52 -10.90
CA MET Z 103 -14.71 -49.59 -11.84
C MET Z 103 -15.67 -48.48 -12.21
N LYS Z 104 -15.16 -47.25 -12.24
CA LYS Z 104 -15.94 -46.15 -12.80
C LYS Z 104 -16.18 -46.37 -14.29
N GLY Z 105 -15.17 -46.87 -15.00
CA GLY Z 105 -15.30 -47.23 -16.40
C GLY Z 105 -15.90 -48.61 -16.57
N SER Z 106 -15.86 -49.08 -17.81
CA SER Z 106 -16.41 -50.39 -18.11
C SER Z 106 -15.58 -51.18 -19.11
N ALA Z 107 -14.38 -50.73 -19.43
CA ALA Z 107 -13.50 -51.47 -20.33
C ALA Z 107 -12.07 -51.12 -19.99
N ILE Z 108 -11.17 -52.09 -20.19
CA ILE Z 108 -9.76 -51.94 -19.87
C ILE Z 108 -8.94 -52.22 -21.12
N THR Z 109 -8.05 -51.30 -21.46
CA THR Z 109 -7.18 -51.46 -22.61
C THR Z 109 -5.86 -52.06 -22.15
N GLY Z 110 -5.51 -53.22 -22.71
CA GLY Z 110 -4.26 -53.85 -22.40
C GLY Z 110 -4.39 -54.92 -21.33
N PRO Z 111 -3.28 -55.61 -21.05
CA PRO Z 111 -3.34 -56.69 -20.06
C PRO Z 111 -3.46 -56.15 -18.65
N VAL Z 112 -3.90 -57.04 -17.76
CA VAL Z 112 -4.01 -56.76 -16.34
C VAL Z 112 -3.20 -57.80 -15.59
N ALA Z 113 -2.42 -57.36 -14.61
CA ALA Z 113 -1.63 -58.28 -13.82
C ALA Z 113 -2.53 -59.25 -13.05
N LYS Z 114 -2.04 -60.47 -12.89
CA LYS Z 114 -2.81 -61.48 -12.16
C LYS Z 114 -2.95 -61.10 -10.69
N GLU Z 115 -1.95 -60.41 -10.13
CA GLU Z 115 -2.03 -59.94 -8.76
C GLU Z 115 -3.17 -58.95 -8.57
N CYS Z 116 -3.41 -58.11 -9.57
CA CYS Z 116 -4.57 -57.23 -9.53
C CYS Z 116 -5.87 -57.96 -9.84
N ALA Z 117 -5.81 -58.93 -10.74
CA ALA Z 117 -7.01 -59.63 -11.17
C ALA Z 117 -7.63 -60.43 -10.04
N ASP Z 118 -6.82 -61.21 -9.33
CA ASP Z 118 -7.37 -62.02 -8.26
C ASP Z 118 -7.70 -61.21 -7.01
N LEU Z 119 -7.29 -59.95 -6.96
CA LEU Z 119 -7.65 -59.09 -5.85
C LEU Z 119 -8.94 -58.33 -6.12
N TRP Z 120 -9.14 -57.88 -7.35
CA TRP Z 120 -10.31 -57.07 -7.70
C TRP Z 120 -11.09 -57.80 -8.78
N PRO Z 121 -12.11 -58.57 -8.40
CA PRO Z 121 -12.88 -59.32 -9.39
C PRO Z 121 -13.58 -58.45 -10.42
N ARG Z 122 -14.02 -57.25 -10.05
CA ARG Z 122 -14.66 -56.38 -11.02
C ARG Z 122 -13.67 -55.90 -12.08
N ILE Z 123 -12.42 -55.69 -11.69
CA ILE Z 123 -11.39 -55.34 -12.67
C ILE Z 123 -11.07 -56.54 -13.55
N ALA Z 124 -11.06 -57.74 -12.97
CA ALA Z 124 -10.70 -58.92 -13.73
C ALA Z 124 -11.72 -59.23 -14.81
N SER Z 125 -13.00 -59.00 -14.52
CA SER Z 125 -14.03 -59.26 -15.53
C SER Z 125 -13.94 -58.28 -16.69
N ASN Z 126 -13.48 -57.05 -16.42
CA ASN Z 126 -13.31 -56.06 -17.46
C ASN Z 126 -11.96 -56.18 -18.17
N ALA Z 127 -11.05 -56.98 -17.64
CA ALA Z 127 -9.74 -57.14 -18.26
C ALA Z 127 -9.86 -57.83 -19.61
N GLY Z 128 -9.19 -57.28 -20.62
CA GLY Z 128 -9.11 -57.96 -21.91
C GLY Z 128 -8.32 -59.24 -21.83
N SER Z 129 -7.18 -59.21 -21.14
CA SER Z 129 -6.35 -60.38 -20.94
C SER Z 129 -5.64 -60.24 -19.61
N ILE Z 130 -5.20 -61.37 -19.07
CA ILE Z 130 -4.51 -61.40 -17.78
C ILE Z 130 -3.07 -61.81 -18.05
N ALA Z 131 -2.13 -60.98 -17.64
CA ALA Z 131 -0.73 -61.27 -17.85
C ALA Z 131 -0.01 -61.42 -16.52
N MET AA 1 10.32 -78.41 -12.53
CA MET AA 1 9.63 -79.25 -13.50
C MET AA 1 8.39 -78.54 -14.04
N LYS AA 2 8.50 -77.24 -14.21
CA LYS AA 2 7.39 -76.44 -14.71
C LYS AA 2 7.37 -76.49 -16.22
N VAL AA 3 6.58 -75.62 -16.84
CA VAL AA 3 6.64 -75.47 -18.28
C VAL AA 3 8.00 -74.92 -18.66
N GLU AA 4 8.61 -75.52 -19.67
CA GLU AA 4 9.84 -74.97 -20.23
C GLU AA 4 9.51 -73.89 -21.24
N LEU AA 5 10.32 -72.84 -21.26
CA LEU AA 5 10.09 -71.73 -22.17
C LEU AA 5 11.28 -71.56 -23.09
N CYS AA 6 11.09 -70.75 -24.13
CA CYS AA 6 12.13 -70.41 -25.09
C CYS AA 6 12.25 -68.90 -25.19
N SER AA 7 13.38 -68.43 -25.69
CA SER AA 7 13.77 -67.03 -25.59
C SER AA 7 13.71 -66.35 -26.96
N PHE AA 8 14.11 -65.07 -26.97
CA PHE AA 8 14.53 -64.37 -28.17
C PHE AA 8 15.60 -65.16 -28.92
N SER AA 9 16.52 -65.77 -28.19
CA SER AA 9 17.55 -66.60 -28.79
C SER AA 9 17.09 -68.01 -29.08
N GLY AA 10 15.90 -68.39 -28.65
CA GLY AA 10 15.42 -69.74 -28.85
C GLY AA 10 15.96 -70.76 -27.89
N TYR AA 11 16.69 -70.34 -26.86
CA TYR AA 11 17.25 -71.27 -25.90
C TYR AA 11 16.22 -71.61 -24.83
N LYS AA 12 16.42 -72.75 -24.18
CA LYS AA 12 15.52 -73.18 -23.12
C LYS AA 12 15.75 -72.36 -21.86
N ILE AA 13 14.67 -71.93 -21.24
CA ILE AA 13 14.71 -71.14 -20.00
C ILE AA 13 14.16 -72.01 -18.87
N TYR AA 14 14.98 -72.32 -17.92
CA TYR AA 14 14.59 -73.12 -16.78
C TYR AA 14 13.92 -72.25 -15.74
N PRO AA 15 13.11 -72.84 -14.86
CA PRO AA 15 12.44 -72.06 -13.83
C PRO AA 15 13.42 -71.31 -12.95
N GLY AA 16 13.06 -70.08 -12.60
CA GLY AA 16 13.91 -69.24 -11.81
C GLY AA 16 14.98 -68.49 -12.58
N HIS AA 17 14.92 -68.49 -13.91
CA HIS AA 17 15.91 -67.81 -14.72
C HIS AA 17 15.23 -66.79 -15.62
N GLY AA 18 15.94 -65.73 -15.94
CA GLY AA 18 15.47 -64.81 -16.95
C GLY AA 18 14.32 -63.95 -16.48
N ARG AA 19 13.70 -63.29 -17.46
CA ARG AA 19 12.62 -62.36 -17.18
C ARG AA 19 11.50 -62.56 -18.19
N ARG AA 20 10.34 -62.00 -17.85
CA ARG AA 20 9.15 -62.08 -18.68
C ARG AA 20 8.63 -60.67 -18.93
N TYR AA 21 8.21 -60.42 -20.16
CA TYR AA 21 7.88 -59.09 -20.64
C TYR AA 21 6.48 -59.12 -21.21
N ALA AA 22 5.58 -58.34 -20.64
CA ALA AA 22 4.20 -58.25 -21.10
C ALA AA 22 4.00 -56.89 -21.75
N ARG AA 23 3.69 -56.88 -23.03
CA ARG AA 23 3.49 -55.64 -23.75
C ARG AA 23 2.05 -55.15 -23.61
N THR AA 24 1.84 -53.89 -23.98
CA THR AA 24 0.51 -53.30 -23.87
C THR AA 24 -0.45 -53.89 -24.89
N ASP AA 25 0.05 -54.44 -25.99
CA ASP AA 25 -0.82 -55.05 -27.00
C ASP AA 25 -1.23 -56.47 -26.67
N GLY AA 26 -0.78 -57.01 -25.53
CA GLY AA 26 -1.23 -58.31 -25.06
C GLY AA 26 -0.29 -59.46 -25.34
N LYS AA 27 0.84 -59.22 -25.99
CA LYS AA 27 1.80 -60.28 -26.26
C LYS AA 27 2.79 -60.39 -25.11
N VAL AA 28 3.24 -61.62 -24.84
CA VAL AA 28 4.13 -61.90 -23.73
C VAL AA 28 5.36 -62.63 -24.25
N PHE AA 29 6.53 -62.11 -23.91
CA PHE AA 29 7.81 -62.70 -24.29
C PHE AA 29 8.57 -63.07 -23.03
N GLN AA 30 9.58 -63.92 -23.20
CA GLN AA 30 10.45 -64.27 -22.09
C GLN AA 30 11.87 -64.36 -22.61
N PHE AA 31 12.82 -63.99 -21.76
CA PHE AA 31 14.21 -63.90 -22.14
C PHE AA 31 15.08 -64.59 -21.11
N LEU AA 32 16.13 -65.25 -21.62
CA LEU AA 32 17.10 -65.91 -20.76
C LEU AA 32 17.82 -64.92 -19.85
N ASN AA 33 18.20 -63.78 -20.38
CA ASN AA 33 19.10 -62.89 -19.67
C ASN AA 33 19.06 -61.53 -20.32
N ALA AA 34 19.74 -60.57 -19.69
CA ALA AA 34 19.71 -59.19 -20.14
C ALA AA 34 20.30 -59.02 -21.53
N LYS AA 35 21.20 -59.90 -21.96
CA LYS AA 35 21.72 -59.83 -23.33
C LYS AA 35 20.61 -60.06 -24.34
N CYS AA 36 19.88 -61.16 -24.19
CA CYS AA 36 18.77 -61.45 -25.09
C CYS AA 36 17.68 -60.41 -24.98
N GLU AA 37 17.39 -59.97 -23.75
CA GLU AA 37 16.35 -58.98 -23.55
C GLU AA 37 16.69 -57.64 -24.20
N SER AA 38 17.92 -57.17 -24.05
CA SER AA 38 18.30 -55.90 -24.66
C SER AA 38 18.36 -56.00 -26.17
N ALA AA 39 18.81 -57.15 -26.69
CA ALA AA 39 18.78 -57.33 -28.14
C ALA AA 39 17.35 -57.30 -28.66
N PHE AA 40 16.41 -57.92 -27.94
CA PHE AA 40 15.01 -57.86 -28.34
C PHE AA 40 14.48 -56.44 -28.26
N LEU AA 41 14.81 -55.71 -27.19
CA LEU AA 41 14.24 -54.37 -27.00
C LEU AA 41 14.80 -53.37 -27.98
N SER AA 42 16.04 -53.56 -28.43
CA SER AA 42 16.61 -52.67 -29.44
C SER AA 42 16.21 -53.06 -30.86
N LYS AA 43 15.19 -53.91 -31.01
CA LYS AA 43 14.62 -54.27 -32.30
C LYS AA 43 15.64 -54.93 -33.21
N ARG AA 44 16.55 -55.70 -32.63
CA ARG AA 44 17.51 -56.44 -33.42
C ARG AA 44 16.90 -57.75 -33.89
N ASN AA 45 17.24 -58.14 -35.11
CA ASN AA 45 16.69 -59.34 -35.71
C ASN AA 45 17.47 -60.56 -35.23
N PRO AA 46 16.83 -61.55 -34.59
CA PRO AA 46 17.56 -62.76 -34.21
C PRO AA 46 18.06 -63.58 -35.38
N ARG AA 47 17.47 -63.42 -36.56
CA ARG AA 47 17.98 -64.09 -37.75
C ARG AA 47 19.32 -63.54 -38.21
N GLN AA 48 19.77 -62.41 -37.67
CA GLN AA 48 21.03 -61.81 -38.05
C GLN AA 48 22.09 -61.88 -36.96
N ILE AA 49 21.80 -62.51 -35.84
CA ILE AA 49 22.75 -62.67 -34.75
C ILE AA 49 23.23 -64.11 -34.76
N ASN AA 50 24.54 -64.32 -34.81
CA ASN AA 50 25.08 -65.63 -35.16
C ASN AA 50 24.74 -66.70 -34.14
N TRP AA 51 24.73 -66.34 -32.85
CA TRP AA 51 24.60 -67.34 -31.81
C TRP AA 51 23.16 -67.70 -31.49
N THR AA 52 22.23 -67.32 -32.35
CA THR AA 52 20.81 -67.53 -32.11
C THR AA 52 20.33 -68.79 -32.83
N VAL AA 53 19.38 -69.48 -32.20
CA VAL AA 53 18.81 -70.69 -32.78
C VAL AA 53 18.16 -70.40 -34.13
N LEU AA 54 17.46 -69.26 -34.24
CA LEU AA 54 16.85 -68.91 -35.51
C LEU AA 54 17.89 -68.69 -36.59
N TYR AA 55 18.99 -68.01 -36.28
CA TYR AA 55 20.05 -67.84 -37.25
C TYR AA 55 20.65 -69.17 -37.66
N ARG AA 56 20.90 -70.04 -36.67
CA ARG AA 56 21.55 -71.31 -36.97
C ARG AA 56 20.67 -72.18 -37.85
N ARG AA 57 19.36 -72.17 -37.61
CA ARG AA 57 18.49 -72.96 -38.48
C ARG AA 57 18.25 -72.28 -39.82
N LYS AA 58 18.38 -70.96 -39.90
CA LYS AA 58 18.29 -70.29 -41.19
C LYS AA 58 19.49 -70.62 -42.07
N HIS AA 59 20.69 -70.54 -41.50
CA HIS AA 59 21.90 -70.81 -42.25
C HIS AA 59 22.27 -72.28 -42.25
N LYS AA 60 21.45 -73.13 -41.61
CA LYS AA 60 21.62 -74.58 -41.60
C LYS AA 60 23.00 -74.98 -41.05
N LYS AA 61 23.34 -74.40 -39.90
CA LYS AA 61 24.60 -74.71 -39.25
C LYS AA 61 24.44 -75.97 -38.43
N GLY AA 62 25.23 -76.99 -38.73
CA GLY AA 62 25.25 -78.20 -37.96
C GLY AA 62 24.17 -79.21 -38.28
N GLN AA 63 23.19 -78.85 -39.11
CA GLN AA 63 22.11 -79.75 -39.46
C GLN AA 63 21.87 -79.75 -40.97
N THR AA 72 5.43 -93.54 -43.44
CA THR AA 72 4.93 -94.82 -43.95
C THR AA 72 3.41 -94.92 -43.84
N ARG AA 73 2.74 -94.72 -44.98
CA ARG AA 73 1.29 -94.79 -45.06
C ARG AA 73 0.87 -96.25 -45.19
N ARG AA 74 0.41 -96.84 -44.09
CA ARG AA 74 0.05 -98.25 -44.05
C ARG AA 74 -1.46 -98.34 -43.80
N ALA AA 75 -2.22 -98.49 -44.89
CA ALA AA 75 -3.66 -98.66 -44.84
C ALA AA 75 -4.03 -100.08 -45.25
N VAL AA 76 -5.30 -100.41 -45.12
CA VAL AA 76 -5.77 -101.76 -45.40
C VAL AA 76 -7.26 -101.69 -45.73
N LYS AA 77 -7.67 -102.49 -46.72
CA LYS AA 77 -9.09 -102.64 -47.05
C LYS AA 77 -9.67 -103.73 -46.17
N PHE AA 78 -10.40 -103.33 -45.13
CA PHE AA 78 -11.00 -104.25 -44.19
C PHE AA 78 -12.42 -104.57 -44.66
N GLN AA 79 -12.71 -105.86 -44.80
CA GLN AA 79 -14.01 -106.31 -45.31
C GLN AA 79 -14.98 -106.49 -44.16
N ARG AA 80 -16.17 -105.93 -44.31
CA ARG AA 80 -17.21 -106.03 -43.30
C ARG AA 80 -18.53 -106.36 -43.97
N ALA AA 81 -19.53 -106.67 -43.14
CA ALA AA 81 -20.83 -107.03 -43.65
C ALA AA 81 -21.61 -105.78 -44.07
N ILE AA 82 -22.74 -106.02 -44.74
CA ILE AA 82 -23.66 -104.96 -45.13
C ILE AA 82 -25.02 -105.29 -44.54
N THR AA 83 -25.80 -104.24 -44.27
CA THR AA 83 -27.17 -104.44 -43.79
C THR AA 83 -28.00 -105.20 -44.81
N GLY AA 84 -28.35 -106.45 -44.50
CA GLY AA 84 -29.14 -107.24 -45.41
C GLY AA 84 -28.48 -108.56 -45.79
N ALA AA 85 -27.18 -108.53 -46.01
CA ALA AA 85 -26.42 -109.72 -46.37
C ALA AA 85 -25.20 -109.82 -45.47
N SER AA 86 -25.00 -111.00 -44.89
CA SER AA 86 -23.90 -111.18 -43.94
C SER AA 86 -22.56 -111.18 -44.66
N LEU AA 87 -21.50 -111.10 -43.85
CA LEU AA 87 -20.14 -111.14 -44.41
C LEU AA 87 -19.89 -112.46 -45.12
N ALA AA 88 -20.34 -113.57 -44.52
CA ALA AA 88 -20.20 -114.86 -45.18
C ALA AA 88 -20.97 -114.90 -46.49
N ASP AA 89 -22.19 -114.33 -46.50
CA ASP AA 89 -23.00 -114.32 -47.71
C ASP AA 89 -22.29 -113.56 -48.83
N ILE AA 90 -21.85 -112.34 -48.55
CA ILE AA 90 -21.22 -111.54 -49.59
C ILE AA 90 -19.88 -112.13 -49.99
N MET AA 91 -19.18 -112.78 -49.07
CA MET AA 91 -17.95 -113.48 -49.42
C MET AA 91 -18.23 -114.62 -50.39
N ALA AA 92 -19.32 -115.37 -50.16
CA ALA AA 92 -19.69 -116.41 -51.10
C ALA AA 92 -20.04 -115.84 -52.47
N LYS AA 93 -20.80 -114.74 -52.49
CA LYS AA 93 -21.17 -114.15 -53.77
C LYS AA 93 -19.95 -113.67 -54.55
N ARG AA 94 -18.99 -113.05 -53.86
CA ARG AA 94 -17.81 -112.56 -54.54
C ARG AA 94 -16.83 -113.67 -54.89
N ASN AA 95 -16.86 -114.79 -54.17
CA ASN AA 95 -15.98 -115.91 -54.44
C ASN AA 95 -16.67 -117.01 -55.22
N GLN AA 96 -17.84 -116.71 -55.80
CA GLN AA 96 -18.51 -117.65 -56.68
C GLN AA 96 -17.60 -118.09 -57.82
N LYS AA 97 -17.84 -119.31 -58.30
CA LYS AA 97 -16.96 -119.90 -59.30
C LYS AA 97 -17.14 -119.21 -60.65
N PRO AA 98 -16.11 -119.25 -61.50
CA PRO AA 98 -16.30 -118.83 -62.89
C PRO AA 98 -17.40 -119.61 -63.59
N GLU AA 99 -17.59 -120.88 -63.21
CA GLU AA 99 -18.71 -121.65 -63.74
C GLU AA 99 -20.04 -121.04 -63.34
N VAL AA 100 -20.16 -120.61 -62.08
CA VAL AA 100 -21.38 -119.98 -61.61
C VAL AA 100 -21.64 -118.68 -62.35
N ARG AA 101 -20.59 -117.86 -62.49
CA ARG AA 101 -20.70 -116.59 -63.19
C ARG AA 101 -21.10 -116.82 -64.65
N LYS AA 102 -20.50 -117.82 -65.29
CA LYS AA 102 -20.80 -118.14 -66.69
C LYS AA 102 -22.24 -118.62 -66.85
N ALA AA 103 -22.70 -119.49 -65.94
CA ALA AA 103 -24.08 -119.94 -65.97
C ALA AA 103 -25.03 -118.76 -65.88
N GLN AA 104 -24.74 -117.82 -64.97
CA GLN AA 104 -25.55 -116.62 -64.85
C GLN AA 104 -25.57 -115.83 -66.15
N ARG AA 105 -24.40 -115.66 -66.79
CA ARG AA 105 -24.38 -114.80 -67.98
C ARG AA 105 -25.17 -115.40 -69.13
N GLU AA 106 -25.07 -116.72 -69.39
CA GLU AA 106 -25.82 -117.19 -70.55
C GLU AA 106 -27.30 -117.42 -70.22
N GLN AA 107 -27.64 -117.66 -68.95
CA GLN AA 107 -29.08 -117.67 -68.69
C GLN AA 107 -29.68 -116.27 -68.86
N ALA AA 108 -28.95 -115.22 -68.48
CA ALA AA 108 -29.41 -113.87 -68.80
C ALA AA 108 -29.50 -113.65 -70.31
N ILE AA 109 -28.53 -114.17 -71.06
CA ILE AA 109 -28.52 -113.94 -72.50
C ILE AA 109 -29.69 -114.66 -73.17
N ARG AA 110 -30.01 -115.88 -72.74
CA ARG AA 110 -31.13 -116.60 -73.35
C ARG AA 110 -32.46 -115.94 -72.98
N ALA AA 111 -32.55 -115.38 -71.78
CA ALA AA 111 -33.74 -114.57 -71.47
C ALA AA 111 -33.83 -113.37 -72.40
N ALA AA 112 -32.71 -112.70 -72.64
CA ALA AA 112 -32.69 -111.58 -73.57
C ALA AA 112 -33.05 -112.01 -74.99
N LYS AA 113 -32.71 -113.24 -75.37
CA LYS AA 113 -33.05 -113.73 -76.71
C LYS AA 113 -34.54 -114.04 -76.81
N GLU AA 114 -35.14 -114.64 -75.78
CA GLU AA 114 -36.57 -114.89 -75.84
C GLU AA 114 -37.39 -113.62 -75.73
N ALA AA 115 -36.80 -112.55 -75.19
CA ALA AA 115 -37.52 -111.27 -75.13
C ALA AA 115 -37.88 -110.76 -76.52
N LYS AA 116 -36.95 -110.89 -77.48
CA LYS AA 116 -37.22 -110.43 -78.84
C LYS AA 116 -38.35 -111.23 -79.48
N LYS AA 117 -38.35 -112.55 -79.28
CA LYS AA 117 -39.42 -113.39 -79.81
C LYS AA 117 -40.75 -113.04 -79.15
N ALA AA 118 -40.73 -112.72 -77.85
CA ALA AA 118 -41.94 -112.28 -77.19
C ALA AA 118 -42.46 -110.97 -77.77
N LYS AA 119 -41.55 -110.05 -78.11
CA LYS AA 119 -41.96 -108.81 -78.76
C LYS AA 119 -42.61 -109.07 -80.11
N GLN AA 120 -42.01 -109.96 -80.91
CA GLN AA 120 -42.61 -110.33 -82.19
C GLN AA 120 -43.98 -110.95 -81.99
N ALA AA 121 -44.12 -111.85 -81.00
CA ALA AA 121 -45.39 -112.52 -80.75
C ALA AA 121 -46.46 -111.53 -80.30
N SER AA 122 -46.08 -110.56 -79.46
CA SER AA 122 -47.05 -109.57 -79.01
C SER AA 122 -47.48 -108.67 -80.17
N LYS AA 123 -46.55 -108.33 -81.07
CA LYS AA 123 -46.92 -107.44 -82.17
C LYS AA 123 -47.73 -108.15 -83.25
N LYS AA 124 -47.51 -109.44 -83.46
CA LYS AA 124 -48.25 -110.18 -84.48
C LYS AA 124 -49.74 -110.25 -84.18
N LYS BA 1 71.64 63.69 -40.35
CA LYS BA 1 70.77 63.59 -41.51
C LYS BA 1 70.86 62.20 -42.13
N LYS BA 2 71.53 61.28 -41.42
CA LYS BA 2 71.65 59.92 -41.90
C LYS BA 2 71.37 58.87 -40.83
N LYS BA 3 71.17 59.26 -39.57
CA LYS BA 3 70.84 58.30 -38.51
C LYS BA 3 69.37 57.95 -38.66
N ILE BA 4 69.11 56.73 -39.13
CA ILE BA 4 67.77 56.29 -39.47
C ILE BA 4 67.46 55.03 -38.69
N ARG BA 5 66.17 54.76 -38.51
CA ARG BA 5 65.71 53.54 -37.85
C ARG BA 5 64.69 52.89 -38.77
N THR BA 6 65.16 51.96 -39.60
CA THR BA 6 64.25 51.24 -40.49
C THR BA 6 63.54 50.10 -39.79
N SER BA 7 63.85 49.85 -38.52
CA SER BA 7 63.21 48.79 -37.78
C SER BA 7 62.55 49.37 -36.53
N PRO BA 8 61.38 48.86 -36.15
CA PRO BA 8 60.74 49.34 -34.93
C PRO BA 8 61.24 48.68 -33.65
N THR BA 9 62.35 47.94 -33.73
CA THR BA 9 62.91 47.26 -32.59
C THR BA 9 64.24 47.90 -32.22
N PHE BA 10 64.43 48.17 -30.94
CA PHE BA 10 65.72 48.61 -30.44
C PHE BA 10 66.47 47.38 -29.96
N ARG BA 11 67.59 47.10 -30.60
CA ARG BA 11 68.45 46.00 -30.19
C ARG BA 11 69.65 46.56 -29.44
N ARG BA 12 70.19 45.74 -28.54
CA ARG BA 12 71.35 46.15 -27.77
C ARG BA 12 72.54 46.33 -28.69
N PRO BA 13 73.16 47.50 -28.72
CA PRO BA 13 74.29 47.72 -29.63
C PRO BA 13 75.47 46.82 -29.29
N LYS BA 14 76.22 46.44 -30.31
CA LYS BA 14 77.35 45.55 -30.15
C LYS BA 14 78.53 46.33 -29.63
N THR BA 15 78.95 46.04 -28.40
CA THR BA 15 80.08 46.72 -27.78
C THR BA 15 81.34 45.89 -27.92
N LEU BA 16 82.45 46.45 -27.46
CA LEU BA 16 83.73 45.78 -27.58
C LEU BA 16 83.99 44.89 -26.38
N ARG BA 17 84.37 43.64 -26.64
CA ARG BA 17 84.70 42.70 -25.59
C ARG BA 17 86.17 42.37 -25.67
N LEU BA 18 86.90 42.66 -24.59
CA LEU BA 18 88.33 42.41 -24.54
C LEU BA 18 88.61 40.98 -24.14
N ARG BA 19 89.75 40.47 -24.58
CA ARG BA 19 90.21 39.18 -24.10
C ARG BA 19 90.94 39.35 -22.78
N ARG BA 20 90.94 38.28 -22.00
CA ARG BA 20 91.56 38.34 -20.69
C ARG BA 20 93.06 38.54 -20.82
N GLN BA 21 93.60 39.50 -20.08
CA GLN BA 21 95.02 39.78 -20.04
C GLN BA 21 95.42 39.82 -18.57
N PRO BA 22 95.45 38.68 -17.91
CA PRO BA 22 95.64 38.66 -16.46
C PRO BA 22 97.02 39.13 -16.05
N LYS BA 23 97.08 39.70 -14.85
CA LYS BA 23 98.33 40.17 -14.30
C LYS BA 23 99.11 39.09 -13.57
N TYR BA 24 98.51 37.93 -13.35
CA TYR BA 24 99.20 36.79 -12.75
C TYR BA 24 98.44 35.55 -13.18
N PRO BA 25 99.12 34.45 -13.48
CA PRO BA 25 98.41 33.20 -13.73
C PRO BA 25 97.81 32.66 -12.45
N ARG BA 26 96.62 32.10 -12.55
CA ARG BA 26 95.99 31.56 -11.35
C ARG BA 26 96.64 30.25 -10.94
N LYS BA 27 97.18 29.49 -11.89
CA LYS BA 27 98.00 28.32 -11.61
C LYS BA 27 99.44 28.70 -11.89
N SER BA 28 100.32 28.45 -10.92
CA SER BA 28 101.72 28.81 -11.09
C SER BA 28 102.36 28.04 -12.23
N ALA BA 29 102.08 26.75 -12.33
CA ALA BA 29 102.58 25.91 -13.39
C ALA BA 29 101.48 24.96 -13.84
N PRO BA 30 101.48 24.53 -15.09
CA PRO BA 30 100.49 23.55 -15.54
C PRO BA 30 100.76 22.20 -14.88
N ARG BA 31 99.71 21.60 -14.33
CA ARG BA 31 99.86 20.29 -13.72
C ARG BA 31 100.10 19.25 -14.81
N ARG BA 32 101.04 18.35 -14.55
CA ARG BA 32 101.50 17.42 -15.58
C ARG BA 32 100.42 16.39 -15.89
N ASN BA 33 100.55 15.79 -17.08
CA ASN BA 33 99.59 14.80 -17.53
C ASN BA 33 99.81 13.50 -16.76
N LYS BA 34 98.82 13.14 -15.95
CA LYS BA 34 98.92 11.89 -15.22
C LYS BA 34 98.65 10.68 -16.10
N LEU BA 35 97.84 10.85 -17.15
CA LEU BA 35 97.51 9.76 -18.06
C LEU BA 35 98.50 9.69 -19.22
N ASP BA 36 99.77 9.51 -18.87
CA ASP BA 36 100.80 9.31 -19.89
C ASP BA 36 100.77 7.87 -20.35
N HIS BA 37 101.77 7.46 -21.13
CA HIS BA 37 101.72 6.17 -21.78
C HIS BA 37 101.88 5.01 -20.80
N TYR BA 38 102.75 5.16 -19.80
CA TYR BA 38 102.88 4.13 -18.78
C TYR BA 38 101.64 4.02 -17.92
N ALA BA 39 100.95 5.14 -17.70
CA ALA BA 39 99.68 5.07 -17.00
C ALA BA 39 98.61 4.40 -17.86
N ILE BA 40 98.63 4.65 -19.17
CA ILE BA 40 97.63 4.08 -20.05
C ILE BA 40 97.75 2.56 -20.10
N ILE BA 41 98.95 2.06 -20.35
CA ILE BA 41 99.15 0.62 -20.48
C ILE BA 41 99.54 0.07 -19.12
N LYS BA 42 98.61 -0.63 -18.47
CA LYS BA 42 98.87 -1.12 -17.11
C LYS BA 42 99.62 -2.44 -17.12
N PHE BA 43 99.01 -3.48 -17.70
CA PHE BA 43 99.67 -4.76 -17.84
C PHE BA 43 98.94 -5.56 -18.90
N PRO BA 44 99.64 -6.43 -19.62
CA PRO BA 44 98.97 -7.27 -20.61
C PRO BA 44 98.23 -8.43 -19.99
N LEU BA 45 97.32 -8.99 -20.78
CA LEU BA 45 96.53 -10.13 -20.36
C LEU BA 45 97.15 -11.41 -20.90
N THR BA 46 97.27 -12.42 -20.04
CA THR BA 46 97.98 -13.64 -20.38
C THR BA 46 97.10 -14.87 -20.25
N THR BA 47 95.81 -14.71 -20.48
CA THR BA 47 94.87 -15.82 -20.35
C THR BA 47 94.88 -16.66 -21.62
N GLU BA 48 94.11 -17.74 -21.61
CA GLU BA 48 94.00 -18.60 -22.78
C GLU BA 48 93.43 -17.83 -23.97
N SER BA 49 92.41 -17.01 -23.71
CA SER BA 49 91.83 -16.22 -24.78
C SER BA 49 92.84 -15.21 -25.33
N ALA BA 50 93.62 -14.59 -24.45
CA ALA BA 50 94.62 -13.62 -24.91
C ALA BA 50 95.69 -14.30 -25.75
N MET BA 51 96.15 -15.47 -25.33
CA MET BA 51 97.13 -16.20 -26.13
C MET BA 51 96.57 -16.59 -27.48
N LYS BA 52 95.32 -17.07 -27.51
CA LYS BA 52 94.68 -17.40 -28.78
C LYS BA 52 94.56 -16.18 -29.69
N LYS BA 53 94.29 -15.01 -29.12
CA LYS BA 53 94.28 -13.79 -29.90
C LYS BA 53 95.66 -13.47 -30.47
N ILE BA 54 96.71 -13.69 -29.67
CA ILE BA 54 98.06 -13.43 -30.17
C ILE BA 54 98.39 -14.35 -31.34
N GLU BA 55 98.08 -15.63 -31.21
CA GLU BA 55 98.50 -16.60 -32.22
C GLU BA 55 97.52 -16.71 -33.39
N ASP BA 56 96.36 -16.07 -33.32
CA ASP BA 56 95.41 -16.14 -34.43
C ASP BA 56 95.16 -14.78 -35.08
N ASN BA 57 94.76 -13.77 -34.34
CA ASN BA 57 94.31 -12.52 -34.92
C ASN BA 57 95.40 -11.47 -35.02
N ASN BA 58 96.65 -11.81 -34.69
CA ASN BA 58 97.75 -10.85 -34.64
C ASN BA 58 97.45 -9.72 -33.65
N THR BA 59 96.80 -10.09 -32.54
CA THR BA 59 96.24 -9.13 -31.59
C THR BA 59 96.92 -9.30 -30.24
N LEU BA 60 97.33 -8.20 -29.63
CA LEU BA 60 97.81 -8.19 -28.26
C LEU BA 60 96.69 -7.69 -27.35
N VAL BA 61 96.48 -8.37 -26.23
CA VAL BA 61 95.43 -8.02 -25.29
C VAL BA 61 96.06 -7.32 -24.10
N PHE BA 62 95.54 -6.15 -23.76
CA PHE BA 62 96.09 -5.32 -22.70
C PHE BA 62 94.99 -4.93 -21.73
N ILE BA 63 95.40 -4.67 -20.50
CA ILE BA 63 94.54 -4.01 -19.52
C ILE BA 63 94.99 -2.57 -19.44
N VAL BA 64 94.10 -1.64 -19.74
CA VAL BA 64 94.44 -0.24 -19.89
C VAL BA 64 93.66 0.58 -18.88
N ASP BA 65 94.02 1.86 -18.78
CA ASP BA 65 93.31 2.77 -17.91
C ASP BA 65 91.90 2.99 -18.44
N VAL BA 66 90.92 3.01 -17.53
CA VAL BA 66 89.53 3.11 -17.95
C VAL BA 66 89.22 4.47 -18.57
N LYS BA 67 90.07 5.46 -18.36
CA LYS BA 67 89.86 6.80 -18.88
C LYS BA 67 90.53 7.03 -20.22
N ALA BA 68 91.21 6.04 -20.78
CA ALA BA 68 91.94 6.20 -22.02
C ALA BA 68 91.08 5.75 -23.19
N ASN BA 69 91.05 6.56 -24.25
CA ASN BA 69 90.29 6.20 -25.43
C ASN BA 69 91.16 5.45 -26.41
N LYS BA 70 90.57 5.07 -27.55
CA LYS BA 70 91.25 4.21 -28.51
C LYS BA 70 92.46 4.90 -29.11
N HIS BA 71 92.35 6.21 -29.38
CA HIS BA 71 93.48 6.95 -29.92
C HIS BA 71 94.64 6.97 -28.94
N GLN BA 72 94.35 7.21 -27.67
CA GLN BA 72 95.40 7.21 -26.64
C GLN BA 72 96.04 5.85 -26.52
N ILE BA 73 95.24 4.78 -26.54
CA ILE BA 73 95.79 3.44 -26.41
C ILE BA 73 96.69 3.13 -27.60
N LYS BA 74 96.23 3.48 -28.81
CA LYS BA 74 97.02 3.23 -30.01
C LYS BA 74 98.35 3.95 -29.95
N GLN BA 75 98.33 5.23 -29.59
CA GLN BA 75 99.56 6.00 -29.55
C GLN BA 75 100.49 5.50 -28.44
N ALA BA 76 99.94 5.10 -27.29
CA ALA BA 76 100.76 4.59 -26.21
C ALA BA 76 101.44 3.29 -26.58
N VAL BA 77 100.69 2.37 -27.19
CA VAL BA 77 101.27 1.10 -27.62
C VAL BA 77 102.36 1.34 -28.64
N LYS BA 78 102.09 2.21 -29.62
CA LYS BA 78 103.08 2.53 -30.63
C LYS BA 78 104.36 3.08 -30.01
N LYS BA 79 104.23 4.02 -29.07
CA LYS BA 79 105.42 4.65 -28.53
C LYS BA 79 106.20 3.73 -27.61
N LEU BA 80 105.55 3.01 -26.71
CA LEU BA 80 106.30 2.26 -25.72
C LEU BA 80 106.54 0.81 -26.12
N TYR BA 81 106.16 0.41 -27.34
CA TYR BA 81 106.63 -0.88 -27.83
C TYR BA 81 107.26 -0.83 -29.22
N ASP BA 82 107.33 0.34 -29.86
CA ASP BA 82 107.96 0.51 -31.18
C ASP BA 82 107.33 -0.41 -32.23
N ILE BA 83 106.00 -0.46 -32.24
CA ILE BA 83 105.26 -1.25 -33.20
C ILE BA 83 104.19 -0.37 -33.82
N ASP BA 84 103.67 -0.80 -34.96
CA ASP BA 84 102.58 -0.13 -35.64
C ASP BA 84 101.33 -0.99 -35.52
N VAL BA 85 100.22 -0.37 -35.17
CA VAL BA 85 98.99 -1.12 -34.92
C VAL BA 85 97.94 -0.71 -35.95
N ALA BA 86 97.05 -1.65 -36.25
CA ALA BA 86 96.01 -1.45 -37.24
C ALA BA 86 94.74 -0.90 -36.62
N LYS BA 87 94.23 -1.55 -35.57
CA LYS BA 87 93.02 -1.08 -34.92
C LYS BA 87 93.02 -1.49 -33.47
N VAL BA 88 92.18 -0.82 -32.69
CA VAL BA 88 92.03 -1.09 -31.26
C VAL BA 88 90.55 -1.30 -31.00
N ASN BA 89 90.22 -2.46 -30.44
CA ASN BA 89 88.89 -2.72 -29.90
C ASN BA 89 88.95 -2.62 -28.40
N THR BA 90 87.87 -2.18 -27.79
CA THR BA 90 87.90 -1.83 -26.38
C THR BA 90 86.62 -2.28 -25.70
N LEU BA 91 86.77 -2.94 -24.55
CA LEU BA 91 85.62 -3.22 -23.71
C LEU BA 91 85.99 -2.89 -22.28
N ILE BA 92 84.98 -2.77 -21.43
CA ILE BA 92 85.19 -2.62 -20.00
C ILE BA 92 84.67 -3.89 -19.35
N ARG BA 93 85.50 -4.51 -18.55
CA ARG BA 93 85.24 -5.80 -17.97
C ARG BA 93 84.22 -5.68 -16.85
N PRO BA 94 83.58 -6.79 -16.47
CA PRO BA 94 82.64 -6.73 -15.35
C PRO BA 94 83.29 -6.34 -14.03
N ASP BA 95 84.60 -6.46 -13.90
CA ASP BA 95 85.28 -6.00 -12.69
C ASP BA 95 85.70 -4.55 -12.75
N GLY BA 96 85.48 -3.88 -13.88
CA GLY BA 96 85.73 -2.45 -13.99
C GLY BA 96 86.98 -2.08 -14.75
N GLU BA 97 87.87 -3.02 -15.04
CA GLU BA 97 89.07 -2.71 -15.79
C GLU BA 97 88.79 -2.68 -17.28
N LYS BA 98 89.43 -1.75 -17.99
CA LYS BA 98 89.28 -1.68 -19.42
C LYS BA 98 90.26 -2.63 -20.10
N LYS BA 99 89.78 -3.35 -21.10
CA LYS BA 99 90.56 -4.30 -21.86
C LYS BA 99 90.61 -3.83 -23.31
N ALA BA 100 91.81 -3.84 -23.89
CA ALA BA 100 92.03 -3.41 -25.26
C ALA BA 100 92.62 -4.54 -26.07
N TYR BA 101 91.96 -4.87 -27.17
CA TYR BA 101 92.48 -5.77 -28.18
C TYR BA 101 93.14 -4.92 -29.26
N VAL BA 102 94.46 -4.97 -29.34
CA VAL BA 102 95.22 -4.13 -30.26
C VAL BA 102 95.70 -5.05 -31.37
N ARG BA 103 95.11 -4.94 -32.54
CA ARG BA 103 95.60 -5.69 -33.68
C ARG BA 103 96.80 -4.99 -34.28
N LEU BA 104 97.82 -5.75 -34.63
CA LEU BA 104 99.04 -5.17 -35.15
C LEU BA 104 98.99 -5.09 -36.66
N ALA BA 105 99.84 -4.23 -37.22
CA ALA BA 105 99.94 -4.07 -38.66
C ALA BA 105 100.45 -5.36 -39.28
N PRO BA 106 100.15 -5.62 -40.56
CA PRO BA 106 100.51 -6.91 -41.15
C PRO BA 106 101.99 -7.23 -41.13
N ASP BA 107 102.85 -6.21 -41.13
CA ASP BA 107 104.29 -6.43 -41.15
C ASP BA 107 104.88 -6.60 -39.76
N TYR BA 108 104.07 -6.59 -38.71
CA TYR BA 108 104.53 -6.88 -37.36
C TYR BA 108 103.91 -8.17 -36.87
N ASP BA 109 104.71 -9.00 -36.22
CA ASP BA 109 104.26 -10.29 -35.72
C ASP BA 109 103.98 -10.17 -34.23
N ALA BA 110 102.71 -10.30 -33.87
CA ALA BA 110 102.31 -10.18 -32.47
C ALA BA 110 102.96 -11.24 -31.59
N LEU BA 111 103.28 -12.40 -32.15
CA LEU BA 111 103.99 -13.41 -31.39
C LEU BA 111 105.37 -12.92 -30.99
N ASP BA 112 106.12 -12.36 -31.94
CA ASP BA 112 107.44 -11.84 -31.63
C ASP BA 112 107.36 -10.66 -30.67
N VAL BA 113 106.36 -9.81 -30.85
CA VAL BA 113 106.20 -8.68 -29.94
C VAL BA 113 105.91 -9.15 -28.53
N ALA BA 114 105.04 -10.14 -28.39
CA ALA BA 114 104.75 -10.69 -27.06
C ALA BA 114 105.96 -11.36 -26.46
N ASN BA 115 106.83 -11.95 -27.28
CA ASN BA 115 108.06 -12.51 -26.76
C ASN BA 115 109.00 -11.43 -26.24
N LYS BA 116 109.13 -10.33 -26.97
CA LYS BA 116 109.98 -9.24 -26.49
C LYS BA 116 109.41 -8.61 -25.24
N ILE BA 117 108.09 -8.46 -25.17
CA ILE BA 117 107.47 -7.92 -23.97
C ILE BA 117 107.67 -8.87 -22.79
N GLY BA 118 107.63 -10.17 -23.06
CA GLY BA 118 107.84 -11.16 -22.04
C GLY BA 118 106.59 -11.78 -21.49
N ILE BA 119 105.55 -11.89 -22.29
CA ILE BA 119 104.25 -12.36 -21.83
C ILE BA 119 103.86 -13.66 -22.49
N ILE BA 120 104.82 -14.36 -23.06
CA ILE BA 120 104.53 -15.56 -23.82
C ILE BA 120 104.04 -16.66 -22.89
N MET CA 1 103.82 10.68 45.87
CA MET CA 1 103.02 10.16 44.77
C MET CA 1 102.93 11.17 43.64
N LYS CA 2 102.08 10.88 42.66
CA LYS CA 2 101.97 11.71 41.47
C LYS CA 2 101.22 12.99 41.75
N PHE CA 3 101.81 14.12 41.37
CA PHE CA 3 101.19 15.42 41.53
C PHE CA 3 100.94 16.15 40.23
N ASN CA 4 101.55 15.74 39.14
CA ASN CA 4 101.38 16.41 37.87
C ASN CA 4 99.95 16.22 37.38
N PRO CA 5 99.20 17.29 37.18
CA PRO CA 5 97.80 17.15 36.77
C PRO CA 5 97.60 16.79 35.31
N PHE CA 6 98.67 16.67 34.53
CA PHE CA 6 98.53 16.33 33.12
C PHE CA 6 98.96 14.92 32.79
N VAL CA 7 99.48 14.17 33.76
CA VAL CA 7 99.72 12.74 33.60
C VAL CA 7 98.64 11.99 34.36
N THR CA 8 98.06 10.98 33.74
CA THR CA 8 96.94 10.26 34.30
C THR CA 8 97.41 9.10 35.17
N SER CA 9 96.60 8.76 36.16
CA SER CA 9 96.77 7.54 36.92
C SER CA 9 95.63 6.56 36.67
N ASP CA 10 94.78 6.84 35.68
CA ASP CA 10 93.68 5.95 35.38
C ASP CA 10 94.19 4.64 34.82
N ARG CA 11 93.68 3.54 35.38
CA ARG CA 11 94.13 2.22 34.98
C ARG CA 11 93.80 1.94 33.52
N SER CA 12 92.60 2.28 33.08
CA SER CA 12 92.21 2.03 31.70
C SER CA 12 93.05 2.85 30.74
N LYS CA 13 93.31 4.11 31.06
CA LYS CA 13 94.13 4.94 30.19
C LYS CA 13 95.56 4.43 30.11
N ASN CA 14 96.13 4.04 31.26
CA ASN CA 14 97.49 3.52 31.25
C ASN CA 14 97.59 2.23 30.44
N ARG CA 15 96.62 1.34 30.60
CA ARG CA 15 96.63 0.09 29.84
C ARG CA 15 96.44 0.35 28.36
N LYS CA 16 95.55 1.29 27.99
CA LYS CA 16 95.35 1.62 26.59
C LYS CA 16 96.62 2.18 25.97
N ARG CA 17 97.29 3.09 26.66
CA ARG CA 17 98.54 3.63 26.15
C ARG CA 17 99.58 2.54 25.99
N HIS CA 18 99.67 1.64 26.97
CA HIS CA 18 100.66 0.57 26.89
C HIS CA 18 100.40 -0.35 25.71
N PHE CA 19 99.16 -0.73 25.50
CA PHE CA 19 98.88 -1.73 24.47
C PHE CA 19 98.69 -1.14 23.08
N ASN CA 20 98.55 0.18 22.97
CA ASN CA 20 98.52 0.81 21.66
C ASN CA 20 99.73 1.70 21.42
N ALA CA 21 100.79 1.50 22.21
CA ALA CA 21 102.00 2.27 22.04
C ALA CA 21 102.58 2.07 20.64
N PRO CA 22 103.05 3.13 19.99
CA PRO CA 22 103.79 2.96 18.74
C PRO CA 22 105.14 2.31 19.01
N SER CA 23 105.69 1.69 17.97
CA SER CA 23 106.87 0.85 18.18
C SER CA 23 108.07 1.62 18.70
N HIS CA 24 108.19 2.90 18.38
CA HIS CA 24 109.33 3.66 18.85
C HIS CA 24 109.31 3.92 20.35
N ILE CA 25 108.16 3.79 21.01
CA ILE CA 25 108.12 3.81 22.46
C ILE CA 25 107.86 2.43 23.05
N ARG CA 26 107.38 1.47 22.25
CA ARG CA 26 107.50 0.08 22.65
C ARG CA 26 108.96 -0.29 22.87
N ARG CA 27 109.86 0.37 22.15
CA ARG CA 27 111.28 0.20 22.39
C ARG CA 27 111.66 0.63 23.80
N LYS CA 28 111.11 1.76 24.27
CA LYS CA 28 111.36 2.19 25.65
C LYS CA 28 110.76 1.22 26.64
N ILE CA 29 109.54 0.76 26.37
CA ILE CA 29 108.86 -0.14 27.30
C ILE CA 29 109.63 -1.44 27.44
N MET CA 30 110.23 -1.91 26.35
CA MET CA 30 110.95 -3.17 26.36
C MET CA 30 112.42 -2.96 26.73
N SER CA 31 112.64 -2.40 27.91
CA SER CA 31 113.99 -2.21 28.43
C SER CA 31 114.34 -3.32 29.39
N SER CA 32 115.64 -3.56 29.54
CA SER CA 32 116.15 -4.61 30.41
C SER CA 32 117.19 -4.03 31.35
N PRO CA 33 117.33 -4.62 32.54
CA PRO CA 33 118.41 -4.20 33.43
C PRO CA 33 119.76 -4.70 32.95
N LEU CA 34 120.78 -3.89 33.19
CA LEU CA 34 122.13 -4.34 32.92
C LEU CA 34 122.61 -5.24 34.06
N SER CA 35 123.60 -6.07 33.77
CA SER CA 35 124.20 -6.86 34.82
C SER CA 35 124.94 -5.96 35.79
N LYS CA 36 125.35 -6.52 36.93
CA LYS CA 36 126.03 -5.70 37.91
C LYS CA 36 127.37 -5.20 37.39
N GLU CA 37 128.07 -6.02 36.62
CA GLU CA 37 129.33 -5.59 36.01
C GLU CA 37 129.12 -4.43 35.05
N LEU CA 38 128.08 -4.52 34.21
CA LEU CA 38 127.80 -3.43 33.28
C LEU CA 38 127.31 -2.18 33.99
N ARG CA 39 126.50 -2.36 35.04
CA ARG CA 39 126.01 -1.25 35.84
C ARG CA 39 127.12 -0.57 36.61
N GLN CA 40 128.22 -1.27 36.87
CA GLN CA 40 129.37 -0.61 37.45
C GLN CA 40 130.23 0.06 36.36
N LYS CA 41 130.39 -0.60 35.21
CA LYS CA 41 131.23 -0.05 34.16
C LYS CA 41 130.66 1.26 33.62
N TYR CA 42 129.39 1.25 33.24
CA TYR CA 42 128.68 2.47 32.89
C TYR CA 42 127.79 2.86 34.06
N ASN CA 43 127.63 4.15 34.26
CA ASN CA 43 126.78 4.61 35.35
C ASN CA 43 125.31 4.59 34.91
N VAL CA 44 124.84 3.47 34.36
CA VAL CA 44 123.47 3.34 33.93
C VAL CA 44 122.91 2.06 34.53
N ARG CA 45 121.59 2.01 34.65
CA ARG CA 45 120.90 0.87 35.24
C ARG CA 45 120.14 0.05 34.21
N SER CA 46 119.34 0.71 33.38
CA SER CA 46 118.51 0.05 32.38
C SER CA 46 118.99 0.40 31.00
N MET CA 47 118.45 -0.30 30.01
CA MET CA 47 118.84 -0.14 28.62
C MET CA 47 117.79 -0.79 27.74
N PRO CA 48 117.30 -0.13 26.70
CA PRO CA 48 116.37 -0.79 25.79
C PRO CA 48 117.02 -2.00 25.14
N ILE CA 49 116.25 -3.08 25.02
CA ILE CA 49 116.81 -4.31 24.50
C ILE CA 49 117.05 -4.18 23.00
N ARG CA 50 118.04 -4.92 22.51
CA ARG CA 50 118.58 -4.72 21.17
C ARG CA 50 118.74 -6.09 20.51
N LYS CA 51 118.84 -6.07 19.18
CA LYS CA 51 118.82 -7.30 18.41
C LYS CA 51 119.98 -8.22 18.74
N ASP CA 52 121.18 -7.69 18.90
CA ASP CA 52 122.37 -8.54 18.93
C ASP CA 52 123.14 -8.45 20.24
N ASP CA 53 122.46 -8.32 21.36
CA ASP CA 53 123.14 -8.36 22.65
C ASP CA 53 122.72 -9.61 23.42
N GLU CA 54 123.56 -10.02 24.35
CA GLU CA 54 123.38 -11.30 25.01
C GLU CA 54 122.90 -11.12 26.44
N VAL CA 55 121.96 -11.96 26.86
CA VAL CA 55 121.22 -11.80 28.10
C VAL CA 55 121.19 -13.11 28.87
N GLN CA 56 120.80 -13.02 30.14
CA GLN CA 56 120.46 -14.17 30.95
C GLN CA 56 119.03 -14.08 31.41
N VAL CA 57 118.29 -15.17 31.28
CA VAL CA 57 116.94 -15.24 31.82
C VAL CA 57 117.02 -15.44 33.33
N VAL CA 58 116.29 -14.63 34.08
CA VAL CA 58 116.34 -14.67 35.54
C VAL CA 58 115.03 -15.11 36.16
N ARG CA 59 113.96 -15.21 35.39
CA ARG CA 59 112.68 -15.65 35.91
C ARG CA 59 112.08 -16.65 34.94
N GLY CA 60 111.22 -17.50 35.46
CA GLY CA 60 110.49 -18.43 34.62
C GLY CA 60 111.19 -19.78 34.49
N HIS CA 61 110.74 -20.53 33.49
CA HIS CA 61 111.20 -21.88 33.26
C HIS CA 61 112.61 -21.94 32.68
N TYR CA 62 113.05 -20.89 31.99
CA TYR CA 62 114.33 -20.91 31.30
C TYR CA 62 115.40 -20.14 32.04
N LYS CA 63 115.17 -19.84 33.31
CA LYS CA 63 116.16 -19.09 34.07
C LYS CA 63 117.39 -19.94 34.32
N GLY CA 64 118.51 -19.26 34.54
CA GLY CA 64 119.78 -19.90 34.71
C GLY CA 64 120.89 -18.92 34.43
N GLN CA 65 122.12 -19.42 34.54
CA GLN CA 65 123.30 -18.59 34.34
C GLN CA 65 123.76 -18.57 32.90
N GLN CA 66 123.09 -19.28 32.01
CA GLN CA 66 123.53 -19.41 30.63
C GLN CA 66 123.35 -18.09 29.89
N ILE CA 67 124.39 -17.66 29.19
CA ILE CA 67 124.33 -16.46 28.36
C ILE CA 67 123.76 -16.84 27.02
N GLY CA 68 122.78 -16.09 26.56
CA GLY CA 68 122.20 -16.35 25.25
C GLY CA 68 122.02 -15.07 24.46
N LYS CA 69 122.44 -15.06 23.21
CA LYS CA 69 122.31 -13.87 22.39
C LYS CA 69 120.86 -13.69 21.94
N VAL CA 70 120.38 -12.45 21.97
CA VAL CA 70 119.07 -12.14 21.44
C VAL CA 70 119.08 -12.38 19.94
N VAL CA 71 118.05 -13.04 19.44
CA VAL CA 71 117.89 -13.23 18.01
C VAL CA 71 116.67 -12.51 17.45
N GLN CA 72 115.76 -12.05 18.30
CA GLN CA 72 114.64 -11.30 17.74
C GLN CA 72 114.03 -10.44 18.83
N VAL CA 73 113.63 -9.23 18.45
CA VAL CA 73 112.90 -8.33 19.34
C VAL CA 73 111.53 -8.14 18.73
N TYR CA 74 110.56 -8.94 19.16
CA TYR CA 74 109.22 -8.93 18.60
C TYR CA 74 108.43 -7.90 19.39
N ARG CA 75 108.42 -6.67 18.89
CA ARG CA 75 107.82 -5.57 19.63
C ARG CA 75 106.30 -5.63 19.60
N LYS CA 76 105.73 -6.27 18.59
CA LYS CA 76 104.28 -6.40 18.52
C LYS CA 76 103.74 -7.23 19.67
N LYS CA 77 104.44 -8.30 20.03
CA LYS CA 77 104.03 -9.16 21.13
C LYS CA 77 104.76 -8.85 22.42
N TYR CA 78 105.58 -7.81 22.46
CA TYR CA 78 106.33 -7.39 23.64
C TYR CA 78 107.24 -8.49 24.15
N VAL CA 79 107.86 -9.26 23.25
CA VAL CA 79 108.72 -10.36 23.69
C VAL CA 79 110.03 -10.30 22.92
N ILE CA 80 111.00 -11.07 23.40
CA ILE CA 80 112.25 -11.25 22.70
C ILE CA 80 112.51 -12.74 22.58
N TYR CA 81 113.06 -13.13 21.45
CA TYR CA 81 113.54 -14.49 21.21
C TYR CA 81 115.03 -14.51 21.43
N ILE CA 82 115.49 -15.45 22.25
CA ILE CA 82 116.89 -15.66 22.59
C ILE CA 82 117.30 -17.00 22.00
N GLU CA 83 118.62 -17.24 21.96
CA GLU CA 83 119.16 -18.32 21.14
C GLU CA 83 118.68 -19.70 21.58
N ARG CA 84 118.84 -20.04 22.86
CA ARG CA 84 118.48 -21.38 23.31
C ARG CA 84 117.20 -21.41 24.13
N VAL CA 85 116.45 -20.32 24.16
CA VAL CA 85 115.15 -20.30 24.84
C VAL CA 85 114.14 -20.79 23.81
N GLN CA 86 114.00 -22.12 23.71
CA GLN CA 86 113.20 -22.72 22.66
C GLN CA 86 112.63 -24.03 23.15
N ARG CA 87 111.68 -24.55 22.39
CA ARG CA 87 111.07 -25.83 22.72
C ARG CA 87 110.70 -26.54 21.43
N GLU CA 88 110.59 -27.86 21.51
CA GLU CA 88 110.14 -28.67 20.39
C GLU CA 88 108.62 -28.67 20.34
N LYS CA 89 108.06 -28.46 19.16
CA LYS CA 89 106.63 -28.60 19.02
C LYS CA 89 106.31 -30.03 18.58
N ALA CA 90 105.08 -30.26 18.14
CA ALA CA 90 104.60 -31.62 17.90
C ALA CA 90 105.41 -32.31 16.82
N ASN CA 91 105.54 -31.68 15.66
CA ASN CA 91 106.19 -32.30 14.52
C ASN CA 91 107.70 -32.46 14.70
N GLY CA 92 108.27 -31.90 15.76
CA GLY CA 92 109.68 -32.02 16.04
C GLY CA 92 110.49 -30.80 15.71
N THR CA 93 109.91 -29.83 15.02
CA THR CA 93 110.65 -28.59 14.78
C THR CA 93 110.75 -27.76 16.04
N THR CA 94 111.79 -26.94 16.11
CA THR CA 94 112.04 -26.13 17.28
C THR CA 94 111.53 -24.72 17.06
N VAL CA 95 110.84 -24.20 18.07
CA VAL CA 95 110.27 -22.86 18.03
C VAL CA 95 110.81 -22.07 19.22
N HIS CA 96 111.13 -20.81 18.98
CA HIS CA 96 111.57 -19.93 20.05
C HIS CA 96 110.43 -19.62 21.00
N VAL CA 97 110.76 -19.49 22.28
CA VAL CA 97 109.81 -19.10 23.31
C VAL CA 97 110.11 -17.66 23.67
N GLY CA 98 109.16 -16.76 23.45
CA GLY CA 98 109.37 -15.37 23.75
C GLY CA 98 109.20 -15.10 25.23
N ILE CA 99 110.08 -14.27 25.76
CA ILE CA 99 109.99 -13.86 27.16
C ILE CA 99 110.10 -12.35 27.23
N HIS CA 100 109.59 -11.79 28.31
CA HIS CA 100 109.60 -10.35 28.47
C HIS CA 100 111.01 -9.85 28.78
N PRO CA 101 111.44 -8.75 28.18
CA PRO CA 101 112.80 -8.25 28.44
C PRO CA 101 113.02 -7.79 29.86
N SER CA 102 111.96 -7.49 30.62
CA SER CA 102 112.17 -7.16 32.03
C SER CA 102 112.62 -8.36 32.85
N LYS CA 103 112.53 -9.56 32.29
CA LYS CA 103 112.93 -10.78 32.99
C LYS CA 103 114.28 -11.31 32.51
N VAL CA 104 115.10 -10.46 31.89
CA VAL CA 104 116.46 -10.80 31.51
C VAL CA 104 117.38 -9.72 32.02
N VAL CA 105 118.68 -10.04 32.05
CA VAL CA 105 119.71 -9.06 32.35
C VAL CA 105 120.70 -9.06 31.20
N ILE CA 106 120.98 -7.87 30.65
CA ILE CA 106 121.94 -7.74 29.56
C ILE CA 106 123.34 -7.88 30.13
N THR CA 107 124.09 -8.86 29.63
CA THR CA 107 125.45 -9.09 30.09
C THR CA 107 126.49 -8.46 29.19
N ARG CA 108 126.26 -8.43 27.89
CA ARG CA 108 127.10 -7.71 26.95
C ARG CA 108 126.20 -6.93 26.02
N LEU CA 109 126.57 -5.69 25.73
CA LEU CA 109 125.78 -4.82 24.89
C LEU CA 109 126.31 -4.82 23.47
N LYS CA 110 125.39 -4.86 22.50
CA LYS CA 110 125.74 -4.63 21.11
C LYS CA 110 126.04 -3.14 20.96
N LEU CA 111 127.32 -2.80 20.91
CA LEU CA 111 127.76 -1.41 21.02
C LEU CA 111 127.95 -0.81 19.63
N ASP CA 112 127.31 0.32 19.39
CA ASP CA 112 127.58 1.13 18.21
C ASP CA 112 127.53 2.59 18.63
N LYS CA 113 127.57 3.48 17.63
CA LYS CA 113 127.62 4.91 17.91
C LYS CA 113 126.41 5.37 18.69
N ASP CA 114 125.21 4.96 18.27
CA ASP CA 114 124.00 5.38 18.95
C ASP CA 114 123.92 4.81 20.35
N ARG CA 115 124.29 3.54 20.53
CA ARG CA 115 124.26 2.95 21.87
C ARG CA 115 125.22 3.68 22.80
N LYS CA 116 126.41 4.03 22.31
CA LYS CA 116 127.34 4.77 23.13
C LYS CA 116 126.80 6.14 23.51
N LYS CA 117 126.15 6.81 22.56
CA LYS CA 117 125.56 8.11 22.88
C LYS CA 117 124.47 8.00 23.94
N ILE CA 118 123.61 6.99 23.82
CA ILE CA 118 122.56 6.81 24.82
C ILE CA 118 123.17 6.48 26.17
N LEU CA 119 124.19 5.63 26.19
CA LEU CA 119 124.82 5.27 27.46
C LEU CA 119 125.45 6.47 28.14
N GLU CA 120 126.16 7.31 27.38
CA GLU CA 120 126.78 8.46 28.01
C GLU CA 120 125.76 9.51 28.43
N ARG CA 121 124.65 9.66 27.67
CA ARG CA 121 123.62 10.58 28.10
C ARG CA 121 122.97 10.14 29.40
N LYS CA 122 122.66 8.84 29.52
CA LYS CA 122 122.07 8.34 30.76
C LYS CA 122 123.04 8.50 31.93
N ALA CA 123 124.33 8.20 31.71
CA ALA CA 123 125.31 8.34 32.77
C ALA CA 123 125.46 9.79 33.20
N LYS CA 124 125.46 10.72 32.24
CA LYS CA 124 125.60 12.13 32.59
C LYS CA 124 124.39 12.63 33.38
N SER CA 125 123.18 12.21 33.01
CA SER CA 125 122.01 12.59 33.78
C SER CA 125 122.06 12.00 35.19
N ARG CA 126 122.50 10.76 35.32
CA ARG CA 126 122.61 10.18 36.65
C ARG CA 126 123.64 10.92 37.49
N GLN CA 127 124.75 11.33 36.88
CA GLN CA 127 125.79 12.03 37.62
C GLN CA 127 125.32 13.41 38.07
N VAL CA 128 124.57 14.12 37.21
CA VAL CA 128 124.07 15.41 37.66
C VAL CA 128 123.03 15.20 38.75
N GLY CA 129 122.28 14.10 38.71
CA GLY CA 129 121.39 13.79 39.82
C GLY CA 129 122.13 13.56 41.13
N LYS CA 130 123.22 12.81 41.08
CA LYS CA 130 124.00 12.56 42.29
C LYS CA 130 124.61 13.85 42.83
N GLU CA 131 125.14 14.70 41.95
CA GLU CA 131 125.74 15.94 42.44
C GLU CA 131 124.69 16.95 42.89
N LYS CA 132 123.46 16.85 42.40
CA LYS CA 132 122.37 17.66 42.95
C LYS CA 132 121.94 17.15 44.32
N GLY CA 133 121.95 15.83 44.51
CA GLY CA 133 121.55 15.25 45.78
C GLY CA 133 122.67 15.04 46.78
N LYS CA 134 123.86 15.53 46.47
CA LYS CA 134 125.01 15.38 47.37
C LYS CA 134 124.79 16.04 48.73
N GLY DA 1 39.79 35.49 -88.57
CA GLY DA 1 40.20 34.22 -89.14
C GLY DA 1 41.34 33.59 -88.39
N LYS DA 2 42.20 32.87 -89.10
CA LYS DA 2 43.38 32.28 -88.49
C LYS DA 2 44.34 33.37 -88.06
N PHE DA 3 44.91 33.21 -86.87
CA PHE DA 3 45.84 34.21 -86.36
C PHE DA 3 47.26 33.70 -86.16
N MET DA 4 47.48 32.39 -86.11
CA MET DA 4 48.84 31.88 -85.99
C MET DA 4 49.58 32.08 -87.30
N LYS DA 5 50.31 33.18 -87.42
CA LYS DA 5 51.03 33.58 -88.61
C LYS DA 5 52.48 33.80 -88.24
N PRO DA 6 53.40 33.71 -89.20
CA PRO DA 6 54.80 34.00 -88.90
C PRO DA 6 54.97 35.41 -88.37
N GLY DA 7 55.81 35.55 -87.36
CA GLY DA 7 56.02 36.79 -86.68
C GLY DA 7 55.25 36.94 -85.39
N LYS DA 8 54.19 36.18 -85.19
CA LYS DA 8 53.39 36.31 -83.98
C LYS DA 8 54.16 35.77 -82.78
N VAL DA 9 54.07 36.48 -81.67
CA VAL DA 9 54.71 36.06 -80.43
C VAL DA 9 53.80 35.08 -79.70
N VAL DA 10 54.39 33.98 -79.23
CA VAL DA 10 53.70 32.97 -78.47
C VAL DA 10 54.46 32.74 -77.17
N LEU DA 11 53.77 32.14 -76.21
CA LEU DA 11 54.36 31.69 -74.97
C LEU DA 11 54.42 30.18 -75.00
N VAL DA 12 55.56 29.62 -74.64
CA VAL DA 12 55.68 28.17 -74.58
C VAL DA 12 55.00 27.70 -73.30
N LEU DA 13 54.11 26.72 -73.43
CA LEU DA 13 53.38 26.23 -72.27
C LEU DA 13 53.98 24.97 -71.68
N ALA DA 14 54.64 24.15 -72.47
CA ALA DA 14 55.12 22.86 -71.99
C ALA DA 14 56.55 22.64 -72.46
N GLY DA 15 57.26 21.81 -71.72
CA GLY DA 15 58.60 21.42 -72.10
C GLY DA 15 59.66 22.11 -71.27
N ARG DA 16 60.88 22.03 -71.78
CA ARG DA 16 62.01 22.66 -71.10
C ARG DA 16 61.90 24.17 -71.10
N TYR DA 17 61.31 24.73 -72.15
CA TYR DA 17 61.22 26.18 -72.30
C TYR DA 17 59.86 26.72 -71.91
N SER DA 18 59.22 26.12 -70.91
CA SER DA 18 57.95 26.62 -70.44
C SER DA 18 58.10 28.04 -69.89
N GLY DA 19 57.16 28.91 -70.25
CA GLY DA 19 57.21 30.28 -69.82
C GLY DA 19 58.09 31.19 -70.65
N ARG DA 20 58.69 30.67 -71.73
CA ARG DA 20 59.52 31.49 -72.58
C ARG DA 20 58.70 32.11 -73.68
N LYS DA 21 59.00 33.36 -73.99
CA LYS DA 21 58.42 34.03 -75.13
C LYS DA 21 59.18 33.63 -76.39
N ALA DA 22 58.46 33.55 -77.49
CA ALA DA 22 59.04 33.07 -78.73
C ALA DA 22 58.25 33.65 -79.89
N VAL DA 23 58.82 33.56 -81.09
CA VAL DA 23 58.19 34.10 -82.28
C VAL DA 23 58.04 32.98 -83.31
N ILE DA 24 56.86 32.88 -83.91
CA ILE DA 24 56.60 31.84 -84.90
C ILE DA 24 57.40 32.14 -86.16
N VAL DA 25 58.25 31.22 -86.56
CA VAL DA 25 58.96 31.32 -87.82
C VAL DA 25 58.14 30.71 -88.96
N LYS DA 26 57.55 29.55 -88.73
CA LYS DA 26 56.69 28.92 -89.72
C LYS DA 26 55.54 28.23 -89.01
N ASN DA 27 54.40 28.15 -89.68
CA ASN DA 27 53.25 27.45 -89.14
C ASN DA 27 52.75 26.47 -90.18
N ILE DA 28 52.38 25.27 -89.75
CA ILE DA 28 51.93 24.24 -90.66
C ILE DA 28 50.42 24.06 -90.60
N ASP DA 29 49.88 23.94 -89.38
CA ASP DA 29 48.45 23.86 -89.07
C ASP DA 29 47.70 22.79 -89.85
N ASP DA 30 48.43 21.86 -90.47
CA ASP DA 30 47.81 20.70 -91.10
C ASP DA 30 48.57 19.41 -90.87
N GLY DA 31 49.81 19.45 -90.38
CA GLY DA 31 50.60 18.25 -90.23
C GLY DA 31 51.42 17.92 -91.46
N THR DA 32 52.30 16.94 -91.28
CA THR DA 32 53.19 16.53 -92.37
C THR DA 32 53.34 15.02 -92.46
N SER DA 33 52.32 14.27 -92.01
CA SER DA 33 52.27 12.80 -92.06
C SER DA 33 53.26 12.15 -91.12
N ASP DA 34 54.12 12.95 -90.49
CA ASP DA 34 54.93 12.50 -89.37
C ASP DA 34 54.79 13.42 -88.16
N ARG DA 35 54.13 14.56 -88.31
CA ARG DA 35 53.61 15.34 -87.20
C ARG DA 35 52.14 15.61 -87.49
N PRO DA 36 51.29 14.59 -87.36
CA PRO DA 36 49.90 14.73 -87.84
C PRO DA 36 49.10 15.84 -87.17
N TYR DA 37 49.51 16.30 -86.00
CA TYR DA 37 48.86 17.42 -85.35
C TYR DA 37 49.28 18.73 -85.99
N SER DA 38 48.54 19.79 -85.70
CA SER DA 38 48.93 21.13 -86.14
C SER DA 38 50.11 21.60 -85.31
N HIS DA 39 51.12 22.16 -85.98
CA HIS DA 39 52.32 22.57 -85.29
C HIS DA 39 52.91 23.81 -85.96
N ALA DA 40 53.96 24.33 -85.33
CA ALA DA 40 54.64 25.53 -85.79
C ALA DA 40 56.11 25.45 -85.41
N LEU DA 41 56.97 25.78 -86.35
CA LEU DA 41 58.37 26.01 -86.06
C LEU DA 41 58.53 27.40 -85.48
N VAL DA 42 59.20 27.49 -84.33
CA VAL DA 42 59.21 28.67 -83.50
C VAL DA 42 60.65 28.92 -83.04
N ALA DA 43 61.03 30.19 -82.97
CA ALA DA 43 62.34 30.60 -82.46
C ALA DA 43 62.14 31.47 -81.23
N GLY DA 44 62.75 31.08 -80.12
CA GLY DA 44 62.56 31.83 -78.89
C GLY DA 44 63.85 32.09 -78.15
N ILE DA 45 63.74 32.60 -76.93
CA ILE DA 45 64.89 32.95 -76.13
C ILE DA 45 64.86 32.14 -74.83
N ASP DA 46 65.98 31.48 -74.54
CA ASP DA 46 66.16 30.67 -73.34
C ASP DA 46 66.65 31.52 -72.18
N ARG DA 47 67.70 32.30 -72.39
CA ARG DA 47 68.24 33.17 -71.36
C ARG DA 47 67.92 34.60 -71.74
N TYR DA 48 67.04 35.23 -70.97
CA TYR DA 48 66.69 36.61 -71.21
C TYR DA 48 67.88 37.52 -70.88
N PRO DA 49 68.01 38.64 -71.57
CA PRO DA 49 69.02 39.62 -71.18
C PRO DA 49 68.68 40.24 -69.84
N ARG DA 50 69.72 40.57 -69.09
CA ARG DA 50 69.54 41.09 -67.75
C ARG DA 50 69.31 42.59 -67.76
N LYS DA 51 68.75 43.09 -66.66
CA LYS DA 51 68.47 44.51 -66.54
C LYS DA 51 69.76 45.31 -66.52
N VAL DA 52 69.79 46.42 -67.26
CA VAL DA 52 70.94 47.30 -67.33
C VAL DA 52 70.53 48.67 -66.82
N THR DA 53 71.43 49.30 -66.07
CA THR DA 53 71.18 50.61 -65.48
C THR DA 53 72.21 51.61 -66.02
N ALA DA 54 71.92 52.88 -65.78
CA ALA DA 54 72.78 53.94 -66.30
C ALA DA 54 74.15 53.93 -65.63
N ALA DA 55 74.22 53.57 -64.36
CA ALA DA 55 75.48 53.49 -63.64
C ALA DA 55 76.01 52.06 -63.65
N MET DA 56 76.34 51.58 -64.83
CA MET DA 56 76.77 50.20 -64.93
C MET DA 56 78.07 50.01 -65.72
N GLY DA 57 78.26 50.77 -66.79
CA GLY DA 57 79.49 50.61 -67.55
C GLY DA 57 79.26 49.83 -68.83
N LYS DA 58 80.01 50.20 -69.87
CA LYS DA 58 79.79 49.63 -71.20
C LYS DA 58 80.09 48.14 -71.24
N LYS DA 59 81.17 47.70 -70.59
CA LYS DA 59 81.51 46.29 -70.65
C LYS DA 59 80.51 45.43 -69.88
N LYS DA 60 80.08 45.88 -68.71
CA LYS DA 60 79.05 45.15 -67.99
C LYS DA 60 77.73 45.15 -68.75
N ILE DA 61 77.39 46.26 -69.42
CA ILE DA 61 76.17 46.30 -70.20
C ILE DA 61 76.24 45.33 -71.37
N ALA DA 62 77.38 45.31 -72.07
CA ALA DA 62 77.53 44.39 -73.19
C ALA DA 62 77.51 42.94 -72.74
N LYS DA 63 78.05 42.64 -71.56
CA LYS DA 63 78.01 41.27 -71.07
C LYS DA 63 76.64 40.89 -70.56
N ARG DA 64 75.84 41.85 -70.09
CA ARG DA 64 74.50 41.55 -69.62
C ARG DA 64 73.46 41.55 -70.73
N SER DA 65 73.77 42.10 -71.89
CA SER DA 65 72.82 42.12 -73.00
C SER DA 65 72.92 40.90 -73.89
N LYS DA 66 73.45 39.79 -73.38
CA LYS DA 66 73.61 38.57 -74.16
C LYS DA 66 72.36 37.72 -74.06
N ILE DA 67 71.99 37.10 -75.19
CA ILE DA 67 70.76 36.33 -75.31
C ILE DA 67 71.12 34.92 -75.77
N LYS DA 68 70.64 33.93 -75.04
CA LYS DA 68 70.67 32.54 -75.48
C LYS DA 68 69.32 32.22 -76.09
N SER DA 69 69.33 31.59 -77.27
CA SER DA 69 68.10 31.35 -77.99
C SER DA 69 67.85 29.85 -78.16
N PHE DA 70 66.69 29.53 -78.71
CA PHE DA 70 66.36 28.16 -79.03
C PHE DA 70 65.46 28.14 -80.25
N VAL DA 71 65.44 27.01 -80.94
CA VAL DA 71 64.49 26.77 -82.02
C VAL DA 71 63.82 25.43 -81.77
N LYS DA 72 62.49 25.40 -81.85
CA LYS DA 72 61.74 24.20 -81.57
C LYS DA 72 60.51 24.14 -82.47
N VAL DA 73 60.12 22.93 -82.83
CA VAL DA 73 58.82 22.69 -83.43
C VAL DA 73 57.86 22.35 -82.31
N TYR DA 74 56.73 23.04 -82.25
CA TYR DA 74 55.81 22.91 -81.14
C TYR DA 74 54.41 22.59 -81.64
N ASN DA 75 53.74 21.68 -80.97
CA ASN DA 75 52.31 21.52 -81.13
C ASN DA 75 51.59 22.81 -80.72
N TYR DA 76 50.53 23.16 -81.44
CA TYR DA 76 49.76 24.35 -81.08
C TYR DA 76 49.21 24.26 -79.67
N ASN DA 77 48.85 23.07 -79.22
CA ASN DA 77 48.29 22.92 -77.89
C ASN DA 77 49.27 23.27 -76.78
N HIS DA 78 50.55 23.37 -77.10
CA HIS DA 78 51.57 23.77 -76.15
C HIS DA 78 52.05 25.19 -76.37
N LEU DA 79 51.28 25.99 -77.12
CA LEU DA 79 51.61 27.38 -77.36
C LEU DA 79 50.42 28.26 -76.97
N MET DA 80 50.72 29.36 -76.27
CA MET DA 80 49.71 30.35 -75.94
C MET DA 80 49.95 31.57 -76.80
N PRO DA 81 49.16 31.80 -77.83
CA PRO DA 81 49.40 32.95 -78.71
C PRO DA 81 49.12 34.26 -77.99
N THR DA 82 49.86 35.29 -78.38
CA THR DA 82 49.64 36.63 -77.88
C THR DA 82 49.24 37.54 -79.04
N ARG DA 83 48.81 38.75 -78.71
CA ARG DA 83 48.47 39.71 -79.74
C ARG DA 83 49.68 40.34 -80.37
N TYR DA 84 50.83 40.34 -79.69
CA TYR DA 84 52.01 41.03 -80.17
C TYR DA 84 52.64 40.28 -81.33
N SER DA 85 53.43 41.02 -82.11
CA SER DA 85 54.18 40.47 -83.22
C SER DA 85 55.51 41.18 -83.31
N VAL DA 86 56.56 40.44 -83.64
CA VAL DA 86 57.88 40.99 -83.89
C VAL DA 86 58.29 40.63 -85.30
N ASP DA 87 58.65 41.63 -86.09
CA ASP DA 87 59.05 41.43 -87.48
C ASP DA 87 60.57 41.28 -87.62
N ILE DA 88 61.14 40.40 -86.82
CA ILE DA 88 62.59 40.19 -86.84
C ILE DA 88 62.95 39.36 -88.06
N PRO DA 89 63.85 39.82 -88.91
CA PRO DA 89 64.14 39.14 -90.19
C PRO DA 89 65.06 37.93 -90.03
N LEU DA 90 64.45 36.79 -89.73
CA LEU DA 90 65.17 35.53 -89.63
C LEU DA 90 65.27 34.87 -90.99
N ASP DA 91 66.45 34.34 -91.30
CA ASP DA 91 66.66 33.67 -92.57
C ASP DA 91 65.98 32.32 -92.56
N LYS DA 92 65.04 32.12 -93.50
CA LYS DA 92 64.38 30.82 -93.62
C LYS DA 92 65.35 29.74 -94.05
N THR DA 93 66.38 30.11 -94.81
CA THR DA 93 67.37 29.14 -95.26
C THR DA 93 68.12 28.53 -94.08
N VAL DA 94 68.31 29.30 -93.02
CA VAL DA 94 69.02 28.83 -91.83
C VAL DA 94 68.06 28.23 -90.82
N VAL DA 95 66.96 28.91 -90.55
CA VAL DA 95 65.98 28.44 -89.56
C VAL DA 95 64.81 27.86 -90.35
N ASN DA 96 64.80 26.54 -90.51
CA ASN DA 96 63.68 25.84 -91.12
C ASN DA 96 63.61 24.47 -90.48
N LYS DA 97 62.84 23.56 -91.07
CA LYS DA 97 62.47 22.34 -90.37
C LYS DA 97 63.52 21.24 -90.47
N ASP DA 98 64.33 21.21 -91.53
CA ASP DA 98 65.34 20.16 -91.63
C ASP DA 98 66.50 20.38 -90.68
N VAL DA 99 66.43 21.41 -89.85
CA VAL DA 99 67.55 21.80 -89.00
C VAL DA 99 67.70 20.83 -87.84
N PHE DA 100 66.66 20.05 -87.55
CA PHE DA 100 66.67 19.20 -86.38
C PHE DA 100 67.38 17.88 -86.62
N ARG DA 101 67.55 17.47 -87.86
CA ARG DA 101 68.30 16.25 -88.14
C ARG DA 101 69.79 16.46 -87.94
N ASP DA 102 70.29 17.66 -88.24
CA ASP DA 102 71.72 17.94 -88.19
C ASP DA 102 72.04 18.71 -86.92
N PRO DA 103 72.88 18.18 -86.03
CA PRO DA 103 73.28 18.96 -84.85
C PRO DA 103 74.01 20.25 -85.20
N ALA DA 104 74.81 20.26 -86.26
CA ALA DA 104 75.53 21.48 -86.63
C ALA DA 104 74.58 22.53 -87.19
N LEU DA 105 73.62 22.09 -88.00
CA LEU DA 105 72.66 23.04 -88.56
C LEU DA 105 71.83 23.68 -87.46
N LYS DA 106 71.46 22.92 -86.43
CA LYS DA 106 70.71 23.50 -85.33
C LYS DA 106 71.53 24.53 -84.59
N ARG DA 107 72.84 24.27 -84.42
CA ARG DA 107 73.72 25.29 -83.84
C ARG DA 107 73.73 26.53 -84.69
N LYS DA 108 73.80 26.38 -86.01
CA LYS DA 108 73.78 27.52 -86.92
C LYS DA 108 72.48 28.30 -86.81
N ALA DA 109 71.35 27.60 -86.70
CA ALA DA 109 70.06 28.26 -86.58
C ALA DA 109 69.94 29.02 -85.27
N ARG DA 110 70.40 28.42 -84.17
CA ARG DA 110 70.38 29.11 -82.89
C ARG DA 110 71.29 30.33 -82.91
N ARG DA 111 72.45 30.22 -83.55
CA ARG DA 111 73.34 31.36 -83.70
C ARG DA 111 72.68 32.50 -84.48
N GLU DA 112 72.01 32.17 -85.58
CA GLU DA 112 71.37 33.20 -86.39
C GLU DA 112 70.23 33.86 -85.63
N ALA DA 113 69.39 33.06 -84.98
CA ALA DA 113 68.32 33.63 -84.16
C ALA DA 113 68.87 34.48 -83.04
N LYS DA 114 69.98 34.07 -82.44
CA LYS DA 114 70.57 34.83 -81.35
C LYS DA 114 71.06 36.19 -81.82
N VAL DA 115 71.75 36.24 -82.96
CA VAL DA 115 72.27 37.54 -83.39
C VAL DA 115 71.14 38.46 -83.81
N LYS DA 116 70.10 37.93 -84.46
CA LYS DA 116 68.96 38.78 -84.80
C LYS DA 116 68.27 39.29 -83.54
N PHE DA 117 68.08 38.43 -82.55
CA PHE DA 117 67.42 38.82 -81.32
C PHE DA 117 68.23 39.87 -80.58
N GLU DA 118 69.56 39.75 -80.58
CA GLU DA 118 70.38 40.71 -79.86
C GLU DA 118 70.37 42.06 -80.55
N GLU DA 119 70.42 42.07 -81.89
CA GLU DA 119 70.37 43.36 -82.58
C GLU DA 119 69.01 44.03 -82.42
N ARG DA 120 67.95 43.23 -82.28
CA ARG DA 120 66.64 43.82 -82.00
C ARG DA 120 66.50 44.22 -80.53
N TYR DA 121 67.20 43.52 -79.63
CA TYR DA 121 67.17 43.91 -78.22
C TYR DA 121 67.86 45.23 -78.01
N LYS DA 122 68.92 45.49 -78.77
CA LYS DA 122 69.41 46.85 -78.87
C LYS DA 122 68.32 47.72 -79.50
N THR DA 123 68.51 49.04 -79.41
CA THR DA 123 67.62 50.11 -79.85
C THR DA 123 66.30 50.15 -79.08
N GLY DA 124 66.08 49.22 -78.15
CA GLY DA 124 64.97 49.31 -77.23
C GLY DA 124 63.61 48.93 -77.79
N LYS DA 125 63.54 48.50 -79.04
CA LYS DA 125 62.26 48.11 -79.60
C LYS DA 125 61.83 46.74 -79.07
N ASN DA 126 60.51 46.54 -79.00
CA ASN DA 126 59.91 45.29 -78.55
C ASN DA 126 60.39 44.91 -77.16
N LYS DA 127 60.16 45.81 -76.20
CA LYS DA 127 60.61 45.57 -74.84
C LYS DA 127 59.90 44.37 -74.22
N TRP DA 128 58.62 44.17 -74.56
CA TRP DA 128 57.86 43.09 -73.96
C TRP DA 128 58.39 41.74 -74.39
N PHE DA 129 58.87 41.62 -75.63
CA PHE DA 129 59.40 40.34 -76.08
C PHE DA 129 60.63 39.93 -75.30
N PHE DA 130 61.49 40.89 -74.99
CA PHE DA 130 62.74 40.60 -74.31
C PHE DA 130 62.64 40.66 -72.80
N GLN DA 131 61.51 41.11 -72.26
CA GLN DA 131 61.29 41.05 -70.84
C GLN DA 131 60.83 39.65 -70.44
N LYS DA 132 61.33 39.17 -69.30
CA LYS DA 132 60.94 37.86 -68.81
C LYS DA 132 59.53 37.89 -68.23
N LEU DA 133 58.78 36.83 -68.51
CA LEU DA 133 57.43 36.69 -67.95
C LEU DA 133 57.54 36.21 -66.51
N ARG DA 134 57.00 36.99 -65.58
CA ARG DA 134 57.08 36.67 -64.16
C ARG DA 134 55.83 35.88 -63.79
N PHE DA 135 55.98 34.58 -63.61
CA PHE DA 135 54.89 33.75 -63.14
C PHE DA 135 55.42 32.86 -62.02
N PRO EA 1 68.90 9.00 53.21
CA PRO EA 1 69.08 7.55 53.26
C PRO EA 1 67.83 6.81 52.85
N SER EA 2 67.89 6.13 51.70
CA SER EA 2 66.73 5.40 51.22
C SER EA 2 66.50 4.12 52.00
N ARG EA 3 67.46 3.69 52.82
CA ARG EA 3 67.31 2.48 53.60
C ARG EA 3 66.41 2.67 54.80
N LEU EA 4 66.00 3.90 55.11
CA LEU EA 4 65.19 4.20 56.28
C LEU EA 4 63.74 4.45 55.94
N ARG EA 5 63.30 4.14 54.74
CA ARG EA 5 62.00 4.58 54.27
C ARG EA 5 61.02 3.43 54.14
N LYS EA 6 59.74 3.81 54.00
CA LYS EA 6 58.66 2.85 53.99
C LYS EA 6 58.72 1.92 52.79
N THR EA 7 59.36 2.36 51.71
CA THR EA 7 59.45 1.55 50.52
C THR EA 7 60.24 0.28 50.76
N ARG EA 8 61.21 0.33 51.66
CA ARG EA 8 61.94 -0.88 51.98
C ARG EA 8 61.07 -1.86 52.74
N LYS EA 9 60.16 -1.37 53.57
CA LYS EA 9 59.26 -2.23 54.31
C LYS EA 9 58.07 -2.71 53.48
N LEU EA 10 57.75 -2.02 52.40
CA LEU EA 10 56.60 -2.36 51.58
C LEU EA 10 56.90 -3.37 50.49
N ARG EA 11 58.11 -3.94 50.47
CA ARG EA 11 58.42 -5.01 49.54
C ARG EA 11 57.68 -6.28 49.95
N GLY EA 12 56.98 -6.89 49.01
CA GLY EA 12 56.22 -8.10 49.26
C GLY EA 12 54.75 -7.87 49.49
N HIS EA 13 54.34 -6.65 49.80
CA HIS EA 13 52.95 -6.28 49.97
C HIS EA 13 52.48 -5.66 48.67
N VAL EA 14 51.42 -6.24 48.09
CA VAL EA 14 51.20 -6.09 46.66
C VAL EA 14 50.85 -4.65 46.28
N SER EA 15 50.11 -3.96 47.14
CA SER EA 15 49.55 -2.66 46.76
C SER EA 15 50.44 -1.50 47.17
N HIS EA 16 51.54 -1.76 47.86
CA HIS EA 16 52.50 -0.74 48.28
C HIS EA 16 51.86 0.31 49.16
N GLY EA 17 50.91 -0.09 50.00
CA GLY EA 17 50.33 0.82 50.95
C GLY EA 17 49.26 1.74 50.42
N HIS EA 18 48.79 1.52 49.19
CA HIS EA 18 47.81 2.40 48.58
C HIS EA 18 46.45 1.75 48.42
N GLY EA 19 46.26 0.56 48.96
CA GLY EA 19 44.94 -0.04 48.93
C GLY EA 19 44.70 -0.86 47.70
N ARG EA 20 43.83 -1.86 47.85
CA ARG EA 20 43.45 -2.70 46.73
C ARG EA 20 42.22 -2.18 46.00
N ILE EA 21 41.35 -1.45 46.70
CA ILE EA 21 40.08 -1.02 46.14
C ILE EA 21 40.24 0.26 45.34
N GLY EA 22 40.76 1.30 45.96
CA GLY EA 22 40.87 2.60 45.35
C GLY EA 22 42.16 2.78 44.60
N LYS EA 23 43.15 1.94 44.90
CA LYS EA 23 44.40 1.89 44.17
C LYS EA 23 45.18 3.19 44.25
N HIS EA 24 46.25 3.29 43.47
CA HIS EA 24 46.99 4.54 43.32
C HIS EA 24 46.89 4.92 41.86
N ARG EA 25 46.00 5.85 41.56
CA ARG EA 25 45.77 6.30 40.20
C ARG EA 25 46.49 7.62 39.97
N LYS EA 26 46.44 8.10 38.74
CA LYS EA 26 47.24 9.25 38.34
C LYS EA 26 46.87 10.53 39.08
N HIS EA 27 45.67 11.04 38.84
CA HIS EA 27 45.22 12.30 39.46
C HIS EA 27 43.72 12.25 39.69
N PRO EA 28 43.26 11.46 40.66
CA PRO EA 28 41.85 11.51 41.02
C PRO EA 28 41.55 12.75 41.84
N GLY EA 29 40.73 13.63 41.28
CA GLY EA 29 40.38 14.89 41.90
C GLY EA 29 40.94 16.11 41.20
N GLY EA 30 41.82 15.93 40.23
CA GLY EA 30 42.37 17.05 39.49
C GLY EA 30 43.82 17.30 39.86
N ARG EA 31 44.41 18.25 39.16
CA ARG EA 31 45.81 18.60 39.32
C ARG EA 31 45.95 19.94 40.01
N GLY EA 32 46.78 19.98 41.05
CA GLY EA 32 47.00 21.24 41.74
C GLY EA 32 45.78 21.64 42.53
N ASN EA 33 45.49 22.93 42.53
CA ASN EA 33 44.31 23.44 43.23
C ASN EA 33 43.08 23.38 42.34
N ALA EA 34 42.86 22.24 41.70
CA ALA EA 34 41.73 22.09 40.81
C ALA EA 34 40.45 21.97 41.61
N GLY EA 35 39.38 22.56 41.10
CA GLY EA 35 38.07 22.41 41.72
C GLY EA 35 37.98 22.98 43.11
N GLY EA 36 38.67 24.08 43.38
CA GLY EA 36 38.61 24.67 44.69
C GLY EA 36 37.29 25.30 45.02
N LEU EA 37 36.42 25.46 44.03
CA LEU EA 37 35.07 25.96 44.25
C LEU EA 37 34.01 24.91 43.97
N HIS EA 38 34.40 23.72 43.51
CA HIS EA 38 33.44 22.74 43.07
C HIS EA 38 33.44 21.47 43.90
N HIS EA 39 34.53 20.70 43.91
CA HIS EA 39 34.55 19.47 44.68
C HIS EA 39 35.63 19.48 45.75
N HIS EA 40 36.38 20.56 45.89
CA HIS EA 40 37.26 20.79 47.02
C HIS EA 40 36.82 22.02 47.79
N ARG EA 41 35.55 22.39 47.61
CA ARG EA 41 35.02 23.59 48.24
C ARG EA 41 35.04 23.49 49.75
N ILE EA 42 34.73 22.32 50.29
CA ILE EA 42 34.69 22.18 51.75
C ILE EA 42 36.08 22.40 52.33
N ASN EA 43 37.10 21.81 51.70
CA ASN EA 43 38.47 22.01 52.16
C ASN EA 43 38.88 23.46 52.08
N PHE EA 44 38.57 24.12 50.96
CA PHE EA 44 39.00 25.50 50.82
C PHE EA 44 38.28 26.41 51.80
N ASP EA 45 36.98 26.22 51.99
CA ASP EA 45 36.25 27.05 52.94
C ASP EA 45 36.67 26.76 54.36
N LYS EA 46 37.02 25.52 54.67
CA LYS EA 46 37.34 25.14 56.02
C LYS EA 46 38.71 25.65 56.43
N TYR EA 47 39.70 25.55 55.55
CA TYR EA 47 41.07 25.85 55.94
C TYR EA 47 41.62 27.12 55.36
N HIS EA 48 41.04 27.63 54.29
CA HIS EA 48 41.47 28.88 53.66
C HIS EA 48 40.26 29.77 53.41
N PRO EA 49 39.67 30.31 54.48
CA PRO EA 49 38.62 31.31 54.27
C PRO EA 49 39.22 32.59 53.70
N GLY EA 50 38.46 33.24 52.84
CA GLY EA 50 38.93 34.42 52.17
C GLY EA 50 39.73 34.18 50.91
N TYR EA 51 39.83 32.93 50.46
CA TYR EA 51 40.73 32.61 49.35
C TYR EA 51 40.26 33.26 48.04
N PHE EA 52 38.97 33.25 47.78
CA PHE EA 52 38.43 33.73 46.51
C PHE EA 52 37.91 35.15 46.63
N GLY EA 53 38.13 35.95 45.59
CA GLY EA 53 37.63 37.30 45.52
C GLY EA 53 38.72 38.34 45.70
N LYS EA 54 38.36 39.59 45.40
CA LYS EA 54 39.23 40.74 45.53
C LYS EA 54 38.82 41.58 46.73
N VAL EA 55 39.79 42.19 47.39
CA VAL EA 55 39.54 43.14 48.45
C VAL EA 55 40.55 44.27 48.33
N GLY EA 56 40.09 45.51 48.41
CA GLY EA 56 40.98 46.65 48.52
C GLY EA 56 41.34 47.25 47.18
N MET EA 57 42.23 48.23 47.25
CA MET EA 57 42.69 48.98 46.10
C MET EA 57 44.00 48.41 45.59
N LYS EA 58 44.12 48.24 44.28
CA LYS EA 58 45.40 47.85 43.75
C LYS EA 58 46.28 49.07 43.52
N HIS EA 59 47.58 48.84 43.59
CA HIS EA 59 48.57 49.92 43.48
C HIS EA 59 49.71 49.43 42.62
N TYR EA 60 49.83 49.98 41.42
CA TYR EA 60 50.90 49.60 40.52
C TYR EA 60 52.23 50.17 41.00
N HIS EA 61 53.30 49.44 40.69
CA HIS EA 61 54.66 49.87 40.94
C HIS EA 61 54.89 50.20 42.42
N LEU EA 62 54.62 49.20 43.26
CA LEU EA 62 54.88 49.36 44.68
C LEU EA 62 56.38 49.31 44.92
N LYS EA 63 56.91 50.33 45.56
CA LYS EA 63 58.32 50.38 45.94
C LYS EA 63 58.38 50.26 47.44
N ARG EA 64 58.83 49.10 47.93
CA ARG EA 64 58.83 48.83 49.36
C ARG EA 64 59.80 49.71 50.12
N ASN EA 65 60.82 50.24 49.45
CA ASN EA 65 61.76 51.12 50.12
C ASN EA 65 61.08 52.38 50.62
N GLN EA 66 60.08 52.88 49.88
CA GLN EA 66 59.37 54.09 50.29
C GLN EA 66 58.70 53.90 51.63
N SER EA 67 58.10 52.75 51.86
CA SER EA 67 57.38 52.46 53.09
C SER EA 67 58.24 51.76 54.13
N PHE EA 68 59.52 51.56 53.84
CA PHE EA 68 60.44 50.99 54.82
C PHE EA 68 60.48 51.85 56.07
N CYS EA 69 60.10 51.26 57.21
CA CYS EA 69 60.12 51.94 58.50
C CYS EA 69 60.16 50.92 59.62
N PRO EA 70 61.34 50.40 59.98
CA PRO EA 70 61.43 49.44 61.07
C PRO EA 70 61.19 50.11 62.41
N THR EA 71 60.73 49.31 63.37
CA THR EA 71 60.30 49.83 64.66
C THR EA 71 61.03 49.12 65.78
N VAL EA 72 61.16 49.81 66.91
CA VAL EA 72 61.77 49.26 68.11
C VAL EA 72 60.90 49.65 69.30
N ASN EA 73 60.80 48.75 70.27
CA ASN EA 73 59.98 49.01 71.43
C ASN EA 73 60.81 49.59 72.57
N LEU EA 74 60.12 50.25 73.49
CA LEU EA 74 60.80 50.88 74.62
C LEU EA 74 61.46 49.87 75.54
N ASP EA 75 60.99 48.62 75.58
CA ASP EA 75 61.64 47.63 76.42
C ASP EA 75 62.97 47.18 75.84
N LYS EA 76 63.19 47.33 74.54
CA LYS EA 76 64.46 47.03 73.90
C LYS EA 76 65.26 48.28 73.61
N LEU EA 77 64.74 49.45 73.97
CA LEU EA 77 65.41 50.70 73.64
C LEU EA 77 66.81 50.78 74.25
N TRP EA 78 66.98 50.37 75.50
CA TRP EA 78 68.26 50.55 76.15
C TRP EA 78 69.32 49.55 75.67
N THR EA 79 68.94 48.58 74.86
CA THR EA 79 69.92 47.65 74.33
C THR EA 79 70.62 48.17 73.09
N LEU EA 80 70.21 49.33 72.57
CA LEU EA 80 70.87 49.91 71.41
C LEU EA 80 72.18 50.59 71.78
N VAL EA 81 72.36 50.93 73.05
CA VAL EA 81 73.59 51.53 73.52
C VAL EA 81 74.34 50.52 74.36
N SER EA 82 75.59 50.83 74.68
CA SER EA 82 76.39 49.93 75.47
C SER EA 82 75.93 49.92 76.92
N GLU EA 83 76.29 48.83 77.62
CA GLU EA 83 76.02 48.72 79.05
C GLU EA 83 76.65 49.87 79.82
N GLN EA 84 77.84 50.30 79.39
CA GLN EA 84 78.54 51.40 80.06
C GLN EA 84 77.73 52.68 80.00
N THR EA 85 77.07 52.94 78.88
CA THR EA 85 76.25 54.14 78.75
C THR EA 85 75.18 54.18 79.83
N ARG EA 86 74.43 53.10 79.97
CA ARG EA 86 73.33 53.08 80.94
C ARG EA 86 73.85 53.14 82.37
N VAL EA 87 74.95 52.42 82.65
CA VAL EA 87 75.47 52.42 84.03
C VAL EA 87 75.98 53.81 84.41
N ASN EA 88 76.73 54.45 83.51
CA ASN EA 88 77.23 55.79 83.79
C ASN EA 88 76.09 56.77 83.95
N ALA EA 89 75.06 56.64 83.13
CA ALA EA 89 73.90 57.52 83.27
C ALA EA 89 73.21 57.32 84.61
N ALA EA 90 73.09 56.07 85.06
CA ALA EA 90 72.44 55.80 86.34
C ALA EA 90 73.23 56.40 87.49
N LYS EA 91 74.55 56.25 87.47
CA LYS EA 91 75.38 56.74 88.57
C LYS EA 91 75.84 58.18 88.37
N ASN EA 92 75.37 58.85 87.33
CA ASN EA 92 75.77 60.23 87.10
C ASN EA 92 75.10 61.16 88.09
N LYS EA 93 75.90 62.02 88.72
CA LYS EA 93 75.36 62.96 89.68
C LYS EA 93 74.58 64.08 89.01
N THR EA 94 75.00 64.50 87.82
CA THR EA 94 74.39 65.63 87.13
C THR EA 94 73.11 65.16 86.45
N GLY EA 95 72.45 66.07 85.75
CA GLY EA 95 71.28 65.72 84.97
C GLY EA 95 71.57 65.30 83.55
N ALA EA 96 72.82 64.98 83.23
CA ALA EA 96 73.19 64.62 81.87
C ALA EA 96 72.56 63.29 81.50
N ALA EA 97 71.78 63.28 80.44
CA ALA EA 97 71.10 62.10 79.96
C ALA EA 97 71.72 61.64 78.65
N PRO EA 98 71.93 60.34 78.48
CA PRO EA 98 72.51 59.85 77.23
C PRO EA 98 71.56 59.98 76.07
N ILE EA 99 72.13 60.04 74.88
CA ILE EA 99 71.37 60.11 73.63
C ILE EA 99 71.37 58.73 72.99
N ILE EA 100 70.19 58.22 72.70
CA ILE EA 100 70.02 57.00 71.94
C ILE EA 100 69.45 57.39 70.59
N ASP EA 101 70.23 57.22 69.54
CA ASP EA 101 69.79 57.50 68.18
C ASP EA 101 69.38 56.18 67.55
N VAL EA 102 68.08 55.92 67.50
CA VAL EA 102 67.62 54.63 66.99
C VAL EA 102 67.83 54.52 65.49
N VAL EA 103 67.94 55.65 64.79
CA VAL EA 103 68.22 55.61 63.35
C VAL EA 103 69.61 55.04 63.11
N ARG EA 104 70.55 55.35 63.98
CA ARG EA 104 71.89 54.79 63.87
C ARG EA 104 71.86 53.28 64.01
N SER EA 105 71.06 52.77 64.95
CA SER EA 105 70.93 51.34 65.15
C SER EA 105 70.07 50.66 64.09
N GLY EA 106 69.32 51.43 63.32
CA GLY EA 106 68.59 50.88 62.20
C GLY EA 106 67.09 50.82 62.36
N TYR EA 107 66.51 51.68 63.17
CA TYR EA 107 65.08 51.78 63.33
C TYR EA 107 64.65 53.22 63.10
N TYR EA 108 63.44 53.40 62.61
CA TYR EA 108 62.91 54.73 62.36
C TYR EA 108 61.84 55.14 63.34
N LYS EA 109 61.00 54.21 63.77
CA LYS EA 109 59.87 54.51 64.64
C LYS EA 109 60.08 53.86 66.00
N VAL EA 110 59.78 54.60 67.04
CA VAL EA 110 59.88 54.10 68.42
C VAL EA 110 58.47 53.84 68.93
N LEU EA 111 58.16 52.58 69.18
CA LEU EA 111 56.88 52.17 69.72
C LEU EA 111 56.98 52.01 71.23
N GLY EA 112 55.83 52.00 71.87
CA GLY EA 112 55.80 52.13 73.31
C GLY EA 112 55.39 50.91 74.08
N LYS EA 113 55.84 49.73 73.66
CA LYS EA 113 55.57 48.51 74.40
C LYS EA 113 56.62 48.33 75.48
N GLY EA 114 56.18 47.94 76.66
CA GLY EA 114 57.07 47.78 77.79
C GLY EA 114 57.24 49.06 78.57
N LYS EA 115 58.03 48.95 79.63
CA LYS EA 115 58.29 50.07 80.51
C LYS EA 115 59.77 50.44 80.45
N LEU EA 116 60.06 51.62 80.85
CA LEU EA 116 61.43 52.07 80.86
C LEU EA 116 61.96 52.11 82.29
N PRO EA 117 63.27 51.96 82.47
CA PRO EA 117 63.87 52.26 83.76
C PRO EA 117 63.80 53.75 84.05
N LYS EA 118 63.96 54.09 85.32
CA LYS EA 118 63.79 55.47 85.77
C LYS EA 118 65.09 56.24 85.55
N GLN EA 119 65.39 56.49 84.29
CA GLN EA 119 66.57 57.26 83.92
C GLN EA 119 66.22 58.22 82.79
N PRO EA 120 66.51 59.50 82.91
CA PRO EA 120 66.30 60.41 81.78
C PRO EA 120 67.15 60.00 80.59
N VAL EA 121 66.61 60.19 79.40
CA VAL EA 121 67.26 59.77 78.16
C VAL EA 121 66.71 60.60 77.02
N ILE EA 122 67.58 61.01 76.11
CA ILE EA 122 67.19 61.73 74.90
C ILE EA 122 67.16 60.73 73.77
N VAL EA 123 66.01 60.57 73.13
CA VAL EA 123 65.82 59.60 72.07
C VAL EA 123 65.63 60.33 70.76
N LYS EA 124 66.45 59.99 69.77
CA LYS EA 124 66.37 60.56 68.43
C LYS EA 124 65.72 59.53 67.51
N ALA EA 125 64.65 59.91 66.85
CA ALA EA 125 63.95 59.00 65.96
C ALA EA 125 63.24 59.78 64.88
N LYS EA 126 62.91 59.08 63.79
CA LYS EA 126 62.11 59.70 62.75
C LYS EA 126 60.67 59.86 63.18
N PHE EA 127 60.10 58.82 63.79
CA PHE EA 127 58.71 58.83 64.24
C PHE EA 127 58.61 58.28 65.64
N PHE EA 128 57.57 58.72 66.35
CA PHE EA 128 57.26 58.24 67.68
C PHE EA 128 55.79 57.88 67.73
N SER EA 129 55.45 56.98 68.65
CA SER EA 129 54.06 56.78 68.98
C SER EA 129 53.69 57.64 70.18
N ARG EA 130 52.39 57.88 70.34
CA ARG EA 130 51.93 58.72 71.42
C ARG EA 130 52.33 58.16 72.78
N ARG EA 131 52.09 56.87 72.98
CA ARG EA 131 52.43 56.26 74.26
C ARG EA 131 53.92 56.14 74.47
N ALA EA 132 54.70 55.93 73.40
CA ALA EA 132 56.15 55.92 73.54
C ALA EA 132 56.66 57.28 73.98
N GLU EA 133 56.14 58.35 73.39
CA GLU EA 133 56.54 59.68 73.82
C GLU EA 133 56.12 59.95 75.26
N GLU EA 134 54.91 59.53 75.62
CA GLU EA 134 54.44 59.73 76.99
C GLU EA 134 55.31 58.99 77.99
N LYS EA 135 55.69 57.75 77.67
CA LYS EA 135 56.52 56.97 78.57
C LYS EA 135 57.94 57.52 78.64
N ILE EA 136 58.45 58.07 77.54
CA ILE EA 136 59.78 58.68 77.59
C ILE EA 136 59.74 59.93 78.46
N LYS EA 137 58.69 60.73 78.33
CA LYS EA 137 58.59 61.93 79.16
C LYS EA 137 58.35 61.60 80.62
N SER EA 138 57.68 60.49 80.93
CA SER EA 138 57.38 60.16 82.31
C SER EA 138 58.62 59.79 83.12
N VAL EA 139 59.69 59.35 82.48
CA VAL EA 139 60.95 59.11 83.17
C VAL EA 139 61.86 60.32 83.10
N GLY EA 140 61.36 61.46 82.64
CA GLY EA 140 62.16 62.65 82.57
C GLY EA 140 63.01 62.78 81.33
N GLY EA 141 62.73 62.01 80.30
CA GLY EA 141 63.45 62.07 79.05
C GLY EA 141 62.84 63.07 78.08
N ALA EA 142 63.39 63.07 76.87
CA ALA EA 142 62.90 63.94 75.81
C ALA EA 142 62.95 63.18 74.49
N CYS EA 143 62.02 63.51 73.60
CA CYS EA 143 61.98 62.95 72.27
C CYS EA 143 62.32 64.04 71.28
N VAL EA 144 63.35 63.81 70.47
CA VAL EA 144 63.71 64.74 69.41
C VAL EA 144 63.55 64.02 68.09
N LEU EA 145 63.26 64.79 67.05
CA LEU EA 145 62.91 64.22 65.75
C LEU EA 145 64.02 64.49 64.74
N VAL EA 146 64.27 63.51 63.88
CA VAL EA 146 65.25 63.62 62.82
C VAL EA 146 64.57 63.27 61.51
N ALA EA 147 65.20 63.68 60.41
CA ALA EA 147 64.66 63.39 59.10
C ALA EA 147 65.60 62.51 58.30
N ALA FA 1 24.40 0.19 38.12
CA ALA FA 1 23.74 1.48 38.06
C ALA FA 1 23.27 1.91 39.42
N LYS FA 2 22.15 1.36 39.86
CA LYS FA 2 21.59 1.70 41.16
C LYS FA 2 22.44 1.13 42.27
N SER FA 3 22.39 1.77 43.43
CA SER FA 3 23.20 1.38 44.58
C SER FA 3 22.39 1.65 45.84
N LYS FA 4 22.99 1.35 46.99
CA LYS FA 4 22.34 1.63 48.26
C LYS FA 4 22.25 3.14 48.48
N ASN FA 5 21.15 3.55 49.10
CA ASN FA 5 20.86 4.97 49.28
C ASN FA 5 21.32 5.52 50.62
N HIS FA 6 20.94 4.87 51.71
CA HIS FA 6 21.27 5.39 53.02
C HIS FA 6 21.19 4.24 54.03
N THR FA 7 22.10 4.26 55.00
CA THR FA 7 21.97 3.37 56.14
C THR FA 7 22.72 3.95 57.32
N THR FA 8 22.21 3.69 58.52
CA THR FA 8 22.94 3.95 59.75
C THR FA 8 23.47 2.67 60.34
N HIS FA 9 23.50 1.60 59.56
CA HIS FA 9 24.07 0.35 60.01
C HIS FA 9 25.54 0.53 60.32
N ASN FA 10 25.97 -0.03 61.46
CA ASN FA 10 27.35 -0.01 61.95
C ASN FA 10 27.74 1.37 62.50
N GLN FA 11 26.87 2.36 62.33
CA GLN FA 11 27.22 3.70 62.77
C GLN FA 11 27.32 3.79 64.28
N SER FA 12 26.41 3.14 65.01
CA SER FA 12 26.47 3.17 66.46
C SER FA 12 27.71 2.45 66.97
N ARG FA 13 28.08 1.35 66.31
CA ARG FA 13 29.31 0.65 66.65
C ARG FA 13 30.52 1.55 66.45
N LYS FA 14 30.51 2.34 65.38
CA LYS FA 14 31.58 3.30 65.18
C LYS FA 14 31.57 4.39 66.24
N TRP FA 15 30.38 4.87 66.62
CA TRP FA 15 30.29 5.95 67.58
C TRP FA 15 30.81 5.54 68.94
N HIS FA 16 30.59 4.30 69.34
CA HIS FA 16 30.96 3.88 70.68
C HIS FA 16 32.38 3.36 70.78
N ARG FA 17 33.14 3.33 69.69
CA ARG FA 17 34.49 2.79 69.78
C ARG FA 17 35.41 3.73 70.56
N ASN FA 18 35.25 5.03 70.36
CA ASN FA 18 35.95 6.01 71.19
C ASN FA 18 35.01 6.64 72.20
N GLY FA 19 33.89 5.98 72.49
CA GLY FA 19 32.94 6.47 73.45
C GLY FA 19 32.12 7.64 72.94
N ILE FA 20 30.93 7.83 73.51
CA ILE FA 20 30.17 9.04 73.24
C ILE FA 20 30.28 9.92 74.47
N LYS FA 21 31.20 10.88 74.44
CA LYS FA 21 31.62 11.60 75.63
C LYS FA 21 30.72 12.79 75.89
N LYS FA 22 30.27 12.91 77.14
CA LYS FA 22 29.57 14.09 77.58
C LYS FA 22 30.51 15.29 77.48
N PRO FA 23 30.01 16.47 77.13
CA PRO FA 23 30.88 17.65 77.05
C PRO FA 23 31.53 17.94 78.40
N ARG FA 24 32.79 18.38 78.35
CA ARG FA 24 33.59 18.54 79.55
C ARG FA 24 33.08 19.74 80.33
N SER FA 25 32.38 19.50 81.43
CA SER FA 25 31.86 20.56 82.27
C SER FA 25 32.93 20.99 83.26
N GLN FA 26 32.88 22.26 83.65
CA GLN FA 26 33.90 22.82 84.51
C GLN FA 26 33.37 24.06 85.20
N ARG FA 27 34.05 24.46 86.26
CA ARG FA 27 33.73 25.70 86.95
C ARG FA 27 33.94 26.87 86.02
N TYR FA 28 33.14 27.93 86.21
CA TYR FA 28 33.27 29.14 85.42
C TYR FA 28 33.07 28.86 83.93
N GLU FA 29 31.82 28.54 83.59
CA GLU FA 29 31.45 28.55 82.18
C GLU FA 29 31.53 29.96 81.63
N SER FA 30 31.60 30.06 80.31
CA SER FA 30 31.76 31.36 79.67
C SER FA 30 30.47 32.17 79.73
N LEU FA 31 30.62 33.49 79.70
CA LEU FA 31 29.50 34.41 79.74
C LEU FA 31 29.01 34.80 78.35
N LYS FA 32 29.27 33.97 77.35
CA LYS FA 32 28.81 34.27 76.01
C LYS FA 32 27.29 34.08 75.91
N GLY FA 33 26.64 34.98 75.20
CA GLY FA 33 25.21 34.90 74.99
C GLY FA 33 24.38 35.52 76.09
N VAL FA 34 25.01 36.01 77.13
CA VAL FA 34 24.29 36.61 78.25
C VAL FA 34 23.86 38.01 77.85
N ASP FA 35 22.71 38.45 78.40
CA ASP FA 35 22.11 39.76 78.21
C ASP FA 35 23.17 40.86 78.27
N PRO FA 36 23.35 41.64 77.21
CA PRO FA 36 24.40 42.68 77.23
C PRO FA 36 24.20 43.73 78.31
N LYS FA 37 22.96 44.11 78.62
CA LYS FA 37 22.73 45.08 79.69
C LYS FA 37 23.17 44.53 81.04
N PHE FA 38 22.76 43.31 81.35
CA PHE FA 38 23.20 42.64 82.56
C PHE FA 38 24.71 42.49 82.59
N LEU FA 39 25.31 42.18 81.44
CA LEU FA 39 26.75 41.94 81.40
C LEU FA 39 27.53 43.21 81.65
N ARG FA 40 27.14 44.32 81.04
CA ARG FA 40 27.86 45.56 81.29
C ARG FA 40 27.65 46.04 82.72
N ASN FA 41 26.47 45.79 83.31
CA ASN FA 41 26.36 46.09 84.73
C ASN FA 41 27.26 45.22 85.59
N MET FA 42 27.39 43.94 85.25
CA MET FA 42 28.28 43.07 86.01
C MET FA 42 29.71 43.54 85.91
N ARG FA 43 30.11 44.01 84.73
CA ARG FA 43 31.45 44.54 84.56
C ARG FA 43 31.67 45.78 85.42
N PHE FA 44 30.66 46.65 85.52
CA PHE FA 44 30.78 47.79 86.41
C PHE FA 44 30.89 47.38 87.87
N ALA FA 45 30.11 46.38 88.28
CA ALA FA 45 30.20 45.90 89.65
C ALA FA 45 31.59 45.32 89.94
N LYS FA 46 32.12 44.56 88.99
CA LYS FA 46 33.46 44.00 89.17
C LYS FA 46 34.52 45.09 89.22
N LYS FA 47 34.36 46.13 88.40
CA LYS FA 47 35.32 47.22 88.39
C LYS FA 47 35.33 47.94 89.73
N HIS FA 48 34.16 48.20 90.29
CA HIS FA 48 34.08 48.96 91.52
C HIS FA 48 34.15 48.09 92.77
N ASN FA 49 34.33 46.78 92.62
CA ASN FA 49 34.67 45.95 93.77
C ASN FA 49 35.90 46.44 94.50
N LYS FA 50 36.78 47.15 93.81
CA LYS FA 50 38.00 47.72 94.38
C LYS FA 50 37.70 48.56 95.62
N LYS FA 51 36.78 49.51 95.50
CA LYS FA 51 36.40 50.30 96.64
C LYS FA 51 35.60 49.46 97.61
N GLY FA 52 35.50 49.92 98.85
CA GLY FA 52 34.91 49.13 99.89
C GLY FA 52 35.76 47.98 100.38
N LEU FA 53 37.04 47.93 99.96
CA LEU FA 53 37.90 46.85 100.41
C LEU FA 53 38.22 46.97 101.89
N LYS FA 54 38.46 48.18 102.38
CA LYS FA 54 38.81 48.36 103.79
C LYS FA 54 37.64 48.03 104.71
N LYS FA 55 36.40 48.31 104.28
CA LYS FA 55 35.25 47.88 105.06
C LYS FA 55 35.14 46.37 105.11
N MET FA 56 35.40 45.70 103.99
CA MET FA 56 35.38 44.24 103.95
C MET FA 56 36.40 43.64 104.92
N GLN FA 57 37.65 44.10 104.86
CA GLN FA 57 38.67 43.55 105.74
C GLN FA 57 38.44 43.94 107.20
N ALA FA 58 37.89 45.12 107.46
CA ALA FA 58 37.52 45.46 108.83
C ALA FA 58 36.47 44.52 109.38
N ASN FA 59 35.41 44.27 108.60
CA ASN FA 59 34.37 43.35 109.05
C ASN FA 59 34.92 41.93 109.22
N ASN FA 60 35.78 41.50 108.29
CA ASN FA 60 36.34 40.15 108.38
C ASN FA 60 37.22 40.00 109.62
N ALA FA 61 38.06 40.99 109.90
CA ALA FA 61 38.90 40.92 111.09
C ALA FA 61 38.07 40.89 112.36
N LYS FA 62 37.05 41.76 112.43
CA LYS FA 62 36.19 41.80 113.62
C LYS FA 62 35.47 40.48 113.83
N ALA FA 63 34.88 39.94 112.76
CA ALA FA 63 34.15 38.68 112.89
C ALA FA 63 35.07 37.52 113.25
N MET FA 64 36.26 37.46 112.67
CA MET FA 64 37.15 36.35 112.99
C MET FA 64 37.64 36.46 114.43
N SER FA 65 37.88 37.69 114.91
CA SER FA 65 38.33 37.84 116.29
C SER FA 65 37.22 37.45 117.27
N ALA FA 66 35.98 37.82 116.96
CA ALA FA 66 34.86 37.45 117.82
C ALA FA 66 34.70 35.93 117.85
N ARG FA 67 34.76 35.28 116.69
CA ARG FA 67 34.64 33.83 116.65
C ARG FA 67 35.79 33.15 117.37
N ALA FA 68 37.00 33.67 117.21
CA ALA FA 68 38.17 33.09 117.87
C ALA FA 68 38.05 33.16 119.38
N GLU FA 69 37.63 34.32 119.91
CA GLU FA 69 37.52 34.41 121.36
C GLU FA 69 36.29 33.65 121.88
N ALA FA 70 35.23 33.52 121.08
CA ALA FA 70 34.11 32.70 121.50
C ALA FA 70 34.50 31.23 121.61
N ILE FA 71 35.31 30.73 120.65
CA ILE FA 71 35.77 29.36 120.74
C ILE FA 71 36.78 29.20 121.88
N LYS FA 72 37.69 30.16 122.04
CA LYS FA 72 38.66 30.11 123.13
C LYS FA 72 38.04 30.31 124.50
N ALA FA 73 36.77 30.74 124.57
CA ALA FA 73 36.07 30.87 125.84
C ALA FA 73 35.80 29.49 126.41
N LEU FA 74 36.62 29.06 127.36
CA LEU FA 74 36.51 27.74 127.98
C LEU FA 74 36.01 27.90 129.41
N VAL FA 75 34.98 27.12 129.75
CA VAL FA 75 34.28 27.11 131.05
C VAL FA 75 34.16 28.50 131.68
N VAL FA 88 35.06 -6.29 131.18
CA VAL FA 88 35.33 -7.71 131.28
C VAL FA 88 36.51 -8.10 130.41
N SER FA 89 36.81 -9.40 130.36
CA SER FA 89 38.01 -9.86 129.66
C SER FA 89 37.88 -9.72 128.15
N ARG FA 90 36.77 -10.19 127.57
CA ARG FA 90 36.50 -10.09 126.13
C ARG FA 90 37.65 -10.67 125.30
N LYS FA 91 37.77 -12.00 125.37
CA LYS FA 91 38.96 -12.70 124.91
C LYS FA 91 39.40 -12.31 123.50
N LEU FA 92 38.44 -12.18 122.58
CA LEU FA 92 38.82 -11.86 121.20
C LEU FA 92 39.31 -10.42 121.08
N ASP FA 93 38.64 -9.49 121.77
CA ASP FA 93 39.10 -8.10 121.79
C ASP FA 93 40.48 -8.00 122.42
N ARG FA 94 40.71 -8.74 123.50
CA ARG FA 94 42.00 -8.78 124.17
C ARG FA 94 43.09 -9.30 123.26
N LEU FA 95 42.81 -10.37 122.52
CA LEU FA 95 43.81 -10.93 121.63
C LEU FA 95 44.13 -9.99 120.48
N ALA FA 96 43.12 -9.31 119.94
CA ALA FA 96 43.39 -8.31 118.92
C ALA FA 96 44.24 -7.17 119.46
N TYR FA 97 43.96 -6.73 120.69
CA TYR FA 97 44.79 -5.70 121.31
C TYR FA 97 46.23 -6.15 121.45
N ILE FA 98 46.43 -7.39 121.90
CA ILE FA 98 47.79 -7.91 122.05
C ILE FA 98 48.47 -8.01 120.70
N ALA FA 99 47.74 -8.39 119.66
CA ALA FA 99 48.32 -8.53 118.33
C ALA FA 99 48.60 -7.19 117.66
N HIS FA 100 48.04 -6.10 118.17
CA HIS FA 100 48.42 -4.79 117.66
C HIS FA 100 49.93 -4.57 117.83
N PRO FA 101 50.64 -4.14 116.78
CA PRO FA 101 52.11 -4.00 116.91
C PRO FA 101 52.56 -2.96 117.91
N LYS FA 102 51.82 -1.88 118.10
CA LYS FA 102 52.24 -0.84 119.02
C LYS FA 102 51.54 -0.93 120.37
N LEU FA 103 50.22 -1.09 120.37
CA LEU FA 103 49.48 -1.12 121.63
C LEU FA 103 49.83 -2.36 122.43
N GLY FA 104 50.01 -3.50 121.78
CA GLY FA 104 50.23 -4.75 122.47
C GLY FA 104 51.68 -5.13 122.70
N LYS FA 105 52.63 -4.24 122.44
CA LYS FA 105 54.04 -4.60 122.56
C LYS FA 105 54.39 -4.96 124.00
N ARG FA 106 54.07 -4.09 124.95
CA ARG FA 106 54.38 -4.35 126.34
C ARG FA 106 53.56 -5.51 126.88
N ALA FA 107 52.32 -5.63 126.44
CA ALA FA 107 51.46 -6.73 126.87
C ALA FA 107 52.02 -8.08 126.46
N ARG FA 108 52.54 -8.19 125.24
CA ARG FA 108 53.13 -9.45 124.81
C ARG FA 108 54.53 -9.67 125.36
N ALA FA 109 55.27 -8.60 125.67
CA ALA FA 109 56.51 -8.77 126.40
C ALA FA 109 56.27 -9.37 127.78
N ARG FA 110 55.17 -8.98 128.44
CA ARG FA 110 54.85 -9.57 129.73
C ARG FA 110 54.62 -11.07 129.64
N ILE FA 111 53.90 -11.52 128.61
CA ILE FA 111 53.66 -12.95 128.48
C ILE FA 111 54.91 -13.70 128.05
N ALA FA 112 55.81 -13.06 127.30
CA ALA FA 112 57.10 -13.69 127.02
C ALA FA 112 57.90 -13.91 128.30
N LYS FA 113 57.96 -12.89 129.15
CA LYS FA 113 58.70 -13.03 130.40
C LYS FA 113 58.06 -14.06 131.32
N GLY FA 114 56.73 -14.12 131.32
CA GLY FA 114 56.06 -15.16 132.07
C GLY FA 114 56.37 -16.56 131.55
N LEU FA 115 56.45 -16.71 130.24
CA LEU FA 115 56.77 -18.00 129.64
C LEU FA 115 58.22 -18.40 129.88
N ARG FA 116 59.11 -17.44 130.14
CA ARG FA 116 60.51 -17.77 130.45
C ARG FA 116 60.74 -18.02 131.93
N LEU FA 117 60.46 -17.03 132.79
CA LEU FA 117 60.84 -17.13 134.19
C LEU FA 117 59.90 -18.05 134.96
N CYS FA 118 60.39 -18.53 136.10
CA CYS FA 118 59.60 -19.31 137.03
C CYS FA 118 60.06 -19.01 138.44
N ARG FA 119 59.13 -18.63 139.32
CA ARG FA 119 59.47 -18.29 140.69
C ARG FA 119 58.45 -18.93 141.63
N PRO FA 120 58.89 -19.38 142.80
CA PRO FA 120 57.95 -19.99 143.75
C PRO FA 120 57.01 -18.97 144.35
N LYS FA 121 55.95 -19.48 144.98
CA LYS FA 121 54.92 -18.67 145.63
C LYS FA 121 54.25 -17.71 144.65
N LYS GA 1 13.09 37.59 -72.43
CA LYS GA 1 12.89 36.69 -73.56
C LYS GA 1 14.21 36.01 -73.97
N SER GA 2 15.33 36.65 -73.62
CA SER GA 2 16.63 36.16 -74.06
C SER GA 2 16.96 34.78 -73.50
N LEU GA 3 16.48 34.48 -72.30
CA LEU GA 3 16.79 33.19 -71.67
C LEU GA 3 16.24 32.04 -72.49
N GLU GA 4 14.98 32.14 -72.94
CA GLU GA 4 14.44 31.11 -73.83
C GLU GA 4 14.91 31.29 -75.26
N SER GA 5 15.26 32.52 -75.65
CA SER GA 5 15.73 32.76 -76.99
C SER GA 5 17.02 32.00 -77.25
N ILE GA 6 17.97 32.09 -76.32
CA ILE GA 6 19.24 31.39 -76.51
C ILE GA 6 19.02 29.89 -76.49
N ASN GA 7 18.09 29.39 -75.67
CA ASN GA 7 17.84 27.96 -75.62
C ASN GA 7 17.20 27.46 -76.92
N SER GA 8 16.24 28.20 -77.45
CA SER GA 8 15.62 27.81 -78.72
C SER GA 8 16.62 27.90 -79.86
N ARG GA 9 17.41 28.97 -79.89
CA ARG GA 9 18.43 29.11 -80.92
C ARG GA 9 19.45 28.00 -80.83
N LEU GA 10 19.83 27.58 -79.62
CA LEU GA 10 20.72 26.44 -79.47
C LEU GA 10 20.07 25.15 -79.96
N GLN GA 11 18.82 24.93 -79.58
CA GLN GA 11 18.11 23.73 -80.01
C GLN GA 11 17.99 23.66 -81.52
N LEU GA 12 17.94 24.81 -82.19
CA LEU GA 12 17.86 24.80 -83.64
C LEU GA 12 19.24 24.83 -84.30
N VAL GA 13 20.28 25.31 -83.61
CA VAL GA 13 21.64 25.11 -84.10
C VAL GA 13 21.97 23.63 -84.12
N MET GA 14 21.63 22.93 -83.05
CA MET GA 14 21.60 21.48 -83.11
C MET GA 14 20.58 21.06 -84.15
N LYS GA 15 20.79 19.87 -84.69
CA LYS GA 15 19.93 19.18 -85.68
C LYS GA 15 19.65 20.00 -86.94
N SER GA 16 20.32 21.13 -87.13
CA SER GA 16 20.32 21.76 -88.45
C SER GA 16 21.64 22.42 -88.82
N GLY GA 17 22.62 22.44 -87.92
CA GLY GA 17 23.85 23.17 -88.17
C GLY GA 17 25.04 22.37 -87.67
N LYS GA 18 26.22 22.98 -87.79
CA LYS GA 18 27.46 22.36 -87.39
C LYS GA 18 28.02 23.04 -86.14
N TYR GA 19 28.36 22.23 -85.14
CA TYR GA 19 28.83 22.73 -83.88
C TYR GA 19 29.95 21.82 -83.40
N VAL GA 20 30.49 22.15 -82.24
CA VAL GA 20 31.43 21.25 -81.58
C VAL GA 20 31.40 21.55 -80.09
N LEU GA 21 31.46 20.50 -79.28
CA LEU GA 21 31.32 20.62 -77.84
C LEU GA 21 32.61 20.21 -77.15
N GLY GA 22 33.08 21.07 -76.26
CA GLY GA 22 34.23 20.75 -75.45
C GLY GA 22 35.35 21.76 -75.60
N TYR GA 23 36.16 21.88 -74.56
CA TYR GA 23 37.19 22.91 -74.49
C TYR GA 23 38.26 22.71 -75.55
N LYS GA 24 38.76 21.48 -75.69
CA LYS GA 24 39.85 21.23 -76.63
C LYS GA 24 39.41 21.47 -78.07
N GLN GA 25 38.24 20.95 -78.43
CA GLN GA 25 37.77 21.13 -79.80
C GLN GA 25 37.38 22.57 -80.07
N THR GA 26 36.85 23.27 -79.07
CA THR GA 26 36.57 24.69 -79.25
C THR GA 26 37.83 25.48 -79.52
N LEU GA 27 38.90 25.18 -78.78
CA LEU GA 27 40.18 25.85 -79.04
C LEU GA 27 40.71 25.53 -80.43
N LYS GA 28 40.60 24.26 -80.84
CA LYS GA 28 41.08 23.88 -82.17
C LYS GA 28 40.32 24.63 -83.25
N MET GA 29 39.00 24.73 -83.11
CA MET GA 29 38.21 25.44 -84.11
C MET GA 29 38.51 26.94 -84.11
N ILE GA 30 38.72 27.53 -82.94
CA ILE GA 30 39.05 28.95 -82.86
C ILE GA 30 40.36 29.21 -83.57
N ARG GA 31 41.38 28.42 -83.28
CA ARG GA 31 42.68 28.67 -83.87
C ARG GA 31 42.75 28.22 -85.32
N GLN GA 32 41.83 27.38 -85.77
CA GLN GA 32 41.72 27.07 -87.19
C GLN GA 32 40.81 28.05 -87.91
N GLY GA 33 40.17 28.96 -87.19
CA GLY GA 33 39.50 30.07 -87.81
C GLY GA 33 38.11 29.77 -88.34
N LYS GA 34 37.52 28.63 -87.98
CA LYS GA 34 36.21 28.27 -88.48
C LYS GA 34 35.18 28.24 -87.36
N ALA GA 35 35.35 29.10 -86.35
CA ALA GA 35 34.39 29.26 -85.29
C ALA GA 35 33.72 30.63 -85.43
N LYS GA 36 32.42 30.67 -85.23
CA LYS GA 36 31.66 31.91 -85.30
C LYS GA 36 31.28 32.44 -83.93
N LEU GA 37 30.59 31.62 -83.16
CA LEU GA 37 30.13 31.96 -81.83
C LEU GA 37 30.64 30.92 -80.86
N VAL GA 38 31.08 31.35 -79.69
CA VAL GA 38 31.56 30.47 -78.65
C VAL GA 38 30.74 30.71 -77.40
N ILE GA 39 30.09 29.67 -76.90
CA ILE GA 39 29.21 29.79 -75.75
C ILE GA 39 29.90 29.16 -74.54
N LEU GA 40 29.91 29.90 -73.43
CA LEU GA 40 30.60 29.53 -72.21
C LEU GA 40 29.61 29.48 -71.06
N ALA GA 41 29.54 28.35 -70.37
CA ALA GA 41 28.74 28.27 -69.15
C ALA GA 41 29.35 29.18 -68.08
N ASN GA 42 28.51 29.71 -67.20
CA ASN GA 42 29.07 30.54 -66.14
C ASN GA 42 29.80 29.70 -65.10
N ASN GA 43 29.63 28.38 -65.16
CA ASN GA 43 30.34 27.44 -64.31
C ASN GA 43 31.80 27.29 -64.70
N CYS GA 44 32.20 27.86 -65.83
CA CYS GA 44 33.53 27.63 -66.36
C CYS GA 44 34.58 28.18 -65.41
N PRO GA 45 35.75 27.54 -65.32
CA PRO GA 45 36.84 28.12 -64.55
C PRO GA 45 37.20 29.49 -65.09
N ALA GA 46 37.57 30.39 -64.18
CA ALA GA 46 37.83 31.78 -64.58
C ALA GA 46 39.01 31.86 -65.54
N LEU GA 47 40.04 31.05 -65.30
CA LEU GA 47 41.18 31.01 -66.20
C LEU GA 47 40.77 30.56 -67.59
N ARG GA 48 39.94 29.53 -67.67
CA ARG GA 48 39.50 29.04 -68.97
C ARG GA 48 38.63 30.06 -69.68
N LYS GA 49 37.75 30.73 -68.94
CA LYS GA 49 36.95 31.80 -69.51
C LYS GA 49 37.83 32.87 -70.13
N SER GA 50 38.79 33.39 -69.37
CA SER GA 50 39.63 34.47 -69.87
C SER GA 50 40.50 34.02 -71.03
N GLU GA 51 41.01 32.79 -70.98
CA GLU GA 51 41.83 32.30 -72.08
C GLU GA 51 41.00 32.14 -73.36
N ILE GA 52 39.79 31.61 -73.25
CA ILE GA 52 38.95 31.44 -74.43
C ILE GA 52 38.54 32.81 -74.97
N GLU GA 53 38.30 33.77 -74.10
CA GLU GA 53 38.01 35.12 -74.57
C GLU GA 53 39.21 35.74 -75.28
N TYR GA 54 40.41 35.48 -74.80
CA TYR GA 54 41.60 35.99 -75.50
C TYR GA 54 41.72 35.37 -76.88
N TYR GA 55 41.53 34.06 -76.98
CA TYR GA 55 41.58 33.40 -78.27
C TYR GA 55 40.53 33.94 -79.21
N ALA GA 56 39.33 34.20 -78.69
CA ALA GA 56 38.26 34.71 -79.52
C ALA GA 56 38.51 36.16 -79.93
N MET GA 57 39.19 36.94 -79.10
CA MET GA 57 39.59 38.26 -79.52
C MET GA 57 40.61 38.18 -80.65
N LEU GA 58 41.56 37.26 -80.54
CA LEU GA 58 42.55 37.10 -81.61
C LEU GA 58 41.91 36.61 -82.90
N ALA GA 59 40.92 35.73 -82.81
CA ALA GA 59 40.29 35.15 -83.99
C ALA GA 59 39.06 35.90 -84.45
N LYS GA 60 38.68 36.98 -83.75
CA LYS GA 60 37.55 37.82 -84.13
C LYS GA 60 36.25 37.03 -84.19
N THR GA 61 35.99 36.21 -83.17
CA THR GA 61 34.77 35.44 -83.07
C THR GA 61 34.02 35.86 -81.80
N GLY GA 62 32.69 35.75 -81.84
CA GLY GA 62 31.90 36.23 -80.73
C GLY GA 62 31.90 35.25 -79.57
N VAL GA 63 31.75 35.78 -78.36
CA VAL GA 63 31.68 34.98 -77.15
C VAL GA 63 30.40 35.34 -76.41
N HIS GA 64 29.59 34.35 -76.13
CA HIS GA 64 28.36 34.51 -75.38
C HIS GA 64 28.49 33.78 -74.05
N HIS GA 65 28.23 34.49 -72.96
CA HIS GA 65 28.26 33.92 -71.62
C HIS GA 65 26.87 33.39 -71.31
N TYR GA 66 26.71 32.08 -71.41
CA TYR GA 66 25.43 31.43 -71.15
C TYR GA 66 25.00 31.65 -69.72
N SER GA 67 23.71 31.82 -69.52
CA SER GA 67 23.15 32.04 -68.19
C SER GA 67 22.68 30.75 -67.55
N GLY GA 68 23.57 29.76 -67.48
CA GLY GA 68 23.24 28.48 -66.88
C GLY GA 68 24.42 27.94 -66.12
N ASN GA 69 24.78 26.69 -66.35
CA ASN GA 69 26.07 26.14 -65.94
C ASN GA 69 26.36 25.00 -66.90
N ASN GA 70 27.38 24.20 -66.62
CA ASN GA 70 27.72 23.18 -67.61
C ASN GA 70 26.65 22.10 -67.70
N ILE GA 71 25.97 21.78 -66.60
CA ILE GA 71 24.86 20.84 -66.65
C ILE GA 71 23.72 21.40 -67.52
N GLU GA 72 23.33 22.64 -67.26
CA GLU GA 72 22.21 23.22 -68.00
C GLU GA 72 22.57 23.48 -69.45
N LEU GA 73 23.83 23.80 -69.74
CA LEU GA 73 24.26 23.99 -71.12
C LEU GA 73 24.25 22.67 -71.87
N GLY GA 74 24.68 21.58 -71.24
CA GLY GA 74 24.52 20.28 -71.86
C GLY GA 74 23.08 19.92 -72.11
N THR GA 75 22.20 20.23 -71.15
CA THR GA 75 20.77 20.00 -71.36
C THR GA 75 20.24 20.81 -72.53
N ALA GA 76 20.65 22.08 -72.64
CA ALA GA 76 20.18 22.92 -73.73
C ALA GA 76 20.71 22.43 -75.07
N CYS GA 77 21.94 21.96 -75.11
CA CYS GA 77 22.47 21.33 -76.32
C CYS GA 77 21.81 19.98 -76.61
N GLY GA 78 21.05 19.45 -75.66
CA GLY GA 78 20.35 18.21 -75.91
C GLY GA 78 21.15 16.97 -75.59
N LYS GA 79 22.25 17.12 -74.88
CA LYS GA 79 23.12 16.02 -74.52
C LYS GA 79 22.83 15.57 -73.09
N TYR GA 80 23.29 14.37 -72.78
CA TYR GA 80 23.15 13.82 -71.43
C TYR GA 80 24.42 13.96 -70.62
N TYR GA 81 25.32 14.82 -71.06
CA TYR GA 81 26.58 15.07 -70.36
C TYR GA 81 26.75 16.57 -70.22
N ARG GA 82 27.72 16.95 -69.40
CA ARG GA 82 27.98 18.36 -69.14
C ARG GA 82 28.78 18.96 -70.29
N VAL GA 83 28.38 20.16 -70.70
CA VAL GA 83 29.08 20.92 -71.72
C VAL GA 83 29.43 22.26 -71.11
N CYS GA 84 30.72 22.55 -71.00
CA CYS GA 84 31.17 23.81 -70.43
C CYS GA 84 31.54 24.83 -71.47
N THR GA 85 31.93 24.39 -72.66
CA THR GA 85 32.34 25.26 -73.73
C THR GA 85 31.85 24.66 -75.04
N LEU GA 86 31.33 25.49 -75.94
CA LEU GA 86 31.04 24.98 -77.27
C LEU GA 86 31.25 26.07 -78.30
N ALA GA 87 31.45 25.63 -79.54
CA ALA GA 87 31.69 26.53 -80.66
C ALA GA 87 30.75 26.17 -81.79
N ILE GA 88 30.05 27.16 -82.32
CA ILE GA 88 29.14 26.96 -83.45
C ILE GA 88 29.90 27.28 -84.72
N ILE GA 89 30.24 26.24 -85.50
CA ILE GA 89 30.90 26.46 -86.78
C ILE GA 89 29.93 27.06 -87.78
N ASP GA 90 28.71 26.51 -87.83
CA ASP GA 90 27.72 26.94 -88.81
C ASP GA 90 26.34 26.86 -88.19
N PRO GA 91 25.54 27.90 -88.30
CA PRO GA 91 24.19 27.85 -87.74
C PRO GA 91 23.16 27.28 -88.70
N GLY GA 92 21.90 27.30 -88.27
CA GLY GA 92 20.77 26.96 -89.12
C GLY GA 92 19.57 27.82 -88.81
N ASP GA 93 19.77 28.85 -87.99
CA ASP GA 93 18.66 29.68 -87.54
C ASP GA 93 19.01 31.16 -87.45
N SER GA 94 20.06 31.60 -88.13
CA SER GA 94 20.49 33.00 -88.14
C SER GA 94 20.79 33.51 -86.72
N ASP GA 95 21.29 32.62 -85.85
CA ASP GA 95 21.91 33.08 -84.61
C ASP GA 95 23.11 33.96 -84.93
N ILE GA 96 23.89 33.58 -85.93
CA ILE GA 96 24.97 34.40 -86.44
C ILE GA 96 24.44 35.08 -87.69
N ILE GA 97 24.24 36.40 -87.61
CA ILE GA 97 23.79 37.16 -88.76
C ILE GA 97 24.90 37.21 -89.79
N ARG GA 98 24.53 37.01 -91.06
CA ARG GA 98 25.50 37.08 -92.16
C ARG GA 98 26.01 38.50 -92.36
N ASN HA 1 73.46 -78.86 -11.08
CA ASN HA 1 74.35 -77.82 -11.60
C ASN HA 1 73.80 -76.44 -11.29
N GLU HA 2 74.59 -75.41 -11.59
CA GLU HA 2 74.16 -74.03 -11.33
C GLU HA 2 74.51 -73.09 -12.46
N VAL HA 3 74.80 -73.61 -13.65
CA VAL HA 3 74.92 -72.77 -14.84
C VAL HA 3 73.80 -73.24 -15.75
N VAL HA 4 72.64 -73.49 -15.16
CA VAL HA 4 71.50 -74.04 -15.87
C VAL HA 4 70.80 -72.92 -16.65
N THR HA 5 69.97 -73.31 -17.61
CA THR HA 5 69.13 -72.36 -18.34
C THR HA 5 67.85 -73.05 -18.77
N ARG HA 6 66.73 -72.38 -18.53
CA ARG HA 6 65.41 -72.93 -18.79
C ARG HA 6 64.53 -71.88 -19.46
N GLU HA 7 63.51 -72.35 -20.16
CA GLU HA 7 62.52 -71.49 -20.79
C GLU HA 7 61.21 -71.66 -20.07
N TYR HA 8 60.63 -70.53 -19.65
CA TYR HA 8 59.36 -70.47 -18.97
C TYR HA 8 58.42 -69.55 -19.75
N THR HA 9 57.15 -69.64 -19.44
CA THR HA 9 56.19 -68.63 -19.82
C THR HA 9 55.55 -68.07 -18.55
N ILE HA 10 55.45 -66.75 -18.49
CA ILE HA 10 54.93 -66.05 -17.32
C ILE HA 10 53.56 -65.51 -17.67
N ASN HA 11 52.60 -65.75 -16.78
CA ASN HA 11 51.26 -65.19 -16.88
C ASN HA 11 51.29 -63.80 -16.29
N ILE HA 12 51.74 -62.86 -17.12
CA ILE HA 12 51.75 -61.46 -16.72
C ILE HA 12 50.35 -61.00 -16.35
N HIS HA 13 49.34 -61.50 -17.06
CA HIS HA 13 47.96 -61.11 -16.79
C HIS HA 13 47.56 -61.49 -15.37
N LYS HA 14 47.85 -62.72 -14.98
CA LYS HA 14 47.54 -63.19 -13.64
C LYS HA 14 48.28 -62.38 -12.60
N ARG HA 15 49.55 -62.08 -12.85
CA ARG HA 15 50.31 -61.32 -11.85
C ARG HA 15 50.02 -59.82 -11.87
N ILE HA 16 49.32 -59.35 -12.90
CA ILE HA 16 49.11 -57.92 -13.08
C ILE HA 16 47.67 -57.52 -12.81
N HIS HA 17 46.78 -58.49 -12.61
CA HIS HA 17 45.37 -58.20 -12.40
C HIS HA 17 45.16 -57.27 -11.22
N GLY HA 18 44.36 -56.23 -11.42
CA GLY HA 18 43.99 -55.31 -10.38
C GLY HA 18 44.84 -54.06 -10.29
N VAL HA 19 45.95 -54.00 -11.00
CA VAL HA 19 46.87 -52.87 -10.88
C VAL HA 19 46.33 -51.70 -11.70
N GLY HA 20 46.52 -50.48 -11.18
CA GLY HA 20 46.08 -49.31 -11.89
C GLY HA 20 46.84 -49.08 -13.18
N PHE HA 21 46.30 -48.19 -14.01
CA PHE HA 21 46.79 -48.04 -15.37
C PHE HA 21 48.24 -47.59 -15.42
N LYS HA 22 48.60 -46.61 -14.62
CA LYS HA 22 49.93 -46.01 -14.72
C LYS HA 22 51.01 -46.84 -14.04
N LYS HA 23 50.69 -48.03 -13.54
CA LYS HA 23 51.68 -48.84 -12.85
C LYS HA 23 51.75 -50.27 -13.37
N ARG HA 24 51.06 -50.57 -14.48
CA ARG HA 24 50.96 -51.95 -14.92
C ARG HA 24 52.25 -52.48 -15.52
N ALA HA 25 52.89 -51.75 -16.40
CA ALA HA 25 54.17 -52.23 -16.91
C ALA HA 25 55.27 -52.24 -15.85
N PRO HA 26 55.42 -51.19 -15.00
CA PRO HA 26 56.39 -51.30 -13.91
C PRO HA 26 56.13 -52.47 -12.98
N ARG HA 27 54.87 -52.74 -12.68
CA ARG HA 27 54.55 -53.88 -11.84
C ARG HA 27 54.80 -55.19 -12.57
N ALA HA 28 54.63 -55.23 -13.88
CA ALA HA 28 54.96 -56.43 -14.63
C ALA HA 28 56.44 -56.73 -14.59
N LEU HA 29 57.28 -55.69 -14.66
CA LEU HA 29 58.71 -55.91 -14.51
C LEU HA 29 59.10 -56.33 -13.10
N LYS HA 30 58.47 -55.75 -12.09
CA LYS HA 30 58.70 -56.20 -10.72
C LYS HA 30 58.29 -57.66 -10.56
N GLU HA 31 57.18 -58.06 -11.15
CA GLU HA 31 56.70 -59.43 -11.07
C GLU HA 31 57.60 -60.39 -11.84
N ILE HA 32 58.15 -59.96 -12.97
CA ILE HA 32 59.10 -60.80 -13.70
C ILE HA 32 60.35 -61.03 -12.86
N ARG HA 33 60.86 -59.97 -12.24
CA ARG HA 33 62.03 -60.12 -11.38
C ARG HA 33 61.74 -61.03 -10.19
N LYS HA 34 60.57 -60.87 -9.59
CA LYS HA 34 60.20 -61.73 -8.47
C LYS HA 34 60.05 -63.18 -8.91
N PHE HA 35 59.50 -63.40 -10.10
CA PHE HA 35 59.39 -64.74 -10.65
C PHE HA 35 60.77 -65.37 -10.82
N ALA HA 36 61.71 -64.61 -11.37
CA ALA HA 36 63.06 -65.13 -11.57
C ALA HA 36 63.72 -65.45 -10.24
N MET HA 37 63.52 -64.60 -9.23
CA MET HA 37 64.06 -64.89 -7.91
C MET HA 37 63.46 -66.17 -7.33
N LYS HA 38 62.15 -66.35 -7.45
CA LYS HA 38 61.53 -67.57 -6.93
C LYS HA 38 62.00 -68.81 -7.68
N GLU HA 39 62.25 -68.68 -8.99
CA GLU HA 39 62.62 -69.86 -9.77
C GLU HA 39 64.07 -70.25 -9.55
N MET HA 40 64.99 -69.30 -9.67
CA MET HA 40 66.40 -69.62 -9.63
C MET HA 40 67.06 -69.40 -8.28
N GLY HA 41 66.37 -68.76 -7.34
CA GLY HA 41 66.91 -68.60 -6.01
C GLY HA 41 68.05 -67.63 -5.88
N THR HA 42 68.25 -66.75 -6.86
CA THR HA 42 69.33 -65.80 -6.79
C THR HA 42 68.76 -64.39 -6.66
N PRO HA 43 69.20 -63.60 -5.69
CA PRO HA 43 68.68 -62.23 -5.56
C PRO HA 43 68.99 -61.35 -6.75
N ASP HA 44 70.13 -61.54 -7.38
CA ASP HA 44 70.55 -60.67 -8.48
C ASP HA 44 69.90 -61.17 -9.77
N VAL HA 45 68.94 -60.40 -10.27
CA VAL HA 45 68.24 -60.71 -11.51
C VAL HA 45 68.47 -59.55 -12.47
N ARG HA 46 68.97 -59.86 -13.65
CA ARG HA 46 69.19 -58.87 -14.70
C ARG HA 46 68.12 -59.05 -15.77
N ILE HA 47 67.27 -58.05 -15.92
CA ILE HA 47 66.27 -58.02 -16.98
C ILE HA 47 66.97 -57.59 -18.26
N ASP HA 48 66.81 -58.37 -19.32
CA ASP HA 48 67.35 -57.97 -20.60
C ASP HA 48 66.60 -56.75 -21.13
N THR HA 49 67.32 -55.89 -21.84
CA THR HA 49 66.70 -54.69 -22.40
C THR HA 49 65.67 -55.04 -23.44
N ARG HA 50 65.90 -56.10 -24.21
CA ARG HA 50 64.88 -56.56 -25.15
C ARG HA 50 63.63 -57.04 -24.45
N LEU HA 51 63.79 -57.72 -23.31
CA LEU HA 51 62.62 -58.12 -22.53
C LEU HA 51 61.87 -56.92 -21.99
N ASN HA 52 62.60 -55.90 -21.53
CA ASN HA 52 61.96 -54.67 -21.07
C ASN HA 52 61.17 -54.03 -22.21
N LYS HA 53 61.76 -54.01 -23.40
CA LYS HA 53 61.08 -53.49 -24.57
C LYS HA 53 59.82 -54.28 -24.89
N ALA HA 54 59.89 -55.60 -24.77
CA ALA HA 54 58.73 -56.44 -25.03
C ALA HA 54 57.62 -56.18 -24.03
N VAL HA 55 57.97 -55.98 -22.76
CA VAL HA 55 56.98 -55.65 -21.76
C VAL HA 55 56.32 -54.33 -22.07
N TRP HA 56 57.09 -53.34 -22.51
CA TRP HA 56 56.56 -52.02 -22.79
C TRP HA 56 56.06 -51.85 -24.22
N ALA HA 57 55.94 -52.94 -24.98
CA ALA HA 57 55.62 -52.84 -26.40
C ALA HA 57 54.28 -52.16 -26.64
N LYS HA 58 53.26 -52.48 -25.84
CA LYS HA 58 51.93 -51.94 -26.04
C LYS HA 58 51.57 -50.84 -25.04
N GLY HA 59 52.55 -50.07 -24.60
CA GLY HA 59 52.29 -48.99 -23.68
C GLY HA 59 52.39 -49.41 -22.23
N ILE HA 60 51.91 -48.53 -21.36
CA ILE HA 60 52.09 -48.71 -19.94
C ILE HA 60 50.95 -49.51 -19.29
N ARG HA 61 49.76 -49.51 -19.87
CA ARG HA 61 48.63 -50.18 -19.26
C ARG HA 61 48.20 -51.44 -19.98
N ASN HA 62 48.48 -51.55 -21.28
CA ASN HA 62 48.06 -52.73 -22.03
C ASN HA 62 49.22 -53.71 -22.18
N VAL HA 63 49.71 -54.19 -21.04
CA VAL HA 63 50.83 -55.11 -21.01
C VAL HA 63 50.39 -56.43 -21.65
N PRO HA 64 51.25 -57.13 -22.38
CA PRO HA 64 50.88 -58.45 -22.91
C PRO HA 64 50.49 -59.41 -21.80
N TYR HA 65 49.56 -60.32 -22.12
CA TYR HA 65 49.06 -61.24 -21.12
C TYR HA 65 50.09 -62.29 -20.74
N ARG HA 66 50.77 -62.86 -21.73
CA ARG HA 66 51.76 -63.90 -21.48
C ARG HA 66 53.07 -63.48 -22.09
N ILE HA 67 54.18 -63.80 -21.43
CA ILE HA 67 55.50 -63.53 -22.00
C ILE HA 67 56.35 -64.77 -21.85
N ARG HA 68 56.94 -65.23 -22.94
CA ARG HA 68 57.86 -66.35 -22.92
C ARG HA 68 59.26 -65.83 -22.66
N VAL HA 69 59.86 -66.23 -21.54
CA VAL HA 69 61.18 -65.78 -21.17
C VAL HA 69 62.10 -66.99 -21.03
N ARG HA 70 63.39 -66.70 -20.97
CA ARG HA 70 64.42 -67.69 -20.72
C ARG HA 70 65.27 -67.22 -19.56
N LEU HA 71 65.35 -68.03 -18.51
CA LEU HA 71 66.16 -67.74 -17.35
C LEU HA 71 67.47 -68.49 -17.48
N SER HA 72 68.58 -67.77 -17.45
CA SER HA 72 69.92 -68.35 -17.51
C SER HA 72 70.64 -68.01 -16.21
N ARG HA 73 70.82 -69.00 -15.34
CA ARG HA 73 71.59 -68.78 -14.13
C ARG HA 73 73.07 -68.88 -14.49
N LYS HA 74 73.80 -67.81 -14.24
CA LYS HA 74 75.20 -67.69 -14.62
C LYS HA 74 76.05 -67.48 -13.37
N ARG HA 75 77.36 -67.47 -13.56
CA ARG HA 75 78.27 -67.16 -12.47
C ARG HA 75 78.61 -65.68 -12.49
N ASN HA 76 78.66 -65.09 -11.30
CA ASN HA 76 79.09 -63.72 -11.11
C ASN HA 76 80.59 -63.62 -10.89
N GLU HA 77 81.36 -64.55 -11.46
CA GLU HA 77 82.80 -64.64 -11.22
C GLU HA 77 83.56 -63.63 -12.08
N ASP HA 78 83.17 -62.37 -11.92
CA ASP HA 78 83.84 -61.25 -12.58
C ASP HA 78 84.16 -60.12 -11.63
N GLU HA 79 83.72 -60.19 -10.37
CA GLU HA 79 83.93 -59.12 -9.40
C GLU HA 79 83.67 -59.65 -8.01
N ASP HA 80 83.93 -58.79 -7.02
CA ASP HA 80 83.67 -59.09 -5.62
C ASP HA 80 82.28 -58.60 -5.25
N SER HA 81 81.32 -59.52 -5.15
CA SER HA 81 79.95 -59.19 -4.82
C SER HA 81 79.42 -60.24 -3.84
N PRO HA 82 78.44 -59.86 -3.01
CA PRO HA 82 77.85 -60.85 -2.10
C PRO HA 82 77.19 -62.01 -2.83
N ASN HA 83 76.61 -61.77 -4.00
CA ASN HA 83 75.91 -62.79 -4.75
C ASN HA 83 76.89 -63.52 -5.66
N LYS HA 84 77.02 -64.83 -5.47
CA LYS HA 84 77.91 -65.63 -6.30
C LYS HA 84 77.33 -65.90 -7.68
N LEU HA 85 76.01 -65.99 -7.79
CA LEU HA 85 75.35 -66.27 -9.05
C LEU HA 85 74.30 -65.21 -9.33
N TYR HA 86 74.03 -64.97 -10.61
CA TYR HA 86 72.97 -64.06 -11.02
C TYR HA 86 72.17 -64.71 -12.13
N THR HA 87 70.90 -64.32 -12.23
CA THR HA 87 70.00 -64.85 -13.24
C THR HA 87 69.71 -63.77 -14.27
N LEU HA 88 70.03 -64.04 -15.52
CA LEU HA 88 69.76 -63.12 -16.62
C LEU HA 88 68.53 -63.63 -17.36
N VAL HA 89 67.51 -62.78 -17.47
CA VAL HA 89 66.24 -63.16 -18.08
C VAL HA 89 66.11 -62.45 -19.42
N THR HA 90 65.91 -63.22 -20.48
CA THR HA 90 65.83 -62.72 -21.83
C THR HA 90 64.45 -62.98 -22.41
N TYR HA 91 64.22 -62.38 -23.58
CA TYR HA 91 62.92 -62.45 -24.25
C TYR HA 91 62.97 -63.49 -25.34
N VAL HA 92 61.96 -64.35 -25.38
CA VAL HA 92 61.82 -65.39 -26.39
C VAL HA 92 60.55 -65.12 -27.17
N PRO HA 93 60.66 -64.58 -28.39
CA PRO HA 93 59.46 -64.32 -29.19
C PRO HA 93 58.81 -65.62 -29.64
N VAL HA 94 57.49 -65.70 -29.46
CA VAL HA 94 56.72 -66.86 -29.88
C VAL HA 94 55.48 -66.37 -30.62
N THR HA 95 54.93 -67.26 -31.46
CA THR HA 95 53.72 -66.95 -32.18
C THR HA 95 52.46 -67.32 -31.41
N THR HA 96 52.52 -68.40 -30.63
CA THR HA 96 51.39 -68.78 -29.79
C THR HA 96 51.93 -69.41 -28.52
N PHE HA 97 51.15 -69.30 -27.45
CA PHE HA 97 51.53 -69.84 -26.16
C PHE HA 97 50.85 -71.17 -25.85
N LYS HA 98 50.08 -71.71 -26.79
CA LYS HA 98 49.38 -72.96 -26.55
C LYS HA 98 50.36 -74.12 -26.44
N ASN HA 99 50.14 -74.99 -25.46
CA ASN HA 99 50.91 -76.21 -25.25
C ASN HA 99 52.39 -75.94 -25.02
N LEU HA 100 52.72 -74.85 -24.35
CA LEU HA 100 54.11 -74.48 -24.13
C LEU HA 100 54.53 -74.85 -22.72
N GLN HA 101 55.48 -75.77 -22.61
CA GLN HA 101 55.94 -76.30 -21.35
C GLN HA 101 57.13 -75.48 -20.83
N THR HA 102 57.48 -75.71 -19.58
CA THR HA 102 58.76 -75.26 -19.07
C THR HA 102 59.82 -76.26 -19.52
N VAL HA 103 60.82 -75.79 -20.25
CA VAL HA 103 61.77 -76.71 -20.89
C VAL HA 103 63.19 -76.34 -20.50
N ASN HA 104 63.98 -77.35 -20.17
CA ASN HA 104 65.42 -77.15 -20.02
C ASN HA 104 66.02 -76.88 -21.39
N VAL HA 105 66.84 -75.84 -21.51
CA VAL HA 105 67.48 -75.55 -22.77
C VAL HA 105 68.99 -75.76 -22.61
N ASP HA 106 69.64 -75.97 -23.74
CA ASP HA 106 71.08 -76.19 -23.78
C ASP HA 106 71.81 -74.88 -24.07
N GLU HA 107 73.10 -74.88 -23.77
CA GLU HA 107 73.92 -73.68 -23.88
C GLU HA 107 74.10 -73.24 -25.33
N ALA IA 1 85.98 -38.63 75.17
CA ALA IA 1 87.20 -38.15 74.52
C ALA IA 1 87.11 -36.66 74.24
N ALA IA 2 85.99 -36.24 73.66
CA ALA IA 2 85.78 -34.84 73.35
C ALA IA 2 85.60 -34.02 74.63
N LEU IA 3 85.95 -32.74 74.54
CA LEU IA 3 85.74 -31.83 75.65
C LEU IA 3 84.26 -31.64 75.90
N ARG IA 4 83.88 -31.66 77.13
CA ARG IA 4 82.46 -31.62 77.43
C ARG IA 4 82.06 -30.24 77.93
N PRO IA 5 80.82 -29.83 77.68
CA PRO IA 5 80.38 -28.51 78.11
C PRO IA 5 80.16 -28.44 79.61
N LEU IA 6 79.91 -27.22 80.07
CA LEU IA 6 79.68 -27.00 81.50
C LEU IA 6 78.43 -27.73 81.96
N VAL IA 7 77.32 -27.51 81.28
CA VAL IA 7 76.07 -28.21 81.58
C VAL IA 7 75.53 -28.75 80.26
N LYS IA 8 74.76 -29.83 80.36
CA LYS IA 8 74.23 -30.53 79.20
C LYS IA 8 72.74 -30.70 79.40
N PRO IA 9 71.96 -29.63 79.21
CA PRO IA 9 70.50 -29.75 79.34
C PRO IA 9 69.91 -30.46 78.14
N LYS IA 10 68.65 -30.84 78.28
CA LYS IA 10 67.93 -31.48 77.18
C LYS IA 10 67.37 -30.42 76.25
N ILE IA 11 67.79 -30.46 75.00
CA ILE IA 11 67.36 -29.47 74.03
C ILE IA 11 66.02 -29.88 73.46
N VAL IA 12 65.03 -29.02 73.62
CA VAL IA 12 63.67 -29.27 73.15
C VAL IA 12 63.43 -28.38 71.95
N LYS IA 13 63.23 -28.99 70.78
CA LYS IA 13 62.88 -28.27 69.57
C LYS IA 13 61.38 -28.40 69.36
N LYS IA 14 60.69 -27.26 69.33
CA LYS IA 14 59.24 -27.29 69.14
C LYS IA 14 58.90 -27.84 67.76
N ARG IA 15 59.66 -27.46 66.75
CA ARG IA 15 59.50 -28.00 65.41
C ARG IA 15 60.87 -28.35 64.85
N THR IA 16 60.95 -29.49 64.18
CA THR IA 16 62.22 -29.96 63.66
C THR IA 16 62.30 -29.84 62.14
N LYS IA 17 61.18 -29.66 61.47
CA LYS IA 17 61.14 -29.51 60.02
C LYS IA 17 61.24 -28.05 59.62
N LYS IA 18 61.66 -27.84 58.38
CA LYS IA 18 61.72 -26.48 57.85
C LYS IA 18 60.32 -26.01 57.48
N PHE IA 19 60.14 -24.70 57.47
CA PHE IA 19 58.94 -24.07 56.94
C PHE IA 19 59.17 -23.83 55.45
N ILE IA 20 58.53 -24.62 54.61
CA ILE IA 20 58.69 -24.45 53.18
C ILE IA 20 57.67 -23.45 52.69
N ARG IA 21 58.02 -22.74 51.62
CA ARG IA 21 57.11 -21.76 51.04
C ARG IA 21 55.91 -22.45 50.41
N HIS IA 22 54.78 -21.77 50.44
CA HIS IA 22 53.59 -22.26 49.77
C HIS IA 22 53.85 -22.44 48.28
N GLN IA 23 53.48 -23.60 47.77
CA GLN IA 23 53.62 -23.98 46.36
C GLN IA 23 55.07 -24.05 45.90
N SER IA 24 56.03 -24.06 46.81
CA SER IA 24 57.41 -24.30 46.41
C SER IA 24 57.61 -25.73 45.91
N ASP IA 25 56.69 -26.63 46.23
CA ASP IA 25 56.69 -27.98 45.65
C ASP IA 25 56.31 -27.99 44.18
N ARG IA 26 55.39 -27.13 43.76
CA ARG IA 26 54.86 -27.20 42.40
C ARG IA 26 55.74 -26.49 41.37
N TYR IA 27 56.70 -25.69 41.79
CA TYR IA 27 57.48 -24.89 40.85
C TYR IA 27 58.95 -24.95 41.20
N VAL IA 28 59.78 -24.84 40.18
CA VAL IA 28 61.21 -24.64 40.38
C VAL IA 28 61.53 -23.16 40.55
N LYS IA 29 60.73 -22.28 39.92
CA LYS IA 29 60.95 -20.85 40.04
C LYS IA 29 60.70 -20.35 41.46
N ILE IA 30 60.02 -21.13 42.29
CA ILE IA 30 59.71 -20.76 43.66
C ILE IA 30 60.59 -21.60 44.57
N LYS IA 31 61.52 -20.94 45.24
CA LYS IA 31 62.41 -21.63 46.16
C LYS IA 31 61.70 -21.87 47.48
N ARG IA 32 62.23 -22.82 48.25
CA ARG IA 32 61.57 -23.19 49.49
C ARG IA 32 61.73 -22.16 50.60
N ASN IA 33 62.51 -21.09 50.37
CA ASN IA 33 62.65 -20.02 51.33
C ASN IA 33 61.30 -19.44 51.68
N TRP IA 34 61.05 -19.25 52.97
CA TRP IA 34 59.72 -18.89 53.42
C TRP IA 34 59.36 -17.48 52.98
N ARG IA 35 58.18 -17.34 52.39
CA ARG IA 35 57.59 -16.05 52.08
C ARG IA 35 56.16 -16.04 52.60
N LYS IA 36 55.80 -14.99 53.28
CA LYS IA 36 54.46 -14.88 53.83
C LYS IA 36 53.44 -14.76 52.70
N PRO IA 37 52.43 -15.62 52.65
CA PRO IA 37 51.39 -15.48 51.63
C PRO IA 37 50.54 -14.25 51.90
N ARG IA 38 50.31 -13.46 50.87
CA ARG IA 38 49.51 -12.25 51.02
C ARG IA 38 48.35 -12.19 50.05
N GLY IA 39 47.99 -13.31 49.43
CA GLY IA 39 46.88 -13.29 48.51
C GLY IA 39 45.55 -13.14 49.22
N ILE IA 40 44.58 -12.56 48.50
CA ILE IA 40 43.29 -12.29 49.10
C ILE IA 40 42.56 -13.59 49.42
N ASP IA 41 42.84 -14.66 48.68
CA ASP IA 41 42.15 -15.93 48.85
C ASP IA 41 43.06 -17.05 49.32
N ASN IA 42 44.26 -16.74 49.78
CA ASN IA 42 45.23 -17.77 50.08
C ASN IA 42 44.82 -18.56 51.32
N ARG IA 43 44.69 -19.87 51.16
CA ARG IA 43 44.28 -20.72 52.26
C ARG IA 43 45.40 -21.00 53.25
N VAL IA 44 46.66 -20.95 52.83
CA VAL IA 44 47.76 -21.03 53.79
C VAL IA 44 47.75 -19.81 54.68
N ARG IA 45 47.58 -18.62 54.10
CA ARG IA 45 47.48 -17.41 54.90
C ARG IA 45 46.27 -17.45 55.81
N ARG IA 46 45.13 -17.90 55.28
CA ARG IA 46 43.92 -17.99 56.09
C ARG IA 46 43.97 -19.11 57.11
N ARG IA 47 44.96 -20.00 57.03
CA ARG IA 47 45.22 -21.04 58.02
C ARG IA 47 44.14 -22.13 58.02
N PHE IA 48 43.73 -22.55 56.83
CA PHE IA 48 42.85 -23.70 56.72
C PHE IA 48 43.59 -24.96 57.13
N LYS IA 49 42.83 -25.94 57.62
CA LYS IA 49 43.44 -27.16 58.14
C LYS IA 49 44.07 -27.97 57.02
N GLY IA 50 45.13 -28.68 57.35
CA GLY IA 50 45.82 -29.52 56.40
C GLY IA 50 46.76 -28.81 55.46
N GLN IA 51 46.95 -27.50 55.63
CA GLN IA 51 47.77 -26.71 54.73
C GLN IA 51 49.16 -26.53 55.33
N ILE IA 52 50.01 -25.83 54.56
CA ILE IA 52 51.35 -25.51 55.00
C ILE IA 52 51.28 -24.56 56.19
N LEU IA 53 52.04 -24.87 57.24
CA LEU IA 53 52.03 -24.05 58.43
C LEU IA 53 52.86 -22.79 58.25
N MET IA 54 52.50 -21.76 58.98
CA MET IA 54 53.16 -20.47 58.90
C MET IA 54 54.04 -20.27 60.11
N PRO IA 55 55.29 -19.85 59.93
CA PRO IA 55 56.15 -19.56 61.08
C PRO IA 55 55.62 -18.38 61.86
N ASN IA 56 55.57 -18.53 63.18
CA ASN IA 56 55.21 -17.46 64.08
C ASN IA 56 56.02 -17.62 65.35
N ILE IA 57 55.92 -16.62 66.23
CA ILE IA 57 56.82 -16.53 67.36
C ILE IA 57 56.60 -17.64 68.39
N GLY IA 58 55.46 -18.30 68.36
CA GLY IA 58 55.21 -19.35 69.32
C GLY IA 58 56.12 -20.54 69.18
N TYR IA 59 56.75 -20.70 68.01
CA TYR IA 59 57.69 -21.77 67.77
C TYR IA 59 59.07 -21.48 68.33
N GLY IA 60 59.26 -20.35 69.00
CA GLY IA 60 60.58 -19.97 69.43
C GLY IA 60 61.18 -20.96 70.41
N SER IA 61 62.50 -21.09 70.33
CA SER IA 61 63.23 -22.00 71.19
C SER IA 61 63.34 -21.43 72.60
N ASN IA 62 63.47 -22.33 73.57
CA ASN IA 62 63.80 -21.93 74.93
C ASN IA 62 65.09 -21.13 74.93
N LYS IA 63 65.08 -19.99 75.62
CA LYS IA 63 66.23 -19.10 75.60
C LYS IA 63 67.45 -19.71 76.26
N LYS IA 64 67.27 -20.72 77.10
CA LYS IA 64 68.40 -21.38 77.73
C LYS IA 64 69.11 -22.31 76.75
N THR IA 65 68.40 -22.84 75.77
CA THR IA 65 68.98 -23.79 74.82
C THR IA 65 68.93 -23.27 73.39
N LYS IA 66 68.82 -21.95 73.20
CA LYS IA 66 68.79 -21.40 71.86
C LYS IA 66 70.20 -21.27 71.31
N HIS IA 67 70.34 -21.49 70.00
CA HIS IA 67 71.60 -21.50 69.26
C HIS IA 67 72.58 -22.55 69.75
N MET IA 68 72.09 -23.60 70.39
CA MET IA 68 72.94 -24.56 71.07
C MET IA 68 73.11 -25.81 70.20
N LEU IA 69 74.35 -26.17 69.95
CA LEU IA 69 74.66 -27.33 69.13
C LEU IA 69 74.24 -28.60 69.84
N PRO IA 70 74.07 -29.70 69.11
CA PRO IA 70 73.78 -30.98 69.76
C PRO IA 70 74.87 -31.44 70.72
N SER IA 71 76.07 -30.87 70.61
CA SER IA 71 77.12 -31.21 71.56
C SER IA 71 76.98 -30.49 72.89
N GLY IA 72 76.16 -29.46 72.95
CA GLY IA 72 76.02 -28.66 74.14
C GLY IA 72 76.74 -27.33 74.10
N PHE IA 73 77.59 -27.10 73.11
CA PHE IA 73 78.32 -25.86 72.99
C PHE IA 73 77.56 -24.89 72.09
N ARG IA 74 78.04 -23.66 72.02
CA ARG IA 74 77.59 -22.69 71.05
C ARG IA 74 78.78 -22.30 70.18
N LYS IA 75 78.59 -22.24 68.87
CA LYS IA 75 79.72 -22.06 67.98
C LYS IA 75 80.11 -20.59 67.88
N PHE IA 76 81.40 -20.36 67.68
CA PHE IA 76 81.95 -19.05 67.41
C PHE IA 76 82.93 -19.17 66.26
N LEU IA 77 82.75 -18.34 65.23
CA LEU IA 77 83.57 -18.45 64.04
C LEU IA 77 84.90 -17.73 64.23
N VAL IA 78 86.00 -18.41 63.91
CA VAL IA 78 87.33 -17.85 64.05
C VAL IA 78 88.03 -17.90 62.71
N HIS IA 79 88.81 -16.85 62.43
CA HIS IA 79 89.60 -16.77 61.22
C HIS IA 79 91.10 -16.90 61.47
N ASN IA 80 91.54 -16.82 62.71
CA ASN IA 80 92.95 -16.98 63.03
C ASN IA 80 93.09 -17.26 64.52
N VAL IA 81 94.34 -17.40 64.97
CA VAL IA 81 94.63 -17.80 66.35
C VAL IA 81 94.24 -16.69 67.31
N LYS IA 82 94.46 -15.44 66.93
CA LYS IA 82 94.11 -14.33 67.81
C LYS IA 82 92.62 -14.33 68.13
N GLU IA 83 91.77 -14.56 67.13
CA GLU IA 83 90.35 -14.71 67.39
C GLU IA 83 90.05 -15.95 68.20
N LEU IA 84 90.93 -16.94 68.17
CA LEU IA 84 90.71 -18.14 68.97
C LEU IA 84 90.91 -17.85 70.45
N GLU IA 85 91.88 -17.00 70.80
CA GLU IA 85 92.10 -16.78 72.23
C GLU IA 85 90.97 -16.07 72.95
N VAL IA 86 89.98 -15.50 72.25
CA VAL IA 86 88.88 -14.87 72.97
C VAL IA 86 88.00 -15.87 73.70
N LEU IA 87 88.11 -17.15 73.37
CA LEU IA 87 87.32 -18.19 74.01
C LEU IA 87 88.08 -18.88 75.13
N LEU IA 88 89.20 -18.31 75.58
CA LEU IA 88 89.99 -18.92 76.63
C LEU IA 88 89.20 -19.04 77.92
N MET IA 89 88.43 -18.01 78.26
CA MET IA 89 87.63 -17.99 79.47
C MET IA 89 86.20 -18.46 79.23
N CYS IA 90 85.88 -18.89 78.02
CA CYS IA 90 84.60 -19.49 77.68
C CYS IA 90 84.78 -20.89 77.12
N ASN IA 91 85.68 -21.66 77.73
CA ASN IA 91 86.02 -22.98 77.21
C ASN IA 91 84.82 -23.90 77.18
N LYS IA 92 84.02 -23.86 78.23
CA LYS IA 92 83.02 -24.88 78.47
C LYS IA 92 81.63 -24.46 78.05
N SER IA 93 81.49 -23.34 77.34
CA SER IA 93 80.21 -22.97 76.77
C SER IA 93 80.27 -22.69 75.28
N TYR IA 94 81.42 -22.25 74.76
CA TYR IA 94 81.54 -21.89 73.36
C TYR IA 94 82.67 -22.67 72.71
N CYS IA 95 82.40 -23.15 71.51
CA CYS IA 95 83.34 -23.93 70.74
C CYS IA 95 83.71 -23.12 69.50
N ALA IA 96 84.99 -23.05 69.21
CA ALA IA 96 85.42 -22.37 68.00
C ALA IA 96 85.15 -23.24 66.78
N GLU IA 97 84.99 -22.59 65.64
CA GLU IA 97 85.12 -23.31 64.38
C GLU IA 97 85.79 -22.42 63.36
N ILE IA 98 86.61 -23.04 62.54
CA ILE IA 98 87.48 -22.32 61.62
C ILE IA 98 86.70 -21.93 60.37
N ALA IA 99 86.90 -20.71 59.90
CA ALA IA 99 86.20 -20.23 58.72
C ALA IA 99 86.56 -21.06 57.50
N HIS IA 100 85.63 -21.14 56.55
CA HIS IA 100 85.78 -22.00 55.39
C HIS IA 100 86.92 -21.60 54.49
N ASN IA 101 87.33 -20.34 54.52
CA ASN IA 101 88.36 -19.85 53.62
C ASN IA 101 89.72 -19.75 54.28
N VAL IA 102 89.89 -20.31 55.47
CA VAL IA 102 91.19 -20.35 56.11
C VAL IA 102 92.01 -21.49 55.53
N SER IA 103 93.25 -21.21 55.16
CA SER IA 103 94.07 -22.19 54.45
C SER IA 103 94.43 -23.35 55.36
N SER IA 104 94.88 -24.43 54.75
CA SER IA 104 95.15 -25.67 55.48
C SER IA 104 96.29 -25.49 56.49
N LYS IA 105 97.37 -24.84 56.06
CA LYS IA 105 98.51 -24.66 56.95
C LYS IA 105 98.16 -23.79 58.15
N ASN IA 106 97.31 -22.80 57.96
CA ASN IA 106 96.93 -21.93 59.07
C ASN IA 106 95.91 -22.59 59.99
N ARG IA 107 94.98 -23.35 59.43
CA ARG IA 107 94.04 -24.03 60.30
C ARG IA 107 94.68 -25.16 61.07
N LYS IA 108 95.80 -25.70 60.59
CA LYS IA 108 96.57 -26.63 61.42
C LYS IA 108 97.05 -25.96 62.70
N ALA IA 109 97.60 -24.76 62.60
CA ALA IA 109 98.04 -24.02 63.78
C ALA IA 109 96.88 -23.63 64.68
N ILE IA 110 95.74 -23.26 64.09
CA ILE IA 110 94.57 -22.95 64.91
C ILE IA 110 94.13 -24.17 65.69
N VAL IA 111 94.12 -25.34 65.05
CA VAL IA 111 93.71 -26.57 65.72
C VAL IA 111 94.67 -26.89 66.87
N GLU IA 112 95.97 -26.74 66.63
CA GLU IA 112 96.95 -26.99 67.67
C GLU IA 112 96.76 -26.06 68.87
N ARG IA 113 96.57 -24.77 68.60
CA ARG IA 113 96.39 -23.81 69.68
C ARG IA 113 95.11 -24.10 70.46
N ALA IA 114 94.04 -24.49 69.76
CA ALA IA 114 92.79 -24.81 70.44
C ALA IA 114 92.96 -26.02 71.33
N ALA IA 115 93.71 -27.02 70.87
CA ALA IA 115 94.01 -28.17 71.73
C ALA IA 115 94.77 -27.73 72.97
N GLN IA 116 95.72 -26.80 72.81
CA GLN IA 116 96.45 -26.30 73.97
C GLN IA 116 95.53 -25.59 74.94
N LEU IA 117 94.59 -24.80 74.43
CA LEU IA 117 93.73 -24.00 75.28
C LEU IA 117 92.47 -24.73 75.71
N ALA IA 118 92.31 -26.00 75.35
CA ALA IA 118 91.13 -26.80 75.69
C ALA IA 118 89.86 -26.18 75.12
N ILE IA 119 89.96 -25.66 73.91
CA ILE IA 119 88.82 -25.12 73.17
C ILE IA 119 88.38 -26.18 72.18
N ARG IA 120 87.09 -26.47 72.16
CA ARG IA 120 86.58 -27.47 71.24
C ARG IA 120 86.39 -26.87 69.85
N VAL IA 121 86.85 -27.59 68.83
CA VAL IA 121 86.72 -27.17 67.45
C VAL IA 121 85.70 -28.08 66.76
N THR IA 122 84.70 -27.49 66.13
CA THR IA 122 83.66 -28.29 65.50
C THR IA 122 84.12 -28.92 64.19
N ASN IA 123 85.15 -28.38 63.56
CA ASN IA 123 85.71 -28.93 62.33
C ASN IA 123 87.23 -29.04 62.44
N PRO IA 124 87.72 -29.88 63.35
CA PRO IA 124 89.16 -29.91 63.60
C PRO IA 124 89.96 -30.62 62.53
N ASN IA 125 89.34 -31.53 61.76
CA ASN IA 125 90.02 -32.24 60.69
C ASN IA 125 89.32 -31.89 59.39
N ALA IA 126 89.70 -30.75 58.82
CA ALA IA 126 88.93 -30.17 57.73
C ALA IA 126 89.74 -29.87 56.47
N ARG IA 127 91.06 -29.77 56.54
CA ARG IA 127 91.86 -29.61 55.32
C ARG IA 127 93.17 -30.34 55.55
N LEU IA 128 93.19 -31.62 55.19
CA LEU IA 128 94.36 -32.45 55.41
C LEU IA 128 94.29 -33.75 54.62
N SER JA 1 56.82 -71.18 77.77
CA SER JA 1 55.92 -72.29 78.02
C SER JA 1 54.46 -71.87 77.89
N GLY JA 2 54.22 -70.55 77.80
CA GLY JA 2 52.86 -70.06 77.71
C GLY JA 2 52.83 -68.61 77.32
N ARG JA 3 51.63 -68.14 77.00
CA ARG JA 3 51.50 -66.85 76.34
C ARG JA 3 51.84 -65.69 77.26
N LEU JA 4 51.30 -65.67 78.48
CA LEU JA 4 51.61 -64.64 79.46
C LEU JA 4 51.32 -63.20 79.06
N TRP JA 5 50.61 -62.97 77.95
CA TRP JA 5 50.13 -61.63 77.64
C TRP JA 5 48.76 -61.72 77.01
N SER JA 6 47.91 -60.78 77.38
CA SER JA 6 46.59 -60.69 76.77
C SER JA 6 46.69 -60.16 75.35
N LYS JA 7 45.83 -60.66 74.49
CA LYS JA 7 45.77 -60.24 73.10
C LYS JA 7 44.92 -58.99 72.98
N ALA JA 8 45.45 -57.99 72.27
CA ALA JA 8 44.72 -56.77 72.00
C ALA JA 8 44.88 -56.46 70.52
N ILE JA 9 43.95 -55.67 70.00
CA ILE JA 9 43.97 -55.25 68.61
C ILE JA 9 44.12 -53.74 68.58
N PHE JA 10 45.06 -53.25 67.78
CA PHE JA 10 45.22 -51.82 67.59
C PHE JA 10 44.08 -51.33 66.70
N ALA JA 11 43.04 -50.76 67.30
CA ALA JA 11 41.85 -50.40 66.52
C ALA JA 11 42.04 -49.10 65.74
N GLY JA 12 42.75 -48.13 66.28
CA GLY JA 12 42.92 -46.86 65.61
C GLY JA 12 43.45 -45.83 66.57
N TYR JA 13 43.44 -44.59 66.12
CA TYR JA 13 43.89 -43.50 66.98
C TYR JA 13 42.70 -42.82 67.65
N LYS JA 14 43.00 -42.17 68.76
CA LYS JA 14 42.01 -41.30 69.40
C LYS JA 14 41.69 -40.16 68.45
N ARG JA 15 40.41 -39.98 68.16
CA ARG JA 15 40.05 -39.15 67.02
C ARG JA 15 38.66 -38.59 67.21
N GLY JA 16 38.41 -37.50 66.51
CA GLY JA 16 37.05 -37.08 66.18
C GLY JA 16 36.66 -37.71 64.87
N LEU JA 17 35.67 -37.11 64.22
CA LEU JA 17 35.35 -37.59 62.88
C LEU JA 17 36.41 -37.16 61.87
N ARG JA 18 36.87 -35.92 61.97
CA ARG JA 18 37.77 -35.38 60.94
C ARG JA 18 39.08 -34.89 61.53
N ASN JA 19 39.43 -35.30 62.75
CA ASN JA 19 40.72 -34.98 63.33
C ASN JA 19 41.27 -36.23 63.99
N GLN JA 20 42.59 -36.35 64.01
CA GLN JA 20 43.24 -37.56 64.48
C GLN JA 20 44.40 -37.18 65.38
N ARG JA 21 44.37 -37.67 66.62
CA ARG JA 21 45.44 -37.42 67.59
C ARG JA 21 46.27 -38.68 67.65
N GLU JA 22 47.33 -38.72 66.85
CA GLU JA 22 48.13 -39.92 66.71
C GLU JA 22 48.93 -40.26 67.96
N HIS JA 23 49.07 -39.32 68.89
CA HIS JA 23 49.92 -39.60 70.06
C HIS JA 23 49.33 -40.63 71.00
N THR JA 24 48.05 -40.95 70.87
CA THR JA 24 47.41 -41.96 71.69
C THR JA 24 46.58 -42.88 70.82
N ALA JA 25 46.49 -44.14 71.25
CA ALA JA 25 45.90 -45.21 70.45
C ALA JA 25 44.77 -45.88 71.22
N LEU JA 26 43.86 -46.49 70.47
CA LEU JA 26 42.76 -47.25 71.05
C LEU JA 26 42.99 -48.73 70.81
N LEU JA 27 42.79 -49.53 71.85
CA LEU JA 27 43.04 -50.96 71.80
C LEU JA 27 41.79 -51.72 72.22
N LYS JA 28 41.48 -52.78 71.50
CA LYS JA 28 40.40 -53.69 71.86
C LYS JA 28 41.03 -54.94 72.44
N ILE JA 29 40.90 -55.12 73.75
CA ILE JA 29 41.45 -56.30 74.40
C ILE JA 29 40.44 -57.43 74.31
N GLU JA 30 40.91 -58.64 74.01
CA GLU JA 30 40.01 -59.77 73.89
C GLU JA 30 39.34 -60.08 75.22
N GLY JA 31 38.05 -60.35 75.16
CA GLY JA 31 37.32 -60.74 76.35
C GLY JA 31 36.89 -59.59 77.22
N VAL JA 32 37.25 -58.37 76.88
CA VAL JA 32 36.93 -57.18 77.65
C VAL JA 32 35.95 -56.38 76.81
N TYR JA 33 34.67 -56.47 77.13
CA TYR JA 33 33.65 -55.80 76.33
C TYR JA 33 32.75 -54.91 77.15
N ALA JA 34 33.16 -54.55 78.37
CA ALA JA 34 32.46 -53.58 79.19
C ALA JA 34 33.49 -52.63 79.79
N ARG JA 35 33.05 -51.41 80.07
CA ARG JA 35 33.95 -50.43 80.66
C ARG JA 35 34.34 -50.82 82.08
N ASP JA 36 33.45 -51.49 82.80
CA ASP JA 36 33.77 -51.92 84.16
C ASP JA 36 34.76 -53.07 84.21
N GLU JA 37 35.04 -53.72 83.08
CA GLU JA 37 36.02 -54.79 83.03
C GLU JA 37 37.42 -54.29 82.73
N THR JA 38 37.58 -53.03 82.36
CA THR JA 38 38.88 -52.51 81.95
C THR JA 38 39.75 -52.09 83.11
N GLU JA 39 39.24 -52.17 84.34
CA GLU JA 39 40.02 -51.69 85.47
C GLU JA 39 41.28 -52.52 85.69
N PHE JA 40 41.23 -53.80 85.35
CA PHE JA 40 42.40 -54.66 85.55
C PHE JA 40 43.58 -54.19 84.71
N TYR JA 41 43.32 -53.69 83.51
CA TYR JA 41 44.37 -53.43 82.54
C TYR JA 41 44.94 -52.03 82.60
N LEU JA 42 44.42 -51.17 83.47
CA LEU JA 42 44.91 -49.80 83.54
C LEU JA 42 46.35 -49.79 84.04
N GLY JA 43 47.21 -49.10 83.33
CA GLY JA 43 48.61 -49.02 83.69
C GLY JA 43 49.45 -50.17 83.23
N LYS JA 44 48.85 -51.22 82.68
CA LYS JA 44 49.60 -52.38 82.22
C LYS JA 44 50.46 -52.02 81.02
N ARG JA 45 51.65 -52.59 80.95
CA ARG JA 45 52.52 -52.38 79.81
C ARG JA 45 51.97 -53.09 78.59
N CYS JA 46 52.05 -52.42 77.44
CA CYS JA 46 51.64 -53.03 76.19
C CYS JA 46 52.71 -52.80 75.14
N ALA JA 47 52.91 -53.79 74.28
CA ALA JA 47 53.96 -53.76 73.28
C ALA JA 47 53.39 -54.07 71.91
N TYR JA 48 53.87 -53.35 70.91
CA TYR JA 48 53.64 -53.68 69.52
C TYR JA 48 54.91 -54.31 68.98
N VAL JA 49 54.86 -55.62 68.74
CA VAL JA 49 56.03 -56.39 68.34
C VAL JA 49 55.93 -56.69 66.85
N TYR JA 50 56.98 -56.38 66.10
CA TYR JA 50 57.00 -56.56 64.67
C TYR JA 50 58.38 -57.04 64.24
N LYS JA 51 58.51 -57.38 62.96
CA LYS JA 51 59.78 -57.79 62.38
C LYS JA 51 60.19 -56.82 61.29
N ALA JA 52 61.49 -56.59 61.16
CA ALA JA 52 62.01 -55.74 60.11
C ALA JA 52 63.08 -56.50 59.33
N LYS JA 53 63.82 -55.78 58.49
CA LYS JA 53 64.78 -56.42 57.61
C LYS JA 53 66.16 -56.55 58.24
N ASN JA 54 66.65 -55.48 58.88
CA ASN JA 54 67.95 -55.52 59.52
C ASN JA 54 67.84 -56.10 60.92
N ASN JA 55 68.93 -56.67 61.41
CA ASN JA 55 68.99 -57.17 62.77
C ASN JA 55 69.16 -56.03 63.75
N THR JA 56 68.57 -56.19 64.93
CA THR JA 56 68.70 -55.25 66.03
C THR JA 56 69.00 -56.01 67.31
N VAL JA 57 69.64 -55.33 68.26
CA VAL JA 57 70.07 -56.00 69.47
C VAL JA 57 68.87 -56.41 70.31
N THR JA 58 68.94 -57.61 70.88
CA THR JA 58 67.89 -58.15 71.72
C THR JA 58 68.39 -58.22 73.15
N PRO JA 59 67.73 -57.56 74.10
CA PRO JA 59 68.16 -57.66 75.51
C PRO JA 59 68.05 -59.10 75.99
N GLY JA 60 69.16 -59.61 76.52
CA GLY JA 60 69.23 -61.00 76.93
C GLY JA 60 69.15 -61.97 75.78
N GLY JA 61 69.81 -61.68 74.67
CA GLY JA 61 69.80 -62.59 73.54
C GLY JA 61 70.63 -62.06 72.40
N LYS JA 62 70.73 -62.85 71.39
CA LYS JA 62 71.46 -62.47 70.18
C LYS JA 62 70.56 -61.65 69.27
N PRO JA 63 71.13 -60.78 68.43
CA PRO JA 63 70.30 -59.93 67.57
C PRO JA 63 69.45 -60.75 66.61
N ASN JA 64 68.20 -60.33 66.46
CA ASN JA 64 67.27 -60.93 65.51
C ASN JA 64 66.57 -59.80 64.78
N LYS JA 65 65.51 -60.15 64.05
CA LYS JA 65 64.76 -59.17 63.27
C LYS JA 65 63.59 -58.58 64.03
N THR JA 66 63.38 -58.97 65.27
CA THR JA 66 62.24 -58.50 66.03
C THR JA 66 62.51 -57.12 66.62
N ARG JA 67 61.59 -56.20 66.40
CA ARG JA 67 61.59 -54.88 67.01
C ARG JA 67 60.31 -54.74 67.83
N VAL JA 68 60.28 -53.74 68.71
CA VAL JA 68 59.14 -53.55 69.59
C VAL JA 68 58.99 -52.07 69.89
N ILE JA 69 57.73 -51.61 70.02
CA ILE JA 69 57.41 -50.29 70.52
C ILE JA 69 56.63 -50.48 71.81
N TRP JA 70 57.13 -49.92 72.90
CA TRP JA 70 56.51 -50.09 74.20
C TRP JA 70 55.51 -48.98 74.47
N GLY JA 71 54.61 -49.26 75.40
CA GLY JA 71 53.60 -48.31 75.79
C GLY JA 71 52.91 -48.80 77.04
N LYS JA 72 51.80 -48.15 77.37
CA LYS JA 72 51.02 -48.62 78.51
C LYS JA 72 49.59 -48.14 78.38
N VAL JA 73 48.68 -48.89 78.99
CA VAL JA 73 47.29 -48.50 79.04
C VAL JA 73 47.13 -47.32 79.98
N THR JA 74 46.43 -46.29 79.52
CA THR JA 74 46.27 -45.07 80.30
C THR JA 74 44.89 -44.93 80.91
N ARG JA 75 43.83 -45.27 80.18
CA ARG JA 75 42.48 -45.13 80.70
C ARG JA 75 41.54 -45.96 79.83
N ALA JA 76 40.28 -46.02 80.25
CA ALA JA 76 39.26 -46.67 79.48
C ALA JA 76 38.69 -45.72 78.45
N HIS JA 77 38.18 -46.27 77.37
CA HIS JA 77 37.63 -45.51 76.25
C HIS JA 77 36.24 -46.04 75.95
N GLY JA 78 35.24 -45.16 76.04
CA GLY JA 78 33.92 -45.61 75.72
C GLY JA 78 33.36 -46.55 76.77
N ASN JA 79 32.25 -47.20 76.41
CA ASN JA 79 31.55 -48.12 77.30
C ASN JA 79 31.80 -49.57 77.00
N SER JA 80 32.54 -49.89 75.93
CA SER JA 80 32.58 -51.24 75.38
C SER JA 80 33.92 -51.93 75.58
N GLY JA 81 34.70 -51.49 76.55
CA GLY JA 81 35.92 -52.18 76.88
C GLY JA 81 37.14 -51.77 76.11
N MET JA 82 37.05 -50.79 75.22
CA MET JA 82 38.24 -50.27 74.59
C MET JA 82 39.08 -49.52 75.61
N VAL JA 83 40.39 -49.48 75.37
CA VAL JA 83 41.27 -48.74 76.25
C VAL JA 83 42.13 -47.80 75.41
N ARG JA 84 42.68 -46.79 76.06
CA ARG JA 84 43.65 -45.91 75.43
C ARG JA 84 45.05 -46.31 75.87
N ALA JA 85 46.01 -46.05 74.99
CA ALA JA 85 47.39 -46.41 75.23
C ALA JA 85 48.30 -45.31 74.69
N LYS JA 86 49.33 -44.99 75.45
CA LYS JA 86 50.39 -44.09 75.00
C LYS JA 86 51.64 -44.92 74.79
N PHE JA 87 52.14 -44.93 73.57
CA PHE JA 87 53.39 -45.60 73.26
C PHE JA 87 54.52 -44.58 73.20
N ARG JA 88 55.75 -45.07 73.29
CA ARG JA 88 56.89 -44.17 73.29
C ARG JA 88 57.00 -43.42 71.97
N SER JA 89 56.80 -44.10 70.86
CA SER JA 89 56.61 -43.45 69.58
C SER JA 89 55.23 -43.81 69.09
N ASN JA 90 54.57 -42.85 68.44
CA ASN JA 90 53.22 -43.05 67.95
C ASN JA 90 53.18 -44.28 67.06
N LEU JA 91 52.17 -45.11 67.25
CA LEU JA 91 52.12 -46.38 66.53
C LEU JA 91 52.00 -46.12 65.03
N PRO JA 92 52.69 -46.89 64.20
CA PRO JA 92 52.53 -46.74 62.76
C PRO JA 92 51.13 -47.14 62.33
N ALA JA 93 50.66 -46.49 61.27
CA ALA JA 93 49.32 -46.77 60.79
C ALA JA 93 49.20 -48.13 60.11
N LYS JA 94 50.31 -48.80 59.82
CA LYS JA 94 50.25 -50.13 59.25
C LYS JA 94 49.84 -51.17 60.29
N ALA JA 95 49.90 -50.81 61.57
CA ALA JA 95 49.58 -51.74 62.64
C ALA JA 95 48.09 -51.80 62.94
N ILE JA 96 47.27 -51.01 62.27
CA ILE JA 96 45.84 -51.00 62.56
C ILE JA 96 45.24 -52.34 62.16
N GLY JA 97 44.54 -52.96 63.11
CA GLY JA 97 44.04 -54.30 62.92
C GLY JA 97 45.02 -55.40 63.25
N HIS JA 98 46.13 -55.07 63.89
CA HIS JA 98 47.16 -56.04 64.23
C HIS JA 98 47.30 -56.17 65.74
N ARG JA 99 48.22 -57.03 66.14
CA ARG JA 99 48.31 -57.52 67.51
C ARG JA 99 49.12 -56.58 68.38
N ILE JA 100 48.56 -56.22 69.53
CA ILE JA 100 49.28 -55.62 70.64
C ILE JA 100 49.25 -56.63 71.77
N ARG JA 101 50.32 -56.69 72.53
CA ARG JA 101 50.39 -57.57 73.70
C ARG JA 101 50.26 -56.73 74.96
N VAL JA 102 49.41 -57.17 75.88
CA VAL JA 102 49.29 -56.53 77.19
C VAL JA 102 49.89 -57.47 78.22
N MET JA 103 51.00 -57.07 78.83
CA MET JA 103 51.92 -58.02 79.43
C MET JA 103 51.71 -58.34 80.89
N LEU JA 104 50.75 -57.72 81.58
CA LEU JA 104 50.52 -57.89 83.02
C LEU JA 104 51.66 -57.40 83.89
N TYR JA 105 52.71 -56.77 83.33
CA TYR JA 105 53.95 -56.57 84.09
C TYR JA 105 53.76 -55.72 85.33
N PRO JA 106 53.16 -54.52 85.29
CA PRO JA 106 53.03 -53.80 86.56
C PRO JA 106 51.72 -54.16 87.26
N SER JA 107 51.69 -55.38 87.79
CA SER JA 107 50.48 -55.93 88.36
C SER JA 107 50.15 -55.28 89.70
N ARG JA 108 48.86 -55.15 89.96
CA ARG JA 108 48.36 -54.63 91.23
C ARG JA 108 47.54 -55.66 91.98
N ILE JA 109 47.54 -56.91 91.54
CA ILE JA 109 46.78 -57.95 92.21
C ILE JA 109 47.71 -58.84 93.02
N VAL KA 1 58.84 -26.28 -39.73
CA VAL KA 1 59.31 -25.05 -40.32
C VAL KA 1 60.34 -24.39 -39.39
N GLN KA 2 61.30 -23.70 -39.97
CA GLN KA 2 62.29 -22.97 -39.18
C GLN KA 2 61.73 -21.61 -38.81
N ARG KA 3 61.57 -21.37 -37.51
CA ARG KA 3 61.04 -20.12 -37.01
C ARG KA 3 62.16 -19.10 -36.82
N LEU KA 4 61.78 -17.86 -36.60
CA LEU KA 4 62.67 -16.72 -36.73
C LEU KA 4 62.81 -15.97 -35.42
N THR KA 5 63.86 -15.16 -35.35
CA THR KA 5 64.09 -14.27 -34.22
C THR KA 5 64.50 -12.90 -34.74
N TYR KA 6 64.22 -11.88 -33.94
CA TYR KA 6 64.76 -10.56 -34.22
C TYR KA 6 66.27 -10.57 -34.06
N ARG KA 7 66.94 -9.76 -34.86
CA ARG KA 7 68.39 -9.67 -34.81
C ARG KA 7 68.90 -8.48 -34.04
N ARG KA 8 68.01 -7.65 -33.50
CA ARG KA 8 68.37 -6.51 -32.69
C ARG KA 8 67.60 -6.57 -31.39
N ARG KA 9 67.92 -5.64 -30.49
CA ARG KA 9 67.31 -5.64 -29.17
C ARG KA 9 65.94 -4.97 -29.15
N LEU KA 10 65.50 -4.36 -30.25
CA LEU KA 10 64.14 -3.87 -30.33
C LEU KA 10 63.22 -5.04 -30.57
N SER KA 11 62.33 -5.30 -29.61
CA SER KA 11 61.51 -6.50 -29.63
C SER KA 11 60.06 -6.23 -29.97
N TYR KA 12 59.70 -5.00 -30.32
CA TYR KA 12 58.32 -4.63 -30.55
C TYR KA 12 58.09 -4.33 -32.02
N ASN KA 13 56.86 -4.52 -32.46
CA ASN KA 13 56.49 -4.37 -33.87
C ASN KA 13 56.17 -2.92 -34.21
N THR KA 14 57.14 -2.05 -33.94
CA THR KA 14 56.98 -0.64 -34.22
C THR KA 14 57.31 -0.35 -35.67
N ALA KA 15 57.12 0.91 -36.07
CA ALA KA 15 57.33 1.32 -37.45
C ALA KA 15 58.80 1.33 -37.85
N SER KA 16 59.72 1.29 -36.89
CA SER KA 16 61.14 1.22 -37.17
C SER KA 16 61.70 -0.19 -37.04
N ASN KA 17 60.85 -1.18 -36.82
CA ASN KA 17 61.27 -2.55 -36.59
C ASN KA 17 60.65 -3.48 -37.61
N LYS KA 18 60.61 -3.04 -38.87
CA LYS KA 18 59.95 -3.79 -39.93
C LYS KA 18 60.98 -4.58 -40.73
N THR KA 19 60.63 -5.82 -41.06
CA THR KA 19 61.58 -6.76 -41.62
C THR KA 19 61.00 -7.43 -42.85
N ARG KA 20 61.87 -8.11 -43.58
CA ARG KA 20 61.47 -9.00 -44.67
C ARG KA 20 62.31 -10.26 -44.58
N LEU KA 21 61.82 -11.33 -45.19
CA LEU KA 21 62.52 -12.60 -45.15
C LEU KA 21 63.55 -12.68 -46.26
N SER KA 22 64.73 -13.20 -45.92
CA SER KA 22 65.81 -13.38 -46.87
C SER KA 22 66.37 -14.78 -46.75
N ARG KA 23 66.70 -15.38 -47.87
CA ARG KA 23 67.37 -16.69 -47.87
C ARG KA 23 68.85 -16.48 -48.17
N THR KA 24 69.69 -16.75 -47.19
CA THR KA 24 71.12 -16.57 -47.32
C THR KA 24 71.72 -17.68 -48.17
N PRO KA 25 72.96 -17.49 -48.63
CA PRO KA 25 73.67 -18.61 -49.27
C PRO KA 25 73.84 -19.81 -48.37
N GLY KA 26 73.74 -19.65 -47.06
CA GLY KA 26 73.81 -20.76 -46.14
C GLY KA 26 72.52 -21.55 -46.00
N ASN KA 27 71.54 -21.29 -46.87
CA ASN KA 27 70.26 -22.00 -46.89
C ASN KA 27 69.54 -21.87 -45.55
N ARG KA 28 69.47 -20.65 -45.04
CA ARG KA 28 68.68 -20.34 -43.86
C ARG KA 28 67.94 -19.04 -44.11
N ILE KA 29 66.78 -18.91 -43.49
CA ILE KA 29 65.96 -17.72 -43.63
C ILE KA 29 66.25 -16.80 -42.46
N VAL KA 30 66.57 -15.54 -42.76
CA VAL KA 30 66.86 -14.55 -41.75
C VAL KA 30 65.99 -13.33 -42.01
N TYR KA 31 65.96 -12.44 -41.03
CA TYR KA 31 65.29 -11.17 -41.16
C TYR KA 31 66.24 -10.14 -41.72
N LEU KA 32 65.76 -9.35 -42.67
CA LEU KA 32 66.46 -8.18 -43.16
C LEU KA 32 65.62 -6.97 -42.80
N TYR KA 33 66.21 -6.04 -42.07
CA TYR KA 33 65.48 -4.85 -41.65
C TYR KA 33 65.40 -3.88 -42.83
N THR KA 34 64.17 -3.54 -43.20
CA THR KA 34 63.95 -2.73 -44.38
C THR KA 34 63.94 -1.24 -44.03
N LYS KA 35 64.14 -0.43 -45.06
CA LYS KA 35 63.97 1.00 -44.94
C LYS KA 35 62.50 1.36 -45.16
N LYS KA 36 62.12 2.52 -44.65
CA LYS KA 36 60.75 2.97 -44.82
C LYS KA 36 60.48 3.31 -46.29
N VAL KA 37 59.23 3.20 -46.68
CA VAL KA 37 58.82 3.51 -48.04
C VAL KA 37 58.83 5.01 -48.23
N GLY KA 38 59.58 5.48 -49.22
CA GLY KA 38 59.65 6.90 -49.50
C GLY KA 38 58.47 7.41 -50.28
N LYS KA 39 58.37 8.73 -50.36
CA LYS KA 39 57.30 9.39 -51.07
C LYS KA 39 57.88 10.42 -52.04
N ALA KA 40 57.30 10.48 -53.24
CA ALA KA 40 57.63 11.52 -54.17
C ALA KA 40 57.10 12.85 -53.65
N PRO KA 41 57.65 13.98 -54.11
CA PRO KA 41 57.13 15.27 -53.67
C PRO KA 41 55.68 15.49 -54.09
N LYS KA 42 54.96 16.20 -53.26
CA LYS KA 42 53.67 16.75 -53.67
C LYS KA 42 53.88 18.07 -54.39
N SER KA 43 52.92 18.43 -55.23
CA SER KA 43 53.04 19.66 -55.99
C SER KA 43 52.84 20.86 -55.09
N ALA KA 44 53.61 21.92 -55.35
CA ALA KA 44 53.51 23.15 -54.56
C ALA KA 44 52.23 23.91 -54.84
N CYS KA 45 51.47 23.54 -55.86
CA CYS KA 45 50.18 24.17 -56.10
C CYS KA 45 49.22 23.88 -54.97
N GLY KA 46 49.31 22.69 -54.37
CA GLY KA 46 48.44 22.32 -53.29
C GLY KA 46 47.04 21.96 -53.71
N VAL KA 47 46.80 21.80 -55.00
CA VAL KA 47 45.47 21.54 -55.54
C VAL KA 47 45.34 20.11 -56.05
N CYS KA 48 46.15 19.73 -57.03
CA CYS KA 48 45.95 18.38 -57.52
C CYS KA 48 46.67 17.37 -56.63
N PRO KA 49 46.05 16.23 -56.37
CA PRO KA 49 46.52 15.33 -55.31
C PRO KA 49 47.62 14.35 -55.69
N GLY KA 50 47.91 14.19 -56.97
CA GLY KA 50 48.96 13.27 -57.36
C GLY KA 50 50.34 13.76 -56.99
N ARG KA 51 51.26 12.83 -56.89
CA ARG KA 51 52.64 13.14 -56.58
C ARG KA 51 53.45 13.26 -57.86
N LEU KA 52 54.58 13.95 -57.75
CA LEU KA 52 55.32 14.38 -58.93
C LEU KA 52 56.00 13.21 -59.63
N ARG KA 53 56.15 13.34 -60.93
CA ARG KA 53 56.82 12.36 -61.76
C ARG KA 53 58.26 12.79 -62.03
N GLY KA 54 59.07 11.82 -62.43
CA GLY KA 54 60.45 12.08 -62.74
C GLY KA 54 61.36 12.23 -61.54
N VAL KA 55 60.87 11.98 -60.34
CA VAL KA 55 61.64 12.16 -59.11
C VAL KA 55 61.58 10.88 -58.31
N ARG KA 56 62.73 10.44 -57.81
CA ARG KA 56 62.79 9.24 -57.00
C ARG KA 56 62.07 9.43 -55.68
N ALA KA 57 61.42 8.36 -55.22
CA ALA KA 57 60.71 8.36 -53.95
C ALA KA 57 61.60 7.70 -52.91
N VAL KA 58 62.34 8.51 -52.15
CA VAL KA 58 63.26 8.04 -51.15
C VAL KA 58 63.02 8.80 -49.86
N ARG KA 59 63.62 8.29 -48.79
CA ARG KA 59 63.57 8.99 -47.51
C ARG KA 59 64.31 10.32 -47.63
N PRO KA 60 63.90 11.33 -46.86
CA PRO KA 60 64.43 12.68 -47.10
C PRO KA 60 65.93 12.80 -46.97
N LYS KA 61 66.57 12.08 -46.06
CA LYS KA 61 68.01 12.21 -45.91
C LYS KA 61 68.78 11.47 -46.98
N VAL KA 62 68.12 10.62 -47.77
CA VAL KA 62 68.77 10.00 -48.91
C VAL KA 62 68.95 10.98 -50.05
N LEU KA 63 68.14 12.02 -50.12
CA LEU KA 63 68.24 12.98 -51.20
C LEU KA 63 69.54 13.75 -51.17
N MET KA 64 70.23 13.78 -50.04
CA MET KA 64 71.51 14.47 -49.95
C MET KA 64 72.55 13.83 -50.85
N ARG KA 65 72.52 12.50 -50.99
CA ARG KA 65 73.52 11.79 -51.77
C ARG KA 65 73.05 11.42 -53.17
N LEU KA 66 71.89 11.90 -53.58
CA LEU KA 66 71.45 11.70 -54.95
C LEU KA 66 71.94 12.85 -55.82
N SER KA 67 72.17 12.55 -57.10
CA SER KA 67 72.57 13.57 -58.04
C SER KA 67 71.39 14.51 -58.31
N LYS KA 68 71.70 15.65 -58.90
CA LYS KA 68 70.71 16.70 -59.07
C LYS KA 68 69.58 16.25 -60.00
N THR KA 69 69.92 15.52 -61.07
CA THR KA 69 68.94 15.12 -62.06
C THR KA 69 67.88 14.21 -61.45
N LYS KA 70 68.26 13.35 -60.53
CA LYS KA 70 67.30 12.42 -59.94
C LYS KA 70 66.29 13.12 -59.03
N LYS KA 71 66.48 14.40 -58.73
CA LYS KA 71 65.62 15.11 -57.79
C LYS KA 71 64.74 16.15 -58.45
N HIS KA 72 64.89 16.41 -59.75
CA HIS KA 72 64.10 17.45 -60.38
C HIS KA 72 63.86 17.12 -61.85
N VAL KA 73 62.95 17.87 -62.44
CA VAL KA 73 62.59 17.73 -63.84
C VAL KA 73 63.08 18.97 -64.58
N SER KA 74 63.38 18.80 -65.87
CA SER KA 74 63.93 19.88 -66.68
C SER KA 74 62.82 20.81 -67.16
N ARG KA 75 62.35 21.65 -66.24
CA ARG KA 75 61.31 22.62 -66.53
C ARG KA 75 61.34 23.67 -65.44
N ALA KA 76 60.73 24.82 -65.72
CA ALA KA 76 60.49 25.79 -64.66
C ALA KA 76 59.66 25.16 -63.56
N TYR KA 77 60.08 25.38 -62.32
CA TYR KA 77 59.48 24.76 -61.14
C TYR KA 77 59.60 23.25 -61.15
N GLY KA 78 60.49 22.71 -61.96
CA GLY KA 78 60.62 21.27 -62.10
C GLY KA 78 61.00 20.57 -60.82
N GLY KA 79 60.26 19.53 -60.46
CA GLY KA 79 60.48 18.87 -59.20
C GLY KA 79 59.84 19.54 -58.02
N SER KA 80 59.17 20.67 -58.23
CA SER KA 80 58.46 21.37 -57.18
C SER KA 80 57.01 21.61 -57.51
N MET KA 81 56.66 21.77 -58.78
CA MET KA 81 55.29 21.97 -59.20
C MET KA 81 55.00 21.12 -60.42
N CYS KA 82 53.75 20.70 -60.53
CA CYS KA 82 53.31 19.85 -61.62
C CYS KA 82 53.21 20.65 -62.92
N ALA KA 83 53.30 19.93 -64.04
CA ALA KA 83 53.30 20.56 -65.35
C ALA KA 83 51.97 21.25 -65.63
N LYS KA 84 50.86 20.63 -65.24
CA LYS KA 84 49.56 21.21 -65.51
C LYS KA 84 49.38 22.54 -64.80
N CYS KA 85 49.74 22.61 -63.53
CA CYS KA 85 49.61 23.86 -62.82
C CYS KA 85 50.66 24.87 -63.21
N VAL KA 86 51.81 24.43 -63.75
CA VAL KA 86 52.75 25.38 -64.33
C VAL KA 86 52.14 26.02 -65.58
N ARG KA 87 51.52 25.22 -66.45
CA ARG KA 87 50.84 25.78 -67.62
C ARG KA 87 49.74 26.75 -67.20
N ASP KA 88 48.96 26.36 -66.19
CA ASP KA 88 47.91 27.23 -65.69
C ASP KA 88 48.46 28.54 -65.17
N ARG KA 89 49.57 28.50 -64.43
CA ARG KA 89 50.16 29.73 -63.92
C ARG KA 89 50.71 30.61 -65.03
N ILE KA 90 51.32 30.02 -66.07
CA ILE KA 90 51.78 30.81 -67.19
C ILE KA 90 50.63 31.55 -67.84
N LYS KA 91 49.56 30.82 -68.16
CA LYS KA 91 48.41 31.44 -68.79
C LYS KA 91 47.78 32.49 -67.90
N ARG KA 92 47.67 32.21 -66.60
CA ARG KA 92 47.05 33.15 -65.67
C ARG KA 92 47.85 34.43 -65.56
N ALA KA 93 49.17 34.32 -65.46
CA ALA KA 93 50.01 35.51 -65.40
C ALA KA 93 49.88 36.34 -66.67
N PHE KA 94 49.96 35.69 -67.83
CA PHE KA 94 49.87 36.44 -69.08
C PHE KA 94 48.53 37.14 -69.22
N LEU KA 95 47.43 36.43 -68.94
CA LEU KA 95 46.11 37.02 -69.15
C LEU KA 95 45.80 38.09 -68.12
N ILE KA 96 46.26 37.97 -66.88
CA ILE KA 96 46.01 39.02 -65.92
C ILE KA 96 46.81 40.28 -66.28
N GLU KA 97 48.03 40.11 -66.78
CA GLU KA 97 48.76 41.29 -67.24
C GLU KA 97 48.06 41.94 -68.44
N GLU KA 98 47.49 41.12 -69.33
CA GLU KA 98 46.73 41.69 -70.44
C GLU KA 98 45.52 42.46 -69.94
N GLN KA 99 44.84 41.94 -68.92
CA GLN KA 99 43.71 42.65 -68.35
C GLN KA 99 44.13 43.96 -67.71
N LYS KA 100 45.31 43.99 -67.08
CA LYS KA 100 45.85 45.25 -66.56
C LYS KA 100 46.04 46.27 -67.68
N ILE KA 101 46.59 45.82 -68.81
CA ILE KA 101 46.75 46.73 -69.94
C ILE KA 101 45.38 47.21 -70.43
N VAL KA 102 44.38 46.34 -70.39
CA VAL KA 102 43.04 46.73 -70.83
C VAL KA 102 42.50 47.85 -69.96
N VAL KA 103 42.60 47.71 -68.64
CA VAL KA 103 42.04 48.76 -67.78
C VAL KA 103 42.86 50.04 -67.91
N LYS KA 104 44.17 49.92 -68.16
CA LYS KA 104 44.99 51.10 -68.38
C LYS KA 104 44.55 51.86 -69.62
N VAL KA 105 44.34 51.15 -70.72
CA VAL KA 105 43.86 51.77 -71.96
C VAL KA 105 42.49 52.37 -71.75
N LEU KA 106 41.63 51.69 -70.98
CA LEU KA 106 40.27 52.16 -70.78
C LEU KA 106 40.24 53.48 -70.03
N LYS KA 107 41.01 53.58 -68.95
CA LYS KA 107 41.06 54.85 -68.24
C LYS KA 107 41.77 55.92 -69.06
N ALA KA 108 42.76 55.54 -69.86
CA ALA KA 108 43.46 56.52 -70.68
C ALA KA 108 42.52 57.15 -71.71
N GLN KA 109 41.66 56.33 -72.32
CA GLN KA 109 40.70 56.89 -73.27
C GLN KA 109 39.59 57.65 -72.56
N ALA KA 110 39.19 57.21 -71.37
CA ALA KA 110 38.10 57.89 -70.67
C ALA KA 110 38.52 59.22 -70.09
N GLN KA 111 39.82 59.43 -69.82
CA GLN KA 111 40.26 60.67 -69.20
C GLN KA 111 40.20 61.86 -70.14
N SER KA 112 39.89 61.65 -71.43
CA SER KA 112 39.89 62.74 -72.40
C SER KA 112 38.84 63.80 -72.10
N GLN KA 113 37.86 63.49 -71.24
CA GLN KA 113 36.81 64.44 -70.89
C GLN KA 113 37.09 65.00 -69.50
N LYS KA 114 36.97 66.33 -69.36
CA LYS KA 114 37.18 66.99 -68.08
C LYS KA 114 35.94 66.91 -67.21
N ALA LA 1 121.97 0.53 -3.62
CA ALA LA 1 121.28 0.37 -4.89
C ALA LA 1 120.11 1.33 -5.00
N LYS LA 2 119.46 1.60 -3.87
CA LYS LA 2 118.30 2.48 -3.86
C LYS LA 2 118.72 3.92 -4.09
N ILE LA 3 117.76 4.72 -4.55
CA ILE LA 3 117.97 6.15 -4.76
C ILE LA 3 117.45 6.89 -3.55
N LYS LA 4 118.08 8.03 -3.24
CA LYS LA 4 117.69 8.85 -2.12
C LYS LA 4 117.36 10.24 -2.62
N ALA LA 5 116.58 10.97 -1.83
CA ALA LA 5 116.21 12.32 -2.26
C ALA LA 5 117.37 13.29 -2.12
N ARG LA 6 118.28 13.05 -1.18
CA ARG LA 6 119.34 14.03 -0.92
C ARG LA 6 120.38 14.05 -2.03
N ASP LA 7 120.57 12.95 -2.75
CA ASP LA 7 121.49 12.94 -3.87
C ASP LA 7 120.80 13.12 -5.20
N LEU LA 8 119.49 13.38 -5.20
CA LEU LA 8 118.77 13.74 -6.42
C LEU LA 8 118.73 15.24 -6.65
N ARG LA 9 118.89 16.04 -5.60
CA ARG LA 9 118.67 17.48 -5.69
C ARG LA 9 119.79 18.21 -6.42
N GLY LA 10 120.98 17.62 -6.50
CA GLY LA 10 122.04 18.24 -7.27
C GLY LA 10 121.89 18.10 -8.76
N LYS LA 11 120.99 17.23 -9.22
CA LYS LA 11 120.89 16.90 -10.63
C LYS LA 11 119.86 17.80 -11.32
N LYS LA 12 119.98 17.89 -12.64
CA LYS LA 12 119.16 18.79 -13.43
C LYS LA 12 117.89 18.09 -13.92
N LYS LA 13 117.06 18.85 -14.63
CA LYS LA 13 115.75 18.36 -15.04
C LYS LA 13 115.86 17.21 -16.03
N GLU LA 14 116.82 17.29 -16.95
CA GLU LA 14 116.91 16.29 -18.01
C GLU LA 14 117.24 14.91 -17.44
N GLU LA 15 118.26 14.82 -16.60
CA GLU LA 15 118.57 13.53 -16.00
C GLU LA 15 117.59 13.11 -14.93
N LEU LA 16 116.91 14.04 -14.27
CA LEU LA 16 115.82 13.61 -13.39
C LEU LA 16 114.69 12.97 -14.17
N LEU LA 17 114.30 13.54 -15.31
CA LEU LA 17 113.28 12.92 -16.14
C LEU LA 17 113.76 11.60 -16.74
N LYS LA 18 115.05 11.52 -17.07
CA LYS LA 18 115.61 10.26 -17.56
C LYS LA 18 115.51 9.18 -16.48
N GLN LA 19 115.84 9.54 -15.24
CA GLN LA 19 115.69 8.61 -14.12
C GLN LA 19 114.25 8.18 -13.95
N LEU LA 20 113.31 9.13 -14.06
CA LEU LA 20 111.91 8.81 -13.95
C LEU LA 20 111.46 7.84 -15.04
N ASP LA 21 111.91 8.05 -16.27
CA ASP LA 21 111.53 7.15 -17.37
C ASP LA 21 112.10 5.76 -17.16
N ASP LA 22 113.34 5.65 -16.70
CA ASP LA 22 113.90 4.33 -16.43
C ASP LA 22 113.10 3.61 -15.36
N LEU LA 23 112.76 4.31 -14.28
CA LEU LA 23 111.95 3.69 -13.24
C LEU LA 23 110.59 3.26 -13.76
N LYS LA 24 109.99 4.05 -14.65
CA LYS LA 24 108.67 3.69 -15.16
C LYS LA 24 108.73 2.46 -16.06
N VAL LA 25 109.72 2.34 -16.93
CA VAL LA 25 109.80 1.13 -17.75
C VAL LA 25 110.12 -0.07 -16.87
N GLU LA 26 110.90 0.13 -15.81
CA GLU LA 26 111.17 -0.96 -14.87
C GLU LA 26 109.88 -1.41 -14.19
N LEU LA 27 109.04 -0.46 -13.79
CA LEU LA 27 107.78 -0.81 -13.14
C LEU LA 27 106.85 -1.55 -14.09
N SER LA 28 106.81 -1.13 -15.35
CA SER LA 28 105.98 -1.84 -16.31
C SER LA 28 106.47 -3.27 -16.52
N GLN LA 29 107.78 -3.47 -16.59
CA GLN LA 29 108.31 -4.81 -16.70
C GLN LA 29 107.99 -5.64 -15.46
N LEU LA 30 108.04 -5.02 -14.28
CA LEU LA 30 107.69 -5.74 -13.07
C LEU LA 30 106.22 -6.15 -13.05
N ARG LA 31 105.34 -5.30 -13.57
CA ARG LA 31 103.93 -5.69 -13.65
C ARG LA 31 103.71 -6.83 -14.63
N VAL LA 32 104.45 -6.82 -15.74
CA VAL LA 32 104.40 -7.96 -16.67
C VAL LA 32 104.83 -9.24 -15.96
N ALA LA 33 105.92 -9.17 -15.19
CA ALA LA 33 106.35 -10.32 -14.42
C ALA LA 33 105.32 -10.74 -13.38
N LYS LA 34 104.59 -9.78 -12.81
CA LYS LA 34 103.54 -10.11 -11.86
C LYS LA 34 102.44 -10.93 -12.50
N VAL LA 35 102.02 -10.53 -13.70
CA VAL LA 35 100.93 -11.27 -14.35
C VAL LA 35 101.38 -12.55 -15.03
N THR LA 36 102.68 -12.71 -15.30
CA THR LA 36 103.18 -13.95 -15.89
C THR LA 36 103.84 -14.85 -14.86
N GLY LA 37 103.35 -14.85 -13.63
CA GLY LA 37 103.95 -15.64 -12.57
C GLY LA 37 105.06 -14.92 -11.86
N GLY LA 38 106.23 -14.83 -12.49
CA GLY LA 38 107.34 -14.11 -11.89
C GLY LA 38 107.87 -14.80 -10.65
N ALA LA 39 108.62 -14.04 -9.86
CA ALA LA 39 109.23 -14.56 -8.64
C ALA LA 39 108.99 -13.58 -7.51
N ALA LA 40 109.23 -14.06 -6.29
CA ALA LA 40 109.00 -13.24 -5.11
C ALA LA 40 109.88 -12.00 -5.11
N SER LA 41 111.12 -12.12 -5.61
CA SER LA 41 112.00 -10.96 -5.68
C SER LA 41 111.42 -9.89 -6.59
N LYS LA 42 110.93 -10.29 -7.76
CA LYS LA 42 110.34 -9.33 -8.69
C LYS LA 42 109.03 -8.77 -8.18
N LEU LA 43 108.27 -9.57 -7.42
CA LEU LA 43 107.03 -9.05 -6.84
C LEU LA 43 107.31 -8.05 -5.74
N SER LA 44 108.37 -8.26 -4.96
CA SER LA 44 108.72 -7.33 -3.91
C SER LA 44 109.41 -6.09 -4.45
N LYS LA 45 109.99 -6.15 -5.64
CA LYS LA 45 110.60 -4.99 -6.24
C LYS LA 45 109.59 -3.94 -6.71
N ILE LA 46 108.31 -4.31 -6.80
CA ILE LA 46 107.29 -3.39 -7.29
C ILE LA 46 107.16 -2.20 -6.36
N ARG LA 47 107.09 -2.45 -5.05
CA ARG LA 47 106.95 -1.36 -4.10
C ARG LA 47 108.18 -0.47 -4.10
N VAL LA 48 109.37 -1.06 -4.23
CA VAL LA 48 110.60 -0.28 -4.23
C VAL LA 48 110.63 0.66 -5.43
N VAL LA 49 110.28 0.15 -6.61
CA VAL LA 49 110.29 1.01 -7.79
C VAL LA 49 109.18 2.06 -7.71
N ARG LA 50 108.03 1.72 -7.13
CA ARG LA 50 106.97 2.71 -6.99
C ARG LA 50 107.39 3.86 -6.06
N LYS LA 51 108.02 3.51 -4.94
CA LYS LA 51 108.51 4.56 -4.04
C LYS LA 51 109.61 5.37 -4.69
N SER LA 52 110.45 4.75 -5.51
CA SER LA 52 111.48 5.51 -6.23
C SER LA 52 110.86 6.50 -7.21
N ILE LA 53 109.82 6.08 -7.91
CA ILE LA 53 109.11 6.99 -8.81
C ILE LA 53 108.52 8.15 -8.03
N ALA LA 54 107.90 7.85 -6.89
CA ALA LA 54 107.34 8.90 -6.05
C ALA LA 54 108.42 9.86 -5.58
N ARG LA 55 109.58 9.33 -5.23
CA ARG LA 55 110.68 10.16 -4.73
C ARG LA 55 111.21 11.09 -5.82
N VAL LA 56 111.40 10.56 -7.02
CA VAL LA 56 111.88 11.39 -8.13
C VAL LA 56 110.87 12.48 -8.46
N LEU LA 57 109.58 12.11 -8.51
CA LEU LA 57 108.56 13.10 -8.83
C LEU LA 57 108.44 14.16 -7.74
N THR LA 58 108.60 13.76 -6.48
CA THR LA 58 108.58 14.73 -5.40
C THR LA 58 109.73 15.72 -5.53
N VAL LA 59 110.93 15.22 -5.85
CA VAL LA 59 112.06 16.13 -6.02
C VAL LA 59 111.82 17.07 -7.19
N ILE LA 60 111.30 16.56 -8.30
CA ILE LA 60 111.05 17.41 -9.47
C ILE LA 60 110.05 18.50 -9.12
N ASN LA 61 108.94 18.14 -8.48
CA ASN LA 61 107.92 19.11 -8.13
C ASN LA 61 108.39 20.11 -7.10
N GLN LA 62 109.18 19.68 -6.12
CA GLN LA 62 109.71 20.61 -5.13
C GLN LA 62 110.67 21.61 -5.77
N THR LA 63 111.54 21.13 -6.66
CA THR LA 63 112.45 22.03 -7.35
C THR LA 63 111.69 23.06 -8.18
N GLN LA 64 110.69 22.60 -8.91
CA GLN LA 64 109.91 23.53 -9.73
C GLN LA 64 109.17 24.55 -8.86
N LYS LA 65 108.59 24.10 -7.75
CA LYS LA 65 107.85 25.02 -6.90
C LYS LA 65 108.76 26.04 -6.24
N GLU LA 66 109.95 25.62 -5.79
CA GLU LA 66 110.85 26.59 -5.18
C GLU LA 66 111.39 27.57 -6.21
N ASN LA 67 111.60 27.12 -7.45
CA ASN LA 67 112.01 28.06 -8.49
C ASN LA 67 110.91 29.06 -8.78
N LEU LA 68 109.65 28.61 -8.81
CA LEU LA 68 108.54 29.52 -9.02
C LEU LA 68 108.41 30.52 -7.88
N ARG LA 69 108.63 30.07 -6.64
CA ARG LA 69 108.56 30.98 -5.52
C ARG LA 69 109.67 32.04 -5.60
N LYS LA 70 110.88 31.64 -5.97
CA LYS LA 70 111.94 32.64 -6.09
C LYS LA 70 111.74 33.54 -7.29
N PHE LA 71 111.04 33.06 -8.32
CA PHE LA 71 110.76 33.92 -9.46
C PHE LA 71 109.68 34.95 -9.13
N TYR LA 72 108.68 34.55 -8.35
CA TYR LA 72 107.59 35.45 -7.99
C TYR LA 72 107.86 36.22 -6.71
N LYS LA 73 109.03 36.04 -6.10
CA LYS LA 73 109.40 36.84 -4.94
C LYS LA 73 109.46 38.31 -5.32
N GLY LA 74 108.81 39.15 -4.51
CA GLY LA 74 108.82 40.57 -4.71
C GLY LA 74 107.82 41.10 -5.71
N LYS LA 75 107.00 40.24 -6.31
CA LYS LA 75 106.01 40.69 -7.27
C LYS LA 75 104.68 40.93 -6.59
N LYS LA 76 103.94 41.91 -7.10
CA LYS LA 76 102.70 42.32 -6.46
C LYS LA 76 101.66 41.21 -6.50
N TYR LA 77 101.55 40.52 -7.63
CA TYR LA 77 100.56 39.48 -7.81
C TYR LA 77 101.25 38.14 -7.95
N LYS LA 78 100.84 37.17 -7.16
CA LYS LA 78 101.38 35.84 -7.21
C LYS LA 78 100.26 34.85 -7.49
N PRO LA 79 100.57 33.70 -8.07
CA PRO LA 79 99.54 32.68 -8.25
C PRO LA 79 98.98 32.22 -6.92
N LEU LA 80 97.72 31.79 -6.96
CA LEU LA 80 97.01 31.46 -5.73
C LEU LA 80 97.69 30.34 -4.97
N ASP LA 81 98.22 29.34 -5.68
CA ASP LA 81 98.93 28.27 -5.02
C ASP LA 81 100.25 28.72 -4.40
N LEU LA 82 100.81 29.82 -4.87
CA LEU LA 82 101.97 30.43 -4.22
C LEU LA 82 101.59 31.36 -3.09
N ARG LA 83 100.38 31.75 -3.02
CA ARG LA 83 100.02 32.55 -1.87
C ARG LA 83 99.84 31.68 -0.63
N PRO LA 84 99.99 32.26 0.57
CA PRO LA 84 99.77 31.47 1.79
C PRO LA 84 98.34 30.98 1.90
N LYS LA 85 98.17 29.85 2.58
CA LYS LA 85 96.86 29.24 2.74
C LYS LA 85 96.53 29.04 4.20
N LYS LA 86 96.64 30.09 5.00
CA LYS LA 86 96.44 29.97 6.44
C LYS LA 86 95.09 29.35 6.76
N THR LA 87 94.03 30.07 6.46
CA THR LA 87 92.63 29.77 6.69
C THR LA 87 91.87 30.84 5.94
N ARG LA 88 90.71 30.50 5.40
CA ARG LA 88 89.96 31.48 4.63
C ARG LA 88 89.67 32.72 5.47
N ALA LA 89 89.21 32.51 6.70
CA ALA LA 89 88.93 33.63 7.58
C ALA LA 89 90.18 34.42 7.91
N MET LA 90 91.32 33.77 8.07
CA MET LA 90 92.55 34.48 8.36
C MET LA 90 93.10 35.22 7.16
N ARG LA 91 92.76 34.80 5.95
CA ARG LA 91 93.08 35.57 4.77
C ARG LA 91 92.13 36.73 4.57
N ARG LA 92 90.94 36.67 5.16
CA ARG LA 92 89.99 37.77 5.04
C ARG LA 92 90.23 38.91 6.01
N ARG LA 93 91.14 38.77 6.97
CA ARG LA 93 91.23 39.78 8.00
C ARG LA 93 92.25 40.85 7.64
N LEU LA 94 92.24 41.93 8.43
CA LEU LA 94 93.14 43.05 8.20
C LEU LA 94 94.58 42.65 8.45
N ASN LA 95 95.49 43.16 7.61
CA ASN LA 95 96.90 42.92 7.86
C ASN LA 95 97.37 43.76 9.04
N LYS LA 96 98.64 43.60 9.40
CA LYS LA 96 99.16 44.25 10.60
C LYS LA 96 99.12 45.77 10.48
N HIS LA 97 99.45 46.30 9.30
CA HIS LA 97 99.55 47.75 9.14
C HIS LA 97 98.20 48.43 9.37
N GLU LA 98 97.18 47.99 8.65
CA GLU LA 98 95.86 48.57 8.86
C GLU LA 98 95.19 48.07 10.12
N GLU LA 99 95.73 47.03 10.75
CA GLU LA 99 95.23 46.64 12.05
C GLU LA 99 95.68 47.59 13.13
N ASN LA 100 96.90 48.11 13.03
CA ASN LA 100 97.43 48.92 14.12
C ASN LA 100 97.49 50.42 13.83
N LEU LA 101 97.18 50.87 12.61
CA LEU LA 101 97.19 52.31 12.38
C LEU LA 101 96.01 52.99 13.07
N LYS LA 102 96.21 54.25 13.48
CA LYS LA 102 95.28 55.00 14.29
C LYS LA 102 94.95 56.33 13.63
N THR LA 103 93.82 56.91 14.03
CA THR LA 103 93.44 58.24 13.59
C THR LA 103 94.30 59.29 14.27
N LYS LA 104 94.32 60.49 13.67
CA LYS LA 104 95.04 61.59 14.26
C LYS LA 104 94.48 61.97 15.61
N LYS LA 105 93.16 61.89 15.77
CA LYS LA 105 92.56 62.17 17.07
C LYS LA 105 92.99 61.16 18.12
N GLN LA 106 93.03 59.88 17.75
CA GLN LA 106 93.47 58.85 18.70
C GLN LA 106 94.92 59.04 19.10
N GLN LA 107 95.81 59.30 18.14
CA GLN LA 107 97.20 59.45 18.52
C GLN LA 107 97.47 60.77 19.22
N ARG LA 108 96.69 61.82 18.95
CA ARG LA 108 96.81 63.05 19.73
C ARG LA 108 96.35 62.82 21.16
N LYS LA 109 95.28 62.07 21.37
CA LYS LA 109 94.87 61.72 22.73
C LYS LA 109 95.97 60.94 23.44
N GLU LA 110 96.55 59.97 22.74
CA GLU LA 110 97.58 59.14 23.37
C GLU LA 110 98.81 59.97 23.71
N ARG LA 111 99.14 60.96 22.89
CA ARG LA 111 100.26 61.83 23.24
C ARG LA 111 99.93 62.72 24.42
N LEU LA 112 98.74 63.33 24.43
CA LEU LA 112 98.41 64.30 25.46
C LEU LA 112 98.25 63.65 26.83
N TYR LA 113 97.56 62.51 26.88
CA TYR LA 113 97.23 61.86 28.15
C TYR LA 113 97.71 60.43 28.12
N PRO LA 114 99.01 60.21 28.26
CA PRO LA 114 99.53 58.84 28.32
C PRO LA 114 99.25 58.22 29.68
N LEU LA 115 99.11 56.90 29.68
CA LEU LA 115 98.85 56.21 30.94
C LEU LA 115 100.06 56.31 31.85
N ARG LA 116 99.83 56.65 33.10
CA ARG LA 116 100.91 56.90 34.05
C ARG LA 116 101.12 55.69 34.96
N LYS LA 117 102.36 55.51 35.36
CA LYS LA 117 102.72 54.50 36.34
C LYS LA 117 102.73 55.15 37.71
N TYR LA 118 101.97 54.58 38.64
CA TYR LA 118 101.79 55.23 39.94
C TYR LA 118 101.56 54.18 40.99
N ALA LA 119 101.79 54.56 42.24
CA ALA LA 119 101.50 53.74 43.39
C ALA LA 119 100.79 54.59 44.44
N VAL LA 120 100.06 53.96 45.33
CA VAL LA 120 99.28 54.66 46.35
C VAL LA 120 99.72 54.17 47.71
N LYS LA 121 100.12 55.11 48.56
CA LYS LA 121 100.47 54.78 49.93
C LYS LA 121 99.23 54.41 50.74
N ALA LA 122 99.44 53.65 51.81
CA ALA LA 122 98.34 53.26 52.67
C ALA LA 122 98.17 54.28 53.80
N ALA MA 1 64.11 71.79 71.16
CA ALA MA 1 63.89 73.09 70.56
C ALA MA 1 62.49 73.17 69.99
N LEU MA 2 62.12 74.35 69.47
CA LEU MA 2 60.79 74.53 68.92
C LEU MA 2 60.59 73.70 67.66
N ARG MA 3 61.59 73.63 66.79
CA ARG MA 3 61.44 72.97 65.51
C ARG MA 3 62.60 72.01 65.26
N TYR MA 4 62.26 70.87 64.68
CA TYR MA 4 63.20 69.81 64.35
C TYR MA 4 63.02 69.43 62.89
N PRO MA 5 64.06 68.93 62.24
CA PRO MA 5 63.86 68.34 60.91
C PRO MA 5 63.05 67.08 61.01
N MET MA 6 61.98 67.01 60.23
CA MET MA 6 61.05 65.90 60.29
C MET MA 6 60.97 65.22 58.93
N ALA MA 7 60.56 63.96 58.94
CA ALA MA 7 60.40 63.20 57.71
C ALA MA 7 59.04 63.40 57.06
N VAL MA 8 58.15 64.18 57.68
CA VAL MA 8 56.84 64.47 57.13
C VAL MA 8 56.62 65.97 57.18
N GLY MA 9 55.64 66.42 56.42
CA GLY MA 9 55.25 67.81 56.43
C GLY MA 9 55.70 68.54 55.17
N LEU MA 10 55.48 69.85 55.18
CA LEU MA 10 55.79 70.65 54.01
C LEU MA 10 57.30 70.79 53.82
N ASN MA 11 58.04 70.97 54.92
CA ASN MA 11 59.48 71.16 54.87
C ASN MA 11 60.22 69.90 55.25
N LYS MA 12 59.70 68.75 54.87
CA LYS MA 12 60.28 67.47 55.26
C LYS MA 12 61.64 67.28 54.61
N GLY MA 13 62.48 66.50 55.27
CA GLY MA 13 63.74 66.13 54.70
C GLY MA 13 64.94 66.52 55.53
N HIS MA 14 66.04 65.80 55.33
CA HIS MA 14 67.32 66.14 55.92
C HIS MA 14 67.79 67.49 55.37
N LYS MA 15 68.45 68.26 56.20
CA LYS MA 15 68.85 69.62 55.83
C LYS MA 15 70.26 69.60 55.28
N VAL MA 16 70.39 69.96 54.00
CA VAL MA 16 71.67 70.22 53.37
C VAL MA 16 71.56 71.57 52.68
N THR MA 17 72.71 72.19 52.45
CA THR MA 17 72.75 73.45 51.72
C THR MA 17 72.86 73.17 50.23
N LYS MA 18 71.98 73.79 49.45
CA LYS MA 18 71.90 73.54 48.03
C LYS MA 18 73.16 74.02 47.33
N ASN MA 19 73.66 73.20 46.40
CA ASN MA 19 74.81 73.56 45.58
C ASN MA 19 74.30 74.21 44.30
N VAL MA 20 74.47 75.51 44.19
CA VAL MA 20 74.03 76.25 43.00
C VAL MA 20 75.16 76.24 41.98
N SER MA 21 74.82 75.94 40.73
CA SER MA 21 75.79 75.89 39.66
C SER MA 21 75.06 76.10 38.35
N LYS MA 22 75.82 76.35 37.29
CA LYS MA 22 75.23 76.46 35.97
C LYS MA 22 74.58 75.14 35.57
N PRO MA 23 73.43 75.18 34.92
CA PRO MA 23 72.80 73.93 34.48
C PRO MA 23 73.64 73.23 33.44
N ARG MA 24 73.51 71.91 33.40
CA ARG MA 24 74.31 71.10 32.49
C ARG MA 24 73.93 71.43 31.05
N HIS MA 25 74.91 71.38 30.16
CA HIS MA 25 74.72 71.90 28.82
C HIS MA 25 73.68 71.15 28.02
N SER MA 26 73.38 69.90 28.38
CA SER MA 26 72.36 69.16 27.65
C SER MA 26 70.97 69.76 27.87
N ARG MA 27 70.75 70.46 28.98
CA ARG MA 27 69.46 71.06 29.25
C ARG MA 27 69.13 72.18 28.29
N ARG MA 28 70.13 72.73 27.61
CA ARG MA 28 69.96 73.77 26.62
C ARG MA 28 69.28 73.25 25.35
N ARG MA 29 69.19 71.93 25.18
CA ARG MA 29 68.65 71.32 23.97
C ARG MA 29 67.25 71.84 23.67
N GLY MA 30 66.98 72.04 22.39
CA GLY MA 30 65.69 72.53 21.97
C GLY MA 30 65.51 74.02 22.05
N ARG MA 31 66.53 74.75 22.51
CA ARG MA 31 66.44 76.20 22.53
C ARG MA 31 66.63 76.74 21.12
N LEU MA 32 65.87 77.78 20.80
CA LEU MA 32 65.91 78.34 19.45
C LEU MA 32 67.07 79.31 19.32
N THR MA 33 67.88 79.11 18.30
CA THR MA 33 68.99 79.99 18.00
C THR MA 33 68.64 80.89 16.82
N LYS MA 34 69.37 81.99 16.70
CA LYS MA 34 69.05 82.97 15.67
C LYS MA 34 69.18 82.40 14.27
N HIS MA 35 70.26 81.66 14.01
CA HIS MA 35 70.46 81.09 12.69
C HIS MA 35 69.41 80.04 12.36
N THR MA 36 69.05 79.20 13.33
CA THR MA 36 68.04 78.19 13.08
C THR MA 36 66.67 78.81 12.86
N LYS MA 37 66.35 79.87 13.60
CA LYS MA 37 65.12 80.60 13.35
C LYS MA 37 65.10 81.19 11.95
N PHE MA 38 66.23 81.74 11.53
CA PHE MA 38 66.34 82.28 10.17
C PHE MA 38 66.10 81.20 9.12
N VAL MA 39 66.71 80.03 9.31
CA VAL MA 39 66.56 78.95 8.35
C VAL MA 39 65.12 78.49 8.29
N ARG MA 40 64.47 78.34 9.44
CA ARG MA 40 63.09 77.86 9.45
C ARG MA 40 62.15 78.89 8.82
N ASP MA 41 62.39 80.17 9.06
CA ASP MA 41 61.59 81.20 8.41
C ASP MA 41 61.76 81.16 6.90
N MET MA 42 63.00 80.97 6.45
CA MET MA 42 63.26 80.86 5.02
C MET MA 42 62.55 79.66 4.42
N ILE MA 43 62.52 78.54 5.15
CA ILE MA 43 61.86 77.35 4.62
C ILE MA 43 60.36 77.56 4.55
N ARG MA 44 59.77 78.25 5.55
CA ARG MA 44 58.35 78.60 5.44
C ARG MA 44 58.11 79.48 4.23
N GLU MA 45 59.00 80.44 3.98
CA GLU MA 45 58.87 81.32 2.83
C GLU MA 45 58.90 80.53 1.53
N VAL MA 46 59.81 79.56 1.42
CA VAL MA 46 59.92 78.78 0.19
C VAL MA 46 58.73 77.84 0.03
N CYS MA 47 58.35 77.15 1.10
CA CYS MA 47 57.38 76.06 1.02
C CYS MA 47 55.94 76.54 1.10
N GLY MA 48 55.58 77.23 2.17
CA GLY MA 48 54.19 77.55 2.40
C GLY MA 48 53.65 76.77 3.58
N PHE MA 49 52.40 76.33 3.50
CA PHE MA 49 51.74 75.65 4.59
C PHE MA 49 51.17 74.31 4.13
N ALA MA 50 50.97 73.42 5.08
CA ALA MA 50 50.27 72.18 4.80
C ALA MA 50 48.79 72.46 4.63
N PRO MA 51 48.08 71.62 3.87
CA PRO MA 51 46.65 71.85 3.65
C PRO MA 51 45.83 71.90 4.93
N TYR MA 52 46.14 71.06 5.92
CA TYR MA 52 45.41 71.15 7.17
C TYR MA 52 45.70 72.46 7.89
N GLU MA 53 46.93 72.96 7.78
CA GLU MA 53 47.24 74.26 8.35
C GLU MA 53 46.43 75.36 7.68
N ARG MA 54 46.29 75.29 6.35
CA ARG MA 54 45.49 76.29 5.66
C ARG MA 54 44.02 76.22 6.07
N ARG MA 55 43.49 75.01 6.25
CA ARG MA 55 42.10 74.88 6.67
C ARG MA 55 41.90 75.45 8.08
N ALA MA 56 42.82 75.17 8.99
CA ALA MA 56 42.77 75.76 10.31
C ALA MA 56 42.87 77.28 10.24
N MET MA 57 43.65 77.80 9.29
CA MET MA 57 43.71 79.24 9.13
C MET MA 57 42.41 79.82 8.61
N GLU MA 58 41.69 79.09 7.76
CA GLU MA 58 40.36 79.55 7.35
C GLU MA 58 39.43 79.64 8.56
N LEU MA 59 39.45 78.61 9.40
CA LEU MA 59 38.62 78.64 10.61
C LEU MA 59 39.01 79.81 11.51
N LEU MA 60 40.30 80.03 11.69
CA LEU MA 60 40.74 81.13 12.54
C LEU MA 60 40.38 82.49 11.95
N LYS MA 61 40.37 82.59 10.62
CA LYS MA 61 39.93 83.83 9.97
C LYS MA 61 38.47 84.11 10.24
N VAL MA 62 37.63 83.08 10.18
CA VAL MA 62 36.21 83.31 10.44
C VAL MA 62 35.93 83.24 11.94
N SER MA 63 37.01 83.15 12.74
CA SER MA 63 36.95 83.31 14.18
C SER MA 63 36.20 82.17 14.87
N LYS MA 64 36.22 80.98 14.26
CA LYS MA 64 35.80 79.76 14.93
C LYS MA 64 37.01 79.17 15.64
N ASP MA 65 37.37 79.79 16.77
CA ASP MA 65 38.60 79.43 17.45
C ASP MA 65 38.49 78.05 18.11
N LYS MA 66 37.37 77.75 18.74
CA LYS MA 66 37.20 76.45 19.36
C LYS MA 66 37.18 75.34 18.30
N ARG MA 67 36.49 75.59 17.18
CA ARG MA 67 36.48 74.61 16.11
C ARG MA 67 37.85 74.44 15.49
N ALA MA 68 38.62 75.52 15.38
CA ALA MA 68 39.98 75.42 14.89
C ALA MA 68 40.84 74.59 15.84
N LEU MA 69 40.67 74.79 17.14
CA LEU MA 69 41.42 73.98 18.10
C LEU MA 69 41.03 72.51 18.00
N LYS MA 70 39.74 72.23 17.82
CA LYS MA 70 39.31 70.84 17.66
C LYS MA 70 39.93 70.22 16.41
N PHE MA 71 39.93 70.97 15.30
CA PHE MA 71 40.51 70.44 14.07
C PHE MA 71 42.01 70.20 14.21
N ILE MA 72 42.73 71.16 14.79
CA ILE MA 72 44.17 71.00 14.95
C ILE MA 72 44.48 69.88 15.91
N LYS MA 73 43.67 69.71 16.95
CA LYS MA 73 43.88 68.61 17.87
C LYS MA 73 43.65 67.27 17.18
N LYS MA 74 42.60 67.18 16.37
CA LYS MA 74 42.36 65.95 15.64
C LYS MA 74 43.49 65.64 14.67
N ARG MA 75 44.10 66.67 14.08
CA ARG MA 75 45.17 66.43 13.12
C ARG MA 75 46.48 66.09 13.81
N VAL MA 76 46.99 66.99 14.64
CA VAL MA 76 48.30 66.79 15.26
C VAL MA 76 48.24 65.70 16.31
N GLY MA 77 47.25 65.73 17.19
CA GLY MA 77 47.06 64.61 18.09
C GLY MA 77 46.85 64.94 19.56
N THR MA 78 47.54 65.94 20.09
CA THR MA 78 47.46 66.24 21.50
C THR MA 78 47.03 67.68 21.71
N HIS MA 79 46.47 67.93 22.90
CA HIS MA 79 45.96 69.26 23.22
C HIS MA 79 47.08 70.28 23.32
N ILE MA 80 48.21 69.90 23.91
CA ILE MA 80 49.33 70.82 24.07
C ILE MA 80 49.87 71.25 22.71
N ARG MA 81 50.15 70.27 21.85
CA ARG MA 81 50.66 70.57 20.52
C ARG MA 81 49.64 71.32 19.70
N ALA MA 82 48.36 71.02 19.87
CA ALA MA 82 47.32 71.76 19.16
C ALA MA 82 47.26 73.21 19.60
N LYS MA 83 47.40 73.46 20.90
CA LYS MA 83 47.43 74.83 21.39
C LYS MA 83 48.61 75.60 20.81
N ARG MA 84 49.79 74.98 20.81
CA ARG MA 84 50.96 75.65 20.24
C ARG MA 84 50.79 75.92 18.76
N LYS MA 85 50.28 74.94 18.01
CA LYS MA 85 50.08 75.12 16.57
C LYS MA 85 49.05 76.19 16.28
N ARG MA 86 47.98 76.24 17.06
CA ARG MA 86 46.98 77.29 16.87
C ARG MA 86 47.56 78.66 17.16
N GLU MA 87 48.43 78.76 18.17
CA GLU MA 87 49.08 80.05 18.40
C GLU MA 87 49.98 80.44 17.24
N GLU MA 88 50.70 79.48 16.67
CA GLU MA 88 51.52 79.80 15.50
C GLU MA 88 50.67 80.31 14.35
N LEU MA 89 49.55 79.64 14.08
CA LEU MA 89 48.71 80.05 12.96
C LEU MA 89 48.03 81.39 13.22
N SER MA 90 47.62 81.65 14.46
CA SER MA 90 47.08 82.96 14.78
C SER MA 90 48.12 84.04 14.59
N ASN MA 91 49.36 83.76 14.97
CA ASN MA 91 50.42 84.74 14.77
C ASN MA 91 50.65 85.03 13.30
N VAL MA 92 50.65 83.99 12.46
CA VAL MA 92 50.89 84.27 11.03
C VAL MA 92 49.70 84.99 10.40
N LEU MA 93 48.47 84.70 10.84
CA LEU MA 93 47.32 85.43 10.32
C LEU MA 93 47.38 86.90 10.74
N ALA MA 94 47.77 87.17 11.98
CA ALA MA 94 47.91 88.55 12.41
C ALA MA 94 49.02 89.26 11.64
N ALA MA 95 50.13 88.56 11.40
CA ALA MA 95 51.24 89.16 10.65
C ALA MA 95 50.80 89.53 9.24
N MET MA 96 50.05 88.64 8.58
CA MET MA 96 49.62 88.99 7.24
C MET MA 96 48.52 90.04 7.23
N ARG MA 97 47.67 90.11 8.27
CA ARG MA 97 46.74 91.24 8.35
C ARG MA 97 47.47 92.56 8.49
N LYS MA 98 48.51 92.62 9.31
CA LYS MA 98 49.25 93.85 9.48
C LYS MA 98 50.00 94.22 8.21
N ALA MA 99 50.59 93.23 7.54
CA ALA MA 99 51.28 93.48 6.28
C ALA MA 99 50.32 93.98 5.21
N ALA MA 100 49.11 93.40 5.15
CA ALA MA 100 48.12 93.84 4.18
C ALA MA 100 47.66 95.26 4.47
N ALA MA 101 47.46 95.59 5.75
CA ALA MA 101 47.05 96.95 6.10
C ALA MA 101 48.13 97.97 5.76
N LYS MA 102 49.40 97.64 6.00
CA LYS MA 102 50.47 98.56 5.65
C LYS MA 102 51.04 98.24 4.27
N THR NA 1 43.76 -7.70 -7.13
CA THR NA 1 44.30 -8.23 -5.88
C THR NA 1 45.43 -7.36 -5.34
N LYS NA 2 45.18 -6.73 -4.19
CA LYS NA 2 46.07 -5.70 -3.70
C LYS NA 2 47.39 -6.25 -3.16
N GLY NA 3 47.48 -7.56 -2.93
CA GLY NA 3 48.68 -8.10 -2.31
C GLY NA 3 49.68 -8.72 -3.25
N THR NA 4 49.74 -10.06 -3.22
CA THR NA 4 50.79 -10.79 -3.92
C THR NA 4 50.74 -10.53 -5.42
N SER NA 5 49.54 -10.51 -5.99
CA SER NA 5 49.42 -10.29 -7.42
C SER NA 5 49.94 -8.91 -7.82
N SER NA 6 49.58 -7.88 -7.05
CA SER NA 6 50.01 -6.53 -7.39
C SER NA 6 51.48 -6.30 -7.12
N PHE NA 7 52.10 -7.11 -6.26
CA PHE NA 7 53.53 -6.99 -6.10
C PHE NA 7 54.29 -7.42 -7.35
N GLY NA 8 53.66 -8.15 -8.25
CA GLY NA 8 54.38 -8.61 -9.41
C GLY NA 8 54.61 -7.54 -10.45
N LYS NA 9 53.96 -6.40 -10.35
CA LYS NA 9 53.99 -5.39 -11.38
C LYS NA 9 55.00 -4.29 -11.11
N ARG NA 10 55.76 -4.38 -10.03
CA ARG NA 10 56.73 -3.32 -9.71
C ARG NA 10 58.03 -3.64 -10.42
N ARG NA 11 58.32 -2.91 -11.48
CA ARG NA 11 59.55 -3.10 -12.22
C ARG NA 11 60.13 -1.77 -12.71
N ASN NA 12 59.55 -0.63 -12.33
CA ASN NA 12 60.06 0.67 -12.71
C ASN NA 12 60.53 1.39 -11.45
N LYS NA 13 61.80 1.78 -11.43
CA LYS NA 13 62.38 2.38 -10.24
C LYS NA 13 61.94 3.82 -10.07
N THR NA 14 61.45 4.14 -8.87
CA THR NA 14 61.13 5.52 -8.54
C THR NA 14 62.39 6.35 -8.27
N HIS NA 15 63.35 5.78 -7.56
CA HIS NA 15 64.53 6.48 -7.13
C HIS NA 15 65.77 5.86 -7.74
N THR NA 16 66.80 6.68 -7.90
CA THR NA 16 68.13 6.23 -8.30
C THR NA 16 69.15 6.81 -7.33
N LEU NA 17 70.42 6.51 -7.58
CA LEU NA 17 71.49 7.06 -6.77
C LEU NA 17 71.60 8.56 -6.99
N CYS NA 18 71.99 9.27 -5.94
CA CYS NA 18 72.14 10.72 -5.96
C CYS NA 18 73.61 11.06 -6.05
N ARG NA 19 73.96 11.98 -6.97
CA ARG NA 19 75.37 12.29 -7.16
C ARG NA 19 75.96 13.01 -5.95
N ARG NA 20 75.19 13.85 -5.29
CA ARG NA 20 75.48 14.30 -3.94
C ARG NA 20 74.95 13.25 -2.99
N CYS NA 21 75.66 13.02 -1.88
CA CYS NA 21 75.23 12.18 -0.76
C CYS NA 21 75.08 10.68 -1.07
N GLY NA 22 75.21 10.30 -2.34
CA GLY NA 22 75.30 8.89 -2.73
C GLY NA 22 74.18 7.98 -2.29
N SER NA 23 73.02 8.51 -1.97
CA SER NA 23 71.91 7.68 -1.49
C SER NA 23 70.97 7.35 -2.64
N LYS NA 24 70.25 6.25 -2.46
CA LYS NA 24 69.27 5.81 -3.45
C LYS NA 24 67.94 6.51 -3.20
N ALA NA 25 67.96 7.84 -3.17
CA ALA NA 25 66.75 8.61 -2.92
C ALA NA 25 66.55 9.70 -3.95
N TYR NA 26 67.24 9.66 -5.07
CA TYR NA 26 67.08 10.67 -6.08
C TYR NA 26 65.85 10.35 -6.90
N HIS NA 27 64.74 10.98 -6.55
CA HIS NA 27 63.51 10.87 -7.34
C HIS NA 27 63.78 11.33 -8.76
N LEU NA 28 63.59 10.40 -9.69
CA LEU NA 28 63.90 10.65 -11.09
C LEU NA 28 62.85 11.53 -11.75
N GLN NA 29 61.59 11.31 -11.42
CA GLN NA 29 60.52 12.06 -12.07
C GLN NA 29 60.45 13.48 -11.55
N LYS NA 30 60.74 13.68 -10.26
CA LYS NA 30 60.81 15.01 -9.69
C LYS NA 30 62.19 15.64 -9.81
N SER NA 31 63.20 14.86 -10.19
CA SER NA 31 64.58 15.30 -10.30
C SER NA 31 65.07 15.93 -8.99
N THR NA 32 64.86 15.22 -7.90
CA THR NA 32 65.19 15.78 -6.59
C THR NA 32 65.52 14.67 -5.62
N CYS NA 33 66.57 14.84 -4.83
CA CYS NA 33 66.88 13.86 -3.80
C CYS NA 33 65.98 14.06 -2.60
N GLY NA 34 65.34 12.99 -2.16
CA GLY NA 34 64.50 13.03 -0.99
C GLY NA 34 65.24 12.93 0.31
N LYS NA 35 66.57 12.85 0.26
CA LYS NA 35 67.39 12.78 1.45
C LYS NA 35 68.23 14.02 1.66
N CYS NA 36 68.88 14.51 0.61
CA CYS NA 36 69.68 15.72 0.70
C CYS NA 36 69.11 16.89 -0.09
N GLY NA 37 68.12 16.66 -0.95
CA GLY NA 37 67.60 17.71 -1.80
C GLY NA 37 68.66 18.25 -2.74
N TYR NA 38 69.23 17.39 -3.59
CA TYR NA 38 70.47 17.74 -4.27
C TYR NA 38 70.39 18.97 -5.15
N PRO NA 39 69.41 19.16 -6.03
CA PRO NA 39 69.43 20.37 -6.87
C PRO NA 39 69.33 21.64 -6.06
N ALA NA 40 68.85 21.57 -4.82
CA ALA NA 40 68.93 22.71 -3.94
C ALA NA 40 70.36 22.92 -3.47
N LYS NA 41 70.74 24.18 -3.30
CA LYS NA 41 72.11 24.49 -2.89
C LYS NA 41 72.39 24.00 -1.49
N ARG NA 42 71.40 24.05 -0.62
CA ARG NA 42 71.59 23.73 0.78
C ARG NA 42 71.17 22.29 1.05
N LYS NA 43 71.91 21.63 1.93
CA LYS NA 43 71.61 20.26 2.30
C LYS NA 43 70.31 20.20 3.09
N ARG NA 44 69.53 19.16 2.83
CA ARG NA 44 68.26 18.97 3.53
C ARG NA 44 68.54 18.40 4.91
N LYS NA 45 68.10 19.11 5.94
CA LYS NA 45 68.39 18.73 7.32
C LYS NA 45 67.27 19.23 8.21
N TYR NA 46 66.82 18.40 9.13
CA TYR NA 46 65.73 18.76 10.02
C TYR NA 46 66.06 18.36 11.45
N ASN NA 47 65.64 19.20 12.38
CA ASN NA 47 65.88 18.96 13.79
C ASN NA 47 64.92 17.96 14.40
N TRP NA 48 63.90 17.54 13.66
CA TRP NA 48 63.08 16.48 14.22
C TRP NA 48 63.71 15.12 14.08
N SER NA 49 64.83 15.00 13.38
CA SER NA 49 65.54 13.72 13.29
C SER NA 49 67.01 13.94 13.65
N ALA NA 50 67.30 13.87 14.95
CA ALA NA 50 68.68 13.95 15.41
C ALA NA 50 69.45 12.71 15.00
N LYS NA 51 68.78 11.56 14.94
CA LYS NA 51 69.43 10.34 14.49
C LYS NA 51 69.89 10.47 13.04
N ALA NA 52 69.02 11.00 12.19
CA ALA NA 52 69.39 11.23 10.80
C ALA NA 52 70.47 12.28 10.67
N LYS NA 53 70.44 13.30 11.53
CA LYS NA 53 71.51 14.29 11.51
C LYS NA 53 72.85 13.68 11.85
N ARG NA 54 72.90 12.84 12.87
CA ARG NA 54 74.17 12.25 13.27
C ARG NA 54 74.61 11.13 12.34
N ARG NA 55 73.72 10.63 11.47
CA ARG NA 55 74.17 9.69 10.45
C ARG NA 55 75.07 10.34 9.42
N ASN NA 56 74.93 11.64 9.18
CA ASN NA 56 75.64 12.30 8.09
C ASN NA 56 76.31 13.60 8.50
N THR NA 57 76.45 13.86 9.79
CA THR NA 57 77.11 15.07 10.23
C THR NA 57 78.60 15.01 9.94
N THR NA 58 79.28 16.13 10.19
CA THR NA 58 80.74 16.17 10.09
C THR NA 58 81.36 15.18 11.06
N GLY NA 59 82.33 14.41 10.56
CA GLY NA 59 82.98 13.41 11.36
C GLY NA 59 82.58 12.00 11.00
N THR NA 60 81.40 11.82 10.42
CA THR NA 60 80.98 10.51 9.97
C THR NA 60 81.66 10.10 8.67
N GLY NA 61 82.39 11.01 8.04
CA GLY NA 61 83.10 10.68 6.83
C GLY NA 61 84.60 10.77 6.99
N ARG NA 62 85.26 11.32 5.98
CA ARG NA 62 86.71 11.21 5.90
C ARG NA 62 87.41 12.40 6.55
N MET NA 63 86.87 13.60 6.40
CA MET NA 63 87.44 14.83 6.95
C MET NA 63 88.88 15.03 6.49
N ARG NA 64 89.07 14.97 5.17
CA ARG NA 64 90.40 15.11 4.58
C ARG NA 64 91.02 16.45 4.93
N HIS NA 65 90.29 17.53 4.69
CA HIS NA 65 90.82 18.85 4.98
C HIS NA 65 90.79 19.15 6.47
N LEU NA 66 89.73 18.74 7.16
CA LEU NA 66 89.57 19.15 8.55
C LEU NA 66 90.57 18.47 9.47
N LYS NA 67 90.98 17.24 9.17
CA LYS NA 67 92.01 16.62 9.98
C LYS NA 67 93.31 17.40 9.91
N ILE NA 68 93.70 17.82 8.71
CA ILE NA 68 94.91 18.61 8.54
C ILE NA 68 94.74 19.98 9.19
N VAL NA 69 93.55 20.55 9.13
CA VAL NA 69 93.31 21.83 9.80
C VAL NA 69 93.48 21.69 11.30
N TYR NA 70 92.95 20.62 11.87
CA TYR NA 70 93.09 20.38 13.31
C TYR NA 70 94.54 20.18 13.69
N ARG NA 71 95.31 19.48 12.85
CA ARG NA 71 96.73 19.32 13.14
C ARG NA 71 97.48 20.65 13.01
N ARG NA 72 97.17 21.42 11.98
CA ARG NA 72 97.91 22.65 11.71
C ARG NA 72 97.59 23.73 12.73
N PHE NA 73 96.41 23.66 13.35
CA PHE NA 73 96.05 24.66 14.35
C PHE NA 73 96.99 24.65 15.53
N ARG NA 74 97.55 23.49 15.86
CA ARG NA 74 98.38 23.38 17.05
C ARG NA 74 99.69 24.13 16.93
N HIS NA 75 100.08 24.54 15.72
CA HIS NA 75 101.29 25.31 15.52
C HIS NA 75 101.03 26.65 14.87
N GLY NA 76 99.82 27.19 15.04
CA GLY NA 76 99.53 28.52 14.55
C GLY NA 76 99.43 28.64 13.06
N PHE NA 77 99.14 27.54 12.36
CA PHE NA 77 99.00 27.52 10.91
C PHE NA 77 100.26 28.07 10.23
N ARG NA 78 101.41 27.65 10.71
CA ARG NA 78 102.67 28.10 10.13
C ARG NA 78 102.84 27.58 8.71
N GLU NA 79 103.48 28.38 7.86
CA GLU NA 79 103.66 28.04 6.46
C GLU NA 79 104.95 28.65 5.97
N GLY NA 80 105.44 28.13 4.85
CA GLY NA 80 106.63 28.65 4.23
C GLY NA 80 107.92 28.34 4.96
N THR NA 81 107.86 27.49 5.96
CA THR NA 81 109.02 27.19 6.78
C THR NA 81 109.18 25.68 6.87
N THR NA 82 110.40 25.26 7.16
CA THR NA 82 110.76 23.85 7.25
C THR NA 82 111.58 23.65 8.51
N PRO NA 83 111.64 22.43 9.03
CA PRO NA 83 112.53 22.17 10.16
C PRO NA 83 113.97 22.44 9.78
N LYS NA 84 114.74 22.88 10.77
CA LYS NA 84 116.13 23.21 10.52
C LYS NA 84 116.89 21.98 10.03
N PRO NA 85 117.58 22.06 8.90
CA PRO NA 85 118.19 20.87 8.32
C PRO NA 85 119.26 20.27 9.21
N LYS NA 86 119.37 18.94 9.18
CA LYS NA 86 120.34 18.23 9.98
C LYS NA 86 121.75 18.49 9.49
N PRO OA 1 80.42 -5.21 -56.10
CA PRO OA 1 81.15 -5.70 -57.27
C PRO OA 1 80.67 -5.07 -58.56
N ARG OA 2 81.55 -4.94 -59.53
CA ARG OA 2 81.20 -4.40 -60.83
C ARG OA 2 81.54 -5.42 -61.90
N LYS OA 3 80.67 -5.55 -62.89
CA LYS OA 3 80.92 -6.42 -64.04
C LYS OA 3 81.43 -5.56 -65.19
N ILE OA 4 82.51 -6.00 -65.79
CA ILE OA 4 83.14 -5.32 -66.92
C ILE OA 4 82.76 -6.08 -68.18
N GLU OA 5 82.21 -5.38 -69.16
CA GLU OA 5 81.65 -6.06 -70.31
C GLU OA 5 82.73 -6.44 -71.33
N GLU OA 6 83.40 -5.45 -71.90
CA GLU OA 6 84.34 -5.71 -72.97
C GLU OA 6 85.75 -5.82 -72.41
N ILE OA 7 86.75 -5.90 -73.29
CA ILE OA 7 88.07 -6.38 -72.92
C ILE OA 7 89.04 -5.24 -72.62
N LYS OA 8 88.99 -4.14 -73.37
CA LYS OA 8 89.99 -3.10 -73.19
C LYS OA 8 89.74 -2.30 -71.93
N ASP OA 9 88.49 -2.19 -71.48
CA ASP OA 9 88.25 -1.46 -70.24
C ASP OA 9 88.63 -2.28 -69.01
N PHE OA 10 88.84 -3.58 -69.15
CA PHE OA 10 89.38 -4.36 -68.05
C PHE OA 10 90.86 -4.05 -67.85
N LEU OA 11 91.57 -3.74 -68.92
CA LEU OA 11 93.02 -3.63 -68.83
C LEU OA 11 93.44 -2.39 -68.05
N LEU OA 12 92.81 -1.24 -68.28
CA LEU OA 12 93.24 -0.07 -67.53
C LEU OA 12 92.80 -0.13 -66.08
N THR OA 13 91.66 -0.74 -65.78
CA THR OA 13 91.32 -0.97 -64.39
C THR OA 13 92.28 -1.95 -63.74
N ALA OA 14 92.83 -2.90 -64.49
CA ALA OA 14 93.90 -3.74 -63.96
C ALA OA 14 95.18 -2.96 -63.76
N ARG OA 15 95.41 -1.93 -64.58
CA ARG OA 15 96.61 -1.12 -64.52
C ARG OA 15 96.51 0.03 -63.53
N ARG OA 16 95.36 0.21 -62.91
CA ARG OA 16 95.19 1.28 -61.93
C ARG OA 16 96.10 1.06 -60.73
N LYS OA 17 96.46 2.17 -60.07
CA LYS OA 17 97.37 2.09 -58.92
C LYS OA 17 96.73 1.33 -57.76
N ASP OA 18 95.43 1.53 -57.55
CA ASP OA 18 94.74 0.89 -56.44
C ASP OA 18 94.47 -0.59 -56.68
N ALA OA 19 94.80 -1.11 -57.86
CA ALA OA 19 94.61 -2.53 -58.12
C ALA OA 19 95.58 -3.35 -57.28
N LYS OA 20 95.03 -4.14 -56.36
CA LYS OA 20 95.85 -4.93 -55.46
C LYS OA 20 96.23 -6.28 -56.04
N SER OA 21 95.28 -6.97 -56.68
CA SER OA 21 95.53 -8.31 -57.18
C SER OA 21 94.51 -8.67 -58.24
N VAL OA 22 94.79 -9.76 -58.94
CA VAL OA 22 93.90 -10.36 -59.91
C VAL OA 22 93.72 -11.82 -59.54
N LYS OA 23 92.48 -12.29 -59.59
CA LYS OA 23 92.17 -13.70 -59.40
C LYS OA 23 91.59 -14.24 -60.69
N ILE OA 24 92.13 -15.36 -61.17
CA ILE OA 24 91.62 -16.02 -62.36
C ILE OA 24 90.90 -17.27 -61.92
N LYS OA 25 89.62 -17.35 -62.24
CA LYS OA 25 88.75 -18.45 -61.85
C LYS OA 25 88.30 -19.16 -63.12
N LYS OA 26 88.56 -20.46 -63.20
CA LYS OA 26 88.18 -21.24 -64.36
C LYS OA 26 86.94 -22.05 -64.03
N ASN OA 27 85.88 -21.82 -64.78
CA ASN OA 27 84.61 -22.50 -64.61
C ASN OA 27 84.39 -23.46 -65.77
N LYS OA 28 83.27 -24.17 -65.72
CA LYS OA 28 82.96 -25.13 -66.76
C LYS OA 28 82.56 -24.48 -68.07
N ASP OA 29 82.14 -23.22 -68.05
CA ASP OA 29 81.65 -22.57 -69.25
C ASP OA 29 82.09 -21.11 -69.38
N ASN OA 30 82.97 -20.63 -68.50
CA ASN OA 30 83.55 -19.30 -68.63
C ASN OA 30 84.81 -19.24 -67.79
N VAL OA 31 85.57 -18.17 -68.00
CA VAL OA 31 86.73 -17.84 -67.19
C VAL OA 31 86.54 -16.43 -66.69
N LYS OA 32 86.62 -16.25 -65.37
CA LYS OA 32 86.38 -14.96 -64.75
C LYS OA 32 87.70 -14.37 -64.27
N PHE OA 33 87.95 -13.12 -64.65
CA PHE OA 33 89.10 -12.37 -64.21
C PHE OA 33 88.61 -11.30 -63.25
N LYS OA 34 89.07 -11.36 -62.00
CA LYS OA 34 88.57 -10.49 -60.94
C LYS OA 34 89.71 -9.64 -60.44
N VAL OA 35 89.69 -8.35 -60.74
CA VAL OA 35 90.69 -7.42 -60.25
C VAL OA 35 90.14 -6.71 -59.03
N ARG OA 36 90.90 -6.73 -57.94
CA ARG OA 36 90.47 -6.19 -56.66
C ARG OA 36 91.01 -4.77 -56.54
N CYS OA 37 90.13 -3.79 -56.65
CA CYS OA 37 90.49 -2.39 -56.55
C CYS OA 37 90.11 -1.87 -55.16
N SER OA 38 90.24 -0.55 -54.97
CA SER OA 38 89.99 0.03 -53.66
C SER OA 38 88.54 -0.12 -53.23
N ARG OA 39 87.61 0.13 -54.15
CA ARG OA 39 86.20 0.17 -53.83
C ARG OA 39 85.41 -0.99 -54.39
N TYR OA 40 85.77 -1.48 -55.58
CA TYR OA 40 85.01 -2.54 -56.22
C TYR OA 40 85.93 -3.69 -56.58
N LEU OA 41 85.30 -4.84 -56.80
CA LEU OA 41 85.91 -6.00 -57.40
C LEU OA 41 85.35 -6.05 -58.82
N TYR OA 42 86.21 -5.89 -59.81
CA TYR OA 42 85.76 -5.87 -61.20
C TYR OA 42 85.95 -7.25 -61.81
N THR OA 43 84.88 -7.80 -62.34
CA THR OA 43 84.90 -9.13 -62.93
C THR OA 43 84.65 -9.02 -64.42
N LEU OA 44 85.56 -9.61 -65.20
CA LEU OA 44 85.40 -9.75 -66.65
C LEU OA 44 85.24 -11.22 -66.96
N VAL OA 45 84.15 -11.58 -67.63
CA VAL OA 45 83.78 -12.96 -67.87
C VAL OA 45 83.98 -13.26 -69.34
N ILE OA 46 84.88 -14.18 -69.64
CA ILE OA 46 85.20 -14.56 -71.02
C ILE OA 46 84.73 -15.99 -71.24
N THR OA 47 83.88 -16.18 -72.25
CA THR OA 47 83.31 -17.50 -72.49
C THR OA 47 84.32 -18.47 -73.07
N ASP OA 48 85.08 -18.05 -74.08
CA ASP OA 48 86.02 -18.93 -74.75
C ASP OA 48 87.39 -18.88 -74.09
N LYS OA 49 88.20 -19.89 -74.37
CA LYS OA 49 89.48 -20.07 -73.69
C LYS OA 49 90.63 -19.41 -74.42
N GLU OA 50 90.52 -19.15 -75.72
CA GLU OA 50 91.61 -18.51 -76.45
C GLU OA 50 91.86 -17.10 -75.95
N LYS OA 51 90.80 -16.30 -75.83
CA LYS OA 51 90.95 -14.95 -75.32
C LYS OA 51 91.34 -14.95 -73.85
N ALA OA 52 90.85 -15.93 -73.09
CA ALA OA 52 91.25 -16.04 -71.69
C ALA OA 52 92.74 -16.27 -71.56
N GLU OA 53 93.29 -17.18 -72.37
CA GLU OA 53 94.71 -17.44 -72.31
C GLU OA 53 95.52 -16.24 -72.79
N LYS OA 54 95.07 -15.57 -73.85
CA LYS OA 54 95.81 -14.41 -74.33
C LYS OA 54 95.81 -13.28 -73.31
N LEU OA 55 94.66 -13.04 -72.67
CA LEU OA 55 94.60 -12.01 -71.64
C LEU OA 55 95.44 -12.38 -70.44
N LYS OA 56 95.44 -13.67 -70.06
CA LYS OA 56 96.30 -14.14 -68.98
C LYS OA 56 97.76 -13.86 -69.29
N GLN OA 57 98.15 -14.08 -70.55
CA GLN OA 57 99.52 -13.76 -70.95
C GLN OA 57 99.77 -12.25 -70.88
N SER OA 58 98.79 -11.44 -71.28
CA SER OA 58 99.00 -10.02 -71.46
C SER OA 58 98.65 -9.19 -70.24
N LEU OA 59 98.41 -9.81 -69.09
CA LEU OA 59 98.18 -9.05 -67.87
C LEU OA 59 99.43 -8.22 -67.52
N PRO OA 60 99.24 -7.06 -66.90
CA PRO OA 60 100.37 -6.18 -66.62
C PRO OA 60 101.30 -6.80 -65.60
N PRO OA 61 102.59 -6.49 -65.66
CA PRO OA 61 103.54 -7.04 -64.70
C PRO OA 61 103.45 -6.33 -63.36
N GLY OA 62 104.06 -6.95 -62.35
CA GLY OA 62 104.10 -6.37 -61.03
C GLY OA 62 102.80 -6.41 -60.28
N LEU OA 63 101.82 -7.17 -60.77
CA LEU OA 63 100.51 -7.29 -60.14
C LEU OA 63 100.23 -8.77 -59.92
N ALA OA 64 99.68 -9.10 -58.75
CA ALA OA 64 99.45 -10.49 -58.41
C ALA OA 64 98.46 -11.14 -59.37
N VAL OA 65 98.80 -12.35 -59.83
CA VAL OA 65 98.07 -13.02 -60.90
C VAL OA 65 97.49 -14.29 -60.29
N LYS OA 66 97.03 -14.18 -59.04
CA LYS OA 66 96.60 -15.35 -58.28
C LYS OA 66 95.54 -16.15 -59.04
N GLU OA 67 95.70 -17.46 -59.03
CA GLU OA 67 94.88 -18.37 -59.81
C GLU OA 67 94.16 -19.33 -58.87
N LEU OA 68 92.85 -19.42 -59.01
CA LEU OA 68 92.06 -20.12 -58.01
C LEU OA 68 92.03 -21.62 -58.21
N LYS OA 69 92.64 -22.13 -59.27
CA LYS OA 69 92.71 -23.57 -59.49
C LYS OA 69 94.13 -24.01 -59.86
N SER PA 1 69.66 -5.14 -16.42
CA SER PA 1 69.41 -5.45 -17.81
C SER PA 1 70.68 -5.43 -18.60
N SER PA 2 70.59 -5.79 -19.87
CA SER PA 2 71.74 -5.62 -20.76
C SER PA 2 72.09 -4.16 -20.93
N HIS PA 3 71.09 -3.31 -21.12
CA HIS PA 3 71.32 -1.87 -21.18
C HIS PA 3 71.60 -1.33 -19.80
N LYS PA 4 72.79 -0.81 -19.57
CA LYS PA 4 73.13 -0.22 -18.29
C LYS PA 4 74.04 0.97 -18.53
N THR PA 5 74.04 1.88 -17.57
CA THR PA 5 74.90 3.04 -17.65
C THR PA 5 76.27 2.72 -17.08
N PHE PA 6 77.23 3.61 -17.35
CA PHE PA 6 78.59 3.41 -16.86
C PHE PA 6 78.66 3.46 -15.34
N ARG PA 7 77.91 4.37 -14.72
CA ARG PA 7 77.91 4.45 -13.27
C ARG PA 7 77.33 3.20 -12.63
N ILE PA 8 76.23 2.69 -13.18
CA ILE PA 8 75.63 1.47 -12.67
C ILE PA 8 76.59 0.30 -12.83
N LYS PA 9 77.24 0.22 -13.99
CA LYS PA 9 78.18 -0.87 -14.23
C LYS PA 9 79.36 -0.81 -13.26
N ARG PA 10 79.88 0.39 -13.00
CA ARG PA 10 81.00 0.53 -12.08
C ARG PA 10 80.60 0.21 -10.65
N PHE PA 11 79.40 0.61 -10.24
CA PHE PA 11 78.89 0.24 -8.92
C PHE PA 11 78.78 -1.26 -8.78
N LEU PA 12 78.21 -1.92 -9.79
CA LEU PA 12 78.12 -3.38 -9.76
C LEU PA 12 79.49 -4.02 -9.74
N ALA PA 13 80.46 -3.44 -10.43
CA ALA PA 13 81.81 -3.98 -10.43
C ALA PA 13 82.45 -3.93 -9.05
N LYS PA 14 82.27 -2.81 -8.34
CA LYS PA 14 82.80 -2.74 -6.98
C LYS PA 14 82.12 -3.74 -6.06
N LYS PA 15 80.80 -3.87 -6.16
CA LYS PA 15 80.10 -4.84 -5.32
C LYS PA 15 80.50 -6.26 -5.68
N GLN PA 16 80.87 -6.49 -6.92
CA GLN PA 16 81.39 -7.79 -7.32
C GLN PA 16 82.76 -8.06 -6.71
N LYS PA 17 83.64 -7.07 -6.78
CA LYS PA 17 85.01 -7.25 -6.31
C LYS PA 17 85.11 -7.42 -4.81
N GLN PA 18 84.19 -6.84 -4.04
CA GLN PA 18 84.27 -7.02 -2.60
C GLN PA 18 83.48 -8.23 -2.09
N ASN PA 19 82.92 -9.04 -2.98
CA ASN PA 19 82.17 -10.23 -2.57
C ASN PA 19 83.04 -11.47 -2.74
N ARG PA 20 84.04 -11.58 -1.88
CA ARG PA 20 85.00 -12.68 -1.93
C ARG PA 20 85.39 -13.06 -0.51
N PRO PA 21 85.83 -14.30 -0.31
CA PRO PA 21 86.21 -14.73 1.04
C PRO PA 21 87.49 -14.05 1.51
N ILE PA 22 87.69 -14.09 2.83
CA ILE PA 22 88.89 -13.52 3.43
C ILE PA 22 90.09 -14.37 3.04
N PRO PA 23 91.27 -13.77 2.87
CA PRO PA 23 92.47 -14.58 2.65
C PRO PA 23 92.77 -15.44 3.88
N GLN PA 24 93.27 -16.63 3.64
CA GLN PA 24 93.47 -17.57 4.74
C GLN PA 24 94.59 -17.14 5.66
N TRP PA 25 95.56 -16.37 5.15
CA TRP PA 25 96.65 -15.91 5.98
C TRP PA 25 96.23 -14.82 6.95
N ILE PA 26 95.04 -14.24 6.77
CA ILE PA 26 94.57 -13.22 7.70
C ILE PA 26 94.38 -13.80 9.09
N ARG PA 27 93.86 -15.01 9.17
CA ARG PA 27 93.57 -15.61 10.46
C ARG PA 27 94.82 -15.99 11.24
N MET PA 28 95.99 -15.96 10.60
CA MET PA 28 97.23 -16.21 11.30
C MET PA 28 97.87 -14.95 11.87
N LYS PA 29 97.27 -13.78 11.63
CA LYS PA 29 97.84 -12.54 12.13
C LYS PA 29 97.68 -12.45 13.64
N THR PA 30 98.46 -11.57 14.24
CA THR PA 30 98.47 -11.40 15.68
C THR PA 30 97.25 -10.60 16.12
N GLY PA 31 96.43 -11.20 16.97
CA GLY PA 31 95.22 -10.54 17.46
C GLY PA 31 94.19 -10.28 16.38
N ASN PA 32 93.85 -11.33 15.62
CA ASN PA 32 93.01 -11.15 14.44
C ASN PA 32 91.56 -10.89 14.78
N LYS PA 33 90.89 -11.85 15.41
CA LYS PA 33 89.49 -11.85 15.81
C LYS PA 33 88.52 -11.92 14.63
N ILE PA 34 89.00 -12.13 13.41
CA ILE PA 34 88.14 -12.25 12.24
C ILE PA 34 88.14 -13.71 11.79
N ARG PA 35 86.96 -14.24 11.51
CA ARG PA 35 86.84 -15.64 11.13
C ARG PA 35 86.41 -15.83 9.68
N TYR PA 36 85.40 -15.11 9.24
CA TYR PA 36 84.91 -15.22 7.88
C TYR PA 36 84.28 -13.89 7.49
N ASN PA 37 84.28 -13.61 6.19
CA ASN PA 37 83.70 -12.37 5.69
C ASN PA 37 82.21 -12.35 5.97
N SER PA 38 81.79 -11.53 6.93
CA SER PA 38 80.39 -11.43 7.28
C SER PA 38 79.60 -10.55 6.33
N LYS PA 39 80.27 -9.86 5.41
CA LYS PA 39 79.61 -9.00 4.45
C LYS PA 39 79.41 -9.69 3.11
N ARG PA 40 79.47 -11.02 3.09
CA ARG PA 40 79.20 -11.77 1.87
C ARG PA 40 77.75 -11.57 1.45
N ARG PA 41 77.55 -11.33 0.15
CA ARG PA 41 76.23 -11.11 -0.41
C ARG PA 41 76.00 -12.10 -1.53
N HIS PA 42 74.93 -12.87 -1.46
CA HIS PA 42 74.54 -13.75 -2.54
C HIS PA 42 73.47 -13.08 -3.39
N TRP PA 43 73.55 -13.29 -4.70
CA TRP PA 43 72.69 -12.56 -5.62
C TRP PA 43 71.22 -12.90 -5.41
N ARG PA 44 70.92 -14.11 -4.98
CA ARG PA 44 69.53 -14.51 -4.82
C ARG PA 44 68.96 -14.15 -3.46
N ARG PA 45 69.79 -14.08 -2.42
CA ARG PA 45 69.27 -13.83 -1.08
C ARG PA 45 69.04 -12.34 -0.85
N THR PA 46 70.10 -11.56 -0.91
CA THR PA 46 70.04 -10.14 -0.61
C THR PA 46 70.26 -9.35 -1.89
N LYS PA 47 69.34 -8.44 -2.19
CA LYS PA 47 69.44 -7.64 -3.39
C LYS PA 47 70.18 -6.34 -3.10
N LEU PA 48 70.86 -5.84 -4.12
CA LEU PA 48 71.63 -4.62 -3.97
C LEU PA 48 70.70 -3.42 -3.82
N GLY PA 49 71.26 -2.32 -3.34
CA GLY PA 49 70.46 -1.13 -3.12
C GLY PA 49 69.89 -0.56 -4.40
N LEU PA 50 70.71 -0.48 -5.44
CA LEU PA 50 70.31 0.18 -6.67
C LEU PA 50 69.18 -0.57 -7.34
N ILE QA 1 -33.21 -65.01 26.61
CA ILE QA 1 -34.39 -65.73 27.08
C ILE QA 1 -34.04 -66.54 28.31
N ILE QA 2 -33.17 -65.99 29.14
CA ILE QA 2 -32.82 -66.62 30.41
C ILE QA 2 -34.02 -66.55 31.35
N GLU QA 3 -34.32 -67.67 32.01
CA GLU QA 3 -35.42 -67.69 32.96
C GLU QA 3 -35.12 -66.78 34.13
N PRO QA 4 -36.15 -66.23 34.78
CA PRO QA 4 -35.91 -65.18 35.80
C PRO QA 4 -35.07 -65.63 36.98
N SER QA 5 -35.19 -66.90 37.40
CA SER QA 5 -34.38 -67.38 38.51
C SER QA 5 -32.90 -67.33 38.17
N LEU QA 6 -32.52 -67.93 37.04
CA LEU QA 6 -31.15 -67.88 36.59
C LEU QA 6 -30.70 -66.46 36.26
N ARG QA 7 -31.63 -65.61 35.83
CA ARG QA 7 -31.30 -64.22 35.57
C ARG QA 7 -30.88 -63.52 36.86
N GLN QA 8 -31.63 -63.73 37.94
CA GLN QA 8 -31.23 -63.18 39.23
C GLN QA 8 -29.91 -63.76 39.68
N LEU QA 9 -29.70 -65.06 39.44
CA LEU QA 9 -28.43 -65.67 39.81
C LEU QA 9 -27.25 -65.02 39.10
N ALA QA 10 -27.40 -64.73 37.82
CA ALA QA 10 -26.33 -64.05 37.09
C ALA QA 10 -26.18 -62.59 37.50
N GLN QA 11 -27.28 -61.92 37.79
CA GLN QA 11 -27.21 -60.53 38.21
C GLN QA 11 -26.60 -60.36 39.59
N LYS QA 12 -26.69 -61.37 40.45
CA LYS QA 12 -26.00 -61.30 41.73
C LYS QA 12 -24.51 -61.08 41.55
N TYR QA 13 -23.93 -61.66 40.50
CA TYR QA 13 -22.51 -61.53 40.25
C TYR QA 13 -22.16 -60.42 39.29
N ASN QA 14 -23.06 -60.05 38.39
CA ASN QA 14 -22.70 -59.06 37.39
C ASN QA 14 -23.23 -57.65 37.68
N CYS QA 15 -24.40 -57.52 38.29
CA CYS QA 15 -25.08 -56.24 38.32
C CYS QA 15 -25.29 -55.66 39.71
N ASP QA 16 -25.61 -56.49 40.70
CA ASP QA 16 -26.00 -55.99 42.02
C ASP QA 16 -24.75 -55.66 42.82
N LYS QA 17 -24.25 -54.44 42.62
CA LYS QA 17 -22.96 -54.05 43.20
C LYS QA 17 -22.92 -52.54 43.35
N MET QA 18 -21.91 -52.07 44.09
CA MET QA 18 -21.65 -50.66 44.26
C MET QA 18 -20.38 -50.29 43.51
N ILE QA 19 -20.27 -49.00 43.17
CA ILE QA 19 -19.14 -48.47 42.43
C ILE QA 19 -18.58 -47.29 43.20
N CYS QA 20 -17.27 -47.29 43.42
CA CYS QA 20 -16.62 -46.14 44.02
C CYS QA 20 -16.62 -44.98 43.04
N ARG QA 21 -17.08 -43.81 43.49
CA ARG QA 21 -17.11 -42.67 42.58
C ARG QA 21 -15.72 -42.14 42.24
N LYS QA 22 -14.70 -42.50 43.01
CA LYS QA 22 -13.35 -41.99 42.78
C LYS QA 22 -12.50 -42.93 41.92
N CYS QA 23 -12.64 -44.24 42.06
CA CYS QA 23 -11.79 -45.17 41.34
C CYS QA 23 -12.56 -46.28 40.65
N TYR QA 24 -13.89 -46.19 40.59
CA TYR QA 24 -14.77 -47.07 39.82
C TYR QA 24 -14.74 -48.52 40.28
N ALA QA 25 -14.17 -48.81 41.45
CA ALA QA 25 -14.04 -50.20 41.89
C ALA QA 25 -15.40 -50.85 42.08
N ARG QA 26 -15.47 -52.12 41.71
CA ARG QA 26 -16.70 -52.90 41.81
C ARG QA 26 -16.75 -53.56 43.17
N LEU QA 27 -17.58 -53.03 44.06
CA LEU QA 27 -17.66 -53.45 45.44
C LEU QA 27 -18.93 -54.27 45.66
N HIS QA 28 -18.95 -55.02 46.75
CA HIS QA 28 -20.12 -55.80 47.09
C HIS QA 28 -21.29 -54.87 47.40
N PRO QA 29 -22.53 -55.31 47.22
CA PRO QA 29 -23.67 -54.39 47.28
C PRO QA 29 -23.84 -53.67 48.61
N ARG QA 30 -23.37 -54.26 49.71
CA ARG QA 30 -23.53 -53.66 51.02
C ARG QA 30 -22.34 -52.83 51.44
N ALA QA 31 -21.45 -52.50 50.52
CA ALA QA 31 -20.22 -51.79 50.86
C ALA QA 31 -20.51 -50.35 51.28
N VAL QA 32 -19.81 -49.90 52.31
CA VAL QA 32 -19.86 -48.52 52.75
C VAL QA 32 -18.57 -47.77 52.42
N ASN QA 33 -17.43 -48.46 52.33
CA ASN QA 33 -16.17 -47.85 51.95
C ASN QA 33 -15.52 -48.68 50.86
N CYS QA 34 -14.78 -48.00 49.98
CA CYS QA 34 -14.01 -48.69 48.97
C CYS QA 34 -12.85 -49.44 49.61
N ARG QA 35 -12.53 -50.60 49.05
CA ARG QA 35 -11.47 -51.44 49.58
C ARG QA 35 -10.11 -51.07 49.03
N LYS QA 36 -10.02 -50.07 48.18
CA LYS QA 36 -8.81 -49.83 47.40
C LYS QA 36 -8.05 -48.62 47.92
N LYS QA 37 -6.73 -48.78 48.00
CA LYS QA 37 -5.88 -47.77 48.60
C LYS QA 37 -5.85 -46.50 47.77
N LYS QA 38 -5.94 -46.64 46.45
CA LYS QA 38 -5.69 -45.51 45.56
C LYS QA 38 -6.77 -44.43 45.63
N CYS QA 39 -7.94 -44.73 46.16
CA CYS QA 39 -8.95 -43.72 46.40
C CYS QA 39 -8.99 -43.26 47.85
N GLY QA 40 -8.16 -43.84 48.71
CA GLY QA 40 -8.21 -43.50 50.11
C GLY QA 40 -9.33 -44.15 50.88
N HIS QA 41 -9.84 -45.28 50.40
CA HIS QA 41 -10.94 -46.00 51.06
C HIS QA 41 -12.16 -45.12 51.25
N THR QA 42 -12.49 -44.36 50.22
CA THR QA 42 -13.54 -43.36 50.35
C THR QA 42 -14.90 -43.99 50.57
N ASN QA 43 -15.77 -43.25 51.23
CA ASN QA 43 -17.15 -43.69 51.43
C ASN QA 43 -18.08 -43.15 50.35
N ASN QA 44 -17.53 -42.50 49.33
CA ASN QA 44 -18.30 -41.93 48.23
C ASN QA 44 -18.57 -43.01 47.20
N LEU QA 45 -19.69 -43.71 47.37
CA LEU QA 45 -20.07 -44.80 46.48
C LEU QA 45 -21.44 -44.53 45.88
N ARG QA 46 -21.71 -45.22 44.78
CA ARG QA 46 -22.99 -45.15 44.08
C ARG QA 46 -23.41 -46.55 43.67
N PRO QA 47 -24.69 -46.77 43.44
CA PRO QA 47 -25.10 -48.07 42.91
C PRO QA 47 -24.58 -48.27 41.50
N LYS QA 48 -24.40 -49.53 41.12
CA LYS QA 48 -24.10 -49.84 39.72
C LYS QA 48 -25.39 -49.72 38.92
N LYS QA 49 -25.35 -48.94 37.85
CA LYS QA 49 -26.57 -48.60 37.13
C LYS QA 49 -27.13 -49.81 36.40
N LYS QA 50 -28.44 -49.90 36.37
CA LYS QA 50 -29.13 -51.03 35.78
C LYS QA 50 -29.39 -50.79 34.30
N VAL QA 51 -29.70 -51.87 33.58
CA VAL QA 51 -30.02 -51.77 32.16
C VAL QA 51 -31.48 -51.46 31.90
N LYS QA 52 -32.26 -51.15 32.93
CA LYS QA 52 -33.67 -50.83 32.75
C LYS QA 52 -33.87 -49.58 31.92
N MET RA 1 -28.16 16.14 -26.61
CA MET RA 1 -26.73 16.39 -26.73
C MET RA 1 -26.37 16.73 -28.15
N ARG RA 2 -25.51 17.72 -28.33
CA ARG RA 2 -25.04 18.08 -29.65
C ARG RA 2 -24.28 16.93 -30.27
N ALA RA 3 -24.50 16.71 -31.58
CA ALA RA 3 -23.92 15.53 -32.23
C ALA RA 3 -22.41 15.57 -32.23
N LYS RA 4 -21.82 16.76 -32.36
CA LYS RA 4 -20.37 16.87 -32.34
C LYS RA 4 -19.81 16.52 -30.96
N TRP RA 5 -20.49 16.92 -29.89
CA TRP RA 5 -20.01 16.54 -28.57
C TRP RA 5 -20.28 15.08 -28.27
N ARG RA 6 -21.33 14.50 -28.85
CA ARG RA 6 -21.49 13.05 -28.80
C ARG RA 6 -20.33 12.34 -29.48
N LYS RA 7 -19.90 12.88 -30.62
CA LYS RA 7 -18.74 12.32 -31.30
C LYS RA 7 -17.51 12.38 -30.41
N LYS RA 8 -17.29 13.51 -29.75
CA LYS RA 8 -16.13 13.66 -28.86
C LYS RA 8 -16.19 12.68 -27.70
N ARG RA 9 -17.36 12.55 -27.06
CA ARG RA 9 -17.51 11.62 -25.96
C ARG RA 9 -17.28 10.19 -26.41
N MET RA 10 -17.75 9.85 -27.62
CA MET RA 10 -17.50 8.54 -28.17
C MET RA 10 -16.01 8.30 -28.40
N ARG RA 11 -15.28 9.32 -28.87
CA ARG RA 11 -13.84 9.17 -29.05
C ARG RA 11 -13.17 8.86 -27.72
N ARG RA 12 -13.57 9.57 -26.66
CA ARG RA 12 -13.00 9.30 -25.36
C ARG RA 12 -13.32 7.88 -24.88
N LEU RA 13 -14.55 7.44 -25.11
CA LEU RA 13 -14.94 6.08 -24.73
C LEU RA 13 -14.13 5.04 -25.49
N LYS RA 14 -13.90 5.28 -26.78
CA LYS RA 14 -13.09 4.35 -27.57
C LYS RA 14 -11.66 4.31 -27.08
N ARG RA 15 -11.11 5.47 -26.70
CA ARG RA 15 -9.76 5.48 -26.11
C ARG RA 15 -9.71 4.66 -24.83
N LYS RA 16 -10.72 4.81 -23.98
CA LYS RA 16 -10.77 4.05 -22.73
C LYS RA 16 -10.83 2.56 -23.00
N ARG RA 17 -11.67 2.14 -23.95
CA ARG RA 17 -11.77 0.72 -24.29
C ARG RA 17 -10.47 0.19 -24.86
N ARG RA 18 -9.82 0.97 -25.71
CA ARG RA 18 -8.55 0.55 -26.28
C ARG RA 18 -7.50 0.38 -25.20
N LYS RA 19 -7.48 1.29 -24.22
CA LYS RA 19 -6.50 1.17 -23.14
C LYS RA 19 -6.78 -0.07 -22.29
N MET RA 20 -8.04 -0.36 -22.01
CA MET RA 20 -8.35 -1.57 -21.24
C MET RA 20 -7.92 -2.83 -21.99
N ARG RA 21 -8.22 -2.91 -23.29
CA ARG RA 21 -7.81 -4.07 -24.06
C ARG RA 21 -6.30 -4.18 -24.14
N GLN RA 22 -5.61 -3.04 -24.26
CA GLN RA 22 -4.15 -3.04 -24.29
C GLN RA 22 -3.57 -3.52 -22.97
N ARG RA 23 -4.20 -3.14 -21.85
CA ARG RA 23 -3.78 -3.64 -20.56
C ARG RA 23 -3.93 -5.15 -20.49
N SER RA 24 -5.04 -5.69 -20.98
CA SER RA 24 -5.24 -7.13 -20.93
C SER RA 24 -4.59 -7.85 -22.10
N VAL SA 1 1.77 43.96 44.24
CA VAL SA 1 1.67 44.71 45.46
C VAL SA 1 1.44 46.17 45.15
N ASN SA 2 1.15 46.95 46.19
CA ASN SA 2 0.92 48.37 46.05
C ASN SA 2 1.57 49.07 47.24
N VAL SA 3 2.40 50.08 46.97
CA VAL SA 3 3.01 50.82 48.07
C VAL SA 3 2.70 52.30 47.86
N PRO SA 4 2.45 53.05 48.92
CA PRO SA 4 2.18 54.48 48.75
C PRO SA 4 3.41 55.24 48.29
N LYS SA 5 3.17 56.38 47.67
CA LYS SA 5 4.23 57.21 47.12
C LYS SA 5 5.00 57.96 48.20
N THR SA 6 4.58 57.88 49.45
CA THR SA 6 5.29 58.54 50.53
C THR SA 6 5.19 57.68 51.78
N ARG SA 7 6.23 57.74 52.60
CA ARG SA 7 6.16 57.04 53.88
C ARG SA 7 7.05 57.75 54.88
N ARG SA 8 6.67 57.67 56.15
CA ARG SA 8 7.47 58.28 57.21
C ARG SA 8 8.37 57.19 57.79
N THR SA 9 9.65 57.25 57.45
CA THR SA 9 10.58 56.22 57.89
C THR SA 9 11.88 56.88 58.34
N PHE SA 10 12.74 56.07 58.96
CA PHE SA 10 13.97 56.56 59.55
C PHE SA 10 14.92 57.06 58.48
N CYS SA 11 15.46 58.25 58.69
CA CYS SA 11 16.49 58.80 57.82
C CYS SA 11 17.80 58.76 58.56
N LYS SA 12 18.81 58.11 57.97
CA LYS SA 12 20.08 57.93 58.66
C LYS SA 12 20.81 59.25 58.85
N LYS SA 13 20.68 60.18 57.90
CA LYS SA 13 21.38 61.45 58.03
C LYS SA 13 20.78 62.30 59.13
N CYS SA 14 19.46 62.44 59.15
CA CYS SA 14 18.82 63.20 60.21
C CYS SA 14 18.91 62.49 61.56
N GLY SA 15 18.87 61.17 61.55
CA GLY SA 15 18.87 60.40 62.78
C GLY SA 15 17.52 60.20 63.39
N LYS SA 16 16.44 60.34 62.61
CA LYS SA 16 15.09 60.24 63.13
C LYS SA 16 14.16 59.93 61.97
N HIS SA 17 12.91 59.61 62.30
CA HIS SA 17 11.88 59.40 61.29
C HIS SA 17 11.50 60.70 60.63
N GLN SA 18 11.50 60.69 59.30
CA GLN SA 18 11.15 61.82 58.47
C GLN SA 18 10.29 61.30 57.33
N PRO SA 19 9.52 62.16 56.68
CA PRO SA 19 8.83 61.74 55.47
C PRO SA 19 9.82 61.52 54.33
N HIS SA 20 9.49 60.55 53.50
CA HIS SA 20 10.30 60.16 52.36
C HIS SA 20 9.38 59.99 51.16
N LYS SA 21 9.84 60.49 50.02
CA LYS SA 21 9.23 60.19 48.75
C LYS SA 21 9.73 58.84 48.26
N VAL SA 22 8.82 57.98 47.82
CA VAL SA 22 9.14 56.63 47.41
C VAL SA 22 8.99 56.56 45.89
N THR SA 23 10.05 56.16 45.22
CA THR SA 23 10.02 55.89 43.79
C THR SA 23 10.55 54.49 43.55
N GLN SA 24 10.52 54.05 42.30
CA GLN SA 24 11.05 52.74 41.95
C GLN SA 24 12.43 52.91 41.36
N TYR SA 25 13.41 52.19 41.93
CA TYR SA 25 14.77 52.25 41.44
C TYR SA 25 14.88 51.48 40.13
N LYS SA 26 15.52 52.09 39.15
CA LYS SA 26 15.84 51.44 37.90
C LYS SA 26 17.34 51.47 37.69
N LYS SA 27 17.88 50.37 37.17
CA LYS SA 27 19.31 50.25 36.99
C LYS SA 27 19.83 51.29 36.02
N GLY SA 28 20.92 51.95 36.37
CA GLY SA 28 21.52 52.94 35.51
C GLY SA 28 22.26 52.30 34.36
N LYS SA 29 22.63 53.15 33.40
CA LYS SA 29 23.34 52.70 32.22
C LYS SA 29 24.79 52.35 32.57
N ASP SA 30 25.34 51.37 31.86
CA ASP SA 30 26.72 50.94 32.09
C ASP SA 30 27.70 52.03 31.72
N SER SA 31 28.78 52.13 32.49
CA SER SA 31 29.67 53.29 32.40
C SER SA 31 30.58 53.25 31.17
N LEU SA 32 30.96 52.05 30.73
CA LEU SA 32 31.93 51.80 29.66
C LEU SA 32 33.35 52.14 30.10
N TYR SA 33 33.50 52.77 31.27
CA TYR SA 33 34.80 53.05 31.85
C TYR SA 33 34.92 52.50 33.25
N ALA SA 34 33.98 51.67 33.67
CA ALA SA 34 34.19 50.85 34.85
C ALA SA 34 35.28 49.84 34.56
N GLN SA 35 36.03 49.48 35.59
CA GLN SA 35 37.22 48.65 35.39
C GLN SA 35 36.87 47.29 34.83
N GLY SA 36 35.74 46.71 35.23
CA GLY SA 36 35.33 45.45 34.66
C GLY SA 36 34.98 45.54 33.20
N LYS SA 37 34.30 46.61 32.80
CA LYS SA 37 34.03 46.82 31.38
C LYS SA 37 35.31 47.04 30.59
N ARG SA 38 36.25 47.79 31.15
CA ARG SA 38 37.52 48.02 30.48
C ARG SA 38 38.27 46.71 30.28
N ARG SA 39 38.32 45.88 31.32
CA ARG SA 39 38.98 44.59 31.21
C ARG SA 39 38.27 43.69 30.21
N TYR SA 40 36.94 43.70 30.21
CA TYR SA 40 36.18 42.89 29.28
C TYR SA 40 36.45 43.31 27.84
N ASP SA 41 36.50 44.61 27.59
CA ASP SA 41 36.74 45.07 26.23
C ASP SA 41 38.15 44.71 25.76
N ARG SA 42 39.14 44.87 26.64
CA ARG SA 42 40.49 44.46 26.29
C ARG SA 42 40.55 42.96 26.00
N LYS SA 43 39.85 42.16 26.82
CA LYS SA 43 39.86 40.72 26.62
C LYS SA 43 39.17 40.32 25.33
N GLN SA 44 38.07 41.00 24.99
CA GLN SA 44 37.32 40.65 23.79
C GLN SA 44 38.00 41.11 22.52
N SER SA 45 38.80 42.17 22.57
CA SER SA 45 39.46 42.64 21.37
C SER SA 45 40.41 41.59 20.82
N GLY SA 46 40.46 41.48 19.50
CA GLY SA 46 41.35 40.53 18.86
C GLY SA 46 40.66 39.26 18.43
N TYR SA 47 41.39 38.15 18.48
CA TYR SA 47 40.87 36.86 18.09
C TYR SA 47 40.66 36.00 19.33
N GLY SA 48 39.79 35.02 19.21
CA GLY SA 48 39.48 34.15 20.32
C GLY SA 48 38.00 34.02 20.55
N GLY SA 49 37.22 34.94 19.98
CA GLY SA 49 35.79 34.88 20.15
C GLY SA 49 35.34 35.38 21.50
N GLN SA 50 34.23 34.83 21.97
CA GLN SA 50 33.71 35.16 23.28
C GLN SA 50 34.61 34.55 24.35
N THR SA 51 34.95 35.37 25.35
CA THR SA 51 35.91 34.98 26.36
C THR SA 51 35.33 34.85 27.75
N LYS SA 52 34.10 35.28 27.96
CA LYS SA 52 33.40 35.19 29.23
C LYS SA 52 32.07 34.47 29.01
N PRO SA 53 31.53 33.82 30.03
CA PRO SA 53 30.26 33.12 29.85
C PRO SA 53 29.11 34.05 29.53
N ILE SA 54 28.15 33.56 28.77
CA ILE SA 54 26.90 34.27 28.48
C ILE SA 54 25.77 33.42 29.05
N PHE SA 55 25.04 33.98 30.02
CA PHE SA 55 24.22 33.17 30.91
C PHE SA 55 23.19 32.33 30.15
N ARG SA 56 22.24 32.98 29.48
CA ARG SA 56 21.21 32.37 28.65
C ARG SA 56 20.54 31.11 29.22
N LYS SA 57 20.33 31.06 30.53
CA LYS SA 57 19.57 29.96 31.15
C LYS SA 57 18.64 30.49 32.23
N LYS SA 58 17.91 31.55 31.91
CA LYS SA 58 17.08 32.27 32.86
C LYS SA 58 16.01 31.36 33.47
N ALA SA 59 15.78 31.52 34.77
CA ALA SA 59 14.75 30.78 35.50
C ALA SA 59 13.80 31.67 36.27
N LYS SA 60 14.27 32.76 36.87
CA LYS SA 60 13.38 33.65 37.60
C LYS SA 60 12.44 34.37 36.65
N THR SA 61 11.22 34.59 37.09
CA THR SA 61 10.24 35.34 36.33
C THR SA 61 9.95 36.70 36.93
N THR SA 62 10.49 36.99 38.10
CA THR SA 62 10.29 38.26 38.79
C THR SA 62 11.63 38.83 39.22
N LYS SA 63 11.58 40.02 39.78
CA LYS SA 63 12.72 40.67 40.39
C LYS SA 63 12.32 41.19 41.76
N LYS SA 64 13.30 41.37 42.63
CA LYS SA 64 13.06 42.06 43.88
C LYS SA 64 12.93 43.55 43.62
N ILE SA 65 11.78 44.12 43.92
CA ILE SA 65 11.57 45.54 43.66
C ILE SA 65 12.38 46.35 44.66
N VAL SA 66 13.02 47.40 44.17
CA VAL SA 66 13.80 48.29 45.01
C VAL SA 66 13.10 49.64 45.04
N LEU SA 67 12.79 50.09 46.24
CA LEU SA 67 12.22 51.41 46.44
C LEU SA 67 13.33 52.39 46.75
N ARG SA 68 13.36 53.48 46.02
CA ARG SA 68 14.27 54.59 46.26
C ARG SA 68 13.53 55.57 47.16
N LEU SA 69 13.96 55.67 48.41
CA LEU SA 69 13.40 56.60 49.37
C LEU SA 69 14.26 57.85 49.39
N GLU SA 70 13.64 59.01 49.30
CA GLU SA 70 14.34 60.27 49.43
C GLU SA 70 13.76 61.07 50.58
N CYS SA 71 14.60 61.46 51.53
CA CYS SA 71 14.16 62.29 52.64
C CYS SA 71 13.63 63.61 52.10
N VAL SA 72 12.44 64.02 52.56
CA VAL SA 72 11.82 65.22 52.01
C VAL SA 72 12.33 66.49 52.65
N GLU SA 73 13.18 66.40 53.65
CA GLU SA 73 13.79 67.59 54.23
C GLU SA 73 14.64 68.29 53.18
N PRO SA 74 14.44 69.59 52.97
CA PRO SA 74 15.29 70.30 52.00
C PRO SA 74 16.76 70.30 52.37
N ASN SA 75 17.07 70.37 53.66
CA ASN SA 75 18.46 70.35 54.10
C ASN SA 75 19.08 68.96 54.04
N CYS SA 76 18.28 67.93 53.82
CA CYS SA 76 18.79 66.56 53.79
C CYS SA 76 18.01 65.82 52.70
N ARG SA 77 18.59 65.74 51.51
CA ARG SA 77 17.99 64.98 50.42
C ARG SA 77 18.48 63.55 50.38
N SER SA 78 18.86 62.99 51.53
CA SER SA 78 19.52 61.71 51.57
C SER SA 78 18.62 60.61 51.03
N LYS SA 79 19.17 59.73 50.22
CA LYS SA 79 18.42 58.65 49.60
C LYS SA 79 18.81 57.32 50.22
N ARG SA 80 17.99 56.31 49.94
CA ARG SA 80 18.22 54.98 50.47
C ARG SA 80 17.59 53.96 49.53
N MET SA 81 18.06 52.72 49.63
CA MET SA 81 17.53 51.60 48.86
C MET SA 81 16.84 50.65 49.82
N LEU SA 82 15.55 50.41 49.59
CA LEU SA 82 14.78 49.43 50.34
C LEU SA 82 14.30 48.35 49.38
N ALA SA 83 14.60 47.10 49.70
CA ALA SA 83 14.17 45.98 48.86
C ALA SA 83 12.95 45.33 49.50
N ILE SA 84 11.91 45.14 48.70
CA ILE SA 84 10.76 44.36 49.10
C ILE SA 84 10.82 43.03 48.36
N LYS SA 85 9.94 42.12 48.75
CA LYS SA 85 9.97 40.77 48.21
C LYS SA 85 9.62 40.77 46.73
N ARG SA 86 9.80 39.62 46.09
CA ARG SA 86 9.50 39.46 44.68
C ARG SA 86 8.01 39.56 44.44
N CYS SA 87 7.64 40.24 43.35
CA CYS SA 87 6.25 40.32 42.96
C CYS SA 87 6.17 40.43 41.44
N LYS SA 88 5.13 39.81 40.87
CA LYS SA 88 4.95 39.88 39.42
C LYS SA 88 4.49 41.26 39.00
N HIS SA 89 3.51 41.83 39.69
CA HIS SA 89 2.98 43.14 39.37
C HIS SA 89 3.24 44.08 40.54
N PHE SA 90 3.80 45.25 40.25
CA PHE SA 90 4.12 46.24 41.26
C PHE SA 90 3.51 47.57 40.87
N GLU SA 91 2.92 48.25 41.84
CA GLU SA 91 2.28 49.53 41.60
C GLU SA 91 2.70 50.52 42.68
N LEU SA 92 2.90 51.76 42.26
CA LEU SA 92 3.31 52.86 43.13
C LEU SA 92 2.18 53.85 43.24
N GLY SA 93 1.65 54.02 44.44
CA GLY SA 93 0.58 54.98 44.67
C GLY SA 93 -0.72 54.62 43.99
N GLY SA 94 -1.12 53.36 44.03
CA GLY SA 94 -2.37 52.96 43.45
C GLY SA 94 -3.55 53.30 44.32
N ASP SA 95 -4.74 53.03 43.80
CA ASP SA 95 -5.96 53.28 44.54
C ASP SA 95 -6.10 52.29 45.69
N LYS SA 96 -6.51 52.78 46.85
CA LYS SA 96 -6.66 51.92 48.01
C LYS SA 96 -7.81 50.95 47.81
N LYS SA 97 -7.72 49.81 48.49
CA LYS SA 97 -8.77 48.81 48.43
C LYS SA 97 -9.86 49.14 49.44
N ARG SA 98 -11.09 48.77 49.11
CA ARG SA 98 -12.24 49.02 49.96
C ARG SA 98 -12.89 47.69 50.33
N LYS SA 99 -13.50 47.65 51.51
CA LYS SA 99 -14.01 46.39 52.03
C LYS SA 99 -15.47 46.16 51.65
N GLY SA 100 -16.37 47.06 52.08
CA GLY SA 100 -17.78 46.88 51.83
C GLY SA 100 -18.25 47.43 50.51
N GLN SA 101 -17.49 47.14 49.45
CA GLN SA 101 -17.75 47.68 48.12
C GLN SA 101 -18.18 46.56 47.20
N VAL SA 102 -19.16 46.86 46.34
CA VAL SA 102 -19.65 45.87 45.39
C VAL SA 102 -18.58 45.61 44.33
N ILE SA 103 -18.44 44.35 43.93
CA ILE SA 103 -17.60 44.04 42.79
C ILE SA 103 -18.31 44.49 41.52
N GLN SA 104 -17.55 45.10 40.61
CA GLN SA 104 -18.15 45.66 39.40
C GLN SA 104 -18.76 44.56 38.54
N PHE SA 105 -19.97 44.79 38.06
CA PHE SA 105 -20.66 43.85 37.20
C PHE SA 105 -20.13 43.94 35.78
N ALA TA 1 15.34 -6.91 -53.62
CA ALA TA 1 14.03 -6.67 -53.04
C ALA TA 1 14.11 -5.57 -52.01
N LYS TA 2 12.97 -4.99 -51.65
CA LYS TA 2 12.94 -4.04 -50.54
C LYS TA 2 13.26 -4.75 -49.25
N ARG TA 3 14.28 -4.27 -48.55
CA ARG TA 3 14.79 -5.02 -47.42
C ARG TA 3 14.20 -4.56 -46.09
N THR TA 4 13.94 -3.27 -45.95
CA THR TA 4 13.26 -2.75 -44.78
C THR TA 4 12.06 -1.94 -45.22
N LYS TA 5 11.07 -1.85 -44.33
CA LYS TA 5 9.85 -1.12 -44.66
C LYS TA 5 10.03 0.37 -44.44
N LYS TA 6 10.54 0.77 -43.28
CA LYS TA 6 10.60 2.19 -42.95
C LYS TA 6 11.90 2.66 -42.33
N VAL TA 7 12.72 1.80 -41.71
CA VAL TA 7 13.89 2.30 -41.00
C VAL TA 7 14.91 2.86 -41.97
N GLY TA 8 15.08 2.24 -43.13
CA GLY TA 8 16.00 2.74 -44.12
C GLY TA 8 17.44 2.70 -43.66
N ILE TA 9 18.08 3.87 -43.61
CA ILE TA 9 19.50 3.92 -43.29
C ILE TA 9 19.79 3.62 -41.82
N VAL TA 10 18.83 3.82 -40.93
CA VAL TA 10 19.10 3.67 -39.51
C VAL TA 10 18.77 2.26 -39.06
N GLY TA 11 18.66 1.34 -40.01
CA GLY TA 11 18.57 -0.05 -39.63
C GLY TA 11 19.83 -0.56 -38.97
N LYS TA 12 20.94 0.15 -39.13
CA LYS TA 12 22.19 -0.23 -38.48
C LYS TA 12 22.13 -0.06 -36.97
N TYR TA 13 21.23 0.76 -36.47
CA TYR TA 13 21.11 0.98 -35.04
C TYR TA 13 20.29 -0.09 -34.34
N GLY TA 14 19.68 -1.00 -35.10
CA GLY TA 14 18.95 -2.09 -34.47
C GLY TA 14 17.67 -1.59 -33.83
N THR TA 15 17.41 -2.09 -32.63
CA THR TA 15 16.25 -1.70 -31.85
C THR TA 15 16.58 -0.63 -30.82
N ARG TA 16 17.78 -0.06 -30.89
CA ARG TA 16 18.27 0.80 -29.83
C ARG TA 16 17.82 2.25 -30.03
N TYR TA 17 17.89 3.01 -28.93
CA TYR TA 17 17.85 4.47 -28.83
C TYR TA 17 16.46 5.06 -28.96
N GLY TA 18 15.44 4.29 -29.29
CA GLY TA 18 14.12 4.86 -29.42
C GLY TA 18 13.75 5.17 -30.85
N ALA TA 19 12.51 4.86 -31.20
CA ALA TA 19 12.06 5.04 -32.58
C ALA TA 19 12.11 6.49 -33.01
N SER TA 20 11.72 7.41 -32.12
CA SER TA 20 11.73 8.81 -32.48
C SER TA 20 13.14 9.34 -32.64
N LEU TA 21 14.08 8.88 -31.81
CA LEU TA 21 15.46 9.33 -31.98
C LEU TA 21 16.06 8.77 -33.27
N ARG TA 22 15.78 7.52 -33.60
CA ARG TA 22 16.25 6.98 -34.87
C ARG TA 22 15.62 7.71 -36.05
N LYS TA 23 14.34 8.02 -35.96
CA LYS TA 23 13.67 8.76 -37.03
C LYS TA 23 14.25 10.15 -37.17
N MET TA 24 14.55 10.81 -36.05
CA MET TA 24 15.13 12.14 -36.10
C MET TA 24 16.52 12.11 -36.73
N VAL TA 25 17.32 11.10 -36.40
CA VAL TA 25 18.68 11.06 -36.93
C VAL TA 25 18.71 10.52 -38.35
N LYS TA 26 17.62 9.92 -38.83
CA LYS TA 26 17.63 9.32 -40.16
C LYS TA 26 17.88 10.35 -41.26
N LYS TA 27 17.13 11.45 -41.25
CA LYS TA 27 17.30 12.41 -42.35
C LYS TA 27 18.63 13.12 -42.27
N ILE TA 28 19.14 13.33 -41.07
CA ILE TA 28 20.47 13.90 -40.90
C ILE TA 28 21.53 12.95 -41.45
N GLU TA 29 21.41 11.66 -41.16
CA GLU TA 29 22.35 10.68 -41.70
C GLU TA 29 22.31 10.66 -43.22
N ILE TA 30 21.12 10.70 -43.80
CA ILE TA 30 21.00 10.70 -45.26
C ILE TA 30 21.65 11.92 -45.86
N SER TA 31 21.33 13.10 -45.34
CA SER TA 31 21.90 14.33 -45.89
C SER TA 31 23.40 14.40 -45.65
N GLN TA 32 23.88 13.86 -44.53
CA GLN TA 32 25.28 13.96 -44.18
C GLN TA 32 26.13 13.05 -45.05
N HIS TA 33 25.60 11.89 -45.40
CA HIS TA 33 26.35 10.96 -46.24
C HIS TA 33 26.01 11.07 -47.71
N ALA TA 34 25.13 11.99 -48.10
CA ALA TA 34 24.79 12.14 -49.50
C ALA TA 34 25.94 12.79 -50.27
N LYS TA 35 25.94 12.54 -51.58
CA LYS TA 35 26.85 13.19 -52.51
C LYS TA 35 26.11 14.33 -53.18
N TYR TA 36 26.57 15.55 -52.96
CA TYR TA 36 25.96 16.71 -53.58
C TYR TA 36 26.66 17.01 -54.89
N THR TA 37 25.96 17.73 -55.76
CA THR TA 37 26.58 18.20 -56.98
C THR TA 37 27.41 19.45 -56.70
N CYS TA 38 28.58 19.51 -57.31
CA CYS TA 38 29.45 20.65 -57.11
C CYS TA 38 28.95 21.83 -57.93
N SER TA 39 28.95 23.01 -57.31
CA SER TA 39 28.60 24.22 -58.03
C SER TA 39 29.78 24.79 -58.79
N PHE TA 40 30.95 24.18 -58.69
CA PHE TA 40 32.15 24.66 -59.35
C PHE TA 40 32.50 23.84 -60.58
N CYS TA 41 32.42 22.52 -60.49
CA CYS TA 41 32.73 21.66 -61.62
C CYS TA 41 31.51 20.94 -62.18
N GLY TA 42 30.41 20.92 -61.43
CA GLY TA 42 29.19 20.30 -61.90
C GLY TA 42 29.10 18.81 -61.68
N LYS TA 43 30.14 18.18 -61.17
CA LYS TA 43 30.14 16.75 -60.92
C LYS TA 43 29.53 16.44 -59.57
N THR TA 44 28.93 15.25 -59.46
CA THR TA 44 28.28 14.82 -58.22
C THR TA 44 29.31 14.18 -57.28
N LYS TA 45 30.26 15.00 -56.84
CA LYS TA 45 31.38 14.50 -56.04
C LYS TA 45 31.65 15.37 -54.83
N MET TA 46 30.69 16.16 -54.38
CA MET TA 46 30.88 17.04 -53.23
C MET TA 46 30.35 16.34 -51.99
N LYS TA 47 31.25 15.85 -51.15
CA LYS TA 47 30.86 15.08 -49.98
C LYS TA 47 31.53 15.64 -48.75
N ARG TA 48 30.93 15.34 -47.60
CA ARG TA 48 31.40 15.90 -46.34
C ARG TA 48 32.69 15.25 -45.92
N ARG TA 49 33.67 16.08 -45.57
CA ARG TA 49 34.95 15.61 -45.06
C ARG TA 49 34.93 15.55 -43.53
N ALA TA 50 34.54 16.65 -42.89
CA ALA TA 50 34.34 16.70 -41.46
C ALA TA 50 33.08 17.51 -41.23
N VAL TA 51 32.75 17.74 -39.97
CA VAL TA 51 31.58 18.55 -39.67
C VAL TA 51 31.82 19.98 -40.15
N GLY TA 52 30.98 20.44 -41.07
CA GLY TA 52 31.11 21.76 -41.62
C GLY TA 52 32.03 21.91 -42.80
N ILE TA 53 32.72 20.85 -43.22
CA ILE TA 53 33.68 20.92 -44.33
C ILE TA 53 33.18 20.02 -45.43
N TRP TA 54 33.03 20.56 -46.63
CA TRP TA 54 32.55 19.81 -47.78
C TRP TA 54 33.57 19.88 -48.89
N HIS TA 55 34.04 18.74 -49.34
CA HIS TA 55 35.13 18.69 -50.29
C HIS TA 55 34.66 18.02 -51.56
N CYS TA 56 35.14 18.51 -52.71
CA CYS TA 56 34.80 17.92 -53.99
C CYS TA 56 35.94 17.04 -54.46
N GLY TA 57 35.62 15.79 -54.80
CA GLY TA 57 36.64 14.87 -55.27
C GLY TA 57 37.27 15.30 -56.58
N SER TA 58 36.49 15.88 -57.48
CA SER TA 58 36.97 16.13 -58.84
C SER TA 58 37.84 17.38 -58.91
N CYS TA 59 37.28 18.54 -58.60
CA CYS TA 59 38.01 19.78 -58.74
C CYS TA 59 38.80 20.13 -57.48
N MET TA 60 38.78 19.27 -56.46
CA MET TA 60 39.55 19.41 -55.24
C MET TA 60 39.22 20.70 -54.50
N LYS TA 61 38.02 21.21 -54.66
CA LYS TA 61 37.60 22.43 -54.00
C LYS TA 61 37.00 22.09 -52.64
N THR TA 62 37.45 22.76 -51.61
CA THR TA 62 36.92 22.59 -50.26
C THR TA 62 36.11 23.82 -49.89
N VAL TA 63 34.95 23.61 -49.29
CA VAL TA 63 34.04 24.68 -48.95
C VAL TA 63 33.60 24.50 -47.50
N ALA TA 64 33.18 25.60 -46.89
CA ALA TA 64 32.65 25.59 -45.53
C ALA TA 64 31.13 25.65 -45.63
N GLY TA 65 30.46 24.71 -45.00
CA GLY TA 65 29.02 24.59 -45.10
C GLY TA 65 28.42 24.13 -43.81
N GLY TA 66 27.26 23.51 -43.90
CA GLY TA 66 26.56 23.08 -42.72
C GLY TA 66 27.17 21.85 -42.10
N ALA TA 67 26.69 21.52 -40.91
CA ALA TA 67 27.17 20.33 -40.21
C ALA TA 67 26.75 19.07 -40.95
N TRP TA 68 25.50 19.01 -41.40
CA TRP TA 68 24.98 17.82 -42.05
C TRP TA 68 24.52 18.04 -43.48
N THR TA 69 24.27 19.27 -43.88
CA THR TA 69 23.90 19.58 -45.26
C THR TA 69 24.96 20.49 -45.84
N TYR TA 70 25.00 20.54 -47.18
CA TYR TA 70 26.03 21.30 -47.86
C TYR TA 70 25.94 22.78 -47.52
N ASN TA 71 24.72 23.33 -47.51
CA ASN TA 71 24.50 24.68 -47.04
C ASN TA 71 23.22 24.73 -46.22
N THR TA 72 23.20 25.66 -45.28
CA THR TA 72 22.05 25.80 -44.40
C THR TA 72 21.12 26.90 -44.90
N THR TA 73 19.84 26.74 -44.58
CA THR TA 73 18.84 27.76 -44.94
C THR TA 73 19.20 29.11 -44.36
N SER TA 74 19.72 29.11 -43.13
CA SER TA 74 20.17 30.35 -42.52
C SER TA 74 21.23 31.04 -43.35
N ALA TA 75 22.25 30.28 -43.77
CA ALA TA 75 23.32 30.88 -44.56
C ALA TA 75 22.83 31.35 -45.92
N VAL TA 76 21.89 30.63 -46.53
CA VAL TA 76 21.39 31.05 -47.84
C VAL TA 76 20.64 32.38 -47.73
N THR TA 77 19.74 32.48 -46.75
CA THR TA 77 19.02 33.74 -46.57
C THR TA 77 19.97 34.86 -46.17
N VAL TA 78 21.01 34.54 -45.41
CA VAL TA 78 22.00 35.55 -45.05
C VAL TA 78 22.75 36.05 -46.26
N LYS TA 79 23.13 35.15 -47.17
CA LYS TA 79 23.82 35.58 -48.38
C LYS TA 79 22.92 36.47 -49.22
N SER TA 80 21.64 36.12 -49.34
CA SER TA 80 20.72 36.98 -50.07
C SER TA 80 20.61 38.35 -49.42
N ALA TA 81 20.51 38.38 -48.09
CA ALA TA 81 20.37 39.64 -47.38
C ALA TA 81 21.60 40.52 -47.54
N ILE TA 82 22.79 39.92 -47.47
CA ILE TA 82 24.02 40.68 -47.62
C ILE TA 82 24.15 41.20 -49.03
N ARG TA 83 23.77 40.41 -50.02
CA ARG TA 83 23.84 40.86 -51.40
C ARG TA 83 22.93 42.06 -51.63
N ARG TA 84 21.70 42.00 -51.13
CA ARG TA 84 20.83 43.15 -51.30
C ARG TA 84 21.26 44.35 -50.47
N LEU TA 85 21.89 44.13 -49.30
CA LEU TA 85 22.43 45.25 -48.54
C LEU TA 85 23.57 45.93 -49.29
N LYS TA 86 24.45 45.15 -49.91
CA LYS TA 86 25.52 45.74 -50.71
C LYS TA 86 24.96 46.50 -51.90
N GLU TA 87 23.91 45.96 -52.54
CA GLU TA 87 23.30 46.66 -53.66
C GLU TA 87 22.64 47.97 -53.23
N LEU TA 88 21.96 47.97 -52.08
CA LEU TA 88 21.40 49.22 -51.57
C LEU TA 88 22.50 50.21 -51.20
N LYS TA 89 23.59 49.71 -50.62
CA LYS TA 89 24.67 50.60 -50.20
C LYS TA 89 25.30 51.30 -51.39
N ASP TA 90 25.69 50.55 -52.42
CA ASP TA 90 26.29 51.22 -53.55
C ASP TA 90 25.22 51.86 -54.42
N GLN TA 91 25.66 52.78 -55.29
CA GLN TA 91 24.77 53.44 -56.22
C GLN TA 91 25.05 52.95 -57.64
N SER UA 1 87.20 10.11 81.89
CA SER UA 1 86.47 9.34 82.88
C SER UA 1 86.01 8.01 82.30
N ALA UA 2 85.92 6.99 83.16
CA ALA UA 2 85.62 5.65 82.69
C ALA UA 2 84.23 5.58 82.06
N HIS UA 3 83.24 6.21 82.69
CA HIS UA 3 81.88 6.15 82.16
C HIS UA 3 81.77 6.91 80.85
N LEU UA 4 82.41 8.06 80.77
CA LEU UA 4 82.39 8.83 79.53
C LEU UA 4 83.05 8.04 78.40
N GLN UA 5 84.22 7.47 78.65
CA GLN UA 5 84.89 6.72 77.59
C GLN UA 5 84.14 5.45 77.24
N TRP UA 6 83.46 4.84 78.21
CA TRP UA 6 82.64 3.68 77.91
C TRP UA 6 81.49 4.06 77.01
N MET UA 7 80.87 5.20 77.24
CA MET UA 7 79.80 5.62 76.34
C MET UA 7 80.30 5.86 74.92
N VAL UA 8 81.61 6.02 74.74
CA VAL UA 8 82.18 6.19 73.41
C VAL UA 8 82.56 4.86 72.76
N VAL UA 9 83.08 3.91 73.55
CA VAL UA 9 83.62 2.68 72.96
C VAL UA 9 82.72 1.47 73.19
N ARG UA 10 81.54 1.64 73.77
CA ARG UA 10 80.71 0.46 74.08
C ARG UA 10 80.24 -0.25 72.82
N ASN UA 11 80.15 0.46 71.71
CA ASN UA 11 79.72 -0.15 70.46
C ASN UA 11 80.61 0.21 69.28
N CYS UA 12 81.56 1.11 69.46
CA CYS UA 12 82.45 1.54 68.38
C CYS UA 12 83.89 1.41 68.88
N SER UA 13 84.53 0.31 68.55
CA SER UA 13 85.89 0.05 68.99
C SER UA 13 86.52 -0.95 68.04
N SER UA 14 87.82 -0.83 67.87
CA SER UA 14 88.54 -1.77 67.03
C SER UA 14 88.78 -3.11 67.71
N PHE UA 15 88.54 -3.20 69.01
CA PHE UA 15 88.65 -4.44 69.75
C PHE UA 15 87.32 -5.19 69.82
N LEU UA 16 86.27 -4.64 69.23
CA LEU UA 16 84.94 -5.20 69.33
C LEU UA 16 84.74 -6.30 68.30
N ILE UA 17 84.27 -7.45 68.75
CA ILE UA 17 83.89 -8.55 67.89
C ILE UA 17 82.43 -8.86 68.17
N LYS UA 18 81.57 -8.60 67.21
CA LYS UA 18 80.15 -8.91 67.31
C LYS UA 18 79.84 -9.97 66.27
N ARG UA 19 79.64 -11.20 66.72
CA ARG UA 19 79.51 -12.31 65.78
C ARG UA 19 78.87 -13.48 66.51
N ASN UA 20 77.97 -14.19 65.80
CA ASN UA 20 77.33 -15.40 66.31
C ASN UA 20 76.51 -15.13 67.56
N LYS UA 21 75.81 -14.01 67.59
CA LYS UA 21 75.03 -13.55 68.74
C LYS UA 21 75.90 -13.37 69.98
N GLN UA 22 77.20 -13.26 69.81
CA GLN UA 22 78.14 -13.10 70.91
C GLN UA 22 78.94 -11.83 70.72
N THR UA 23 79.46 -11.30 71.81
CA THR UA 23 80.25 -10.09 71.79
C THR UA 23 81.51 -10.30 72.61
N TYR UA 24 82.66 -10.01 72.01
CA TYR UA 24 83.94 -10.14 72.66
C TYR UA 24 84.72 -8.85 72.47
N SER UA 25 85.68 -8.62 73.35
CA SER UA 25 86.50 -7.42 73.29
C SER UA 25 87.93 -7.84 73.55
N THR UA 26 88.85 -7.37 72.72
CA THR UA 26 90.19 -7.95 72.64
C THR UA 26 91.30 -6.96 73.01
N GLU UA 27 91.00 -5.98 73.85
CA GLU UA 27 92.06 -5.08 74.30
C GLU UA 27 92.96 -5.82 75.30
N PRO UA 28 94.22 -5.36 75.45
CA PRO UA 28 95.22 -6.21 76.12
C PRO UA 28 94.91 -6.65 77.54
N ASN UA 29 94.30 -5.83 78.37
CA ASN UA 29 94.20 -6.13 79.80
C ASN UA 29 92.77 -6.50 80.21
N ASN UA 30 92.10 -7.26 79.38
CA ASN UA 30 90.72 -7.65 79.60
C ASN UA 30 90.70 -9.11 80.05
N LEU UA 31 90.37 -9.34 81.32
CA LEU UA 31 90.05 -10.68 81.77
C LEU UA 31 88.64 -11.02 81.35
N LYS UA 32 88.44 -12.25 80.86
CA LYS UA 32 87.22 -12.80 80.28
C LYS UA 32 86.95 -12.28 78.89
N ALA UA 33 87.68 -11.25 78.42
CA ALA UA 33 87.63 -10.78 77.04
C ALA UA 33 86.21 -10.45 76.58
N ARG UA 34 85.41 -9.90 77.48
CA ARG UA 34 84.04 -9.56 77.16
C ARG UA 34 83.88 -8.05 77.05
N ASN UA 35 82.97 -7.64 76.20
CA ASN UA 35 82.67 -6.22 76.02
C ASN UA 35 81.80 -5.79 77.19
N SER UA 36 82.42 -5.21 78.20
CA SER UA 36 81.68 -4.82 79.40
C SER UA 36 82.41 -3.66 80.06
N PHE UA 37 81.65 -2.85 80.80
CA PHE UA 37 82.25 -1.74 81.52
C PHE UA 37 83.21 -2.24 82.58
N ARG UA 38 82.82 -3.27 83.33
CA ARG UA 38 83.65 -3.74 84.43
C ARG UA 38 84.97 -4.32 83.94
N TYR UA 39 84.95 -5.06 82.84
CA TYR UA 39 86.11 -5.81 82.39
C TYR UA 39 86.91 -5.10 81.31
N ASN UA 40 86.47 -3.91 80.86
CA ASN UA 40 87.24 -3.19 79.86
C ASN UA 40 88.61 -2.84 80.39
N GLY UA 41 89.64 -3.11 79.59
CA GLY UA 41 91.00 -2.99 80.05
C GLY UA 41 91.68 -1.70 79.66
N LEU UA 42 90.90 -0.68 79.29
CA LEU UA 42 91.49 0.55 78.79
C LEU UA 42 90.94 1.78 79.48
N ILE UA 43 89.68 1.72 79.93
CA ILE UA 43 88.97 2.92 80.34
C ILE UA 43 89.10 3.22 81.81
N HIS UA 44 89.79 2.39 82.58
CA HIS UA 44 89.81 2.53 84.03
C HIS UA 44 91.13 3.07 84.52
N ARG UA 45 91.08 3.77 85.65
CA ARG UA 45 92.30 4.27 86.27
C ARG UA 45 93.17 3.14 86.77
N LYS UA 46 92.57 2.04 87.19
CA LYS UA 46 93.32 0.86 87.61
C LYS UA 46 92.74 -0.38 86.98
N THR UA 47 93.57 -1.11 86.25
CA THR UA 47 93.20 -2.36 85.62
C THR UA 47 94.27 -3.40 85.94
N VAL UA 48 93.85 -4.67 85.90
CA VAL UA 48 94.74 -5.79 86.07
C VAL UA 48 94.53 -6.75 84.90
N GLY UA 49 95.62 -7.28 84.36
CA GLY UA 49 95.56 -8.27 83.31
C GLY UA 49 96.54 -9.38 83.58
N VAL UA 50 96.17 -10.59 83.16
CA VAL UA 50 97.01 -11.76 83.29
C VAL UA 50 97.25 -12.30 81.89
N GLU UA 51 98.52 -12.43 81.52
CA GLU UA 51 98.89 -12.92 80.21
C GLU UA 51 99.87 -14.07 80.36
N PRO UA 52 100.00 -14.93 79.36
CA PRO UA 52 101.06 -15.93 79.40
C PRO UA 52 102.42 -15.25 79.33
N ALA UA 53 103.41 -15.90 79.96
CA ALA UA 53 104.74 -15.33 79.99
C ALA UA 53 105.34 -15.31 78.59
N ALA UA 54 106.44 -14.57 78.45
CA ALA UA 54 107.10 -14.46 77.14
C ALA UA 54 107.60 -15.83 76.68
N ASP UA 55 108.19 -16.60 77.57
CA ASP UA 55 108.52 -17.98 77.27
C ASP UA 55 107.28 -18.83 77.53
N GLY UA 56 107.43 -20.14 77.48
CA GLY UA 56 106.26 -21.00 77.60
C GLY UA 56 105.96 -21.44 79.01
N LYS UA 57 106.29 -20.62 80.01
CA LYS UA 57 106.09 -21.01 81.39
C LYS UA 57 105.93 -19.79 82.27
N GLY UA 58 104.93 -19.83 83.14
CA GLY UA 58 104.62 -18.75 84.04
C GLY UA 58 103.53 -17.84 83.50
N VAL UA 59 103.18 -16.84 84.31
CA VAL UA 59 102.23 -15.82 83.92
C VAL UA 59 102.87 -14.46 84.13
N VAL UA 60 102.32 -13.47 83.44
CA VAL UA 60 102.66 -12.07 83.64
C VAL UA 60 101.42 -11.39 84.18
N VAL UA 61 101.55 -10.80 85.36
CA VAL UA 61 100.49 -9.99 85.96
C VAL UA 61 100.86 -8.54 85.73
N VAL UA 62 100.03 -7.84 84.98
CA VAL UA 62 100.28 -6.44 84.62
C VAL UA 62 99.20 -5.60 85.28
N ILE UA 63 99.62 -4.60 86.06
CA ILE UA 63 98.66 -3.72 86.71
C ILE UA 63 98.96 -2.29 86.28
N LYS UA 64 97.92 -1.47 86.26
CA LYS UA 64 98.04 -0.09 85.83
C LYS UA 64 98.37 0.80 87.02
N ARG UA 65 99.47 1.54 86.90
CA ARG UA 65 99.82 2.47 87.96
C ARG UA 65 98.89 3.68 87.95
N ARG UA 66 98.94 4.44 89.03
CA ARG UA 66 98.00 5.52 89.28
C ARG UA 66 98.37 6.82 88.58
N SER UA 67 99.65 7.16 88.49
CA SER UA 67 100.04 8.51 88.13
C SER UA 67 99.92 8.78 86.64
N GLY UA 68 100.66 8.05 85.82
CA GLY UA 68 100.72 8.38 84.41
C GLY UA 68 99.57 7.84 83.59
N GLN UA 69 98.37 8.40 83.77
CA GLN UA 69 97.23 7.90 83.04
C GLN UA 69 97.31 8.25 81.55
N ARG UA 70 97.88 9.40 81.23
CA ARG UA 70 98.01 9.85 79.85
C ARG UA 70 99.35 9.50 79.24
N LYS UA 71 100.15 8.68 79.90
CA LYS UA 71 101.48 8.29 79.43
C LYS UA 71 101.52 6.78 79.30
N PRO UA 72 101.07 6.25 78.16
CA PRO UA 72 100.95 4.79 78.03
C PRO UA 72 102.27 4.04 78.09
N ALA UA 73 103.40 4.72 77.86
CA ALA UA 73 104.68 4.02 77.86
C ALA UA 73 105.03 3.49 79.24
N THR UA 74 104.74 4.27 80.28
CA THR UA 74 105.10 3.90 81.64
C THR UA 74 103.90 3.55 82.50
N SER UA 75 102.72 3.41 81.91
CA SER UA 75 101.50 3.30 82.69
C SER UA 75 101.27 1.93 83.28
N TYR UA 76 101.98 0.91 82.82
CA TYR UA 76 101.72 -0.47 83.22
C TYR UA 76 102.96 -1.08 83.84
N VAL UA 77 102.79 -1.76 84.97
CA VAL UA 77 103.85 -2.48 85.64
C VAL UA 77 103.57 -3.96 85.48
N ARG UA 78 104.50 -4.67 84.85
CA ARG UA 78 104.36 -6.09 84.59
C ARG UA 78 105.32 -6.86 85.46
N THR UA 79 104.83 -7.91 86.11
CA THR UA 79 105.68 -8.81 86.86
C THR UA 79 105.43 -10.23 86.38
N THR UA 80 106.45 -11.07 86.50
CA THR UA 80 106.37 -12.45 86.04
C THR UA 80 106.36 -13.38 87.23
N ILE UA 81 105.34 -14.23 87.32
CA ILE UA 81 105.26 -15.25 88.35
C ILE UA 81 105.44 -16.60 87.66
N ASN UA 82 106.52 -17.30 88.02
CA ASN UA 82 106.88 -18.58 87.42
C ASN UA 82 107.04 -19.63 88.50
N LYS UA 83 106.05 -19.74 89.36
CA LYS UA 83 106.03 -20.71 90.44
C LYS UA 83 104.99 -21.78 90.16
N ASN UA 84 104.79 -22.65 91.14
CA ASN UA 84 103.74 -23.66 91.05
C ASN UA 84 102.38 -22.98 91.10
N ALA UA 85 101.35 -23.74 90.73
CA ALA UA 85 100.04 -23.16 90.50
C ALA UA 85 99.45 -22.55 91.76
N ARG UA 86 99.59 -23.23 92.90
CA ARG UA 86 98.99 -22.72 94.13
C ARG UA 86 99.66 -21.43 94.58
N ALA UA 87 101.00 -21.38 94.50
CA ALA UA 87 101.70 -20.16 94.87
C ALA UA 87 101.39 -19.03 93.91
N THR UA 88 101.25 -19.33 92.62
CA THR UA 88 100.89 -18.30 91.65
C THR UA 88 99.52 -17.71 91.95
N LEU UA 89 98.54 -18.58 92.21
CA LEU UA 89 97.20 -18.10 92.54
C LEU UA 89 97.21 -17.30 93.83
N SER UA 90 97.99 -17.73 94.82
CA SER UA 90 98.10 -16.96 96.05
C SER UA 90 98.71 -15.59 95.81
N SER UA 91 99.72 -15.51 94.96
CA SER UA 91 100.35 -14.23 94.65
C SER UA 91 99.36 -13.29 93.99
N ILE UA 92 98.60 -13.78 93.02
CA ILE UA 92 97.63 -12.93 92.34
C ILE UA 92 96.52 -12.51 93.30
N ARG UA 93 96.07 -13.43 94.15
CA ARG UA 93 95.06 -13.11 95.14
C ARG UA 93 95.55 -12.03 96.09
N HIS UA 94 96.83 -12.06 96.46
CA HIS UA 94 97.36 -11.05 97.36
C HIS UA 94 97.57 -9.72 96.65
N MET UA 95 97.94 -9.75 95.37
CA MET UA 95 98.03 -8.49 94.63
C MET UA 95 96.69 -7.80 94.58
N ILE UA 96 95.62 -8.55 94.34
CA ILE UA 96 94.33 -7.91 94.14
C ILE UA 96 93.66 -7.58 95.46
N ARG UA 97 93.66 -8.52 96.41
CA ARG UA 97 92.88 -8.34 97.62
C ARG UA 97 93.59 -7.49 98.65
N LYS UA 98 94.85 -7.79 98.93
CA LYS UA 98 95.57 -7.06 99.98
C LYS UA 98 95.74 -5.60 99.63
N ASN UA 99 96.02 -5.30 98.37
CA ASN UA 99 96.16 -3.93 97.92
C ASN UA 99 94.83 -3.20 97.82
N LYS UA 100 93.71 -3.91 97.97
CA LYS UA 100 92.39 -3.38 97.65
C LYS UA 100 92.36 -2.86 96.21
N TYR UA 101 93.18 -3.47 95.37
CA TYR UA 101 93.38 -3.00 94.00
C TYR UA 101 92.34 -3.67 93.13
N ARG UA 102 91.20 -3.01 92.96
CA ARG UA 102 90.14 -3.47 92.08
C ARG UA 102 89.72 -4.90 92.43
N PRO UA 103 89.05 -5.09 93.58
CA PRO UA 103 88.79 -6.45 94.06
C PRO UA 103 87.67 -7.17 93.33
N ASP UA 104 86.99 -6.51 92.39
CA ASP UA 104 85.95 -7.15 91.63
C ASP UA 104 86.50 -8.02 90.50
N LEU UA 105 87.82 -8.02 90.30
CA LEU UA 105 88.46 -8.82 89.28
C LEU UA 105 89.27 -9.97 89.86
N ARG UA 106 89.13 -10.26 91.15
CA ARG UA 106 90.01 -11.23 91.79
C ARG UA 106 89.81 -12.62 91.24
N MET UA 107 88.56 -13.09 91.21
CA MET UA 107 88.30 -14.43 90.70
C MET UA 107 88.50 -14.52 89.20
N ALA UA 108 88.23 -13.44 88.46
CA ALA UA 108 88.49 -13.44 87.03
C ALA UA 108 89.98 -13.61 86.75
N ALA UA 109 90.83 -12.89 87.48
CA ALA UA 109 92.26 -13.04 87.32
C ALA UA 109 92.76 -14.40 87.77
N ILE UA 110 92.22 -14.94 88.86
CA ILE UA 110 92.63 -16.26 89.32
C ILE UA 110 92.25 -17.33 88.30
N ARG UA 111 91.04 -17.26 87.76
CA ARG UA 111 90.61 -18.23 86.78
C ARG UA 111 91.40 -18.11 85.49
N ARG UA 112 91.71 -16.89 85.06
CA ARG UA 112 92.52 -16.72 83.86
C ARG UA 112 93.93 -17.25 84.05
N ALA UA 113 94.51 -17.03 85.23
CA ALA UA 113 95.82 -17.58 85.51
C ALA UA 113 95.80 -19.10 85.51
N SER UA 114 94.74 -19.69 86.08
CA SER UA 114 94.61 -21.14 86.04
C SER UA 114 94.51 -21.65 84.61
N ALA UA 115 93.74 -20.95 83.77
CA ALA UA 115 93.63 -21.35 82.38
C ALA UA 115 94.97 -21.28 81.66
N ILE UA 116 95.74 -20.24 81.92
CA ILE UA 116 97.04 -20.09 81.28
C ILE UA 116 98.00 -21.19 81.73
N LEU UA 117 98.06 -21.46 83.03
CA LEU UA 117 98.96 -22.49 83.52
C LEU UA 117 98.56 -23.87 83.02
N ARG UA 118 97.26 -24.15 83.00
CA ARG UA 118 96.76 -25.41 82.47
C ARG UA 118 97.05 -25.55 80.98
N SER UA 119 97.03 -24.44 80.24
CA SER UA 119 97.41 -24.52 78.84
C SER UA 119 98.91 -24.71 78.67
N GLN UA 120 99.70 -24.24 79.61
CA GLN UA 120 101.15 -24.39 79.53
C GLN UA 120 101.64 -25.78 79.86
N LYS UA 121 100.96 -26.50 80.75
CA LYS UA 121 101.38 -27.87 81.02
C LYS UA 121 101.15 -28.74 79.78
N PRO UA 122 101.98 -29.78 79.58
CA PRO UA 122 102.01 -30.45 78.27
C PRO UA 122 100.71 -31.17 77.93
N VAL UA 123 100.43 -31.24 76.63
CA VAL UA 123 99.21 -31.90 76.16
C VAL UA 123 99.33 -33.41 76.33
N MET UA 124 98.20 -34.07 76.52
CA MET UA 124 98.19 -35.50 76.74
C MET UA 124 98.06 -36.26 75.43
N VAL UA 125 98.31 -37.57 75.50
CA VAL UA 125 98.17 -38.45 74.36
C VAL UA 125 96.84 -39.19 74.42
N ASP VA 1 -41.12 -40.48 74.93
CA ASP VA 1 -42.43 -41.07 74.70
C ASP VA 1 -42.42 -42.56 74.93
N ARG VA 2 -41.22 -43.16 74.85
CA ARG VA 2 -41.12 -44.60 75.08
C ARG VA 2 -41.47 -44.97 76.51
N ALA VA 3 -40.99 -44.18 77.48
CA ALA VA 3 -41.25 -44.49 78.88
C ALA VA 3 -42.73 -44.40 79.21
N THR VA 4 -43.39 -43.32 78.78
CA THR VA 4 -44.82 -43.20 79.03
C THR VA 4 -45.61 -44.23 78.24
N TRP VA 5 -45.15 -44.58 77.04
CA TRP VA 5 -45.83 -45.62 76.27
C TRP VA 5 -45.79 -46.96 77.00
N LYS VA 6 -44.62 -47.33 77.53
CA LYS VA 6 -44.51 -48.59 78.25
C LYS VA 6 -45.29 -48.57 79.55
N SER VA 7 -45.30 -47.42 80.25
CA SER VA 7 -46.08 -47.34 81.49
C SER VA 7 -47.57 -47.45 81.22
N ASN VA 8 -48.05 -46.76 80.18
CA ASN VA 8 -49.45 -46.89 79.78
C ASN VA 8 -49.77 -48.33 79.42
N TYR VA 9 -48.84 -49.02 78.76
CA TYR VA 9 -49.07 -50.42 78.44
C TYR VA 9 -49.17 -51.29 79.68
N PHE VA 10 -48.29 -51.07 80.66
CA PHE VA 10 -48.36 -51.86 81.89
C PHE VA 10 -49.69 -51.64 82.61
N LEU VA 11 -50.11 -50.38 82.72
CA LEU VA 11 -51.39 -50.08 83.34
C LEU VA 11 -52.52 -50.80 82.60
N LYS VA 12 -52.50 -50.73 81.27
CA LYS VA 12 -53.52 -51.38 80.46
C LYS VA 12 -53.56 -52.88 80.71
N ILE VA 13 -52.41 -53.54 80.66
CA ILE VA 13 -52.41 -55.00 80.72
C ILE VA 13 -52.81 -55.48 82.11
N ILE VA 14 -52.34 -54.80 83.18
CA ILE VA 14 -52.72 -55.27 84.51
C ILE VA 14 -54.20 -55.05 84.75
N GLN VA 15 -54.74 -53.91 84.31
CA GLN VA 15 -56.16 -53.66 84.53
C GLN VA 15 -57.02 -54.61 83.71
N LEU VA 16 -56.60 -54.93 82.49
CA LEU VA 16 -57.35 -55.88 81.68
C LEU VA 16 -57.31 -57.28 82.28
N LEU VA 17 -56.15 -57.71 82.78
CA LEU VA 17 -56.06 -59.02 83.42
C LEU VA 17 -56.94 -59.09 84.67
N ASP VA 18 -56.97 -58.02 85.45
CA ASP VA 18 -57.82 -58.01 86.64
C ASP VA 18 -59.29 -58.02 86.26
N ASP VA 19 -59.66 -57.26 85.23
CA ASP VA 19 -61.07 -57.12 84.89
C ASP VA 19 -61.62 -58.36 84.18
N TYR VA 20 -60.76 -59.10 83.49
CA TYR VA 20 -61.18 -60.33 82.81
C TYR VA 20 -60.46 -61.52 83.43
N PRO VA 21 -61.16 -62.35 84.21
CA PRO VA 21 -60.48 -63.49 84.86
C PRO VA 21 -60.31 -64.70 83.96
N LYS VA 22 -60.90 -64.71 82.77
CA LYS VA 22 -60.87 -65.86 81.89
C LYS VA 22 -60.34 -65.42 80.53
N CYS VA 23 -59.26 -66.07 80.07
CA CYS VA 23 -58.62 -65.63 78.84
C CYS VA 23 -57.95 -66.80 78.15
N PHE VA 24 -57.84 -66.70 76.83
CA PHE VA 24 -57.16 -67.71 76.03
C PHE VA 24 -55.88 -67.12 75.47
N ILE VA 25 -54.77 -67.85 75.60
CA ILE VA 25 -53.51 -67.43 75.01
C ILE VA 25 -53.39 -68.09 73.65
N VAL VA 26 -53.14 -67.26 72.62
CA VAL VA 26 -53.30 -67.63 71.23
C VAL VA 26 -52.07 -67.16 70.45
N GLY VA 27 -51.54 -68.04 69.61
CA GLY VA 27 -50.41 -67.71 68.77
C GLY VA 27 -50.85 -67.15 67.44
N ALA VA 28 -50.21 -66.06 67.04
CA ALA VA 28 -50.53 -65.35 65.81
C ALA VA 28 -49.61 -65.84 64.69
N ASP VA 29 -50.22 -66.29 63.60
CA ASP VA 29 -49.50 -66.68 62.40
C ASP VA 29 -49.12 -65.43 61.61
N ASN VA 30 -48.82 -65.60 60.32
CA ASN VA 30 -48.59 -64.46 59.44
C ASN VA 30 -49.91 -63.78 59.12
N VAL VA 31 -50.53 -63.18 60.12
CA VAL VA 31 -51.85 -62.57 59.99
C VAL VA 31 -51.67 -61.07 59.82
N GLY VA 32 -52.28 -60.52 58.78
CA GLY VA 32 -52.10 -59.12 58.48
C GLY VA 32 -52.91 -58.23 59.37
N SER VA 33 -52.68 -56.92 59.22
CA SER VA 33 -53.48 -55.94 59.93
C SER VA 33 -54.94 -56.01 59.50
N LYS VA 34 -55.20 -56.32 58.22
CA LYS VA 34 -56.58 -56.47 57.76
C LYS VA 34 -57.25 -57.64 58.48
N GLN VA 35 -56.58 -58.78 58.58
CA GLN VA 35 -57.14 -59.91 59.29
C GLN VA 35 -57.32 -59.60 60.77
N MET VA 36 -56.35 -58.91 61.36
CA MET VA 36 -56.45 -58.54 62.77
C MET VA 36 -57.64 -57.63 63.02
N GLN VA 37 -57.86 -56.67 62.13
CA GLN VA 37 -59.00 -55.76 62.28
C GLN VA 37 -60.31 -56.48 62.02
N GLN VA 38 -60.30 -57.46 61.12
CA GLN VA 38 -61.50 -58.26 60.91
C GLN VA 38 -61.87 -59.04 62.17
N ILE VA 39 -60.86 -59.62 62.83
CA ILE VA 39 -61.11 -60.29 64.11
C ILE VA 39 -61.58 -59.28 65.15
N ARG VA 40 -61.00 -58.07 65.12
CA ARG VA 40 -61.43 -57.03 66.05
C ARG VA 40 -62.89 -56.67 65.86
N MET VA 41 -63.33 -56.56 64.61
CA MET VA 41 -64.74 -56.28 64.33
C MET VA 41 -65.62 -57.44 64.77
N SER VA 42 -65.19 -58.67 64.50
CA SER VA 42 -66.02 -59.83 64.81
C SER VA 42 -66.06 -60.15 66.30
N LEU VA 43 -65.14 -59.61 67.10
CA LEU VA 43 -65.06 -60.03 68.49
C LEU VA 43 -65.25 -58.88 69.48
N ARG VA 44 -65.05 -57.64 69.03
CA ARG VA 44 -64.95 -56.51 69.96
C ARG VA 44 -66.25 -56.23 70.69
N GLY VA 45 -67.38 -56.71 70.17
CA GLY VA 45 -68.64 -56.48 70.86
C GLY VA 45 -68.79 -57.24 72.16
N LYS VA 46 -68.10 -58.37 72.29
CA LYS VA 46 -68.26 -59.24 73.46
C LYS VA 46 -66.95 -59.53 74.19
N ALA VA 47 -65.83 -59.54 73.48
CA ALA VA 47 -64.53 -59.83 74.06
C ALA VA 47 -63.53 -58.80 73.57
N VAL VA 48 -62.30 -58.89 74.09
CA VAL VA 48 -61.21 -58.04 73.66
C VAL VA 48 -59.99 -58.90 73.40
N VAL VA 49 -59.02 -58.32 72.70
CA VAL VA 49 -57.75 -58.99 72.43
C VAL VA 49 -56.62 -58.01 72.69
N LEU VA 50 -55.57 -58.49 73.35
CA LEU VA 50 -54.40 -57.68 73.62
C LEU VA 50 -53.15 -58.52 73.33
N MET VA 51 -52.20 -57.92 72.62
CA MET VA 51 -50.96 -58.62 72.31
C MET VA 51 -49.85 -57.60 72.15
N GLY VA 52 -48.68 -57.93 72.65
CA GLY VA 52 -47.54 -57.03 72.59
C GLY VA 52 -46.24 -57.76 72.83
N LYS VA 53 -45.29 -57.09 73.45
CA LYS VA 53 -44.00 -57.72 73.70
C LYS VA 53 -44.13 -58.76 74.81
N ASN VA 54 -43.58 -59.94 74.56
CA ASN VA 54 -43.60 -61.00 75.56
C ASN VA 54 -42.91 -60.56 76.83
N THR VA 55 -41.80 -59.83 76.70
CA THR VA 55 -41.15 -59.31 77.89
C THR VA 55 -42.02 -58.29 78.62
N MET VA 56 -42.77 -57.46 77.88
CA MET VA 56 -43.74 -56.57 78.51
C MET VA 56 -44.74 -57.36 79.34
N MET VA 57 -45.37 -58.37 78.73
CA MET VA 57 -46.37 -59.16 79.44
C MET VA 57 -45.77 -59.88 80.64
N ARG VA 58 -44.60 -60.50 80.45
CA ARG VA 58 -44.00 -61.28 81.52
C ARG VA 58 -43.59 -60.39 82.69
N LYS VA 59 -43.05 -59.21 82.40
CA LYS VA 59 -42.72 -58.28 83.47
C LYS VA 59 -43.97 -57.82 84.20
N ALA VA 60 -45.03 -57.51 83.45
CA ALA VA 60 -46.26 -57.04 84.09
C ALA VA 60 -46.86 -58.10 85.02
N ILE VA 61 -46.98 -59.34 84.53
CA ILE VA 61 -47.56 -60.39 85.35
C ILE VA 61 -46.62 -60.84 86.47
N ARG VA 62 -45.31 -60.76 86.27
CA ARG VA 62 -44.39 -61.11 87.34
C ARG VA 62 -44.44 -60.08 88.45
N GLY VA 63 -44.63 -58.81 88.10
CA GLY VA 63 -44.86 -57.80 89.12
C GLY VA 63 -46.22 -57.91 89.77
N HIS VA 64 -47.21 -58.42 89.04
CA HIS VA 64 -48.56 -58.58 89.55
C HIS VA 64 -48.78 -59.89 90.28
N LEU VA 65 -47.78 -60.77 90.33
CA LEU VA 65 -47.94 -62.07 90.98
C LEU VA 65 -48.39 -61.94 92.42
N GLU VA 66 -47.68 -61.14 93.22
CA GLU VA 66 -47.96 -61.13 94.66
C GLU VA 66 -49.32 -60.50 94.95
N ASN VA 67 -49.73 -59.51 94.18
CA ASN VA 67 -51.05 -58.91 94.35
C ASN VA 67 -52.14 -59.91 93.99
N ASN VA 68 -52.02 -60.56 92.83
CA ASN VA 68 -53.01 -61.52 92.36
C ASN VA 68 -52.27 -62.80 92.01
N PRO VA 69 -52.22 -63.75 92.95
CA PRO VA 69 -51.45 -64.98 92.69
C PRO VA 69 -52.13 -65.89 91.68
N ALA VA 70 -51.57 -67.08 91.50
CA ALA VA 70 -52.03 -68.11 90.57
C ALA VA 70 -51.88 -67.70 89.11
N LEU VA 71 -51.25 -66.56 88.83
CA LEU VA 71 -50.92 -66.17 87.47
C LEU VA 71 -49.55 -66.64 87.03
N GLU VA 72 -48.78 -67.26 87.94
CA GLU VA 72 -47.43 -67.70 87.59
C GLU VA 72 -47.44 -68.82 86.59
N LYS VA 73 -48.59 -69.46 86.38
CA LYS VA 73 -48.68 -70.52 85.38
C LYS VA 73 -48.47 -69.99 83.98
N LEU VA 74 -48.92 -68.76 83.72
CA LEU VA 74 -48.81 -68.19 82.38
C LEU VA 74 -47.39 -67.78 82.03
N LEU VA 75 -46.54 -67.52 83.03
CA LEU VA 75 -45.20 -67.02 82.72
C LEU VA 75 -44.38 -67.96 81.87
N PRO VA 76 -44.22 -69.27 82.19
CA PRO VA 76 -43.48 -70.13 81.27
C PRO VA 76 -44.37 -70.71 80.19
N HIS VA 77 -45.22 -69.87 79.61
CA HIS VA 77 -46.07 -70.27 78.49
C HIS VA 77 -46.20 -69.21 77.40
N ILE VA 78 -45.94 -67.94 77.70
CA ILE VA 78 -46.10 -66.88 76.71
C ILE VA 78 -44.75 -66.71 76.02
N ARG VA 79 -44.51 -67.59 75.04
CA ARG VA 79 -43.30 -67.54 74.22
C ARG VA 79 -43.71 -67.50 72.76
N GLY VA 80 -42.89 -66.84 71.95
CA GLY VA 80 -43.20 -66.71 70.55
C GLY VA 80 -44.23 -65.62 70.31
N ASN VA 81 -44.69 -65.57 69.07
CA ASN VA 81 -45.67 -64.56 68.66
C ASN VA 81 -47.03 -64.96 69.20
N VAL VA 82 -47.32 -64.54 70.44
CA VAL VA 82 -48.56 -64.92 71.10
C VAL VA 82 -49.17 -63.70 71.77
N GLY VA 83 -50.46 -63.80 72.07
CA GLY VA 83 -51.21 -62.76 72.75
C GLY VA 83 -52.35 -63.38 73.52
N PHE VA 84 -53.18 -62.53 74.11
CA PHE VA 84 -54.32 -62.98 74.89
C PHE VA 84 -55.60 -62.48 74.25
N VAL VA 85 -56.65 -63.29 74.36
CA VAL VA 85 -58.01 -62.85 74.13
C VAL VA 85 -58.77 -62.97 75.45
N PHE VA 86 -59.31 -61.85 75.92
CA PHE VA 86 -60.04 -61.79 77.17
C PHE VA 86 -61.52 -61.82 76.86
N THR VA 87 -62.19 -62.88 77.31
CA THR VA 87 -63.59 -63.11 77.03
C THR VA 87 -64.31 -63.54 78.29
N LYS VA 88 -65.61 -63.25 78.35
CA LYS VA 88 -66.47 -63.73 79.42
C LYS VA 88 -67.49 -64.74 78.92
N GLU VA 89 -67.23 -65.37 77.78
CA GLU VA 89 -68.09 -66.37 77.18
C GLU VA 89 -67.49 -67.75 77.39
N ASP VA 90 -68.20 -68.76 76.92
CA ASP VA 90 -67.78 -70.14 77.16
C ASP VA 90 -66.67 -70.55 76.21
N LEU VA 91 -65.88 -71.54 76.66
CA LEU VA 91 -64.70 -71.98 75.93
C LEU VA 91 -65.06 -72.49 74.54
N THR VA 92 -66.09 -73.34 74.46
CA THR VA 92 -66.46 -73.93 73.18
C THR VA 92 -66.93 -72.86 72.20
N GLU VA 93 -67.73 -71.90 72.66
CA GLU VA 93 -68.21 -70.84 71.78
C GLU VA 93 -67.07 -69.97 71.29
N ILE VA 94 -66.18 -69.55 72.19
CA ILE VA 94 -65.07 -68.72 71.75
C ILE VA 94 -64.18 -69.48 70.79
N ARG VA 95 -63.88 -70.75 71.09
CA ARG VA 95 -63.01 -71.54 70.24
C ARG VA 95 -63.62 -71.73 68.85
N ASP VA 96 -64.88 -72.13 68.77
CA ASP VA 96 -65.41 -72.42 67.45
C ASP VA 96 -65.72 -71.16 66.65
N MET VA 97 -66.05 -70.03 67.30
CA MET VA 97 -66.19 -68.81 66.50
C MET VA 97 -64.83 -68.30 66.02
N LEU VA 98 -63.79 -68.48 66.84
CA LEU VA 98 -62.46 -68.03 66.45
C LEU VA 98 -61.89 -68.88 65.34
N LEU VA 99 -62.22 -70.17 65.32
CA LEU VA 99 -61.86 -70.98 64.17
C LEU VA 99 -62.81 -70.76 63.00
N ALA VA 100 -64.01 -70.25 63.26
CA ALA VA 100 -64.96 -70.03 62.17
C ALA VA 100 -64.58 -68.82 61.34
N ASN VA 101 -64.17 -67.73 61.97
CA ASN VA 101 -63.89 -66.50 61.23
C ASN VA 101 -62.47 -66.47 60.65
N LYS VA 102 -62.12 -67.51 59.91
CA LYS VA 102 -60.85 -67.54 59.18
C LYS VA 102 -60.96 -66.72 57.90
N VAL VA 103 -59.82 -66.27 57.40
CA VAL VA 103 -59.73 -65.37 56.26
C VAL VA 103 -58.85 -66.01 55.20
N PRO VA 104 -59.29 -66.08 53.94
CA PRO VA 104 -58.44 -66.61 52.88
C PRO VA 104 -57.40 -65.62 52.39
N ALA VA 105 -56.24 -65.59 53.05
CA ALA VA 105 -55.17 -64.69 52.65
C ALA VA 105 -54.57 -65.13 51.32
N ALA VA 106 -54.01 -64.16 50.59
CA ALA VA 106 -53.43 -64.42 49.28
C ALA VA 106 -52.10 -65.15 49.43
N ALA VA 107 -51.60 -65.66 48.32
CA ALA VA 107 -50.32 -66.37 48.29
C ALA VA 107 -49.23 -65.36 47.97
N ARG VA 108 -48.47 -64.98 49.00
CA ARG VA 108 -47.39 -64.02 48.82
C ARG VA 108 -46.13 -64.73 48.35
N ALA VA 109 -45.37 -64.04 47.50
CA ALA VA 109 -44.11 -64.58 47.02
C ALA VA 109 -43.10 -64.67 48.16
N GLY VA 110 -42.19 -65.63 48.04
CA GLY VA 110 -41.19 -65.85 49.07
C GLY VA 110 -41.77 -66.30 50.38
N ALA VA 111 -42.78 -67.16 50.35
CA ALA VA 111 -43.45 -67.63 51.56
C ALA VA 111 -43.55 -69.14 51.53
N ILE VA 112 -43.43 -69.76 52.70
CA ILE VA 112 -43.60 -71.20 52.82
C ILE VA 112 -45.07 -71.55 52.62
N ALA VA 113 -45.32 -72.58 51.82
CA ALA VA 113 -46.69 -72.98 51.52
C ALA VA 113 -47.04 -74.21 52.33
N PRO VA 114 -47.88 -74.10 53.36
CA PRO VA 114 -48.24 -75.29 54.14
C PRO VA 114 -49.29 -76.13 53.46
N CYS VA 115 -50.19 -75.48 52.72
CA CYS VA 115 -51.30 -76.16 52.06
C CYS VA 115 -50.99 -76.29 50.57
N GLU VA 116 -51.37 -77.43 50.00
CA GLU VA 116 -51.11 -77.74 48.61
C GLU VA 116 -52.35 -77.40 47.77
N VAL VA 117 -52.17 -76.53 46.78
CA VAL VA 117 -53.28 -76.03 45.97
C VAL VA 117 -52.99 -76.35 44.51
N THR VA 118 -53.97 -76.95 43.84
CA THR VA 118 -53.89 -77.29 42.42
C THR VA 118 -55.03 -76.61 41.67
N VAL VA 119 -54.69 -75.87 40.62
CA VAL VA 119 -55.68 -75.21 39.77
C VAL VA 119 -56.34 -76.26 38.88
N PRO VA 120 -57.66 -76.24 38.73
CA PRO VA 120 -58.31 -77.21 37.85
C PRO VA 120 -58.22 -76.82 36.39
N ALA VA 121 -58.89 -77.57 35.52
CA ALA VA 121 -58.96 -77.28 34.09
C ALA VA 121 -60.31 -76.63 33.83
N GLN VA 122 -60.30 -75.30 33.64
CA GLN VA 122 -61.54 -74.57 33.51
C GLN VA 122 -61.28 -73.28 32.74
N ASN VA 123 -62.36 -72.71 32.20
CA ASN VA 123 -62.28 -71.44 31.51
C ASN VA 123 -62.13 -70.34 32.54
N THR VA 124 -60.91 -69.83 32.70
CA THR VA 124 -60.66 -68.83 33.74
C THR VA 124 -61.37 -67.51 33.44
N GLY VA 125 -61.77 -67.28 32.19
CA GLY VA 125 -62.64 -66.17 31.86
C GLY VA 125 -61.95 -64.83 31.74
N LEU VA 126 -60.65 -64.75 31.89
CA LEU VA 126 -59.96 -63.47 31.74
C LEU VA 126 -59.49 -63.29 30.29
N GLY VA 127 -59.13 -62.04 29.98
CA GLY VA 127 -58.86 -61.65 28.61
C GLY VA 127 -57.67 -62.34 28.00
N PRO VA 128 -57.60 -62.34 26.67
CA PRO VA 128 -56.51 -63.05 25.99
C PRO VA 128 -55.25 -62.21 25.88
N GLU VA 129 -54.89 -61.52 26.96
CA GLU VA 129 -53.67 -60.74 27.01
C GLU VA 129 -52.82 -61.08 28.23
N LYS VA 130 -53.35 -61.80 29.21
CA LYS VA 130 -52.59 -62.29 30.34
C LYS VA 130 -52.01 -63.68 30.09
N THR VA 131 -51.80 -64.05 28.83
CA THR VA 131 -51.20 -65.33 28.51
C THR VA 131 -49.72 -65.37 28.91
N SER VA 132 -49.11 -64.19 29.10
CA SER VA 132 -47.71 -64.14 29.50
C SER VA 132 -47.49 -64.81 30.85
N PHE VA 133 -48.41 -64.61 31.79
CA PHE VA 133 -48.29 -65.20 33.11
C PHE VA 133 -48.46 -66.71 33.07
N PHE VA 134 -49.26 -67.21 32.13
CA PHE VA 134 -49.40 -68.65 31.97
C PHE VA 134 -48.15 -69.26 31.32
N GLN VA 135 -47.62 -68.56 30.31
CA GLN VA 135 -46.42 -69.06 29.65
C GLN VA 135 -45.21 -69.02 30.58
N ALA VA 136 -45.18 -68.06 31.51
CA ALA VA 136 -44.10 -68.01 32.49
C ALA VA 136 -44.09 -69.25 33.35
N LEU VA 137 -45.27 -69.71 33.76
CA LEU VA 137 -45.39 -70.95 34.51
C LEU VA 137 -45.31 -72.18 33.62
N GLY VA 138 -45.33 -72.00 32.30
CA GLY VA 138 -45.23 -73.13 31.40
C GLY VA 138 -46.53 -73.87 31.17
N ILE VA 139 -47.66 -73.25 31.47
CA ILE VA 139 -48.96 -73.90 31.33
C ILE VA 139 -49.41 -73.78 29.88
N THR VA 140 -49.70 -74.91 29.25
CA THR VA 140 -50.27 -74.90 27.92
C THR VA 140 -51.74 -74.50 27.99
N THR VA 141 -52.11 -73.49 27.23
CA THR VA 141 -53.47 -72.98 27.24
C THR VA 141 -53.90 -72.59 25.83
N LYS VA 142 -55.21 -72.56 25.63
CA LYS VA 142 -55.77 -72.16 24.34
C LYS VA 142 -56.89 -71.17 24.61
N ILE VA 143 -57.34 -70.51 23.55
CA ILE VA 143 -58.39 -69.51 23.63
C ILE VA 143 -59.70 -70.14 23.20
N SER VA 144 -60.70 -70.03 24.07
CA SER VA 144 -62.06 -70.42 23.74
C SER VA 144 -63.01 -69.36 24.28
N ARG VA 145 -64.00 -69.00 23.46
CA ARG VA 145 -64.96 -67.95 23.78
C ARG VA 145 -64.27 -66.62 24.10
N GLY VA 146 -63.12 -66.37 23.46
CA GLY VA 146 -62.38 -65.15 23.72
C GLY VA 146 -61.77 -65.08 25.09
N THR VA 147 -61.56 -66.21 25.75
CA THR VA 147 -61.00 -66.26 27.09
C THR VA 147 -60.04 -67.43 27.20
N ILE VA 148 -59.18 -67.37 28.20
CA ILE VA 148 -58.17 -68.39 28.43
C ILE VA 148 -58.83 -69.61 29.06
N GLU VA 149 -58.54 -70.80 28.53
CA GLU VA 149 -59.10 -72.04 29.05
C GLU VA 149 -57.96 -72.99 29.40
N ILE VA 150 -57.96 -73.49 30.63
CA ILE VA 150 -56.94 -74.43 31.06
C ILE VA 150 -57.27 -75.81 30.49
N LEU VA 151 -56.33 -76.39 29.76
CA LEU VA 151 -56.59 -77.66 29.10
C LEU VA 151 -56.51 -78.85 30.03
N SER VA 152 -55.75 -78.72 31.13
CA SER VA 152 -55.56 -79.84 32.04
C SER VA 152 -55.13 -79.32 33.39
N ASP VA 153 -55.33 -80.14 34.43
CA ASP VA 153 -54.91 -79.77 35.77
C ASP VA 153 -53.39 -79.70 35.86
N VAL VA 154 -52.90 -78.69 36.57
CA VAL VA 154 -51.48 -78.58 36.85
C VAL VA 154 -51.29 -78.29 38.33
N GLN VA 155 -50.31 -78.97 38.93
CA GLN VA 155 -49.99 -78.81 40.34
C GLN VA 155 -49.15 -77.55 40.51
N LEU VA 156 -49.72 -76.52 41.13
CA LEU VA 156 -49.03 -75.24 41.24
C LEU VA 156 -47.96 -75.26 42.31
N ILE VA 157 -48.36 -75.46 43.56
CA ILE VA 157 -47.47 -75.36 44.71
C ILE VA 157 -47.54 -76.65 45.51
N LYS VA 158 -46.38 -77.19 45.87
CA LYS VA 158 -46.31 -78.34 46.76
C LYS VA 158 -46.35 -77.86 48.20
N THR VA 159 -46.05 -78.75 49.14
CA THR VA 159 -46.00 -78.41 50.55
C THR VA 159 -44.56 -78.19 50.99
N GLY VA 160 -44.36 -77.17 51.82
CA GLY VA 160 -43.04 -76.85 52.33
C GLY VA 160 -42.05 -76.37 51.29
N ASP VA 161 -42.50 -75.53 50.36
CA ASP VA 161 -41.60 -74.96 49.38
C ASP VA 161 -41.76 -73.45 49.29
N LYS VA 162 -41.10 -72.84 48.31
CA LYS VA 162 -41.13 -71.39 48.13
C LYS VA 162 -42.11 -71.03 47.03
N VAL VA 163 -42.99 -70.06 47.31
CA VAL VA 163 -43.95 -69.60 46.33
C VAL VA 163 -43.26 -68.59 45.42
N GLY VA 164 -43.14 -68.93 44.14
CA GLY VA 164 -42.45 -68.06 43.21
C GLY VA 164 -43.21 -66.79 42.92
N ALA VA 165 -42.48 -65.77 42.46
CA ALA VA 165 -43.09 -64.47 42.21
C ALA VA 165 -44.15 -64.56 41.11
N SER VA 166 -43.87 -65.31 40.05
CA SER VA 166 -44.85 -65.49 38.98
C SER VA 166 -46.04 -66.31 39.42
N GLU VA 167 -45.81 -67.37 40.21
CA GLU VA 167 -46.92 -68.15 40.72
C GLU VA 167 -47.83 -67.33 41.63
N ALA VA 168 -47.24 -66.45 42.44
CA ALA VA 168 -48.05 -65.61 43.32
C ALA VA 168 -48.98 -64.71 42.53
N THR VA 169 -48.47 -64.05 41.48
CA THR VA 169 -49.33 -63.14 40.73
C THR VA 169 -50.32 -63.91 39.85
N LEU VA 170 -49.96 -65.10 39.38
CA LEU VA 170 -50.94 -65.92 38.66
C LEU VA 170 -52.10 -66.31 39.57
N LEU VA 171 -51.79 -66.73 40.79
CA LEU VA 171 -52.86 -67.05 41.75
C LEU VA 171 -53.70 -65.81 42.06
N ASN VA 172 -53.04 -64.67 42.25
CA ASN VA 172 -53.75 -63.44 42.58
C ASN VA 172 -54.72 -63.04 41.47
N MET VA 173 -54.30 -63.10 40.22
CA MET VA 173 -55.21 -62.76 39.14
C MET VA 173 -56.23 -63.86 38.88
N LEU VA 174 -55.93 -65.10 39.24
CA LEU VA 174 -56.89 -66.18 39.02
C LEU VA 174 -57.97 -66.19 40.11
N ASN VA 175 -57.72 -65.49 41.23
CA ASN VA 175 -58.73 -65.19 42.23
C ASN VA 175 -59.34 -66.46 42.83
N ILE VA 176 -58.50 -67.24 43.49
CA ILE VA 176 -59.00 -68.39 44.23
C ILE VA 176 -58.52 -68.28 45.66
N SER VA 177 -58.86 -69.29 46.47
CA SER VA 177 -58.44 -69.33 47.87
C SER VA 177 -57.13 -70.10 47.98
N PRO VA 178 -56.02 -69.41 48.19
CA PRO VA 178 -54.76 -70.12 48.44
C PRO VA 178 -54.69 -70.57 49.89
N PHE VA 179 -53.53 -71.04 50.33
CA PHE VA 179 -53.36 -71.43 51.72
C PHE VA 179 -53.75 -70.28 52.65
N SER VA 180 -54.51 -70.62 53.68
CA SER VA 180 -55.06 -69.63 54.60
C SER VA 180 -54.74 -70.04 56.03
N PHE VA 181 -54.58 -69.04 56.89
CA PHE VA 181 -54.22 -69.30 58.27
C PHE VA 181 -54.61 -68.09 59.11
N GLY VA 182 -55.02 -68.37 60.35
CA GLY VA 182 -55.40 -67.36 61.29
C GLY VA 182 -54.59 -67.48 62.56
N LEU VA 183 -55.22 -67.11 63.67
CA LEU VA 183 -54.59 -67.17 64.98
C LEU VA 183 -55.07 -68.45 65.67
N VAL VA 184 -54.12 -69.28 66.09
CA VAL VA 184 -54.46 -70.59 66.63
C VAL VA 184 -54.28 -70.56 68.15
N ILE VA 185 -55.30 -71.00 68.87
CA ILE VA 185 -55.30 -70.90 70.32
C ILE VA 185 -54.25 -71.86 70.88
N GLN VA 186 -53.19 -71.30 71.46
CA GLN VA 186 -52.19 -72.13 72.11
C GLN VA 186 -52.80 -72.91 73.26
N GLN VA 187 -53.48 -72.22 74.18
CA GLN VA 187 -54.20 -72.88 75.26
C GLN VA 187 -55.09 -71.85 75.95
N VAL VA 188 -55.70 -72.26 77.05
CA VAL VA 188 -56.72 -71.47 77.72
C VAL VA 188 -56.29 -71.23 79.18
N PHE VA 189 -57.05 -70.37 79.85
CA PHE VA 189 -56.79 -70.02 81.25
C PHE VA 189 -58.13 -69.63 81.86
N ASP VA 190 -58.70 -70.53 82.65
CA ASP VA 190 -60.02 -70.37 83.26
C ASP VA 190 -59.84 -70.34 84.76
N ASN VA 191 -59.56 -69.15 85.30
CA ASN VA 191 -59.43 -68.92 86.74
C ASN VA 191 -58.35 -69.82 87.35
N GLY VA 192 -57.25 -70.02 86.63
CA GLY VA 192 -56.14 -70.78 87.13
C GLY VA 192 -56.09 -72.21 86.63
N SER VA 193 -56.27 -72.39 85.33
CA SER VA 193 -56.26 -73.72 84.73
C SER VA 193 -55.49 -73.70 83.42
N ILE VA 194 -54.94 -74.85 83.06
CA ILE VA 194 -54.26 -75.03 81.79
C ILE VA 194 -54.89 -76.22 81.08
N TYR VA 195 -55.45 -75.98 79.89
CA TYR VA 195 -56.02 -77.03 79.08
C TYR VA 195 -55.44 -76.99 77.68
N ASN VA 196 -56.00 -77.74 76.75
CA ASN VA 196 -55.50 -77.77 75.38
C ASN VA 196 -56.02 -76.61 74.56
N PRO WA 1 -72.65 -66.54 39.12
CA PRO WA 1 -72.06 -65.33 39.71
C PRO WA 1 -73.03 -64.15 39.73
N ASN WA 2 -74.26 -64.39 40.21
CA ASN WA 2 -75.33 -63.38 40.25
C ASN WA 2 -75.62 -62.82 38.85
N GLU WA 3 -75.39 -63.64 37.83
CA GLU WA 3 -75.67 -63.37 36.42
C GLU WA 3 -74.77 -62.27 35.83
N ILE WA 4 -73.94 -61.64 36.67
CA ILE WA 4 -73.04 -60.58 36.22
C ILE WA 4 -72.02 -60.26 37.30
N LYS WA 5 -70.80 -59.93 36.89
CA LYS WA 5 -69.73 -59.48 37.79
C LYS WA 5 -69.16 -58.19 37.21
N VAL WA 6 -69.75 -57.06 37.60
CA VAL WA 6 -69.42 -55.76 37.03
C VAL WA 6 -69.11 -54.79 38.17
N VAL WA 7 -68.57 -55.31 39.26
CA VAL WA 7 -68.37 -54.55 40.50
C VAL WA 7 -67.22 -53.56 40.37
N TYR WA 8 -66.65 -53.42 39.18
CA TYR WA 8 -65.55 -52.47 38.96
C TYR WA 8 -66.01 -51.05 39.27
N LEU WA 9 -65.05 -50.23 39.72
CA LEU WA 9 -65.31 -48.84 40.07
C LEU WA 9 -65.08 -47.93 38.87
N ARG WA 10 -65.96 -46.94 38.74
CA ARG WA 10 -65.85 -45.91 37.72
C ARG WA 10 -65.60 -44.56 38.40
N CYS WA 11 -64.58 -43.85 37.96
CA CYS WA 11 -64.09 -42.66 38.65
C CYS WA 11 -64.30 -41.39 37.83
N THR WA 12 -65.47 -41.26 37.21
CA THR WA 12 -65.87 -40.03 36.55
C THR WA 12 -67.05 -39.42 37.29
N GLY WA 13 -67.18 -38.11 37.18
CA GLY WA 13 -68.24 -37.45 37.93
C GLY WA 13 -68.43 -36.01 37.52
N GLY WA 14 -69.49 -35.41 38.04
CA GLY WA 14 -69.82 -34.03 37.77
C GLY WA 14 -70.59 -33.82 36.49
N GLU WA 15 -69.96 -33.20 35.51
CA GLU WA 15 -70.58 -32.99 34.20
C GLU WA 15 -70.84 -34.34 33.53
N VAL WA 16 -71.75 -34.33 32.56
CA VAL WA 16 -72.16 -35.57 31.88
C VAL WA 16 -70.95 -36.22 31.22
N GLY WA 17 -70.18 -35.46 30.46
CA GLY WA 17 -68.97 -35.98 29.85
C GLY WA 17 -69.24 -36.78 28.59
N ALA WA 18 -69.77 -37.99 28.75
CA ALA WA 18 -70.13 -38.89 27.65
C ALA WA 18 -68.92 -39.21 26.77
N THR WA 19 -68.76 -38.46 25.69
CA THR WA 19 -67.63 -38.67 24.79
C THR WA 19 -66.30 -38.42 25.50
N SER WA 20 -66.23 -37.37 26.33
CA SER WA 20 -64.97 -36.99 26.95
C SER WA 20 -64.53 -37.95 28.05
N ALA WA 21 -65.41 -38.86 28.48
CA ALA WA 21 -65.09 -39.73 29.60
C ALA WA 21 -64.18 -40.88 29.15
N LEU WA 22 -63.65 -41.60 30.14
CA LEU WA 22 -62.95 -42.86 29.94
C LEU WA 22 -63.90 -44.04 29.92
N ALA WA 23 -65.19 -43.78 30.09
CA ALA WA 23 -66.21 -44.82 29.95
C ALA WA 23 -66.15 -45.56 28.62
N PRO WA 24 -65.92 -44.92 27.46
CA PRO WA 24 -65.68 -45.74 26.25
C PRO WA 24 -64.48 -46.66 26.38
N LYS WA 25 -63.44 -46.25 27.10
CA LYS WA 25 -62.26 -47.08 27.25
C LYS WA 25 -62.53 -48.28 28.14
N ILE WA 26 -63.37 -48.11 29.17
CA ILE WA 26 -63.58 -49.17 30.15
C ILE WA 26 -64.86 -49.98 29.93
N GLY WA 27 -65.76 -49.51 29.05
CA GLY WA 27 -67.00 -50.19 28.78
C GLY WA 27 -66.89 -51.60 28.21
N PRO WA 28 -65.99 -51.85 27.24
CA PRO WA 28 -65.86 -53.22 26.70
C PRO WA 28 -65.42 -54.27 27.73
N LEU WA 29 -65.13 -53.87 28.96
CA LEU WA 29 -64.93 -54.85 30.01
C LEU WA 29 -66.20 -55.63 30.29
N GLY WA 30 -67.35 -54.94 30.35
CA GLY WA 30 -68.62 -55.58 30.60
C GLY WA 30 -69.45 -55.73 29.34
N LEU WA 31 -69.14 -54.93 28.31
CA LEU WA 31 -69.69 -55.01 26.96
C LEU WA 31 -71.14 -54.56 26.87
N SER WA 32 -71.79 -54.35 28.00
CA SER WA 32 -73.21 -54.00 28.03
C SER WA 32 -73.50 -52.53 27.73
N PRO WA 33 -72.91 -51.54 28.48
CA PRO WA 33 -73.43 -50.17 28.38
C PRO WA 33 -73.25 -49.51 27.01
N LYS WA 34 -72.02 -49.41 26.54
CA LYS WA 34 -71.64 -48.64 25.35
C LYS WA 34 -72.05 -47.18 25.56
N LYS WA 35 -72.26 -46.44 24.47
CA LYS WA 35 -72.54 -45.01 24.58
C LYS WA 35 -73.94 -44.70 25.07
N VAL WA 36 -74.90 -45.59 24.85
CA VAL WA 36 -76.21 -45.40 25.47
C VAL WA 36 -76.12 -45.68 26.97
N GLY WA 37 -75.37 -46.72 27.35
CA GLY WA 37 -75.32 -47.11 28.75
C GLY WA 37 -74.57 -46.12 29.62
N ASP WA 38 -73.42 -45.64 29.15
CA ASP WA 38 -72.72 -44.66 29.97
C ASP WA 38 -73.48 -43.34 30.05
N ASP WA 39 -74.24 -42.98 29.02
CA ASP WA 39 -75.07 -41.78 29.07
C ASP WA 39 -76.20 -41.93 30.08
N ILE WA 40 -76.93 -43.05 30.05
CA ILE WA 40 -78.02 -43.20 31.02
C ILE WA 40 -77.46 -43.33 32.44
N ALA WA 41 -76.33 -44.02 32.61
CA ALA WA 41 -75.72 -44.15 33.92
C ALA WA 41 -75.24 -42.81 34.46
N LYS WA 42 -74.61 -41.98 33.62
CA LYS WA 42 -74.15 -40.69 34.10
C LYS WA 42 -75.31 -39.72 34.30
N ALA WA 43 -76.38 -39.84 33.50
CA ALA WA 43 -77.57 -39.05 33.77
C ALA WA 43 -78.17 -39.39 35.12
N THR WA 44 -78.16 -40.67 35.50
CA THR WA 44 -78.64 -41.08 36.80
C THR WA 44 -77.63 -40.85 37.92
N GLY WA 45 -76.37 -40.57 37.59
CA GLY WA 45 -75.38 -40.30 38.62
C GLY WA 45 -74.72 -38.94 38.57
N ASP WA 46 -75.37 -37.97 37.91
CA ASP WA 46 -74.80 -36.63 37.79
C ASP WA 46 -74.69 -35.95 39.15
N TRP WA 47 -75.70 -36.10 39.99
CA TRP WA 47 -75.73 -35.50 41.31
C TRP WA 47 -75.09 -36.47 42.31
N LYS WA 48 -75.36 -36.28 43.60
CA LYS WA 48 -74.80 -37.10 44.69
C LYS WA 48 -73.27 -36.95 44.72
N GLY WA 49 -72.84 -35.75 45.10
CA GLY WA 49 -71.43 -35.45 45.14
C GLY WA 49 -70.83 -35.18 43.78
N LEU WA 50 -71.17 -34.02 43.19
CA LEU WA 50 -70.83 -33.61 41.81
C LEU WA 50 -69.32 -33.38 41.58
N ARG WA 51 -68.50 -33.80 42.55
CA ARG WA 51 -67.05 -33.88 42.42
C ARG WA 51 -66.68 -35.14 41.64
N ILE WA 52 -65.43 -35.60 41.80
CA ILE WA 52 -64.89 -36.66 40.93
C ILE WA 52 -65.77 -37.90 40.89
N THR WA 53 -66.45 -38.22 42.00
CA THR WA 53 -67.45 -39.29 42.06
C THR WA 53 -66.84 -40.65 41.70
N VAL WA 54 -65.96 -41.12 42.58
CA VAL WA 54 -65.57 -42.52 42.50
C VAL WA 54 -66.78 -43.35 42.93
N LYS WA 55 -67.43 -44.01 41.98
CA LYS WA 55 -68.68 -44.72 42.23
C LYS WA 55 -68.54 -46.15 41.72
N LEU WA 56 -69.56 -46.95 41.99
CA LEU WA 56 -69.67 -48.32 41.53
C LEU WA 56 -70.93 -48.46 40.71
N THR WA 57 -70.87 -49.30 39.68
CA THR WA 57 -72.01 -49.56 38.82
C THR WA 57 -72.41 -51.03 38.90
N ILE WA 58 -73.72 -51.27 38.87
CA ILE WA 58 -74.28 -52.62 38.81
C ILE WA 58 -75.23 -52.67 37.61
N GLN WA 59 -74.98 -53.60 36.70
CA GLN WA 59 -75.71 -53.64 35.44
C GLN WA 59 -76.79 -54.71 35.48
N ASN WA 60 -78.00 -54.34 35.04
CA ASN WA 60 -79.14 -55.22 34.93
C ASN WA 60 -79.33 -55.72 33.50
N ARG WA 61 -78.20 -55.95 32.83
CA ARG WA 61 -78.05 -56.49 31.47
C ARG WA 61 -78.46 -55.51 30.38
N GLN WA 62 -79.18 -54.44 30.71
CA GLN WA 62 -79.34 -53.34 29.79
C GLN WA 62 -79.23 -51.98 30.48
N ALA WA 63 -79.78 -51.88 31.68
CA ALA WA 63 -79.84 -50.62 32.43
C ALA WA 63 -78.98 -50.73 33.68
N GLN WA 64 -78.19 -49.68 33.92
CA GLN WA 64 -77.19 -49.68 34.99
C GLN WA 64 -77.66 -48.81 36.14
N ILE WA 65 -77.44 -49.30 37.35
CA ILE WA 65 -77.64 -48.52 38.57
C ILE WA 65 -76.28 -48.18 39.14
N GLU WA 66 -76.23 -47.13 39.95
CA GLU WA 66 -74.98 -46.60 40.47
C GLU WA 66 -75.11 -46.43 41.98
N VAL WA 67 -74.14 -46.96 42.71
CA VAL WA 67 -74.01 -46.72 44.14
C VAL WA 67 -72.70 -45.95 44.37
N VAL WA 68 -72.80 -44.82 45.04
CA VAL WA 68 -71.65 -43.95 45.28
C VAL WA 68 -71.07 -44.29 46.65
N PRO WA 69 -69.86 -44.83 46.73
CA PRO WA 69 -69.22 -45.00 48.03
C PRO WA 69 -69.06 -43.66 48.73
N SER WA 70 -69.23 -43.68 50.05
CA SER WA 70 -69.29 -42.46 50.85
C SER WA 70 -67.87 -42.02 51.22
N ALA WA 71 -67.16 -41.52 50.22
CA ALA WA 71 -65.85 -40.95 50.46
C ALA WA 71 -66.00 -39.65 51.25
N SER WA 72 -65.24 -39.54 52.33
CA SER WA 72 -65.42 -38.41 53.24
C SER WA 72 -65.08 -37.09 52.57
N ALA WA 73 -63.96 -37.05 51.84
CA ALA WA 73 -63.63 -35.84 51.09
C ALA WA 73 -64.69 -35.53 50.05
N LEU WA 74 -65.22 -36.57 49.39
CA LEU WA 74 -66.27 -36.37 48.39
C LEU WA 74 -67.49 -35.72 49.00
N ILE WA 75 -68.02 -36.28 50.09
CA ILE WA 75 -69.23 -35.74 50.69
C ILE WA 75 -68.99 -34.37 51.32
N ILE WA 76 -67.82 -34.17 51.93
CA ILE WA 76 -67.53 -32.87 52.54
C ILE WA 76 -67.45 -31.78 51.48
N LYS WA 77 -66.74 -32.06 50.38
CA LYS WA 77 -66.65 -31.07 49.31
C LYS WA 77 -67.98 -30.91 48.58
N ALA WA 78 -68.82 -31.95 48.59
CA ALA WA 78 -70.15 -31.83 48.01
C ALA WA 78 -71.03 -30.90 48.83
N LEU WA 79 -70.97 -31.03 50.15
CA LEU WA 79 -71.81 -30.24 51.03
C LEU WA 79 -71.23 -28.87 51.35
N LYS WA 80 -69.97 -28.62 51.00
CA LYS WA 80 -69.43 -27.27 51.04
C LYS WA 80 -69.81 -26.55 49.76
N GLU WA 81 -70.07 -25.25 49.88
CA GLU WA 81 -70.48 -24.45 48.72
C GLU WA 81 -69.38 -23.47 48.32
N ILE WA 98 -66.53 -22.18 61.15
CA ILE WA 98 -67.80 -22.89 61.00
C ILE WA 98 -67.70 -24.25 61.70
N THR WA 99 -68.72 -24.55 62.52
CA THR WA 99 -68.72 -25.80 63.26
C THR WA 99 -69.26 -26.95 62.42
N PHE WA 100 -70.41 -26.74 61.78
CA PHE WA 100 -71.14 -27.71 60.94
C PHE WA 100 -71.13 -29.13 61.52
N ASP WA 101 -71.31 -29.25 62.84
CA ASP WA 101 -71.24 -30.57 63.45
C ASP WA 101 -72.45 -31.44 63.08
N GLU WA 102 -73.63 -30.83 62.97
CA GLU WA 102 -74.85 -31.61 62.79
C GLU WA 102 -74.92 -32.26 61.42
N ILE WA 103 -74.44 -31.57 60.37
CA ILE WA 103 -74.53 -32.12 59.02
C ILE WA 103 -73.65 -33.36 58.88
N VAL WA 104 -72.43 -33.31 59.41
CA VAL WA 104 -71.59 -34.49 59.36
C VAL WA 104 -72.06 -35.54 60.37
N ASN WA 105 -72.72 -35.12 61.45
CA ASN WA 105 -73.31 -36.07 62.38
C ASN WA 105 -74.36 -36.93 61.69
N ILE WA 106 -75.20 -36.31 60.87
CA ILE WA 106 -76.25 -37.05 60.18
C ILE WA 106 -75.81 -37.64 58.85
N ALA WA 107 -74.64 -37.25 58.35
CA ALA WA 107 -74.18 -37.79 57.06
C ALA WA 107 -73.64 -39.21 57.17
N ARG WA 108 -73.38 -39.71 58.37
CA ARG WA 108 -72.65 -40.97 58.53
C ARG WA 108 -73.56 -42.13 58.86
N GLN WA 109 -74.88 -41.95 58.77
CA GLN WA 109 -75.82 -42.98 59.20
C GLN WA 109 -75.97 -44.09 58.16
N MET WA 110 -76.11 -43.73 56.89
CA MET WA 110 -76.25 -44.69 55.81
C MET WA 110 -74.92 -45.30 55.37
N ARG WA 111 -73.81 -44.89 55.99
CA ARG WA 111 -72.50 -45.36 55.61
C ARG WA 111 -72.29 -46.80 56.06
N HIS WA 112 -71.39 -47.50 55.36
CA HIS WA 112 -70.85 -48.76 55.87
C HIS WA 112 -70.32 -48.58 57.29
N ARG WA 113 -69.70 -47.43 57.57
CA ARG WA 113 -69.45 -46.96 58.92
C ARG WA 113 -68.56 -47.94 59.70
N SER WA 114 -67.56 -48.48 59.04
CA SER WA 114 -66.63 -49.37 59.73
C SER WA 114 -65.59 -48.56 60.50
N LEU WA 115 -64.73 -47.84 59.77
CA LEU WA 115 -63.74 -46.92 60.32
C LEU WA 115 -62.88 -47.53 61.42
N ALA WA 116 -62.77 -48.87 61.44
CA ALA WA 116 -62.09 -49.59 62.51
C ALA WA 116 -62.59 -49.14 63.89
N ARG WA 117 -63.90 -48.98 64.00
CA ARG WA 117 -64.48 -48.23 65.11
C ARG WA 117 -64.52 -49.05 66.40
N GLU WA 118 -64.61 -48.31 67.50
CA GLU WA 118 -65.14 -48.82 68.75
C GLU WA 118 -66.49 -48.18 69.07
N LEU WA 119 -66.60 -46.87 68.87
CA LEU WA 119 -67.85 -46.13 68.97
C LEU WA 119 -68.03 -45.28 67.72
N SER WA 120 -69.18 -44.61 67.61
CA SER WA 120 -69.37 -43.64 66.55
C SER WA 120 -68.57 -42.37 66.78
N GLY WA 121 -68.09 -42.17 68.00
CA GLY WA 121 -67.13 -41.13 68.25
C GLY WA 121 -65.90 -41.27 67.39
N THR WA 122 -65.45 -42.50 67.15
CA THR WA 122 -64.29 -42.71 66.30
C THR WA 122 -64.56 -42.22 64.87
N ILE WA 123 -65.76 -42.52 64.34
CA ILE WA 123 -66.10 -42.08 63.00
C ILE WA 123 -66.12 -40.57 62.92
N LYS WA 124 -66.74 -39.93 63.91
CA LYS WA 124 -66.82 -38.47 63.85
C LYS WA 124 -65.45 -37.82 64.02
N GLU WA 125 -64.57 -38.40 64.85
CA GLU WA 125 -63.21 -37.87 64.92
C GLU WA 125 -62.47 -38.03 63.59
N ILE WA 126 -62.62 -39.20 62.96
CA ILE WA 126 -61.90 -39.48 61.73
C ILE WA 126 -62.31 -38.50 60.64
N LEU WA 127 -63.61 -38.24 60.51
CA LEU WA 127 -64.03 -37.29 59.47
C LEU WA 127 -63.78 -35.85 59.88
N GLY WA 128 -63.87 -35.51 61.16
CA GLY WA 128 -63.49 -34.18 61.60
C GLY WA 128 -62.03 -33.88 61.38
N THR WA 129 -61.21 -34.93 61.24
CA THR WA 129 -59.83 -34.77 60.83
C THR WA 129 -59.64 -34.79 59.32
N ALA WA 130 -60.40 -35.63 58.61
CA ALA WA 130 -60.32 -35.65 57.15
C ALA WA 130 -60.80 -34.35 56.54
N GLN WA 131 -61.63 -33.59 57.25
CA GLN WA 131 -62.04 -32.27 56.77
C GLN WA 131 -61.01 -31.18 57.04
N SER WA 132 -59.78 -31.54 57.43
CA SER WA 132 -58.72 -30.57 57.62
C SER WA 132 -58.01 -30.21 56.33
N VAL WA 133 -58.62 -30.47 55.18
CA VAL WA 133 -58.08 -30.07 53.90
C VAL WA 133 -58.27 -28.57 53.71
N HIS WA 141 -59.29 -24.27 62.33
CA HIS WA 141 -59.01 -25.65 61.95
C HIS WA 141 -59.84 -26.61 62.79
N PRO WA 142 -60.40 -27.63 62.15
CA PRO WA 142 -61.20 -28.64 62.85
C PRO WA 142 -60.38 -29.70 63.57
N HIS WA 143 -59.41 -29.26 64.36
CA HIS WA 143 -58.59 -30.13 65.18
C HIS WA 143 -58.73 -29.84 66.67
N ASP WA 144 -58.91 -28.58 67.05
CA ASP WA 144 -59.25 -28.30 68.44
C ASP WA 144 -60.62 -28.86 68.80
N ILE WA 145 -61.52 -28.95 67.81
CA ILE WA 145 -62.78 -29.65 68.00
C ILE WA 145 -62.52 -31.12 68.31
N ILE WA 146 -61.62 -31.74 67.54
CA ILE WA 146 -61.25 -33.12 67.78
C ILE WA 146 -60.67 -33.27 69.19
N ASP WA 147 -59.88 -32.30 69.61
CA ASP WA 147 -59.28 -32.34 70.95
C ASP WA 147 -60.33 -32.31 72.04
N ASP WA 148 -61.05 -31.19 72.17
CA ASP WA 148 -62.05 -31.08 73.23
C ASP WA 148 -63.46 -31.29 72.68
N ILE WA 149 -63.65 -32.43 72.02
CA ILE WA 149 -64.98 -32.84 71.58
C ILE WA 149 -65.69 -33.51 72.74
N ASN WA 150 -66.88 -33.00 73.08
CA ASN WA 150 -67.68 -33.55 74.15
C ASN WA 150 -69.16 -33.65 73.82
N SER WA 151 -69.61 -33.10 72.71
CA SER WA 151 -71.02 -33.06 72.36
C SER WA 151 -71.36 -34.18 71.39
N GLY WA 152 -72.41 -34.92 71.70
CA GLY WA 152 -72.91 -35.97 70.82
C GLY WA 152 -71.99 -37.15 70.63
N ALA WA 153 -71.31 -37.58 71.70
CA ALA WA 153 -70.36 -38.68 71.59
C ALA WA 153 -71.04 -39.99 71.20
N VAL WA 154 -72.23 -40.25 71.74
CA VAL WA 154 -72.95 -41.49 71.42
C VAL WA 154 -74.26 -41.05 70.77
N GLU WA 155 -74.21 -39.93 70.05
CA GLU WA 155 -75.43 -39.36 69.48
C GLU WA 155 -75.91 -40.17 68.28
N CYS WA 156 -75.00 -40.60 67.41
CA CYS WA 156 -75.42 -41.40 66.26
C CYS WA 156 -76.03 -42.73 66.65
N PRO WA 157 -75.42 -43.55 67.53
CA PRO WA 157 -76.13 -44.79 67.82
C PRO WA 157 -77.16 -44.62 68.94
N GLY XA 1 -59.38 40.41 -95.41
CA GLY XA 1 -60.12 40.64 -96.64
C GLY XA 1 -59.26 40.44 -97.88
N ALA XA 2 -59.60 39.43 -98.66
CA ALA XA 2 -58.85 39.11 -99.87
C ALA XA 2 -59.37 39.83 -101.11
N LEU XA 3 -60.50 40.51 -101.01
CA LEU XA 3 -61.12 41.15 -102.16
C LEU XA 3 -60.60 42.57 -102.33
N ASP XA 4 -60.88 43.14 -103.51
CA ASP XA 4 -60.42 44.50 -103.81
C ASP XA 4 -61.26 45.56 -103.11
N VAL XA 5 -62.55 45.29 -102.88
CA VAL XA 5 -63.37 46.27 -102.17
C VAL XA 5 -62.90 46.41 -100.73
N LEU XA 6 -62.46 45.32 -100.13
CA LEU XA 6 -61.97 45.34 -98.76
C LEU XA 6 -60.45 45.51 -98.77
N GLN XA 7 -60.02 46.65 -99.28
CA GLN XA 7 -58.61 46.93 -99.39
C GLN XA 7 -58.30 48.29 -98.79
N MET XA 8 -57.03 48.48 -98.48
CA MET XA 8 -56.55 49.70 -97.86
C MET XA 8 -56.78 50.90 -98.77
N LYS XA 9 -57.07 52.03 -98.15
CA LYS XA 9 -57.27 53.29 -98.87
C LYS XA 9 -56.22 54.31 -98.44
N GLU XA 10 -55.95 55.24 -99.35
CA GLU XA 10 -54.93 56.26 -99.09
C GLU XA 10 -55.35 57.18 -97.96
N GLU XA 11 -56.64 57.50 -97.87
CA GLU XA 11 -57.10 58.38 -96.79
C GLU XA 11 -57.00 57.66 -95.44
N ASP XA 12 -57.29 56.36 -95.43
CA ASP XA 12 -57.13 55.58 -94.20
C ASP XA 12 -55.67 55.52 -93.79
N VAL XA 13 -54.77 55.35 -94.77
CA VAL XA 13 -53.34 55.36 -94.46
C VAL XA 13 -52.95 56.71 -93.87
N LEU XA 14 -53.48 57.80 -94.43
CA LEU XA 14 -53.16 59.12 -93.91
C LEU XA 14 -53.66 59.29 -92.48
N LYS XA 15 -54.86 58.81 -92.20
CA LYS XA 15 -55.37 58.89 -90.83
C LYS XA 15 -54.50 58.08 -89.87
N PHE XA 16 -54.10 56.88 -90.29
CA PHE XA 16 -53.22 56.06 -89.46
C PHE XA 16 -51.92 56.78 -89.16
N LEU XA 17 -51.26 57.30 -90.20
CA LEU XA 17 -49.98 57.95 -90.00
C LEU XA 17 -50.11 59.23 -89.19
N ALA XA 18 -51.21 59.97 -89.39
CA ALA XA 18 -51.42 61.18 -88.61
C ALA XA 18 -51.58 60.87 -87.13
N ALA XA 19 -52.33 59.82 -86.80
CA ALA XA 19 -52.50 59.45 -85.41
C ALA XA 19 -51.35 58.60 -84.88
N GLY XA 20 -50.38 58.29 -85.71
CA GLY XA 20 -49.30 57.38 -85.31
C GLY XA 20 -49.60 55.96 -85.76
N THR XA 21 -50.06 55.12 -84.84
CA THR XA 21 -50.62 53.80 -85.09
C THR XA 21 -49.64 52.83 -85.75
N HIS XA 22 -48.40 53.25 -85.94
CA HIS XA 22 -47.40 52.40 -86.55
C HIS XA 22 -46.05 52.50 -85.85
N LEU XA 23 -45.98 53.26 -84.77
CA LEU XA 23 -44.79 53.32 -83.92
C LEU XA 23 -45.13 52.62 -82.61
N GLY XA 24 -44.44 51.52 -82.34
CA GLY XA 24 -44.62 50.79 -81.11
C GLY XA 24 -43.59 51.14 -80.07
N GLY XA 25 -43.38 50.22 -79.13
CA GLY XA 25 -42.40 50.42 -78.08
C GLY XA 25 -41.02 49.97 -78.48
N THR XA 26 -40.09 50.14 -77.54
CA THR XA 26 -38.72 49.70 -77.77
C THR XA 26 -38.53 48.22 -77.53
N ASN XA 27 -39.51 47.56 -76.92
CA ASN XA 27 -39.45 46.13 -76.67
C ASN XA 27 -40.36 45.40 -77.66
N LEU XA 28 -40.00 44.16 -77.95
CA LEU XA 28 -40.78 43.33 -78.87
C LEU XA 28 -41.15 42.02 -78.20
N ASP XA 29 -42.34 41.53 -78.53
CA ASP XA 29 -42.83 40.23 -78.09
C ASP XA 29 -42.61 39.23 -79.22
N PHE XA 30 -42.14 38.03 -78.85
CA PHE XA 30 -41.82 37.02 -79.85
C PHE XA 30 -43.05 36.57 -80.63
N GLN XA 31 -44.25 36.80 -80.10
CA GLN XA 31 -45.47 36.51 -80.85
C GLN XA 31 -45.92 37.67 -81.73
N MET XA 32 -45.38 38.87 -81.52
CA MET XA 32 -45.62 40.02 -82.39
C MET XA 32 -44.47 40.24 -83.38
N GLU XA 33 -43.45 39.38 -83.29
CA GLU XA 33 -42.31 39.48 -84.20
C GLU XA 33 -42.75 39.35 -85.65
N GLN XA 34 -43.77 38.56 -85.91
CA GLN XA 34 -44.24 38.35 -87.28
C GLN XA 34 -45.20 39.43 -87.75
N TYR XA 35 -45.66 40.31 -86.86
CA TYR XA 35 -46.38 41.51 -87.27
C TYR XA 35 -45.46 42.69 -87.47
N ILE XA 36 -44.33 42.73 -86.77
CA ILE XA 36 -43.43 43.87 -86.88
C ILE XA 36 -42.77 43.91 -88.25
N TYR XA 37 -42.75 45.09 -88.85
CA TYR XA 37 -42.06 45.28 -90.13
C TYR XA 37 -40.55 45.41 -89.93
N LYS XA 38 -40.12 46.41 -89.17
CA LYS XA 38 -38.71 46.72 -88.98
C LYS XA 38 -38.61 47.76 -87.89
N ARG XA 39 -37.57 47.67 -87.06
CA ARG XA 39 -37.33 48.67 -86.03
C ARG XA 39 -36.30 49.68 -86.53
N LYS XA 40 -36.62 50.95 -86.37
CA LYS XA 40 -35.74 52.01 -86.84
C LYS XA 40 -34.52 52.15 -85.92
N SER XA 41 -33.57 52.99 -86.34
CA SER XA 41 -32.36 53.20 -85.56
C SER XA 41 -32.66 53.86 -84.22
N ASP XA 42 -33.81 54.55 -84.13
CA ASP XA 42 -34.23 55.13 -82.86
C ASP XA 42 -34.52 54.05 -81.82
N GLY XA 43 -34.81 52.83 -82.26
CA GLY XA 43 -35.18 51.77 -81.36
C GLY XA 43 -36.67 51.50 -81.28
N ILE XA 44 -37.47 52.20 -82.07
CA ILE XA 44 -38.91 52.03 -82.07
C ILE XA 44 -39.29 51.03 -83.17
N TYR XA 45 -40.04 50.01 -82.79
CA TYR XA 45 -40.48 49.00 -83.74
C TYR XA 45 -41.62 49.56 -84.59
N ILE XA 46 -41.50 49.45 -85.90
CA ILE XA 46 -42.53 49.92 -86.81
C ILE XA 46 -43.38 48.72 -87.24
N ILE XA 47 -44.68 48.80 -86.98
CA ILE XA 47 -45.57 47.71 -87.33
C ILE XA 47 -45.87 47.76 -88.82
N ASN XA 48 -46.47 46.70 -89.33
CA ASN XA 48 -46.88 46.62 -90.73
C ASN XA 48 -48.35 47.01 -90.83
N LEU XA 49 -48.62 48.08 -91.56
CA LEU XA 49 -49.98 48.63 -91.61
C LEU XA 49 -50.92 47.71 -92.39
N LYS XA 50 -50.44 47.07 -93.45
CA LYS XA 50 -51.29 46.12 -94.15
C LYS XA 50 -51.66 44.96 -93.24
N ARG XA 51 -50.71 44.48 -92.45
CA ARG XA 51 -51.00 43.38 -91.53
C ARG XA 51 -51.99 43.82 -90.45
N THR XA 52 -51.82 45.04 -89.91
CA THR XA 52 -52.77 45.47 -88.88
C THR XA 52 -54.14 45.73 -89.48
N TRP XA 53 -54.21 46.13 -90.75
CA TRP XA 53 -55.48 46.27 -91.42
C TRP XA 53 -56.15 44.92 -91.64
N GLU XA 54 -55.37 43.90 -92.01
CA GLU XA 54 -55.92 42.56 -92.14
C GLU XA 54 -56.46 42.06 -90.82
N LYS XA 55 -55.71 42.27 -89.74
CA LYS XA 55 -56.18 41.85 -88.42
C LYS XA 55 -57.44 42.60 -88.01
N LEU XA 56 -57.50 43.89 -88.32
CA LEU XA 56 -58.69 44.67 -88.01
C LEU XA 56 -59.90 44.13 -88.76
N LEU XA 57 -59.74 43.81 -90.03
CA LEU XA 57 -60.85 43.24 -90.79
C LEU XA 57 -61.25 41.88 -90.25
N LEU XA 58 -60.27 41.08 -89.81
CA LEU XA 58 -60.60 39.78 -89.23
C LEU XA 58 -61.43 39.94 -87.95
N ALA XA 59 -61.03 40.88 -87.10
CA ALA XA 59 -61.79 41.14 -85.88
C ALA XA 59 -63.18 41.67 -86.20
N ALA XA 60 -63.28 42.52 -87.23
CA ALA XA 60 -64.59 43.02 -87.64
C ALA XA 60 -65.49 41.90 -88.13
N ARG XA 61 -64.92 40.95 -88.88
CA ARG XA 61 -65.70 39.79 -89.32
C ARG XA 61 -66.17 38.98 -88.13
N ALA XA 62 -65.29 38.75 -87.15
CA ALA XA 62 -65.68 38.02 -85.95
C ALA XA 62 -66.80 38.74 -85.21
N ILE XA 63 -66.75 40.08 -85.17
CA ILE XA 63 -67.78 40.84 -84.47
C ILE XA 63 -69.11 40.76 -85.21
N VAL XA 64 -69.09 40.98 -86.52
CA VAL XA 64 -70.34 40.96 -87.29
C VAL XA 64 -70.89 39.56 -87.45
N ALA XA 65 -70.13 38.53 -87.11
CA ALA XA 65 -70.66 37.17 -87.11
C ALA XA 65 -71.64 36.91 -85.98
N ILE XA 66 -71.73 37.79 -84.98
CA ILE XA 66 -72.61 37.59 -83.85
C ILE XA 66 -73.95 38.27 -84.10
N GLU XA 67 -75.03 37.53 -83.87
CA GLU XA 67 -76.36 38.00 -84.21
C GLU XA 67 -76.79 39.17 -83.31
N ASN XA 68 -76.61 39.00 -82.00
CA ASN XA 68 -77.06 40.01 -81.04
C ASN XA 68 -75.93 41.00 -80.80
N PRO XA 69 -76.07 42.25 -81.23
CA PRO XA 69 -75.00 43.23 -80.97
C PRO XA 69 -74.78 43.49 -79.49
N ALA XA 70 -75.79 43.28 -78.66
CA ALA XA 70 -75.60 43.43 -77.22
C ALA XA 70 -74.77 42.31 -76.62
N ASP XA 71 -74.51 41.24 -77.36
CA ASP XA 71 -73.80 40.10 -76.80
C ASP XA 71 -72.29 40.24 -76.89
N VAL XA 72 -71.79 41.20 -77.68
CA VAL XA 72 -70.37 41.51 -77.66
C VAL XA 72 -70.11 42.62 -76.66
N SER XA 73 -69.10 42.44 -75.82
CA SER XA 73 -68.78 43.38 -74.77
C SER XA 73 -67.44 44.04 -75.08
N VAL XA 74 -67.43 45.37 -75.13
CA VAL XA 74 -66.22 46.15 -75.35
C VAL XA 74 -65.83 46.80 -74.03
N ILE XA 75 -64.56 46.67 -73.67
CA ILE XA 75 -64.09 47.11 -72.36
C ILE XA 75 -62.81 47.92 -72.51
N SER XA 76 -62.55 48.73 -71.49
CA SER XA 76 -61.27 49.44 -71.36
C SER XA 76 -61.12 49.96 -69.95
N SER XA 77 -60.02 49.61 -69.29
CA SER XA 77 -59.77 50.11 -67.94
C SER XA 77 -59.00 51.41 -67.93
N ARG XA 78 -58.59 51.91 -69.09
CA ARG XA 78 -57.78 53.11 -69.17
C ARG XA 78 -58.58 54.24 -69.79
N ASN XA 79 -58.41 55.44 -69.22
CA ASN XA 79 -59.11 56.62 -69.72
C ASN XA 79 -58.74 56.91 -71.16
N THR XA 80 -57.55 56.49 -71.60
CA THR XA 80 -57.17 56.59 -73.00
C THR XA 80 -57.81 55.43 -73.77
N GLY XA 81 -59.13 55.51 -73.88
CA GLY XA 81 -59.89 54.45 -74.51
C GLY XA 81 -61.25 54.24 -73.89
N GLN XA 82 -61.48 54.79 -72.70
CA GLN XA 82 -62.82 54.74 -72.12
C GLN XA 82 -63.83 55.42 -73.03
N ARG XA 83 -63.52 56.62 -73.51
CA ARG XA 83 -64.43 57.31 -74.42
C ARG XA 83 -64.61 56.54 -75.71
N ALA XA 84 -63.54 55.94 -76.21
CA ALA XA 84 -63.62 55.18 -77.45
C ALA XA 84 -64.54 53.97 -77.31
N VAL XA 85 -64.42 53.23 -76.21
CA VAL XA 85 -65.28 52.06 -76.05
C VAL XA 85 -66.71 52.49 -75.82
N LEU XA 86 -66.94 53.61 -75.13
CA LEU XA 86 -68.31 54.08 -74.95
C LEU XA 86 -68.95 54.45 -76.27
N LYS XA 87 -68.22 55.19 -77.12
CA LYS XA 87 -68.76 55.57 -78.41
C LYS XA 87 -68.95 54.36 -79.32
N PHE XA 88 -68.02 53.40 -79.26
CA PHE XA 88 -68.15 52.18 -80.04
C PHE XA 88 -69.40 51.41 -79.65
N ALA XA 89 -69.63 51.28 -78.34
CA ALA XA 89 -70.82 50.56 -77.89
C ALA XA 89 -72.08 51.29 -78.28
N ALA XA 90 -72.08 52.61 -78.18
CA ALA XA 90 -73.25 53.37 -78.62
C ALA XA 90 -73.52 53.18 -80.11
N ALA XA 91 -72.46 53.17 -80.92
CA ALA XA 91 -72.64 53.06 -82.35
C ALA XA 91 -73.09 51.66 -82.77
N THR XA 92 -72.45 50.63 -82.22
CA THR XA 92 -72.64 49.27 -82.72
C THR XA 92 -73.54 48.43 -81.82
N GLY XA 93 -74.14 49.00 -80.79
CA GLY XA 93 -75.02 48.24 -79.93
C GLY XA 93 -74.33 47.33 -78.94
N ALA XA 94 -73.01 47.47 -78.76
CA ALA XA 94 -72.30 46.63 -77.81
C ALA XA 94 -72.57 47.07 -76.38
N THR XA 95 -72.11 46.25 -75.43
CA THR XA 95 -72.27 46.57 -74.03
C THR XA 95 -70.95 47.07 -73.47
N PRO XA 96 -70.83 48.34 -73.09
CA PRO XA 96 -69.54 48.88 -72.68
C PRO XA 96 -69.24 48.66 -71.20
N ILE XA 97 -67.93 48.57 -70.92
CA ILE XA 97 -67.41 48.58 -69.56
C ILE XA 97 -66.21 49.52 -69.58
N ALA XA 98 -66.33 50.68 -68.94
CA ALA XA 98 -65.27 51.66 -68.91
C ALA XA 98 -64.79 51.85 -67.47
N GLY XA 99 -63.48 51.83 -67.28
CA GLY XA 99 -62.92 52.05 -65.96
C GLY XA 99 -62.74 50.75 -65.21
N ARG XA 100 -63.20 50.73 -63.96
CA ARG XA 100 -63.02 49.57 -63.11
C ARG XA 100 -63.78 48.37 -63.65
N PHE XA 101 -63.12 47.22 -63.68
CA PHE XA 101 -63.73 45.95 -64.04
C PHE XA 101 -63.81 45.11 -62.78
N THR XA 102 -65.01 44.94 -62.25
CA THR XA 102 -65.16 44.22 -60.99
C THR XA 102 -64.88 42.74 -61.21
N PRO XA 103 -63.97 42.13 -60.45
CA PRO XA 103 -63.72 40.70 -60.62
C PRO XA 103 -64.95 39.88 -60.31
N GLY XA 104 -65.14 38.81 -61.09
CA GLY XA 104 -66.34 38.02 -61.02
C GLY XA 104 -67.47 38.49 -61.90
N THR XA 105 -67.21 39.42 -62.82
CA THR XA 105 -68.23 39.84 -63.76
C THR XA 105 -68.66 38.69 -64.65
N PHE XA 106 -67.72 37.88 -65.11
CA PHE XA 106 -68.04 36.74 -65.96
C PHE XA 106 -68.12 35.43 -65.19
N THR XA 107 -67.64 35.39 -63.95
CA THR XA 107 -67.50 34.15 -63.20
C THR XA 107 -68.49 34.02 -62.07
N ASN XA 108 -68.70 35.09 -61.30
CA ASN XA 108 -69.62 35.08 -60.17
C ASN XA 108 -70.98 35.56 -60.63
N GLN XA 109 -71.99 34.71 -60.50
CA GLN XA 109 -73.33 34.99 -61.02
C GLN XA 109 -74.23 35.63 -59.96
N ILE XA 110 -73.65 36.35 -59.01
CA ILE XA 110 -74.39 36.93 -57.89
C ILE XA 110 -74.48 38.45 -58.02
N GLN XA 111 -73.34 39.10 -58.26
CA GLN XA 111 -73.33 40.55 -58.28
C GLN XA 111 -74.06 41.10 -59.49
N ALA XA 112 -74.55 42.35 -59.35
CA ALA XA 112 -75.36 42.96 -60.39
C ALA XA 112 -74.56 43.25 -61.65
N ALA XA 113 -73.24 43.29 -61.56
CA ALA XA 113 -72.41 43.50 -62.74
C ALA XA 113 -72.26 42.24 -63.57
N PHE XA 114 -72.78 41.11 -63.11
CA PHE XA 114 -72.56 39.84 -63.80
C PHE XA 114 -73.24 39.84 -65.17
N ARG XA 115 -72.51 39.36 -66.17
CA ARG XA 115 -73.03 39.27 -67.53
C ARG XA 115 -72.34 38.14 -68.24
N GLU XA 116 -72.96 37.67 -69.31
CA GLU XA 116 -72.42 36.58 -70.12
C GLU XA 116 -72.31 37.04 -71.57
N PRO XA 117 -71.18 37.56 -71.99
CA PRO XA 117 -71.00 37.93 -73.38
C PRO XA 117 -70.59 36.74 -74.23
N ARG XA 118 -70.60 36.95 -75.55
CA ARG XA 118 -70.11 35.96 -76.49
C ARG XA 118 -68.81 36.36 -77.15
N LEU XA 119 -68.38 37.61 -76.96
CA LEU XA 119 -67.13 38.10 -77.52
C LEU XA 119 -66.64 39.26 -76.66
N LEU XA 120 -65.38 39.24 -76.30
CA LEU XA 120 -64.77 40.32 -75.54
C LEU XA 120 -63.82 41.09 -76.44
N VAL XA 121 -63.80 42.42 -76.30
CA VAL XA 121 -62.88 43.26 -77.04
C VAL XA 121 -62.16 44.15 -76.03
N VAL XA 122 -60.84 44.18 -76.13
CA VAL XA 122 -59.95 44.69 -75.08
C VAL XA 122 -59.05 45.75 -75.67
N THR XA 123 -58.94 46.89 -74.97
CA THR XA 123 -58.06 47.96 -75.43
C THR XA 123 -56.60 47.59 -75.25
N ASP XA 124 -56.25 46.93 -74.16
CA ASP XA 124 -54.86 46.64 -73.85
C ASP XA 124 -54.79 45.36 -73.03
N PRO XA 125 -54.04 44.35 -73.47
CA PRO XA 125 -53.92 43.13 -72.66
C PRO XA 125 -53.29 43.37 -71.29
N ARG XA 126 -52.24 44.19 -71.22
CA ARG XA 126 -51.58 44.42 -69.94
C ARG XA 126 -52.51 45.14 -68.97
N ALA XA 127 -53.22 46.14 -69.45
CA ALA XA 127 -54.16 46.85 -68.58
C ALA XA 127 -55.36 45.99 -68.22
N ASP XA 128 -55.97 45.37 -69.22
CA ASP XA 128 -57.14 44.52 -69.02
C ASP XA 128 -56.75 43.05 -68.93
N HIS XA 129 -55.75 42.74 -68.12
CA HIS XA 129 -55.39 41.34 -67.89
C HIS XA 129 -56.50 40.61 -67.16
N GLN XA 130 -57.15 41.27 -66.20
CA GLN XA 130 -58.15 40.60 -65.38
C GLN XA 130 -59.35 40.11 -66.18
N PRO XA 131 -60.00 40.91 -67.03
CA PRO XA 131 -61.09 40.35 -67.85
C PRO XA 131 -60.62 39.28 -68.81
N LEU XA 132 -59.40 39.40 -69.33
CA LEU XA 132 -58.87 38.36 -70.20
C LEU XA 132 -58.74 37.05 -69.45
N THR XA 133 -58.24 37.09 -68.22
CA THR XA 133 -58.14 35.87 -67.42
C THR XA 133 -59.50 35.32 -67.09
N GLU XA 134 -60.47 36.20 -66.80
CA GLU XA 134 -61.81 35.71 -66.50
C GLU XA 134 -62.49 35.11 -67.72
N ALA XA 135 -62.11 35.55 -68.92
CA ALA XA 135 -62.67 34.98 -70.12
C ALA XA 135 -62.27 33.52 -70.29
N SER XA 136 -61.24 33.07 -69.59
CA SER XA 136 -60.80 31.68 -69.67
C SER XA 136 -61.63 30.75 -68.81
N TYR XA 137 -62.56 31.26 -68.02
CA TYR XA 137 -63.46 30.41 -67.26
C TYR XA 137 -64.83 30.27 -67.91
N VAL XA 138 -65.11 31.02 -68.97
CA VAL XA 138 -66.48 31.15 -69.44
C VAL XA 138 -66.54 30.97 -70.96
N ASN XA 139 -65.49 30.39 -71.54
CA ASN XA 139 -65.44 30.05 -72.97
C ASN XA 139 -65.62 31.29 -73.84
N LEU XA 140 -64.96 32.38 -73.46
CA LEU XA 140 -65.19 33.67 -74.09
C LEU XA 140 -64.03 34.03 -75.01
N PRO XA 141 -64.19 34.00 -76.32
CA PRO XA 141 -63.14 34.47 -77.22
C PRO XA 141 -62.96 35.98 -77.14
N THR XA 142 -61.73 36.42 -77.34
CA THR XA 142 -61.37 37.82 -77.16
C THR XA 142 -60.59 38.36 -78.35
N ILE XA 143 -60.79 39.64 -78.60
CA ILE XA 143 -60.00 40.44 -79.52
C ILE XA 143 -59.33 41.53 -78.69
N ALA XA 144 -58.05 41.78 -78.94
CA ALA XA 144 -57.33 42.80 -78.20
C ALA XA 144 -56.63 43.76 -79.15
N LEU XA 145 -56.36 44.97 -78.65
CA LEU XA 145 -55.56 45.95 -79.37
C LEU XA 145 -54.16 45.91 -78.79
N CYS XA 146 -53.28 45.13 -79.41
CA CYS XA 146 -51.98 44.83 -78.84
C CYS XA 146 -50.92 45.77 -79.39
N ASN XA 147 -49.92 46.06 -78.56
CA ASN XA 147 -48.74 46.78 -78.98
C ASN XA 147 -47.59 45.79 -79.18
N THR XA 148 -46.43 46.32 -79.55
CA THR XA 148 -45.29 45.47 -79.85
C THR XA 148 -44.77 44.73 -78.62
N ASP XA 149 -45.13 45.17 -77.42
CA ASP XA 149 -44.61 44.59 -76.19
C ASP XA 149 -45.72 43.99 -75.33
N SER XA 150 -46.83 43.64 -75.91
CA SER XA 150 -47.91 43.15 -75.07
C SER XA 150 -48.02 41.63 -75.18
N PRO XA 151 -48.44 40.95 -74.12
CA PRO XA 151 -48.60 39.50 -74.17
C PRO XA 151 -49.81 39.11 -75.00
N LEU XA 152 -49.80 37.87 -75.46
CA LEU XA 152 -50.89 37.32 -76.25
C LEU XA 152 -51.45 36.06 -75.61
N ARG XA 153 -51.47 36.02 -74.27
CA ARG XA 153 -51.74 34.76 -73.57
C ARG XA 153 -53.12 34.22 -73.90
N TYR XA 154 -54.12 35.10 -73.93
CA TYR XA 154 -55.51 34.68 -74.12
C TYR XA 154 -56.17 35.47 -75.23
N VAL XA 155 -55.46 35.73 -76.32
CA VAL XA 155 -55.94 36.61 -77.38
C VAL XA 155 -56.06 35.80 -78.66
N ASP XA 156 -57.00 36.20 -79.52
CA ASP XA 156 -57.27 35.49 -80.76
C ASP XA 156 -57.01 36.33 -82.01
N ILE XA 157 -57.54 37.55 -82.07
CA ILE XA 157 -57.44 38.37 -83.27
C ILE XA 157 -56.74 39.68 -82.92
N ALA XA 158 -55.71 39.60 -82.09
CA ALA XA 158 -54.92 40.76 -81.68
C ALA XA 158 -54.55 41.66 -82.84
N ILE XA 159 -55.05 42.89 -82.81
CA ILE XA 159 -54.67 43.91 -83.79
C ILE XA 159 -53.33 44.49 -83.36
N PRO XA 160 -52.29 44.36 -84.17
CA PRO XA 160 -50.92 44.64 -83.73
C PRO XA 160 -50.50 46.08 -83.95
N CYS XA 161 -51.17 47.02 -83.30
CA CYS XA 161 -51.07 48.42 -83.68
C CYS XA 161 -50.43 49.33 -82.64
N ASN XA 162 -51.08 49.52 -81.49
CA ASN XA 162 -50.74 50.54 -80.52
C ASN XA 162 -51.71 50.45 -79.35
N ASN XA 163 -51.25 50.73 -78.14
CA ASN XA 163 -52.17 50.91 -77.03
C ASN XA 163 -51.68 52.01 -76.10
N LYS XA 164 -50.90 52.95 -76.62
CA LYS XA 164 -50.32 54.02 -75.84
C LYS XA 164 -50.85 55.39 -76.22
N GLY XA 165 -50.94 55.67 -77.52
CA GLY XA 165 -51.39 56.98 -77.95
C GLY XA 165 -52.90 57.11 -77.91
N ALA XA 166 -53.36 58.22 -77.34
CA ALA XA 166 -54.79 58.49 -77.28
C ALA XA 166 -55.37 58.63 -78.68
N HIS XA 167 -54.66 59.34 -79.56
CA HIS XA 167 -55.13 59.49 -80.93
C HIS XA 167 -55.22 58.14 -81.63
N SER XA 168 -54.20 57.30 -81.47
CA SER XA 168 -54.21 56.00 -82.15
C SER XA 168 -55.33 55.12 -81.64
N VAL XA 169 -55.52 55.07 -80.31
CA VAL XA 169 -56.55 54.21 -79.74
C VAL XA 169 -57.93 54.66 -80.20
N GLY XA 170 -58.20 55.96 -80.12
CA GLY XA 170 -59.49 56.46 -80.57
C GLY XA 170 -59.70 56.23 -82.06
N LEU XA 171 -58.66 56.47 -82.86
CA LEU XA 171 -58.77 56.28 -84.29
C LEU XA 171 -59.10 54.85 -84.64
N MET XA 172 -58.46 53.89 -83.97
CA MET XA 172 -58.69 52.51 -84.37
C MET XA 172 -59.96 51.93 -83.79
N TRP XA 173 -60.41 52.40 -82.63
CA TRP XA 173 -61.78 52.06 -82.23
C TRP XA 173 -62.78 52.59 -83.24
N TRP XA 174 -62.54 53.80 -83.76
CA TRP XA 174 -63.37 54.31 -84.84
C TRP XA 174 -63.27 53.44 -86.09
N MET XA 175 -62.07 52.95 -86.40
CA MET XA 175 -61.90 52.07 -87.55
C MET XA 175 -62.73 50.80 -87.40
N LEU XA 176 -62.66 50.18 -86.21
CA LEU XA 176 -63.44 48.97 -85.97
C LEU XA 176 -64.93 49.24 -86.07
N ALA XA 177 -65.39 50.34 -85.48
CA ALA XA 177 -66.82 50.66 -85.55
C ALA XA 177 -67.25 50.86 -86.99
N ARG XA 178 -66.48 51.63 -87.76
CA ARG XA 178 -66.86 51.88 -89.14
C ARG XA 178 -66.84 50.61 -89.96
N GLU XA 179 -65.89 49.72 -89.71
CA GLU XA 179 -65.81 48.51 -90.51
C GLU XA 179 -66.93 47.54 -90.17
N VAL XA 180 -67.28 47.41 -88.89
CA VAL XA 180 -68.38 46.51 -88.57
C VAL XA 180 -69.69 47.07 -89.10
N LEU XA 181 -69.88 48.39 -89.04
CA LEU XA 181 -71.10 48.96 -89.59
C LEU XA 181 -71.13 48.86 -91.11
N ARG XA 182 -69.99 48.99 -91.77
CA ARG XA 182 -69.94 48.90 -93.23
C ARG XA 182 -70.19 47.48 -93.70
N MET XA 183 -69.64 46.49 -92.99
CA MET XA 183 -69.93 45.11 -93.34
C MET XA 183 -71.35 44.72 -92.98
N ARG XA 184 -71.95 45.41 -92.01
CA ARG XA 184 -73.38 45.29 -91.84
C ARG XA 184 -74.08 46.19 -92.85
N GLY XA 185 -75.40 46.07 -92.91
CA GLY XA 185 -76.16 46.84 -93.87
C GLY XA 185 -76.56 48.22 -93.38
N THR XA 186 -75.59 49.03 -92.97
CA THR XA 186 -75.88 50.38 -92.49
C THR XA 186 -75.16 51.49 -93.25
N ILE XA 187 -74.05 51.21 -93.93
CA ILE XA 187 -73.31 52.22 -94.67
C ILE XA 187 -73.07 51.71 -96.08
N SER XA 188 -73.09 52.64 -97.04
CA SER XA 188 -73.08 52.29 -98.45
C SER XA 188 -71.71 51.95 -99.00
N ARG XA 189 -70.64 52.18 -98.25
CA ARG XA 189 -69.23 51.93 -98.58
C ARG XA 189 -68.66 52.95 -99.56
N GLU XA 190 -69.46 53.84 -100.14
CA GLU XA 190 -68.91 54.80 -101.09
C GLU XA 190 -68.55 56.13 -100.43
N HIS XA 191 -69.54 56.80 -99.86
CA HIS XA 191 -69.24 58.05 -99.21
C HIS XA 191 -68.59 57.80 -97.85
N PRO XA 192 -67.71 58.70 -97.41
CA PRO XA 192 -67.10 58.55 -96.10
C PRO XA 192 -68.13 58.67 -94.99
N TRP XA 193 -67.81 58.06 -93.86
CA TRP XA 193 -68.71 58.07 -92.72
C TRP XA 193 -68.88 59.48 -92.17
N GLU XA 194 -70.10 59.78 -91.73
CA GLU XA 194 -70.38 61.08 -91.13
C GLU XA 194 -69.81 61.22 -89.73
N VAL XA 195 -69.54 60.09 -89.06
CA VAL XA 195 -68.95 60.14 -87.73
C VAL XA 195 -67.46 60.46 -87.86
N MET XA 196 -67.00 61.45 -87.10
CA MET XA 196 -65.63 61.95 -87.15
C MET XA 196 -64.75 61.15 -86.20
N PRO XA 197 -63.54 60.77 -86.60
CA PRO XA 197 -62.68 59.98 -85.70
C PRO XA 197 -62.32 60.71 -84.42
N ASP XA 198 -62.26 62.04 -84.44
CA ASP XA 198 -61.94 62.79 -83.23
C ASP XA 198 -63.01 62.63 -82.15
N LEU XA 199 -64.22 62.22 -82.53
CA LEU XA 199 -65.27 61.98 -81.56
C LEU XA 199 -64.87 60.87 -80.59
N TYR XA 200 -64.28 59.79 -81.12
CA TYR XA 200 -63.86 58.68 -80.28
C TYR XA 200 -62.63 59.01 -79.45
N PHE XA 201 -61.98 60.14 -79.71
CA PHE XA 201 -60.72 60.45 -79.05
C PHE XA 201 -60.95 60.78 -77.58
N TYR XA 202 -59.95 60.48 -76.77
CA TYR XA 202 -59.92 60.88 -75.38
C TYR XA 202 -58.99 62.07 -75.25
N ARG XA 203 -59.39 63.04 -74.43
CA ARG XA 203 -58.56 64.21 -74.18
C ARG XA 203 -58.48 64.47 -72.68
N ASP XA 204 -57.44 65.18 -72.29
CA ASP XA 204 -57.14 65.38 -70.88
C ASP XA 204 -58.02 66.47 -70.29
N PRO XA 205 -58.47 66.32 -69.04
CA PRO XA 205 -59.34 67.34 -68.43
C PRO XA 205 -58.73 68.72 -68.42
N GLU XA 206 -57.40 68.82 -68.44
CA GLU XA 206 -56.73 70.12 -68.54
C GLU XA 206 -57.18 70.88 -69.78
N GLU XA 207 -57.43 70.18 -70.89
CA GLU XA 207 -57.94 70.83 -72.08
C GLU XA 207 -59.46 70.73 -72.23
N ILE XA 208 -60.12 69.75 -71.60
CA ILE XA 208 -61.58 69.83 -71.49
C ILE XA 208 -61.99 71.12 -70.81
N GLU XA 209 -61.21 71.60 -69.85
CA GLU XA 209 -61.59 72.79 -69.11
C GLU XA 209 -61.18 74.10 -69.78
N LYS XA 210 -60.52 74.07 -70.95
CA LYS XA 210 -60.07 75.31 -71.58
C LYS XA 210 -60.45 75.45 -73.05
N GLU XA 211 -60.58 74.36 -73.79
CA GLU XA 211 -60.84 74.49 -75.22
C GLU XA 211 -62.21 75.10 -75.48
N GLU XA 212 -63.23 74.68 -74.72
CA GLU XA 212 -64.59 75.14 -74.99
C GLU XA 212 -64.74 76.62 -74.62
N GLN XA 213 -64.05 77.08 -73.56
CA GLN XA 213 -64.16 78.50 -73.22
C GLN XA 213 -63.39 79.36 -74.20
N ALA XA 214 -62.25 78.87 -74.70
CA ALA XA 214 -61.59 79.60 -75.78
C ALA XA 214 -62.47 79.67 -77.02
N ALA XA 215 -63.14 78.57 -77.36
CA ALA XA 215 -64.02 78.56 -78.54
C ALA XA 215 -65.23 79.47 -78.33
N ALA XA 216 -65.77 79.51 -77.12
CA ALA XA 216 -66.87 80.42 -76.82
C ALA XA 216 -66.43 81.87 -76.94
N GLU XA 217 -65.19 82.17 -76.52
CA GLU XA 217 -64.66 83.51 -76.71
C GLU XA 217 -64.51 83.83 -78.19
N LYS XA 218 -64.05 82.87 -78.98
CA LYS XA 218 -63.95 83.07 -80.43
C LYS XA 218 -65.32 83.30 -81.05
N ALA XA 219 -66.36 82.64 -80.52
CA ALA XA 219 -67.71 82.84 -81.04
C ALA XA 219 -68.25 84.21 -80.65
N VAL XA 220 -68.04 84.64 -79.41
CA VAL XA 220 -68.58 85.92 -78.96
C VAL XA 220 -67.83 87.08 -79.61
N THR XA 221 -66.56 86.90 -79.95
CA THR XA 221 -65.81 87.94 -80.64
C THR XA 221 -65.28 87.44 -81.98
N VAL YA 1 7.89 74.48 -12.53
CA VAL YA 1 7.05 75.65 -12.33
C VAL YA 1 7.05 76.54 -13.56
N VAL YA 2 8.25 76.98 -13.96
CA VAL YA 2 8.39 77.84 -15.12
C VAL YA 2 8.08 77.05 -16.39
N ASP YA 3 7.28 77.63 -17.26
CA ASP YA 3 6.96 76.96 -18.52
C ASP YA 3 8.16 77.02 -19.47
N PRO YA 4 8.48 75.91 -20.13
CA PRO YA 4 9.65 75.91 -21.02
C PRO YA 4 9.48 76.75 -22.27
N PHE YA 5 8.27 77.17 -22.60
CA PHE YA 5 8.09 78.00 -23.78
C PHE YA 5 8.53 79.44 -23.57
N SER YA 6 8.63 79.88 -22.31
CA SER YA 6 9.32 81.13 -22.03
C SER YA 6 10.82 81.00 -22.26
N LYS YA 7 11.32 79.77 -22.34
CA LYS YA 7 12.71 79.46 -22.61
C LYS YA 7 12.92 78.98 -24.03
N LYS YA 8 11.84 78.82 -24.80
CA LYS YA 8 11.91 78.51 -26.22
C LYS YA 8 11.97 79.80 -27.05
N ASP YA 9 12.40 79.65 -28.31
CA ASP YA 9 12.40 80.75 -29.26
C ASP YA 9 11.85 80.28 -30.61
N TRP YA 10 11.60 81.26 -31.49
CA TRP YA 10 10.95 81.02 -32.77
C TRP YA 10 11.92 81.19 -33.92
N TYR YA 11 11.67 80.44 -35.00
CA TYR YA 11 12.37 80.52 -36.27
C TYR YA 11 11.32 80.58 -37.38
N ASP YA 12 11.74 80.99 -38.57
CA ASP YA 12 10.85 81.03 -39.72
C ASP YA 12 11.34 80.05 -40.78
N VAL YA 13 10.40 79.52 -41.56
CA VAL YA 13 10.69 78.47 -42.54
C VAL YA 13 10.51 79.04 -43.93
N LYS YA 14 11.47 78.74 -44.82
CA LYS YA 14 11.46 79.26 -46.19
C LYS YA 14 11.32 78.11 -47.18
N ALA YA 15 10.37 78.24 -48.10
CA ALA YA 15 10.20 77.30 -49.19
C ALA YA 15 11.30 77.49 -50.23
N PRO YA 16 11.53 76.51 -51.09
CA PRO YA 16 12.48 76.71 -52.17
C PRO YA 16 11.97 77.70 -53.21
N ALA YA 17 12.82 78.03 -54.19
CA ALA YA 17 12.43 79.01 -55.20
C ALA YA 17 11.38 78.49 -56.15
N MET YA 18 11.11 77.19 -56.15
CA MET YA 18 10.10 76.62 -57.04
C MET YA 18 8.70 77.12 -56.72
N PHE YA 19 8.48 77.61 -55.51
CA PHE YA 19 7.17 78.06 -55.06
C PHE YA 19 7.19 79.57 -54.90
N ASN YA 20 6.11 80.23 -55.32
CA ASN YA 20 6.08 81.69 -55.26
C ASN YA 20 5.74 82.21 -53.87
N ILE YA 21 5.19 81.39 -52.99
CA ILE YA 21 4.97 81.77 -51.60
C ILE YA 21 6.12 81.24 -50.78
N ARG YA 22 6.83 82.13 -50.11
CA ARG YA 22 8.13 81.81 -49.53
C ARG YA 22 8.07 81.49 -48.04
N ASN YA 23 7.37 82.31 -47.25
CA ASN YA 23 7.27 82.08 -45.81
C ASN YA 23 6.24 81.00 -45.54
N ILE YA 24 6.73 79.77 -45.37
CA ILE YA 24 5.84 78.65 -45.06
C ILE YA 24 5.17 78.85 -43.72
N GLY YA 25 5.95 79.23 -42.71
CA GLY YA 25 5.41 79.40 -41.37
C GLY YA 25 6.52 79.56 -40.37
N LYS YA 26 6.19 79.31 -39.11
CA LYS YA 26 7.12 79.50 -38.01
C LYS YA 26 7.28 78.18 -37.25
N THR YA 27 8.52 77.85 -36.94
CA THR YA 27 8.85 76.68 -36.15
C THR YA 27 9.46 77.13 -34.82
N LEU YA 28 9.58 76.20 -33.90
CA LEU YA 28 10.03 76.52 -32.55
C LEU YA 28 11.13 75.56 -32.14
N VAL YA 29 12.03 76.04 -31.28
CA VAL YA 29 13.14 75.22 -30.79
C VAL YA 29 13.62 75.83 -29.48
N THR YA 30 14.39 75.06 -28.73
CA THR YA 30 15.03 75.55 -27.51
C THR YA 30 16.28 76.34 -27.83
N ARG YA 31 16.59 77.29 -26.95
CA ARG YA 31 17.88 77.98 -27.00
C ARG YA 31 18.99 76.96 -26.80
N THR YA 32 20.10 77.15 -27.51
CA THR YA 32 21.20 76.21 -27.37
C THR YA 32 21.82 76.35 -25.99
N GLN YA 33 22.14 75.21 -25.39
CA GLN YA 33 22.81 75.13 -24.10
C GLN YA 33 23.30 73.71 -23.92
N GLY YA 34 24.42 73.57 -23.22
CA GLY YA 34 25.08 72.27 -23.18
C GLY YA 34 25.62 71.92 -24.54
N THR YA 35 25.45 70.66 -24.92
CA THR YA 35 25.85 70.18 -26.25
C THR YA 35 24.67 70.03 -27.20
N LYS YA 36 23.48 70.48 -26.81
CA LYS YA 36 22.31 70.42 -27.66
C LYS YA 36 22.29 71.68 -28.53
N ILE YA 37 22.66 71.52 -29.79
CA ILE YA 37 22.78 72.65 -30.71
C ILE YA 37 21.46 72.87 -31.43
N ALA YA 38 21.05 74.13 -31.50
CA ALA YA 38 19.76 74.46 -32.11
C ALA YA 38 19.75 74.11 -33.59
N SER YA 39 20.88 74.29 -34.28
CA SER YA 39 20.93 73.96 -35.70
C SER YA 39 20.67 72.47 -35.93
N ASP YA 40 21.30 71.62 -35.13
CA ASP YA 40 21.05 70.19 -35.24
C ASP YA 40 19.64 69.83 -34.79
N GLY YA 41 19.07 70.63 -33.88
CA GLY YA 41 17.67 70.42 -33.53
C GLY YA 41 16.73 70.70 -34.69
N LEU YA 42 16.98 71.80 -35.41
CA LEU YA 42 16.11 72.14 -36.53
C LEU YA 42 16.28 71.18 -37.69
N LYS YA 43 17.52 70.81 -38.01
CA LYS YA 43 17.78 70.00 -39.19
C LYS YA 43 17.07 68.65 -39.09
N GLY YA 44 16.44 68.26 -40.19
CA GLY YA 44 15.72 67.01 -40.24
C GLY YA 44 14.22 67.10 -40.04
N ARG YA 45 13.65 68.30 -40.01
CA ARG YA 45 12.21 68.46 -39.82
C ARG YA 45 11.51 68.55 -41.17
N VAL YA 46 10.38 67.84 -41.27
CA VAL YA 46 9.54 67.91 -42.46
C VAL YA 46 8.31 68.73 -42.13
N PHE YA 47 7.77 69.38 -43.16
CA PHE YA 47 6.64 70.31 -43.01
C PHE YA 47 5.62 69.99 -44.09
N GLU YA 48 4.61 69.18 -43.75
CA GLU YA 48 3.56 68.85 -44.70
C GLU YA 48 2.73 70.10 -44.95
N VAL YA 49 2.99 70.75 -46.08
CA VAL YA 49 2.36 72.02 -46.42
C VAL YA 49 1.64 71.87 -47.74
N SER YA 50 0.46 72.46 -47.84
CA SER YA 50 -0.36 72.29 -49.03
C SER YA 50 0.14 73.13 -50.18
N LEU YA 51 -0.01 72.59 -51.39
CA LEU YA 51 0.31 73.32 -52.60
C LEU YA 51 -0.56 74.55 -52.78
N ALA YA 52 -1.78 74.54 -52.23
CA ALA YA 52 -2.59 75.76 -52.25
C ALA YA 52 -1.97 76.87 -51.42
N ASP YA 53 -1.14 76.52 -50.43
CA ASP YA 53 -0.41 77.49 -49.63
C ASP YA 53 0.99 77.75 -50.16
N LEU YA 54 1.50 76.90 -51.05
CA LEU YA 54 2.77 77.15 -51.69
C LEU YA 54 2.65 77.93 -52.99
N GLN YA 55 1.50 77.85 -53.66
CA GLN YA 55 1.20 78.62 -54.86
C GLN YA 55 0.01 79.52 -54.57
N ASN YA 56 -0.41 80.28 -55.58
CA ASN YA 56 -1.47 81.25 -55.36
C ASN YA 56 -2.84 80.60 -55.39
N ASP YA 57 -3.23 80.05 -56.54
CA ASP YA 57 -4.56 79.47 -56.71
C ASP YA 57 -4.50 78.03 -57.22
N GLU YA 58 -3.39 77.33 -56.97
CA GLU YA 58 -3.26 75.96 -57.39
C GLU YA 58 -4.17 75.05 -56.56
N VAL YA 59 -4.20 73.77 -56.93
CA VAL YA 59 -5.09 72.82 -56.27
C VAL YA 59 -4.69 72.63 -54.81
N ALA YA 60 -5.68 72.31 -53.99
CA ALA YA 60 -5.48 72.21 -52.54
C ALA YA 60 -5.35 70.78 -52.05
N PHE YA 61 -5.44 69.79 -52.94
CA PHE YA 61 -5.42 68.39 -52.52
C PHE YA 61 -4.05 67.75 -52.69
N ARG YA 62 -3.02 68.54 -52.92
CA ARG YA 62 -1.65 68.04 -53.07
C ARG YA 62 -0.78 68.67 -52.00
N LYS YA 63 0.03 67.87 -51.33
CA LYS YA 63 0.83 68.34 -50.21
C LYS YA 63 2.30 67.97 -50.42
N PHE YA 64 3.18 68.83 -49.91
CA PHE YA 64 4.62 68.69 -50.07
C PHE YA 64 5.29 68.61 -48.71
N LYS YA 65 6.44 67.92 -48.69
CA LYS YA 65 7.12 67.64 -47.43
C LYS YA 65 8.13 68.73 -47.05
N LEU YA 66 9.11 69.00 -47.93
CA LEU YA 66 10.05 70.11 -47.76
C LEU YA 66 10.84 69.99 -46.45
N ILE YA 67 11.72 68.98 -46.42
CA ILE YA 67 12.59 68.78 -45.26
C ILE YA 67 13.60 69.93 -45.17
N THR YA 68 13.79 70.45 -43.96
CA THR YA 68 14.78 71.49 -43.75
C THR YA 68 16.17 70.89 -43.68
N GLU YA 69 17.15 71.64 -44.21
CA GLU YA 69 18.51 71.13 -44.31
C GLU YA 69 19.51 72.07 -43.65
N ASP YA 70 19.23 73.37 -43.71
CA ASP YA 70 20.15 74.36 -43.16
C ASP YA 70 19.37 75.39 -42.34
N VAL YA 71 20.11 76.26 -41.67
CA VAL YA 71 19.52 77.38 -40.94
C VAL YA 71 20.56 78.49 -40.85
N GLN YA 72 20.09 79.72 -40.88
CA GLN YA 72 20.92 80.89 -40.63
C GLN YA 72 20.02 82.02 -40.18
N GLY YA 73 20.44 82.73 -39.13
CA GLY YA 73 19.59 83.77 -38.59
C GLY YA 73 18.29 83.17 -38.09
N LYS YA 74 17.18 83.70 -38.58
CA LYS YA 74 15.86 83.18 -38.26
C LYS YA 74 15.22 82.49 -39.46
N ASN YA 75 16.03 81.79 -40.27
CA ASN YA 75 15.59 81.25 -41.54
C ASN YA 75 16.02 79.79 -41.65
N CYS YA 76 15.05 78.88 -41.60
CA CYS YA 76 15.29 77.47 -41.84
C CYS YA 76 15.06 77.21 -43.33
N LEU YA 77 16.10 76.75 -44.02
CA LEU YA 77 16.06 76.60 -45.46
C LEU YA 77 15.77 75.14 -45.80
N THR YA 78 14.72 74.92 -46.59
CA THR YA 78 14.19 73.59 -46.85
C THR YA 78 14.41 73.18 -48.30
N ASN YA 79 14.31 71.88 -48.53
CA ASN YA 79 14.43 71.32 -49.86
C ASN YA 79 13.40 70.21 -50.02
N PHE YA 80 13.08 69.90 -51.26
CA PHE YA 80 12.02 68.95 -51.56
C PHE YA 80 12.34 67.57 -51.01
N HIS YA 81 11.33 66.91 -50.45
CA HIS YA 81 11.45 65.59 -49.84
C HIS YA 81 10.44 64.59 -50.40
N GLY YA 82 9.25 65.06 -50.74
CA GLY YA 82 8.22 64.19 -51.25
C GLY YA 82 6.92 64.94 -51.38
N MET YA 83 5.96 64.27 -52.01
CA MET YA 83 4.65 64.84 -52.24
C MET YA 83 3.62 63.73 -52.11
N ASP YA 84 2.45 64.08 -51.56
CA ASP YA 84 1.37 63.11 -51.43
C ASP YA 84 0.04 63.80 -51.67
N LEU YA 85 -0.87 63.08 -52.32
CA LEU YA 85 -2.25 63.55 -52.40
C LEU YA 85 -2.93 63.43 -51.05
N THR YA 86 -3.96 64.24 -50.85
CA THR YA 86 -4.68 64.24 -49.59
C THR YA 86 -5.55 63.00 -49.46
N ARG YA 87 -5.87 62.67 -48.20
CA ARG YA 87 -6.69 61.51 -47.90
C ARG YA 87 -8.07 61.64 -48.51
N ASP YA 88 -8.71 62.80 -48.37
CA ASP YA 88 -10.07 62.96 -48.86
C ASP YA 88 -10.12 62.88 -50.39
N LYS YA 89 -9.15 63.49 -51.07
CA LYS YA 89 -9.10 63.39 -52.52
C LYS YA 89 -8.87 61.96 -52.95
N MET YA 90 -7.93 61.26 -52.30
CA MET YA 90 -7.64 59.90 -52.69
C MET YA 90 -8.85 59.00 -52.48
N CYS YA 91 -9.62 59.25 -51.43
CA CYS YA 91 -10.82 58.45 -51.20
C CYS YA 91 -11.91 58.77 -52.23
N SER YA 92 -12.07 60.04 -52.60
CA SER YA 92 -13.06 60.37 -53.60
C SER YA 92 -12.69 59.84 -54.97
N MET YA 93 -11.40 59.61 -55.23
CA MET YA 93 -11.00 59.11 -56.54
C MET YA 93 -11.40 57.66 -56.77
N VAL YA 94 -11.48 56.86 -55.72
CA VAL YA 94 -11.69 55.41 -55.86
C VAL YA 94 -13.20 55.16 -55.84
N LYS YA 95 -13.77 54.89 -57.00
CA LYS YA 95 -15.17 54.54 -57.14
C LYS YA 95 -15.30 53.10 -57.61
N LYS YA 96 -16.53 52.61 -57.64
CA LYS YA 96 -16.82 51.29 -58.15
C LYS YA 96 -17.12 51.31 -59.64
N TRP YA 97 -17.25 50.12 -60.21
CA TRP YA 97 -17.54 49.91 -61.63
C TRP YA 97 -16.52 50.59 -62.54
N GLN YA 98 -15.26 50.62 -62.09
CA GLN YA 98 -14.18 51.15 -62.90
C GLN YA 98 -12.89 50.47 -62.45
N THR YA 99 -11.87 50.56 -63.29
CA THR YA 99 -10.59 49.93 -63.04
C THR YA 99 -9.57 50.98 -62.63
N MET YA 100 -8.85 50.68 -61.55
CA MET YA 100 -7.76 51.53 -61.05
C MET YA 100 -6.43 50.89 -61.40
N ILE YA 101 -5.55 51.66 -62.02
CA ILE YA 101 -4.24 51.19 -62.45
C ILE YA 101 -3.20 51.95 -61.65
N GLU YA 102 -2.32 51.21 -60.98
CA GLU YA 102 -1.28 51.78 -60.13
C GLU YA 102 0.08 51.49 -60.75
N ALA YA 103 1.02 52.42 -60.59
CA ALA YA 103 2.38 52.17 -61.04
C ALA YA 103 3.37 52.87 -60.12
N HIS YA 104 4.54 52.27 -59.99
CA HIS YA 104 5.62 52.84 -59.21
C HIS YA 104 6.93 52.67 -59.97
N VAL YA 105 7.84 53.64 -59.78
CA VAL YA 105 9.12 53.59 -60.49
C VAL YA 105 10.21 54.15 -59.59
N ASP YA 106 11.41 53.59 -59.72
CA ASP YA 106 12.64 54.09 -59.11
C ASP YA 106 13.44 54.81 -60.17
N VAL YA 107 13.56 56.13 -60.03
CA VAL YA 107 14.25 56.93 -61.03
C VAL YA 107 15.19 57.91 -60.34
N LYS YA 108 16.42 58.00 -60.82
CA LYS YA 108 17.41 58.86 -60.21
C LYS YA 108 17.52 60.16 -61.00
N THR YA 109 17.37 61.27 -60.30
CA THR YA 109 17.58 62.59 -60.87
C THR YA 109 19.05 62.74 -61.26
N THR YA 110 19.31 63.58 -62.27
CA THR YA 110 20.67 63.93 -62.62
C THR YA 110 21.40 64.57 -61.45
N ASP YA 111 20.68 65.27 -60.58
CA ASP YA 111 21.27 65.86 -59.38
C ASP YA 111 21.74 64.83 -58.37
N GLY YA 112 21.33 63.57 -58.52
CA GLY YA 112 21.65 62.55 -57.54
C GLY YA 112 20.54 62.23 -56.57
N TYR YA 113 19.37 62.85 -56.73
CA TYR YA 113 18.23 62.57 -55.87
C TYR YA 113 17.48 61.37 -56.44
N LEU YA 114 17.51 60.24 -55.74
CA LEU YA 114 16.77 59.08 -56.20
C LEU YA 114 15.34 59.17 -55.70
N LEU YA 115 14.38 58.95 -56.58
CA LEU YA 115 12.99 59.17 -56.29
C LEU YA 115 12.18 57.91 -56.55
N ARG YA 116 11.21 57.68 -55.68
CA ARG YA 116 10.19 56.65 -55.90
C ARG YA 116 8.91 57.37 -56.24
N LEU YA 117 8.37 57.08 -57.42
CA LEU YA 117 7.18 57.75 -57.95
C LEU YA 117 6.03 56.76 -57.98
N PHE YA 118 4.89 57.16 -57.39
CA PHE YA 118 3.66 56.40 -57.45
C PHE YA 118 2.61 57.21 -58.19
N CYS YA 119 2.08 56.64 -59.27
CA CYS YA 119 1.03 57.26 -60.07
C CYS YA 119 -0.19 56.37 -60.16
N VAL YA 120 -1.36 57.00 -60.24
CA VAL YA 120 -2.63 56.30 -60.31
C VAL YA 120 -3.34 56.71 -61.59
N GLY YA 121 -4.29 55.87 -61.98
CA GLY YA 121 -5.19 56.21 -63.08
C GLY YA 121 -6.47 55.42 -62.95
N PHE YA 122 -7.54 55.97 -63.49
CA PHE YA 122 -8.85 55.33 -63.41
C PHE YA 122 -9.48 55.32 -64.79
N THR YA 123 -10.02 54.16 -65.18
CA THR YA 123 -10.68 54.06 -66.47
C THR YA 123 -11.93 54.93 -66.50
N LYS YA 124 -12.21 55.49 -67.67
CA LYS YA 124 -13.26 56.48 -67.85
C LYS YA 124 -14.41 55.90 -68.66
N LYS YA 125 -15.63 56.16 -68.21
CA LYS YA 125 -16.83 55.76 -68.93
C LYS YA 125 -17.23 56.86 -69.89
N ARG YA 126 -17.68 56.47 -71.08
CA ARG YA 126 -17.95 57.46 -72.11
C ARG YA 126 -19.23 58.21 -71.83
N ASN YA 127 -19.43 59.30 -72.57
CA ASN YA 127 -20.62 60.12 -72.38
C ASN YA 127 -21.89 59.40 -72.82
N ASN YA 128 -21.79 58.57 -73.86
CA ASN YA 128 -22.93 57.82 -74.35
C ASN YA 128 -22.93 56.38 -73.89
N GLN YA 129 -22.04 56.03 -72.96
CA GLN YA 129 -21.92 54.65 -72.52
C GLN YA 129 -23.15 54.22 -71.74
N ILE YA 130 -23.62 53.01 -72.04
CA ILE YA 130 -24.76 52.43 -71.35
C ILE YA 130 -24.35 51.35 -70.35
N ARG YA 131 -23.30 50.58 -70.64
CA ARG YA 131 -22.86 49.54 -69.73
C ARG YA 131 -22.40 50.15 -68.41
N LYS YA 132 -22.80 49.51 -67.31
CA LYS YA 132 -22.56 50.08 -65.99
C LYS YA 132 -21.09 50.16 -65.66
N THR YA 133 -20.32 49.13 -66.01
CA THR YA 133 -18.93 49.04 -65.63
C THR YA 133 -18.02 49.46 -66.78
N SER YA 134 -16.87 50.01 -66.42
CA SER YA 134 -15.83 50.40 -67.36
C SER YA 134 -14.56 49.69 -66.91
N TYR YA 135 -14.36 48.47 -67.39
CA TYR YA 135 -13.24 47.66 -66.97
C TYR YA 135 -12.26 47.51 -68.12
N ALA YA 136 -10.98 47.61 -67.80
CA ALA YA 136 -9.92 47.36 -68.75
C ALA YA 136 -9.43 45.93 -68.59
N GLN YA 137 -9.20 45.25 -69.70
CA GLN YA 137 -8.65 43.90 -69.65
C GLN YA 137 -7.23 43.95 -69.08
N HIS YA 138 -6.74 42.78 -68.68
CA HIS YA 138 -5.46 42.72 -67.97
C HIS YA 138 -4.32 43.20 -68.84
N GLN YA 139 -4.33 42.83 -70.12
CA GLN YA 139 -3.28 43.30 -71.02
C GLN YA 139 -3.36 44.81 -71.21
N GLN YA 140 -4.55 45.37 -71.25
CA GLN YA 140 -4.68 46.82 -71.32
C GLN YA 140 -4.11 47.46 -70.06
N VAL YA 141 -4.36 46.86 -68.90
CA VAL YA 141 -3.82 47.40 -67.66
C VAL YA 141 -2.30 47.35 -67.67
N ARG YA 142 -1.73 46.23 -68.11
CA ARG YA 142 -0.27 46.11 -68.16
C ARG YA 142 0.32 47.10 -69.15
N GLN YA 143 -0.33 47.28 -70.29
CA GLN YA 143 0.14 48.23 -71.29
C GLN YA 143 0.11 49.65 -70.78
N ILE YA 144 -0.97 50.03 -70.11
CA ILE YA 144 -1.09 51.36 -69.53
C ILE YA 144 -0.04 51.56 -68.44
N ARG YA 145 0.17 50.55 -67.61
CA ARG YA 145 1.16 50.66 -66.53
C ARG YA 145 2.56 50.81 -67.10
N LYS YA 146 2.91 50.04 -68.12
CA LYS YA 146 4.22 50.18 -68.75
C LYS YA 146 4.39 51.54 -69.38
N LYS YA 147 3.36 52.03 -70.07
CA LYS YA 147 3.42 53.35 -70.69
C LYS YA 147 3.64 54.44 -69.64
N MET YA 148 2.90 54.39 -68.55
CA MET YA 148 2.98 55.43 -67.55
C MET YA 148 4.11 55.22 -66.57
N MET YA 149 4.85 54.12 -66.67
CA MET YA 149 6.14 54.06 -66.01
C MET YA 149 7.25 54.61 -66.88
N GLU YA 150 7.24 54.28 -68.18
CA GLU YA 150 8.32 54.78 -69.03
C GLU YA 150 8.24 56.29 -69.24
N ILE YA 151 7.05 56.83 -69.52
CA ILE YA 151 6.96 58.27 -69.74
C ILE YA 151 6.93 59.04 -68.43
N MET YA 152 6.93 58.35 -67.30
CA MET YA 152 7.15 59.00 -66.02
C MET YA 152 8.62 59.03 -65.64
N THR YA 153 9.36 57.95 -65.95
CA THR YA 153 10.77 57.94 -65.65
C THR YA 153 11.57 58.79 -66.63
N ARG YA 154 11.08 58.95 -67.87
CA ARG YA 154 11.84 59.75 -68.82
C ARG YA 154 11.77 61.24 -68.51
N GLU YA 155 10.79 61.67 -67.72
CA GLU YA 155 10.68 63.07 -67.36
C GLU YA 155 11.33 63.38 -66.02
N VAL YA 156 11.99 62.39 -65.42
CA VAL YA 156 12.76 62.60 -64.20
C VAL YA 156 14.24 62.31 -64.42
N GLN YA 157 14.55 61.26 -65.18
CA GLN YA 157 15.94 60.87 -65.35
C GLN YA 157 16.73 61.84 -66.22
N THR YA 158 16.07 62.74 -66.93
CA THR YA 158 16.74 63.62 -67.88
C THR YA 158 16.96 65.04 -67.36
N ASN YA 159 16.40 65.38 -66.21
CA ASN YA 159 16.43 66.76 -65.73
C ASN YA 159 16.77 66.80 -64.25
N ASP YA 160 16.97 68.01 -63.76
CA ASP YA 160 17.31 68.28 -62.37
C ASP YA 160 16.05 68.33 -61.50
N LEU YA 161 16.25 68.18 -60.19
CA LEU YA 161 15.15 68.20 -59.25
C LEU YA 161 14.36 69.50 -59.31
N LYS YA 162 15.00 70.59 -59.69
CA LYS YA 162 14.28 71.84 -59.94
C LYS YA 162 13.21 71.64 -61.00
N GLU YA 163 13.59 71.08 -62.15
CA GLU YA 163 12.63 70.80 -63.21
C GLU YA 163 11.58 69.80 -62.77
N VAL YA 164 11.99 68.76 -62.05
CA VAL YA 164 11.02 67.75 -61.61
C VAL YA 164 9.96 68.38 -60.71
N VAL YA 165 10.39 69.18 -59.74
CA VAL YA 165 9.44 69.78 -58.80
C VAL YA 165 8.55 70.78 -59.52
N ASN YA 166 9.13 71.64 -60.36
CA ASN YA 166 8.28 72.66 -60.96
C ASN YA 166 7.41 72.10 -62.08
N LYS YA 167 7.67 70.88 -62.55
CA LYS YA 167 6.76 70.25 -63.49
C LYS YA 167 5.71 69.39 -62.81
N LEU YA 168 5.98 68.91 -61.60
CA LEU YA 168 4.92 68.23 -60.85
C LEU YA 168 4.12 69.18 -59.98
N ILE YA 169 4.49 70.46 -59.94
CA ILE YA 169 3.63 71.45 -59.28
C ILE YA 169 2.25 71.50 -59.91
N PRO YA 170 2.07 71.60 -61.23
CA PRO YA 170 0.74 71.44 -61.80
C PRO YA 170 0.42 70.02 -62.24
N ASP YA 171 1.32 69.08 -61.94
CA ASP YA 171 1.20 67.68 -62.35
C ASP YA 171 1.05 67.56 -63.86
N SER YA 172 1.99 68.19 -64.58
CA SER YA 172 2.03 68.05 -66.03
C SER YA 172 2.32 66.62 -66.44
N ILE YA 173 3.07 65.88 -65.62
CA ILE YA 173 3.36 64.49 -65.92
C ILE YA 173 2.08 63.66 -65.90
N GLY YA 174 1.18 63.92 -64.95
CA GLY YA 174 -0.08 63.21 -64.93
C GLY YA 174 -0.93 63.49 -66.16
N LYS YA 175 -0.98 64.76 -66.57
CA LYS YA 175 -1.73 65.11 -67.77
C LYS YA 175 -1.13 64.44 -69.01
N ASP YA 176 0.21 64.40 -69.08
CA ASP YA 176 0.85 63.73 -70.21
C ASP YA 176 0.53 62.24 -70.23
N ILE YA 177 0.53 61.60 -69.06
CA ILE YA 177 0.19 60.18 -68.99
C ILE YA 177 -1.24 59.95 -69.45
N GLU YA 178 -2.16 60.80 -68.98
CA GLU YA 178 -3.56 60.67 -69.38
C GLU YA 178 -3.72 60.84 -70.88
N LYS YA 179 -2.99 61.80 -71.46
CA LYS YA 179 -3.03 61.97 -72.91
C LYS YA 179 -2.48 60.76 -73.63
N ALA YA 180 -1.38 60.19 -73.13
CA ALA YA 180 -0.71 59.11 -73.85
C ALA YA 180 -1.51 57.81 -73.79
N CYS YA 181 -2.27 57.61 -72.72
CA CYS YA 181 -2.97 56.33 -72.55
C CYS YA 181 -4.33 56.28 -73.25
N GLN YA 182 -4.70 57.32 -74.00
CA GLN YA 182 -6.04 57.38 -74.57
C GLN YA 182 -6.29 56.27 -75.58
N SER YA 183 -5.30 55.94 -76.41
CA SER YA 183 -5.47 54.93 -77.42
C SER YA 183 -5.60 53.52 -76.85
N ILE YA 184 -5.24 53.32 -75.58
CA ILE YA 184 -5.37 52.02 -74.94
C ILE YA 184 -6.68 51.89 -74.21
N TYR YA 185 -7.00 52.85 -73.36
CA TYR YA 185 -8.25 52.94 -72.65
C TYR YA 185 -8.37 54.36 -72.11
N PRO YA 186 -9.52 55.01 -72.25
CA PRO YA 186 -9.68 56.33 -71.67
C PRO YA 186 -9.47 56.30 -70.17
N LEU YA 187 -8.77 57.33 -69.67
CA LEU YA 187 -8.52 57.52 -68.25
C LEU YA 187 -8.83 58.97 -67.92
N HIS YA 188 -9.29 59.23 -66.70
CA HIS YA 188 -9.62 60.61 -66.34
C HIS YA 188 -8.83 61.14 -65.16
N ASP YA 189 -8.78 60.42 -64.05
CA ASP YA 189 -8.17 60.95 -62.83
C ASP YA 189 -6.73 60.48 -62.68
N VAL YA 190 -5.88 60.90 -63.61
CA VAL YA 190 -4.50 60.46 -63.65
C VAL YA 190 -3.66 61.48 -62.90
N PHE YA 191 -3.27 61.14 -61.68
CA PHE YA 191 -2.43 61.98 -60.84
C PHE YA 191 -1.15 61.24 -60.49
N VAL YA 192 -0.15 62.00 -60.06
CA VAL YA 192 0.98 61.41 -59.37
C VAL YA 192 0.59 61.38 -57.89
N ARG YA 193 0.17 60.19 -57.43
CA ARG YA 193 -0.32 60.06 -56.07
C ARG YA 193 0.75 60.41 -55.05
N LYS YA 194 1.97 59.95 -55.27
CA LYS YA 194 2.99 60.08 -54.25
C LYS YA 194 4.37 60.13 -54.90
N VAL YA 195 5.29 60.75 -54.20
CA VAL YA 195 6.71 60.70 -54.53
C VAL YA 195 7.50 60.82 -53.24
N LYS YA 196 8.55 60.01 -53.12
CA LYS YA 196 9.37 60.01 -51.91
C LYS YA 196 10.85 59.99 -52.26
N MET YA 197 11.64 60.69 -51.43
CA MET YA 197 13.09 60.58 -51.51
C MET YA 197 13.55 59.17 -51.17
N LEU YA 198 14.68 58.77 -51.75
CA LEU YA 198 15.36 57.54 -51.38
C LEU YA 198 16.78 57.80 -50.87
N LYS YA 199 17.56 58.59 -51.60
CA LYS YA 199 18.90 58.97 -51.15
C LYS YA 199 19.22 60.33 -51.72
N LYS YA 200 20.14 61.01 -51.05
CA LYS YA 200 20.48 62.39 -51.36
C LYS YA 200 21.98 62.52 -51.56
N PRO YA 201 22.42 63.48 -52.39
CA PRO YA 201 23.85 63.56 -52.77
C PRO YA 201 24.70 64.44 -51.86
N LYS YA 202 24.94 63.96 -50.64
CA LYS YA 202 25.93 64.51 -49.71
C LYS YA 202 25.67 65.94 -49.24
N PHE YA 203 24.53 66.53 -49.60
CA PHE YA 203 24.05 67.78 -49.01
C PHE YA 203 25.07 68.92 -49.20
N GLU YA 204 25.19 69.36 -50.45
CA GLU YA 204 25.99 70.54 -50.73
C GLU YA 204 25.22 71.82 -50.42
N LEU YA 205 25.77 72.61 -49.49
CA LEU YA 205 25.12 73.83 -49.06
C LEU YA 205 25.03 74.84 -50.20
N GLY YA 206 26.03 74.84 -51.09
CA GLY YA 206 25.95 75.71 -52.26
C GLY YA 206 24.78 75.35 -53.15
N LYS YA 207 24.52 74.05 -53.31
CA LYS YA 207 23.36 73.63 -54.10
C LYS YA 207 22.06 74.01 -53.40
N LEU YA 208 22.00 73.88 -52.07
CA LEU YA 208 20.84 74.40 -51.36
C LEU YA 208 20.66 75.90 -51.61
N MET YA 209 21.75 76.65 -51.58
CA MET YA 209 21.65 78.10 -51.68
C MET YA 209 21.20 78.52 -53.08
N GLU YA 210 21.70 77.85 -54.11
CA GLU YA 210 21.20 78.15 -55.45
C GLU YA 210 19.77 77.66 -55.65
N LEU YA 211 19.35 76.62 -54.92
CA LEU YA 211 17.94 76.26 -54.92
C LEU YA 211 17.07 77.32 -54.26
N HIS YA 212 17.60 78.01 -53.25
CA HIS YA 212 16.83 79.03 -52.54
C HIS YA 212 16.97 80.43 -53.11
N GLY YA 213 17.89 80.65 -54.05
CA GLY YA 213 18.11 82.00 -54.55
C GLY YA 213 17.74 82.17 -56.01
N GLU YA 214 18.67 82.75 -56.77
CA GLU YA 214 18.47 82.94 -58.21
C GLU YA 214 19.53 82.19 -58.99
N GLU ZA 1 -90.58 26.17 -59.74
CA GLU ZA 1 -90.20 27.28 -58.86
C GLU ZA 1 -88.76 27.68 -59.10
N TRP ZA 2 -88.11 26.98 -60.02
CA TRP ZA 2 -86.71 27.25 -60.32
C TRP ZA 2 -86.64 28.43 -61.29
N MET ZA 3 -86.09 29.53 -60.83
CA MET ZA 3 -85.91 30.70 -61.67
C MET ZA 3 -84.42 30.86 -61.96
N PRO ZA 4 -83.96 30.48 -63.15
CA PRO ZA 4 -82.53 30.55 -63.45
C PRO ZA 4 -82.09 31.97 -63.77
N VAL ZA 5 -80.81 32.23 -63.54
CA VAL ZA 5 -80.12 33.41 -64.07
C VAL ZA 5 -78.85 32.91 -64.77
N THR ZA 6 -79.01 32.48 -66.02
CA THR ZA 6 -77.99 31.97 -66.92
C THR ZA 6 -78.66 31.80 -68.28
N LYS ZA 7 -77.92 32.09 -69.35
CA LYS ZA 7 -78.42 31.78 -70.68
C LYS ZA 7 -78.63 30.27 -70.83
N LEU ZA 8 -77.66 29.48 -70.36
CA LEU ZA 8 -77.77 28.03 -70.43
C LEU ZA 8 -78.95 27.53 -69.61
N GLY ZA 9 -79.12 28.06 -68.39
CA GLY ZA 9 -80.25 27.67 -67.57
C GLY ZA 9 -81.57 28.04 -68.20
N ARG ZA 10 -81.64 29.20 -68.84
CA ARG ZA 10 -82.87 29.61 -69.52
C ARG ZA 10 -83.19 28.67 -70.68
N LEU ZA 11 -82.18 28.29 -71.46
CA LEU ZA 11 -82.42 27.37 -72.56
C LEU ZA 11 -82.88 26.01 -72.06
N VAL ZA 12 -82.24 25.50 -71.01
CA VAL ZA 12 -82.64 24.22 -70.43
C VAL ZA 12 -84.08 24.30 -69.90
N LYS ZA 13 -84.41 25.40 -69.24
CA LYS ZA 13 -85.75 25.58 -68.70
C LYS ZA 13 -86.79 25.63 -69.82
N ASP ZA 14 -86.45 26.26 -70.93
CA ASP ZA 14 -87.38 26.36 -72.06
C ASP ZA 14 -87.29 25.18 -73.00
N MET ZA 15 -86.52 24.15 -72.64
CA MET ZA 15 -86.46 22.88 -73.37
C MET ZA 15 -85.79 23.04 -74.72
N LYS ZA 16 -85.04 24.11 -74.91
CA LYS ZA 16 -84.28 24.29 -76.15
C LYS ZA 16 -83.19 23.23 -76.27
N ILE ZA 17 -82.49 22.95 -75.19
CA ILE ZA 17 -81.42 21.98 -75.19
C ILE ZA 17 -81.99 20.62 -74.80
N LYS ZA 18 -81.93 19.66 -75.72
CA LYS ZA 18 -82.59 18.39 -75.53
C LYS ZA 18 -81.77 17.36 -74.76
N SER ZA 19 -80.48 17.60 -74.55
CA SER ZA 19 -79.66 16.62 -73.86
C SER ZA 19 -78.44 17.29 -73.28
N LEU ZA 20 -77.92 16.71 -72.20
CA LEU ZA 20 -76.72 17.21 -71.54
C LEU ZA 20 -75.49 17.11 -72.44
N GLU ZA 21 -75.51 16.20 -73.40
CA GLU ZA 21 -74.40 16.08 -74.34
C GLU ZA 21 -74.27 17.30 -75.21
N GLU ZA 22 -75.37 18.03 -75.43
CA GLU ZA 22 -75.31 19.28 -76.17
C GLU ZA 22 -74.42 20.29 -75.45
N ILE ZA 23 -74.57 20.40 -74.14
CA ILE ZA 23 -73.71 21.29 -73.36
C ILE ZA 23 -72.30 20.75 -73.30
N TYR ZA 24 -72.15 19.44 -73.15
CA TYR ZA 24 -70.82 18.84 -73.06
C TYR ZA 24 -70.04 19.06 -74.35
N LEU ZA 25 -70.73 19.06 -75.49
CA LEU ZA 25 -70.06 19.22 -76.77
C LEU ZA 25 -69.38 20.57 -76.88
N PHE ZA 26 -70.04 21.63 -76.42
CA PHE ZA 26 -69.49 22.97 -76.48
C PHE ZA 26 -68.76 23.36 -75.20
N SER ZA 27 -68.66 22.45 -74.24
CA SER ZA 27 -67.83 22.62 -73.05
C SER ZA 27 -68.29 23.78 -72.18
N LEU ZA 28 -69.55 24.17 -72.31
CA LEU ZA 28 -70.06 25.26 -71.49
C LEU ZA 28 -70.09 24.83 -70.02
N PRO ZA 29 -69.69 25.70 -69.10
CA PRO ZA 29 -69.72 25.34 -67.69
C PRO ZA 29 -71.13 25.30 -67.16
N ILE ZA 30 -71.38 24.36 -66.26
CA ILE ZA 30 -72.65 24.25 -65.56
C ILE ZA 30 -72.54 25.03 -64.26
N LYS ZA 31 -73.33 26.09 -64.12
CA LYS ZA 31 -73.30 26.89 -62.91
C LYS ZA 31 -74.58 26.81 -62.11
N GLU ZA 32 -75.59 26.08 -62.59
CA GLU ZA 32 -76.81 25.84 -61.84
C GLU ZA 32 -77.06 24.35 -61.76
N SER ZA 33 -77.18 23.84 -60.54
CA SER ZA 33 -77.42 22.41 -60.36
C SER ZA 33 -78.79 21.99 -60.88
N GLU ZA 34 -79.73 22.92 -60.99
CA GLU ZA 34 -81.04 22.60 -61.54
C GLU ZA 34 -81.00 22.31 -63.03
N ILE ZA 35 -79.87 22.56 -63.69
CA ILE ZA 35 -79.78 22.21 -65.10
C ILE ZA 35 -79.74 20.70 -65.27
N ILE ZA 36 -78.95 20.02 -64.45
CA ILE ZA 36 -78.68 18.61 -64.75
C ILE ZA 36 -79.76 17.69 -64.19
N ASP ZA 37 -80.48 18.08 -63.15
CA ASP ZA 37 -81.59 17.25 -62.70
C ASP ZA 37 -82.78 17.36 -63.63
N PHE ZA 38 -82.80 18.36 -64.50
CA PHE ZA 38 -83.77 18.39 -65.58
C PHE ZA 38 -83.57 17.21 -66.52
N PHE ZA 39 -82.31 16.88 -66.81
CA PHE ZA 39 -81.98 15.82 -67.75
C PHE ZA 39 -81.94 14.45 -67.07
N LEU ZA 40 -81.33 14.36 -65.90
CA LEU ZA 40 -81.21 13.11 -65.16
C LEU ZA 40 -82.08 13.22 -63.92
N GLY ZA 41 -83.36 12.94 -64.10
CA GLY ZA 41 -84.34 13.00 -63.02
C GLY ZA 41 -84.71 11.59 -62.58
N ALA ZA 42 -84.74 11.39 -61.27
CA ALA ZA 42 -85.00 10.09 -60.66
C ALA ZA 42 -84.03 9.02 -61.14
N SER ZA 43 -82.84 9.44 -61.57
CA SER ZA 43 -81.81 8.52 -62.02
C SER ZA 43 -80.44 8.83 -61.45
N LEU ZA 44 -80.24 10.01 -60.87
CA LEU ZA 44 -78.99 10.33 -60.22
C LEU ZA 44 -78.97 9.73 -58.82
N LYS ZA 45 -78.06 8.80 -58.59
CA LYS ZA 45 -77.87 8.22 -57.28
C LYS ZA 45 -76.75 8.93 -56.55
N ASP ZA 46 -76.91 9.06 -55.24
CA ASP ZA 46 -76.05 9.88 -54.40
C ASP ZA 46 -75.43 9.01 -53.32
N GLU ZA 47 -74.18 9.30 -52.96
CA GLU ZA 47 -73.51 8.58 -51.89
C GLU ZA 47 -72.53 9.49 -51.19
N VAL ZA 48 -72.46 9.38 -49.86
CA VAL ZA 48 -71.48 10.12 -49.08
C VAL ZA 48 -70.28 9.22 -48.86
N LEU ZA 49 -69.10 9.66 -49.30
CA LEU ZA 49 -67.90 8.85 -49.19
C LEU ZA 49 -67.30 8.93 -47.79
N LYS ZA 50 -67.16 10.14 -47.27
CA LYS ZA 50 -66.49 10.33 -45.98
C LYS ZA 50 -66.94 11.66 -45.40
N ILE ZA 51 -66.84 11.76 -44.08
CA ILE ZA 51 -67.03 13.01 -43.35
C ILE ZA 51 -65.78 13.21 -42.51
N MET ZA 52 -64.88 14.08 -42.95
CA MET ZA 52 -63.66 14.31 -42.18
C MET ZA 52 -63.76 15.63 -41.44
N PRO ZA 53 -63.66 15.63 -40.12
CA PRO ZA 53 -63.77 16.88 -39.36
C PRO ZA 53 -62.44 17.62 -39.26
N VAL ZA 54 -62.14 18.45 -40.26
CA VAL ZA 54 -60.97 19.32 -40.18
C VAL ZA 54 -61.21 20.38 -39.12
N GLN ZA 55 -60.13 20.92 -38.56
CA GLN ZA 55 -60.28 21.93 -37.53
C GLN ZA 55 -59.07 22.85 -37.50
N LYS ZA 56 -59.33 24.11 -37.19
CA LYS ZA 56 -58.37 25.21 -37.29
C LYS ZA 56 -58.03 25.69 -35.88
N GLN ZA 57 -56.74 25.72 -35.56
CA GLN ZA 57 -56.32 26.07 -34.21
C GLN ZA 57 -56.47 27.56 -33.97
N THR ZA 58 -57.23 27.92 -32.94
CA THR ZA 58 -57.46 29.31 -32.59
C THR ZA 58 -57.12 29.55 -31.13
N ARG ZA 59 -57.48 30.73 -30.61
CA ARG ZA 59 -57.39 30.96 -29.19
C ARG ZA 59 -58.36 30.07 -28.42
N ALA ZA 60 -59.52 29.79 -28.99
CA ALA ZA 60 -60.55 28.99 -28.36
C ALA ZA 60 -60.34 27.50 -28.62
N GLY ZA 61 -59.13 27.01 -28.41
CA GLY ZA 61 -58.85 25.65 -28.78
C GLY ZA 61 -58.96 25.46 -30.27
N GLN ZA 62 -59.90 24.61 -30.69
CA GLN ZA 62 -60.01 24.19 -32.07
C GLN ZA 62 -61.40 24.52 -32.61
N ARG ZA 63 -61.44 25.19 -33.76
CA ARG ZA 63 -62.69 25.47 -34.46
C ARG ZA 63 -62.91 24.38 -35.49
N THR ZA 64 -63.89 23.52 -35.24
CA THR ZA 64 -64.09 22.32 -36.04
C THR ZA 64 -65.15 22.55 -37.10
N ARG ZA 65 -64.80 22.27 -38.36
CA ARG ZA 65 -65.73 22.21 -39.46
C ARG ZA 65 -65.70 20.82 -40.06
N PHE ZA 66 -66.62 20.54 -40.96
CA PHE ZA 66 -66.76 19.20 -41.52
C PHE ZA 66 -66.72 19.26 -43.03
N LYS ZA 67 -65.90 18.39 -43.61
CA LYS ZA 67 -65.73 18.31 -45.05
C LYS ZA 67 -66.41 17.05 -45.54
N ALA ZA 68 -67.36 17.19 -46.44
CA ALA ZA 68 -68.14 16.08 -46.96
C ALA ZA 68 -67.75 15.85 -48.41
N PHE ZA 69 -67.37 14.61 -48.71
CA PHE ZA 69 -67.14 14.15 -50.06
C PHE ZA 69 -68.36 13.37 -50.51
N VAL ZA 70 -68.88 13.70 -51.68
CA VAL ZA 70 -70.10 13.10 -52.20
C VAL ZA 70 -69.86 12.65 -53.63
N ALA ZA 71 -70.13 11.38 -53.89
CA ALA ZA 71 -70.09 10.82 -55.23
C ALA ZA 71 -71.52 10.68 -55.73
N ILE ZA 72 -71.81 11.30 -56.87
CA ILE ZA 72 -73.13 11.26 -57.45
C ILE ZA 72 -72.98 10.74 -58.87
N GLY ZA 73 -74.07 10.22 -59.40
CA GLY ZA 73 -74.03 9.86 -60.80
C GLY ZA 73 -75.03 8.79 -61.18
N ASP ZA 74 -75.48 8.84 -62.43
CA ASP ZA 74 -76.39 7.79 -62.88
C ASP ZA 74 -75.57 6.61 -63.38
N TYR ZA 75 -76.13 5.43 -63.22
CA TYR ZA 75 -75.37 4.23 -63.57
C TYR ZA 75 -75.41 3.94 -65.07
N ASN ZA 76 -75.07 4.95 -65.87
CA ASN ZA 76 -75.18 4.86 -67.32
C ASN ZA 76 -74.15 5.69 -68.06
N GLY ZA 77 -73.27 6.42 -67.37
CA GLY ZA 77 -72.27 7.18 -68.07
C GLY ZA 77 -72.04 8.61 -67.61
N HIS ZA 78 -72.66 9.01 -66.51
CA HIS ZA 78 -72.39 10.32 -65.93
C HIS ZA 78 -72.11 10.16 -64.45
N VAL ZA 79 -70.97 10.69 -64.02
CA VAL ZA 79 -70.55 10.65 -62.63
C VAL ZA 79 -70.01 12.02 -62.26
N GLY ZA 80 -70.03 12.33 -60.98
CA GLY ZA 80 -69.48 13.57 -60.48
C GLY ZA 80 -69.07 13.43 -59.04
N LEU ZA 81 -68.07 14.20 -58.63
CA LEU ZA 81 -67.56 14.16 -57.28
C LEU ZA 81 -67.50 15.57 -56.73
N GLY ZA 82 -68.07 15.78 -55.55
CA GLY ZA 82 -68.14 17.10 -54.97
C GLY ZA 82 -67.68 17.10 -53.53
N VAL ZA 83 -66.91 18.13 -53.17
CA VAL ZA 83 -66.36 18.27 -51.83
C VAL ZA 83 -66.80 19.61 -51.27
N LYS ZA 84 -67.35 19.61 -50.05
CA LYS ZA 84 -67.76 20.86 -49.44
C LYS ZA 84 -67.45 20.85 -47.96
N CYS ZA 85 -66.87 21.95 -47.47
CA CYS ZA 85 -66.58 22.11 -46.06
C CYS ZA 85 -67.52 23.16 -45.47
N SER ZA 86 -68.07 22.86 -44.30
CA SER ZA 86 -69.05 23.74 -43.69
C SER ZA 86 -68.99 23.61 -42.18
N LYS ZA 87 -69.59 24.59 -41.50
CA LYS ZA 87 -69.66 24.52 -40.04
C LYS ZA 87 -70.54 23.37 -39.56
N GLU ZA 88 -71.50 22.94 -40.37
CA GLU ZA 88 -72.45 21.92 -39.97
C GLU ZA 88 -72.49 20.79 -40.99
N VAL ZA 89 -72.71 19.57 -40.49
CA VAL ZA 89 -72.59 18.39 -41.33
C VAL ZA 89 -73.67 18.36 -42.40
N ALA ZA 90 -74.91 18.70 -42.04
CA ALA ZA 90 -75.99 18.62 -43.02
C ALA ZA 90 -75.82 19.65 -44.13
N THR ZA 91 -75.42 20.87 -43.78
CA THR ZA 91 -75.14 21.87 -44.80
C THR ZA 91 -73.97 21.45 -45.67
N ALA ZA 92 -72.94 20.84 -45.06
CA ALA ZA 92 -71.85 20.31 -45.87
C ALA ZA 92 -72.33 19.23 -46.82
N ILE ZA 93 -73.25 18.39 -46.39
CA ILE ZA 93 -73.77 17.33 -47.24
C ILE ZA 93 -74.52 17.93 -48.43
N ARG ZA 94 -75.40 18.90 -48.18
CA ARG ZA 94 -76.12 19.52 -49.28
C ARG ZA 94 -75.18 20.25 -50.24
N GLY ZA 95 -74.22 20.99 -49.69
CA GLY ZA 95 -73.28 21.68 -50.56
C GLY ZA 95 -72.45 20.73 -51.39
N ALA ZA 96 -72.04 19.60 -50.80
CA ALA ZA 96 -71.27 18.62 -51.55
C ALA ZA 96 -72.12 17.96 -52.62
N ILE ZA 97 -73.40 17.71 -52.34
CA ILE ZA 97 -74.27 17.15 -53.36
C ILE ZA 97 -74.43 18.12 -54.53
N ILE ZA 98 -74.62 19.40 -54.23
CA ILE ZA 98 -74.75 20.39 -55.30
C ILE ZA 98 -73.46 20.50 -56.10
N LEU ZA 99 -72.32 20.50 -55.42
CA LEU ZA 99 -71.05 20.63 -56.12
C LEU ZA 99 -70.77 19.40 -56.99
N ALA ZA 100 -71.10 18.21 -56.49
CA ALA ZA 100 -70.95 17.01 -57.30
C ALA ZA 100 -71.85 17.06 -58.51
N LYS ZA 101 -73.08 17.56 -58.33
CA LYS ZA 101 -73.98 17.72 -59.45
C LYS ZA 101 -73.41 18.69 -60.49
N LEU ZA 102 -72.78 19.77 -60.03
CA LEU ZA 102 -72.17 20.70 -60.96
C LEU ZA 102 -71.02 20.06 -61.71
N SER ZA 103 -70.20 19.28 -61.01
CA SER ZA 103 -69.03 18.68 -61.65
C SER ZA 103 -69.33 17.29 -62.20
N ILE ZA 104 -70.40 17.17 -62.97
CA ILE ZA 104 -70.72 15.91 -63.64
C ILE ZA 104 -69.98 15.88 -64.97
N VAL ZA 105 -69.30 14.78 -65.24
CA VAL ZA 105 -68.59 14.60 -66.51
C VAL ZA 105 -69.16 13.38 -67.20
N PRO ZA 106 -69.14 13.34 -68.53
CA PRO ZA 106 -69.51 12.10 -69.23
C PRO ZA 106 -68.34 11.12 -69.25
N VAL ZA 107 -68.69 9.83 -69.24
CA VAL ZA 107 -67.69 8.78 -69.17
C VAL ZA 107 -67.73 8.01 -70.48
N ARG ZA 108 -66.58 7.91 -71.14
CA ARG ZA 108 -66.47 7.19 -72.41
C ARG ZA 108 -66.18 5.72 -72.12
N ARG ZA 109 -66.99 4.84 -72.70
CA ARG ZA 109 -66.88 3.41 -72.48
C ARG ZA 109 -66.46 2.71 -73.76
N GLY ZA 110 -65.53 1.78 -73.65
CA GLY ZA 110 -65.08 1.02 -74.79
C GLY ZA 110 -65.19 -0.48 -74.57
N TYR ZA 111 -64.36 -1.24 -75.27
CA TYR ZA 111 -64.39 -2.70 -75.20
C TYR ZA 111 -62.99 -3.21 -74.92
N TRP ZA 112 -62.91 -4.30 -74.16
CA TRP ZA 112 -61.62 -4.95 -73.97
C TRP ZA 112 -61.14 -5.58 -75.27
N GLY ZA 113 -62.06 -6.13 -76.06
CA GLY ZA 113 -61.74 -6.71 -77.34
C GLY ZA 113 -62.94 -7.41 -77.92
N ASN ZA 114 -63.05 -7.41 -79.25
CA ASN ZA 114 -64.16 -8.03 -79.96
C ASN ZA 114 -65.50 -7.45 -79.50
N LYS ZA 115 -65.68 -6.17 -79.84
CA LYS ZA 115 -66.90 -5.43 -79.56
C LYS ZA 115 -68.15 -6.14 -80.04
N ILE ZA 116 -69.03 -6.51 -79.12
CA ILE ZA 116 -70.24 -7.26 -79.44
C ILE ZA 116 -71.49 -6.48 -79.05
N GLY ZA 117 -71.65 -6.19 -77.76
CA GLY ZA 117 -72.83 -5.48 -77.31
C GLY ZA 117 -72.56 -4.04 -76.95
N LYS ZA 118 -73.09 -3.59 -75.84
CA LYS ZA 118 -72.81 -2.25 -75.37
C LYS ZA 118 -71.42 -2.19 -74.74
N PRO ZA 119 -70.72 -1.06 -74.84
CA PRO ZA 119 -69.41 -0.95 -74.22
C PRO ZA 119 -69.51 -1.01 -72.71
N HIS ZA 120 -68.49 -1.60 -72.11
CA HIS ZA 120 -68.55 -1.92 -70.69
C HIS ZA 120 -67.37 -1.38 -69.89
N THR ZA 121 -66.18 -1.39 -70.46
CA THR ZA 121 -64.95 -1.01 -69.76
C THR ZA 121 -64.49 0.36 -70.26
N VAL ZA 122 -63.31 0.78 -69.81
CA VAL ZA 122 -62.69 2.00 -70.31
C VAL ZA 122 -62.11 1.73 -71.69
N PRO ZA 123 -62.12 2.71 -72.61
CA PRO ZA 123 -61.60 2.45 -73.96
C PRO ZA 123 -60.12 2.13 -73.97
N CYS ZA 124 -59.35 2.74 -73.08
CA CYS ZA 124 -57.93 2.47 -72.98
C CYS ZA 124 -57.52 2.77 -71.55
N LYS ZA 125 -56.34 2.30 -71.17
CA LYS ZA 125 -55.87 2.55 -69.81
C LYS ZA 125 -55.57 4.03 -69.64
N VAL ZA 126 -56.11 4.60 -68.56
CA VAL ZA 126 -55.99 6.02 -68.28
C VAL ZA 126 -55.46 6.19 -66.86
N THR ZA 127 -55.01 7.40 -66.56
CA THR ZA 127 -54.37 7.65 -65.28
C THR ZA 127 -54.79 9.00 -64.73
N GLY ZA 128 -55.35 8.98 -63.53
CA GLY ZA 128 -55.71 10.17 -62.81
C GLY ZA 128 -54.72 10.47 -61.71
N ARG ZA 129 -54.63 11.74 -61.33
CA ARG ZA 129 -53.56 12.23 -60.48
C ARG ZA 129 -54.09 13.31 -59.56
N CYS ZA 130 -53.77 13.21 -58.28
CA CYS ZA 130 -54.17 14.23 -57.31
C CYS ZA 130 -53.30 14.06 -56.07
N GLY ZA 131 -52.60 15.12 -55.68
CA GLY ZA 131 -51.67 15.01 -54.57
C GLY ZA 131 -50.54 14.07 -54.92
N SER ZA 132 -50.41 12.99 -54.17
CA SER ZA 132 -49.48 11.93 -54.53
C SER ZA 132 -50.17 10.70 -55.06
N VAL ZA 133 -51.50 10.67 -55.03
CA VAL ZA 133 -52.24 9.50 -55.45
C VAL ZA 133 -52.28 9.43 -56.97
N LEU ZA 134 -51.86 8.29 -57.51
CA LEU ZA 134 -51.96 8.00 -58.93
C LEU ZA 134 -52.88 6.80 -59.07
N VAL ZA 135 -53.92 6.93 -59.88
CA VAL ZA 135 -54.89 5.88 -60.11
C VAL ZA 135 -54.89 5.53 -61.58
N ARG ZA 136 -54.65 4.26 -61.91
CA ARG ZA 136 -54.64 3.82 -63.29
C ARG ZA 136 -55.80 2.86 -63.49
N LEU ZA 137 -56.66 3.18 -64.45
CA LEU ZA 137 -57.76 2.33 -64.86
C LEU ZA 137 -57.36 1.60 -66.12
N ILE ZA 138 -57.54 0.28 -66.13
CA ILE ZA 138 -57.06 -0.60 -67.18
C ILE ZA 138 -58.26 -1.36 -67.72
N PRO ZA 139 -58.43 -1.42 -69.04
CA PRO ZA 139 -59.58 -2.15 -69.60
C PRO ZA 139 -59.57 -3.61 -69.20
N ALA ZA 140 -60.76 -4.13 -68.91
CA ALA ZA 140 -60.91 -5.49 -68.43
C ALA ZA 140 -61.92 -6.23 -69.30
N PRO ZA 141 -61.75 -7.54 -69.46
CA PRO ZA 141 -62.72 -8.31 -70.24
C PRO ZA 141 -64.07 -8.35 -69.55
N ARG ZA 142 -65.10 -8.63 -70.35
CA ARG ZA 142 -66.46 -8.59 -69.84
C ARG ZA 142 -66.67 -9.61 -68.74
N GLY ZA 143 -67.38 -9.19 -67.69
CA GLY ZA 143 -67.70 -10.06 -66.59
C GLY ZA 143 -66.74 -10.04 -65.43
N THR ZA 144 -65.63 -9.30 -65.52
CA THR ZA 144 -64.68 -9.26 -64.42
C THR ZA 144 -65.19 -8.42 -63.25
N GLY ZA 145 -66.04 -7.44 -63.52
CA GLY ZA 145 -66.42 -6.50 -62.49
C GLY ZA 145 -65.38 -5.43 -62.30
N ILE ZA 146 -65.60 -4.60 -61.27
CA ILE ZA 146 -64.67 -3.53 -60.94
C ILE ZA 146 -63.77 -4.05 -59.84
N VAL ZA 147 -62.52 -4.34 -60.16
CA VAL ZA 147 -61.55 -4.77 -59.15
C VAL ZA 147 -60.73 -3.55 -58.76
N SER ZA 148 -60.97 -3.06 -57.55
CA SER ZA 148 -60.35 -1.84 -57.05
C SER ZA 148 -60.63 -1.74 -55.56
N ALA ZA 149 -60.10 -0.68 -54.96
CA ALA ZA 149 -60.45 -0.33 -53.60
C ALA ZA 149 -61.91 0.10 -53.55
N PRO ZA 150 -62.55 0.05 -52.37
CA PRO ZA 150 -63.97 0.43 -52.30
C PRO ZA 150 -64.25 1.85 -52.77
N VAL ZA 151 -63.37 2.80 -52.44
CA VAL ZA 151 -63.59 4.21 -52.72
C VAL ZA 151 -63.63 4.48 -54.23
N PRO ZA 152 -62.67 4.03 -55.04
CA PRO ZA 152 -62.85 4.19 -56.48
C PRO ZA 152 -63.81 3.18 -57.06
N LYS ZA 153 -64.07 2.07 -56.36
CA LYS ZA 153 -64.97 1.06 -56.88
C LYS ZA 153 -66.39 1.58 -56.99
N LYS ZA 154 -66.89 2.19 -55.91
CA LYS ZA 154 -68.23 2.76 -55.96
C LYS ZA 154 -68.29 3.94 -56.91
N LEU ZA 155 -67.20 4.68 -57.05
CA LEU ZA 155 -67.17 5.79 -57.98
C LEU ZA 155 -67.27 5.30 -59.43
N LEU ZA 156 -66.55 4.24 -59.78
CA LEU ZA 156 -66.66 3.66 -61.11
C LEU ZA 156 -68.02 3.03 -61.33
N MET ZA 157 -68.61 2.41 -60.30
CA MET ZA 157 -69.95 1.87 -60.42
C MET ZA 157 -70.95 2.98 -60.73
N MET ZA 158 -70.88 4.09 -60.00
CA MET ZA 158 -71.74 5.22 -60.32
C MET ZA 158 -71.42 5.81 -61.68
N ALA ZA 159 -70.19 5.67 -62.16
CA ALA ZA 159 -69.86 6.12 -63.51
C ALA ZA 159 -70.51 5.23 -64.56
N GLY ZA 160 -70.74 3.97 -64.22
CA GLY ZA 160 -71.33 3.04 -65.16
C GLY ZA 160 -70.36 2.07 -65.79
N ILE ZA 161 -69.09 2.10 -65.37
CA ILE ZA 161 -68.14 1.10 -65.82
C ILE ZA 161 -68.50 -0.24 -65.18
N ASP ZA 162 -68.62 -1.27 -66.00
CA ASP ZA 162 -68.97 -2.58 -65.49
C ASP ZA 162 -67.75 -3.41 -65.14
N ASP ZA 163 -66.68 -3.26 -65.91
CA ASP ZA 163 -65.48 -4.07 -65.77
C ASP ZA 163 -64.26 -3.18 -65.84
N CYS ZA 164 -63.34 -3.34 -64.89
CA CYS ZA 164 -62.15 -2.51 -64.84
C CYS ZA 164 -61.08 -3.04 -63.90
N TYR ZA 165 -59.85 -3.17 -64.38
CA TYR ZA 165 -58.71 -3.40 -63.51
C TYR ZA 165 -58.18 -2.04 -63.05
N THR ZA 166 -57.59 -2.00 -61.87
CA THR ZA 166 -57.06 -0.74 -61.37
C THR ZA 166 -55.71 -0.97 -60.71
N SER ZA 167 -54.92 0.10 -60.65
CA SER ZA 167 -53.67 0.08 -59.91
C SER ZA 167 -53.45 1.46 -59.29
N ALA ZA 168 -53.30 1.50 -57.98
CA ALA ZA 168 -53.16 2.74 -57.26
C ALA ZA 168 -51.80 2.81 -56.60
N ARG ZA 169 -51.19 3.99 -56.62
CA ARG ZA 169 -49.90 4.22 -56.00
C ARG ZA 169 -49.96 5.54 -55.25
N GLY ZA 170 -49.23 5.62 -54.15
CA GLY ZA 170 -49.25 6.79 -53.31
C GLY ZA 170 -50.05 6.55 -52.06
N CYS ZA 171 -50.25 7.63 -51.30
CA CYS ZA 171 -50.97 7.55 -50.03
C CYS ZA 171 -52.46 7.54 -50.33
N THR ZA 172 -52.98 6.35 -50.62
CA THR ZA 172 -54.39 6.20 -50.93
C THR ZA 172 -55.29 6.33 -49.71
N ALA ZA 173 -54.70 6.32 -48.50
CA ALA ZA 173 -55.49 6.54 -47.29
C ALA ZA 173 -56.11 7.92 -47.27
N THR ZA 174 -55.54 8.87 -48.00
CA THR ZA 174 -56.17 10.17 -48.17
C THR ZA 174 -57.37 10.00 -49.09
N LEU ZA 175 -58.56 9.88 -48.50
CA LEU ZA 175 -59.73 9.55 -49.29
C LEU ZA 175 -60.08 10.64 -50.28
N GLY ZA 176 -59.87 11.90 -49.91
CA GLY ZA 176 -60.18 12.99 -50.84
C GLY ZA 176 -59.32 12.93 -52.09
N ASN ZA 177 -58.01 12.78 -51.91
CA ASN ZA 177 -57.13 12.69 -53.06
C ASN ZA 177 -57.35 11.42 -53.85
N PHE ZA 178 -57.67 10.31 -53.18
CA PHE ZA 178 -57.94 9.06 -53.88
C PHE ZA 178 -59.17 9.20 -54.77
N ALA ZA 179 -60.26 9.74 -54.21
CA ALA ZA 179 -61.48 9.95 -54.97
C ALA ZA 179 -61.25 10.95 -56.10
N LYS ZA 180 -60.50 12.01 -55.85
CA LYS ZA 180 -60.27 13.02 -56.87
C LYS ZA 180 -59.39 12.50 -57.99
N ALA ZA 181 -58.40 11.67 -57.67
CA ALA ZA 181 -57.58 11.05 -58.70
C ALA ZA 181 -58.40 10.10 -59.56
N THR ZA 182 -59.25 9.29 -58.93
CA THR ZA 182 -60.12 8.43 -59.70
C THR ZA 182 -61.05 9.24 -60.58
N PHE ZA 183 -61.56 10.36 -60.06
CA PHE ZA 183 -62.44 11.21 -60.85
C PHE ZA 183 -61.71 11.82 -62.04
N ASP ZA 184 -60.46 12.21 -61.85
CA ASP ZA 184 -59.69 12.76 -62.96
C ASP ZA 184 -59.43 11.70 -64.02
N ALA ZA 185 -59.11 10.48 -63.60
CA ALA ZA 185 -58.93 9.38 -64.54
C ALA ZA 185 -60.21 9.12 -65.32
N ILE ZA 186 -61.35 9.16 -64.64
CA ILE ZA 186 -62.63 8.98 -65.32
C ILE ZA 186 -62.88 10.12 -66.30
N SER ZA 187 -62.53 11.34 -65.89
CA SER ZA 187 -62.81 12.51 -66.72
C SER ZA 187 -62.02 12.47 -68.02
N LYS ZA 188 -60.76 12.06 -67.96
CA LYS ZA 188 -59.90 12.17 -69.15
C LYS ZA 188 -60.11 11.04 -70.15
N THR ZA 189 -61.11 10.18 -69.93
CA THR ZA 189 -61.40 9.14 -70.91
C THR ZA 189 -61.81 9.73 -72.25
N TYR ZA 190 -62.55 10.83 -72.23
CA TYR ZA 190 -62.87 11.52 -73.47
C TYR ZA 190 -61.72 12.35 -74.00
N SER ZA 191 -60.90 12.92 -73.11
CA SER ZA 191 -59.77 13.71 -73.56
C SER ZA 191 -58.75 12.86 -74.30
N TYR ZA 192 -58.66 11.58 -73.97
CA TYR ZA 192 -57.75 10.69 -74.68
C TYR ZA 192 -58.20 10.53 -76.13
N LEU ZA 193 -57.24 10.59 -77.05
CA LEU ZA 193 -57.52 10.53 -78.48
C LEU ZA 193 -57.27 9.11 -78.99
N THR ZA 194 -58.23 8.61 -79.76
CA THR ZA 194 -58.28 7.24 -80.26
C THR ZA 194 -58.49 7.28 -81.77
N PRO ZA 195 -57.94 6.30 -82.51
CA PRO ZA 195 -58.07 6.34 -83.98
C PRO ZA 195 -59.48 6.41 -84.52
N ASP ZA 196 -60.48 5.94 -83.75
CA ASP ZA 196 -61.85 6.08 -84.22
C ASP ZA 196 -62.36 7.52 -84.12
N LEU ZA 197 -61.69 8.37 -83.36
CA LEU ZA 197 -62.02 9.78 -83.25
C LEU ZA 197 -61.18 10.64 -84.17
N TRP ZA 198 -60.44 10.03 -85.09
CA TRP ZA 198 -59.57 10.79 -85.98
C TRP ZA 198 -60.35 11.56 -87.03
N LYS ZA 199 -61.62 11.25 -87.22
CA LYS ZA 199 -62.41 11.89 -88.26
C LYS ZA 199 -62.49 13.39 -88.03
N GLU ZA 200 -62.34 14.15 -89.11
CA GLU ZA 200 -62.35 15.60 -89.03
C GLU ZA 200 -63.69 16.09 -88.50
N THR ZA 201 -63.64 16.81 -87.38
CA THR ZA 201 -64.86 17.22 -86.70
C THR ZA 201 -65.62 18.26 -87.51
N VAL ZA 202 -66.94 18.17 -87.46
CA VAL ZA 202 -67.84 19.15 -88.04
C VAL ZA 202 -68.42 19.98 -86.91
N PHE ZA 203 -68.57 21.28 -87.14
CA PHE ZA 203 -69.00 22.20 -86.10
C PHE ZA 203 -70.44 22.61 -86.32
N THR ZA 204 -71.26 22.45 -85.29
CA THR ZA 204 -72.64 22.91 -85.29
C THR ZA 204 -72.75 24.20 -84.49
N LYS ZA 205 -73.91 24.85 -84.62
CA LYS ZA 205 -74.11 26.12 -83.94
C LYS ZA 205 -74.16 25.92 -82.44
N SER ZA 206 -73.50 26.83 -81.72
CA SER ZA 206 -73.57 26.83 -80.27
C SER ZA 206 -75.01 27.09 -79.83
N PRO ZA 207 -75.41 26.61 -78.66
CA PRO ZA 207 -76.77 26.90 -78.18
C PRO ZA 207 -77.07 28.38 -78.11
N TYR ZA 208 -76.10 29.18 -77.67
CA TYR ZA 208 -76.30 30.62 -77.57
C TYR ZA 208 -76.57 31.23 -78.93
N GLN ZA 209 -75.71 30.94 -79.91
CA GLN ZA 209 -75.89 31.55 -81.22
C GLN ZA 209 -77.04 30.95 -81.99
N GLU ZA 210 -77.46 29.74 -81.64
CA GLU ZA 210 -78.63 29.17 -82.29
C GLU ZA 210 -79.91 29.80 -81.78
N PHE ZA 211 -79.97 30.11 -80.49
CA PHE ZA 211 -81.17 30.67 -79.88
C PHE ZA 211 -80.97 32.10 -79.41
N THR ZA 212 -80.16 32.88 -80.14
CA THR ZA 212 -80.00 34.30 -79.83
C THR ZA 212 -81.36 35.01 -79.74
N ASP ZA 213 -82.25 34.76 -80.69
CA ASP ZA 213 -83.54 35.44 -80.70
C ASP ZA 213 -84.40 35.08 -79.49
N HIS ZA 214 -84.19 33.91 -78.90
CA HIS ZA 214 -84.91 33.55 -77.69
C HIS ZA 214 -84.35 34.25 -76.46
N LEU ZA 215 -83.02 34.38 -76.38
CA LEU ZA 215 -82.39 34.97 -75.20
C LEU ZA 215 -82.68 36.47 -75.10
N VAL ZA 216 -82.79 37.16 -76.23
CA VAL ZA 216 -83.05 38.60 -76.18
C VAL ZA 216 -84.46 38.89 -75.67
N LYS ZA 217 -85.43 38.07 -76.07
CA LYS ZA 217 -86.81 38.33 -75.66
C LYS ZA 217 -87.11 37.75 -74.29
N THR ZA 218 -86.43 36.68 -73.91
CA THR ZA 218 -86.73 36.01 -72.65
C THR ZA 218 -85.76 36.39 -71.54
N HIS ZA 219 -84.47 36.17 -71.77
CA HIS ZA 219 -83.43 36.53 -70.81
C HIS ZA 219 -82.99 37.99 -71.02
N THR ZA 220 -83.93 38.89 -70.75
CA THR ZA 220 -83.69 40.31 -71.02
C THR ZA 220 -82.98 40.97 -69.85
N ALA AB 1 -27.65 -48.70 -57.11
CA ALA AB 1 -27.97 -50.11 -56.93
C ALA AB 1 -26.73 -50.96 -57.06
N ARG AB 2 -26.75 -52.14 -56.46
CA ARG AB 2 -25.63 -53.06 -56.49
C ARG AB 2 -25.77 -54.13 -57.57
N GLY AB 3 -26.76 -54.01 -58.44
CA GLY AB 3 -26.97 -54.98 -59.49
C GLY AB 3 -28.17 -54.64 -60.35
N PRO AB 4 -28.53 -55.54 -61.25
CA PRO AB 4 -29.66 -55.28 -62.13
C PRO AB 4 -30.97 -55.21 -61.37
N LYS AB 5 -31.86 -54.36 -61.87
CA LYS AB 5 -33.19 -54.25 -61.30
C LYS AB 5 -34.07 -55.36 -61.81
N LYS AB 6 -35.04 -55.76 -60.98
CA LYS AB 6 -36.01 -56.76 -61.38
C LYS AB 6 -37.43 -56.39 -60.94
N HIS AB 7 -37.66 -55.12 -60.66
CA HIS AB 7 -38.99 -54.61 -60.36
C HIS AB 7 -39.30 -53.42 -61.24
N LEU AB 8 -40.58 -53.24 -61.56
CA LEU AB 8 -41.02 -52.11 -62.35
C LEU AB 8 -42.21 -51.47 -61.66
N LYS AB 9 -42.21 -50.15 -61.60
CA LYS AB 9 -43.33 -49.44 -60.99
C LYS AB 9 -44.46 -49.26 -61.98
N ARG AB 10 -45.68 -49.30 -61.47
CA ARG AB 10 -46.86 -49.16 -62.33
C ARG AB 10 -46.86 -47.81 -63.03
N VAL AB 11 -46.48 -46.75 -62.31
CA VAL AB 11 -46.44 -45.43 -62.91
C VAL AB 11 -45.19 -45.23 -63.76
N ALA AB 12 -44.14 -46.02 -63.55
CA ALA AB 12 -42.94 -45.93 -64.35
C ALA AB 12 -42.97 -46.84 -65.57
N ALA AB 13 -44.05 -47.58 -65.77
CA ALA AB 13 -44.20 -48.43 -66.93
C ALA AB 13 -44.43 -47.58 -68.18
N PRO AB 14 -44.18 -48.13 -69.36
CA PRO AB 14 -44.44 -47.37 -70.59
C PRO AB 14 -45.90 -46.99 -70.71
N LYS AB 15 -46.13 -45.79 -71.27
CA LYS AB 15 -47.47 -45.24 -71.31
C LYS AB 15 -48.40 -46.06 -72.21
N HIS AB 16 -47.87 -46.61 -73.30
CA HIS AB 16 -48.71 -47.31 -74.25
C HIS AB 16 -49.23 -48.64 -73.73
N TRP AB 17 -48.80 -49.08 -72.55
CA TRP AB 17 -49.38 -50.28 -71.98
C TRP AB 17 -50.79 -50.05 -71.48
N MET AB 18 -51.22 -48.80 -71.35
CA MET AB 18 -52.52 -48.43 -70.79
C MET AB 18 -52.73 -49.03 -69.41
N LEU AB 19 -51.67 -49.05 -68.61
CA LEU AB 19 -51.78 -49.54 -67.25
C LEU AB 19 -52.31 -48.42 -66.35
N ASP AB 20 -53.43 -48.68 -65.70
CA ASP AB 20 -54.01 -47.69 -64.80
C ASP AB 20 -53.26 -47.68 -63.47
N LYS AB 21 -53.43 -46.61 -62.70
CA LYS AB 21 -52.67 -46.41 -61.48
C LYS AB 21 -53.18 -47.24 -60.30
N LEU AB 22 -54.50 -47.40 -60.17
CA LEU AB 22 -55.07 -47.83 -58.90
C LEU AB 22 -54.91 -49.32 -58.65
N THR AB 23 -54.92 -50.15 -59.71
CA THR AB 23 -54.99 -51.59 -59.51
C THR AB 23 -53.75 -52.15 -58.83
N GLY AB 24 -52.57 -51.63 -59.15
CA GLY AB 24 -51.37 -52.20 -58.59
C GLY AB 24 -50.26 -51.19 -58.45
N VAL AB 25 -49.40 -51.45 -57.46
CA VAL AB 25 -48.20 -50.65 -57.28
C VAL AB 25 -47.19 -50.91 -58.38
N PHE AB 26 -47.06 -52.15 -58.80
CA PHE AB 26 -46.01 -52.57 -59.72
C PHE AB 26 -46.58 -52.74 -61.13
N ALA AB 27 -45.68 -53.11 -62.03
CA ALA AB 27 -46.00 -53.42 -63.41
C ALA AB 27 -45.26 -54.70 -63.76
N PRO AB 28 -45.69 -55.42 -64.78
CA PRO AB 28 -44.98 -56.64 -65.17
C PRO AB 28 -43.67 -56.32 -65.86
N ARG AB 29 -42.60 -56.16 -65.09
CA ARG AB 29 -41.28 -55.92 -65.67
C ARG AB 29 -40.96 -57.00 -66.69
N PRO AB 30 -40.88 -56.65 -67.97
CA PRO AB 30 -40.70 -57.67 -69.00
C PRO AB 30 -39.38 -58.37 -68.83
N SER AB 31 -39.39 -59.68 -69.04
CA SER AB 31 -38.16 -60.43 -69.07
C SER AB 31 -37.33 -59.99 -70.26
N THR AB 32 -36.02 -60.16 -70.14
CA THR AB 32 -35.13 -59.85 -71.25
C THR AB 32 -35.47 -60.71 -72.45
N GLY AB 33 -35.32 -60.15 -73.64
CA GLY AB 33 -35.73 -60.85 -74.83
C GLY AB 33 -35.33 -60.16 -76.11
N PRO AB 34 -36.03 -60.48 -77.20
CA PRO AB 34 -35.70 -59.87 -78.50
C PRO AB 34 -35.87 -58.36 -78.52
N HIS AB 35 -36.84 -57.83 -77.78
CA HIS AB 35 -37.20 -56.43 -77.87
C HIS AB 35 -36.92 -55.71 -76.55
N LYS AB 36 -36.69 -54.40 -76.66
CA LYS AB 36 -36.47 -53.58 -75.49
C LYS AB 36 -37.77 -53.44 -74.69
N LEU AB 37 -37.63 -53.26 -73.38
CA LEU AB 37 -38.81 -53.24 -72.53
C LEU AB 37 -39.61 -51.97 -72.70
N ARG AB 38 -39.00 -50.89 -73.17
CA ARG AB 38 -39.76 -49.67 -73.39
C ARG AB 38 -40.66 -49.78 -74.61
N GLU AB 39 -40.36 -50.69 -75.51
CA GLU AB 39 -41.13 -50.86 -76.74
C GLU AB 39 -41.54 -52.32 -76.94
N CYS AB 40 -41.87 -53.00 -75.85
CA CYS AB 40 -42.40 -54.35 -75.93
C CYS AB 40 -43.73 -54.38 -75.21
N LEU AB 41 -44.54 -55.38 -75.54
CA LEU AB 41 -45.82 -55.60 -74.88
C LEU AB 41 -45.80 -56.96 -74.22
N PRO AB 42 -45.71 -57.04 -72.90
CA PRO AB 42 -45.66 -58.35 -72.23
C PRO AB 42 -46.93 -59.15 -72.44
N LEU AB 43 -46.75 -60.47 -72.48
CA LEU AB 43 -47.85 -61.38 -72.75
C LEU AB 43 -48.94 -61.30 -71.69
N ILE AB 44 -48.56 -61.03 -70.44
CA ILE AB 44 -49.54 -60.97 -69.37
C ILE AB 44 -50.55 -59.87 -69.63
N ILE AB 45 -50.07 -58.66 -69.93
CA ILE AB 45 -51.01 -57.57 -70.22
C ILE AB 45 -51.67 -57.76 -71.58
N PHE AB 46 -51.02 -58.45 -72.52
CA PHE AB 46 -51.70 -58.75 -73.78
C PHE AB 46 -52.92 -59.62 -73.57
N LEU AB 47 -52.81 -60.65 -72.74
CA LEU AB 47 -53.92 -61.57 -72.54
C LEU AB 47 -54.89 -61.14 -71.47
N ARG AB 48 -54.49 -60.23 -70.58
CA ARG AB 48 -55.36 -59.81 -69.50
C ARG AB 48 -56.04 -58.48 -69.76
N ASN AB 49 -55.35 -57.53 -70.36
CA ASN AB 49 -55.89 -56.19 -70.54
C ASN AB 49 -56.32 -55.90 -71.97
N ARG AB 50 -55.72 -56.55 -72.96
CA ARG AB 50 -56.06 -56.27 -74.35
C ARG AB 50 -57.17 -57.16 -74.87
N LEU AB 51 -57.11 -58.46 -74.59
CA LEU AB 51 -58.14 -59.38 -75.03
C LEU AB 51 -59.12 -59.74 -73.93
N LYS AB 52 -58.81 -59.42 -72.68
CA LYS AB 52 -59.67 -59.70 -71.54
C LYS AB 52 -59.98 -61.19 -71.40
N TYR AB 53 -59.06 -62.04 -71.85
CA TYR AB 53 -59.23 -63.47 -71.64
C TYR AB 53 -59.13 -63.83 -70.17
N ALA AB 54 -58.14 -63.29 -69.48
CA ALA AB 54 -57.89 -63.60 -68.08
C ALA AB 54 -58.24 -62.41 -67.20
N LEU AB 55 -58.54 -62.71 -65.94
CA LEU AB 55 -58.80 -61.67 -64.96
C LEU AB 55 -57.55 -61.21 -64.23
N THR AB 56 -56.72 -62.14 -63.75
CA THR AB 56 -55.50 -61.73 -63.06
C THR AB 56 -54.26 -62.45 -63.59
N GLY AB 57 -53.14 -62.20 -62.91
CA GLY AB 57 -51.90 -62.83 -63.29
C GLY AB 57 -51.93 -64.34 -63.15
N ASP AB 58 -52.66 -64.84 -62.14
CA ASP AB 58 -52.75 -66.29 -61.99
C ASP AB 58 -53.51 -66.93 -63.15
N GLU AB 59 -54.62 -66.31 -63.56
CA GLU AB 59 -55.34 -66.84 -64.71
C GLU AB 59 -54.47 -66.81 -65.97
N VAL AB 60 -53.82 -65.68 -66.23
CA VAL AB 60 -52.98 -65.62 -67.43
C VAL AB 60 -51.81 -66.60 -67.34
N LYS AB 61 -51.34 -66.88 -66.13
CA LYS AB 61 -50.31 -67.90 -65.94
C LYS AB 61 -50.84 -69.27 -66.32
N LYS AB 62 -52.10 -69.56 -65.96
CA LYS AB 62 -52.68 -70.84 -66.34
C LYS AB 62 -52.83 -70.97 -67.85
N ILE AB 63 -53.26 -69.90 -68.53
CA ILE AB 63 -53.31 -69.94 -69.99
C ILE AB 63 -51.92 -70.21 -70.57
N CYS AB 64 -50.90 -69.50 -70.06
CA CYS AB 64 -49.55 -69.68 -70.59
C CYS AB 64 -49.03 -71.09 -70.34
N MET AB 65 -49.28 -71.63 -69.15
CA MET AB 65 -48.75 -72.95 -68.82
C MET AB 65 -49.49 -74.08 -69.51
N GLN AB 66 -50.72 -73.84 -69.97
CA GLN AB 66 -51.37 -74.87 -70.77
C GLN AB 66 -50.92 -74.86 -72.23
N ARG AB 67 -49.93 -74.04 -72.56
CA ARG AB 67 -49.22 -74.10 -73.84
C ARG AB 67 -50.16 -73.91 -75.04
N PHE AB 68 -50.78 -72.73 -75.09
CA PHE AB 68 -51.58 -72.35 -76.24
C PHE AB 68 -51.02 -71.17 -77.01
N ILE AB 69 -50.14 -70.38 -76.41
CA ILE AB 69 -49.61 -69.18 -77.05
C ILE AB 69 -48.33 -69.56 -77.78
N LYS AB 70 -48.27 -69.22 -79.06
CA LYS AB 70 -47.09 -69.47 -79.88
C LYS AB 70 -46.61 -68.12 -80.41
N ILE AB 71 -45.72 -67.50 -79.64
CA ILE AB 71 -45.08 -66.26 -80.07
C ILE AB 71 -43.98 -66.61 -81.06
N ASP AB 72 -44.05 -66.04 -82.25
CA ASP AB 72 -43.12 -66.31 -83.35
C ASP AB 72 -43.12 -67.78 -83.77
N GLY AB 73 -44.21 -68.48 -83.53
CA GLY AB 73 -44.30 -69.89 -83.83
C GLY AB 73 -43.77 -70.82 -82.75
N LYS AB 74 -43.23 -70.28 -81.67
CA LYS AB 74 -42.69 -71.06 -80.57
C LYS AB 74 -43.58 -70.90 -79.34
N VAL AB 75 -43.83 -72.01 -78.65
CA VAL AB 75 -44.61 -71.96 -77.43
C VAL AB 75 -43.78 -71.27 -76.34
N ARG AB 76 -44.29 -70.17 -75.82
CA ARG AB 76 -43.62 -69.40 -74.78
C ARG AB 76 -44.47 -69.46 -73.52
N THR AB 77 -43.92 -70.06 -72.47
CA THR AB 77 -44.60 -70.15 -71.19
C THR AB 77 -44.20 -69.04 -70.24
N ASP AB 78 -43.36 -68.09 -70.69
CA ASP AB 78 -43.00 -66.96 -69.87
C ASP AB 78 -44.14 -65.97 -69.81
N ILE AB 79 -44.53 -65.57 -68.61
CA ILE AB 79 -45.70 -64.71 -68.43
C ILE AB 79 -45.37 -63.28 -68.87
N THR AB 80 -44.11 -62.87 -68.77
CA THR AB 80 -43.68 -61.52 -69.11
C THR AB 80 -42.78 -61.51 -70.34
N TYR AB 81 -43.10 -62.31 -71.33
CA TYR AB 81 -42.28 -62.36 -72.53
C TYR AB 81 -42.44 -61.08 -73.34
N PRO AB 82 -41.36 -60.43 -73.72
CA PRO AB 82 -41.48 -59.21 -74.53
C PRO AB 82 -41.87 -59.52 -75.96
N ALA AB 83 -43.11 -59.18 -76.33
CA ALA AB 83 -43.59 -59.49 -77.67
C ALA AB 83 -42.91 -58.61 -78.72
N GLY AB 84 -43.10 -57.31 -78.62
CA GLY AB 84 -42.40 -56.41 -79.50
C GLY AB 84 -43.06 -56.23 -80.85
N PHE AB 85 -42.39 -55.45 -81.69
CA PHE AB 85 -42.97 -54.98 -82.94
C PHE AB 85 -42.98 -56.08 -83.98
N MET AB 86 -44.13 -56.22 -84.65
CA MET AB 86 -44.35 -57.15 -85.74
C MET AB 86 -43.98 -58.57 -85.35
N ASP AB 87 -44.69 -59.06 -84.34
CA ASP AB 87 -44.58 -60.44 -83.91
C ASP AB 87 -45.94 -61.10 -84.03
N VAL AB 88 -45.93 -62.41 -84.25
CA VAL AB 88 -47.14 -63.18 -84.45
C VAL AB 88 -47.48 -63.90 -83.15
N ILE AB 89 -48.64 -63.61 -82.61
CA ILE AB 89 -49.17 -64.27 -81.43
C ILE AB 89 -50.30 -65.16 -81.94
N SER AB 90 -50.04 -66.47 -82.02
CA SER AB 90 -51.01 -67.40 -82.57
C SER AB 90 -51.58 -68.25 -81.45
N ILE AB 91 -52.88 -68.16 -81.22
CA ILE AB 91 -53.59 -69.08 -80.36
C ILE AB 91 -54.37 -70.00 -81.29
N ASP AB 92 -53.85 -71.21 -81.48
CA ASP AB 92 -54.48 -72.17 -82.37
C ASP AB 92 -55.73 -72.80 -81.77
N LYS AB 93 -55.86 -72.81 -80.43
CA LYS AB 93 -57.06 -73.38 -79.83
C LYS AB 93 -58.29 -72.57 -80.17
N THR AB 94 -58.16 -71.24 -80.23
CA THR AB 94 -59.21 -70.39 -80.76
C THR AB 94 -59.09 -70.17 -82.25
N GLY AB 95 -58.00 -70.61 -82.86
CA GLY AB 95 -57.79 -70.36 -84.28
C GLY AB 95 -57.68 -68.89 -84.61
N GLU AB 96 -56.96 -68.13 -83.80
CA GLU AB 96 -56.81 -66.70 -84.02
C GLU AB 96 -55.33 -66.33 -84.01
N ASN AB 97 -54.99 -65.30 -84.78
CA ASN AB 97 -53.61 -64.88 -84.97
C ASN AB 97 -53.53 -63.37 -84.88
N PHE AB 98 -52.52 -62.86 -84.20
CA PHE AB 98 -52.36 -61.44 -83.98
C PHE AB 98 -51.00 -60.98 -84.48
N ARG AB 99 -50.99 -59.93 -85.27
CA ARG AB 99 -49.76 -59.27 -85.68
C ARG AB 99 -49.62 -58.00 -84.85
N LEU AB 100 -48.61 -57.96 -84.00
CA LEU AB 100 -48.50 -56.84 -83.07
C LEU AB 100 -47.99 -55.61 -83.83
N ILE AB 101 -48.87 -54.64 -84.07
CA ILE AB 101 -48.56 -53.46 -84.85
C ILE AB 101 -49.07 -52.23 -84.10
N TYR AB 102 -48.30 -51.16 -84.11
CA TYR AB 102 -48.76 -49.89 -83.54
C TYR AB 102 -49.95 -49.37 -84.34
N ASP AB 103 -50.89 -48.75 -83.64
CA ASP AB 103 -52.03 -48.10 -84.28
C ASP AB 103 -51.69 -46.64 -84.54
N THR AB 104 -52.70 -45.85 -84.86
CA THR AB 104 -52.50 -44.45 -85.20
C THR AB 104 -51.91 -43.67 -84.03
N LYS AB 105 -52.40 -43.93 -82.82
CA LYS AB 105 -52.01 -43.16 -81.63
C LYS AB 105 -50.75 -43.72 -80.97
N GLY AB 106 -49.91 -44.42 -81.72
CA GLY AB 106 -48.61 -44.84 -81.21
C GLY AB 106 -48.65 -45.87 -80.10
N ARG AB 107 -49.51 -46.87 -80.21
CA ARG AB 107 -49.58 -47.94 -79.23
C ARG AB 107 -50.06 -49.21 -79.92
N PHE AB 108 -49.64 -50.36 -79.39
CA PHE AB 108 -49.94 -51.63 -80.05
C PHE AB 108 -51.44 -51.88 -80.08
N ALA AB 109 -51.93 -52.36 -81.21
CA ALA AB 109 -53.34 -52.63 -81.39
C ALA AB 109 -53.58 -54.12 -81.61
N VAL AB 110 -54.75 -54.59 -81.19
CA VAL AB 110 -55.13 -55.97 -81.45
C VAL AB 110 -55.42 -56.10 -82.94
N HIS AB 111 -54.52 -56.77 -83.66
CA HIS AB 111 -54.61 -56.90 -85.11
C HIS AB 111 -54.77 -58.38 -85.45
N ARG AB 112 -55.98 -58.75 -85.84
CA ARG AB 112 -56.25 -60.13 -86.24
C ARG AB 112 -55.82 -60.35 -87.69
N ILE AB 113 -55.16 -61.48 -87.92
CA ILE AB 113 -54.63 -61.82 -89.23
C ILE AB 113 -55.02 -63.26 -89.57
N THR AB 114 -55.00 -63.55 -90.86
CA THR AB 114 -55.36 -64.88 -91.32
C THR AB 114 -54.20 -65.85 -91.09
N PRO AB 115 -54.49 -67.15 -90.96
CA PRO AB 115 -53.40 -68.13 -90.79
C PRO AB 115 -52.42 -68.13 -91.94
N GLU AB 116 -52.89 -67.93 -93.18
CA GLU AB 116 -51.99 -67.91 -94.32
C GLU AB 116 -51.12 -66.67 -94.36
N GLU AB 117 -51.48 -65.63 -93.62
CA GLU AB 117 -50.62 -64.46 -93.44
C GLU AB 117 -49.78 -64.54 -92.18
N ALA AB 118 -50.12 -65.43 -91.25
CA ALA AB 118 -49.43 -65.53 -89.98
C ALA AB 118 -48.15 -66.34 -90.04
N LYS AB 119 -47.80 -66.90 -91.20
CA LYS AB 119 -46.64 -67.79 -91.30
C LYS AB 119 -45.36 -67.06 -91.66
N TYR AB 120 -45.41 -65.77 -91.96
CA TYR AB 120 -44.22 -65.00 -92.28
C TYR AB 120 -44.20 -63.74 -91.44
N LYS AB 121 -43.02 -63.13 -91.33
CA LYS AB 121 -42.86 -61.98 -90.46
C LYS AB 121 -41.78 -61.07 -91.04
N LEU AB 122 -42.11 -59.80 -91.25
CA LEU AB 122 -41.09 -58.88 -91.73
C LEU AB 122 -40.15 -58.50 -90.59
N CYS AB 123 -38.93 -58.10 -90.96
CA CYS AB 123 -37.91 -57.76 -90.00
C CYS AB 123 -37.01 -56.69 -90.59
N LYS AB 124 -36.55 -55.78 -89.74
CA LYS AB 124 -35.62 -54.74 -90.15
C LYS AB 124 -34.22 -55.16 -89.70
N VAL AB 125 -33.29 -55.24 -90.65
CA VAL AB 125 -31.94 -55.61 -90.29
C VAL AB 125 -31.30 -54.47 -89.50
N ARG AB 126 -30.41 -54.82 -88.59
CA ARG AB 126 -29.76 -53.81 -87.76
C ARG AB 126 -28.27 -53.74 -88.01
N LYS AB 127 -27.56 -54.87 -88.03
CA LYS AB 127 -26.17 -54.85 -88.39
C LYS AB 127 -25.85 -56.03 -89.28
N ILE AB 128 -24.91 -55.81 -90.19
CA ILE AB 128 -24.39 -56.82 -91.11
C ILE AB 128 -22.90 -56.94 -90.86
N PHE AB 129 -22.41 -58.17 -90.76
CA PHE AB 129 -20.99 -58.36 -90.58
C PHE AB 129 -20.61 -59.71 -91.15
N VAL AB 130 -19.33 -60.05 -91.04
CA VAL AB 130 -18.80 -61.31 -91.54
C VAL AB 130 -18.09 -62.00 -90.39
N GLY AB 131 -18.59 -63.16 -89.99
CA GLY AB 131 -18.03 -63.90 -88.90
C GLY AB 131 -16.87 -64.77 -89.35
N THR AB 132 -16.60 -65.80 -88.56
CA THR AB 132 -15.50 -66.71 -88.87
C THR AB 132 -15.77 -67.45 -90.18
N LYS AB 133 -14.69 -67.88 -90.83
CA LYS AB 133 -14.70 -68.57 -92.11
C LYS AB 133 -15.35 -67.76 -93.22
N GLY AB 134 -15.40 -66.45 -93.07
CA GLY AB 134 -15.98 -65.59 -94.09
C GLY AB 134 -17.46 -65.80 -94.31
N ILE AB 135 -18.23 -65.97 -93.23
CA ILE AB 135 -19.65 -66.27 -93.31
C ILE AB 135 -20.42 -64.98 -93.02
N PRO AB 136 -21.24 -64.50 -93.95
CA PRO AB 136 -22.01 -63.26 -93.69
C PRO AB 136 -23.09 -63.51 -92.65
N HIS AB 137 -23.01 -62.80 -91.54
CA HIS AB 137 -24.01 -62.83 -90.49
C HIS AB 137 -24.82 -61.53 -90.52
N LEU AB 138 -26.10 -61.66 -90.20
CA LEU AB 138 -27.03 -60.54 -90.29
C LEU AB 138 -27.95 -60.58 -89.08
N VAL AB 139 -27.96 -59.51 -88.29
CA VAL AB 139 -28.86 -59.45 -87.14
C VAL AB 139 -30.04 -58.57 -87.51
N THR AB 140 -31.15 -58.75 -86.80
CA THR AB 140 -32.35 -57.99 -87.07
C THR AB 140 -32.69 -57.12 -85.86
N HIS AB 141 -33.85 -56.46 -85.91
CA HIS AB 141 -34.29 -55.65 -84.77
C HIS AB 141 -34.64 -56.53 -83.58
N ASP AB 142 -35.01 -57.78 -83.83
CA ASP AB 142 -35.06 -58.77 -82.76
C ASP AB 142 -33.65 -59.18 -82.41
N ALA AB 143 -33.54 -60.14 -81.51
CA ALA AB 143 -32.23 -60.73 -81.25
C ALA AB 143 -31.88 -61.81 -82.26
N ARG AB 144 -32.58 -61.82 -83.39
CA ARG AB 144 -32.46 -62.89 -84.37
C ARG AB 144 -31.34 -62.61 -85.34
N THR AB 145 -30.39 -63.53 -85.41
CA THR AB 145 -29.31 -63.48 -86.39
C THR AB 145 -29.42 -64.65 -87.34
N ILE AB 146 -29.08 -64.40 -88.60
CA ILE AB 146 -29.13 -65.42 -89.64
C ILE AB 146 -27.83 -65.40 -90.40
N ARG AB 147 -27.51 -66.55 -91.01
CA ARG AB 147 -26.30 -66.71 -91.79
C ARG AB 147 -26.65 -66.86 -93.26
N TYR AB 148 -25.67 -66.59 -94.11
CA TYR AB 148 -25.81 -66.66 -95.56
C TYR AB 148 -27.02 -65.88 -96.10
N PRO AB 149 -27.07 -64.57 -95.90
CA PRO AB 149 -28.11 -63.78 -96.55
C PRO AB 149 -27.65 -63.30 -97.92
N ASP AB 150 -28.63 -62.84 -98.70
CA ASP AB 150 -28.33 -62.29 -100.00
C ASP AB 150 -27.43 -61.07 -99.84
N PRO AB 151 -26.32 -60.99 -100.57
CA PRO AB 151 -25.41 -59.84 -100.41
C PRO AB 151 -26.05 -58.51 -100.76
N LEU AB 152 -27.18 -58.52 -101.45
CA LEU AB 152 -27.85 -57.27 -101.78
C LEU AB 152 -28.43 -56.56 -100.57
N ILE AB 153 -28.73 -57.29 -99.49
CA ILE AB 153 -29.30 -56.67 -98.30
C ILE AB 153 -28.22 -55.88 -97.59
N LYS AB 154 -28.49 -54.59 -97.37
CA LYS AB 154 -27.64 -53.69 -96.62
C LYS AB 154 -28.34 -53.36 -95.29
N VAL AB 155 -27.73 -52.46 -94.53
CA VAL AB 155 -28.27 -52.10 -93.21
C VAL AB 155 -29.60 -51.36 -93.35
N ASN AB 156 -30.40 -51.44 -92.28
CA ASN AB 156 -31.75 -50.91 -92.14
C ASN AB 156 -32.62 -51.17 -93.38
N ASP AB 157 -32.47 -52.35 -93.96
CA ASP AB 157 -33.36 -52.86 -94.98
C ASP AB 157 -34.32 -53.85 -94.33
N THR AB 158 -35.22 -54.40 -95.14
CA THR AB 158 -36.25 -55.30 -94.62
C THR AB 158 -36.09 -56.68 -95.24
N ILE AB 159 -36.41 -57.70 -94.44
CA ILE AB 159 -36.38 -59.08 -94.88
C ILE AB 159 -37.67 -59.75 -94.45
N GLN AB 160 -38.01 -60.84 -95.12
CA GLN AB 160 -39.21 -61.62 -94.81
C GLN AB 160 -38.77 -62.95 -94.21
N ILE AB 161 -38.88 -63.06 -92.90
CA ILE AB 161 -38.58 -64.31 -92.20
C ILE AB 161 -39.73 -65.29 -92.42
N ASP AB 162 -39.38 -66.48 -92.88
CA ASP AB 162 -40.34 -67.58 -93.00
C ASP AB 162 -40.30 -68.39 -91.72
N LEU AB 163 -41.43 -68.47 -91.03
CA LEU AB 163 -41.46 -69.15 -89.75
C LEU AB 163 -41.29 -70.65 -89.93
N GLU AB 164 -40.93 -71.31 -88.82
CA GLU AB 164 -40.71 -72.75 -88.72
C GLU AB 164 -39.42 -73.16 -89.43
N THR AB 165 -38.81 -72.22 -90.16
CA THR AB 165 -37.52 -72.45 -90.80
C THR AB 165 -36.49 -71.38 -90.49
N GLY AB 166 -36.91 -70.17 -90.13
CA GLY AB 166 -35.97 -69.10 -89.84
C GLY AB 166 -35.14 -68.67 -91.03
N LYS AB 167 -35.72 -68.70 -92.22
CA LYS AB 167 -35.01 -68.37 -93.45
C LYS AB 167 -35.61 -67.12 -94.07
N ILE AB 168 -35.01 -66.69 -95.19
CA ILE AB 168 -35.42 -65.49 -95.90
C ILE AB 168 -36.27 -65.91 -97.09
N THR AB 169 -37.40 -65.24 -97.27
CA THR AB 169 -38.22 -65.41 -98.47
C THR AB 169 -37.99 -64.29 -99.47
N ASP AB 170 -38.03 -63.04 -99.02
CA ASP AB 170 -37.83 -61.89 -99.88
C ASP AB 170 -37.22 -60.76 -99.06
N PHE AB 171 -36.89 -59.65 -99.73
CA PHE AB 171 -36.30 -58.52 -99.05
C PHE AB 171 -36.77 -57.24 -99.71
N ILE AB 172 -36.63 -56.15 -98.95
CA ILE AB 172 -36.97 -54.80 -99.38
C ILE AB 172 -35.76 -53.91 -99.14
N LYS AB 173 -35.29 -53.25 -100.18
CA LYS AB 173 -34.23 -52.27 -100.07
C LYS AB 173 -34.80 -50.98 -99.50
N PHE AB 174 -34.01 -50.31 -98.67
CA PHE AB 174 -34.40 -49.01 -98.12
C PHE AB 174 -33.96 -47.93 -99.09
N ASP AB 175 -34.93 -47.27 -99.73
CA ASP AB 175 -34.65 -46.17 -100.63
C ASP AB 175 -35.90 -45.31 -100.73
N THR AB 176 -35.81 -44.27 -101.56
CA THR AB 176 -36.93 -43.35 -101.71
C THR AB 176 -38.09 -44.03 -102.42
N GLY AB 177 -39.30 -43.71 -101.97
CA GLY AB 177 -40.49 -44.23 -102.60
C GLY AB 177 -40.97 -45.56 -102.06
N ASN AB 178 -40.52 -45.97 -100.89
CA ASN AB 178 -40.91 -47.24 -100.30
C ASN AB 178 -41.76 -46.98 -99.06
N LEU AB 179 -42.89 -47.68 -98.96
CA LEU AB 179 -43.79 -47.50 -97.84
C LEU AB 179 -43.17 -48.06 -96.56
N CYS AB 180 -43.27 -47.30 -95.48
CA CYS AB 180 -42.59 -47.62 -94.23
C CYS AB 180 -43.53 -47.35 -93.06
N MET AB 181 -42.97 -47.35 -91.87
CA MET AB 181 -43.72 -47.10 -90.64
C MET AB 181 -42.76 -46.58 -89.59
N VAL AB 182 -43.21 -45.63 -88.79
CA VAL AB 182 -42.41 -45.06 -87.74
C VAL AB 182 -42.60 -45.90 -86.47
N THR AB 183 -41.49 -46.24 -85.84
CA THR AB 183 -41.53 -47.11 -84.66
C THR AB 183 -40.93 -46.43 -83.44
N GLY AB 184 -41.28 -45.18 -83.21
CA GLY AB 184 -40.84 -44.47 -82.03
C GLY AB 184 -40.96 -42.97 -82.19
N GLY AB 185 -41.20 -42.30 -81.07
CA GLY AB 185 -41.27 -40.86 -81.04
C GLY AB 185 -42.69 -40.33 -81.17
N ALA AB 186 -42.75 -39.05 -81.53
CA ALA AB 186 -44.05 -38.39 -81.68
C ALA AB 186 -44.82 -38.96 -82.86
N ASN AB 187 -44.12 -39.34 -83.92
CA ASN AB 187 -44.75 -39.89 -85.12
C ASN AB 187 -44.90 -41.40 -85.06
N LEU AB 188 -44.77 -42.00 -83.88
CA LEU AB 188 -44.86 -43.45 -83.75
C LEU AB 188 -46.22 -43.95 -84.19
N GLY AB 189 -46.22 -44.97 -85.03
CA GLY AB 189 -47.43 -45.56 -85.54
C GLY AB 189 -47.93 -44.99 -86.86
N ARG AB 190 -47.16 -44.13 -87.50
CA ARG AB 190 -47.60 -43.46 -88.72
C ARG AB 190 -47.06 -44.18 -89.94
N ILE AB 191 -47.93 -44.42 -90.92
CA ILE AB 191 -47.58 -45.08 -92.17
C ILE AB 191 -47.34 -44.01 -93.22
N GLY AB 192 -46.24 -44.12 -93.95
CA GLY AB 192 -45.99 -43.18 -95.02
C GLY AB 192 -45.01 -43.76 -96.03
N VAL AB 193 -44.62 -42.90 -96.98
CA VAL AB 193 -43.68 -43.26 -98.03
C VAL AB 193 -42.44 -42.41 -97.86
N ILE AB 194 -41.27 -43.05 -97.89
CA ILE AB 194 -40.01 -42.32 -97.79
C ILE AB 194 -39.90 -41.33 -98.94
N THR AB 195 -39.65 -40.07 -98.61
CA THR AB 195 -39.42 -39.06 -99.63
C THR AB 195 -38.01 -38.51 -99.62
N ASN AB 196 -37.38 -38.40 -98.46
CA ASN AB 196 -36.03 -37.85 -98.43
C ASN AB 196 -35.28 -38.46 -97.26
N ARG AB 197 -33.97 -38.63 -97.41
CA ARG AB 197 -33.09 -39.01 -96.31
C ARG AB 197 -31.89 -38.08 -96.32
N GLU AB 198 -31.80 -37.19 -95.35
CA GLU AB 198 -30.65 -36.31 -95.21
C GLU AB 198 -29.68 -36.90 -94.20
N ARG AB 199 -28.40 -36.76 -94.50
CA ARG AB 199 -27.31 -37.41 -93.80
C ARG AB 199 -26.57 -36.40 -92.94
N HIS AB 200 -26.33 -36.75 -91.69
CA HIS AB 200 -25.52 -35.96 -90.77
C HIS AB 200 -24.44 -36.87 -90.23
N PRO AB 201 -23.25 -36.84 -90.82
CA PRO AB 201 -22.16 -37.70 -90.34
C PRO AB 201 -21.83 -37.41 -88.88
N GLY AB 202 -21.56 -38.46 -88.13
CA GLY AB 202 -21.37 -38.31 -86.70
C GLY AB 202 -22.63 -37.96 -85.94
N SER AB 203 -23.79 -38.17 -86.53
CA SER AB 203 -25.06 -37.79 -85.92
C SER AB 203 -26.15 -38.65 -86.55
N PHE AB 204 -27.37 -38.50 -86.04
CA PHE AB 204 -28.49 -39.28 -86.54
C PHE AB 204 -29.01 -38.67 -87.85
N ASP AB 205 -29.13 -39.52 -88.88
CA ASP AB 205 -29.71 -39.06 -90.14
C ASP AB 205 -31.22 -38.95 -89.99
N VAL AB 206 -31.80 -38.03 -90.77
CA VAL AB 206 -33.21 -37.68 -90.62
C VAL AB 206 -33.90 -37.90 -91.95
N VAL AB 207 -35.03 -38.60 -91.92
CA VAL AB 207 -35.80 -38.86 -93.12
C VAL AB 207 -37.12 -38.11 -93.05
N HIS AB 208 -37.57 -37.69 -94.23
CA HIS AB 208 -38.86 -37.04 -94.43
C HIS AB 208 -39.77 -38.01 -95.16
N VAL AB 209 -40.97 -38.21 -94.59
CA VAL AB 209 -41.91 -39.24 -95.01
C VAL AB 209 -43.27 -38.58 -95.23
N LYS AB 210 -43.92 -38.93 -96.33
CA LYS AB 210 -45.23 -38.40 -96.67
C LYS AB 210 -46.26 -39.52 -96.69
N ASP AB 211 -47.37 -39.33 -95.99
CA ASP AB 211 -48.40 -40.36 -95.93
C ASP AB 211 -49.34 -40.22 -97.13
N ALA AB 212 -50.46 -40.94 -97.10
CA ALA AB 212 -51.40 -40.91 -98.21
C ALA AB 212 -52.12 -39.57 -98.31
N ASN AB 213 -52.30 -38.89 -97.17
CA ASN AB 213 -52.96 -37.59 -97.19
C ASN AB 213 -52.05 -36.47 -97.64
N GLY AB 214 -50.76 -36.75 -97.86
CA GLY AB 214 -49.81 -35.74 -98.25
C GLY AB 214 -49.09 -35.06 -97.11
N ASN AB 215 -49.46 -35.37 -95.87
CA ASN AB 215 -48.81 -34.77 -94.72
C ASN AB 215 -47.37 -35.26 -94.63
N SER AB 216 -46.44 -34.33 -94.46
CA SER AB 216 -45.02 -34.64 -94.40
C SER AB 216 -44.55 -34.55 -92.97
N PHE AB 217 -43.92 -35.61 -92.47
CA PHE AB 217 -43.34 -35.62 -91.14
C PHE AB 217 -41.94 -36.20 -91.20
N ALA AB 218 -41.07 -35.69 -90.33
CA ALA AB 218 -39.69 -36.14 -90.28
C ALA AB 218 -39.49 -37.05 -89.07
N THR AB 219 -38.41 -37.83 -89.12
CA THR AB 219 -38.06 -38.72 -88.01
C THR AB 219 -36.61 -39.14 -88.19
N ARG AB 220 -36.08 -39.81 -87.18
CA ARG AB 220 -34.73 -40.34 -87.28
C ARG AB 220 -34.71 -41.62 -88.11
N LEU AB 221 -33.53 -41.96 -88.61
CA LEU AB 221 -33.40 -43.15 -89.44
C LEU AB 221 -33.67 -44.42 -88.65
N SER AB 222 -33.20 -44.47 -87.39
CA SER AB 222 -33.34 -45.68 -86.59
C SER AB 222 -34.79 -46.00 -86.26
N ASN AB 223 -35.69 -45.03 -86.40
CA ASN AB 223 -37.10 -45.23 -86.11
C ASN AB 223 -37.90 -45.63 -87.34
N ILE AB 224 -37.24 -45.96 -88.44
CA ILE AB 224 -37.90 -46.25 -89.71
C ILE AB 224 -37.91 -47.74 -89.93
N PHE AB 225 -39.09 -48.29 -90.21
CA PHE AB 225 -39.29 -49.71 -90.44
C PHE AB 225 -40.03 -49.86 -91.76
N VAL AB 226 -39.31 -50.17 -92.84
CA VAL AB 226 -39.95 -50.30 -94.14
C VAL AB 226 -40.78 -51.57 -94.16
N ILE AB 227 -42.03 -51.45 -94.60
CA ILE AB 227 -42.94 -52.60 -94.55
C ILE AB 227 -43.60 -52.85 -95.90
N GLY AB 228 -43.08 -52.26 -96.96
CA GLY AB 228 -43.67 -52.50 -98.26
C GLY AB 228 -42.87 -51.83 -99.35
N LYS AB 229 -43.10 -52.31 -100.57
CA LYS AB 229 -42.49 -51.75 -101.77
C LYS AB 229 -43.46 -50.79 -102.42
N GLY AB 230 -42.97 -49.61 -102.77
CA GLY AB 230 -43.82 -48.60 -103.38
C GLY AB 230 -44.90 -48.12 -102.43
N ASN AB 231 -46.15 -48.20 -102.87
CA ASN AB 231 -47.28 -47.74 -102.07
C ASN AB 231 -48.14 -48.88 -101.57
N LYS AB 232 -47.69 -50.13 -101.70
CA LYS AB 232 -48.45 -51.30 -101.29
C LYS AB 232 -47.75 -51.99 -100.13
N PRO AB 233 -48.37 -52.07 -98.96
CA PRO AB 233 -47.73 -52.77 -97.84
C PRO AB 233 -47.67 -54.26 -98.09
N TRP AB 234 -46.64 -54.89 -97.53
CA TRP AB 234 -46.49 -56.33 -97.64
C TRP AB 234 -47.31 -57.10 -96.62
N ILE AB 235 -47.94 -56.40 -95.67
CA ILE AB 235 -48.78 -57.04 -94.66
C ILE AB 235 -50.09 -56.25 -94.56
N SER AB 236 -51.09 -56.89 -93.97
CA SER AB 236 -52.36 -56.23 -93.75
C SER AB 236 -52.22 -55.13 -92.72
N LEU AB 237 -52.63 -53.93 -93.08
CA LEU AB 237 -52.48 -52.79 -92.19
C LEU AB 237 -53.60 -52.78 -91.15
N PRO AB 238 -53.36 -52.16 -89.99
CA PRO AB 238 -54.43 -52.01 -89.01
C PRO AB 238 -55.47 -51.01 -89.48
N ARG AB 239 -56.57 -50.95 -88.72
CA ARG AB 239 -57.63 -50.00 -89.02
C ARG AB 239 -57.09 -48.58 -88.92
N GLY AB 240 -57.52 -47.73 -89.86
CA GLY AB 240 -57.00 -46.41 -90.00
C GLY AB 240 -55.85 -46.28 -90.97
N LYS AB 241 -55.25 -47.42 -91.38
CA LYS AB 241 -54.19 -47.47 -92.38
C LYS AB 241 -52.99 -46.63 -91.98
N GLY AB 242 -52.78 -46.44 -90.68
CA GLY AB 242 -51.68 -45.62 -90.21
C GLY AB 242 -51.76 -44.18 -90.64
N ILE AB 243 -52.97 -43.62 -90.69
CA ILE AB 243 -53.18 -42.24 -91.11
C ILE AB 243 -53.51 -41.42 -89.87
N ARG AB 244 -52.65 -40.45 -89.56
CA ARG AB 244 -52.81 -39.65 -88.37
C ARG AB 244 -53.83 -38.54 -88.59
N LEU AB 245 -54.87 -38.53 -87.76
CA LEU AB 245 -55.89 -37.50 -87.80
C LEU AB 245 -55.76 -36.62 -86.55
N THR AB 246 -55.82 -35.32 -86.74
CA THR AB 246 -55.74 -34.43 -85.58
C THR AB 246 -57.03 -34.53 -84.77
N ILE AB 247 -57.06 -33.79 -83.67
CA ILE AB 247 -58.14 -33.92 -82.69
C ILE AB 247 -59.49 -33.59 -83.29
N ALA AB 248 -59.55 -32.59 -84.17
CA ALA AB 248 -60.82 -32.17 -84.74
C ALA AB 248 -61.47 -33.26 -85.58
N GLU AB 249 -60.69 -33.91 -86.45
CA GLU AB 249 -61.27 -34.88 -87.35
C GLU AB 249 -61.73 -36.13 -86.62
N GLU AB 250 -60.98 -36.59 -85.62
CA GLU AB 250 -61.47 -37.69 -84.82
C GLU AB 250 -62.65 -37.30 -83.96
N ARG AB 251 -62.74 -36.04 -83.50
CA ARG AB 251 -63.93 -35.60 -82.80
C ARG AB 251 -65.16 -35.70 -83.69
N ASP AB 252 -65.09 -35.13 -84.90
CA ASP AB 252 -66.27 -35.18 -85.75
C ASP AB 252 -66.52 -36.59 -86.30
N LYS AB 253 -65.50 -37.44 -86.39
CA LYS AB 253 -65.73 -38.84 -86.71
C LYS AB 253 -66.52 -39.53 -85.61
N ARG AB 254 -66.16 -39.27 -84.35
CA ARG AB 254 -66.95 -39.79 -83.24
C ARG AB 254 -68.38 -39.29 -83.30
N LEU AB 255 -68.56 -38.01 -83.59
CA LEU AB 255 -69.89 -37.44 -83.68
C LEU AB 255 -70.70 -38.11 -84.79
N ALA AB 256 -70.09 -38.34 -85.95
CA ALA AB 256 -70.77 -38.99 -87.05
C ALA AB 256 -71.13 -40.43 -86.69
N ALA AB 257 -70.22 -41.14 -86.02
CA ALA AB 257 -70.51 -42.52 -85.64
C ALA AB 257 -71.67 -42.58 -84.65
N LYS AB 258 -71.66 -41.71 -83.64
CA LYS AB 258 -72.74 -41.69 -82.67
C LYS AB 258 -74.06 -41.29 -83.32
N GLN AB 259 -74.01 -40.33 -84.25
CA GLN AB 259 -75.23 -39.89 -84.93
C GLN AB 259 -75.79 -40.97 -85.85
N SER AB 260 -74.92 -41.76 -86.48
CA SER AB 260 -75.38 -42.85 -87.32
C SER AB 260 -75.95 -44.00 -86.49
N SER AB 261 -75.33 -44.28 -85.34
CA SER AB 261 -75.83 -45.33 -84.47
C SER AB 261 -77.06 -44.91 -83.68
N GLY AB 262 -77.33 -43.61 -83.57
CA GLY AB 262 -78.48 -43.13 -82.83
C GLY AB 262 -79.53 -42.48 -83.72
N MET BB 1 -11.13 -87.68 -17.01
CA MET BB 1 -10.91 -87.69 -18.44
C MET BB 1 -11.78 -88.74 -19.11
N LYS BB 2 -12.17 -88.50 -20.36
CA LYS BB 2 -12.95 -89.45 -21.11
C LYS BB 2 -12.21 -89.78 -22.40
N LEU BB 3 -12.39 -91.02 -22.86
CA LEU BB 3 -11.72 -91.51 -24.05
C LEU BB 3 -12.77 -92.11 -24.97
N ASN BB 4 -12.89 -91.54 -26.17
CA ASN BB 4 -13.81 -92.06 -27.18
C ASN BB 4 -13.02 -93.04 -28.04
N ILE BB 5 -13.16 -94.32 -27.75
CA ILE BB 5 -12.47 -95.37 -28.49
C ILE BB 5 -13.36 -95.83 -29.64
N SER BB 6 -12.79 -95.87 -30.84
CA SER BB 6 -13.49 -96.40 -31.99
C SER BB 6 -12.60 -97.41 -32.71
N PHE BB 7 -13.21 -98.51 -33.15
CA PHE BB 7 -12.47 -99.55 -33.86
C PHE BB 7 -13.05 -99.70 -35.25
N PRO BB 8 -12.42 -99.14 -36.29
CA PRO BB 8 -13.03 -99.15 -37.63
C PRO BB 8 -13.21 -100.54 -38.21
N ALA BB 9 -12.45 -101.51 -37.74
CA ALA BB 9 -12.54 -102.86 -38.30
C ALA BB 9 -13.89 -103.49 -38.01
N THR BB 10 -14.55 -103.05 -36.94
CA THR BB 10 -15.83 -103.62 -36.54
C THR BB 10 -16.89 -102.56 -36.25
N GLY BB 11 -16.57 -101.29 -36.41
CA GLY BB 11 -17.44 -100.26 -35.87
C GLY BB 11 -17.40 -100.30 -34.36
N CYS BB 12 -18.57 -100.14 -33.75
CA CYS BB 12 -18.77 -100.39 -32.32
C CYS BB 12 -17.83 -99.55 -31.46
N GLN BB 13 -18.01 -98.24 -31.54
CA GLN BB 13 -17.26 -97.33 -30.70
C GLN BB 13 -17.92 -97.21 -29.34
N LYS BB 14 -17.14 -96.83 -28.33
CA LYS BB 14 -17.71 -96.52 -27.03
C LYS BB 14 -16.78 -95.61 -26.26
N LEU BB 15 -17.28 -95.07 -25.16
CA LEU BB 15 -16.53 -94.15 -24.33
C LEU BB 15 -16.07 -94.86 -23.06
N ILE BB 16 -14.92 -94.41 -22.55
CA ILE BB 16 -14.31 -94.97 -21.35
C ILE BB 16 -13.96 -93.82 -20.43
N GLU BB 17 -14.36 -93.93 -19.16
CA GLU BB 17 -14.08 -92.90 -18.16
C GLU BB 17 -12.81 -93.29 -17.42
N VAL BB 18 -11.73 -92.54 -17.64
CA VAL BB 18 -10.46 -92.77 -16.98
C VAL BB 18 -10.21 -91.59 -16.04
N ASP BB 19 -9.90 -91.90 -14.79
CA ASP BB 19 -9.69 -90.88 -13.77
C ASP BB 19 -8.29 -90.94 -13.18
N ASP BB 20 -7.38 -91.63 -13.83
CA ASP BB 20 -6.00 -91.75 -13.39
C ASP BB 20 -5.07 -91.08 -14.40
N GLU BB 21 -4.25 -90.16 -13.91
CA GLU BB 21 -3.32 -89.45 -14.78
C GLU BB 21 -2.14 -90.32 -15.19
N ARG BB 22 -1.84 -91.37 -14.43
CA ARG BB 22 -0.71 -92.23 -14.76
C ARG BB 22 -0.92 -92.92 -16.10
N LYS BB 23 -2.17 -93.30 -16.39
CA LYS BB 23 -2.48 -93.96 -17.64
C LYS BB 23 -2.49 -92.99 -18.82
N LEU BB 24 -2.86 -91.74 -18.59
CA LEU BB 24 -2.96 -90.75 -19.66
C LEU BB 24 -1.67 -89.99 -19.89
N ARG BB 25 -0.70 -90.11 -18.99
CA ARG BB 25 0.55 -89.40 -19.15
C ARG BB 25 1.32 -89.85 -20.39
N THR BB 26 1.11 -91.09 -20.85
CA THR BB 26 1.70 -91.49 -22.12
C THR BB 26 1.02 -90.79 -23.29
N PHE BB 27 -0.27 -90.52 -23.18
CA PHE BB 27 -0.97 -89.74 -24.21
C PHE BB 27 -0.56 -88.28 -24.19
N TYR BB 28 -0.09 -87.78 -23.05
CA TYR BB 28 0.27 -86.38 -22.95
C TYR BB 28 1.46 -86.04 -23.87
N GLU BB 29 1.50 -84.79 -24.31
CA GLU BB 29 2.54 -84.25 -25.18
C GLU BB 29 2.63 -84.98 -26.51
N LYS BB 30 1.50 -85.48 -27.00
CA LYS BB 30 1.44 -86.16 -28.28
C LYS BB 30 0.44 -85.44 -29.17
N ARG BB 31 0.83 -85.24 -30.43
CA ARG BB 31 -0.03 -84.54 -31.37
C ARG BB 31 -1.05 -85.50 -31.98
N MET BB 32 -1.94 -84.95 -32.80
CA MET BB 32 -2.92 -85.77 -33.49
C MET BB 32 -2.25 -86.55 -34.62
N ALA BB 33 -2.98 -87.53 -35.15
CA ALA BB 33 -2.52 -88.41 -36.22
C ALA BB 33 -1.21 -89.11 -35.84
N THR BB 34 -1.08 -89.47 -34.57
CA THR BB 34 0.05 -90.23 -34.08
C THR BB 34 -0.45 -91.51 -33.43
N GLU BB 35 0.31 -92.59 -33.64
CA GLU BB 35 -0.01 -93.88 -33.06
C GLU BB 35 0.79 -94.08 -31.78
N VAL BB 36 0.11 -94.49 -30.71
CA VAL BB 36 0.72 -94.71 -29.42
C VAL BB 36 0.18 -96.03 -28.85
N ALA BB 37 1.05 -96.80 -28.21
CA ALA BB 37 0.62 -98.03 -27.56
C ALA BB 37 -0.19 -97.71 -26.32
N ALA BB 38 -1.35 -98.34 -26.20
CA ALA BB 38 -2.29 -98.10 -25.09
C ALA BB 38 -2.09 -99.08 -23.95
N ASP BB 39 -0.86 -99.56 -23.75
CA ASP BB 39 -0.60 -100.55 -22.72
C ASP BB 39 -0.81 -100.00 -21.32
N ALA BB 40 -0.79 -98.67 -21.15
CA ALA BB 40 -0.99 -98.07 -19.84
C ALA BB 40 -2.41 -98.27 -19.32
N LEU BB 41 -3.37 -98.61 -20.18
CA LEU BB 41 -4.76 -98.80 -19.77
C LEU BB 41 -4.98 -100.23 -19.27
N GLY BB 42 -4.28 -100.57 -18.20
CA GLY BB 42 -4.46 -101.88 -17.62
C GLY BB 42 -3.85 -102.99 -18.47
N GLU BB 43 -4.25 -104.22 -18.14
CA GLU BB 43 -3.70 -105.39 -18.79
C GLU BB 43 -4.49 -105.80 -20.03
N GLU BB 44 -5.79 -105.56 -20.04
CA GLU BB 44 -6.60 -105.96 -21.18
C GLU BB 44 -6.25 -105.13 -22.42
N TRP BB 45 -5.73 -103.93 -22.22
CA TRP BB 45 -5.30 -103.07 -23.31
C TRP BB 45 -3.84 -103.26 -23.67
N LYS BB 46 -3.25 -104.36 -23.24
CA LYS BB 46 -1.87 -104.67 -23.60
C LYS BB 46 -1.81 -105.07 -25.07
N GLY BB 47 -0.73 -104.67 -25.73
CA GLY BB 47 -0.55 -105.01 -27.14
C GLY BB 47 -1.40 -104.21 -28.11
N TYR BB 48 -2.04 -103.15 -27.66
CA TYR BB 48 -2.91 -102.33 -28.50
C TYR BB 48 -2.21 -101.04 -28.90
N VAL BB 49 -2.47 -100.59 -30.12
CA VAL BB 49 -1.95 -99.33 -30.63
C VAL BB 49 -3.11 -98.50 -31.15
N VAL BB 50 -3.20 -97.25 -30.69
CA VAL BB 50 -4.30 -96.37 -31.03
C VAL BB 50 -3.75 -95.08 -31.61
N ARG BB 51 -4.43 -94.55 -32.63
CA ARG BB 51 -4.10 -93.27 -33.23
C ARG BB 51 -4.97 -92.19 -32.61
N ILE BB 52 -4.35 -91.07 -32.25
CA ILE BB 52 -5.08 -89.96 -31.63
C ILE BB 52 -5.73 -89.14 -32.73
N SER BB 53 -7.06 -89.27 -32.85
CA SER BB 53 -7.79 -88.71 -33.99
C SER BB 53 -8.46 -87.38 -33.72
N GLY BB 54 -8.69 -87.02 -32.46
CA GLY BB 54 -9.37 -85.78 -32.17
C GLY BB 54 -9.54 -85.60 -30.69
N GLY BB 55 -10.39 -84.65 -30.31
CA GLY BB 55 -10.65 -84.40 -28.91
C GLY BB 55 -11.48 -83.15 -28.72
N ASN BB 56 -11.57 -82.74 -27.46
CA ASN BB 56 -12.28 -81.53 -27.06
C ASN BB 56 -11.63 -80.97 -25.82
N ASP BB 57 -11.48 -79.65 -25.78
CA ASP BB 57 -10.93 -79.01 -24.60
C ASP BB 57 -11.97 -79.03 -23.48
N LYS BB 58 -11.58 -78.52 -22.31
CA LYS BB 58 -12.51 -78.50 -21.19
C LYS BB 58 -13.66 -77.53 -21.44
N GLN BB 59 -13.43 -76.50 -22.25
CA GLN BB 59 -14.51 -75.59 -22.62
C GLN BB 59 -15.34 -76.13 -23.77
N GLY BB 60 -14.99 -77.28 -24.33
CA GLY BB 60 -15.74 -77.89 -25.40
C GLY BB 60 -15.24 -77.59 -26.79
N PHE BB 61 -14.18 -76.81 -26.92
CA PHE BB 61 -13.71 -76.44 -28.25
C PHE BB 61 -12.94 -77.58 -28.88
N PRO BB 62 -13.30 -78.00 -30.09
CA PRO BB 62 -12.59 -79.12 -30.72
C PRO BB 62 -11.16 -78.75 -31.06
N MET BB 63 -10.31 -79.75 -31.14
CA MET BB 63 -8.91 -79.55 -31.49
C MET BB 63 -8.71 -79.79 -32.97
N LYS BB 64 -7.98 -78.89 -33.62
CA LYS BB 64 -7.75 -78.94 -35.05
C LYS BB 64 -6.32 -79.40 -35.33
N GLN BB 65 -6.19 -80.27 -36.32
CA GLN BB 65 -4.87 -80.71 -36.74
C GLN BB 65 -4.06 -79.54 -37.30
N GLY BB 66 -2.76 -79.52 -37.00
CA GLY BB 66 -1.87 -78.55 -37.59
C GLY BB 66 -1.69 -77.27 -36.81
N VAL BB 67 -2.37 -77.11 -35.68
CA VAL BB 67 -2.21 -75.88 -34.90
C VAL BB 67 -0.83 -75.84 -34.25
N LEU BB 68 -0.38 -76.96 -33.69
CA LEU BB 68 0.93 -77.08 -33.05
C LEU BB 68 1.07 -76.12 -31.88
N THR BB 69 0.15 -76.26 -30.92
CA THR BB 69 0.26 -75.57 -29.65
C THR BB 69 -0.65 -76.27 -28.64
N HIS BB 70 -0.43 -75.96 -27.37
CA HIS BB 70 -1.33 -76.38 -26.31
C HIS BB 70 -2.08 -75.15 -25.81
N GLY BB 71 -3.41 -75.22 -25.85
CA GLY BB 71 -4.22 -74.06 -25.57
C GLY BB 71 -5.16 -73.76 -26.73
N ARG BB 72 -5.57 -72.51 -26.88
CA ARG BB 72 -6.54 -72.14 -27.89
C ARG BB 72 -6.01 -71.03 -28.77
N VAL BB 73 -6.46 -71.01 -30.02
CA VAL BB 73 -6.19 -69.93 -30.95
C VAL BB 73 -7.47 -69.62 -31.72
N ARG BB 74 -7.59 -68.36 -32.14
CA ARG BB 74 -8.69 -67.94 -32.99
C ARG BB 74 -8.23 -67.97 -34.43
N LEU BB 75 -8.98 -68.65 -35.28
CA LEU BB 75 -8.60 -68.84 -36.67
C LEU BB 75 -9.75 -68.46 -37.59
N LEU BB 76 -9.42 -67.86 -38.73
CA LEU BB 76 -10.39 -67.55 -39.76
C LEU BB 76 -10.59 -68.81 -40.61
N LEU BB 77 -11.79 -69.38 -40.56
CA LEU BB 77 -12.06 -70.68 -41.15
C LEU BB 77 -12.90 -70.54 -42.40
N SER BB 78 -12.42 -71.10 -43.51
CA SER BB 78 -13.13 -71.05 -44.77
C SER BB 78 -13.98 -72.31 -44.93
N LYS BB 79 -14.50 -72.52 -46.13
CA LYS BB 79 -15.36 -73.67 -46.38
C LYS BB 79 -14.55 -74.96 -46.37
N GLY BB 80 -14.97 -75.91 -45.55
CA GLY BB 80 -14.38 -77.23 -45.54
C GLY BB 80 -12.97 -77.30 -44.99
N HIS BB 81 -12.60 -76.40 -44.07
CA HIS BB 81 -11.30 -76.57 -43.42
C HIS BB 81 -11.40 -77.59 -42.30
N SER BB 82 -12.11 -77.24 -41.23
CA SER BB 82 -12.44 -78.09 -40.09
C SER BB 82 -13.20 -77.25 -39.09
N CYS BB 83 -13.93 -77.91 -38.20
CA CYS BB 83 -14.51 -77.30 -37.01
C CYS BB 83 -15.50 -76.19 -37.31
N TYR BB 84 -16.00 -76.10 -38.55
CA TYR BB 84 -16.85 -75.01 -38.94
C TYR BB 84 -17.52 -75.36 -40.27
N ARG BB 85 -18.81 -75.04 -40.37
CA ARG BB 85 -19.50 -75.18 -41.64
C ARG BB 85 -20.12 -73.84 -42.04
N PRO BB 86 -20.09 -73.50 -43.31
CA PRO BB 86 -20.54 -72.17 -43.73
C PRO BB 86 -22.05 -72.09 -43.89
N ARG BB 87 -22.63 -71.01 -43.39
CA ARG BB 87 -24.06 -70.78 -43.53
C ARG BB 87 -24.44 -70.20 -44.88
N ARG BB 88 -23.47 -69.68 -45.63
CA ARG BB 88 -23.73 -69.19 -46.97
C ARG BB 88 -22.43 -69.27 -47.77
N THR BB 89 -22.57 -69.19 -49.08
CA THR BB 89 -21.44 -69.41 -49.97
C THR BB 89 -20.39 -68.33 -49.78
N GLY BB 90 -19.15 -68.75 -49.60
CA GLY BB 90 -18.04 -67.84 -49.42
C GLY BB 90 -17.89 -67.28 -48.02
N GLU BB 91 -18.74 -67.67 -47.08
CA GLU BB 91 -18.67 -67.13 -45.74
C GLU BB 91 -17.49 -67.70 -44.98
N ARG BB 92 -16.72 -66.83 -44.35
CA ARG BB 92 -15.67 -67.23 -43.42
C ARG BB 92 -16.00 -66.62 -42.06
N LYS BB 93 -15.45 -67.22 -41.01
CA LYS BB 93 -15.74 -66.74 -39.67
C LYS BB 93 -14.59 -67.12 -38.75
N ARG BB 94 -14.28 -66.24 -37.81
CA ARG BB 94 -13.22 -66.50 -36.84
C ARG BB 94 -13.78 -67.34 -35.70
N LYS BB 95 -13.14 -68.48 -35.45
CA LYS BB 95 -13.58 -69.42 -34.43
C LYS BB 95 -12.42 -69.76 -33.50
N SER BB 96 -12.76 -70.01 -32.24
CA SER BB 96 -11.77 -70.53 -31.31
C SER BB 96 -11.60 -72.02 -31.51
N VAL BB 97 -10.34 -72.48 -31.51
CA VAL BB 97 -10.02 -73.90 -31.65
C VAL BB 97 -8.91 -74.26 -30.68
N ARG BB 98 -8.82 -75.55 -30.41
CA ARG BB 98 -7.82 -76.14 -29.54
C ARG BB 98 -6.65 -76.66 -30.37
N GLY BB 99 -5.45 -76.55 -29.82
CA GLY BB 99 -4.28 -77.04 -30.51
C GLY BB 99 -4.25 -78.56 -30.59
N CYS BB 100 -3.36 -79.06 -31.45
CA CYS BB 100 -3.25 -80.49 -31.68
C CYS BB 100 -2.46 -81.22 -30.60
N ILE BB 101 -1.80 -80.49 -29.71
CA ILE BB 101 -1.00 -81.12 -28.66
C ILE BB 101 -1.90 -81.55 -27.51
N VAL BB 102 -1.75 -82.78 -27.07
CA VAL BB 102 -2.54 -83.34 -25.99
C VAL BB 102 -1.89 -83.00 -24.66
N ASP BB 103 -2.70 -82.68 -23.66
CA ASP BB 103 -2.20 -82.48 -22.30
C ASP BB 103 -3.29 -82.90 -21.32
N ALA BB 104 -3.08 -82.54 -20.05
CA ALA BB 104 -4.07 -82.88 -19.02
C ALA BB 104 -5.31 -82.03 -19.13
N ASN BB 105 -5.19 -80.81 -19.67
CA ASN BB 105 -6.31 -79.89 -19.79
C ASN BB 105 -7.12 -80.28 -21.01
N LEU BB 106 -8.05 -81.21 -20.81
CA LEU BB 106 -8.82 -81.79 -21.91
C LEU BB 106 -9.96 -82.60 -21.32
N SER BB 107 -11.06 -82.70 -22.06
CA SER BB 107 -12.25 -83.38 -21.58
C SER BB 107 -12.39 -84.79 -22.17
N VAL BB 108 -12.47 -84.90 -23.50
CA VAL BB 108 -12.64 -86.16 -24.19
C VAL BB 108 -11.56 -86.25 -25.25
N LEU BB 109 -10.86 -87.39 -25.29
CA LEU BB 109 -9.83 -87.63 -26.29
C LEU BB 109 -10.32 -88.73 -27.23
N ASN BB 110 -10.36 -88.42 -28.52
CA ASN BB 110 -10.82 -89.37 -29.52
C ASN BB 110 -9.64 -90.21 -29.99
N LEU BB 111 -9.77 -91.53 -29.87
CA LEU BB 111 -8.71 -92.45 -30.26
C LEU BB 111 -9.30 -93.61 -31.05
N VAL BB 112 -8.51 -94.07 -32.02
CA VAL BB 112 -8.94 -95.04 -33.01
C VAL BB 112 -7.99 -96.22 -32.95
N ILE BB 113 -8.54 -97.40 -32.66
CA ILE BB 113 -7.69 -98.60 -32.56
C ILE BB 113 -7.27 -98.99 -33.97
N VAL BB 114 -5.99 -98.83 -34.27
CA VAL BB 114 -5.46 -99.25 -35.56
C VAL BB 114 -4.81 -100.63 -35.51
N LYS BB 115 -4.41 -101.09 -34.32
CA LYS BB 115 -3.79 -102.40 -34.18
C LYS BB 115 -4.43 -103.14 -33.01
N LYS BB 116 -4.77 -104.40 -33.23
CA LYS BB 116 -5.42 -105.22 -32.22
C LYS BB 116 -4.39 -105.80 -31.26
N GLY BB 117 -4.84 -106.06 -30.04
CA GLY BB 117 -4.00 -106.66 -29.02
C GLY BB 117 -4.16 -108.16 -28.94
N GLU BB 118 -3.42 -108.75 -27.99
CA GLU BB 118 -3.46 -110.20 -27.83
C GLU BB 118 -4.82 -110.67 -27.30
N LYS BB 119 -5.50 -109.83 -26.54
CA LYS BB 119 -6.80 -110.17 -25.99
C LYS BB 119 -7.90 -109.42 -26.73
N ASP BB 120 -9.13 -109.57 -26.25
CA ASP BB 120 -10.30 -108.93 -26.84
C ASP BB 120 -10.91 -107.98 -25.81
N ILE BB 121 -11.06 -106.72 -26.20
CA ILE BB 121 -11.71 -105.74 -25.33
C ILE BB 121 -13.20 -106.01 -25.28
N PRO BB 122 -13.81 -106.14 -24.11
CA PRO BB 122 -15.24 -106.46 -24.04
C PRO BB 122 -16.09 -105.32 -24.58
N GLY BB 123 -17.03 -105.66 -25.46
CA GLY BB 123 -17.92 -104.69 -26.05
C GLY BB 123 -17.34 -103.94 -27.23
N LEU BB 124 -16.08 -104.17 -27.57
CA LEU BB 124 -15.44 -103.48 -28.68
C LEU BB 124 -15.07 -104.44 -29.81
N THR BB 125 -14.27 -105.45 -29.53
CA THR BB 125 -13.83 -106.42 -30.53
C THR BB 125 -14.79 -107.61 -30.59
N ASP BB 126 -16.07 -107.29 -30.76
CA ASP BB 126 -17.14 -108.28 -30.80
C ASP BB 126 -18.37 -107.59 -31.35
N THR BB 127 -19.40 -108.39 -31.63
CA THR BB 127 -20.70 -107.94 -32.12
C THR BB 127 -20.55 -106.96 -33.29
N THR BB 128 -19.93 -107.46 -34.35
CA THR BB 128 -19.63 -106.63 -35.51
C THR BB 128 -20.90 -106.07 -36.12
N VAL BB 129 -20.90 -104.76 -36.38
CA VAL BB 129 -22.02 -104.08 -37.00
C VAL BB 129 -21.71 -103.88 -38.48
N PRO BB 130 -22.68 -103.99 -39.37
CA PRO BB 130 -22.41 -103.86 -40.79
C PRO BB 130 -22.39 -102.39 -41.21
N ARG BB 131 -21.89 -102.15 -42.41
CA ARG BB 131 -22.14 -100.88 -43.06
C ARG BB 131 -23.62 -100.77 -43.40
N ARG BB 132 -24.21 -99.61 -43.14
CA ARG BB 132 -25.67 -99.49 -43.17
C ARG BB 132 -26.26 -99.73 -44.55
N LEU BB 133 -25.48 -99.57 -45.61
CA LEU BB 133 -26.00 -99.65 -46.96
C LEU BB 133 -24.86 -99.85 -47.93
N GLY BB 134 -25.04 -100.79 -48.84
CA GLY BB 134 -23.98 -101.23 -49.73
C GLY BB 134 -23.74 -100.26 -50.86
N PRO BB 135 -22.85 -100.64 -51.78
CA PRO BB 135 -22.49 -99.74 -52.87
C PRO BB 135 -23.67 -99.50 -53.80
N LYS BB 136 -23.68 -98.30 -54.38
CA LYS BB 136 -24.74 -97.85 -55.27
C LYS BB 136 -24.28 -97.70 -56.71
N ARG BB 137 -23.03 -97.35 -56.95
CA ARG BB 137 -22.53 -97.24 -58.32
C ARG BB 137 -22.27 -98.61 -58.90
N ALA BB 138 -22.49 -98.72 -60.22
CA ALA BB 138 -22.26 -99.99 -60.91
C ALA BB 138 -20.80 -100.41 -60.81
N SER BB 139 -19.89 -99.45 -60.94
CA SER BB 139 -18.47 -99.76 -60.80
C SER BB 139 -18.13 -100.23 -59.40
N ARG BB 140 -18.76 -99.64 -58.39
CA ARG BB 140 -18.51 -100.07 -57.02
C ARG BB 140 -19.02 -101.49 -56.78
N ILE BB 141 -20.19 -101.82 -57.33
CA ILE BB 141 -20.66 -103.21 -57.25
C ILE BB 141 -19.69 -104.13 -57.97
N ARG BB 142 -19.19 -103.70 -59.13
CA ARG BB 142 -18.30 -104.51 -59.92
C ARG BB 142 -17.01 -104.81 -59.18
N LYS BB 143 -16.44 -103.81 -58.52
CA LYS BB 143 -15.23 -104.05 -57.75
C LYS BB 143 -15.51 -104.78 -56.45
N LEU BB 144 -16.75 -104.72 -55.95
CA LEU BB 144 -17.07 -105.47 -54.74
C LEU BB 144 -17.19 -106.97 -55.00
N PHE BB 145 -17.75 -107.35 -56.15
CA PHE BB 145 -17.96 -108.77 -56.44
C PHE BB 145 -17.15 -109.27 -57.64
N ASN BB 146 -16.11 -108.54 -58.05
CA ASN BB 146 -15.19 -108.95 -59.12
C ASN BB 146 -15.91 -109.28 -60.42
N LEU BB 147 -16.92 -108.49 -60.78
CA LEU BB 147 -17.59 -108.67 -62.06
C LEU BB 147 -16.64 -108.33 -63.19
N SER BB 148 -16.70 -109.10 -64.27
CA SER BB 148 -15.89 -108.81 -65.45
C SER BB 148 -16.67 -108.02 -66.49
N LYS BB 149 -17.71 -108.60 -67.07
CA LYS BB 149 -18.47 -107.99 -68.17
C LYS BB 149 -19.82 -108.66 -68.24
N GLU BB 150 -20.88 -107.91 -67.93
CA GLU BB 150 -22.26 -108.35 -68.16
C GLU BB 150 -22.58 -109.66 -67.43
N ASP BB 151 -22.03 -109.84 -66.23
CA ASP BB 151 -22.35 -111.02 -65.44
C ASP BB 151 -23.43 -110.71 -64.40
N ASP BB 152 -24.60 -110.32 -64.91
CA ASP BB 152 -25.76 -110.04 -64.08
C ASP BB 152 -25.43 -108.94 -63.06
N VAL BB 153 -24.73 -107.91 -63.54
CA VAL BB 153 -24.31 -106.82 -62.67
C VAL BB 153 -25.53 -106.09 -62.11
N ARG BB 154 -26.61 -106.04 -62.89
CA ARG BB 154 -27.83 -105.41 -62.42
C ARG BB 154 -28.40 -106.12 -61.20
N GLN BB 155 -28.43 -107.44 -61.22
CA GLN BB 155 -29.03 -108.18 -60.11
C GLN BB 155 -28.03 -108.54 -59.02
N TYR BB 156 -26.74 -108.24 -59.21
CA TYR BB 156 -25.79 -108.50 -58.15
C TYR BB 156 -25.82 -107.46 -57.03
N VAL BB 157 -26.62 -106.41 -57.18
CA VAL BB 157 -26.70 -105.38 -56.15
C VAL BB 157 -27.30 -105.97 -54.88
N VAL BB 158 -26.71 -105.60 -53.73
CA VAL BB 158 -27.25 -106.02 -52.46
C VAL BB 158 -28.64 -105.43 -52.28
N ARG BB 159 -29.58 -106.26 -51.86
CA ARG BB 159 -30.98 -105.86 -51.71
C ARG BB 159 -31.36 -106.02 -50.24
N LYS BB 160 -31.62 -104.90 -49.57
CA LYS BB 160 -31.75 -105.10 -48.13
C LYS BB 160 -33.21 -105.34 -47.76
N PRO BB 161 -33.47 -106.32 -46.91
CA PRO BB 161 -34.84 -106.50 -46.39
C PRO BB 161 -35.07 -105.66 -45.16
N LEU BB 162 -36.28 -105.12 -45.06
CA LEU BB 162 -36.72 -104.35 -43.93
C LEU BB 162 -38.04 -104.91 -43.44
N ASN BB 163 -38.15 -105.04 -42.12
CA ASN BB 163 -39.25 -105.77 -41.49
C ASN BB 163 -39.82 -104.89 -40.38
N LYS BB 164 -40.85 -104.11 -40.72
CA LYS BB 164 -41.55 -103.32 -39.72
C LYS BB 164 -42.73 -104.14 -39.19
N GLU BB 165 -42.97 -103.99 -37.88
CA GLU BB 165 -43.90 -104.86 -37.18
C GLU BB 165 -45.34 -104.69 -37.68
N GLY BB 166 -45.74 -103.47 -37.99
CA GLY BB 166 -47.13 -103.22 -38.34
C GLY BB 166 -47.42 -103.25 -39.83
N LYS BB 167 -46.62 -103.98 -40.60
CA LYS BB 167 -46.82 -104.02 -42.04
C LYS BB 167 -46.18 -105.29 -42.59
N LYS BB 168 -46.53 -105.61 -43.83
CA LYS BB 168 -45.95 -106.78 -44.48
C LYS BB 168 -44.49 -106.53 -44.82
N PRO BB 169 -43.56 -107.33 -44.28
CA PRO BB 169 -42.14 -107.05 -44.48
C PRO BB 169 -41.75 -107.09 -45.95
N ARG BB 170 -40.84 -106.19 -46.34
CA ARG BB 170 -40.51 -106.05 -47.75
C ARG BB 170 -39.01 -105.90 -47.90
N THR BB 171 -38.50 -106.28 -49.07
CA THR BB 171 -37.09 -106.12 -49.40
C THR BB 171 -36.95 -105.09 -50.51
N LYS BB 172 -36.04 -104.13 -50.30
CA LYS BB 172 -35.91 -102.95 -51.14
C LYS BB 172 -34.49 -102.85 -51.65
N ALA BB 173 -34.34 -102.47 -52.90
CA ALA BB 173 -33.04 -102.30 -53.52
C ALA BB 173 -32.87 -100.87 -54.02
N PRO BB 174 -31.69 -100.30 -53.86
CA PRO BB 174 -31.44 -98.94 -54.35
C PRO BB 174 -31.21 -98.89 -55.85
N LYS BB 175 -31.59 -97.75 -56.42
CA LYS BB 175 -31.27 -97.47 -57.82
C LYS BB 175 -29.76 -97.40 -58.01
N ILE BB 176 -29.27 -98.05 -59.07
CA ILE BB 176 -27.85 -98.10 -59.35
C ILE BB 176 -27.55 -97.10 -60.46
N GLN BB 177 -26.55 -96.26 -60.23
CA GLN BB 177 -26.19 -95.20 -61.17
C GLN BB 177 -25.00 -95.62 -62.02
N ARG BB 178 -24.78 -94.83 -63.08
CA ARG BB 178 -23.70 -95.06 -64.04
C ARG BB 178 -23.79 -96.46 -64.63
N LEU BB 179 -24.92 -96.75 -65.26
CA LEU BB 179 -25.16 -98.03 -65.89
C LEU BB 179 -25.02 -97.91 -67.41
N VAL BB 180 -25.25 -99.02 -68.10
CA VAL BB 180 -25.49 -99.03 -69.53
C VAL BB 180 -26.95 -99.39 -69.72
N THR BB 181 -27.74 -98.45 -70.21
CA THR BB 181 -29.18 -98.58 -70.32
C THR BB 181 -29.61 -98.25 -71.75
N PRO BB 182 -30.65 -98.91 -72.25
CA PRO BB 182 -31.17 -98.52 -73.57
C PRO BB 182 -31.50 -97.05 -73.67
N ARG BB 183 -32.02 -96.44 -72.60
CA ARG BB 183 -32.27 -94.99 -72.63
C ARG BB 183 -30.98 -94.20 -72.76
N VAL BB 184 -29.92 -94.65 -72.09
CA VAL BB 184 -28.62 -93.99 -72.21
C VAL BB 184 -28.11 -94.08 -73.64
N LEU BB 185 -28.26 -95.26 -74.25
CA LEU BB 185 -27.86 -95.41 -75.65
C LEU BB 185 -28.70 -94.53 -76.56
N GLN BB 186 -29.99 -94.38 -76.24
CA GLN BB 186 -30.84 -93.47 -77.01
C GLN BB 186 -30.32 -92.05 -76.92
N HIS BB 187 -29.94 -91.62 -75.72
CA HIS BB 187 -29.43 -90.26 -75.55
C HIS BB 187 -28.15 -90.05 -76.35
N LYS BB 188 -27.24 -91.03 -76.31
CA LYS BB 188 -25.99 -90.88 -77.03
C LYS BB 188 -26.22 -90.86 -78.54
N ARG BB 189 -27.06 -91.76 -79.04
CA ARG BB 189 -27.40 -91.75 -80.46
C ARG BB 189 -28.11 -90.47 -80.84
N ARG BB 190 -28.90 -89.91 -79.93
CA ARG BB 190 -29.55 -88.63 -80.18
C ARG BB 190 -28.53 -87.53 -80.39
N ARG BB 191 -27.52 -87.48 -79.53
CA ARG BB 191 -26.46 -86.48 -79.70
C ARG BB 191 -25.73 -86.68 -81.01
N ILE BB 192 -25.46 -87.94 -81.37
CA ILE BB 192 -24.75 -88.21 -82.61
C ILE BB 192 -25.59 -87.79 -83.82
N ALA BB 193 -26.90 -88.05 -83.77
CA ALA BB 193 -27.79 -87.62 -84.85
C ALA BB 193 -27.84 -86.10 -84.95
N LEU BB 194 -27.84 -85.40 -83.81
CA LEU BB 194 -27.73 -83.95 -83.84
C LEU BB 194 -26.46 -83.50 -84.54
N LYS BB 195 -25.33 -84.14 -84.24
CA LYS BB 195 -24.09 -83.84 -84.96
C LYS BB 195 -24.26 -84.06 -86.46
N LYS BB 196 -24.89 -85.17 -86.83
CA LYS BB 196 -25.13 -85.52 -88.22
C LYS BB 196 -25.87 -84.42 -88.96
N GLN BB 197 -27.10 -84.12 -88.52
CA GLN BB 197 -27.89 -83.15 -89.27
C GLN BB 197 -27.33 -81.73 -89.14
N ARG BB 198 -26.62 -81.42 -88.06
CA ARG BB 198 -25.99 -80.11 -87.98
C ARG BB 198 -24.91 -79.95 -89.03
N THR BB 199 -24.06 -80.97 -89.18
CA THR BB 199 -23.04 -80.93 -90.23
C THR BB 199 -23.67 -80.92 -91.61
N LYS BB 200 -24.74 -81.69 -91.79
CA LYS BB 200 -25.44 -81.71 -93.07
C LYS BB 200 -25.99 -80.33 -93.43
N LYS BB 201 -26.60 -79.65 -92.45
CA LYS BB 201 -27.08 -78.29 -92.66
C LYS BB 201 -25.93 -77.36 -92.98
N ASN BB 202 -24.82 -77.49 -92.25
CA ASN BB 202 -23.67 -76.62 -92.46
C ASN BB 202 -23.14 -76.73 -93.88
N LYS BB 203 -23.15 -77.95 -94.42
CA LYS BB 203 -22.74 -78.14 -95.81
C LYS BB 203 -23.77 -77.56 -96.78
N GLU BB 204 -25.04 -77.85 -96.54
CA GLU BB 204 -26.10 -77.45 -97.48
C GLU BB 204 -26.14 -75.95 -97.65
N GLU BB 205 -26.20 -75.22 -96.53
CA GLU BB 205 -26.34 -73.77 -96.58
C GLU BB 205 -25.16 -73.13 -97.29
N ALA BB 206 -23.95 -73.64 -97.07
CA ALA BB 206 -22.80 -73.15 -97.82
C ALA BB 206 -22.99 -73.38 -99.32
N ALA BB 207 -23.54 -74.53 -99.70
CA ALA BB 207 -23.77 -74.77 -101.13
C ALA BB 207 -24.76 -73.78 -101.73
N GLU BB 208 -25.90 -73.58 -101.07
CA GLU BB 208 -26.89 -72.66 -101.62
C GLU BB 208 -26.38 -71.22 -101.61
N TYR BB 209 -25.62 -70.84 -100.59
CA TYR BB 209 -25.03 -69.50 -100.60
C TYR BB 209 -24.01 -69.35 -101.71
N ALA BB 210 -23.29 -70.42 -102.05
CA ALA BB 210 -22.40 -70.38 -103.19
C ALA BB 210 -23.17 -70.10 -104.47
N LYS BB 211 -24.30 -70.79 -104.65
CA LYS BB 211 -25.14 -70.53 -105.82
C LYS BB 211 -25.61 -69.08 -105.87
N LEU BB 212 -26.09 -68.57 -104.74
CA LEU BB 212 -26.63 -67.21 -104.69
C LEU BB 212 -25.54 -66.17 -104.98
N LEU BB 213 -24.37 -66.32 -104.35
CA LEU BB 213 -23.29 -65.39 -104.62
C LEU BB 213 -22.81 -65.50 -106.06
N ALA BB 214 -22.86 -66.70 -106.63
CA ALA BB 214 -22.47 -66.86 -108.03
C ALA BB 214 -23.38 -66.03 -108.93
N LYS BB 215 -24.70 -66.11 -108.71
CA LYS BB 215 -25.58 -65.33 -109.58
C LYS BB 215 -25.43 -63.83 -109.33
N ARG BB 216 -25.22 -63.40 -108.08
CA ARG BB 216 -25.08 -61.96 -107.82
C ARG BB 216 -23.81 -61.40 -108.45
N MET BB 217 -22.68 -62.10 -108.28
CA MET BB 217 -21.43 -61.65 -108.88
C MET BB 217 -21.50 -61.69 -110.40
N LYS BB 218 -22.15 -62.71 -110.97
CA LYS BB 218 -22.34 -62.75 -112.41
C LYS BB 218 -23.17 -61.57 -112.88
N GLU BB 219 -24.16 -61.17 -112.10
CA GLU BB 219 -24.95 -59.97 -112.43
C GLU BB 219 -24.07 -58.72 -112.44
N ALA BB 220 -23.20 -58.59 -111.45
CA ALA BB 220 -22.31 -57.42 -111.39
C ALA BB 220 -21.38 -57.38 -112.61
N LYS BB 221 -20.76 -58.51 -112.95
CA LYS BB 221 -19.91 -58.55 -114.14
C LYS BB 221 -20.71 -58.36 -115.41
N GLU BB 222 -22.00 -58.74 -115.42
CA GLU BB 222 -22.87 -58.42 -116.55
C GLU BB 222 -23.04 -56.92 -116.70
N LYS BB 223 -23.19 -56.22 -115.58
CA LYS BB 223 -23.26 -54.75 -115.65
C LYS BB 223 -21.98 -54.18 -116.24
N ARG BB 224 -20.82 -54.68 -115.78
CA ARG BB 224 -19.56 -54.19 -116.31
C ARG BB 224 -19.44 -54.46 -117.80
N GLN BB 225 -19.82 -55.66 -118.24
CA GLN BB 225 -19.81 -55.97 -119.66
C GLN BB 225 -20.78 -55.09 -120.44
N GLU BB 226 -21.88 -54.67 -119.80
CA GLU BB 226 -22.81 -53.78 -120.47
C GLU BB 226 -22.21 -52.40 -120.69
N GLN BB 227 -21.48 -51.87 -119.70
CA GLN BB 227 -20.78 -50.61 -119.95
C GLN BB 227 -19.67 -50.78 -120.97
N ILE BB 228 -19.03 -51.96 -121.01
CA ILE BB 228 -18.06 -52.25 -122.06
C ILE BB 228 -18.74 -52.20 -123.42
N ALA BB 229 -19.93 -52.78 -123.53
CA ALA BB 229 -20.68 -52.73 -124.78
C ALA BB 229 -21.03 -51.30 -125.16
N LYS BB 230 -21.42 -50.49 -124.18
CA LYS BB 230 -21.70 -49.08 -124.46
C LYS BB 230 -20.49 -48.36 -125.01
N ARG BB 231 -19.35 -48.46 -124.32
CA ARG BB 231 -18.14 -47.75 -124.71
C ARG BB 231 -17.46 -48.33 -125.95
N ARG BB 232 -17.86 -49.53 -126.38
CA ARG BB 232 -17.35 -50.09 -127.63
C ARG BB 232 -18.30 -49.90 -128.80
N ARG BB 233 -19.59 -49.68 -128.55
CA ARG BB 233 -20.55 -49.45 -129.62
C ARG BB 233 -20.71 -47.98 -129.97
N LEU BB 234 -20.73 -47.10 -128.98
CA LEU BB 234 -20.87 -45.67 -129.23
C LEU BB 234 -19.53 -45.01 -128.94
N SER BB 235 -18.75 -44.75 -130.00
CA SER BB 235 -17.42 -44.17 -129.86
C SER BB 235 -17.13 -43.02 -130.82
N SER BB 236 -17.82 -42.91 -131.95
CA SER BB 236 -17.53 -41.85 -132.91
C SER BB 236 -18.76 -41.14 -133.45
N LEU BB 237 -19.96 -41.51 -133.01
CA LEU BB 237 -21.17 -40.83 -133.47
C LEU BB 237 -21.76 -39.95 -132.36
N SER CB 1 -21.61 0.74 -142.55
CA SER CB 1 -21.35 1.00 -141.13
C SER CB 1 -19.98 0.45 -140.74
N ALA CB 2 -19.33 1.12 -139.79
CA ALA CB 2 -18.04 0.73 -139.28
C ALA CB 2 -18.12 0.47 -137.79
N LYS CB 3 -17.19 -0.35 -137.30
CA LYS CB 3 -17.16 -0.78 -135.90
C LYS CB 3 -15.91 -0.28 -135.19
N ILE CB 4 -15.39 0.87 -135.61
CA ILE CB 4 -14.08 1.32 -135.12
C ILE CB 4 -14.17 1.73 -133.66
N VAL CB 5 -15.25 2.39 -133.26
CA VAL CB 5 -15.36 2.90 -131.90
C VAL CB 5 -16.64 2.39 -131.25
N LYS CB 6 -16.56 1.20 -130.66
CA LYS CB 6 -17.59 0.60 -129.81
C LYS CB 6 -17.02 -0.55 -128.99
N PRO CB 7 -16.05 -0.32 -128.10
CA PRO CB 7 -15.46 -1.44 -127.36
C PRO CB 7 -16.26 -1.85 -126.15
N ASN CB 8 -16.68 -3.10 -126.12
CA ASN CB 8 -17.40 -3.68 -124.99
C ASN CB 8 -17.32 -5.20 -125.11
N GLY CB 9 -18.06 -5.91 -124.24
CA GLY CB 9 -18.01 -7.36 -124.26
C GLY CB 9 -18.61 -7.98 -125.51
N GLU CB 10 -19.70 -7.40 -126.01
CA GLU CB 10 -20.53 -8.04 -127.01
C GLU CB 10 -20.48 -7.28 -128.34
N LYS CB 11 -20.53 -8.04 -129.43
CA LYS CB 11 -20.41 -7.52 -130.79
C LYS CB 11 -21.68 -6.86 -131.36
N PRO CB 12 -22.89 -7.38 -131.13
CA PRO CB 12 -24.08 -6.74 -131.74
C PRO CB 12 -24.23 -5.28 -131.32
N ASP CB 13 -24.65 -4.46 -132.28
CA ASP CB 13 -24.75 -3.01 -132.13
C ASP CB 13 -26.07 -2.49 -132.68
N GLU CB 14 -27.18 -3.10 -132.24
CA GLU CB 14 -28.51 -2.65 -132.63
C GLU CB 14 -28.74 -1.20 -132.23
N PHE CB 15 -28.78 -0.31 -133.23
CA PHE CB 15 -28.92 1.13 -133.14
C PHE CB 15 -27.66 1.79 -132.60
N GLU CB 16 -26.73 1.00 -132.07
CA GLU CB 16 -25.42 1.52 -131.76
C GLU CB 16 -24.57 1.72 -133.00
N SER CB 17 -24.86 0.96 -134.06
CA SER CB 17 -24.12 1.12 -135.30
C SER CB 17 -24.33 2.51 -135.90
N GLY CB 18 -25.56 3.02 -135.86
CA GLY CB 18 -25.82 4.35 -136.39
C GLY CB 18 -25.11 5.44 -135.60
N ILE CB 19 -25.14 5.33 -134.27
CA ILE CB 19 -24.51 6.38 -133.46
C ILE CB 19 -22.99 6.29 -133.52
N SER CB 20 -22.44 5.08 -133.66
CA SER CB 20 -21.01 4.95 -133.87
C SER CB 20 -20.61 5.51 -135.24
N GLN CB 21 -21.44 5.27 -136.25
CA GLN CB 21 -21.23 5.88 -137.55
C GLN CB 21 -21.22 7.40 -137.44
N ALA CB 22 -22.16 7.96 -136.66
CA ALA CB 22 -22.22 9.40 -136.48
C ALA CB 22 -20.96 9.94 -135.82
N LEU CB 23 -20.51 9.30 -134.74
CA LEU CB 23 -19.33 9.81 -134.04
C LEU CB 23 -18.05 9.60 -134.85
N LEU CB 24 -18.05 8.66 -135.79
CA LEU CB 24 -16.86 8.56 -136.64
C LEU CB 24 -16.91 9.54 -137.81
N GLU CB 25 -18.09 9.77 -138.40
CA GLU CB 25 -18.19 10.74 -139.48
C GLU CB 25 -18.22 12.17 -138.96
N LEU CB 26 -18.23 12.35 -137.64
CA LEU CB 26 -17.97 13.64 -137.01
C LEU CB 26 -16.54 14.14 -137.27
N GLU CB 27 -15.68 13.30 -137.84
CA GLU CB 27 -14.37 13.68 -138.36
C GLU CB 27 -14.50 14.86 -139.32
N MET CB 28 -13.41 15.60 -139.52
CA MET CB 28 -13.39 16.87 -140.24
C MET CB 28 -14.33 17.88 -139.56
N ASN CB 29 -13.97 18.21 -138.33
CA ASN CB 29 -14.75 19.10 -137.49
C ASN CB 29 -13.94 20.34 -137.12
N SER CB 30 -14.51 21.16 -136.23
CA SER CB 30 -13.88 22.41 -135.81
C SER CB 30 -13.09 22.16 -134.52
N ASP CB 31 -11.94 21.51 -134.69
CA ASP CB 31 -10.94 21.33 -133.62
C ASP CB 31 -11.51 20.53 -132.44
N LEU CB 32 -11.91 19.29 -132.73
CA LEU CB 32 -12.30 18.37 -131.68
C LEU CB 32 -11.53 17.06 -131.77
N LYS CB 33 -11.18 16.65 -132.99
CA LYS CB 33 -10.61 15.32 -133.23
C LYS CB 33 -9.25 15.13 -132.59
N ALA CB 34 -8.62 16.20 -132.10
CA ALA CB 34 -7.37 16.06 -131.36
C ALA CB 34 -7.55 15.36 -130.02
N GLN CB 35 -8.79 15.16 -129.56
CA GLN CB 35 -9.01 14.54 -128.26
C GLN CB 35 -10.15 13.51 -128.30
N LEU CB 36 -10.39 12.90 -129.46
CA LEU CB 36 -11.35 11.81 -129.55
C LEU CB 36 -10.75 10.52 -130.08
N ARG CB 37 -9.58 10.57 -130.73
CA ARG CB 37 -8.98 9.36 -131.27
C ARG CB 37 -8.50 8.42 -130.17
N GLU CB 38 -8.40 8.90 -128.94
CA GLU CB 38 -8.08 8.05 -127.79
C GLU CB 38 -9.29 7.86 -126.87
N LEU CB 39 -10.47 8.28 -127.30
CA LEU CB 39 -11.69 8.13 -126.53
C LEU CB 39 -12.65 7.20 -127.26
N ASN CB 40 -13.49 6.51 -126.49
CA ASN CB 40 -14.38 5.52 -127.07
C ASN CB 40 -15.69 5.45 -126.29
N ILE CB 41 -16.70 4.88 -126.93
CA ILE CB 41 -18.05 4.79 -126.39
C ILE CB 41 -18.36 3.34 -126.09
N THR CB 42 -18.83 3.06 -124.88
CA THR CB 42 -19.23 1.71 -124.52
C THR CB 42 -20.44 1.26 -125.31
N ALA CB 43 -21.55 1.97 -125.20
CA ALA CB 43 -22.79 1.63 -125.91
C ALA CB 43 -23.71 2.85 -125.87
N ALA CB 44 -24.93 2.67 -126.36
CA ALA CB 44 -25.93 3.73 -126.35
C ALA CB 44 -27.32 3.12 -126.37
N LYS CB 45 -28.29 3.91 -125.95
CA LYS CB 45 -29.69 3.51 -125.96
C LYS CB 45 -30.56 4.66 -126.43
N GLU CB 46 -31.71 4.31 -126.99
CA GLU CB 46 -32.73 5.26 -127.41
C GLU CB 46 -33.97 5.01 -126.57
N ILE CB 47 -34.43 6.04 -125.86
CA ILE CB 47 -35.63 5.92 -125.04
C ILE CB 47 -36.56 7.08 -125.33
N GLU CB 48 -37.77 6.99 -124.83
CA GLU CB 48 -38.78 8.02 -124.99
C GLU CB 48 -39.07 8.65 -123.63
N VAL CB 49 -39.19 9.97 -123.61
CA VAL CB 49 -39.42 10.72 -122.38
C VAL CB 49 -40.64 11.60 -122.56
N GLY CB 50 -41.58 11.50 -121.61
CA GLY CB 50 -42.76 12.33 -121.64
C GLY CB 50 -43.78 11.93 -122.70
N GLY CB 51 -43.92 12.77 -123.72
CA GLY CB 51 -44.95 12.60 -124.73
C GLY CB 51 -44.46 11.96 -126.01
N GLY CB 52 -44.14 12.80 -127.00
CA GLY CB 52 -43.55 12.32 -128.23
C GLY CB 52 -42.09 12.69 -128.35
N ARG CB 53 -41.44 12.90 -127.21
CA ARG CB 53 -40.05 13.34 -127.17
C ARG CB 53 -39.12 12.15 -127.02
N LYS CB 54 -38.08 12.13 -127.84
CA LYS CB 54 -37.10 11.06 -127.86
C LYS CB 54 -35.77 11.53 -127.29
N ALA CB 55 -35.11 10.68 -126.52
CA ALA CB 55 -33.83 10.98 -125.93
C ALA CB 55 -32.86 9.84 -126.18
N ILE CB 56 -31.57 10.17 -126.25
CA ILE CB 56 -30.52 9.19 -126.44
C ILE CB 56 -29.56 9.28 -125.27
N ILE CB 57 -29.11 8.12 -124.81
CA ILE CB 57 -28.16 8.03 -123.70
C ILE CB 57 -26.93 7.30 -124.20
N ILE CB 58 -25.76 7.82 -123.86
CA ILE CB 58 -24.49 7.30 -124.36
C ILE CB 58 -23.62 6.94 -123.16
N PHE CB 59 -23.08 5.73 -123.17
CA PHE CB 59 -22.26 5.22 -122.09
C PHE CB 59 -20.79 5.31 -122.47
N VAL CB 60 -19.97 5.72 -121.51
CA VAL CB 60 -18.53 5.88 -121.70
C VAL CB 60 -17.83 5.10 -120.59
N PRO CB 61 -16.58 4.72 -120.81
CA PRO CB 61 -15.82 4.09 -119.72
C PRO CB 61 -15.62 5.05 -118.56
N VAL CB 62 -15.59 4.46 -117.35
CA VAL CB 62 -15.32 5.26 -116.15
C VAL CB 62 -13.96 5.96 -116.21
N PRO CB 63 -12.86 5.31 -116.63
CA PRO CB 63 -11.60 6.07 -116.74
C PRO CB 63 -11.66 7.21 -117.73
N GLN CB 64 -12.48 7.11 -118.77
CA GLN CB 64 -12.59 8.15 -119.78
C GLN CB 64 -13.72 9.13 -119.51
N LEU CB 65 -14.45 8.96 -118.41
CA LEU CB 65 -15.51 9.91 -118.09
C LEU CB 65 -14.96 11.31 -117.88
N LYS CB 66 -13.79 11.42 -117.24
CA LYS CB 66 -13.23 12.73 -116.99
C LYS CB 66 -12.94 13.46 -118.29
N SER CB 67 -12.38 12.77 -119.28
CA SER CB 67 -12.13 13.39 -120.57
C SER CB 67 -13.42 13.72 -121.29
N PHE CB 68 -14.37 12.78 -121.28
CA PHE CB 68 -15.64 13.03 -121.97
C PHE CB 68 -16.42 14.18 -121.33
N GLN CB 69 -16.25 14.39 -120.03
CA GLN CB 69 -16.83 15.55 -119.38
C GLN CB 69 -16.04 16.82 -119.66
N LYS CB 70 -14.71 16.69 -119.79
CA LYS CB 70 -13.89 17.84 -120.12
C LYS CB 70 -14.26 18.42 -121.48
N ILE CB 71 -14.65 17.56 -122.43
CA ILE CB 71 -15.06 18.02 -123.74
C ILE CB 71 -16.56 17.87 -123.97
N GLN CB 72 -17.33 17.57 -122.92
CA GLN CB 72 -18.74 17.25 -123.08
C GLN CB 72 -19.54 18.44 -123.59
N VAL CB 73 -19.30 19.63 -123.04
CA VAL CB 73 -20.02 20.82 -123.44
C VAL CB 73 -19.80 21.15 -124.91
N ARG CB 74 -18.71 20.69 -125.50
CA ARG CB 74 -18.42 20.93 -126.90
C ARG CB 74 -19.28 20.10 -127.84
N LEU CB 75 -19.34 18.78 -127.67
CA LEU CB 75 -19.94 17.91 -128.68
C LEU CB 75 -21.43 17.71 -128.50
N VAL CB 76 -22.04 18.23 -127.43
CA VAL CB 76 -23.47 18.09 -127.26
C VAL CB 76 -24.21 18.83 -128.38
N ARG CB 77 -23.72 20.01 -128.76
CA ARG CB 77 -24.38 20.77 -129.81
C ARG CB 77 -24.24 20.10 -131.17
N GLU CB 78 -23.06 19.54 -131.47
CA GLU CB 78 -22.91 18.79 -132.72
C GLU CB 78 -23.79 17.54 -132.73
N LEU CB 79 -23.89 16.85 -131.60
CA LEU CB 79 -24.75 15.67 -131.56
C LEU CB 79 -26.22 16.04 -131.74
N GLU CB 80 -26.66 17.17 -131.17
CA GLU CB 80 -28.01 17.64 -131.42
C GLU CB 80 -28.20 18.03 -132.87
N LYS CB 81 -27.19 18.65 -133.48
CA LYS CB 81 -27.28 19.00 -134.89
C LYS CB 81 -27.40 17.75 -135.76
N LYS CB 82 -26.67 16.69 -135.41
CA LYS CB 82 -26.82 15.43 -136.10
C LYS CB 82 -28.23 14.86 -135.92
N PHE CB 83 -28.71 14.85 -134.67
CA PHE CB 83 -30.01 14.27 -134.34
C PHE CB 83 -30.84 15.36 -133.66
N SER CB 84 -31.47 16.19 -134.47
CA SER CB 84 -32.38 17.21 -133.96
C SER CB 84 -33.56 16.57 -133.24
N GLY CB 85 -34.02 17.25 -132.19
CA GLY CB 85 -35.12 16.73 -131.40
C GLY CB 85 -34.75 15.66 -130.41
N LYS CB 86 -33.46 15.34 -130.29
CA LYS CB 86 -32.99 14.32 -129.37
C LYS CB 86 -32.02 14.96 -128.39
N HIS CB 87 -32.19 14.63 -127.11
CA HIS CB 87 -31.31 15.12 -126.05
C HIS CB 87 -30.27 14.05 -125.73
N VAL CB 88 -29.02 14.50 -125.56
CA VAL CB 88 -27.88 13.61 -125.36
C VAL CB 88 -27.40 13.71 -123.92
N VAL CB 89 -27.13 12.56 -123.32
CA VAL CB 89 -26.59 12.49 -121.97
C VAL CB 89 -25.46 11.48 -121.96
N PHE CB 90 -24.45 11.72 -121.12
CA PHE CB 90 -23.29 10.86 -121.00
C PHE CB 90 -23.26 10.22 -119.62
N ILE CB 91 -23.30 8.90 -119.58
CA ILE CB 91 -23.24 8.13 -118.33
C ILE CB 91 -22.13 7.11 -118.47
N ALA CB 92 -21.56 6.70 -117.34
CA ALA CB 92 -20.51 5.69 -117.31
C ALA CB 92 -21.06 4.39 -116.75
N GLN CB 93 -20.76 3.29 -117.42
CA GLN CB 93 -21.13 1.98 -116.91
C GLN CB 93 -20.33 1.68 -115.65
N ARG CB 94 -21.03 1.51 -114.53
CA ARG CB 94 -20.39 1.44 -113.22
C ARG CB 94 -20.36 0.04 -112.62
N ARG CB 95 -20.99 -0.94 -113.25
CA ARG CB 95 -20.85 -2.35 -112.89
C ARG CB 95 -21.14 -2.59 -111.40
N ILE CB 96 -22.41 -2.44 -111.05
CA ILE CB 96 -22.85 -2.66 -109.68
C ILE CB 96 -22.55 -4.10 -109.27
N LEU CB 97 -21.87 -4.26 -108.15
CA LEU CB 97 -21.66 -5.59 -107.66
C LEU CB 97 -22.72 -5.96 -106.63
N PRO CB 98 -23.16 -7.20 -106.61
CA PRO CB 98 -24.21 -7.59 -105.66
C PRO CB 98 -23.75 -7.53 -104.22
N LYS CB 99 -24.69 -7.27 -103.34
CA LYS CB 99 -24.41 -7.32 -101.91
C LYS CB 99 -24.18 -8.77 -101.49
N PRO CB 100 -23.09 -9.07 -100.79
CA PRO CB 100 -22.80 -10.47 -100.45
C PRO CB 100 -23.77 -11.00 -99.41
N THR CB 101 -24.34 -12.16 -99.69
CA THR CB 101 -25.31 -12.81 -98.82
C THR CB 101 -24.71 -14.09 -98.22
N ARG CB 102 -25.54 -14.82 -97.49
CA ARG CB 102 -25.12 -16.06 -96.87
C ARG CB 102 -25.21 -17.26 -97.80
N LYS CB 103 -25.65 -17.05 -99.04
CA LYS CB 103 -25.73 -18.14 -100.01
C LYS CB 103 -24.67 -17.95 -101.09
N LYS CB 107 -15.33 -19.67 -105.99
CA LYS CB 107 -16.12 -19.23 -104.84
C LYS CB 107 -15.40 -18.13 -104.07
N ASN CB 108 -14.08 -18.03 -104.25
CA ASN CB 108 -13.28 -17.04 -103.55
C ASN CB 108 -13.48 -15.67 -104.19
N LYS CB 109 -13.93 -14.70 -103.39
CA LYS CB 109 -14.22 -13.36 -103.86
C LYS CB 109 -13.54 -12.35 -102.95
N GLN CB 110 -13.22 -11.19 -103.51
CA GLN CB 110 -12.61 -10.10 -102.77
C GLN CB 110 -13.67 -9.21 -102.13
N LYS CB 111 -13.22 -8.33 -101.24
CA LYS CB 111 -14.10 -7.36 -100.63
C LYS CB 111 -14.65 -6.41 -101.68
N ARG CB 112 -15.93 -6.14 -101.63
CA ARG CB 112 -16.55 -5.29 -102.62
C ARG CB 112 -16.19 -3.83 -102.37
N PRO CB 113 -15.65 -3.12 -103.35
CA PRO CB 113 -15.38 -1.69 -103.16
C PRO CB 113 -16.67 -0.93 -102.94
N ARG CB 114 -16.59 0.13 -102.13
CA ARG CB 114 -17.78 0.90 -101.82
C ARG CB 114 -18.31 1.64 -103.05
N SER CB 115 -17.43 1.99 -103.99
CA SER CB 115 -17.86 2.63 -105.21
C SER CB 115 -18.70 1.71 -106.09
N ARG CB 116 -18.63 0.40 -105.85
CA ARG CB 116 -19.40 -0.57 -106.63
C ARG CB 116 -20.79 -0.82 -106.07
N THR CB 117 -21.12 -0.25 -104.92
CA THR CB 117 -22.42 -0.50 -104.32
C THR CB 117 -23.51 0.26 -105.05
N LEU CB 118 -24.75 -0.13 -104.79
CA LEU CB 118 -25.88 0.38 -105.56
C LEU CB 118 -26.12 1.86 -105.30
N THR CB 119 -26.10 2.28 -104.04
CA THR CB 119 -26.32 3.70 -103.74
C THR CB 119 -25.19 4.55 -104.31
N ALA CB 120 -23.96 4.08 -104.18
CA ALA CB 120 -22.81 4.83 -104.66
C ALA CB 120 -22.74 4.85 -106.18
N VAL CB 121 -23.37 3.89 -106.84
CA VAL CB 121 -23.46 3.96 -108.29
C VAL CB 121 -24.56 4.91 -108.72
N HIS CB 122 -25.72 4.85 -108.04
CA HIS CB 122 -26.86 5.66 -108.45
C HIS CB 122 -26.58 7.14 -108.29
N ASP CB 123 -26.01 7.53 -107.15
CA ASP CB 123 -25.77 8.96 -106.99
C ASP CB 123 -24.68 9.47 -107.93
N ALA CB 124 -23.69 8.62 -108.25
CA ALA CB 124 -22.65 9.03 -109.18
C ALA CB 124 -23.18 9.18 -110.59
N ILE CB 125 -24.02 8.24 -111.03
CA ILE CB 125 -24.58 8.36 -112.37
C ILE CB 125 -25.55 9.53 -112.44
N LEU CB 126 -26.20 9.88 -111.33
CA LEU CB 126 -27.00 11.10 -111.34
C LEU CB 126 -26.09 12.33 -111.52
N GLU CB 127 -24.98 12.38 -110.77
CA GLU CB 127 -24.17 13.59 -110.81
C GLU CB 127 -23.46 13.75 -112.15
N ASP CB 128 -23.17 12.65 -112.85
CA ASP CB 128 -22.64 12.82 -114.20
C ASP CB 128 -23.75 12.91 -115.25
N LEU CB 129 -24.98 12.54 -114.90
CA LEU CB 129 -26.12 12.82 -115.75
C LEU CB 129 -26.41 14.30 -115.84
N VAL CB 130 -26.19 15.03 -114.75
CA VAL CB 130 -26.55 16.45 -114.74
C VAL CB 130 -25.30 17.31 -114.87
N PHE CB 131 -24.28 16.82 -115.57
CA PHE CB 131 -22.92 17.36 -115.50
C PHE CB 131 -22.79 18.88 -115.72
N PRO CB 132 -23.44 19.51 -116.70
CA PRO CB 132 -23.18 20.95 -116.92
C PRO CB 132 -23.40 21.80 -115.68
N SER CB 133 -24.33 21.40 -114.82
CA SER CB 133 -24.45 21.95 -113.47
C SER CB 133 -23.98 20.92 -112.47
N GLU CB 134 -24.04 21.26 -111.19
CA GLU CB 134 -23.68 20.31 -110.15
C GLU CB 134 -24.64 20.42 -108.99
N ILE CB 135 -24.80 19.30 -108.28
CA ILE CB 135 -25.80 19.19 -107.22
C ILE CB 135 -25.35 20.00 -106.02
N VAL CB 136 -26.14 21.02 -105.67
CA VAL CB 136 -25.91 21.74 -104.43
C VAL CB 136 -26.82 21.26 -103.31
N GLY CB 137 -27.83 20.46 -103.62
CA GLY CB 137 -28.64 19.89 -102.55
C GLY CB 137 -29.44 18.70 -103.01
N LYS CB 138 -29.90 17.91 -102.04
CA LYS CB 138 -30.76 16.78 -102.34
C LYS CB 138 -31.73 16.58 -101.19
N ARG CB 139 -32.99 16.30 -101.52
CA ARG CB 139 -34.04 16.10 -100.54
C ARG CB 139 -34.88 14.92 -100.98
N ILE CB 140 -35.02 13.92 -100.13
CA ILE CB 140 -35.85 12.76 -100.43
C ILE CB 140 -37.15 12.88 -99.66
N ARG CB 141 -38.28 12.78 -100.35
CA ARG CB 141 -39.59 12.91 -99.73
C ARG CB 141 -40.34 11.61 -99.86
N VAL CB 142 -40.91 11.13 -98.77
CA VAL CB 142 -41.76 9.95 -98.77
C VAL CB 142 -43.19 10.43 -98.91
N LYS CB 143 -43.89 9.94 -99.93
CA LYS CB 143 -45.19 10.46 -100.31
C LYS CB 143 -46.36 9.67 -99.71
N LEU CB 144 -46.32 9.45 -98.39
CA LEU CB 144 -47.43 8.97 -97.57
C LEU CB 144 -47.85 7.54 -97.88
N ASP CB 145 -47.22 6.88 -98.85
CA ASP CB 145 -47.55 5.49 -99.13
C ASP CB 145 -46.32 4.65 -99.45
N GLY CB 146 -45.13 5.13 -99.07
CA GLY CB 146 -43.90 4.42 -99.26
C GLY CB 146 -43.12 4.83 -100.49
N SER CB 147 -43.76 5.47 -101.46
CA SER CB 147 -43.05 5.94 -102.63
C SER CB 147 -42.16 7.11 -102.26
N ARG CB 148 -41.00 7.19 -102.90
CA ARG CB 148 -40.01 8.22 -102.59
C ARG CB 148 -39.70 9.04 -103.83
N LEU CB 149 -39.69 10.35 -103.66
CA LEU CB 149 -39.37 11.30 -104.72
C LEU CB 149 -38.13 12.07 -104.31
N ILE CB 150 -37.15 12.14 -105.20
CA ILE CB 150 -35.89 12.81 -104.91
C ILE CB 150 -35.89 14.15 -105.62
N LYS CB 151 -35.89 15.24 -104.86
CA LYS CB 151 -35.80 16.59 -105.40
C LYS CB 151 -34.35 17.05 -105.30
N VAL CB 152 -33.77 17.44 -106.42
CA VAL CB 152 -32.35 17.76 -106.50
C VAL CB 152 -32.19 19.25 -106.79
N HIS CB 153 -31.47 19.93 -105.90
CA HIS CB 153 -31.17 21.35 -106.05
C HIS CB 153 -29.89 21.51 -106.86
N LEU CB 154 -30.00 22.15 -108.02
CA LEU CB 154 -28.88 22.35 -108.93
C LEU CB 154 -28.25 23.73 -108.69
N ASP CB 155 -27.28 24.07 -109.55
CA ASP CB 155 -26.37 25.18 -109.26
C ASP CB 155 -27.07 26.52 -109.17
N LYS CB 156 -27.89 26.85 -110.18
CA LYS CB 156 -28.50 28.17 -110.40
C LYS CB 156 -27.44 29.18 -110.86
N ALA CB 157 -26.18 28.78 -110.82
CA ALA CB 157 -25.13 29.65 -111.35
C ALA CB 157 -25.15 29.65 -112.87
N GLN CB 158 -25.53 28.53 -113.48
CA GLN CB 158 -25.71 28.45 -114.92
C GLN CB 158 -27.02 27.71 -115.20
N GLN CB 159 -27.78 28.21 -116.16
CA GLN CB 159 -29.14 27.73 -116.38
C GLN CB 159 -29.40 27.38 -117.84
N ASN CB 160 -28.72 28.08 -118.74
CA ASN CB 160 -29.15 28.19 -120.13
C ASN CB 160 -29.14 26.86 -120.87
N ASN CB 161 -28.40 25.86 -120.38
CA ASN CB 161 -28.30 24.59 -121.08
C ASN CB 161 -28.96 23.43 -120.33
N VAL CB 162 -29.34 23.62 -119.07
CA VAL CB 162 -29.91 22.55 -118.28
C VAL CB 162 -31.35 22.84 -117.86
N GLU CB 163 -31.86 24.04 -118.10
CA GLU CB 163 -33.21 24.38 -117.66
C GLU CB 163 -34.26 23.63 -118.45
N HIS CB 164 -33.94 23.21 -119.67
CA HIS CB 164 -34.90 22.53 -120.54
C HIS CB 164 -34.72 21.02 -120.54
N LYS CB 165 -33.61 20.52 -120.00
CA LYS CB 165 -33.33 19.10 -119.97
C LYS CB 165 -33.84 18.44 -118.70
N VAL CB 166 -34.58 19.15 -117.86
CA VAL CB 166 -35.04 18.58 -116.60
C VAL CB 166 -35.97 17.40 -116.85
N GLU CB 167 -36.89 17.55 -117.80
CA GLU CB 167 -37.82 16.47 -118.12
C GLU CB 167 -37.08 15.24 -118.60
N THR CB 168 -36.11 15.43 -119.50
CA THR CB 168 -35.37 14.30 -120.03
C THR CB 168 -34.47 13.67 -118.97
N PHE CB 169 -33.91 14.48 -118.07
CA PHE CB 169 -33.11 13.94 -116.99
C PHE CB 169 -33.95 13.05 -116.08
N SER CB 170 -35.13 13.53 -115.71
CA SER CB 170 -36.04 12.70 -114.91
C SER CB 170 -36.41 11.43 -115.66
N GLY CB 171 -36.69 11.55 -116.96
CA GLY CB 171 -37.07 10.38 -117.73
C GLY CB 171 -35.98 9.32 -117.79
N VAL CB 172 -34.74 9.75 -118.08
CA VAL CB 172 -33.66 8.78 -118.19
C VAL CB 172 -33.34 8.17 -116.83
N TYR CB 173 -33.40 8.97 -115.76
CA TYR CB 173 -33.09 8.45 -114.44
C TYR CB 173 -34.16 7.44 -114.01
N LYS CB 174 -35.42 7.72 -114.30
CA LYS CB 174 -36.47 6.74 -114.03
C LYS CB 174 -36.27 5.48 -114.86
N LYS CB 175 -35.86 5.65 -116.12
CA LYS CB 175 -35.70 4.50 -117.01
C LYS CB 175 -34.61 3.57 -116.51
N LEU CB 176 -33.47 4.11 -116.11
CA LEU CB 176 -32.33 3.27 -115.77
C LEU CB 176 -32.16 3.05 -114.27
N THR CB 177 -33.00 3.64 -113.44
CA THR CB 177 -32.87 3.41 -112.01
C THR CB 177 -34.18 3.02 -111.35
N GLY CB 178 -35.30 3.59 -111.79
CA GLY CB 178 -36.59 3.27 -111.24
C GLY CB 178 -37.12 4.23 -110.20
N LYS CB 179 -36.31 5.18 -109.73
CA LYS CB 179 -36.72 6.10 -108.68
C LYS CB 179 -37.08 7.45 -109.27
N ASP CB 180 -38.20 8.01 -108.82
CA ASP CB 180 -38.69 9.27 -109.35
C ASP CB 180 -37.85 10.43 -108.85
N VAL CB 181 -37.43 11.29 -109.77
CA VAL CB 181 -36.54 12.41 -109.46
C VAL CB 181 -37.09 13.67 -110.11
N ASN CB 182 -37.17 14.74 -109.34
CA ASN CB 182 -37.49 16.07 -109.84
C ASN CB 182 -36.31 16.98 -109.60
N PHE CB 183 -36.09 17.92 -110.51
CA PHE CB 183 -34.96 18.83 -110.45
C PHE CB 183 -35.48 20.25 -110.25
N GLU CB 184 -34.83 20.98 -109.36
CA GLU CB 184 -35.17 22.38 -109.12
C GLU CB 184 -33.90 23.19 -108.91
N PHE CB 185 -33.98 24.45 -109.28
CA PHE CB 185 -32.90 25.42 -109.06
C PHE CB 185 -33.32 26.34 -107.94
N PRO CB 186 -32.69 26.28 -106.79
CA PRO CB 186 -33.09 27.16 -105.70
C PRO CB 186 -32.61 28.58 -105.90
N GLU CB 187 -32.80 29.41 -104.89
CA GLU CB 187 -32.30 30.77 -104.87
C GLU CB 187 -30.80 30.74 -104.54
N PHE CB 188 -30.25 31.91 -104.24
CA PHE CB 188 -28.85 31.98 -103.81
C PHE CB 188 -28.67 31.23 -102.49
N GLN CB 189 -27.44 30.76 -102.27
CA GLN CB 189 -27.11 30.10 -101.01
C GLN CB 189 -26.06 30.90 -100.25
N GLY DB 1 -9.56 -51.32 -51.06
CA GLY DB 1 -8.11 -51.40 -51.11
C GLY DB 1 -7.48 -50.31 -51.95
N ILE DB 2 -6.57 -50.71 -52.83
CA ILE DB 2 -5.98 -49.76 -53.77
C ILE DB 2 -7.07 -49.23 -54.69
N SER DB 3 -7.02 -47.93 -54.96
CA SER DB 3 -8.08 -47.26 -55.70
C SER DB 3 -7.54 -46.74 -57.03
N ARG DB 4 -8.32 -46.95 -58.08
CA ARG DB 4 -8.08 -46.35 -59.39
C ARG DB 4 -8.99 -45.16 -59.65
N ASP DB 5 -9.68 -44.68 -58.61
CA ASP DB 5 -10.69 -43.66 -58.76
C ASP DB 5 -10.08 -42.31 -59.10
N ASN DB 6 -10.86 -41.50 -59.81
CA ASN DB 6 -10.42 -40.16 -60.17
C ASN DB 6 -10.82 -39.10 -59.16
N TRP DB 7 -11.66 -39.44 -58.19
CA TRP DB 7 -12.25 -38.42 -57.33
C TRP DB 7 -11.42 -38.11 -56.10
N HIS DB 8 -10.33 -38.81 -55.88
CA HIS DB 8 -9.42 -38.46 -54.79
C HIS DB 8 -8.38 -37.44 -55.23
N LYS DB 9 -8.41 -37.02 -56.48
CA LYS DB 9 -7.47 -36.04 -57.00
C LYS DB 9 -8.01 -34.63 -56.79
N ARG DB 10 -7.09 -33.67 -56.71
CA ARG DB 10 -7.48 -32.28 -56.81
C ARG DB 10 -8.04 -32.02 -58.20
N ARG DB 11 -9.03 -31.15 -58.28
CA ARG DB 11 -9.61 -30.85 -59.59
C ARG DB 11 -8.67 -29.95 -60.37
N LYS DB 12 -9.09 -29.59 -61.59
CA LYS DB 12 -8.21 -28.87 -62.51
C LYS DB 12 -7.81 -27.51 -61.94
N THR DB 13 -8.72 -26.85 -61.24
CA THR DB 13 -8.42 -25.56 -60.63
C THR DB 13 -7.48 -25.67 -59.44
N GLY DB 14 -7.24 -26.87 -58.94
CA GLY DB 14 -6.46 -27.06 -57.74
C GLY DB 14 -7.27 -27.15 -56.47
N GLY DB 15 -8.59 -27.15 -56.57
CA GLY DB 15 -9.41 -27.21 -55.38
C GLY DB 15 -9.56 -28.63 -54.85
N LYS DB 16 -9.72 -28.73 -53.54
CA LYS DB 16 -9.88 -30.02 -52.90
C LYS DB 16 -11.29 -30.55 -53.16
N ARG DB 17 -11.36 -31.79 -53.62
CA ARG DB 17 -12.63 -32.44 -53.90
C ARG DB 17 -13.04 -33.33 -52.73
N LYS DB 18 -14.31 -33.29 -52.39
CA LYS DB 18 -14.78 -34.13 -51.31
C LYS DB 18 -15.47 -35.36 -51.86
N PRO DB 19 -15.17 -36.54 -51.35
CA PRO DB 19 -15.83 -37.75 -51.86
C PRO DB 19 -17.30 -37.77 -51.50
N TYR DB 20 -18.10 -38.39 -52.36
CA TYR DB 20 -19.52 -38.55 -52.08
C TYR DB 20 -19.90 -40.01 -51.84
N HIS DB 21 -18.94 -40.93 -51.89
CA HIS DB 21 -19.17 -42.30 -51.45
C HIS DB 21 -17.85 -42.91 -51.04
N LYS DB 22 -17.93 -44.01 -50.29
CA LYS DB 22 -16.74 -44.78 -49.98
C LYS DB 22 -16.33 -45.60 -51.19
N LYS DB 23 -15.15 -46.22 -51.08
CA LYS DB 23 -14.55 -46.90 -52.24
C LYS DB 23 -15.44 -48.02 -52.73
N ARG DB 24 -15.68 -48.05 -54.03
CA ARG DB 24 -16.41 -49.12 -54.66
C ARG DB 24 -15.45 -50.20 -55.11
N LYS DB 25 -16.02 -51.38 -55.40
CA LYS DB 25 -15.16 -52.48 -55.82
C LYS DB 25 -14.67 -52.30 -57.24
N TYR DB 26 -15.53 -51.85 -58.16
CA TYR DB 26 -15.13 -51.79 -59.56
C TYR DB 26 -13.98 -50.84 -59.80
N GLU DB 27 -13.73 -49.90 -58.91
CA GLU DB 27 -12.56 -49.04 -58.99
C GLU DB 27 -11.43 -49.56 -58.10
N LEU DB 28 -11.10 -50.84 -58.21
CA LEU DB 28 -10.04 -51.41 -57.40
C LEU DB 28 -8.72 -51.41 -58.17
N GLY DB 29 -7.67 -51.70 -57.43
CA GLY DB 29 -6.37 -51.96 -58.03
C GLY DB 29 -5.69 -53.07 -57.26
N ARG DB 30 -4.89 -53.82 -57.98
CA ARG DB 30 -4.23 -54.99 -57.41
C ARG DB 30 -2.72 -54.81 -57.43
N PRO DB 31 -1.99 -55.49 -56.54
CA PRO DB 31 -0.54 -55.34 -56.52
C PRO DB 31 0.10 -55.76 -57.83
N ALA DB 32 1.20 -55.10 -58.17
CA ALA DB 32 1.88 -55.37 -59.42
C ALA DB 32 2.43 -56.79 -59.45
N ALA DB 33 2.44 -57.38 -60.65
CA ALA DB 33 2.92 -58.74 -60.80
C ALA DB 33 4.40 -58.84 -60.46
N ASN DB 34 5.19 -57.87 -60.91
CA ASN DB 34 6.65 -57.86 -60.73
C ASN DB 34 7.27 -59.14 -61.28
N THR DB 35 7.14 -59.30 -62.59
CA THR DB 35 7.51 -60.53 -63.28
C THR DB 35 9.02 -60.73 -63.22
N LYS DB 36 9.47 -61.70 -62.44
CA LYS DB 36 10.88 -62.03 -62.39
C LYS DB 36 11.23 -63.07 -63.46
N ILE DB 37 12.53 -63.32 -63.61
CA ILE DB 37 13.03 -64.30 -64.56
C ILE DB 37 13.37 -65.57 -63.79
N GLY DB 38 12.80 -66.68 -64.23
CA GLY DB 38 13.02 -67.96 -63.58
C GLY DB 38 11.98 -68.98 -64.00
N PRO DB 39 11.95 -70.13 -63.32
CA PRO DB 39 11.00 -71.18 -63.69
C PRO DB 39 9.57 -70.68 -63.59
N ARG DB 40 8.72 -71.13 -64.52
CA ARG DB 40 7.40 -70.55 -64.69
C ARG DB 40 6.55 -70.65 -63.44
N ARG DB 41 5.97 -69.52 -63.06
CA ARG DB 41 4.95 -69.49 -62.01
C ARG DB 41 3.88 -68.51 -62.48
N ILE DB 42 2.68 -69.02 -62.71
CA ILE DB 42 1.53 -68.20 -63.12
C ILE DB 42 0.46 -68.35 -62.07
N HIS DB 43 -0.01 -67.24 -61.53
CA HIS DB 43 -1.13 -67.25 -60.60
C HIS DB 43 -2.36 -66.70 -61.29
N THR DB 44 -3.45 -67.44 -61.24
CA THR DB 44 -4.71 -66.98 -61.80
C THR DB 44 -5.35 -65.99 -60.86
N VAL DB 45 -6.05 -65.01 -61.43
CA VAL DB 45 -6.84 -64.07 -60.64
C VAL DB 45 -8.19 -63.87 -61.31
N ARG DB 46 -9.26 -64.01 -60.53
CA ARG DB 46 -10.59 -63.72 -61.02
C ARG DB 46 -10.78 -62.22 -61.12
N VAL DB 47 -11.32 -61.77 -62.25
CA VAL DB 47 -11.46 -60.33 -62.49
C VAL DB 47 -12.93 -60.01 -62.70
N ARG DB 48 -13.21 -58.74 -63.03
CA ARG DB 48 -14.57 -58.28 -63.19
C ARG DB 48 -15.30 -59.08 -64.25
N GLY DB 49 -16.52 -59.52 -63.93
CA GLY DB 49 -17.32 -60.29 -64.85
C GLY DB 49 -17.06 -61.78 -64.83
N GLY DB 50 -16.24 -62.28 -63.90
CA GLY DB 50 -15.96 -63.69 -63.84
C GLY DB 50 -14.87 -64.16 -64.77
N ASN DB 51 -14.23 -63.25 -65.50
CA ASN DB 51 -13.16 -63.63 -66.40
C ASN DB 51 -11.90 -63.92 -65.59
N LYS DB 52 -10.80 -64.18 -66.30
CA LYS DB 52 -9.57 -64.64 -65.68
C LYS DB 52 -8.40 -63.84 -66.22
N LYS DB 53 -7.48 -63.49 -65.34
CA LYS DB 53 -6.22 -62.86 -65.71
C LYS DB 53 -5.07 -63.68 -65.17
N TYR DB 54 -3.93 -63.63 -65.87
CA TYR DB 54 -2.76 -64.42 -65.53
C TYR DB 54 -1.66 -63.52 -65.01
N ARG DB 55 -1.22 -63.79 -63.78
CA ARG DB 55 -0.09 -63.09 -63.18
C ARG DB 55 1.15 -63.93 -63.45
N ALA DB 56 2.05 -63.40 -64.26
CA ALA DB 56 3.32 -64.07 -64.52
C ALA DB 56 4.28 -63.64 -63.43
N LEU DB 57 4.36 -64.44 -62.37
CA LEU DB 57 5.29 -64.12 -61.30
C LEU DB 57 6.73 -64.42 -61.71
N ARG DB 58 6.92 -65.47 -62.51
CA ARG DB 58 8.25 -65.85 -63.00
C ARG DB 58 8.10 -66.43 -64.38
N LEU DB 59 8.94 -65.96 -65.31
CA LEU DB 59 8.94 -66.45 -66.69
C LEU DB 59 10.37 -66.73 -67.13
N ASP DB 60 10.59 -67.91 -67.72
CA ASP DB 60 11.88 -68.28 -68.27
C ASP DB 60 11.89 -68.44 -69.78
N VAL DB 61 10.73 -68.66 -70.40
CA VAL DB 61 10.65 -68.82 -71.84
C VAL DB 61 9.76 -67.71 -72.40
N GLY DB 62 10.01 -67.37 -73.66
CA GLY DB 62 9.22 -66.37 -74.33
C GLY DB 62 9.03 -66.75 -75.78
N ASN DB 63 8.08 -66.10 -76.42
CA ASN DB 63 7.79 -66.31 -77.83
C ASN DB 63 8.12 -65.01 -78.55
N PHE DB 64 9.16 -65.04 -79.38
CA PHE DB 64 9.62 -63.82 -80.01
C PHE DB 64 9.66 -63.98 -81.53
N SER DB 65 9.33 -62.91 -82.21
CA SER DB 65 9.27 -62.88 -83.67
C SER DB 65 10.43 -62.07 -84.21
N TRP DB 66 11.13 -62.63 -85.20
CA TRP DB 66 12.16 -61.87 -85.91
C TRP DB 66 11.55 -60.68 -86.64
N GLY DB 67 10.44 -60.90 -87.33
CA GLY DB 67 9.78 -59.82 -88.04
C GLY DB 67 10.35 -59.58 -89.42
N SER DB 68 11.64 -59.26 -89.50
CA SER DB 68 12.27 -59.07 -90.79
C SER DB 68 12.29 -60.37 -91.59
N GLU DB 69 12.50 -61.50 -90.94
CA GLU DB 69 12.45 -62.81 -91.58
C GLU DB 69 11.09 -63.47 -91.46
N CYS DB 70 10.16 -62.87 -90.70
CA CYS DB 70 8.86 -63.47 -90.39
C CYS DB 70 9.03 -64.87 -89.78
N CYS DB 71 9.98 -64.99 -88.86
CA CYS DB 71 10.26 -66.25 -88.17
C CYS DB 71 10.02 -66.05 -86.68
N THR DB 72 9.00 -66.69 -86.15
CA THR DB 72 8.64 -66.56 -84.74
C THR DB 72 8.94 -67.88 -84.04
N ARG DB 73 9.72 -67.82 -82.98
CA ARG DB 73 10.16 -69.01 -82.29
C ARG DB 73 10.05 -68.82 -80.78
N LYS DB 74 9.93 -69.96 -80.09
CA LYS DB 74 9.92 -69.99 -78.63
C LYS DB 74 11.36 -70.08 -78.14
N THR DB 75 11.86 -69.00 -77.59
CA THR DB 75 13.22 -68.91 -77.08
C THR DB 75 13.19 -68.76 -75.56
N ARG DB 76 14.35 -68.53 -74.97
CA ARG DB 76 14.48 -68.37 -73.53
C ARG DB 76 15.08 -67.00 -73.21
N ILE DB 77 14.77 -66.52 -72.02
CA ILE DB 77 15.19 -65.19 -71.57
C ILE DB 77 16.49 -65.31 -70.78
N ILE DB 78 17.44 -64.44 -71.09
CA ILE DB 78 18.72 -64.42 -70.40
C ILE DB 78 18.64 -63.45 -69.22
N ASP DB 79 18.43 -62.17 -69.52
CA ASP DB 79 18.26 -61.15 -68.50
C ASP DB 79 17.82 -59.84 -69.15
N VAL DB 80 17.17 -58.99 -68.36
CA VAL DB 80 16.78 -57.66 -68.80
C VAL DB 80 18.00 -56.74 -68.74
N VAL DB 81 18.26 -56.03 -69.83
CA VAL DB 81 19.42 -55.17 -69.91
C VAL DB 81 19.08 -53.69 -69.91
N TYR DB 82 17.87 -53.30 -70.31
CA TYR DB 82 17.51 -51.90 -70.33
C TYR DB 82 15.99 -51.76 -70.23
N ASN DB 83 15.56 -50.70 -69.56
CA ASN DB 83 14.15 -50.41 -69.36
C ASN DB 83 13.96 -48.91 -69.45
N ALA DB 84 13.08 -48.47 -70.34
CA ALA DB 84 12.93 -47.04 -70.58
C ALA DB 84 12.30 -46.33 -69.39
N SER DB 85 11.36 -46.99 -68.71
CA SER DB 85 10.62 -46.33 -67.64
C SER DB 85 11.50 -46.12 -66.41
N ASN DB 86 11.93 -47.21 -65.79
CA ASN DB 86 12.64 -47.16 -64.52
C ASN DB 86 13.94 -47.91 -64.63
N ASN DB 87 15.03 -47.26 -64.20
CA ASN DB 87 16.33 -47.90 -64.16
C ASN DB 87 16.36 -49.02 -63.11
N GLU DB 88 15.61 -48.86 -62.02
CA GLU DB 88 15.59 -49.85 -60.96
C GLU DB 88 15.01 -51.18 -61.44
N LEU DB 89 14.12 -51.13 -62.43
CA LEU DB 89 13.54 -52.35 -62.98
C LEU DB 89 14.60 -53.24 -63.61
N VAL DB 90 15.62 -52.64 -64.23
CA VAL DB 90 16.69 -53.42 -64.82
C VAL DB 90 17.47 -54.16 -63.75
N ARG DB 91 17.84 -53.46 -62.68
CA ARG DB 91 18.63 -54.09 -61.63
C ARG DB 91 17.84 -55.15 -60.89
N THR DB 92 16.53 -54.98 -60.78
CA THR DB 92 15.72 -56.00 -60.13
C THR DB 92 15.22 -57.06 -61.09
N LYS DB 93 15.51 -56.91 -62.39
CA LYS DB 93 15.24 -57.93 -63.40
C LYS DB 93 13.74 -58.27 -63.48
N THR DB 94 12.95 -57.27 -63.86
CA THR DB 94 11.52 -57.42 -64.00
C THR DB 94 11.12 -57.22 -65.47
N LEU DB 95 10.28 -58.13 -65.96
CA LEU DB 95 9.80 -58.06 -67.34
C LEU DB 95 8.53 -57.23 -67.39
N VAL DB 96 8.56 -56.14 -68.13
CA VAL DB 96 7.39 -55.28 -68.34
C VAL DB 96 7.12 -55.22 -69.84
N LYS DB 97 6.10 -54.45 -70.23
CA LYS DB 97 5.65 -54.47 -71.61
C LYS DB 97 6.71 -53.94 -72.57
N ASN DB 98 7.40 -52.87 -72.21
CA ASN DB 98 8.31 -52.24 -73.16
C ASN DB 98 9.78 -52.48 -72.86
N CYS DB 99 10.11 -53.23 -71.82
CA CYS DB 99 11.51 -53.47 -71.50
C CYS DB 99 12.16 -54.33 -72.58
N ILE DB 100 13.46 -54.11 -72.77
CA ILE DB 100 14.24 -54.88 -73.73
C ILE DB 100 15.08 -55.88 -72.95
N VAL DB 101 15.33 -57.03 -73.57
CA VAL DB 101 15.84 -58.20 -72.88
C VAL DB 101 16.76 -58.94 -73.84
N LEU DB 102 17.65 -59.75 -73.27
CA LEU DB 102 18.52 -60.62 -74.06
C LEU DB 102 17.87 -61.98 -74.19
N ILE DB 103 17.75 -62.46 -75.42
CA ILE DB 103 17.12 -63.74 -75.69
C ILE DB 103 18.11 -64.63 -76.42
N ASP DB 104 17.90 -65.94 -76.27
CA ASP DB 104 18.75 -66.90 -76.95
C ASP DB 104 18.52 -66.83 -78.45
N SER DB 105 19.60 -66.94 -79.22
CA SER DB 105 19.51 -66.88 -80.67
C SER DB 105 19.55 -68.26 -81.32
N THR DB 106 19.48 -69.31 -80.53
CA THR DB 106 19.61 -70.66 -81.07
C THR DB 106 18.50 -71.04 -82.04
N PRO DB 107 17.20 -70.86 -81.73
CA PRO DB 107 16.18 -71.24 -82.72
C PRO DB 107 16.25 -70.43 -84.00
N TYR DB 108 16.56 -69.14 -83.89
CA TYR DB 108 16.68 -68.32 -85.09
C TYR DB 108 17.88 -68.71 -85.91
N ARG DB 109 18.99 -69.02 -85.25
CA ARG DB 109 20.17 -69.52 -85.96
C ARG DB 109 19.85 -70.82 -86.68
N GLN DB 110 19.13 -71.72 -86.00
CA GLN DB 110 18.76 -72.98 -86.62
C GLN DB 110 17.87 -72.76 -87.84
N TRP DB 111 16.90 -71.85 -87.73
CA TRP DB 111 16.02 -71.59 -88.87
C TRP DB 111 16.81 -70.97 -90.02
N TYR DB 112 17.74 -70.06 -89.70
CA TYR DB 112 18.56 -69.45 -90.75
C TYR DB 112 19.36 -70.50 -91.48
N GLU DB 113 19.97 -71.43 -90.74
CA GLU DB 113 20.73 -72.49 -91.39
C GLU DB 113 19.84 -73.39 -92.23
N SER DB 114 18.66 -73.75 -91.70
CA SER DB 114 17.79 -74.67 -92.43
C SER DB 114 17.16 -74.03 -93.66
N HIS DB 115 17.00 -72.72 -93.67
CA HIS DB 115 16.34 -72.04 -94.78
C HIS DB 115 17.34 -71.49 -95.79
N TYR DB 116 18.24 -70.62 -95.35
CA TYR DB 116 19.17 -69.98 -96.27
C TYR DB 116 20.36 -70.86 -96.62
N ALA DB 117 20.58 -71.94 -95.87
CA ALA DB 117 21.68 -72.87 -96.11
C ALA DB 117 23.03 -72.15 -96.16
N LEU DB 118 23.20 -71.19 -95.26
CA LEU DB 118 24.42 -70.41 -95.17
C LEU DB 118 24.89 -70.40 -93.72
N PRO DB 119 26.20 -70.45 -93.49
CA PRO DB 119 26.70 -70.37 -92.11
C PRO DB 119 26.37 -69.02 -91.49
N LEU DB 120 25.79 -69.07 -90.29
CA LEU DB 120 25.50 -67.90 -89.48
C LEU DB 120 25.68 -68.27 -88.02
N GLY DB 121 26.21 -67.35 -87.23
CA GLY DB 121 26.53 -67.66 -85.85
C GLY DB 121 27.77 -68.51 -85.66
N ARG DB 122 28.43 -68.90 -86.74
CA ARG DB 122 29.63 -69.72 -86.68
C ARG DB 122 30.87 -68.85 -86.78
N LYS DB 123 31.91 -69.22 -86.04
CA LYS DB 123 33.12 -68.41 -86.02
C LYS DB 123 33.98 -68.65 -87.25
N LYS DB 124 34.46 -69.88 -87.44
CA LYS DB 124 35.29 -70.21 -88.58
C LYS DB 124 34.86 -71.48 -89.31
N GLY DB 125 33.91 -72.23 -88.79
CA GLY DB 125 33.43 -73.44 -89.44
C GLY DB 125 34.25 -74.67 -89.08
N ALA DB 126 33.78 -75.81 -89.58
CA ALA DB 126 34.40 -77.12 -89.38
C ALA DB 126 34.54 -77.44 -87.88
N LYS DB 127 33.45 -77.23 -87.15
CA LYS DB 127 33.41 -77.53 -85.73
C LYS DB 127 32.20 -78.33 -85.29
N LEU DB 128 31.21 -78.51 -86.16
CA LEU DB 128 30.00 -79.28 -85.87
C LEU DB 128 29.68 -80.20 -87.04
N THR DB 129 30.70 -80.89 -87.51
CA THR DB 129 30.65 -81.62 -88.78
C THR DB 129 29.52 -82.63 -88.92
N PRO DB 130 29.11 -83.42 -87.91
CA PRO DB 130 28.05 -84.41 -88.15
C PRO DB 130 26.72 -83.81 -88.58
N GLU DB 131 26.49 -82.52 -88.36
CA GLU DB 131 25.22 -81.89 -88.71
C GLU DB 131 25.36 -80.77 -89.73
N GLU DB 132 26.32 -79.87 -89.56
CA GLU DB 132 26.44 -78.72 -90.46
C GLU DB 132 26.82 -79.15 -91.86
N GLU DB 133 27.68 -80.16 -91.99
CA GLU DB 133 28.06 -80.66 -93.30
C GLU DB 133 26.86 -81.19 -94.07
N GLU DB 134 25.98 -81.92 -93.39
CA GLU DB 134 24.77 -82.41 -94.06
C GLU DB 134 23.84 -81.27 -94.43
N ILE DB 135 23.55 -80.37 -93.48
CA ILE DB 135 22.53 -79.35 -93.71
C ILE DB 135 22.98 -78.36 -94.78
N LEU DB 136 24.30 -78.14 -94.93
CA LEU DB 136 24.72 -77.17 -95.93
C LEU DB 136 24.58 -77.74 -97.35
N ASN DB 137 24.96 -79.01 -97.54
CA ASN DB 137 25.04 -79.57 -98.88
C ASN DB 137 23.77 -80.33 -99.27
N LYS DB 138 23.46 -81.41 -98.55
CA LYS DB 138 22.32 -82.30 -98.83
C LYS DB 138 22.33 -82.90 -100.23
N LYS DB 139 23.41 -82.70 -101.00
CA LYS DB 139 23.57 -83.12 -102.39
C LYS DB 139 22.30 -82.98 -103.22
N ARG DB 140 21.56 -81.89 -103.02
CA ARG DB 140 20.21 -81.80 -103.54
C ARG DB 140 20.20 -81.59 -105.05
N SER DB 141 19.03 -81.79 -105.64
CA SER DB 141 18.89 -81.88 -107.08
C SER DB 141 19.09 -80.52 -107.74
N LYS DB 142 18.96 -80.52 -109.07
CA LYS DB 142 19.16 -79.31 -109.85
C LYS DB 142 18.11 -78.25 -109.49
N LYS DB 143 16.85 -78.65 -109.42
CA LYS DB 143 15.80 -77.69 -109.10
C LYS DB 143 15.85 -77.25 -107.65
N ILE DB 144 16.30 -78.13 -106.74
CA ILE DB 144 16.41 -77.73 -105.34
C ILE DB 144 17.55 -76.73 -105.17
N GLN DB 145 18.67 -76.95 -105.86
CA GLN DB 145 19.72 -75.93 -105.85
C GLN DB 145 19.24 -74.65 -106.52
N LYS DB 146 18.38 -74.78 -107.54
CA LYS DB 146 17.80 -73.61 -108.19
C LYS DB 146 16.89 -72.82 -107.25
N LYS DB 147 16.24 -73.50 -106.30
CA LYS DB 147 15.41 -72.82 -105.32
C LYS DB 147 16.21 -72.35 -104.11
N TYR DB 148 17.41 -72.89 -103.88
CA TYR DB 148 18.25 -72.37 -102.80
C TYR DB 148 19.07 -71.18 -103.21
N ASP DB 149 19.73 -71.21 -104.37
CA ASP DB 149 20.42 -70.00 -104.82
C ASP DB 149 19.44 -68.89 -105.19
N GLU DB 150 18.15 -69.21 -105.33
CA GLU DB 150 17.15 -68.17 -105.56
C GLU DB 150 16.88 -67.37 -104.30
N ARG DB 151 16.89 -68.03 -103.14
CA ARG DB 151 16.77 -67.34 -101.87
C ARG DB 151 18.12 -66.89 -101.32
N LYS DB 152 19.22 -67.35 -101.92
CA LYS DB 152 20.54 -66.90 -101.50
C LYS DB 152 20.81 -65.45 -101.90
N LYS DB 153 20.33 -65.04 -103.09
CA LYS DB 153 20.71 -63.75 -103.63
C LYS DB 153 20.20 -62.59 -102.79
N ASN DB 154 19.09 -62.79 -102.07
CA ASN DB 154 18.57 -61.77 -101.17
C ASN DB 154 18.79 -62.12 -99.70
N ALA DB 155 19.80 -62.93 -99.41
CA ALA DB 155 20.09 -63.39 -98.05
C ALA DB 155 21.22 -62.53 -97.48
N LYS DB 156 20.85 -61.51 -96.71
CA LYS DB 156 21.83 -60.64 -96.07
C LYS DB 156 21.33 -60.31 -94.67
N ILE DB 157 22.27 -60.07 -93.76
CA ILE DB 157 21.96 -59.75 -92.38
C ILE DB 157 22.66 -58.45 -92.02
N SER DB 158 21.97 -57.58 -91.29
CA SER DB 158 22.57 -56.34 -90.82
C SER DB 158 23.78 -56.63 -89.94
N SER DB 159 24.81 -55.79 -90.11
CA SER DB 159 26.07 -56.00 -89.41
C SER DB 159 25.89 -56.00 -87.90
N LEU DB 160 25.01 -55.15 -87.37
CA LEU DB 160 24.72 -55.17 -85.95
C LEU DB 160 24.01 -56.45 -85.52
N LEU DB 161 23.44 -57.19 -86.47
CA LEU DB 161 22.63 -58.35 -86.18
C LEU DB 161 23.44 -59.65 -86.23
N GLU DB 162 24.27 -59.84 -87.26
CA GLU DB 162 25.03 -61.09 -87.23
C GLU DB 162 26.10 -61.08 -86.15
N GLU DB 163 26.54 -59.90 -85.73
CA GLU DB 163 27.43 -59.85 -84.57
C GLU DB 163 26.74 -60.36 -83.31
N GLN DB 164 25.48 -59.95 -83.11
CA GLN DB 164 24.71 -60.50 -82.00
C GLN DB 164 24.53 -61.99 -82.14
N PHE DB 165 24.30 -62.46 -83.36
CA PHE DB 165 24.18 -63.90 -83.58
C PHE DB 165 25.47 -64.63 -83.23
N GLN DB 166 26.62 -64.03 -83.56
CA GLN DB 166 27.89 -64.61 -83.14
C GLN DB 166 27.98 -64.66 -81.62
N GLN DB 167 27.53 -63.59 -80.96
CA GLN DB 167 27.53 -63.57 -79.50
C GLN DB 167 26.56 -64.58 -78.91
N GLY DB 168 25.57 -65.03 -79.69
CA GLY DB 168 24.57 -65.95 -79.20
C GLY DB 168 23.40 -65.31 -78.51
N LYS DB 169 23.39 -63.99 -78.36
CA LYS DB 169 22.32 -63.28 -77.69
C LYS DB 169 21.74 -62.22 -78.61
N LEU DB 170 20.42 -62.09 -78.59
CA LEU DB 170 19.73 -61.11 -79.41
C LEU DB 170 18.96 -60.16 -78.51
N LEU DB 171 18.96 -58.88 -78.87
CA LEU DB 171 18.15 -57.91 -78.15
C LEU DB 171 16.72 -57.99 -78.66
N ALA DB 172 15.77 -58.10 -77.73
CA ALA DB 172 14.37 -58.22 -78.06
C ALA DB 172 13.54 -57.34 -77.15
N CYS DB 173 12.52 -56.71 -77.72
CA CYS DB 173 11.59 -55.90 -76.97
C CYS DB 173 10.30 -56.69 -76.77
N ILE DB 174 9.85 -56.78 -75.53
CA ILE DB 174 8.58 -57.41 -75.25
C ILE DB 174 7.46 -56.57 -75.87
N ALA DB 175 6.37 -57.22 -76.25
CA ALA DB 175 5.18 -56.56 -76.72
C ALA DB 175 3.92 -56.96 -75.98
N SER DB 176 3.95 -58.08 -75.28
CA SER DB 176 2.84 -58.47 -74.43
C SER DB 176 2.97 -57.80 -73.07
N ARG DB 177 1.96 -57.99 -72.22
CA ARG DB 177 1.95 -57.42 -70.88
C ARG DB 177 1.96 -58.57 -69.89
N PRO DB 178 3.14 -58.96 -69.39
CA PRO DB 178 3.18 -59.96 -68.32
C PRO DB 178 2.45 -59.43 -67.11
N GLY DB 179 1.73 -60.32 -66.43
CA GLY DB 179 0.86 -59.93 -65.35
C GLY DB 179 -0.55 -59.61 -65.79
N GLN DB 180 -0.76 -59.36 -67.08
CA GLN DB 180 -2.09 -59.28 -67.66
C GLN DB 180 -2.44 -60.50 -68.48
N CYS DB 181 -1.51 -60.96 -69.32
CA CYS DB 181 -1.71 -62.15 -70.13
C CYS DB 181 -0.92 -63.35 -69.64
N GLY DB 182 0.12 -63.14 -68.83
CA GLY DB 182 0.94 -64.23 -68.36
C GLY DB 182 1.98 -64.70 -69.34
N ARG DB 183 2.27 -63.93 -70.38
CA ARG DB 183 3.26 -64.29 -71.37
C ARG DB 183 4.24 -63.15 -71.55
N ALA DB 184 5.37 -63.45 -72.18
CA ALA DB 184 6.43 -62.47 -72.45
C ALA DB 184 6.80 -62.48 -73.92
N ASP DB 185 5.79 -62.45 -74.78
CA ASP DB 185 6.04 -62.45 -76.22
C ASP DB 185 6.59 -61.11 -76.65
N GLY DB 186 7.30 -61.12 -77.78
CA GLY DB 186 7.93 -59.90 -78.24
C GLY DB 186 8.51 -60.02 -79.63
N TYR DB 187 9.34 -59.04 -79.97
CA TYR DB 187 9.96 -58.98 -81.28
C TYR DB 187 11.44 -58.65 -81.15
N VAL DB 188 12.22 -59.17 -82.08
CA VAL DB 188 13.66 -58.96 -82.10
C VAL DB 188 13.97 -57.60 -82.68
N LEU DB 189 14.86 -56.85 -82.03
CA LEU DB 189 15.24 -55.53 -82.51
C LEU DB 189 15.99 -55.62 -83.83
N GLU DB 190 15.75 -54.65 -84.70
CA GLU DB 190 16.53 -54.50 -85.93
C GLU DB 190 16.61 -53.02 -86.29
N GLY DB 191 17.57 -52.71 -87.15
CA GLY DB 191 17.61 -51.42 -87.81
C GLY DB 191 17.78 -50.25 -86.87
N LYS DB 192 17.01 -49.19 -87.13
CA LYS DB 192 17.15 -47.96 -86.37
C LYS DB 192 16.83 -48.16 -84.90
N GLU DB 193 15.82 -48.99 -84.60
CA GLU DB 193 15.48 -49.25 -83.21
C GLU DB 193 16.62 -49.92 -82.46
N LEU DB 194 17.24 -50.92 -83.08
CA LEU DB 194 18.40 -51.57 -82.47
C LEU DB 194 19.55 -50.59 -82.30
N GLU DB 195 19.79 -49.76 -83.32
CA GLU DB 195 20.88 -48.79 -83.24
C GLU DB 195 20.66 -47.81 -82.09
N PHE DB 196 19.42 -47.32 -81.97
CA PHE DB 196 19.08 -46.38 -80.91
C PHE DB 196 19.20 -47.00 -79.53
N TYR DB 197 18.69 -48.21 -79.35
CA TYR DB 197 18.80 -48.85 -78.04
C TYR DB 197 20.25 -49.18 -77.70
N LEU DB 198 21.05 -49.52 -78.71
CA LEU DB 198 22.46 -49.75 -78.45
C LEU DB 198 23.17 -48.48 -78.02
N ARG DB 199 22.82 -47.35 -78.65
CA ARG DB 199 23.39 -46.09 -78.20
C ARG DB 199 22.93 -45.74 -76.79
N LYS DB 200 21.67 -46.05 -76.46
CA LYS DB 200 21.19 -45.82 -75.09
C LYS DB 200 21.96 -46.68 -74.09
N ILE DB 201 22.21 -47.94 -74.43
CA ILE DB 201 23.01 -48.81 -73.59
C ILE DB 201 24.41 -48.24 -73.41
N LYS DB 202 25.02 -47.76 -74.49
CA LYS DB 202 26.37 -47.22 -74.41
C LYS DB 202 26.41 -45.96 -73.56
N ALA DB 203 25.42 -45.08 -73.71
CA ALA DB 203 25.38 -43.86 -72.92
C ALA DB 203 25.18 -44.18 -71.44
N ARG DB 204 24.34 -45.18 -71.14
CA ARG DB 204 24.16 -45.62 -69.77
C ARG DB 204 25.46 -46.18 -69.20
N LYS DB 205 26.19 -46.96 -70.00
CA LYS DB 205 27.51 -47.48 -69.62
C LYS DB 205 28.23 -47.92 -70.89
N GLY DB 206 29.45 -47.45 -71.07
CA GLY DB 206 30.25 -47.83 -72.22
C GLY DB 206 30.96 -46.66 -72.89
N PRO EB 1 -44.34 -47.75 -53.04
CA PRO EB 1 -45.13 -48.02 -51.84
C PRO EB 1 -46.62 -48.14 -52.10
N VAL EB 2 -47.43 -47.22 -51.62
CA VAL EB 2 -48.86 -47.45 -51.62
C VAL EB 2 -49.43 -47.16 -53.02
N ALA EB 3 -50.59 -47.74 -53.29
CA ALA EB 3 -51.31 -47.56 -54.55
C ALA EB 3 -52.45 -46.56 -54.40
N ARG EB 4 -52.25 -45.54 -53.57
CA ARG EB 4 -53.25 -44.50 -53.36
C ARG EB 4 -53.25 -43.54 -54.55
N SER EB 5 -54.06 -42.50 -54.47
CA SER EB 5 -54.04 -41.53 -55.56
C SER EB 5 -53.72 -40.12 -55.09
N TRP EB 6 -54.28 -39.69 -53.96
CA TRP EB 6 -54.12 -38.36 -53.37
C TRP EB 6 -54.06 -37.24 -54.41
N VAL EB 7 -54.99 -37.29 -55.36
CA VAL EB 7 -55.22 -36.20 -56.28
C VAL EB 7 -56.55 -35.58 -55.91
N CYS EB 8 -56.52 -34.32 -55.50
CA CYS EB 8 -57.71 -33.63 -55.04
C CYS EB 8 -57.51 -32.14 -55.24
N ARG EB 9 -58.62 -31.41 -55.20
CA ARG EB 9 -58.57 -29.97 -55.33
C ARG EB 9 -59.72 -29.36 -54.56
N LYS EB 10 -59.54 -28.11 -54.14
CA LYS EB 10 -60.64 -27.38 -53.53
C LYS EB 10 -61.60 -26.90 -54.60
N THR EB 11 -62.89 -26.99 -54.32
CA THR EB 11 -63.90 -26.60 -55.29
C THR EB 11 -64.39 -25.17 -55.09
N TYR EB 12 -63.82 -24.44 -54.13
CA TYR EB 12 -64.27 -23.09 -53.82
C TYR EB 12 -63.07 -22.22 -53.49
N VAL EB 13 -63.28 -20.92 -53.58
CA VAL EB 13 -62.27 -19.93 -53.20
C VAL EB 13 -62.92 -18.90 -52.31
N THR EB 14 -62.33 -18.67 -51.14
CA THR EB 14 -62.86 -17.70 -50.20
C THR EB 14 -62.63 -16.28 -50.72
N PRO EB 15 -63.52 -15.35 -50.38
CA PRO EB 15 -63.35 -13.95 -50.81
C PRO EB 15 -62.13 -13.31 -50.18
N ARG EB 16 -61.56 -12.35 -50.91
CA ARG EB 16 -60.34 -11.68 -50.46
C ARG EB 16 -60.59 -10.90 -49.17
N ARG EB 17 -61.58 -10.02 -49.17
CA ARG EB 17 -61.92 -9.28 -47.98
C ARG EB 17 -63.21 -9.82 -47.41
N PRO EB 18 -63.30 -10.03 -46.10
CA PRO EB 18 -64.59 -10.31 -45.47
C PRO EB 18 -65.25 -9.02 -45.03
N PHE EB 19 -66.51 -9.15 -44.64
CA PHE EB 19 -67.28 -8.05 -44.03
C PHE EB 19 -67.44 -6.86 -44.99
N GLU EB 20 -67.95 -7.12 -46.18
CA GLU EB 20 -68.47 -6.08 -47.05
C GLU EB 20 -69.98 -6.22 -47.10
N LYS EB 21 -70.68 -5.11 -46.81
CA LYS EB 21 -72.14 -5.17 -46.77
C LYS EB 21 -72.70 -5.57 -48.13
N SER EB 22 -72.14 -5.02 -49.21
CA SER EB 22 -72.66 -5.31 -50.54
C SER EB 22 -72.49 -6.78 -50.89
N ARG EB 23 -71.29 -7.32 -50.70
CA ARG EB 23 -71.04 -8.71 -51.04
C ARG EB 23 -71.86 -9.65 -50.15
N LEU EB 24 -71.92 -9.35 -48.85
CA LEU EB 24 -72.69 -10.19 -47.95
C LEU EB 24 -74.16 -10.20 -48.32
N ASP EB 25 -74.72 -9.03 -48.65
CA ASP EB 25 -76.13 -8.98 -49.01
C ASP EB 25 -76.39 -9.69 -50.33
N GLN EB 26 -75.51 -9.53 -51.31
CA GLN EB 26 -75.71 -10.19 -52.60
C GLN EB 26 -75.64 -11.70 -52.46
N GLU EB 27 -74.67 -12.21 -51.71
CA GLU EB 27 -74.58 -13.64 -51.50
C GLU EB 27 -75.75 -14.16 -50.69
N LEU EB 28 -76.23 -13.38 -49.72
CA LEU EB 28 -77.41 -13.82 -48.97
C LEU EB 28 -78.64 -13.85 -49.85
N LYS EB 29 -78.76 -12.92 -50.80
CA LYS EB 29 -79.87 -12.96 -51.73
C LYS EB 29 -79.81 -14.21 -52.58
N LEU EB 30 -78.62 -14.58 -53.04
CA LEU EB 30 -78.49 -15.83 -53.79
C LEU EB 30 -78.85 -17.04 -52.94
N ILE EB 31 -78.41 -17.05 -51.67
CA ILE EB 31 -78.69 -18.17 -50.79
C ILE EB 31 -80.19 -18.30 -50.55
N GLY EB 32 -80.86 -17.19 -50.29
CA GLY EB 32 -82.29 -17.23 -50.07
C GLY EB 32 -83.06 -17.62 -51.32
N GLU EB 33 -82.59 -17.17 -52.49
CA GLU EB 33 -83.30 -17.47 -53.72
C GLU EB 33 -83.18 -18.94 -54.08
N TYR EB 34 -81.99 -19.53 -53.90
CA TYR EB 34 -81.76 -20.89 -54.36
C TYR EB 34 -81.65 -21.91 -53.23
N GLY EB 35 -82.04 -21.54 -52.02
CA GLY EB 35 -82.09 -22.48 -50.91
C GLY EB 35 -80.75 -23.08 -50.55
N LEU EB 36 -79.68 -22.32 -50.64
CA LEU EB 36 -78.35 -22.85 -50.39
C LEU EB 36 -78.13 -23.04 -48.90
N ARG EB 37 -77.28 -24.02 -48.57
CA ARG EB 37 -77.04 -24.34 -47.16
C ARG EB 37 -76.18 -23.28 -46.49
N ASN EB 38 -75.11 -22.86 -47.15
CA ASN EB 38 -74.21 -21.85 -46.58
C ASN EB 38 -73.52 -21.12 -47.73
N LYS EB 39 -72.59 -20.25 -47.38
CA LYS EB 39 -71.87 -19.47 -48.39
C LYS EB 39 -70.93 -20.32 -49.23
N ARG EB 40 -70.63 -21.54 -48.82
CA ARG EB 40 -69.70 -22.34 -49.61
C ARG EB 40 -70.32 -22.78 -50.92
N GLU EB 41 -71.64 -22.98 -50.98
CA GLU EB 41 -72.27 -23.34 -52.25
C GLU EB 41 -72.15 -22.20 -53.26
N VAL EB 42 -72.49 -20.99 -52.85
CA VAL EB 42 -72.37 -19.86 -53.77
C VAL EB 42 -70.91 -19.62 -54.12
N TRP EB 43 -70.00 -19.84 -53.19
CA TRP EB 43 -68.59 -19.68 -53.51
C TRP EB 43 -68.11 -20.75 -54.49
N ARG EB 44 -68.60 -21.99 -54.39
CA ARG EB 44 -68.13 -23.01 -55.30
C ARG EB 44 -68.66 -22.78 -56.70
N VAL EB 45 -69.92 -22.32 -56.81
CA VAL EB 45 -70.43 -22.07 -58.16
C VAL EB 45 -69.76 -20.83 -58.75
N LYS EB 46 -69.45 -19.85 -57.89
CA LYS EB 46 -68.67 -18.71 -58.33
C LYS EB 46 -67.30 -19.12 -58.82
N PHE EB 47 -66.67 -20.07 -58.13
CA PHE EB 47 -65.34 -20.55 -58.52
C PHE EB 47 -65.40 -21.33 -59.82
N THR EB 48 -66.45 -22.14 -60.01
CA THR EB 48 -66.63 -22.82 -61.28
C THR EB 48 -66.78 -21.84 -62.42
N LEU EB 49 -67.61 -20.81 -62.22
CA LEU EB 49 -67.76 -19.78 -63.24
C LEU EB 49 -66.45 -19.06 -63.50
N ALA EB 50 -65.67 -18.79 -62.45
CA ALA EB 50 -64.39 -18.12 -62.62
C ALA EB 50 -63.43 -18.96 -63.43
N LYS EB 51 -63.39 -20.27 -63.17
CA LYS EB 51 -62.52 -21.15 -63.95
C LYS EB 51 -62.94 -21.18 -65.41
N ILE EB 52 -64.24 -21.23 -65.67
CA ILE EB 52 -64.72 -21.22 -67.05
C ILE EB 52 -64.33 -19.92 -67.73
N ARG EB 53 -64.49 -18.81 -67.04
CA ARG EB 53 -64.12 -17.51 -67.59
C ARG EB 53 -62.63 -17.43 -67.85
N LYS EB 54 -61.83 -18.03 -66.96
CA LYS EB 54 -60.38 -18.01 -67.15
C LYS EB 54 -59.97 -18.78 -68.39
N ALA EB 55 -60.55 -19.97 -68.59
CA ALA EB 55 -60.25 -20.74 -69.79
C ALA EB 55 -60.70 -20.00 -71.04
N ALA EB 56 -61.88 -19.37 -70.99
CA ALA EB 56 -62.36 -18.61 -72.12
C ALA EB 56 -61.45 -17.42 -72.42
N ARG EB 57 -60.95 -16.75 -71.39
CA ARG EB 57 -60.04 -15.63 -71.60
C ARG EB 57 -58.75 -16.10 -72.26
N GLU EB 58 -58.22 -17.24 -71.83
CA GLU EB 58 -57.02 -17.77 -72.46
C GLU EB 58 -57.27 -18.06 -73.93
N LEU EB 59 -58.42 -18.65 -74.25
CA LEU EB 59 -58.73 -18.93 -75.65
C LEU EB 59 -58.94 -17.65 -76.45
N LEU EB 60 -59.55 -16.62 -75.83
CA LEU EB 60 -59.76 -15.36 -76.53
C LEU EB 60 -58.44 -14.67 -76.86
N THR EB 61 -57.51 -14.64 -75.91
CA THR EB 61 -56.20 -14.09 -76.20
C THR EB 61 -55.49 -14.93 -77.26
N LEU EB 62 -55.77 -16.23 -77.29
CA LEU EB 62 -55.25 -17.05 -78.37
C LEU EB 62 -55.86 -16.61 -79.70
N ASP EB 63 -55.05 -16.68 -80.75
CA ASP EB 63 -55.46 -16.18 -82.06
C ASP EB 63 -56.61 -16.99 -82.63
N GLU EB 64 -57.51 -16.31 -83.34
CA GLU EB 64 -58.56 -17.00 -84.08
C GLU EB 64 -57.93 -17.84 -85.18
N LYS EB 65 -58.60 -18.95 -85.53
CA LYS EB 65 -58.23 -19.97 -86.49
C LYS EB 65 -57.17 -20.91 -85.90
N ASP EB 66 -56.66 -20.64 -84.71
CA ASP EB 66 -55.74 -21.56 -84.05
C ASP EB 66 -56.44 -22.88 -83.78
N PRO EB 67 -55.83 -24.02 -84.13
CA PRO EB 67 -56.48 -25.31 -83.86
C PRO EB 67 -56.84 -25.52 -82.41
N ARG EB 68 -55.96 -25.11 -81.48
CA ARG EB 68 -56.24 -25.28 -80.07
C ARG EB 68 -57.44 -24.44 -79.65
N ARG EB 69 -57.49 -23.19 -80.12
CA ARG EB 69 -58.64 -22.34 -79.81
C ARG EB 69 -59.92 -22.95 -80.36
N LEU EB 70 -59.91 -23.41 -81.60
CA LEU EB 70 -61.11 -23.99 -82.19
C LEU EB 70 -61.57 -25.21 -81.40
N PHE EB 71 -60.66 -26.15 -81.15
CA PHE EB 71 -61.03 -27.40 -80.49
C PHE EB 71 -61.53 -27.15 -79.07
N GLU EB 72 -60.74 -26.43 -78.26
CA GLU EB 72 -61.12 -26.23 -76.87
C GLU EB 72 -62.32 -25.31 -76.73
N GLY EB 73 -62.43 -24.28 -77.58
CA GLY EB 73 -63.59 -23.41 -77.52
C GLY EB 73 -64.87 -24.14 -77.90
N ASN EB 74 -64.82 -24.97 -78.93
CA ASN EB 74 -66.01 -25.73 -79.29
C ASN EB 74 -66.38 -26.71 -78.19
N ALA EB 75 -65.38 -27.35 -77.58
CA ALA EB 75 -65.68 -28.28 -76.49
C ALA EB 75 -66.34 -27.55 -75.31
N LEU EB 76 -65.78 -26.40 -74.93
CA LEU EB 76 -66.33 -25.64 -73.82
C LEU EB 76 -67.74 -25.13 -74.13
N LEU EB 77 -67.95 -24.63 -75.35
CA LEU EB 77 -69.27 -24.14 -75.73
C LEU EB 77 -70.29 -25.26 -75.74
N ARG EB 78 -69.92 -26.43 -76.26
CA ARG EB 78 -70.91 -27.50 -76.32
C ARG EB 78 -71.20 -28.07 -74.94
N ARG EB 79 -70.23 -28.07 -74.03
CA ARG EB 79 -70.58 -28.51 -72.69
C ARG EB 79 -71.45 -27.48 -71.97
N LEU EB 80 -71.25 -26.19 -72.25
CA LEU EB 80 -72.11 -25.18 -71.65
C LEU EB 80 -73.54 -25.30 -72.16
N VAL EB 81 -73.71 -25.46 -73.46
CA VAL EB 81 -75.07 -25.65 -73.98
C VAL EB 81 -75.62 -27.01 -73.58
N ARG EB 82 -74.75 -27.97 -73.25
CA ARG EB 82 -75.21 -29.27 -72.78
C ARG EB 82 -75.84 -29.15 -71.40
N ILE EB 83 -75.20 -28.41 -70.48
CA ILE EB 83 -75.82 -28.17 -69.18
C ILE EB 83 -76.87 -27.07 -69.25
N GLY EB 84 -77.02 -26.40 -70.39
CA GLY EB 84 -78.15 -25.54 -70.61
C GLY EB 84 -78.01 -24.13 -70.11
N VAL EB 85 -76.83 -23.73 -69.65
CA VAL EB 85 -76.63 -22.35 -69.25
C VAL EB 85 -76.39 -21.43 -70.43
N LEU EB 86 -76.12 -21.99 -71.61
CA LEU EB 86 -75.90 -21.22 -72.81
C LEU EB 86 -76.92 -21.64 -73.86
N ASP EB 87 -77.45 -20.67 -74.57
CA ASP EB 87 -78.45 -20.96 -75.60
C ASP EB 87 -77.81 -21.66 -76.79
N GLU EB 88 -78.64 -22.40 -77.52
CA GLU EB 88 -78.18 -23.14 -78.69
C GLU EB 88 -77.63 -22.22 -79.77
N GLY EB 89 -78.15 -21.01 -79.88
CA GLY EB 89 -77.73 -20.11 -80.94
C GLY EB 89 -76.52 -19.26 -80.60
N LYS EB 90 -76.25 -19.06 -79.32
CA LYS EB 90 -75.18 -18.15 -78.90
C LYS EB 90 -73.88 -18.91 -78.67
N MET EB 91 -73.45 -19.67 -79.66
CA MET EB 91 -72.25 -20.51 -79.53
C MET EB 91 -71.03 -19.74 -80.04
N LYS EB 92 -70.69 -18.69 -79.29
CA LYS EB 92 -69.48 -17.92 -79.51
C LYS EB 92 -68.74 -17.82 -78.19
N LEU EB 93 -67.40 -17.74 -78.27
CA LEU EB 93 -66.60 -17.62 -77.07
C LEU EB 93 -66.84 -16.31 -76.34
N ASP EB 94 -67.28 -15.28 -77.06
CA ASP EB 94 -67.50 -13.99 -76.42
C ASP EB 94 -68.63 -14.05 -75.40
N TYR EB 95 -69.70 -14.77 -75.73
CA TYR EB 95 -70.86 -14.84 -74.85
C TYR EB 95 -70.59 -15.64 -73.59
N ILE EB 96 -69.52 -16.42 -73.55
CA ILE EB 96 -69.15 -17.12 -72.33
C ILE EB 96 -68.81 -16.11 -71.24
N LEU EB 97 -68.14 -15.03 -71.60
CA LEU EB 97 -67.82 -13.98 -70.64
C LEU EB 97 -69.06 -13.29 -70.11
N GLY EB 98 -70.16 -13.33 -70.86
CA GLY EB 98 -71.40 -12.72 -70.41
C GLY EB 98 -72.21 -13.54 -69.44
N LEU EB 99 -71.76 -14.75 -69.12
CA LEU EB 99 -72.50 -15.59 -68.19
C LEU EB 99 -72.34 -15.08 -66.77
N LYS EB 100 -73.36 -15.33 -65.96
CA LYS EB 100 -73.39 -14.93 -64.56
C LYS EB 100 -73.53 -16.17 -63.69
N ILE EB 101 -73.74 -15.95 -62.39
CA ILE EB 101 -73.84 -17.05 -61.46
C ILE EB 101 -75.28 -17.55 -61.33
N GLU EB 102 -76.26 -16.70 -61.65
CA GLU EB 102 -77.65 -17.08 -61.48
C GLU EB 102 -78.06 -18.18 -62.44
N ASP EB 103 -77.57 -18.14 -63.69
CA ASP EB 103 -77.96 -19.16 -64.64
C ASP EB 103 -77.24 -20.49 -64.39
N PHE EB 104 -76.10 -20.49 -63.71
CA PHE EB 104 -75.57 -21.73 -63.17
C PHE EB 104 -76.45 -22.25 -62.04
N LEU EB 105 -76.81 -21.36 -61.11
CA LEU EB 105 -77.59 -21.80 -59.95
C LEU EB 105 -78.97 -22.29 -60.35
N GLU EB 106 -79.49 -21.86 -61.49
CA GLU EB 106 -80.80 -22.32 -61.91
C GLU EB 106 -80.78 -23.68 -62.59
N ARG EB 107 -79.61 -24.28 -62.80
CA ARG EB 107 -79.52 -25.61 -63.38
C ARG EB 107 -79.40 -26.70 -62.32
N ARG EB 108 -79.34 -26.35 -61.05
CA ARG EB 108 -79.25 -27.35 -60.00
C ARG EB 108 -80.55 -28.14 -59.91
N LEU EB 109 -80.43 -29.37 -59.43
CA LEU EB 109 -81.60 -30.23 -59.30
C LEU EB 109 -82.59 -29.67 -58.28
N GLN EB 110 -82.07 -29.04 -57.23
CA GLN EB 110 -82.94 -28.46 -56.20
C GLN EB 110 -83.86 -27.39 -56.79
N THR EB 111 -83.31 -26.53 -57.63
CA THR EB 111 -84.14 -25.53 -58.29
C THR EB 111 -84.99 -26.14 -59.38
N GLN EB 112 -84.51 -27.21 -60.02
CA GLN EB 112 -85.24 -27.78 -61.13
C GLN EB 112 -86.52 -28.47 -60.68
N VAL EB 113 -86.48 -29.19 -59.56
CA VAL EB 113 -87.71 -29.83 -59.10
C VAL EB 113 -88.73 -28.79 -58.67
N PHE EB 114 -88.28 -27.72 -58.00
CA PHE EB 114 -89.19 -26.66 -57.61
C PHE EB 114 -89.80 -25.96 -58.82
N LYS EB 115 -88.98 -25.71 -59.85
CA LYS EB 115 -89.50 -25.06 -61.05
C LYS EB 115 -90.45 -25.97 -61.81
N LEU EB 116 -90.13 -27.27 -61.89
CA LEU EB 116 -91.02 -28.22 -62.56
C LEU EB 116 -92.31 -28.43 -61.79
N GLY EB 117 -92.32 -28.13 -60.49
CA GLY EB 117 -93.55 -28.14 -59.74
C GLY EB 117 -93.76 -29.33 -58.84
N LEU EB 118 -92.74 -30.19 -58.68
CA LEU EB 118 -92.86 -31.30 -57.74
C LEU EB 118 -92.76 -30.85 -56.29
N ALA EB 119 -92.34 -29.62 -56.04
CA ALA EB 119 -92.15 -29.13 -54.68
C ALA EB 119 -92.88 -27.81 -54.50
N LYS EB 120 -93.18 -27.49 -53.24
CA LYS EB 120 -93.92 -26.28 -52.93
C LYS EB 120 -93.00 -25.08 -52.70
N SER EB 121 -91.80 -25.31 -52.20
CA SER EB 121 -90.82 -24.25 -52.02
C SER EB 121 -89.44 -24.79 -52.38
N ILE EB 122 -88.47 -23.88 -52.43
CA ILE EB 122 -87.11 -24.29 -52.77
C ILE EB 122 -86.52 -25.13 -51.64
N HIS EB 123 -86.81 -24.78 -50.38
CA HIS EB 123 -86.31 -25.56 -49.27
C HIS EB 123 -87.01 -26.90 -49.15
N HIS EB 124 -88.32 -26.92 -49.46
CA HIS EB 124 -89.02 -28.20 -49.58
C HIS EB 124 -88.41 -29.05 -50.67
N ALA EB 125 -87.98 -28.43 -51.77
CA ALA EB 125 -87.30 -29.17 -52.83
C ALA EB 125 -86.00 -29.77 -52.33
N ARG EB 126 -85.21 -29.00 -51.58
CA ARG EB 126 -83.95 -29.53 -51.08
C ARG EB 126 -84.17 -30.71 -50.15
N VAL EB 127 -85.10 -30.58 -49.20
CA VAL EB 127 -85.34 -31.70 -48.30
C VAL EB 127 -85.94 -32.89 -49.04
N LEU EB 128 -86.78 -32.63 -50.04
CA LEU EB 128 -87.41 -33.70 -50.79
C LEU EB 128 -86.37 -34.50 -51.56
N ILE EB 129 -85.39 -33.81 -52.15
CA ILE EB 129 -84.27 -34.50 -52.79
C ILE EB 129 -83.47 -35.28 -51.76
N ARG EB 130 -83.20 -34.67 -50.61
CA ARG EB 130 -82.36 -35.31 -49.60
C ARG EB 130 -83.01 -36.54 -48.97
N GLN EB 131 -84.35 -36.60 -48.91
CA GLN EB 131 -85.01 -37.82 -48.46
C GLN EB 131 -85.28 -38.82 -49.59
N ARG EB 132 -84.52 -38.75 -50.67
CA ARG EB 132 -84.52 -39.79 -51.71
C ARG EB 132 -85.91 -40.00 -52.32
N HIS EB 133 -86.55 -38.89 -52.69
CA HIS EB 133 -87.86 -38.95 -53.28
C HIS EB 133 -87.87 -38.73 -54.78
N ILE EB 134 -86.82 -38.14 -55.34
CA ILE EB 134 -86.80 -37.72 -56.73
C ILE EB 134 -85.76 -38.55 -57.47
N ARG EB 135 -86.17 -39.10 -58.60
CA ARG EB 135 -85.27 -39.81 -59.50
C ARG EB 135 -85.19 -39.07 -60.83
N VAL EB 136 -84.03 -39.15 -61.46
CA VAL EB 136 -83.84 -38.63 -62.80
C VAL EB 136 -83.47 -39.81 -63.71
N ARG EB 137 -84.19 -39.93 -64.83
CA ARG EB 137 -84.14 -41.12 -65.68
C ARG EB 137 -84.53 -42.30 -64.79
N LYS EB 138 -83.76 -43.39 -64.77
CA LYS EB 138 -84.04 -44.52 -63.91
C LYS EB 138 -83.31 -44.42 -62.56
N GLN EB 139 -82.36 -43.50 -62.43
CA GLN EB 139 -81.51 -43.43 -61.25
C GLN EB 139 -82.05 -42.41 -60.26
N VAL EB 140 -82.20 -42.83 -59.01
CA VAL EB 140 -82.65 -41.95 -57.95
C VAL EB 140 -81.45 -41.18 -57.41
N VAL EB 141 -81.58 -39.86 -57.32
CA VAL EB 141 -80.49 -38.98 -56.94
C VAL EB 141 -80.89 -38.24 -55.66
N ASN EB 142 -80.00 -38.21 -54.68
CA ASN EB 142 -80.25 -37.48 -53.45
C ASN EB 142 -79.26 -36.33 -53.24
N ILE EB 143 -78.60 -35.87 -54.30
CA ILE EB 143 -77.65 -34.76 -54.23
C ILE EB 143 -78.37 -33.51 -54.72
N PRO EB 144 -78.61 -32.51 -53.87
CA PRO EB 144 -79.28 -31.29 -54.34
C PRO EB 144 -78.51 -30.54 -55.40
N SER EB 145 -77.18 -30.56 -55.36
CA SER EB 145 -76.35 -29.80 -56.29
C SER EB 145 -76.15 -30.50 -57.62
N PHE EB 146 -76.99 -31.48 -57.93
CA PHE EB 146 -76.90 -32.25 -59.16
C PHE EB 146 -77.20 -31.34 -60.34
N ILE EB 147 -76.17 -30.97 -61.10
CA ILE EB 147 -76.37 -30.14 -62.28
C ILE EB 147 -77.00 -31.00 -63.37
N VAL EB 148 -78.20 -30.63 -63.79
CA VAL EB 148 -78.94 -31.42 -64.76
C VAL EB 148 -78.56 -30.97 -66.17
N ARG EB 149 -78.77 -31.86 -67.13
CA ARG EB 149 -78.50 -31.57 -68.53
C ARG EB 149 -79.82 -31.35 -69.27
N LEU EB 150 -79.69 -30.81 -70.48
CA LEU EB 150 -80.87 -30.47 -71.26
C LEU EB 150 -81.68 -31.72 -71.62
N ASP EB 151 -80.99 -32.80 -71.97
CA ASP EB 151 -81.70 -34.04 -72.30
C ASP EB 151 -82.34 -34.67 -71.07
N SER EB 152 -81.75 -34.48 -69.90
CA SER EB 152 -82.29 -35.04 -68.67
C SER EB 152 -83.30 -34.14 -67.99
N GLN EB 153 -83.51 -32.93 -68.52
CA GLN EB 153 -84.46 -32.01 -67.92
C GLN EB 153 -85.88 -32.59 -67.92
N LYS EB 154 -86.28 -33.19 -69.02
CA LYS EB 154 -87.64 -33.71 -69.15
C LYS EB 154 -87.91 -34.91 -68.26
N HIS EB 155 -86.90 -35.69 -67.94
CA HIS EB 155 -87.08 -36.98 -67.28
C HIS EB 155 -87.06 -36.92 -65.77
N ILE EB 156 -87.03 -35.72 -65.18
CA ILE EB 156 -87.08 -35.61 -63.73
C ILE EB 156 -88.47 -36.01 -63.25
N ASP EB 157 -88.52 -36.91 -62.27
CA ASP EB 157 -89.78 -37.46 -61.78
C ASP EB 157 -89.57 -37.98 -60.37
N PHE EB 158 -90.62 -38.57 -59.82
CA PHE EB 158 -90.55 -39.15 -58.48
C PHE EB 158 -89.99 -40.57 -58.56
N SER EB 159 -89.30 -40.97 -57.50
CA SER EB 159 -88.85 -42.34 -57.40
C SER EB 159 -90.04 -43.27 -57.17
N LEU EB 160 -89.91 -44.51 -57.64
CA LEU EB 160 -91.03 -45.45 -57.57
C LEU EB 160 -91.35 -45.84 -56.14
N ARG EB 161 -90.33 -46.01 -55.31
CA ARG EB 161 -90.55 -46.47 -53.94
C ARG EB 161 -91.06 -45.37 -53.02
N SER EB 162 -90.99 -44.11 -53.44
CA SER EB 162 -91.42 -43.02 -52.59
C SER EB 162 -92.93 -43.06 -52.39
N PRO EB 163 -93.43 -42.50 -51.28
CA PRO EB 163 -94.89 -42.34 -51.13
C PRO EB 163 -95.40 -41.15 -51.91
N TYR EB 164 -94.91 -40.98 -53.13
CA TYR EB 164 -95.41 -40.00 -54.07
C TYR EB 164 -95.56 -40.55 -55.47
N GLY EB 165 -94.86 -41.62 -55.82
CA GLY EB 165 -95.07 -42.36 -57.04
C GLY EB 165 -95.84 -43.61 -56.72
N GLY EB 166 -95.15 -44.73 -56.54
CA GLY EB 166 -95.78 -45.94 -56.11
C GLY EB 166 -96.18 -45.88 -54.64
N GLY EB 167 -96.63 -47.03 -54.14
CA GLY EB 167 -97.18 -47.10 -52.80
C GLY EB 167 -96.14 -47.16 -51.70
N ARG EB 168 -96.38 -48.03 -50.72
CA ARG EB 168 -95.53 -48.20 -49.54
C ARG EB 168 -95.41 -46.89 -48.78
N PRO EB 169 -96.48 -46.46 -48.09
CA PRO EB 169 -96.43 -45.17 -47.40
C PRO EB 169 -95.41 -45.17 -46.27
N GLY EB 170 -95.13 -43.97 -45.78
CA GLY EB 170 -94.08 -43.78 -44.81
C GLY EB 170 -94.40 -44.42 -43.47
N ARG EB 171 -93.37 -44.47 -42.62
CA ARG EB 171 -93.53 -45.13 -41.33
C ARG EB 171 -94.52 -44.38 -40.44
N VAL EB 172 -94.56 -43.05 -40.53
CA VAL EB 172 -95.52 -42.32 -39.72
C VAL EB 172 -96.94 -42.58 -40.20
N LYS EB 173 -97.15 -42.70 -41.51
CA LYS EB 173 -98.46 -43.05 -42.02
C LYS EB 173 -98.87 -44.44 -41.57
N ARG EB 174 -97.95 -45.41 -41.67
CA ARG EB 174 -98.28 -46.78 -41.27
C ARG EB 174 -98.56 -46.86 -39.78
N LYS EB 175 -97.77 -46.14 -38.96
CA LYS EB 175 -98.00 -46.14 -37.53
C LYS EB 175 -99.33 -45.50 -37.18
N ASN EB 176 -99.67 -44.39 -37.84
CA ASN EB 176 -100.96 -43.77 -37.59
C ASN EB 176 -102.11 -44.67 -38.01
N ALA EB 177 -101.95 -45.38 -39.13
CA ALA EB 177 -102.98 -46.30 -39.57
C ALA EB 177 -103.16 -47.45 -38.58
N LYS EB 178 -102.06 -48.00 -38.08
CA LYS EB 178 -102.20 -49.12 -37.14
C LYS EB 178 -102.72 -48.65 -35.79
N LYS EB 179 -102.39 -47.43 -35.38
CA LYS EB 179 -102.96 -46.90 -34.14
C LYS EB 179 -104.45 -46.65 -34.29
N GLY EB 180 -104.87 -46.08 -35.42
CA GLY EB 180 -106.28 -45.86 -35.66
C GLY EB 180 -107.07 -47.14 -35.72
N GLN EB 181 -106.51 -48.18 -36.36
CA GLN EB 181 -107.21 -49.46 -36.41
C GLN EB 181 -107.14 -50.22 -35.09
N GLY EB 182 -106.12 -49.97 -34.26
CA GLY EB 182 -106.11 -50.55 -32.94
C GLY EB 182 -107.01 -49.86 -31.94
N GLY EB 183 -107.38 -48.61 -32.23
CA GLY EB 183 -108.38 -47.93 -31.43
C GLY EB 183 -109.80 -48.36 -31.66
N ALA EB 184 -110.05 -49.19 -32.67
CA ALA EB 184 -111.41 -49.65 -32.97
C ALA EB 184 -111.33 -51.07 -33.52
N GLY EB 185 -111.81 -52.03 -32.75
CA GLY EB 185 -111.79 -53.43 -33.17
C GLY EB 185 -113.10 -53.91 -33.76
N ALA FB 1 15.36 -30.74 -83.44
CA ALA FB 1 16.16 -31.94 -83.29
C ALA FB 1 15.56 -33.09 -84.08
N ASP FB 2 15.88 -34.31 -83.67
CA ASP FB 2 15.32 -35.50 -84.29
C ASP FB 2 14.01 -35.86 -83.60
N ILE FB 3 13.46 -37.03 -83.93
CA ILE FB 3 12.23 -37.49 -83.31
C ILE FB 3 12.48 -38.40 -82.11
N GLN FB 4 13.74 -38.66 -81.79
CA GLN FB 4 14.11 -39.52 -80.67
C GLN FB 4 14.73 -38.63 -79.59
N THR FB 5 13.88 -38.07 -78.74
CA THR FB 5 14.30 -37.11 -77.73
C THR FB 5 14.06 -37.61 -76.31
N GLU FB 6 13.67 -38.86 -76.14
CA GLU FB 6 13.33 -39.37 -74.82
C GLU FB 6 13.92 -40.77 -74.66
N ARG FB 7 13.80 -41.32 -73.45
CA ARG FB 7 14.44 -42.57 -73.09
C ARG FB 7 13.95 -43.75 -73.93
N ALA FB 8 12.77 -43.67 -74.50
CA ALA FB 8 12.23 -44.74 -75.32
C ALA FB 8 12.41 -44.44 -76.80
N TYR FB 9 11.91 -45.33 -77.64
CA TYR FB 9 12.01 -45.21 -79.08
C TYR FB 9 10.63 -44.87 -79.65
N GLN FB 10 10.58 -43.81 -80.44
CA GLN FB 10 9.33 -43.35 -81.00
C GLN FB 10 9.12 -43.96 -82.38
N LYS FB 11 7.95 -44.56 -82.59
CA LYS FB 11 7.63 -45.15 -83.88
C LYS FB 11 6.13 -45.33 -83.99
N GLN FB 12 5.65 -45.31 -85.23
CA GLN FB 12 4.24 -45.59 -85.48
C GLN FB 12 4.03 -47.10 -85.43
N PRO FB 13 3.15 -47.61 -84.56
CA PRO FB 13 3.01 -49.06 -84.40
C PRO FB 13 2.58 -49.78 -85.66
N THR FB 14 1.76 -49.15 -86.51
CA THR FB 14 1.27 -49.81 -87.71
C THR FB 14 2.32 -49.91 -88.81
N ILE FB 15 3.45 -49.24 -88.66
CA ILE FB 15 4.47 -49.17 -89.68
C ILE FB 15 5.64 -50.07 -89.29
N PHE FB 16 6.01 -50.96 -90.19
CA PHE FB 16 7.18 -51.81 -90.01
C PHE FB 16 8.40 -51.01 -90.45
N GLN FB 17 9.26 -50.67 -89.48
CA GLN FB 17 10.41 -49.81 -89.79
C GLN FB 17 11.42 -50.51 -90.68
N ASN FB 18 11.55 -51.82 -90.56
CA ASN FB 18 12.53 -52.59 -91.30
C ASN FB 18 11.82 -53.48 -92.31
N LYS FB 19 12.24 -53.42 -93.58
CA LYS FB 19 11.57 -54.20 -94.62
C LYS FB 19 12.49 -55.20 -95.26
N LYS FB 20 13.55 -55.63 -94.56
CA LYS FB 20 14.59 -56.47 -95.13
C LYS FB 20 15.18 -55.81 -96.38
N ARG FB 21 15.84 -54.67 -96.14
CA ARG FB 21 16.39 -53.89 -97.23
C ARG FB 21 17.66 -54.55 -97.75
N VAL FB 22 17.62 -55.00 -99.00
CA VAL FB 22 18.71 -55.69 -99.65
C VAL FB 22 18.99 -55.00 -100.98
N LEU FB 23 19.91 -55.58 -101.75
CA LEU FB 23 20.45 -54.93 -102.93
C LEU FB 23 19.41 -54.73 -104.03
N LEU FB 24 18.27 -55.44 -103.97
CA LEU FB 24 17.23 -55.22 -104.97
C LEU FB 24 16.62 -53.82 -104.84
N GLY FB 25 16.57 -53.28 -103.63
CA GLY FB 25 16.18 -51.89 -103.44
C GLY FB 25 17.36 -51.05 -103.02
N GLU FB 26 17.61 -49.96 -103.74
CA GLU FB 26 18.78 -49.12 -103.49
C GLU FB 26 18.75 -48.57 -102.06
N THR FB 27 19.80 -48.86 -101.30
CA THR FB 27 19.87 -48.45 -99.91
C THR FB 27 20.34 -47.00 -99.78
N GLY FB 28 19.67 -46.09 -100.48
CA GLY FB 28 19.99 -44.68 -100.42
C GLY FB 28 19.04 -43.94 -99.50
N LYS FB 29 18.77 -44.52 -98.33
CA LYS FB 29 17.77 -44.05 -97.39
C LYS FB 29 16.38 -44.03 -98.03
N GLU FB 30 15.89 -45.24 -98.32
CA GLU FB 30 14.49 -45.40 -98.68
C GLU FB 30 13.62 -44.87 -97.55
N LYS FB 31 12.64 -44.05 -97.92
CA LYS FB 31 11.79 -43.43 -96.91
C LYS FB 31 10.87 -44.46 -96.26
N LEU FB 32 10.85 -44.47 -94.94
CA LEU FB 32 9.92 -45.32 -94.24
C LEU FB 32 8.49 -44.82 -94.46
N PRO FB 33 7.52 -45.73 -94.64
CA PRO FB 33 6.15 -45.29 -94.88
C PRO FB 33 5.57 -44.60 -93.65
N ARG FB 34 4.68 -43.65 -93.90
CA ARG FB 34 4.02 -42.89 -92.85
C ARG FB 34 2.54 -43.23 -92.81
N TYR FB 35 2.03 -43.47 -91.62
CA TYR FB 35 0.62 -43.82 -91.42
C TYR FB 35 -0.17 -42.56 -91.15
N TYR FB 36 -1.16 -42.30 -92.01
CA TYR FB 36 -2.10 -41.21 -91.82
C TYR FB 36 -3.48 -41.74 -92.13
N LYS FB 37 -4.49 -41.09 -91.57
CA LYS FB 37 -5.87 -41.47 -91.84
C LYS FB 37 -6.71 -40.22 -91.99
N ASN FB 38 -7.73 -40.30 -92.83
CA ASN FB 38 -8.74 -39.27 -92.90
C ASN FB 38 -9.67 -39.40 -91.71
N ILE FB 39 -9.95 -38.29 -91.03
CA ILE FB 39 -10.80 -38.32 -89.86
C ILE FB 39 -12.27 -38.14 -90.20
N GLY FB 40 -12.59 -37.77 -91.43
CA GLY FB 40 -13.97 -37.57 -91.81
C GLY FB 40 -14.49 -36.21 -91.37
N LEU FB 41 -15.81 -36.08 -91.44
CA LEU FB 41 -16.52 -34.87 -91.03
C LEU FB 41 -16.06 -33.64 -91.82
N GLY FB 42 -15.54 -33.86 -93.03
CA GLY FB 42 -15.14 -32.78 -93.90
C GLY FB 42 -13.79 -32.15 -93.60
N PHE FB 43 -13.06 -32.66 -92.61
CA PHE FB 43 -11.76 -32.09 -92.28
C PHE FB 43 -10.69 -32.74 -93.13
N LYS FB 44 -9.94 -31.92 -93.87
CA LYS FB 44 -8.84 -32.43 -94.67
C LYS FB 44 -7.58 -32.55 -93.82
N THR FB 45 -6.91 -33.68 -93.93
CA THR FB 45 -5.66 -33.86 -93.20
C THR FB 45 -4.60 -32.91 -93.74
N PRO FB 46 -3.86 -32.23 -92.87
CA PRO FB 46 -2.86 -31.28 -93.37
C PRO FB 46 -1.68 -31.98 -94.00
N LYS FB 47 -1.08 -31.32 -94.99
CA LYS FB 47 0.09 -31.87 -95.65
C LYS FB 47 1.25 -32.04 -94.70
N GLU FB 48 1.31 -31.25 -93.63
CA GLU FB 48 2.37 -31.43 -92.64
C GLU FB 48 2.25 -32.78 -91.96
N ALA FB 49 1.03 -33.18 -91.61
CA ALA FB 49 0.82 -34.52 -91.08
C ALA FB 49 0.96 -35.58 -92.15
N ILE FB 50 0.71 -35.23 -93.41
CA ILE FB 50 0.86 -36.20 -94.50
C ILE FB 50 2.32 -36.59 -94.66
N GLU FB 51 3.22 -35.62 -94.72
CA GLU FB 51 4.62 -35.90 -95.03
C GLU FB 51 5.59 -35.58 -93.90
N GLY FB 52 5.12 -35.40 -92.67
CA GLY FB 52 5.99 -35.03 -91.58
C GLY FB 52 6.80 -36.20 -91.07
N THR FB 53 7.60 -35.89 -90.05
CA THR FB 53 8.43 -36.90 -89.41
C THR FB 53 8.09 -37.08 -87.93
N TYR FB 54 7.35 -36.15 -87.34
CA TYR FB 54 7.05 -36.21 -85.92
C TYR FB 54 6.22 -37.45 -85.59
N ILE FB 55 6.38 -37.93 -84.37
CA ILE FB 55 5.62 -39.06 -83.85
C ILE FB 55 4.76 -38.54 -82.69
N ASP FB 56 3.45 -38.67 -82.83
CA ASP FB 56 2.54 -38.24 -81.77
C ASP FB 56 1.41 -39.25 -81.69
N LYS FB 57 1.41 -40.06 -80.64
CA LYS FB 57 0.38 -41.08 -80.48
C LYS FB 57 -0.99 -40.49 -80.22
N LYS FB 58 -1.08 -39.20 -79.92
CA LYS FB 58 -2.36 -38.54 -79.69
C LYS FB 58 -2.73 -37.58 -80.82
N CYS FB 59 -2.00 -37.61 -81.93
CA CYS FB 59 -2.37 -36.78 -83.07
C CYS FB 59 -3.66 -37.31 -83.69
N PRO FB 60 -4.59 -36.45 -84.09
CA PRO FB 60 -5.82 -36.94 -84.72
C PRO FB 60 -5.59 -37.70 -86.01
N PHE FB 61 -4.56 -37.34 -86.77
CA PHE FB 61 -4.34 -37.89 -88.11
C PHE FB 61 -3.35 -39.03 -88.13
N THR FB 62 -2.25 -38.94 -87.38
CA THR FB 62 -1.23 -39.97 -87.38
C THR FB 62 -1.19 -40.78 -86.09
N GLY FB 63 -2.07 -40.49 -85.14
CA GLY FB 63 -2.10 -41.19 -83.87
C GLY FB 63 -3.26 -42.15 -83.77
N ASN FB 64 -3.36 -42.78 -82.61
CA ASN FB 64 -4.42 -43.74 -82.32
C ASN FB 64 -5.53 -43.09 -81.50
N VAL FB 65 -6.15 -42.07 -82.08
CA VAL FB 65 -7.30 -41.42 -81.47
C VAL FB 65 -8.37 -41.22 -82.53
N SER FB 66 -9.63 -41.38 -82.13
CA SER FB 66 -10.75 -41.21 -83.03
C SER FB 66 -11.59 -40.03 -82.58
N ILE FB 67 -11.99 -39.21 -83.53
CA ILE FB 67 -12.82 -38.04 -83.25
C ILE FB 67 -14.29 -38.45 -83.35
N ARG FB 68 -15.04 -38.21 -82.29
CA ARG FB 68 -16.46 -38.51 -82.26
C ARG FB 68 -17.09 -37.77 -81.09
N GLY FB 69 -18.35 -37.41 -81.24
CA GLY FB 69 -19.05 -36.68 -80.20
C GLY FB 69 -19.38 -35.26 -80.59
N ARG FB 70 -18.70 -34.30 -79.99
CA ARG FB 70 -18.98 -32.88 -80.18
C ARG FB 70 -17.80 -32.20 -80.87
N ILE FB 71 -18.10 -31.35 -81.84
CA ILE FB 71 -17.11 -30.53 -82.52
C ILE FB 71 -17.41 -29.08 -82.18
N LEU FB 72 -16.43 -28.38 -81.63
CA LEU FB 72 -16.65 -27.02 -81.17
C LEU FB 72 -15.42 -26.18 -81.46
N SER FB 73 -15.46 -24.92 -81.02
CA SER FB 73 -14.42 -23.97 -81.36
C SER FB 73 -13.99 -23.16 -80.15
N GLY FB 74 -12.80 -22.58 -80.24
CA GLY FB 74 -12.27 -21.77 -79.17
C GLY FB 74 -11.16 -20.89 -79.70
N VAL FB 75 -10.62 -20.07 -78.80
CA VAL FB 75 -9.56 -19.11 -79.14
C VAL FB 75 -8.35 -19.43 -78.30
N VAL FB 76 -7.19 -19.58 -78.94
CA VAL FB 76 -5.99 -20.01 -78.24
C VAL FB 76 -5.58 -18.94 -77.24
N THR FB 77 -5.35 -19.35 -76.00
CA THR FB 77 -5.00 -18.45 -74.91
C THR FB 77 -3.56 -18.62 -74.45
N LYS FB 78 -3.12 -19.85 -74.19
CA LYS FB 78 -1.75 -20.09 -73.78
C LYS FB 78 -1.14 -21.17 -74.66
N MET FB 79 0.18 -21.12 -74.80
CA MET FB 79 0.93 -22.02 -75.66
C MET FB 79 2.16 -22.53 -74.93
N LYS FB 80 2.00 -22.85 -73.64
CA LYS FB 80 3.13 -23.10 -72.76
C LYS FB 80 3.16 -24.52 -72.22
N MET FB 81 2.59 -25.47 -72.95
CA MET FB 81 2.62 -26.86 -72.54
C MET FB 81 3.04 -27.72 -73.73
N GLN FB 82 3.59 -28.89 -73.42
CA GLN FB 82 4.12 -29.77 -74.46
C GLN FB 82 2.97 -30.42 -75.22
N ARG FB 83 2.81 -30.04 -76.48
CA ARG FB 83 1.86 -30.66 -77.40
C ARG FB 83 0.41 -30.54 -76.92
N THR FB 84 0.12 -29.50 -76.15
CA THR FB 84 -1.22 -29.24 -75.69
C THR FB 84 -1.33 -27.77 -75.30
N ILE FB 85 -2.48 -27.17 -75.62
CA ILE FB 85 -2.72 -25.75 -75.44
C ILE FB 85 -4.07 -25.59 -74.76
N VAL FB 86 -4.31 -24.39 -74.23
CA VAL FB 86 -5.57 -24.07 -73.59
C VAL FB 86 -6.28 -23.00 -74.39
N ILE FB 87 -7.57 -23.19 -74.63
CA ILE FB 87 -8.38 -22.27 -75.39
C ILE FB 87 -9.48 -21.72 -74.49
N ARG FB 88 -10.03 -20.59 -74.90
CA ARG FB 88 -11.11 -19.93 -74.18
C ARG FB 88 -12.38 -19.96 -75.01
N ARG FB 89 -13.47 -20.40 -74.41
CA ARG FB 89 -14.76 -20.41 -75.06
C ARG FB 89 -15.67 -19.40 -74.37
N ASP FB 90 -16.02 -18.35 -75.09
CA ASP FB 90 -16.88 -17.30 -74.57
C ASP FB 90 -18.31 -17.54 -75.06
N TYR FB 91 -19.26 -17.45 -74.15
CA TYR FB 91 -20.66 -17.63 -74.50
C TYR FB 91 -21.48 -16.71 -73.63
N LEU FB 92 -22.79 -16.70 -73.85
CA LEU FB 92 -23.73 -15.89 -73.08
C LEU FB 92 -24.66 -16.81 -72.32
N HIS FB 93 -24.83 -16.55 -71.03
CA HIS FB 93 -25.76 -17.28 -70.20
C HIS FB 93 -26.99 -16.42 -69.97
N TYR FB 94 -28.16 -16.97 -70.25
CA TYR FB 94 -29.40 -16.22 -70.18
C TYR FB 94 -29.98 -16.31 -68.77
N ILE FB 95 -30.06 -15.16 -68.10
CA ILE FB 95 -30.72 -15.05 -66.80
C ILE FB 95 -32.17 -14.68 -67.05
N ARG FB 96 -33.08 -15.58 -66.70
CA ARG FB 96 -34.49 -15.41 -67.05
C ARG FB 96 -35.12 -14.20 -66.35
N LYS FB 97 -34.87 -14.03 -65.05
CA LYS FB 97 -35.59 -13.03 -64.28
C LYS FB 97 -35.35 -11.63 -64.82
N TYR FB 98 -34.11 -11.30 -65.13
CA TYR FB 98 -33.78 -10.00 -65.66
C TYR FB 98 -33.85 -9.95 -67.17
N ASN FB 99 -34.23 -11.05 -67.82
CA ASN FB 99 -34.45 -11.09 -69.27
C ASN FB 99 -33.20 -10.69 -70.05
N ARG FB 100 -32.02 -10.87 -69.48
CA ARG FB 100 -30.78 -10.41 -70.06
C ARG FB 100 -29.78 -11.56 -70.08
N PHE FB 101 -28.55 -11.23 -70.47
CA PHE FB 101 -27.49 -12.21 -70.65
C PHE FB 101 -26.32 -11.88 -69.73
N GLU FB 102 -25.27 -12.68 -69.85
CA GLU FB 102 -24.18 -12.66 -68.89
C GLU FB 102 -22.96 -13.29 -69.55
N LYS FB 103 -21.91 -12.50 -69.78
CA LYS FB 103 -20.70 -13.03 -70.36
C LYS FB 103 -20.01 -13.94 -69.37
N ARG FB 104 -19.81 -15.19 -69.74
CA ARG FB 104 -19.02 -16.11 -68.96
C ARG FB 104 -18.23 -17.00 -69.92
N HIS FB 105 -17.14 -17.56 -69.41
CA HIS FB 105 -16.17 -18.25 -70.24
C HIS FB 105 -15.80 -19.57 -69.59
N LYS FB 106 -15.28 -20.48 -70.41
CA LYS FB 106 -14.78 -21.75 -69.94
C LYS FB 106 -13.45 -22.04 -70.62
N ASN FB 107 -12.45 -22.37 -69.83
CA ASN FB 107 -11.17 -22.80 -70.39
C ASN FB 107 -11.21 -24.29 -70.71
N MET FB 108 -10.46 -24.67 -71.74
CA MET FB 108 -10.40 -26.05 -72.16
C MET FB 108 -8.98 -26.39 -72.57
N SER FB 109 -8.42 -27.44 -71.99
CA SER FB 109 -7.12 -27.93 -72.38
C SER FB 109 -7.30 -28.91 -73.53
N VAL FB 110 -6.89 -28.51 -74.72
CA VAL FB 110 -7.04 -29.32 -75.91
C VAL FB 110 -5.65 -29.74 -76.38
N HIS FB 111 -5.61 -30.86 -77.10
CA HIS FB 111 -4.35 -31.40 -77.59
C HIS FB 111 -4.02 -30.80 -78.95
N LEU FB 112 -2.81 -30.27 -79.09
CA LEU FB 112 -2.35 -29.70 -80.33
C LEU FB 112 -1.30 -30.61 -80.93
N SER FB 113 -1.62 -31.23 -82.05
CA SER FB 113 -0.66 -32.05 -82.76
C SER FB 113 0.41 -31.16 -83.39
N PRO FB 114 1.64 -31.68 -83.55
CA PRO FB 114 2.69 -30.88 -84.20
C PRO FB 114 2.45 -30.62 -85.67
N CYS FB 115 1.40 -31.15 -86.28
CA CYS FB 115 1.12 -30.84 -87.69
C CYS FB 115 0.76 -29.37 -87.86
N PHE FB 116 0.02 -28.81 -86.93
CA PHE FB 116 -0.29 -27.37 -86.94
C PHE FB 116 0.92 -26.65 -86.38
N ARG FB 117 1.72 -26.07 -87.27
CA ARG FB 117 3.06 -25.64 -86.89
C ARG FB 117 3.16 -24.19 -86.45
N ASP FB 118 2.34 -23.29 -86.99
CA ASP FB 118 2.49 -21.87 -86.69
C ASP FB 118 1.23 -21.27 -86.07
N VAL FB 119 0.66 -21.96 -85.09
CA VAL FB 119 -0.46 -21.42 -84.35
C VAL FB 119 0.04 -20.37 -83.37
N GLN FB 120 -0.69 -19.26 -83.26
CA GLN FB 120 -0.34 -18.18 -82.35
C GLN FB 120 -1.52 -17.91 -81.42
N ILE FB 121 -1.23 -17.14 -80.36
CA ILE FB 121 -2.27 -16.78 -79.40
C ILE FB 121 -3.27 -15.85 -80.05
N GLY FB 122 -4.56 -16.16 -79.90
CA GLY FB 122 -5.63 -15.38 -80.45
C GLY FB 122 -6.27 -16.00 -81.68
N ASP FB 123 -5.61 -16.96 -82.31
CA ASP FB 123 -6.17 -17.62 -83.48
C ASP FB 123 -7.29 -18.56 -83.06
N ILE FB 124 -8.23 -18.79 -83.97
CA ILE FB 124 -9.42 -19.57 -83.67
C ILE FB 124 -9.19 -21.01 -84.10
N VAL FB 125 -9.32 -21.93 -83.16
CA VAL FB 125 -9.08 -23.34 -83.42
C VAL FB 125 -10.38 -24.11 -83.21
N THR FB 126 -10.72 -24.97 -84.15
CA THR FB 126 -11.83 -25.87 -83.99
C THR FB 126 -11.29 -27.22 -83.54
N VAL FB 127 -11.85 -27.75 -82.48
CA VAL FB 127 -11.42 -29.01 -81.89
C VAL FB 127 -12.58 -29.98 -81.93
N GLY FB 128 -12.23 -31.27 -81.91
CA GLY FB 128 -13.20 -32.35 -81.89
C GLY FB 128 -12.99 -33.20 -80.65
N GLU FB 129 -14.08 -33.79 -80.18
CA GLU FB 129 -14.01 -34.62 -78.98
C GLU FB 129 -13.37 -35.96 -79.29
N CYS FB 130 -12.55 -36.43 -78.36
CA CYS FB 130 -11.91 -37.73 -78.47
C CYS FB 130 -11.97 -38.40 -77.10
N ARG FB 131 -11.33 -39.56 -76.99
CA ARG FB 131 -11.23 -40.23 -75.71
C ARG FB 131 -10.32 -39.43 -74.78
N PRO FB 132 -10.45 -39.59 -73.46
CA PRO FB 132 -9.61 -38.83 -72.52
C PRO FB 132 -8.12 -38.98 -72.76
N LEU FB 133 -7.45 -37.93 -73.18
CA LEU FB 133 -6.02 -38.01 -73.44
C LEU FB 133 -5.19 -37.82 -72.19
N SER FB 134 -5.67 -37.01 -71.25
CA SER FB 134 -5.00 -36.81 -69.98
C SER FB 134 -6.06 -36.52 -68.94
N LYS FB 135 -5.64 -35.99 -67.80
CA LYS FB 135 -6.57 -35.76 -66.70
C LYS FB 135 -7.64 -34.74 -67.07
N THR FB 136 -7.25 -33.67 -67.76
CA THR FB 136 -8.17 -32.62 -68.13
C THR FB 136 -8.33 -32.43 -69.62
N VAL FB 137 -7.72 -33.26 -70.45
CA VAL FB 137 -7.80 -33.12 -71.90
C VAL FB 137 -8.79 -34.14 -72.43
N ARG FB 138 -9.79 -33.66 -73.16
CA ARG FB 138 -10.76 -34.52 -73.81
C ARG FB 138 -11.01 -34.10 -75.25
N PHE FB 139 -10.28 -33.12 -75.75
CA PHE FB 139 -10.50 -32.59 -77.08
C PHE FB 139 -9.19 -32.49 -77.83
N ASN FB 140 -9.28 -32.49 -79.15
CA ASN FB 140 -8.11 -32.53 -80.01
C ASN FB 140 -8.31 -31.53 -81.14
N VAL FB 141 -7.28 -30.74 -81.43
CA VAL FB 141 -7.41 -29.70 -82.45
C VAL FB 141 -7.53 -30.35 -83.81
N LEU FB 142 -8.57 -29.97 -84.55
CA LEU FB 142 -8.82 -30.44 -85.90
C LEU FB 142 -8.49 -29.40 -86.95
N LYS FB 143 -8.75 -28.13 -86.69
CA LYS FB 143 -8.48 -27.09 -87.67
C LYS FB 143 -8.04 -25.81 -86.98
N VAL FB 144 -7.19 -25.04 -87.66
CA VAL FB 144 -6.66 -23.79 -87.15
C VAL FB 144 -6.94 -22.70 -88.17
N THR FB 145 -7.41 -21.55 -87.71
CA THR FB 145 -7.65 -20.39 -88.55
C THR FB 145 -7.05 -19.16 -87.90
N LYS FB 146 -6.46 -18.28 -88.71
CA LYS FB 146 -5.87 -17.06 -88.20
C LYS FB 146 -6.95 -16.03 -87.88
N ALA FB 147 -6.65 -15.17 -86.91
CA ALA FB 147 -7.60 -14.17 -86.44
C ALA FB 147 -7.29 -12.83 -87.11
N ALA FB 148 -7.81 -12.68 -88.32
CA ALA FB 148 -7.64 -11.46 -89.12
C ALA FB 148 -6.18 -11.08 -89.27
N GLY FB 149 -5.34 -12.08 -89.47
CA GLY FB 149 -3.91 -11.87 -89.56
C GLY FB 149 -3.33 -12.22 -90.91
N THR FB 150 -2.53 -13.30 -90.95
CA THR FB 150 -1.77 -13.79 -92.10
C THR FB 150 -0.80 -12.74 -92.67
N LYS FB 151 -0.64 -11.61 -92.00
CA LYS FB 151 0.30 -10.57 -92.41
C LYS FB 151 0.93 -10.01 -91.15
N LYS FB 152 2.21 -10.33 -90.93
CA LYS FB 152 2.92 -9.94 -89.72
C LYS FB 152 3.93 -8.85 -90.06
N GLN FB 153 3.92 -7.78 -89.29
CA GLN FB 153 4.84 -6.67 -89.50
C GLN FB 153 5.98 -6.70 -88.48
N GLY GB 1 -18.32 16.54 -75.31
CA GLY GB 1 -17.50 17.33 -74.40
C GLY GB 1 -16.05 16.92 -74.47
N ARG GB 2 -15.18 17.74 -73.89
CA ARG GB 2 -13.76 17.44 -73.90
C ARG GB 2 -13.47 16.23 -73.02
N MET GB 3 -12.49 15.44 -73.44
CA MET GB 3 -12.16 14.20 -72.74
C MET GB 3 -11.68 14.48 -71.32
N HIS GB 4 -10.80 15.45 -71.15
CA HIS GB 4 -10.14 15.72 -69.88
C HIS GB 4 -10.34 17.16 -69.45
N ALA GB 5 -11.54 17.69 -69.68
CA ALA GB 5 -11.86 19.05 -69.32
C ALA GB 5 -13.37 19.16 -69.20
N PRO GB 6 -13.89 20.04 -68.37
CA PRO GB 6 -15.35 20.19 -68.28
C PRO GB 6 -15.85 21.19 -69.31
N GLY GB 7 -15.33 21.12 -70.52
CA GLY GB 7 -15.66 22.08 -71.56
C GLY GB 7 -16.45 21.38 -72.65
N LYS GB 8 -17.37 22.12 -73.27
CA LYS GB 8 -18.26 21.56 -74.27
C LYS GB 8 -18.28 22.47 -75.49
N GLY GB 9 -17.10 22.89 -75.92
CA GLY GB 9 -16.99 23.77 -77.06
C GLY GB 9 -17.39 23.07 -78.35
N LEU GB 10 -17.81 23.86 -79.32
CA LEU GB 10 -18.42 23.37 -80.55
C LEU GB 10 -17.58 23.72 -81.77
N SER GB 11 -16.43 24.37 -81.60
CA SER GB 11 -15.65 24.91 -82.70
C SER GB 11 -15.13 23.79 -83.59
N GLN GB 12 -15.69 23.68 -84.79
CA GLN GB 12 -15.26 22.67 -85.74
C GLN GB 12 -15.10 23.28 -87.12
N SER GB 13 -14.87 22.44 -88.12
CA SER GB 13 -14.84 22.86 -89.51
C SER GB 13 -16.09 22.36 -90.22
N ALA GB 14 -16.68 23.21 -91.04
CA ALA GB 14 -17.92 22.89 -91.74
C ALA GB 14 -17.59 22.69 -93.22
N LEU GB 15 -17.36 21.44 -93.60
CA LEU GB 15 -17.06 21.14 -94.99
C LEU GB 15 -18.26 21.49 -95.87
N PRO GB 16 -18.03 22.08 -97.04
CA PRO GB 16 -19.15 22.42 -97.91
C PRO GB 16 -19.77 21.17 -98.51
N TYR GB 17 -21.01 21.32 -98.98
CA TYR GB 17 -21.72 20.20 -99.57
C TYR GB 17 -21.13 19.77 -100.90
N ARG GB 18 -20.49 20.68 -101.64
CA ARG GB 18 -20.00 20.37 -102.97
C ARG GB 18 -18.60 19.78 -102.88
N ARG GB 19 -18.47 18.51 -103.23
CA ARG GB 19 -17.17 17.86 -103.30
C ARG GB 19 -16.41 18.21 -104.57
N SER GB 20 -17.06 18.88 -105.52
CA SER GB 20 -16.44 19.19 -106.79
C SER GB 20 -15.32 20.20 -106.63
N VAL GB 21 -14.28 20.05 -107.42
CA VAL GB 21 -13.16 20.99 -107.43
C VAL GB 21 -13.63 22.31 -108.03
N PRO GB 22 -13.27 23.45 -107.43
CA PRO GB 22 -13.66 24.73 -108.03
C PRO GB 22 -13.05 24.92 -109.41
N THR GB 23 -13.79 25.63 -110.26
CA THR GB 23 -13.33 25.85 -111.63
C THR GB 23 -12.09 26.75 -111.67
N TRP GB 24 -11.90 27.59 -110.67
CA TRP GB 24 -10.75 28.49 -110.66
C TRP GB 24 -9.50 27.83 -110.11
N LEU GB 25 -9.55 26.56 -109.75
CA LEU GB 25 -8.37 25.84 -109.28
C LEU GB 25 -7.71 25.18 -110.48
N LYS GB 26 -6.50 25.61 -110.80
CA LYS GB 26 -5.79 25.09 -111.95
C LYS GB 26 -4.85 23.95 -111.63
N LEU GB 27 -4.50 23.77 -110.35
CA LEU GB 27 -3.63 22.69 -109.97
C LEU GB 27 -4.35 21.35 -110.15
N THR GB 28 -3.62 20.36 -110.63
CA THR GB 28 -4.19 19.04 -110.83
C THR GB 28 -3.63 18.08 -109.79
N SER GB 29 -4.01 16.80 -109.89
CA SER GB 29 -3.70 15.82 -108.86
C SER GB 29 -2.19 15.68 -108.68
N ASP GB 30 -1.47 15.47 -109.79
CA ASP GB 30 -0.03 15.24 -109.66
C ASP GB 30 0.70 16.51 -109.19
N ASP GB 31 0.25 17.68 -109.63
CA ASP GB 31 0.88 18.92 -109.19
C ASP GB 31 0.73 19.10 -107.69
N VAL GB 32 -0.48 18.87 -107.18
CA VAL GB 32 -0.69 18.98 -105.74
C VAL GB 32 0.10 17.91 -105.00
N LYS GB 33 0.23 16.72 -105.60
CA LYS GB 33 1.01 15.66 -104.97
C LYS GB 33 2.47 16.05 -104.85
N GLU GB 34 3.05 16.65 -105.90
CA GLU GB 34 4.45 17.06 -105.82
C GLU GB 34 4.63 18.20 -104.83
N GLN GB 35 3.65 19.11 -104.75
CA GLN GB 35 3.71 20.16 -103.75
C GLN GB 35 3.71 19.57 -102.34
N ILE GB 36 2.88 18.55 -102.11
CA ILE GB 36 2.87 17.86 -100.83
C ILE GB 36 4.21 17.18 -100.57
N TYR GB 37 4.78 16.58 -101.61
CA TYR GB 37 6.06 15.89 -101.46
C TYR GB 37 7.15 16.85 -101.03
N LYS GB 38 7.21 18.04 -101.65
CA LYS GB 38 8.25 18.98 -101.26
C LYS GB 38 8.00 19.60 -99.90
N LEU GB 39 6.73 19.81 -99.52
CA LEU GB 39 6.47 20.27 -98.15
C LEU GB 39 6.88 19.23 -97.13
N ALA GB 40 6.58 17.96 -97.39
CA ALA GB 40 6.97 16.89 -96.47
C ALA GB 40 8.49 16.77 -96.39
N LYS GB 41 9.18 16.95 -97.52
CA LYS GB 41 10.63 16.94 -97.49
C LYS GB 41 11.17 18.13 -96.71
N LYS GB 42 10.48 19.28 -96.77
CA LYS GB 42 10.81 20.38 -95.87
C LYS GB 42 10.61 19.99 -94.42
N GLY GB 43 9.70 19.06 -94.15
CA GLY GB 43 9.60 18.48 -92.82
C GLY GB 43 8.38 18.94 -92.05
N LEU GB 44 7.26 19.05 -92.73
CA LEU GB 44 6.02 19.53 -92.14
C LEU GB 44 5.05 18.38 -91.93
N THR GB 45 4.35 18.41 -90.80
CA THR GB 45 3.33 17.43 -90.50
C THR GB 45 2.17 17.59 -91.48
N PRO GB 46 1.37 16.53 -91.67
CA PRO GB 46 0.25 16.64 -92.62
C PRO GB 46 -0.71 17.77 -92.32
N SER GB 47 -0.96 18.07 -91.04
CA SER GB 47 -1.83 19.19 -90.71
C SER GB 47 -1.25 20.50 -91.21
N GLN GB 48 0.05 20.72 -90.99
CA GLN GB 48 0.70 21.92 -91.48
C GLN GB 48 0.69 21.96 -93.00
N ILE GB 49 0.89 20.81 -93.65
CA ILE GB 49 0.88 20.77 -95.11
C ILE GB 49 -0.47 21.21 -95.63
N GLY GB 50 -1.55 20.68 -95.05
CA GLY GB 50 -2.88 21.10 -95.48
C GLY GB 50 -3.14 22.57 -95.22
N VAL GB 51 -2.70 23.08 -94.06
CA VAL GB 51 -2.91 24.48 -93.74
C VAL GB 51 -2.19 25.38 -94.73
N ILE GB 52 -0.91 25.10 -95.00
CA ILE GB 52 -0.15 25.90 -95.93
C ILE GB 52 -0.76 25.84 -97.32
N LEU GB 53 -1.13 24.63 -97.75
CA LEU GB 53 -1.66 24.44 -99.09
C LEU GB 53 -2.96 25.23 -99.27
N ARG GB 54 -3.85 25.15 -98.29
CA ARG GB 54 -5.11 25.88 -98.40
C ARG GB 54 -4.91 27.38 -98.29
N ASP GB 55 -4.00 27.82 -97.42
CA ASP GB 55 -3.83 29.26 -97.22
C ASP GB 55 -3.16 29.95 -98.39
N SER GB 56 -2.25 29.29 -99.09
CA SER GB 56 -1.52 29.96 -100.16
C SER GB 56 -1.90 29.52 -101.56
N HIS GB 57 -2.18 28.24 -101.79
CA HIS GB 57 -2.37 27.75 -103.15
C HIS GB 57 -3.84 27.61 -103.53
N GLY GB 58 -4.75 27.99 -102.65
CA GLY GB 58 -6.16 28.02 -103.02
C GLY GB 58 -6.84 26.69 -103.08
N VAL GB 59 -6.16 25.60 -102.72
CA VAL GB 59 -6.80 24.29 -102.68
C VAL GB 59 -7.70 24.25 -101.46
N ALA GB 60 -8.93 23.77 -101.63
CA ALA GB 60 -9.84 23.67 -100.50
C ALA GB 60 -9.59 22.39 -99.72
N GLN GB 61 -9.73 21.25 -100.38
CA GLN GB 61 -9.55 19.96 -99.74
C GLN GB 61 -8.68 19.09 -100.64
N VAL GB 62 -7.55 18.64 -100.09
CA VAL GB 62 -6.62 17.82 -100.84
C VAL GB 62 -7.29 16.52 -101.27
N ARG GB 63 -8.13 15.96 -100.40
CA ARG GB 63 -8.87 14.76 -100.76
C ARG GB 63 -9.82 15.03 -101.91
N PHE GB 64 -10.51 16.16 -101.89
CA PHE GB 64 -11.42 16.50 -102.97
C PHE GB 64 -10.70 16.70 -104.29
N VAL GB 65 -9.44 17.16 -104.22
CA VAL GB 65 -8.69 17.44 -105.44
C VAL GB 65 -8.05 16.19 -106.01
N THR GB 66 -7.40 15.38 -105.17
CA THR GB 66 -6.56 14.29 -105.64
C THR GB 66 -7.17 12.91 -105.46
N GLY GB 67 -8.23 12.77 -104.68
CA GLY GB 67 -8.80 11.48 -104.41
C GLY GB 67 -8.23 10.74 -103.21
N ASN GB 68 -7.17 11.27 -102.60
CA ASN GB 68 -6.58 10.65 -101.42
C ASN GB 68 -6.21 11.71 -100.41
N LYS GB 69 -6.07 11.27 -99.16
CA LYS GB 69 -5.70 12.14 -98.07
C LYS GB 69 -4.19 12.39 -98.06
N ILE GB 70 -3.77 13.38 -97.27
CA ILE GB 70 -2.37 13.76 -97.22
C ILE GB 70 -1.54 12.61 -96.65
N LEU GB 71 -2.01 12.01 -95.56
CA LEU GB 71 -1.28 10.90 -94.97
C LEU GB 71 -1.24 9.70 -95.91
N ARG GB 72 -2.33 9.46 -96.63
CA ARG GB 72 -2.34 8.36 -97.59
C ARG GB 72 -1.32 8.59 -98.70
N ILE GB 73 -1.23 9.83 -99.18
CA ILE GB 73 -0.26 10.16 -100.23
C ILE GB 73 1.16 9.97 -99.71
N LEU GB 74 1.42 10.46 -98.49
CA LEU GB 74 2.75 10.34 -97.92
C LEU GB 74 3.13 8.89 -97.68
N LYS GB 75 2.18 8.07 -97.23
CA LYS GB 75 2.43 6.65 -97.07
C LYS GB 75 2.70 5.99 -98.41
N SER GB 76 1.94 6.38 -99.43
CA SER GB 76 2.08 5.73 -100.73
C SER GB 76 3.44 5.99 -101.34
N LYS GB 77 3.92 7.24 -101.26
CA LYS GB 77 5.27 7.47 -101.78
C LYS GB 77 6.33 6.92 -100.85
N GLY GB 78 6.16 7.09 -99.55
CA GLY GB 78 7.04 6.45 -98.58
C GLY GB 78 7.84 7.40 -97.70
N LEU GB 79 7.40 8.64 -97.59
CA LEU GB 79 8.13 9.65 -96.81
C LEU GB 79 7.28 10.20 -95.67
N ALA GB 80 6.51 9.33 -95.03
CA ALA GB 80 5.75 9.72 -93.85
C ALA GB 80 6.41 9.17 -92.59
N PRO GB 81 6.29 9.86 -91.46
CA PRO GB 81 6.93 9.38 -90.23
C PRO GB 81 6.29 8.11 -89.72
N ASP GB 82 7.10 7.30 -89.03
CA ASP GB 82 6.59 6.09 -88.43
C ASP GB 82 5.69 6.37 -87.22
N LEU GB 83 5.96 7.44 -86.51
CA LEU GB 83 5.14 7.84 -85.38
C LEU GB 83 4.00 8.72 -85.87
N PRO GB 84 2.75 8.42 -85.52
CA PRO GB 84 1.64 9.27 -85.93
C PRO GB 84 1.80 10.68 -85.36
N GLU GB 85 1.32 11.67 -86.12
CA GLU GB 85 1.59 13.06 -85.78
C GLU GB 85 0.98 13.44 -84.44
N ASP GB 86 -0.27 13.04 -84.20
CA ASP GB 86 -0.94 13.41 -82.96
C ASP GB 86 -0.27 12.75 -81.75
N LEU GB 87 0.11 11.48 -81.88
CA LEU GB 87 0.87 10.82 -80.83
C LEU GB 87 2.19 11.53 -80.59
N TYR GB 88 2.88 11.91 -81.68
CA TYR GB 88 4.16 12.59 -81.56
C TYR GB 88 4.02 13.89 -80.79
N HIS GB 89 3.00 14.68 -81.12
CA HIS GB 89 2.78 15.93 -80.39
C HIS GB 89 2.39 15.68 -78.94
N LEU GB 90 1.67 14.59 -78.68
CA LEU GB 90 1.31 14.28 -77.29
C LEU GB 90 2.52 13.93 -76.46
N ILE GB 91 3.41 13.08 -76.98
CA ILE GB 91 4.63 12.76 -76.25
C ILE GB 91 5.50 13.99 -76.11
N LYS GB 92 5.53 14.85 -77.13
CA LYS GB 92 6.29 16.08 -77.02
C LYS GB 92 5.79 16.95 -75.87
N LYS GB 93 4.46 17.10 -75.77
CA LYS GB 93 3.89 17.87 -74.67
C LYS GB 93 4.23 17.24 -73.33
N ALA GB 94 4.12 15.91 -73.23
CA ALA GB 94 4.45 15.24 -71.97
C ALA GB 94 5.92 15.42 -71.61
N VAL GB 95 6.80 15.37 -72.61
CA VAL GB 95 8.23 15.58 -72.37
C VAL GB 95 8.47 16.98 -71.83
N ALA GB 96 7.82 17.98 -72.43
CA ALA GB 96 7.98 19.34 -71.95
C ALA GB 96 7.46 19.48 -70.52
N VAL GB 97 6.32 18.86 -70.21
CA VAL GB 97 5.75 18.98 -68.87
C VAL GB 97 6.65 18.30 -67.85
N ARG GB 98 7.18 17.13 -68.17
CA ARG GB 98 8.07 16.42 -67.25
C ARG GB 98 9.37 17.19 -67.05
N LYS GB 99 9.89 17.80 -68.11
CA LYS GB 99 11.09 18.63 -68.00
C LYS GB 99 10.83 19.84 -67.11
N HIS GB 100 9.65 20.44 -67.22
CA HIS GB 100 9.30 21.53 -66.32
C HIS GB 100 9.17 21.04 -64.87
N LEU GB 101 8.59 19.87 -64.67
CA LEU GB 101 8.33 19.36 -63.33
C LEU GB 101 9.62 19.03 -62.58
N GLU GB 102 10.59 18.43 -63.28
CA GLU GB 102 11.84 18.03 -62.62
C GLU GB 102 12.57 19.23 -62.03
N ARG GB 103 12.28 20.43 -62.52
CA ARG GB 103 12.83 21.67 -61.99
C ARG GB 103 11.87 22.37 -61.04
N ASN GB 104 10.56 22.24 -61.27
CA ASN GB 104 9.53 22.79 -60.37
C ASN GB 104 8.65 21.63 -59.92
N ARG GB 105 9.11 20.88 -58.92
CA ARG GB 105 8.33 19.77 -58.41
C ARG GB 105 7.09 20.23 -57.64
N LYS GB 106 7.14 21.44 -57.06
CA LYS GB 106 6.00 21.91 -56.28
C LYS GB 106 4.80 22.30 -57.14
N ASP GB 107 4.88 22.11 -58.45
CA ASP GB 107 3.77 22.40 -59.35
C ASP GB 107 2.84 21.18 -59.35
N LYS GB 108 1.99 21.13 -58.32
CA LYS GB 108 0.97 20.09 -58.26
C LYS GB 108 0.04 20.16 -59.46
N ASP GB 109 -0.24 21.37 -59.95
CA ASP GB 109 -1.03 21.53 -61.16
C ASP GB 109 -0.33 20.88 -62.34
N ALA GB 110 0.98 21.06 -62.46
CA ALA GB 110 1.71 20.45 -63.57
C ALA GB 110 1.72 18.93 -63.44
N LYS GB 111 1.82 18.42 -62.21
CA LYS GB 111 1.74 16.97 -62.03
C LYS GB 111 0.38 16.44 -62.48
N PHE GB 112 -0.69 17.15 -62.13
CA PHE GB 112 -2.03 16.75 -62.54
C PHE GB 112 -2.16 16.74 -64.06
N ARG GB 113 -1.70 17.82 -64.72
CA ARG GB 113 -1.77 17.87 -66.17
C ARG GB 113 -0.91 16.81 -66.81
N LEU GB 114 0.22 16.47 -66.18
CA LEU GB 114 1.05 15.39 -66.68
C LEU GB 114 0.28 14.07 -66.65
N ILE GB 115 -0.44 13.82 -65.56
CA ILE GB 115 -1.24 12.60 -65.49
C ILE GB 115 -2.26 12.57 -66.63
N LEU GB 116 -2.92 13.70 -66.87
CA LEU GB 116 -3.91 13.76 -67.95
C LEU GB 116 -3.27 13.48 -69.31
N ILE GB 117 -2.12 14.10 -69.58
CA ILE GB 117 -1.47 13.92 -70.88
C ILE GB 117 -0.99 12.49 -71.05
N GLU GB 118 -0.46 11.88 -69.99
CA GLU GB 118 -0.03 10.49 -70.06
C GLU GB 118 -1.21 9.58 -70.35
N SER GB 119 -2.37 9.85 -69.74
CA SER GB 119 -3.55 9.06 -70.02
C SER GB 119 -3.95 9.17 -71.48
N ARG GB 120 -3.92 10.38 -72.03
CA ARG GB 120 -4.22 10.53 -73.45
C ARG GB 120 -3.23 9.78 -74.32
N ILE GB 121 -1.95 9.83 -73.97
CA ILE GB 121 -0.93 9.11 -74.73
C ILE GB 121 -1.21 7.62 -74.73
N HIS GB 122 -1.52 7.07 -73.56
CA HIS GB 122 -1.72 5.64 -73.45
C HIS GB 122 -2.97 5.18 -74.19
N ARG GB 123 -4.04 5.96 -74.12
CA ARG GB 123 -5.25 5.60 -74.85
C ARG GB 123 -5.02 5.64 -76.36
N LEU GB 124 -4.35 6.68 -76.84
CA LEU GB 124 -4.05 6.77 -78.27
C LEU GB 124 -3.16 5.62 -78.71
N ALA GB 125 -2.15 5.29 -77.89
CA ALA GB 125 -1.26 4.19 -78.23
C ALA GB 125 -2.00 2.87 -78.25
N ARG GB 126 -2.96 2.68 -77.35
CA ARG GB 126 -3.78 1.47 -77.36
C ARG GB 126 -4.56 1.35 -78.66
N TYR GB 127 -5.15 2.46 -79.11
CA TYR GB 127 -5.88 2.44 -80.38
C TYR GB 127 -4.95 2.11 -81.55
N TYR GB 128 -3.78 2.73 -81.58
CA TYR GB 128 -2.86 2.46 -82.68
C TYR GB 128 -2.36 1.02 -82.67
N LYS GB 129 -2.13 0.46 -81.48
CA LYS GB 129 -1.75 -0.93 -81.37
C LYS GB 129 -2.82 -1.84 -81.94
N THR GB 130 -4.09 -1.59 -81.61
CA THR GB 130 -5.14 -2.43 -82.16
C THR GB 130 -5.25 -2.26 -83.67
N LYS GB 131 -4.93 -1.08 -84.19
CA LYS GB 131 -4.98 -0.91 -85.64
C LYS GB 131 -3.68 -1.26 -86.34
N ARG GB 132 -2.69 -1.80 -85.61
CA ARG GB 132 -1.43 -2.29 -86.17
C ARG GB 132 -0.57 -1.19 -86.76
N VAL GB 133 -0.86 0.07 -86.42
CA VAL GB 133 0.05 1.15 -86.78
C VAL GB 133 1.32 1.07 -85.95
N LEU GB 134 1.18 0.79 -84.68
CA LEU GB 134 2.33 0.62 -83.81
C LEU GB 134 2.64 -0.86 -83.61
N PRO GB 135 3.89 -1.21 -83.31
CA PRO GB 135 4.20 -2.60 -83.00
C PRO GB 135 3.50 -3.03 -81.74
N PRO GB 136 3.16 -4.32 -81.62
CA PRO GB 136 2.39 -4.77 -80.45
C PRO GB 136 3.12 -4.63 -79.14
N ASN GB 137 4.44 -4.45 -79.16
CA ASN GB 137 5.23 -4.28 -77.94
C ASN GB 137 5.73 -2.85 -77.80
N TRP GB 138 5.13 -1.90 -78.50
CA TRP GB 138 5.50 -0.50 -78.37
C TRP GB 138 5.01 0.03 -77.04
N LYS GB 139 5.94 0.41 -76.17
CA LYS GB 139 5.58 0.90 -74.84
C LYS GB 139 6.07 2.33 -74.69
N TYR GB 140 5.19 3.18 -74.16
CA TYR GB 140 5.57 4.54 -73.82
C TYR GB 140 6.16 4.54 -72.42
N GLU GB 141 7.32 5.16 -72.26
CA GLU GB 141 8.00 5.23 -70.98
C GLU GB 141 8.37 6.67 -70.65
N SER GB 142 8.24 7.01 -69.36
CA SER GB 142 8.61 8.33 -68.88
C SER GB 142 10.10 8.61 -69.03
N SER GB 143 10.93 7.57 -69.18
CA SER GB 143 12.35 7.74 -69.39
C SER GB 143 12.73 7.74 -70.87
N THR GB 144 12.04 6.95 -71.68
CA THR GB 144 12.38 6.84 -73.11
C THR GB 144 11.65 7.85 -73.97
N ALA GB 145 10.72 8.62 -73.41
CA ALA GB 145 9.97 9.59 -74.21
C ALA GB 145 10.89 10.67 -74.78
N SER GB 146 11.83 11.15 -73.97
CA SER GB 146 12.72 12.22 -74.42
C SER GB 146 13.60 11.78 -75.57
N ALA GB 147 13.98 10.51 -75.59
CA ALA GB 147 14.73 9.99 -76.74
C ALA GB 147 13.81 9.73 -77.93
N LEU GB 148 12.58 9.30 -77.68
CA LEU GB 148 11.67 8.99 -78.78
C LEU GB 148 11.29 10.24 -79.55
N VAL GB 149 11.01 11.33 -78.86
CA VAL GB 149 10.66 12.60 -79.50
C VAL GB 149 11.85 13.54 -79.41
N ALA GB 150 12.32 13.99 -80.57
CA ALA GB 150 13.47 14.87 -80.69
C ALA GB 150 14.69 14.30 -79.96
N ILE HB 4 7.66 89.70 -23.13
CA ILE HB 4 7.07 88.44 -22.71
C ILE HB 4 6.02 88.04 -23.77
N SER HB 5 4.88 87.46 -23.35
CA SER HB 5 3.76 87.01 -24.18
C SER HB 5 4.12 85.74 -24.94
N LEU HB 6 5.38 85.32 -24.87
CA LEU HB 6 5.83 84.01 -25.35
C LEU HB 6 5.50 83.78 -26.83
N GLY HB 7 5.39 84.84 -27.60
CA GLY HB 7 4.96 84.74 -28.97
C GLY HB 7 5.96 85.31 -29.95
N PRO HB 8 5.79 85.00 -31.22
CA PRO HB 8 6.70 85.51 -32.25
C PRO HB 8 6.35 86.94 -32.60
N GLN HB 9 7.06 87.48 -33.60
CA GLN HB 9 6.97 88.88 -33.98
C GLN HB 9 6.16 89.09 -35.25
N VAL HB 10 5.07 88.35 -35.43
CA VAL HB 10 4.23 88.55 -36.60
C VAL HB 10 3.51 89.89 -36.51
N ALA HB 11 2.90 90.29 -37.63
CA ALA HB 11 2.15 91.53 -37.68
C ALA HB 11 0.85 91.40 -36.90
N GLU HB 12 0.07 92.48 -36.88
CA GLU HB 12 -1.24 92.43 -36.25
C GLU HB 12 -2.18 91.49 -36.98
N GLY HB 13 -2.28 91.65 -38.30
CA GLY HB 13 -3.19 90.83 -39.09
C GLY HB 13 -2.67 89.47 -39.44
N GLU HB 14 -1.38 89.22 -39.27
CA GLU HB 14 -0.83 87.92 -39.60
C GLU HB 14 -1.24 86.89 -38.55
N ASN HB 15 -1.52 85.68 -39.02
CA ASN HB 15 -1.90 84.57 -38.15
C ASN HB 15 -0.86 83.47 -38.22
N VAL HB 16 -0.53 82.91 -37.06
CA VAL HB 16 0.44 81.83 -36.95
C VAL HB 16 -0.30 80.50 -36.89
N PHE HB 17 0.18 79.54 -37.68
CA PHE HB 17 -0.47 78.25 -37.88
C PHE HB 17 0.26 77.19 -37.06
N GLY HB 18 -0.38 76.71 -36.00
CA GLY HB 18 -0.03 75.45 -35.39
C GLY HB 18 -0.81 74.34 -36.05
N VAL HB 19 -0.52 73.10 -35.64
CA VAL HB 19 -1.19 71.93 -36.17
C VAL HB 19 -1.76 71.15 -35.00
N CYS HB 20 -3.07 71.00 -34.97
CA CYS HB 20 -3.75 70.27 -33.91
C CYS HB 20 -4.03 68.86 -34.38
N HIS HB 21 -3.28 67.89 -33.85
CA HIS HB 21 -3.51 66.48 -34.11
C HIS HB 21 -4.57 66.01 -33.12
N ILE HB 22 -5.83 66.11 -33.52
CA ILE HB 22 -6.92 65.63 -32.68
C ILE HB 22 -7.12 64.14 -32.92
N PHE HB 23 -6.73 63.33 -31.94
CA PHE HB 23 -6.89 61.89 -31.97
C PHE HB 23 -8.08 61.56 -31.09
N ALA HB 24 -9.27 61.55 -31.68
CA ALA HB 24 -10.50 61.35 -30.92
C ALA HB 24 -10.95 59.91 -31.15
N SER HB 25 -10.53 59.02 -30.27
CA SER HB 25 -10.89 57.63 -30.43
C SER HB 25 -12.10 57.35 -29.55
N PHE HB 26 -12.48 56.09 -29.44
CA PHE HB 26 -13.36 55.70 -28.37
C PHE HB 26 -12.53 55.53 -27.12
N ASN HB 27 -13.20 55.64 -25.97
CA ASN HB 27 -12.60 55.56 -24.64
C ASN HB 27 -11.76 56.78 -24.27
N ASP HB 28 -11.47 57.66 -25.23
CA ASP HB 28 -10.66 58.85 -24.93
C ASP HB 28 -10.57 59.75 -26.16
N THR HB 29 -10.19 61.00 -25.88
CA THR HB 29 -9.86 61.99 -26.89
C THR HB 29 -8.53 62.63 -26.56
N PHE HB 30 -7.79 63.01 -27.59
CA PHE HB 30 -6.46 63.61 -27.45
C PHE HB 30 -6.45 64.91 -28.25
N VAL HB 31 -6.52 66.05 -27.57
CA VAL HB 31 -6.36 67.35 -28.20
C VAL HB 31 -4.92 67.78 -28.00
N HIS HB 32 -4.17 67.87 -29.08
CA HIS HB 32 -2.71 67.97 -28.98
C HIS HB 32 -2.21 68.88 -30.10
N VAL HB 33 -1.82 70.09 -29.75
CA VAL HB 33 -1.34 71.06 -30.71
C VAL HB 33 0.18 71.02 -30.73
N THR HB 34 0.76 70.96 -31.92
CA THR HB 34 2.19 71.10 -32.12
C THR HB 34 2.47 72.23 -33.10
N ASP HB 35 3.73 72.45 -33.44
CA ASP HB 35 4.08 73.41 -34.47
C ASP HB 35 3.87 72.77 -35.84
N LEU HB 36 4.31 73.45 -36.90
CA LEU HB 36 4.14 72.90 -38.24
C LEU HB 36 4.91 71.61 -38.43
N SER HB 37 6.14 71.56 -37.93
CA SER HB 37 6.96 70.38 -38.11
C SER HB 37 6.37 69.18 -37.39
N GLY HB 38 5.77 69.40 -36.22
CA GLY HB 38 5.26 68.33 -35.41
C GLY HB 38 6.26 67.75 -34.43
N LYS HB 39 7.52 68.17 -34.49
CA LYS HB 39 8.48 67.70 -33.51
C LYS HB 39 8.30 68.40 -32.17
N GLU HB 40 7.93 69.67 -32.19
CA GLU HB 40 7.76 70.45 -30.97
C GLU HB 40 6.29 70.65 -30.69
N THR HB 41 5.87 70.33 -29.47
CA THR HB 41 4.47 70.40 -29.10
C THR HB 41 4.22 71.67 -28.28
N ILE HB 42 2.96 72.08 -28.27
CA ILE HB 42 2.55 73.28 -27.57
C ILE HB 42 1.86 72.88 -26.29
N CYS HB 43 0.77 72.13 -26.40
CA CYS HB 43 0.04 71.69 -25.22
C CYS HB 43 -0.91 70.58 -25.63
N ARG HB 44 -0.95 69.50 -24.85
CA ARG HB 44 -1.99 68.50 -25.00
C ARG HB 44 -2.83 68.53 -23.72
N VAL HB 45 -4.11 68.23 -23.85
CA VAL HB 45 -4.93 67.82 -22.73
C VAL HB 45 -6.00 66.87 -23.25
N THR HB 46 -6.18 65.77 -22.56
CA THR HB 46 -7.08 64.71 -22.98
C THR HB 46 -8.43 64.87 -22.30
N GLY HB 47 -9.42 64.16 -22.83
CA GLY HB 47 -10.69 64.08 -22.13
C GLY HB 47 -10.59 63.40 -20.78
N GLY HB 48 -9.58 62.56 -20.58
CA GLY HB 48 -9.39 61.93 -19.29
C GLY HB 48 -8.77 62.84 -18.25
N MET HB 49 -8.09 63.90 -18.70
CA MET HB 49 -7.50 64.87 -17.79
C MET HB 49 -8.49 65.88 -17.28
N LYS HB 50 -9.67 65.98 -17.88
CA LYS HB 50 -10.68 66.95 -17.47
C LYS HB 50 -11.87 66.30 -16.78
N VAL HB 51 -11.88 64.97 -16.65
CA VAL HB 51 -12.98 64.26 -16.02
C VAL HB 51 -12.38 63.25 -15.05
N LYS HB 52 -13.19 62.88 -14.05
CA LYS HB 52 -12.80 61.86 -13.07
C LYS HB 52 -13.72 60.66 -13.09
N ALA HB 53 -14.67 60.58 -14.02
CA ALA HB 53 -15.63 59.48 -14.06
C ALA HB 53 -15.11 58.27 -14.81
N ASP HB 54 -14.16 58.45 -15.74
CA ASP HB 54 -13.46 57.39 -16.46
C ASP HB 54 -14.33 56.69 -17.49
N ARG HB 55 -15.64 56.94 -17.45
CA ARG HB 55 -16.50 56.54 -18.55
C ARG HB 55 -16.75 57.68 -19.51
N ASP HB 56 -16.72 58.91 -19.00
CA ASP HB 56 -16.84 60.10 -19.83
C ASP HB 56 -15.45 60.63 -20.19
N GLU HB 57 -14.57 59.74 -20.64
CA GLU HB 57 -13.27 60.15 -21.15
C GLU HB 57 -13.30 60.35 -22.65
N SER HB 58 -14.31 59.82 -23.33
CA SER HB 58 -14.56 60.09 -24.74
C SER HB 58 -15.88 60.84 -24.93
N SER HB 59 -16.40 61.45 -23.88
CA SER HB 59 -17.65 62.16 -23.98
C SER HB 59 -17.48 63.49 -24.69
N PRO HB 60 -18.54 63.98 -25.32
CA PRO HB 60 -18.48 65.33 -25.90
C PRO HB 60 -18.16 66.40 -24.88
N TYR HB 61 -18.65 66.26 -23.65
CA TYR HB 61 -18.38 67.26 -22.62
C TYR HB 61 -16.90 67.31 -22.29
N ALA HB 62 -16.27 66.16 -22.06
CA ALA HB 62 -14.85 66.13 -21.75
C ALA HB 62 -14.02 66.61 -22.92
N ALA HB 63 -14.41 66.25 -24.14
CA ALA HB 63 -13.69 66.75 -25.31
C ALA HB 63 -13.80 68.27 -25.41
N MET HB 64 -14.98 68.83 -25.13
CA MET HB 64 -15.14 70.28 -25.15
C MET HB 64 -14.27 70.95 -24.11
N LEU HB 65 -14.21 70.38 -22.91
CA LEU HB 65 -13.35 70.96 -21.87
C LEU HB 65 -11.89 70.92 -22.29
N ALA HB 66 -11.44 69.81 -22.86
CA ALA HB 66 -10.06 69.71 -23.30
C ALA HB 66 -9.76 70.72 -24.41
N ALA HB 67 -10.69 70.88 -25.34
CA ALA HB 67 -10.48 71.83 -26.42
C ALA HB 67 -10.39 73.26 -25.91
N GLN HB 68 -11.24 73.61 -24.94
CA GLN HB 68 -11.17 74.94 -24.35
C GLN HB 68 -9.85 75.16 -23.64
N ASP HB 69 -9.37 74.15 -22.91
CA ASP HB 69 -8.08 74.26 -22.24
C ASP HB 69 -6.94 74.44 -23.23
N VAL HB 70 -6.96 73.69 -24.34
CA VAL HB 70 -5.93 73.82 -25.37
C VAL HB 70 -5.96 75.21 -25.96
N ALA HB 71 -7.17 75.73 -26.24
CA ALA HB 71 -7.29 77.07 -26.80
C ALA HB 71 -6.73 78.11 -25.85
N GLN HB 72 -7.01 77.98 -24.56
CA GLN HB 72 -6.48 78.94 -23.59
C GLN HB 72 -4.95 78.94 -23.58
N ARG HB 73 -4.35 77.75 -23.54
CA ARG HB 73 -2.89 77.69 -23.54
C ARG HB 73 -2.29 78.19 -24.85
N CYS HB 74 -2.94 77.92 -25.98
CA CYS HB 74 -2.43 78.41 -27.26
C CYS HB 74 -2.57 79.93 -27.39
N LYS HB 75 -3.65 80.50 -26.85
CA LYS HB 75 -3.74 81.96 -26.78
C LYS HB 75 -2.63 82.53 -25.93
N GLU HB 76 -2.28 81.83 -24.85
CA GLU HB 76 -1.15 82.27 -24.03
C GLU HB 76 0.15 82.29 -24.84
N LEU HB 77 0.41 81.23 -25.61
CA LEU HB 77 1.58 81.20 -26.46
C LEU HB 77 1.41 81.98 -27.77
N GLY HB 78 0.29 82.67 -27.93
CA GLY HB 78 0.09 83.54 -29.07
C GLY HB 78 0.00 82.82 -30.40
N ILE HB 79 -0.74 81.72 -30.44
CA ILE HB 79 -1.03 80.98 -31.67
C ILE HB 79 -2.49 81.20 -32.02
N THR HB 80 -2.74 81.54 -33.28
CA THR HB 80 -4.07 81.99 -33.70
C THR HB 80 -4.82 81.00 -34.57
N ALA HB 81 -4.13 80.24 -35.44
CA ALA HB 81 -4.81 79.36 -36.37
C ALA HB 81 -4.22 77.96 -36.26
N LEU HB 82 -5.05 76.96 -36.57
CA LEU HB 82 -4.70 75.56 -36.43
C LEU HB 82 -5.09 74.80 -37.67
N HIS HB 83 -4.17 74.00 -38.18
CA HIS HB 83 -4.49 72.99 -39.17
C HIS HB 83 -4.93 71.73 -38.44
N ILE HB 84 -6.13 71.26 -38.73
CA ILE HB 84 -6.74 70.17 -37.98
C ILE HB 84 -6.38 68.84 -38.64
N LYS HB 85 -6.04 67.85 -37.81
CA LYS HB 85 -5.77 66.49 -38.27
C LYS HB 85 -6.61 65.54 -37.40
N LEU HB 86 -7.77 65.15 -37.91
CA LEU HB 86 -8.61 64.19 -37.23
C LEU HB 86 -8.05 62.78 -37.34
N ARG HB 87 -8.17 62.03 -36.25
CA ARG HB 87 -7.63 60.69 -36.22
C ARG HB 87 -8.50 59.80 -35.36
N ALA HB 88 -8.89 58.65 -35.92
CA ALA HB 88 -9.51 57.58 -35.20
C ALA HB 88 -8.47 56.52 -34.88
N THR HB 89 -8.89 55.40 -34.28
CA THR HB 89 -7.95 54.40 -33.82
C THR HB 89 -7.17 53.79 -34.98
N GLY HB 90 -7.86 53.46 -36.06
CA GLY HB 90 -7.15 52.99 -37.24
C GLY HB 90 -6.56 51.60 -37.05
N GLY HB 91 -5.52 51.33 -37.81
CA GLY HB 91 -4.98 49.98 -37.84
C GLY HB 91 -6.01 49.04 -38.39
N ASN HB 92 -6.15 47.87 -37.75
CA ASN HB 92 -7.22 46.96 -38.09
C ASN HB 92 -8.50 47.25 -37.32
N ARG HB 93 -8.47 48.23 -36.42
CA ARG HB 93 -9.62 48.58 -35.62
C ARG HB 93 -10.43 49.68 -36.33
N THR HB 94 -11.34 50.30 -35.61
CA THR HB 94 -12.35 51.16 -36.21
C THR HB 94 -11.73 52.35 -36.93
N LYS HB 95 -12.43 52.83 -37.96
CA LYS HB 95 -11.98 53.95 -38.76
C LYS HB 95 -12.80 55.22 -38.57
N THR HB 96 -14.04 55.10 -38.11
CA THR HB 96 -14.81 56.29 -37.82
C THR HB 96 -14.34 56.91 -36.50
N PRO HB 97 -14.29 58.23 -36.41
CA PRO HB 97 -13.84 58.87 -35.17
C PRO HB 97 -14.86 58.72 -34.06
N GLY HB 98 -14.38 58.91 -32.84
CA GLY HB 98 -15.22 58.77 -31.67
C GLY HB 98 -16.16 59.95 -31.50
N PRO HB 99 -16.97 59.89 -30.44
CA PRO HB 99 -17.97 60.94 -30.22
C PRO HB 99 -17.39 62.31 -29.98
N GLY HB 100 -16.23 62.40 -29.35
CA GLY HB 100 -15.71 63.68 -28.94
C GLY HB 100 -15.08 64.53 -30.01
N ALA HB 101 -14.92 64.01 -31.24
CA ALA HB 101 -14.25 64.79 -32.29
C ALA HB 101 -15.05 66.03 -32.65
N GLN HB 102 -16.35 65.88 -32.85
CA GLN HB 102 -17.20 67.00 -33.22
C GLN HB 102 -17.19 68.07 -32.14
N SER HB 103 -17.29 67.66 -30.88
CA SER HB 103 -17.35 68.64 -29.81
C SER HB 103 -16.00 69.30 -29.55
N ALA HB 104 -14.90 68.56 -29.69
CA ALA HB 104 -13.60 69.21 -29.59
C ALA HB 104 -13.41 70.25 -30.69
N LEU HB 105 -13.81 69.91 -31.92
CA LEU HB 105 -13.71 70.89 -33.00
C LEU HB 105 -14.60 72.11 -32.75
N ARG HB 106 -15.83 71.88 -32.28
CA ARG HB 106 -16.72 72.99 -32.00
C ARG HB 106 -16.18 73.89 -30.91
N ALA HB 107 -15.69 73.30 -29.81
CA ALA HB 107 -15.18 74.10 -28.71
C ALA HB 107 -13.95 74.87 -29.13
N LEU HB 108 -13.05 74.25 -29.89
CA LEU HB 108 -11.85 74.96 -30.36
C LEU HB 108 -12.23 76.13 -31.25
N ALA HB 109 -13.18 75.93 -32.17
CA ALA HB 109 -13.57 77.02 -33.04
C ALA HB 109 -14.27 78.14 -32.27
N ARG HB 110 -15.14 77.77 -31.32
CA ARG HB 110 -15.96 78.76 -30.64
C ARG HB 110 -15.23 79.42 -29.49
N SER HB 111 -14.04 78.95 -29.13
CA SER HB 111 -13.22 79.59 -28.10
C SER HB 111 -12.21 80.56 -28.71
N GLY HB 112 -12.56 81.20 -29.82
CA GLY HB 112 -11.71 82.22 -30.40
C GLY HB 112 -10.44 81.68 -31.01
N MET HB 113 -10.57 80.88 -32.06
CA MET HB 113 -9.44 80.29 -32.76
C MET HB 113 -9.79 80.18 -34.23
N LYS HB 114 -8.77 80.07 -35.07
CA LYS HB 114 -8.97 80.02 -36.51
C LYS HB 114 -8.65 78.63 -37.02
N ILE HB 115 -9.38 78.19 -38.04
CA ILE HB 115 -9.28 76.84 -38.58
C ILE HB 115 -8.76 76.93 -40.01
N GLY HB 116 -7.71 76.16 -40.30
CA GLY HB 116 -7.13 76.17 -41.63
C GLY HB 116 -7.59 75.00 -42.48
N ARG HB 117 -6.73 74.00 -42.63
CA ARG HB 117 -7.03 72.83 -43.45
C ARG HB 117 -7.32 71.65 -42.54
N ILE HB 118 -8.44 70.99 -42.80
CA ILE HB 118 -8.84 69.80 -42.05
C ILE HB 118 -8.50 68.57 -42.88
N GLU HB 119 -8.04 67.52 -42.21
CA GLU HB 119 -7.64 66.30 -42.90
C GLU HB 119 -7.85 65.11 -41.97
N ASP HB 120 -7.96 63.94 -42.57
CA ASP HB 120 -8.05 62.68 -41.85
C ASP HB 120 -6.73 61.94 -41.98
N VAL HB 121 -6.12 61.59 -40.86
CA VAL HB 121 -4.85 60.88 -40.86
C VAL HB 121 -5.01 59.59 -40.08
N THR HB 122 -6.20 59.02 -40.12
CA THR HB 122 -6.44 57.73 -39.50
C THR HB 122 -5.56 56.68 -40.17
N PRO HB 123 -4.87 55.84 -39.41
CA PRO HB 123 -4.00 54.82 -40.02
C PRO HB 123 -4.83 53.80 -40.81
N ILE HB 124 -4.63 53.78 -42.11
CA ILE HB 124 -5.37 52.92 -43.02
C ILE HB 124 -4.40 51.92 -43.64
N PRO HB 125 -4.40 50.68 -43.18
CA PRO HB 125 -3.46 49.70 -43.72
C PRO HB 125 -3.80 49.34 -45.16
N SER HB 126 -2.75 49.13 -45.96
CA SER HB 126 -2.97 48.38 -47.19
C SER HB 126 -3.45 46.97 -46.87
N ASP HB 127 -2.82 46.34 -45.89
CA ASP HB 127 -3.44 45.23 -45.18
C ASP HB 127 -2.76 45.05 -43.85
N SER HB 128 -3.52 44.58 -42.88
CA SER HB 128 -3.17 44.65 -41.49
C SER HB 128 -2.91 43.27 -40.92
N THR HB 129 -2.52 43.25 -39.66
CA THR HB 129 -2.41 42.03 -38.91
C THR HB 129 -3.80 41.52 -38.55
N ARG HB 130 -3.85 40.31 -38.00
CA ARG HB 130 -5.13 39.73 -37.62
C ARG HB 130 -5.77 40.52 -36.50
N ARG HB 131 -7.00 40.94 -36.70
CA ARG HB 131 -7.68 41.77 -35.72
C ARG HB 131 -8.04 40.97 -34.48
N LYS HB 132 -7.99 41.64 -33.33
CA LYS HB 132 -8.30 41.03 -32.06
C LYS HB 132 -9.78 40.65 -31.99
N GLY HB 133 -10.07 39.48 -31.44
CA GLY HB 133 -11.44 39.09 -31.21
C GLY HB 133 -11.80 37.67 -31.55
N GLY HB 134 -11.02 37.02 -32.41
CA GLY HB 134 -11.33 35.69 -32.88
C GLY HB 134 -12.29 35.71 -34.06
N ARG HB 135 -12.38 34.56 -34.72
CA ARG HB 135 -13.21 34.48 -35.92
C ARG HB 135 -14.69 34.47 -35.60
N ARG HB 136 -15.07 34.09 -34.39
CA ARG HB 136 -16.46 34.17 -33.98
C ARG HB 136 -16.82 35.54 -33.47
N GLY HB 137 -15.88 36.45 -33.44
CA GLY HB 137 -16.17 37.81 -33.05
C GLY HB 137 -16.26 37.98 -31.56
N ARG HB 138 -16.75 39.15 -31.17
CA ARG HB 138 -16.91 39.53 -29.78
C ARG HB 138 -18.37 39.26 -29.39
N ARG HB 139 -18.61 38.13 -28.75
CA ARG HB 139 -19.95 37.69 -28.42
C ARG HB 139 -20.47 38.44 -27.21
N LEU HB 140 -21.60 39.12 -27.39
CA LEU HB 140 -22.26 39.81 -26.28
C LEU HB 140 -23.74 39.50 -26.27
N MET IB 1 -66.53 3.35 -80.15
CA MET IB 1 -67.74 3.67 -80.91
C MET IB 1 -67.81 2.88 -82.22
N GLN IB 2 -69.03 2.74 -82.75
CA GLN IB 2 -69.29 2.03 -83.99
C GLN IB 2 -68.79 0.59 -83.91
N ASN IB 3 -69.46 -0.19 -83.08
CA ASN IB 3 -69.16 -1.61 -82.95
C ASN IB 3 -69.44 -2.34 -84.26
N ASP IB 4 -69.13 -3.63 -84.32
CA ASP IB 4 -69.14 -4.34 -85.60
C ASP IB 4 -70.53 -4.45 -86.20
N ALA IB 5 -71.59 -4.25 -85.41
CA ALA IB 5 -72.93 -4.26 -85.99
C ALA IB 5 -73.28 -2.95 -86.68
N GLY IB 6 -72.44 -1.92 -86.56
CA GLY IB 6 -72.58 -0.70 -87.30
C GLY IB 6 -73.12 0.48 -86.52
N GLU IB 7 -73.83 0.23 -85.41
CA GLU IB 7 -74.41 1.33 -84.65
C GLU IB 7 -73.33 2.04 -83.84
N PHE IB 8 -73.53 3.35 -83.66
CA PHE IB 8 -72.53 4.21 -83.02
C PHE IB 8 -72.79 4.22 -81.53
N VAL IB 9 -72.04 3.42 -80.79
CA VAL IB 9 -72.23 3.29 -79.34
C VAL IB 9 -71.36 4.36 -78.69
N ASP IB 10 -71.86 5.58 -78.69
CA ASP IB 10 -71.15 6.72 -78.11
C ASP IB 10 -72.10 7.88 -77.95
N LEU IB 11 -72.19 8.42 -76.75
CA LEU IB 11 -73.25 9.39 -76.47
C LEU IB 11 -72.97 10.77 -77.05
N TYR IB 12 -71.70 11.12 -77.28
CA TYR IB 12 -71.43 12.31 -78.09
C TYR IB 12 -70.03 12.17 -78.64
N VAL IB 13 -69.76 12.87 -79.73
CA VAL IB 13 -68.44 12.92 -80.32
C VAL IB 13 -67.83 14.29 -80.00
N PRO IB 14 -66.76 14.35 -79.23
CA PRO IB 14 -66.23 15.65 -78.81
C PRO IB 14 -65.59 16.41 -79.97
N ARG IB 15 -65.60 17.73 -79.85
CA ARG IB 15 -64.94 18.57 -80.84
C ARG IB 15 -63.42 18.42 -80.74
N LYS IB 16 -62.75 18.79 -81.82
CA LYS IB 16 -61.31 18.81 -81.86
C LYS IB 16 -60.82 20.19 -82.24
N CYS IB 17 -59.72 20.61 -81.62
CA CYS IB 17 -59.12 21.89 -81.92
C CYS IB 17 -58.67 21.92 -83.37
N SER IB 18 -59.18 22.87 -84.14
CA SER IB 18 -58.80 22.97 -85.54
C SER IB 18 -57.36 23.42 -85.72
N ALA IB 19 -56.71 23.87 -84.65
CA ALA IB 19 -55.32 24.28 -84.72
C ALA IB 19 -54.36 23.14 -84.44
N SER IB 20 -54.50 22.47 -83.30
CA SER IB 20 -53.55 21.47 -82.87
C SER IB 20 -54.14 20.06 -82.79
N ASN IB 21 -55.36 19.87 -83.25
CA ASN IB 21 -55.99 18.54 -83.36
C ASN IB 21 -56.04 17.81 -82.03
N ARG IB 22 -56.50 18.50 -80.99
CA ARG IB 22 -56.64 17.94 -79.66
C ARG IB 22 -58.11 17.87 -79.29
N ILE IB 23 -58.47 16.82 -78.55
CA ILE IB 23 -59.84 16.71 -78.06
C ILE IB 23 -60.11 17.82 -77.06
N ILE IB 24 -61.20 18.55 -77.27
CA ILE IB 24 -61.62 19.59 -76.35
C ILE IB 24 -62.53 18.94 -75.31
N GLY IB 25 -62.02 18.81 -74.08
CA GLY IB 25 -62.79 18.14 -73.05
C GLY IB 25 -64.02 18.93 -72.64
N ALA IB 26 -64.94 18.22 -71.98
CA ALA IB 26 -66.19 18.85 -71.58
C ALA IB 26 -65.96 19.92 -70.53
N LYS IB 27 -64.87 19.85 -69.79
CA LYS IB 27 -64.56 20.82 -68.75
C LYS IB 27 -63.47 21.79 -69.14
N ASP IB 28 -63.13 21.85 -70.44
CA ASP IB 28 -62.15 22.81 -70.93
C ASP IB 28 -62.89 24.11 -71.21
N HIS IB 29 -63.06 24.90 -70.16
CA HIS IB 29 -63.74 26.19 -70.30
C HIS IB 29 -62.84 27.26 -70.87
N ALA IB 30 -61.53 27.04 -70.90
CA ALA IB 30 -60.64 27.99 -71.56
C ALA IB 30 -60.82 27.96 -73.06
N SER IB 31 -61.18 26.80 -73.62
CA SER IB 31 -61.29 26.64 -75.06
C SER IB 31 -62.40 27.51 -75.62
N ILE IB 32 -62.27 27.83 -76.91
CA ILE IB 32 -63.23 28.70 -77.59
C ILE IB 32 -63.64 28.06 -78.91
N GLN IB 33 -64.82 28.45 -79.38
CA GLN IB 33 -65.24 28.21 -80.76
C GLN IB 33 -65.76 29.52 -81.30
N MET IB 34 -65.23 29.93 -82.46
CA MET IB 34 -65.46 31.27 -82.99
C MET IB 34 -65.85 31.20 -84.45
N ASN IB 35 -66.79 32.05 -84.84
CA ASN IB 35 -67.16 32.19 -86.24
C ASN IB 35 -66.54 33.45 -86.82
N VAL IB 36 -66.21 33.37 -88.11
CA VAL IB 36 -65.72 34.50 -88.89
C VAL IB 36 -66.69 34.67 -90.04
N ALA IB 37 -67.24 35.87 -90.17
CA ALA IB 37 -68.29 36.12 -91.15
C ALA IB 37 -67.64 36.53 -92.46
N GLU IB 38 -67.87 35.75 -93.51
CA GLU IB 38 -67.32 36.13 -94.80
C GLU IB 38 -68.31 37.04 -95.55
N VAL IB 39 -67.78 37.74 -96.54
CA VAL IB 39 -68.55 38.73 -97.28
C VAL IB 39 -68.64 38.31 -98.73
N ASP IB 40 -69.63 38.88 -99.42
CA ASP IB 40 -69.82 38.56 -100.83
C ASP IB 40 -68.74 39.22 -101.69
N LYS IB 41 -68.71 38.81 -102.95
CA LYS IB 41 -67.58 39.12 -103.82
C LYS IB 41 -67.45 40.62 -104.08
N VAL IB 42 -68.56 41.30 -104.34
CA VAL IB 42 -68.47 42.66 -104.87
C VAL IB 42 -68.61 43.69 -103.78
N THR IB 43 -69.73 43.69 -103.05
CA THR IB 43 -70.05 44.79 -102.16
C THR IB 43 -69.49 44.62 -100.76
N GLY IB 44 -68.89 43.47 -100.45
CA GLY IB 44 -68.29 43.29 -99.14
C GLY IB 44 -69.28 43.35 -97.99
N ARG IB 45 -70.46 42.80 -98.18
CA ARG IB 45 -71.49 42.78 -97.14
C ARG IB 45 -71.58 41.38 -96.54
N PHE IB 46 -71.99 41.34 -95.28
CA PHE IB 46 -72.24 40.06 -94.63
C PHE IB 46 -73.32 39.30 -95.37
N ASN IB 47 -73.02 38.07 -95.77
CA ASN IB 47 -73.94 37.26 -96.55
C ASN IB 47 -74.59 36.16 -95.73
N GLY IB 48 -74.66 36.31 -94.41
CA GLY IB 48 -75.38 35.37 -93.59
C GLY IB 48 -74.55 34.25 -93.01
N GLN IB 49 -73.90 33.46 -93.86
CA GLN IB 49 -73.15 32.32 -93.37
C GLN IB 49 -71.73 32.73 -92.99
N PHE IB 50 -71.01 31.81 -92.33
CA PHE IB 50 -69.75 32.12 -91.69
C PHE IB 50 -68.84 30.91 -91.80
N LYS IB 51 -67.72 30.95 -91.09
CA LYS IB 51 -66.80 29.82 -91.05
C LYS IB 51 -66.29 29.68 -89.62
N THR IB 52 -66.29 28.45 -89.11
CA THR IB 52 -66.11 28.20 -87.69
C THR IB 52 -64.75 27.57 -87.41
N TYR IB 53 -64.10 28.02 -86.35
CA TYR IB 53 -62.86 27.45 -85.85
C TYR IB 53 -63.01 27.13 -84.38
N ALA IB 54 -62.19 26.20 -83.89
CA ALA IB 54 -62.19 25.86 -82.48
C ALA IB 54 -60.74 25.80 -82.00
N ILE IB 55 -60.49 26.37 -80.84
CA ILE IB 55 -59.16 26.40 -80.24
C ILE IB 55 -59.25 25.85 -78.83
N CYS IB 56 -58.35 24.92 -78.50
CA CYS IB 56 -58.39 24.31 -77.18
C CYS IB 56 -57.73 25.21 -76.15
N GLY IB 57 -57.98 24.87 -74.88
CA GLY IB 57 -57.54 25.73 -73.79
C GLY IB 57 -56.04 25.84 -73.69
N ALA IB 58 -55.33 24.72 -73.81
CA ALA IB 58 -53.87 24.75 -73.69
C ALA IB 58 -53.25 25.57 -74.80
N ILE IB 59 -53.72 25.40 -76.03
CA ILE IB 59 -53.17 26.16 -77.15
C ILE IB 59 -53.45 27.64 -76.98
N ARG IB 60 -54.68 27.98 -76.63
CA ARG IB 60 -55.00 29.39 -76.50
C ARG IB 60 -54.61 29.95 -75.15
N ARG IB 61 -53.95 29.16 -74.31
CA ARG IB 61 -53.34 29.64 -73.08
C ARG IB 61 -51.84 29.84 -73.21
N MET IB 62 -51.15 29.00 -73.98
CA MET IB 62 -49.72 29.21 -74.17
C MET IB 62 -49.43 30.49 -74.96
N GLY IB 63 -50.42 31.06 -75.63
CA GLY IB 63 -50.27 32.35 -76.26
C GLY IB 63 -50.27 32.34 -77.77
N GLU IB 64 -50.57 31.22 -78.42
CA GLU IB 64 -50.46 31.12 -79.87
C GLU IB 64 -51.80 30.99 -80.57
N SER IB 65 -52.89 31.31 -79.89
CA SER IB 65 -54.20 31.32 -80.53
C SER IB 65 -54.25 32.35 -81.65
N ASP IB 66 -53.55 33.48 -81.49
CA ASP IB 66 -53.49 34.47 -82.55
C ASP IB 66 -52.90 33.88 -83.83
N ASP IB 67 -51.73 33.25 -83.71
CA ASP IB 67 -51.10 32.67 -84.88
C ASP IB 67 -51.95 31.57 -85.46
N SER IB 68 -52.59 30.77 -84.61
CA SER IB 68 -53.43 29.68 -85.10
C SER IB 68 -54.61 30.19 -85.91
N ILE IB 69 -55.33 31.17 -85.37
CA ILE IB 69 -56.50 31.72 -86.08
C ILE IB 69 -56.06 32.40 -87.36
N LEU IB 70 -54.91 33.08 -87.33
CA LEU IB 70 -54.42 33.75 -88.53
C LEU IB 70 -54.09 32.74 -89.62
N ARG IB 71 -53.45 31.63 -89.26
CA ARG IB 71 -53.14 30.59 -90.25
C ARG IB 71 -54.40 29.96 -90.79
N LEU IB 72 -55.38 29.72 -89.93
CA LEU IB 72 -56.64 29.12 -90.39
C LEU IB 72 -57.36 30.06 -91.35
N ALA IB 73 -57.33 31.37 -91.07
CA ALA IB 73 -57.94 32.34 -91.97
C ALA IB 73 -57.20 32.39 -93.30
N LYS IB 74 -55.86 32.31 -93.27
CA LYS IB 74 -55.10 32.26 -94.51
C LYS IB 74 -55.48 31.03 -95.32
N ALA IB 75 -55.62 29.88 -94.66
CA ALA IB 75 -55.97 28.65 -95.36
C ALA IB 75 -57.35 28.74 -95.97
N ASP IB 76 -58.30 29.35 -95.26
CA ASP IB 76 -59.65 29.45 -95.79
C ASP IB 76 -59.85 30.66 -96.69
N GLY IB 77 -58.82 31.47 -96.89
CA GLY IB 77 -58.90 32.59 -97.82
C GLY IB 77 -59.45 33.87 -97.23
N ILE IB 78 -59.82 33.88 -95.96
CA ILE IB 78 -60.32 35.10 -95.33
C ILE IB 78 -59.22 36.16 -95.30
N VAL IB 79 -58.02 35.78 -94.90
CA VAL IB 79 -56.87 36.66 -94.95
C VAL IB 79 -56.14 36.42 -96.27
N SER IB 80 -55.83 37.50 -96.97
CA SER IB 80 -55.26 37.39 -98.31
C SER IB 80 -53.90 36.67 -98.27
N LYS IB 81 -53.53 36.12 -99.43
CA LYS IB 81 -52.29 35.37 -99.52
C LYS IB 81 -51.07 36.25 -99.26
N ASN IB 82 -51.08 37.48 -99.77
CA ASN IB 82 -49.91 38.34 -99.70
C ASN IB 82 -49.70 38.94 -98.31
N PHE IB 83 -50.45 38.51 -97.30
CA PHE IB 83 -50.22 38.91 -95.92
C PHE IB 83 -48.78 38.64 -95.50
N VAL JB 1 -22.45 10.06 -74.46
CA VAL JB 1 -22.57 10.46 -75.85
C VAL JB 1 -23.84 9.87 -76.44
N ARG JB 2 -24.13 10.22 -77.69
CA ARG JB 2 -25.31 9.71 -78.36
C ARG JB 2 -25.07 8.25 -78.72
N MET JB 3 -25.86 7.36 -78.14
CA MET JB 3 -25.73 5.94 -78.39
C MET JB 3 -26.97 5.32 -79.00
N ASN JB 4 -28.10 6.00 -78.98
CA ASN JB 4 -29.34 5.49 -79.55
C ASN JB 4 -30.01 6.59 -80.36
N VAL JB 5 -29.69 6.61 -81.66
CA VAL JB 5 -30.23 7.63 -82.55
C VAL JB 5 -31.74 7.49 -82.68
N LEU JB 6 -32.25 6.27 -82.66
CA LEU JB 6 -33.70 6.06 -82.70
C LEU JB 6 -34.37 6.61 -81.44
N ALA JB 7 -33.76 6.38 -80.28
CA ALA JB 7 -34.33 6.91 -79.05
C ALA JB 7 -34.38 8.42 -79.08
N ASP JB 8 -33.31 9.05 -79.56
CA ASP JB 8 -33.30 10.51 -79.63
C ASP JB 8 -34.35 11.03 -80.61
N ALA JB 9 -34.51 10.36 -81.75
CA ALA JB 9 -35.54 10.76 -82.71
C ALA JB 9 -36.93 10.67 -82.10
N LEU JB 10 -37.21 9.57 -81.41
CA LEU JB 10 -38.53 9.36 -80.86
C LEU JB 10 -38.82 10.34 -79.73
N LYS JB 11 -37.84 10.64 -78.88
CA LYS JB 11 -38.04 11.65 -77.86
C LYS JB 11 -38.28 13.03 -78.45
N SER JB 12 -37.55 13.37 -79.52
CA SER JB 12 -37.77 14.66 -80.16
C SER JB 12 -39.17 14.78 -80.74
N ILE JB 13 -39.63 13.72 -81.41
CA ILE JB 13 -40.99 13.74 -81.95
C ILE JB 13 -42.02 13.84 -80.83
N ASN JB 14 -41.80 13.11 -79.74
CA ASN JB 14 -42.73 13.16 -78.62
C ASN JB 14 -42.84 14.56 -78.04
N ASN JB 15 -41.69 15.22 -77.86
CA ASN JB 15 -41.70 16.57 -77.32
C ASN JB 15 -42.40 17.56 -78.26
N ALA JB 16 -42.11 17.46 -79.56
CA ALA JB 16 -42.76 18.38 -80.49
C ALA JB 16 -44.26 18.15 -80.53
N GLU JB 17 -44.69 16.88 -80.48
CA GLU JB 17 -46.10 16.58 -80.45
C GLU JB 17 -46.77 17.15 -79.21
N LYS JB 18 -46.11 17.04 -78.06
CA LYS JB 18 -46.69 17.58 -76.84
C LYS JB 18 -46.70 19.10 -76.85
N ARG JB 19 -45.78 19.73 -77.59
CA ARG JB 19 -45.80 21.18 -77.70
C ARG JB 19 -46.73 21.68 -78.79
N GLY JB 20 -47.23 20.78 -79.65
CA GLY JB 20 -48.14 21.21 -80.69
C GLY JB 20 -47.50 21.75 -81.94
N LYS JB 21 -46.18 21.56 -82.11
CA LYS JB 21 -45.51 22.02 -83.30
C LYS JB 21 -46.00 21.27 -84.53
N ARG JB 22 -46.09 21.98 -85.66
CA ARG JB 22 -46.55 21.36 -86.89
C ARG JB 22 -45.47 20.49 -87.52
N GLN JB 23 -44.21 20.86 -87.36
CA GLN JB 23 -43.09 20.13 -87.94
C GLN JB 23 -42.05 19.90 -86.86
N VAL JB 24 -41.19 18.90 -87.07
CA VAL JB 24 -40.02 18.76 -86.20
C VAL JB 24 -38.86 18.19 -87.00
N LEU JB 25 -37.66 18.58 -86.60
CA LEU JB 25 -36.41 18.18 -87.24
C LEU JB 25 -35.64 17.23 -86.33
N ILE JB 26 -35.42 16.02 -86.82
CA ILE JB 26 -34.51 15.06 -86.21
C ILE JB 26 -33.16 15.21 -86.89
N ARG JB 27 -32.13 15.53 -86.10
CA ARG JB 27 -30.84 15.84 -86.72
C ARG JB 27 -30.13 14.60 -87.25
N PRO JB 28 -29.94 13.52 -86.50
CA PRO JB 28 -29.32 12.34 -87.12
C PRO JB 28 -30.35 11.39 -87.71
N CYS JB 29 -30.18 11.04 -88.97
CA CYS JB 29 -31.06 10.14 -89.69
C CYS JB 29 -30.44 8.77 -89.81
N SER JB 30 -31.27 7.74 -89.82
CA SER JB 30 -30.82 6.37 -89.96
C SER JB 30 -31.86 5.59 -90.74
N LYS JB 31 -31.43 4.44 -91.27
CA LYS JB 31 -32.36 3.57 -91.98
C LYS JB 31 -33.45 3.05 -91.04
N VAL JB 32 -33.09 2.74 -89.80
CA VAL JB 32 -34.09 2.32 -88.82
C VAL JB 32 -35.06 3.45 -88.53
N ILE JB 33 -34.57 4.68 -88.46
CA ILE JB 33 -35.45 5.83 -88.24
C ILE JB 33 -36.42 5.96 -89.41
N VAL JB 34 -35.91 5.83 -90.63
CA VAL JB 34 -36.77 5.95 -91.80
C VAL JB 34 -37.83 4.86 -91.81
N ARG JB 35 -37.44 3.62 -91.48
CA ARG JB 35 -38.43 2.54 -91.48
C ARG JB 35 -39.47 2.70 -90.38
N PHE JB 36 -39.03 3.12 -89.19
CA PHE JB 36 -39.95 3.35 -88.08
C PHE JB 36 -40.95 4.43 -88.43
N LEU JB 37 -40.46 5.56 -88.97
CA LEU JB 37 -41.35 6.61 -89.43
C LEU JB 37 -42.24 6.14 -90.56
N THR JB 38 -41.77 5.21 -91.38
CA THR JB 38 -42.60 4.71 -92.46
C THR JB 38 -43.79 3.92 -91.93
N VAL JB 39 -43.56 3.08 -90.92
CA VAL JB 39 -44.71 2.33 -90.40
C VAL JB 39 -45.67 3.28 -89.69
N MET JB 40 -45.14 4.29 -88.98
CA MET JB 40 -46.02 5.29 -88.39
C MET JB 40 -46.81 6.04 -89.45
N MET JB 41 -46.15 6.34 -90.57
CA MET JB 41 -46.80 7.02 -91.69
C MET JB 41 -47.91 6.19 -92.29
N LYS JB 42 -47.65 4.90 -92.50
CA LYS JB 42 -48.65 4.03 -93.11
C LYS JB 42 -49.85 3.86 -92.21
N HIS JB 43 -49.62 3.83 -90.89
CA HIS JB 43 -50.78 3.79 -90.00
C HIS JB 43 -51.44 5.14 -89.83
N GLY JB 44 -50.77 6.23 -90.23
CA GLY JB 44 -51.38 7.53 -90.26
C GLY JB 44 -51.06 8.43 -89.09
N TYR JB 45 -50.18 7.99 -88.18
CA TYR JB 45 -49.91 8.78 -86.98
C TYR JB 45 -49.08 10.02 -87.27
N ILE JB 46 -48.37 10.07 -88.40
CA ILE JB 46 -47.67 11.27 -88.84
C ILE JB 46 -47.97 11.47 -90.32
N GLY JB 47 -47.59 12.63 -90.82
CA GLY JB 47 -47.78 12.98 -92.21
C GLY JB 47 -46.54 12.73 -93.04
N GLU JB 48 -46.36 13.55 -94.07
CA GLU JB 48 -45.19 13.45 -94.91
C GLU JB 48 -43.93 13.79 -94.11
N PHE JB 49 -42.81 13.23 -94.53
CA PHE JB 49 -41.53 13.62 -93.95
C PHE JB 49 -40.47 13.67 -95.03
N GLU JB 50 -39.43 14.44 -94.76
CA GLU JB 50 -38.40 14.78 -95.71
C GLU JB 50 -37.06 14.35 -95.14
N ILE JB 51 -36.21 13.77 -95.98
CA ILE JB 51 -34.85 13.41 -95.61
C ILE JB 51 -33.90 14.40 -96.27
N ILE JB 52 -33.46 15.40 -95.50
CA ILE JB 52 -32.44 16.31 -95.98
C ILE JB 52 -31.12 15.57 -96.09
N ASP JB 53 -30.57 15.56 -97.29
CA ASP JB 53 -29.34 14.82 -97.58
C ASP JB 53 -28.16 15.79 -97.54
N ASP JB 54 -27.45 15.79 -96.43
CA ASP JB 54 -26.08 16.25 -96.43
C ASP JB 54 -25.17 15.04 -96.63
N HIS JB 55 -23.89 15.30 -96.86
CA HIS JB 55 -23.00 14.18 -97.09
C HIS JB 55 -22.63 13.44 -95.81
N ARG JB 56 -23.07 13.95 -94.66
CA ARG JB 56 -22.99 13.22 -93.41
C ARG JB 56 -24.28 12.44 -93.21
N ALA JB 57 -24.51 11.96 -91.99
CA ALA JB 57 -25.82 11.42 -91.65
C ALA JB 57 -26.87 12.51 -91.81
N GLY JB 58 -27.89 12.23 -92.62
CA GLY JB 58 -28.83 13.26 -93.01
C GLY JB 58 -29.71 13.70 -91.86
N LYS JB 59 -30.62 14.61 -92.18
CA LYS JB 59 -31.62 15.08 -91.22
C LYS JB 59 -33.00 14.71 -91.73
N ILE JB 60 -34.00 14.79 -90.86
CA ILE JB 60 -35.37 14.48 -91.24
C ILE JB 60 -36.29 15.55 -90.69
N VAL JB 61 -37.21 16.03 -91.51
CA VAL JB 61 -38.27 16.93 -91.08
C VAL JB 61 -39.58 16.19 -91.23
N VAL JB 62 -40.25 15.91 -90.13
CA VAL JB 62 -41.53 15.20 -90.18
C VAL JB 62 -42.64 16.19 -89.91
N ASN JB 63 -43.78 15.97 -90.55
CA ASN JB 63 -44.99 16.75 -90.30
C ASN JB 63 -45.86 15.99 -89.32
N LEU JB 64 -46.20 16.62 -88.20
CA LEU JB 64 -47.00 16.00 -87.17
C LEU JB 64 -48.47 16.30 -87.41
N THR JB 65 -49.28 15.25 -87.50
CA THR JB 65 -50.70 15.38 -87.76
C THR JB 65 -51.51 15.62 -86.51
N GLY JB 66 -50.87 15.69 -85.34
CA GLY JB 66 -51.59 15.94 -84.12
C GLY JB 66 -52.36 14.77 -83.57
N ARG JB 67 -52.09 13.56 -84.04
CA ARG JB 67 -52.81 12.37 -83.59
C ARG JB 67 -51.88 11.35 -82.98
N LEU JB 68 -50.81 11.79 -82.34
CA LEU JB 68 -49.84 10.93 -81.70
C LEU JB 68 -49.89 11.16 -80.19
N ASN JB 69 -50.03 10.09 -79.42
CA ASN JB 69 -50.03 10.21 -77.96
C ASN JB 69 -48.64 9.96 -77.38
N LYS JB 70 -48.00 8.88 -77.78
CA LYS JB 70 -46.68 8.52 -77.27
C LYS JB 70 -46.01 7.65 -78.32
N CYS JB 71 -44.73 7.93 -78.56
CA CYS JB 71 -43.94 7.20 -79.56
C CYS JB 71 -42.61 6.78 -78.96
N GLY JB 72 -42.65 6.17 -77.78
CA GLY JB 72 -41.43 5.84 -77.06
C GLY JB 72 -40.64 4.74 -77.73
N VAL JB 73 -39.52 4.40 -77.08
CA VAL JB 73 -38.56 3.42 -77.58
C VAL JB 73 -38.32 2.40 -76.49
N ILE JB 74 -37.86 1.22 -76.90
CA ILE JB 74 -37.42 0.17 -75.98
C ILE JB 74 -35.95 -0.05 -76.26
N SER JB 75 -35.08 0.64 -75.51
CA SER JB 75 -33.69 0.75 -75.91
C SER JB 75 -32.93 -0.56 -75.90
N PRO JB 76 -32.96 -1.39 -74.86
CA PRO JB 76 -32.37 -2.72 -75.01
C PRO JB 76 -33.23 -3.56 -75.94
N ARG JB 77 -32.72 -3.87 -77.13
CA ARG JB 77 -33.52 -4.51 -78.17
C ARG JB 77 -33.66 -5.99 -77.81
N PHE JB 78 -34.70 -6.28 -77.05
CA PHE JB 78 -34.92 -7.61 -76.51
C PHE JB 78 -35.33 -8.57 -77.62
N ASP JB 79 -35.05 -9.84 -77.41
CA ASP JB 79 -35.49 -10.89 -78.31
C ASP JB 79 -36.92 -11.27 -77.96
N VAL JB 80 -37.85 -11.00 -78.86
CA VAL JB 80 -39.25 -11.33 -78.64
C VAL JB 80 -39.63 -12.48 -79.57
N GLN JB 81 -40.41 -13.41 -79.03
CA GLN JB 81 -40.93 -14.54 -79.78
C GLN JB 81 -42.44 -14.41 -79.92
N LEU JB 82 -43.00 -15.20 -80.83
CA LEU JB 82 -44.43 -15.17 -81.02
C LEU JB 82 -45.21 -15.67 -79.81
N LYS JB 83 -44.56 -16.37 -78.90
CA LYS JB 83 -45.24 -16.87 -77.72
C LYS JB 83 -45.33 -15.81 -76.62
N ASP JB 84 -44.40 -14.87 -76.59
CA ASP JB 84 -44.42 -13.84 -75.57
C ASP JB 84 -44.60 -12.44 -76.14
N LEU JB 85 -44.99 -12.33 -77.40
CA LEU JB 85 -45.30 -11.01 -77.96
C LEU JB 85 -46.51 -10.37 -77.28
N GLU JB 86 -47.51 -11.17 -76.94
CA GLU JB 86 -48.73 -10.61 -76.36
C GLU JB 86 -48.50 -10.03 -74.97
N LYS JB 87 -47.51 -10.54 -74.22
CA LYS JB 87 -47.19 -9.94 -72.94
C LYS JB 87 -46.61 -8.54 -73.13
N TRP JB 88 -45.76 -8.37 -74.15
CA TRP JB 88 -45.31 -7.05 -74.51
C TRP JB 88 -46.47 -6.16 -74.92
N GLN JB 89 -47.42 -6.71 -75.67
CA GLN JB 89 -48.60 -5.95 -76.06
C GLN JB 89 -49.34 -5.43 -74.84
N ASN JB 90 -49.58 -6.30 -73.87
CA ASN JB 90 -50.30 -5.89 -72.66
C ASN JB 90 -49.50 -4.89 -71.84
N ASN JB 91 -48.17 -5.05 -71.80
CA ASN JB 91 -47.36 -4.16 -70.98
C ASN JB 91 -47.21 -2.78 -71.61
N LEU JB 92 -47.25 -2.67 -72.94
CA LEU JB 92 -46.94 -1.43 -73.60
C LEU JB 92 -48.15 -0.74 -74.20
N LEU JB 93 -48.96 -1.45 -74.97
CA LEU JB 93 -50.04 -0.81 -75.69
C LEU JB 93 -51.16 -0.38 -74.74
N PRO JB 94 -51.76 0.78 -74.96
CA PRO JB 94 -52.84 1.23 -74.08
C PRO JB 94 -54.07 0.33 -74.11
N SER JB 95 -54.39 -0.25 -75.25
CA SER JB 95 -55.54 -1.12 -75.35
C SER JB 95 -55.34 -2.06 -76.53
N ARG JB 96 -56.20 -3.07 -76.60
CA ARG JB 96 -56.14 -4.02 -77.69
C ARG JB 96 -56.73 -3.46 -78.98
N GLN JB 97 -57.48 -2.36 -78.89
CA GLN JB 97 -58.12 -1.82 -80.09
C GLN JB 97 -57.13 -1.10 -80.99
N PHE JB 98 -56.20 -0.36 -80.41
CA PHE JB 98 -55.27 0.44 -81.19
C PHE JB 98 -53.89 0.38 -80.54
N GLY JB 99 -52.96 1.10 -81.13
CA GLY JB 99 -51.58 1.06 -80.67
C GLY JB 99 -50.78 0.00 -81.38
N PHE JB 100 -49.48 0.25 -81.52
CA PHE JB 100 -48.61 -0.64 -82.26
C PHE JB 100 -47.27 -0.79 -81.56
N ILE JB 101 -46.73 -2.00 -81.60
CA ILE JB 101 -45.36 -2.29 -81.20
C ILE JB 101 -44.57 -2.59 -82.45
N VAL JB 102 -43.49 -1.85 -82.66
CA VAL JB 102 -42.63 -2.03 -83.83
C VAL JB 102 -41.47 -2.93 -83.46
N LEU JB 103 -41.22 -3.93 -84.29
CA LEU JB 103 -40.07 -4.79 -84.10
C LEU JB 103 -39.41 -5.07 -85.43
N THR JB 104 -38.09 -5.21 -85.39
CA THR JB 104 -37.30 -5.58 -86.55
C THR JB 104 -37.16 -7.10 -86.59
N THR JB 105 -37.61 -7.69 -87.69
CA THR JB 105 -37.48 -9.11 -87.92
C THR JB 105 -36.67 -9.32 -89.19
N SER JB 106 -36.34 -10.58 -89.47
CA SER JB 106 -35.61 -10.90 -90.69
C SER JB 106 -36.42 -10.60 -91.94
N ALA JB 107 -37.73 -10.45 -91.82
CA ALA JB 107 -38.57 -10.06 -92.92
C ALA JB 107 -38.66 -8.54 -93.09
N GLY JB 108 -38.00 -7.79 -92.23
CA GLY JB 108 -38.02 -6.34 -92.27
C GLY JB 108 -38.51 -5.75 -90.97
N ILE JB 109 -38.56 -4.42 -90.95
CA ILE JB 109 -39.13 -3.68 -89.82
C ILE JB 109 -40.63 -3.56 -90.04
N MET JB 110 -41.39 -3.97 -89.03
CA MET JB 110 -42.84 -4.00 -89.15
C MET JB 110 -43.46 -3.80 -87.79
N ASP JB 111 -44.79 -3.76 -87.76
CA ASP JB 111 -45.52 -3.72 -86.51
C ASP JB 111 -45.88 -5.12 -86.07
N HIS JB 112 -46.35 -5.24 -84.84
CA HIS JB 112 -46.55 -6.54 -84.22
C HIS JB 112 -47.67 -7.32 -84.90
N GLU JB 113 -48.72 -6.64 -85.36
CA GLU JB 113 -49.80 -7.33 -86.03
C GLU JB 113 -49.32 -7.96 -87.34
N GLU JB 114 -48.55 -7.22 -88.12
CA GLU JB 114 -48.01 -7.79 -89.35
C GLU JB 114 -47.01 -8.89 -89.06
N ALA JB 115 -46.20 -8.74 -88.01
CA ALA JB 115 -45.27 -9.79 -87.62
C ALA JB 115 -46.02 -11.07 -87.26
N ARG JB 116 -47.11 -10.94 -86.52
CA ARG JB 116 -47.93 -12.10 -86.20
C ARG JB 116 -48.58 -12.68 -87.45
N ARG JB 117 -48.99 -11.82 -88.38
CA ARG JB 117 -49.63 -12.30 -89.60
C ARG JB 117 -48.68 -13.14 -90.44
N LYS JB 118 -47.42 -12.72 -90.54
CA LYS JB 118 -46.44 -13.48 -91.30
C LYS JB 118 -45.59 -14.39 -90.42
N HIS JB 119 -45.99 -14.57 -89.17
CA HIS JB 119 -45.48 -15.63 -88.29
C HIS JB 119 -43.98 -15.54 -88.10
N THR JB 120 -43.54 -14.44 -87.50
CA THR JB 120 -42.12 -14.25 -87.22
C THR JB 120 -41.96 -13.34 -86.02
N GLY JB 121 -40.89 -13.56 -85.26
CA GLY JB 121 -40.51 -12.67 -84.18
C GLY JB 121 -39.23 -11.93 -84.52
N GLY JB 122 -38.77 -11.13 -83.56
CA GLY JB 122 -37.57 -10.37 -83.79
C GLY JB 122 -37.09 -9.60 -82.58
N LYS JB 123 -36.64 -8.37 -82.80
CA LYS JB 123 -36.17 -7.49 -81.75
C LYS JB 123 -37.10 -6.31 -81.65
N ILE JB 124 -37.59 -6.03 -80.44
CA ILE JB 124 -38.50 -4.91 -80.27
C ILE JB 124 -37.72 -3.60 -80.39
N LEU JB 125 -38.21 -2.69 -81.21
CA LEU JB 125 -37.60 -1.38 -81.38
C LEU JB 125 -38.28 -0.32 -80.53
N GLY JB 126 -39.61 -0.24 -80.61
CA GLY JB 126 -40.33 0.76 -79.85
C GLY JB 126 -41.82 0.56 -80.02
N PHE JB 127 -42.58 1.59 -79.72
CA PHE JB 127 -44.03 1.53 -79.77
C PHE JB 127 -44.56 2.91 -80.09
N PHE JB 128 -45.79 2.95 -80.60
CA PHE JB 128 -46.46 4.23 -80.79
C PHE JB 128 -47.96 4.00 -80.76
N PHE JB 129 -48.67 4.93 -80.11
CA PHE JB 129 -50.12 4.87 -80.04
C PHE JB 129 -50.68 6.26 -79.92
N GLY KB 1 -29.01 6.68 -62.95
CA GLY KB 1 -30.01 5.65 -63.11
C GLY KB 1 -29.44 4.26 -63.08
N LYS KB 2 -30.20 3.29 -63.57
CA LYS KB 2 -29.81 1.90 -63.55
C LYS KB 2 -29.40 1.44 -64.94
N CYS KB 3 -28.50 0.46 -64.98
CA CYS KB 3 -28.04 -0.08 -66.25
C CYS KB 3 -29.13 -0.91 -66.90
N ARG KB 4 -29.15 -0.89 -68.23
CA ARG KB 4 -30.16 -1.62 -68.99
C ARG KB 4 -29.56 -2.47 -70.11
N GLY KB 5 -28.26 -2.70 -70.11
CA GLY KB 5 -27.63 -3.39 -71.22
C GLY KB 5 -28.09 -4.82 -71.34
N LEU KB 6 -27.94 -5.36 -72.55
CA LEU KB 6 -28.42 -6.71 -72.82
C LEU KB 6 -27.64 -7.77 -72.05
N ARG KB 7 -26.43 -7.46 -71.60
CA ARG KB 7 -25.65 -8.43 -70.85
C ARG KB 7 -25.16 -7.85 -69.54
N THR KB 8 -26.04 -7.13 -68.85
CA THR KB 8 -25.78 -6.63 -67.51
C THR KB 8 -26.46 -7.48 -66.44
N ALA KB 9 -26.92 -8.69 -66.79
CA ALA KB 9 -27.69 -9.48 -65.84
C ALA KB 9 -26.85 -9.88 -64.64
N ARG KB 10 -25.55 -10.11 -64.83
CA ARG KB 10 -24.71 -10.43 -63.68
C ARG KB 10 -24.68 -9.27 -62.71
N LYS KB 11 -24.50 -8.05 -63.21
CA LYS KB 11 -24.46 -6.90 -62.32
C LYS KB 11 -25.81 -6.69 -61.65
N LEU KB 12 -26.90 -6.86 -62.39
CA LEU KB 12 -28.23 -6.69 -61.80
C LEU KB 12 -28.47 -7.70 -60.70
N ARG KB 13 -28.14 -8.97 -60.94
CA ARG KB 13 -28.38 -10.00 -59.95
C ARG KB 13 -27.49 -9.81 -58.73
N SER KB 14 -26.22 -9.48 -58.94
CA SER KB 14 -25.32 -9.22 -57.82
C SER KB 14 -25.78 -8.03 -57.01
N HIS KB 15 -26.27 -6.98 -57.67
CA HIS KB 15 -26.76 -5.82 -56.95
C HIS KB 15 -28.01 -6.16 -56.15
N ARG KB 16 -28.91 -6.97 -56.71
CA ARG KB 16 -30.08 -7.39 -55.93
C ARG KB 16 -29.68 -8.17 -54.70
N ARG KB 17 -28.82 -9.17 -54.86
CA ARG KB 17 -28.48 -9.97 -53.69
C ARG KB 17 -27.59 -9.21 -52.71
N ASP KB 18 -26.92 -8.16 -53.15
CA ASP KB 18 -26.17 -7.32 -52.24
C ASP KB 18 -27.06 -6.35 -51.48
N GLN KB 19 -28.08 -5.81 -52.13
CA GLN KB 19 -28.98 -4.86 -51.49
C GLN KB 19 -30.10 -5.54 -50.72
N LYS KB 20 -30.30 -6.84 -50.90
CA LYS KB 20 -31.31 -7.56 -50.15
C LYS KB 20 -30.95 -7.72 -48.68
N TRP KB 21 -29.69 -7.48 -48.33
CA TRP KB 21 -29.29 -7.55 -46.93
C TRP KB 21 -29.63 -6.27 -46.17
N HIS KB 22 -30.21 -5.29 -46.84
CA HIS KB 22 -30.44 -3.99 -46.23
C HIS KB 22 -31.86 -3.81 -45.73
N ASP KB 23 -32.70 -4.83 -45.78
CA ASP KB 23 -34.00 -4.78 -45.15
C ASP KB 23 -34.07 -5.80 -44.03
N LYS KB 24 -34.80 -5.45 -42.97
CA LYS KB 24 -34.72 -6.18 -41.71
C LYS KB 24 -35.23 -7.60 -41.85
N GLN KB 25 -36.29 -7.81 -42.63
CA GLN KB 25 -36.89 -9.14 -42.72
C GLN KB 25 -35.92 -10.14 -43.33
N TYR KB 26 -35.30 -9.78 -44.46
CA TYR KB 26 -34.39 -10.70 -45.13
C TYR KB 26 -33.16 -10.99 -44.26
N LYS KB 27 -32.58 -9.94 -43.67
CA LYS KB 27 -31.44 -10.13 -42.79
C LYS KB 27 -31.80 -11.03 -41.62
N LYS KB 28 -32.97 -10.81 -41.03
CA LYS KB 28 -33.40 -11.61 -39.90
C LYS KB 28 -33.58 -13.07 -40.29
N ALA KB 29 -34.16 -13.32 -41.45
CA ALA KB 29 -34.45 -14.67 -41.88
C ALA KB 29 -33.27 -15.39 -42.48
N HIS KB 30 -32.20 -14.69 -42.86
CA HIS KB 30 -31.09 -15.32 -43.55
C HIS KB 30 -29.74 -15.15 -42.88
N LEU KB 31 -29.64 -14.46 -41.76
CA LEU KB 31 -28.35 -14.39 -41.08
C LEU KB 31 -28.21 -15.47 -40.02
N GLY KB 32 -29.28 -15.82 -39.33
CA GLY KB 32 -29.27 -16.86 -38.33
C GLY KB 32 -29.12 -16.37 -36.91
N THR KB 33 -28.66 -15.13 -36.71
CA THR KB 33 -28.49 -14.60 -35.37
C THR KB 33 -29.81 -14.47 -34.63
N ALA KB 34 -30.88 -14.08 -35.33
CA ALA KB 34 -32.18 -13.98 -34.68
C ALA KB 34 -32.68 -15.35 -34.26
N LEU KB 35 -32.49 -16.36 -35.09
CA LEU KB 35 -32.89 -17.71 -34.72
C LEU KB 35 -32.08 -18.21 -33.53
N LYS KB 36 -30.79 -17.89 -33.50
CA LYS KB 36 -29.98 -18.27 -32.34
C LYS KB 36 -30.46 -17.56 -31.08
N ALA KB 37 -30.80 -16.28 -31.18
CA ALA KB 37 -31.24 -15.52 -30.02
C ALA KB 37 -32.66 -15.86 -29.59
N ASN KB 38 -33.43 -16.50 -30.45
CA ASN KB 38 -34.82 -16.80 -30.13
C ASN KB 38 -34.89 -17.85 -29.03
N PRO KB 39 -35.51 -17.56 -27.88
CA PRO KB 39 -35.62 -18.57 -26.83
C PRO KB 39 -36.41 -19.80 -27.23
N PHE KB 40 -37.38 -19.63 -28.13
CA PHE KB 40 -38.10 -20.80 -28.64
C PHE KB 40 -37.29 -21.58 -29.66
N GLY KB 41 -36.26 -20.97 -30.23
CA GLY KB 41 -35.45 -21.66 -31.22
C GLY KB 41 -36.19 -22.02 -32.49
N GLY KB 42 -37.00 -21.11 -33.00
CA GLY KB 42 -37.70 -21.35 -34.24
C GLY KB 42 -38.93 -22.21 -34.13
N ALA KB 43 -39.39 -22.52 -32.92
CA ALA KB 43 -40.57 -23.32 -32.71
C ALA KB 43 -41.78 -22.44 -32.43
N SER KB 44 -42.96 -22.94 -32.78
CA SER KB 44 -44.17 -22.17 -32.52
C SER KB 44 -44.51 -22.15 -31.05
N HIS KB 45 -44.43 -23.30 -30.38
CA HIS KB 45 -44.70 -23.42 -28.96
C HIS KB 45 -43.52 -24.06 -28.27
N ALA KB 46 -43.53 -24.02 -26.96
CA ALA KB 46 -42.49 -24.68 -26.18
C ALA KB 46 -42.98 -24.93 -24.77
N LYS KB 47 -42.51 -26.01 -24.16
CA LYS KB 47 -42.90 -26.35 -22.80
C LYS KB 47 -41.88 -25.86 -21.79
N GLY KB 48 -42.36 -25.53 -20.60
CA GLY KB 48 -41.46 -25.05 -19.56
C GLY KB 48 -42.02 -25.32 -18.18
N ILE KB 49 -41.24 -24.93 -17.18
CA ILE KB 49 -41.57 -25.15 -15.78
C ILE KB 49 -41.70 -23.79 -15.11
N VAL KB 50 -42.81 -23.56 -14.42
CA VAL KB 50 -43.04 -22.28 -13.77
C VAL KB 50 -42.10 -22.14 -12.59
N LEU KB 51 -41.32 -21.06 -12.58
CA LEU KB 51 -40.38 -20.80 -11.51
C LEU KB 51 -40.93 -19.84 -10.47
N GLU KB 52 -41.75 -18.89 -10.91
CA GLU KB 52 -42.18 -17.79 -10.05
C GLU KB 52 -43.35 -17.09 -10.72
N LYS KB 53 -44.30 -16.62 -9.92
CA LYS KB 53 -45.40 -15.81 -10.40
C LYS KB 53 -45.09 -14.36 -10.07
N VAL KB 54 -45.05 -13.50 -11.10
CA VAL KB 54 -44.62 -12.13 -10.94
C VAL KB 54 -45.64 -11.22 -11.61
N GLY KB 55 -45.62 -9.95 -11.20
CA GLY KB 55 -46.47 -8.93 -11.78
C GLY KB 55 -45.62 -7.90 -12.50
N VAL KB 56 -46.09 -7.45 -13.66
CA VAL KB 56 -45.38 -6.49 -14.48
C VAL KB 56 -46.27 -5.25 -14.62
N GLU KB 57 -45.72 -4.08 -14.33
CA GLU KB 57 -46.48 -2.86 -14.51
C GLU KB 57 -46.71 -2.62 -16.00
N ALA KB 58 -47.89 -2.11 -16.34
CA ALA KB 58 -48.16 -1.78 -17.73
C ALA KB 58 -47.37 -0.53 -18.13
N LYS KB 59 -47.54 -0.12 -19.39
CA LYS KB 59 -46.83 1.05 -19.89
C LYS KB 59 -47.38 2.32 -19.26
N GLN KB 60 -46.82 3.47 -19.67
CA GLN KB 60 -47.14 4.73 -19.00
C GLN KB 60 -48.59 5.15 -19.11
N PRO KB 61 -49.22 5.24 -20.29
CA PRO KB 61 -50.60 5.77 -20.33
C PRO KB 61 -51.60 4.91 -19.60
N ASN KB 62 -51.33 3.61 -19.47
CA ASN KB 62 -52.19 2.70 -18.73
C ASN KB 62 -51.64 2.50 -17.33
N SER KB 63 -52.44 1.86 -16.49
CA SER KB 63 -52.08 1.65 -15.09
C SER KB 63 -52.68 0.32 -14.65
N ALA KB 64 -51.89 -0.74 -14.67
CA ALA KB 64 -52.38 -2.05 -14.28
C ALA KB 64 -51.19 -2.97 -14.04
N ILE KB 65 -51.48 -4.09 -13.38
CA ILE KB 65 -50.52 -5.15 -13.13
C ILE KB 65 -50.88 -6.32 -14.04
N ARG KB 66 -49.98 -6.63 -14.96
CA ARG KB 66 -50.12 -7.78 -15.83
C ARG KB 66 -49.52 -8.99 -15.12
N LYS KB 67 -50.26 -10.08 -15.05
CA LYS KB 67 -49.84 -11.25 -14.32
C LYS KB 67 -49.05 -12.16 -15.25
N CYS KB 68 -47.78 -12.39 -14.92
CA CYS KB 68 -46.91 -13.20 -15.75
C CYS KB 68 -46.23 -14.25 -14.89
N VAL KB 69 -45.65 -15.23 -15.56
CA VAL KB 69 -44.91 -16.30 -14.91
C VAL KB 69 -43.51 -16.36 -15.50
N ARG KB 70 -42.52 -16.45 -14.63
CA ARG KB 70 -41.17 -16.77 -15.04
C ARG KB 70 -41.10 -18.26 -15.32
N VAL KB 71 -40.59 -18.64 -16.49
CA VAL KB 71 -40.68 -20.01 -16.98
C VAL KB 71 -39.30 -20.45 -17.46
N GLN KB 72 -38.85 -21.62 -17.03
CA GLN KB 72 -37.64 -22.23 -17.54
C GLN KB 72 -38.00 -23.28 -18.58
N LEU KB 73 -37.54 -23.08 -19.81
CA LEU KB 73 -37.88 -23.98 -20.91
C LEU KB 73 -37.16 -25.31 -20.73
N ILE KB 74 -37.89 -26.41 -20.95
CA ILE KB 74 -37.30 -27.71 -20.73
C ILE KB 74 -36.21 -28.00 -21.76
N LYS KB 75 -36.36 -27.52 -22.98
CA LYS KB 75 -35.29 -27.57 -23.95
C LYS KB 75 -34.45 -26.31 -23.83
N ASN KB 76 -33.13 -26.50 -23.89
CA ASN KB 76 -32.10 -25.46 -23.85
C ASN KB 76 -32.09 -24.61 -22.58
N GLY KB 77 -33.00 -24.89 -21.65
CA GLY KB 77 -32.92 -24.33 -20.29
C GLY KB 77 -32.90 -22.83 -20.17
N LYS KB 78 -33.67 -22.12 -21.00
CA LYS KB 78 -33.68 -20.67 -20.98
C LYS KB 78 -34.86 -20.15 -20.18
N LYS KB 79 -34.68 -18.99 -19.55
CA LYS KB 79 -35.72 -18.40 -18.72
C LYS KB 79 -36.40 -17.26 -19.46
N ILE KB 80 -37.72 -17.34 -19.55
CA ILE KB 80 -38.54 -16.35 -20.23
C ILE KB 80 -39.64 -15.89 -19.28
N THR KB 81 -40.38 -14.87 -19.71
CA THR KB 81 -41.53 -14.37 -18.98
C THR KB 81 -42.75 -14.49 -19.89
N ALA KB 82 -43.79 -15.15 -19.40
CA ALA KB 82 -44.97 -15.45 -20.20
C ALA KB 82 -46.20 -14.87 -19.52
N PHE KB 83 -47.01 -14.15 -20.28
CA PHE KB 83 -48.20 -13.51 -19.73
C PHE KB 83 -49.32 -14.55 -19.61
N VAL KB 84 -50.00 -14.55 -18.46
CA VAL KB 84 -51.11 -15.45 -18.24
C VAL KB 84 -52.39 -14.71 -18.65
N PRO KB 85 -52.95 -15.00 -19.81
CA PRO KB 85 -53.91 -14.09 -20.45
C PRO KB 85 -55.39 -14.35 -20.17
N ASN KB 86 -55.85 -14.07 -18.95
CA ASN KB 86 -57.27 -14.02 -18.66
C ASN KB 86 -57.49 -13.36 -17.30
N ASP KB 87 -58.73 -13.39 -16.83
CA ASP KB 87 -59.13 -12.61 -15.66
C ASP KB 87 -58.55 -13.18 -14.38
N GLY KB 88 -58.59 -14.49 -14.20
CA GLY KB 88 -58.11 -15.06 -12.95
C GLY KB 88 -57.32 -16.34 -13.11
N CYS KB 89 -56.64 -16.51 -14.24
CA CYS KB 89 -55.94 -17.75 -14.52
C CYS KB 89 -54.61 -17.85 -13.78
N LEU KB 90 -54.12 -16.75 -13.21
CA LEU KB 90 -52.93 -16.85 -12.38
C LEU KB 90 -53.19 -17.71 -11.15
N ASN KB 91 -54.45 -17.78 -10.72
CA ASN KB 91 -54.80 -18.68 -9.63
C ASN KB 91 -54.73 -20.14 -10.06
N PHE KB 92 -55.09 -20.43 -11.31
CA PHE KB 92 -54.87 -21.77 -11.86
C PHE KB 92 -53.40 -22.11 -11.95
N ILE KB 93 -52.56 -21.12 -12.23
CA ILE KB 93 -51.11 -21.36 -12.28
C ILE KB 93 -50.58 -21.52 -10.86
N GLU KB 94 -49.70 -22.49 -10.65
CA GLU KB 94 -48.96 -22.62 -9.42
C GLU KB 94 -47.50 -22.94 -9.73
N GLU KB 95 -46.73 -23.23 -8.68
CA GLU KB 95 -45.31 -23.44 -8.83
C GLU KB 95 -45.01 -24.77 -9.50
N ASN KB 96 -43.99 -24.76 -10.37
CA ASN KB 96 -43.42 -25.98 -10.95
C ASN KB 96 -44.46 -26.77 -11.74
N ASP KB 97 -45.03 -26.13 -12.76
CA ASP KB 97 -46.00 -26.76 -13.63
C ASP KB 97 -45.45 -26.85 -15.04
N GLU KB 98 -45.84 -27.90 -15.75
CA GLU KB 98 -45.45 -28.03 -17.15
C GLU KB 98 -46.41 -27.21 -17.98
N VAL KB 99 -45.98 -26.01 -18.37
CA VAL KB 99 -46.81 -25.07 -19.09
C VAL KB 99 -46.38 -25.05 -20.55
N LEU KB 100 -47.36 -25.07 -21.45
CA LEU KB 100 -47.12 -24.82 -22.86
C LEU KB 100 -47.20 -23.32 -23.11
N VAL KB 101 -46.24 -22.80 -23.86
CA VAL KB 101 -46.09 -21.37 -24.06
C VAL KB 101 -46.02 -21.11 -25.56
N ALA KB 102 -46.79 -20.13 -26.03
CA ALA KB 102 -46.76 -19.71 -27.41
C ALA KB 102 -46.27 -18.27 -27.49
N GLY KB 103 -46.03 -17.82 -28.72
CA GLY KB 103 -45.71 -16.43 -28.93
C GLY KB 103 -46.91 -15.54 -28.68
N PHE KB 104 -46.65 -14.25 -28.51
CA PHE KB 104 -47.75 -13.38 -28.12
C PHE KB 104 -48.52 -12.85 -29.32
N GLY KB 105 -47.96 -12.92 -30.51
CA GLY KB 105 -48.74 -12.57 -31.68
C GLY KB 105 -48.01 -11.83 -32.79
N ARG KB 106 -46.96 -11.09 -32.46
CA ARG KB 106 -46.25 -10.33 -33.48
C ARG KB 106 -44.76 -10.67 -33.48
N LYS KB 107 -44.46 -11.96 -33.52
CA LYS KB 107 -43.19 -12.47 -34.03
C LYS KB 107 -42.00 -11.98 -33.20
N GLY KB 108 -42.00 -12.37 -31.93
CA GLY KB 108 -40.92 -12.00 -31.04
C GLY KB 108 -40.85 -10.54 -30.69
N HIS KB 109 -41.98 -9.87 -30.61
CA HIS KB 109 -42.06 -8.46 -30.27
C HIS KB 109 -43.01 -8.28 -29.10
N ALA KB 110 -42.71 -7.29 -28.27
CA ALA KB 110 -43.60 -6.96 -27.16
C ALA KB 110 -44.94 -6.47 -27.68
N VAL KB 111 -46.00 -6.79 -26.94
CA VAL KB 111 -47.36 -6.53 -27.37
C VAL KB 111 -48.07 -5.69 -26.31
N GLY KB 112 -48.81 -4.68 -26.75
CA GLY KB 112 -49.62 -3.91 -25.83
C GLY KB 112 -48.78 -3.11 -24.86
N ASP KB 113 -49.32 -2.93 -23.66
CA ASP KB 113 -48.64 -2.20 -22.61
C ASP KB 113 -47.70 -3.07 -21.80
N ILE KB 114 -47.63 -4.36 -22.08
CA ILE KB 114 -46.78 -5.27 -21.31
C ILE KB 114 -45.34 -5.08 -21.80
N PRO KB 115 -44.42 -4.67 -20.93
CA PRO KB 115 -43.05 -4.39 -21.38
C PRO KB 115 -42.20 -5.65 -21.39
N GLY KB 116 -41.63 -5.97 -22.54
CA GLY KB 116 -40.66 -7.04 -22.63
C GLY KB 116 -41.22 -8.44 -22.50
N VAL KB 117 -42.51 -8.62 -22.73
CA VAL KB 117 -43.14 -9.93 -22.69
C VAL KB 117 -43.49 -10.33 -24.11
N ARG KB 118 -42.95 -11.47 -24.54
CA ARG KB 118 -43.10 -11.93 -25.91
C ARG KB 118 -43.86 -13.23 -26.01
N PHE KB 119 -44.31 -13.78 -24.88
CA PHE KB 119 -44.87 -15.11 -24.83
C PHE KB 119 -46.11 -15.10 -23.96
N LYS KB 120 -46.95 -16.11 -24.16
CA LYS KB 120 -48.16 -16.27 -23.37
C LYS KB 120 -48.41 -17.74 -23.11
N VAL KB 121 -49.13 -18.01 -22.03
CA VAL KB 121 -49.37 -19.39 -21.58
C VAL KB 121 -50.62 -19.92 -22.26
N VAL KB 122 -50.50 -21.09 -22.86
CA VAL KB 122 -51.61 -21.76 -23.52
C VAL KB 122 -52.16 -22.90 -22.66
N LYS KB 123 -51.29 -23.70 -22.06
CA LYS KB 123 -51.69 -24.82 -21.24
C LYS KB 123 -50.91 -24.80 -19.94
N VAL KB 124 -51.48 -25.40 -18.91
CA VAL KB 124 -50.81 -25.58 -17.63
C VAL KB 124 -51.15 -26.97 -17.11
N ALA KB 125 -50.12 -27.70 -16.65
CA ALA KB 125 -50.29 -29.06 -16.13
C ALA KB 125 -51.01 -29.95 -17.12
N ASN KB 126 -50.71 -29.74 -18.41
CA ASN KB 126 -51.24 -30.51 -19.53
C ASN KB 126 -52.75 -30.37 -19.68
N VAL KB 127 -53.36 -29.36 -19.09
CA VAL KB 127 -54.77 -29.06 -19.30
C VAL KB 127 -54.88 -27.63 -19.80
N SER KB 128 -55.77 -27.42 -20.78
CA SER KB 128 -55.86 -26.14 -21.47
C SER KB 128 -56.29 -25.03 -20.54
N LEU KB 129 -55.62 -23.88 -20.66
CA LEU KB 129 -55.97 -22.71 -19.86
C LEU KB 129 -57.36 -22.20 -20.22
N LEU KB 130 -57.72 -22.26 -21.50
CA LEU KB 130 -59.07 -21.85 -21.89
C LEU KB 130 -60.11 -22.78 -21.28
N ALA KB 131 -59.85 -24.08 -21.26
CA ALA KB 131 -60.78 -25.00 -20.62
C ALA KB 131 -60.91 -24.71 -19.14
N LEU KB 132 -59.79 -24.43 -18.47
CA LEU KB 132 -59.86 -24.10 -17.04
C LEU KB 132 -60.63 -22.81 -16.81
N TYR KB 133 -60.43 -21.81 -17.66
CA TYR KB 133 -61.14 -20.55 -17.52
C TYR KB 133 -62.62 -20.73 -17.74
N LYS KB 134 -63.00 -21.49 -18.76
CA LYS KB 134 -64.42 -21.73 -19.04
C LYS KB 134 -65.05 -22.71 -18.07
N GLY KB 135 -64.26 -23.39 -17.26
CA GLY KB 135 -64.80 -24.35 -16.33
C GLY KB 135 -65.20 -25.67 -16.98
N LYS KB 136 -64.76 -25.92 -18.21
CA LYS KB 136 -65.09 -27.18 -18.87
C LYS KB 136 -64.46 -28.35 -18.13
N LYS KB 137 -63.24 -28.18 -17.64
CA LYS KB 137 -62.60 -29.21 -16.85
C LYS KB 137 -61.82 -28.58 -15.71
N GLU KB 138 -61.78 -29.30 -14.60
CA GLU KB 138 -61.16 -28.85 -13.37
C GLU KB 138 -59.72 -29.32 -13.29
N ARG KB 139 -58.97 -28.65 -12.44
CA ARG KB 139 -57.58 -28.98 -12.18
C ARG KB 139 -57.46 -30.40 -11.60
N PRO KB 140 -56.44 -31.16 -12.04
CA PRO KB 140 -56.30 -32.55 -11.56
C PRO KB 140 -55.79 -32.68 -10.14
N ARG KB 141 -56.69 -32.62 -9.17
CA ARG KB 141 -56.32 -32.77 -7.77
C ARG KB 141 -56.39 -34.23 -7.32
N ASN LB 1 -88.33 -63.59 -56.75
CA ASN LB 1 -88.86 -64.61 -57.64
C ASN LB 1 -90.00 -64.06 -58.49
N ASP LB 2 -90.90 -63.32 -57.87
CA ASP LB 2 -92.03 -62.74 -58.61
C ASP LB 2 -91.54 -61.72 -59.64
N THR LB 3 -90.68 -60.79 -59.21
CA THR LB 3 -90.05 -59.83 -60.12
C THR LB 3 -88.55 -59.83 -59.79
N VAL LB 4 -87.83 -60.80 -60.36
CA VAL LB 4 -86.38 -60.88 -60.27
C VAL LB 4 -85.88 -61.45 -61.58
N THR LB 5 -85.09 -60.67 -62.32
CA THR LB 5 -84.65 -61.11 -63.62
C THR LB 5 -83.15 -60.88 -63.78
N ILE LB 6 -82.56 -61.73 -64.62
CA ILE LB 6 -81.14 -61.73 -64.93
C ILE LB 6 -80.98 -61.22 -66.36
N ARG LB 7 -80.02 -60.33 -66.58
CA ARG LB 7 -79.62 -59.99 -67.93
C ARG LB 7 -78.11 -60.09 -68.03
N THR LB 8 -77.62 -60.46 -69.20
CA THR LB 8 -76.22 -60.78 -69.41
C THR LB 8 -75.63 -59.90 -70.50
N ARG LB 9 -74.50 -59.27 -70.23
CA ARG LB 9 -73.81 -58.47 -71.22
C ARG LB 9 -72.32 -58.72 -71.13
N LYS LB 10 -71.60 -58.16 -72.12
CA LYS LB 10 -70.15 -58.33 -72.26
C LYS LB 10 -69.77 -59.81 -72.19
N PHE LB 11 -70.61 -60.64 -72.77
CA PHE LB 11 -70.46 -62.09 -72.71
C PHE LB 11 -69.46 -62.53 -73.76
N MET LB 12 -68.65 -63.53 -73.40
CA MET LB 12 -67.71 -64.09 -74.35
C MET LB 12 -67.28 -65.46 -73.86
N THR LB 13 -66.81 -66.29 -74.79
CA THR LB 13 -66.37 -67.63 -74.48
C THR LB 13 -64.86 -67.72 -74.68
N ASN LB 14 -64.17 -68.35 -73.74
CA ASN LB 14 -62.76 -68.65 -73.92
C ASN LB 14 -62.52 -70.12 -73.65
N ARG LB 15 -61.96 -70.80 -74.64
CA ARG LB 15 -61.52 -72.17 -74.46
C ARG LB 15 -60.09 -72.22 -73.92
N LEU LB 16 -59.47 -71.07 -73.72
CA LEU LB 16 -58.16 -71.02 -73.10
C LEU LB 16 -58.22 -71.58 -71.69
N LEU LB 17 -59.29 -71.26 -70.95
CA LEU LB 17 -59.59 -71.89 -69.68
C LEU LB 17 -60.89 -72.69 -69.74
N GLN LB 18 -61.49 -72.80 -70.92
CA GLN LB 18 -62.70 -73.60 -71.15
C GLN LB 18 -63.83 -73.17 -70.24
N ARG LB 19 -64.28 -71.93 -70.45
CA ARG LB 19 -65.39 -71.36 -69.71
C ARG LB 19 -65.99 -70.22 -70.53
N LYS LB 20 -66.98 -69.57 -69.96
CA LYS LB 20 -67.63 -68.42 -70.55
C LYS LB 20 -67.75 -67.33 -69.50
N GLN LB 21 -67.19 -66.17 -69.81
CA GLN LB 21 -67.24 -64.99 -68.96
C GLN LB 21 -68.41 -64.12 -69.37
N MET LB 22 -69.01 -63.43 -68.40
CA MET LB 22 -70.00 -62.41 -68.68
C MET LB 22 -70.15 -61.51 -67.47
N VAL LB 23 -70.74 -60.33 -67.67
CA VAL LB 23 -71.17 -59.49 -66.56
C VAL LB 23 -72.69 -59.53 -66.54
N ILE LB 24 -73.23 -59.88 -65.39
CA ILE LB 24 -74.67 -60.07 -65.25
C ILE LB 24 -75.22 -58.94 -64.39
N ASP LB 25 -76.27 -58.31 -64.87
CA ASP LB 25 -77.00 -57.33 -64.08
C ASP LB 25 -78.34 -57.93 -63.69
N VAL LB 26 -78.59 -57.96 -62.39
CA VAL LB 26 -79.86 -58.43 -61.87
C VAL LB 26 -80.76 -57.22 -61.62
N LEU LB 27 -82.06 -57.45 -61.74
CA LEU LB 27 -83.05 -56.37 -61.60
C LEU LB 27 -84.03 -56.77 -60.51
N HIS LB 28 -83.77 -56.32 -59.28
CA HIS LB 28 -84.71 -56.51 -58.18
C HIS LB 28 -85.32 -55.17 -57.83
N PRO LB 29 -86.58 -54.91 -58.21
CA PRO LB 29 -87.13 -53.56 -58.02
C PRO LB 29 -87.26 -53.14 -56.58
N GLY LB 30 -87.90 -53.94 -55.74
CA GLY LB 30 -88.14 -53.55 -54.38
C GLY LB 30 -87.53 -54.47 -53.35
N LYS LB 31 -86.73 -55.43 -53.80
CA LYS LB 31 -86.15 -56.42 -52.92
C LYS LB 31 -84.72 -56.04 -52.55
N ALA LB 32 -84.17 -56.80 -51.60
CA ALA LB 32 -82.76 -56.67 -51.27
C ALA LB 32 -81.91 -57.21 -52.41
N THR LB 33 -80.60 -57.21 -52.20
CA THR LB 33 -79.72 -57.82 -53.18
C THR LB 33 -80.02 -59.31 -53.25
N VAL LB 34 -80.12 -59.83 -54.47
CA VAL LB 34 -80.45 -61.25 -54.64
C VAL LB 34 -79.23 -62.09 -54.26
N PRO LB 35 -79.39 -63.17 -53.50
CA PRO LB 35 -78.23 -63.96 -53.08
C PRO LB 35 -77.58 -64.71 -54.22
N LYS LB 36 -76.31 -65.05 -54.03
CA LYS LB 36 -75.52 -65.65 -55.09
C LYS LB 36 -76.05 -67.02 -55.48
N THR LB 37 -76.61 -67.77 -54.53
CA THR LB 37 -77.18 -69.06 -54.87
C THR LB 37 -78.37 -68.93 -55.80
N GLU LB 38 -79.25 -67.96 -55.52
CA GLU LB 38 -80.38 -67.69 -56.41
C GLU LB 38 -79.88 -67.23 -57.78
N ILE LB 39 -78.85 -66.38 -57.79
CA ILE LB 39 -78.28 -65.94 -59.06
C ILE LB 39 -77.77 -67.13 -59.85
N ARG LB 40 -77.07 -68.06 -59.19
CA ARG LB 40 -76.51 -69.21 -59.87
C ARG LB 40 -77.60 -70.11 -60.42
N GLU LB 41 -78.66 -70.34 -59.65
CA GLU LB 41 -79.72 -71.22 -60.15
C GLU LB 41 -80.46 -70.59 -61.32
N LYS LB 42 -80.66 -69.27 -61.28
CA LYS LB 42 -81.33 -68.61 -62.40
C LYS LB 42 -80.46 -68.60 -63.64
N LEU LB 43 -79.16 -68.38 -63.48
CA LEU LB 43 -78.24 -68.45 -64.61
C LEU LB 43 -78.16 -69.87 -65.16
N ALA LB 44 -78.24 -70.87 -64.28
CA ALA LB 44 -78.26 -72.25 -64.72
C ALA LB 44 -79.50 -72.55 -65.54
N LYS LB 45 -80.65 -72.02 -65.13
CA LYS LB 45 -81.84 -72.15 -65.95
C LYS LB 45 -81.66 -71.44 -67.29
N MET LB 46 -81.04 -70.26 -67.28
CA MET LB 46 -80.84 -69.52 -68.51
C MET LB 46 -79.96 -70.27 -69.50
N TYR LB 47 -78.88 -70.88 -69.03
CA TYR LB 47 -77.90 -71.48 -69.92
C TYR LB 47 -77.93 -73.00 -69.91
N LYS LB 48 -78.97 -73.60 -69.34
CA LYS LB 48 -79.22 -75.05 -69.41
C LYS LB 48 -78.03 -75.85 -68.88
N THR LB 49 -77.71 -75.64 -67.61
CA THR LB 49 -76.58 -76.30 -66.98
C THR LB 49 -76.94 -76.57 -65.53
N THR LB 50 -76.26 -77.54 -64.94
CA THR LB 50 -76.45 -77.83 -63.53
C THR LB 50 -75.94 -76.66 -62.68
N PRO LB 51 -76.68 -76.26 -61.64
CA PRO LB 51 -76.36 -75.05 -60.87
C PRO LB 51 -75.32 -75.25 -59.79
N ASP LB 52 -74.21 -75.90 -60.14
CA ASP LB 52 -73.10 -76.07 -59.22
C ASP LB 52 -71.74 -75.83 -59.85
N VAL LB 53 -71.66 -75.74 -61.19
CA VAL LB 53 -70.42 -75.38 -61.85
C VAL LB 53 -70.33 -73.87 -62.06
N ILE LB 54 -71.41 -73.14 -61.83
CA ILE LB 54 -71.43 -71.70 -62.04
C ILE LB 54 -70.63 -71.01 -60.94
N PHE LB 55 -70.09 -69.83 -61.28
CA PHE LB 55 -69.40 -69.02 -60.28
C PHE LB 55 -69.74 -67.56 -60.51
N VAL LB 56 -70.26 -66.89 -59.49
CA VAL LB 56 -70.63 -65.49 -59.59
C VAL LB 56 -70.03 -64.75 -58.42
N PHE LB 57 -69.59 -63.52 -58.66
CA PHE LB 57 -68.92 -62.75 -57.62
C PHE LB 57 -68.97 -61.28 -58.01
N GLY LB 58 -68.35 -60.44 -57.18
CA GLY LB 58 -68.19 -59.04 -57.48
C GLY LB 58 -69.48 -58.29 -57.72
N PHE LB 59 -70.46 -58.48 -56.84
CA PHE LB 59 -71.79 -57.91 -57.03
C PHE LB 59 -71.89 -56.57 -56.33
N ARG LB 60 -71.99 -55.51 -57.11
CA ARG LB 60 -72.18 -54.17 -56.60
C ARG LB 60 -73.61 -53.74 -56.89
N THR LB 61 -74.33 -53.32 -55.85
CA THR LB 61 -75.69 -52.83 -56.00
C THR LB 61 -75.67 -51.34 -56.27
N HIS LB 62 -76.37 -50.92 -57.31
CA HIS LB 62 -76.36 -49.50 -57.64
C HIS LB 62 -77.10 -48.70 -56.57
N PHE LB 63 -76.79 -47.41 -56.52
CA PHE LB 63 -77.38 -46.52 -55.53
C PHE LB 63 -78.89 -46.48 -55.70
N GLY LB 64 -79.61 -46.62 -54.60
CA GLY LB 64 -81.05 -46.65 -54.64
C GLY LB 64 -81.65 -48.00 -54.97
N GLY LB 65 -80.87 -49.07 -54.95
CA GLY LB 65 -81.38 -50.38 -55.25
C GLY LB 65 -81.68 -50.56 -56.73
N GLY LB 66 -82.46 -51.60 -57.01
CA GLY LB 66 -82.82 -51.88 -58.40
C GLY LB 66 -81.85 -52.80 -59.09
N LYS LB 67 -80.87 -52.21 -59.78
CA LYS LB 67 -79.90 -52.98 -60.54
C LYS LB 67 -78.71 -53.36 -59.67
N THR LB 68 -78.18 -54.55 -59.93
CA THR LB 68 -76.95 -54.98 -59.25
C THR LB 68 -76.10 -55.76 -60.23
N THR LB 69 -74.86 -55.32 -60.43
CA THR LB 69 -73.99 -55.86 -61.46
C THR LB 69 -72.88 -56.69 -60.83
N GLY LB 70 -72.67 -57.90 -61.36
CA GLY LB 70 -71.62 -58.77 -60.92
C GLY LB 70 -71.02 -59.51 -62.10
N PHE LB 71 -70.05 -60.36 -61.80
CA PHE LB 71 -69.34 -61.12 -62.81
C PHE LB 71 -69.70 -62.60 -62.70
N GLY LB 72 -70.05 -63.21 -63.83
CA GLY LB 72 -70.41 -64.61 -63.88
C GLY LB 72 -69.48 -65.39 -64.80
N MET LB 73 -69.19 -66.63 -64.39
CA MET LB 73 -68.28 -67.53 -65.11
C MET LB 73 -68.97 -68.88 -65.11
N ILE LB 74 -69.29 -69.39 -66.30
CA ILE LB 74 -69.93 -70.70 -66.41
C ILE LB 74 -69.03 -71.63 -67.21
N TYR LB 75 -68.78 -72.81 -66.67
CA TYR LB 75 -67.83 -73.74 -67.26
C TYR LB 75 -68.56 -74.80 -68.08
N ASP LB 76 -67.83 -75.38 -69.02
CA ASP LB 76 -68.35 -76.47 -69.81
C ASP LB 76 -68.40 -77.79 -69.04
N SER LB 77 -67.54 -77.97 -68.06
CA SER LB 77 -67.51 -79.21 -67.29
C SER LB 77 -67.15 -78.89 -65.84
N LEU LB 78 -67.54 -79.78 -64.95
CA LEU LB 78 -67.31 -79.56 -63.53
C LEU LB 78 -65.85 -79.81 -63.17
N ASP LB 79 -65.13 -80.56 -64.02
CA ASP LB 79 -63.75 -80.91 -63.71
C ASP LB 79 -62.84 -79.68 -63.81
N TYR LB 80 -63.07 -78.83 -64.81
CA TYR LB 80 -62.21 -77.67 -65.01
C TYR LB 80 -62.32 -76.67 -63.88
N ALA LB 81 -63.40 -76.73 -63.10
CA ALA LB 81 -63.58 -75.79 -62.00
C ALA LB 81 -62.45 -75.92 -60.98
N LYS LB 82 -62.02 -77.15 -60.71
CA LYS LB 82 -60.87 -77.34 -59.84
C LYS LB 82 -59.57 -77.00 -60.57
N LYS LB 83 -59.52 -77.23 -61.89
CA LYS LB 83 -58.27 -77.06 -62.61
C LYS LB 83 -57.87 -75.60 -62.70
N ASN LB 84 -58.80 -74.72 -63.08
CA ASN LB 84 -58.49 -73.30 -63.22
C ASN LB 84 -59.57 -72.45 -62.55
N GLU LB 85 -59.40 -72.22 -61.25
CA GLU LB 85 -60.21 -71.28 -60.49
C GLU LB 85 -59.42 -70.90 -59.25
N PRO LB 86 -59.67 -69.72 -58.69
CA PRO LB 86 -59.10 -69.40 -57.38
C PRO LB 86 -59.73 -70.27 -56.31
N LYS LB 87 -58.94 -70.53 -55.26
CA LYS LB 87 -59.38 -71.46 -54.22
C LYS LB 87 -60.56 -70.92 -53.43
N HIS LB 88 -60.68 -69.59 -53.31
CA HIS LB 88 -61.74 -69.04 -52.47
C HIS LB 88 -63.11 -69.25 -53.08
N ARG LB 89 -63.22 -69.15 -54.41
CA ARG LB 89 -64.51 -69.41 -55.05
C ARG LB 89 -64.90 -70.88 -54.89
N LEU LB 90 -63.93 -71.78 -54.95
CA LEU LB 90 -64.21 -73.18 -54.70
C LEU LB 90 -64.64 -73.40 -53.25
N ALA LB 91 -63.98 -72.73 -52.31
CA ALA LB 91 -64.30 -72.90 -50.90
C ALA LB 91 -65.67 -72.33 -50.57
N ARG LB 92 -66.11 -71.31 -51.30
CA ARG LB 92 -67.45 -70.78 -51.08
C ARG LB 92 -68.52 -71.81 -51.38
N HIS LB 93 -68.36 -72.55 -52.47
CA HIS LB 93 -69.27 -73.67 -52.75
C HIS LB 93 -68.95 -74.90 -51.93
N GLY LB 94 -67.80 -74.94 -51.26
CA GLY LB 94 -67.44 -76.06 -50.43
C GLY LB 94 -66.60 -77.12 -51.11
N LEU LB 95 -66.28 -76.95 -52.39
CA LEU LB 95 -65.46 -77.92 -53.10
C LEU LB 95 -64.00 -77.90 -52.65
N TYR LB 96 -63.60 -76.92 -51.86
CA TYR LB 96 -62.20 -76.82 -51.41
C TYR LB 96 -62.18 -76.50 -49.92
N GLU LB 97 -61.30 -77.18 -49.20
CA GLU LB 97 -61.15 -76.98 -47.76
C GLU LB 97 -59.80 -76.33 -47.49
N LYS LB 98 -59.81 -75.25 -46.71
CA LYS LB 98 -58.60 -74.56 -46.32
C LYS LB 98 -58.49 -74.58 -44.80
N LYS LB 99 -58.68 -75.76 -44.20
CA LYS LB 99 -58.63 -75.91 -42.75
C LYS LB 99 -57.17 -75.90 -42.33
N LYS LB 100 -56.63 -74.70 -42.19
CA LYS LB 100 -55.21 -74.50 -41.95
C LYS LB 100 -55.02 -73.64 -40.69
N THR LB 101 -53.78 -73.26 -40.43
CA THR LB 101 -53.38 -72.62 -39.19
C THR LB 101 -52.92 -71.20 -39.47
N SER LB 102 -52.51 -70.51 -38.39
CA SER LB 102 -52.16 -69.11 -38.47
C SER LB 102 -50.86 -68.88 -39.24
N ARG LB 103 -50.84 -67.78 -39.99
CA ARG LB 103 -49.63 -67.36 -40.70
C ARG LB 103 -48.50 -67.08 -39.73
N LYS LB 104 -48.82 -66.43 -38.61
CA LYS LB 104 -47.82 -66.16 -37.58
C LYS LB 104 -47.23 -67.45 -37.02
N GLN LB 105 -48.09 -68.45 -36.76
CA GLN LB 105 -47.60 -69.72 -36.26
C GLN LB 105 -46.76 -70.45 -37.30
N ARG LB 106 -47.15 -70.37 -38.57
CA ARG LB 106 -46.32 -70.96 -39.63
C ARG LB 106 -44.95 -70.30 -39.67
N LYS LB 107 -44.90 -68.99 -39.49
CA LYS LB 107 -43.61 -68.30 -39.49
C LYS LB 107 -42.75 -68.69 -38.30
N GLU LB 108 -43.37 -68.83 -37.12
CA GLU LB 108 -42.63 -69.31 -35.95
C GLU LB 108 -42.08 -70.71 -36.19
N ARG LB 109 -42.90 -71.60 -36.75
CA ARG LB 109 -42.46 -72.96 -37.05
C ARG LB 109 -41.28 -72.94 -38.02
N LYS LB 110 -41.40 -72.14 -39.08
CA LYS LB 110 -40.33 -72.04 -40.06
C LYS LB 110 -39.05 -71.51 -39.45
N ASN LB 111 -39.17 -70.58 -38.51
CA ASN LB 111 -37.98 -70.07 -37.85
C ASN LB 111 -37.34 -71.10 -36.94
N ARG LB 112 -38.15 -71.99 -36.35
CA ARG LB 112 -37.58 -73.04 -35.50
C ARG LB 112 -36.85 -74.09 -36.33
N MET LB 113 -37.40 -74.45 -37.50
CA MET LB 113 -36.65 -75.35 -38.37
C MET LB 113 -35.30 -74.76 -38.77
N LYS LB 114 -35.22 -73.44 -38.87
CA LYS LB 114 -33.93 -72.82 -39.16
C LYS LB 114 -32.94 -73.03 -38.03
N LYS LB 115 -33.41 -73.01 -36.78
CA LYS LB 115 -32.51 -73.26 -35.66
C LYS LB 115 -32.02 -74.69 -35.66
N VAL LB 116 -32.90 -75.65 -35.87
CA VAL LB 116 -32.54 -77.06 -35.77
C VAL LB 116 -31.98 -77.54 -37.10
N ARG LB 117 -30.75 -78.04 -37.08
CA ARG LB 117 -30.04 -78.40 -38.30
C ARG LB 117 -30.03 -79.90 -38.50
N GLY LB 118 -30.33 -80.32 -39.73
CA GLY LB 118 -29.99 -81.65 -40.20
C GLY LB 118 -30.90 -82.78 -39.78
N THR LB 119 -30.95 -83.05 -38.47
CA THR LB 119 -31.68 -84.21 -37.96
C THR LB 119 -33.14 -84.15 -38.39
N ALA LB 120 -33.57 -85.16 -39.14
CA ALA LB 120 -34.94 -85.16 -39.63
C ALA LB 120 -35.93 -85.20 -38.48
N LYS LB 121 -35.66 -86.02 -37.46
CA LYS LB 121 -36.61 -86.17 -36.35
C LYS LB 121 -36.78 -84.85 -35.60
N ALA LB 122 -35.69 -84.13 -35.32
CA ALA LB 122 -35.82 -82.89 -34.60
C ALA LB 122 -36.32 -81.76 -35.49
N ASN LB 123 -35.97 -81.79 -36.78
CA ASN LB 123 -36.45 -80.78 -37.70
C ASN LB 123 -37.95 -80.86 -37.84
N VAL LB 124 -38.51 -82.08 -37.76
CA VAL LB 124 -39.96 -82.23 -37.84
C VAL LB 124 -40.64 -82.23 -36.48
N GLY LB 125 -39.89 -82.37 -35.39
CA GLY LB 125 -40.46 -82.32 -34.07
C GLY LB 125 -40.29 -81.02 -33.32
N ALA LB 126 -39.60 -80.04 -33.92
CA ALA LB 126 -39.39 -78.76 -33.25
C ALA LB 126 -40.69 -78.00 -32.99
N GLY LB 127 -41.77 -78.34 -33.68
CA GLY LB 127 -43.05 -77.71 -33.44
C GLY LB 127 -43.96 -78.44 -32.48
N LYS LB 128 -43.46 -79.49 -31.82
CA LYS LB 128 -44.31 -80.27 -30.93
C LYS LB 128 -44.32 -79.70 -29.53
N LYS LB 129 -43.15 -79.59 -28.90
CA LYS LB 129 -43.07 -79.08 -27.53
C LYS LB 129 -43.57 -77.64 -27.39
N PRO LB 130 -43.16 -76.66 -28.25
CA PRO LB 130 -43.81 -75.34 -28.13
C PRO LB 130 -45.09 -75.25 -28.96
N LYS LB 131 -46.16 -75.80 -28.41
CA LYS LB 131 -47.44 -75.88 -29.12
C LYS LB 131 -48.30 -74.65 -28.87
N THR MB 1 -35.58 23.39 -45.59
CA THR MB 1 -36.26 24.51 -46.22
C THR MB 1 -35.27 25.60 -46.59
N LYS MB 2 -34.89 25.66 -47.86
CA LYS MB 2 -33.94 26.68 -48.30
C LYS MB 2 -34.63 28.03 -48.29
N LYS MB 3 -34.11 28.95 -47.47
CA LYS MB 3 -34.71 30.27 -47.34
C LYS MB 3 -34.42 31.15 -48.55
N ARG MB 4 -33.18 31.13 -49.05
CA ARG MB 4 -32.77 32.03 -50.12
C ARG MB 4 -32.16 31.23 -51.25
N ARG MB 5 -32.52 31.57 -52.48
CA ARG MB 5 -31.95 30.89 -53.64
C ARG MB 5 -30.45 31.11 -53.72
N ASN MB 6 -29.96 32.27 -53.30
CA ASN MB 6 -28.53 32.55 -53.32
C ASN MB 6 -27.84 32.21 -52.01
N ASN MB 7 -28.56 31.61 -51.06
CA ASN MB 7 -28.06 31.22 -49.75
C ASN MB 7 -27.63 32.41 -48.90
N GLY MB 8 -28.03 33.62 -49.26
CA GLY MB 8 -27.63 34.78 -48.51
C GLY MB 8 -26.28 35.34 -48.87
N ARG MB 9 -25.77 35.03 -50.06
CA ARG MB 9 -24.43 35.46 -50.44
C ARG MB 9 -24.35 35.48 -51.95
N ALA MB 10 -23.36 36.20 -52.46
CA ALA MB 10 -23.13 36.29 -53.90
C ALA MB 10 -21.95 35.38 -54.27
N LYS MB 11 -22.23 34.09 -54.35
CA LYS MB 11 -21.21 33.10 -54.68
C LYS MB 11 -21.80 32.12 -55.68
N LYS MB 12 -21.50 32.32 -56.96
CA LYS MB 12 -22.03 31.45 -58.01
C LYS MB 12 -20.95 30.65 -58.70
N GLY MB 13 -19.94 31.30 -59.26
CA GLY MB 13 -18.92 30.58 -59.98
C GLY MB 13 -17.64 30.40 -59.18
N ARG MB 14 -17.73 30.70 -57.89
CA ARG MB 14 -16.60 30.64 -56.99
C ARG MB 14 -16.63 29.34 -56.19
N GLY MB 15 -15.47 28.95 -55.69
CA GLY MB 15 -15.41 27.89 -54.73
C GLY MB 15 -15.27 28.42 -53.32
N HIS MB 16 -14.34 29.36 -53.15
CA HIS MB 16 -14.05 29.93 -51.85
C HIS MB 16 -13.86 31.43 -51.98
N VAL MB 17 -14.39 32.17 -51.02
CA VAL MB 17 -14.30 33.63 -51.00
C VAL MB 17 -13.60 34.03 -49.71
N GLN MB 18 -12.58 34.88 -49.83
CA GLN MB 18 -11.77 35.26 -48.69
C GLN MB 18 -12.63 36.02 -47.68
N PRO MB 19 -12.37 35.87 -46.39
CA PRO MB 19 -13.21 36.50 -45.38
C PRO MB 19 -12.72 37.89 -44.99
N ILE MB 20 -13.58 38.59 -44.25
CA ILE MB 20 -13.29 39.90 -43.70
C ILE MB 20 -13.82 39.94 -42.28
N ARG MB 21 -13.34 40.91 -41.51
CA ARG MB 21 -13.75 41.06 -40.13
C ARG MB 21 -14.84 42.11 -40.03
N CYS MB 22 -15.93 41.76 -39.36
CA CYS MB 22 -17.03 42.69 -39.16
C CYS MB 22 -16.54 43.92 -38.40
N THR MB 23 -16.93 45.10 -38.87
CA THR MB 23 -16.45 46.35 -38.31
C THR MB 23 -17.11 46.71 -37.00
N ASN MB 24 -17.79 45.78 -36.38
CA ASN MB 24 -18.43 45.99 -35.08
C ASN MB 24 -18.04 44.94 -34.06
N CYS MB 25 -17.82 43.70 -34.47
CA CYS MB 25 -17.48 42.65 -33.54
C CYS MB 25 -16.28 41.80 -33.98
N ALA MB 26 -15.69 42.09 -35.13
CA ALA MB 26 -14.53 41.37 -35.68
C ALA MB 26 -14.85 39.91 -35.98
N ARG MB 27 -16.10 39.63 -36.34
CA ARG MB 27 -16.49 38.31 -36.82
C ARG MB 27 -15.93 38.07 -38.21
N CYS MB 28 -15.37 36.89 -38.43
CA CYS MB 28 -14.98 36.51 -39.79
C CYS MB 28 -16.24 36.21 -40.60
N VAL MB 29 -16.44 36.95 -41.67
CA VAL MB 29 -17.59 36.81 -42.55
C VAL MB 29 -17.06 36.67 -43.98
N PRO MB 30 -17.62 35.79 -44.80
CA PRO MB 30 -17.25 35.80 -46.22
C PRO MB 30 -17.57 37.16 -46.82
N LYS MB 31 -16.70 37.63 -47.71
CA LYS MB 31 -16.81 38.99 -48.21
C LYS MB 31 -18.09 39.20 -48.99
N ASP MB 32 -18.50 38.21 -49.77
CA ASP MB 32 -19.75 38.34 -50.52
C ASP MB 32 -20.97 38.23 -49.60
N LYS MB 33 -20.83 37.56 -48.46
CA LYS MB 33 -21.95 37.42 -47.53
C LYS MB 33 -22.14 38.65 -46.67
N ALA MB 34 -21.09 39.44 -46.47
CA ALA MB 34 -21.16 40.56 -45.55
C ALA MB 34 -22.05 41.66 -46.10
N ILE MB 35 -22.62 42.45 -45.20
CA ILE MB 35 -23.38 43.63 -45.58
C ILE MB 35 -22.40 44.79 -45.70
N LYS MB 36 -22.32 45.37 -46.89
CA LYS MB 36 -21.40 46.47 -47.16
C LYS MB 36 -22.18 47.78 -47.10
N LYS MB 37 -21.66 48.74 -46.35
CA LYS MB 37 -22.28 50.05 -46.17
C LYS MB 37 -21.19 51.10 -46.40
N PHE MB 38 -21.18 51.71 -47.57
CA PHE MB 38 -20.16 52.71 -47.90
C PHE MB 38 -20.65 54.08 -47.49
N VAL MB 39 -20.14 54.59 -46.38
CA VAL MB 39 -20.59 55.85 -45.80
C VAL MB 39 -19.68 56.96 -46.29
N ILE MB 40 -20.28 57.98 -46.90
CA ILE MB 40 -19.62 59.24 -47.16
C ILE MB 40 -20.18 60.25 -46.18
N ARG MB 41 -19.56 60.35 -45.01
CA ARG MB 41 -20.01 61.25 -43.97
C ARG MB 41 -19.35 62.61 -44.15
N ASN MB 42 -20.04 63.65 -43.70
CA ASN MB 42 -19.40 64.95 -43.63
C ASN MB 42 -18.43 64.97 -42.46
N ILE MB 43 -17.24 65.52 -42.68
CA ILE MB 43 -16.22 65.53 -41.64
C ILE MB 43 -16.64 66.42 -40.47
N VAL MB 44 -17.59 67.31 -40.71
CA VAL MB 44 -18.11 68.24 -39.70
C VAL MB 44 -19.62 68.14 -39.71
N GLU MB 45 -20.21 68.02 -38.53
CA GLU MB 45 -21.65 67.85 -38.43
C GLU MB 45 -22.39 69.13 -38.84
N ALA MB 46 -23.69 68.97 -39.10
CA ALA MB 46 -24.52 70.08 -39.55
C ALA MB 46 -24.68 71.12 -38.45
N ALA MB 47 -24.55 70.73 -37.19
CA ALA MB 47 -24.60 71.68 -36.08
C ALA MB 47 -23.26 72.37 -35.86
N ALA MB 48 -22.24 72.02 -36.62
CA ALA MB 48 -20.91 72.57 -36.47
C ALA MB 48 -20.37 73.24 -37.71
N VAL MB 49 -21.00 73.03 -38.87
CA VAL MB 49 -20.50 73.61 -40.12
C VAL MB 49 -20.53 75.13 -40.04
N ARG MB 50 -21.54 75.71 -39.39
CA ARG MB 50 -21.59 77.16 -39.26
C ARG MB 50 -20.40 77.69 -38.47
N ASP MB 51 -20.13 77.09 -37.31
CA ASP MB 51 -19.02 77.54 -36.49
C ASP MB 51 -17.68 77.36 -37.20
N ILE MB 52 -17.50 76.23 -37.88
CA ILE MB 52 -16.24 75.99 -38.57
C ILE MB 52 -16.05 76.98 -39.71
N SER MB 53 -17.11 77.25 -40.48
CA SER MB 53 -17.00 78.21 -41.58
C SER MB 53 -16.76 79.62 -41.06
N GLU MB 54 -17.37 79.96 -39.92
CA GLU MB 54 -17.15 81.30 -39.35
C GLU MB 54 -15.72 81.45 -38.88
N ALA MB 55 -15.13 80.39 -38.32
CA ALA MB 55 -13.77 80.45 -37.84
C ALA MB 55 -12.73 80.08 -38.89
N SER MB 56 -13.16 79.79 -40.12
CA SER MB 56 -12.23 79.39 -41.17
C SER MB 56 -11.49 80.61 -41.70
N VAL MB 57 -10.18 80.47 -41.89
CA VAL MB 57 -9.38 81.56 -42.42
C VAL MB 57 -9.69 81.77 -43.90
N PHE MB 58 -9.86 80.69 -44.66
CA PHE MB 58 -10.05 80.80 -46.09
C PHE MB 58 -11.43 81.36 -46.40
N ASP MB 59 -11.54 82.02 -47.57
CA ASP MB 59 -12.78 82.69 -47.94
C ASP MB 59 -13.90 81.69 -48.21
N ALA MB 60 -13.57 80.55 -48.82
CA ALA MB 60 -14.58 79.53 -49.14
C ALA MB 60 -13.89 78.17 -49.04
N TYR MB 61 -14.04 77.52 -47.89
CA TYR MB 61 -13.42 76.23 -47.66
C TYR MB 61 -14.46 75.13 -47.86
N VAL MB 62 -14.15 74.19 -48.75
CA VAL MB 62 -14.97 73.00 -48.94
C VAL MB 62 -14.52 71.99 -47.89
N LEU MB 63 -15.34 71.80 -46.86
CA LEU MB 63 -14.98 70.90 -45.78
C LEU MB 63 -14.87 69.48 -46.32
N PRO MB 64 -13.87 68.71 -45.89
CA PRO MB 64 -13.66 67.38 -46.45
C PRO MB 64 -14.77 66.40 -46.08
N LYS MB 65 -14.67 65.19 -46.60
CA LYS MB 65 -15.63 64.13 -46.30
C LYS MB 65 -14.89 62.89 -45.86
N LEU MB 66 -15.47 62.19 -44.90
CA LEU MB 66 -14.92 60.94 -44.38
C LEU MB 66 -15.53 59.78 -45.17
N TYR MB 67 -14.69 59.04 -45.87
CA TYR MB 67 -15.13 57.92 -46.69
C TYR MB 67 -14.74 56.63 -45.98
N VAL MB 68 -15.72 55.85 -45.56
CA VAL MB 68 -15.45 54.61 -44.85
C VAL MB 68 -16.37 53.52 -45.36
N LYS MB 69 -15.81 52.37 -45.70
CA LYS MB 69 -16.57 51.23 -46.20
C LYS MB 69 -16.77 50.24 -45.06
N LEU MB 70 -17.92 50.31 -44.40
CA LEU MB 70 -18.24 49.41 -43.31
C LEU MB 70 -18.64 48.04 -43.83
N HIS MB 71 -18.23 47.01 -43.12
CA HIS MB 71 -18.68 45.65 -43.34
C HIS MB 71 -19.36 45.15 -42.08
N TYR MB 72 -20.45 44.42 -42.25
CA TYR MB 72 -21.21 43.90 -41.12
C TYR MB 72 -21.51 42.43 -41.31
N CYS MB 73 -21.36 41.66 -40.23
CA CYS MB 73 -22.01 40.37 -40.16
C CYS MB 73 -23.50 40.59 -40.02
N VAL MB 74 -24.29 39.57 -40.36
CA VAL MB 74 -25.72 39.79 -40.36
C VAL MB 74 -26.24 39.96 -38.94
N SER MB 75 -25.56 39.37 -37.95
CA SER MB 75 -25.96 39.58 -36.56
C SER MB 75 -25.86 41.05 -36.18
N CYS MB 76 -24.72 41.66 -36.43
CA CYS MB 76 -24.54 43.07 -36.12
C CYS MB 76 -25.44 43.94 -36.99
N ALA MB 77 -25.61 43.58 -38.26
CA ALA MB 77 -26.45 44.38 -39.14
C ALA MB 77 -27.90 44.40 -38.66
N ILE MB 78 -28.44 43.24 -38.29
CA ILE MB 78 -29.81 43.20 -37.80
C ILE MB 78 -29.93 43.87 -36.44
N HIS MB 79 -28.92 43.71 -35.59
CA HIS MB 79 -28.99 44.35 -34.28
C HIS MB 79 -28.96 45.86 -34.39
N SER MB 80 -28.17 46.39 -35.31
CA SER MB 80 -28.07 47.82 -35.52
C SER MB 80 -29.09 48.33 -36.54
N LYS MB 81 -29.97 47.46 -37.01
CA LYS MB 81 -31.10 47.85 -37.88
C LYS MB 81 -30.61 48.41 -39.21
N VAL MB 82 -29.45 47.96 -39.66
CA VAL MB 82 -29.04 48.24 -41.03
C VAL MB 82 -29.96 47.52 -42.01
N VAL MB 83 -30.27 46.26 -41.73
CA VAL MB 83 -31.20 45.48 -42.52
C VAL MB 83 -32.30 44.98 -41.59
N ARG MB 84 -33.47 44.75 -42.17
CA ARG MB 84 -34.65 44.35 -41.42
C ARG MB 84 -35.18 43.04 -41.98
N ASN MB 85 -35.90 42.30 -41.15
CA ASN MB 85 -36.61 41.13 -41.63
C ASN MB 85 -37.75 41.56 -42.54
N ARG MB 86 -37.94 40.81 -43.61
CA ARG MB 86 -38.91 41.15 -44.63
C ARG MB 86 -39.79 39.95 -44.92
N SER MB 87 -40.95 40.21 -45.51
CA SER MB 87 -41.88 39.14 -45.84
C SER MB 87 -41.29 38.23 -46.90
N ARG MB 88 -41.93 37.08 -47.09
CA ARG MB 88 -41.42 36.09 -48.03
C ARG MB 88 -41.38 36.65 -49.44
N GLU MB 89 -42.40 37.42 -49.81
CA GLU MB 89 -42.39 38.06 -51.13
C GLU MB 89 -41.40 39.22 -51.17
N ALA MB 90 -41.27 39.95 -50.07
CA ALA MB 90 -40.43 41.14 -50.08
C ALA MB 90 -38.95 40.79 -50.13
N ARG MB 91 -38.58 39.59 -49.66
CA ARG MB 91 -37.18 39.21 -49.66
C ARG MB 91 -36.59 39.11 -51.05
N LYS MB 92 -37.42 38.92 -52.07
CA LYS MB 92 -36.94 38.72 -53.43
C LYS MB 92 -36.70 40.02 -54.17
N ASP MB 93 -36.78 41.16 -53.50
CA ASP MB 93 -36.54 42.45 -54.11
C ASP MB 93 -35.13 42.92 -53.79
N ARG MB 94 -34.29 43.05 -54.81
CA ARG MB 94 -32.92 43.49 -54.64
C ARG MB 94 -32.76 45.00 -54.78
N THR MB 95 -33.83 45.72 -55.01
CA THR MB 95 -33.74 47.17 -55.16
C THR MB 95 -33.42 47.81 -53.81
N PRO MB 96 -32.42 48.69 -53.74
CA PRO MB 96 -32.09 49.32 -52.47
C PRO MB 96 -33.22 50.25 -52.02
N PRO MB 97 -33.32 50.51 -50.73
CA PRO MB 97 -34.37 51.42 -50.27
C PRO MB 97 -34.17 52.81 -50.84
N PRO MB 98 -35.25 53.58 -50.97
CA PRO MB 98 -35.14 54.88 -51.63
C PRO MB 98 -34.25 55.85 -50.87
N ARG MB 99 -33.65 56.79 -51.61
CA ARG MB 99 -32.78 57.77 -50.99
C ARG MB 99 -33.54 58.84 -50.21
N PHE MB 100 -34.84 59.02 -50.50
CA PHE MB 100 -35.65 60.11 -49.96
C PHE MB 100 -34.99 61.47 -50.24
N ARG MB 101 -34.51 61.64 -51.47
CA ARG MB 101 -33.82 62.86 -51.89
C ARG MB 101 -34.74 64.08 -52.04
N PRO MB 102 -36.03 63.95 -52.39
CA PRO MB 102 -36.72 65.25 -52.44
C PRO MB 102 -37.17 65.75 -51.07
N PRO NB 1 -43.95 30.02 -82.03
CA PRO NB 1 -44.87 29.65 -83.11
C PRO NB 1 -44.82 28.17 -83.44
N LEU NB 2 -45.89 27.67 -84.06
CA LEU NB 2 -45.99 26.25 -84.35
C LEU NB 2 -45.72 25.91 -85.80
N ALA NB 3 -45.96 26.82 -86.73
CA ALA NB 3 -45.88 26.52 -88.16
C ALA NB 3 -44.61 27.06 -88.79
N LYS NB 4 -43.49 26.97 -88.07
CA LYS NB 4 -42.21 27.30 -88.66
C LYS NB 4 -41.90 26.33 -89.80
N ASP NB 5 -41.55 26.86 -90.96
CA ASP NB 5 -41.26 26.03 -92.13
C ASP NB 5 -39.83 25.54 -92.01
N LEU NB 6 -39.67 24.40 -91.35
CA LEU NB 6 -38.34 23.85 -91.15
C LEU NB 6 -37.70 23.35 -92.44
N LEU NB 7 -38.48 23.16 -93.50
CA LEU NB 7 -37.92 22.64 -94.74
C LEU NB 7 -37.33 23.72 -95.61
N HIS NB 8 -37.97 24.89 -95.67
CA HIS NB 8 -37.51 25.98 -96.53
C HIS NB 8 -37.36 27.23 -95.67
N PRO NB 9 -36.30 27.31 -94.88
CA PRO NB 9 -36.05 28.56 -94.14
C PRO NB 9 -35.44 29.60 -95.05
N SER NB 10 -35.70 30.86 -94.70
CA SER NB 10 -35.29 31.98 -95.52
C SER NB 10 -33.79 32.28 -95.33
N PRO NB 11 -33.18 32.93 -96.32
CA PRO NB 11 -31.72 33.16 -96.25
C PRO NB 11 -31.26 33.98 -95.06
N GLU NB 12 -32.08 34.90 -94.54
CA GLU NB 12 -31.60 35.67 -93.40
C GLU NB 12 -31.46 34.79 -92.16
N GLU NB 13 -32.43 33.92 -91.89
CA GLU NB 13 -32.27 33.00 -90.77
C GLU NB 13 -31.14 32.01 -91.04
N GLU NB 14 -31.02 31.54 -92.29
CA GLU NB 14 -29.98 30.58 -92.61
C GLU NB 14 -28.59 31.18 -92.38
N LYS NB 15 -28.38 32.42 -92.81
CA LYS NB 15 -27.10 33.08 -92.58
C LYS NB 15 -26.89 33.40 -91.11
N ARG NB 16 -27.97 33.74 -90.41
CA ARG NB 16 -27.85 34.07 -88.99
C ARG NB 16 -27.43 32.86 -88.16
N LYS NB 17 -27.91 31.67 -88.54
CA LYS NB 17 -27.64 30.49 -87.73
C LYS NB 17 -26.16 30.12 -87.78
N HIS NB 18 -25.77 29.28 -86.81
CA HIS NB 18 -24.41 28.77 -86.75
C HIS NB 18 -24.13 27.88 -87.97
N LYS NB 19 -22.84 27.61 -88.21
CA LYS NB 19 -22.47 26.78 -89.35
C LYS NB 19 -23.06 25.39 -89.23
N LYS NB 20 -22.84 24.73 -88.10
CA LYS NB 20 -23.31 23.36 -87.92
C LYS NB 20 -24.81 23.29 -87.67
N LYS NB 21 -25.41 24.36 -87.17
CA LYS NB 21 -26.83 24.37 -86.83
C LYS NB 21 -27.72 24.76 -88.02
N ARG NB 22 -27.12 25.02 -89.18
CA ARG NB 22 -27.92 25.27 -90.36
C ARG NB 22 -28.58 23.98 -90.83
N LEU NB 23 -29.52 24.13 -91.77
CA LEU NB 23 -30.17 22.95 -92.34
C LEU NB 23 -29.16 22.05 -93.03
N VAL NB 24 -28.25 22.65 -93.80
CA VAL NB 24 -27.11 21.96 -94.36
C VAL NB 24 -25.88 22.79 -94.04
N GLN NB 25 -24.82 22.14 -93.56
CA GLN NB 25 -23.61 22.85 -93.19
C GLN NB 25 -23.03 23.60 -94.36
N SER NB 26 -22.67 24.86 -94.14
CA SER NB 26 -22.05 25.67 -95.16
C SER NB 26 -21.00 26.50 -94.43
N PRO NB 27 -19.76 26.48 -94.90
CA PRO NB 27 -18.72 27.26 -94.23
C PRO NB 27 -18.97 28.76 -94.39
N ASN NB 28 -18.53 29.51 -93.40
CA ASN NB 28 -18.64 30.96 -93.43
C ASN NB 28 -17.44 31.62 -94.10
N SER NB 29 -16.44 30.84 -94.51
CA SER NB 29 -15.25 31.37 -95.11
C SER NB 29 -15.30 31.23 -96.63
N TYR NB 30 -14.26 31.70 -97.30
CA TYR NB 30 -14.23 31.78 -98.74
C TYR NB 30 -12.78 31.97 -99.17
N PHE NB 31 -12.53 31.76 -100.46
CA PHE NB 31 -11.24 32.05 -101.05
C PHE NB 31 -11.33 33.34 -101.84
N MET NB 32 -10.26 34.13 -101.81
CA MET NB 32 -10.27 35.41 -102.51
C MET NB 32 -9.00 35.58 -103.34
N ASP NB 33 -9.18 36.13 -104.53
CA ASP NB 33 -8.06 36.62 -105.32
C ASP NB 33 -7.51 37.88 -104.70
N VAL NB 34 -6.20 37.96 -104.56
CA VAL NB 34 -5.54 39.14 -103.99
C VAL NB 34 -4.42 39.57 -104.92
N LYS NB 35 -4.40 40.86 -105.24
CA LYS NB 35 -3.37 41.46 -106.06
C LYS NB 35 -2.49 42.33 -105.16
N CYS NB 36 -1.24 41.94 -105.00
CA CYS NB 36 -0.38 42.80 -104.20
C CYS NB 36 0.28 43.84 -105.09
N PRO NB 37 0.50 45.05 -104.58
CA PRO NB 37 0.93 46.15 -105.44
C PRO NB 37 2.31 45.91 -106.04
N GLY NB 38 2.55 46.55 -107.18
CA GLY NB 38 3.83 46.47 -107.85
C GLY NB 38 4.10 45.18 -108.60
N CYS NB 39 3.09 44.32 -108.77
CA CYS NB 39 3.26 43.05 -109.46
C CYS NB 39 2.08 42.82 -110.39
N TYR NB 40 2.07 41.65 -111.00
CA TYR NB 40 0.96 41.20 -111.83
C TYR NB 40 0.34 39.92 -111.33
N LYS NB 41 1.02 39.20 -110.45
CA LYS NB 41 0.54 37.91 -109.98
C LYS NB 41 -0.63 38.09 -109.03
N ILE NB 42 -1.64 37.24 -109.20
CA ILE NB 42 -2.82 37.22 -108.34
C ILE NB 42 -2.77 35.94 -107.53
N THR NB 43 -2.79 36.07 -106.21
CA THR NB 43 -2.67 34.93 -105.32
C THR NB 43 -4.00 34.61 -104.66
N THR NB 44 -4.33 33.33 -104.58
CA THR NB 44 -5.54 32.89 -103.91
C THR NB 44 -5.24 32.73 -102.43
N VAL NB 45 -5.99 33.41 -101.58
CA VAL NB 45 -5.77 33.34 -100.14
C VAL NB 45 -7.08 32.97 -99.46
N PHE NB 46 -6.98 32.09 -98.47
CA PHE NB 46 -8.10 31.77 -97.61
C PHE NB 46 -8.49 32.99 -96.77
N SER NB 47 -9.78 33.17 -96.56
CA SER NB 47 -10.25 34.31 -95.80
C SER NB 47 -9.97 34.17 -94.32
N HIS NB 48 -9.65 32.97 -93.84
CA HIS NB 48 -9.38 32.77 -92.43
C HIS NB 48 -7.97 32.19 -92.26
N ALA NB 49 -7.00 32.78 -92.93
CA ALA NB 49 -5.65 32.21 -92.98
C ALA NB 49 -4.99 32.23 -91.61
N GLN NB 50 -4.33 31.12 -91.29
CA GLN NB 50 -3.51 31.04 -90.08
C GLN NB 50 -2.04 31.30 -90.33
N THR NB 51 -1.62 31.45 -91.59
CA THR NB 51 -0.23 31.71 -91.92
C THR NB 51 -0.05 33.17 -92.34
N VAL NB 52 1.17 33.49 -92.74
CA VAL NB 52 1.47 34.81 -93.28
C VAL NB 52 1.79 34.65 -94.75
N VAL NB 53 0.78 34.78 -95.61
CA VAL NB 53 0.97 34.54 -97.03
C VAL NB 53 1.63 35.74 -97.68
N LEU NB 54 2.05 35.58 -98.93
CA LEU NB 54 2.73 36.63 -99.68
C LEU NB 54 2.85 36.27 -101.15
N CYS NB 55 2.68 37.27 -102.01
CA CYS NB 55 3.18 37.19 -103.37
C CYS NB 55 4.64 36.79 -103.44
N VAL NB 56 4.88 35.77 -104.27
CA VAL NB 56 6.23 35.34 -104.59
C VAL NB 56 6.99 36.47 -105.26
N GLY NB 57 6.33 37.17 -106.17
CA GLY NB 57 6.97 38.29 -106.85
C GLY NB 57 7.22 39.47 -105.92
N CYS NB 58 6.27 39.79 -105.04
CA CYS NB 58 6.39 41.02 -104.29
C CYS NB 58 6.69 40.67 -102.84
N SER NB 59 7.78 41.23 -102.32
CA SER NB 59 8.34 40.81 -101.04
C SER NB 59 7.43 41.12 -99.86
N THR NB 60 6.49 42.04 -100.01
CA THR NB 60 5.60 42.38 -98.93
C THR NB 60 4.66 41.23 -98.62
N VAL NB 61 4.27 41.13 -97.35
CA VAL NB 61 3.31 40.12 -96.94
C VAL NB 61 1.89 40.62 -97.20
N LEU NB 62 0.94 39.69 -97.22
CA LEU NB 62 -0.41 40.03 -97.62
C LEU NB 62 -1.45 39.86 -96.54
N CYS NB 63 -1.26 38.94 -95.60
CA CYS NB 63 -2.23 38.76 -94.54
C CYS NB 63 -1.50 38.59 -93.22
N GLN NB 64 -2.03 39.20 -92.18
CA GLN NB 64 -1.55 38.96 -90.84
C GLN NB 64 -2.54 38.05 -90.15
N PRO NB 65 -2.12 36.90 -89.64
CA PRO NB 65 -3.07 36.01 -88.96
C PRO NB 65 -3.61 36.67 -87.69
N THR NB 66 -4.92 36.73 -87.59
CA THR NB 66 -5.58 37.24 -86.39
C THR NB 66 -6.55 36.20 -85.87
N GLY NB 67 -7.41 36.60 -84.93
CA GLY NB 67 -8.39 35.70 -84.35
C GLY NB 67 -9.26 34.98 -85.36
N GLY NB 68 -10.10 35.71 -86.07
CA GLY NB 68 -10.96 35.07 -87.03
C GLY NB 68 -10.49 35.06 -88.47
N LYS NB 69 -10.28 36.25 -89.05
CA LYS NB 69 -10.10 36.37 -90.48
C LYS NB 69 -8.73 36.96 -90.80
N ALA NB 70 -8.23 36.63 -91.98
CA ALA NB 70 -6.94 37.15 -92.42
C ALA NB 70 -6.98 38.67 -92.52
N ARG NB 71 -5.87 39.30 -92.17
CA ARG NB 71 -5.79 40.75 -92.10
C ARG NB 71 -5.01 41.25 -93.31
N LEU NB 72 -5.74 41.63 -94.35
CA LEU NB 72 -5.12 42.18 -95.54
C LEU NB 72 -4.43 43.50 -95.21
N THR NB 73 -3.21 43.67 -95.70
CA THR NB 73 -2.49 44.90 -95.49
C THR NB 73 -3.07 46.02 -96.36
N GLU NB 74 -2.85 47.25 -95.92
CA GLU NB 74 -3.39 48.41 -96.62
C GLU NB 74 -2.87 48.49 -98.05
N GLY NB 75 -3.77 48.72 -98.99
CA GLY NB 75 -3.40 48.85 -100.38
C GLY NB 75 -3.55 47.59 -101.21
N CYS NB 76 -4.14 46.53 -100.66
CA CYS NB 76 -4.35 45.29 -101.40
C CYS NB 76 -5.84 45.09 -101.61
N SER NB 77 -6.24 44.90 -102.85
CA SER NB 77 -7.63 44.63 -103.19
C SER NB 77 -7.86 43.12 -103.24
N PHE NB 78 -9.11 42.73 -102.96
CA PHE NB 78 -9.48 41.33 -102.96
C PHE NB 78 -10.85 41.17 -103.59
N ARG NB 79 -11.08 40.00 -104.20
CA ARG NB 79 -12.33 39.69 -104.89
C ARG NB 79 -12.81 38.32 -104.48
N ARG NB 80 -14.13 38.19 -104.29
CA ARG NB 80 -14.73 36.92 -103.96
C ARG NB 80 -14.64 35.96 -105.15
N LYS NB 81 -14.80 34.67 -104.86
CA LYS NB 81 -14.79 33.63 -105.89
C LYS NB 81 -16.08 32.84 -105.80
N GLN NB 82 -16.92 32.95 -106.83
CA GLN NB 82 -18.11 32.12 -107.07
C GLN NB 82 -18.98 31.93 -105.82
N HIS NB 83 -19.04 32.98 -104.98
CA HIS NB 83 -19.76 32.94 -103.70
C HIS NB 83 -19.26 31.85 -102.76
N VAL OB 1 -40.88 -8.76 -5.76
CA VAL OB 1 -42.10 -8.28 -6.40
C VAL OB 1 -42.74 -7.22 -5.51
N HIS OB 2 -43.63 -6.40 -6.07
CA HIS OB 2 -44.34 -5.38 -5.31
C HIS OB 2 -45.37 -5.98 -4.35
N GLY OB 3 -45.62 -7.28 -4.43
CA GLY OB 3 -46.62 -7.92 -3.59
C GLY OB 3 -48.05 -7.53 -3.90
N SER OB 4 -48.38 -7.37 -5.18
CA SER OB 4 -49.70 -6.90 -5.60
C SER OB 4 -50.39 -7.92 -6.50
N LEU OB 5 -50.05 -9.19 -6.34
CA LEU OB 5 -50.73 -10.27 -7.05
C LEU OB 5 -52.04 -10.67 -6.38
N ALA OB 6 -52.27 -10.21 -5.15
CA ALA OB 6 -53.42 -10.63 -4.36
C ALA OB 6 -54.74 -10.27 -5.00
N ARG OB 7 -54.76 -9.34 -5.94
CA ARG OB 7 -55.97 -8.91 -6.59
C ARG OB 7 -56.31 -9.72 -7.84
N ALA OB 8 -55.56 -10.76 -8.13
CA ALA OB 8 -55.81 -11.53 -9.35
C ALA OB 8 -57.19 -12.17 -9.32
N GLY OB 9 -57.95 -12.00 -10.41
CA GLY OB 9 -59.27 -12.57 -10.52
C GLY OB 9 -60.36 -11.84 -9.78
N LYS OB 10 -60.11 -10.58 -9.40
CA LYS OB 10 -60.99 -9.88 -8.47
C LYS OB 10 -62.38 -9.66 -9.05
N VAL OB 11 -62.46 -9.10 -10.26
CA VAL OB 11 -63.77 -8.72 -10.80
C VAL OB 11 -64.57 -9.97 -11.16
N ARG OB 12 -63.92 -10.99 -11.72
CA ARG OB 12 -64.65 -12.21 -12.02
C ARG OB 12 -65.15 -12.89 -10.76
N GLY OB 13 -64.38 -12.82 -9.68
CA GLY OB 13 -64.87 -13.33 -8.41
C GLY OB 13 -66.05 -12.53 -7.88
N GLN OB 14 -66.00 -11.21 -8.04
CA GLN OB 14 -67.04 -10.35 -7.47
C GLN OB 14 -68.29 -10.28 -8.31
N THR OB 15 -68.25 -10.71 -9.56
CA THR OB 15 -69.40 -10.56 -10.44
C THR OB 15 -70.50 -11.51 -9.99
N PRO OB 16 -71.73 -11.02 -9.76
CA PRO OB 16 -72.81 -11.92 -9.37
C PRO OB 16 -73.07 -12.96 -10.44
N LYS OB 17 -73.26 -14.20 -10.01
CA LYS OB 17 -73.40 -15.34 -10.91
C LYS OB 17 -74.87 -15.50 -11.26
N VAL OB 18 -75.28 -14.85 -12.34
CA VAL OB 18 -76.62 -15.02 -12.88
C VAL OB 18 -76.57 -16.08 -13.97
N ALA OB 19 -77.49 -17.04 -13.91
CA ALA OB 19 -77.47 -18.16 -14.83
C ALA OB 19 -78.23 -17.81 -16.11
N LYS OB 20 -77.88 -18.52 -17.18
CA LYS OB 20 -78.57 -18.38 -18.45
C LYS OB 20 -80.00 -18.88 -18.33
N GLN OB 21 -80.89 -18.30 -19.12
CA GLN OB 21 -82.29 -18.70 -19.13
C GLN OB 21 -82.55 -19.66 -20.29
N GLU OB 22 -83.42 -20.64 -20.04
CA GLU OB 22 -83.73 -21.63 -21.07
C GLU OB 22 -84.52 -20.98 -22.20
N LYS OB 23 -84.12 -21.25 -23.43
CA LYS OB 23 -84.74 -20.66 -24.61
C LYS OB 23 -85.02 -21.74 -25.64
N LYS OB 24 -85.82 -21.38 -26.64
CA LYS OB 24 -86.08 -22.27 -27.75
C LYS OB 24 -84.79 -22.53 -28.52
N LYS OB 25 -84.61 -23.75 -28.98
CA LYS OB 25 -83.42 -24.12 -29.74
C LYS OB 25 -83.39 -23.37 -31.06
N LYS OB 26 -82.25 -22.75 -31.35
CA LYS OB 26 -82.10 -22.02 -32.60
C LYS OB 26 -81.99 -22.98 -33.78
N LYS OB 27 -82.64 -22.60 -34.88
CA LYS OB 27 -82.47 -23.35 -36.12
C LYS OB 27 -81.06 -23.15 -36.65
N THR OB 28 -80.57 -24.14 -37.39
CA THR OB 28 -79.20 -24.09 -37.88
C THR OB 28 -79.14 -24.58 -39.31
N GLY OB 29 -78.15 -24.08 -40.04
CA GLY OB 29 -77.89 -24.54 -41.40
C GLY OB 29 -78.76 -23.81 -42.40
N ARG OB 30 -79.35 -24.57 -43.32
CA ARG OB 30 -80.13 -23.99 -44.39
C ARG OB 30 -81.33 -23.23 -43.85
N ALA OB 31 -81.98 -23.76 -42.82
CA ALA OB 31 -83.12 -23.06 -42.24
C ALA OB 31 -82.70 -21.78 -41.54
N LYS OB 32 -81.53 -21.77 -40.90
CA LYS OB 32 -81.03 -20.54 -40.31
C LYS OB 32 -80.78 -19.50 -41.38
N ARG OB 33 -80.19 -19.91 -42.50
CA ARG OB 33 -79.98 -18.97 -43.60
C ARG OB 33 -81.30 -18.49 -44.17
N ARG OB 34 -82.31 -19.35 -44.23
CA ARG OB 34 -83.62 -18.95 -44.74
C ARG OB 34 -84.26 -17.91 -43.84
N MET OB 35 -84.22 -18.12 -42.52
CA MET OB 35 -84.74 -17.13 -41.58
C MET OB 35 -83.97 -15.83 -41.66
N GLN OB 36 -82.64 -15.90 -41.77
CA GLN OB 36 -81.79 -14.74 -41.92
C GLN OB 36 -82.07 -13.96 -43.20
N TYR OB 37 -82.33 -14.64 -44.30
CA TYR OB 37 -82.69 -14.02 -45.56
C TYR OB 37 -84.06 -13.35 -45.48
N ASN OB 38 -85.02 -13.98 -44.79
CA ASN OB 38 -86.32 -13.36 -44.64
C ASN OB 38 -86.27 -12.12 -43.76
N ARG OB 39 -85.42 -12.12 -42.73
CA ARG OB 39 -85.39 -10.97 -41.83
C ARG OB 39 -84.82 -9.71 -42.46
N ARG OB 40 -84.19 -9.79 -43.63
CA ARG OB 40 -83.62 -8.58 -44.22
C ARG OB 40 -83.82 -8.47 -45.72
N PHE OB 41 -84.56 -9.38 -46.34
CA PHE OB 41 -84.86 -9.25 -47.76
C PHE OB 41 -86.33 -9.50 -48.10
N VAL OB 42 -87.18 -9.73 -47.10
CA VAL OB 42 -88.59 -10.00 -47.32
C VAL OB 42 -89.48 -9.03 -46.56
N ASN OB 43 -89.21 -8.81 -45.28
CA ASN OB 43 -89.97 -7.90 -44.44
C ASN OB 43 -89.50 -6.46 -44.60
N VAL OB 44 -88.84 -6.14 -45.71
CA VAL OB 44 -88.26 -4.80 -45.90
C VAL OB 44 -89.37 -3.78 -45.96
N VAL OB 45 -89.32 -2.79 -45.07
CA VAL OB 45 -90.24 -1.67 -45.08
C VAL OB 45 -89.45 -0.37 -44.94
N PRO OB 46 -89.58 0.58 -45.88
CA PRO OB 46 -88.88 1.85 -45.73
C PRO OB 46 -89.35 2.61 -44.50
N THR OB 47 -88.40 3.25 -43.83
CA THR OB 47 -88.68 3.91 -42.56
C THR OB 47 -87.81 5.16 -42.46
N PHE OB 48 -88.29 6.14 -41.71
CA PHE OB 48 -87.54 7.36 -41.43
C PHE OB 48 -86.36 7.12 -40.50
N GLY OB 49 -86.24 5.94 -39.90
CA GLY OB 49 -85.17 5.60 -38.97
C GLY OB 49 -83.84 5.29 -39.60
N LYS OB 50 -83.67 5.56 -40.90
CA LYS OB 50 -82.40 5.43 -41.62
C LYS OB 50 -81.87 3.99 -41.58
N LYS OB 51 -82.78 3.03 -41.73
CA LYS OB 51 -82.44 1.60 -41.82
C LYS OB 51 -81.66 1.14 -40.57
N LYS OB 52 -82.38 1.13 -39.45
CA LYS OB 52 -81.80 0.72 -38.18
C LYS OB 52 -81.22 -0.68 -38.27
N GLY OB 53 -80.17 -0.91 -37.50
CA GLY OB 53 -79.45 -2.16 -37.55
C GLY OB 53 -80.25 -3.30 -36.95
N PRO OB 54 -79.78 -4.53 -37.16
CA PRO OB 54 -80.49 -5.70 -36.62
C PRO OB 54 -80.56 -5.72 -35.10
N ASN OB 55 -79.58 -5.12 -34.42
CA ASN OB 55 -79.52 -5.16 -32.97
C ASN OB 55 -79.86 -3.80 -32.36
N ALA OB 56 -80.70 -3.02 -33.02
CA ALA OB 56 -81.05 -1.70 -32.50
C ALA OB 56 -81.74 -1.81 -31.16
N ASN OB 57 -81.29 -1.02 -30.19
CA ASN OB 57 -81.87 -0.98 -28.85
C ASN OB 57 -82.83 0.20 -28.69
N SER OB 58 -83.61 0.49 -29.71
CA SER OB 58 -84.63 1.53 -29.62
C SER OB 58 -85.71 1.10 -28.63
N MET QB 1 -64.06 66.48 -34.14
CA MET QB 1 -63.86 65.32 -35.00
C MET QB 1 -64.97 64.32 -34.78
N GLY QB 2 -64.75 63.08 -35.24
CA GLY QB 2 -65.69 62.00 -35.00
C GLY QB 2 -67.06 62.21 -35.62
N ARG QB 3 -67.08 62.67 -36.87
CA ARG QB 3 -68.33 62.83 -37.60
C ARG QB 3 -68.38 61.93 -38.83
N VAL QB 4 -67.54 60.90 -38.87
CA VAL QB 4 -67.53 59.99 -40.01
C VAL QB 4 -68.81 59.17 -40.01
N ARG QB 5 -69.45 59.10 -41.17
CA ARG QB 5 -70.72 58.43 -41.32
C ARG QB 5 -70.51 56.91 -41.31
N THR QB 6 -71.62 56.18 -41.33
CA THR QB 6 -71.62 54.74 -41.19
C THR QB 6 -72.26 54.13 -42.42
N LYS QB 7 -71.97 52.85 -42.67
CA LYS QB 7 -72.62 52.11 -43.74
C LYS QB 7 -74.14 52.23 -43.65
N THR QB 8 -74.67 52.21 -42.43
CA THR QB 8 -76.11 52.21 -42.25
C THR QB 8 -76.75 53.48 -42.81
N VAL QB 9 -76.06 54.61 -42.69
CA VAL QB 9 -76.61 55.82 -43.27
C VAL QB 9 -76.20 55.96 -44.74
N LYS QB 10 -75.02 55.47 -45.12
CA LYS QB 10 -74.56 55.69 -46.47
C LYS QB 10 -75.33 54.84 -47.48
N LYS QB 11 -75.53 53.56 -47.18
CA LYS QB 11 -76.31 52.70 -48.05
C LYS QB 11 -77.70 53.29 -48.28
N ALA QB 12 -78.34 53.73 -47.20
CA ALA QB 12 -79.68 54.29 -47.32
C ALA QB 12 -79.68 55.58 -48.12
N ALA QB 13 -78.67 56.42 -47.93
CA ALA QB 13 -78.59 57.66 -48.69
C ALA QB 13 -78.46 57.40 -50.18
N ARG QB 14 -77.54 56.49 -50.55
CA ARG QB 14 -77.39 56.12 -51.96
C ARG QB 14 -78.69 55.58 -52.53
N VAL QB 15 -79.34 54.68 -51.80
CA VAL QB 15 -80.54 54.04 -52.32
C VAL QB 15 -81.66 55.05 -52.52
N ILE QB 16 -81.90 55.91 -51.54
CA ILE QB 16 -83.02 56.84 -51.69
C ILE QB 16 -82.71 57.90 -52.74
N ILE QB 17 -81.45 58.29 -52.90
CA ILE QB 17 -81.11 59.21 -53.98
C ILE QB 17 -81.36 58.56 -55.33
N GLU QB 18 -80.98 57.30 -55.48
CA GLU QB 18 -81.22 56.59 -56.73
C GLU QB 18 -82.72 56.44 -57.01
N LYS QB 19 -83.50 56.09 -55.99
CA LYS QB 19 -84.92 55.84 -56.20
C LYS QB 19 -85.68 57.14 -56.46
N TYR QB 20 -85.42 58.18 -55.69
CA TYR QB 20 -86.26 59.37 -55.66
C TYR QB 20 -85.43 60.61 -55.93
N TYR QB 21 -84.59 60.55 -56.95
CA TYR QB 21 -83.81 61.72 -57.34
C TYR QB 21 -84.70 62.86 -57.81
N THR QB 22 -85.76 62.52 -58.54
CA THR QB 22 -86.66 63.55 -59.05
C THR QB 22 -87.41 64.25 -57.92
N ARG QB 23 -87.89 63.49 -56.94
CA ARG QB 23 -88.63 64.09 -55.84
C ARG QB 23 -87.73 64.93 -54.95
N LEU QB 24 -86.51 64.46 -54.71
CA LEU QB 24 -85.65 65.09 -53.73
C LEU QB 24 -84.94 66.30 -54.33
N GLY QB 25 -84.37 67.11 -53.44
CA GLY QB 25 -83.67 68.31 -53.85
C GLY QB 25 -82.41 68.55 -53.03
N ASN QB 26 -81.92 69.79 -53.04
CA ASN QB 26 -80.69 70.14 -52.33
C ASN QB 26 -80.96 71.00 -51.10
N ASP QB 27 -82.12 70.82 -50.48
CA ASP QB 27 -82.48 71.51 -49.24
C ASP QB 27 -82.58 70.51 -48.11
N PHE QB 28 -81.92 70.80 -47.00
CA PHE QB 28 -81.81 69.81 -45.92
C PHE QB 28 -83.17 69.48 -45.33
N HIS QB 29 -83.95 70.50 -45.00
CA HIS QB 29 -85.23 70.26 -44.34
C HIS QB 29 -86.22 69.60 -45.29
N THR QB 30 -86.20 69.98 -46.56
CA THR QB 30 -87.03 69.30 -47.55
C THR QB 30 -86.65 67.82 -47.65
N ASN QB 31 -85.35 67.53 -47.63
CA ASN QB 31 -84.92 66.14 -47.71
C ASN QB 31 -85.31 65.36 -46.47
N LYS QB 32 -85.13 65.96 -45.29
CA LYS QB 32 -85.53 65.29 -44.07
C LYS QB 32 -87.03 65.10 -43.96
N ARG QB 33 -87.82 65.89 -44.68
CA ARG QB 33 -89.25 65.64 -44.74
C ARG QB 33 -89.63 64.57 -45.76
N VAL QB 34 -89.01 64.57 -46.95
CA VAL QB 34 -89.36 63.55 -47.94
C VAL QB 34 -88.95 62.17 -47.45
N CYS QB 35 -87.82 62.07 -46.72
CA CYS QB 35 -87.39 60.79 -46.20
C CYS QB 35 -88.40 60.19 -45.23
N GLU QB 36 -89.12 61.03 -44.48
CA GLU QB 36 -90.08 60.55 -43.50
C GLU QB 36 -91.17 59.70 -44.13
N GLU QB 37 -91.50 59.90 -45.40
CA GLU QB 37 -92.51 59.08 -46.05
C GLU QB 37 -91.94 58.14 -47.10
N ILE QB 38 -90.76 58.43 -47.66
CA ILE QB 38 -90.19 57.45 -48.60
C ILE QB 38 -89.44 56.35 -47.89
N ALA QB 39 -89.21 56.46 -46.59
CA ALA QB 39 -88.58 55.38 -45.85
C ALA QB 39 -89.14 55.36 -44.43
N ILE QB 40 -89.37 54.16 -43.90
CA ILE QB 40 -89.81 54.00 -42.52
C ILE QB 40 -88.55 53.89 -41.66
N ILE QB 41 -88.02 55.04 -41.29
CA ILE QB 41 -86.82 55.13 -40.46
C ILE QB 41 -87.26 55.15 -39.00
N PRO QB 42 -86.88 54.16 -38.19
CA PRO QB 42 -87.36 54.13 -36.81
C PRO QB 42 -86.93 55.31 -35.97
N SER QB 43 -85.77 55.89 -36.24
CA SER QB 43 -85.18 56.90 -35.40
C SER QB 43 -85.06 58.24 -36.11
N LYS QB 44 -85.48 59.30 -35.43
CA LYS QB 44 -85.27 60.66 -35.93
C LYS QB 44 -83.78 60.99 -36.00
N LYS QB 45 -83.02 60.57 -34.99
CA LYS QB 45 -81.59 60.88 -34.94
C LYS QB 45 -80.84 60.24 -36.10
N LEU QB 46 -81.31 59.10 -36.60
CA LEU QB 46 -80.72 58.53 -37.79
C LEU QB 46 -81.33 59.11 -39.06
N ARG QB 47 -82.60 59.50 -38.99
CA ARG QB 47 -83.26 60.08 -40.15
C ARG QB 47 -82.56 61.35 -40.61
N ASN QB 48 -82.26 62.24 -39.66
CA ASN QB 48 -81.63 63.49 -40.09
C ASN QB 48 -80.15 63.32 -40.42
N LYS QB 49 -79.47 62.31 -39.87
CA LYS QB 49 -78.15 61.97 -40.37
C LYS QB 49 -78.21 61.53 -41.83
N ILE QB 50 -79.19 60.68 -42.16
CA ILE QB 50 -79.39 60.27 -43.54
C ILE QB 50 -79.68 61.47 -44.42
N ALA QB 51 -80.53 62.38 -43.93
CA ALA QB 51 -80.85 63.58 -44.71
C ALA QB 51 -79.62 64.44 -44.96
N GLY QB 52 -78.76 64.59 -43.96
CA GLY QB 52 -77.55 65.36 -44.16
C GLY QB 52 -76.63 64.75 -45.19
N TYR QB 53 -76.42 63.43 -45.11
CA TYR QB 53 -75.60 62.80 -46.15
C TYR QB 53 -76.26 62.88 -47.51
N VAL QB 54 -77.60 62.86 -47.56
CA VAL QB 54 -78.30 63.01 -48.82
C VAL QB 54 -78.04 64.37 -49.43
N THR QB 55 -78.12 65.44 -48.61
CA THR QB 55 -77.83 66.77 -49.15
C THR QB 55 -76.40 66.87 -49.63
N HIS QB 56 -75.45 66.29 -48.88
CA HIS QB 56 -74.07 66.31 -49.32
C HIS QB 56 -73.90 65.61 -50.67
N LEU QB 57 -74.50 64.43 -50.80
CA LEU QB 57 -74.36 63.67 -52.04
C LEU QB 57 -75.03 64.38 -53.21
N MET QB 58 -76.18 65.01 -52.98
CA MET QB 58 -76.86 65.66 -54.09
C MET QB 58 -76.16 66.94 -54.51
N LYS QB 59 -75.57 67.65 -53.56
CA LYS QB 59 -74.71 68.77 -53.91
C LYS QB 59 -73.52 68.29 -54.74
N ARG QB 60 -73.00 67.11 -54.43
CA ARG QB 60 -71.96 66.52 -55.29
C ARG QB 60 -72.50 66.16 -56.67
N ILE QB 61 -73.72 65.62 -56.73
CA ILE QB 61 -74.29 65.13 -57.97
C ILE QB 61 -74.52 66.28 -58.94
N GLN QB 62 -74.95 67.43 -58.42
CA GLN QB 62 -75.15 68.59 -59.28
C GLN QB 62 -73.88 68.98 -60.03
N ARG QB 63 -72.71 68.72 -59.44
CA ARG QB 63 -71.44 69.05 -60.08
C ARG QB 63 -70.93 67.91 -60.96
N GLY QB 64 -70.73 66.74 -60.37
CA GLY QB 64 -70.17 65.62 -61.09
C GLY QB 64 -70.67 64.27 -60.60
N PRO QB 65 -70.60 63.27 -61.46
CA PRO QB 65 -71.09 61.94 -61.09
C PRO QB 65 -70.25 61.30 -59.99
N VAL QB 66 -70.89 60.41 -59.23
CA VAL QB 66 -70.23 59.69 -58.15
C VAL QB 66 -70.46 58.20 -58.34
N ARG QB 67 -70.03 57.40 -57.37
CA ARG QB 67 -70.20 55.94 -57.47
C ARG QB 67 -71.67 55.56 -57.49
N GLY QB 68 -72.51 56.27 -56.74
CA GLY QB 68 -73.95 56.12 -56.91
C GLY QB 68 -74.38 56.72 -58.24
N ILE QB 69 -75.28 56.01 -58.94
CA ILE QB 69 -75.59 56.33 -60.33
C ILE QB 69 -77.08 56.61 -60.47
N SER QB 70 -77.42 57.23 -61.60
CA SER QB 70 -78.79 57.46 -62.00
C SER QB 70 -78.88 57.40 -63.52
N ILE QB 71 -79.94 56.77 -64.02
CA ILE QB 71 -80.06 56.50 -65.46
C ILE QB 71 -80.17 57.81 -66.25
N LYS QB 72 -80.94 58.76 -65.73
CA LYS QB 72 -81.00 60.08 -66.36
C LYS QB 72 -79.63 60.74 -66.40
N LEU QB 73 -78.82 60.56 -65.34
CA LEU QB 73 -77.48 61.12 -65.36
C LEU QB 73 -76.62 60.46 -66.42
N GLN QB 74 -76.75 59.14 -66.58
CA GLN QB 74 -76.01 58.45 -67.64
C GLN QB 74 -76.41 58.99 -69.01
N GLU QB 75 -77.71 59.16 -69.25
CA GLU QB 75 -78.16 59.68 -70.53
C GLU QB 75 -77.72 61.11 -70.75
N GLU QB 76 -77.71 61.92 -69.69
CA GLU QB 76 -77.26 63.31 -69.80
C GLU QB 76 -75.78 63.37 -70.16
N GLU QB 77 -74.95 62.56 -69.51
CA GLU QB 77 -73.54 62.53 -69.86
C GLU QB 77 -73.33 61.98 -71.26
N ARG QB 78 -74.17 61.06 -71.71
CA ARG QB 78 -74.02 60.53 -73.06
C ARG QB 78 -74.37 61.59 -74.10
N GLU QB 79 -75.46 62.32 -73.89
CA GLU QB 79 -75.86 63.35 -74.84
C GLU QB 79 -74.99 64.60 -74.75
N ARG QB 80 -74.24 64.77 -73.66
CA ARG QB 80 -73.37 65.92 -73.52
C ARG QB 80 -71.92 65.64 -73.90
N ARG QB 81 -71.48 64.38 -73.82
CA ARG QB 81 -70.07 64.08 -74.01
C ARG QB 81 -69.67 64.17 -75.47
N ASP QB 82 -70.61 63.91 -76.39
CA ASP QB 82 -70.33 63.95 -77.82
C ASP QB 82 -70.36 65.41 -78.31
N ASN QB 83 -69.38 66.16 -77.84
CA ASN QB 83 -69.32 67.59 -78.10
C ASN QB 83 -67.88 68.00 -78.42
N TYR QB 84 -67.74 69.26 -78.81
CA TYR QB 84 -66.46 69.85 -79.21
C TYR QB 84 -65.79 69.01 -80.29
N VAL QB 85 -66.59 68.50 -81.22
CA VAL QB 85 -66.03 67.86 -82.40
C VAL QB 85 -65.47 69.00 -83.23
N PRO QB 86 -64.16 69.06 -83.46
CA PRO QB 86 -63.59 70.23 -84.12
C PRO QB 86 -64.03 70.34 -85.57
N GLU QB 87 -64.10 71.58 -86.05
CA GLU QB 87 -64.46 71.82 -87.44
C GLU QB 87 -63.41 71.26 -88.39
N VAL QB 88 -62.17 71.15 -87.94
CA VAL QB 88 -61.09 70.54 -88.70
C VAL QB 88 -60.54 69.38 -87.89
N SER QB 89 -60.32 68.26 -88.55
CA SER QB 89 -59.86 67.06 -87.86
C SER QB 89 -58.45 67.28 -87.31
N ALA QB 90 -58.12 66.54 -86.27
CA ALA QB 90 -56.76 66.54 -85.76
C ALA QB 90 -55.87 65.59 -86.54
N LEU QB 91 -56.41 64.87 -87.52
CA LEU QB 91 -55.67 63.87 -88.27
C LEU QB 91 -55.61 64.19 -89.76
N ASP QB 92 -55.82 65.45 -90.15
CA ASP QB 92 -55.74 65.85 -91.55
C ASP QB 92 -54.65 66.90 -91.75
N GLN QB 93 -53.48 66.65 -91.16
CA GLN QB 93 -52.36 67.57 -91.30
C GLN QB 93 -51.95 67.69 -92.76
N GLU QB 94 -51.57 68.91 -93.16
CA GLU QB 94 -51.20 69.15 -94.55
C GLU QB 94 -49.97 68.36 -94.93
N ILE QB 95 -49.04 68.17 -94.00
CA ILE QB 95 -47.85 67.36 -94.21
C ILE QB 95 -47.76 66.34 -93.09
N ILE QB 96 -47.12 65.21 -93.39
CA ILE QB 96 -46.86 64.18 -92.39
C ILE QB 96 -45.38 63.86 -92.40
N GLU QB 97 -44.71 64.14 -91.29
CA GLU QB 97 -43.33 63.72 -91.13
C GLU QB 97 -43.25 62.21 -91.07
N VAL QB 98 -42.42 61.61 -91.92
CA VAL QB 98 -42.40 60.17 -92.08
C VAL QB 98 -40.94 59.73 -92.18
N ASP QB 99 -40.66 58.53 -91.67
CA ASP QB 99 -39.30 58.01 -91.65
C ASP QB 99 -38.94 57.39 -93.00
N PRO QB 100 -37.65 57.33 -93.35
CA PRO QB 100 -37.26 56.58 -94.55
C PRO QB 100 -37.65 55.11 -94.51
N ASP QB 101 -37.54 54.45 -93.35
CA ASP QB 101 -37.91 53.05 -93.27
C ASP QB 101 -39.41 52.85 -93.42
N THR QB 102 -40.21 53.70 -92.78
CA THR QB 102 -41.65 53.64 -92.99
C THR QB 102 -42.01 54.00 -94.42
N LYS QB 103 -41.23 54.86 -95.07
CA LYS QB 103 -41.45 55.15 -96.48
C LYS QB 103 -41.21 53.91 -97.33
N GLU QB 104 -40.18 53.14 -97.00
CA GLU QB 104 -39.98 51.84 -97.65
C GLU QB 104 -41.17 50.92 -97.39
N MET QB 105 -41.71 50.96 -96.18
CA MET QB 105 -42.88 50.14 -95.87
C MET QB 105 -44.07 50.54 -96.74
N LEU QB 106 -44.29 51.84 -96.90
CA LEU QB 106 -45.38 52.32 -97.73
C LEU QB 106 -45.20 51.93 -99.19
N LYS QB 107 -43.98 52.04 -99.72
CA LYS QB 107 -43.76 51.64 -101.11
C LYS QB 107 -43.91 50.14 -101.28
N LEU QB 108 -43.61 49.36 -100.22
CA LEU QB 108 -43.94 47.95 -100.26
C LEU QB 108 -45.44 47.74 -100.31
N LEU QB 109 -46.20 48.53 -99.54
CA LEU QB 109 -47.64 48.39 -99.55
C LEU QB 109 -48.28 48.95 -100.81
N ASP QB 110 -47.50 49.66 -101.63
CA ASP QB 110 -47.72 50.34 -102.92
C ASP QB 110 -48.31 51.73 -102.70
N PHE QB 111 -48.63 52.11 -101.46
CA PHE QB 111 -49.17 53.42 -101.15
C PHE QB 111 -48.09 54.43 -100.79
N GLY QB 112 -46.86 54.22 -101.25
CA GLY QB 112 -45.82 55.20 -101.06
C GLY QB 112 -45.92 56.32 -102.06
N SER QB 113 -44.93 57.22 -101.99
CA SER QB 113 -44.80 58.37 -102.89
C SER QB 113 -46.08 59.21 -102.91
N LEU QB 114 -46.67 59.40 -101.73
CA LEU QB 114 -47.81 60.29 -101.59
C LEU QB 114 -47.32 61.72 -101.37
N SER QB 115 -48.10 62.69 -101.87
CA SER QB 115 -47.71 64.08 -101.75
C SER QB 115 -47.74 64.54 -100.30
N ASN QB 116 -48.64 63.99 -99.49
CA ASN QB 116 -48.78 64.43 -98.11
C ASN QB 116 -47.58 64.00 -97.26
N LEU QB 117 -46.91 62.92 -97.65
CA LEU QB 117 -45.79 62.40 -96.87
C LEU QB 117 -44.53 63.21 -97.15
N GLN QB 118 -43.80 63.54 -96.08
CA GLN QB 118 -42.54 64.26 -96.18
C GLN QB 118 -41.52 63.49 -95.35
N VAL QB 119 -40.49 62.97 -96.02
CA VAL QB 119 -39.48 62.17 -95.34
C VAL QB 119 -38.62 63.08 -94.47
N THR QB 120 -38.16 62.55 -93.34
CA THR QB 120 -37.33 63.29 -92.40
C THR QB 120 -35.93 62.69 -92.37
N GLN QB 121 -35.00 63.47 -91.86
CA GLN QB 121 -33.64 63.00 -91.70
C GLN QB 121 -33.59 61.95 -90.61
N PRO QB 122 -33.11 60.74 -90.90
CA PRO QB 122 -33.07 59.70 -89.86
C PRO QB 122 -32.14 60.09 -88.72
N THR QB 123 -32.54 59.72 -87.51
CA THR QB 123 -31.73 60.03 -86.35
C THR QB 123 -30.43 59.25 -86.37
N VAL QB 124 -29.38 59.87 -85.86
CA VAL QB 124 -28.03 59.30 -85.87
C VAL QB 124 -27.53 59.19 -84.44
N GLY QB 125 -26.82 58.11 -84.17
CA GLY QB 125 -26.22 57.90 -82.86
C GLY QB 125 -26.68 56.60 -82.24
N MET QB 126 -27.94 56.25 -82.46
CA MET QB 126 -28.59 55.11 -81.81
C MET QB 126 -28.40 55.18 -80.30
N ASN QB 127 -28.57 56.39 -79.76
CA ASN QB 127 -28.32 56.68 -78.36
C ASN QB 127 -29.55 56.47 -77.49
N PHE QB 128 -30.47 55.61 -77.89
CA PHE QB 128 -31.59 55.25 -77.04
C PHE QB 128 -31.08 54.33 -75.93
N LYS QB 129 -32.02 53.78 -75.15
CA LYS QB 129 -31.75 53.00 -73.94
C LYS QB 129 -31.19 53.90 -72.83
N THR QB 130 -31.47 53.56 -71.63
CA THR QB 130 -30.95 54.29 -70.50
C THR QB 130 -29.74 53.58 -69.93
N PRO QB 131 -28.81 54.31 -69.31
CA PRO QB 131 -27.65 53.66 -68.70
C PRO QB 131 -28.06 52.64 -67.64
N ARG QB 132 -27.34 51.53 -67.59
CA ARG QB 132 -27.75 50.40 -66.79
C ARG QB 132 -27.36 50.58 -65.33
N GLY QB 133 -28.28 50.21 -64.45
CA GLY QB 133 -28.06 50.29 -63.03
C GLY QB 133 -28.10 51.71 -62.52
N PRO QB 134 -27.91 51.90 -61.23
CA PRO QB 134 -27.70 53.25 -60.70
C PRO QB 134 -26.44 53.86 -61.28
N VAL QB 135 -26.50 55.18 -61.52
CA VAL QB 135 -25.44 55.92 -62.21
C VAL QB 135 -25.20 55.33 -63.60
N MET RB 1 -103.40 56.21 3.25
CA MET RB 1 -103.73 56.47 4.64
C MET RB 1 -103.11 55.46 5.60
N ALA RB 2 -103.58 55.44 6.84
CA ALA RB 2 -102.88 54.75 7.92
C ALA RB 2 -102.81 53.25 7.67
N VAL RB 3 -103.94 52.64 7.32
CA VAL RB 3 -103.95 51.20 7.05
C VAL RB 3 -103.23 50.89 5.75
N GLN RB 4 -103.47 51.69 4.72
CA GLN RB 4 -102.85 51.45 3.41
C GLN RB 4 -101.36 51.66 3.49
N ILE RB 5 -100.63 50.90 2.69
CA ILE RB 5 -99.18 51.06 2.57
C ILE RB 5 -98.91 52.01 1.42
N SER RB 6 -97.76 52.68 1.47
CA SER RB 6 -97.40 53.68 0.47
C SER RB 6 -97.32 53.04 -0.92
N LYS RB 7 -97.37 53.89 -1.94
CA LYS RB 7 -97.38 53.40 -3.32
C LYS RB 7 -96.08 52.68 -3.65
N LYS RB 8 -94.95 53.21 -3.18
CA LYS RB 8 -93.66 52.59 -3.47
C LYS RB 8 -93.59 51.18 -2.90
N ARG RB 9 -93.92 51.03 -1.62
CA ARG RB 9 -93.93 49.71 -1.02
C ARG RB 9 -94.98 48.81 -1.65
N LYS RB 10 -96.10 49.39 -2.07
CA LYS RB 10 -97.16 48.59 -2.70
C LYS RB 10 -96.67 47.99 -4.02
N PHE RB 11 -96.03 48.79 -4.86
CA PHE RB 11 -95.54 48.27 -6.13
C PHE RB 11 -94.39 47.30 -5.93
N VAL RB 12 -93.51 47.56 -4.97
CA VAL RB 12 -92.45 46.60 -4.67
C VAL RB 12 -93.04 45.28 -4.20
N ALA RB 13 -94.06 45.33 -3.34
CA ALA RB 13 -94.68 44.11 -2.85
C ALA RB 13 -95.39 43.35 -3.97
N ASP RB 14 -96.02 44.08 -4.88
CA ASP RB 14 -96.67 43.43 -6.02
C ASP RB 14 -95.64 42.70 -6.87
N GLY RB 15 -94.51 43.35 -7.16
CA GLY RB 15 -93.44 42.67 -7.87
C GLY RB 15 -92.91 41.46 -7.11
N ILE RB 16 -92.84 41.56 -5.79
CA ILE RB 16 -92.40 40.44 -4.97
C ILE RB 16 -93.34 39.26 -5.15
N PHE RB 17 -94.64 39.54 -5.11
CA PHE RB 17 -95.63 38.48 -5.32
C PHE RB 17 -95.49 37.84 -6.69
N LYS RB 18 -95.27 38.66 -7.71
CA LYS RB 18 -95.06 38.12 -9.06
C LYS RB 18 -93.86 37.18 -9.08
N ALA RB 19 -92.74 37.60 -8.49
CA ALA RB 19 -91.53 36.80 -8.51
C ALA RB 19 -91.71 35.49 -7.78
N GLU RB 20 -92.30 35.54 -6.58
CA GLU RB 20 -92.48 34.30 -5.81
C GLU RB 20 -93.45 33.36 -6.49
N LEU RB 21 -94.55 33.89 -7.03
CA LEU RB 21 -95.50 33.04 -7.72
C LEU RB 21 -94.88 32.41 -8.95
N ASN RB 22 -94.08 33.18 -9.70
CA ASN RB 22 -93.41 32.62 -10.87
C ASN RB 22 -92.44 31.52 -10.48
N GLU RB 23 -91.67 31.72 -9.42
CA GLU RB 23 -90.71 30.70 -9.02
C GLU RB 23 -91.41 29.43 -8.55
N PHE RB 24 -92.47 29.57 -7.75
CA PHE RB 24 -93.21 28.40 -7.30
C PHE RB 24 -93.82 27.66 -8.48
N LEU RB 25 -94.43 28.39 -9.42
CA LEU RB 25 -95.01 27.74 -10.59
C LEU RB 25 -93.95 27.09 -11.45
N THR RB 26 -92.76 27.70 -11.56
CA THR RB 26 -91.66 27.08 -12.28
C THR RB 26 -91.30 25.74 -11.66
N ARG RB 27 -91.07 25.72 -10.35
CA ARG RB 27 -90.68 24.50 -9.69
C ARG RB 27 -91.77 23.44 -9.77
N GLU RB 28 -93.03 23.84 -9.71
CA GLU RB 28 -94.11 22.87 -9.65
C GLU RB 28 -94.46 22.32 -11.03
N LEU RB 29 -94.62 23.21 -12.01
CA LEU RB 29 -95.04 22.83 -13.35
C LEU RB 29 -93.88 22.76 -14.33
N ALA RB 30 -92.65 22.60 -13.84
CA ALA RB 30 -91.50 22.53 -14.73
C ALA RB 30 -91.61 21.36 -15.70
N GLU RB 31 -92.09 20.22 -15.22
CA GLU RB 31 -92.18 19.04 -16.07
C GLU RB 31 -93.36 19.09 -17.04
N ASP RB 32 -94.13 20.17 -17.03
CA ASP RB 32 -95.21 20.36 -18.01
C ASP RB 32 -94.92 21.50 -18.97
N GLY RB 33 -93.68 21.96 -19.04
CA GLY RB 33 -93.34 23.05 -19.93
C GLY RB 33 -93.99 24.36 -19.56
N TYR RB 34 -93.97 24.71 -18.29
CA TYR RB 34 -94.51 25.99 -17.85
C TYR RB 34 -93.71 27.13 -18.44
N SER RB 35 -94.35 27.95 -19.26
CA SER RB 35 -93.63 29.05 -19.91
C SER RB 35 -93.56 30.26 -19.00
N GLY RB 36 -94.68 30.71 -18.47
CA GLY RB 36 -94.64 31.90 -17.63
C GLY RB 36 -95.98 32.15 -16.98
N VAL RB 37 -96.04 33.24 -16.21
CA VAL RB 37 -97.24 33.64 -15.50
C VAL RB 37 -97.54 35.09 -15.83
N GLU RB 38 -98.80 35.38 -16.14
CA GLU RB 38 -99.27 36.74 -16.36
C GLU RB 38 -100.41 37.03 -15.39
N VAL RB 39 -100.28 38.10 -14.62
CA VAL RB 39 -101.20 38.39 -13.53
C VAL RB 39 -101.90 39.70 -13.82
N ARG RB 40 -103.23 39.65 -13.95
CA ARG RB 40 -104.08 40.82 -14.08
C ARG RB 40 -104.71 41.09 -12.72
N VAL RB 41 -104.36 42.21 -12.11
CA VAL RB 41 -104.83 42.55 -10.77
C VAL RB 41 -105.83 43.67 -10.87
N THR RB 42 -107.02 43.43 -10.35
CA THR RB 42 -108.04 44.44 -10.14
C THR RB 42 -108.23 44.62 -8.63
N PRO RB 43 -108.70 45.78 -8.19
CA PRO RB 43 -108.90 45.97 -6.74
C PRO RB 43 -109.90 45.02 -6.13
N THR RB 44 -110.79 44.43 -6.93
CA THR RB 44 -111.76 43.48 -6.39
C THR RB 44 -111.19 42.07 -6.32
N ARG RB 45 -110.68 41.55 -7.43
CA ARG RB 45 -110.18 40.19 -7.49
C ARG RB 45 -108.86 40.15 -8.23
N THR RB 46 -108.21 38.99 -8.19
CA THR RB 46 -106.95 38.77 -8.88
C THR RB 46 -107.11 37.61 -9.85
N GLU RB 47 -106.72 37.86 -11.10
CA GLU RB 47 -106.78 36.88 -12.17
C GLU RB 47 -105.36 36.53 -12.57
N ILE RB 48 -105.02 35.25 -12.56
CA ILE RB 48 -103.67 34.85 -12.96
C ILE RB 48 -103.78 33.79 -14.05
N ILE RB 49 -102.87 33.88 -15.01
CA ILE RB 49 -102.87 33.04 -16.20
C ILE RB 49 -101.53 32.33 -16.24
N ILE RB 50 -101.56 31.00 -16.25
CA ILE RB 50 -100.37 30.18 -16.43
C ILE RB 50 -100.25 29.91 -17.92
N LEU RB 51 -99.30 30.56 -18.57
CA LEU RB 51 -98.97 30.27 -19.95
C LEU RB 51 -98.09 29.04 -19.95
N ALA RB 52 -98.60 27.94 -20.48
CA ALA RB 52 -97.88 26.67 -20.49
C ALA RB 52 -97.97 26.03 -21.86
N THR RB 53 -97.09 25.06 -22.08
CA THR RB 53 -97.10 24.33 -23.34
C THR RB 53 -98.22 23.29 -23.38
N ARG RB 54 -98.53 22.66 -22.25
CA ARG RB 54 -99.51 21.58 -22.18
C ARG RB 54 -100.56 21.93 -21.14
N THR RB 55 -101.63 22.59 -21.59
CA THR RB 55 -102.75 22.89 -20.68
C THR RB 55 -103.40 21.62 -20.17
N GLN RB 56 -103.53 20.60 -21.04
CA GLN RB 56 -104.15 19.35 -20.65
C GLN RB 56 -103.38 18.66 -19.53
N ASN RB 57 -102.11 19.02 -19.34
CA ASN RB 57 -101.32 18.49 -18.24
C ASN RB 57 -101.32 19.41 -17.03
N VAL RB 58 -101.28 20.73 -17.23
CA VAL RB 58 -101.26 21.61 -16.08
C VAL RB 58 -102.58 21.57 -15.33
N LEU RB 59 -103.68 21.27 -16.03
CA LEU RB 59 -104.95 21.02 -15.35
C LEU RB 59 -105.15 19.51 -15.30
N GLY RB 60 -105.41 18.98 -14.12
CA GLY RB 60 -105.42 17.54 -13.92
C GLY RB 60 -106.74 16.89 -14.33
N GLU RB 61 -107.01 15.72 -13.76
CA GLU RB 61 -108.30 15.08 -13.99
C GLU RB 61 -109.43 15.96 -13.47
N LYS RB 62 -110.31 16.37 -14.37
CA LYS RB 62 -111.44 17.26 -14.05
C LYS RB 62 -110.95 18.58 -13.46
N GLY RB 63 -109.76 19.02 -13.85
CA GLY RB 63 -109.22 20.26 -13.32
C GLY RB 63 -108.74 20.17 -11.88
N ARG RB 64 -108.42 18.96 -11.42
CA ARG RB 64 -108.01 18.78 -10.04
C ARG RB 64 -106.74 19.56 -9.73
N ARG RB 65 -105.75 19.47 -10.62
CA ARG RB 65 -104.48 20.13 -10.35
C ARG RB 65 -104.62 21.65 -10.33
N ILE RB 66 -105.42 22.20 -11.25
CA ILE RB 66 -105.54 23.66 -11.31
C ILE RB 66 -106.31 24.17 -10.10
N ARG RB 67 -107.37 23.47 -9.67
CA ARG RB 67 -108.06 23.95 -8.47
C ARG RB 67 -107.22 23.72 -7.21
N GLU RB 68 -106.40 22.67 -7.21
CA GLU RB 68 -105.47 22.46 -6.11
C GLU RB 68 -104.46 23.60 -6.02
N LEU RB 69 -103.93 24.02 -7.16
CA LEU RB 69 -103.04 25.18 -7.19
C LEU RB 69 -103.75 26.44 -6.74
N THR RB 70 -105.02 26.60 -7.12
CA THR RB 70 -105.77 27.77 -6.68
C THR RB 70 -105.90 27.80 -5.17
N ALA RB 71 -106.19 26.66 -4.56
CA ALA RB 71 -106.21 26.58 -3.10
C ALA RB 71 -104.85 26.90 -2.50
N VAL RB 72 -103.79 26.39 -3.11
CA VAL RB 72 -102.43 26.62 -2.60
C VAL RB 72 -102.09 28.10 -2.62
N VAL RB 73 -102.38 28.77 -3.72
CA VAL RB 73 -102.04 30.18 -3.83
C VAL RB 73 -102.97 31.06 -3.02
N GLN RB 74 -104.17 30.57 -2.69
CA GLN RB 74 -104.96 31.24 -1.67
C GLN RB 74 -104.26 31.17 -0.33
N LYS RB 75 -103.85 29.97 0.08
CA LYS RB 75 -103.33 29.78 1.43
C LYS RB 75 -102.02 30.53 1.63
N ARG RB 76 -101.11 30.48 0.66
CA ARG RB 76 -99.81 31.12 0.85
C ARG RB 76 -99.95 32.64 0.97
N PHE RB 77 -100.62 33.27 0.03
CA PHE RB 77 -100.64 34.72 -0.08
C PHE RB 77 -101.81 35.34 0.67
N GLY RB 78 -102.60 34.54 1.38
CA GLY RB 78 -103.64 35.11 2.20
C GLY RB 78 -104.79 35.70 1.41
N PHE RB 79 -104.95 35.28 0.16
CA PHE RB 79 -106.06 35.77 -0.64
C PHE RB 79 -107.38 35.27 -0.05
N PRO RB 80 -108.39 36.13 0.06
CA PRO RB 80 -109.69 35.69 0.56
C PRO RB 80 -110.32 34.66 -0.38
N GLU RB 81 -111.17 33.82 0.19
CA GLU RB 81 -111.78 32.74 -0.58
C GLU RB 81 -112.59 33.31 -1.74
N GLY RB 82 -112.41 32.71 -2.92
CA GLY RB 82 -113.16 33.14 -4.08
C GLY RB 82 -112.78 34.48 -4.64
N SER RB 83 -111.56 34.95 -4.37
CA SER RB 83 -111.11 36.25 -4.86
C SER RB 83 -109.96 36.13 -5.85
N VAL RB 84 -109.57 34.91 -6.22
CA VAL RB 84 -108.49 34.69 -7.18
C VAL RB 84 -108.90 33.58 -8.13
N GLU RB 85 -108.57 33.75 -9.40
CA GLU RB 85 -108.92 32.78 -10.43
C GLU RB 85 -107.69 32.38 -11.24
N LEU RB 86 -107.46 31.08 -11.34
CA LEU RB 86 -106.34 30.54 -12.08
C LEU RB 86 -106.83 30.04 -13.43
N TYR RB 87 -106.25 30.56 -14.50
CA TYR RB 87 -106.54 30.10 -15.85
C TYR RB 87 -105.28 29.50 -16.45
N ALA RB 88 -105.45 28.57 -17.38
CA ALA RB 88 -104.33 27.94 -18.07
C ALA RB 88 -104.46 28.22 -19.55
N GLU RB 89 -103.43 28.79 -20.16
CA GLU RB 89 -103.47 29.15 -21.56
C GLU RB 89 -102.29 28.55 -22.30
N LYS RB 90 -102.59 27.97 -23.46
CA LYS RB 90 -101.55 27.39 -24.30
C LYS RB 90 -100.69 28.49 -24.91
N VAL RB 91 -99.38 28.29 -24.83
CA VAL RB 91 -98.45 29.28 -25.39
C VAL RB 91 -98.48 29.18 -26.91
N ALA RB 92 -98.63 30.31 -27.57
CA ALA RB 92 -98.50 30.36 -29.02
C ALA RB 92 -97.03 30.23 -29.40
N THR RB 93 -96.78 29.58 -30.54
CA THR RB 93 -95.46 29.32 -31.12
C THR RB 93 -94.43 28.95 -30.06
N ARG RB 94 -94.64 27.80 -29.41
CA ARG RB 94 -93.78 27.39 -28.30
C ARG RB 94 -92.32 27.28 -28.70
N GLY RB 95 -92.04 27.05 -29.98
CA GLY RB 95 -90.66 27.03 -30.44
C GLY RB 95 -89.93 28.34 -30.25
N LEU RB 96 -90.67 29.44 -30.13
CA LEU RB 96 -90.10 30.75 -29.88
C LEU RB 96 -90.00 31.09 -28.40
N CYS RB 97 -90.44 30.20 -27.52
CA CYS RB 97 -90.36 30.42 -26.09
C CYS RB 97 -89.03 29.89 -25.57
N ALA RB 98 -88.21 30.79 -25.04
CA ALA RB 98 -86.88 30.39 -24.58
C ALA RB 98 -86.96 29.43 -23.41
N ILE RB 99 -87.93 29.63 -22.51
CA ILE RB 99 -88.04 28.77 -21.34
C ILE RB 99 -88.48 27.38 -21.73
N ALA RB 100 -89.43 27.27 -22.67
CA ALA RB 100 -89.96 25.96 -23.05
C ALA RB 100 -88.89 25.12 -23.72
N GLN RB 101 -88.11 25.72 -24.62
CA GLN RB 101 -87.06 24.98 -25.30
C GLN RB 101 -85.97 24.55 -24.34
N ALA RB 102 -85.63 25.42 -23.39
CA ALA RB 102 -84.67 25.03 -22.35
C ALA RB 102 -85.18 23.88 -21.52
N GLU RB 103 -86.48 23.87 -21.21
CA GLU RB 103 -87.03 22.77 -20.43
C GLU RB 103 -87.01 21.48 -21.22
N SER RB 104 -87.36 21.53 -22.51
CA SER RB 104 -87.30 20.32 -23.33
C SER RB 104 -85.87 19.81 -23.46
N LEU RB 105 -84.92 20.73 -23.56
CA LEU RB 105 -83.51 20.34 -23.59
C LEU RB 105 -83.10 19.65 -22.29
N ARG RB 106 -83.55 20.19 -21.14
CA ARG RB 106 -83.26 19.55 -19.87
C ARG RB 106 -83.87 18.16 -19.80
N TYR RB 107 -85.10 18.01 -20.28
CA TYR RB 107 -85.75 16.70 -20.27
C TYR RB 107 -84.98 15.71 -21.13
N LYS RB 108 -84.52 16.14 -22.31
CA LYS RB 108 -83.75 15.25 -23.17
C LYS RB 108 -82.44 14.84 -22.52
N LEU RB 109 -81.71 15.80 -21.95
CA LEU RB 109 -80.43 15.45 -21.34
C LEU RB 109 -80.60 14.59 -20.10
N LEU RB 110 -81.69 14.79 -19.36
CA LEU RB 110 -81.99 13.89 -18.25
C LEU RB 110 -82.30 12.49 -18.76
N GLY RB 111 -83.01 12.40 -19.88
CA GLY RB 111 -83.25 11.09 -20.49
C GLY RB 111 -81.95 10.41 -20.89
N GLY RB 112 -80.96 11.18 -21.29
CA GLY RB 112 -79.65 10.62 -21.54
C GLY RB 112 -79.24 10.70 -23.00
N LEU RB 113 -79.90 11.58 -23.75
CA LEU RB 113 -79.52 11.79 -25.13
C LEU RB 113 -78.20 12.53 -25.21
N ALA RB 114 -77.46 12.27 -26.28
CA ALA RB 114 -76.22 13.01 -26.51
C ALA RB 114 -76.53 14.48 -26.68
N VAL RB 115 -75.71 15.33 -26.06
CA VAL RB 115 -76.00 16.76 -26.05
C VAL RB 115 -75.98 17.33 -27.45
N ARG RB 116 -75.12 16.80 -28.33
CA ARG RB 116 -75.10 17.28 -29.70
C ARG RB 116 -76.42 17.00 -30.40
N ARG RB 117 -76.94 15.78 -30.24
CA ARG RB 117 -78.23 15.43 -30.82
C ARG RB 117 -79.35 16.32 -30.28
N ALA RB 118 -79.42 16.44 -28.95
CA ALA RB 118 -80.51 17.20 -28.34
C ALA RB 118 -80.44 18.66 -28.72
N CYS RB 119 -79.24 19.25 -28.65
CA CYS RB 119 -79.09 20.66 -28.96
C CYS RB 119 -79.38 20.93 -30.43
N TYR RB 120 -78.94 20.05 -31.33
CA TYR RB 120 -79.21 20.27 -32.74
C TYR RB 120 -80.69 20.11 -33.04
N GLY RB 121 -81.37 19.19 -32.36
CA GLY RB 121 -82.80 19.08 -32.52
C GLY RB 121 -83.53 20.33 -32.06
N VAL RB 122 -83.08 20.91 -30.94
CA VAL RB 122 -83.67 22.15 -30.46
C VAL RB 122 -83.43 23.29 -31.43
N LEU RB 123 -82.21 23.39 -31.97
CA LEU RB 123 -81.90 24.38 -33.00
C LEU RB 123 -82.84 24.23 -34.19
N ARG RB 124 -83.01 23.01 -34.68
CA ARG RB 124 -83.87 22.78 -35.84
C ARG RB 124 -85.32 23.15 -35.53
N PHE RB 125 -85.79 22.81 -34.33
CA PHE RB 125 -87.17 23.14 -33.97
C PHE RB 125 -87.37 24.65 -33.90
N ILE RB 126 -86.41 25.37 -33.32
CA ILE RB 126 -86.54 26.82 -33.22
C ILE RB 126 -86.56 27.46 -34.60
N MET RB 127 -85.63 27.06 -35.46
CA MET RB 127 -85.59 27.65 -36.79
C MET RB 127 -86.78 27.24 -37.64
N GLU RB 128 -87.32 26.04 -37.41
CA GLU RB 128 -88.50 25.59 -38.14
C GLU RB 128 -89.74 26.36 -37.69
N SER RB 129 -89.84 26.65 -36.39
CA SER RB 129 -90.92 27.51 -35.90
C SER RB 129 -90.71 28.96 -36.29
N GLY RB 130 -89.51 29.33 -36.71
CA GLY RB 130 -89.32 30.61 -37.37
C GLY RB 130 -88.76 31.70 -36.49
N ALA RB 131 -87.45 31.92 -36.59
CA ALA RB 131 -86.79 32.95 -35.82
C ALA RB 131 -85.64 33.50 -36.64
N LYS RB 132 -85.23 34.73 -36.32
CA LYS RB 132 -84.06 35.29 -36.99
C LYS RB 132 -82.80 34.53 -36.62
N GLY RB 133 -82.74 34.00 -35.41
CA GLY RB 133 -81.60 33.20 -35.01
C GLY RB 133 -81.79 32.67 -33.62
N CYS RB 134 -80.89 31.78 -33.22
CA CYS RB 134 -80.89 31.30 -31.86
C CYS RB 134 -79.52 30.74 -31.51
N GLU RB 135 -79.35 30.48 -30.22
CA GLU RB 135 -78.03 30.21 -29.65
C GLU RB 135 -78.25 29.47 -28.34
N VAL RB 136 -77.69 28.28 -28.22
CA VAL RB 136 -77.78 27.50 -26.98
C VAL RB 136 -76.38 27.17 -26.51
N VAL RB 137 -76.21 27.16 -25.19
CA VAL RB 137 -74.95 26.78 -24.56
C VAL RB 137 -75.25 25.72 -23.51
N VAL RB 138 -74.48 24.64 -23.54
CA VAL RB 138 -74.53 23.63 -22.51
C VAL RB 138 -73.16 23.58 -21.86
N SER RB 139 -73.09 23.89 -20.57
CA SER RB 139 -71.83 23.99 -19.89
C SER RB 139 -71.84 23.12 -18.65
N GLY RB 140 -70.79 22.36 -18.43
CA GLY RB 140 -70.71 21.54 -17.24
C GLY RB 140 -69.86 20.31 -17.49
N LYS RB 141 -70.05 19.31 -16.64
CA LYS RB 141 -69.23 18.11 -16.67
C LYS RB 141 -70.08 16.91 -17.05
N LEU RB 142 -69.58 16.13 -18.01
CA LEU RB 142 -70.19 14.87 -18.41
C LEU RB 142 -69.08 13.84 -18.52
N ARG RB 143 -69.08 12.87 -17.61
CA ARG RB 143 -68.17 11.73 -17.56
C ARG RB 143 -66.73 12.10 -17.22
N GLY RB 144 -66.42 13.39 -17.07
CA GLY RB 144 -65.06 13.79 -16.79
C GLY RB 144 -65.03 14.87 -15.74
N GLN RB 145 -63.90 14.98 -15.05
CA GLN RB 145 -63.74 16.02 -14.06
C GLN RB 145 -63.74 17.39 -14.71
N ARG RB 146 -62.92 17.57 -15.74
CA ARG RB 146 -62.85 18.86 -16.40
C ARG RB 146 -64.17 19.16 -17.09
N ALA RB 147 -64.69 20.35 -16.83
CA ALA RB 147 -65.96 20.78 -17.42
C ALA RB 147 -65.72 21.40 -18.78
N LYS RB 148 -66.68 21.21 -19.66
CA LYS RB 148 -66.64 21.75 -21.00
C LYS RB 148 -67.92 22.50 -21.27
N SER RB 149 -67.84 23.51 -22.14
CA SER RB 149 -69.02 24.21 -22.63
C SER RB 149 -69.09 24.05 -24.14
N MET RB 150 -70.27 23.70 -24.63
CA MET RB 150 -70.51 23.54 -26.05
C MET RB 150 -71.58 24.52 -26.47
N LYS RB 151 -71.33 25.22 -27.57
CA LYS RB 151 -72.18 26.32 -28.02
C LYS RB 151 -72.67 26.02 -29.43
N PHE RB 152 -73.95 26.25 -29.67
CA PHE RB 152 -74.58 25.97 -30.95
C PHE RB 152 -75.37 27.20 -31.37
N VAL RB 153 -75.03 27.76 -32.53
CA VAL RB 153 -75.62 29.00 -33.00
C VAL RB 153 -76.18 28.79 -34.39
N ASP RB 154 -77.15 29.61 -34.76
CA ASP RB 154 -77.47 29.82 -36.17
C ASP RB 154 -78.28 31.10 -36.30
N GLY RB 155 -78.26 31.66 -37.51
CA GLY RB 155 -79.00 32.87 -37.79
C GLY RB 155 -78.38 34.09 -37.13
N LEU RB 156 -79.11 35.20 -37.25
CA LEU RB 156 -78.71 36.45 -36.63
C LEU RB 156 -78.93 36.40 -35.13
N MET RB 157 -78.09 37.14 -34.40
CA MET RB 157 -78.24 37.23 -32.95
C MET RB 157 -77.59 38.53 -32.49
N ILE RB 158 -78.39 39.43 -31.99
CA ILE RB 158 -77.88 40.71 -31.49
C ILE RB 158 -77.67 40.60 -29.99
N HIS RB 159 -76.72 41.38 -29.49
CA HIS RB 159 -76.29 41.28 -28.11
C HIS RB 159 -76.39 42.59 -27.35
N SER RB 160 -76.13 43.72 -28.01
CA SER RB 160 -75.93 44.99 -27.34
C SER RB 160 -77.11 45.92 -27.54
N GLY RB 161 -77.16 46.94 -26.69
CA GLY RB 161 -78.12 48.01 -26.84
C GLY RB 161 -79.49 47.67 -26.33
N ASP RB 162 -80.37 48.67 -26.37
CA ASP RB 162 -81.76 48.46 -25.98
C ASP RB 162 -82.49 47.36 -26.75
N PRO RB 163 -82.35 47.21 -28.08
CA PRO RB 163 -83.24 46.27 -28.79
C PRO RB 163 -83.16 44.84 -28.32
N VAL RB 164 -82.08 44.43 -27.66
CA VAL RB 164 -81.95 43.06 -27.20
C VAL RB 164 -83.03 42.70 -26.20
N ASN RB 165 -83.51 43.69 -25.42
CA ASN RB 165 -84.45 43.42 -24.33
C ASN RB 165 -85.75 42.87 -24.86
N TYR RB 166 -86.25 43.41 -25.97
CA TYR RB 166 -87.49 42.94 -26.55
C TYR RB 166 -87.29 42.23 -27.89
N TYR RB 167 -86.05 41.93 -28.28
CA TYR RB 167 -85.82 41.07 -29.42
C TYR RB 167 -85.33 39.68 -29.06
N VAL RB 168 -84.64 39.51 -27.93
CA VAL RB 168 -84.04 38.24 -27.59
C VAL RB 168 -84.73 37.69 -26.38
N ASP RB 169 -85.22 36.45 -26.48
CA ASP RB 169 -85.80 35.72 -25.37
C ASP RB 169 -84.71 34.83 -24.78
N THR RB 170 -84.47 34.96 -23.48
CA THR RB 170 -83.41 34.23 -22.82
C THR RB 170 -83.97 33.33 -21.74
N ALA RB 171 -83.27 32.21 -21.50
CA ALA RB 171 -83.64 31.29 -20.44
C ALA RB 171 -82.39 30.59 -19.95
N VAL RB 172 -82.33 30.37 -18.64
CA VAL RB 172 -81.21 29.68 -18.01
C VAL RB 172 -81.79 28.60 -17.10
N ARG RB 173 -81.35 27.36 -17.30
CA ARG RB 173 -81.79 26.25 -16.49
C ARG RB 173 -80.59 25.50 -15.92
N HIS RB 174 -80.84 24.84 -14.80
CA HIS RB 174 -79.89 23.91 -14.21
C HIS RB 174 -80.41 22.49 -14.40
N VAL RB 175 -79.54 21.57 -14.79
CA VAL RB 175 -79.89 20.17 -14.95
C VAL RB 175 -79.04 19.38 -13.96
N LEU RB 176 -79.70 18.62 -13.10
CA LEU RB 176 -79.02 17.91 -12.01
C LEU RB 176 -78.69 16.49 -12.47
N LEU RB 177 -77.42 16.27 -12.80
CA LEU RB 177 -76.95 14.96 -13.22
C LEU RB 177 -76.24 14.29 -12.06
N ARG RB 178 -76.04 12.97 -12.17
CA ARG RB 178 -75.33 12.25 -11.13
C ARG RB 178 -73.93 12.79 -10.93
N GLN RB 179 -73.30 13.28 -12.00
CA GLN RB 179 -71.96 13.83 -11.90
C GLN RB 179 -71.94 15.26 -11.39
N GLY RB 180 -73.08 15.94 -11.34
CA GLY RB 180 -73.10 17.31 -10.89
C GLY RB 180 -74.20 18.15 -11.50
N VAL RB 181 -73.83 19.31 -12.05
CA VAL RB 181 -74.79 20.27 -12.59
C VAL RB 181 -74.39 20.63 -14.00
N LEU RB 182 -75.38 20.74 -14.88
CA LEU RB 182 -75.18 21.14 -16.26
C LEU RB 182 -76.05 22.35 -16.53
N GLY RB 183 -75.43 23.48 -16.90
CA GLY RB 183 -76.16 24.70 -17.14
C GLY RB 183 -76.55 24.81 -18.60
N ILE RB 184 -77.80 25.19 -18.84
CA ILE RB 184 -78.36 25.38 -20.17
C ILE RB 184 -78.73 26.84 -20.33
N LYS RB 185 -78.23 27.47 -21.38
CA LYS RB 185 -78.58 28.85 -21.70
C LYS RB 185 -79.15 28.89 -23.10
N VAL RB 186 -80.30 29.53 -23.27
CA VAL RB 186 -81.01 29.57 -24.54
C VAL RB 186 -81.34 31.03 -24.86
N LYS RB 187 -80.97 31.48 -26.06
CA LYS RB 187 -81.28 32.82 -26.54
C LYS RB 187 -81.92 32.69 -27.92
N ILE RB 188 -83.09 33.30 -28.10
CA ILE RB 188 -83.84 33.21 -29.34
C ILE RB 188 -84.14 34.63 -29.81
N MET RB 189 -83.61 35.00 -30.97
CA MET RB 189 -83.92 36.29 -31.57
C MET RB 189 -85.25 36.18 -32.30
N LEU RB 190 -86.27 36.85 -31.77
CA LEU RB 190 -87.61 36.72 -32.30
C LEU RB 190 -87.69 37.37 -33.69
N PRO RB 191 -88.56 36.85 -34.56
CA PRO RB 191 -88.74 37.49 -35.86
C PRO RB 191 -89.63 38.72 -35.74
N TRP RB 192 -89.32 39.74 -36.52
CA TRP RB 192 -90.12 40.95 -36.49
C TRP RB 192 -91.53 40.67 -36.97
N ASP RB 193 -92.51 41.15 -36.23
CA ASP RB 193 -93.90 40.89 -36.56
C ASP RB 193 -94.71 42.17 -36.48
N PRO RB 194 -95.29 42.62 -37.59
CA PRO RB 194 -96.16 43.81 -37.53
C PRO RB 194 -97.37 43.65 -36.64
N THR RB 195 -97.94 42.44 -36.52
CA THR RB 195 -99.07 42.26 -35.62
C THR RB 195 -98.62 41.99 -34.19
N GLY RB 196 -97.38 41.55 -33.98
CA GLY RB 196 -96.78 41.54 -32.67
C GLY RB 196 -97.18 40.40 -31.75
N LYS RB 197 -98.04 39.48 -32.20
CA LYS RB 197 -98.44 38.40 -31.31
C LYS RB 197 -97.38 37.33 -31.18
N ILE RB 198 -96.59 37.09 -32.23
CA ILE RB 198 -95.52 36.10 -32.19
C ILE RB 198 -94.15 36.74 -32.31
N GLY RB 199 -94.07 38.06 -32.43
CA GLY RB 199 -92.81 38.75 -32.52
C GLY RB 199 -92.90 40.16 -31.97
N PRO RB 200 -91.76 40.84 -31.91
CA PRO RB 200 -91.76 42.23 -31.45
C PRO RB 200 -92.49 43.14 -32.42
N LYS RB 201 -93.02 44.23 -31.87
CA LYS RB 201 -93.79 45.17 -32.68
C LYS RB 201 -92.86 46.13 -33.42
N LYS RB 202 -91.95 46.76 -32.70
CA LYS RB 202 -91.08 47.76 -33.31
C LYS RB 202 -90.09 47.09 -34.26
N PRO RB 203 -89.71 47.76 -35.33
CA PRO RB 203 -88.64 47.25 -36.20
C PRO RB 203 -87.28 47.61 -35.62
N LEU RB 204 -86.26 46.91 -36.12
CA LEU RB 204 -84.90 47.16 -35.68
C LEU RB 204 -84.54 48.62 -35.93
N PRO RB 205 -83.96 49.32 -34.95
CA PRO RB 205 -83.69 50.75 -35.14
C PRO RB 205 -82.75 51.04 -36.29
N ASP RB 206 -81.79 50.17 -36.55
CA ASP RB 206 -80.84 50.37 -37.64
C ASP RB 206 -81.37 49.85 -38.97
N HIS RB 207 -82.57 49.29 -38.99
CA HIS RB 207 -83.16 48.77 -40.22
C HIS RB 207 -83.92 49.89 -40.92
N VAL RB 208 -83.47 50.26 -42.11
CA VAL RB 208 -84.14 51.25 -42.94
C VAL RB 208 -84.58 50.56 -44.22
N SER RB 209 -85.86 50.67 -44.54
CA SER RB 209 -86.42 50.08 -45.74
C SER RB 209 -87.13 51.16 -46.55
N ILE RB 210 -86.94 51.11 -47.86
CA ILE RB 210 -87.40 52.15 -48.75
C ILE RB 210 -88.43 51.56 -49.71
N VAL RB 211 -89.60 52.19 -49.76
CA VAL RB 211 -90.62 51.77 -50.71
C VAL RB 211 -90.18 52.11 -52.12
N GLU RB 212 -90.37 51.18 -53.05
CA GLU RB 212 -90.01 51.44 -54.42
C GLU RB 212 -91.05 52.36 -55.07
N PRO RB 213 -90.62 53.28 -55.93
CA PRO RB 213 -91.58 54.18 -56.57
C PRO RB 213 -92.49 53.44 -57.53
N LYS RB 214 -93.65 54.04 -57.78
CA LYS RB 214 -94.63 53.43 -58.68
C LYS RB 214 -94.15 53.37 -60.11
N ASP RB 215 -93.18 54.22 -60.49
CA ASP RB 215 -92.68 54.39 -61.85
C ASP RB 215 -93.78 54.79 -62.83
N GLU RB 216 -94.93 55.25 -62.35
CA GLU RB 216 -96.01 55.72 -63.22
C GLU RB 216 -95.87 57.23 -63.43
N ILE RB 217 -94.72 57.62 -63.98
CA ILE RB 217 -94.41 59.02 -64.19
C ILE RB 217 -95.34 59.62 -65.24
N LEU RB 218 -95.23 59.14 -66.47
CA LEU RB 218 -96.04 59.60 -67.60
C LEU RB 218 -95.99 61.11 -67.80
N PRO RB 219 -94.80 61.67 -68.06
CA PRO RB 219 -94.71 63.14 -68.27
C PRO RB 219 -94.90 63.51 -69.73
N THR RB 220 -96.12 63.34 -70.22
CA THR RB 220 -96.45 63.55 -71.62
C THR RB 220 -96.91 64.99 -71.85
N THR RB 221 -97.51 65.23 -73.01
CA THR RB 221 -98.01 66.56 -73.34
C THR RB 221 -99.11 66.97 -72.37
N PRO RB 222 -99.21 68.25 -72.03
CA PRO RB 222 -100.23 68.68 -71.07
C PRO RB 222 -101.64 68.42 -71.56
N ILE RB 223 -102.49 67.98 -70.64
CA ILE RB 223 -103.91 67.71 -70.92
C ILE RB 223 -104.72 68.11 -69.69
N SER RB 224 -106.00 68.37 -69.93
CA SER RB 224 -106.95 68.68 -68.86
C SER RB 224 -108.09 67.66 -68.90
N GLU RB 225 -108.37 67.04 -67.75
CA GLU RB 225 -109.41 66.04 -67.63
C GLU RB 225 -110.50 66.56 -66.71
N GLN RB 226 -111.72 66.66 -67.22
CA GLN RB 226 -112.84 67.24 -66.50
C GLN RB 226 -113.55 66.19 -65.67
N LYS RB 227 -113.93 66.55 -64.45
CA LYS RB 227 -114.71 65.67 -63.59
C LYS RB 227 -115.49 66.50 -62.58
N ASP SB 1 -64.05 104.26 -18.84
CA ASP SB 1 -65.50 104.19 -18.94
C ASP SB 1 -66.05 102.91 -18.29
N ILE SB 2 -65.31 101.82 -18.47
CA ILE SB 2 -65.77 100.52 -17.97
C ILE SB 2 -65.76 100.49 -16.45
N LYS SB 3 -64.76 101.12 -15.83
CA LYS SB 3 -64.65 101.26 -14.37
C LYS SB 3 -64.61 99.90 -13.67
N LEU SB 4 -63.49 99.22 -13.90
CA LEU SB 4 -63.19 98.01 -13.14
C LEU SB 4 -63.13 98.32 -11.65
N PHE SB 5 -64.01 97.69 -10.87
CA PHE SB 5 -64.20 98.00 -9.46
C PHE SB 5 -64.66 99.43 -9.25
N GLY SB 6 -65.41 99.98 -10.22
CA GLY SB 6 -65.89 101.33 -10.13
C GLY SB 6 -64.87 102.41 -10.41
N LYS SB 7 -63.66 102.03 -10.78
CA LYS SB 7 -62.56 102.99 -10.96
C LYS SB 7 -61.53 102.35 -11.87
N TRP SB 8 -60.32 102.92 -11.89
CA TRP SB 8 -59.16 102.32 -12.56
C TRP SB 8 -59.45 102.08 -14.04
N SER SB 9 -59.58 103.20 -14.75
CA SER SB 9 -59.91 103.19 -16.17
C SER SB 9 -58.93 102.33 -16.95
N THR SB 10 -59.45 101.66 -17.99
CA THR SB 10 -58.66 100.74 -18.79
C THR SB 10 -58.02 101.38 -20.00
N ASP SB 11 -58.60 102.46 -20.50
CA ASP SB 11 -58.18 103.05 -21.76
C ASP SB 11 -56.83 103.73 -21.70
N ASP SB 12 -56.25 103.92 -20.51
CA ASP SB 12 -54.95 104.54 -20.37
C ASP SB 12 -53.81 103.52 -20.32
N VAL SB 13 -54.12 102.23 -20.38
CA VAL SB 13 -53.11 101.19 -20.24
C VAL SB 13 -52.71 100.70 -21.63
N GLN SB 14 -51.42 100.71 -21.91
CA GLN SB 14 -50.90 100.24 -23.19
C GLN SB 14 -49.98 99.04 -22.96
N ILE SB 15 -50.04 98.09 -23.88
CA ILE SB 15 -49.13 96.95 -23.89
C ILE SB 15 -48.00 97.32 -24.83
N ASN SB 16 -46.82 97.60 -24.27
CA ASN SB 16 -45.77 98.21 -25.07
C ASN SB 16 -45.09 97.22 -26.02
N ASP SB 17 -45.23 95.92 -25.76
CA ASP SB 17 -44.58 94.91 -26.58
C ASP SB 17 -45.61 94.21 -27.47
N ILE SB 18 -45.35 94.23 -28.77
CA ILE SB 18 -46.24 93.58 -29.74
C ILE SB 18 -46.26 92.07 -29.50
N SER SB 19 -45.18 91.53 -28.94
CA SER SB 19 -45.11 90.09 -28.69
C SER SB 19 -46.18 89.64 -27.70
N LEU SB 20 -46.64 90.55 -26.85
CA LEU SB 20 -47.69 90.24 -25.89
C LEU SB 20 -48.95 91.06 -26.12
N GLN SB 21 -48.97 91.91 -27.15
CA GLN SB 21 -50.11 92.79 -27.37
C GLN SB 21 -51.41 92.02 -27.57
N ASP SB 22 -51.38 90.95 -28.36
CA ASP SB 22 -52.59 90.22 -28.70
C ASP SB 22 -52.87 89.05 -27.77
N TYR SB 23 -52.35 89.08 -26.54
CA TYR SB 23 -52.71 88.06 -25.57
C TYR SB 23 -53.14 88.68 -24.26
N ILE SB 24 -52.59 89.85 -23.94
CA ILE SB 24 -53.11 90.62 -22.81
C ILE SB 24 -54.47 91.19 -23.19
N ALA SB 25 -55.40 91.15 -22.23
CA ALA SB 25 -56.78 91.47 -22.54
C ALA SB 25 -57.31 92.59 -21.64
N VAL SB 26 -56.58 93.70 -21.57
CA VAL SB 26 -57.01 94.87 -20.80
C VAL SB 26 -57.62 95.94 -21.68
N LYS SB 27 -57.81 95.68 -22.97
CA LYS SB 27 -58.39 96.67 -23.86
C LYS SB 27 -59.87 96.90 -23.53
N GLU SB 28 -60.50 97.79 -24.30
CA GLU SB 28 -61.87 98.18 -24.00
C GLU SB 28 -62.85 97.03 -24.27
N LYS SB 29 -62.54 96.18 -25.25
CA LYS SB 29 -63.45 95.09 -25.57
C LYS SB 29 -63.48 94.05 -24.46
N TYR SB 30 -62.32 93.75 -23.89
CA TYR SB 30 -62.22 92.79 -22.80
C TYR SB 30 -62.36 93.44 -21.43
N ALA SB 31 -62.49 94.76 -21.37
CA ALA SB 31 -62.62 95.44 -20.08
C ALA SB 31 -63.95 95.09 -19.45
N LYS SB 32 -63.94 94.85 -18.14
CA LYS SB 32 -65.10 94.34 -17.44
C LYS SB 32 -65.19 94.99 -16.07
N TYR SB 33 -66.41 95.08 -15.54
CA TYR SB 33 -66.64 95.72 -14.26
C TYR SB 33 -65.95 94.97 -13.13
N LEU SB 34 -65.94 93.64 -13.19
CA LEU SB 34 -65.40 92.80 -12.14
C LEU SB 34 -64.49 91.73 -12.74
N PRO SB 35 -63.53 91.22 -11.97
CA PRO SB 35 -62.68 90.13 -12.45
C PRO SB 35 -63.31 88.77 -12.20
N HIS SB 36 -64.56 88.61 -12.63
CA HIS SB 36 -65.32 87.39 -12.34
C HIS SB 36 -66.32 87.16 -13.46
N SER SB 37 -66.20 86.02 -14.13
CA SER SB 37 -67.19 85.61 -15.12
C SER SB 37 -67.02 84.14 -15.46
N ALA SB 38 -68.13 83.41 -15.51
CA ALA SB 38 -68.11 81.99 -15.90
C ALA SB 38 -68.19 81.92 -17.43
N GLY SB 39 -67.08 82.29 -18.06
CA GLY SB 39 -67.04 82.44 -19.49
C GLY SB 39 -66.63 81.23 -20.30
N ARG SB 40 -66.43 80.08 -19.67
CA ARG SB 40 -65.98 78.85 -20.34
C ARG SB 40 -64.69 79.12 -21.13
N TYR SB 41 -63.70 79.64 -20.42
CA TYR SB 41 -62.45 80.01 -21.07
C TYR SB 41 -61.54 78.83 -21.33
N ALA SB 42 -61.87 77.65 -20.81
CA ALA SB 42 -61.12 76.42 -21.09
C ALA SB 42 -61.90 75.49 -22.01
N ALA SB 43 -62.86 76.03 -22.76
CA ALA SB 43 -63.65 75.20 -23.65
C ALA SB 43 -62.80 74.61 -24.76
N LYS SB 44 -61.88 75.39 -25.32
CA LYS SB 44 -61.02 74.90 -26.38
C LYS SB 44 -59.71 75.68 -26.36
N ARG SB 45 -58.82 75.32 -27.29
CA ARG SB 45 -57.49 75.89 -27.33
C ARG SB 45 -57.56 77.38 -27.65
N PHE SB 46 -56.67 78.15 -27.03
CA PHE SB 46 -56.49 79.58 -27.23
C PHE SB 46 -57.70 80.40 -26.81
N ARG SB 47 -58.69 79.79 -26.17
CA ARG SB 47 -59.84 80.54 -25.66
C ARG SB 47 -59.43 81.46 -24.52
N LYS SB 48 -58.43 81.08 -23.74
CA LYS SB 48 -57.95 81.90 -22.64
C LYS SB 48 -57.21 83.14 -23.12
N ALA SB 49 -56.85 83.22 -24.40
CA ALA SB 49 -56.18 84.41 -24.90
C ALA SB 49 -57.08 85.63 -24.82
N GLN SB 50 -58.36 85.46 -25.13
CA GLN SB 50 -59.31 86.57 -25.02
C GLN SB 50 -59.87 86.71 -23.62
N CYS SB 51 -59.48 85.84 -22.70
CA CYS SB 51 -59.88 86.00 -21.31
C CYS SB 51 -59.13 87.18 -20.69
N PRO SB 52 -59.82 88.01 -19.90
CA PRO SB 52 -59.14 89.16 -19.26
C PRO SB 52 -58.05 88.69 -18.32
N ILE SB 53 -56.95 89.44 -18.29
CA ILE SB 53 -55.78 88.99 -17.53
C ILE SB 53 -55.97 89.19 -16.04
N VAL SB 54 -56.80 90.14 -15.62
CA VAL SB 54 -57.13 90.25 -14.21
C VAL SB 54 -57.97 89.06 -13.78
N GLU SB 55 -58.86 88.60 -14.66
CA GLU SB 55 -59.60 87.37 -14.39
C GLU SB 55 -58.65 86.19 -14.28
N ARG SB 56 -57.64 86.12 -15.15
CA ARG SB 56 -56.66 85.04 -15.09
C ARG SB 56 -55.88 85.11 -13.78
N LEU SB 57 -55.54 86.30 -13.33
CA LEU SB 57 -54.81 86.45 -12.08
C LEU SB 57 -55.64 85.98 -10.90
N THR SB 58 -56.90 86.39 -10.84
CA THR SB 58 -57.75 85.95 -9.74
C THR SB 58 -58.12 84.48 -9.85
N ASN SB 59 -57.94 83.87 -11.02
CA ASN SB 59 -58.13 82.43 -11.14
C ASN SB 59 -56.88 81.65 -10.76
N SER SB 60 -55.70 82.21 -10.95
CA SER SB 60 -54.47 81.53 -10.56
C SER SB 60 -54.13 81.75 -9.09
N MET SB 61 -54.68 82.77 -8.46
CA MET SB 61 -54.36 83.04 -7.06
C MET SB 61 -55.11 82.13 -6.08
N MET SB 62 -56.00 81.27 -6.55
CA MET SB 62 -56.71 80.31 -5.70
C MET SB 62 -56.03 78.95 -5.84
N MET SB 63 -55.04 78.68 -5.01
CA MET SB 63 -54.26 77.48 -5.21
C MET SB 63 -53.82 76.89 -3.88
N HIS SB 64 -53.23 75.70 -3.96
CA HIS SB 64 -52.68 74.94 -2.83
C HIS SB 64 -53.77 74.41 -1.91
N GLY SB 65 -54.89 73.99 -2.49
CA GLY SB 65 -55.80 73.08 -1.83
C GLY SB 65 -56.83 73.69 -0.92
N ARG SB 66 -56.39 74.38 0.13
CA ARG SB 66 -57.32 74.88 1.13
C ARG SB 66 -58.31 75.88 0.54
N ASN SB 67 -57.95 76.50 -0.58
CA ASN SB 67 -58.80 77.51 -1.24
C ASN SB 67 -58.73 77.35 -2.75
N ASN SB 68 -59.60 76.49 -3.28
CA ASN SB 68 -59.65 76.22 -4.71
C ASN SB 68 -60.86 76.81 -5.41
N GLY SB 69 -61.94 77.06 -4.70
CA GLY SB 69 -63.11 77.58 -5.35
C GLY SB 69 -63.49 78.97 -4.87
N LYS SB 70 -62.71 79.53 -3.95
CA LYS SB 70 -63.07 80.76 -3.25
C LYS SB 70 -62.73 81.96 -4.14
N LYS SB 71 -63.51 82.11 -5.21
CA LYS SB 71 -63.30 83.19 -6.15
C LYS SB 71 -63.67 84.54 -5.56
N LEU SB 72 -64.69 84.59 -4.71
CA LEU SB 72 -65.04 85.85 -4.08
C LEU SB 72 -63.90 86.35 -3.19
N MET SB 73 -63.29 85.44 -2.43
CA MET SB 73 -62.15 85.82 -1.60
C MET SB 73 -60.98 86.26 -2.46
N THR SB 74 -60.73 85.54 -3.57
CA THR SB 74 -59.64 85.97 -4.43
C THR SB 74 -59.92 87.31 -5.10
N VAL SB 75 -61.17 87.57 -5.45
CA VAL SB 75 -61.55 88.85 -6.05
C VAL SB 75 -61.32 89.98 -5.07
N ARG SB 76 -61.72 89.79 -3.82
CA ARG SB 76 -61.47 90.85 -2.82
C ARG SB 76 -59.98 91.02 -2.57
N ILE SB 77 -59.21 89.93 -2.64
CA ILE SB 77 -57.76 90.05 -2.49
C ILE SB 77 -57.16 90.87 -3.63
N VAL SB 78 -57.61 90.62 -4.86
CA VAL SB 78 -57.14 91.39 -6.01
C VAL SB 78 -57.55 92.85 -5.86
N LYS SB 79 -58.76 93.10 -5.36
CA LYS SB 79 -59.23 94.45 -5.14
C LYS SB 79 -58.32 95.20 -4.16
N HIS SB 80 -58.04 94.58 -3.02
CA HIS SB 80 -57.20 95.23 -2.02
C HIS SB 80 -55.78 95.44 -2.53
N ALA SB 81 -55.24 94.46 -3.24
CA ALA SB 81 -53.88 94.60 -3.77
C ALA SB 81 -53.79 95.71 -4.81
N PHE SB 82 -54.79 95.80 -5.70
CA PHE SB 82 -54.79 96.87 -6.69
C PHE SB 82 -54.89 98.23 -6.03
N GLU SB 83 -55.75 98.37 -5.02
CA GLU SB 83 -55.85 99.64 -4.31
C GLU SB 83 -54.53 100.00 -3.65
N ILE SB 84 -53.87 99.01 -3.04
CA ILE SB 84 -52.59 99.26 -2.38
C ILE SB 84 -51.55 99.73 -3.38
N ILE SB 85 -51.46 99.06 -4.53
CA ILE SB 85 -50.42 99.46 -5.47
C ILE SB 85 -50.73 100.82 -6.09
N HIS SB 86 -52.01 101.14 -6.26
CA HIS SB 86 -52.33 102.48 -6.76
C HIS SB 86 -51.90 103.54 -5.78
N LEU SB 87 -52.18 103.35 -4.49
CA LEU SB 87 -51.77 104.36 -3.53
C LEU SB 87 -50.28 104.30 -3.21
N LEU SB 88 -49.58 103.25 -3.63
CA LEU SB 88 -48.17 103.13 -3.31
C LEU SB 88 -47.26 103.61 -4.43
N THR SB 89 -47.62 103.33 -5.69
CA THR SB 89 -46.78 103.75 -6.81
C THR SB 89 -47.27 105.06 -7.44
N GLY SB 90 -48.58 105.22 -7.60
CA GLY SB 90 -49.12 106.43 -8.18
C GLY SB 90 -49.55 106.32 -9.63
N GLU SB 91 -49.59 105.13 -10.20
CA GLU SB 91 -50.09 104.93 -11.55
C GLU SB 91 -51.20 103.88 -11.53
N ASN SB 92 -51.69 103.52 -12.71
CA ASN SB 92 -52.83 102.63 -12.79
C ASN SB 92 -52.44 101.22 -12.39
N PRO SB 93 -53.20 100.57 -11.51
CA PRO SB 93 -52.90 99.17 -11.16
C PRO SB 93 -52.91 98.25 -12.36
N LEU SB 94 -53.75 98.53 -13.35
CA LEU SB 94 -53.77 97.73 -14.56
C LEU SB 94 -52.44 97.84 -15.31
N GLN SB 95 -51.90 99.04 -15.43
CA GLN SB 95 -50.62 99.22 -16.08
C GLN SB 95 -49.51 98.53 -15.29
N VAL SB 96 -49.59 98.59 -13.96
CA VAL SB 96 -48.63 97.88 -13.12
C VAL SB 96 -48.69 96.39 -13.41
N LEU SB 97 -49.91 95.84 -13.48
CA LEU SB 97 -50.08 94.42 -13.72
C LEU SB 97 -49.57 94.02 -15.10
N VAL SB 98 -49.83 94.85 -16.11
CA VAL SB 98 -49.38 94.53 -17.47
C VAL SB 98 -47.86 94.52 -17.54
N ASN SB 99 -47.22 95.53 -16.95
CA ASN SB 99 -45.76 95.57 -16.96
C ASN SB 99 -45.18 94.42 -16.15
N ALA SB 100 -45.84 94.04 -15.06
CA ALA SB 100 -45.39 92.89 -14.28
C ALA SB 100 -45.47 91.61 -15.09
N ILE SB 101 -46.55 91.42 -15.85
CA ILE SB 101 -46.67 90.24 -16.70
C ILE SB 101 -45.57 90.23 -17.75
N ILE SB 102 -45.31 91.39 -18.35
CA ILE SB 102 -44.29 91.50 -19.39
C ILE SB 102 -42.92 91.12 -18.82
N ASN SB 103 -42.60 91.64 -17.65
CA ASN SB 103 -41.28 91.37 -17.08
C ASN SB 103 -41.19 90.00 -16.44
N SER SB 104 -42.32 89.37 -16.11
CA SER SB 104 -42.28 88.07 -15.46
C SER SB 104 -42.21 86.94 -16.47
N GLY SB 105 -42.86 87.10 -17.62
CA GLY SB 105 -42.89 86.09 -18.64
C GLY SB 105 -41.49 85.73 -19.13
N PRO SB 106 -41.06 84.51 -18.85
CA PRO SB 106 -39.71 84.09 -19.26
C PRO SB 106 -39.64 83.93 -20.77
N ARG SB 107 -38.77 84.70 -21.42
CA ARG SB 107 -38.77 84.76 -22.88
C ARG SB 107 -38.31 83.45 -23.50
N GLU SB 108 -37.59 82.62 -22.77
CA GLU SB 108 -37.11 81.35 -23.27
C GLU SB 108 -37.32 80.27 -22.22
N ASP SB 109 -36.84 79.06 -22.54
CA ASP SB 109 -36.89 77.90 -21.66
C ASP SB 109 -35.99 76.83 -22.25
N SER SB 110 -36.06 75.62 -21.72
CA SER SB 110 -35.32 74.49 -22.28
C SER SB 110 -36.09 73.21 -22.02
N THR SB 111 -36.07 72.30 -23.00
CA THR SB 111 -36.83 71.05 -22.86
C THR SB 111 -36.30 69.96 -23.79
N ARG SB 112 -35.89 68.83 -23.21
CA ARG SB 112 -35.66 67.56 -23.90
C ARG SB 112 -35.97 66.44 -22.93
N ILE SB 113 -35.51 65.24 -23.30
CA ILE SB 113 -35.67 64.03 -22.49
C ILE SB 113 -34.34 63.34 -22.23
N GLY SB 114 -33.31 63.62 -23.03
CA GLY SB 114 -32.05 62.93 -22.95
C GLY SB 114 -31.29 63.23 -21.66
N ARG SB 115 -30.03 62.78 -21.66
CA ARG SB 115 -29.18 62.85 -20.47
C ARG SB 115 -28.74 64.30 -20.26
N ALA SB 116 -29.51 65.02 -19.45
CA ALA SB 116 -29.29 66.44 -19.23
C ALA SB 116 -27.97 66.68 -18.49
N GLY SB 117 -27.29 67.76 -18.88
CA GLY SB 117 -26.05 68.14 -18.23
C GLY SB 117 -26.26 68.82 -16.90
N THR SB 118 -27.00 69.92 -16.91
CA THR SB 118 -27.28 70.70 -15.70
C THR SB 118 -28.75 70.65 -15.31
N VAL SB 119 -29.64 71.06 -16.22
CA VAL SB 119 -31.08 70.99 -15.97
C VAL SB 119 -31.75 70.25 -17.12
N ARG SB 120 -31.55 70.75 -18.34
CA ARG SB 120 -32.24 70.21 -19.50
C ARG SB 120 -31.41 70.51 -20.74
N ARG SB 121 -31.54 69.66 -21.76
CA ARG SB 121 -30.57 69.63 -22.85
C ARG SB 121 -30.68 70.83 -23.78
N GLN SB 122 -31.82 70.97 -24.46
CA GLN SB 122 -31.94 71.89 -25.59
C GLN SB 122 -32.67 73.15 -25.18
N ALA SB 123 -32.06 74.29 -25.47
CA ALA SB 123 -32.72 75.57 -25.31
C ALA SB 123 -33.84 75.73 -26.33
N VAL SB 124 -34.81 76.57 -25.99
CA VAL SB 124 -36.00 76.76 -26.78
C VAL SB 124 -36.59 78.11 -26.41
N ASP SB 125 -37.35 78.70 -27.32
CA ASP SB 125 -38.02 79.96 -27.06
C ASP SB 125 -39.52 79.71 -26.93
N VAL SB 126 -40.14 80.36 -25.95
CA VAL SB 126 -41.50 80.01 -25.58
C VAL SB 126 -42.50 80.82 -26.39
N SER SB 127 -43.73 80.32 -26.43
CA SER SB 127 -44.86 80.94 -27.09
C SER SB 127 -45.42 82.07 -26.22
N PRO SB 128 -46.06 83.07 -26.84
CA PRO SB 128 -46.64 84.17 -26.04
C PRO SB 128 -47.69 83.71 -25.04
N LEU SB 129 -48.51 82.73 -25.40
CA LEU SB 129 -49.46 82.22 -24.43
C LEU SB 129 -48.75 81.54 -23.27
N ARG SB 130 -47.65 80.85 -23.55
CA ARG SB 130 -46.82 80.32 -22.48
C ARG SB 130 -46.20 81.44 -21.64
N ARG SB 131 -45.85 82.57 -22.28
CA ARG SB 131 -45.36 83.72 -21.55
C ARG SB 131 -46.38 84.18 -20.51
N VAL SB 132 -47.63 84.36 -20.96
CA VAL SB 132 -48.67 84.80 -20.04
C VAL SB 132 -48.92 83.77 -18.96
N ASN SB 133 -49.00 82.48 -19.35
CA ASN SB 133 -49.25 81.42 -18.38
C ASN SB 133 -48.19 81.40 -17.30
N GLN SB 134 -46.93 81.38 -17.70
CA GLN SB 134 -45.83 81.27 -16.74
C GLN SB 134 -45.67 82.55 -15.94
N ALA SB 135 -45.94 83.71 -16.53
CA ALA SB 135 -45.85 84.95 -15.76
C ALA SB 135 -46.90 84.99 -14.66
N ILE SB 136 -48.15 84.67 -15.00
CA ILE SB 136 -49.20 84.66 -13.99
C ILE SB 136 -48.90 83.62 -12.91
N TRP SB 137 -48.44 82.44 -13.34
CA TRP SB 137 -48.11 81.39 -12.37
C TRP SB 137 -47.01 81.84 -11.43
N LEU SB 138 -45.93 82.40 -11.98
CA LEU SB 138 -44.80 82.81 -11.16
C LEU SB 138 -45.19 83.93 -10.20
N LEU SB 139 -45.95 84.90 -10.67
CA LEU SB 139 -46.37 85.99 -9.79
C LEU SB 139 -47.24 85.48 -8.66
N CYS SB 140 -48.22 84.62 -8.97
CA CYS SB 140 -49.09 84.09 -7.94
C CYS SB 140 -48.32 83.26 -6.93
N THR SB 141 -47.40 82.40 -7.41
CA THR SB 141 -46.64 81.57 -6.50
C THR SB 141 -45.73 82.41 -5.62
N GLY SB 142 -45.15 83.48 -6.17
CA GLY SB 142 -44.33 84.37 -5.36
C GLY SB 142 -45.12 85.05 -4.27
N ALA SB 143 -46.30 85.57 -4.60
CA ALA SB 143 -47.13 86.18 -3.57
C ALA SB 143 -47.54 85.18 -2.51
N ARG SB 144 -47.91 83.97 -2.94
CA ARG SB 144 -48.33 82.93 -2.01
C ARG SB 144 -47.20 82.54 -1.06
N GLU SB 145 -45.99 82.40 -1.60
CA GLU SB 145 -44.85 82.05 -0.76
C GLU SB 145 -44.47 83.18 0.17
N ALA SB 146 -44.60 84.43 -0.29
CA ALA SB 146 -44.27 85.56 0.55
C ALA SB 146 -45.22 85.68 1.74
N ALA SB 147 -46.50 85.39 1.54
CA ALA SB 147 -47.48 85.57 2.60
C ALA SB 147 -47.81 84.29 3.36
N PHE SB 148 -46.83 83.40 3.53
CA PHE SB 148 -47.14 82.11 4.14
C PHE SB 148 -46.99 82.15 5.66
N ARG SB 149 -45.82 82.53 6.16
CA ARG SB 149 -45.58 82.49 7.60
C ARG SB 149 -45.09 83.86 8.09
N ASN SB 150 -45.77 84.91 7.66
CA ASN SB 150 -45.47 86.23 8.19
C ASN SB 150 -46.78 86.97 8.46
N ILE SB 151 -46.66 88.09 9.18
CA ILE SB 151 -47.80 88.92 9.48
C ILE SB 151 -48.36 89.59 8.22
N LYS SB 152 -47.54 89.73 7.18
CA LYS SB 152 -47.92 90.47 5.99
C LYS SB 152 -48.95 89.69 5.20
N THR SB 153 -50.04 90.35 4.82
CA THR SB 153 -51.19 89.64 4.26
C THR SB 153 -50.98 89.33 2.78
N ILE SB 154 -51.93 88.57 2.24
CA ILE SB 154 -51.88 88.18 0.83
C ILE SB 154 -51.93 89.40 -0.06
N ALA SB 155 -52.80 90.35 0.26
CA ALA SB 155 -52.93 91.53 -0.58
C ALA SB 155 -51.63 92.32 -0.64
N GLU SB 156 -50.98 92.51 0.52
CA GLU SB 156 -49.72 93.24 0.55
C GLU SB 156 -48.61 92.48 -0.15
N CYS SB 157 -48.55 91.16 0.02
CA CYS SB 157 -47.50 90.39 -0.63
C CYS SB 157 -47.68 90.37 -2.14
N LEU SB 158 -48.91 90.19 -2.62
CA LEU SB 158 -49.20 90.31 -4.03
C LEU SB 158 -48.86 91.71 -4.55
N ALA SB 159 -49.15 92.72 -3.75
CA ALA SB 159 -48.87 94.09 -4.13
C ALA SB 159 -47.38 94.31 -4.36
N ASP SB 160 -46.55 93.93 -3.37
CA ASP SB 160 -45.12 94.13 -3.54
C ASP SB 160 -44.55 93.21 -4.61
N GLU SB 161 -45.14 92.04 -4.83
CA GLU SB 161 -44.69 91.20 -5.93
C GLU SB 161 -44.88 91.89 -7.27
N LEU SB 162 -46.08 92.42 -7.51
CA LEU SB 162 -46.32 93.15 -8.76
C LEU SB 162 -45.46 94.39 -8.85
N ILE SB 163 -45.30 95.13 -7.75
CA ILE SB 163 -44.52 96.37 -7.78
C ILE SB 163 -43.07 96.08 -8.12
N ASN SB 164 -42.50 95.04 -7.51
CA ASN SB 164 -41.11 94.69 -7.78
C ASN SB 164 -40.96 94.14 -9.20
N ALA SB 165 -41.94 93.37 -9.67
CA ALA SB 165 -41.84 92.80 -11.01
C ALA SB 165 -41.99 93.86 -12.09
N ALA SB 166 -42.79 94.89 -11.85
CA ALA SB 166 -43.04 95.88 -12.88
C ALA SB 166 -41.80 96.67 -13.25
N LYS SB 167 -40.80 96.71 -12.36
CA LYS SB 167 -39.58 97.46 -12.60
C LYS SB 167 -38.33 96.59 -12.67
N GLY SB 168 -38.23 95.56 -11.85
CA GLY SB 168 -37.08 94.68 -11.88
C GLY SB 168 -36.09 95.08 -10.80
N SER SB 169 -36.14 94.39 -9.66
CA SER SB 169 -35.28 94.79 -8.54
C SER SB 169 -34.67 93.60 -7.82
N SER SB 170 -34.69 92.42 -8.44
CA SER SB 170 -33.99 91.20 -8.02
C SER SB 170 -34.56 90.60 -6.74
N ASN SB 171 -35.53 91.24 -6.09
CA ASN SB 171 -36.12 90.67 -4.89
C ASN SB 171 -37.46 90.00 -5.15
N SER SB 172 -38.03 90.20 -6.33
CA SER SB 172 -39.29 89.56 -6.68
C SER SB 172 -39.05 88.10 -7.01
N TYR SB 173 -39.93 87.23 -6.49
CA TYR SB 173 -39.79 85.80 -6.72
C TYR SB 173 -39.92 85.48 -8.21
N ALA SB 174 -40.89 86.10 -8.89
CA ALA SB 174 -41.08 85.85 -10.30
C ALA SB 174 -39.85 86.29 -11.11
N ILE SB 175 -39.29 87.45 -10.78
CA ILE SB 175 -38.12 87.93 -11.50
C ILE SB 175 -36.92 87.03 -11.25
N LYS SB 176 -36.74 86.59 -10.01
CA LYS SB 176 -35.63 85.69 -9.70
C LYS SB 176 -35.77 84.36 -10.44
N LYS SB 177 -36.98 83.81 -10.46
CA LYS SB 177 -37.20 82.55 -11.16
C LYS SB 177 -36.98 82.69 -12.66
N LYS SB 178 -37.44 83.81 -13.24
CA LYS SB 178 -37.18 84.07 -14.64
C LYS SB 178 -35.68 84.17 -14.90
N ASP SB 179 -34.95 84.85 -14.02
CA ASP SB 179 -33.51 84.98 -14.20
C ASP SB 179 -32.83 83.62 -14.17
N GLU SB 180 -33.20 82.77 -13.22
CA GLU SB 180 -32.61 81.45 -13.13
C GLU SB 180 -32.92 80.62 -14.36
N LEU SB 181 -34.17 80.67 -14.83
CA LEU SB 181 -34.58 79.88 -15.98
C LEU SB 181 -33.89 80.36 -17.26
N GLU SB 182 -33.78 81.68 -17.45
CA GLU SB 182 -33.05 82.21 -18.58
C GLU SB 182 -31.58 81.84 -18.51
N ARG SB 183 -31.01 81.82 -17.30
CA ARG SB 183 -29.62 81.44 -17.15
C ARG SB 183 -29.39 79.98 -17.51
N VAL SB 184 -30.29 79.08 -17.09
CA VAL SB 184 -30.08 77.68 -17.41
C VAL SB 184 -30.29 77.46 -18.92
N ALA SB 185 -31.22 78.18 -19.54
CA ALA SB 185 -31.33 78.10 -20.98
C ALA SB 185 -30.07 78.62 -21.68
N LYS SB 186 -29.49 79.70 -21.17
CA LYS SB 186 -28.27 80.25 -21.75
C LYS SB 186 -27.11 79.28 -21.62
N SER SB 187 -26.98 78.62 -20.47
CA SER SB 187 -25.90 77.67 -20.27
C SER SB 187 -26.11 76.41 -21.10
N ASN SB 188 -27.35 75.96 -21.26
CA ASN SB 188 -27.67 74.77 -22.02
C ASN SB 188 -28.17 75.10 -23.43
N ARG SB 189 -27.73 76.23 -23.98
CA ARG SB 189 -27.99 76.58 -25.36
C ARG SB 189 -27.54 75.48 -26.32
N MET TB 1 -91.28 11.88 17.25
CA MET TB 1 -92.00 13.14 17.38
C MET TB 1 -92.99 13.08 18.54
N LEU TB 2 -92.98 14.09 19.40
CA LEU TB 2 -93.77 14.09 20.63
C LEU TB 2 -95.10 14.82 20.42
N MET TB 3 -95.69 14.63 19.27
CA MET TB 3 -96.86 15.41 18.86
C MET TB 3 -98.14 14.82 19.44
N PRO TB 4 -98.92 15.60 20.20
CA PRO TB 4 -100.13 15.04 20.82
C PRO TB 4 -101.23 14.75 19.82
N LYS TB 5 -102.14 13.85 20.23
CA LYS TB 5 -103.18 13.36 19.34
C LYS TB 5 -104.14 14.46 18.92
N LYS TB 6 -104.40 15.44 19.79
CA LYS TB 6 -105.25 16.55 19.39
C LYS TB 6 -104.65 17.32 18.23
N ASN TB 7 -103.34 17.60 18.32
CA ASN TB 7 -102.65 18.26 17.22
C ASN TB 7 -102.70 17.42 15.96
N ARG TB 8 -102.47 16.11 16.11
CA ARG TB 8 -102.46 15.22 14.95
C ARG TB 8 -103.81 15.20 14.25
N ILE TB 9 -104.89 15.06 15.01
CA ILE TB 9 -106.21 14.97 14.39
C ILE TB 9 -106.60 16.31 13.77
N ALA TB 10 -106.24 17.43 14.41
CA ALA TB 10 -106.55 18.73 13.83
C ALA TB 10 -105.85 18.92 12.49
N ILE TB 11 -104.56 18.57 12.44
CA ILE TB 11 -103.81 18.73 11.21
C ILE TB 11 -104.35 17.81 10.12
N TYR TB 12 -104.68 16.58 10.49
CA TYR TB 12 -105.19 15.64 9.50
C TYR TB 12 -106.55 16.08 8.97
N GLU TB 13 -107.40 16.62 9.85
CA GLU TB 13 -108.71 17.05 9.38
C GLU TB 13 -108.60 18.29 8.50
N LEU TB 14 -107.63 19.17 8.77
CA LEU TB 14 -107.40 20.27 7.84
C LEU TB 14 -106.94 19.74 6.48
N LEU TB 15 -106.01 18.78 6.50
CA LEU TB 15 -105.49 18.20 5.27
C LEU TB 15 -106.58 17.50 4.46
N PHE TB 16 -107.60 16.98 5.13
CA PHE TB 16 -108.67 16.33 4.38
C PHE TB 16 -109.79 17.28 4.01
N LYS TB 17 -109.98 18.35 4.78
CA LYS TB 17 -110.95 19.38 4.41
C LYS TB 17 -110.51 20.08 3.14
N GLU TB 18 -109.23 20.44 3.06
CA GLU TB 18 -108.65 20.93 1.81
C GLU TB 18 -107.40 20.12 1.51
N GLY TB 19 -107.29 19.65 0.28
CA GLY TB 19 -106.23 18.73 -0.10
C GLY TB 19 -104.86 19.38 -0.24
N VAL TB 20 -104.70 20.59 0.29
CA VAL TB 20 -103.47 21.35 0.21
C VAL TB 20 -102.96 21.59 1.63
N MET TB 21 -101.69 21.97 1.71
CA MET TB 21 -101.11 22.35 3.00
C MET TB 21 -99.92 23.28 2.81
N VAL TB 22 -99.98 24.47 3.38
CA VAL TB 22 -98.94 25.47 3.24
C VAL TB 22 -98.43 25.87 4.61
N ALA TB 23 -97.12 25.89 4.78
CA ALA TB 23 -96.52 26.28 6.05
C ALA TB 23 -95.14 26.86 5.79
N LYS TB 24 -94.83 27.94 6.50
CA LYS TB 24 -93.50 28.54 6.41
C LYS TB 24 -92.47 27.60 7.03
N LYS TB 25 -91.24 27.68 6.53
CA LYS TB 25 -90.13 26.94 7.13
C LYS TB 25 -89.60 27.75 8.30
N ASP TB 26 -90.32 27.67 9.41
CA ASP TB 26 -89.92 28.35 10.65
C ASP TB 26 -90.25 27.43 11.81
N VAL TB 27 -89.22 26.73 12.31
CA VAL TB 27 -89.41 25.83 13.43
C VAL TB 27 -89.78 26.56 14.70
N HIS TB 28 -89.37 27.82 14.85
CA HIS TB 28 -89.62 28.58 16.06
C HIS TB 28 -90.91 29.38 16.02
N MET TB 29 -91.70 29.25 14.96
CA MET TB 29 -92.98 29.93 14.90
C MET TB 29 -93.93 29.33 15.95
N PRO TB 30 -94.53 30.16 16.81
CA PRO TB 30 -95.33 29.59 17.90
C PRO TB 30 -96.57 28.85 17.44
N LYS TB 31 -97.33 29.39 16.49
CA LYS TB 31 -98.57 28.77 16.06
C LYS TB 31 -98.63 28.75 14.54
N HIS TB 32 -99.31 27.75 14.01
CA HIS TB 32 -99.62 27.75 12.60
C HIS TB 32 -100.62 28.87 12.29
N PRO TB 33 -100.47 29.55 11.16
CA PRO TB 33 -101.42 30.62 10.83
C PRO TB 33 -102.86 30.16 10.74
N GLU TB 34 -103.07 28.93 10.28
CA GLU TB 34 -104.39 28.34 10.20
C GLU TB 34 -104.61 27.43 11.40
N LEU TB 35 -105.87 27.32 11.83
CA LEU TB 35 -106.26 26.57 13.02
C LEU TB 35 -105.36 26.88 14.22
N ALA TB 36 -105.03 28.16 14.39
CA ALA TB 36 -104.30 28.58 15.59
C ALA TB 36 -105.15 28.46 16.84
N ASP TB 37 -106.45 28.25 16.70
CA ASP TB 37 -107.31 28.01 17.86
C ASP TB 37 -106.94 26.70 18.56
N LYS TB 38 -106.37 25.74 17.82
CA LYS TB 38 -105.92 24.49 18.43
C LYS TB 38 -104.58 24.63 19.13
N ASN TB 39 -103.89 25.75 18.92
CA ASN TB 39 -102.59 26.02 19.54
C ASN TB 39 -101.58 24.94 19.19
N VAL TB 40 -101.62 24.45 17.96
CA VAL TB 40 -100.59 23.53 17.47
C VAL TB 40 -99.43 24.40 16.99
N PRO TB 41 -98.19 23.94 17.09
CA PRO TB 41 -97.08 24.73 16.58
C PRO TB 41 -96.71 24.37 15.15
N ASN TB 42 -96.11 25.34 14.48
CA ASN TB 42 -95.67 25.13 13.11
C ASN TB 42 -94.62 24.04 13.02
N LEU TB 43 -93.82 23.86 14.07
CA LEU TB 43 -92.88 22.75 14.10
C LEU TB 43 -93.62 21.42 14.04
N HIS TB 44 -94.72 21.31 14.81
CA HIS TB 44 -95.51 20.09 14.77
C HIS TB 44 -96.11 19.86 13.40
N VAL TB 45 -96.63 20.91 12.76
CA VAL TB 45 -97.24 20.68 11.45
C VAL TB 45 -96.18 20.30 10.43
N MET TB 46 -94.99 20.91 10.51
CA MET TB 46 -93.90 20.55 9.61
C MET TB 46 -93.50 19.10 9.77
N LYS TB 47 -93.36 18.64 11.02
CA LYS TB 47 -92.90 17.28 11.23
C LYS TB 47 -93.98 16.26 10.88
N ALA TB 48 -95.25 16.59 11.14
CA ALA TB 48 -96.33 15.70 10.73
C ALA TB 48 -96.36 15.56 9.21
N MET TB 49 -96.22 16.68 8.49
CA MET TB 49 -96.24 16.59 7.04
C MET TB 49 -95.00 15.88 6.50
N GLN TB 50 -93.85 16.06 7.16
CA GLN TB 50 -92.64 15.34 6.76
C GLN TB 50 -92.83 13.84 6.91
N SER TB 51 -93.42 13.43 8.03
CA SER TB 51 -93.66 12.01 8.23
C SER TB 51 -94.69 11.46 7.26
N LEU TB 52 -95.68 12.28 6.88
CA LEU TB 52 -96.62 11.87 5.84
C LEU TB 52 -95.90 11.67 4.51
N LYS TB 53 -95.01 12.61 4.16
CA LYS TB 53 -94.27 12.51 2.91
C LYS TB 53 -93.37 11.29 2.89
N SER TB 54 -92.78 10.94 4.03
CA SER TB 54 -91.86 9.80 4.08
C SER TB 54 -92.55 8.51 3.67
N ARG TB 55 -93.76 8.29 4.16
CA ARG TB 55 -94.48 7.09 3.75
C ARG TB 55 -95.27 7.32 2.47
N GLY TB 56 -95.27 8.54 1.96
CA GLY TB 56 -95.69 8.80 0.60
C GLY TB 56 -97.13 9.18 0.40
N TYR TB 57 -97.84 9.57 1.46
CA TYR TB 57 -99.22 9.96 1.31
C TYR TB 57 -99.38 11.40 0.84
N VAL TB 58 -98.28 12.15 0.73
CA VAL TB 58 -98.33 13.56 0.37
C VAL TB 58 -97.05 13.89 -0.39
N LYS TB 59 -97.15 14.82 -1.33
CA LYS TB 59 -95.98 15.25 -2.09
C LYS TB 59 -95.61 16.68 -1.71
N GLU TB 60 -94.32 16.90 -1.49
CA GLU TB 60 -93.81 18.14 -0.93
C GLU TB 60 -93.14 18.98 -2.00
N GLN TB 61 -93.48 20.27 -2.05
CA GLN TB 61 -92.83 21.24 -2.91
C GLN TB 61 -92.36 22.40 -2.05
N PHE TB 62 -91.35 23.12 -2.52
CA PHE TB 62 -90.76 24.20 -1.75
C PHE TB 62 -90.57 25.43 -2.62
N ALA TB 63 -91.16 26.54 -2.20
CA ALA TB 63 -90.90 27.86 -2.76
C ALA TB 63 -89.70 28.44 -2.03
N TRP TB 64 -89.53 29.77 -2.11
CA TRP TB 64 -88.50 30.47 -1.36
C TRP TB 64 -88.42 29.98 0.08
N ARG TB 65 -89.50 30.15 0.85
CA ARG TB 65 -89.48 29.74 2.25
C ARG TB 65 -90.78 29.08 2.68
N HIS TB 66 -91.46 28.37 1.80
CA HIS TB 66 -92.75 27.79 2.15
C HIS TB 66 -92.91 26.41 1.55
N PHE TB 67 -93.51 25.50 2.32
CA PHE TB 67 -93.84 24.18 1.82
C PHE TB 67 -95.22 24.18 1.18
N TYR TB 68 -95.43 23.22 0.29
CA TYR TB 68 -96.62 23.15 -0.54
C TYR TB 68 -97.15 21.73 -0.63
N TRP TB 69 -97.35 21.09 0.51
CA TRP TB 69 -97.75 19.68 0.50
C TRP TB 69 -99.10 19.49 -0.19
N TYR TB 70 -99.11 18.59 -1.17
CA TYR TB 70 -100.31 18.22 -1.92
C TYR TB 70 -100.69 16.78 -1.57
N LEU TB 71 -101.92 16.58 -1.13
CA LEU TB 71 -102.40 15.26 -0.77
C LEU TB 71 -102.50 14.35 -1.98
N THR TB 72 -102.15 13.08 -1.80
CA THR TB 72 -102.15 12.10 -2.87
C THR TB 72 -103.31 11.11 -2.70
N ASN TB 73 -103.56 10.37 -3.79
CA ASN TB 73 -104.60 9.35 -3.76
C ASN TB 73 -104.29 8.24 -2.77
N GLU TB 74 -103.01 7.90 -2.64
CA GLU TB 74 -102.61 6.95 -1.60
C GLU TB 74 -102.92 7.48 -0.22
N GLY TB 75 -102.79 8.80 -0.02
CA GLY TB 75 -103.14 9.39 1.24
C GLY TB 75 -104.61 9.54 1.49
N ILE TB 76 -105.42 9.55 0.42
CA ILE TB 76 -106.86 9.72 0.60
C ILE TB 76 -107.43 8.61 1.48
N GLN TB 77 -107.16 7.35 1.12
CA GLN TB 77 -107.72 6.25 1.89
C GLN TB 77 -107.03 6.07 3.23
N TYR TB 78 -105.75 6.46 3.35
CA TYR TB 78 -105.11 6.43 4.65
C TYR TB 78 -105.76 7.40 5.62
N LEU TB 79 -106.06 8.61 5.16
CA LEU TB 79 -106.81 9.54 6.00
C LEU TB 79 -108.23 9.06 6.25
N ARG TB 80 -108.85 8.43 5.25
CA ARG TB 80 -110.17 7.84 5.43
C ARG TB 80 -110.20 6.87 6.60
N ASP TB 81 -109.29 5.89 6.61
CA ASP TB 81 -109.31 4.89 7.66
C ASP TB 81 -108.59 5.33 8.93
N TYR TB 82 -107.89 6.46 8.90
CA TYR TB 82 -107.37 7.01 10.14
C TYR TB 82 -108.42 7.82 10.88
N LEU TB 83 -109.27 8.55 10.13
CA LEU TB 83 -110.32 9.35 10.74
C LEU TB 83 -111.67 8.64 10.74
N HIS TB 84 -111.73 7.39 10.28
CA HIS TB 84 -112.94 6.58 10.29
C HIS TB 84 -114.06 7.26 9.50
N LEU TB 85 -113.81 7.41 8.20
CA LEU TB 85 -114.76 8.07 7.32
C LEU TB 85 -115.24 7.10 6.25
N PRO TB 86 -116.49 7.21 5.83
CA PRO TB 86 -116.95 6.45 4.66
C PRO TB 86 -116.32 6.98 3.40
N PRO TB 87 -116.31 6.21 2.31
CA PRO TB 87 -115.73 6.72 1.07
C PRO TB 87 -116.68 7.65 0.32
N GLU TB 88 -117.17 8.68 1.00
CA GLU TB 88 -118.03 9.67 0.39
C GLU TB 88 -117.47 11.07 0.66
N ILE TB 89 -116.80 11.23 1.79
CA ILE TB 89 -116.25 12.53 2.17
C ILE TB 89 -114.93 12.71 1.44
N VAL TB 90 -114.81 13.80 0.69
CA VAL TB 90 -113.66 14.03 -0.17
C VAL TB 90 -113.17 15.46 0.05
N PRO TB 91 -111.91 15.73 -0.30
CA PRO TB 91 -111.45 17.11 -0.32
C PRO TB 91 -112.07 17.92 -1.45
N ALA TB 92 -112.04 19.24 -1.27
CA ALA TB 92 -112.57 20.15 -2.28
C ALA TB 92 -111.80 20.04 -3.58
N THR TB 93 -110.51 19.69 -3.51
CA THR TB 93 -109.74 19.45 -4.72
C THR TB 93 -110.28 18.26 -5.49
N LEU TB 94 -110.68 17.21 -4.77
CA LEU TB 94 -111.29 16.06 -5.44
C LEU TB 94 -112.63 16.43 -6.05
N ARG TB 95 -113.50 17.07 -5.26
CA ARG TB 95 -114.82 17.42 -5.75
C ARG TB 95 -115.17 18.85 -5.38
N ARG TB 96 -115.65 19.62 -6.36
CA ARG TB 96 -116.31 20.89 -6.09
C ARG TB 96 -117.68 20.83 -6.76
N SER TB 97 -118.73 20.77 -5.94
CA SER TB 97 -120.14 20.71 -6.31
C SER TB 97 -120.51 19.44 -7.09
N ARG TB 98 -119.57 18.54 -7.34
CA ARG TB 98 -119.86 17.32 -8.07
C ARG TB 98 -119.05 16.14 -7.52
N VAL UB 1 -126.40 -14.67 25.18
CA VAL UB 1 -125.35 -13.76 25.61
C VAL UB 1 -124.70 -13.12 24.39
N MET UB 2 -124.95 -13.69 23.21
CA MET UB 2 -124.40 -13.15 21.98
C MET UB 2 -124.98 -11.80 21.61
N ASP UB 3 -126.23 -11.51 21.99
CA ASP UB 3 -126.82 -10.22 21.64
C ASP UB 3 -126.12 -9.09 22.38
N VAL UB 4 -125.98 -9.21 23.70
CA VAL UB 4 -125.23 -8.20 24.45
C VAL UB 4 -123.74 -8.26 24.11
N ASN UB 5 -123.25 -9.43 23.71
CA ASN UB 5 -121.85 -9.55 23.32
C ASN UB 5 -121.56 -8.70 22.09
N THR UB 6 -122.35 -8.86 21.04
CA THR UB 6 -122.23 -8.05 19.84
C THR UB 6 -122.63 -6.60 20.08
N ALA UB 7 -123.48 -6.35 21.08
CA ALA UB 7 -123.80 -4.97 21.45
C ALA UB 7 -122.57 -4.27 22.02
N LEU UB 8 -121.92 -4.91 22.99
CA LEU UB 8 -120.68 -4.37 23.52
C LEU UB 8 -119.59 -4.30 22.47
N GLN UB 9 -119.63 -5.17 21.47
CA GLN UB 9 -118.70 -5.07 20.35
C GLN UB 9 -118.80 -3.71 19.68
N GLU UB 10 -120.01 -3.29 19.30
CA GLU UB 10 -120.14 -2.00 18.63
C GLU UB 10 -119.95 -0.84 19.60
N VAL UB 11 -120.27 -1.03 20.89
CA VAL UB 11 -119.99 0.02 21.87
C VAL UB 11 -118.50 0.27 21.97
N LEU UB 12 -117.71 -0.80 22.04
CA LEU UB 12 -116.26 -0.66 22.03
C LEU UB 12 -115.76 -0.08 20.71
N LYS UB 13 -116.41 -0.45 19.61
CA LYS UB 13 -116.02 0.09 18.31
C LYS UB 13 -116.19 1.60 18.28
N THR UB 14 -117.35 2.10 18.71
CA THR UB 14 -117.58 3.53 18.74
C THR UB 14 -116.72 4.23 19.77
N ALA UB 15 -116.40 3.56 20.88
CA ALA UB 15 -115.45 4.13 21.84
C ALA UB 15 -114.06 4.25 21.25
N LEU UB 16 -113.69 3.35 20.33
CA LEU UB 16 -112.43 3.50 19.61
C LEU UB 16 -112.51 4.60 18.57
N ILE UB 17 -113.65 4.74 17.91
CA ILE UB 17 -113.82 5.82 16.93
C ILE UB 17 -113.65 7.17 17.63
N HIS UB 18 -114.28 7.33 18.78
CA HIS UB 18 -114.10 8.50 19.61
C HIS UB 18 -112.94 8.27 20.57
N ASP UB 19 -112.81 9.12 21.59
CA ASP UB 19 -111.74 9.01 22.57
C ASP UB 19 -112.27 8.56 23.93
N GLY UB 20 -113.47 8.00 23.96
CA GLY UB 20 -114.09 7.57 25.21
C GLY UB 20 -113.78 6.14 25.57
N LEU UB 21 -112.68 5.61 25.02
CA LEU UB 21 -112.28 4.23 25.27
C LEU UB 21 -111.70 4.03 26.67
N ALA UB 22 -110.85 4.95 27.14
CA ALA UB 22 -110.23 4.89 28.47
C ALA UB 22 -109.56 3.54 28.74
N ARG UB 23 -108.52 3.24 27.97
CA ARG UB 23 -107.82 1.97 28.04
C ARG UB 23 -106.76 2.02 29.14
N GLY UB 24 -107.01 1.33 30.24
CA GLY UB 24 -106.07 1.29 31.34
C GLY UB 24 -106.67 1.75 32.65
N ILE UB 25 -106.19 1.18 33.76
CA ILE UB 25 -106.72 1.51 35.08
C ILE UB 25 -106.42 2.95 35.44
N ARG UB 26 -105.30 3.50 34.95
CA ARG UB 26 -104.92 4.85 35.33
C ARG UB 26 -105.98 5.86 34.91
N GLU UB 27 -106.45 5.77 33.66
CA GLU UB 27 -107.53 6.64 33.22
C GLU UB 27 -108.90 6.12 33.65
N ALA UB 28 -109.03 4.81 33.86
CA ALA UB 28 -110.29 4.25 34.31
C ALA UB 28 -110.66 4.79 35.69
N ALA UB 29 -109.67 4.90 36.58
CA ALA UB 29 -109.91 5.45 37.90
C ALA UB 29 -110.33 6.91 37.82
N LYS UB 30 -109.75 7.66 36.88
CA LYS UB 30 -110.13 9.06 36.70
C LYS UB 30 -111.57 9.16 36.25
N ALA UB 31 -111.91 8.41 35.20
CA ALA UB 31 -113.27 8.39 34.68
C ALA UB 31 -114.28 7.92 35.71
N LEU UB 32 -113.86 7.07 36.66
CA LEU UB 32 -114.76 6.62 37.70
C LEU UB 32 -114.94 7.66 38.81
N ASP UB 33 -113.82 8.13 39.39
CA ASP UB 33 -113.95 9.01 40.56
C ASP UB 33 -114.34 10.43 40.17
N LYS UB 34 -114.33 10.78 38.89
CA LYS UB 34 -114.93 12.05 38.50
C LYS UB 34 -116.40 11.92 38.14
N ARG UB 35 -116.96 10.72 38.25
CA ARG UB 35 -118.30 10.39 37.76
C ARG UB 35 -118.44 10.66 36.28
N GLN UB 36 -117.32 10.67 35.56
CA GLN UB 36 -117.33 10.77 34.10
C GLN UB 36 -117.27 9.38 33.48
N ALA UB 37 -118.20 8.52 33.87
CA ALA UB 37 -118.21 7.13 33.43
C ALA UB 37 -119.64 6.71 33.10
N HIS UB 38 -119.75 5.72 32.26
CA HIS UB 38 -121.05 5.12 31.95
C HIS UB 38 -121.05 3.61 32.13
N LEU UB 39 -119.95 2.94 31.78
CA LEU UB 39 -119.92 1.48 31.77
C LEU UB 39 -118.49 0.96 31.77
N CYS UB 40 -118.17 0.07 32.70
CA CYS UB 40 -116.83 -0.49 32.82
C CYS UB 40 -116.85 -1.97 32.48
N VAL UB 41 -115.79 -2.42 31.81
CA VAL UB 41 -115.64 -3.80 31.38
C VAL UB 41 -114.35 -4.33 31.96
N LEU UB 42 -114.45 -5.46 32.65
CA LEU UB 42 -113.35 -6.15 33.31
C LEU UB 42 -113.19 -7.56 32.73
N ALA UB 43 -111.94 -7.99 32.61
CA ALA UB 43 -111.67 -9.38 32.27
C ALA UB 43 -111.79 -10.25 33.51
N SER UB 44 -112.46 -11.39 33.35
CA SER UB 44 -112.62 -12.31 34.47
C SER UB 44 -111.28 -12.87 34.92
N ASN UB 45 -110.43 -13.25 33.97
CA ASN UB 45 -109.16 -13.90 34.28
C ASN UB 45 -108.11 -12.83 34.58
N CYS UB 46 -107.65 -12.79 35.81
CA CYS UB 46 -106.54 -11.93 36.21
C CYS UB 46 -105.88 -12.56 37.42
N ASP UB 47 -104.59 -12.90 37.29
CA ASP UB 47 -103.89 -13.60 38.37
C ASP UB 47 -103.56 -12.71 39.55
N GLU UB 48 -104.01 -11.45 39.54
CA GLU UB 48 -103.77 -10.54 40.67
C GLU UB 48 -105.10 -10.14 41.30
N PRO UB 49 -105.49 -10.76 42.42
CA PRO UB 49 -106.72 -10.33 43.11
C PRO UB 49 -106.66 -8.89 43.59
N MET UB 50 -105.47 -8.40 43.92
CA MET UB 50 -105.31 -6.99 44.23
C MET UB 50 -105.75 -6.11 43.07
N TYR UB 51 -105.39 -6.52 41.85
CA TYR UB 51 -105.86 -5.81 40.67
C TYR UB 51 -107.37 -5.98 40.48
N VAL UB 52 -107.88 -7.18 40.71
CA VAL UB 52 -109.29 -7.45 40.43
C VAL UB 52 -110.19 -6.64 41.36
N LYS UB 53 -109.80 -6.51 42.63
CA LYS UB 53 -110.72 -5.99 43.64
C LYS UB 53 -111.01 -4.50 43.45
N LEU UB 54 -110.01 -3.71 43.04
CA LEU UB 54 -110.21 -2.26 42.97
C LEU UB 54 -111.22 -1.87 41.91
N VAL UB 55 -111.13 -2.48 40.73
CA VAL UB 55 -111.97 -2.07 39.61
C VAL UB 55 -113.43 -2.43 39.82
N GLU UB 56 -113.71 -3.37 40.72
CA GLU UB 56 -115.10 -3.64 41.10
C GLU UB 56 -115.51 -2.88 42.36
N ALA UB 57 -114.57 -2.62 43.27
CA ALA UB 57 -114.90 -1.84 44.46
C ALA UB 57 -115.30 -0.42 44.09
N LEU UB 58 -114.55 0.21 43.20
CA LEU UB 58 -114.91 1.55 42.77
C LEU UB 58 -116.19 1.55 41.93
N CYS UB 59 -116.33 0.54 41.05
CA CYS UB 59 -117.51 0.44 40.21
C CYS UB 59 -118.77 0.20 41.02
N ALA UB 60 -118.65 -0.45 42.18
CA ALA UB 60 -119.80 -0.66 43.05
C ALA UB 60 -120.01 0.51 44.00
N GLU UB 61 -118.94 1.22 44.38
CA GLU UB 61 -119.10 2.44 45.16
C GLU UB 61 -119.88 3.48 44.38
N HIS UB 62 -119.63 3.57 43.08
CA HIS UB 62 -120.43 4.42 42.22
C HIS UB 62 -121.51 3.59 41.55
N GLN UB 63 -122.38 4.25 40.78
CA GLN UB 63 -123.48 3.57 40.10
C GLN UB 63 -123.09 3.33 38.65
N ILE UB 64 -122.23 2.35 38.45
CA ILE UB 64 -121.64 2.06 37.14
C ILE UB 64 -121.94 0.62 36.77
N ASN UB 65 -122.37 0.41 35.53
CA ASN UB 65 -122.49 -0.94 35.00
C ASN UB 65 -121.12 -1.59 34.91
N LEU UB 66 -121.06 -2.86 35.30
CA LEU UB 66 -119.84 -3.66 35.18
C LEU UB 66 -120.13 -4.90 34.35
N ILE UB 67 -119.31 -5.15 33.35
CA ILE UB 67 -119.47 -6.30 32.47
C ILE UB 67 -118.18 -7.12 32.50
N LYS UB 68 -118.32 -8.42 32.72
CA LYS UB 68 -117.17 -9.32 32.80
C LYS UB 68 -117.03 -10.08 31.49
N VAL UB 69 -115.85 -10.01 30.89
CA VAL UB 69 -115.55 -10.69 29.65
C VAL UB 69 -114.64 -11.88 29.95
N ASP UB 70 -114.54 -12.78 28.98
CA ASP UB 70 -113.84 -14.04 29.19
C ASP UB 70 -112.33 -13.86 29.31
N ASP UB 71 -111.74 -12.87 28.63
CA ASP UB 71 -110.29 -12.74 28.62
C ASP UB 71 -109.88 -11.31 28.35
N ASN UB 72 -108.75 -10.91 28.96
CA ASN UB 72 -108.17 -9.60 28.75
C ASN UB 72 -107.54 -9.43 27.37
N LYS UB 73 -106.95 -10.49 26.81
CA LYS UB 73 -106.47 -10.40 25.43
C LYS UB 73 -107.64 -10.18 24.48
N LYS UB 74 -108.74 -10.88 24.71
CA LYS UB 74 -109.94 -10.68 23.90
C LYS UB 74 -110.48 -9.27 24.06
N LEU UB 75 -110.47 -8.75 25.29
CA LEU UB 75 -110.95 -7.39 25.51
C LEU UB 75 -110.05 -6.37 24.82
N GLY UB 76 -108.73 -6.59 24.84
CA GLY UB 76 -107.83 -5.71 24.12
C GLY UB 76 -108.06 -5.75 22.63
N GLU UB 77 -108.30 -6.95 22.09
CA GLU UB 77 -108.65 -7.07 20.67
C GLU UB 77 -109.91 -6.30 20.36
N TRP UB 78 -110.91 -6.38 21.24
CA TRP UB 78 -112.19 -5.74 20.96
C TRP UB 78 -112.11 -4.22 21.06
N VAL UB 79 -111.39 -3.70 22.06
CA VAL UB 79 -111.21 -2.25 22.12
C VAL UB 79 -110.35 -1.78 20.95
N GLY UB 80 -109.49 -2.65 20.43
CA GLY UB 80 -108.78 -2.32 19.21
C GLY UB 80 -107.36 -1.86 19.47
N LEU UB 81 -106.65 -2.57 20.33
CA LEU UB 81 -105.27 -2.25 20.65
C LEU UB 81 -104.32 -3.13 19.84
N CYS UB 82 -104.29 -2.86 18.55
CA CYS UB 82 -103.62 -3.69 17.57
C CYS UB 82 -103.31 -2.85 16.34
N LYS UB 83 -102.55 -3.45 15.42
CA LYS UB 83 -102.10 -2.76 14.22
C LYS UB 83 -103.17 -2.67 13.13
N ILE UB 84 -104.36 -3.25 13.37
CA ILE UB 84 -105.49 -3.22 12.45
C ILE UB 84 -105.08 -3.78 11.09
N ASP UB 85 -104.64 -5.04 11.09
CA ASP UB 85 -104.21 -5.76 9.90
C ASP UB 85 -104.77 -7.18 9.91
N ARG UB 86 -106.08 -7.31 10.09
CA ARG UB 86 -106.71 -8.63 10.19
C ARG UB 86 -106.41 -9.50 8.97
N GLU UB 87 -106.51 -8.92 7.78
CA GLU UB 87 -106.29 -9.67 6.55
C GLU UB 87 -104.83 -10.08 6.38
N GLY UB 88 -103.90 -9.41 7.06
CA GLY UB 88 -102.49 -9.69 6.89
C GLY UB 88 -101.88 -10.57 7.95
N LYS UB 89 -102.13 -10.25 9.22
CA LYS UB 89 -101.42 -10.87 10.33
C LYS UB 89 -102.31 -10.86 11.57
N PRO UB 90 -102.26 -11.92 12.41
CA PRO UB 90 -103.16 -12.02 13.56
C PRO UB 90 -103.08 -10.87 14.56
N ARG UB 91 -102.04 -10.05 14.48
CA ARG UB 91 -101.90 -8.82 15.26
C ARG UB 91 -101.92 -9.12 16.76
N LYS UB 92 -100.83 -9.75 17.21
CA LYS UB 92 -100.59 -9.96 18.63
C LYS UB 92 -100.84 -8.67 19.40
N VAL UB 93 -101.72 -8.75 20.40
CA VAL UB 93 -102.27 -7.58 21.04
C VAL UB 93 -101.66 -7.41 22.42
N VAL UB 94 -101.95 -6.28 23.04
CA VAL UB 94 -101.57 -6.03 24.42
C VAL UB 94 -102.75 -6.42 25.31
N GLY UB 95 -102.46 -6.71 26.57
CA GLY UB 95 -103.49 -7.13 27.50
C GLY UB 95 -104.22 -5.99 28.17
N CYS UB 96 -105.46 -5.76 27.78
CA CYS UB 96 -106.31 -4.73 28.37
C CYS UB 96 -107.45 -5.39 29.12
N SER UB 97 -107.60 -5.06 30.40
CA SER UB 97 -108.61 -5.69 31.25
C SER UB 97 -109.47 -4.66 31.97
N CYS UB 98 -109.59 -3.45 31.42
CA CYS UB 98 -110.41 -2.40 32.05
C CYS UB 98 -110.73 -1.37 30.99
N VAL UB 99 -112.01 -1.26 30.62
CA VAL UB 99 -112.44 -0.28 29.64
C VAL UB 99 -113.61 0.49 30.20
N VAL UB 100 -113.50 1.81 30.22
CA VAL UB 100 -114.58 2.69 30.67
C VAL UB 100 -115.10 3.43 29.45
N VAL UB 101 -116.34 3.15 29.08
CA VAL UB 101 -116.95 3.76 27.90
C VAL UB 101 -117.74 4.97 28.41
N LYS UB 102 -117.12 6.14 28.35
CA LYS UB 102 -117.73 7.37 28.83
C LYS UB 102 -118.22 8.28 27.71
N ASP UB 103 -118.18 7.81 26.45
CA ASP UB 103 -118.51 8.66 25.32
C ASP UB 103 -119.90 8.38 24.75
N TYR UB 104 -120.19 7.13 24.40
CA TYR UB 104 -121.42 6.76 23.70
C TYR UB 104 -121.64 7.64 22.48
N GLY UB 105 -120.57 7.79 21.69
CA GLY UB 105 -120.58 8.69 20.54
C GLY UB 105 -121.66 8.39 19.52
N LYS UB 106 -121.65 7.19 18.97
CA LYS UB 106 -122.67 6.74 18.05
C LYS UB 106 -123.40 5.55 18.66
N GLU UB 107 -124.72 5.61 18.70
CA GLU UB 107 -125.55 4.63 19.39
C GLU UB 107 -126.22 3.73 18.38
N SER UB 108 -125.82 2.46 18.35
CA SER UB 108 -126.42 1.45 17.50
C SER UB 108 -127.03 0.32 18.31
N GLN UB 109 -126.30 -0.22 19.29
CA GLN UB 109 -126.81 -1.20 20.22
C GLN UB 109 -126.68 -0.71 21.66
N ALA UB 110 -126.48 0.60 21.84
CA ALA UB 110 -126.53 1.19 23.16
C ALA UB 110 -127.89 0.98 23.81
N LYS UB 111 -128.95 0.88 23.01
CA LYS UB 111 -130.26 0.51 23.55
C LYS UB 111 -130.21 -0.88 24.16
N ASP UB 112 -129.55 -1.82 23.48
CA ASP UB 112 -129.40 -3.17 24.01
C ASP UB 112 -128.58 -3.17 25.30
N VAL UB 113 -127.49 -2.41 25.35
CA VAL UB 113 -126.67 -2.42 26.56
C VAL UB 113 -127.42 -1.73 27.70
N ILE UB 114 -128.24 -0.74 27.41
CA ILE UB 114 -129.03 -0.09 28.45
C ILE UB 114 -130.11 -1.04 28.97
N GLU UB 115 -130.72 -1.82 28.08
CA GLU UB 115 -131.70 -2.82 28.52
C GLU UB 115 -131.04 -3.89 29.38
N GLU UB 116 -129.82 -4.30 29.01
CA GLU UB 116 -129.08 -5.24 29.84
C GLU UB 116 -128.77 -4.63 31.20
N TYR UB 117 -128.43 -3.34 31.23
CA TYR UB 117 -128.15 -2.68 32.50
C TYR UB 117 -129.40 -2.60 33.36
N PHE UB 118 -130.56 -2.38 32.72
CA PHE UB 118 -131.83 -2.41 33.45
C PHE UB 118 -132.09 -3.79 34.04
N LYS UB 119 -131.83 -4.84 33.26
CA LYS UB 119 -131.96 -6.20 33.79
C LYS UB 119 -131.02 -6.44 34.96
N CYS UB 120 -129.78 -5.95 34.84
CA CYS UB 120 -128.80 -6.14 35.92
C CYS UB 120 -129.22 -5.40 37.18
N LYS UB 121 -129.75 -4.18 37.04
CA LYS UB 121 -130.18 -3.42 38.20
C LYS UB 121 -131.50 -3.92 38.77
N LYS UB 122 -132.28 -4.67 38.00
CA LYS UB 122 -133.46 -5.31 38.56
C LYS UB 122 -133.05 -6.59 39.29
N THR VB 1 -65.72 55.65 52.62
CA THR VB 1 -66.70 56.54 52.01
C THR VB 1 -66.58 56.56 50.49
N TYR VB 2 -67.70 56.30 49.81
CA TYR VB 2 -67.69 56.33 48.36
C TYR VB 2 -67.79 57.76 47.84
N ARG VB 3 -68.93 58.41 48.08
CA ARG VB 3 -69.12 59.82 47.76
C ARG VB 3 -69.26 60.61 49.05
N GLY VB 4 -68.39 60.33 50.02
CA GLY VB 4 -68.49 60.90 51.34
C GLY VB 4 -69.37 60.11 52.30
N VAL VB 5 -70.00 59.04 51.83
CA VAL VB 5 -70.87 58.20 52.65
C VAL VB 5 -70.19 56.85 52.82
N ASP VB 6 -69.90 56.48 54.06
CA ASP VB 6 -69.18 55.26 54.31
C ASP VB 6 -70.10 54.05 54.22
N LEU VB 7 -69.51 52.86 54.36
CA LEU VB 7 -70.20 51.61 54.06
C LEU VB 7 -71.32 51.33 55.06
N ASP VB 8 -71.33 52.03 56.19
CA ASP VB 8 -72.20 51.63 57.30
C ASP VB 8 -73.68 51.82 56.95
N GLN VB 9 -74.03 52.96 56.38
CA GLN VB 9 -75.43 53.30 56.13
C GLN VB 9 -75.81 53.07 54.67
N LEU VB 10 -75.03 52.32 53.92
CA LEU VB 10 -75.41 51.94 52.58
C LEU VB 10 -76.26 50.68 52.56
N LEU VB 11 -76.08 49.81 53.54
CA LEU VB 11 -76.80 48.54 53.56
C LEU VB 11 -78.29 48.75 53.79
N ASP VB 12 -78.64 49.62 54.72
CA ASP VB 12 -80.03 49.98 54.98
C ASP VB 12 -80.56 51.02 54.01
N MET VB 13 -79.72 51.52 53.11
CA MET VB 13 -80.15 52.48 52.09
C MET VB 13 -80.90 51.74 51.00
N SER VB 14 -82.18 52.06 50.83
CA SER VB 14 -83.00 51.39 49.84
C SER VB 14 -82.53 51.71 48.42
N TYR VB 15 -82.96 50.87 47.48
CA TYR VB 15 -82.40 50.88 46.13
C TYR VB 15 -82.55 52.23 45.45
N GLU VB 16 -83.63 52.94 45.73
CA GLU VB 16 -83.91 54.19 45.02
C GLU VB 16 -82.89 55.28 45.37
N GLN VB 17 -82.51 55.39 46.64
CA GLN VB 17 -81.77 56.57 47.06
C GLN VB 17 -80.26 56.43 46.95
N LEU VB 18 -79.72 55.25 46.68
CA LEU VB 18 -78.32 55.16 46.29
C LEU VB 18 -78.15 55.12 44.78
N MET VB 19 -79.25 55.13 44.02
CA MET VB 19 -79.14 55.45 42.61
C MET VB 19 -78.48 56.80 42.42
N GLN VB 20 -78.97 57.82 43.14
CA GLN VB 20 -78.35 59.14 43.09
C GLN VB 20 -76.90 59.11 43.54
N LEU VB 21 -76.53 58.13 44.37
CA LEU VB 21 -75.13 57.99 44.76
C LEU VB 21 -74.30 57.37 43.65
N TYR VB 22 -74.89 56.47 42.88
CA TYR VB 22 -74.23 55.83 41.75
C TYR VB 22 -74.02 56.84 40.62
N SER VB 23 -73.23 56.43 39.63
CA SER VB 23 -72.97 57.28 38.47
C SER VB 23 -74.11 57.10 37.46
N ALA VB 24 -73.92 57.65 36.25
CA ALA VB 24 -75.01 57.71 35.28
C ALA VB 24 -75.37 56.32 34.76
N ARG VB 25 -74.36 55.53 34.40
CA ARG VB 25 -74.61 54.21 33.81
C ARG VB 25 -75.33 53.31 34.80
N GLN VB 26 -74.88 53.29 36.05
CA GLN VB 26 -75.54 52.48 37.06
C GLN VB 26 -76.92 53.02 37.40
N ARG VB 27 -77.09 54.35 37.36
CA ARG VB 27 -78.42 54.92 37.54
C ARG VB 27 -79.39 54.40 36.51
N ARG VB 28 -78.98 54.42 35.23
CA ARG VB 28 -79.85 53.92 34.18
C ARG VB 28 -80.10 52.42 34.33
N ARG VB 29 -79.05 51.67 34.68
CA ARG VB 29 -79.20 50.23 34.86
C ARG VB 29 -80.19 49.90 35.97
N LEU VB 30 -80.13 50.65 37.07
CA LEU VB 30 -81.04 50.41 38.19
C LEU VB 30 -82.44 50.93 37.89
N ASN VB 31 -82.55 52.03 37.14
CA ASN VB 31 -83.86 52.53 36.75
C ASN VB 31 -84.57 51.51 35.88
N ARG VB 32 -83.84 50.89 34.96
CA ARG VB 32 -84.37 49.74 34.25
C ARG VB 32 -84.47 48.55 35.18
N GLY VB 33 -85.38 47.63 34.87
CA GLY VB 33 -85.69 46.55 35.79
C GLY VB 33 -84.53 45.58 35.95
N LEU VB 34 -84.48 44.96 37.13
CA LEU VB 34 -83.48 43.95 37.45
C LEU VB 34 -84.10 42.57 37.22
N ARG VB 35 -83.35 41.69 36.56
CA ARG VB 35 -83.92 40.44 36.10
C ARG VB 35 -83.67 39.32 37.10
N ARG VB 36 -84.41 38.23 36.90
CA ARG VB 36 -84.29 37.05 37.77
C ARG VB 36 -82.89 36.47 37.71
N LYS VB 37 -82.21 36.61 36.58
CA LYS VB 37 -80.83 36.17 36.47
C LYS VB 37 -79.93 36.90 37.47
N GLN VB 38 -80.14 38.21 37.63
CA GLN VB 38 -79.39 38.96 38.61
C GLN VB 38 -79.85 38.63 40.03
N HIS VB 39 -81.16 38.45 40.22
CA HIS VB 39 -81.70 38.17 41.55
C HIS VB 39 -81.20 36.84 42.09
N SER VB 40 -80.99 35.84 41.22
CA SER VB 40 -80.45 34.58 41.68
C SER VB 40 -79.02 34.74 42.20
N LEU VB 41 -78.21 35.54 41.51
CA LEU VB 41 -76.87 35.82 42.03
C LEU VB 41 -76.93 36.53 43.37
N LEU VB 42 -77.86 37.48 43.51
CA LEU VB 42 -78.03 38.15 44.79
C LEU VB 42 -78.36 37.15 45.90
N LYS VB 43 -79.32 36.27 45.63
CA LYS VB 43 -79.72 35.27 46.61
C LYS VB 43 -78.56 34.35 46.99
N ARG VB 44 -77.82 33.87 45.99
CA ARG VB 44 -76.74 32.94 46.25
C ARG VB 44 -75.63 33.61 47.06
N LEU VB 45 -75.26 34.84 46.71
CA LEU VB 45 -74.22 35.55 47.45
C LEU VB 45 -74.64 35.79 48.89
N ARG VB 46 -75.88 36.25 49.09
CA ARG VB 46 -76.34 36.53 50.45
C ARG VB 46 -76.41 35.26 51.28
N LYS VB 47 -76.88 34.15 50.71
CA LYS VB 47 -76.93 32.90 51.45
C LYS VB 47 -75.53 32.43 51.83
N ALA VB 48 -74.58 32.53 50.89
CA ALA VB 48 -73.22 32.09 51.19
C ALA VB 48 -72.61 32.90 52.32
N LYS VB 49 -72.77 34.23 52.28
CA LYS VB 49 -72.20 35.02 53.36
C LYS VB 49 -72.97 34.86 54.66
N LYS VB 50 -74.26 34.50 54.58
CA LYS VB 50 -75.00 34.17 55.79
C LYS VB 50 -74.45 32.92 56.45
N GLU VB 51 -74.10 31.92 55.66
CA GLU VB 51 -73.62 30.65 56.20
C GLU VB 51 -72.11 30.60 56.39
N ALA VB 52 -71.41 31.69 56.08
CA ALA VB 52 -69.97 31.72 56.32
C ALA VB 52 -69.66 31.62 57.81
N PRO VB 53 -68.68 30.81 58.21
CA PRO VB 53 -68.31 30.75 59.62
C PRO VB 53 -67.66 32.05 60.06
N PRO VB 54 -67.73 32.37 61.35
CA PRO VB 54 -67.18 33.65 61.82
C PRO VB 54 -65.68 33.74 61.61
N MET VB 55 -65.22 34.96 61.33
CA MET VB 55 -63.82 35.25 61.01
C MET VB 55 -63.33 34.39 59.85
N GLU VB 56 -64.18 34.24 58.83
CA GLU VB 56 -63.85 33.44 57.66
C GLU VB 56 -64.64 33.96 56.48
N LYS VB 57 -63.99 34.04 55.31
CA LYS VB 57 -64.67 34.46 54.11
C LYS VB 57 -65.63 33.37 53.62
N PRO VB 58 -66.71 33.75 52.95
CA PRO VB 58 -67.64 32.75 52.44
C PRO VB 58 -67.07 32.02 51.24
N GLU VB 59 -67.71 30.91 50.90
CA GLU VB 59 -67.26 30.11 49.77
C GLU VB 59 -67.41 30.88 48.48
N VAL VB 60 -66.49 30.66 47.55
CA VAL VB 60 -66.49 31.41 46.30
C VAL VB 60 -67.68 30.99 45.43
N VAL VB 61 -68.40 31.97 44.92
CA VAL VB 61 -69.61 31.75 44.14
C VAL VB 61 -69.27 31.97 42.67
N LYS VB 62 -69.52 30.95 41.85
CA LYS VB 62 -69.23 31.04 40.43
C LYS VB 62 -70.38 31.71 39.69
N THR VB 63 -70.04 32.51 38.68
CA THR VB 63 -71.07 33.11 37.85
C THR VB 63 -70.53 33.45 36.46
N HIS VB 64 -71.31 33.14 35.44
CA HIS VB 64 -71.00 33.60 34.09
C HIS VB 64 -71.30 35.08 33.90
N LEU VB 65 -72.42 35.55 34.44
CA LEU VB 65 -72.83 36.90 34.12
C LEU VB 65 -71.87 37.90 34.74
N ARG VB 66 -71.33 38.78 33.90
CA ARG VB 66 -70.33 39.76 34.28
C ARG VB 66 -70.77 41.18 33.95
N ASP VB 67 -72.07 41.35 33.69
CA ASP VB 67 -72.70 42.66 33.59
C ASP VB 67 -73.25 43.12 34.93
N MET VB 68 -73.00 42.37 36.00
CA MET VB 68 -73.48 42.76 37.31
C MET VB 68 -72.70 43.95 37.84
N ILE VB 69 -73.42 44.92 38.38
CA ILE VB 69 -72.82 46.06 39.05
C ILE VB 69 -72.59 45.70 40.51
N ILE VB 70 -71.46 46.15 41.05
CA ILE VB 70 -71.06 45.78 42.40
C ILE VB 70 -71.90 46.59 43.38
N LEU VB 71 -72.91 45.96 43.96
CA LEU VB 71 -73.72 46.60 44.97
C LEU VB 71 -72.93 46.72 46.27
N PRO VB 72 -73.31 47.63 47.16
CA PRO VB 72 -72.68 47.65 48.48
C PRO VB 72 -72.94 46.38 49.28
N GLU VB 73 -74.05 45.69 49.03
CA GLU VB 73 -74.41 44.54 49.85
C GLU VB 73 -73.57 43.31 49.56
N MET VB 74 -72.80 43.30 48.47
CA MET VB 74 -71.91 42.20 48.17
C MET VB 74 -70.45 42.50 48.50
N VAL VB 75 -70.17 43.59 49.21
CA VAL VB 75 -68.82 43.81 49.70
C VAL VB 75 -68.50 42.74 50.75
N GLY VB 76 -67.32 42.14 50.64
CA GLY VB 76 -66.97 41.00 51.44
C GLY VB 76 -67.31 39.67 50.81
N SER VB 77 -67.82 39.67 49.58
CA SER VB 77 -68.15 38.42 48.92
C SER VB 77 -66.98 37.94 48.06
N MET VB 78 -66.93 36.63 47.86
CA MET VB 78 -65.91 35.97 47.06
C MET VB 78 -66.59 35.38 45.84
N VAL VB 79 -66.25 35.89 44.65
CA VAL VB 79 -66.89 35.41 43.43
C VAL VB 79 -65.83 35.00 42.42
N GLY VB 80 -66.12 33.89 41.74
CA GLY VB 80 -65.45 33.52 40.52
C GLY VB 80 -66.27 34.04 39.36
N VAL VB 81 -65.65 34.87 38.54
CA VAL VB 81 -66.29 35.49 37.40
C VAL VB 81 -65.77 34.80 36.15
N TYR VB 82 -66.67 34.30 35.32
CA TYR VB 82 -66.25 33.63 34.10
C TYR VB 82 -65.62 34.64 33.14
N ASN VB 83 -64.40 34.34 32.69
CA ASN VB 83 -63.72 35.16 31.70
C ASN VB 83 -63.78 34.58 30.30
N GLY VB 84 -64.59 33.55 30.09
CA GLY VB 84 -64.66 32.90 28.81
C GLY VB 84 -64.17 31.47 28.88
N LYS VB 85 -63.16 31.23 29.72
CA LYS VB 85 -62.62 29.90 29.93
C LYS VB 85 -62.77 29.44 31.36
N THR VB 86 -62.32 30.23 32.32
CA THR VB 86 -62.30 29.85 33.72
C THR VB 86 -63.02 30.89 34.56
N PHE VB 87 -63.30 30.52 35.81
CA PHE VB 87 -63.88 31.44 36.78
C PHE VB 87 -62.74 32.09 37.55
N ASN VB 88 -62.34 33.28 37.11
CA ASN VB 88 -61.29 34.02 37.79
C ASN VB 88 -61.74 34.44 39.18
N GLN VB 89 -60.82 34.33 40.13
CA GLN VB 89 -61.08 34.54 41.55
C GLN VB 89 -60.99 36.02 41.88
N VAL VB 90 -61.98 36.54 42.62
CA VAL VB 90 -61.92 37.92 43.07
C VAL VB 90 -62.73 38.06 44.34
N GLU VB 91 -62.28 38.95 45.23
CA GLU VB 91 -62.95 39.29 46.48
C GLU VB 91 -63.33 40.76 46.41
N ILE VB 92 -64.59 41.05 46.70
CA ILE VB 92 -65.06 42.43 46.58
C ILE VB 92 -64.57 43.23 47.78
N LYS VB 93 -63.67 44.13 47.53
CA LYS VB 93 -63.15 45.10 48.48
C LYS VB 93 -63.98 46.38 48.43
N PRO VB 94 -64.03 47.19 49.50
CA PRO VB 94 -65.07 48.22 49.58
C PRO VB 94 -64.80 49.46 48.75
N GLU VB 95 -63.81 49.43 47.86
CA GLU VB 95 -63.53 50.53 46.96
C GLU VB 95 -63.73 50.13 45.52
N MET VB 96 -64.75 49.30 45.27
CA MET VB 96 -65.08 48.87 43.91
C MET VB 96 -66.57 48.93 43.65
N ILE VB 97 -67.27 49.89 44.27
CA ILE VB 97 -68.73 49.89 44.22
C ILE VB 97 -69.22 50.25 42.82
N GLY VB 98 -68.64 51.26 42.20
CA GLY VB 98 -69.12 51.70 40.91
C GLY VB 98 -68.44 51.03 39.73
N HIS VB 99 -68.24 49.71 39.81
CA HIS VB 99 -67.56 48.98 38.76
C HIS VB 99 -68.42 47.78 38.35
N TYR VB 100 -67.83 46.92 37.52
CA TYR VB 100 -68.49 45.73 36.99
C TYR VB 100 -67.74 44.49 37.41
N LEU VB 101 -68.46 43.38 37.53
CA LEU VB 101 -67.83 42.11 37.88
C LEU VB 101 -66.81 41.70 36.83
N GLY VB 102 -67.16 41.85 35.55
CA GLY VB 102 -66.23 41.51 34.49
C GLY VB 102 -65.01 42.39 34.40
N GLU VB 103 -65.05 43.57 35.02
CA GLU VB 103 -63.90 44.48 34.97
C GLU VB 103 -62.72 43.96 35.76
N PHE VB 104 -62.88 42.93 36.59
CA PHE VB 104 -61.80 42.37 37.39
C PHE VB 104 -61.50 40.92 37.04
N SER VB 105 -62.09 40.40 35.96
CA SER VB 105 -61.82 39.06 35.46
C SER VB 105 -61.46 39.20 33.99
N ILE VB 106 -60.18 39.42 33.71
CA ILE VB 106 -59.75 39.72 32.35
C ILE VB 106 -59.88 38.48 31.48
N THR VB 107 -60.24 38.70 30.21
CA THR VB 107 -60.48 37.62 29.27
C THR VB 107 -59.26 37.25 28.45
N TYR VB 108 -58.41 38.21 28.14
CA TYR VB 108 -57.20 37.98 27.37
C TYR VB 108 -55.99 38.13 28.28
N LYS VB 109 -55.00 37.28 28.10
CA LYS VB 109 -53.78 37.50 28.85
C LYS VB 109 -52.92 38.54 28.14
N PRO VB 110 -52.06 39.24 28.88
CA PRO VB 110 -51.18 40.22 28.24
C PRO VB 110 -50.30 39.59 27.19
N VAL VB 111 -50.00 40.37 26.16
CA VAL VB 111 -49.28 39.88 24.99
C VAL VB 111 -47.78 40.08 25.19
N LYS VB 112 -47.01 39.01 25.04
CA LYS VB 112 -45.56 39.03 25.13
C LYS VB 112 -45.01 38.80 23.73
N HIS VB 113 -44.52 39.85 23.09
CA HIS VB 113 -44.12 39.75 21.70
C HIS VB 113 -42.87 38.89 21.55
N GLY VB 114 -42.90 37.99 20.57
CA GLY VB 114 -41.74 37.27 20.12
C GLY VB 114 -41.25 37.87 18.79
N ARG VB 115 -40.09 37.40 18.36
CA ARG VB 115 -39.51 37.94 17.14
C ARG VB 115 -40.36 37.52 15.94
N PRO VB 116 -40.55 38.42 14.97
CA PRO VB 116 -41.39 38.11 13.82
C PRO VB 116 -40.64 37.25 12.81
N GLY VB 117 -41.10 36.00 12.65
CA GLY VB 117 -40.53 35.15 11.61
C GLY VB 117 -40.80 35.70 10.22
N ILE VB 118 -42.05 36.10 9.97
CA ILE VB 118 -42.45 36.72 8.72
C ILE VB 118 -43.05 38.08 9.09
N GLY VB 119 -43.23 38.95 8.10
CA GLY VB 119 -43.91 40.20 8.34
C GLY VB 119 -43.14 41.42 7.88
N ALA VB 120 -42.10 41.20 7.08
CA ALA VB 120 -41.33 42.28 6.50
C ALA VB 120 -41.89 42.61 5.12
N THR VB 121 -41.13 43.40 4.35
CA THR VB 121 -41.51 43.84 3.01
C THR VB 121 -42.88 44.52 2.99
N SER WB 1 -102.36 106.78 -20.77
CA SER WB 1 -102.18 107.44 -19.48
C SER WB 1 -102.36 106.45 -18.34
N LYS WB 2 -103.26 105.47 -18.53
CA LYS WB 2 -103.52 104.44 -17.54
C LYS WB 2 -103.73 103.09 -18.22
N GLY WB 3 -103.05 102.87 -19.34
CA GLY WB 3 -103.21 101.67 -20.13
C GLY WB 3 -102.77 100.42 -19.41
N PRO WB 4 -103.71 99.54 -19.11
CA PRO WB 4 -103.41 98.32 -18.36
C PRO WB 4 -102.89 97.24 -19.29
N LEU WB 5 -102.67 96.05 -18.70
CA LEU WB 5 -102.23 94.86 -19.43
C LEU WB 5 -100.89 95.09 -20.12
N GLN WB 6 -100.02 95.91 -19.54
CA GLN WB 6 -98.70 96.18 -20.09
C GLN WB 6 -97.66 95.59 -19.13
N SER WB 7 -97.36 94.32 -19.31
CA SER WB 7 -96.41 93.62 -18.45
C SER WB 7 -96.00 92.31 -19.11
N VAL WB 8 -94.73 91.95 -18.93
CA VAL WB 8 -94.19 90.67 -19.38
C VAL WB 8 -93.57 89.98 -18.17
N GLN WB 9 -93.29 88.69 -18.33
CA GLN WB 9 -92.72 87.88 -17.27
C GLN WB 9 -91.69 86.95 -17.88
N VAL WB 10 -90.42 87.14 -17.53
CA VAL WB 10 -89.32 86.48 -18.20
C VAL WB 10 -88.43 85.79 -17.17
N PHE WB 11 -88.07 84.53 -17.43
CA PHE WB 11 -87.21 83.79 -16.53
C PHE WB 11 -85.79 83.75 -17.06
N GLY WB 12 -84.87 83.53 -16.13
CA GLY WB 12 -83.46 83.34 -16.43
C GLY WB 12 -82.86 82.38 -15.41
N ARG WB 13 -82.06 81.42 -15.87
CA ARG WB 13 -81.60 80.35 -15.01
C ARG WB 13 -80.12 80.08 -15.19
N LYS WB 14 -79.51 79.56 -14.14
CA LYS WB 14 -78.13 79.07 -14.20
C LYS WB 14 -77.89 78.13 -13.04
N LYS WB 15 -77.54 76.89 -13.34
CA LYS WB 15 -77.21 75.87 -12.33
C LYS WB 15 -78.36 75.72 -11.32
N THR WB 16 -79.48 75.21 -11.83
CA THR WB 16 -80.68 74.88 -11.06
C THR WB 16 -81.23 76.06 -10.26
N ALA WB 17 -80.82 77.28 -10.58
CA ALA WB 17 -81.33 78.48 -9.92
C ALA WB 17 -82.13 79.29 -10.93
N THR WB 18 -83.42 79.45 -10.68
CA THR WB 18 -84.32 80.12 -11.62
C THR WB 18 -84.81 81.43 -11.02
N ALA WB 19 -84.73 82.50 -11.78
CA ALA WB 19 -85.25 83.80 -11.38
C ALA WB 19 -86.32 84.21 -12.38
N VAL WB 20 -87.41 84.79 -11.89
CA VAL WB 20 -88.50 85.26 -12.73
C VAL WB 20 -88.64 86.75 -12.52
N ALA WB 21 -88.30 87.52 -13.54
CA ALA WB 21 -88.44 88.97 -13.53
C ALA WB 21 -89.80 89.34 -14.11
N HIS WB 22 -90.60 90.03 -13.30
CA HIS WB 22 -91.91 90.50 -13.73
C HIS WB 22 -91.78 91.97 -14.13
N CYS WB 23 -91.60 92.21 -15.42
CA CYS WB 23 -91.40 93.56 -15.93
C CYS WB 23 -92.77 94.19 -16.18
N LYS WB 24 -93.07 95.25 -15.46
CA LYS WB 24 -94.39 95.87 -15.52
C LYS WB 24 -94.23 97.36 -15.77
N ARG WB 25 -95.24 97.96 -16.37
CA ARG WB 25 -95.24 99.39 -16.61
C ARG WB 25 -95.26 100.16 -15.28
N GLY WB 26 -94.45 101.20 -15.22
CA GLY WB 26 -94.41 102.04 -14.04
C GLY WB 26 -93.07 102.73 -13.93
N ASN WB 27 -92.91 103.44 -12.81
CA ASN WB 27 -91.68 104.19 -12.56
C ASN WB 27 -90.52 103.23 -12.29
N GLY WB 28 -89.31 103.71 -12.55
CA GLY WB 28 -88.12 102.90 -12.41
C GLY WB 28 -87.85 102.43 -11.00
N LEU WB 29 -87.92 101.12 -10.79
CA LEU WB 29 -87.67 100.51 -9.50
C LEU WB 29 -87.39 99.02 -9.66
N ILE WB 30 -86.21 98.56 -9.26
CA ILE WB 30 -85.82 97.16 -9.41
C ILE WB 30 -85.68 96.56 -8.02
N LYS WB 31 -86.41 95.48 -7.77
CA LYS WB 31 -86.37 94.80 -6.49
C LYS WB 31 -86.33 93.31 -6.69
N VAL WB 32 -85.48 92.63 -5.92
CA VAL WB 32 -85.39 91.17 -5.92
C VAL WB 32 -85.80 90.68 -4.54
N ASN WB 33 -86.82 89.82 -4.50
CA ASN WB 33 -87.34 89.25 -3.25
C ASN WB 33 -87.70 90.35 -2.25
N GLY WB 34 -88.31 91.42 -2.75
CA GLY WB 34 -88.74 92.50 -1.90
C GLY WB 34 -87.66 93.44 -1.40
N ARG WB 35 -86.45 93.36 -1.97
CA ARG WB 35 -85.35 94.21 -1.53
C ARG WB 35 -84.71 94.89 -2.73
N PRO WB 36 -84.19 96.10 -2.55
CA PRO WB 36 -83.54 96.80 -3.67
C PRO WB 36 -82.28 96.08 -4.11
N LEU WB 37 -81.78 96.50 -5.27
CA LEU WB 37 -80.57 95.88 -5.83
C LEU WB 37 -79.39 96.03 -4.91
N GLU WB 38 -79.21 97.21 -4.34
CA GLU WB 38 -78.19 97.37 -3.32
C GLU WB 38 -78.59 96.62 -2.06
N MET WB 39 -77.60 96.37 -1.20
CA MET WB 39 -77.72 95.62 0.05
C MET WB 39 -78.02 94.14 -0.19
N ILE WB 40 -78.03 93.68 -1.44
CA ILE WB 40 -78.20 92.26 -1.73
C ILE WB 40 -76.85 91.57 -1.55
N GLU WB 41 -76.85 90.50 -0.79
CA GLU WB 41 -75.56 89.89 -0.50
C GLU WB 41 -75.27 88.76 -1.48
N PRO WB 42 -73.98 88.52 -1.81
CA PRO WB 42 -72.78 89.21 -1.33
C PRO WB 42 -72.66 90.62 -1.88
N ARG WB 43 -72.03 91.53 -1.14
CA ARG WB 43 -71.84 92.88 -1.66
C ARG WB 43 -70.83 92.89 -2.79
N THR WB 44 -69.89 91.95 -2.78
CA THR WB 44 -69.13 91.66 -3.98
C THR WB 44 -70.09 91.11 -5.04
N LEU WB 45 -69.76 91.35 -6.31
CA LEU WB 45 -70.57 91.05 -7.48
C LEU WB 45 -71.78 91.98 -7.61
N GLN WB 46 -71.87 93.01 -6.78
CA GLN WB 46 -72.92 94.01 -6.96
C GLN WB 46 -72.81 94.67 -8.33
N TYR WB 47 -71.58 94.89 -8.79
CA TYR WB 47 -71.41 95.41 -10.14
C TYR WB 47 -71.93 94.44 -11.19
N LYS WB 48 -71.80 93.13 -10.94
CA LYS WB 48 -72.37 92.15 -11.85
C LYS WB 48 -73.89 92.25 -11.87
N LEU WB 49 -74.50 92.48 -10.71
CA LEU WB 49 -75.94 92.74 -10.71
C LEU WB 49 -76.27 94.00 -11.48
N LEU WB 50 -75.49 95.05 -11.30
CA LEU WB 50 -75.83 96.36 -11.85
C LEU WB 50 -75.47 96.50 -13.32
N GLU WB 51 -74.66 95.59 -13.86
CA GLU WB 51 -74.17 95.71 -15.23
C GLU WB 51 -75.26 95.95 -16.27
N PRO WB 52 -76.43 95.30 -16.24
CA PRO WB 52 -77.49 95.70 -17.18
C PRO WB 52 -77.80 97.19 -17.17
N VAL WB 53 -78.14 97.76 -16.02
CA VAL WB 53 -78.48 99.18 -15.99
C VAL WB 53 -77.28 100.05 -16.30
N LEU WB 54 -76.08 99.66 -15.87
CA LEU WB 54 -74.88 100.46 -16.12
C LEU WB 54 -74.60 100.55 -17.61
N LEU WB 55 -74.79 99.45 -18.34
CA LEU WB 55 -74.52 99.50 -19.78
C LEU WB 55 -75.66 100.16 -20.54
N LEU WB 56 -76.87 99.62 -20.42
CA LEU WB 56 -77.92 100.10 -21.32
C LEU WB 56 -78.45 101.47 -20.92
N GLY WB 57 -78.33 101.84 -19.65
CA GLY WB 57 -78.74 103.17 -19.25
C GLY WB 57 -79.89 103.19 -18.27
N LYS WB 58 -79.86 104.13 -17.33
CA LYS WB 58 -80.93 104.24 -16.36
C LYS WB 58 -82.22 104.78 -17.00
N GLU WB 59 -82.07 105.62 -18.02
CA GLU WB 59 -83.23 106.25 -18.65
C GLU WB 59 -84.15 105.23 -19.29
N ARG WB 60 -83.58 104.20 -19.92
CA ARG WB 60 -84.41 103.15 -20.51
C ARG WB 60 -85.17 102.39 -19.43
N PHE WB 61 -84.53 102.14 -18.29
CA PHE WB 61 -85.19 101.45 -17.19
C PHE WB 61 -86.20 102.33 -16.47
N ALA WB 62 -86.15 103.65 -16.68
CA ALA WB 62 -87.03 104.56 -15.96
C ALA WB 62 -88.50 104.30 -16.23
N GLY WB 63 -88.84 103.67 -17.35
CA GLY WB 63 -90.21 103.39 -17.72
C GLY WB 63 -90.75 102.04 -17.30
N VAL WB 64 -90.02 101.27 -16.50
CA VAL WB 64 -90.44 99.92 -16.12
C VAL WB 64 -90.23 99.72 -14.62
N ASP WB 65 -90.95 98.74 -14.09
CA ASP WB 65 -90.87 98.34 -12.68
C ASP WB 65 -90.57 96.85 -12.62
N ILE WB 66 -89.45 96.50 -12.02
CA ILE WB 66 -88.90 95.15 -12.06
C ILE WB 66 -89.02 94.51 -10.68
N ARG WB 67 -89.64 93.34 -10.61
CA ARG WB 67 -89.68 92.55 -9.40
C ARG WB 67 -89.29 91.13 -9.74
N VAL WB 68 -88.21 90.64 -9.12
CA VAL WB 68 -87.62 89.36 -9.45
C VAL WB 68 -87.71 88.44 -8.24
N ARG WB 69 -88.20 87.22 -8.46
CA ARG WB 69 -88.24 86.19 -7.43
C ARG WB 69 -87.33 85.05 -7.87
N VAL WB 70 -86.41 84.66 -6.99
CA VAL WB 70 -85.40 83.66 -7.32
C VAL WB 70 -85.27 82.70 -6.14
N LYS WB 71 -85.31 81.39 -6.43
CA LYS WB 71 -85.49 80.36 -5.41
C LYS WB 71 -84.67 79.11 -5.73
N GLY WB 72 -83.39 79.28 -6.05
CA GLY WB 72 -82.60 78.11 -6.40
C GLY WB 72 -81.16 78.23 -5.99
N GLY WB 73 -80.36 77.24 -6.41
CA GLY WB 73 -78.90 77.21 -6.41
C GLY WB 73 -78.24 77.76 -5.16
N GLY WB 74 -77.04 78.30 -5.38
CA GLY WB 74 -76.32 79.04 -4.36
C GLY WB 74 -76.24 80.51 -4.69
N HIS WB 75 -75.38 81.21 -3.95
CA HIS WB 75 -75.37 82.67 -3.98
C HIS WB 75 -75.01 83.21 -5.37
N VAL WB 76 -73.91 82.72 -5.94
CA VAL WB 76 -73.46 83.23 -7.23
C VAL WB 76 -74.45 82.86 -8.33
N ALA WB 77 -75.04 81.67 -8.23
CA ALA WB 77 -76.05 81.26 -9.21
C ALA WB 77 -77.30 82.13 -9.11
N GLN WB 78 -77.68 82.49 -7.89
CA GLN WB 78 -78.76 83.46 -7.69
C GLN WB 78 -78.42 84.78 -8.37
N ILE WB 79 -77.17 85.22 -8.22
CA ILE WB 79 -76.74 86.48 -8.84
C ILE WB 79 -76.89 86.40 -10.36
N TYR WB 80 -76.40 85.31 -10.95
CA TYR WB 80 -76.41 85.21 -12.41
C TYR WB 80 -77.82 85.04 -12.94
N ALA WB 81 -78.65 84.27 -12.24
CA ALA WB 81 -80.05 84.14 -12.64
C ALA WB 81 -80.76 85.49 -12.56
N ILE WB 82 -80.48 86.27 -11.51
CA ILE WB 82 -81.12 87.56 -11.35
C ILE WB 82 -80.71 88.50 -12.48
N ARG WB 83 -79.41 88.58 -12.76
CA ARG WB 83 -78.96 89.51 -13.80
C ARG WB 83 -79.46 89.08 -15.18
N GLN WB 84 -79.49 87.78 -15.44
CA GLN WB 84 -80.01 87.30 -16.71
C GLN WB 84 -81.49 87.59 -16.86
N SER WB 85 -82.27 87.37 -15.79
CA SER WB 85 -83.69 87.67 -15.85
C SER WB 85 -83.93 89.16 -16.05
N ILE WB 86 -83.16 90.00 -15.36
CA ILE WB 86 -83.32 91.45 -15.52
C ILE WB 86 -83.01 91.86 -16.95
N SER WB 87 -81.90 91.36 -17.49
CA SER WB 87 -81.49 91.76 -18.83
C SER WB 87 -82.45 91.26 -19.90
N LYS WB 88 -82.98 90.04 -19.74
CA LYS WB 88 -83.94 89.54 -20.71
C LYS WB 88 -85.34 90.15 -20.55
N ALA WB 89 -85.69 90.59 -19.33
CA ALA WB 89 -87.04 91.07 -19.09
C ALA WB 89 -87.34 92.33 -19.89
N LEU WB 90 -86.45 93.32 -19.83
CA LEU WB 90 -86.76 94.55 -20.54
C LEU WB 90 -86.58 94.42 -22.05
N VAL WB 91 -85.69 93.53 -22.51
CA VAL WB 91 -85.59 93.36 -23.95
C VAL WB 91 -86.84 92.66 -24.49
N ALA WB 92 -87.39 91.69 -23.75
CA ALA WB 92 -88.67 91.12 -24.14
C ALA WB 92 -89.80 92.13 -24.05
N TYR WB 93 -89.79 92.96 -23.00
CA TYR WB 93 -90.79 94.01 -22.85
C TYR WB 93 -90.75 94.97 -24.02
N TYR WB 94 -89.55 95.36 -24.45
CA TYR WB 94 -89.39 96.22 -25.61
C TYR WB 94 -89.87 95.54 -26.86
N GLN WB 95 -89.52 94.27 -27.04
CA GLN WB 95 -89.97 93.52 -28.22
C GLN WB 95 -91.48 93.46 -28.28
N LYS WB 96 -92.14 93.38 -27.14
CA LYS WB 96 -93.59 93.25 -27.11
C LYS WB 96 -94.33 94.59 -27.19
N TYR WB 97 -93.75 95.68 -26.66
CA TYR WB 97 -94.50 96.92 -26.53
C TYR WB 97 -93.98 98.09 -27.35
N VAL WB 98 -92.73 98.07 -27.81
CA VAL WB 98 -92.21 99.07 -28.72
C VAL WB 98 -91.57 98.34 -29.91
N ASP WB 99 -90.96 99.12 -30.80
CA ASP WB 99 -90.36 98.55 -31.99
C ASP WB 99 -89.10 97.75 -31.65
N GLU WB 100 -88.75 96.83 -32.54
CA GLU WB 100 -87.54 96.04 -32.29
C GLU WB 100 -86.28 96.76 -32.70
N ALA WB 101 -86.38 97.97 -33.25
CA ALA WB 101 -85.17 98.78 -33.43
C ALA WB 101 -84.51 99.06 -32.09
N SER WB 102 -85.32 99.45 -31.10
CA SER WB 102 -84.81 99.62 -29.75
C SER WB 102 -84.27 98.31 -29.19
N LYS WB 103 -84.98 97.21 -29.44
CA LYS WB 103 -84.54 95.92 -28.91
C LYS WB 103 -83.19 95.51 -29.49
N LYS WB 104 -82.99 95.69 -30.78
CA LYS WB 104 -81.70 95.32 -31.34
C LYS WB 104 -80.60 96.27 -30.89
N GLU WB 105 -80.90 97.57 -30.77
CA GLU WB 105 -79.86 98.51 -30.37
C GLU WB 105 -79.52 98.43 -28.88
N ILE WB 106 -80.30 97.71 -28.09
CA ILE WB 106 -79.90 97.37 -26.72
C ILE WB 106 -79.24 95.98 -26.66
N LYS WB 107 -79.79 95.01 -27.40
CA LYS WB 107 -79.30 93.65 -27.29
C LYS WB 107 -77.94 93.50 -27.93
N ASP WB 108 -77.60 94.34 -28.91
CA ASP WB 108 -76.24 94.29 -29.45
C ASP WB 108 -75.21 94.75 -28.42
N ILE WB 109 -75.54 95.79 -27.63
CA ILE WB 109 -74.66 96.23 -26.56
C ILE WB 109 -74.47 95.11 -25.55
N LEU WB 110 -75.58 94.51 -25.14
CA LEU WB 110 -75.49 93.43 -24.16
C LEU WB 110 -74.69 92.24 -24.70
N ILE WB 111 -74.90 91.89 -25.97
CA ILE WB 111 -74.26 90.69 -26.52
C ILE WB 111 -72.78 90.94 -26.76
N GLN WB 112 -72.40 92.17 -27.09
CA GLN WB 112 -70.98 92.45 -27.28
C GLN WB 112 -70.26 92.57 -25.94
N TYR WB 113 -70.95 92.98 -24.88
CA TYR WB 113 -70.31 92.97 -23.57
C TYR WB 113 -70.16 91.55 -23.05
N ASP WB 114 -71.25 90.79 -23.00
CA ASP WB 114 -71.23 89.45 -22.46
C ASP WB 114 -72.44 88.69 -22.96
N ARG WB 115 -72.22 87.55 -23.60
CA ARG WB 115 -73.29 86.75 -24.15
C ARG WB 115 -74.18 86.12 -23.08
N THR WB 116 -73.66 85.97 -21.86
CA THR WB 116 -74.40 85.25 -20.83
C THR WB 116 -75.59 86.02 -20.28
N LEU WB 117 -75.70 87.32 -20.57
CA LEU WB 117 -76.87 88.06 -20.09
C LEU WB 117 -78.14 87.62 -20.79
N LEU WB 118 -78.03 87.22 -22.05
CA LEU WB 118 -79.21 86.80 -22.81
C LEU WB 118 -79.27 85.30 -23.06
N VAL WB 119 -78.16 84.59 -22.92
CA VAL WB 119 -78.10 83.15 -23.19
C VAL WB 119 -77.75 82.45 -21.89
N ALA WB 120 -78.57 81.49 -21.49
CA ALA WB 120 -78.31 80.74 -20.27
C ALA WB 120 -77.08 79.87 -20.42
N ASP WB 121 -76.44 79.58 -19.30
CA ASP WB 121 -75.31 78.66 -19.29
C ASP WB 121 -75.82 77.24 -19.45
N PRO WB 122 -75.43 76.52 -20.51
CA PRO WB 122 -76.02 75.20 -20.74
C PRO WB 122 -75.47 74.09 -19.87
N ARG WB 123 -74.44 74.36 -19.07
CA ARG WB 123 -73.81 73.32 -18.27
C ARG WB 123 -74.41 73.26 -16.88
N ARG WB 124 -74.70 72.04 -16.41
CA ARG WB 124 -75.29 71.87 -15.09
C ARG WB 124 -74.38 71.14 -14.11
N CYS WB 125 -74.05 69.88 -14.37
CA CYS WB 125 -73.32 69.02 -13.44
C CYS WB 125 -72.89 67.76 -14.19
N GLU WB 126 -72.38 66.79 -13.44
CA GLU WB 126 -72.05 65.47 -13.98
C GLU WB 126 -72.27 64.45 -12.88
N SER WB 127 -72.73 63.28 -13.26
CA SER WB 127 -73.02 62.24 -12.28
C SER WB 127 -71.73 61.67 -11.71
N LYS WB 128 -71.81 61.21 -10.47
CA LYS WB 128 -70.69 60.53 -9.83
C LYS WB 128 -70.67 59.07 -10.23
N LYS WB 129 -69.47 58.55 -10.45
CA LYS WB 129 -69.28 57.17 -10.88
C LYS WB 129 -68.76 56.34 -9.72
N PHE WB 130 -69.01 55.02 -9.79
CA PHE WB 130 -68.76 54.15 -8.65
C PHE WB 130 -67.31 53.69 -8.57
N GLY WB 131 -66.37 54.41 -9.16
CA GLY WB 131 -64.98 54.02 -9.02
C GLY WB 131 -64.17 55.06 -8.30
N GLY WB 132 -64.79 56.20 -8.00
CA GLY WB 132 -64.09 57.29 -7.39
C GLY WB 132 -65.02 58.23 -6.65
N PRO WB 133 -64.46 59.28 -6.08
CA PRO WB 133 -65.27 60.17 -5.24
C PRO WB 133 -66.14 61.11 -6.05
N GLY WB 134 -65.64 61.57 -7.20
CA GLY WB 134 -66.33 62.53 -8.01
C GLY WB 134 -66.83 61.95 -9.32
N ALA WB 135 -67.12 62.85 -10.26
CA ALA WB 135 -67.58 62.41 -11.58
C ALA WB 135 -66.49 61.68 -12.34
N ARG WB 136 -65.26 62.20 -12.29
CA ARG WB 136 -64.17 61.61 -13.08
C ARG WB 136 -62.99 61.15 -12.25
N ALA WB 137 -62.72 61.76 -11.10
CA ALA WB 137 -61.63 61.31 -10.27
C ALA WB 137 -61.87 59.89 -9.78
N ARG WB 138 -60.82 59.08 -9.80
CA ARG WB 138 -60.89 57.70 -9.36
C ARG WB 138 -60.15 57.54 -8.04
N TYR WB 139 -60.58 56.57 -7.25
CA TYR WB 139 -59.93 56.29 -5.98
C TYR WB 139 -58.49 55.86 -6.21
N GLN WB 140 -57.61 56.27 -5.29
CA GLN WB 140 -56.21 55.91 -5.40
C GLN WB 140 -56.05 54.40 -5.32
N LYS WB 141 -55.25 53.85 -6.22
CA LYS WB 141 -55.03 52.41 -6.27
C LYS WB 141 -53.60 52.08 -5.90
N SER WB 142 -53.43 50.92 -5.28
CA SER WB 142 -52.13 50.44 -4.83
C SER WB 142 -51.82 49.11 -5.51
N TYR WB 143 -50.54 48.90 -5.78
CA TYR WB 143 -50.08 47.67 -6.42
C TYR WB 143 -49.40 46.71 -5.47
N ARG WB 144 -48.83 47.19 -4.37
CA ARG WB 144 -48.11 46.34 -3.43
C ARG WB 144 -48.68 46.48 -2.02
N MET XB 1 -57.16 102.31 25.58
CA MET XB 1 -56.66 103.59 25.14
C MET XB 1 -55.33 103.40 24.40
N SER XB 2 -54.75 102.22 24.61
CA SER XB 2 -53.54 101.78 23.90
C SER XB 2 -52.37 102.72 24.12
N LEU XB 3 -52.27 103.29 25.32
CA LEU XB 3 -51.13 104.13 25.66
C LEU XB 3 -49.95 103.26 26.06
N VAL XB 4 -48.93 103.89 26.63
CA VAL XB 4 -47.67 103.22 26.95
C VAL XB 4 -47.89 102.19 28.03
N ILE XB 5 -46.89 101.34 28.23
CA ILE XB 5 -46.97 100.27 29.21
C ILE XB 5 -47.10 100.85 30.61
N PRO XB 6 -48.01 100.35 31.44
CA PRO XB 6 -48.07 100.84 32.83
C PRO XB 6 -46.81 100.49 33.59
N GLU XB 7 -46.51 101.30 34.61
CA GLU XB 7 -45.34 101.05 35.43
C GLU XB 7 -45.46 99.72 36.17
N LYS XB 8 -46.65 99.43 36.70
CA LYS XB 8 -46.89 98.15 37.38
C LYS XB 8 -47.39 97.11 36.38
N PHE XB 9 -46.56 96.85 35.37
CA PHE XB 9 -46.80 95.79 34.40
C PHE XB 9 -45.73 94.73 34.59
N GLN XB 10 -46.17 93.50 34.82
CA GLN XB 10 -45.27 92.38 35.03
C GLN XB 10 -45.25 91.52 33.78
N HIS XB 11 -44.05 91.28 33.24
CA HIS XB 11 -43.94 90.44 32.06
C HIS XB 11 -44.40 89.02 32.35
N ILE XB 12 -44.06 88.50 33.52
CA ILE XB 12 -44.50 87.18 33.95
C ILE XB 12 -45.05 87.29 35.37
N LEU XB 13 -46.14 86.58 35.62
CA LEU XB 13 -46.77 86.52 36.92
C LEU XB 13 -46.36 85.24 37.63
N ARG XB 14 -46.95 85.01 38.79
CA ARG XB 14 -46.80 83.73 39.49
C ARG XB 14 -48.03 83.53 40.37
N VAL XB 15 -49.01 82.81 39.83
CA VAL XB 15 -50.26 82.54 40.53
C VAL XB 15 -50.31 81.07 40.89
N LEU XB 16 -50.91 80.78 42.05
CA LEU XB 16 -50.91 79.45 42.65
C LEU XB 16 -49.49 78.93 42.78
N ASN XB 17 -49.10 78.01 41.90
CA ASN XB 17 -47.77 77.44 41.96
C ASN XB 17 -47.03 77.48 40.62
N THR XB 18 -47.66 77.96 39.56
CA THR XB 18 -47.03 78.02 38.25
C THR XB 18 -47.20 79.41 37.66
N ASN XB 19 -46.14 79.87 36.99
CA ASN XB 19 -46.16 81.20 36.41
C ASN XB 19 -47.05 81.24 35.18
N ILE XB 20 -47.58 82.41 34.88
CA ILE XB 20 -48.37 82.63 33.67
C ILE XB 20 -47.83 83.87 32.96
N ASP XB 21 -47.86 83.85 31.64
CA ASP XB 21 -47.41 84.99 30.85
C ASP XB 21 -48.51 86.03 30.79
N GLY XB 22 -48.23 87.22 31.30
CA GLY XB 22 -49.21 88.29 31.23
C GLY XB 22 -49.25 89.05 29.94
N ARG XB 23 -48.31 88.79 29.03
CA ARG XB 23 -48.26 89.54 27.78
C ARG XB 23 -49.49 89.26 26.92
N ARG XB 24 -50.04 88.05 26.96
CA ARG XB 24 -51.27 87.74 26.26
C ARG XB 24 -52.47 88.31 27.01
N LYS XB 25 -53.67 88.02 26.52
CA LYS XB 25 -54.89 88.46 27.21
C LYS XB 25 -55.03 87.71 28.53
N ILE XB 26 -55.86 88.25 29.41
CA ILE XB 26 -56.05 87.64 30.71
C ILE XB 26 -56.76 86.29 30.60
N ALA XB 27 -57.81 86.23 29.78
CA ALA XB 27 -58.58 85.00 29.67
C ALA XB 27 -57.75 83.87 29.07
N PHE XB 28 -56.97 84.16 28.03
CA PHE XB 28 -56.10 83.17 27.43
C PHE XB 28 -54.76 83.06 28.14
N ALA XB 29 -54.54 83.86 29.19
CA ALA XB 29 -53.33 83.80 29.97
C ALA XB 29 -53.48 82.91 31.20
N ILE XB 30 -54.63 82.97 31.86
CA ILE XB 30 -54.84 82.08 33.01
C ILE XB 30 -55.13 80.66 32.60
N THR XB 31 -55.30 80.38 31.30
CA THR XB 31 -55.48 79.01 30.84
C THR XB 31 -54.20 78.19 30.95
N ALA XB 32 -53.05 78.84 31.11
CA ALA XB 32 -51.80 78.11 31.28
C ALA XB 32 -51.78 77.33 32.58
N ILE XB 33 -52.63 77.68 33.53
CA ILE XB 33 -52.80 76.87 34.74
C ILE XB 33 -53.49 75.57 34.38
N LYS XB 34 -52.99 74.46 34.93
CA LYS XB 34 -53.68 73.19 34.77
C LYS XB 34 -55.03 73.25 35.47
N GLY XB 35 -56.02 72.59 34.88
CA GLY XB 35 -57.34 72.50 35.46
C GLY XB 35 -58.30 73.58 35.02
N VAL XB 36 -57.82 74.64 34.39
CA VAL XB 36 -58.67 75.72 33.91
C VAL XB 36 -58.37 75.94 32.42
N GLY XB 37 -59.43 75.99 31.62
CA GLY XB 37 -59.29 76.17 30.19
C GLY XB 37 -60.00 77.41 29.71
N ARG XB 38 -60.31 77.47 28.42
CA ARG XB 38 -60.88 78.68 27.85
C ARG XB 38 -62.24 79.00 28.44
N ARG XB 39 -63.13 78.01 28.50
CA ARG XB 39 -64.48 78.26 28.96
C ARG XB 39 -64.50 78.66 30.43
N TYR XB 40 -63.73 77.95 31.25
CA TYR XB 40 -63.67 78.28 32.68
C TYR XB 40 -63.05 79.65 32.89
N ALA XB 41 -61.98 79.97 32.14
CA ALA XB 41 -61.37 81.28 32.26
C ALA XB 41 -62.33 82.38 31.90
N HIS XB 42 -63.08 82.21 30.82
CA HIS XB 42 -64.04 83.22 30.42
C HIS XB 42 -65.16 83.37 31.46
N VAL XB 43 -65.67 82.26 31.99
CA VAL XB 43 -66.78 82.38 32.93
C VAL XB 43 -66.33 82.99 34.24
N VAL XB 44 -65.12 82.65 34.71
CA VAL XB 44 -64.66 83.24 35.96
C VAL XB 44 -64.34 84.72 35.76
N LEU XB 45 -63.93 85.11 34.56
CA LEU XB 45 -63.73 86.53 34.33
C LEU XB 45 -65.05 87.28 34.23
N ARG XB 46 -66.10 86.65 33.68
CA ARG XB 46 -67.42 87.25 33.72
C ARG XB 46 -67.87 87.45 35.16
N LYS XB 47 -67.67 86.45 36.00
CA LYS XB 47 -68.04 86.56 37.41
C LYS XB 47 -67.14 87.51 38.20
N ALA XB 48 -65.92 87.74 37.73
CA ALA XB 48 -65.00 88.65 38.40
C ALA XB 48 -65.15 90.09 37.95
N ASP XB 49 -65.84 90.35 36.84
CA ASP XB 49 -66.11 91.70 36.36
C ASP XB 49 -64.83 92.48 36.13
N ILE XB 50 -64.04 92.01 35.17
CA ILE XB 50 -62.80 92.65 34.77
C ILE XB 50 -62.83 92.85 33.27
N ASP XB 51 -62.26 93.95 32.80
CA ASP XB 51 -62.25 94.27 31.37
C ASP XB 51 -61.57 93.16 30.57
N LEU XB 52 -62.36 92.45 29.77
CA LEU XB 52 -61.85 91.31 29.02
C LEU XB 52 -60.83 91.74 27.97
N THR XB 53 -60.92 92.97 27.48
CA THR XB 53 -60.01 93.42 26.43
C THR XB 53 -58.63 93.77 26.96
N LYS XB 54 -58.44 93.81 28.27
CA LYS XB 54 -57.15 94.22 28.81
C LYS XB 54 -56.23 93.03 29.00
N ARG XB 55 -54.93 93.29 28.91
CA ARG XB 55 -53.93 92.25 29.03
C ARG XB 55 -53.81 91.81 30.48
N ALA XB 56 -53.30 90.59 30.67
CA ALA XB 56 -53.11 90.05 32.01
C ALA XB 56 -52.00 90.78 32.77
N GLY XB 57 -51.03 91.34 32.04
CA GLY XB 57 -49.92 92.00 32.70
C GLY XB 57 -50.31 93.25 33.44
N GLU XB 58 -51.30 93.99 32.91
CA GLU XB 58 -51.75 95.22 33.54
C GLU XB 58 -52.80 94.98 34.63
N LEU XB 59 -53.11 93.73 34.94
CA LEU XB 59 -53.97 93.43 36.07
C LEU XB 59 -53.31 93.86 37.37
N THR XB 60 -54.11 94.36 38.31
CA THR XB 60 -53.62 94.74 39.63
C THR XB 60 -53.85 93.60 40.62
N GLU XB 61 -53.25 93.77 41.80
CA GLU XB 61 -53.20 92.68 42.77
C GLU XB 61 -54.59 92.30 43.28
N ASP XB 62 -55.45 93.29 43.52
CA ASP XB 62 -56.77 92.99 44.04
C ASP XB 62 -57.64 92.29 43.00
N GLU XB 63 -57.54 92.71 41.73
CA GLU XB 63 -58.27 92.03 40.68
C GLU XB 63 -57.75 90.61 40.47
N VAL XB 64 -56.43 90.42 40.55
CA VAL XB 64 -55.86 89.10 40.38
C VAL XB 64 -56.32 88.17 41.50
N GLU XB 65 -56.28 88.64 42.74
CA GLU XB 65 -56.73 87.79 43.85
C GLU XB 65 -58.24 87.56 43.80
N ARG XB 66 -59.01 88.53 43.29
CA ARG XB 66 -60.43 88.33 43.11
C ARG XB 66 -60.69 87.22 42.10
N VAL XB 67 -59.96 87.22 41.00
CA VAL XB 67 -60.08 86.16 40.00
C VAL XB 67 -59.68 84.82 40.61
N ILE XB 68 -58.61 84.82 41.42
CA ILE XB 68 -58.15 83.60 42.06
C ILE XB 68 -59.24 83.01 42.95
N THR XB 69 -59.83 83.83 43.82
CA THR XB 69 -60.84 83.31 44.71
C THR XB 69 -62.12 82.94 43.98
N ILE XB 70 -62.46 83.64 42.89
CA ILE XB 70 -63.58 83.23 42.05
C ILE XB 70 -63.36 81.81 41.53
N MET XB 71 -62.18 81.58 40.93
CA MET XB 71 -61.95 80.29 40.29
C MET XB 71 -61.67 79.21 41.31
N GLN XB 72 -61.35 79.58 42.55
CA GLN XB 72 -61.12 78.58 43.58
C GLN XB 72 -62.41 78.20 44.29
N ASN XB 73 -63.40 79.10 44.36
CA ASN XB 73 -64.67 78.82 45.02
C ASN XB 73 -65.81 79.09 44.04
N PRO XB 74 -66.05 78.15 43.12
CA PRO XB 74 -67.09 78.38 42.10
C PRO XB 74 -68.48 78.07 42.62
N ARG XB 75 -68.57 77.14 43.58
CA ARG XB 75 -69.88 76.74 44.10
C ARG XB 75 -70.55 77.90 44.82
N GLN XB 76 -69.77 78.72 45.52
CA GLN XB 76 -70.29 79.87 46.22
C GLN XB 76 -70.39 81.10 45.33
N TYR XB 77 -70.03 80.99 44.05
CA TYR XB 77 -70.06 82.12 43.13
C TYR XB 77 -70.95 81.84 41.92
N LYS XB 78 -72.06 81.14 42.12
CA LYS XB 78 -73.12 80.94 41.14
C LYS XB 78 -72.70 80.04 39.98
N ILE XB 79 -71.44 79.60 39.93
CA ILE XB 79 -70.97 78.78 38.82
C ILE XB 79 -71.73 77.45 38.81
N PRO XB 80 -72.31 77.05 37.69
CA PRO XB 80 -73.20 75.88 37.69
C PRO XB 80 -72.46 74.60 38.02
N ASP XB 81 -73.22 73.65 38.56
CA ASP XB 81 -72.65 72.40 39.02
C ASP XB 81 -72.08 71.55 37.90
N TRP XB 82 -72.51 71.78 36.66
CA TRP XB 82 -72.09 70.97 35.53
C TRP XB 82 -70.88 71.55 34.82
N PHE XB 83 -70.22 72.55 35.40
CA PHE XB 83 -69.11 73.21 34.76
C PHE XB 83 -67.75 72.83 35.34
N LEU XB 84 -67.73 72.10 36.44
CA LEU XB 84 -66.48 71.82 37.14
C LEU XB 84 -65.87 70.50 36.65
N ASN XB 85 -64.59 70.32 36.98
CA ASN XB 85 -63.93 69.07 36.63
C ASN XB 85 -64.43 67.92 37.49
N ARG XB 86 -64.17 68.00 38.80
CA ARG XB 86 -64.47 66.91 39.71
C ARG XB 86 -65.88 67.09 40.26
N GLN XB 87 -66.85 66.93 39.38
CA GLN XB 87 -68.23 66.86 39.80
C GLN XB 87 -68.48 65.52 40.45
N LYS XB 88 -69.13 65.53 41.62
CA LYS XB 88 -69.62 64.32 42.28
C LYS XB 88 -68.49 63.32 42.48
N ASP XB 89 -67.53 63.73 43.32
CA ASP XB 89 -66.28 63.02 43.48
C ASP XB 89 -66.50 61.56 43.87
N VAL XB 90 -65.66 60.69 43.32
CA VAL XB 90 -65.70 59.25 43.58
C VAL XB 90 -65.04 58.98 44.93
N LYS XB 91 -64.59 60.03 45.62
CA LYS XB 91 -63.95 59.88 46.92
C LYS XB 91 -64.76 60.49 48.05
N ASP XB 92 -65.13 61.77 47.95
CA ASP XB 92 -65.86 62.44 49.01
C ASP XB 92 -67.21 63.00 48.58
N GLY XB 93 -67.50 62.99 47.28
CA GLY XB 93 -68.82 63.37 46.81
C GLY XB 93 -69.09 64.86 46.73
N LYS XB 94 -68.11 65.70 47.05
CA LYS XB 94 -68.31 67.14 46.95
C LYS XB 94 -67.89 67.62 45.57
N TYR XB 95 -68.80 68.32 44.91
CA TYR XB 95 -68.47 68.91 43.61
C TYR XB 95 -67.39 69.95 43.79
N SER XB 96 -66.36 69.89 42.95
CA SER XB 96 -65.25 70.80 43.11
C SER XB 96 -64.54 70.96 41.77
N GLN XB 97 -63.83 72.07 41.64
CA GLN XB 97 -62.98 72.34 40.50
C GLN XB 97 -61.54 72.39 40.99
N VAL XB 98 -60.66 71.65 40.33
CA VAL XB 98 -59.27 71.52 40.76
C VAL XB 98 -58.39 72.21 39.73
N LEU XB 99 -57.50 73.09 40.21
CA LEU XB 99 -56.81 74.00 39.31
C LEU XB 99 -55.33 74.14 39.66
N ALA XB 100 -54.66 73.07 40.08
CA ALA XB 100 -53.27 73.22 40.50
C ALA XB 100 -52.54 71.91 40.26
N ASN XB 101 -51.40 71.74 40.93
CA ASN XB 101 -50.79 70.42 41.03
C ASN XB 101 -51.68 69.45 41.79
N GLY XB 102 -52.69 69.96 42.49
CA GLY XB 102 -53.78 69.12 42.94
C GLY XB 102 -54.43 68.33 41.83
N LEU XB 103 -54.46 68.88 40.61
CA LEU XB 103 -54.97 68.13 39.48
C LEU XB 103 -54.08 66.92 39.19
N ASP XB 104 -52.76 67.13 39.18
CA ASP XB 104 -51.85 66.02 38.94
C ASP XB 104 -51.96 64.95 40.02
N ASN XB 105 -52.05 65.36 41.27
CA ASN XB 105 -52.13 64.35 42.32
C ASN XB 105 -53.50 63.69 42.41
N LYS XB 106 -54.58 64.39 42.04
CA LYS XB 106 -55.86 63.71 41.90
C LYS XB 106 -55.85 62.72 40.75
N LEU XB 107 -55.16 63.05 39.65
CA LEU XB 107 -55.04 62.11 38.55
C LEU XB 107 -54.30 60.85 38.97
N ARG XB 108 -53.16 61.00 39.67
CA ARG XB 108 -52.45 59.80 40.10
C ARG XB 108 -53.25 59.03 41.16
N GLU XB 109 -54.03 59.74 41.99
CA GLU XB 109 -54.87 59.05 42.95
C GLU XB 109 -55.93 58.21 42.26
N ASP XB 110 -56.57 58.77 41.23
CA ASP XB 110 -57.61 58.04 40.53
C ASP XB 110 -57.03 56.93 39.66
N LEU XB 111 -55.78 57.07 39.25
CA LEU XB 111 -55.11 55.97 38.55
C LEU XB 111 -54.75 54.85 39.51
N GLU XB 112 -54.20 55.21 40.68
CA GLU XB 112 -53.74 54.22 41.64
C GLU XB 112 -54.88 53.51 42.34
N ARG XB 113 -56.06 54.13 42.46
CA ARG XB 113 -57.18 53.40 43.03
C ARG XB 113 -57.61 52.26 42.09
N LEU XB 114 -57.65 52.53 40.79
CA LEU XB 114 -57.95 51.47 39.83
C LEU XB 114 -56.86 50.40 39.86
N LYS XB 115 -55.59 50.82 39.91
CA LYS XB 115 -54.51 49.85 39.96
C LYS XB 115 -54.60 48.97 41.21
N LYS XB 116 -54.92 49.58 42.36
CA LYS XB 116 -55.06 48.84 43.60
C LYS XB 116 -56.22 47.86 43.54
N ILE XB 117 -57.36 48.28 42.99
CA ILE XB 117 -58.51 47.39 42.91
C ILE XB 117 -58.45 46.47 41.69
N ARG XB 118 -57.37 46.52 40.93
CA ARG XB 118 -57.13 45.60 39.80
C ARG XB 118 -58.21 45.73 38.73
N ALA XB 119 -58.67 46.95 38.50
CA ALA XB 119 -59.62 47.19 37.42
C ALA XB 119 -58.90 47.16 36.07
N HIS XB 120 -59.68 46.87 35.02
CA HIS XB 120 -59.11 46.73 33.69
C HIS XB 120 -58.44 48.02 33.23
N ARG XB 121 -59.07 49.16 33.50
CA ARG XB 121 -58.47 50.44 33.15
C ARG XB 121 -57.17 50.65 33.92
N GLY XB 122 -57.14 50.24 35.19
CA GLY XB 122 -55.92 50.34 35.97
C GLY XB 122 -54.81 49.50 35.40
N LEU XB 123 -55.13 48.27 34.99
CA LEU XB 123 -54.11 47.40 34.40
C LEU XB 123 -53.60 47.99 33.09
N ARG XB 124 -54.50 48.53 32.27
CA ARG XB 124 -54.09 49.12 31.00
C ARG XB 124 -53.18 50.32 31.22
N HIS XB 125 -53.52 51.16 32.20
CA HIS XB 125 -52.65 52.30 32.52
C HIS XB 125 -51.30 51.82 33.05
N PHE XB 126 -51.30 50.74 33.85
CA PHE XB 126 -50.05 50.20 34.37
C PHE XB 126 -49.16 49.71 33.24
N TRP XB 127 -49.76 49.03 32.26
CA TRP XB 127 -49.00 48.53 31.12
C TRP XB 127 -48.66 49.63 30.12
N GLY XB 128 -49.31 50.78 30.18
CA GLY XB 128 -49.05 51.85 29.25
C GLY XB 128 -49.81 51.76 27.95
N LEU XB 129 -50.82 50.89 27.87
CA LEU XB 129 -51.60 50.72 26.66
C LEU XB 129 -52.80 51.67 26.66
N ARG XB 130 -53.52 51.67 25.54
CA ARG XB 130 -54.72 52.47 25.45
C ARG XB 130 -55.79 51.92 26.37
N VAL XB 131 -56.61 52.81 26.92
CA VAL XB 131 -57.57 52.44 27.95
C VAL XB 131 -59.02 52.61 27.52
N ARG XB 132 -59.30 53.39 26.47
CA ARG XB 132 -60.67 53.63 26.04
C ARG XB 132 -61.13 52.63 25.00
N GLY XB 133 -60.48 51.47 24.91
CA GLY XB 133 -60.97 50.38 24.09
C GLY XB 133 -60.68 50.48 22.61
N GLN XB 134 -59.85 51.42 22.18
CA GLN XB 134 -59.59 51.52 20.76
C GLN XB 134 -58.55 50.49 20.32
N HIS XB 135 -58.39 50.38 19.00
CA HIS XB 135 -57.49 49.40 18.42
C HIS XB 135 -56.04 49.83 18.58
N THR XB 136 -55.22 48.94 19.14
CA THR XB 136 -53.80 49.19 19.31
C THR XB 136 -52.96 48.48 18.26
N LYS XB 137 -53.60 47.89 17.25
CA LYS XB 137 -52.89 47.05 16.30
C LYS XB 137 -51.92 47.86 15.43
N THR XB 138 -52.35 49.04 14.97
CA THR XB 138 -51.56 49.79 14.01
C THR XB 138 -51.29 51.22 14.44
N THR XB 139 -51.66 51.60 15.66
CA THR XB 139 -51.48 52.96 16.12
C THR XB 139 -50.88 52.95 17.52
N GLY XB 140 -50.28 54.09 17.89
CA GLY XB 140 -49.59 54.18 19.15
C GLY XB 140 -48.18 53.65 19.13
N ARG XB 141 -47.61 53.40 17.95
CA ARG XB 141 -46.27 52.84 17.89
C ARG XB 141 -45.21 53.88 18.22
N ARG XB 142 -45.54 55.17 18.12
CA ARG XB 142 -44.58 56.20 18.45
C ARG XB 142 -44.20 56.15 19.93
N GLY XB 143 -45.21 55.95 20.81
CA GLY XB 143 -44.95 55.88 22.23
C GLY XB 143 -44.23 54.62 22.67
N ARG XB 144 -44.11 53.63 21.78
CA ARG XB 144 -43.42 52.39 22.07
C ARG XB 144 -42.02 52.34 21.48
N THR XB 145 -41.87 52.75 20.22
CA THR XB 145 -40.55 52.91 19.61
C THR XB 145 -40.52 54.24 18.87
N PRO YB 1 -92.03 108.85 0.93
CA PRO YB 1 -90.83 108.04 1.08
C PRO YB 1 -90.80 107.21 2.36
N GLY YB 2 -91.72 106.26 2.48
CA GLY YB 2 -91.69 105.33 3.59
C GLY YB 2 -90.58 104.32 3.45
N VAL YB 3 -90.20 103.73 4.59
CA VAL YB 3 -89.10 102.77 4.64
C VAL YB 3 -89.61 101.50 5.31
N THR YB 4 -89.44 100.38 4.63
CA THR YB 4 -89.67 99.06 5.19
C THR YB 4 -88.32 98.45 5.54
N VAL YB 5 -88.34 97.42 6.39
CA VAL YB 5 -87.10 96.79 6.85
C VAL YB 5 -86.30 96.25 5.68
N LYS YB 6 -86.98 95.74 4.66
CA LYS YB 6 -86.30 95.12 3.53
C LYS YB 6 -85.63 96.11 2.61
N ASP YB 7 -85.57 97.40 2.95
CA ASP YB 7 -84.94 98.39 2.10
C ASP YB 7 -83.59 98.86 2.65
N VAL YB 8 -83.07 98.20 3.68
CA VAL YB 8 -81.85 98.64 4.34
C VAL YB 8 -80.97 97.42 4.60
N ASN YB 9 -79.70 97.68 4.89
CA ASN YB 9 -78.75 96.64 5.24
C ASN YB 9 -79.15 95.96 6.54
N GLN YB 10 -79.49 94.67 6.46
CA GLN YB 10 -79.98 93.94 7.63
C GLN YB 10 -78.93 93.83 8.71
N GLN YB 11 -77.65 93.75 8.32
CA GLN YB 11 -76.59 93.62 9.32
C GLN YB 11 -76.53 94.82 10.24
N GLU YB 12 -76.67 96.02 9.69
CA GLU YB 12 -76.72 97.21 10.53
C GLU YB 12 -78.08 97.37 11.19
N PHE YB 13 -79.15 96.92 10.52
CA PHE YB 13 -80.48 97.04 11.10
C PHE YB 13 -80.61 96.24 12.39
N VAL YB 14 -80.09 95.01 12.40
CA VAL YB 14 -80.21 94.16 13.57
C VAL YB 14 -79.40 94.75 14.73
N ARG YB 15 -78.25 95.36 14.42
CA ARG YB 15 -77.44 96.03 15.43
C ARG YB 15 -78.16 97.24 16.02
N ALA YB 16 -78.78 98.05 15.17
CA ALA YB 16 -79.51 99.21 15.67
C ALA YB 16 -80.70 98.79 16.52
N LEU YB 17 -81.40 97.74 16.10
CA LEU YB 17 -82.52 97.23 16.90
C LEU YB 17 -82.02 96.67 18.23
N ALA YB 18 -80.86 96.01 18.22
CA ALA YB 18 -80.30 95.53 19.47
C ALA YB 18 -79.98 96.68 20.41
N ALA YB 19 -79.44 97.78 19.86
CA ALA YB 19 -79.19 98.96 20.68
C ALA YB 19 -80.49 99.53 21.24
N PHE YB 20 -81.55 99.54 20.42
CA PHE YB 20 -82.86 100.01 20.90
C PHE YB 20 -83.37 99.16 22.05
N LEU YB 21 -83.28 97.83 21.90
CA LEU YB 21 -83.73 96.93 22.95
C LEU YB 21 -82.90 97.09 24.21
N LYS YB 22 -81.60 97.32 24.05
CA LYS YB 22 -80.73 97.53 25.21
C LYS YB 22 -81.09 98.81 25.93
N LYS YB 23 -81.35 99.89 25.19
CA LYS YB 23 -81.61 101.17 25.84
C LYS YB 23 -82.98 101.19 26.51
N SER YB 24 -83.98 100.55 25.89
CA SER YB 24 -85.31 100.48 26.50
C SER YB 24 -85.37 99.19 27.32
N GLY YB 25 -85.01 99.28 28.60
CA GLY YB 25 -84.79 98.08 29.38
C GLY YB 25 -86.03 97.54 30.06
N LYS YB 26 -86.69 96.59 29.41
CA LYS YB 26 -87.64 95.71 30.09
C LYS YB 26 -87.54 94.26 29.65
N LEU YB 27 -86.74 93.94 28.63
CA LEU YB 27 -86.63 92.59 28.12
C LEU YB 27 -86.02 91.67 29.17
N LYS YB 28 -86.66 90.54 29.41
CA LYS YB 28 -86.20 89.61 30.42
C LYS YB 28 -84.95 88.87 29.95
N VAL YB 29 -83.95 88.79 30.83
CA VAL YB 29 -82.66 88.18 30.50
C VAL YB 29 -82.35 87.13 31.55
N PRO YB 30 -82.19 85.86 31.19
CA PRO YB 30 -81.93 84.82 32.18
C PRO YB 30 -80.55 84.95 32.83
N GLU YB 31 -80.51 84.58 34.11
CA GLU YB 31 -79.33 84.80 34.93
C GLU YB 31 -78.11 84.02 34.44
N TRP YB 32 -78.30 83.03 33.57
CA TRP YB 32 -77.19 82.23 33.07
C TRP YB 32 -76.69 82.69 31.71
N VAL YB 33 -77.12 83.86 31.23
CA VAL YB 33 -76.65 84.32 29.92
C VAL YB 33 -75.14 84.47 29.88
N ASP YB 34 -74.52 84.77 31.02
CA ASP YB 34 -73.08 84.93 31.07
C ASP YB 34 -72.33 83.61 31.09
N THR YB 35 -73.03 82.47 31.19
CA THR YB 35 -72.37 81.19 31.36
C THR YB 35 -72.50 80.26 30.16
N VAL YB 36 -73.70 80.13 29.61
CA VAL YB 36 -73.95 79.07 28.62
C VAL YB 36 -73.34 79.43 27.27
N LYS YB 37 -73.15 78.40 26.44
CA LYS YB 37 -72.79 78.59 25.05
C LYS YB 37 -74.06 78.70 24.21
N LEU YB 38 -73.94 79.41 23.09
CA LEU YB 38 -75.10 79.59 22.23
C LEU YB 38 -75.46 78.31 21.48
N ALA YB 39 -74.48 77.46 21.21
CA ALA YB 39 -74.75 76.27 20.42
C ALA YB 39 -73.81 75.15 20.82
N LYS YB 40 -74.24 73.93 20.54
CA LYS YB 40 -73.46 72.75 20.87
C LYS YB 40 -72.13 72.73 20.13
N HIS YB 41 -72.13 73.18 18.88
CA HIS YB 41 -70.92 73.17 18.07
C HIS YB 41 -70.00 74.34 18.35
N LYS YB 42 -70.34 75.19 19.31
CA LYS YB 42 -69.55 76.38 19.61
C LYS YB 42 -68.53 76.05 20.69
N GLU YB 43 -67.27 76.40 20.45
CA GLU YB 43 -66.22 76.10 21.41
C GLU YB 43 -66.14 77.16 22.50
N LEU YB 44 -66.63 78.37 22.24
CA LEU YB 44 -66.62 79.45 23.21
C LEU YB 44 -67.98 80.13 23.27
N ALA YB 45 -68.24 80.74 24.42
CA ALA YB 45 -69.40 81.60 24.56
C ALA YB 45 -69.18 82.90 23.78
N PRO YB 46 -70.25 83.58 23.35
CA PRO YB 46 -70.08 84.78 22.52
C PRO YB 46 -69.31 85.87 23.25
N TYR YB 47 -68.50 86.61 22.47
CA TYR YB 47 -67.70 87.69 23.05
C TYR YB 47 -68.59 88.80 23.61
N ASP YB 48 -69.61 89.20 22.85
CA ASP YB 48 -70.43 90.34 23.24
C ASP YB 48 -71.30 90.00 24.44
N GLU YB 49 -71.29 90.90 25.43
CA GLU YB 49 -72.07 90.68 26.64
C GLU YB 49 -73.57 90.70 26.36
N ASN YB 50 -74.00 91.61 25.49
CA ASN YB 50 -75.42 91.71 25.15
C ASN YB 50 -75.78 90.85 23.95
N TRP YB 51 -75.31 89.59 23.98
CA TRP YB 51 -75.70 88.66 22.95
C TRP YB 51 -77.18 88.35 23.01
N PHE YB 52 -77.78 88.46 24.20
CA PHE YB 52 -79.22 88.25 24.30
C PHE YB 52 -79.97 89.33 23.53
N TYR YB 53 -79.55 90.58 23.65
CA TYR YB 53 -80.19 91.64 22.87
C TYR YB 53 -79.95 91.46 21.37
N THR YB 54 -78.72 91.09 20.99
CA THR YB 54 -78.45 90.85 19.58
C THR YB 54 -79.30 89.72 19.02
N ARG YB 55 -79.41 88.63 19.77
CA ARG YB 55 -80.20 87.48 19.32
C ARG YB 55 -81.68 87.81 19.29
N ALA YB 56 -82.15 88.61 20.25
CA ALA YB 56 -83.56 89.02 20.24
C ALA YB 56 -83.87 89.85 19.00
N ALA YB 57 -82.99 90.78 18.66
CA ALA YB 57 -83.17 91.55 17.43
C ALA YB 57 -83.17 90.64 16.21
N SER YB 58 -82.24 89.68 16.17
CA SER YB 58 -82.14 88.78 15.02
C SER YB 58 -83.40 87.93 14.85
N THR YB 59 -83.92 87.39 15.96
CA THR YB 59 -85.10 86.54 15.84
C THR YB 59 -86.34 87.36 15.54
N ALA YB 60 -86.42 88.60 16.02
CA ALA YB 60 -87.52 89.45 15.61
C ALA YB 60 -87.48 89.71 14.11
N ARG YB 61 -86.28 89.98 13.58
CA ARG YB 61 -86.13 90.21 12.14
C ARG YB 61 -86.54 88.97 11.35
N HIS YB 62 -86.13 87.80 11.82
CA HIS YB 62 -86.47 86.56 11.11
C HIS YB 62 -87.97 86.29 11.18
N LEU YB 63 -88.60 86.55 12.32
CA LEU YB 63 -90.04 86.40 12.42
C LEU YB 63 -90.78 87.39 11.53
N TYR YB 64 -90.22 88.57 11.32
CA TYR YB 64 -90.79 89.49 10.33
C TYR YB 64 -90.67 88.91 8.92
N LEU YB 65 -89.50 88.35 8.60
CA LEU YB 65 -89.30 87.82 7.26
C LEU YB 65 -90.24 86.66 6.97
N ARG YB 66 -90.42 85.75 7.93
CA ARG YB 66 -91.36 84.65 7.76
C ARG YB 66 -91.86 84.20 9.12
N GLY YB 67 -93.18 84.03 9.23
CA GLY YB 67 -93.82 83.67 10.47
C GLY YB 67 -94.10 82.17 10.57
N GLY YB 68 -94.71 81.79 11.69
CA GLY YB 68 -94.96 80.41 11.99
C GLY YB 68 -93.77 79.66 12.56
N ALA YB 69 -92.64 80.33 12.75
CA ALA YB 69 -91.44 79.68 13.24
C ALA YB 69 -91.56 79.39 14.73
N GLY YB 70 -91.06 78.22 15.12
CA GLY YB 70 -91.01 77.83 16.50
C GLY YB 70 -89.59 77.69 17.01
N VAL YB 71 -89.45 76.94 18.11
CA VAL YB 71 -88.11 76.66 18.64
C VAL YB 71 -87.33 75.80 17.66
N GLY YB 72 -87.99 74.80 17.08
CA GLY YB 72 -87.33 73.95 16.10
C GLY YB 72 -86.90 74.70 14.85
N SER YB 73 -87.67 75.72 14.46
CA SER YB 73 -87.27 76.54 13.31
C SER YB 73 -86.12 77.47 13.68
N MET YB 74 -86.19 78.09 14.87
CA MET YB 74 -85.15 79.01 15.30
C MET YB 74 -83.81 78.30 15.44
N THR YB 75 -83.82 77.11 16.02
CA THR YB 75 -82.57 76.39 16.22
C THR YB 75 -81.97 75.97 14.88
N LYS YB 76 -82.81 75.68 13.89
CA LYS YB 76 -82.30 75.42 12.54
C LYS YB 76 -81.69 76.67 11.95
N ILE YB 77 -82.31 77.83 12.19
CA ILE YB 77 -81.77 79.08 11.64
C ILE YB 77 -80.39 79.35 12.22
N TYR YB 78 -80.24 79.18 13.52
CA TYR YB 78 -78.99 79.54 14.18
C TYR YB 78 -78.00 78.39 14.28
N GLY YB 79 -78.33 77.22 13.73
CA GLY YB 79 -77.37 76.14 13.68
C GLY YB 79 -76.23 76.42 12.72
N GLY YB 80 -75.16 75.65 12.86
CA GLY YB 80 -73.99 75.87 12.05
C GLY YB 80 -73.07 74.66 12.03
N ARG YB 81 -71.86 74.89 11.55
CA ARG YB 81 -70.90 73.81 11.36
C ARG YB 81 -70.37 73.29 12.71
N GLN YB 82 -70.26 71.98 12.81
CA GLN YB 82 -69.58 71.31 13.91
C GLN YB 82 -68.36 70.60 13.38
N ARG YB 83 -67.19 70.89 13.95
CA ARG YB 83 -65.96 70.35 13.41
C ARG YB 83 -65.68 68.93 13.90
N ASN YB 84 -66.19 68.56 15.06
CA ASN YB 84 -66.13 67.19 15.59
C ASN YB 84 -64.70 66.68 15.71
N GLY YB 85 -63.75 67.58 15.94
CA GLY YB 85 -62.37 67.15 16.13
C GLY YB 85 -61.80 66.52 14.89
N VAL YB 86 -61.24 65.32 15.06
CA VAL YB 86 -60.59 64.64 13.94
C VAL YB 86 -61.62 64.07 12.97
N MET YB 87 -62.85 63.85 13.42
CA MET YB 87 -63.92 63.46 12.53
C MET YB 87 -64.20 64.60 11.54
N PRO YB 88 -64.67 64.29 10.34
CA PRO YB 88 -65.09 65.34 9.43
C PRO YB 88 -66.31 66.07 9.93
N SER YB 89 -66.47 67.29 9.44
CA SER YB 89 -67.47 68.22 9.93
C SER YB 89 -68.89 67.78 9.59
N HIS YB 90 -69.84 68.25 10.39
CA HIS YB 90 -71.26 68.05 10.12
C HIS YB 90 -72.01 69.34 10.46
N PHE YB 91 -73.33 69.26 10.48
CA PHE YB 91 -74.19 70.39 10.81
C PHE YB 91 -74.89 70.12 12.14
N SER YB 92 -74.98 71.16 12.97
CA SER YB 92 -75.58 71.04 14.29
C SER YB 92 -76.53 72.20 14.54
N ARG YB 93 -77.52 71.96 15.38
CA ARG YB 93 -78.47 72.99 15.76
C ARG YB 93 -77.89 73.86 16.87
N GLY YB 94 -78.65 74.85 17.29
CA GLY YB 94 -78.27 75.74 18.36
C GLY YB 94 -78.76 75.26 19.72
N SER YB 95 -79.04 76.22 20.60
CA SER YB 95 -79.52 75.90 21.94
C SER YB 95 -81.03 76.13 22.01
N LYS YB 96 -81.77 75.05 22.24
CA LYS YB 96 -83.22 75.12 22.28
C LYS YB 96 -83.69 76.02 23.41
N SER YB 97 -83.07 75.89 24.59
CA SER YB 97 -83.46 76.73 25.72
C SER YB 97 -83.13 78.19 25.46
N VAL YB 98 -82.00 78.47 24.81
CA VAL YB 98 -81.66 79.86 24.50
C VAL YB 98 -82.71 80.46 23.58
N ALA YB 99 -83.06 79.73 22.51
CA ALA YB 99 -84.07 80.25 21.58
C ALA YB 99 -85.42 80.42 22.27
N ARG YB 100 -85.82 79.46 23.09
CA ARG YB 100 -87.11 79.54 23.76
C ARG YB 100 -87.14 80.68 24.77
N ARG YB 101 -86.05 80.89 25.51
CA ARG YB 101 -85.99 82.01 26.44
C ARG YB 101 -86.06 83.33 25.71
N VAL YB 102 -85.37 83.44 24.56
CA VAL YB 102 -85.41 84.67 23.79
C VAL YB 102 -86.84 84.95 23.29
N LEU YB 103 -87.51 83.92 22.77
CA LEU YB 103 -88.87 84.13 22.27
C LEU YB 103 -89.85 84.41 23.41
N GLN YB 104 -89.63 83.80 24.57
CA GLN YB 104 -90.46 84.12 25.74
C GLN YB 104 -90.26 85.56 26.17
N ALA YB 105 -89.01 86.05 26.10
CA ALA YB 105 -88.76 87.46 26.37
C ALA YB 105 -89.44 88.35 25.34
N LEU YB 106 -89.46 87.92 24.07
CA LEU YB 106 -90.13 88.71 23.03
C LEU YB 106 -91.62 88.81 23.29
N GLU YB 107 -92.27 87.70 23.66
CA GLU YB 107 -93.70 87.78 23.95
C GLU YB 107 -93.96 88.46 25.30
N GLY YB 108 -92.96 88.51 26.17
CA GLY YB 108 -93.07 89.35 27.35
C GLY YB 108 -92.95 90.83 27.02
N LEU YB 109 -92.21 91.14 25.97
CA LEU YB 109 -92.21 92.45 25.36
C LEU YB 109 -93.49 92.72 24.57
N LYS YB 110 -94.29 91.67 24.37
CA LYS YB 110 -95.63 91.76 23.79
C LYS YB 110 -95.57 92.21 22.34
N MET YB 111 -94.60 91.66 21.61
CA MET YB 111 -94.50 91.85 20.17
C MET YB 111 -94.47 90.55 19.40
N VAL YB 112 -94.68 89.43 20.08
CA VAL YB 112 -94.70 88.10 19.47
C VAL YB 112 -95.88 87.34 20.06
N GLU YB 113 -96.69 86.73 19.21
CA GLU YB 113 -97.86 86.01 19.70
C GLU YB 113 -97.97 84.64 19.03
N LYS YB 114 -98.63 83.72 19.73
CA LYS YB 114 -98.87 82.38 19.21
C LYS YB 114 -99.77 82.45 17.97
N ASP YB 115 -99.52 81.53 17.04
CA ASP YB 115 -100.29 81.48 15.82
C ASP YB 115 -101.59 80.70 16.03
N GLN YB 116 -102.48 80.78 15.04
CA GLN YB 116 -103.65 79.91 15.05
C GLN YB 116 -103.23 78.46 14.87
N ASP YB 117 -102.13 78.23 14.18
CA ASP YB 117 -101.44 76.96 14.16
C ASP YB 117 -100.24 77.05 15.10
N GLY YB 118 -99.35 76.07 15.04
CA GLY YB 118 -98.15 76.11 15.85
C GLY YB 118 -97.24 77.27 15.46
N GLY YB 119 -96.32 77.59 16.37
CA GLY YB 119 -95.37 78.65 16.12
C GLY YB 119 -95.88 80.01 16.55
N ARG YB 120 -95.06 81.02 16.25
CA ARG YB 120 -95.37 82.39 16.63
C ARG YB 120 -95.20 83.31 15.44
N LYS YB 121 -95.93 84.42 15.48
CA LYS YB 121 -95.82 85.49 14.50
C LYS YB 121 -95.71 86.82 15.24
N LEU YB 122 -95.62 87.91 14.48
CA LEU YB 122 -95.38 89.22 15.05
C LEU YB 122 -96.69 89.99 15.24
N THR YB 123 -96.81 90.68 16.37
CA THR YB 123 -97.92 91.57 16.59
C THR YB 123 -97.72 92.86 15.80
N PRO YB 124 -98.81 93.61 15.56
CA PRO YB 124 -98.64 94.94 14.95
C PRO YB 124 -97.76 95.87 15.75
N GLN YB 125 -97.72 95.71 17.07
CA GLN YB 125 -96.80 96.50 17.89
C GLN YB 125 -95.35 96.21 17.51
N GLY YB 126 -94.99 94.94 17.37
CA GLY YB 126 -93.65 94.60 16.92
C GLY YB 126 -93.40 95.05 15.50
N GLN YB 127 -94.42 94.98 14.65
CA GLN YB 127 -94.28 95.45 13.28
C GLN YB 127 -93.92 96.94 13.24
N ARG YB 128 -94.66 97.76 13.99
CA ARG YB 128 -94.39 99.18 14.01
C ARG YB 128 -93.04 99.48 14.64
N ASP YB 129 -92.65 98.75 15.69
CA ASP YB 129 -91.32 98.92 16.27
C ASP YB 129 -90.25 98.67 15.22
N LEU YB 130 -90.32 97.53 14.54
CA LEU YB 130 -89.31 97.15 13.57
C LEU YB 130 -89.24 98.15 12.43
N ASP YB 131 -90.39 98.60 11.93
CA ASP YB 131 -90.37 99.46 10.76
C ASP YB 131 -89.92 100.88 11.11
N ARG YB 132 -90.25 101.37 12.30
CA ARG YB 132 -89.73 102.68 12.69
C ARG YB 132 -88.22 102.63 12.94
N ILE YB 133 -87.74 101.52 13.52
CA ILE YB 133 -86.30 101.36 13.67
C ILE YB 133 -85.64 101.29 12.30
N ALA YB 134 -86.30 100.63 11.35
CA ALA YB 134 -85.79 100.59 9.98
C ALA YB 134 -85.73 101.98 9.38
N GLY YB 135 -86.76 102.79 9.60
CA GLY YB 135 -86.75 104.14 9.07
C GLY YB 135 -85.62 104.98 9.63
N GLN YB 136 -85.39 104.88 10.94
CA GLN YB 136 -84.32 105.68 11.53
C GLN YB 136 -82.95 105.19 11.08
N VAL YB 137 -82.76 103.87 10.94
CA VAL YB 137 -81.46 103.38 10.50
C VAL YB 137 -81.24 103.69 9.02
N ALA YB 138 -82.32 103.73 8.24
CA ALA YB 138 -82.22 104.15 6.84
C ALA YB 138 -81.82 105.61 6.75
N ALA YB 139 -82.39 106.45 7.62
CA ALA YB 139 -81.98 107.85 7.66
C ALA YB 139 -80.51 107.98 8.02
N ALA YB 140 -80.06 107.20 9.01
CA ALA YB 140 -78.65 107.23 9.39
C ALA YB 140 -77.74 106.78 8.26
N ASN YB 141 -78.15 105.75 7.52
CA ASN YB 141 -77.38 105.29 6.37
C ASN YB 141 -77.32 106.36 5.29
N LYS YB 142 -78.45 107.03 5.02
CA LYS YB 142 -78.48 108.08 4.01
C LYS YB 142 -77.54 109.22 4.39
N LYS YB 143 -77.66 109.72 5.61
CA LYS YB 143 -76.78 110.78 6.07
C LYS YB 143 -75.91 110.31 7.24
CA ALA ZB 1 -127.10 64.69 -6.11
C ALA ZB 1 -125.72 65.21 -6.54
N ILE ZB 2 -125.22 66.20 -5.81
CA ILE ZB 2 -123.94 66.82 -6.12
C ILE ZB 2 -122.83 65.90 -5.65
N HIS ZB 3 -121.97 65.49 -6.57
CA HIS ZB 3 -120.88 64.60 -6.23
C HIS ZB 3 -119.68 64.91 -7.11
N ARG ZB 4 -118.49 64.75 -6.53
CA ARG ZB 4 -117.22 65.03 -7.20
C ARG ZB 4 -116.25 63.90 -6.86
N ILE ZB 5 -115.72 63.23 -7.88
CA ILE ZB 5 -114.88 62.06 -7.69
C ILE ZB 5 -113.46 62.37 -8.17
N ARG ZB 6 -112.49 61.95 -7.37
CA ARG ZB 6 -111.09 61.99 -7.72
C ARG ZB 6 -110.61 60.56 -7.92
N ILE ZB 7 -110.18 60.24 -9.13
CA ILE ZB 7 -109.65 58.92 -9.43
C ILE ZB 7 -108.15 59.06 -9.71
N THR ZB 8 -107.36 58.26 -9.00
CA THR ZB 8 -105.92 58.25 -9.18
C THR ZB 8 -105.50 56.97 -9.87
N LEU ZB 9 -104.66 57.13 -10.90
CA LEU ZB 9 -104.12 56.05 -11.70
C LEU ZB 9 -102.64 55.94 -11.37
N THR ZB 10 -102.18 54.73 -11.10
CA THR ZB 10 -100.78 54.56 -10.76
C THR ZB 10 -100.23 53.34 -11.48
N SER ZB 11 -99.06 53.49 -12.11
CA SER ZB 11 -98.52 52.36 -12.85
C SER ZB 11 -97.01 52.54 -13.01
N ARG ZB 12 -96.41 51.63 -13.79
CA ARG ZB 12 -94.98 51.65 -14.06
C ARG ZB 12 -94.64 52.04 -15.49
N ASN ZB 13 -95.53 51.79 -16.44
CA ASN ZB 13 -95.26 52.03 -17.84
C ASN ZB 13 -96.14 53.16 -18.37
N VAL ZB 14 -95.49 54.18 -18.92
CA VAL ZB 14 -96.16 55.41 -19.32
C VAL ZB 14 -97.12 55.15 -20.47
N LYS ZB 15 -96.79 54.24 -21.38
CA LYS ZB 15 -97.65 54.02 -22.54
C LYS ZB 15 -99.05 53.56 -22.11
N SER ZB 16 -99.10 52.51 -21.29
CA SER ZB 16 -100.40 52.03 -20.84
C SER ZB 16 -101.05 53.00 -19.86
N LEU ZB 17 -100.27 53.68 -19.03
CA LEU ZB 17 -100.89 54.67 -18.14
C LEU ZB 17 -101.53 55.80 -18.93
N GLU ZB 18 -100.86 56.29 -19.97
CA GLU ZB 18 -101.43 57.33 -20.81
C GLU ZB 18 -102.66 56.83 -21.55
N LYS ZB 19 -102.63 55.57 -22.02
CA LYS ZB 19 -103.81 55.01 -22.68
C LYS ZB 19 -105.00 54.94 -21.72
N VAL ZB 20 -104.77 54.44 -20.51
CA VAL ZB 20 -105.86 54.22 -19.57
C VAL ZB 20 -106.35 55.53 -18.96
N CYS ZB 21 -105.56 56.60 -19.07
CA CYS ZB 21 -106.10 57.90 -18.71
C CYS ZB 21 -106.86 58.54 -19.87
N ALA ZB 22 -106.26 58.50 -21.07
CA ALA ZB 22 -106.84 59.17 -22.22
C ALA ZB 22 -108.19 58.60 -22.58
N ASP ZB 23 -108.33 57.28 -22.52
CA ASP ZB 23 -109.66 56.74 -22.81
C ASP ZB 23 -110.68 57.10 -21.74
N LEU ZB 24 -110.25 57.34 -20.51
CA LEU ZB 24 -111.17 57.76 -19.46
C LEU ZB 24 -111.67 59.17 -19.72
N ILE ZB 25 -110.77 60.10 -20.02
CA ILE ZB 25 -111.19 61.46 -20.36
C ILE ZB 25 -112.06 61.44 -21.62
N ARG ZB 26 -111.65 60.68 -22.63
CA ARG ZB 26 -112.40 60.64 -23.88
C ARG ZB 26 -113.79 60.05 -23.69
N GLY ZB 27 -113.92 59.01 -22.87
CA GLY ZB 27 -115.22 58.44 -22.57
C GLY ZB 27 -116.11 59.38 -21.79
N ALA ZB 28 -115.57 60.02 -20.77
CA ALA ZB 28 -116.38 60.92 -19.95
C ALA ZB 28 -116.82 62.16 -20.72
N LYS ZB 29 -115.98 62.65 -21.64
CA LYS ZB 29 -116.34 63.84 -22.41
C LYS ZB 29 -117.57 63.59 -23.27
N GLU ZB 30 -117.70 62.38 -23.81
CA GLU ZB 30 -118.90 62.05 -24.57
C GLU ZB 30 -120.13 62.01 -23.68
N LYS ZB 31 -119.96 61.64 -22.41
CA LYS ZB 31 -121.04 61.62 -21.45
C LYS ZB 31 -121.23 62.97 -20.76
N ASN ZB 32 -120.45 63.97 -21.16
CA ASN ZB 32 -120.68 65.36 -20.82
C ASN ZB 32 -120.45 65.62 -19.33
N LEU ZB 33 -119.45 64.95 -18.76
CA LEU ZB 33 -119.06 65.22 -17.39
C LEU ZB 33 -117.90 66.19 -17.37
N LYS ZB 34 -117.95 67.14 -16.44
CA LYS ZB 34 -116.89 68.13 -16.30
C LYS ZB 34 -115.64 67.45 -15.77
N VAL ZB 35 -114.65 67.25 -16.64
CA VAL ZB 35 -113.43 66.55 -16.29
C VAL ZB 35 -112.30 67.55 -16.22
N LYS ZB 36 -111.75 67.71 -15.02
CA LYS ZB 36 -110.52 68.48 -14.89
C LYS ZB 36 -109.37 67.72 -15.53
N GLY ZB 37 -108.41 68.47 -16.07
CA GLY ZB 37 -107.32 67.88 -16.82
C GLY ZB 37 -106.52 66.89 -15.99
N PRO ZB 38 -106.02 65.83 -16.63
CA PRO ZB 38 -105.24 64.83 -15.91
C PRO ZB 38 -103.96 65.40 -15.35
N VAL ZB 39 -103.90 65.51 -14.04
CA VAL ZB 39 -102.74 66.08 -13.35
C VAL ZB 39 -101.65 65.02 -13.28
N ARG ZB 40 -100.44 65.40 -13.68
CA ARG ZB 40 -99.31 64.49 -13.68
C ARG ZB 40 -98.51 64.70 -12.40
N MET ZB 41 -98.62 63.76 -11.47
CA MET ZB 41 -97.79 63.83 -10.28
C MET ZB 41 -96.34 63.55 -10.65
N PRO ZB 42 -95.39 64.12 -9.92
CA PRO ZB 42 -93.98 63.83 -10.20
C PRO ZB 42 -93.70 62.35 -10.05
N THR ZB 43 -92.95 61.81 -11.01
CA THR ZB 43 -92.67 60.38 -11.01
C THR ZB 43 -91.75 60.02 -9.86
N LYS ZB 44 -91.97 58.85 -9.28
CA LYS ZB 44 -91.19 58.36 -8.15
C LYS ZB 44 -90.17 57.35 -8.65
N THR ZB 45 -88.89 57.64 -8.45
CA THR ZB 45 -87.82 56.77 -8.88
C THR ZB 45 -87.25 56.05 -7.67
N LEU ZB 46 -87.51 54.75 -7.58
CA LEU ZB 46 -86.89 53.89 -6.58
C LEU ZB 46 -85.55 53.43 -7.14
N ARG ZB 47 -84.47 53.83 -6.49
CA ARG ZB 47 -83.13 53.55 -6.99
C ARG ZB 47 -82.43 52.62 -6.00
N ILE ZB 48 -81.91 51.51 -6.50
CA ILE ZB 48 -81.18 50.55 -5.69
C ILE ZB 48 -79.84 50.29 -6.34
N THR ZB 49 -78.76 50.61 -5.64
CA THR ZB 49 -77.42 50.38 -6.15
C THR ZB 49 -76.81 49.22 -5.39
N THR ZB 50 -76.46 48.16 -6.10
CA THR ZB 50 -76.00 46.93 -5.47
C THR ZB 50 -74.74 46.45 -6.17
N ARG ZB 51 -73.86 45.81 -5.40
CA ARG ZB 51 -72.67 45.22 -6.00
C ARG ZB 51 -73.05 44.17 -7.02
N LYS ZB 52 -72.42 44.22 -8.19
CA LYS ZB 52 -72.69 43.23 -9.23
C LYS ZB 52 -72.26 41.84 -8.78
N THR ZB 53 -71.09 41.74 -8.19
CA THR ZB 53 -70.54 40.45 -7.81
C THR ZB 53 -71.40 39.80 -6.73
N PRO ZB 54 -71.50 38.48 -6.74
CA PRO ZB 54 -72.11 37.76 -5.61
C PRO ZB 54 -71.13 37.30 -4.56
N CYS ZB 55 -69.86 37.64 -4.70
CA CYS ZB 55 -68.82 37.19 -3.79
C CYS ZB 55 -68.11 38.31 -3.07
N GLY ZB 56 -67.62 39.32 -3.78
CA GLY ZB 56 -66.84 40.37 -3.17
C GLY ZB 56 -65.58 40.67 -3.95
N GLU ZB 57 -65.03 39.69 -4.64
CA GLU ZB 57 -63.90 39.90 -5.50
C GLU ZB 57 -64.34 40.57 -6.80
N GLY ZB 58 -63.56 41.54 -7.26
CA GLY ZB 58 -63.89 42.22 -8.49
C GLY ZB 58 -63.31 43.62 -8.50
N SER ZB 59 -63.82 44.43 -9.43
CA SER ZB 59 -63.39 45.81 -9.57
C SER ZB 59 -64.42 46.79 -9.00
N LYS ZB 60 -65.24 46.31 -8.06
CA LYS ZB 60 -66.22 47.14 -7.36
C LYS ZB 60 -67.22 47.78 -8.34
N THR ZB 61 -67.84 46.95 -9.15
CA THR ZB 61 -68.85 47.43 -10.08
C THR ZB 61 -70.22 47.37 -9.42
N TRP ZB 62 -71.06 48.35 -9.73
CA TRP ZB 62 -72.37 48.46 -9.13
C TRP ZB 62 -73.44 48.50 -10.20
N ASP ZB 63 -74.59 47.94 -9.86
CA ASP ZB 63 -75.79 47.97 -10.68
C ASP ZB 63 -76.74 48.99 -10.09
N ARG ZB 64 -77.24 49.89 -10.95
CA ARG ZB 64 -78.19 50.92 -10.56
C ARG ZB 64 -79.56 50.51 -11.09
N PHE ZB 65 -80.28 49.73 -10.30
CA PHE ZB 65 -81.64 49.36 -10.66
C PHE ZB 65 -82.58 50.52 -10.39
N GLN ZB 66 -83.49 50.76 -11.33
CA GLN ZB 66 -84.42 51.87 -11.27
C GLN ZB 66 -85.84 51.35 -11.46
N MET ZB 67 -86.74 51.78 -10.60
CA MET ZB 67 -88.16 51.44 -10.71
C MET ZB 67 -88.94 52.75 -10.70
N ARG ZB 68 -89.59 53.07 -11.80
CA ARG ZB 68 -90.29 54.33 -11.91
C ARG ZB 68 -91.79 54.12 -11.76
N ILE ZB 69 -92.40 54.95 -10.92
CA ILE ZB 69 -93.83 54.90 -10.66
C ILE ZB 69 -94.43 56.22 -11.12
N HIS ZB 70 -95.40 56.13 -12.02
CA HIS ZB 70 -96.06 57.30 -12.58
C HIS ZB 70 -97.49 57.36 -12.06
N LYS ZB 71 -97.93 58.57 -11.71
CA LYS ZB 71 -99.21 58.78 -11.04
C LYS ZB 71 -99.97 59.91 -11.73
N ARG ZB 72 -101.24 59.67 -12.00
CA ARG ZB 72 -102.12 60.64 -12.65
C ARG ZB 72 -103.39 60.83 -11.82
N LEU ZB 73 -103.88 62.06 -11.81
CA LEU ZB 73 -105.11 62.42 -11.13
C LEU ZB 73 -106.14 62.85 -12.16
N ILE ZB 74 -107.36 62.34 -12.04
CA ILE ZB 74 -108.46 62.76 -12.90
C ILE ZB 74 -109.65 63.09 -12.02
N ASP ZB 75 -110.24 64.26 -12.22
CA ASP ZB 75 -111.36 64.72 -11.41
C ASP ZB 75 -112.60 64.82 -12.29
N LEU ZB 76 -113.66 64.11 -11.90
CA LEU ZB 76 -114.94 64.18 -12.57
C LEU ZB 76 -115.93 64.87 -11.64
N HIS ZB 77 -116.45 66.02 -12.05
CA HIS ZB 77 -117.35 66.84 -11.24
C HIS ZB 77 -118.62 67.08 -12.05
N SER ZB 78 -119.59 66.20 -11.90
CA SER ZB 78 -120.85 66.42 -12.57
C SER ZB 78 -121.88 66.97 -11.58
N PRO ZB 79 -122.82 67.79 -12.05
CA PRO ZB 79 -123.89 68.25 -11.15
C PRO ZB 79 -124.75 67.12 -10.61
N SER ZB 80 -124.97 66.09 -11.41
CA SER ZB 80 -125.78 64.95 -11.00
C SER ZB 80 -124.88 63.89 -10.37
N GLU ZB 81 -125.41 62.68 -10.21
CA GLU ZB 81 -124.62 61.58 -9.68
C GLU ZB 81 -123.52 61.19 -10.67
N ILE ZB 82 -122.53 60.46 -10.17
CA ILE ZB 82 -121.42 60.02 -10.98
C ILE ZB 82 -121.24 58.51 -10.99
N VAL ZB 83 -121.62 57.81 -9.91
CA VAL ZB 83 -121.39 56.38 -9.81
C VAL ZB 83 -122.23 55.63 -10.84
N LYS ZB 84 -123.48 56.03 -11.02
CA LYS ZB 84 -124.35 55.35 -11.96
C LYS ZB 84 -123.91 55.58 -13.39
N GLN ZB 85 -123.38 56.77 -13.69
CA GLN ZB 85 -122.88 57.07 -15.02
C GLN ZB 85 -121.61 56.29 -15.33
N ILE ZB 86 -120.72 56.14 -14.36
CA ILE ZB 86 -119.44 55.47 -14.58
C ILE ZB 86 -119.43 54.18 -13.77
N THR ZB 87 -119.61 53.05 -14.44
CA THR ZB 87 -119.52 51.74 -13.81
C THR ZB 87 -118.43 50.87 -14.41
N SER ZB 88 -117.83 51.28 -15.52
CA SER ZB 88 -116.73 50.55 -16.14
C SER ZB 88 -115.46 51.37 -16.02
N ILE ZB 89 -114.33 50.68 -15.94
CA ILE ZB 89 -113.06 51.32 -15.64
C ILE ZB 89 -111.99 50.94 -16.66
N SER ZB 90 -112.23 49.86 -17.42
CA SER ZB 90 -111.42 49.45 -18.58
C SER ZB 90 -109.93 49.42 -18.25
N ILE ZB 91 -109.58 48.49 -17.39
CA ILE ZB 91 -108.21 48.35 -16.91
C ILE ZB 91 -107.46 47.36 -17.77
N GLU ZB 92 -106.14 47.53 -17.84
CA GLU ZB 92 -105.19 46.60 -18.41
C GLU ZB 92 -104.14 46.30 -17.35
N PRO ZB 93 -103.45 45.16 -17.45
CA PRO ZB 93 -102.55 44.76 -16.37
C PRO ZB 93 -101.45 45.79 -16.12
N GLY ZB 94 -101.11 45.97 -14.85
CA GLY ZB 94 -100.06 46.88 -14.47
C GLY ZB 94 -100.55 48.15 -13.83
N VAL ZB 95 -101.65 48.69 -14.34
CA VAL ZB 95 -102.21 49.94 -13.85
C VAL ZB 95 -103.17 49.65 -12.71
N GLU ZB 96 -103.10 50.45 -11.65
CA GLU ZB 96 -103.97 50.32 -10.50
C GLU ZB 96 -104.73 51.62 -10.26
N VAL ZB 97 -106.02 51.48 -9.98
CA VAL ZB 97 -106.89 52.63 -9.75
C VAL ZB 97 -107.13 52.77 -8.25
N GLU ZB 98 -107.53 53.97 -7.84
CA GLU ZB 98 -108.03 54.15 -6.48
C GLU ZB 98 -109.10 55.23 -6.48
N VAL ZB 99 -110.34 54.84 -6.19
CA VAL ZB 99 -111.45 55.78 -6.13
C VAL ZB 99 -111.34 56.63 -4.88
N THR ZB 100 -111.74 57.90 -4.99
CA THR ZB 100 -111.77 58.79 -3.83
C THR ZB 100 -112.88 59.80 -4.04
N ILE ZB 101 -113.54 60.19 -2.95
CA ILE ZB 101 -114.51 61.27 -2.98
C ILE ZB 101 -113.80 62.56 -2.63
N ALA ZB 102 -114.34 63.69 -3.13
CA ALA ZB 102 -113.74 64.98 -2.88
C ALA ZB 102 -113.74 65.36 -1.40
N ASP ZB 103 -114.56 64.69 -0.59
CA ASP ZB 103 -114.55 64.94 0.85
C ASP ZB 103 -113.21 64.56 1.47
N ALA ZB 104 -112.64 63.44 1.04
CA ALA ZB 104 -111.37 62.95 1.56
C ALA ZB 104 -110.21 63.86 1.15
N ARG AC 1 -33.44 85.04 12.10
CA ARG AC 1 -34.80 84.55 11.93
C ARG AC 1 -35.05 83.37 12.86
N ASP AC 2 -35.19 83.67 14.15
CA ASP AC 2 -35.50 82.66 15.16
C ASP AC 2 -36.81 82.95 15.88
N LYS AC 3 -36.98 84.15 16.42
CA LYS AC 3 -38.24 84.57 17.02
C LYS AC 3 -38.31 86.09 16.98
N LEU AC 4 -39.53 86.62 17.00
CA LEU AC 4 -39.77 88.05 16.88
C LEU AC 4 -39.96 88.76 18.22
N ASN AC 5 -40.62 88.11 19.18
CA ASN AC 5 -40.90 88.65 20.52
C ASN AC 5 -41.35 90.11 20.49
N ASN AC 6 -42.25 90.42 19.57
CA ASN AC 6 -42.75 91.78 19.42
C ASN AC 6 -43.49 92.25 20.67
N LEU AC 7 -43.36 93.53 20.97
CA LEU AC 7 -43.93 94.11 22.19
C LEU AC 7 -45.46 94.12 22.12
N VAL AC 8 -46.08 93.93 23.28
CA VAL AC 8 -47.53 93.89 23.40
C VAL AC 8 -48.10 95.18 23.99
N LEU AC 9 -47.25 96.05 24.52
CA LEU AC 9 -47.71 97.37 24.95
C LEU AC 9 -46.67 98.40 24.56
N PHE AC 10 -47.15 99.62 24.30
CA PHE AC 10 -46.27 100.67 23.81
C PHE AC 10 -45.26 101.09 24.88
N ASP AC 11 -44.33 101.95 24.48
CA ASP AC 11 -43.40 102.58 25.39
C ASP AC 11 -43.06 103.96 24.85
N LYS AC 12 -42.20 104.67 25.58
CA LYS AC 12 -41.87 106.04 25.20
C LYS AC 12 -41.10 106.09 23.89
N ALA AC 13 -40.20 105.13 23.66
CA ALA AC 13 -39.36 105.18 22.47
C ALA AC 13 -40.11 104.80 21.20
N THR AC 14 -41.26 104.13 21.31
CA THR AC 14 -42.00 103.70 20.13
C THR AC 14 -43.27 104.49 19.91
N TYR AC 15 -43.92 104.98 20.97
CA TYR AC 15 -45.13 105.78 20.80
C TYR AC 15 -44.83 107.07 20.04
N ASP AC 16 -43.71 107.72 20.37
CA ASP AC 16 -43.35 108.94 19.65
C ASP AC 16 -42.96 108.64 18.21
N LYS AC 17 -42.34 107.49 17.95
CA LYS AC 17 -42.06 107.09 16.56
C LYS AC 17 -43.35 106.91 15.77
N LEU AC 18 -44.33 106.25 16.39
CA LEU AC 18 -45.64 106.07 15.77
C LEU AC 18 -46.30 107.42 15.47
N CYS AC 19 -46.21 108.35 16.41
CA CYS AC 19 -46.82 109.66 16.19
C CYS AC 19 -46.02 110.53 15.24
N LYS AC 20 -44.73 110.26 15.02
CA LYS AC 20 -43.89 111.14 14.24
C LYS AC 20 -43.74 110.72 12.78
N GLU AC 21 -43.67 109.42 12.48
CA GLU AC 21 -43.37 109.02 11.11
C GLU AC 21 -44.37 108.08 10.48
N VAL AC 22 -45.27 107.47 11.25
CA VAL AC 22 -46.30 106.62 10.66
C VAL AC 22 -47.20 107.40 9.70
N PRO AC 23 -47.73 108.63 10.04
CA PRO AC 23 -48.50 109.41 9.06
C PRO AC 23 -47.63 110.19 8.10
N ASN AC 24 -46.62 109.53 7.54
CA ASN AC 24 -45.69 110.16 6.60
C ASN AC 24 -45.41 109.34 5.35
N TYR AC 25 -45.77 108.07 5.31
CA TYR AC 25 -45.59 107.23 4.14
C TYR AC 25 -46.93 106.67 3.69
N LYS AC 26 -47.03 106.44 2.38
CA LYS AC 26 -48.34 106.28 1.73
C LYS AC 26 -49.07 105.03 2.22
N LEU AC 27 -48.39 103.88 2.22
CA LEU AC 27 -49.02 102.62 2.58
C LEU AC 27 -48.80 102.38 4.06
N ILE AC 28 -49.87 102.49 4.84
CA ILE AC 28 -49.84 102.16 6.26
C ILE AC 28 -50.94 101.14 6.56
N THR AC 29 -50.52 99.92 6.88
CA THR AC 29 -51.39 98.82 7.24
C THR AC 29 -50.89 98.24 8.55
N PRO AC 30 -51.75 97.54 9.30
CA PRO AC 30 -51.27 96.94 10.56
C PRO AC 30 -50.08 96.02 10.40
N ALA AC 31 -50.03 95.22 9.34
CA ALA AC 31 -48.87 94.36 9.12
C ALA AC 31 -47.62 95.18 8.85
N VAL AC 32 -47.75 96.24 8.03
CA VAL AC 32 -46.59 97.06 7.69
C VAL AC 32 -46.03 97.74 8.93
N VAL AC 33 -46.90 98.35 9.73
CA VAL AC 33 -46.42 99.03 10.92
C VAL AC 33 -45.90 98.03 11.94
N SER AC 34 -46.48 96.83 12.00
CA SER AC 34 -45.98 95.81 12.92
C SER AC 34 -44.56 95.41 12.56
N GLU AC 35 -44.30 95.09 11.29
CA GLU AC 35 -42.96 94.72 10.89
C GLU AC 35 -42.01 95.91 10.82
N ARG AC 36 -42.53 97.13 10.88
CA ARG AC 36 -41.69 98.33 10.87
C ARG AC 36 -41.27 98.76 12.26
N LEU AC 37 -42.15 98.62 13.26
CA LEU AC 37 -41.87 99.12 14.60
C LEU AC 37 -41.85 98.02 15.65
N LYS AC 38 -41.84 96.75 15.25
CA LYS AC 38 -41.74 95.60 16.17
C LYS AC 38 -42.89 95.57 17.16
N ILE AC 39 -44.03 96.10 16.79
CA ILE AC 39 -45.23 96.01 17.61
C ILE AC 39 -45.98 94.74 17.22
N ARG AC 40 -46.81 94.25 18.13
CA ARG AC 40 -47.41 92.92 17.95
C ARG AC 40 -48.35 92.90 16.75
N GLY AC 41 -49.31 93.82 16.70
CA GLY AC 41 -50.28 93.85 15.63
C GLY AC 41 -51.69 94.12 16.12
N SER AC 42 -52.04 93.58 17.28
CA SER AC 42 -53.25 94.06 17.96
C SER AC 42 -53.07 95.52 18.35
N LEU AC 43 -51.89 95.86 18.87
CA LEU AC 43 -51.51 97.25 19.06
C LEU AC 43 -51.50 98.02 17.76
N ALA AC 44 -51.05 97.39 16.67
CA ALA AC 44 -51.05 98.07 15.38
C ALA AC 44 -52.44 98.51 14.99
N ARG AC 45 -53.41 97.58 15.07
CA ARG AC 45 -54.78 97.94 14.72
C ARG AC 45 -55.33 98.99 15.66
N ALA AC 46 -55.10 98.84 16.97
CA ALA AC 46 -55.66 99.77 17.94
C ALA AC 46 -55.07 101.17 17.77
N ALA AC 47 -53.76 101.27 17.64
CA ALA AC 47 -53.11 102.56 17.48
C ALA AC 47 -53.43 103.19 16.15
N LEU AC 48 -53.53 102.40 15.07
CA LEU AC 48 -53.91 102.96 13.79
C LEU AC 48 -55.31 103.53 13.83
N GLN AC 49 -56.25 102.82 14.46
CA GLN AC 49 -57.59 103.39 14.57
C GLN AC 49 -57.62 104.59 15.50
N GLU AC 50 -56.72 104.65 16.50
CA GLU AC 50 -56.63 105.84 17.33
C GLU AC 50 -56.16 107.05 16.55
N LEU AC 51 -55.12 106.87 15.72
CA LEU AC 51 -54.68 107.98 14.87
C LEU AC 51 -55.72 108.33 13.82
N LEU AC 52 -56.48 107.35 13.34
CA LEU AC 52 -57.57 107.63 12.41
C LEU AC 52 -58.64 108.49 13.05
N SER AC 53 -59.00 108.18 14.30
CA SER AC 53 -59.98 109.00 14.99
C SER AC 53 -59.43 110.37 15.35
N LYS AC 54 -58.12 110.45 15.63
CA LYS AC 54 -57.51 111.74 15.92
C LYS AC 54 -57.34 112.59 14.66
N GLY AC 55 -57.38 111.98 13.47
CA GLY AC 55 -57.43 112.71 12.23
C GLY AC 55 -56.13 112.84 11.48
N LEU AC 56 -55.05 112.22 11.95
CA LEU AC 56 -53.77 112.33 11.27
C LEU AC 56 -53.62 111.34 10.13
N ILE AC 57 -54.56 110.41 9.97
CA ILE AC 57 -54.46 109.31 9.01
C ILE AC 57 -55.84 109.09 8.41
N LYS AC 58 -55.88 108.83 7.10
CA LYS AC 58 -57.14 108.67 6.38
C LYS AC 58 -57.34 107.21 6.00
N LEU AC 59 -58.46 106.62 6.43
CA LEU AC 59 -58.84 105.27 6.03
C LEU AC 59 -59.33 105.28 4.59
N VAL AC 60 -59.12 104.17 3.89
CA VAL AC 60 -59.59 104.04 2.50
C VAL AC 60 -60.49 102.81 2.31
N SER AC 61 -60.14 101.69 2.93
CA SER AC 61 -60.80 100.42 2.61
C SER AC 61 -61.85 100.00 3.64
N LYS AC 62 -61.45 99.83 4.91
CA LYS AC 62 -62.32 99.32 5.97
C LYS AC 62 -62.94 97.97 5.58
N HIS AC 63 -62.07 96.98 5.47
CA HIS AC 63 -62.49 95.59 5.28
C HIS AC 63 -61.97 94.74 6.42
N ARG AC 64 -62.70 93.67 6.74
CA ARG AC 64 -62.39 92.86 7.91
C ARG AC 64 -61.03 92.18 7.77
N ALA AC 65 -60.78 91.54 6.64
CA ALA AC 65 -59.53 90.83 6.45
C ALA AC 65 -58.37 91.76 6.15
N GLN AC 66 -58.64 93.00 5.76
CA GLN AC 66 -57.57 93.94 5.45
C GLN AC 66 -58.13 95.34 5.51
N VAL AC 67 -57.59 96.17 6.38
CA VAL AC 67 -57.97 97.58 6.50
C VAL AC 67 -56.77 98.44 6.12
N ILE AC 68 -56.99 99.38 5.20
CA ILE AC 68 -55.91 100.15 4.59
C ILE AC 68 -56.08 101.61 4.96
N TYR AC 69 -54.97 102.24 5.32
CA TYR AC 69 -54.93 103.64 5.69
C TYR AC 69 -53.94 104.36 4.80
N THR AC 70 -53.85 105.67 4.96
CA THR AC 70 -52.92 106.48 4.18
C THR AC 70 -52.58 107.74 4.96
N ARG AC 71 -51.46 108.33 4.59
CA ARG AC 71 -51.07 109.63 5.12
C ARG AC 71 -51.94 110.72 4.51
N ASN AC 72 -51.97 111.86 5.19
CA ASN AC 72 -52.74 113.00 4.69
C ASN AC 72 -52.02 113.66 3.54
N THR AC 73 -52.79 114.32 2.69
CA THR AC 73 -52.23 115.05 1.57
C THR AC 73 -51.45 116.27 2.06
N LYS AC 74 -50.45 116.66 1.29
CA LYS AC 74 -49.59 117.79 1.63
C LYS AC 74 -49.82 118.95 0.66
N GLY AC 75 -49.38 120.13 1.07
CA GLY AC 75 -49.51 121.32 0.26
C GLY AC 75 -50.94 121.77 0.07
N ARG BC 1 -21.68 93.90 -27.51
CA ARG BC 1 -21.18 92.72 -28.20
C ARG BC 1 -22.30 91.72 -28.44
N VAL BC 2 -23.25 91.65 -27.50
CA VAL BC 2 -24.38 90.74 -27.63
C VAL BC 2 -25.31 91.25 -28.72
N GLN BC 3 -25.78 90.34 -29.57
CA GLN BC 3 -26.77 90.71 -30.57
C GLN BC 3 -28.08 91.08 -29.88
N PRO BC 4 -28.68 92.22 -30.22
CA PRO BC 4 -29.87 92.67 -29.49
C PRO BC 4 -31.07 91.76 -29.67
N ILE BC 5 -31.92 91.76 -28.66
CA ILE BC 5 -33.12 90.92 -28.64
C ILE BC 5 -34.10 91.42 -29.70
N LYS BC 6 -34.65 90.50 -30.48
CA LYS BC 6 -35.46 90.87 -31.64
C LYS BC 6 -36.80 90.16 -31.59
N LEU BC 7 -37.62 90.41 -32.60
CA LEU BC 7 -38.97 89.86 -32.67
C LEU BC 7 -39.21 89.25 -34.05
N ALA BC 8 -40.04 88.22 -34.09
CA ALA BC 8 -40.36 87.53 -35.32
C ALA BC 8 -41.83 87.13 -35.32
N ARG BC 9 -42.38 86.87 -36.51
CA ARG BC 9 -43.77 86.50 -36.67
C ARG BC 9 -43.86 85.11 -37.27
N VAL BC 10 -44.71 84.27 -36.69
CA VAL BC 10 -44.91 82.91 -37.19
C VAL BC 10 -45.78 82.96 -38.43
N THR BC 11 -45.28 82.40 -39.53
CA THR BC 11 -46.03 82.32 -40.77
C THR BC 11 -46.65 80.95 -41.03
N LYS BC 12 -46.08 79.90 -40.44
CA LYS BC 12 -46.62 78.56 -40.62
C LYS BC 12 -46.14 77.69 -39.48
N VAL BC 13 -46.95 76.68 -39.15
CA VAL BC 13 -46.61 75.70 -38.13
C VAL BC 13 -46.25 74.40 -38.83
N LEU BC 14 -44.98 74.02 -38.74
CA LEU BC 14 -44.53 72.78 -39.37
C LEU BC 14 -45.12 71.57 -38.65
N GLY BC 15 -44.78 71.42 -37.36
CA GLY BC 15 -45.36 70.29 -36.63
C GLY BC 15 -44.66 69.91 -35.34
N ARG BC 16 -45.28 69.02 -34.56
CA ARG BC 16 -44.78 68.71 -33.22
C ARG BC 16 -43.44 68.02 -33.27
N THR BC 17 -42.67 68.21 -32.19
CA THR BC 17 -41.30 67.71 -32.08
C THR BC 17 -40.98 67.57 -30.59
N GLY BC 18 -39.96 66.77 -30.31
CA GLY BC 18 -39.46 66.56 -28.96
C GLY BC 18 -39.62 65.14 -28.45
N SER BC 19 -40.21 64.26 -29.26
CA SER BC 19 -40.54 62.87 -28.94
C SER BC 19 -41.52 62.74 -27.78
N GLN BC 20 -41.98 63.85 -27.21
CA GLN BC 20 -43.11 63.86 -26.31
C GLN BC 20 -44.19 64.80 -26.80
N GLY BC 21 -44.04 65.38 -27.98
CA GLY BC 21 -44.95 66.42 -28.40
C GLY BC 21 -44.88 67.65 -27.54
N GLN BC 22 -43.76 67.88 -26.87
CA GLN BC 22 -43.63 69.01 -25.95
C GLN BC 22 -43.25 70.29 -26.65
N CYS BC 23 -42.77 70.24 -27.90
CA CYS BC 23 -42.48 71.47 -28.63
C CYS BC 23 -43.01 71.34 -30.04
N THR BC 24 -42.95 72.44 -30.78
CA THR BC 24 -43.38 72.49 -32.16
C THR BC 24 -42.26 73.11 -32.99
N GLN BC 25 -42.17 72.71 -34.25
CA GLN BC 25 -41.38 73.41 -35.24
C GLN BC 25 -42.28 74.33 -36.02
N VAL BC 26 -41.88 75.60 -36.14
CA VAL BC 26 -42.62 76.63 -36.84
C VAL BC 26 -41.66 77.40 -37.73
N ARG BC 27 -42.24 78.08 -38.72
CA ARG BC 27 -41.52 78.96 -39.62
C ARG BC 27 -41.78 80.40 -39.21
N VAL BC 28 -40.72 81.18 -39.04
CA VAL BC 28 -40.82 82.55 -38.56
C VAL BC 28 -40.15 83.47 -39.56
N GLU BC 29 -40.67 84.68 -39.70
CA GLU BC 29 -40.05 85.72 -40.51
C GLU BC 29 -39.80 86.94 -39.64
N PHE BC 30 -38.70 87.63 -39.90
CA PHE BC 30 -38.32 88.79 -39.10
C PHE BC 30 -38.98 90.04 -39.64
N MET BC 31 -39.54 90.85 -38.75
CA MET BC 31 -40.01 92.17 -39.18
C MET BC 31 -38.84 93.06 -39.55
N ASP BC 32 -37.69 92.88 -38.90
CA ASP BC 32 -36.51 93.67 -39.22
C ASP BC 32 -35.99 93.38 -40.61
N ASP BC 33 -36.22 92.15 -41.10
CA ASP BC 33 -35.85 91.78 -42.47
C ASP BC 33 -36.77 90.65 -42.89
N THR BC 34 -37.78 90.97 -43.70
CA THR BC 34 -38.81 90.00 -44.04
C THR BC 34 -38.27 88.86 -44.89
N SER BC 35 -37.21 89.11 -45.67
CA SER BC 35 -36.63 88.04 -46.47
C SER BC 35 -36.02 86.95 -45.60
N ARG BC 36 -35.35 87.34 -44.51
CA ARG BC 36 -34.72 86.37 -43.63
C ARG BC 36 -35.79 85.62 -42.86
N SER BC 37 -35.91 84.32 -43.10
CA SER BC 37 -36.87 83.47 -42.42
C SER BC 37 -36.24 82.10 -42.19
N ILE BC 38 -36.19 81.67 -40.93
CA ILE BC 38 -35.58 80.41 -40.57
C ILE BC 38 -36.61 79.57 -39.82
N ILE BC 39 -36.24 78.32 -39.57
CA ILE BC 39 -37.09 77.36 -38.87
C ILE BC 39 -36.71 77.37 -37.40
N ARG BC 40 -37.67 77.68 -36.54
CA ARG BC 40 -37.44 77.67 -35.11
C ARG BC 40 -38.33 76.61 -34.47
N ASN BC 41 -37.99 76.24 -33.24
CA ASN BC 41 -38.83 75.36 -32.44
C ASN BC 41 -39.17 76.06 -31.13
N VAL BC 42 -40.43 75.90 -30.72
CA VAL BC 42 -40.99 76.65 -29.60
C VAL BC 42 -41.81 75.72 -28.72
N LYS BC 43 -41.96 76.10 -27.47
CA LYS BC 43 -42.81 75.35 -26.55
C LYS BC 43 -44.01 76.19 -26.15
N GLY BC 44 -45.13 75.52 -25.89
CA GLY BC 44 -46.36 76.20 -25.58
C GLY BC 44 -47.33 76.17 -26.75
N PRO BC 45 -48.56 76.62 -26.51
CA PRO BC 45 -49.56 76.64 -27.59
C PRO BC 45 -49.29 77.77 -28.57
N VAL BC 46 -48.99 77.41 -29.81
CA VAL BC 46 -48.61 78.38 -30.84
C VAL BC 46 -49.63 78.31 -31.96
N ARG BC 47 -50.25 79.45 -32.26
CA ARG BC 47 -51.07 79.60 -33.45
C ARG BC 47 -50.26 80.33 -34.50
N GLU BC 48 -50.69 80.23 -35.75
CA GLU BC 48 -50.03 80.97 -36.82
C GLU BC 48 -50.36 82.45 -36.70
N GLY BC 49 -49.41 83.29 -37.08
CA GLY BC 49 -49.58 84.72 -37.08
C GLY BC 49 -49.10 85.40 -35.82
N ASP BC 50 -48.92 84.67 -34.73
CA ASP BC 50 -48.45 85.29 -33.50
C ASP BC 50 -46.98 85.66 -33.61
N VAL BC 51 -46.60 86.72 -32.90
CA VAL BC 51 -45.23 87.20 -32.87
C VAL BC 51 -44.60 86.79 -31.55
N LEU BC 52 -43.28 86.68 -31.55
CA LEU BC 52 -42.54 86.12 -30.44
C LEU BC 52 -41.12 86.64 -30.45
N THR BC 53 -40.52 86.66 -29.26
CA THR BC 53 -39.20 87.22 -29.07
C THR BC 53 -38.14 86.19 -29.45
N LEU BC 54 -36.95 86.70 -29.76
CA LEU BC 54 -35.78 85.88 -30.08
C LEU BC 54 -34.58 86.49 -29.39
N LEU BC 55 -33.98 85.74 -28.48
CA LEU BC 55 -32.75 86.20 -27.84
C LEU BC 55 -31.56 86.08 -28.77
N GLU BC 56 -31.49 85.00 -29.53
CA GLU BC 56 -30.39 84.78 -30.47
C GLU BC 56 -30.97 84.31 -31.80
N SER BC 57 -30.28 84.65 -32.88
CA SER BC 57 -30.81 84.40 -34.22
C SER BC 57 -30.65 82.95 -34.64
N GLU BC 58 -29.42 82.50 -34.79
CA GLU BC 58 -29.13 81.21 -35.43
C GLU BC 58 -28.72 80.20 -34.35
N ARG BC 59 -29.59 79.22 -34.12
CA ARG BC 59 -29.27 78.14 -33.19
C ARG BC 59 -29.19 76.80 -33.88
N GLU BC 60 -30.23 76.39 -34.59
CA GLU BC 60 -30.29 75.10 -35.26
C GLU BC 60 -31.49 75.09 -36.20
N ALA BC 61 -31.35 74.36 -37.30
CA ALA BC 61 -32.45 74.11 -38.22
C ALA BC 61 -32.41 72.64 -38.63
N ARG BC 62 -33.53 71.96 -38.49
CA ARG BC 62 -33.59 70.54 -38.83
C ARG BC 62 -34.96 70.19 -39.38
N ARG BC 63 -34.98 69.31 -40.39
CA ARG BC 63 -36.21 68.92 -41.05
C ARG BC 63 -36.75 67.63 -40.46
N LEU BC 64 -38.07 67.54 -40.36
CA LEU BC 64 -38.72 66.32 -39.89
C LEU BC 64 -39.24 65.51 -41.06
N GLY CC 1 -83.24 23.36 25.03
CA GLY CC 1 -83.70 22.27 25.87
C GLY CC 1 -85.20 22.21 25.97
N HIS CC 2 -85.74 22.56 27.13
CA HIS CC 2 -87.18 22.64 27.29
C HIS CC 2 -87.65 24.02 26.83
N GLN CC 3 -88.90 24.35 27.13
CA GLN CC 3 -89.55 25.50 26.50
C GLN CC 3 -88.92 26.82 26.92
N GLN CC 4 -88.39 26.90 28.14
CA GLN CC 4 -88.06 28.19 28.71
C GLN CC 4 -86.67 28.69 28.34
N LEU CC 5 -85.91 27.95 27.54
CA LEU CC 5 -84.62 28.45 27.09
C LEU CC 5 -84.33 28.17 25.62
N TYR CC 6 -85.21 27.46 24.90
CA TYR CC 6 -84.88 27.04 23.54
C TYR CC 6 -84.80 28.23 22.60
N TRP CC 7 -85.77 29.13 22.69
CA TRP CC 7 -85.79 30.33 21.86
C TRP CC 7 -85.89 31.58 22.72
N SER CC 8 -85.31 31.51 23.92
CA SER CC 8 -85.46 32.56 24.92
C SER CC 8 -84.65 33.82 24.60
N HIS CC 9 -83.82 33.78 23.59
CA HIS CC 9 -82.97 34.92 23.30
C HIS CC 9 -83.79 36.10 22.80
N PRO CC 10 -83.56 37.31 23.30
CA PRO CC 10 -84.24 38.48 22.75
C PRO CC 10 -83.78 38.78 21.32
N ARG CC 11 -84.67 38.60 20.36
CA ARG CC 11 -84.37 38.77 18.94
C ARG CC 11 -85.36 39.71 18.30
N LYS CC 12 -85.56 40.87 18.92
CA LYS CC 12 -86.46 41.88 18.40
C LYS CC 12 -85.77 42.84 17.44
N PHE CC 13 -84.50 42.61 17.15
CA PHE CC 13 -83.70 43.54 16.37
C PHE CC 13 -82.41 42.84 15.96
N GLY CC 14 -81.51 43.61 15.32
CA GLY CC 14 -80.22 43.11 14.93
C GLY CC 14 -80.26 42.27 13.67
N GLN CC 15 -79.09 41.75 13.30
CA GLN CC 15 -79.01 40.89 12.12
C GLN CC 15 -79.78 39.60 12.31
N GLY CC 16 -79.76 39.05 13.53
CA GLY CC 16 -80.35 37.75 13.75
C GLY CC 16 -81.86 37.74 13.61
N SER CC 17 -82.50 38.87 13.85
CA SER CC 17 -83.95 38.91 13.70
C SER CC 17 -84.36 38.87 12.24
N ARG CC 18 -83.69 39.66 11.40
CA ARG CC 18 -84.04 39.75 9.99
C ARG CC 18 -83.38 38.64 9.20
N SER CC 19 -84.09 38.16 8.19
CA SER CC 19 -83.58 37.10 7.35
C SER CC 19 -84.04 37.32 5.92
N CYS CC 20 -83.34 36.68 4.99
CA CYS CC 20 -83.69 36.75 3.59
C CYS CC 20 -85.06 36.12 3.37
N ARG CC 21 -85.93 36.82 2.66
CA ARG CC 21 -87.24 36.26 2.39
C ARG CC 21 -87.19 35.12 1.37
N VAL CC 22 -86.04 34.91 0.73
CA VAL CC 22 -85.88 33.88 -0.28
C VAL CC 22 -85.07 32.72 0.25
N CYS CC 23 -83.81 32.96 0.65
CA CYS CC 23 -82.90 31.89 1.00
C CYS CC 23 -82.50 31.89 2.48
N SER CC 24 -83.19 32.68 3.31
CA SER CC 24 -83.01 32.64 4.76
C SER CC 24 -81.57 32.95 5.17
N ASN CC 25 -80.92 33.82 4.41
CA ASN CC 25 -79.57 34.27 4.71
C ASN CC 25 -79.64 35.59 5.45
N ARG CC 26 -78.65 35.85 6.31
CA ARG CC 26 -78.66 37.05 7.13
C ARG CC 26 -77.67 38.11 6.68
N HIS CC 27 -77.08 37.95 5.50
CA HIS CC 27 -76.04 38.86 5.04
C HIS CC 27 -76.43 39.53 3.74
N GLY CC 28 -76.13 40.82 3.62
CA GLY CC 28 -76.48 41.56 2.44
C GLY CC 28 -77.95 41.88 2.31
N LEU CC 29 -78.67 41.96 3.42
CA LEU CC 29 -80.11 42.19 3.36
C LEU CC 29 -80.43 43.57 2.80
N ILE CC 30 -81.41 43.62 1.91
CA ILE CC 30 -81.90 44.85 1.33
C ILE CC 30 -83.27 45.09 1.95
N ARG CC 31 -83.34 46.02 2.90
CA ARG CC 31 -84.60 46.33 3.56
C ARG CC 31 -85.29 47.56 2.99
N LYS CC 32 -84.72 48.18 1.97
CA LYS CC 32 -85.35 49.34 1.36
C LYS CC 32 -86.66 48.95 0.70
N TYR CC 33 -87.65 49.82 0.84
CA TYR CC 33 -88.98 49.64 0.25
C TYR CC 33 -89.65 48.35 0.71
N GLY CC 34 -89.20 47.80 1.84
CA GLY CC 34 -89.76 46.56 2.32
C GLY CC 34 -89.42 45.35 1.49
N LEU CC 35 -88.27 45.38 0.81
CA LEU CC 35 -87.89 44.24 -0.03
C LEU CC 35 -87.59 43.00 0.81
N ASN CC 36 -86.73 43.16 1.82
CA ASN CC 36 -86.30 42.06 2.69
C ASN CC 36 -85.71 40.92 1.87
N MET CC 37 -84.95 41.25 0.84
CA MET CC 37 -84.37 40.26 -0.05
C MET CC 37 -82.86 40.39 -0.05
N CYS CC 38 -82.18 39.28 -0.36
CA CYS CC 38 -80.74 39.22 -0.30
C CYS CC 38 -80.11 40.10 -1.38
N ARG CC 39 -78.83 40.41 -1.15
CA ARG CC 39 -78.07 41.16 -2.14
C ARG CC 39 -77.97 40.39 -3.45
N GLN CC 40 -77.90 39.06 -3.37
CA GLN CC 40 -77.80 38.22 -4.56
C GLN CC 40 -79.15 37.77 -5.07
N CYS CC 41 -80.07 37.42 -4.18
CA CYS CC 41 -81.42 37.06 -4.61
C CYS CC 41 -82.11 38.23 -5.29
N PHE CC 42 -81.80 39.47 -4.89
CA PHE CC 42 -82.36 40.62 -5.56
C PHE CC 42 -81.82 40.75 -6.99
N ARG CC 43 -80.52 40.52 -7.18
CA ARG CC 43 -80.00 40.55 -8.54
C ARG CC 43 -80.62 39.44 -9.37
N GLN CC 44 -81.00 38.34 -8.74
CA GLN CC 44 -81.68 37.28 -9.47
C GLN CC 44 -83.11 37.67 -9.87
N TYR CC 45 -83.86 38.30 -8.96
CA TYR CC 45 -85.29 38.52 -9.15
C TYR CC 45 -85.67 39.95 -9.51
N ALA CC 46 -84.69 40.81 -9.80
CA ALA CC 46 -85.00 42.21 -10.05
C ALA CC 46 -85.88 42.39 -11.28
N LYS CC 47 -85.62 41.61 -12.34
CA LYS CC 47 -86.43 41.71 -13.54
C LYS CC 47 -87.88 41.34 -13.26
N ASP CC 48 -88.10 40.30 -12.47
CA ASP CC 48 -89.46 39.91 -12.11
C ASP CC 48 -90.13 40.98 -11.27
N ILE CC 49 -89.39 41.56 -10.33
CA ILE CC 49 -89.97 42.58 -9.45
C ILE CC 49 -90.37 43.80 -10.27
N GLY CC 50 -89.51 44.24 -11.16
CA GLY CC 50 -89.82 45.38 -12.00
C GLY CC 50 -88.70 46.39 -12.06
N PHE CC 51 -87.60 46.11 -11.37
CA PHE CC 51 -86.45 46.99 -11.39
C PHE CC 51 -85.68 46.79 -12.68
N ILE CC 52 -85.51 47.86 -13.45
CA ILE CC 52 -84.87 47.81 -14.76
C ILE CC 52 -83.64 48.69 -14.73
N LYS CC 53 -82.55 48.19 -15.31
CA LYS CC 53 -81.32 48.95 -15.43
C LYS CC 53 -81.48 49.96 -16.57
N LEU CC 54 -81.54 51.24 -16.22
CA LEU CC 54 -81.62 52.30 -17.22
C LEU CC 54 -80.31 53.06 -17.38
N ASP CC 55 -79.61 53.33 -16.28
CA ASP CC 55 -78.31 53.97 -16.35
C ASP CC 55 -77.39 53.36 -15.32
N TYR DC 1 -61.13 16.83 20.84
CA TYR DC 1 -62.07 16.24 21.79
C TYR DC 1 -61.47 16.16 23.19
N THR DC 2 -61.61 14.98 23.79
CA THR DC 2 -61.13 14.68 25.14
C THR DC 2 -61.69 15.68 26.15
N THR DC 3 -63.00 15.61 26.33
CA THR DC 3 -63.66 16.49 27.28
C THR DC 3 -63.24 16.13 28.70
N PRO DC 4 -62.86 17.10 29.53
CA PRO DC 4 -62.48 16.76 30.92
C PRO DC 4 -63.60 16.09 31.71
N LYS DC 5 -64.85 16.45 31.46
CA LYS DC 5 -65.96 15.79 32.13
C LYS DC 5 -66.22 14.43 31.52
N LYS DC 6 -66.54 13.46 32.37
CA LYS DC 6 -67.00 12.17 31.89
C LYS DC 6 -68.42 12.31 31.34
N ASN DC 7 -68.79 11.40 30.43
CA ASN DC 7 -70.07 11.47 29.73
C ASN DC 7 -71.22 11.54 30.71
N LYS DC 8 -72.13 12.48 30.48
CA LYS DC 8 -73.27 12.67 31.36
C LYS DC 8 -74.21 11.47 31.30
N HIS DC 9 -74.72 11.08 32.45
CA HIS DC 9 -75.63 9.95 32.56
C HIS DC 9 -77.06 10.44 32.40
N LYS DC 10 -77.75 9.93 31.37
CA LYS DC 10 -79.15 10.28 31.16
C LYS DC 10 -80.03 9.52 32.14
N ARG DC 11 -81.07 10.20 32.63
CA ARG DC 11 -81.93 9.62 33.65
C ARG DC 11 -82.77 8.48 33.05
N LYS DC 12 -82.88 7.39 33.81
CA LYS DC 12 -83.70 6.25 33.43
C LYS DC 12 -84.84 6.12 34.43
N LYS DC 13 -86.06 5.95 33.92
CA LYS DC 13 -87.21 5.80 34.79
C LYS DC 13 -87.17 4.47 35.53
N VAL DC 14 -87.82 4.43 36.69
CA VAL DC 14 -87.79 3.24 37.53
C VAL DC 14 -88.64 2.10 37.01
N LYS DC 15 -89.43 2.34 35.96
CA LYS DC 15 -90.38 1.36 35.44
C LYS DC 15 -91.29 0.84 36.56
N LEU DC 16 -91.86 1.79 37.30
CA LEU DC 16 -92.60 1.46 38.51
C LEU DC 16 -93.84 0.62 38.18
N ALA DC 17 -94.20 -0.26 39.11
CA ALA DC 17 -95.33 -1.17 38.92
C ALA DC 17 -96.63 -0.42 39.19
N VAL DC 18 -97.72 -1.17 39.37
CA VAL DC 18 -99.05 -0.59 39.50
C VAL DC 18 -99.13 0.30 40.73
N LEU DC 19 -99.86 1.41 40.60
CA LEU DC 19 -100.01 2.42 41.63
C LEU DC 19 -100.69 1.92 42.90
N LYS DC 20 -101.97 1.55 42.80
CA LYS DC 20 -102.79 1.04 43.91
C LYS DC 20 -102.61 1.82 45.21
N TYR DC 21 -102.47 3.14 45.11
CA TYR DC 21 -102.30 3.93 46.34
C TYR DC 21 -103.62 4.44 46.89
N TYR DC 22 -104.61 3.55 46.97
CA TYR DC 22 -105.84 3.81 47.72
C TYR DC 22 -106.56 2.48 47.97
N LYS DC 23 -106.84 2.20 49.24
CA LYS DC 23 -107.23 0.86 49.69
C LYS DC 23 -108.69 0.84 50.10
N VAL DC 24 -109.23 -0.37 50.19
CA VAL DC 24 -110.59 -0.62 50.65
C VAL DC 24 -110.54 -1.47 51.91
N ASP DC 25 -111.67 -1.51 52.63
CA ASP DC 25 -111.75 -2.21 53.91
C ASP DC 25 -113.16 -2.74 54.10
N GLU DC 26 -113.26 -3.83 54.88
CA GLU DC 26 -114.51 -4.54 55.20
C GLU DC 26 -115.47 -4.64 54.02
N ASN DC 27 -115.08 -5.41 53.00
CA ASN DC 27 -115.83 -5.71 51.78
C ASN DC 27 -115.90 -4.49 50.87
N GLY DC 28 -115.07 -3.48 51.11
CA GLY DC 28 -114.97 -2.35 50.20
C GLY DC 28 -115.51 -1.05 50.77
N LYS DC 29 -114.60 -0.25 51.32
CA LYS DC 29 -114.89 1.11 51.74
C LYS DC 29 -113.79 2.00 51.22
N ILE DC 30 -114.16 3.01 50.43
CA ILE DC 30 -113.17 3.83 49.75
C ILE DC 30 -112.40 4.66 50.77
N SER DC 31 -111.08 4.71 50.62
CA SER DC 31 -110.25 5.52 51.51
C SER DC 31 -108.99 5.89 50.72
N ARG DC 32 -108.89 7.17 50.36
CA ARG DC 32 -107.75 7.67 49.61
C ARG DC 32 -106.62 7.98 50.59
N LEU DC 33 -105.67 7.06 50.71
CA LEU DC 33 -104.53 7.26 51.59
C LEU DC 33 -103.60 8.37 51.09
N ARG DC 34 -103.77 8.82 49.85
CA ARG DC 34 -103.04 9.96 49.33
C ARG DC 34 -103.88 11.23 49.49
N ARG DC 35 -103.30 12.36 49.10
CA ARG DC 35 -103.98 13.64 49.10
C ARG DC 35 -104.53 13.90 47.70
N GLU DC 36 -105.47 14.84 47.60
CA GLU DC 36 -106.12 15.18 46.35
C GLU DC 36 -105.75 16.59 45.92
N CYS DC 37 -105.49 16.76 44.63
CA CYS DC 37 -105.21 18.08 44.09
C CYS DC 37 -106.51 18.86 43.91
N PRO DC 38 -106.62 20.06 44.48
CA PRO DC 38 -107.90 20.79 44.46
C PRO DC 38 -108.17 21.65 43.24
N SER DC 39 -107.24 21.70 42.28
CA SER DC 39 -107.42 22.57 41.12
C SER DC 39 -108.58 22.09 40.24
N ASP DC 40 -109.24 23.06 39.59
CA ASP DC 40 -110.44 22.75 38.81
C ASP DC 40 -110.11 22.10 37.47
N GLU DC 41 -108.98 22.48 36.85
CA GLU DC 41 -108.57 21.75 35.66
C GLU DC 41 -108.00 20.39 36.02
N CYS DC 42 -107.39 20.27 37.20
CA CYS DC 42 -106.93 18.96 37.67
C CYS DC 42 -108.11 18.01 37.91
N GLY DC 43 -109.19 18.52 38.48
CA GLY DC 43 -110.34 17.69 38.72
C GLY DC 43 -110.18 16.82 39.95
N ALA DC 44 -111.25 16.08 40.22
CA ALA DC 44 -111.30 15.22 41.39
C ALA DC 44 -110.56 13.91 41.19
N GLY DC 45 -110.11 13.62 39.98
CA GLY DC 45 -109.48 12.34 39.70
C GLY DC 45 -108.03 12.28 40.15
N VAL DC 46 -107.23 13.22 39.65
CA VAL DC 46 -105.79 13.17 39.88
C VAL DC 46 -105.47 13.34 41.36
N PHE DC 47 -104.26 12.94 41.73
CA PHE DC 47 -103.88 12.85 43.13
C PHE DC 47 -102.61 13.65 43.39
N MET DC 48 -102.49 14.14 44.63
CA MET DC 48 -101.33 14.87 45.08
C MET DC 48 -100.16 13.92 45.34
N ALA DC 49 -98.96 14.47 45.33
CA ALA DC 49 -97.78 13.71 45.71
C ALA DC 49 -97.76 13.52 47.23
N SER DC 50 -96.81 12.72 47.69
CA SER DC 50 -96.66 12.39 49.10
C SER DC 50 -95.21 12.53 49.53
N HIS DC 51 -94.61 13.67 49.20
CA HIS DC 51 -93.24 13.94 49.58
C HIS DC 51 -93.10 13.95 51.11
N PHE DC 52 -91.84 13.91 51.55
CA PHE DC 52 -91.58 13.89 52.98
C PHE DC 52 -91.92 15.21 53.67
N ASP DC 53 -91.95 16.32 52.93
CA ASP DC 53 -92.24 17.60 53.56
C ASP DC 53 -93.19 18.50 52.79
N ARG DC 54 -93.61 18.15 51.57
CA ARG DC 54 -94.57 18.97 50.84
C ARG DC 54 -95.54 18.08 50.09
N HIS DC 55 -96.53 18.72 49.47
CA HIS DC 55 -97.56 18.08 48.67
C HIS DC 55 -97.61 18.76 47.32
N TYR DC 56 -97.45 17.98 46.24
CA TYR DC 56 -97.19 18.55 44.92
C TYR DC 56 -98.20 18.00 43.91
N CYS DC 57 -98.87 18.91 43.20
CA CYS DC 57 -99.80 18.52 42.15
C CYS DC 57 -99.02 18.14 40.89
N GLY DC 58 -99.21 16.91 40.42
CA GLY DC 58 -98.42 16.43 39.29
C GLY DC 58 -98.67 17.20 38.01
N LYS DC 59 -99.85 17.79 37.86
CA LYS DC 59 -100.17 18.58 36.68
C LYS DC 59 -100.07 20.08 36.95
N CYS DC 60 -100.80 20.58 37.94
CA CYS DC 60 -100.88 22.01 38.15
C CYS DC 60 -99.64 22.58 38.84
N CYS DC 61 -98.78 21.70 39.38
CA CYS DC 61 -97.56 22.08 40.09
C CYS DC 61 -97.83 22.93 41.32
N LEU DC 62 -99.04 22.86 41.88
CA LEU DC 62 -99.33 23.54 43.13
C LEU DC 62 -98.63 22.82 44.28
N THR DC 63 -98.11 23.61 45.23
CA THR DC 63 -97.40 23.07 46.38
C THR DC 63 -98.12 23.43 47.67
N TYR DC 64 -98.13 22.49 48.60
CA TYR DC 64 -98.72 22.67 49.93
C TYR DC 64 -97.74 22.07 50.92
N CYS DC 65 -96.99 22.92 51.60
CA CYS DC 65 -95.95 22.46 52.51
C CYS DC 65 -96.45 22.57 53.95
N PHE DC 66 -96.19 21.54 54.73
CA PHE DC 66 -96.50 21.54 56.16
C PHE DC 66 -95.21 21.83 56.93
N ASN DC 67 -95.25 22.85 57.78
CA ASN DC 67 -94.09 23.22 58.57
C ASN DC 67 -94.45 23.35 60.04
N THR EC 1 -87.92 101.30 -71.65
CA THR EC 1 -87.37 102.17 -70.59
C THR EC 1 -87.67 101.61 -69.21
N GLU EC 2 -88.80 100.91 -69.09
CA GLU EC 2 -89.27 100.41 -67.80
C GLU EC 2 -88.53 99.10 -67.47
N GLN EC 3 -87.38 99.25 -66.83
CA GLN EC 3 -86.57 98.14 -66.38
C GLN EC 3 -86.44 98.22 -64.86
N MET EC 4 -86.43 97.07 -64.20
CA MET EC 4 -86.38 97.04 -62.75
C MET EC 4 -84.94 97.12 -62.26
N THR EC 5 -84.73 97.90 -61.19
CA THR EC 5 -83.41 98.08 -60.62
C THR EC 5 -83.48 98.00 -59.11
N LEU EC 6 -82.38 97.61 -58.49
CA LEU EC 6 -82.31 97.39 -57.05
C LEU EC 6 -82.30 98.74 -56.34
N ARG EC 7 -83.42 99.10 -55.72
CA ARG EC 7 -83.43 100.30 -54.89
C ARG EC 7 -82.62 100.09 -53.62
N GLY EC 8 -82.72 98.92 -53.03
CA GLY EC 8 -82.07 98.71 -51.76
C GLY EC 8 -82.28 97.31 -51.23
N THR EC 9 -81.69 97.10 -50.06
CA THR EC 9 -81.60 95.80 -49.42
C THR EC 9 -81.91 95.96 -47.95
N LEU EC 10 -82.67 95.04 -47.39
CA LEU EC 10 -83.08 95.12 -46.01
C LEU EC 10 -82.68 93.85 -45.25
N LYS EC 11 -82.37 94.05 -43.98
CA LYS EC 11 -81.84 93.02 -43.09
C LYS EC 11 -82.73 92.94 -41.86
N GLY EC 12 -82.64 91.82 -41.15
CA GLY EC 12 -83.38 91.64 -39.92
C GLY EC 12 -83.87 90.21 -39.73
N HIS EC 13 -84.05 89.49 -40.83
CA HIS EC 13 -84.42 88.09 -40.76
C HIS EC 13 -83.21 87.24 -40.40
N ASN EC 14 -83.47 86.07 -39.84
CA ASN EC 14 -82.42 85.13 -39.49
C ASN EC 14 -82.56 83.79 -40.20
N GLY EC 15 -83.50 83.66 -41.13
CA GLY EC 15 -83.67 82.45 -41.90
C GLY EC 15 -84.20 82.77 -43.27
N TRP EC 16 -84.42 81.72 -44.06
CA TRP EC 16 -84.88 81.89 -45.43
C TRP EC 16 -86.24 82.59 -45.45
N VAL EC 17 -86.33 83.67 -46.23
CA VAL EC 17 -87.56 84.42 -46.32
C VAL EC 17 -88.57 83.62 -47.14
N THR EC 18 -89.48 82.94 -46.46
CA THR EC 18 -90.34 81.98 -47.15
C THR EC 18 -91.41 82.67 -47.98
N GLN EC 19 -91.99 83.75 -47.47
CA GLN EC 19 -93.13 84.37 -48.14
C GLN EC 19 -93.28 85.81 -47.66
N ILE EC 20 -93.45 86.72 -48.60
CA ILE EC 20 -93.65 88.13 -48.30
C ILE EC 20 -95.09 88.50 -48.63
N ALA EC 21 -95.69 89.37 -47.82
CA ALA EC 21 -97.07 89.79 -48.00
C ALA EC 21 -97.20 91.30 -47.78
N THR EC 22 -97.97 91.93 -48.66
CA THR EC 22 -98.31 93.34 -48.58
C THR EC 22 -99.81 93.49 -48.61
N THR EC 23 -100.29 94.63 -48.13
CA THR EC 23 -101.72 94.88 -48.07
C THR EC 23 -102.08 96.13 -48.87
N PRO EC 24 -103.26 96.14 -49.52
CA PRO EC 24 -103.69 97.37 -50.21
C PRO EC 24 -103.88 98.55 -49.27
N GLN EC 25 -104.33 98.29 -48.05
CA GLN EC 25 -104.64 99.39 -47.13
C GLN EC 25 -103.40 100.16 -46.73
N PHE EC 26 -102.32 99.46 -46.41
CA PHE EC 26 -101.11 100.06 -45.86
C PHE EC 26 -99.94 99.68 -46.77
N PRO EC 27 -99.73 100.44 -47.84
CA PRO EC 27 -98.61 100.13 -48.75
C PRO EC 27 -97.25 100.21 -48.09
N ASP EC 28 -97.06 101.10 -47.14
CA ASP EC 28 -95.75 101.30 -46.50
C ASP EC 28 -95.54 100.40 -45.30
N MET EC 29 -96.38 99.38 -45.11
CA MET EC 29 -96.24 98.44 -44.00
C MET EC 29 -96.39 97.03 -44.57
N ILE EC 30 -95.28 96.29 -44.62
CA ILE EC 30 -95.31 94.96 -45.21
C ILE EC 30 -94.89 93.95 -44.16
N LEU EC 31 -94.96 92.66 -44.47
CA LEU EC 31 -94.47 91.67 -43.52
C LEU EC 31 -94.12 90.37 -44.24
N SER EC 32 -93.01 89.76 -43.83
CA SER EC 32 -92.51 88.56 -44.47
C SER EC 32 -92.13 87.53 -43.43
N ALA EC 33 -92.40 86.27 -43.76
CA ALA EC 33 -92.05 85.14 -42.92
C ALA EC 33 -90.59 84.74 -43.16
N SER EC 34 -90.07 83.91 -42.26
CA SER EC 34 -88.67 83.54 -42.33
C SER EC 34 -88.47 82.23 -41.58
N ARG EC 35 -87.35 81.57 -41.87
CA ARG EC 35 -86.97 80.34 -41.19
C ARG EC 35 -86.40 80.60 -39.80
N ASP EC 36 -86.58 81.79 -39.26
CA ASP EC 36 -86.34 82.04 -37.85
C ASP EC 36 -87.57 81.76 -37.00
N LYS EC 37 -88.57 81.09 -37.59
CA LYS EC 37 -89.84 80.76 -36.93
C LYS EC 37 -90.57 82.00 -36.46
N THR EC 38 -90.37 83.11 -37.16
CA THR EC 38 -90.96 84.40 -36.80
C THR EC 38 -91.30 85.16 -38.06
N ILE EC 39 -92.40 85.92 -38.00
CA ILE EC 39 -92.78 86.83 -39.08
C ILE EC 39 -92.54 88.24 -38.57
N ILE EC 40 -91.60 88.94 -39.19
CA ILE EC 40 -91.24 90.28 -38.74
C ILE EC 40 -91.87 91.27 -39.70
N MET EC 41 -92.84 92.02 -39.18
CA MET EC 41 -93.53 93.06 -39.92
C MET EC 41 -92.71 94.35 -39.90
N TRP EC 42 -92.49 94.91 -41.10
CA TRP EC 42 -91.55 95.98 -41.33
C TRP EC 42 -92.27 97.23 -41.82
N LYS EC 43 -91.84 98.38 -41.30
CA LYS EC 43 -92.29 99.68 -41.76
C LYS EC 43 -91.30 100.22 -42.77
N LEU EC 44 -91.79 100.65 -43.93
CA LEU EC 44 -90.94 101.14 -45.00
C LEU EC 44 -90.67 102.62 -44.78
N THR EC 45 -89.50 102.91 -44.20
CA THR EC 45 -89.11 104.30 -43.97
C THR EC 45 -88.70 104.99 -45.25
N ARG EC 46 -88.08 104.25 -46.18
CA ARG EC 46 -87.64 104.78 -47.47
C ARG EC 46 -86.64 105.93 -47.30
N ASP EC 47 -85.78 105.82 -46.31
CA ASP EC 47 -84.74 106.82 -46.09
C ASP EC 47 -83.42 106.32 -46.67
N GLU EC 48 -82.36 107.10 -46.44
CA GLU EC 48 -81.09 106.83 -47.10
C GLU EC 48 -80.39 105.59 -46.54
N THR EC 49 -80.37 105.44 -45.21
CA THR EC 49 -79.65 104.32 -44.60
C THR EC 49 -80.43 103.02 -44.75
N ASN EC 50 -81.75 103.06 -44.54
CA ASN EC 50 -82.58 101.87 -44.67
C ASN EC 50 -83.86 102.22 -45.38
N TYR EC 51 -84.19 101.43 -46.41
CA TYR EC 51 -85.50 101.56 -47.05
C TYR EC 51 -86.62 101.05 -46.15
N GLY EC 52 -86.30 100.23 -45.16
CA GLY EC 52 -87.30 99.74 -44.23
C GLY EC 52 -86.62 99.20 -42.98
N ILE EC 53 -87.36 99.25 -41.88
CA ILE EC 53 -86.88 98.75 -40.59
C ILE EC 53 -87.92 97.82 -39.99
N PRO EC 54 -87.53 96.88 -39.14
CA PRO EC 54 -88.53 96.10 -38.42
C PRO EC 54 -89.32 96.96 -37.45
N GLN EC 55 -90.64 96.79 -37.47
CA GLN EC 55 -91.49 97.40 -36.47
C GLN EC 55 -92.00 96.41 -35.44
N ARG EC 56 -92.56 95.28 -35.88
CA ARG EC 56 -93.03 94.29 -34.91
C ARG EC 56 -92.63 92.90 -35.38
N ALA EC 57 -92.73 91.93 -34.48
CA ALA EC 57 -92.45 90.54 -34.80
C ALA EC 57 -93.51 89.67 -34.14
N LEU EC 58 -94.06 88.73 -34.89
CA LEU EC 58 -95.19 87.91 -34.44
C LEU EC 58 -94.64 86.61 -33.87
N ARG EC 59 -93.90 86.74 -32.77
CA ARG EC 59 -93.31 85.57 -32.12
C ARG EC 59 -94.40 84.64 -31.59
N GLY EC 60 -94.15 83.34 -31.68
CA GLY EC 60 -95.12 82.38 -31.18
C GLY EC 60 -95.22 81.10 -31.96
N HIS EC 61 -94.53 81.00 -33.09
CA HIS EC 61 -94.54 79.78 -33.90
C HIS EC 61 -93.53 78.77 -33.37
N SER EC 62 -93.94 77.50 -33.39
CA SER EC 62 -93.07 76.43 -32.92
C SER EC 62 -92.00 76.07 -33.94
N HIS EC 63 -92.33 76.11 -35.24
CA HIS EC 63 -91.41 75.67 -36.28
C HIS EC 63 -91.27 76.72 -37.37
N PHE EC 64 -90.59 76.35 -38.47
CA PHE EC 64 -90.45 77.19 -39.66
C PHE EC 64 -91.80 77.67 -40.14
N VAL EC 65 -92.06 78.98 -40.06
CA VAL EC 65 -93.28 79.52 -40.63
C VAL EC 65 -93.16 79.50 -42.15
N SER EC 66 -94.16 78.94 -42.82
CA SER EC 66 -94.10 78.69 -44.24
C SER EC 66 -94.85 79.75 -45.04
N ASP EC 67 -96.12 79.98 -44.73
CA ASP EC 67 -96.93 80.89 -45.52
C ASP EC 67 -97.60 81.92 -44.62
N VAL EC 68 -97.85 83.10 -45.17
CA VAL EC 68 -98.57 84.16 -44.46
C VAL EC 68 -99.35 84.99 -45.46
N VAL EC 69 -100.60 85.30 -45.13
CA VAL EC 69 -101.50 86.06 -45.98
C VAL EC 69 -102.18 87.12 -45.13
N ILE EC 70 -102.23 88.35 -45.65
CA ILE EC 70 -102.89 89.44 -44.94
C ILE EC 70 -104.38 89.40 -45.21
N SER EC 71 -105.16 89.79 -44.20
CA SER EC 71 -106.57 90.02 -44.40
C SER EC 71 -106.77 91.25 -45.29
N SER EC 72 -107.95 91.33 -45.91
CA SER EC 72 -108.22 92.42 -46.85
C SER EC 72 -108.17 93.77 -46.14
N ASP EC 73 -108.70 93.85 -44.92
CA ASP EC 73 -108.69 95.10 -44.19
C ASP EC 73 -107.31 95.51 -43.70
N GLY EC 74 -106.33 94.61 -43.72
CA GLY EC 74 -104.99 94.92 -43.29
C GLY EC 74 -104.76 94.88 -41.79
N GLN EC 75 -105.78 94.54 -41.00
CA GLN EC 75 -105.65 94.49 -39.55
C GLN EC 75 -105.23 93.12 -39.04
N PHE EC 76 -105.15 92.11 -39.91
CA PHE EC 76 -104.88 90.75 -39.49
C PHE EC 76 -103.97 90.07 -40.49
N ALA EC 77 -103.23 89.07 -40.00
CA ALA EC 77 -102.37 88.25 -40.84
C ALA EC 77 -102.49 86.81 -40.38
N LEU EC 78 -102.85 85.92 -41.29
CA LEU EC 78 -102.99 84.50 -40.99
C LEU EC 78 -101.80 83.76 -41.55
N SER EC 79 -101.18 82.91 -40.73
CA SER EC 79 -99.97 82.23 -41.15
C SER EC 79 -100.02 80.75 -40.81
N GLY EC 80 -99.37 79.98 -41.66
CA GLY EC 80 -99.21 78.54 -41.45
C GLY EC 80 -97.73 78.19 -41.38
N SER EC 81 -97.39 77.38 -40.38
CA SER EC 81 -96.03 76.94 -40.11
C SER EC 81 -95.95 75.43 -40.19
N TRP EC 82 -94.72 74.92 -40.21
CA TRP EC 82 -94.50 73.48 -40.27
C TRP EC 82 -94.95 72.76 -39.02
N ASP EC 83 -95.27 73.49 -37.94
CA ASP EC 83 -95.80 72.86 -36.74
C ASP EC 83 -97.20 72.30 -36.94
N GLY EC 84 -97.84 72.58 -38.08
CA GLY EC 84 -99.17 72.07 -38.35
C GLY EC 84 -100.30 72.90 -37.82
N THR EC 85 -100.01 74.08 -37.29
CA THR EC 85 -101.03 74.97 -36.74
C THR EC 85 -101.04 76.28 -37.52
N LEU EC 86 -102.24 76.77 -37.80
CA LEU EC 86 -102.44 78.08 -38.40
C LEU EC 86 -102.72 79.07 -37.28
N ARG EC 87 -102.03 80.19 -37.31
CA ARG EC 87 -102.19 81.23 -36.30
C ARG EC 87 -102.72 82.49 -36.95
N LEU EC 88 -103.80 83.05 -36.39
CA LEU EC 88 -104.40 84.28 -36.91
C LEU EC 88 -103.92 85.44 -36.06
N TRP EC 89 -102.74 85.95 -36.41
CA TRP EC 89 -102.21 87.12 -35.72
C TRP EC 89 -103.03 88.36 -36.09
N ASP EC 90 -103.13 89.29 -35.16
CA ASP EC 90 -103.68 90.61 -35.42
C ASP EC 90 -102.58 91.63 -35.24
N LEU EC 91 -102.48 92.58 -36.17
CA LEU EC 91 -101.33 93.46 -36.19
C LEU EC 91 -101.39 94.54 -35.13
N THR EC 92 -102.58 94.82 -34.58
CA THR EC 92 -102.69 95.91 -33.60
C THR EC 92 -101.97 95.56 -32.31
N THR EC 93 -102.13 94.34 -31.83
CA THR EC 93 -101.55 93.94 -30.55
C THR EC 93 -100.60 92.75 -30.66
N GLY EC 94 -100.43 92.17 -31.84
CA GLY EC 94 -99.46 91.10 -32.02
C GLY EC 94 -99.73 89.84 -31.23
N THR EC 95 -100.97 89.40 -31.19
CA THR EC 95 -101.35 88.23 -30.42
C THR EC 95 -102.15 87.26 -31.30
N THR EC 96 -101.91 85.97 -31.11
CA THR EC 96 -102.63 84.95 -31.86
C THR EC 96 -104.06 84.90 -31.35
N THR EC 97 -104.98 85.50 -32.12
CA THR EC 97 -106.38 85.50 -31.73
C THR EC 97 -107.00 84.13 -31.86
N ARG EC 98 -106.63 83.38 -32.91
CA ARG EC 98 -107.24 82.09 -33.18
C ARG EC 98 -106.17 81.10 -33.63
N ARG EC 99 -106.33 79.87 -33.18
CA ARG EC 99 -105.42 78.77 -33.48
C ARG EC 99 -106.20 77.67 -34.21
N PHE EC 100 -105.93 77.53 -35.50
CA PHE EC 100 -106.54 76.47 -36.31
C PHE EC 100 -105.62 75.25 -36.24
N VAL EC 101 -106.08 74.20 -35.57
CA VAL EC 101 -105.25 73.03 -35.31
C VAL EC 101 -106.00 71.78 -35.74
N GLY EC 102 -105.25 70.79 -36.22
CA GLY EC 102 -105.85 69.60 -36.77
C GLY EC 102 -105.08 68.99 -37.92
N HIS EC 103 -104.21 69.78 -38.57
CA HIS EC 103 -103.33 69.25 -39.60
C HIS EC 103 -102.22 68.45 -38.94
N THR EC 104 -102.09 67.19 -39.34
CA THR EC 104 -101.11 66.31 -38.70
C THR EC 104 -99.69 66.61 -39.13
N LYS EC 105 -99.49 66.94 -40.40
CA LYS EC 105 -98.16 67.17 -40.94
C LYS EC 105 -97.93 68.68 -41.08
N ASP EC 106 -96.83 69.03 -41.74
CA ASP EC 106 -96.41 70.43 -41.83
C ASP EC 106 -97.34 71.19 -42.77
N VAL EC 107 -97.90 72.28 -42.26
CA VAL EC 107 -98.71 73.17 -43.10
C VAL EC 107 -97.79 73.89 -44.07
N LEU EC 108 -98.05 73.73 -45.36
CA LEU EC 108 -97.22 74.33 -46.39
C LEU EC 108 -97.80 75.63 -46.93
N SER EC 109 -99.11 75.71 -47.12
CA SER EC 109 -99.67 76.90 -47.76
C SER EC 109 -101.03 77.20 -47.18
N VAL EC 110 -101.45 78.45 -47.34
CA VAL EC 110 -102.73 78.90 -46.81
C VAL EC 110 -103.18 80.09 -47.64
N ALA EC 111 -104.49 80.19 -47.85
CA ALA EC 111 -105.07 81.23 -48.69
C ALA EC 111 -106.36 81.75 -48.07
N PHE EC 112 -106.51 83.06 -48.11
CA PHE EC 112 -107.60 83.77 -47.46
C PHE EC 112 -108.55 84.29 -48.52
N SER EC 113 -109.85 84.07 -48.32
CA SER EC 113 -110.83 84.41 -49.34
C SER EC 113 -110.93 85.92 -49.51
N SER EC 114 -111.50 86.32 -50.65
CA SER EC 114 -111.66 87.74 -50.95
C SER EC 114 -112.59 88.41 -49.95
N ASP EC 115 -113.67 87.73 -49.58
CA ASP EC 115 -114.63 88.31 -48.63
C ASP EC 115 -114.19 88.12 -47.18
N ASN EC 116 -113.01 87.53 -46.94
CA ASN EC 116 -112.47 87.31 -45.60
C ASN EC 116 -113.43 86.46 -44.75
N ARG EC 117 -114.05 85.47 -45.39
CA ARG EC 117 -114.94 84.55 -44.71
C ARG EC 117 -114.39 83.14 -44.63
N GLN EC 118 -113.49 82.77 -45.54
CA GLN EC 118 -112.97 81.43 -45.65
C GLN EC 118 -111.45 81.46 -45.64
N ILE EC 119 -110.86 80.41 -45.09
CA ILE EC 119 -109.42 80.21 -45.16
C ILE EC 119 -109.18 78.75 -45.55
N VAL EC 120 -108.18 78.52 -46.40
CA VAL EC 120 -107.91 77.17 -46.90
C VAL EC 120 -106.45 76.86 -46.66
N SER EC 121 -106.18 75.64 -46.19
CA SER EC 121 -104.82 75.24 -45.83
C SER EC 121 -104.47 73.94 -46.52
N GLY EC 122 -103.25 73.90 -47.06
CA GLY EC 122 -102.67 72.71 -47.65
C GLY EC 122 -101.41 72.31 -46.93
N SER EC 123 -101.39 71.08 -46.44
CA SER EC 123 -100.33 70.55 -45.59
C SER EC 123 -99.76 69.29 -46.21
N ARG EC 124 -98.61 68.86 -45.70
CA ARG EC 124 -97.95 67.65 -46.19
C ARG EC 124 -98.75 66.40 -45.90
N ASP EC 125 -99.78 66.47 -45.07
CA ASP EC 125 -100.68 65.35 -44.85
C ASP EC 125 -101.63 65.12 -46.00
N LYS EC 126 -101.37 65.77 -47.13
CA LYS EC 126 -102.07 65.57 -48.41
C LYS EC 126 -103.58 65.65 -48.26
N THR EC 127 -104.06 66.52 -47.37
CA THR EC 127 -105.49 66.79 -47.21
C THR EC 127 -105.71 68.30 -47.24
N ILE EC 128 -106.64 68.74 -48.08
CA ILE EC 128 -107.04 70.13 -48.10
C ILE EC 128 -107.96 70.37 -46.91
N LYS EC 129 -107.85 71.51 -46.26
CA LYS EC 129 -108.77 71.82 -45.18
C LYS EC 129 -109.31 73.23 -45.32
N LEU EC 130 -110.63 73.34 -45.24
CA LEU EC 130 -111.32 74.62 -45.26
C LEU EC 130 -111.79 74.95 -43.86
N TRP EC 131 -111.43 76.16 -43.42
CA TRP EC 131 -111.66 76.64 -42.07
C TRP EC 131 -112.38 77.98 -42.15
N ASN EC 132 -113.03 78.37 -41.06
CA ASN EC 132 -113.68 79.67 -40.95
C ASN EC 132 -112.92 80.57 -39.99
N THR EC 133 -113.37 81.82 -39.93
CA THR EC 133 -112.79 82.79 -39.00
C THR EC 133 -113.07 82.41 -37.55
N LEU EC 134 -114.06 81.57 -37.31
CA LEU EC 134 -114.35 81.10 -35.96
C LEU EC 134 -113.24 80.21 -35.42
N GLY EC 135 -112.63 79.39 -36.28
CA GLY EC 135 -111.57 78.47 -35.87
C GLY EC 135 -111.91 77.02 -36.04
N VAL EC 136 -113.17 76.68 -36.26
CA VAL EC 136 -113.56 75.27 -36.41
C VAL EC 136 -113.38 74.86 -37.87
N CYS EC 137 -112.95 73.63 -38.05
CA CYS EC 137 -112.74 73.05 -39.38
C CYS EC 137 -114.08 72.91 -40.12
N LYS EC 138 -114.31 73.77 -41.09
CA LYS EC 138 -115.53 73.69 -41.88
C LYS EC 138 -115.58 72.38 -42.66
N TYR EC 139 -114.50 72.02 -43.35
CA TYR EC 139 -114.50 70.80 -44.14
C TYR EC 139 -113.08 70.27 -44.32
N THR EC 140 -112.94 68.95 -44.29
CA THR EC 140 -111.64 68.31 -44.56
C THR EC 140 -111.77 67.56 -45.89
N VAL EC 141 -111.32 68.22 -46.96
CA VAL EC 141 -111.36 67.63 -48.29
C VAL EC 141 -110.18 66.66 -48.40
N GLN EC 142 -110.47 65.37 -48.45
CA GLN EC 142 -109.46 64.36 -48.76
C GLN EC 142 -109.82 63.52 -49.97
N ASP EC 143 -111.08 63.53 -50.41
CA ASP EC 143 -111.48 62.79 -51.59
C ASP EC 143 -110.95 63.49 -52.83
N GLU EC 144 -110.33 62.71 -53.72
CA GLU EC 144 -109.70 63.20 -54.94
C GLU EC 144 -108.65 64.27 -54.67
N SER EC 145 -108.06 64.28 -53.48
CA SER EC 145 -107.03 65.25 -53.16
C SER EC 145 -105.69 64.78 -53.74
N HIS EC 146 -104.66 65.59 -53.52
CA HIS EC 146 -103.32 65.21 -53.96
C HIS EC 146 -102.86 63.96 -53.23
N SER EC 147 -102.30 63.01 -53.98
CA SER EC 147 -101.70 61.84 -53.34
C SER EC 147 -100.38 62.20 -52.69
N GLU EC 148 -99.76 63.29 -53.11
CA GLU EC 148 -98.53 63.77 -52.54
C GLU EC 148 -98.79 65.07 -51.79
N TRP EC 149 -97.72 65.73 -51.34
CA TRP EC 149 -97.84 66.96 -50.58
C TRP EC 149 -98.59 68.03 -51.36
N VAL EC 150 -99.46 68.77 -50.68
CA VAL EC 150 -100.11 69.93 -51.27
C VAL EC 150 -99.21 71.12 -51.01
N SER EC 151 -98.41 71.48 -52.01
CA SER EC 151 -97.42 72.52 -51.82
C SER EC 151 -98.02 73.92 -51.82
N CYS EC 152 -99.10 74.15 -52.56
CA CYS EC 152 -99.65 75.50 -52.59
C CYS EC 152 -101.15 75.49 -52.81
N VAL EC 153 -101.85 76.45 -52.20
CA VAL EC 153 -103.27 76.70 -52.44
C VAL EC 153 -103.49 78.19 -52.53
N ARG EC 154 -104.27 78.63 -53.52
CA ARG EC 154 -104.51 80.06 -53.74
C ARG EC 154 -105.94 80.30 -54.16
N PHE EC 155 -106.60 81.27 -53.52
CA PHE EC 155 -107.97 81.61 -53.86
C PHE EC 155 -108.03 82.39 -55.17
N SER EC 156 -109.18 82.30 -55.85
CA SER EC 156 -109.43 83.13 -57.01
C SER EC 156 -109.95 84.50 -56.57
N PRO EC 157 -109.33 85.61 -57.00
CA PRO EC 157 -109.87 86.93 -56.64
C PRO EC 157 -111.23 87.21 -57.23
N ASN EC 158 -111.66 86.43 -58.23
CA ASN EC 158 -112.99 86.58 -58.80
C ASN EC 158 -114.05 86.39 -57.73
N SER EC 159 -114.88 87.42 -57.54
CA SER EC 159 -115.95 87.35 -56.55
C SER EC 159 -116.95 86.26 -56.91
N SER EC 160 -117.33 86.18 -58.18
CA SER EC 160 -118.17 85.09 -58.64
C SER EC 160 -117.37 83.80 -58.65
N ASN EC 161 -118.10 82.68 -58.82
CA ASN EC 161 -117.65 81.28 -58.94
C ASN EC 161 -116.36 81.02 -58.18
N PRO EC 162 -116.40 81.10 -56.83
CA PRO EC 162 -115.16 80.97 -56.04
C PRO EC 162 -114.43 79.66 -56.28
N ILE EC 163 -113.22 79.75 -56.77
CA ILE EC 163 -112.43 78.59 -57.16
C ILE EC 163 -111.08 78.66 -56.47
N ILE EC 164 -110.71 77.56 -55.83
CA ILE EC 164 -109.42 77.42 -55.17
C ILE EC 164 -108.50 76.61 -56.06
N VAL EC 165 -107.29 77.11 -56.27
CA VAL EC 165 -106.29 76.38 -57.04
C VAL EC 165 -105.32 75.75 -56.06
N SER EC 166 -104.71 74.64 -56.46
CA SER EC 166 -103.83 73.90 -55.57
C SER EC 166 -102.79 73.15 -56.38
N CYS EC 167 -101.53 73.45 -56.16
CA CYS EC 167 -100.43 72.74 -56.79
C CYS EC 167 -99.84 71.74 -55.80
N GLY EC 168 -99.55 70.54 -56.29
CA GLY EC 168 -99.07 69.46 -55.45
C GLY EC 168 -97.78 68.85 -55.96
N TRP EC 169 -97.23 67.96 -55.13
CA TRP EC 169 -96.01 67.23 -55.43
C TRP EC 169 -96.24 66.00 -56.29
N ASP EC 170 -97.50 65.70 -56.61
CA ASP EC 170 -97.82 64.68 -57.59
C ASP EC 170 -97.89 65.22 -59.00
N LYS EC 171 -97.20 66.34 -59.27
CA LYS EC 171 -97.14 66.95 -60.60
C LYS EC 171 -98.55 67.31 -61.11
N LEU EC 172 -99.34 67.91 -60.23
CA LEU EC 172 -100.73 68.18 -60.56
C LEU EC 172 -101.18 69.54 -60.04
N VAL EC 173 -102.04 70.17 -60.84
CA VAL EC 173 -102.73 71.41 -60.49
C VAL EC 173 -104.22 71.10 -60.45
N LYS EC 174 -104.86 71.43 -59.33
CA LYS EC 174 -106.27 71.15 -59.11
C LYS EC 174 -107.02 72.45 -58.91
N VAL EC 175 -108.28 72.48 -59.36
CA VAL EC 175 -109.16 73.62 -59.17
C VAL EC 175 -110.49 73.11 -58.60
N TRP EC 176 -110.89 73.64 -57.46
CA TRP EC 176 -112.08 73.19 -56.76
C TRP EC 176 -113.05 74.36 -56.63
N ASN EC 177 -114.30 74.14 -57.03
CA ASN EC 177 -115.35 75.11 -56.74
C ASN EC 177 -115.73 75.02 -55.27
N LEU EC 178 -115.83 76.18 -54.62
CA LEU EC 178 -116.15 76.22 -53.20
C LEU EC 178 -117.57 75.76 -52.92
N ALA EC 179 -118.50 75.98 -53.85
CA ALA EC 179 -119.91 75.68 -53.59
C ALA EC 179 -120.12 74.18 -53.43
N ASN EC 180 -119.62 73.38 -54.38
CA ASN EC 180 -119.79 71.94 -54.33
C ASN EC 180 -118.67 71.23 -53.57
N CYS EC 181 -117.58 71.93 -53.28
CA CYS EC 181 -116.41 71.36 -52.60
C CYS EC 181 -115.91 70.11 -53.32
N LYS EC 182 -115.87 70.17 -54.65
CA LYS EC 182 -115.44 69.05 -55.47
C LYS EC 182 -114.49 69.54 -56.55
N LEU EC 183 -113.57 68.66 -56.93
CA LEU EC 183 -112.54 68.96 -57.93
C LEU EC 183 -113.20 68.96 -59.30
N LYS EC 184 -113.25 70.13 -59.94
CA LYS EC 184 -113.94 70.26 -61.21
C LYS EC 184 -113.14 69.69 -62.38
N THR EC 185 -111.81 69.82 -62.36
CA THR EC 185 -110.97 69.29 -63.43
C THR EC 185 -109.53 69.20 -62.96
N ASN EC 186 -108.78 68.29 -63.57
CA ASN EC 186 -107.37 68.07 -63.30
C ASN EC 186 -106.55 68.69 -64.43
N HIS EC 187 -105.45 69.36 -64.08
CA HIS EC 187 -104.58 69.99 -65.05
C HIS EC 187 -103.24 69.26 -65.02
N ILE EC 188 -103.14 68.20 -65.81
CA ILE EC 188 -101.95 67.35 -65.85
C ILE EC 188 -100.94 68.00 -66.78
N GLY EC 189 -99.70 67.53 -66.76
CA GLY EC 189 -98.69 68.06 -67.67
C GLY EC 189 -97.48 68.67 -66.99
N HIS EC 190 -97.08 68.12 -65.84
CA HIS EC 190 -95.89 68.56 -65.15
C HIS EC 190 -94.91 67.41 -65.05
N THR EC 191 -93.64 67.70 -65.33
CA THR EC 191 -92.60 66.68 -65.30
C THR EC 191 -91.89 66.60 -63.95
N GLY EC 192 -92.31 67.40 -62.98
CA GLY EC 192 -91.72 67.35 -61.65
C GLY EC 192 -92.71 67.90 -60.65
N TYR EC 193 -92.35 67.81 -59.37
CA TYR EC 193 -93.22 68.32 -58.32
C TYR EC 193 -93.36 69.83 -58.46
N LEU EC 194 -94.54 70.32 -58.11
CA LEU EC 194 -94.85 71.74 -58.22
C LEU EC 194 -94.54 72.48 -56.93
N ASN EC 195 -94.16 73.74 -57.09
CA ASN EC 195 -93.90 74.62 -55.95
C ASN EC 195 -95.01 75.63 -55.74
N THR EC 196 -95.32 76.45 -56.75
CA THR EC 196 -96.32 77.49 -56.58
C THR EC 196 -97.11 77.71 -57.86
N VAL EC 197 -98.43 77.75 -57.74
CA VAL EC 197 -99.30 78.27 -58.77
C VAL EC 197 -100.00 79.51 -58.20
N THR EC 198 -100.03 80.58 -58.99
CA THR EC 198 -100.72 81.79 -58.61
C THR EC 198 -101.73 82.17 -59.68
N VAL EC 199 -102.83 82.75 -59.25
CA VAL EC 199 -103.89 83.15 -60.15
C VAL EC 199 -103.78 84.64 -60.41
N SER EC 200 -104.08 85.03 -61.65
CA SER EC 200 -104.04 86.43 -62.04
C SER EC 200 -105.11 87.21 -61.27
N PRO EC 201 -104.92 88.53 -61.11
CA PRO EC 201 -105.92 89.31 -60.37
C PRO EC 201 -107.31 89.27 -60.98
N ASP EC 202 -107.40 89.16 -62.30
CA ASP EC 202 -108.69 89.05 -62.95
C ASP EC 202 -109.24 87.62 -62.92
N GLY EC 203 -108.47 86.67 -62.42
CA GLY EC 203 -108.91 85.29 -62.31
C GLY EC 203 -108.89 84.52 -63.62
N SER EC 204 -108.30 85.07 -64.67
CA SER EC 204 -108.34 84.41 -65.97
C SER EC 204 -107.40 83.21 -66.05
N LEU EC 205 -106.19 83.33 -65.48
CA LEU EC 205 -105.18 82.30 -65.62
C LEU EC 205 -104.59 81.97 -64.27
N CYS EC 206 -104.00 80.77 -64.19
CA CYS EC 206 -103.29 80.30 -63.00
C CYS EC 206 -101.94 79.74 -63.47
N ALA EC 207 -100.90 80.54 -63.32
CA ALA EC 207 -99.57 80.15 -63.76
C ALA EC 207 -98.87 79.33 -62.68
N SER EC 208 -98.32 78.18 -63.07
CA SER EC 208 -97.74 77.22 -62.14
C SER EC 208 -96.28 76.99 -62.48
N GLY EC 209 -95.46 76.87 -61.43
CA GLY EC 209 -94.05 76.60 -61.60
C GLY EC 209 -93.54 75.72 -60.48
N GLY EC 210 -92.49 74.95 -60.81
CA GLY EC 210 -91.91 74.00 -59.88
C GLY EC 210 -90.64 73.35 -60.38
N LYS EC 211 -90.45 72.08 -60.04
CA LYS EC 211 -89.24 71.34 -60.40
C LYS EC 211 -89.12 71.13 -61.89
N ASP EC 212 -90.23 71.22 -62.64
CA ASP EC 212 -90.18 71.01 -64.08
C ASP EC 212 -89.34 72.06 -64.80
N GLY EC 213 -89.04 73.18 -64.15
CA GLY EC 213 -88.22 74.21 -64.74
C GLY EC 213 -88.92 75.08 -65.75
N GLN EC 214 -90.24 75.02 -65.86
CA GLN EC 214 -90.95 75.81 -66.84
C GLN EC 214 -92.32 76.20 -66.29
N ALA EC 215 -92.59 77.50 -66.31
CA ALA EC 215 -93.86 78.03 -65.82
C ALA EC 215 -94.90 77.86 -66.91
N MET EC 216 -95.99 77.17 -66.57
CA MET EC 216 -97.05 76.89 -67.52
C MET EC 216 -98.30 77.62 -67.10
N LEU EC 217 -98.98 78.25 -68.06
CA LEU EC 217 -100.14 79.08 -67.79
C LEU EC 217 -101.37 78.31 -68.23
N TRP EC 218 -102.25 78.01 -67.28
CA TRP EC 218 -103.52 77.37 -67.57
C TRP EC 218 -104.61 78.42 -67.40
N ASP EC 219 -105.38 78.67 -68.46
CA ASP EC 219 -106.51 79.56 -68.34
C ASP EC 219 -107.70 78.79 -67.77
N LEU EC 220 -108.28 79.33 -66.70
CA LEU EC 220 -109.36 78.67 -65.99
C LEU EC 220 -110.70 78.82 -66.70
N ASN EC 221 -110.91 79.95 -67.38
CA ASN EC 221 -112.18 80.18 -68.06
C ASN EC 221 -112.40 79.16 -69.16
N GLU EC 222 -111.36 78.88 -69.95
CA GLU EC 222 -111.41 77.81 -70.93
C GLU EC 222 -111.01 76.46 -70.36
N GLY EC 223 -110.48 76.43 -69.14
CA GLY EC 223 -110.08 75.18 -68.51
C GLY EC 223 -109.01 74.43 -69.27
N LYS EC 224 -107.99 75.13 -69.76
CA LYS EC 224 -106.99 74.47 -70.60
C LYS EC 224 -105.66 75.18 -70.51
N HIS EC 225 -104.72 74.76 -71.36
CA HIS EC 225 -103.39 75.35 -71.39
C HIS EC 225 -103.33 76.47 -72.41
N LEU EC 226 -102.52 77.49 -72.11
CA LEU EC 226 -102.29 78.58 -73.04
C LEU EC 226 -100.83 78.64 -73.50
N TYR EC 227 -99.88 78.75 -72.57
CA TYR EC 227 -98.50 78.99 -72.96
C TYR EC 227 -97.55 78.45 -71.90
N THR EC 228 -96.41 77.92 -72.36
CA THR EC 228 -95.37 77.39 -71.49
C THR EC 228 -94.09 78.18 -71.73
N LEU EC 229 -93.48 78.67 -70.65
CA LEU EC 229 -92.24 79.42 -70.75
C LEU EC 229 -91.19 78.71 -69.90
N ASP EC 230 -90.10 78.28 -70.55
CA ASP EC 230 -89.05 77.56 -69.85
C ASP EC 230 -88.13 78.52 -69.12
N GLY EC 231 -88.07 78.41 -67.79
CA GLY EC 231 -87.14 79.21 -67.02
C GLY EC 231 -85.81 78.50 -66.82
N GLY EC 232 -84.80 79.30 -66.50
CA GLY EC 232 -83.45 78.76 -66.39
C GLY EC 232 -83.32 77.75 -65.26
N ASP EC 233 -83.92 78.06 -64.12
CA ASP EC 233 -83.88 77.17 -62.96
C ASP EC 233 -85.30 76.87 -62.50
N ILE EC 234 -85.42 76.12 -61.41
CA ILE EC 234 -86.72 75.71 -60.92
C ILE EC 234 -87.46 76.92 -60.37
N ILE EC 235 -88.78 76.93 -60.54
CA ILE EC 235 -89.62 78.04 -60.13
C ILE EC 235 -90.22 77.71 -58.77
N ASN EC 236 -89.89 78.52 -57.77
CA ASN EC 236 -90.43 78.33 -56.44
C ASN EC 236 -91.36 79.46 -56.00
N ALA EC 237 -91.46 80.53 -56.77
CA ALA EC 237 -92.35 81.63 -56.44
C ALA EC 237 -92.91 82.24 -57.72
N LEU EC 238 -94.17 82.66 -57.67
CA LEU EC 238 -94.84 83.23 -58.83
C LEU EC 238 -95.87 84.26 -58.36
N CYS EC 239 -95.95 85.37 -59.08
CA CYS EC 239 -96.95 86.39 -58.78
C CYS EC 239 -97.13 87.30 -59.98
N PHE EC 240 -98.37 87.79 -60.15
CA PHE EC 240 -98.71 88.68 -61.24
C PHE EC 240 -98.55 90.13 -60.81
N SER EC 241 -98.02 90.95 -61.71
CA SER EC 241 -97.92 92.38 -61.45
C SER EC 241 -99.32 92.99 -61.38
N PRO EC 242 -99.56 93.91 -60.45
CA PRO EC 242 -100.90 94.51 -60.33
C PRO EC 242 -101.19 95.53 -61.43
N ASN EC 243 -100.22 96.38 -61.73
CA ASN EC 243 -100.44 97.46 -62.69
C ASN EC 243 -100.45 96.96 -64.13
N ARG EC 244 -99.64 95.96 -64.44
CA ARG EC 244 -99.49 95.46 -65.80
C ARG EC 244 -99.86 93.98 -65.84
N TYR EC 245 -99.58 93.35 -66.98
CA TYR EC 245 -99.77 91.92 -67.16
C TYR EC 245 -98.45 91.16 -67.11
N TRP EC 246 -97.40 91.79 -66.61
CA TRP EC 246 -96.09 91.15 -66.54
C TRP EC 246 -96.10 90.04 -65.50
N LEU EC 247 -95.23 89.05 -65.70
CA LEU EC 247 -95.13 87.91 -64.82
C LEU EC 247 -93.66 87.66 -64.47
N CYS EC 248 -93.40 87.51 -63.18
CA CYS EC 248 -92.04 87.35 -62.66
C CYS EC 248 -91.90 86.00 -61.98
N ALA EC 249 -90.85 85.28 -62.32
CA ALA EC 249 -90.59 83.95 -61.78
C ALA EC 249 -89.29 83.96 -61.00
N ALA EC 250 -89.33 83.40 -59.79
CA ALA EC 250 -88.14 83.27 -58.94
C ALA EC 250 -87.43 81.97 -59.30
N THR EC 251 -86.74 82.00 -60.44
CA THR EC 251 -85.97 80.86 -60.91
C THR EC 251 -84.60 80.88 -60.23
N GLY EC 252 -84.60 80.41 -58.98
CA GLY EC 252 -83.40 80.43 -58.19
C GLY EC 252 -82.91 81.84 -57.93
N PRO EC 253 -81.59 82.04 -57.99
CA PRO EC 253 -81.03 83.39 -57.80
C PRO EC 253 -81.39 84.37 -58.91
N SER EC 254 -81.96 83.88 -60.01
CA SER EC 254 -82.43 84.72 -61.10
C SER EC 254 -83.91 85.00 -60.91
N ILE EC 255 -84.28 86.27 -61.08
CA ILE EC 255 -85.69 86.67 -61.01
C ILE EC 255 -86.06 87.16 -62.40
N LYS EC 256 -86.73 86.31 -63.17
CA LYS EC 256 -86.97 86.61 -64.58
C LYS EC 256 -88.36 87.20 -64.73
N ILE EC 257 -88.41 88.46 -65.14
CA ILE EC 257 -89.67 89.17 -65.38
C ILE EC 257 -89.88 89.28 -66.88
N TRP EC 258 -91.01 88.75 -67.34
CA TRP EC 258 -91.35 88.73 -68.76
C TRP EC 258 -92.78 89.22 -68.95
N ASP EC 259 -93.03 89.85 -70.09
CA ASP EC 259 -94.36 90.32 -70.41
C ASP EC 259 -95.22 89.20 -70.98
N LEU EC 260 -96.46 89.12 -70.52
CA LEU EC 260 -97.38 88.14 -71.07
C LEU EC 260 -97.78 88.50 -72.49
N GLU EC 261 -97.89 89.79 -72.79
CA GLU EC 261 -98.30 90.20 -74.13
C GLU EC 261 -97.21 90.00 -75.17
N GLY EC 262 -95.94 89.97 -74.75
CA GLY EC 262 -94.85 89.84 -75.69
C GLY EC 262 -94.23 88.45 -75.71
N LYS EC 263 -94.46 87.68 -74.65
CA LYS EC 263 -93.87 86.35 -74.48
C LYS EC 263 -92.35 86.41 -74.55
N ILE EC 264 -91.77 87.48 -74.02
CA ILE EC 264 -90.33 87.67 -74.06
C ILE EC 264 -89.86 88.10 -72.68
N ILE EC 265 -88.69 87.59 -72.27
CA ILE EC 265 -88.11 87.94 -70.99
C ILE EC 265 -87.64 89.40 -71.07
N VAL EC 266 -88.41 90.29 -70.43
CA VAL EC 266 -88.05 91.71 -70.45
C VAL EC 266 -86.77 91.95 -69.65
N ASP EC 267 -86.70 91.38 -68.45
CA ASP EC 267 -85.51 91.59 -67.63
C ASP EC 267 -85.24 90.34 -66.81
N GLU EC 268 -83.98 90.22 -66.39
CA GLU EC 268 -83.52 89.14 -65.52
C GLU EC 268 -82.74 89.76 -64.39
N LEU EC 269 -83.22 89.61 -63.17
CA LEU EC 269 -82.58 90.23 -62.02
C LEU EC 269 -81.60 89.22 -61.43
N LYS EC 270 -80.35 89.64 -61.28
CA LYS EC 270 -79.20 88.77 -61.04
C LYS EC 270 -78.85 88.64 -59.55
N GLN EC 271 -79.56 89.36 -58.68
CA GLN EC 271 -79.34 89.40 -57.22
C GLN EC 271 -78.06 90.15 -56.86
N GLU EC 272 -77.37 90.74 -57.86
CA GLU EC 272 -76.17 91.55 -57.64
C GLU EC 272 -75.09 90.78 -56.90
N VAL EC 273 -74.84 89.54 -57.32
CA VAL EC 273 -73.77 88.75 -56.76
C VAL EC 273 -72.49 89.08 -57.54
N ILE EC 274 -71.80 90.13 -57.12
CA ILE EC 274 -70.57 90.54 -57.79
C ILE EC 274 -69.41 89.69 -57.32
N SER EC 275 -69.49 89.14 -56.10
CA SER EC 275 -68.39 88.45 -55.45
C SER EC 275 -67.79 87.32 -56.29
N THR EC 276 -68.64 86.62 -57.04
CA THR EC 276 -68.30 85.50 -57.94
C THR EC 276 -67.19 84.62 -57.35
N SER EC 277 -67.43 84.16 -56.13
CA SER EC 277 -66.46 83.33 -55.42
C SER EC 277 -66.20 82.00 -56.11
N SER EC 278 -67.13 81.52 -56.93
CA SER EC 278 -67.04 80.25 -57.64
C SER EC 278 -66.93 79.06 -56.70
N LYS EC 279 -67.40 79.22 -55.45
CA LYS EC 279 -67.37 78.14 -54.48
C LYS EC 279 -68.76 77.79 -53.97
N ALA EC 280 -69.55 78.78 -53.58
CA ALA EC 280 -70.90 78.56 -53.09
C ALA EC 280 -71.89 79.22 -54.03
N GLU EC 281 -72.99 78.52 -54.30
CA GLU EC 281 -74.01 79.04 -55.19
C GLU EC 281 -74.68 80.27 -54.59
N PRO EC 282 -75.13 81.21 -55.42
CA PRO EC 282 -75.78 82.40 -54.89
C PRO EC 282 -77.09 82.04 -54.19
N PRO EC 283 -77.52 82.85 -53.22
CA PRO EC 283 -78.77 82.55 -52.52
C PRO EC 283 -79.98 82.62 -53.44
N GLN EC 284 -80.57 81.46 -53.71
CA GLN EC 284 -81.68 81.39 -54.64
C GLN EC 284 -82.93 82.02 -54.04
N CYS EC 285 -83.59 82.87 -54.82
CA CYS EC 285 -84.81 83.52 -54.36
C CYS EC 285 -85.91 82.49 -54.13
N THR EC 286 -86.59 82.63 -52.99
CA THR EC 286 -87.69 81.74 -52.66
C THR EC 286 -89.04 82.45 -52.58
N SER EC 287 -89.05 83.75 -52.33
CA SER EC 287 -90.31 84.47 -52.18
C SER EC 287 -90.32 85.71 -53.07
N LEU EC 288 -91.50 85.99 -53.62
CA LEU EC 288 -91.67 87.09 -54.56
C LEU EC 288 -93.04 87.72 -54.34
N ALA EC 289 -93.05 89.00 -53.97
CA ALA EC 289 -94.31 89.69 -53.69
C ALA EC 289 -94.34 91.04 -54.39
N TRP EC 290 -95.51 91.43 -54.88
CA TRP EC 290 -95.68 92.74 -55.49
C TRP EC 290 -96.15 93.73 -54.44
N SER EC 291 -96.57 94.91 -54.87
CA SER EC 291 -97.06 95.94 -53.97
C SER EC 291 -98.29 96.59 -54.57
N ALA EC 292 -99.10 97.21 -53.71
CA ALA EC 292 -100.27 97.94 -54.18
C ALA EC 292 -99.88 99.09 -55.08
N ASP EC 293 -98.73 99.72 -54.83
CA ASP EC 293 -98.22 100.74 -55.73
C ASP EC 293 -97.89 100.16 -57.09
N GLY EC 294 -97.30 98.97 -57.11
CA GLY EC 294 -96.94 98.29 -58.34
C GLY EC 294 -95.56 98.61 -58.85
N GLN EC 295 -94.93 99.69 -58.38
CA GLN EC 295 -93.60 100.06 -58.84
C GLN EC 295 -92.51 99.20 -58.22
N THR EC 296 -92.80 98.56 -57.09
CA THR EC 296 -91.82 97.84 -56.30
C THR EC 296 -92.15 96.35 -56.25
N LEU EC 297 -91.11 95.54 -56.21
CA LEU EC 297 -91.22 94.09 -56.08
C LEU EC 297 -90.25 93.64 -55.01
N PHE EC 298 -90.74 92.89 -54.03
CA PHE EC 298 -89.96 92.42 -52.91
C PHE EC 298 -89.55 90.97 -53.13
N ALA EC 299 -88.24 90.71 -53.07
CA ALA EC 299 -87.70 89.38 -53.30
C ALA EC 299 -86.96 88.92 -52.06
N GLY EC 300 -87.37 87.76 -51.54
CA GLY EC 300 -86.75 87.15 -50.38
C GLY EC 300 -85.99 85.90 -50.79
N TYR EC 301 -84.76 85.78 -50.30
CA TYR EC 301 -83.83 84.73 -50.69
C TYR EC 301 -83.53 83.85 -49.48
N THR EC 302 -82.56 82.97 -49.66
CA THR EC 302 -82.11 82.06 -48.61
C THR EC 302 -81.02 82.68 -47.74
N ASP EC 303 -80.68 83.94 -47.97
CA ASP EC 303 -79.64 84.63 -47.21
C ASP EC 303 -80.19 85.51 -46.10
N ASN EC 304 -81.31 85.12 -45.49
CA ASN EC 304 -82.04 85.84 -44.44
C ASN EC 304 -82.04 87.35 -44.64
N LEU EC 305 -82.38 87.76 -45.86
CA LEU EC 305 -82.22 89.13 -46.33
C LEU EC 305 -83.23 89.36 -47.45
N VAL EC 306 -83.73 90.58 -47.57
CA VAL EC 306 -84.72 90.85 -48.60
C VAL EC 306 -84.23 92.00 -49.47
N ARG EC 307 -84.71 92.04 -50.71
CA ARG EC 307 -84.29 93.07 -51.65
C ARG EC 307 -85.51 93.69 -52.32
N VAL EC 308 -85.39 94.97 -52.67
CA VAL EC 308 -86.47 95.68 -53.35
C VAL EC 308 -86.01 96.03 -54.77
N TRP EC 309 -86.83 95.67 -55.75
CA TRP EC 309 -86.58 96.00 -57.15
C TRP EC 309 -87.70 96.93 -57.61
N GLN EC 310 -87.36 98.17 -57.91
CA GLN EC 310 -88.33 99.16 -58.31
C GLN EC 310 -88.06 99.54 -59.76
N VAL EC 311 -89.14 99.76 -60.52
CA VAL EC 311 -89.00 100.01 -61.96
C VAL EC 311 -88.56 101.44 -62.19
N THR EC 312 -87.53 101.61 -63.02
CA THR EC 312 -87.08 102.95 -63.37
C THR EC 312 -88.09 103.62 -64.28
N ILE EC 313 -88.44 104.86 -63.95
CA ILE EC 313 -89.40 105.63 -64.73
C ILE EC 313 -88.83 105.99 -66.09
N ASN GC 1 -44.58 -77.05 -15.31
CA ASN GC 1 -43.53 -76.51 -16.17
C ASN GC 1 -43.95 -76.57 -17.64
N PHE GC 2 -45.25 -76.76 -17.88
CA PHE GC 2 -45.75 -76.91 -19.23
C PHE GC 2 -45.98 -75.54 -19.85
N THR GC 3 -46.70 -75.51 -20.97
CA THR GC 3 -46.94 -74.28 -21.72
C THR GC 3 -47.85 -73.35 -20.93
N VAL GC 4 -48.03 -72.14 -21.47
CA VAL GC 4 -48.82 -71.11 -20.81
C VAL GC 4 -50.28 -71.25 -21.23
N ASP GC 5 -50.57 -72.28 -22.03
CA ASP GC 5 -51.95 -72.53 -22.40
C ASP GC 5 -52.72 -73.16 -21.24
N GLN GC 6 -52.06 -74.08 -20.52
CA GLN GC 6 -52.71 -74.72 -19.40
C GLN GC 6 -52.95 -73.74 -18.25
N ILE GC 7 -52.18 -72.66 -18.17
CA ILE GC 7 -52.45 -71.69 -17.12
C ILE GC 7 -53.75 -70.95 -17.40
N ARG GC 8 -54.08 -70.68 -18.67
CA ARG GC 8 -55.39 -70.15 -18.99
C ARG GC 8 -56.47 -71.20 -18.75
N ALA GC 9 -56.17 -72.44 -19.13
CA ALA GC 9 -57.12 -73.54 -18.96
C ALA GC 9 -57.37 -73.88 -17.49
N ILE GC 10 -56.54 -73.38 -16.58
CA ILE GC 10 -56.79 -73.58 -15.16
C ILE GC 10 -57.33 -72.30 -14.54
N MET GC 11 -57.02 -71.15 -15.15
CA MET GC 11 -57.59 -69.90 -14.67
C MET GC 11 -59.08 -69.86 -14.91
N ASP GC 12 -59.54 -70.37 -16.05
CA ASP GC 12 -60.96 -70.28 -16.37
C ASP GC 12 -61.82 -71.14 -15.46
N LYS GC 13 -61.23 -72.08 -14.73
CA LYS GC 13 -61.96 -72.87 -13.75
C LYS GC 13 -61.51 -72.44 -12.35
N LYS GC 14 -62.47 -71.98 -11.56
CA LYS GC 14 -62.17 -71.45 -10.24
C LYS GC 14 -62.16 -72.56 -9.20
N ALA GC 15 -62.12 -72.18 -7.93
CA ALA GC 15 -62.07 -73.05 -6.75
C ALA GC 15 -60.80 -73.89 -6.69
N ASN GC 16 -59.86 -73.71 -7.62
CA ASN GC 16 -58.56 -74.33 -7.55
C ASN GC 16 -57.44 -73.31 -7.62
N ILE GC 17 -57.75 -72.03 -7.49
CA ILE GC 17 -56.75 -70.97 -7.47
C ILE GC 17 -56.62 -70.48 -6.04
N ARG GC 18 -55.38 -70.32 -5.59
CA ARG GC 18 -55.09 -69.86 -4.24
C ARG GC 18 -54.24 -68.60 -4.33
N ASN GC 19 -54.85 -67.45 -4.09
CA ASN GC 19 -54.09 -66.22 -3.94
C ASN GC 19 -53.60 -66.14 -2.50
N MET GC 20 -52.33 -66.41 -2.29
CA MET GC 20 -51.75 -66.32 -0.96
C MET GC 20 -50.48 -65.48 -1.00
N SER GC 21 -50.26 -64.76 0.08
CA SER GC 21 -49.10 -63.92 0.28
C SER GC 21 -48.37 -64.37 1.53
N VAL GC 22 -47.06 -64.40 1.47
CA VAL GC 22 -46.27 -64.78 2.63
C VAL GC 22 -45.89 -63.53 3.40
N ILE GC 23 -45.94 -63.62 4.72
CA ILE GC 23 -45.65 -62.48 5.59
C ILE GC 23 -44.87 -62.97 6.79
N ALA GC 24 -43.90 -62.18 7.24
CA ALA GC 24 -43.07 -62.53 8.37
C ALA GC 24 -42.30 -61.31 8.83
N HIS GC 25 -41.64 -61.46 9.98
CA HIS GC 25 -40.68 -60.50 10.45
C HIS GC 25 -39.40 -60.60 9.61
N VAL GC 26 -38.56 -59.58 9.71
CA VAL GC 26 -37.36 -59.52 8.88
C VAL GC 26 -36.43 -60.69 9.19
N ASP GC 27 -35.83 -61.25 8.14
CA ASP GC 27 -34.87 -62.35 8.26
C ASP GC 27 -35.48 -63.57 8.94
N HIS GC 28 -36.69 -63.91 8.54
CA HIS GC 28 -37.38 -65.08 9.07
C HIS GC 28 -37.53 -66.20 8.04
N GLY GC 29 -37.35 -65.92 6.76
CA GLY GC 29 -37.26 -66.98 5.77
C GLY GC 29 -38.28 -66.94 4.66
N LYS GC 30 -38.90 -65.78 4.42
CA LYS GC 30 -39.90 -65.68 3.36
C LYS GC 30 -39.28 -65.98 2.00
N SER GC 31 -38.16 -65.33 1.68
CA SER GC 31 -37.54 -65.51 0.37
C SER GC 31 -36.99 -66.91 0.20
N THR GC 32 -36.49 -67.51 1.28
CA THR GC 32 -35.95 -68.87 1.17
C THR GC 32 -37.08 -69.89 1.00
N LEU GC 33 -38.20 -69.69 1.69
CA LEU GC 33 -39.35 -70.54 1.47
C LEU GC 33 -39.89 -70.38 0.06
N THR GC 34 -39.90 -69.15 -0.46
CA THR GC 34 -40.30 -68.93 -1.84
C THR GC 34 -39.35 -69.62 -2.80
N ASP GC 35 -38.05 -69.60 -2.50
CA ASP GC 35 -37.09 -70.37 -3.27
C ASP GC 35 -37.46 -71.84 -3.34
N SER GC 36 -37.73 -72.45 -2.19
CA SER GC 36 -38.09 -73.87 -2.18
C SER GC 36 -39.39 -74.13 -2.95
N LEU GC 37 -40.39 -73.28 -2.76
CA LEU GC 37 -41.67 -73.46 -3.42
C LEU GC 37 -41.56 -73.31 -4.93
N VAL GC 38 -40.77 -72.33 -5.39
CA VAL GC 38 -40.58 -72.13 -6.82
C VAL GC 38 -39.76 -73.26 -7.42
N CYS GC 39 -38.75 -73.74 -6.70
CA CYS GC 39 -38.00 -74.89 -7.17
C CYS GC 39 -38.88 -76.11 -7.33
N LYS GC 40 -39.86 -76.29 -6.44
CA LYS GC 40 -40.74 -77.44 -6.56
C LYS GC 40 -41.76 -77.24 -7.66
N ALA GC 41 -42.66 -76.27 -7.51
CA ALA GC 41 -43.78 -76.11 -8.40
C ALA GC 41 -43.40 -75.19 -9.56
N GLY GC 42 -44.40 -74.70 -10.28
CA GLY GC 42 -44.17 -73.73 -11.33
C GLY GC 42 -44.90 -73.99 -12.62
N ILE GC 43 -45.64 -72.99 -13.10
CA ILE GC 43 -46.21 -73.06 -14.45
C ILE GC 43 -45.11 -73.11 -15.49
N ILE GC 44 -44.05 -72.32 -15.30
CA ILE GC 44 -42.84 -72.39 -16.10
C ILE GC 44 -41.58 -72.36 -15.24
N ALA GC 45 -41.70 -72.20 -13.93
CA ALA GC 45 -40.55 -72.02 -13.07
C ALA GC 45 -39.68 -73.27 -13.03
N SER GC 46 -38.37 -73.04 -13.09
CA SER GC 46 -37.38 -74.11 -13.09
C SER GC 46 -36.93 -74.38 -11.65
N ALA GC 47 -35.86 -75.15 -11.48
CA ALA GC 47 -35.32 -75.50 -10.17
C ALA GC 47 -33.95 -74.86 -9.95
N ARG GC 48 -33.81 -73.60 -10.33
CA ARG GC 48 -32.56 -72.89 -10.10
C ARG GC 48 -32.33 -72.71 -8.60
N ALA GC 49 -31.10 -72.97 -8.16
CA ALA GC 49 -30.74 -72.91 -6.75
C ALA GC 49 -29.88 -71.70 -6.46
N GLY GC 50 -30.18 -70.57 -7.09
CA GLY GC 50 -29.44 -69.34 -6.88
C GLY GC 50 -29.88 -68.60 -5.65
N GLU GC 51 -29.76 -69.25 -4.49
CA GLU GC 51 -30.21 -68.73 -3.21
C GLU GC 51 -31.65 -68.24 -3.28
N THR GC 52 -31.84 -66.93 -3.27
CA THR GC 52 -33.17 -66.36 -3.40
C THR GC 52 -33.62 -66.44 -4.85
N ARG GC 53 -34.85 -66.91 -5.05
CA ARG GC 53 -35.44 -67.03 -6.37
C ARG GC 53 -36.02 -65.68 -6.79
N PHE GC 54 -36.94 -65.71 -7.75
CA PHE GC 54 -37.44 -64.56 -8.50
C PHE GC 54 -37.96 -63.40 -7.66
N THR GC 55 -38.10 -63.56 -6.35
CA THR GC 55 -38.61 -62.48 -5.52
C THR GC 55 -37.67 -61.27 -5.52
N ASP GC 56 -36.37 -61.50 -5.36
CA ASP GC 56 -35.41 -60.39 -5.27
C ASP GC 56 -35.00 -59.96 -6.68
N THR GC 57 -35.92 -59.26 -7.34
CA THR GC 57 -35.70 -58.84 -8.72
C THR GC 57 -34.64 -57.75 -8.82
N ARG GC 58 -34.75 -56.73 -7.97
CA ARG GC 58 -33.89 -55.56 -8.07
C ARG GC 58 -32.46 -55.90 -7.69
N LYS GC 59 -31.52 -55.23 -8.34
CA LYS GC 59 -30.11 -55.48 -8.07
C LYS GC 59 -29.75 -55.14 -6.63
N ASP GC 60 -30.20 -53.99 -6.14
CA ASP GC 60 -29.97 -53.66 -4.74
C ASP GC 60 -30.70 -54.62 -3.80
N GLU GC 61 -31.84 -55.16 -4.22
CA GLU GC 61 -32.56 -56.14 -3.41
C GLU GC 61 -31.74 -57.41 -3.25
N GLN GC 62 -31.25 -57.97 -4.35
CA GLN GC 62 -30.44 -59.19 -4.30
C GLN GC 62 -29.00 -58.94 -3.87
N GLU GC 63 -28.59 -57.68 -3.73
CA GLU GC 63 -27.29 -57.36 -3.16
C GLU GC 63 -27.34 -57.16 -1.66
N ARG GC 64 -28.33 -56.41 -1.16
CA ARG GC 64 -28.49 -56.22 0.26
C ARG GC 64 -29.20 -57.38 0.93
N CYS GC 65 -29.71 -58.35 0.16
CA CYS GC 65 -30.41 -59.51 0.68
C CYS GC 65 -31.64 -59.10 1.49
N ILE GC 66 -32.23 -57.98 1.12
CA ILE GC 66 -33.39 -57.40 1.80
C ILE GC 66 -34.50 -57.25 0.79
N THR GC 67 -35.66 -57.82 1.10
CA THR GC 67 -36.82 -57.72 0.22
C THR GC 67 -37.37 -56.30 0.27
N ILE GC 68 -37.27 -55.57 -0.84
CA ILE GC 68 -37.71 -54.19 -0.87
C ILE GC 68 -39.10 -54.06 -1.51
N LYS GC 69 -39.33 -54.78 -2.61
CA LYS GC 69 -40.61 -54.73 -3.30
C LYS GC 69 -41.27 -56.09 -3.24
N SER GC 70 -42.57 -56.10 -2.95
CA SER GC 70 -43.34 -57.33 -3.03
C SER GC 70 -43.38 -57.83 -4.46
N THR GC 71 -43.30 -59.15 -4.60
CA THR GC 71 -43.18 -59.76 -5.91
C THR GC 71 -44.19 -60.89 -6.04
N ALA GC 72 -44.82 -60.97 -7.21
CA ALA GC 72 -45.82 -61.99 -7.49
C ALA GC 72 -45.25 -63.02 -8.45
N ILE GC 73 -45.74 -64.25 -8.30
CA ILE GC 73 -45.36 -65.35 -9.19
C ILE GC 73 -46.49 -66.38 -9.18
N SER GC 74 -46.75 -66.96 -10.34
CA SER GC 74 -47.77 -67.98 -10.46
C SER GC 74 -47.12 -69.35 -10.51
N LEU GC 75 -47.66 -70.28 -9.73
CA LEU GC 75 -47.19 -71.65 -9.69
C LEU GC 75 -48.34 -72.58 -10.05
N PHE GC 76 -48.05 -73.68 -10.72
CA PHE GC 76 -49.06 -74.69 -11.02
C PHE GC 76 -48.52 -76.05 -10.66
N TYR GC 77 -49.32 -76.83 -9.93
CA TYR GC 77 -48.91 -78.19 -9.60
C TYR GC 77 -50.17 -79.04 -9.44
N GLU GC 78 -50.00 -80.35 -9.64
CA GLU GC 78 -51.08 -81.31 -9.54
C GLU GC 78 -50.92 -82.08 -8.23
N LEU GC 79 -52.04 -82.55 -7.70
CA LEU GC 79 -51.98 -83.27 -6.43
C LEU GC 79 -52.90 -84.49 -6.49
N SER GC 80 -52.56 -85.49 -5.68
CA SER GC 80 -53.18 -86.81 -5.78
C SER GC 80 -54.60 -86.80 -5.22
N GLU GC 81 -55.32 -87.88 -5.52
CA GLU GC 81 -56.73 -87.98 -5.18
C GLU GC 81 -56.95 -87.96 -3.66
N ASN GC 82 -56.04 -88.56 -2.91
CA ASN GC 82 -56.17 -88.53 -1.45
C ASN GC 82 -55.95 -87.12 -0.91
N ASP GC 83 -55.04 -86.35 -1.54
CA ASP GC 83 -54.91 -84.95 -1.17
C ASP GC 83 -56.17 -84.17 -1.50
N LEU GC 84 -56.80 -84.49 -2.64
CA LEU GC 84 -58.07 -83.86 -2.98
C LEU GC 84 -59.14 -84.21 -1.93
N ASN GC 85 -59.15 -85.46 -1.47
CA ASN GC 85 -60.06 -85.86 -0.41
C ASN GC 85 -59.80 -85.11 0.88
N PHE GC 86 -58.53 -84.83 1.17
CA PHE GC 86 -58.20 -83.96 2.30
C PHE GC 86 -58.82 -82.58 2.10
N ILE GC 87 -58.76 -82.05 0.89
CA ILE GC 87 -59.34 -80.74 0.59
C ILE GC 87 -60.84 -80.82 0.80
N LYS GC 88 -61.36 -80.08 1.77
CA LYS GC 88 -62.80 -80.05 2.01
C LYS GC 88 -63.50 -78.96 1.22
N GLN GC 89 -62.75 -78.10 0.53
CA GLN GC 89 -63.36 -77.04 -0.26
C GLN GC 89 -63.85 -77.61 -1.59
N SER GC 90 -64.46 -76.75 -2.40
CA SER GC 90 -64.85 -77.14 -3.74
C SER GC 90 -63.61 -77.45 -4.57
N LYS GC 91 -63.64 -78.57 -5.29
CA LYS GC 91 -62.51 -79.03 -6.06
C LYS GC 91 -62.94 -79.27 -7.50
N ASP GC 92 -62.15 -78.74 -8.45
CA ASP GC 92 -62.41 -78.88 -9.88
C ASP GC 92 -61.10 -79.25 -10.54
N GLY GC 93 -60.82 -80.54 -10.62
CA GLY GC 93 -59.60 -81.03 -11.25
C GLY GC 93 -58.48 -81.25 -10.24
N ALA GC 94 -57.47 -82.00 -10.68
CA ALA GC 94 -56.31 -82.30 -9.84
C ALA GC 94 -55.24 -81.23 -9.94
N GLY GC 95 -55.40 -80.24 -10.81
CA GLY GC 95 -54.42 -79.19 -10.93
C GLY GC 95 -54.77 -77.98 -10.08
N PHE GC 96 -53.74 -77.26 -9.65
CA PHE GC 96 -53.90 -76.12 -8.77
C PHE GC 96 -52.95 -75.01 -9.18
N LEU GC 97 -53.48 -73.79 -9.20
CA LEU GC 97 -52.73 -72.59 -9.50
C LEU GC 97 -52.63 -71.75 -8.23
N ILE GC 98 -51.43 -71.28 -7.91
CA ILE GC 98 -51.15 -70.53 -6.70
C ILE GC 98 -50.54 -69.20 -7.11
N ASN GC 99 -51.12 -68.11 -6.63
CA ASN GC 99 -50.63 -66.78 -6.92
C ASN GC 99 -49.80 -66.30 -5.74
N LEU GC 100 -48.58 -66.81 -5.66
CA LEU GC 100 -47.68 -66.51 -4.55
C LEU GC 100 -47.23 -65.06 -4.62
N ILE GC 101 -47.22 -64.38 -3.47
CA ILE GC 101 -46.79 -62.99 -3.39
C ILE GC 101 -45.88 -62.87 -2.17
N ASP GC 102 -44.58 -62.74 -2.40
CA ASP GC 102 -43.64 -62.55 -1.30
C ASP GC 102 -43.52 -61.06 -1.01
N SER GC 103 -43.77 -60.69 0.23
CA SER GC 103 -43.87 -59.33 0.70
C SER GC 103 -42.70 -58.99 1.61
N PRO GC 104 -42.31 -57.72 1.68
CA PRO GC 104 -41.28 -57.31 2.64
C PRO GC 104 -41.76 -57.45 4.08
N GLY GC 105 -40.81 -57.40 5.00
CA GLY GC 105 -41.15 -57.51 6.40
C GLY GC 105 -40.68 -56.33 7.22
N HIS GC 106 -40.17 -55.30 6.58
CA HIS GC 106 -39.74 -54.11 7.30
C HIS GC 106 -40.91 -53.18 7.55
N VAL GC 107 -40.89 -52.50 8.70
CA VAL GC 107 -41.96 -51.56 9.01
C VAL GC 107 -41.94 -50.40 8.03
N ASP GC 108 -40.76 -50.06 7.50
CA ASP GC 108 -40.68 -48.99 6.51
C ASP GC 108 -41.39 -49.36 5.23
N PHE GC 109 -41.47 -50.66 4.92
CA PHE GC 109 -42.15 -51.15 3.73
C PHE GC 109 -43.50 -51.77 4.06
N SER GC 110 -44.17 -51.28 5.11
CA SER GC 110 -45.44 -51.86 5.52
C SER GC 110 -46.54 -51.59 4.51
N SER GC 111 -46.45 -50.48 3.77
CA SER GC 111 -47.45 -50.17 2.76
C SER GC 111 -47.49 -51.22 1.67
N GLU GC 112 -46.34 -51.77 1.30
CA GLU GC 112 -46.35 -52.84 0.32
C GLU GC 112 -46.98 -54.11 0.84
N VAL GC 113 -46.84 -54.39 2.14
CA VAL GC 113 -47.59 -55.49 2.74
C VAL GC 113 -49.08 -55.23 2.65
N THR GC 114 -49.49 -53.98 2.90
CA THR GC 114 -50.90 -53.65 2.79
C THR GC 114 -51.43 -53.85 1.37
N ALA GC 115 -50.64 -53.45 0.38
CA ALA GC 115 -51.03 -53.66 -1.02
C ALA GC 115 -51.14 -55.14 -1.35
N ALA GC 116 -50.16 -55.94 -0.92
CA ALA GC 116 -50.21 -57.37 -1.16
C ALA GC 116 -51.42 -57.99 -0.47
N LEU GC 117 -51.72 -57.58 0.76
CA LEU GC 117 -52.87 -58.15 1.45
C LEU GC 117 -54.17 -57.74 0.79
N ARG GC 118 -54.22 -56.54 0.21
CA ARG GC 118 -55.40 -56.15 -0.55
C ARG GC 118 -55.59 -57.04 -1.76
N VAL GC 119 -54.51 -57.31 -2.49
CA VAL GC 119 -54.62 -58.05 -3.73
C VAL GC 119 -54.75 -59.55 -3.51
N THR GC 120 -54.40 -60.05 -2.33
CA THR GC 120 -54.44 -61.49 -2.06
C THR GC 120 -55.55 -61.78 -1.06
N ASP GC 121 -55.89 -63.05 -0.90
CA ASP GC 121 -56.94 -63.43 0.03
C ASP GC 121 -56.56 -64.59 0.95
N GLY GC 122 -55.28 -64.95 1.03
CA GLY GC 122 -54.81 -65.83 2.08
C GLY GC 122 -53.39 -65.48 2.44
N ALA GC 123 -52.98 -65.88 3.65
CA ALA GC 123 -51.66 -65.52 4.16
C ALA GC 123 -50.93 -66.73 4.69
N LEU GC 124 -49.64 -66.79 4.41
CA LEU GC 124 -48.72 -67.75 5.01
C LEU GC 124 -47.81 -66.95 5.95
N VAL GC 125 -48.06 -67.06 7.23
CA VAL GC 125 -47.22 -66.40 8.23
C VAL GC 125 -46.04 -67.30 8.56
N VAL GC 126 -44.84 -66.78 8.41
CA VAL GC 126 -43.62 -67.49 8.72
C VAL GC 126 -43.10 -66.98 10.04
N VAL GC 127 -42.83 -67.88 10.97
CA VAL GC 127 -42.32 -67.51 12.29
C VAL GC 127 -41.08 -68.33 12.58
N ASP GC 128 -40.02 -67.67 13.02
CA ASP GC 128 -38.79 -68.36 13.39
C ASP GC 128 -38.97 -69.09 14.71
N CYS GC 129 -38.63 -70.37 14.73
CA CYS GC 129 -38.71 -71.12 15.98
C CYS GC 129 -37.61 -70.75 16.95
N VAL GC 130 -36.58 -70.06 16.49
CA VAL GC 130 -35.51 -69.61 17.37
C VAL GC 130 -35.76 -68.20 17.89
N SER GC 131 -36.29 -67.31 17.05
CA SER GC 131 -36.51 -65.92 17.43
C SER GC 131 -37.88 -65.69 18.05
N GLY GC 132 -38.93 -66.28 17.50
CA GLY GC 132 -40.26 -66.17 18.08
C GLY GC 132 -41.16 -65.25 17.29
N VAL GC 133 -42.29 -64.93 17.91
CA VAL GC 133 -43.24 -63.96 17.34
C VAL GC 133 -42.69 -62.57 17.64
N CYS GC 134 -42.31 -61.84 16.59
CA CYS GC 134 -41.63 -60.57 16.71
C CYS GC 134 -42.54 -59.40 16.32
N VAL GC 135 -41.97 -58.19 16.34
CA VAL GC 135 -42.74 -56.97 16.20
C VAL GC 135 -43.47 -56.94 14.86
N GLN GC 136 -42.75 -57.23 13.79
CA GLN GC 136 -43.36 -57.18 12.49
C GLN GC 136 -44.31 -58.36 12.24
N THR GC 137 -44.15 -59.49 12.94
CA THR GC 137 -45.16 -60.53 12.80
C THR GC 137 -46.47 -60.08 13.45
N GLU GC 138 -46.40 -59.42 14.61
CA GLU GC 138 -47.64 -58.87 15.16
C GLU GC 138 -48.25 -57.85 14.21
N THR GC 139 -47.42 -56.99 13.62
CA THR GC 139 -47.95 -55.96 12.73
C THR GC 139 -48.64 -56.56 11.51
N VAL GC 140 -47.97 -57.48 10.81
CA VAL GC 140 -48.56 -58.04 9.60
C VAL GC 140 -49.78 -58.88 9.94
N LEU GC 141 -49.77 -59.58 11.08
CA LEU GC 141 -50.95 -60.33 11.47
C LEU GC 141 -52.12 -59.39 11.72
N ARG GC 142 -51.88 -58.26 12.39
CA ARG GC 142 -52.95 -57.31 12.62
C ARG GC 142 -53.51 -56.79 11.31
N GLN GC 143 -52.63 -56.46 10.35
CA GLN GC 143 -53.11 -56.00 9.05
C GLN GC 143 -53.95 -57.06 8.36
N ALA GC 144 -53.49 -58.32 8.38
CA ALA GC 144 -54.21 -59.38 7.69
C ALA GC 144 -55.58 -59.61 8.31
N ILE GC 145 -55.65 -59.71 9.63
CA ILE GC 145 -56.94 -60.00 10.26
C ILE GC 145 -57.87 -58.80 10.16
N ALA GC 146 -57.34 -57.60 10.18
CA ALA GC 146 -58.21 -56.47 9.93
C ALA GC 146 -58.63 -56.37 8.48
N GLU GC 147 -57.96 -57.08 7.58
CA GLU GC 147 -58.38 -57.16 6.19
C GLU GC 147 -59.08 -58.47 5.85
N ARG GC 148 -59.39 -59.30 6.84
CA ARG GC 148 -60.10 -60.57 6.64
C ARG GC 148 -59.29 -61.52 5.75
N ILE GC 149 -58.07 -61.82 6.18
CA ILE GC 149 -57.18 -62.73 5.47
C ILE GC 149 -56.98 -63.96 6.33
N LYS GC 150 -57.20 -65.14 5.75
CA LYS GC 150 -57.05 -66.38 6.49
C LYS GC 150 -55.58 -66.73 6.62
N PRO GC 151 -55.05 -66.88 7.83
CA PRO GC 151 -53.64 -67.19 8.02
C PRO GC 151 -53.36 -68.67 8.19
N VAL GC 152 -52.17 -69.06 7.76
CA VAL GC 152 -51.64 -70.40 8.01
C VAL GC 152 -50.19 -70.26 8.45
N LEU GC 153 -49.79 -71.01 9.47
CA LEU GC 153 -48.50 -70.78 10.10
C LEU GC 153 -47.46 -71.77 9.65
N MET GC 154 -46.20 -71.32 9.58
CA MET GC 154 -45.09 -72.25 9.46
C MET GC 154 -43.93 -71.80 10.34
N MET GC 155 -43.45 -72.70 11.19
CA MET GC 155 -42.18 -72.50 11.87
C MET GC 155 -41.03 -72.67 10.90
N ASN GC 156 -40.00 -71.87 11.07
CA ASN GC 156 -38.85 -71.90 10.19
C ASN GC 156 -37.57 -72.02 10.98
N LYS GC 157 -36.49 -72.39 10.29
CA LYS GC 157 -35.16 -72.53 10.86
C LYS GC 157 -35.17 -73.51 12.02
N MET GC 158 -35.81 -74.66 11.80
CA MET GC 158 -35.76 -75.75 12.77
C MET GC 158 -34.35 -76.35 12.87
N ASP GC 159 -33.54 -76.21 11.82
CA ASP GC 159 -32.16 -76.62 11.90
C ASP GC 159 -31.39 -75.82 12.93
N ARG GC 160 -31.68 -74.52 13.05
CA ARG GC 160 -31.02 -73.71 14.07
C ARG GC 160 -31.41 -74.18 15.46
N ALA GC 161 -32.67 -74.56 15.64
CA ALA GC 161 -33.11 -75.07 16.93
C ALA GC 161 -32.43 -76.39 17.27
N LEU GC 162 -32.31 -77.29 16.30
CA LEU GC 162 -31.73 -78.59 16.61
C LEU GC 162 -30.23 -78.52 16.80
N LEU GC 163 -29.53 -77.78 15.95
CA LEU GC 163 -28.08 -77.80 15.94
C LEU GC 163 -27.48 -76.72 16.83
N GLU GC 164 -27.82 -75.46 16.58
CA GLU GC 164 -27.20 -74.36 17.31
C GLU GC 164 -27.71 -74.29 18.74
N LEU GC 165 -29.02 -74.45 18.94
CA LEU GC 165 -29.60 -74.35 20.26
C LEU GC 165 -29.55 -75.66 21.03
N GLN GC 166 -29.37 -76.79 20.34
CA GLN GC 166 -29.31 -78.12 20.96
C GLN GC 166 -30.53 -78.37 21.83
N LEU GC 167 -31.69 -77.97 21.32
CA LEU GC 167 -32.93 -78.11 22.07
C LEU GC 167 -33.33 -79.56 22.17
N GLU GC 168 -33.64 -80.01 23.38
CA GLU GC 168 -34.21 -81.33 23.56
C GLU GC 168 -35.64 -81.35 23.00
N PRO GC 169 -36.15 -82.52 22.65
CA PRO GC 169 -37.48 -82.57 22.02
C PRO GC 169 -38.59 -81.91 22.84
N GLU GC 170 -38.55 -82.07 24.16
CA GLU GC 170 -39.58 -81.43 24.98
C GLU GC 170 -39.49 -79.91 24.90
N GLU GC 171 -38.27 -79.37 24.94
CA GLU GC 171 -38.11 -77.91 24.82
C GLU GC 171 -38.51 -77.42 23.44
N LEU GC 172 -38.23 -78.21 22.41
CA LEU GC 172 -38.67 -77.84 21.07
C LEU GC 172 -40.20 -77.79 20.99
N TYR GC 173 -40.86 -78.77 21.60
CA TYR GC 173 -42.32 -78.74 21.64
C TYR GC 173 -42.81 -77.53 22.42
N GLN GC 174 -42.16 -77.21 23.52
CA GLN GC 174 -42.58 -76.07 24.33
C GLN GC 174 -42.46 -74.78 23.55
N THR GC 175 -41.37 -74.62 22.80
CA THR GC 175 -41.21 -73.44 21.97
C THR GC 175 -42.31 -73.34 20.91
N PHE GC 176 -42.61 -74.47 20.27
CA PHE GC 176 -43.69 -74.48 19.28
C PHE GC 176 -45.01 -74.08 19.91
N GLN GC 177 -45.29 -74.60 21.10
CA GLN GC 177 -46.55 -74.29 21.78
C GLN GC 177 -46.62 -72.82 22.14
N ARG GC 178 -45.50 -72.24 22.60
CA ARG GC 178 -45.50 -70.82 22.92
C ARG GC 178 -45.76 -69.98 21.69
N ILE GC 179 -45.16 -70.36 20.56
CA ILE GC 179 -45.35 -69.59 19.33
C ILE GC 179 -46.80 -69.65 18.89
N VAL GC 180 -47.41 -70.85 18.88
CA VAL GC 180 -48.80 -70.93 18.43
C VAL GC 180 -49.73 -70.21 19.40
N GLU GC 181 -49.43 -70.24 20.70
CA GLU GC 181 -50.25 -69.50 21.65
C GLU GC 181 -50.18 -68.00 21.39
N ASN GC 182 -48.98 -67.48 21.12
CA ASN GC 182 -48.85 -66.05 20.84
C ASN GC 182 -49.59 -65.65 19.58
N VAL GC 183 -49.49 -66.46 18.53
CA VAL GC 183 -50.21 -66.14 17.30
C VAL GC 183 -51.71 -66.14 17.55
N ASN GC 184 -52.19 -67.13 18.30
CA ASN GC 184 -53.62 -67.22 18.57
C ASN GC 184 -54.11 -66.07 19.43
N VAL GC 185 -53.31 -65.60 20.39
CA VAL GC 185 -53.79 -64.47 21.19
C VAL GC 185 -53.80 -63.19 20.37
N ILE GC 186 -52.87 -63.05 19.41
CA ILE GC 186 -52.96 -61.92 18.49
C ILE GC 186 -54.26 -61.99 17.70
N ILE GC 187 -54.57 -63.18 17.18
CA ILE GC 187 -55.79 -63.36 16.40
C ILE GC 187 -57.02 -63.07 17.25
N SER GC 188 -57.02 -63.50 18.50
CA SER GC 188 -58.17 -63.26 19.38
C SER GC 188 -58.35 -61.79 19.67
N THR GC 189 -57.26 -61.08 19.99
CA THR GC 189 -57.39 -59.69 20.39
C THR GC 189 -57.74 -58.82 19.20
N TYR GC 190 -56.87 -58.76 18.19
CA TYR GC 190 -57.09 -57.80 17.13
C TYR GC 190 -58.12 -58.28 16.12
N GLY GC 191 -58.28 -59.57 15.98
CA GLY GC 191 -59.36 -60.12 15.18
C GLY GC 191 -60.60 -60.32 15.99
N GLU GC 192 -61.31 -59.22 16.30
CA GLU GC 192 -62.48 -59.28 17.16
C GLU GC 192 -63.56 -60.19 16.60
N GLY GC 193 -63.54 -60.45 15.30
CA GLY GC 193 -64.48 -61.37 14.70
C GLY GC 193 -64.33 -62.78 15.23
N GLU GC 194 -65.40 -63.28 15.84
CA GLU GC 194 -65.48 -64.66 16.29
C GLU GC 194 -65.86 -65.47 15.05
N SER GC 195 -66.31 -66.71 15.20
CA SER GC 195 -66.63 -67.53 14.03
C SER GC 195 -67.84 -66.96 13.31
N GLY GC 196 -67.58 -66.13 12.30
CA GLY GC 196 -68.57 -65.36 11.60
C GLY GC 196 -68.34 -65.44 10.10
N PRO GC 197 -68.05 -64.29 9.48
CA PRO GC 197 -67.77 -64.28 8.05
C PRO GC 197 -66.59 -65.17 7.67
N MET GC 198 -65.63 -65.37 8.57
CA MET GC 198 -64.50 -66.23 8.31
C MET GC 198 -64.51 -67.54 9.09
N GLY GC 199 -65.33 -67.64 10.12
CA GLY GC 199 -65.32 -68.83 10.95
C GLY GC 199 -64.21 -68.78 11.98
N ASN GC 200 -63.73 -69.95 12.40
CA ASN GC 200 -62.61 -70.00 13.33
C ASN GC 200 -61.31 -69.74 12.58
N ILE GC 201 -60.55 -68.75 13.05
CA ILE GC 201 -59.31 -68.36 12.41
C ILE GC 201 -58.08 -68.96 13.10
N MET GC 202 -58.19 -69.31 14.39
CA MET GC 202 -57.06 -69.78 15.18
C MET GC 202 -56.36 -70.95 14.50
N ILE GC 203 -55.05 -70.87 14.46
CA ILE GC 203 -54.22 -71.94 13.94
C ILE GC 203 -54.11 -73.02 14.99
N ASP GC 204 -54.17 -74.28 14.55
CA ASP GC 204 -54.00 -75.41 15.44
C ASP GC 204 -53.17 -76.46 14.70
N PRO GC 205 -52.11 -76.96 15.30
CA PRO GC 205 -51.36 -78.06 14.67
C PRO GC 205 -52.21 -79.29 14.45
N VAL GC 206 -53.19 -79.54 15.32
CA VAL GC 206 -54.10 -80.66 15.13
C VAL GC 206 -54.95 -80.46 13.88
N LEU GC 207 -55.22 -79.21 13.54
CA LEU GC 207 -56.05 -78.93 12.37
C LEU GC 207 -55.26 -78.86 11.08
N GLY GC 208 -53.94 -78.98 11.14
CA GLY GC 208 -53.12 -78.95 9.95
C GLY GC 208 -52.75 -77.58 9.44
N THR GC 209 -53.13 -76.52 10.15
CA THR GC 209 -52.82 -75.17 9.74
C THR GC 209 -51.47 -74.67 10.27
N VAL GC 210 -50.69 -75.55 10.87
CA VAL GC 210 -49.34 -75.23 11.34
C VAL GC 210 -48.36 -76.21 10.72
N GLY GC 211 -47.31 -75.69 10.12
CA GLY GC 211 -46.27 -76.52 9.58
C GLY GC 211 -44.94 -76.28 10.26
N PHE GC 212 -44.01 -77.20 10.14
CA PHE GC 212 -42.71 -77.08 10.76
C PHE GC 212 -41.65 -77.44 9.74
N GLY GC 213 -40.45 -76.95 9.96
CA GLY GC 213 -39.33 -77.32 9.12
C GLY GC 213 -38.39 -76.15 8.94
N SER GC 214 -37.48 -76.31 7.98
CA SER GC 214 -36.50 -75.29 7.65
C SER GC 214 -36.53 -75.05 6.16
N GLY GC 215 -36.58 -73.77 5.76
CA GLY GC 215 -36.56 -73.46 4.34
C GLY GC 215 -35.18 -73.52 3.73
N LEU GC 216 -34.15 -73.25 4.52
CA LEU GC 216 -32.79 -73.22 3.98
C LEU GC 216 -32.36 -74.59 3.48
N HIS GC 217 -32.65 -75.63 4.25
CA HIS GC 217 -32.34 -76.98 3.80
C HIS GC 217 -33.47 -77.59 2.97
N GLY GC 218 -34.54 -76.85 2.75
CA GLY GC 218 -35.61 -77.27 1.86
C GLY GC 218 -36.40 -78.46 2.33
N TRP GC 219 -36.65 -78.59 3.63
CA TRP GC 219 -37.45 -79.68 4.14
C TRP GC 219 -38.45 -79.15 5.14
N ALA GC 220 -39.67 -79.66 5.08
CA ALA GC 220 -40.71 -79.29 6.02
C ALA GC 220 -41.68 -80.45 6.14
N PHE GC 221 -42.40 -80.48 7.25
CA PHE GC 221 -43.38 -81.51 7.49
C PHE GC 221 -44.63 -80.89 8.09
N THR GC 222 -45.64 -81.73 8.27
CA THR GC 222 -46.88 -81.33 8.92
C THR GC 222 -47.42 -82.55 9.65
N LEU GC 223 -48.24 -82.31 10.66
CA LEU GC 223 -48.94 -83.38 11.34
C LEU GC 223 -49.76 -84.23 10.37
N LYS GC 224 -50.27 -83.63 9.30
CA LYS GC 224 -50.92 -84.40 8.26
C LYS GC 224 -49.98 -85.44 7.67
N GLN GC 225 -48.77 -85.03 7.32
CA GLN GC 225 -47.84 -85.96 6.68
C GLN GC 225 -47.40 -87.06 7.64
N PHE GC 226 -47.15 -86.71 8.90
CA PHE GC 226 -46.72 -87.77 9.81
C PHE GC 226 -47.86 -88.73 10.16
N ALA GC 227 -49.08 -88.20 10.35
CA ALA GC 227 -50.22 -89.09 10.54
C ALA GC 227 -50.41 -89.98 9.33
N GLU GC 228 -50.20 -89.44 8.12
CA GLU GC 228 -50.33 -90.23 6.91
C GLU GC 228 -49.36 -91.39 6.90
N MET GC 229 -48.08 -91.12 7.18
CA MET GC 229 -47.10 -92.20 7.11
C MET GC 229 -47.31 -93.21 8.24
N TYR GC 230 -47.74 -92.76 9.42
CA TYR GC 230 -47.99 -93.72 10.49
C TYR GC 230 -49.23 -94.59 10.22
N VAL GC 231 -50.27 -94.00 9.62
CA VAL GC 231 -51.43 -94.80 9.21
C VAL GC 231 -51.02 -95.80 8.14
N ALA GC 232 -50.19 -95.38 7.18
CA ALA GC 232 -49.68 -96.30 6.18
C ALA GC 232 -48.90 -97.44 6.82
N LYS GC 233 -48.18 -97.16 7.91
CA LYS GC 233 -47.58 -98.25 8.68
C LYS GC 233 -48.66 -99.16 9.27
N PHE GC 234 -49.71 -98.58 9.84
CA PHE GC 234 -50.75 -99.36 10.50
C PHE GC 234 -51.66 -100.04 9.49
N ALA GC 245 -61.15 -90.25 1.76
CA ALA GC 245 -62.27 -91.06 2.22
C ALA GC 245 -62.05 -91.56 3.65
N GLU GC 246 -62.15 -92.87 3.84
CA GLU GC 246 -61.92 -93.46 5.15
C GLU GC 246 -60.49 -93.22 5.61
N ARG GC 247 -59.52 -93.34 4.69
CA ARG GC 247 -58.14 -93.05 5.04
C ARG GC 247 -57.97 -91.61 5.46
N ALA GC 248 -58.65 -90.69 4.76
CA ALA GC 248 -58.61 -89.28 5.14
C ALA GC 248 -59.17 -89.07 6.53
N LYS GC 249 -60.29 -89.71 6.85
CA LYS GC 249 -60.88 -89.53 8.18
C LYS GC 249 -59.96 -90.07 9.26
N LYS GC 250 -59.38 -91.25 9.04
CA LYS GC 250 -58.47 -91.83 10.04
C LYS GC 250 -57.24 -90.95 10.24
N VAL GC 251 -56.70 -90.41 9.15
CA VAL GC 251 -55.57 -89.49 9.26
C VAL GC 251 -55.96 -88.25 10.04
N GLU GC 252 -57.18 -87.76 9.83
CA GLU GC 252 -57.64 -86.60 10.60
C GLU GC 252 -57.71 -86.91 12.08
N ASP GC 253 -58.19 -88.11 12.43
CA ASP GC 253 -58.29 -88.48 13.84
C ASP GC 253 -56.91 -88.57 14.49
N MET GC 254 -55.98 -89.24 13.83
CA MET GC 254 -54.65 -89.28 14.41
C MET GC 254 -53.97 -87.92 14.39
N MET GC 255 -54.42 -87.01 13.53
CA MET GC 255 -53.90 -85.65 13.56
C MET GC 255 -54.24 -84.97 14.89
N LYS GC 256 -55.46 -85.19 15.39
CA LYS GC 256 -55.79 -84.79 16.75
C LYS GC 256 -54.96 -85.54 17.78
N LYS GC 257 -54.68 -86.81 17.53
CA LYS GC 257 -53.95 -87.60 18.52
C LYS GC 257 -52.50 -87.16 18.69
N LEU GC 258 -51.86 -86.71 17.61
CA LEU GC 258 -50.42 -86.41 17.61
C LEU GC 258 -50.01 -85.16 18.39
N TRP GC 259 -50.88 -84.20 18.59
CA TRP GC 259 -50.51 -82.95 19.25
C TRP GC 259 -51.31 -82.74 20.53
N GLY GC 260 -50.67 -82.10 21.50
CA GLY GC 260 -51.31 -81.81 22.76
C GLY GC 260 -50.49 -82.37 23.91
N ASP GC 261 -51.12 -82.55 25.06
CA ASP GC 261 -50.46 -83.21 26.19
C ASP GC 261 -50.77 -84.69 26.25
N ARG GC 262 -51.38 -85.25 25.21
CA ARG GC 262 -51.69 -86.68 25.18
C ARG GC 262 -50.41 -87.47 24.99
N TYR GC 263 -50.18 -88.47 25.83
CA TYR GC 263 -48.90 -89.17 25.86
C TYR GC 263 -48.99 -90.49 25.12
N PHE GC 264 -47.83 -91.10 24.91
CA PHE GC 264 -47.72 -92.38 24.25
C PHE GC 264 -46.79 -93.27 25.05
N ASP GC 265 -47.18 -94.53 25.25
CA ASP GC 265 -46.36 -95.48 25.97
C ASP GC 265 -45.42 -96.15 24.99
N PRO GC 266 -44.10 -95.98 25.12
CA PRO GC 266 -43.20 -96.66 24.18
C PRO GC 266 -43.14 -98.16 24.37
N ALA GC 267 -43.24 -98.64 25.62
CA ALA GC 267 -43.16 -100.07 25.87
C ALA GC 267 -44.41 -100.78 25.38
N ASN GC 268 -45.59 -100.25 25.71
CA ASN GC 268 -46.83 -100.89 25.28
C ASN GC 268 -47.08 -100.66 23.79
N GLY GC 269 -46.85 -99.45 23.31
CA GLY GC 269 -47.24 -99.09 21.96
C GLY GC 269 -48.62 -98.50 21.85
N LYS GC 270 -49.21 -98.04 22.95
CA LYS GC 270 -50.56 -97.49 22.98
C LYS GC 270 -50.52 -96.08 23.56
N PHE GC 271 -51.42 -95.23 23.08
CA PHE GC 271 -51.53 -93.88 23.60
C PHE GC 271 -52.16 -93.90 24.99
N SER GC 272 -52.08 -92.76 25.67
CA SER GC 272 -52.62 -92.64 27.02
C SER GC 272 -52.86 -91.17 27.33
N LYS GC 273 -53.63 -90.93 28.38
CA LYS GC 273 -53.97 -89.59 28.82
C LYS GC 273 -53.12 -89.11 29.99
N SER GC 274 -52.86 -89.97 30.95
CA SER GC 274 -52.12 -89.58 32.14
C SER GC 274 -50.62 -89.66 31.89
N ALA GC 275 -49.88 -88.71 32.46
CA ALA GC 275 -48.43 -88.72 32.32
C ALA GC 275 -47.81 -89.93 33.01
N THR GC 276 -48.32 -90.27 34.19
CA THR GC 276 -47.83 -91.44 34.89
C THR GC 276 -48.27 -92.69 34.15
N SER GC 277 -47.32 -93.57 33.88
CA SER GC 277 -47.61 -94.87 33.28
C SER GC 277 -48.34 -95.72 34.31
N PRO GC 278 -48.86 -96.90 33.91
CA PRO GC 278 -49.43 -97.80 34.92
C PRO GC 278 -48.44 -98.15 36.02
N GLU GC 279 -47.15 -98.26 35.67
CA GLU GC 279 -46.13 -98.49 36.69
C GLU GC 279 -45.84 -97.21 37.46
N GLY GC 280 -45.81 -96.08 36.77
CA GLY GC 280 -45.59 -94.80 37.42
C GLY GC 280 -44.55 -93.93 36.75
N LYS GC 281 -43.78 -94.50 35.84
CA LYS GC 281 -42.72 -93.74 35.17
C LYS GC 281 -43.32 -92.68 34.25
N LYS GC 282 -42.55 -91.62 34.03
CA LYS GC 282 -42.98 -90.55 33.15
C LYS GC 282 -42.99 -91.01 31.70
N LEU GC 283 -43.89 -90.42 30.91
CA LEU GC 283 -44.05 -90.82 29.53
C LEU GC 283 -43.85 -89.63 28.60
N PRO GC 284 -43.22 -89.85 27.45
CA PRO GC 284 -43.12 -88.79 26.45
C PRO GC 284 -44.47 -88.50 25.83
N ARG GC 285 -44.67 -87.26 25.43
CA ARG GC 285 -45.89 -86.93 24.71
C ARG GC 285 -45.82 -87.51 23.30
N THR GC 286 -46.98 -87.59 22.66
CA THR GC 286 -47.05 -88.19 21.34
C THR GC 286 -46.21 -87.42 20.34
N PHE GC 287 -46.24 -86.09 20.40
CA PHE GC 287 -45.44 -85.28 19.50
C PHE GC 287 -43.96 -85.59 19.65
N CYS GC 288 -43.43 -85.51 20.87
CA CYS GC 288 -42.00 -85.70 21.07
C CYS GC 288 -41.59 -87.15 20.83
N GLN GC 289 -42.51 -88.10 20.98
CA GLN GC 289 -42.13 -89.49 20.89
C GLN GC 289 -42.21 -90.02 19.46
N LEU GC 290 -43.16 -89.56 18.66
CA LEU GC 290 -43.30 -90.13 17.33
C LEU GC 290 -43.34 -89.08 16.23
N ILE GC 291 -42.87 -87.87 16.50
CA ILE GC 291 -42.68 -86.88 15.44
C ILE GC 291 -41.27 -86.34 15.55
N LEU GC 292 -40.93 -85.83 16.74
CA LEU GC 292 -39.61 -85.26 16.93
C LEU GC 292 -38.56 -86.35 17.06
N ASP GC 293 -38.91 -87.48 17.67
CA ASP GC 293 -37.93 -88.54 17.90
C ASP GC 293 -37.32 -89.10 16.62
N PRO GC 294 -38.09 -89.48 15.59
CA PRO GC 294 -37.42 -89.96 14.36
C PRO GC 294 -36.52 -88.92 13.72
N ILE GC 295 -36.96 -87.66 13.70
CA ILE GC 295 -36.12 -86.60 13.15
C ILE GC 295 -34.86 -86.41 13.99
N PHE GC 296 -34.99 -86.48 15.31
CA PHE GC 296 -33.84 -86.36 16.19
C PHE GC 296 -32.87 -87.51 15.98
N LYS GC 297 -33.39 -88.72 15.78
CA LYS GC 297 -32.54 -89.87 15.52
C LYS GC 297 -31.79 -89.70 14.21
N VAL GC 298 -32.48 -89.22 13.17
CA VAL GC 298 -31.82 -88.97 11.90
C VAL GC 298 -30.73 -87.94 12.07
N PHE GC 299 -31.03 -86.85 12.77
CA PHE GC 299 -30.05 -85.79 12.98
C PHE GC 299 -28.84 -86.30 13.74
N ASP GC 300 -29.06 -87.05 14.82
CA ASP GC 300 -27.96 -87.56 15.61
C ASP GC 300 -27.09 -88.50 14.79
N ALA GC 301 -27.71 -89.42 14.05
CA ALA GC 301 -26.94 -90.39 13.27
C ALA GC 301 -26.09 -89.69 12.22
N ILE GC 302 -26.68 -88.76 11.46
CA ILE GC 302 -25.94 -88.13 10.39
C ILE GC 302 -24.88 -87.18 10.93
N MET GC 303 -25.17 -86.46 12.01
CA MET GC 303 -24.18 -85.54 12.56
C MET GC 303 -23.03 -86.28 13.22
N ASN GC 304 -23.29 -87.47 13.77
CA ASN GC 304 -22.24 -88.24 14.42
C ASN GC 304 -21.55 -89.23 13.48
N PHE GC 305 -22.00 -89.30 12.22
CA PHE GC 305 -21.33 -90.11 11.19
C PHE GC 305 -21.34 -91.59 11.55
N LYS GC 306 -22.46 -92.06 12.07
CA LYS GC 306 -22.66 -93.49 12.34
C LYS GC 306 -23.26 -94.08 11.07
N LYS GC 307 -22.41 -94.66 10.23
CA LYS GC 307 -22.86 -95.11 8.92
C LYS GC 307 -23.86 -96.26 9.04
N GLU GC 308 -23.63 -97.18 9.97
CA GLU GC 308 -24.56 -98.28 10.16
C GLU GC 308 -25.93 -97.77 10.60
N GLU GC 309 -25.96 -96.79 11.50
CA GLU GC 309 -27.23 -96.27 11.98
C GLU GC 309 -27.91 -95.41 10.93
N THR GC 310 -27.16 -94.64 10.13
CA THR GC 310 -27.78 -93.88 9.06
C THR GC 310 -28.38 -94.81 8.02
N ALA GC 311 -27.68 -95.90 7.69
CA ALA GC 311 -28.25 -96.89 6.78
C ALA GC 311 -29.50 -97.51 7.36
N LYS GC 312 -29.50 -97.83 8.65
CA LYS GC 312 -30.68 -98.40 9.28
C LYS GC 312 -31.84 -97.41 9.24
N LEU GC 313 -31.58 -96.14 9.52
CA LEU GC 313 -32.64 -95.14 9.50
C LEU GC 313 -33.21 -94.94 8.10
N ILE GC 314 -32.35 -94.85 7.08
CA ILE GC 314 -32.87 -94.64 5.74
C ILE GC 314 -33.62 -95.87 5.24
N GLU GC 315 -33.17 -97.08 5.62
CA GLU GC 315 -33.88 -98.27 5.19
C GLU GC 315 -35.20 -98.44 5.94
N LYS GC 316 -35.27 -97.96 7.19
CA LYS GC 316 -36.55 -98.00 7.89
C LYS GC 316 -37.51 -96.95 7.35
N LEU GC 317 -37.00 -95.78 6.98
CA LEU GC 317 -37.80 -94.69 6.44
C LEU GC 317 -37.98 -94.77 4.94
N ASP GC 318 -37.53 -95.87 4.33
CA ASP GC 318 -37.76 -96.27 2.93
C ASP GC 318 -37.76 -95.08 1.96
N ILE GC 319 -36.65 -94.35 1.99
CA ILE GC 319 -36.41 -93.24 1.08
C ILE GC 319 -35.18 -93.55 0.24
N LYS GC 320 -35.19 -93.08 -1.00
CA LYS GC 320 -34.08 -93.29 -1.93
C LYS GC 320 -33.31 -91.99 -2.14
N LEU GC 321 -32.06 -92.14 -2.54
CA LEU GC 321 -31.18 -91.02 -2.82
C LEU GC 321 -30.66 -91.11 -4.24
N ASP GC 322 -30.58 -89.97 -4.90
CA ASP GC 322 -30.07 -89.89 -6.27
C ASP GC 322 -28.55 -89.77 -6.25
N SER GC 323 -27.97 -89.38 -7.38
CA SER GC 323 -26.52 -89.30 -7.49
C SER GC 323 -25.99 -88.06 -6.78
N GLU GC 324 -24.68 -88.05 -6.54
CA GLU GC 324 -23.87 -86.93 -6.07
C GLU GC 324 -24.14 -86.54 -4.62
N ASP GC 325 -25.11 -87.19 -3.95
CA ASP GC 325 -25.33 -86.93 -2.54
C ASP GC 325 -25.15 -88.14 -1.64
N LYS GC 326 -25.13 -89.35 -2.20
CA LYS GC 326 -24.80 -90.51 -1.40
C LYS GC 326 -23.32 -90.52 -1.02
N ASP GC 327 -22.48 -89.87 -1.82
CA ASP GC 327 -21.08 -89.69 -1.48
C ASP GC 327 -20.83 -88.52 -0.54
N LYS GC 328 -21.81 -87.63 -0.40
CA LYS GC 328 -21.67 -86.52 0.53
C LYS GC 328 -22.04 -86.97 1.94
N GLU GC 329 -21.28 -86.47 2.92
CA GLU GC 329 -21.43 -86.88 4.30
C GLU GC 329 -21.49 -85.65 5.21
N GLY GC 330 -22.20 -85.79 6.32
CA GLY GC 330 -22.30 -84.71 7.28
C GLY GC 330 -23.53 -83.85 7.09
N LYS GC 331 -23.37 -82.53 7.23
CA LYS GC 331 -24.47 -81.62 7.00
C LYS GC 331 -25.05 -81.70 5.59
N PRO GC 332 -24.26 -81.79 4.51
CA PRO GC 332 -24.89 -82.04 3.20
C PRO GC 332 -25.68 -83.33 3.14
N LEU GC 333 -25.20 -84.40 3.78
CA LEU GC 333 -25.96 -85.64 3.83
C LEU GC 333 -27.28 -85.43 4.54
N LEU GC 334 -27.26 -84.72 5.67
CA LEU GC 334 -28.48 -84.45 6.42
C LEU GC 334 -29.46 -83.63 5.60
N LYS GC 335 -28.97 -82.60 4.93
CA LYS GC 335 -29.84 -81.74 4.12
C LYS GC 335 -30.47 -82.53 2.98
N ALA GC 336 -29.66 -83.35 2.29
CA ALA GC 336 -30.19 -84.15 1.19
C ALA GC 336 -31.23 -85.15 1.68
N VAL GC 337 -30.95 -85.81 2.81
CA VAL GC 337 -31.88 -86.81 3.33
C VAL GC 337 -33.19 -86.16 3.75
N MET GC 338 -33.11 -85.00 4.41
CA MET GC 338 -34.32 -84.32 4.85
C MET GC 338 -35.13 -83.81 3.66
N ARG GC 339 -34.45 -83.33 2.61
CA ARG GC 339 -35.15 -82.99 1.38
C ARG GC 339 -35.88 -84.18 0.80
N ARG GC 340 -35.20 -85.33 0.74
CA ARG GC 340 -35.82 -86.51 0.14
C ARG GC 340 -36.96 -87.06 0.98
N TRP GC 341 -36.87 -86.95 2.31
CA TRP GC 341 -37.85 -87.59 3.17
C TRP GC 341 -39.07 -86.70 3.39
N LEU GC 342 -38.85 -85.43 3.70
CA LEU GC 342 -39.94 -84.51 4.01
C LEU GC 342 -39.82 -83.27 3.13
N PRO GC 343 -40.27 -83.37 1.88
CA PRO GC 343 -40.12 -82.22 0.97
C PRO GC 343 -40.97 -81.03 1.38
N ALA GC 344 -40.28 -79.89 1.55
CA ALA GC 344 -40.93 -78.66 1.98
C ALA GC 344 -41.96 -78.17 0.98
N GLY GC 345 -41.67 -78.28 -0.31
CA GLY GC 345 -42.65 -77.86 -1.31
C GLY GC 345 -43.94 -78.63 -1.20
N ASP GC 346 -43.83 -79.95 -1.08
CA ASP GC 346 -45.03 -80.78 -0.95
C ASP GC 346 -45.80 -80.45 0.32
N ALA GC 347 -45.11 -80.34 1.46
CA ALA GC 347 -45.82 -80.05 2.70
C ALA GC 347 -46.51 -78.69 2.64
N LEU GC 348 -45.79 -77.66 2.19
CA LEU GC 348 -46.34 -76.31 2.17
C LEU GC 348 -47.51 -76.21 1.21
N LEU GC 349 -47.38 -76.78 0.01
CA LEU GC 349 -48.45 -76.67 -0.96
C LEU GC 349 -49.68 -77.46 -0.52
N GLN GC 350 -49.47 -78.64 0.08
CA GLN GC 350 -50.59 -79.37 0.65
C GLN GC 350 -51.32 -78.54 1.68
N MET GC 351 -50.57 -77.93 2.61
CA MET GC 351 -51.20 -77.14 3.66
C MET GC 351 -52.00 -75.97 3.10
N ILE GC 352 -51.42 -75.25 2.14
CA ILE GC 352 -52.10 -74.05 1.63
C ILE GC 352 -53.28 -74.42 0.73
N THR GC 353 -53.17 -75.48 -0.08
CA THR GC 353 -54.30 -75.83 -0.93
C THR GC 353 -55.36 -76.63 -0.20
N ILE GC 354 -55.10 -77.03 1.04
CA ILE GC 354 -56.17 -77.59 1.87
C ILE GC 354 -56.85 -76.53 2.73
N HIS GC 355 -56.13 -75.52 3.20
CA HIS GC 355 -56.76 -74.63 4.16
C HIS GC 355 -57.02 -73.21 3.64
N LEU GC 356 -56.20 -72.71 2.73
CA LEU GC 356 -56.39 -71.33 2.29
C LEU GC 356 -57.62 -71.23 1.40
N PRO GC 357 -58.42 -70.17 1.54
CA PRO GC 357 -59.67 -70.11 0.80
C PRO GC 357 -59.46 -69.73 -0.66
N SER GC 358 -60.30 -70.31 -1.52
CA SER GC 358 -60.37 -69.92 -2.91
C SER GC 358 -61.13 -68.60 -3.04
N PRO GC 359 -60.97 -67.90 -4.17
CA PRO GC 359 -61.78 -66.70 -4.39
C PRO GC 359 -63.27 -66.99 -4.44
N VAL GC 360 -63.68 -68.23 -4.71
CA VAL GC 360 -65.08 -68.59 -4.70
C VAL GC 360 -65.70 -68.44 -3.32
N THR GC 361 -64.88 -68.43 -2.27
CA THR GC 361 -65.38 -68.34 -0.91
C THR GC 361 -64.79 -67.19 -0.11
N ALA GC 362 -63.66 -66.62 -0.55
CA ALA GC 362 -63.06 -65.52 0.19
C ALA GC 362 -63.76 -64.21 -0.10
N GLN GC 363 -63.98 -63.91 -1.39
CA GLN GC 363 -64.61 -62.66 -1.79
C GLN GC 363 -66.05 -62.56 -1.30
N LYS GC 364 -66.67 -63.68 -0.92
CA LYS GC 364 -68.03 -63.65 -0.42
C LYS GC 364 -68.13 -62.79 0.84
N TYR GC 365 -67.14 -62.89 1.73
CA TYR GC 365 -67.09 -62.06 2.91
C TYR GC 365 -66.10 -60.91 2.80
N ARG GC 366 -65.26 -60.91 1.77
CA ARG GC 366 -64.34 -59.79 1.57
C ARG GC 366 -64.90 -58.70 0.66
N CYS GC 367 -66.06 -58.92 0.03
CA CYS GC 367 -66.60 -57.91 -0.88
C CYS GC 367 -67.05 -56.66 -0.15
N GLU GC 368 -67.40 -56.76 1.13
CA GLU GC 368 -67.79 -55.57 1.87
C GLU GC 368 -66.64 -54.59 2.01
N LEU GC 369 -65.44 -55.11 2.27
CA LEU GC 369 -64.27 -54.25 2.42
C LEU GC 369 -63.78 -53.72 1.07
N LEU GC 370 -63.81 -54.56 0.04
CA LEU GC 370 -63.26 -54.17 -1.26
C LEU GC 370 -64.10 -53.10 -1.93
N TYR GC 371 -65.36 -53.41 -2.20
CA TYR GC 371 -66.23 -52.48 -2.92
C TYR GC 371 -66.92 -51.56 -1.93
N GLU GC 372 -66.77 -50.25 -2.13
CA GLU GC 372 -67.32 -49.26 -1.23
C GLU GC 372 -68.74 -48.85 -1.59
N GLY GC 373 -69.26 -49.32 -2.71
CA GLY GC 373 -70.63 -49.02 -3.08
C GLY GC 373 -71.61 -49.83 -2.26
N PRO GC 374 -72.89 -49.52 -2.45
CA PRO GC 374 -73.92 -50.31 -1.78
C PRO GC 374 -73.89 -51.75 -2.25
N PRO GC 375 -74.21 -52.70 -1.38
CA PRO GC 375 -74.06 -54.11 -1.73
C PRO GC 375 -75.05 -54.60 -2.77
N ASP GC 376 -76.10 -53.84 -3.05
CA ASP GC 376 -77.12 -54.25 -3.99
C ASP GC 376 -76.77 -53.93 -5.45
N ASP GC 377 -75.58 -53.41 -5.71
CA ASP GC 377 -75.20 -53.06 -7.07
C ASP GC 377 -74.90 -54.33 -7.88
N GLU GC 378 -75.08 -54.20 -9.19
CA GLU GC 378 -74.80 -55.31 -10.09
C GLU GC 378 -73.34 -55.72 -10.03
N ALA GC 379 -72.44 -54.74 -9.98
CA ALA GC 379 -71.02 -55.06 -9.83
C ALA GC 379 -70.71 -55.62 -8.44
N ALA GC 380 -71.46 -55.20 -7.41
CA ALA GC 380 -71.28 -55.79 -6.09
C ALA GC 380 -71.62 -57.28 -6.12
N MET GC 381 -72.73 -57.64 -6.75
CA MET GC 381 -73.05 -59.05 -6.93
C MET GC 381 -72.00 -59.75 -7.77
N GLY GC 382 -71.51 -59.09 -8.81
CA GLY GC 382 -70.47 -59.66 -9.64
C GLY GC 382 -69.19 -59.94 -8.89
N ILE GC 383 -68.86 -59.10 -7.91
CA ILE GC 383 -67.69 -59.35 -7.07
C ILE GC 383 -67.95 -60.47 -6.08
N LYS GC 384 -69.12 -60.48 -5.44
CA LYS GC 384 -69.42 -61.52 -4.45
C LYS GC 384 -69.40 -62.90 -5.09
N SER GC 385 -69.89 -63.01 -6.32
CA SER GC 385 -69.87 -64.28 -7.01
C SER GC 385 -68.55 -64.53 -7.76
N CYS GC 386 -67.88 -63.46 -8.19
CA CYS GC 386 -66.74 -63.51 -9.11
C CYS GC 386 -67.07 -64.44 -10.28
N ASP GC 387 -68.06 -64.02 -11.05
CA ASP GC 387 -68.33 -64.83 -12.23
C ASP GC 387 -67.69 -64.19 -13.46
N PRO GC 388 -67.13 -65.01 -14.36
CA PRO GC 388 -66.54 -64.45 -15.58
C PRO GC 388 -67.53 -63.75 -16.48
N LYS GC 389 -68.81 -64.07 -16.37
CA LYS GC 389 -69.84 -63.40 -17.17
C LYS GC 389 -70.28 -62.08 -16.58
N GLY GC 390 -69.81 -61.74 -15.39
CA GLY GC 390 -70.19 -60.50 -14.75
C GLY GC 390 -69.44 -59.32 -15.32
N PRO GC 391 -69.80 -58.13 -14.84
CA PRO GC 391 -69.07 -56.92 -15.25
C PRO GC 391 -67.62 -56.99 -14.80
N LEU GC 392 -66.73 -56.47 -15.63
CA LEU GC 392 -65.32 -56.42 -15.26
C LEU GC 392 -65.13 -55.42 -14.14
N MET GC 393 -64.40 -55.85 -13.10
CA MET GC 393 -64.06 -54.95 -12.00
C MET GC 393 -62.78 -55.44 -11.35
N MET GC 394 -61.71 -54.65 -11.47
CA MET GC 394 -60.39 -55.01 -10.98
C MET GC 394 -59.81 -53.82 -10.23
N TYR GC 395 -59.04 -54.09 -9.18
CA TYR GC 395 -58.38 -53.06 -8.41
C TYR GC 395 -56.88 -53.09 -8.70
N ILE GC 396 -56.36 -51.97 -9.20
CA ILE GC 396 -54.93 -51.82 -9.42
C ILE GC 396 -54.34 -51.23 -8.15
N SER GC 397 -53.58 -52.05 -7.43
CA SER GC 397 -52.97 -51.64 -6.18
C SER GC 397 -51.47 -51.42 -6.29
N LYS GC 398 -50.83 -51.94 -7.33
CA LYS GC 398 -49.38 -51.83 -7.45
C LYS GC 398 -49.01 -51.29 -8.82
N MET GC 399 -47.90 -50.57 -8.88
CA MET GC 399 -47.32 -50.11 -10.14
C MET GC 399 -45.90 -50.65 -10.18
N VAL GC 400 -45.74 -51.85 -10.71
CA VAL GC 400 -44.42 -52.47 -10.73
C VAL GC 400 -43.61 -51.94 -11.92
N PRO GC 401 -42.42 -51.41 -11.69
CA PRO GC 401 -41.65 -50.83 -12.80
C PRO GC 401 -41.25 -51.89 -13.82
N THR GC 402 -41.17 -51.46 -15.08
CA THR GC 402 -40.72 -52.31 -16.16
C THR GC 402 -39.23 -52.07 -16.40
N SER GC 403 -38.70 -52.63 -17.48
CA SER GC 403 -37.31 -52.40 -17.82
C SER GC 403 -37.10 -50.97 -18.30
N ASP GC 404 -38.00 -50.48 -19.17
CA ASP GC 404 -37.86 -49.14 -19.70
C ASP GC 404 -38.16 -48.10 -18.63
N LYS GC 405 -37.56 -46.92 -18.79
CA LYS GC 405 -37.69 -45.87 -17.79
C LYS GC 405 -39.08 -45.26 -17.82
N GLY GC 406 -39.65 -45.07 -16.64
CA GLY GC 406 -40.92 -44.39 -16.50
C GLY GC 406 -42.14 -45.24 -16.81
N ARG GC 407 -41.96 -46.51 -17.15
CA ARG GC 407 -43.08 -47.38 -17.50
C ARG GC 407 -43.38 -48.34 -16.36
N PHE GC 408 -44.66 -48.47 -16.05
CA PHE GC 408 -45.12 -49.31 -14.95
C PHE GC 408 -46.20 -50.25 -15.43
N TYR GC 409 -46.12 -51.50 -15.01
CA TYR GC 409 -47.21 -52.44 -15.12
C TYR GC 409 -48.19 -52.17 -13.99
N ALA GC 410 -49.46 -52.01 -14.33
CA ALA GC 410 -50.51 -51.80 -13.35
C ALA GC 410 -50.93 -53.17 -12.84
N PHE GC 411 -50.41 -53.55 -11.68
CA PHE GC 411 -50.60 -54.88 -11.14
C PHE GC 411 -51.74 -54.88 -10.13
N GLY GC 412 -52.65 -55.83 -10.29
CA GLY GC 412 -53.78 -55.96 -9.40
C GLY GC 412 -54.56 -57.21 -9.72
N ARG GC 413 -55.54 -57.52 -8.86
CA ARG GC 413 -56.35 -58.72 -8.99
C ARG GC 413 -57.72 -58.39 -9.55
N VAL GC 414 -58.14 -59.17 -10.53
CA VAL GC 414 -59.50 -59.04 -11.06
C VAL GC 414 -60.47 -59.63 -10.06
N PHE GC 415 -61.55 -58.90 -9.79
CA PHE GC 415 -62.54 -59.34 -8.82
C PHE GC 415 -63.89 -59.65 -9.44
N SER GC 416 -64.04 -59.47 -10.75
CA SER GC 416 -65.27 -59.78 -11.47
C SER GC 416 -65.00 -59.69 -12.96
N GLY GC 417 -65.66 -60.54 -13.73
CA GLY GC 417 -65.58 -60.44 -15.17
C GLY GC 417 -64.34 -61.11 -15.75
N LEU GC 418 -63.94 -60.61 -16.92
CA LEU GC 418 -62.83 -61.19 -17.67
C LEU GC 418 -62.04 -60.07 -18.34
N VAL GC 419 -60.79 -59.92 -17.94
CA VAL GC 419 -59.91 -58.92 -18.57
C VAL GC 419 -59.34 -59.51 -19.85
N SER GC 420 -59.48 -58.76 -20.94
CA SER GC 420 -58.97 -59.19 -22.23
C SER GC 420 -58.24 -58.05 -22.91
N THR GC 421 -57.29 -58.40 -23.77
CA THR GC 421 -56.52 -57.41 -24.49
C THR GC 421 -57.39 -56.63 -25.47
N GLY GC 422 -57.09 -55.34 -25.62
CA GLY GC 422 -57.83 -54.49 -26.53
C GLY GC 422 -59.29 -54.34 -26.16
N LEU GC 423 -59.58 -54.23 -24.87
CA LEU GC 423 -60.95 -54.08 -24.39
C LEU GC 423 -61.17 -52.65 -23.92
N LYS GC 424 -62.15 -51.98 -24.50
CA LYS GC 424 -62.49 -50.64 -24.06
C LYS GC 424 -63.03 -50.69 -22.64
N VAL GC 425 -62.45 -49.87 -21.76
CA VAL GC 425 -62.68 -50.03 -20.33
C VAL GC 425 -62.69 -48.65 -19.67
N ARG GC 426 -63.41 -48.57 -18.55
CA ARG GC 426 -63.56 -47.35 -17.78
C ARG GC 426 -62.60 -47.38 -16.59
N ILE GC 427 -61.74 -46.38 -16.49
CA ILE GC 427 -60.67 -46.33 -15.50
C ILE GC 427 -60.95 -45.18 -14.54
N MET GC 428 -60.90 -45.46 -13.25
CA MET GC 428 -61.14 -44.45 -12.24
C MET GC 428 -59.99 -44.41 -11.24
N GLY GC 429 -59.60 -43.21 -10.83
CA GLY GC 429 -58.60 -43.04 -9.82
C GLY GC 429 -59.23 -42.97 -8.45
N PRO GC 430 -58.41 -42.84 -7.41
CA PRO GC 430 -58.95 -42.76 -6.05
C PRO GC 430 -59.83 -41.55 -5.81
N ASN GC 431 -59.60 -40.46 -6.53
CA ASN GC 431 -60.37 -39.24 -6.35
C ASN GC 431 -61.61 -39.20 -7.23
N TYR GC 432 -61.90 -40.29 -7.94
CA TYR GC 432 -63.12 -40.35 -8.74
C TYR GC 432 -64.34 -40.24 -7.84
N THR GC 433 -65.37 -39.58 -8.34
CA THR GC 433 -66.65 -39.57 -7.69
C THR GC 433 -67.70 -40.16 -8.62
N PRO GC 434 -68.68 -40.89 -8.09
CA PRO GC 434 -69.64 -41.57 -8.98
C PRO GC 434 -70.42 -40.63 -9.90
N GLY GC 435 -70.67 -39.40 -9.48
CA GLY GC 435 -71.43 -38.49 -10.30
C GLY GC 435 -70.62 -37.78 -11.37
N LYS GC 436 -69.57 -37.08 -10.98
CA LYS GC 436 -68.84 -36.21 -11.89
C LYS GC 436 -67.83 -37.02 -12.70
N LYS GC 437 -66.99 -36.31 -13.46
CA LYS GC 437 -66.04 -36.93 -14.36
C LYS GC 437 -64.60 -36.70 -13.94
N GLU GC 438 -64.37 -36.45 -12.65
CA GLU GC 438 -63.01 -36.25 -12.16
C GLU GC 438 -62.28 -37.58 -12.05
N ASP GC 439 -61.04 -37.60 -12.55
CA ASP GC 439 -60.20 -38.80 -12.57
C ASP GC 439 -60.91 -39.96 -13.24
N LEU GC 440 -61.27 -39.77 -14.50
CA LEU GC 440 -61.98 -40.76 -15.27
C LEU GC 440 -61.37 -40.87 -16.66
N TYR GC 441 -61.24 -42.09 -17.14
CA TYR GC 441 -60.81 -42.35 -18.51
C TYR GC 441 -61.69 -43.44 -19.11
N LEU GC 442 -61.86 -43.40 -20.42
CA LEU GC 442 -62.59 -44.42 -21.17
C LEU GC 442 -61.69 -44.84 -22.32
N LYS GC 443 -60.85 -45.83 -22.09
CA LYS GC 443 -59.84 -46.17 -23.10
C LYS GC 443 -59.30 -47.55 -22.82
N PRO GC 444 -58.84 -48.28 -23.86
CA PRO GC 444 -58.54 -49.70 -23.70
C PRO GC 444 -57.20 -49.98 -23.03
N ILE GC 445 -56.83 -51.26 -22.99
CA ILE GC 445 -55.57 -51.71 -22.43
C ILE GC 445 -54.82 -52.46 -23.52
N GLN GC 446 -53.50 -52.21 -23.63
CA GLN GC 446 -52.76 -52.73 -24.77
C GLN GC 446 -52.69 -54.25 -24.75
N ARG GC 447 -52.30 -54.84 -23.62
CA ARG GC 447 -52.23 -56.29 -23.48
C ARG GC 447 -52.07 -56.61 -22.00
N THR GC 448 -52.06 -57.91 -21.70
CA THR GC 448 -51.96 -58.40 -20.34
C THR GC 448 -50.83 -59.40 -20.22
N ILE GC 449 -50.23 -59.46 -19.03
CA ILE GC 449 -49.12 -60.35 -18.76
C ILE GC 449 -49.34 -61.01 -17.39
N LEU GC 450 -48.66 -62.13 -17.18
CA LEU GC 450 -48.56 -62.76 -15.89
C LEU GC 450 -47.13 -62.62 -15.37
N MET GC 451 -47.01 -62.32 -14.09
CA MET GC 451 -45.72 -62.00 -13.50
C MET GC 451 -45.07 -63.27 -12.96
N MET GC 452 -43.88 -63.59 -13.47
CA MET GC 452 -43.11 -64.73 -12.99
C MET GC 452 -41.93 -64.28 -12.14
N GLY GC 453 -42.10 -63.21 -11.39
CA GLY GC 453 -41.02 -62.70 -10.57
C GLY GC 453 -40.03 -61.90 -11.37
N ARG GC 454 -38.84 -62.48 -11.61
CA ARG GC 454 -37.86 -61.82 -12.47
C ARG GC 454 -38.39 -61.66 -13.88
N TYR GC 455 -39.00 -62.70 -14.43
CA TYR GC 455 -39.43 -62.71 -15.80
C TYR GC 455 -40.94 -62.42 -15.87
N VAL GC 456 -41.49 -62.54 -17.07
CA VAL GC 456 -42.88 -62.17 -17.31
C VAL GC 456 -43.34 -62.88 -18.57
N GLU GC 457 -44.62 -63.25 -18.61
CA GLU GC 457 -45.12 -63.98 -19.75
C GLU GC 457 -46.36 -63.30 -20.33
N PRO GC 458 -46.40 -63.03 -21.64
CA PRO GC 458 -47.60 -62.45 -22.24
C PRO GC 458 -48.77 -63.41 -22.16
N ILE GC 459 -49.98 -62.86 -22.03
CA ILE GC 459 -51.21 -63.63 -21.92
C ILE GC 459 -52.29 -62.92 -22.73
N GLU GC 460 -53.10 -63.71 -23.44
CA GLU GC 460 -54.20 -63.13 -24.20
C GLU GC 460 -55.25 -62.51 -23.28
N ASP GC 461 -55.71 -63.27 -22.29
CA ASP GC 461 -56.75 -62.78 -21.39
C ASP GC 461 -56.75 -63.57 -20.10
N VAL GC 462 -57.34 -62.99 -19.06
CA VAL GC 462 -57.37 -63.58 -17.72
C VAL GC 462 -58.72 -63.32 -17.07
N PRO GC 463 -59.39 -64.34 -16.52
CA PRO GC 463 -60.69 -64.12 -15.87
C PRO GC 463 -60.55 -63.62 -14.45
N CYS GC 464 -61.66 -63.52 -13.71
CA CYS GC 464 -61.59 -62.97 -12.37
C CYS GC 464 -60.94 -63.97 -11.41
N GLY GC 465 -60.57 -63.46 -10.24
CA GLY GC 465 -59.90 -64.25 -9.23
C GLY GC 465 -58.41 -64.39 -9.40
N ASN GC 466 -57.80 -63.67 -10.34
CA ASN GC 466 -56.38 -63.82 -10.63
C ASN GC 466 -55.72 -62.45 -10.65
N ILE GC 467 -54.40 -62.45 -10.48
CA ILE GC 467 -53.60 -61.23 -10.45
C ILE GC 467 -52.89 -61.07 -11.78
N VAL GC 468 -52.93 -59.85 -12.32
CA VAL GC 468 -52.36 -59.55 -13.62
C VAL GC 468 -51.66 -58.20 -13.57
N GLY GC 469 -50.85 -57.96 -14.61
CA GLY GC 469 -50.24 -56.67 -14.84
C GLY GC 469 -50.67 -56.09 -16.17
N LEU GC 470 -51.42 -55.01 -16.14
CA LEU GC 470 -51.83 -54.35 -17.37
C LEU GC 470 -50.73 -53.42 -17.86
N VAL GC 471 -50.56 -53.36 -19.17
CA VAL GC 471 -49.63 -52.43 -19.80
C VAL GC 471 -50.45 -51.32 -20.44
N GLY GC 472 -49.87 -50.13 -20.50
CA GLY GC 472 -50.55 -48.98 -21.07
C GLY GC 472 -51.51 -48.29 -20.15
N VAL GC 473 -51.67 -48.77 -18.92
CA VAL GC 473 -52.52 -48.11 -17.93
C VAL GC 473 -51.59 -47.29 -17.04
N ASP GC 474 -50.32 -47.22 -17.45
CA ASP GC 474 -49.30 -46.54 -16.68
C ASP GC 474 -49.67 -45.07 -16.44
N GLN GC 475 -49.95 -44.34 -17.52
CA GLN GC 475 -50.03 -42.89 -17.43
C GLN GC 475 -51.35 -42.41 -16.86
N PHE GC 476 -52.37 -43.25 -16.84
CA PHE GC 476 -53.71 -42.80 -16.49
C PHE GC 476 -54.08 -43.13 -15.06
N LEU GC 477 -53.47 -44.15 -14.47
CA LEU GC 477 -53.58 -44.42 -13.05
C LEU GC 477 -52.26 -44.06 -12.42
N VAL GC 478 -52.28 -43.12 -11.47
CA VAL GC 478 -51.05 -42.60 -10.90
C VAL GC 478 -50.42 -43.59 -9.93
N LYS GC 479 -51.13 -43.94 -8.85
CA LYS GC 479 -50.59 -44.85 -7.86
C LYS GC 479 -51.51 -46.04 -7.61
N THR GC 480 -52.79 -45.79 -7.36
CA THR GC 480 -53.78 -46.83 -7.16
C THR GC 480 -55.04 -46.45 -7.91
N GLY GC 481 -55.89 -47.43 -8.18
CA GLY GC 481 -57.13 -47.12 -8.87
C GLY GC 481 -57.94 -48.36 -9.13
N THR GC 482 -59.00 -48.18 -9.90
CA THR GC 482 -59.91 -49.27 -10.26
C THR GC 482 -60.20 -49.22 -11.75
N ILE GC 483 -60.51 -50.39 -12.29
CA ILE GC 483 -60.68 -50.58 -13.73
C ILE GC 483 -61.91 -51.46 -13.91
N THR GC 484 -62.95 -50.90 -14.53
CA THR GC 484 -64.24 -51.57 -14.58
C THR GC 484 -64.86 -51.38 -15.95
N THR GC 485 -65.75 -52.31 -16.30
CA THR GC 485 -66.58 -52.18 -17.49
C THR GC 485 -67.97 -51.67 -17.17
N PHE GC 486 -68.51 -52.05 -16.02
CA PHE GC 486 -69.80 -51.55 -15.57
C PHE GC 486 -69.78 -50.03 -15.44
N GLU GC 487 -70.82 -49.39 -15.99
CA GLU GC 487 -70.83 -47.93 -16.06
C GLU GC 487 -70.98 -47.30 -14.69
N HIS GC 488 -71.91 -47.79 -13.88
CA HIS GC 488 -72.20 -47.18 -12.59
C HIS GC 488 -71.36 -47.75 -11.45
N ALA GC 489 -70.26 -48.44 -11.77
CA ALA GC 489 -69.41 -49.01 -10.73
C ALA GC 489 -68.74 -47.89 -9.94
N HIS GC 490 -68.79 -48.01 -8.62
CA HIS GC 490 -68.18 -47.01 -7.75
C HIS GC 490 -66.69 -47.29 -7.60
N ASN GC 491 -66.01 -46.45 -6.84
CA ASN GC 491 -64.63 -46.71 -6.48
C ASN GC 491 -64.55 -47.88 -5.52
N MET GC 492 -63.37 -48.48 -5.44
CA MET GC 492 -63.13 -49.41 -4.36
C MET GC 492 -62.48 -48.66 -3.19
N ARG GC 493 -62.61 -49.25 -2.00
CA ARG GC 493 -62.18 -48.56 -0.79
C ARG GC 493 -60.67 -48.32 -0.82
N VAL GC 494 -60.25 -47.19 -0.25
CA VAL GC 494 -58.84 -46.85 -0.18
C VAL GC 494 -58.13 -47.77 0.80
N MET GC 495 -56.92 -48.20 0.43
CA MET GC 495 -56.15 -49.06 1.32
C MET GC 495 -55.69 -48.28 2.55
N LYS GC 496 -55.82 -48.90 3.71
CA LYS GC 496 -55.43 -48.29 4.97
C LYS GC 496 -54.08 -48.84 5.40
N PHE GC 497 -53.11 -47.96 5.59
CA PHE GC 497 -51.74 -48.34 5.88
C PHE GC 497 -51.45 -48.14 7.36
N SER GC 498 -50.76 -49.12 7.95
CA SER GC 498 -50.34 -48.98 9.34
C SER GC 498 -49.36 -47.84 9.50
N VAL GC 499 -48.46 -47.67 8.54
CA VAL GC 499 -47.53 -46.56 8.55
C VAL GC 499 -48.16 -45.37 7.83
N SER GC 500 -47.58 -44.20 8.05
CA SER GC 500 -48.04 -42.96 7.47
C SER GC 500 -46.81 -42.17 7.02
N PRO GC 501 -46.98 -41.21 6.10
CA PRO GC 501 -45.82 -40.43 5.65
C PRO GC 501 -45.34 -39.43 6.69
N VAL GC 502 -44.54 -39.89 7.64
CA VAL GC 502 -44.09 -39.05 8.75
C VAL GC 502 -42.72 -38.46 8.47
N VAL GC 503 -41.78 -39.24 7.97
CA VAL GC 503 -40.41 -38.77 7.79
C VAL GC 503 -40.32 -38.02 6.47
N ARG GC 504 -39.96 -36.74 6.55
CA ARG GC 504 -39.91 -35.86 5.39
C ARG GC 504 -38.47 -35.47 5.08
N VAL GC 505 -38.15 -35.44 3.79
CA VAL GC 505 -36.85 -34.97 3.34
C VAL GC 505 -37.07 -33.98 2.19
N ALA GC 506 -36.30 -32.90 2.19
CA ALA GC 506 -36.37 -31.91 1.13
C ALA GC 506 -35.32 -32.24 0.08
N VAL GC 507 -35.75 -32.37 -1.17
CA VAL GC 507 -34.87 -32.72 -2.27
C VAL GC 507 -34.72 -31.52 -3.19
N GLU GC 508 -33.53 -31.36 -3.77
CA GLU GC 508 -33.26 -30.25 -4.67
C GLU GC 508 -32.12 -30.64 -5.61
N ALA GC 509 -32.36 -30.50 -6.91
CA ALA GC 509 -31.33 -30.88 -7.88
C ALA GC 509 -30.08 -30.03 -7.69
N LYS GC 510 -28.91 -30.69 -7.75
CA LYS GC 510 -27.66 -29.95 -7.56
C LYS GC 510 -27.46 -28.91 -8.64
N ASN GC 511 -27.71 -29.27 -9.90
CA ASN GC 511 -27.67 -28.33 -10.99
C ASN GC 511 -29.07 -27.76 -11.20
N PRO GC 512 -29.25 -26.44 -11.12
CA PRO GC 512 -30.61 -25.88 -11.23
C PRO GC 512 -31.27 -26.15 -12.58
N ALA GC 513 -30.49 -26.45 -13.62
CA ALA GC 513 -31.08 -26.73 -14.92
C ALA GC 513 -31.85 -28.04 -14.92
N ASP GC 514 -31.57 -28.93 -13.98
CA ASP GC 514 -32.21 -30.24 -13.93
C ASP GC 514 -33.50 -30.23 -13.12
N LEU GC 515 -34.08 -29.07 -12.88
CA LEU GC 515 -35.34 -29.01 -12.15
C LEU GC 515 -36.50 -29.71 -12.87
N PRO GC 516 -36.70 -29.56 -14.18
CA PRO GC 516 -37.76 -30.34 -14.83
C PRO GC 516 -37.57 -31.84 -14.70
N LYS GC 517 -36.33 -32.31 -14.80
CA LYS GC 517 -36.08 -33.72 -14.59
C LYS GC 517 -36.37 -34.14 -13.16
N LEU GC 518 -36.07 -33.26 -12.20
CA LEU GC 518 -36.38 -33.56 -10.81
C LEU GC 518 -37.88 -33.68 -10.59
N VAL GC 519 -38.68 -32.78 -11.15
CA VAL GC 519 -40.12 -32.86 -10.91
C VAL GC 519 -40.71 -34.07 -11.62
N GLU GC 520 -40.21 -34.39 -12.82
CA GLU GC 520 -40.70 -35.58 -13.51
C GLU GC 520 -40.35 -36.85 -12.74
N GLY GC 521 -39.12 -36.92 -12.22
CA GLY GC 521 -38.74 -38.06 -11.41
C GLY GC 521 -39.53 -38.17 -10.12
N LEU GC 522 -39.89 -37.03 -9.53
CA LEU GC 522 -40.75 -37.07 -8.35
C LEU GC 522 -42.12 -37.65 -8.68
N LYS GC 523 -42.68 -37.28 -9.84
CA LYS GC 523 -43.93 -37.91 -10.26
C LYS GC 523 -43.77 -39.41 -10.41
N ARG GC 524 -42.68 -39.84 -11.05
CA ARG GC 524 -42.46 -41.28 -11.24
C ARG GC 524 -42.28 -42.01 -9.91
N LEU GC 525 -41.56 -41.40 -8.97
CA LEU GC 525 -41.35 -42.02 -7.66
C LEU GC 525 -42.66 -42.16 -6.91
N ALA GC 526 -43.51 -41.13 -6.97
CA ALA GC 526 -44.83 -41.22 -6.37
C ALA GC 526 -45.63 -42.35 -6.98
N LYS GC 527 -45.51 -42.53 -8.29
CA LYS GC 527 -46.16 -43.67 -8.92
C LYS GC 527 -45.59 -45.00 -8.43
N SER GC 528 -44.27 -45.06 -8.22
CA SER GC 528 -43.64 -46.32 -7.86
C SER GC 528 -44.05 -46.79 -6.47
N ASP GC 529 -44.14 -45.88 -5.52
CA ASP GC 529 -44.46 -46.41 -4.19
C ASP GC 529 -45.93 -46.18 -3.84
N PRO GC 530 -46.60 -47.14 -3.22
CA PRO GC 530 -48.03 -47.00 -2.93
C PRO GC 530 -48.35 -46.13 -1.73
N MET GC 531 -47.37 -45.52 -1.08
CA MET GC 531 -47.63 -44.68 0.08
C MET GC 531 -46.87 -43.37 0.09
N VAL GC 532 -45.73 -43.27 -0.61
CA VAL GC 532 -44.88 -42.10 -0.49
C VAL GC 532 -45.60 -40.87 -1.03
N GLN GC 533 -45.32 -39.71 -0.46
CA GLN GC 533 -45.94 -38.46 -0.87
C GLN GC 533 -44.89 -37.51 -1.39
N CYS GC 534 -45.17 -36.85 -2.50
CA CYS GC 534 -44.34 -35.78 -3.02
C CYS GC 534 -45.17 -34.50 -3.00
N ILE GC 535 -44.72 -33.50 -2.25
CA ILE GC 535 -45.49 -32.28 -2.05
C ILE GC 535 -44.59 -31.07 -2.19
N ILE GC 536 -45.23 -29.91 -2.38
CA ILE GC 536 -44.54 -28.64 -2.43
C ILE GC 536 -44.89 -27.86 -1.18
N GLU GC 537 -43.89 -27.41 -0.45
CA GLU GC 537 -44.16 -26.64 0.76
C GLU GC 537 -44.47 -25.19 0.40
N GLU GC 538 -44.88 -24.43 1.42
CA GLU GC 538 -45.08 -23.00 1.24
C GLU GC 538 -43.79 -22.27 0.95
N SER GC 539 -42.65 -22.90 1.22
CA SER GC 539 -41.35 -22.35 0.88
C SER GC 539 -40.95 -22.68 -0.55
N GLY GC 540 -41.79 -23.37 -1.30
CA GLY GC 540 -41.46 -23.80 -2.65
C GLY GC 540 -40.58 -25.02 -2.73
N GLU GC 541 -40.37 -25.70 -1.62
CA GLU GC 541 -39.43 -26.81 -1.56
C GLU GC 541 -40.13 -28.13 -1.84
N HIS GC 542 -39.41 -29.05 -2.46
CA HIS GC 542 -39.93 -30.38 -2.78
C HIS GC 542 -39.69 -31.32 -1.62
N ILE GC 543 -40.76 -31.91 -1.10
CA ILE GC 543 -40.70 -32.76 0.07
C ILE GC 543 -41.15 -34.15 -0.30
N ILE GC 544 -40.33 -35.14 0.03
CA ILE GC 544 -40.69 -36.55 -0.05
C ILE GC 544 -41.00 -37.00 1.37
N ALA GC 545 -42.21 -37.49 1.59
CA ALA GC 545 -42.66 -37.95 2.89
C ALA GC 545 -42.92 -39.44 2.83
N GLY GC 546 -42.29 -40.18 3.74
CA GLY GC 546 -42.36 -41.63 3.74
C GLY GC 546 -42.47 -42.18 5.15
N ALA GC 547 -42.48 -43.52 5.23
CA ALA GC 547 -42.70 -44.20 6.49
C ALA GC 547 -41.52 -44.04 7.43
N GLY GC 548 -40.30 -44.16 6.91
CA GLY GC 548 -39.16 -44.11 7.79
C GLY GC 548 -37.89 -43.84 7.03
N GLU GC 549 -36.77 -43.89 7.77
CA GLU GC 549 -35.48 -43.53 7.21
C GLU GC 549 -35.03 -44.53 6.15
N LEU GC 550 -35.26 -45.82 6.38
CA LEU GC 550 -34.90 -46.82 5.38
C LEU GC 550 -35.74 -46.66 4.12
N HIS GC 551 -37.03 -46.40 4.30
CA HIS GC 551 -37.92 -46.16 3.17
C HIS GC 551 -37.44 -44.96 2.37
N LEU GC 552 -37.07 -43.89 3.06
CA LEU GC 552 -36.57 -42.71 2.36
C LEU GC 552 -35.22 -42.96 1.70
N GLU GC 553 -34.38 -43.81 2.29
CA GLU GC 553 -33.12 -44.15 1.62
C GLU GC 553 -33.39 -44.84 0.30
N ILE GC 554 -34.32 -45.80 0.30
CA ILE GC 554 -34.66 -46.49 -0.94
C ILE GC 554 -35.26 -45.51 -1.94
N CYS GC 555 -36.15 -44.65 -1.48
CA CYS GC 555 -36.78 -43.68 -2.37
C CYS GC 555 -35.75 -42.72 -2.95
N LEU GC 556 -34.81 -42.25 -2.13
CA LEU GC 556 -33.78 -41.34 -2.59
C LEU GC 556 -32.89 -41.98 -3.64
N LYS GC 557 -32.47 -43.22 -3.42
CA LYS GC 557 -31.61 -43.83 -4.45
C LYS GC 557 -32.40 -44.10 -5.72
N ASP GC 558 -33.67 -44.49 -5.59
CA ASP GC 558 -34.49 -44.68 -6.79
C ASP GC 558 -34.67 -43.38 -7.55
N LEU GC 559 -34.90 -42.28 -6.84
CA LEU GC 559 -35.05 -41.00 -7.49
C LEU GC 559 -33.75 -40.57 -8.17
N GLU GC 560 -32.61 -40.81 -7.51
CA GLU GC 560 -31.37 -40.33 -8.07
C GLU GC 560 -30.93 -41.15 -9.28
N GLU GC 561 -31.17 -42.46 -9.27
CA GLU GC 561 -30.69 -43.31 -10.36
C GLU GC 561 -31.77 -43.64 -11.38
N ASP GC 562 -32.88 -44.21 -10.93
CA ASP GC 562 -33.86 -44.76 -11.87
C ASP GC 562 -34.77 -43.69 -12.46
N HIS GC 563 -35.24 -42.77 -11.62
CA HIS GC 563 -36.35 -41.90 -12.01
C HIS GC 563 -35.86 -40.57 -12.60
N ALA GC 564 -35.07 -39.82 -11.85
CA ALA GC 564 -34.64 -38.51 -12.31
C ALA GC 564 -33.30 -38.56 -13.04
N CYS GC 565 -32.43 -39.51 -12.68
CA CYS GC 565 -31.11 -39.67 -13.30
C CYS GC 565 -30.27 -38.41 -13.20
N ILE GC 566 -30.40 -37.67 -12.09
CA ILE GC 566 -29.64 -36.44 -11.88
C ILE GC 566 -29.10 -36.43 -10.46
N PRO GC 567 -27.99 -35.73 -10.26
CA PRO GC 567 -27.49 -35.56 -8.89
C PRO GC 567 -28.37 -34.62 -8.08
N ILE GC 568 -28.76 -35.07 -6.89
CA ILE GC 568 -29.68 -34.32 -6.05
C ILE GC 568 -29.05 -34.11 -4.67
N LYS GC 569 -29.53 -33.08 -4.00
CA LYS GC 569 -29.14 -32.71 -2.66
C LYS GC 569 -30.32 -32.94 -1.73
N LYS GC 570 -30.03 -33.45 -0.54
CA LYS GC 570 -31.04 -33.77 0.44
C LYS GC 570 -30.82 -32.96 1.70
N SER GC 571 -31.89 -32.46 2.29
CA SER GC 571 -31.77 -31.74 3.54
C SER GC 571 -33.03 -31.93 4.35
N ASP GC 572 -33.01 -31.41 5.57
CA ASP GC 572 -34.22 -31.37 6.37
C ASP GC 572 -35.17 -30.34 5.78
N PRO GC 573 -36.48 -30.55 5.86
CA PRO GC 573 -37.43 -29.55 5.36
C PRO GC 573 -37.28 -28.23 6.08
N VAL GC 574 -37.48 -27.15 5.34
CA VAL GC 574 -37.41 -25.81 5.90
C VAL GC 574 -38.71 -25.51 6.63
N VAL GC 575 -38.60 -25.09 7.88
CA VAL GC 575 -39.77 -24.74 8.68
C VAL GC 575 -40.21 -23.33 8.31
N SER GC 576 -41.51 -23.16 8.10
CA SER GC 576 -42.09 -21.85 7.81
C SER GC 576 -42.71 -21.28 9.07
N TYR GC 577 -42.29 -20.09 9.45
CA TYR GC 577 -42.76 -19.44 10.66
C TYR GC 577 -43.71 -18.31 10.31
N ARG GC 578 -44.24 -17.66 11.34
CA ARG GC 578 -45.06 -16.48 11.18
C ARG GC 578 -44.56 -15.40 12.13
N GLU GC 579 -44.88 -14.16 11.82
CA GLU GC 579 -44.57 -13.07 12.73
C GLU GC 579 -45.86 -12.57 13.37
N THR GC 580 -45.74 -12.08 14.59
CA THR GC 580 -46.91 -11.60 15.32
C THR GC 580 -46.46 -10.52 16.29
N VAL GC 581 -47.42 -9.92 16.98
CA VAL GC 581 -47.14 -8.90 17.97
C VAL GC 581 -47.76 -9.35 19.29
N SER GC 582 -47.04 -9.13 20.38
CA SER GC 582 -47.51 -9.52 21.70
C SER GC 582 -48.13 -8.36 22.47
N GLU GC 583 -47.90 -7.13 22.06
CA GLU GC 583 -48.43 -5.96 22.75
C GLU GC 583 -48.88 -4.94 21.71
N GLU GC 584 -49.46 -3.85 22.20
CA GLU GC 584 -49.74 -2.72 21.35
C GLU GC 584 -48.48 -1.89 21.15
N SER GC 585 -48.44 -1.13 20.05
CA SER GC 585 -47.31 -0.26 19.80
C SER GC 585 -47.18 0.78 20.91
N ASN GC 586 -45.97 0.93 21.43
CA ASN GC 586 -45.74 1.87 22.51
C ASN GC 586 -45.75 3.32 22.03
N VAL GC 587 -45.61 3.56 20.72
CA VAL GC 587 -45.66 4.90 20.16
C VAL GC 587 -46.63 4.90 18.98
N LEU GC 588 -47.10 6.09 18.64
CA LEU GC 588 -47.91 6.28 17.45
C LEU GC 588 -46.97 6.39 16.26
N CYS GC 589 -46.89 5.33 15.45
CA CYS GC 589 -45.86 5.26 14.43
C CYS GC 589 -46.19 6.17 13.26
N LEU GC 590 -45.23 7.01 12.90
CA LEU GC 590 -45.37 8.00 11.84
C LEU GC 590 -44.54 7.54 10.65
N SER GC 591 -45.11 7.67 9.45
CA SER GC 591 -44.36 7.47 8.23
C SER GC 591 -44.67 8.58 7.23
N LYS GC 592 -43.63 9.15 6.66
CA LYS GC 592 -43.76 10.24 5.70
C LYS GC 592 -43.50 9.74 4.28
N SER GC 593 -44.07 10.46 3.32
CA SER GC 593 -43.93 10.11 1.93
C SER GC 593 -42.50 10.39 1.47
N PRO GC 594 -42.06 9.76 0.38
CA PRO GC 594 -40.75 10.11 -0.18
C PRO GC 594 -40.63 11.58 -0.54
N ASN GC 595 -41.70 12.21 -0.99
CA ASN GC 595 -41.69 13.64 -1.27
C ASN GC 595 -42.00 14.48 -0.03
N LYS GC 596 -42.12 13.83 1.13
CA LYS GC 596 -42.31 14.50 2.42
C LYS GC 596 -43.58 15.36 2.43
N HIS GC 597 -44.63 14.86 1.79
CA HIS GC 597 -45.90 15.57 1.73
C HIS GC 597 -47.04 14.86 2.44
N ASN GC 598 -46.95 13.56 2.62
CA ASN GC 598 -48.00 12.77 3.23
C ASN GC 598 -47.46 12.13 4.50
N ARG GC 599 -48.32 11.98 5.49
CA ARG GC 599 -47.94 11.30 6.73
C ARG GC 599 -49.07 10.38 7.16
N LEU GC 600 -48.70 9.15 7.50
CA LEU GC 600 -49.61 8.16 8.05
C LEU GC 600 -49.23 7.88 9.49
N TYR GC 601 -50.23 7.66 10.34
CA TYR GC 601 -49.99 7.27 11.72
C TYR GC 601 -50.69 5.95 11.97
N MET GC 602 -49.98 5.00 12.57
CA MET GC 602 -50.51 3.67 12.78
C MET GC 602 -50.09 3.11 14.13
N LYS GC 603 -50.87 2.15 14.60
CA LYS GC 603 -50.54 1.37 15.79
C LYS GC 603 -50.94 -0.08 15.53
N ALA GC 604 -50.07 -1.01 15.88
CA ALA GC 604 -50.34 -2.43 15.71
C ALA GC 604 -50.69 -3.04 17.06
N ARG GC 605 -51.69 -3.92 17.07
CA ARG GC 605 -52.13 -4.58 18.30
C ARG GC 605 -52.39 -6.05 18.02
N PRO GC 606 -52.26 -6.92 19.01
CA PRO GC 606 -52.54 -8.33 18.80
C PRO GC 606 -54.03 -8.61 18.65
N PHE GC 607 -54.34 -9.70 17.96
CA PHE GC 607 -55.70 -10.19 17.96
C PHE GC 607 -56.11 -10.67 19.35
N PRO GC 608 -57.41 -10.64 19.65
CA PRO GC 608 -57.90 -11.29 20.86
C PRO GC 608 -58.36 -12.72 20.61
N ASP GC 609 -58.04 -13.59 21.57
CA ASP GC 609 -58.57 -14.95 21.67
C ASP GC 609 -58.24 -15.72 20.38
N GLY GC 610 -59.21 -16.34 19.72
CA GLY GC 610 -58.95 -17.18 18.57
C GLY GC 610 -59.46 -16.60 17.26
N LEU GC 611 -59.30 -15.29 17.11
CA LEU GC 611 -59.78 -14.62 15.91
C LEU GC 611 -59.07 -15.12 14.66
N ALA GC 612 -57.75 -15.33 14.76
CA ALA GC 612 -57.00 -15.81 13.60
C ALA GC 612 -57.46 -17.19 13.18
N GLU GC 613 -57.71 -18.07 14.15
CA GLU GC 613 -58.20 -19.40 13.84
C GLU GC 613 -59.59 -19.35 13.22
N ASP GC 614 -60.45 -18.45 13.69
CA ASP GC 614 -61.76 -18.33 13.08
C ASP GC 614 -61.67 -17.76 11.67
N ILE GC 615 -60.73 -16.85 11.43
CA ILE GC 615 -60.51 -16.33 10.08
C ILE GC 615 -60.06 -17.46 9.16
N ASP GC 616 -59.16 -18.31 9.63
CA ASP GC 616 -58.73 -19.46 8.86
C ASP GC 616 -59.90 -20.41 8.58
N LYS GC 617 -60.72 -20.68 9.59
CA LYS GC 617 -61.82 -21.61 9.45
C LYS GC 617 -62.85 -21.11 8.46
N GLY GC 618 -63.21 -19.83 8.54
CA GLY GC 618 -64.14 -19.27 7.58
C GLY GC 618 -65.30 -18.52 8.19
N GLU GC 619 -65.37 -18.48 9.53
CA GLU GC 619 -66.40 -17.68 10.19
C GLU GC 619 -66.24 -16.20 9.88
N VAL GC 620 -65.01 -15.72 9.79
CA VAL GC 620 -64.71 -14.35 9.40
C VAL GC 620 -63.93 -14.39 8.09
N SER GC 621 -64.37 -13.63 7.11
CA SER GC 621 -63.73 -13.65 5.80
C SER GC 621 -63.88 -12.29 5.14
N ALA GC 622 -63.02 -12.04 4.17
CA ALA GC 622 -63.06 -10.77 3.43
C ALA GC 622 -64.34 -10.65 2.60
N ARG GC 623 -64.80 -11.75 2.02
CA ARG GC 623 -66.03 -11.71 1.23
C ARG GC 623 -67.27 -11.60 2.08
N GLN GC 624 -67.15 -11.75 3.39
CA GLN GC 624 -68.31 -11.64 4.28
C GLN GC 624 -68.86 -10.22 4.26
N GLU GC 625 -70.17 -10.12 4.40
CA GLU GC 625 -70.82 -8.82 4.53
C GLU GC 625 -70.26 -8.07 5.73
N LEU GC 626 -70.00 -6.77 5.54
CA LEU GC 626 -69.31 -6.01 6.58
C LEU GC 626 -70.16 -5.81 7.82
N LYS GC 627 -71.47 -5.62 7.66
CA LYS GC 627 -72.32 -5.40 8.84
C LYS GC 627 -72.42 -6.67 9.69
N GLN GC 628 -72.67 -7.81 9.04
CA GLN GC 628 -72.68 -9.08 9.74
C GLN GC 628 -71.33 -9.39 10.37
N ARG GC 629 -70.25 -9.11 9.64
CA ARG GC 629 -68.91 -9.33 10.17
C ARG GC 629 -68.66 -8.48 11.40
N ALA GC 630 -69.09 -7.22 11.36
CA ALA GC 630 -68.89 -6.33 12.50
C ALA GC 630 -69.67 -6.82 13.71
N ARG GC 631 -70.90 -7.28 13.51
CA ARG GC 631 -71.66 -7.82 14.65
C ARG GC 631 -70.99 -9.07 15.21
N TYR GC 632 -70.50 -9.96 14.34
CA TYR GC 632 -69.83 -11.16 14.81
C TYR GC 632 -68.61 -10.82 15.65
N LEU GC 633 -67.78 -9.91 15.14
CA LEU GC 633 -66.58 -9.53 15.87
C LEU GC 633 -66.92 -8.85 17.19
N ALA GC 634 -67.95 -8.00 17.21
CA ALA GC 634 -68.35 -7.34 18.44
C ALA GC 634 -68.85 -8.35 19.47
N GLU GC 635 -69.64 -9.33 19.05
CA GLU GC 635 -70.24 -10.24 20.02
C GLU GC 635 -69.23 -11.26 20.53
N LYS GC 636 -68.29 -11.70 19.68
CA LYS GC 636 -67.42 -12.79 20.08
C LYS GC 636 -66.03 -12.34 20.52
N TYR GC 637 -65.58 -11.15 20.15
CA TYR GC 637 -64.20 -10.80 20.45
C TYR GC 637 -64.04 -9.41 21.06
N GLU GC 638 -65.09 -8.90 21.72
CA GLU GC 638 -65.04 -7.62 22.43
C GLU GC 638 -64.61 -6.48 21.50
N TRP GC 639 -65.10 -6.53 20.27
CA TRP GC 639 -64.79 -5.51 19.29
C TRP GC 639 -65.83 -4.39 19.32
N ASP GC 640 -65.37 -3.17 19.08
CA ASP GC 640 -66.29 -2.07 18.85
C ASP GC 640 -66.99 -2.29 17.53
N VAL GC 641 -68.31 -2.15 17.53
CA VAL GC 641 -69.07 -2.38 16.29
C VAL GC 641 -68.75 -1.30 15.27
N ALA GC 642 -68.56 -0.06 15.71
CA ALA GC 642 -68.23 1.02 14.79
C ALA GC 642 -66.88 0.79 14.13
N GLU GC 643 -65.89 0.35 14.90
CA GLU GC 643 -64.58 0.08 14.33
C GLU GC 643 -64.62 -1.15 13.44
N ALA GC 644 -65.29 -2.21 13.87
CA ALA GC 644 -65.37 -3.43 13.08
C ALA GC 644 -66.23 -3.25 11.84
N ARG GC 645 -67.01 -2.18 11.76
CA ARG GC 645 -67.72 -1.89 10.54
C ARG GC 645 -66.84 -1.17 9.52
N LYS GC 646 -65.65 -0.75 9.93
CA LYS GC 646 -64.70 -0.08 9.05
C LYS GC 646 -63.45 -0.91 8.83
N ILE GC 647 -63.62 -2.23 8.66
CA ILE GC 647 -62.51 -3.05 8.20
C ILE GC 647 -62.17 -2.61 6.79
N TRP GC 648 -60.88 -2.63 6.48
CA TRP GC 648 -60.40 -2.29 5.14
C TRP GC 648 -59.97 -3.51 4.35
N CYS GC 649 -59.10 -4.33 4.92
CA CYS GC 649 -58.56 -5.47 4.21
C CYS GC 649 -58.06 -6.51 5.20
N PHE GC 650 -57.86 -7.72 4.66
CA PHE GC 650 -57.60 -8.94 5.40
C PHE GC 650 -56.29 -9.55 4.97
N GLY GC 651 -55.27 -9.49 5.82
CA GLY GC 651 -54.12 -10.35 5.77
C GLY GC 651 -53.37 -10.42 4.46
N PRO GC 652 -52.47 -11.39 4.34
CA PRO GC 652 -51.86 -11.67 3.04
C PRO GC 652 -52.87 -12.25 2.08
N ASP GC 653 -52.70 -11.93 0.81
CA ASP GC 653 -53.47 -12.50 -0.30
C ASP GC 653 -54.95 -12.12 -0.24
N GLY GC 654 -55.29 -11.14 0.59
CA GLY GC 654 -56.66 -10.66 0.67
C GLY GC 654 -57.56 -11.45 1.58
N THR GC 655 -57.08 -12.54 2.17
CA THR GC 655 -57.94 -13.34 3.04
C THR GC 655 -57.19 -13.80 4.29
N GLY GC 656 -55.93 -13.41 4.45
CA GLY GC 656 -55.11 -13.90 5.54
C GLY GC 656 -55.58 -13.38 6.89
N PRO GC 657 -55.04 -13.96 7.96
CA PRO GC 657 -55.51 -13.63 9.32
C PRO GC 657 -54.84 -12.39 9.90
N ASN GC 658 -55.02 -11.26 9.24
CA ASN GC 658 -54.61 -9.96 9.76
C ASN GC 658 -55.67 -8.95 9.38
N ILE GC 659 -55.74 -7.86 10.12
CA ILE GC 659 -56.80 -6.88 9.94
C ILE GC 659 -56.19 -5.51 9.73
N LEU GC 660 -56.73 -4.75 8.79
CA LEU GC 660 -56.42 -3.32 8.71
C LEU GC 660 -57.70 -2.52 8.90
N THR GC 661 -57.66 -1.55 9.82
CA THR GC 661 -58.82 -0.70 10.10
C THR GC 661 -58.38 0.74 10.25
N ASP GC 662 -59.34 1.65 10.15
CA ASP GC 662 -59.08 3.08 10.29
C ASP GC 662 -59.88 3.61 11.48
N ILE GC 663 -59.18 4.29 12.40
CA ILE GC 663 -59.80 4.88 13.58
C ILE GC 663 -59.86 6.38 13.31
N THR GC 664 -59.71 6.75 12.04
CA THR GC 664 -59.63 8.15 11.69
C THR GC 664 -60.99 8.82 11.81
N LYS GC 665 -60.97 10.14 11.98
CA LYS GC 665 -62.19 10.92 12.04
C LYS GC 665 -61.90 12.30 11.45
N GLY GC 666 -62.65 12.67 10.42
CA GLY GC 666 -62.48 13.96 9.80
C GLY GC 666 -61.43 14.05 8.72
N VAL GC 667 -60.72 12.96 8.43
CA VAL GC 667 -59.75 12.96 7.34
C VAL GC 667 -60.50 13.07 6.02
N GLN GC 668 -59.90 13.75 5.05
CA GLN GC 668 -60.63 14.17 3.86
C GLN GC 668 -60.27 13.40 2.60
N TYR GC 669 -59.02 13.01 2.41
CA TYR GC 669 -58.61 12.31 1.21
C TYR GC 669 -58.27 10.85 1.47
N LEU GC 670 -58.82 10.27 2.53
CA LEU GC 670 -58.49 8.90 2.88
C LEU GC 670 -59.09 7.91 1.89
N ASN GC 671 -60.29 8.21 1.37
CA ASN GC 671 -60.91 7.30 0.41
C ASN GC 671 -60.11 7.21 -0.88
N GLU GC 672 -59.29 8.22 -1.17
CA GLU GC 672 -58.45 8.17 -2.35
C GLU GC 672 -57.30 7.20 -2.16
N ILE GC 673 -56.65 7.25 -1.00
CA ILE GC 673 -55.43 6.49 -0.76
C ILE GC 673 -55.74 5.14 -0.16
N LYS GC 674 -57.03 4.83 -0.02
CA LYS GC 674 -57.42 3.53 0.52
C LYS GC 674 -56.81 2.38 -0.27
N ASP GC 675 -56.84 2.46 -1.61
CA ASP GC 675 -56.33 1.36 -2.42
C ASP GC 675 -54.83 1.19 -2.26
N SER GC 676 -54.08 2.30 -2.23
CA SER GC 676 -52.64 2.21 -2.04
C SER GC 676 -52.28 1.70 -0.65
N VAL GC 677 -53.03 2.11 0.36
CA VAL GC 677 -52.78 1.61 1.71
C VAL GC 677 -53.08 0.12 1.79
N VAL GC 678 -54.13 -0.32 1.11
CA VAL GC 678 -54.46 -1.75 1.10
C VAL GC 678 -53.36 -2.54 0.39
N ALA GC 679 -52.84 -2.02 -0.72
CA ALA GC 679 -51.74 -2.69 -1.41
C ALA GC 679 -50.50 -2.77 -0.54
N GLY GC 680 -50.18 -1.68 0.15
CA GLY GC 680 -49.08 -1.71 1.10
C GLY GC 680 -49.31 -2.71 2.22
N PHE GC 681 -50.56 -2.85 2.66
CA PHE GC 681 -50.88 -3.83 3.68
C PHE GC 681 -50.64 -5.25 3.18
N GLN GC 682 -51.05 -5.53 1.94
CA GLN GC 682 -50.81 -6.86 1.39
C GLN GC 682 -49.33 -7.16 1.30
N TRP GC 683 -48.55 -6.18 0.84
CA TRP GC 683 -47.11 -6.37 0.76
C TRP GC 683 -46.49 -6.59 2.14
N ALA GC 684 -46.89 -5.79 3.13
CA ALA GC 684 -46.27 -5.87 4.44
C ALA GC 684 -46.65 -7.17 5.15
N THR GC 685 -47.88 -7.64 4.97
CA THR GC 685 -48.25 -8.91 5.58
C THR GC 685 -47.67 -10.09 4.84
N LYS GC 686 -47.43 -9.96 3.53
CA LYS GC 686 -46.76 -11.02 2.79
C LYS GC 686 -45.32 -11.17 3.25
N GLU GC 687 -44.64 -10.07 3.54
CA GLU GC 687 -43.25 -10.13 3.97
C GLU GC 687 -43.07 -9.29 5.22
N GLY GC 688 -42.79 -9.94 6.34
CA GLY GC 688 -42.70 -9.26 7.61
C GLY GC 688 -41.40 -8.51 7.76
N ALA GC 689 -41.32 -7.75 8.86
CA ALA GC 689 -40.12 -6.94 9.11
C ALA GC 689 -38.97 -7.79 9.61
N LEU GC 690 -39.25 -8.79 10.45
CA LEU GC 690 -38.21 -9.60 11.05
C LEU GC 690 -37.45 -10.42 10.03
N CYS GC 691 -38.13 -11.35 9.37
CA CYS GC 691 -37.47 -12.27 8.45
C CYS GC 691 -38.26 -12.46 7.16
N GLU GC 692 -39.10 -11.49 6.79
CA GLU GC 692 -39.89 -11.51 5.56
C GLU GC 692 -40.82 -12.73 5.49
N GLU GC 693 -41.20 -13.27 6.64
CA GLU GC 693 -42.19 -14.33 6.69
C GLU GC 693 -43.58 -13.73 6.77
N ASN GC 694 -44.58 -14.56 6.53
CA ASN GC 694 -45.95 -14.10 6.63
C ASN GC 694 -46.27 -13.71 8.07
N MET GC 695 -47.37 -12.99 8.23
CA MET GC 695 -47.77 -12.47 9.53
C MET GC 695 -49.10 -13.07 9.95
N ARG GC 696 -49.29 -13.16 11.26
CA ARG GC 696 -50.51 -13.73 11.82
C ARG GC 696 -50.94 -12.94 13.04
N GLY GC 697 -52.25 -12.75 13.18
CA GLY GC 697 -52.79 -12.18 14.39
C GLY GC 697 -52.33 -10.77 14.70
N VAL GC 698 -52.33 -9.90 13.70
CA VAL GC 698 -52.03 -8.49 13.91
C VAL GC 698 -53.21 -7.68 13.39
N ARG GC 699 -53.65 -6.72 14.19
CA ARG GC 699 -54.66 -5.76 13.79
C ARG GC 699 -53.98 -4.40 13.76
N PHE GC 700 -53.94 -3.78 12.59
CA PHE GC 700 -53.36 -2.47 12.41
C PHE GC 700 -54.47 -1.43 12.42
N ASP GC 701 -54.24 -0.35 13.15
CA ASP GC 701 -55.16 0.77 13.21
C ASP GC 701 -54.48 1.99 12.62
N VAL GC 702 -55.11 2.58 11.63
CA VAL GC 702 -54.68 3.85 11.05
C VAL GC 702 -55.33 4.94 11.87
N HIS GC 703 -54.54 5.64 12.69
CA HIS GC 703 -55.11 6.60 13.62
C HIS GC 703 -55.47 7.89 12.92
N ASP GC 704 -54.52 8.51 12.23
CA ASP GC 704 -54.84 9.67 11.40
C ASP GC 704 -53.77 9.83 10.33
N VAL GC 705 -54.16 10.51 9.26
CA VAL GC 705 -53.30 10.76 8.11
C VAL GC 705 -53.44 12.21 7.71
N THR GC 706 -52.35 12.80 7.25
CA THR GC 706 -52.39 14.11 6.61
C THR GC 706 -51.83 13.97 5.20
N LEU GC 707 -52.56 14.50 4.23
CA LEU GC 707 -52.27 14.21 2.84
C LEU GC 707 -52.23 15.49 2.03
N HIS GC 708 -51.39 15.48 1.00
CA HIS GC 708 -51.35 16.58 0.05
C HIS GC 708 -52.68 16.68 -0.68
N ALA GC 709 -53.11 17.91 -0.94
CA ALA GC 709 -54.41 18.11 -1.59
C ALA GC 709 -54.42 17.58 -3.01
N ASP GC 710 -53.35 17.84 -3.76
CA ASP GC 710 -53.29 17.42 -5.15
C ASP GC 710 -53.03 15.93 -5.25
N ALA GC 711 -53.84 15.24 -6.06
CA ALA GC 711 -53.75 13.80 -6.17
C ALA GC 711 -52.45 13.33 -6.78
N ILE GC 712 -51.72 14.22 -7.47
CA ILE GC 712 -50.47 13.82 -8.12
C ILE GC 712 -49.34 13.64 -7.13
N HIS GC 713 -49.51 14.06 -5.88
CA HIS GC 713 -48.49 13.89 -4.86
C HIS GC 713 -48.88 12.87 -3.81
N ARG GC 714 -50.01 12.20 -3.98
CA ARG GC 714 -50.41 11.09 -3.10
C ARG GC 714 -50.84 9.90 -3.92
N GLY GC 715 -50.09 9.61 -4.99
CA GLY GC 715 -50.37 8.45 -5.81
C GLY GC 715 -49.82 7.18 -5.20
N GLY GC 716 -49.98 6.09 -5.94
CA GLY GC 716 -49.56 4.79 -5.44
C GLY GC 716 -48.08 4.72 -5.14
N GLY GC 717 -47.26 5.30 -6.01
CA GLY GC 717 -45.82 5.30 -5.79
C GLY GC 717 -45.39 6.10 -4.59
N GLN GC 718 -46.28 6.95 -4.05
CA GLN GC 718 -45.99 7.75 -2.88
C GLN GC 718 -46.67 7.25 -1.62
N ILE GC 719 -47.60 6.32 -1.72
CA ILE GC 719 -48.38 5.86 -0.58
C ILE GC 719 -48.09 4.39 -0.25
N ILE GC 720 -47.93 3.55 -1.26
CA ILE GC 720 -47.65 2.13 -1.01
C ILE GC 720 -46.36 1.94 -0.20
N PRO GC 721 -45.22 2.53 -0.57
CA PRO GC 721 -44.02 2.35 0.27
C PRO GC 721 -44.19 2.89 1.67
N THR GC 722 -44.88 4.00 1.84
CA THR GC 722 -45.07 4.56 3.17
C THR GC 722 -46.00 3.72 4.02
N ALA GC 723 -47.04 3.15 3.41
CA ALA GC 723 -47.91 2.24 4.14
C ALA GC 723 -47.13 1.03 4.61
N ARG GC 724 -46.30 0.45 3.74
CA ARG GC 724 -45.49 -0.69 4.16
C ARG GC 724 -44.53 -0.30 5.27
N ARG GC 725 -43.88 0.86 5.15
CA ARG GC 725 -42.92 1.30 6.14
C ARG GC 725 -43.59 1.51 7.49
N CYS GC 726 -44.78 2.11 7.49
CA CYS GC 726 -45.49 2.35 8.74
C CYS GC 726 -45.97 1.06 9.37
N LEU GC 727 -46.39 0.09 8.56
CA LEU GC 727 -46.74 -1.21 9.12
C LEU GC 727 -45.54 -1.88 9.76
N TYR GC 728 -44.38 -1.79 9.12
CA TYR GC 728 -43.17 -2.35 9.72
C TYR GC 728 -42.83 -1.66 11.03
N ALA GC 729 -42.96 -0.34 11.07
CA ALA GC 729 -42.65 0.40 12.28
C ALA GC 729 -43.59 0.02 13.41
N SER GC 730 -44.88 -0.09 13.12
CA SER GC 730 -45.83 -0.47 14.15
C SER GC 730 -45.57 -1.88 14.67
N VAL GC 731 -45.26 -2.81 13.77
CA VAL GC 731 -44.91 -4.16 14.19
C VAL GC 731 -43.68 -4.15 15.08
N LEU GC 732 -42.65 -3.39 14.67
CA LEU GC 732 -41.41 -3.37 15.44
C LEU GC 732 -41.62 -2.77 16.82
N THR GC 733 -42.45 -1.73 16.92
CA THR GC 733 -42.71 -1.13 18.23
C THR GC 733 -43.70 -1.93 19.06
N ALA GC 734 -44.44 -2.86 18.47
CA ALA GC 734 -45.46 -3.61 19.20
C ALA GC 734 -44.95 -4.96 19.71
N GLN GC 735 -43.67 -5.05 20.06
CA GLN GC 735 -43.06 -6.24 20.65
C GLN GC 735 -43.23 -7.46 19.75
N PRO GC 736 -42.52 -7.52 18.64
CA PRO GC 736 -42.72 -8.64 17.70
C PRO GC 736 -42.26 -9.96 18.29
N ARG GC 737 -42.93 -11.03 17.87
CA ARG GC 737 -42.62 -12.39 18.25
C ARG GC 737 -42.76 -13.29 17.04
N LEU GC 738 -42.19 -14.48 17.13
CA LEU GC 738 -42.32 -15.48 16.09
C LEU GC 738 -43.35 -16.52 16.51
N MET GC 739 -43.91 -17.21 15.53
CA MET GC 739 -44.90 -18.25 15.75
C MET GC 739 -44.47 -19.47 14.96
N GLU GC 740 -44.14 -20.53 15.65
CA GLU GC 740 -43.76 -21.81 15.07
C GLU GC 740 -45.02 -22.65 14.82
N PRO GC 741 -44.98 -23.52 13.82
CA PRO GC 741 -46.15 -24.36 13.50
C PRO GC 741 -46.22 -25.67 14.27
N ILE GC 742 -46.68 -25.59 15.53
CA ILE GC 742 -46.89 -26.80 16.31
C ILE GC 742 -48.00 -27.62 15.67
N TYR GC 743 -47.79 -28.93 15.58
CA TYR GC 743 -48.75 -29.75 14.87
C TYR GC 743 -48.90 -31.11 15.53
N LEU GC 744 -50.08 -31.69 15.31
CA LEU GC 744 -50.57 -32.79 16.13
C LEU GC 744 -50.03 -34.13 15.68
N VAL GC 745 -49.55 -34.93 16.63
CA VAL GC 745 -49.07 -36.27 16.38
C VAL GC 745 -49.96 -37.26 17.14
N GLU GC 746 -50.43 -38.28 16.43
CA GLU GC 746 -51.18 -39.39 17.00
C GLU GC 746 -50.33 -40.64 16.89
N ILE GC 747 -50.08 -41.29 18.02
CA ILE GC 747 -49.19 -42.44 18.10
C ILE GC 747 -49.97 -43.63 18.64
N GLN GC 748 -49.87 -44.75 17.96
CA GLN GC 748 -50.47 -46.00 18.42
C GLN GC 748 -49.37 -46.90 18.97
N CYS GC 749 -49.54 -47.38 20.20
CA CYS GC 749 -48.46 -48.10 20.85
C CYS GC 749 -48.99 -49.20 21.75
N PRO GC 750 -48.37 -50.38 21.76
CA PRO GC 750 -48.77 -51.39 22.74
C PRO GC 750 -48.46 -50.91 24.14
N GLU GC 751 -49.29 -51.38 25.10
CA GLU GC 751 -49.18 -50.90 26.47
C GLU GC 751 -47.84 -51.24 27.11
N GLN GC 752 -47.16 -52.26 26.61
CA GLN GC 752 -45.91 -52.69 27.25
C GLN GC 752 -44.80 -51.68 27.05
N VAL GC 753 -44.81 -50.91 25.96
CA VAL GC 753 -43.72 -50.00 25.64
C VAL GC 753 -44.19 -48.57 25.51
N VAL GC 754 -45.35 -48.23 26.07
CA VAL GC 754 -45.88 -46.89 25.91
C VAL GC 754 -45.08 -45.88 26.71
N GLY GC 755 -44.29 -46.35 27.69
CA GLY GC 755 -43.55 -45.45 28.56
C GLY GC 755 -42.51 -44.62 27.87
N GLY GC 756 -41.87 -45.15 26.81
CA GLY GC 756 -40.82 -44.40 26.13
C GLY GC 756 -41.30 -43.23 25.32
N ILE GC 757 -42.57 -43.24 24.91
CA ILE GC 757 -43.13 -42.14 24.14
C ILE GC 757 -43.03 -40.85 24.91
N TYR GC 758 -43.33 -40.89 26.20
CA TYR GC 758 -43.32 -39.68 27.00
C TYR GC 758 -41.92 -39.12 27.15
N GLY GC 759 -40.92 -39.97 27.31
CA GLY GC 759 -39.55 -39.49 27.35
C GLY GC 759 -39.15 -38.84 26.04
N VAL GC 760 -39.51 -39.46 24.92
CA VAL GC 760 -39.18 -38.89 23.61
C VAL GC 760 -39.83 -37.53 23.44
N LEU GC 761 -41.12 -37.43 23.77
CA LEU GC 761 -41.83 -36.17 23.58
C LEU GC 761 -41.28 -35.09 24.51
N ASN GC 762 -40.99 -35.44 25.76
CA ASN GC 762 -40.46 -34.47 26.70
C ASN GC 762 -39.10 -33.95 26.24
N ARG GC 763 -38.28 -34.82 25.64
CA ARG GC 763 -37.07 -34.32 25.01
C ARG GC 763 -37.38 -33.41 23.84
N LYS GC 764 -38.34 -33.79 23.00
CA LYS GC 764 -38.66 -33.07 21.78
C LYS GC 764 -39.61 -31.91 22.00
N ARG GC 765 -39.78 -31.44 23.24
CA ARG GC 765 -40.51 -30.21 23.53
C ARG GC 765 -41.99 -30.34 23.19
N GLY GC 766 -42.50 -31.56 23.17
CA GLY GC 766 -43.90 -31.81 22.93
C GLY GC 766 -44.68 -31.93 24.22
N HIS GC 767 -45.99 -31.73 24.12
CA HIS GC 767 -46.88 -31.83 25.28
C HIS GC 767 -48.06 -32.70 24.88
N VAL GC 768 -48.07 -33.93 25.37
CA VAL GC 768 -49.22 -34.80 25.14
C VAL GC 768 -50.43 -34.24 25.86
N PHE GC 769 -51.56 -34.16 25.16
CA PHE GC 769 -52.79 -33.69 25.75
C PHE GC 769 -53.84 -34.77 25.86
N GLU GC 770 -53.68 -35.91 25.20
CA GLU GC 770 -54.68 -36.96 25.34
C GLU GC 770 -54.00 -38.31 25.29
N GLU GC 771 -54.41 -39.23 26.16
CA GLU GC 771 -53.93 -40.60 26.15
C GLU GC 771 -55.08 -41.51 26.49
N SER GC 772 -55.35 -42.48 25.62
CA SER GC 772 -56.51 -43.34 25.79
C SER GC 772 -56.15 -44.79 25.51
N GLN GC 773 -56.90 -45.69 26.14
CA GLN GC 773 -56.80 -47.12 25.89
C GLN GC 773 -57.81 -47.50 24.81
N VAL GC 774 -57.44 -48.45 23.95
CA VAL GC 774 -58.27 -48.80 22.80
C VAL GC 774 -59.08 -50.03 23.16
N ALA GC 775 -60.31 -49.79 23.65
CA ALA GC 775 -61.34 -50.82 23.87
C ALA GC 775 -60.75 -51.96 24.69
N GLY GC 776 -60.86 -53.21 24.25
CA GLY GC 776 -60.26 -54.33 24.95
C GLY GC 776 -58.86 -54.71 24.50
N THR GC 777 -58.39 -54.14 23.40
CA THR GC 777 -57.06 -54.43 22.91
C THR GC 777 -56.01 -53.77 23.82
N PRO GC 778 -54.78 -54.27 23.82
CA PRO GC 778 -53.70 -53.62 24.58
C PRO GC 778 -53.17 -52.34 23.95
N MET GC 779 -53.84 -51.82 22.93
CA MET GC 779 -53.36 -50.62 22.25
C MET GC 779 -53.64 -49.37 23.07
N PHE GC 780 -52.72 -48.42 22.99
CA PHE GC 780 -52.89 -47.08 23.50
C PHE GC 780 -52.80 -46.11 22.33
N VAL GC 781 -53.65 -45.10 22.34
CA VAL GC 781 -53.58 -44.01 21.38
C VAL GC 781 -53.21 -42.75 22.15
N VAL GC 782 -52.09 -42.15 21.78
CA VAL GC 782 -51.52 -41.01 22.47
C VAL GC 782 -51.48 -39.84 21.49
N LYS GC 783 -52.16 -38.76 21.82
CA LYS GC 783 -52.21 -37.57 20.98
C LYS GC 783 -51.49 -36.44 21.67
N ALA GC 784 -50.52 -35.84 20.96
CA ALA GC 784 -49.60 -34.85 21.49
C ALA GC 784 -49.44 -33.71 20.48
N TYR GC 785 -48.83 -32.63 20.96
CA TYR GC 785 -48.54 -31.45 20.16
C TYR GC 785 -47.04 -31.33 20.00
N LEU GC 786 -46.54 -31.51 18.78
CA LEU GC 786 -45.11 -31.53 18.53
C LEU GC 786 -44.73 -30.45 17.53
N PRO GC 787 -43.73 -29.63 17.82
CA PRO GC 787 -43.30 -28.62 16.84
C PRO GC 787 -42.58 -29.22 15.64
N VAL GC 788 -42.68 -28.53 14.50
CA VAL GC 788 -41.96 -28.95 13.30
C VAL GC 788 -40.45 -28.89 13.54
N ASN GC 789 -39.97 -27.89 14.29
CA ASN GC 789 -38.54 -27.76 14.54
C ASN GC 789 -37.98 -28.99 15.22
N GLU GC 790 -38.76 -29.61 16.11
CA GLU GC 790 -38.35 -30.77 16.87
C GLU GC 790 -38.81 -32.08 16.24
N SER GC 791 -39.59 -32.01 15.17
CA SER GC 791 -40.13 -33.22 14.55
C SER GC 791 -39.12 -33.95 13.67
N PHE GC 792 -37.94 -33.38 13.44
CA PHE GC 792 -36.96 -34.05 12.59
C PHE GC 792 -36.21 -35.10 13.40
N GLY GC 793 -36.22 -36.33 12.91
CA GLY GC 793 -35.68 -37.45 13.67
C GLY GC 793 -36.61 -37.99 14.72
N PHE GC 794 -37.82 -37.44 14.83
CA PHE GC 794 -38.76 -37.86 15.85
C PHE GC 794 -39.18 -39.31 15.64
N THR GC 795 -39.42 -39.71 14.39
CA THR GC 795 -39.83 -41.08 14.14
C THR GC 795 -38.72 -42.07 14.51
N ALA GC 796 -37.48 -41.76 14.14
CA ALA GC 796 -36.37 -42.65 14.47
C ALA GC 796 -36.16 -42.73 15.97
N ASP GC 797 -36.21 -41.59 16.68
CA ASP GC 797 -36.04 -41.63 18.13
C ASP GC 797 -37.19 -42.35 18.80
N LEU GC 798 -38.42 -42.16 18.32
CA LEU GC 798 -39.56 -42.84 18.90
C LEU GC 798 -39.45 -44.35 18.71
N ARG GC 799 -39.03 -44.80 17.53
CA ARG GC 799 -38.82 -46.22 17.33
C ARG GC 799 -37.67 -46.75 18.16
N SER GC 800 -36.62 -45.95 18.37
CA SER GC 800 -35.53 -46.40 19.24
C SER GC 800 -36.02 -46.62 20.65
N ASN GC 801 -36.86 -45.72 21.16
CA ASN GC 801 -37.27 -45.85 22.55
C ASN GC 801 -38.43 -46.82 22.74
N THR GC 802 -39.28 -47.03 21.74
CA THR GC 802 -40.36 -47.98 21.88
C THR GC 802 -40.05 -49.33 21.26
N GLY GC 803 -38.84 -49.55 20.78
CA GLY GC 803 -38.51 -50.82 20.15
C GLY GC 803 -39.25 -51.07 18.86
N GLY GC 804 -39.49 -50.02 18.09
CA GLY GC 804 -40.16 -50.18 16.82
C GLY GC 804 -41.61 -50.58 16.93
N GLN GC 805 -42.24 -50.34 18.07
CA GLN GC 805 -43.61 -50.75 18.29
C GLN GC 805 -44.61 -49.62 18.13
N ALA GC 806 -44.18 -48.37 18.24
CA ALA GC 806 -45.07 -47.23 18.17
C ALA GC 806 -45.16 -46.73 16.74
N PHE GC 807 -46.39 -46.53 16.26
CA PHE GC 807 -46.62 -46.00 14.93
C PHE GC 807 -47.15 -44.58 15.03
N PRO GC 808 -46.38 -43.58 14.62
CA PRO GC 808 -46.87 -42.20 14.66
C PRO GC 808 -47.47 -41.76 13.33
N GLN GC 809 -48.30 -40.73 13.43
CA GLN GC 809 -48.77 -39.99 12.27
C GLN GC 809 -48.90 -38.54 12.69
N CYS GC 810 -48.71 -37.61 11.76
CA CYS GC 810 -48.59 -36.21 12.11
C CYS GC 810 -49.26 -35.33 11.06
N VAL GC 811 -50.06 -34.37 11.52
CA VAL GC 811 -50.74 -33.43 10.64
C VAL GC 811 -50.66 -32.04 11.26
N PHE GC 812 -50.74 -31.03 10.41
CA PHE GC 812 -50.66 -29.66 10.91
C PHE GC 812 -51.84 -29.35 11.81
N ASP GC 813 -51.58 -28.64 12.92
CA ASP GC 813 -52.64 -28.28 13.85
C ASP GC 813 -52.84 -26.79 13.98
N HIS GC 814 -51.85 -26.03 14.40
CA HIS GC 814 -52.04 -24.61 14.72
C HIS GC 814 -50.69 -23.93 14.79
N TRP GC 815 -50.69 -22.68 15.24
CA TRP GC 815 -49.49 -21.88 15.39
C TRP GC 815 -49.34 -21.51 16.85
N GLN GC 816 -48.11 -21.51 17.34
CA GLN GC 816 -47.83 -21.18 18.72
C GLN GC 816 -46.66 -20.22 18.79
N ILE GC 817 -46.76 -19.24 19.68
CA ILE GC 817 -45.71 -18.24 19.83
C ILE GC 817 -44.46 -18.91 20.39
N LEU GC 818 -43.33 -18.69 19.72
CA LEU GC 818 -42.05 -19.07 20.30
C LEU GC 818 -41.81 -18.23 21.56
N PRO GC 819 -41.39 -18.84 22.66
CA PRO GC 819 -41.31 -18.09 23.93
C PRO GC 819 -40.36 -16.90 23.89
N GLY GC 820 -39.24 -17.02 23.19
CA GLY GC 820 -38.21 -16.01 23.30
C GLY GC 820 -38.56 -14.72 22.57
N ASP GC 821 -37.64 -13.76 22.66
CA ASP GC 821 -37.79 -12.47 22.00
C ASP GC 821 -36.74 -12.31 20.93
N PRO GC 822 -37.11 -12.02 19.68
CA PRO GC 822 -36.13 -12.03 18.59
C PRO GC 822 -35.06 -10.95 18.68
N PHE GC 823 -35.19 -9.99 19.61
CA PHE GC 823 -34.12 -9.01 19.78
C PHE GC 823 -33.06 -9.50 20.76
N ASP GC 824 -33.44 -10.35 21.71
CA ASP GC 824 -32.48 -10.94 22.64
C ASP GC 824 -31.68 -11.99 21.89
N ASN GC 825 -30.44 -11.65 21.54
CA ASN GC 825 -29.64 -12.49 20.64
C ASN GC 825 -29.42 -13.90 21.19
N SER GC 826 -29.55 -14.11 22.50
CA SER GC 826 -29.36 -15.44 23.06
C SER GC 826 -30.50 -16.39 22.76
N SER GC 827 -31.65 -15.88 22.31
CA SER GC 827 -32.85 -16.69 22.32
C SER GC 827 -33.02 -17.48 21.03
N ARG GC 828 -33.79 -18.56 21.14
CA ARG GC 828 -34.12 -19.39 19.99
C ARG GC 828 -34.81 -18.61 18.87
N PRO GC 829 -35.77 -17.71 19.14
CA PRO GC 829 -36.30 -16.90 18.04
C PRO GC 829 -35.26 -16.06 17.34
N SER GC 830 -34.26 -15.56 18.07
CA SER GC 830 -33.19 -14.80 17.44
C SER GC 830 -32.36 -15.69 16.52
N GLN GC 831 -32.03 -16.90 16.98
CA GLN GC 831 -31.36 -17.84 16.09
C GLN GC 831 -32.21 -18.12 14.85
N VAL GC 832 -33.50 -18.33 15.04
CA VAL GC 832 -34.39 -18.70 13.94
C VAL GC 832 -34.48 -17.57 12.92
N VAL GC 833 -34.62 -16.34 13.39
CA VAL GC 833 -34.75 -15.22 12.45
C VAL GC 833 -33.43 -15.00 11.73
N ALA GC 834 -32.30 -15.15 12.41
CA ALA GC 834 -31.01 -15.02 11.72
C ALA GC 834 -30.86 -16.09 10.65
N GLU GC 835 -31.25 -17.33 10.96
CA GLU GC 835 -31.18 -18.40 9.97
C GLU GC 835 -32.09 -18.12 8.78
N THR GC 836 -33.31 -17.65 9.03
CA THR GC 836 -34.25 -17.41 7.94
C THR GC 836 -33.77 -16.26 7.06
N ARG GC 837 -33.22 -15.21 7.67
CA ARG GC 837 -32.67 -14.12 6.88
C ARG GC 837 -31.51 -14.59 6.01
N LYS GC 838 -30.63 -15.43 6.56
CA LYS GC 838 -29.54 -15.93 5.74
C LYS GC 838 -30.06 -16.82 4.61
N ARG GC 839 -31.03 -17.68 4.89
CA ARG GC 839 -31.56 -18.57 3.87
C ARG GC 839 -32.22 -17.78 2.75
N LYS GC 840 -32.95 -16.73 3.09
CA LYS GC 840 -33.58 -15.88 2.09
C LYS GC 840 -32.62 -14.87 1.48
N GLY GC 841 -31.40 -14.78 1.98
CA GLY GC 841 -30.42 -13.88 1.40
C GLY GC 841 -30.72 -12.42 1.62
N LEU GC 842 -31.16 -12.04 2.80
CA LEU GC 842 -31.41 -10.66 3.17
C LEU GC 842 -30.27 -10.15 4.04
N LYS GC 843 -30.44 -8.92 4.55
CA LYS GC 843 -29.49 -8.36 5.50
C LYS GC 843 -29.47 -9.20 6.77
N GLU GC 844 -28.30 -9.26 7.40
CA GLU GC 844 -28.12 -10.17 8.53
C GLU GC 844 -28.97 -9.76 9.72
N GLY GC 845 -28.95 -8.49 10.10
CA GLY GC 845 -29.67 -8.03 11.27
C GLY GC 845 -31.07 -7.55 10.93
N ILE GC 846 -31.96 -7.66 11.91
CA ILE GC 846 -33.32 -7.14 11.76
C ILE GC 846 -33.26 -5.64 11.53
N PRO GC 847 -33.99 -5.09 10.55
CA PRO GC 847 -33.87 -3.66 10.26
C PRO GC 847 -34.24 -2.79 11.45
N ALA GC 848 -33.49 -1.72 11.62
CA ALA GC 848 -33.66 -0.83 12.76
C ALA GC 848 -34.89 0.04 12.58
N LEU GC 849 -35.42 0.50 13.72
CA LEU GC 849 -36.58 1.37 13.73
C LEU GC 849 -36.32 2.73 13.11
N ASP GC 850 -35.05 3.09 12.91
CA ASP GC 850 -34.72 4.34 12.22
C ASP GC 850 -35.24 4.32 10.79
N ASN GC 851 -35.09 3.19 10.10
CA ASN GC 851 -35.48 3.13 8.70
C ASN GC 851 -36.98 3.22 8.49
N PHE GC 852 -37.77 2.87 9.50
CA PHE GC 852 -39.21 2.82 9.34
C PHE GC 852 -39.95 3.93 10.07
N LEU GC 853 -39.32 4.54 11.07
CA LEU GC 853 -39.91 5.67 11.77
C LEU GC 853 -39.15 6.94 11.42
N ASP GC 854 -39.89 8.00 11.11
CA ASP GC 854 -39.32 9.31 10.88
C ASP GC 854 -40.03 10.31 11.77
N LYS GC 855 -39.26 11.04 12.57
CA LYS GC 855 -39.83 11.99 13.51
C LYS GC 855 -40.36 13.22 12.78
N LEU GC 856 -41.37 13.84 13.37
CA LEU GC 856 -41.99 15.02 12.79
C LEU GC 856 -41.02 16.18 12.70
N GLN HC 1 103.93 -56.74 -17.11
CA GLN HC 1 104.53 -58.07 -17.24
C GLN HC 1 105.59 -58.08 -18.33
N GLN HC 2 105.45 -57.19 -19.32
CA GLN HC 2 106.33 -57.19 -20.48
C GLN HC 2 107.56 -56.30 -20.28
N GLU HC 3 107.79 -55.78 -19.08
CA GLU HC 3 108.93 -54.92 -18.83
C GLU HC 3 110.23 -55.70 -19.01
N GLN HC 4 111.28 -54.98 -19.37
CA GLN HC 4 112.60 -55.58 -19.55
C GLN HC 4 113.50 -55.17 -18.40
N THR HC 5 114.07 -56.15 -17.73
CA THR HC 5 114.99 -55.94 -16.61
C THR HC 5 116.39 -56.37 -17.02
N ILE HC 6 117.31 -56.38 -16.05
CA ILE HC 6 118.71 -56.72 -16.34
C ILE HC 6 118.93 -58.22 -16.47
N ALA HC 7 117.87 -59.02 -16.47
CA ALA HC 7 118.04 -60.46 -16.64
C ALA HC 7 118.61 -60.84 -18.00
N GLU HC 8 118.66 -59.91 -18.95
CA GLU HC 8 119.12 -60.22 -20.29
C GLU HC 8 120.47 -59.57 -20.60
N ASP HC 9 121.32 -60.36 -21.28
CA ASP HC 9 122.67 -59.90 -21.60
C ASP HC 9 122.66 -58.72 -22.56
N LEU HC 10 121.68 -58.66 -23.45
CA LEU HC 10 121.55 -57.50 -24.34
C LEU HC 10 121.26 -56.24 -23.55
N VAL HC 11 120.38 -56.34 -22.53
CA VAL HC 11 120.14 -55.22 -21.63
C VAL HC 11 121.42 -54.81 -20.93
N VAL HC 12 122.20 -55.80 -20.46
CA VAL HC 12 123.47 -55.51 -19.81
C VAL HC 12 124.39 -54.74 -20.75
N THR HC 13 124.53 -55.20 -21.99
CA THR HC 13 125.49 -54.61 -22.91
C THR HC 13 125.09 -53.19 -23.29
N LYS HC 14 123.78 -52.95 -23.50
CA LYS HC 14 123.40 -51.59 -23.85
C LYS HC 14 123.40 -50.65 -22.65
N TYR HC 15 123.22 -51.15 -21.41
CA TYR HC 15 123.54 -50.33 -20.25
C TYR HC 15 125.00 -49.94 -20.22
N LYS HC 16 125.89 -50.88 -20.50
CA LYS HC 16 127.31 -50.55 -20.54
C LYS HC 16 127.59 -49.53 -21.64
N MET HC 17 126.89 -49.64 -22.77
CA MET HC 17 127.02 -48.67 -23.84
C MET HC 17 126.58 -47.29 -23.39
N GLY HC 18 125.44 -47.20 -22.70
CA GLY HC 18 124.99 -45.91 -22.20
C GLY HC 18 125.97 -45.30 -21.21
N GLY HC 19 126.52 -46.13 -20.32
CA GLY HC 19 127.53 -45.63 -19.39
C GLY HC 19 128.76 -45.10 -20.11
N ASP HC 20 129.27 -45.86 -21.08
CA ASP HC 20 130.45 -45.44 -21.83
C ASP HC 20 130.19 -44.15 -22.60
N ILE HC 21 129.02 -44.04 -23.22
CA ILE HC 21 128.73 -42.87 -24.04
C ILE HC 21 128.56 -41.62 -23.18
N ALA HC 22 127.89 -41.75 -22.03
CA ALA HC 22 127.78 -40.61 -21.12
C ALA HC 22 129.15 -40.21 -20.60
N ASN HC 23 129.99 -41.20 -20.28
CA ASN HC 23 131.34 -40.91 -19.79
C ASN HC 23 132.16 -40.17 -20.83
N ARG HC 24 132.09 -40.58 -22.10
CA ARG HC 24 132.90 -39.91 -23.10
C ARG HC 24 132.41 -38.50 -23.38
N VAL HC 25 131.09 -38.27 -23.35
CA VAL HC 25 130.59 -36.91 -23.54
C VAL HC 25 131.05 -36.01 -22.39
N LEU HC 26 130.93 -36.49 -21.16
CA LEU HC 26 131.36 -35.68 -20.03
C LEU HC 26 132.85 -35.42 -20.06
N ARG HC 27 133.64 -36.42 -20.46
CA ARG HC 27 135.08 -36.25 -20.58
C ARG HC 27 135.43 -35.21 -21.63
N SER HC 28 134.70 -35.18 -22.75
CA SER HC 28 134.92 -34.11 -23.71
C SER HC 28 134.53 -32.76 -23.15
N LEU HC 29 133.42 -32.69 -22.41
CA LEU HC 29 132.92 -31.41 -21.92
C LEU HC 29 133.84 -30.79 -20.87
N VAL HC 30 134.39 -31.60 -19.97
CA VAL HC 30 135.22 -31.06 -18.90
C VAL HC 30 136.49 -30.44 -19.47
N GLU HC 31 137.02 -31.02 -20.55
CA GLU HC 31 138.16 -30.43 -21.23
C GLU HC 31 137.76 -29.21 -22.04
N ALA HC 32 136.63 -29.31 -22.76
CA ALA HC 32 136.24 -28.24 -23.67
C ALA HC 32 135.91 -26.95 -22.93
N SER HC 33 135.33 -27.04 -21.75
CA SER HC 33 135.04 -25.84 -20.96
C SER HC 33 136.35 -25.21 -20.50
N SER HC 34 136.49 -23.91 -20.74
CA SER HC 34 137.70 -23.18 -20.34
C SER HC 34 137.30 -21.73 -20.05
N SER HC 35 138.31 -20.89 -19.87
CA SER HC 35 138.06 -19.48 -19.56
C SER HC 35 137.61 -18.74 -20.81
N GLY HC 36 136.56 -17.92 -20.66
CA GLY HC 36 136.05 -17.15 -21.77
C GLY HC 36 135.16 -17.91 -22.73
N VAL HC 37 134.45 -18.92 -22.26
CA VAL HC 37 133.55 -19.69 -23.09
C VAL HC 37 132.11 -19.34 -22.71
N SER HC 38 131.16 -19.86 -23.49
CA SER HC 38 129.75 -19.58 -23.31
C SER HC 38 128.97 -20.86 -22.98
N VAL HC 39 128.11 -20.78 -21.97
CA VAL HC 39 127.32 -21.93 -21.56
C VAL HC 39 126.35 -22.35 -22.67
N LEU HC 40 125.88 -21.41 -23.49
CA LEU HC 40 125.07 -21.78 -24.64
C LEU HC 40 125.85 -22.65 -25.60
N SER HC 41 127.11 -22.28 -25.88
CA SER HC 41 127.96 -23.09 -26.72
C SER HC 41 128.20 -24.46 -26.11
N LEU HC 42 128.43 -24.50 -24.79
CA LEU HC 42 128.67 -25.78 -24.12
C LEU HC 42 127.44 -26.69 -24.21
N CYS HC 43 126.24 -26.13 -24.00
CA CYS HC 43 125.03 -26.93 -24.06
C CYS HC 43 124.76 -27.43 -25.47
N GLU HC 44 124.91 -26.55 -26.47
CA GLU HC 44 124.76 -26.94 -27.86
C GLU HC 44 125.75 -28.05 -28.24
N LYS HC 45 127.00 -27.91 -27.81
CA LYS HC 45 128.03 -28.90 -28.12
C LYS HC 45 127.75 -30.25 -27.44
N GLY HC 46 127.33 -30.20 -26.17
CA GLY HC 46 126.99 -31.42 -25.47
C GLY HC 46 125.86 -32.19 -26.12
N ASP HC 47 124.84 -31.48 -26.59
CA ASP HC 47 123.80 -32.15 -27.35
C ASP HC 47 124.30 -32.61 -28.73
N ALA HC 48 125.18 -31.81 -29.35
CA ALA HC 48 125.59 -32.08 -30.72
C ALA HC 48 126.37 -33.38 -30.83
N MET HC 49 127.29 -33.62 -29.90
CA MET HC 49 128.00 -34.90 -29.93
C MET HC 49 127.05 -36.08 -29.69
N ILE HC 50 126.16 -35.94 -28.71
CA ILE HC 50 125.31 -37.05 -28.30
C ILE HC 50 124.40 -37.46 -29.45
N MET HC 51 123.87 -36.48 -30.19
CA MET HC 51 122.97 -36.80 -31.30
C MET HC 51 123.66 -37.67 -32.34
N GLU HC 52 124.83 -37.25 -32.82
CA GLU HC 52 125.53 -38.01 -33.85
C GLU HC 52 125.92 -39.39 -33.36
N GLU HC 53 126.43 -39.49 -32.13
CA GLU HC 53 126.89 -40.81 -31.70
C GLU HC 53 125.74 -41.77 -31.47
N THR HC 54 124.62 -41.30 -30.92
CA THR HC 54 123.47 -42.18 -30.77
C THR HC 54 122.88 -42.55 -32.13
N GLY HC 55 122.95 -41.64 -33.11
CA GLY HC 55 122.49 -41.99 -34.44
C GLY HC 55 123.34 -43.06 -35.08
N LYS HC 56 124.66 -42.97 -34.92
CA LYS HC 56 125.54 -43.95 -35.56
C LYS HC 56 125.50 -45.30 -34.84
N ILE HC 57 125.27 -45.31 -33.53
CA ILE HC 57 125.15 -46.55 -32.78
C ILE HC 57 123.79 -47.17 -33.07
N PHE HC 58 123.74 -48.51 -33.14
CA PHE HC 58 122.53 -49.26 -33.47
C PHE HC 58 121.97 -48.83 -34.83
N LYS HC 59 122.89 -48.66 -35.79
CA LYS HC 59 122.49 -48.31 -37.15
C LYS HC 59 121.71 -49.42 -37.82
N LYS HC 60 121.82 -50.66 -37.34
CA LYS HC 60 121.09 -51.79 -37.89
C LYS HC 60 119.65 -51.86 -37.38
N GLU HC 61 119.30 -51.08 -36.35
CA GLU HC 61 117.92 -51.01 -35.86
C GLU HC 61 117.47 -49.56 -35.93
N LYS HC 62 116.53 -49.27 -36.83
CA LYS HC 62 116.00 -47.92 -36.96
C LYS HC 62 114.52 -47.88 -36.62
N GLU HC 63 114.14 -48.60 -35.55
CA GLU HC 63 112.79 -48.59 -35.03
C GLU HC 63 112.69 -48.07 -33.61
N MET HC 64 113.79 -48.07 -32.86
CA MET HC 64 113.78 -47.67 -31.46
C MET HC 64 114.16 -46.20 -31.31
N LYS HC 65 113.58 -45.56 -30.30
CA LYS HC 65 113.89 -44.18 -29.94
C LYS HC 65 115.04 -44.16 -28.95
N LYS HC 66 116.15 -43.55 -29.35
CA LYS HC 66 117.34 -43.44 -28.51
C LYS HC 66 117.95 -42.05 -28.68
N GLY HC 67 118.58 -41.56 -27.61
CA GLY HC 67 119.18 -40.24 -27.64
C GLY HC 67 119.33 -39.62 -26.26
N ILE HC 68 118.84 -38.39 -26.11
CA ILE HC 68 118.97 -37.66 -24.86
C ILE HC 68 117.93 -38.17 -23.87
N ALA HC 69 118.39 -38.58 -22.68
CA ALA HC 69 117.49 -38.86 -21.57
C ALA HC 69 117.40 -37.71 -20.59
N PHE HC 70 118.38 -36.83 -20.57
CA PHE HC 70 118.36 -35.61 -19.78
C PHE HC 70 119.22 -34.58 -20.50
N PRO HC 71 118.70 -33.38 -20.75
CA PRO HC 71 119.46 -32.39 -21.51
C PRO HC 71 120.67 -31.90 -20.73
N THR HC 72 121.64 -31.37 -21.48
CA THR HC 72 122.85 -30.84 -20.88
C THR HC 72 122.50 -29.64 -19.99
N SER HC 73 122.91 -29.71 -18.73
CA SER HC 73 122.56 -28.70 -17.73
C SER HC 73 123.85 -28.24 -17.04
N ILE HC 74 124.06 -26.93 -17.02
CA ILE HC 74 125.25 -26.33 -16.44
C ILE HC 74 124.82 -25.44 -15.28
N SER HC 75 125.51 -25.56 -14.14
CA SER HC 75 125.19 -24.74 -12.98
C SER HC 75 126.49 -24.22 -12.38
N VAL HC 76 126.71 -22.91 -12.45
CA VAL HC 76 128.01 -22.32 -12.16
C VAL HC 76 127.90 -21.31 -11.01
N ASN HC 77 128.16 -21.78 -9.79
CA ASN HC 77 128.44 -20.95 -8.61
C ASN HC 77 127.21 -20.23 -8.06
N ASN HC 78 126.10 -20.27 -8.78
CA ASN HC 78 124.89 -19.63 -8.28
C ASN HC 78 123.62 -20.43 -8.55
N CYS HC 79 123.66 -21.43 -9.41
CA CYS HC 79 122.49 -22.23 -9.76
C CYS HC 79 122.65 -23.63 -9.20
N VAL HC 80 121.51 -24.25 -8.88
CA VAL HC 80 121.51 -25.61 -8.33
C VAL HC 80 121.61 -26.60 -9.48
N CYS HC 81 120.59 -26.63 -10.34
CA CYS HC 81 120.54 -27.55 -11.47
C CYS HC 81 119.31 -27.19 -12.30
N HIS HC 82 119.08 -28.01 -13.35
CA HIS HC 82 118.02 -27.76 -14.33
C HIS HC 82 118.19 -26.41 -15.02
N PHE HC 83 119.42 -26.07 -15.35
CA PHE HC 83 119.75 -24.80 -16.00
C PHE HC 83 120.25 -25.08 -17.40
N SER HC 84 119.59 -24.50 -18.39
CA SER HC 84 119.98 -24.67 -19.79
C SER HC 84 119.41 -23.53 -20.63
N PRO HC 85 120.12 -22.40 -20.73
CA PRO HC 85 119.51 -21.20 -21.33
C PRO HC 85 119.38 -21.33 -22.84
N LEU HC 86 118.40 -20.61 -23.38
CA LEU HC 86 118.16 -20.59 -24.81
C LEU HC 86 119.10 -19.57 -25.46
N LYS HC 87 118.96 -19.41 -26.78
CA LYS HC 87 119.78 -18.41 -27.48
C LYS HC 87 119.37 -16.99 -27.10
N SER HC 88 118.06 -16.79 -26.88
CA SER HC 88 117.57 -15.45 -26.57
C SER HC 88 118.02 -15.00 -25.17
N ASP HC 89 118.14 -15.94 -24.24
CA ASP HC 89 118.54 -15.60 -22.88
C ASP HC 89 119.97 -15.09 -22.85
N GLN HC 90 120.24 -14.21 -21.90
CA GLN HC 90 121.61 -13.76 -21.64
C GLN HC 90 122.48 -14.94 -21.26
N ASP HC 91 123.63 -15.06 -21.91
CA ASP HC 91 124.51 -16.18 -21.67
C ASP HC 91 125.39 -15.92 -20.44
N TYR HC 92 126.02 -16.99 -19.96
CA TYR HC 92 126.94 -16.92 -18.84
C TYR HC 92 128.35 -17.25 -19.34
N ILE HC 93 129.28 -16.33 -19.11
CA ILE HC 93 130.66 -16.48 -19.56
C ILE HC 93 131.48 -17.04 -18.41
N LEU HC 94 132.27 -18.08 -18.69
CA LEU HC 94 133.08 -18.71 -17.67
C LEU HC 94 134.28 -17.85 -17.32
N LYS HC 95 134.40 -17.48 -16.05
CA LYS HC 95 135.54 -16.74 -15.54
C LYS HC 95 136.63 -17.72 -15.10
N GLU HC 96 137.61 -17.21 -14.39
CA GLU HC 96 138.70 -18.02 -13.86
C GLU HC 96 138.33 -18.53 -12.47
N GLY HC 97 138.54 -19.82 -12.24
CA GLY HC 97 138.33 -20.38 -10.92
C GLY HC 97 136.91 -20.74 -10.57
N ASP HC 98 136.02 -20.79 -11.55
CA ASP HC 98 134.64 -21.19 -11.31
C ASP HC 98 134.54 -22.70 -11.15
N LEU HC 99 133.66 -23.14 -10.25
CA LEU HC 99 133.28 -24.54 -10.16
C LEU HC 99 131.92 -24.70 -10.84
N VAL HC 100 131.84 -25.62 -11.78
CA VAL HC 100 130.64 -25.81 -12.57
C VAL HC 100 130.10 -27.21 -12.34
N LYS HC 101 128.78 -27.34 -12.51
CA LYS HC 101 128.05 -28.57 -12.30
C LYS HC 101 127.45 -28.99 -13.63
N ILE HC 102 127.77 -30.19 -14.08
CA ILE HC 102 127.33 -30.71 -15.36
C ILE HC 102 126.33 -31.83 -15.10
N ASP HC 103 125.20 -31.79 -15.80
CA ASP HC 103 124.23 -32.87 -15.78
C ASP HC 103 123.91 -33.27 -17.21
N LEU HC 104 123.87 -34.57 -17.47
CA LEU HC 104 123.60 -35.06 -18.81
C LEU HC 104 123.20 -36.52 -18.74
N GLY HC 105 122.22 -36.89 -19.57
CA GLY HC 105 121.72 -38.25 -19.56
C GLY HC 105 121.49 -38.75 -20.97
N VAL HC 106 121.67 -40.05 -21.14
CA VAL HC 106 121.42 -40.71 -22.42
C VAL HC 106 120.46 -41.87 -22.18
N HIS HC 107 119.74 -42.25 -23.23
CA HIS HC 107 118.82 -43.38 -23.13
C HIS HC 107 118.95 -44.27 -24.35
N VAL HC 108 118.94 -45.57 -24.10
CA VAL HC 108 118.89 -46.57 -25.15
C VAL HC 108 117.75 -47.52 -24.83
N ASP HC 109 116.83 -47.68 -25.79
CA ASP HC 109 115.64 -48.52 -25.65
C ASP HC 109 114.79 -48.11 -24.45
N GLY HC 110 114.75 -46.81 -24.15
CA GLY HC 110 114.02 -46.30 -23.01
C GLY HC 110 114.77 -46.38 -21.71
N PHE HC 111 115.90 -47.05 -21.68
CA PHE HC 111 116.67 -47.20 -20.45
C PHE HC 111 117.65 -46.04 -20.29
N ILE HC 112 117.87 -45.63 -19.05
CA ILE HC 112 118.47 -44.34 -18.74
C ILE HC 112 119.84 -44.56 -18.10
N ALA HC 113 120.83 -43.81 -18.58
CA ALA HC 113 122.12 -43.63 -17.92
C ALA HC 113 122.34 -42.13 -17.79
N ASN HC 114 122.17 -41.61 -16.58
CA ASN HC 114 122.16 -40.18 -16.33
C ASN HC 114 123.20 -39.84 -15.28
N VAL HC 115 124.08 -38.89 -15.59
CA VAL HC 115 125.25 -38.60 -14.78
C VAL HC 115 125.41 -37.10 -14.60
N ALA HC 116 125.81 -36.70 -13.38
CA ALA HC 116 126.11 -35.33 -13.04
C ALA HC 116 127.43 -35.30 -12.27
N HIS HC 117 128.24 -34.28 -12.56
CA HIS HC 117 129.58 -34.15 -12.00
C HIS HC 117 129.89 -32.68 -11.81
N THR HC 118 130.44 -32.33 -10.65
CA THR HC 118 130.94 -30.98 -10.41
C THR HC 118 132.46 -30.97 -10.50
N PHE HC 119 133.00 -29.98 -11.22
CA PHE HC 119 134.45 -29.82 -11.35
C PHE HC 119 134.77 -28.34 -11.51
N VAL HC 120 136.01 -27.99 -11.20
CA VAL HC 120 136.51 -26.63 -11.33
C VAL HC 120 137.17 -26.47 -12.69
N VAL HC 121 136.95 -25.33 -13.32
CA VAL HC 121 137.47 -25.07 -14.66
C VAL HC 121 138.79 -24.31 -14.55
N ASP HC 122 139.68 -24.55 -15.53
CA ASP HC 122 140.95 -23.85 -15.68
C ASP HC 122 141.83 -24.01 -14.43
N VAL HC 123 142.22 -25.25 -14.16
CA VAL HC 123 143.11 -25.56 -13.05
C VAL HC 123 144.53 -25.60 -13.57
N ALA HC 124 145.41 -24.79 -12.98
CA ALA HC 124 146.80 -24.75 -13.40
C ALA HC 124 147.52 -26.04 -13.03
N GLN HC 125 148.67 -26.25 -13.66
CA GLN HC 125 149.44 -27.47 -13.49
C GLN HC 125 150.34 -27.34 -12.26
N GLY HC 126 150.04 -28.12 -11.22
CA GLY HC 126 150.79 -28.10 -9.99
C GLY HC 126 150.17 -27.28 -8.86
N THR HC 127 149.03 -26.66 -9.10
CA THR HC 127 148.39 -25.82 -8.09
C THR HC 127 147.40 -26.62 -7.24
N GLN HC 128 147.02 -26.05 -6.11
CA GLN HC 128 146.08 -26.64 -5.16
C GLN HC 128 144.86 -25.75 -5.04
N VAL HC 129 143.68 -26.35 -5.11
CA VAL HC 129 142.42 -25.63 -4.93
C VAL HC 129 142.12 -25.58 -3.44
N THR HC 130 141.99 -24.37 -2.90
CA THR HC 130 141.83 -24.16 -1.48
C THR HC 130 140.70 -23.17 -1.22
N GLY HC 131 139.92 -23.44 -0.20
CA GLY HC 131 138.85 -22.55 0.24
C GLY HC 131 137.75 -23.33 0.91
N ARG HC 132 136.67 -22.63 1.24
CA ARG HC 132 135.49 -23.28 1.80
C ARG HC 132 134.83 -24.18 0.76
N LYS HC 133 135.00 -23.88 -0.52
CA LYS HC 133 134.45 -24.74 -1.56
C LYS HC 133 135.22 -26.05 -1.69
N ALA HC 134 136.43 -26.13 -1.14
CA ALA HC 134 137.23 -27.33 -1.30
C ALA HC 134 136.69 -28.52 -0.52
N ASP HC 135 135.76 -28.29 0.42
CA ASP HC 135 135.23 -29.39 1.21
C ASP HC 135 133.91 -29.93 0.68
N VAL HC 136 133.11 -29.10 0.00
CA VAL HC 136 131.78 -29.52 -0.40
C VAL HC 136 131.85 -30.51 -1.58
N ILE HC 137 132.73 -30.25 -2.55
CA ILE HC 137 132.93 -31.20 -3.64
C ILE HC 137 133.48 -32.52 -3.11
N LYS HC 138 134.44 -32.46 -2.18
CA LYS HC 138 135.01 -33.68 -1.63
C LYS HC 138 133.98 -34.46 -0.83
N ALA HC 139 133.13 -33.77 -0.08
CA ALA HC 139 132.05 -34.42 0.64
C ALA HC 139 131.04 -35.05 -0.31
N ALA HC 140 130.76 -34.39 -1.44
CA ALA HC 140 129.87 -34.98 -2.44
C ALA HC 140 130.47 -36.26 -3.03
N HIS HC 141 131.77 -36.26 -3.30
CA HIS HC 141 132.39 -37.49 -3.80
C HIS HC 141 132.45 -38.58 -2.74
N LEU HC 142 132.61 -38.20 -1.47
CA LEU HC 142 132.52 -39.17 -0.39
C LEU HC 142 131.10 -39.73 -0.28
N CYS HC 143 130.08 -38.90 -0.50
CA CYS HC 143 128.71 -39.40 -0.62
C CYS HC 143 128.58 -40.37 -1.78
N ALA HC 144 129.26 -40.09 -2.89
CA ALA HC 144 129.23 -40.99 -4.04
C ALA HC 144 129.78 -42.36 -3.66
N GLU HC 145 130.94 -42.39 -2.99
CA GLU HC 145 131.51 -43.65 -2.55
C GLU HC 145 130.61 -44.34 -1.52
N ALA HC 146 130.02 -43.57 -0.61
CA ALA HC 146 129.11 -44.12 0.39
C ALA HC 146 127.91 -44.79 -0.26
N ALA HC 147 127.28 -44.10 -1.22
CA ALA HC 147 126.13 -44.65 -1.91
C ALA HC 147 126.51 -45.88 -2.71
N LEU HC 148 127.67 -45.85 -3.38
CA LEU HC 148 128.12 -47.02 -4.13
C LEU HC 148 128.31 -48.23 -3.21
N ARG HC 149 128.93 -48.01 -2.04
CA ARG HC 149 129.20 -49.12 -1.14
C ARG HC 149 127.92 -49.65 -0.51
N LEU HC 150 126.97 -48.76 -0.20
CA LEU HC 150 125.83 -49.14 0.62
C LEU HC 150 124.61 -49.53 -0.21
N VAL HC 151 124.59 -49.26 -1.51
CA VAL HC 151 123.47 -49.66 -2.35
C VAL HC 151 123.51 -51.18 -2.48
N LYS HC 152 122.48 -51.84 -1.93
CA LYS HC 152 122.43 -53.29 -1.80
C LYS HC 152 121.05 -53.72 -1.33
N PRO HC 153 120.54 -54.85 -1.80
CA PRO HC 153 119.25 -55.35 -1.29
C PRO HC 153 119.32 -55.65 0.20
N GLY HC 154 118.39 -55.07 0.96
CA GLY HC 154 118.34 -55.20 2.40
C GLY HC 154 118.74 -53.94 3.14
N ASN HC 155 119.40 -53.00 2.48
CA ASN HC 155 119.76 -51.72 3.08
C ASN HC 155 118.69 -50.69 2.72
N GLN HC 156 118.09 -50.10 3.73
CA GLN HC 156 116.91 -49.26 3.54
C GLN HC 156 117.27 -47.92 2.92
N ASN HC 157 116.28 -47.31 2.27
CA ASN HC 157 116.44 -46.01 1.64
C ASN HC 157 116.51 -44.87 2.66
N THR HC 158 116.17 -45.11 3.92
CA THR HC 158 116.33 -44.12 4.97
C THR HC 158 117.71 -44.17 5.61
N GLN HC 159 118.62 -44.99 5.10
CA GLN HC 159 119.98 -45.06 5.62
C GLN HC 159 120.93 -44.18 4.82
N VAL HC 160 120.74 -44.12 3.49
CA VAL HC 160 121.59 -43.30 2.64
C VAL HC 160 121.40 -41.82 2.96
N THR HC 161 120.16 -41.42 3.25
CA THR HC 161 119.91 -40.02 3.61
C THR HC 161 120.63 -39.64 4.90
N GLU HC 162 120.63 -40.52 5.90
CA GLU HC 162 121.29 -40.20 7.15
C GLU HC 162 122.81 -40.26 6.99
N ALA HC 163 123.32 -41.16 6.15
CA ALA HC 163 124.76 -41.18 5.88
C ALA HC 163 125.19 -39.88 5.20
N TRP HC 164 124.40 -39.40 4.24
CA TRP HC 164 124.74 -38.15 3.55
C TRP HC 164 124.65 -36.96 4.49
N ASN HC 165 123.63 -36.93 5.35
CA ASN HC 165 123.56 -35.86 6.36
C ASN HC 165 124.75 -35.92 7.30
N LYS HC 166 125.16 -37.13 7.68
CA LYS HC 166 126.27 -37.30 8.62
C LYS HC 166 127.57 -36.80 8.01
N VAL HC 167 127.86 -37.16 6.75
CA VAL HC 167 129.08 -36.68 6.12
C VAL HC 167 129.01 -35.18 5.84
N ALA HC 168 127.82 -34.67 5.51
CA ALA HC 168 127.68 -33.23 5.30
C ALA HC 168 127.98 -32.47 6.58
N HIS HC 169 127.43 -32.93 7.71
CA HIS HC 169 127.71 -32.29 8.99
C HIS HC 169 129.17 -32.48 9.40
N SER HC 170 129.77 -33.62 9.05
CA SER HC 170 131.20 -33.82 9.25
C SER HC 170 132.03 -32.84 8.43
N PHE HC 171 131.51 -32.38 7.30
CA PHE HC 171 132.16 -31.34 6.51
C PHE HC 171 131.60 -29.95 6.78
N ASN HC 172 130.73 -29.81 7.79
CA ASN HC 172 130.19 -28.52 8.22
C ASN HC 172 129.43 -27.82 7.09
N CYS HC 173 128.70 -28.61 6.30
CA CYS HC 173 127.80 -28.09 5.28
C CYS HC 173 126.52 -28.91 5.31
N THR HC 174 125.60 -28.56 4.44
CA THR HC 174 124.31 -29.24 4.38
C THR HC 174 123.83 -29.30 2.93
N PRO HC 175 123.13 -30.37 2.56
CA PRO HC 175 122.56 -30.44 1.21
C PRO HC 175 121.37 -29.49 1.07
N ILE HC 176 120.99 -29.26 -0.19
CA ILE HC 176 119.78 -28.49 -0.46
C ILE HC 176 118.57 -29.28 0.01
N GLU HC 177 117.67 -28.61 0.72
CA GLU HC 177 116.49 -29.26 1.26
C GLU HC 177 115.58 -29.76 0.16
N GLY HC 178 115.14 -31.01 0.30
CA GLY HC 178 114.12 -31.56 -0.59
C GLY HC 178 114.57 -31.83 -2.01
N MET HC 179 115.50 -32.76 -2.19
CA MET HC 179 115.89 -33.23 -3.50
C MET HC 179 115.69 -34.74 -3.56
N LEU HC 180 115.30 -35.24 -4.73
CA LEU HC 180 114.88 -36.62 -4.87
C LEU HC 180 115.76 -37.34 -5.89
N SER HC 181 116.21 -38.53 -5.50
CA SER HC 181 116.74 -39.55 -6.39
C SER HC 181 115.63 -40.55 -6.70
N HIS HC 182 115.79 -41.30 -7.79
CA HIS HC 182 114.72 -42.19 -8.23
C HIS HC 182 115.25 -43.55 -8.65
N GLN HC 183 114.33 -44.51 -8.68
CA GLN HC 183 114.58 -45.80 -9.30
C GLN HC 183 114.22 -45.71 -10.78
N LEU HC 184 115.16 -46.08 -11.63
CA LEU HC 184 115.07 -45.86 -13.06
C LEU HC 184 114.73 -47.19 -13.75
N LYS HC 185 113.62 -47.21 -14.48
CA LYS HC 185 113.23 -48.36 -15.28
C LYS HC 185 112.96 -47.90 -16.69
N GLN HC 186 112.50 -48.82 -17.54
CA GLN HC 186 112.34 -48.53 -18.95
C GLN HC 186 111.27 -47.46 -19.16
N HIS HC 187 111.63 -46.42 -19.92
CA HIS HC 187 110.73 -45.32 -20.26
C HIS HC 187 110.18 -44.62 -19.02
N VAL HC 188 110.97 -44.60 -17.96
CA VAL HC 188 110.59 -43.93 -16.72
C VAL HC 188 111.83 -43.23 -16.15
N ILE HC 189 111.67 -41.97 -15.76
CA ILE HC 189 112.74 -41.22 -15.12
C ILE HC 189 112.28 -40.72 -13.75
N ASP HC 190 111.00 -40.89 -13.45
CA ASP HC 190 110.39 -40.38 -12.23
C ASP HC 190 109.67 -41.50 -11.50
N GLY HC 191 110.37 -42.61 -11.29
CA GLY HC 191 109.74 -43.80 -10.77
C GLY HC 191 109.20 -43.63 -9.37
N GLU HC 192 108.30 -44.55 -9.01
CA GLU HC 192 107.62 -44.47 -7.72
C GLU HC 192 108.60 -44.61 -6.56
N LYS HC 193 109.61 -45.47 -6.71
CA LYS HC 193 110.58 -45.68 -5.65
C LYS HC 193 111.53 -44.49 -5.61
N THR HC 194 111.42 -43.70 -4.54
CA THR HC 194 112.17 -42.46 -4.43
C THR HC 194 113.09 -42.49 -3.22
N ILE HC 195 114.25 -41.87 -3.39
CA ILE HC 195 115.22 -41.67 -2.33
C ILE HC 195 115.29 -40.17 -2.08
N ILE HC 196 115.44 -39.78 -0.83
CA ILE HC 196 115.30 -38.37 -0.47
C ILE HC 196 116.60 -37.88 0.17
N GLN HC 197 116.94 -36.62 -0.10
CA GLN HC 197 118.19 -36.02 0.36
C GLN HC 197 117.88 -34.81 1.23
N ASN HC 198 118.44 -34.79 2.44
CA ASN HC 198 118.25 -33.75 3.44
C ASN HC 198 116.77 -33.39 3.60
N PRO HC 199 115.96 -34.26 4.19
CA PRO HC 199 114.52 -34.01 4.26
C PRO HC 199 114.15 -33.17 5.49
N THR HC 200 112.90 -32.72 5.50
CA THR HC 200 112.28 -32.14 6.68
C THR HC 200 111.00 -32.90 6.99
N ASP HC 201 110.18 -32.36 7.90
CA ASP HC 201 109.00 -33.10 8.37
C ASP HC 201 108.02 -33.39 7.24
N GLN HC 202 107.75 -32.40 6.40
CA GLN HC 202 106.73 -32.57 5.37
C GLN HC 202 107.17 -33.60 4.34
N GLN HC 203 108.40 -33.51 3.86
CA GLN HC 203 108.91 -34.45 2.88
C GLN HC 203 109.11 -35.84 3.49
N LYS HC 204 109.43 -35.92 4.79
CA LYS HC 204 109.57 -37.21 5.43
C LYS HC 204 108.22 -37.90 5.61
N LYS HC 205 107.18 -37.14 5.96
CA LYS HC 205 105.86 -37.74 6.09
C LYS HC 205 105.23 -38.03 4.74
N ASP HC 206 105.65 -37.33 3.68
CA ASP HC 206 105.21 -37.67 2.34
C ASP HC 206 106.08 -38.72 1.66
N HIS HC 207 107.22 -39.05 2.25
CA HIS HC 207 108.13 -40.04 1.69
C HIS HC 207 107.70 -41.45 2.10
N GLU HC 208 108.14 -42.43 1.30
CA GLU HC 208 107.83 -43.82 1.54
C GLU HC 208 109.05 -44.55 2.07
N LYS HC 209 108.79 -45.70 2.69
CA LYS HC 209 109.82 -46.61 3.17
C LYS HC 209 109.87 -47.82 2.25
N ALA HC 210 111.06 -48.17 1.78
CA ALA HC 210 111.20 -49.28 0.86
C ALA HC 210 112.55 -49.95 1.05
N GLU HC 211 112.62 -51.19 0.58
CA GLU HC 211 113.81 -52.02 0.67
C GLU HC 211 114.38 -52.23 -0.73
N PHE HC 212 115.69 -52.06 -0.86
CA PHE HC 212 116.34 -52.13 -2.16
C PHE HC 212 116.15 -53.51 -2.78
N GLU HC 213 115.85 -53.54 -4.07
CA GLU HC 213 115.50 -54.79 -4.75
C GLU HC 213 116.55 -55.12 -5.81
N VAL HC 214 116.52 -56.37 -6.25
CA VAL HC 214 117.46 -56.88 -7.24
C VAL HC 214 116.96 -56.55 -8.63
N HIS HC 215 117.89 -56.48 -9.58
CA HIS HC 215 117.60 -56.19 -10.99
C HIS HC 215 116.88 -54.86 -11.16
N GLU HC 216 117.53 -53.79 -10.74
CA GLU HC 216 116.97 -52.46 -10.93
C GLU HC 216 118.10 -51.44 -10.93
N VAL HC 217 117.83 -50.30 -11.57
CA VAL HC 217 118.78 -49.20 -11.69
C VAL HC 217 118.35 -48.09 -10.74
N TYR HC 218 119.34 -47.45 -10.10
CA TYR HC 218 119.10 -46.26 -9.29
C TYR HC 218 119.86 -45.10 -9.89
N ALA HC 219 119.30 -43.89 -9.73
CA ALA HC 219 120.07 -42.67 -10.00
C ALA HC 219 120.26 -41.97 -8.67
N VAL HC 220 121.29 -42.36 -7.94
CA VAL HC 220 121.57 -41.79 -6.63
C VAL HC 220 122.26 -40.45 -6.81
N ASP HC 221 121.71 -39.41 -6.18
CA ASP HC 221 122.14 -38.03 -6.37
C ASP HC 221 122.59 -37.43 -5.05
N VAL HC 222 123.79 -36.87 -5.05
CA VAL HC 222 124.26 -36.00 -3.98
C VAL HC 222 124.34 -34.58 -4.52
N LEU HC 223 123.80 -33.64 -3.77
CA LEU HC 223 123.68 -32.25 -4.21
C LEU HC 223 123.77 -31.40 -2.95
N VAL HC 224 124.93 -30.81 -2.71
CA VAL HC 224 125.25 -30.23 -1.41
C VAL HC 224 125.74 -28.80 -1.59
N SER HC 225 125.18 -27.89 -0.81
CA SER HC 225 125.63 -26.50 -0.78
C SER HC 225 126.50 -26.26 0.46
N SER HC 226 127.23 -25.15 0.44
CA SER HC 226 128.10 -24.80 1.55
C SER HC 226 127.52 -23.72 2.45
N GLY HC 227 126.26 -23.35 2.23
CA GLY HC 227 125.67 -22.28 3.01
C GLY HC 227 124.62 -22.75 4.00
N GLU HC 228 123.35 -22.56 3.66
CA GLU HC 228 122.25 -22.93 4.54
C GLU HC 228 121.43 -24.10 4.00
N GLY HC 229 121.46 -24.35 2.70
CA GLY HC 229 120.69 -25.44 2.11
C GLY HC 229 119.34 -25.04 1.58
N LYS HC 230 119.05 -23.75 1.46
CA LYS HC 230 117.76 -23.29 0.98
C LYS HC 230 117.90 -22.63 -0.38
N ALA HC 231 116.88 -22.79 -1.22
CA ALA HC 231 116.92 -22.26 -2.57
C ALA HC 231 115.54 -21.74 -2.96
N LYS HC 232 115.53 -20.83 -3.93
CA LYS HC 232 114.30 -20.24 -4.44
C LYS HC 232 114.53 -19.90 -5.91
N ASP HC 233 113.66 -19.06 -6.47
CA ASP HC 233 113.80 -18.63 -7.86
C ASP HC 233 114.01 -17.13 -7.91
N ALA HC 234 114.71 -16.68 -8.95
CA ALA HC 234 115.09 -15.29 -9.12
C ALA HC 234 114.50 -14.71 -10.40
N GLY HC 235 113.32 -15.17 -10.77
CA GLY HC 235 112.64 -14.66 -11.94
C GLY HC 235 113.31 -14.98 -13.26
N GLN HC 236 113.81 -16.20 -13.41
CA GLN HC 236 114.43 -16.62 -14.65
C GLN HC 236 113.59 -17.73 -15.29
N ARG HC 237 113.63 -17.79 -16.62
CA ARG HC 237 112.81 -18.71 -17.38
C ARG HC 237 113.16 -20.16 -17.07
N THR HC 238 112.12 -20.98 -16.92
CA THR HC 238 112.29 -22.42 -16.80
C THR HC 238 112.50 -23.01 -18.20
N THR HC 239 113.50 -23.86 -18.34
CA THR HC 239 113.90 -24.37 -19.65
C THR HC 239 113.74 -25.87 -19.82
N ILE HC 240 113.55 -26.61 -18.74
CA ILE HC 240 113.48 -28.07 -18.80
C ILE HC 240 112.05 -28.50 -18.45
N TYR HC 241 111.45 -29.30 -19.32
CA TYR HC 241 110.13 -29.85 -19.09
C TYR HC 241 110.15 -31.32 -19.48
N LYS HC 242 109.27 -32.10 -18.86
CA LYS HC 242 109.13 -33.51 -19.22
C LYS HC 242 107.66 -33.86 -19.39
N ARG HC 243 107.35 -34.58 -20.44
CA ARG HC 243 105.96 -34.95 -20.72
C ARG HC 243 105.50 -35.98 -19.71
N ASP HC 244 104.37 -35.72 -19.07
CA ASP HC 244 103.80 -36.68 -18.12
C ASP HC 244 102.80 -37.55 -18.86
N PRO HC 245 103.07 -38.85 -19.03
CA PRO HC 245 102.15 -39.72 -19.77
C PRO HC 245 100.93 -40.17 -18.98
N SER HC 246 100.78 -39.71 -17.74
CA SER HC 246 99.63 -40.11 -16.93
C SER HC 246 98.36 -39.38 -17.38
N LYS HC 247 98.36 -38.07 -17.31
CA LYS HC 247 97.16 -37.29 -17.50
C LYS HC 247 97.11 -36.66 -18.89
N GLN HC 248 95.90 -36.33 -19.32
CA GLN HC 248 95.62 -35.84 -20.66
C GLN HC 248 94.67 -34.66 -20.59
N TYR HC 249 94.87 -33.70 -21.49
CA TYR HC 249 93.94 -32.58 -21.62
C TYR HC 249 93.88 -32.18 -23.08
N GLY HC 250 92.71 -31.73 -23.53
CA GLY HC 250 92.55 -31.28 -24.89
C GLY HC 250 93.07 -29.88 -25.15
N LEU HC 251 94.22 -29.77 -25.82
CA LEU HC 251 94.84 -28.48 -26.07
C LEU HC 251 94.09 -27.72 -27.16
N LYS HC 252 93.69 -26.49 -26.86
CA LYS HC 252 92.84 -25.72 -27.75
C LYS HC 252 93.60 -24.78 -28.68
N MET HC 253 94.93 -24.80 -28.66
CA MET HC 253 95.73 -23.94 -29.52
C MET HC 253 96.55 -24.77 -30.50
N LYS HC 254 96.63 -24.29 -31.73
CA LYS HC 254 97.38 -24.99 -32.76
C LYS HC 254 98.87 -25.04 -32.43
N THR HC 255 99.42 -23.93 -31.93
CA THR HC 255 100.85 -23.90 -31.60
C THR HC 255 101.17 -24.86 -30.47
N SER HC 256 100.35 -24.87 -29.42
CA SER HC 256 100.56 -25.80 -28.30
C SER HC 256 100.39 -27.24 -28.78
N ARG HC 257 99.45 -27.48 -29.67
CA ARG HC 257 99.19 -28.83 -30.13
C ARG HC 257 100.35 -29.35 -30.97
N ALA HC 258 100.87 -28.52 -31.87
CA ALA HC 258 102.04 -28.90 -32.66
C ALA HC 258 103.26 -29.09 -31.77
N PHE HC 259 103.45 -28.21 -30.78
CA PHE HC 259 104.56 -28.34 -29.87
C PHE HC 259 104.49 -29.63 -29.07
N PHE HC 260 103.29 -29.98 -28.58
CA PHE HC 260 103.13 -31.20 -27.81
C PHE HC 260 103.34 -32.43 -28.68
N SER HC 261 102.86 -32.41 -29.93
CA SER HC 261 103.12 -33.53 -30.81
C SER HC 261 104.60 -33.70 -31.11
N GLU HC 262 105.32 -32.60 -31.33
CA GLU HC 262 106.76 -32.68 -31.55
C GLU HC 262 107.46 -33.22 -30.32
N VAL HC 263 107.02 -32.82 -29.12
CA VAL HC 263 107.56 -33.35 -27.88
C VAL HC 263 107.33 -34.86 -27.81
N GLU HC 264 106.13 -35.31 -28.18
CA GLU HC 264 105.86 -36.75 -28.18
C GLU HC 264 106.75 -37.48 -29.17
N ARG HC 265 106.99 -36.88 -30.33
CA ARG HC 265 107.82 -37.53 -31.35
C ARG HC 265 109.27 -37.64 -30.93
N ARG HC 266 109.83 -36.61 -30.32
CA ARG HC 266 111.26 -36.57 -30.03
C ARG HC 266 111.63 -36.96 -28.60
N PHE HC 267 110.91 -36.44 -27.62
CA PHE HC 267 111.25 -36.61 -26.21
C PHE HC 267 110.05 -37.16 -25.45
N ASP HC 268 109.49 -38.25 -25.99
CA ASP HC 268 108.18 -38.78 -25.61
C ASP HC 268 107.88 -38.72 -24.11
N ALA HC 269 108.76 -39.25 -23.28
CA ALA HC 269 108.60 -39.14 -21.84
C ALA HC 269 109.84 -38.60 -21.13
N MET HC 270 110.96 -38.49 -21.83
CA MET HC 270 112.19 -38.03 -21.22
C MET HC 270 112.22 -36.51 -21.14
N PRO HC 271 112.90 -35.95 -20.14
CA PRO HC 271 113.04 -34.50 -20.06
C PRO HC 271 113.77 -33.93 -21.27
N PHE HC 272 113.36 -32.74 -21.68
CA PHE HC 272 113.94 -32.06 -22.81
C PHE HC 272 114.24 -30.61 -22.43
N THR HC 273 114.74 -29.85 -23.39
CA THR HC 273 114.97 -28.43 -23.24
C THR HC 273 114.29 -27.69 -24.38
N LEU HC 274 113.90 -26.44 -24.10
CA LEU HC 274 113.27 -25.62 -25.13
C LEU HC 274 114.26 -25.17 -26.20
N ARG HC 275 115.55 -25.40 -25.99
CA ARG HC 275 116.56 -25.12 -27.01
C ARG HC 275 116.41 -26.01 -28.23
N ALA HC 276 115.77 -27.16 -28.09
CA ALA HC 276 115.66 -28.13 -29.18
C ALA HC 276 114.57 -27.78 -30.19
N PHE HC 277 114.08 -26.54 -30.19
CA PHE HC 277 113.03 -26.15 -31.11
C PHE HC 277 113.44 -24.93 -31.92
N GLU HC 280 111.43 -22.40 -31.18
CA GLU HC 280 111.69 -21.49 -30.08
C GLU HC 280 110.59 -20.45 -29.98
N LYS HC 281 110.37 -19.77 -31.10
CA LYS HC 281 109.34 -18.73 -31.17
C LYS HC 281 107.98 -19.30 -30.79
N LYS HC 282 107.60 -20.41 -31.39
CA LYS HC 282 106.33 -21.05 -31.07
C LYS HC 282 106.44 -22.03 -29.91
N ALA HC 283 107.64 -22.52 -29.61
CA ALA HC 283 107.81 -23.42 -28.46
C ALA HC 283 107.53 -22.69 -27.16
N ARG HC 284 108.04 -21.47 -27.03
CA ARG HC 284 107.83 -20.71 -25.80
C ARG HC 284 106.36 -20.39 -25.58
N MET HC 285 105.57 -20.38 -26.65
CA MET HC 285 104.15 -20.14 -26.49
C MET HC 285 103.38 -21.43 -26.24
N GLY HC 286 103.75 -22.51 -26.91
CA GLY HC 286 103.09 -23.78 -26.67
C GLY HC 286 103.30 -24.32 -25.28
N VAL HC 287 104.48 -24.08 -24.71
CA VAL HC 287 104.82 -24.68 -23.43
C VAL HC 287 103.93 -24.15 -22.32
N VAL HC 288 103.48 -22.89 -22.41
CA VAL HC 288 102.70 -22.34 -21.30
C VAL HC 288 101.33 -23.00 -21.22
N GLU HC 289 100.66 -23.19 -22.36
CA GLU HC 289 99.40 -23.92 -22.39
C GLU HC 289 99.59 -25.39 -22.02
N CYS HC 290 100.69 -26.00 -22.46
CA CYS HC 290 100.91 -27.41 -22.11
C CYS HC 290 101.14 -27.58 -20.61
N ALA HC 291 101.94 -26.70 -20.00
CA ALA HC 291 102.26 -26.84 -18.58
C ALA HC 291 101.17 -26.29 -17.68
N LYS HC 292 100.23 -25.51 -18.22
CA LYS HC 292 99.11 -25.05 -17.41
C LYS HC 292 98.26 -26.21 -16.93
N HIS HC 293 98.05 -27.21 -17.80
CA HIS HC 293 97.19 -28.35 -17.48
C HIS HC 293 97.99 -29.58 -17.05
N GLU HC 294 99.20 -29.38 -16.53
CA GLU HC 294 100.04 -30.45 -15.99
C GLU HC 294 100.33 -31.53 -17.02
N LEU HC 295 100.45 -31.14 -18.28
CA LEU HC 295 100.93 -32.06 -19.30
C LEU HC 295 102.44 -32.19 -19.30
N LEU HC 296 103.16 -31.16 -18.88
CA LEU HC 296 104.61 -31.20 -18.73
C LEU HC 296 105.00 -30.80 -17.32
N GLN HC 297 105.70 -31.69 -16.63
CA GLN HC 297 106.31 -31.34 -15.36
C GLN HC 297 107.50 -30.42 -15.60
N PRO HC 298 107.55 -29.26 -14.97
CA PRO HC 298 108.71 -28.38 -15.16
C PRO HC 298 109.83 -28.72 -14.20
N PHE HC 299 111.04 -28.29 -14.57
CA PHE HC 299 112.22 -28.42 -13.73
C PHE HC 299 112.78 -27.01 -13.55
N ASN HC 300 112.31 -26.32 -12.52
CA ASN HC 300 112.64 -24.93 -12.31
C ASN HC 300 114.11 -24.76 -11.93
N VAL HC 301 114.65 -23.60 -12.26
CA VAL HC 301 115.99 -23.23 -11.81
C VAL HC 301 115.91 -22.78 -10.36
N LEU HC 302 116.77 -23.35 -9.53
CA LEU HC 302 116.85 -23.00 -8.11
C LEU HC 302 118.16 -22.27 -7.85
N TYR HC 303 118.09 -21.17 -7.13
CA TYR HC 303 119.26 -20.36 -6.82
C TYR HC 303 119.55 -20.38 -5.34
N GLU HC 304 120.82 -20.54 -4.99
CA GLU HC 304 121.29 -20.34 -3.63
C GLU HC 304 121.58 -18.86 -3.42
N LYS HC 305 122.06 -18.51 -2.23
CA LYS HC 305 122.38 -17.12 -1.93
C LYS HC 305 123.59 -16.69 -2.72
N GLU HC 306 123.69 -15.38 -2.98
CA GLU HC 306 124.76 -14.85 -3.80
C GLU HC 306 126.11 -15.04 -3.12
N GLY HC 307 127.07 -15.56 -3.87
CA GLY HC 307 128.39 -15.84 -3.34
C GLY HC 307 128.56 -17.21 -2.72
N GLU HC 308 127.52 -18.03 -2.71
CA GLU HC 308 127.61 -19.38 -2.17
C GLU HC 308 128.11 -20.37 -3.22
N PHE HC 309 128.47 -21.55 -2.74
CA PHE HC 309 129.05 -22.59 -3.59
C PHE HC 309 128.36 -23.92 -3.34
N VAL HC 310 127.95 -24.57 -4.42
CA VAL HC 310 127.18 -25.81 -4.36
C VAL HC 310 127.77 -26.80 -5.36
N ALA HC 311 127.79 -28.07 -4.97
CA ALA HC 311 128.37 -29.15 -5.76
C ALA HC 311 127.35 -30.27 -5.93
N GLN HC 312 127.66 -31.18 -6.85
CA GLN HC 312 126.73 -32.24 -7.23
C GLN HC 312 127.48 -33.39 -7.87
N PHE HC 313 127.05 -34.61 -7.54
CA PHE HC 313 127.42 -35.83 -8.25
C PHE HC 313 126.19 -36.70 -8.35
N LYS HC 314 126.13 -37.49 -9.41
CA LYS HC 314 125.00 -38.41 -9.63
C LYS HC 314 125.39 -39.37 -10.74
N PHE HC 315 124.95 -40.61 -10.60
CA PHE HC 315 125.36 -41.67 -11.52
C PHE HC 315 124.43 -42.86 -11.35
N THR HC 316 124.08 -43.47 -12.48
CA THR HC 316 123.19 -44.62 -12.48
C THR HC 316 123.95 -45.87 -12.06
N VAL HC 317 123.47 -46.50 -10.99
CA VAL HC 317 124.08 -47.71 -10.45
C VAL HC 317 123.07 -48.84 -10.60
N LEU HC 318 123.49 -49.91 -11.26
CA LEU HC 318 122.67 -51.10 -11.36
C LEU HC 318 122.88 -51.93 -10.10
N LEU HC 319 121.86 -52.66 -9.68
CA LEU HC 319 121.95 -53.49 -8.48
C LEU HC 319 121.83 -54.95 -8.88
N MET HC 320 122.97 -55.65 -8.95
CA MET HC 320 123.03 -57.06 -9.26
C MET HC 320 123.24 -57.87 -7.98
N PRO HC 321 122.88 -59.16 -7.97
CA PRO HC 321 122.88 -59.91 -6.71
C PRO HC 321 124.22 -59.98 -5.98
N ASN HC 322 125.35 -59.94 -6.70
CA ASN HC 322 126.66 -60.07 -6.08
C ASN HC 322 127.50 -58.81 -6.22
N GLY HC 323 126.91 -57.64 -5.98
CA GLY HC 323 127.68 -56.42 -5.88
C GLY HC 323 127.39 -55.41 -6.98
N PRO HC 324 126.89 -54.25 -6.59
CA PRO HC 324 126.56 -53.22 -7.59
C PRO HC 324 127.79 -52.68 -8.28
N MET HC 325 127.59 -52.22 -9.51
CA MET HC 325 128.66 -51.64 -10.30
C MET HC 325 128.26 -50.26 -10.78
N ARG HC 326 129.27 -49.43 -11.04
CA ARG HC 326 129.08 -48.06 -11.52
C ARG HC 326 129.35 -48.02 -13.01
N ILE HC 327 128.41 -47.46 -13.77
CA ILE HC 327 128.57 -47.38 -15.22
C ILE HC 327 128.96 -45.99 -15.69
N THR HC 328 128.68 -44.94 -14.92
CA THR HC 328 129.06 -43.57 -15.26
C THR HC 328 129.86 -42.99 -14.11
N SER HC 329 131.07 -42.50 -14.41
CA SER HC 329 131.97 -41.98 -13.39
C SER HC 329 132.51 -40.63 -13.84
N GLY HC 330 132.70 -39.73 -12.87
CA GLY HC 330 133.24 -38.42 -13.14
C GLY HC 330 134.72 -38.33 -12.84
N PRO HC 331 135.42 -37.43 -13.53
CA PRO HC 331 136.88 -37.28 -13.34
C PRO HC 331 137.27 -36.39 -12.16
N PHE HC 332 137.21 -36.97 -10.97
CA PHE HC 332 137.61 -36.28 -9.74
C PHE HC 332 138.84 -36.95 -9.16
N GLU HC 333 139.88 -36.13 -8.89
CA GLU HC 333 141.16 -36.63 -8.42
C GLU HC 333 141.47 -36.07 -7.05
N PRO HC 334 141.94 -36.90 -6.11
CA PRO HC 334 142.29 -36.38 -4.78
C PRO HC 334 143.63 -35.66 -4.75
N ASP HC 335 144.49 -35.84 -5.75
CA ASP HC 335 145.79 -35.17 -5.73
C ASP HC 335 145.62 -33.66 -5.93
N LEU HC 336 144.76 -33.26 -6.84
CA LEU HC 336 144.53 -31.86 -7.18
C LEU HC 336 143.42 -31.23 -6.37
N TYR HC 337 142.93 -31.91 -5.34
CA TYR HC 337 141.79 -31.40 -4.58
C TYR HC 337 141.87 -31.97 -3.17
N LYS HC 338 142.09 -31.10 -2.19
CA LYS HC 338 142.14 -31.51 -0.80
C LYS HC 338 141.24 -30.60 0.03
N SER HC 339 141.03 -30.97 1.28
CA SER HC 339 140.21 -30.21 2.21
C SER HC 339 140.97 -30.01 3.50
N GLU HC 340 140.56 -29.01 4.28
CA GLU HC 340 141.15 -28.73 5.58
C GLU HC 340 140.51 -29.55 6.70
N MET HC 341 139.53 -30.39 6.39
CA MET HC 341 138.87 -31.22 7.38
C MET HC 341 138.53 -32.56 6.74
N GLU HC 342 138.63 -33.63 7.52
CA GLU HC 342 138.42 -34.99 7.04
C GLU HC 342 137.24 -35.63 7.79
N VAL HC 343 137.07 -36.92 7.56
CA VAL HC 343 135.98 -37.69 8.18
C VAL HC 343 136.34 -38.04 9.61
N GLN HC 344 135.45 -37.71 10.55
CA GLN HC 344 135.65 -38.04 11.95
C GLN HC 344 134.76 -39.17 12.43
N ASP HC 345 134.14 -39.93 11.51
CA ASP HC 345 133.23 -41.00 11.87
C ASP HC 345 133.85 -42.35 11.49
N ALA HC 346 133.89 -43.26 12.46
CA ALA HC 346 134.49 -44.57 12.22
C ALA HC 346 133.71 -45.37 11.18
N GLU HC 347 132.38 -45.35 11.27
CA GLU HC 347 131.56 -46.07 10.31
C GLU HC 347 131.70 -45.47 8.91
N LEU HC 348 131.78 -44.14 8.83
CA LEU HC 348 131.99 -43.48 7.54
C LEU HC 348 133.34 -43.84 6.95
N LYS HC 349 134.38 -43.90 7.78
CA LYS HC 349 135.68 -44.36 7.29
C LYS HC 349 135.59 -45.80 6.78
N ALA HC 350 134.87 -46.65 7.51
CA ALA HC 350 134.72 -48.05 7.10
C ALA HC 350 134.04 -48.16 5.75
N LEU HC 351 133.01 -47.35 5.51
CA LEU HC 351 132.31 -47.45 4.23
C LEU HC 351 133.10 -46.79 3.10
N LEU HC 352 133.87 -45.74 3.38
CA LEU HC 352 134.61 -45.10 2.30
C LEU HC 352 135.86 -45.88 1.90
N GLN HC 353 136.50 -46.57 2.85
CA GLN HC 353 137.70 -47.32 2.53
C GLN HC 353 137.42 -48.63 1.82
N SER HC 354 136.16 -49.07 1.77
CA SER HC 354 135.78 -50.30 1.09
C SER HC 354 135.28 -49.97 -0.30
N SER HC 355 136.05 -50.34 -1.31
CA SER HC 355 135.65 -50.10 -2.69
C SER HC 355 134.76 -51.22 -3.21
N ALA HC 356 133.89 -50.87 -4.15
CA ALA HC 356 132.96 -51.84 -4.73
C ALA HC 356 133.52 -52.43 -6.02
#